data_7E82
#
_entry.id   7E82
#
_cell.length_a   1.00
_cell.length_b   1.00
_cell.length_c   1.00
_cell.angle_alpha   90.00
_cell.angle_beta   90.00
_cell.angle_gamma   90.00
#
_symmetry.space_group_name_H-M   'P 1'
#
loop_
_entity.id
_entity.type
_entity.pdbx_description
1 polymer 'Flagellar basal-body rod protein FlgG'
2 polymer 'Flagellar basal-body rod protein FlgF'
3 polymer 'Flagellar MS ring L2'
4 polymer 'Flagellar MS ring L1'
5 polymer 'Flagellar basal-body rod protein FlgC'
6 polymer 'Flagellar basal body rod protein FlgB'
7 polymer 'Flagellar hook-basal body complex protein FliE'
8 polymer 'Flagellar hook protein FlgE'
#
loop_
_entity_poly.entity_id
_entity_poly.type
_entity_poly.pdbx_seq_one_letter_code
_entity_poly.pdbx_strand_id
1 'polypeptide(L)'
;MISSLWIAKTGLDAQQTNMDVIANNLANVSTNGFKRQRAVFEDLLYQTIRQPGAQSSEQTTLPSGLQIGTGVRPVATERL
HSQGNLSQTNNSKDVAIKGQGFFQVMLPDGTSAYTRDGSFQVDQNGQLVTAGGFQVQPAITIPANALSITIGRDGVVSVT
QQGQAAPVQVGQLNLTTFMNDTGLESIGENLYIETQSSGAPNESTPGLNGAGLLYQGYVETSNVNVAEELVNMIQVQRAY
EINSKAVSTTDQMLQKLTQL
;
A,B,C,D,E,F,G,H,I,J,K,L,M,N,O,P,Q,R,S,T,U,V,W,X
2 'polypeptide(L)'
;MDHAIYTAMGAASQTLNQQAVTASNLANASTPGFRAQLNALRAVPVDGLSLATRTLVTASTPGADMTPGQLDYTSRPLDV
ALQQDGWLVVQAADGAEGYTRNGNIQVGPTGQLTIQGHPVIGEGGPITVPEGSEITIAADGTISALNPGDPPNTVAPVGR
LKLVKAEGNEVQRSDDGLFRLTAEAQAERGAVLAADPSIRIMSGVLEGSNVKPVEAMTDMIANARRFEMQMKVITSVDEN
EGRANQLLSMS
;
a,b,c,d,e
3 'polypeptide(L)' (UNK)(UNK)(UNK)(UNK)(UNK)(UNK)(UNK)(UNK)(UNK)(UNK)(UNK)(UNK)(UNK)(UNK)(UNK) 0,1,2,3,4
4 'polypeptide(L)' GVPGALSNQPAPPNEAPIATP 5,6,7,9,8
5 'polypeptide(L)'
;MALLNIFDIAGSALAAQSKRLNVAASNLANADSVTGPDGQPYRAKQVVFQVDAAPGQATGGVKVASVIESQAPEKLVYEP
GNPLADANGYVKMPNVDVVGEMVNTMSASRSYQANIEVLNTVKSMMLKTLTLGQ
;
f,g,h,j,p,i
6 'polypeptide(L)'
;MLDRLDAALRFQQEALNLRAQRQEILAANIANADTPGYQARDIDFASELKKVMVRGREETGGVALTLTSSHHIPAQAVSS
PAVDLLYRVPDQPSLDGNTVDMDRERTQFADNSLKYQMGLTVLGSQLKGMMNVLQGGN
;
l,m,o,k,n
7 'polypeptide(L)'
;MAAIQGIEGVISQLQATAMAARGQDTHSQSTVSFAGQLHAALDRISDRQAAARVQAEKFTLGEPGIALNDVMADMQKASV
SMQMGIQVRNKLVAAYQEVMSMQV
;
q,r,s,t,u,v
8 'polypeptide(L)'
;MSFSQAVSGLNAAATNLDVIGNNIANSATYGFKSGTASFADMFAGSKVGLGVKVAGITQDFTDGTTTNTGRGLDVAISQN
GFFRLVDSNGSVFYSRNGQFKLDENRNLVNMQGMQLTGYPATGTPPTIQQGANPAPITIPNTLMAAKSTTTASMQINLNS
TDPVPSKTPFSVSDADSYNKKGTVTVYDSQGNAHDMNVYFVKTKDNEWAVYTHDSSDPAATAPTTASTTLKFNENGILES
GGTVNITTGTINGATAATFSLSFLNSMQQNTGANNIVATNQNGYKPGDLVSYQINNDGTVVGNYSNEQEQVLGQIVLANF
ANNEGLASQGDNVWAATQASGVALLGTAGSGNFGKLTNGALEASNVDLSKELVNMIVAQRNYQSNAQTIKTQDQILNTLV
NLR
;
DA,DB,DC,DD,DE,DF,DG,DH,DI,DJ,DK
#
# COMPACT_ATOMS: atom_id res chain seq x y z
N MET A 1 -13.92 -23.31 -7.50
CA MET A 1 -15.31 -23.00 -7.78
C MET A 1 -15.48 -22.44 -9.19
N ILE A 2 -14.37 -22.00 -9.77
CA ILE A 2 -14.37 -21.38 -11.09
C ILE A 2 -13.34 -22.07 -11.97
N SER A 3 -13.70 -22.28 -13.24
CA SER A 3 -12.78 -22.90 -14.18
C SER A 3 -11.51 -22.07 -14.34
N SER A 4 -11.65 -20.75 -14.32
CA SER A 4 -10.47 -19.89 -14.39
C SER A 4 -9.55 -20.11 -13.19
N LEU A 5 -10.13 -20.21 -12.00
CA LEU A 5 -9.33 -20.44 -10.80
C LEU A 5 -8.62 -21.78 -10.88
N TRP A 6 -9.31 -22.82 -11.35
CA TRP A 6 -8.67 -24.13 -11.44
C TRP A 6 -7.56 -24.14 -12.47
N ILE A 7 -7.76 -23.46 -13.60
CA ILE A 7 -6.72 -23.37 -14.62
C ILE A 7 -5.50 -22.64 -14.06
N ALA A 8 -5.71 -21.55 -13.34
CA ALA A 8 -4.59 -20.81 -12.76
C ALA A 8 -3.88 -21.64 -11.69
N LYS A 9 -4.63 -22.42 -10.91
CA LYS A 9 -4.00 -23.30 -9.92
C LYS A 9 -3.11 -24.33 -10.60
N THR A 10 -3.58 -24.94 -11.69
CA THR A 10 -2.76 -25.90 -12.41
C THR A 10 -1.51 -25.23 -12.98
N GLY A 11 -1.66 -24.02 -13.50
CA GLY A 11 -0.49 -23.30 -14.00
C GLY A 11 0.53 -23.01 -12.90
N LEU A 12 0.05 -22.61 -11.73
CA LEU A 12 0.94 -22.37 -10.59
C LEU A 12 1.67 -23.66 -10.20
N ASP A 13 0.96 -24.77 -10.18
CA ASP A 13 1.59 -26.04 -9.83
C ASP A 13 2.66 -26.44 -10.85
N ALA A 14 2.38 -26.23 -12.14
CA ALA A 14 3.37 -26.53 -13.16
C ALA A 14 4.62 -25.66 -13.01
N GLN A 15 4.42 -24.37 -12.74
CA GLN A 15 5.57 -23.49 -12.55
C GLN A 15 6.36 -23.87 -11.30
N GLN A 16 5.66 -24.31 -10.25
CA GLN A 16 6.37 -24.76 -9.04
C GLN A 16 7.21 -26.00 -9.33
N THR A 17 6.67 -26.94 -10.10
CA THR A 17 7.47 -28.12 -10.46
C THR A 17 8.68 -27.73 -11.28
N ASN A 18 8.51 -26.78 -12.20
CA ASN A 18 9.65 -26.32 -12.99
C ASN A 18 10.71 -25.67 -12.10
N MET A 19 10.29 -24.84 -11.15
CA MET A 19 11.24 -24.22 -10.24
C MET A 19 11.94 -25.27 -9.39
N ASP A 20 11.21 -26.31 -8.96
CA ASP A 20 11.81 -27.36 -8.16
C ASP A 20 12.88 -28.11 -8.93
N VAL A 21 12.60 -28.44 -10.20
CA VAL A 21 13.62 -29.16 -10.97
C VAL A 21 14.82 -28.26 -11.23
N ILE A 22 14.59 -26.97 -11.44
CA ILE A 22 15.73 -26.04 -11.59
C ILE A 22 16.58 -26.01 -10.33
N ALA A 23 15.93 -25.94 -9.17
CA ALA A 23 16.66 -25.91 -7.92
C ALA A 23 17.43 -27.20 -7.69
N ASN A 24 16.82 -28.34 -8.02
CA ASN A 24 17.52 -29.61 -7.87
C ASN A 24 18.73 -29.69 -8.80
N ASN A 25 18.60 -29.20 -10.03
CA ASN A 25 19.75 -29.17 -10.93
C ASN A 25 20.85 -28.29 -10.38
N LEU A 26 20.49 -27.12 -9.84
CA LEU A 26 21.52 -26.21 -9.33
C LEU A 26 22.16 -26.73 -8.07
N ALA A 27 21.44 -27.52 -7.27
CA ALA A 27 21.98 -27.99 -6.00
C ALA A 27 23.24 -28.82 -6.20
N ASN A 28 23.10 -29.95 -6.89
CA ASN A 28 24.24 -30.85 -7.11
C ASN A 28 24.95 -30.53 -8.42
N VAL A 29 25.55 -29.33 -8.47
CA VAL A 29 26.31 -28.93 -9.63
C VAL A 29 27.71 -29.53 -9.63
N SER A 30 28.21 -29.97 -8.47
CA SER A 30 29.55 -30.52 -8.36
C SER A 30 29.56 -32.03 -8.15
N THR A 31 28.42 -32.69 -8.26
CA THR A 31 28.37 -34.13 -8.10
C THR A 31 28.99 -34.81 -9.32
N ASN A 32 29.90 -35.74 -9.07
CA ASN A 32 30.56 -36.44 -10.17
C ASN A 32 29.59 -37.37 -10.88
N GLY A 33 29.63 -37.34 -12.21
CA GLY A 33 28.79 -38.21 -13.02
C GLY A 33 27.30 -37.99 -12.83
N PHE A 34 26.87 -36.74 -12.85
CA PHE A 34 25.48 -36.39 -12.66
C PHE A 34 24.88 -35.94 -13.99
N LYS A 35 23.70 -36.49 -14.31
CA LYS A 35 22.95 -36.15 -15.51
C LYS A 35 21.74 -35.32 -15.09
N ARG A 36 21.62 -34.12 -15.65
CA ARG A 36 20.61 -33.19 -15.20
C ARG A 36 19.23 -33.61 -15.67
N GLN A 37 18.21 -32.92 -15.15
CA GLN A 37 16.83 -33.21 -15.45
C GLN A 37 16.23 -32.16 -16.37
N ARG A 38 15.10 -32.51 -16.96
CA ARG A 38 14.36 -31.59 -17.82
C ARG A 38 12.90 -31.99 -17.81
N ALA A 39 12.02 -31.05 -17.53
CA ALA A 39 10.61 -31.31 -17.36
C ALA A 39 9.86 -30.95 -18.63
N VAL A 40 8.97 -31.84 -19.08
CA VAL A 40 8.17 -31.62 -20.27
C VAL A 40 6.70 -31.69 -19.87
N PHE A 41 5.92 -30.73 -20.35
CA PHE A 41 4.51 -30.59 -20.02
C PHE A 41 3.65 -30.94 -21.23
N GLU A 42 2.34 -30.87 -21.02
CA GLU A 42 1.37 -31.05 -22.09
C GLU A 42 0.05 -30.45 -21.64
N ASP A 43 -0.73 -29.96 -22.60
CA ASP A 43 -2.02 -29.35 -22.25
C ASP A 43 -3.02 -30.42 -21.85
N LEU A 44 -3.95 -30.02 -20.99
CA LEU A 44 -4.97 -30.92 -20.47
C LEU A 44 -6.14 -30.99 -21.46
N LEU A 45 -7.27 -31.53 -21.00
CA LEU A 45 -8.41 -31.71 -21.88
C LEU A 45 -9.08 -30.37 -22.21
N TYR A 46 -10.03 -30.42 -23.12
CA TYR A 46 -10.74 -29.25 -23.60
C TYR A 46 -12.25 -29.53 -23.58
N GLN A 47 -13.00 -28.60 -22.98
CA GLN A 47 -14.46 -28.64 -23.04
C GLN A 47 -14.91 -27.98 -24.34
N THR A 48 -15.74 -28.70 -25.10
CA THR A 48 -16.17 -28.27 -26.42
C THR A 48 -17.61 -27.79 -26.34
N ILE A 49 -17.80 -26.47 -26.27
CA ILE A 49 -19.15 -25.92 -26.24
C ILE A 49 -19.81 -26.09 -27.61
N ARG A 50 -19.09 -25.77 -28.68
CA ARG A 50 -19.56 -25.99 -30.05
C ARG A 50 -18.51 -26.83 -30.77
N GLN A 51 -18.93 -27.95 -31.31
CA GLN A 51 -18.00 -28.88 -31.93
C GLN A 51 -17.41 -28.26 -33.20
N PRO A 52 -16.09 -28.24 -33.35
CA PRO A 52 -15.50 -27.72 -34.58
C PRO A 52 -15.87 -28.59 -35.76
N GLY A 53 -16.03 -27.96 -36.91
CA GLY A 53 -16.47 -28.68 -38.09
C GLY A 53 -17.91 -29.12 -38.04
N ALA A 54 -18.72 -28.51 -37.18
CA ALA A 54 -20.12 -28.89 -37.06
C ALA A 54 -20.88 -28.48 -38.32
N GLN A 55 -21.90 -29.26 -38.64
CA GLN A 55 -22.76 -29.03 -39.79
C GLN A 55 -23.82 -28.02 -39.39
N SER A 56 -23.53 -26.74 -39.62
CA SER A 56 -24.43 -25.69 -39.16
C SER A 56 -25.72 -25.66 -39.97
N SER A 57 -25.62 -25.89 -41.27
CA SER A 57 -26.80 -25.91 -42.14
C SER A 57 -26.64 -27.06 -43.12
N GLU A 58 -27.48 -27.07 -44.15
CA GLU A 58 -27.39 -28.14 -45.14
C GLU A 58 -26.08 -28.12 -45.92
N GLN A 59 -25.46 -26.95 -46.05
CA GLN A 59 -24.21 -26.83 -46.80
C GLN A 59 -23.14 -26.01 -46.11
N THR A 60 -23.38 -25.51 -44.90
CA THR A 60 -22.40 -24.69 -44.19
C THR A 60 -21.79 -25.47 -43.04
N THR A 61 -20.48 -25.36 -42.89
CA THR A 61 -19.75 -26.01 -41.80
C THR A 61 -19.01 -24.95 -41.00
N LEU A 62 -19.03 -25.09 -39.69
CA LEU A 62 -18.34 -24.12 -38.83
C LEU A 62 -16.84 -24.23 -39.04
N PRO A 63 -16.16 -23.15 -39.42
CA PRO A 63 -14.71 -23.23 -39.63
C PRO A 63 -13.94 -23.64 -38.38
N SER A 64 -14.39 -23.21 -37.21
CA SER A 64 -13.73 -23.58 -35.96
C SER A 64 -14.72 -23.41 -34.82
N GLY A 65 -14.84 -24.44 -33.99
CA GLY A 65 -15.80 -24.42 -32.90
C GLY A 65 -15.28 -23.70 -31.68
N LEU A 66 -16.01 -23.85 -30.59
CA LEU A 66 -15.69 -23.21 -29.32
C LEU A 66 -15.12 -24.27 -28.38
N GLN A 67 -13.84 -24.17 -28.08
CA GLN A 67 -13.17 -25.10 -27.18
C GLN A 67 -12.39 -24.34 -26.13
N ILE A 68 -12.55 -24.71 -24.87
CA ILE A 68 -11.88 -24.06 -23.75
C ILE A 68 -11.06 -25.12 -23.03
N GLY A 69 -9.76 -24.88 -22.92
CA GLY A 69 -8.89 -25.80 -22.22
C GLY A 69 -9.11 -25.78 -20.73
N THR A 70 -8.60 -26.81 -20.05
CA THR A 70 -8.74 -26.87 -18.60
C THR A 70 -7.40 -26.86 -17.86
N GLY A 71 -6.32 -26.49 -18.54
CA GLY A 71 -5.05 -26.32 -17.84
C GLY A 71 -3.86 -27.02 -18.46
N VAL A 72 -2.92 -27.45 -17.62
CA VAL A 72 -1.69 -28.09 -18.06
C VAL A 72 -1.27 -29.12 -17.03
N ARG A 73 -0.68 -30.21 -17.50
CA ARG A 73 -0.15 -31.24 -16.62
C ARG A 73 1.29 -31.55 -17.00
N PRO A 74 2.17 -31.73 -16.02
CA PRO A 74 3.56 -32.11 -16.34
C PRO A 74 3.65 -33.56 -16.79
N VAL A 75 3.82 -33.77 -18.10
CA VAL A 75 3.71 -35.13 -18.63
C VAL A 75 4.90 -35.99 -18.19
N ALA A 76 6.09 -35.39 -18.12
CA ALA A 76 7.24 -36.21 -17.75
C ALA A 76 8.37 -35.34 -17.23
N THR A 77 9.34 -35.99 -16.58
CA THR A 77 10.58 -35.36 -16.14
C THR A 77 11.70 -36.34 -16.48
N GLU A 78 12.47 -36.04 -17.51
CA GLU A 78 13.44 -36.98 -18.06
C GLU A 78 14.87 -36.49 -17.82
N ARG A 79 15.75 -37.45 -17.60
CA ARG A 79 17.17 -37.15 -17.51
C ARG A 79 17.75 -36.91 -18.90
N LEU A 80 18.73 -36.02 -18.97
CA LEU A 80 19.42 -35.72 -20.22
C LEU A 80 20.78 -36.41 -20.17
N HIS A 81 20.80 -37.68 -20.60
CA HIS A 81 22.02 -38.48 -20.53
C HIS A 81 22.99 -38.00 -21.60
N SER A 82 23.58 -36.84 -21.35
CA SER A 82 24.61 -36.26 -22.19
C SER A 82 25.97 -36.77 -21.74
N GLN A 83 27.03 -36.21 -22.34
CA GLN A 83 28.39 -36.54 -21.97
C GLN A 83 28.95 -35.43 -21.10
N GLY A 84 29.34 -35.76 -19.87
CA GLY A 84 29.92 -34.78 -18.99
C GLY A 84 31.38 -34.51 -19.30
N ASN A 85 31.85 -33.37 -18.82
CA ASN A 85 33.24 -32.99 -19.03
C ASN A 85 34.16 -33.88 -18.22
N LEU A 86 35.31 -34.21 -18.80
CA LEU A 86 36.31 -35.03 -18.12
C LEU A 86 37.31 -34.13 -17.40
N SER A 87 37.44 -34.34 -16.10
CA SER A 87 38.35 -33.57 -15.28
C SER A 87 39.69 -34.30 -15.15
N GLN A 88 40.55 -33.78 -14.28
CA GLN A 88 41.88 -34.35 -14.06
C GLN A 88 42.10 -34.45 -12.56
N THR A 89 42.17 -35.67 -12.04
CA THR A 89 42.41 -35.90 -10.62
C THR A 89 43.75 -36.53 -10.32
N ASN A 90 44.35 -37.23 -11.29
CA ASN A 90 45.66 -37.85 -11.14
C ASN A 90 45.68 -38.83 -9.97
N ASN A 91 44.64 -39.66 -9.88
CA ASN A 91 44.56 -40.71 -8.88
C ASN A 91 44.53 -42.07 -9.57
N SER A 92 44.97 -43.11 -8.86
CA SER A 92 45.02 -44.43 -9.45
C SER A 92 43.75 -45.23 -9.21
N LYS A 93 42.80 -44.71 -8.45
CA LYS A 93 41.59 -45.44 -8.07
C LYS A 93 40.33 -44.69 -8.49
N ASP A 94 40.32 -44.16 -9.71
CA ASP A 94 39.13 -43.53 -10.25
C ASP A 94 39.15 -43.70 -11.77
N VAL A 95 38.01 -44.11 -12.32
CA VAL A 95 37.89 -44.42 -13.74
C VAL A 95 36.77 -43.59 -14.33
N ALA A 96 37.06 -42.94 -15.45
CA ALA A 96 36.07 -42.17 -16.19
C ALA A 96 35.68 -42.94 -17.45
N ILE A 97 34.37 -43.03 -17.69
CA ILE A 97 33.85 -43.80 -18.81
C ILE A 97 33.44 -42.83 -19.91
N LYS A 98 34.08 -42.97 -21.06
CA LYS A 98 33.89 -42.07 -22.20
C LYS A 98 32.96 -42.75 -23.20
N GLY A 99 31.84 -42.09 -23.51
CA GLY A 99 30.87 -42.67 -24.41
C GLY A 99 29.61 -43.11 -23.72
N GLN A 100 29.20 -44.36 -23.93
CA GLN A 100 28.02 -44.93 -23.31
C GLN A 100 28.42 -46.07 -22.40
N GLY A 101 27.46 -46.52 -21.60
CA GLY A 101 27.68 -47.66 -20.72
C GLY A 101 27.52 -47.36 -19.25
N PHE A 102 27.39 -48.40 -18.45
CA PHE A 102 27.27 -48.25 -17.00
C PHE A 102 28.05 -49.37 -16.32
N PHE A 103 28.50 -49.10 -15.10
CA PHE A 103 29.09 -50.13 -14.27
C PHE A 103 28.00 -50.85 -13.49
N GLN A 104 28.09 -52.17 -13.43
CA GLN A 104 27.14 -52.96 -12.66
C GLN A 104 27.59 -53.07 -11.22
N VAL A 105 26.63 -53.03 -10.31
CA VAL A 105 26.91 -53.03 -8.88
C VAL A 105 25.92 -53.96 -8.18
N MET A 106 26.42 -54.77 -7.26
CA MET A 106 25.59 -55.72 -6.52
C MET A 106 25.08 -55.06 -5.26
N LEU A 107 23.77 -54.79 -5.20
CA LEU A 107 23.19 -54.16 -4.02
C LEU A 107 23.17 -55.13 -2.85
N PRO A 108 23.18 -54.62 -1.62
CA PRO A 108 23.23 -55.52 -0.45
C PRO A 108 22.08 -56.51 -0.37
N ASP A 109 20.88 -56.13 -0.79
CA ASP A 109 19.74 -57.05 -0.70
C ASP A 109 19.94 -58.25 -1.61
N GLY A 110 20.53 -58.03 -2.79
CA GLY A 110 20.79 -59.14 -3.69
C GLY A 110 20.61 -58.81 -5.16
N THR A 111 19.94 -57.69 -5.45
CA THR A 111 19.68 -57.29 -6.83
C THR A 111 20.90 -56.57 -7.39
N SER A 112 20.79 -56.07 -8.61
CA SER A 112 21.88 -55.39 -9.30
C SER A 112 21.42 -54.03 -9.77
N ALA A 113 22.18 -53.00 -9.41
CA ALA A 113 21.97 -51.63 -9.88
C ALA A 113 23.07 -51.26 -10.86
N TYR A 114 22.91 -50.10 -11.48
CA TYR A 114 23.86 -49.62 -12.46
C TYR A 114 24.22 -48.18 -12.16
N THR A 115 25.50 -47.85 -12.27
CA THR A 115 25.99 -46.52 -11.95
C THR A 115 26.82 -45.98 -13.10
N ARG A 116 26.96 -44.65 -13.12
CA ARG A 116 27.77 -43.97 -14.12
C ARG A 116 29.00 -43.29 -13.54
N ASP A 117 28.93 -42.83 -12.30
CA ASP A 117 30.06 -42.17 -11.66
C ASP A 117 31.07 -43.22 -11.22
N GLY A 118 32.30 -43.08 -11.70
CA GLY A 118 33.35 -44.01 -11.31
C GLY A 118 34.35 -43.42 -10.36
N SER A 119 34.26 -43.78 -9.08
CA SER A 119 35.25 -43.41 -8.08
C SER A 119 35.28 -44.54 -7.06
N PHE A 120 36.21 -45.47 -7.25
CA PHE A 120 36.22 -46.72 -6.51
C PHE A 120 37.24 -46.68 -5.38
N GLN A 121 37.02 -47.56 -4.41
CA GLN A 121 37.95 -47.75 -3.30
C GLN A 121 38.14 -49.25 -3.09
N VAL A 122 38.77 -49.61 -1.98
CA VAL A 122 38.98 -51.00 -1.61
C VAL A 122 38.41 -51.21 -0.21
N ASP A 123 37.70 -52.32 -0.03
CA ASP A 123 37.20 -52.67 1.29
C ASP A 123 38.32 -53.26 2.13
N GLN A 124 38.01 -53.59 3.38
CA GLN A 124 39.01 -54.20 4.26
C GLN A 124 39.39 -55.60 3.80
N ASN A 125 38.54 -56.26 3.01
CA ASN A 125 38.81 -57.62 2.57
C ASN A 125 39.49 -57.71 1.22
N GLY A 126 39.66 -56.58 0.53
CA GLY A 126 40.37 -56.57 -0.73
C GLY A 126 39.53 -56.51 -1.99
N GLN A 127 38.21 -56.38 -1.87
CA GLN A 127 37.35 -56.26 -3.04
C GLN A 127 37.31 -54.82 -3.51
N LEU A 128 37.16 -54.64 -4.83
CA LEU A 128 37.03 -53.31 -5.41
C LEU A 128 35.58 -52.86 -5.28
N VAL A 129 35.34 -51.85 -4.45
CA VAL A 129 33.99 -51.39 -4.18
C VAL A 129 33.91 -49.89 -4.42
N THR A 130 32.71 -49.42 -4.71
CA THR A 130 32.47 -48.00 -4.86
C THR A 130 32.19 -47.37 -3.50
N ALA A 131 32.25 -46.04 -3.46
CA ALA A 131 32.05 -45.30 -2.22
C ALA A 131 30.63 -45.51 -1.72
N GLY A 132 30.49 -46.12 -0.55
CA GLY A 132 29.19 -46.44 -0.01
C GLY A 132 29.09 -47.89 0.42
N GLY A 133 30.13 -48.68 0.10
CA GLY A 133 30.17 -50.06 0.48
C GLY A 133 29.60 -51.03 -0.53
N PHE A 134 29.32 -50.59 -1.74
CA PHE A 134 28.73 -51.43 -2.78
C PHE A 134 29.83 -52.01 -3.65
N GLN A 135 29.78 -53.32 -3.86
CA GLN A 135 30.81 -54.01 -4.63
C GLN A 135 30.44 -54.06 -6.10
N VAL A 136 31.42 -54.38 -6.93
CA VAL A 136 31.25 -54.48 -8.37
C VAL A 136 30.85 -55.91 -8.71
N GLN A 137 29.98 -56.06 -9.71
CA GLN A 137 29.40 -57.36 -10.02
C GLN A 137 30.44 -58.40 -10.45
N PRO A 138 31.39 -58.10 -11.34
CA PRO A 138 32.45 -59.09 -11.63
C PRO A 138 33.32 -59.43 -10.43
N ALA A 139 33.24 -58.65 -9.35
CA ALA A 139 33.95 -58.92 -8.10
C ALA A 139 35.46 -58.99 -8.32
N ILE A 140 36.02 -57.86 -8.72
CA ILE A 140 37.46 -57.74 -8.92
C ILE A 140 38.12 -57.62 -7.56
N THR A 141 38.95 -58.61 -7.21
CA THR A 141 39.60 -58.66 -5.91
C THR A 141 41.02 -58.13 -6.06
N ILE A 142 41.27 -56.95 -5.49
CA ILE A 142 42.62 -56.38 -5.46
C ILE A 142 43.40 -57.11 -4.37
N PRO A 143 44.50 -57.77 -4.70
CA PRO A 143 45.28 -58.48 -3.68
C PRO A 143 46.07 -57.49 -2.82
N ALA A 144 46.52 -58.00 -1.67
CA ALA A 144 47.37 -57.20 -0.80
C ALA A 144 48.76 -57.07 -1.40
N ASN A 145 49.65 -56.42 -0.65
CA ASN A 145 51.02 -56.12 -1.07
C ASN A 145 51.08 -55.70 -2.54
N ALA A 146 50.29 -54.68 -2.85
CA ALA A 146 50.15 -54.17 -4.21
C ALA A 146 50.88 -52.83 -4.32
N LEU A 147 51.64 -52.67 -5.39
CA LEU A 147 52.36 -51.41 -5.62
C LEU A 147 51.47 -50.40 -6.35
N SER A 148 50.82 -50.80 -7.43
CA SER A 148 49.97 -49.90 -8.19
C SER A 148 48.96 -50.72 -8.98
N ILE A 149 47.91 -50.05 -9.42
CA ILE A 149 46.84 -50.65 -10.21
C ILE A 149 46.76 -49.91 -11.54
N THR A 150 46.78 -50.67 -12.63
CA THR A 150 46.77 -50.10 -13.97
C THR A 150 45.56 -50.62 -14.73
N ILE A 151 44.85 -49.71 -15.40
CA ILE A 151 43.68 -50.05 -16.20
C ILE A 151 43.85 -49.43 -17.57
N GLY A 152 43.74 -50.25 -18.62
CA GLY A 152 43.86 -49.78 -19.98
C GLY A 152 42.54 -49.31 -20.54
N ARG A 153 42.53 -49.11 -21.87
CA ARG A 153 41.30 -48.75 -22.55
C ARG A 153 40.25 -49.84 -22.41
N ASP A 154 40.67 -51.10 -22.52
CA ASP A 154 39.77 -52.21 -22.26
C ASP A 154 39.52 -52.33 -20.76
N GLY A 155 38.72 -53.33 -20.39
CA GLY A 155 38.42 -53.53 -18.99
C GLY A 155 39.48 -54.23 -18.18
N VAL A 156 40.58 -54.67 -18.82
CA VAL A 156 41.59 -55.43 -18.09
C VAL A 156 42.21 -54.57 -17.01
N VAL A 157 42.34 -55.13 -15.82
CA VAL A 157 42.95 -54.47 -14.69
C VAL A 157 44.16 -55.29 -14.25
N SER A 158 45.25 -54.61 -13.91
CA SER A 158 46.47 -55.28 -13.52
C SER A 158 47.00 -54.66 -12.23
N VAL A 159 47.65 -55.50 -11.42
CA VAL A 159 48.27 -55.08 -10.18
C VAL A 159 49.75 -55.35 -10.26
N THR A 160 50.56 -54.33 -9.99
CA THR A 160 52.02 -54.47 -10.05
C THR A 160 52.49 -55.17 -8.78
N GLN A 161 52.86 -56.45 -8.91
CA GLN A 161 53.31 -57.22 -7.77
C GLN A 161 54.68 -56.73 -7.32
N GLN A 162 55.00 -57.05 -6.06
CA GLN A 162 56.28 -56.61 -5.49
C GLN A 162 57.46 -57.24 -6.24
N GLY A 163 57.34 -58.52 -6.59
CA GLY A 163 58.44 -59.22 -7.24
C GLY A 163 58.14 -59.65 -8.66
N GLN A 164 59.09 -60.37 -9.26
CA GLN A 164 59.02 -61.01 -10.57
C GLN A 164 58.87 -60.01 -11.72
N ALA A 165 58.78 -58.71 -11.42
CA ALA A 165 58.75 -57.65 -12.42
C ALA A 165 57.73 -57.92 -13.53
N ALA A 166 56.64 -58.60 -13.20
CA ALA A 166 55.63 -58.98 -14.19
C ALA A 166 54.25 -58.86 -13.54
N PRO A 167 53.53 -57.78 -13.79
CA PRO A 167 52.18 -57.65 -13.22
C PRO A 167 51.23 -58.67 -13.82
N VAL A 168 50.25 -59.06 -13.01
CA VAL A 168 49.27 -60.06 -13.40
C VAL A 168 47.91 -59.38 -13.54
N GLN A 169 47.03 -60.04 -14.29
CA GLN A 169 45.67 -59.54 -14.50
C GLN A 169 44.73 -60.18 -13.50
N VAL A 170 43.87 -59.35 -12.90
CA VAL A 170 42.99 -59.81 -11.83
C VAL A 170 41.52 -59.52 -12.11
N GLY A 171 41.16 -59.38 -13.39
CA GLY A 171 39.76 -59.21 -13.72
C GLY A 171 39.50 -58.25 -14.87
N GLN A 172 38.23 -58.03 -15.19
CA GLN A 172 37.84 -57.16 -16.29
C GLN A 172 36.53 -56.46 -15.94
N LEU A 173 36.44 -55.18 -16.29
CA LEU A 173 35.28 -54.36 -15.97
C LEU A 173 34.43 -54.21 -17.23
N ASN A 174 33.60 -55.21 -17.48
CA ASN A 174 32.65 -55.12 -18.59
C ASN A 174 31.57 -54.10 -18.27
N LEU A 175 31.14 -53.37 -19.30
CA LEU A 175 30.15 -52.31 -19.16
C LEU A 175 28.82 -52.76 -19.73
N THR A 176 27.73 -52.39 -19.06
CA THR A 176 26.39 -52.71 -19.50
C THR A 176 25.81 -51.52 -20.24
N THR A 177 25.07 -51.79 -21.31
CA THR A 177 24.41 -50.74 -22.07
C THR A 177 22.92 -51.05 -22.18
N PHE A 178 22.14 -49.99 -22.37
CA PHE A 178 20.70 -50.09 -22.41
C PHE A 178 20.18 -49.51 -23.72
N MET A 179 19.04 -50.04 -24.17
CA MET A 179 18.40 -49.51 -25.37
C MET A 179 17.93 -48.07 -25.16
N ASN A 180 17.34 -47.77 -24.00
CA ASN A 180 16.83 -46.44 -23.70
C ASN A 180 17.33 -46.06 -22.30
N ASP A 181 18.34 -45.20 -22.25
CA ASP A 181 18.93 -44.83 -20.98
C ASP A 181 18.05 -43.86 -20.19
N THR A 182 17.19 -43.10 -20.89
CA THR A 182 16.32 -42.15 -20.19
C THR A 182 15.28 -42.85 -19.33
N GLY A 183 14.92 -44.08 -19.65
CA GLY A 183 13.92 -44.81 -18.90
C GLY A 183 14.40 -45.47 -17.64
N LEU A 184 15.67 -45.33 -17.30
CA LEU A 184 16.20 -45.94 -16.09
C LEU A 184 15.55 -45.33 -14.86
N GLU A 185 15.26 -46.18 -13.89
CA GLU A 185 14.63 -45.75 -12.63
C GLU A 185 15.72 -45.34 -11.66
N SER A 186 15.87 -44.03 -11.46
CA SER A 186 16.89 -43.53 -10.55
C SER A 186 16.49 -43.78 -9.11
N ILE A 187 17.49 -44.00 -8.27
CA ILE A 187 17.32 -44.11 -6.83
C ILE A 187 18.40 -43.27 -6.15
N GLY A 188 18.44 -43.33 -4.83
CA GLY A 188 19.40 -42.58 -4.07
C GLY A 188 20.80 -43.14 -4.22
N GLU A 189 21.76 -42.41 -3.66
CA GLU A 189 23.17 -42.81 -3.64
C GLU A 189 23.73 -42.98 -5.05
N ASN A 190 23.20 -42.22 -6.01
CA ASN A 190 23.75 -42.14 -7.36
C ASN A 190 23.78 -43.51 -8.03
N LEU A 191 22.59 -44.09 -8.20
CA LEU A 191 22.45 -45.39 -8.81
C LEU A 191 21.24 -45.39 -9.74
N TYR A 192 21.23 -46.36 -10.65
CA TYR A 192 20.10 -46.55 -11.55
C TYR A 192 19.77 -48.04 -11.59
N ILE A 193 18.48 -48.34 -11.75
CA ILE A 193 18.01 -49.71 -11.85
C ILE A 193 17.19 -49.86 -13.12
N GLU A 194 16.97 -51.11 -13.51
CA GLU A 194 16.30 -51.43 -14.76
C GLU A 194 14.79 -51.57 -14.55
N THR A 195 14.02 -51.00 -15.47
CA THR A 195 12.57 -51.11 -15.47
C THR A 195 12.10 -51.53 -16.85
N GLN A 196 10.77 -51.66 -16.98
CA GLN A 196 10.19 -52.07 -18.26
C GLN A 196 10.43 -51.02 -19.35
N SER A 197 10.35 -49.73 -18.98
CA SER A 197 10.56 -48.68 -19.96
C SER A 197 11.96 -48.77 -20.57
N SER A 198 12.97 -48.99 -19.74
CA SER A 198 14.30 -49.23 -20.25
C SER A 198 14.39 -50.63 -20.86
N GLY A 199 15.34 -50.79 -21.77
CA GLY A 199 15.53 -52.07 -22.41
C GLY A 199 16.28 -53.06 -21.54
N ALA A 200 16.41 -54.26 -22.05
CA ALA A 200 17.20 -55.29 -21.37
C ALA A 200 18.68 -54.93 -21.46
N PRO A 201 19.40 -54.93 -20.35
CA PRO A 201 20.82 -54.55 -20.41
C PRO A 201 21.63 -55.60 -21.14
N ASN A 202 22.61 -55.15 -21.91
CA ASN A 202 23.55 -56.05 -22.57
C ASN A 202 24.97 -55.74 -22.13
N GLU A 203 25.71 -56.79 -21.79
CA GLU A 203 27.09 -56.66 -21.37
C GLU A 203 28.00 -56.53 -22.58
N SER A 204 29.09 -55.80 -22.41
CA SER A 204 30.05 -55.65 -23.50
C SER A 204 31.39 -55.20 -22.95
N THR A 205 32.46 -55.69 -23.57
CA THR A 205 33.79 -55.20 -23.25
C THR A 205 33.94 -53.77 -23.77
N PRO A 206 34.71 -52.93 -23.07
CA PRO A 206 34.86 -51.55 -23.50
C PRO A 206 35.44 -51.46 -24.91
N GLY A 207 34.92 -50.52 -25.68
CA GLY A 207 35.34 -50.34 -27.05
C GLY A 207 34.61 -51.18 -28.07
N LEU A 208 33.66 -52.01 -27.65
CA LEU A 208 32.91 -52.86 -28.55
C LEU A 208 31.42 -52.56 -28.43
N ASN A 209 30.71 -52.65 -29.55
CA ASN A 209 29.27 -52.41 -29.62
C ASN A 209 28.91 -51.00 -29.13
N GLY A 210 29.81 -50.05 -29.40
CA GLY A 210 29.56 -48.67 -29.05
C GLY A 210 29.80 -48.32 -27.60
N ALA A 211 30.23 -49.27 -26.77
CA ALA A 211 30.51 -48.97 -25.37
C ALA A 211 31.73 -48.07 -25.27
N GLY A 212 31.67 -47.10 -24.36
CA GLY A 212 32.76 -46.18 -24.19
C GLY A 212 33.98 -46.82 -23.58
N LEU A 213 35.10 -46.10 -23.68
CA LEU A 213 36.36 -46.57 -23.14
C LEU A 213 36.52 -46.15 -21.69
N LEU A 214 37.48 -46.76 -21.01
CA LEU A 214 37.77 -46.45 -19.62
C LEU A 214 39.11 -45.74 -19.53
N TYR A 215 39.13 -44.60 -18.83
CA TYR A 215 40.35 -43.83 -18.63
C TYR A 215 40.65 -43.77 -17.13
N GLN A 216 41.89 -44.06 -16.77
CA GLN A 216 42.31 -44.01 -15.38
C GLN A 216 42.89 -42.64 -15.05
N GLY A 217 42.58 -42.14 -13.86
CA GLY A 217 43.04 -40.84 -13.44
C GLY A 217 42.12 -39.70 -13.76
N TYR A 218 40.99 -39.96 -14.44
CA TYR A 218 40.03 -38.94 -14.81
C TYR A 218 38.69 -39.21 -14.13
N VAL A 219 37.96 -38.13 -13.88
CA VAL A 219 36.63 -38.22 -13.29
C VAL A 219 35.68 -37.41 -14.16
N GLU A 220 34.40 -37.78 -14.10
CA GLU A 220 33.37 -37.15 -14.93
C GLU A 220 32.50 -36.27 -14.06
N THR A 221 32.43 -34.98 -14.41
CA THR A 221 31.66 -34.02 -13.64
C THR A 221 30.23 -33.93 -14.14
N SER A 222 29.39 -33.27 -13.36
CA SER A 222 27.98 -33.13 -13.69
C SER A 222 27.80 -32.34 -14.97
N ASN A 223 26.79 -32.72 -15.75
CA ASN A 223 26.54 -32.04 -17.02
C ASN A 223 25.51 -30.90 -16.85
N VAL A 224 25.76 -30.02 -15.90
CA VAL A 224 24.87 -28.90 -15.61
C VAL A 224 25.57 -27.61 -16.04
N ASN A 225 24.93 -26.88 -16.94
CA ASN A 225 25.44 -25.58 -17.39
C ASN A 225 24.88 -24.51 -16.46
N VAL A 226 25.74 -23.97 -15.58
CA VAL A 226 25.27 -23.06 -14.55
C VAL A 226 24.73 -21.77 -15.16
N ALA A 227 25.22 -21.38 -16.33
CA ALA A 227 24.78 -20.12 -16.93
C ALA A 227 23.30 -20.16 -17.30
N GLU A 228 22.84 -21.26 -17.89
CA GLU A 228 21.45 -21.32 -18.34
C GLU A 228 20.48 -21.38 -17.17
N GLU A 229 20.94 -21.86 -16.01
CA GLU A 229 20.05 -21.98 -14.87
C GLU A 229 19.56 -20.63 -14.38
N LEU A 230 20.41 -19.61 -14.44
CA LEU A 230 19.98 -18.28 -14.00
C LEU A 230 18.85 -17.74 -14.86
N VAL A 231 19.01 -17.83 -16.18
CA VAL A 231 17.97 -17.29 -17.07
C VAL A 231 16.70 -18.13 -16.98
N ASN A 232 16.84 -19.45 -16.85
CA ASN A 232 15.67 -20.29 -16.67
C ASN A 232 14.94 -19.92 -15.37
N MET A 233 15.69 -19.64 -14.31
CA MET A 233 15.09 -19.24 -13.06
C MET A 233 14.35 -17.91 -13.20
N ILE A 234 14.93 -16.97 -13.95
CA ILE A 234 14.27 -15.69 -14.17
C ILE A 234 12.94 -15.89 -14.88
N GLN A 235 12.94 -16.69 -15.95
CA GLN A 235 11.71 -16.93 -16.69
C GLN A 235 10.68 -17.64 -15.82
N VAL A 236 11.12 -18.61 -15.02
CA VAL A 236 10.20 -19.33 -14.14
C VAL A 236 9.58 -18.38 -13.14
N GLN A 237 10.38 -17.50 -12.55
CA GLN A 237 9.85 -16.54 -11.58
C GLN A 237 8.82 -15.63 -12.22
N ARG A 238 9.11 -15.12 -13.42
CA ARG A 238 8.15 -14.25 -14.09
C ARG A 238 6.84 -14.97 -14.37
N ALA A 239 6.93 -16.20 -14.87
CA ALA A 239 5.71 -16.96 -15.17
C ALA A 239 4.91 -17.24 -13.91
N TYR A 240 5.59 -17.60 -12.82
CA TYR A 240 4.90 -17.88 -11.57
C TYR A 240 4.18 -16.65 -11.05
N GLU A 241 4.85 -15.50 -11.10
CA GLU A 241 4.23 -14.28 -10.61
C GLU A 241 3.02 -13.89 -11.47
N ILE A 242 3.12 -14.07 -12.79
CA ILE A 242 1.98 -13.75 -13.66
C ILE A 242 0.81 -14.68 -13.36
N ASN A 243 1.08 -15.97 -13.18
CA ASN A 243 0.00 -16.89 -12.85
C ASN A 243 -0.65 -16.52 -11.52
N SER A 244 0.14 -16.05 -10.56
CA SER A 244 -0.45 -15.56 -9.32
C SER A 244 -1.34 -14.36 -9.57
N LYS A 245 -0.91 -13.46 -10.44
CA LYS A 245 -1.73 -12.29 -10.78
C LYS A 245 -3.06 -12.72 -11.37
N ALA A 246 -3.06 -13.82 -12.14
CA ALA A 246 -4.32 -14.32 -12.68
C ALA A 246 -5.30 -14.73 -11.59
N VAL A 247 -4.80 -15.43 -10.57
CA VAL A 247 -5.66 -15.80 -9.44
C VAL A 247 -6.17 -14.56 -8.73
N SER A 248 -5.30 -13.56 -8.57
CA SER A 248 -5.72 -12.33 -7.92
C SER A 248 -6.86 -11.67 -8.69
N THR A 249 -6.73 -11.60 -10.01
CA THR A 249 -7.79 -10.99 -10.82
C THR A 249 -9.09 -11.77 -10.72
N THR A 250 -9.02 -13.11 -10.77
CA THR A 250 -10.25 -13.89 -10.65
C THR A 250 -10.90 -13.69 -9.29
N ASP A 251 -10.09 -13.63 -8.22
CA ASP A 251 -10.64 -13.38 -6.90
C ASP A 251 -11.31 -12.02 -6.83
N GLN A 252 -10.69 -11.00 -7.44
CA GLN A 252 -11.29 -9.68 -7.46
C GLN A 252 -12.64 -9.72 -8.16
N MET A 253 -12.72 -10.41 -9.30
CA MET A 253 -14.00 -10.51 -10.01
C MET A 253 -15.05 -11.20 -9.16
N LEU A 254 -14.68 -12.30 -8.49
CA LEU A 254 -15.64 -13.02 -7.65
C LEU A 254 -16.13 -12.14 -6.51
N GLN A 255 -15.23 -11.42 -5.86
CA GLN A 255 -15.62 -10.55 -4.77
C GLN A 255 -16.54 -9.44 -5.25
N LYS A 256 -16.24 -8.87 -6.41
CA LYS A 256 -17.10 -7.82 -6.96
C LYS A 256 -18.48 -8.38 -7.29
N LEU A 257 -18.54 -9.61 -7.79
CA LEU A 257 -19.83 -10.23 -8.06
C LEU A 257 -20.62 -10.45 -6.78
N THR A 258 -19.95 -10.93 -5.72
CA THR A 258 -20.65 -11.15 -4.46
C THR A 258 -21.05 -9.85 -3.78
N GLN A 259 -20.40 -8.74 -4.11
CA GLN A 259 -20.76 -7.45 -3.51
C GLN A 259 -22.09 -6.90 -3.98
N LEU A 260 -22.90 -7.62 -4.74
CA LEU A 260 -24.20 -7.11 -5.18
C LEU A 260 -25.12 -6.82 -4.00
N MET B 1 9.36 -4.97 23.71
CA MET B 1 8.52 -5.59 22.70
C MET B 1 8.50 -7.11 22.83
N ILE B 2 9.36 -7.77 22.07
CA ILE B 2 9.40 -9.23 22.02
C ILE B 2 10.72 -9.73 22.56
N SER B 3 10.72 -10.97 23.04
CA SER B 3 11.93 -11.59 23.54
C SER B 3 13.00 -11.66 22.48
N SER B 4 12.63 -11.94 21.23
CA SER B 4 13.62 -11.98 20.16
C SER B 4 14.27 -10.61 19.96
N LEU B 5 13.46 -9.55 20.00
CA LEU B 5 14.02 -8.20 19.86
C LEU B 5 14.97 -7.89 21.00
N TRP B 6 14.60 -8.25 22.24
CA TRP B 6 15.47 -7.98 23.37
C TRP B 6 16.78 -8.77 23.28
N ILE B 7 16.69 -10.03 22.85
CA ILE B 7 17.89 -10.86 22.70
C ILE B 7 18.81 -10.26 21.63
N ALA B 8 18.24 -9.83 20.51
CA ALA B 8 19.05 -9.24 19.45
C ALA B 8 19.67 -7.93 19.91
N LYS B 9 18.95 -7.15 20.70
CA LYS B 9 19.52 -5.90 21.22
C LYS B 9 20.70 -6.18 22.14
N THR B 10 20.57 -7.18 23.00
CA THR B 10 21.70 -7.55 23.86
C THR B 10 22.89 -8.02 23.04
N GLY B 11 22.63 -8.80 21.99
CA GLY B 11 23.70 -9.23 21.11
C GLY B 11 24.39 -8.07 20.41
N LEU B 12 23.61 -7.10 19.95
CA LEU B 12 24.18 -5.90 19.34
C LEU B 12 25.06 -5.15 20.32
N ASP B 13 24.59 -5.01 21.56
CA ASP B 13 25.38 -4.32 22.57
C ASP B 13 26.68 -5.05 22.85
N ALA B 14 26.63 -6.37 22.93
CA ALA B 14 27.86 -7.15 23.15
C ALA B 14 28.84 -6.97 21.99
N GLN B 15 28.33 -7.01 20.75
CA GLN B 15 29.22 -6.85 19.61
C GLN B 15 29.79 -5.43 19.55
N GLN B 16 29.00 -4.43 19.93
CA GLN B 16 29.51 -3.07 19.98
C GLN B 16 30.62 -2.93 21.01
N THR B 17 30.45 -3.55 22.18
CA THR B 17 31.52 -3.51 23.19
C THR B 17 32.77 -4.21 22.68
N ASN B 18 32.61 -5.33 21.99
CA ASN B 18 33.75 -6.02 21.41
C ASN B 18 34.47 -5.14 20.40
N MET B 19 33.70 -4.47 19.54
CA MET B 19 34.29 -3.57 18.55
C MET B 19 35.03 -2.43 19.24
N ASP B 20 34.45 -1.88 20.30
CA ASP B 20 35.10 -0.78 21.02
C ASP B 20 36.42 -1.22 21.63
N VAL B 21 36.46 -2.41 22.23
CA VAL B 21 37.71 -2.85 22.84
C VAL B 21 38.74 -3.16 21.77
N ILE B 22 38.31 -3.69 20.63
CA ILE B 22 39.25 -3.89 19.52
C ILE B 22 39.83 -2.57 19.05
N ALA B 23 38.97 -1.56 18.90
CA ALA B 23 39.44 -0.26 18.45
C ALA B 23 40.40 0.37 19.45
N ASN B 24 40.11 0.25 20.74
CA ASN B 24 40.99 0.80 21.75
C ASN B 24 42.34 0.10 21.76
N ASN B 25 42.35 -1.23 21.60
CA ASN B 25 43.62 -1.94 21.50
C ASN B 25 44.40 -1.51 20.27
N LEU B 26 43.71 -1.31 19.14
CA LEU B 26 44.40 -0.98 17.91
C LEU B 26 44.92 0.45 17.90
N ALA B 27 44.21 1.38 18.55
CA ALA B 27 44.58 2.78 18.47
C ALA B 27 45.94 3.04 19.11
N ASN B 28 46.13 2.60 20.35
CA ASN B 28 47.40 2.83 21.04
C ASN B 28 48.35 1.66 20.87
N VAL B 29 48.59 1.29 19.61
CA VAL B 29 49.51 0.21 19.30
C VAL B 29 50.95 0.61 19.61
N SER B 30 51.28 1.89 19.52
CA SER B 30 52.65 2.36 19.68
C SER B 30 52.95 2.84 21.10
N THR B 31 52.00 2.73 22.02
CA THR B 31 52.21 3.19 23.38
C THR B 31 53.13 2.21 24.11
N ASN B 32 54.27 2.71 24.59
CA ASN B 32 55.20 1.85 25.30
C ASN B 32 54.58 1.35 26.60
N GLY B 33 54.81 0.08 26.90
CA GLY B 33 54.27 -0.51 28.11
C GLY B 33 52.76 -0.62 28.12
N PHE B 34 52.17 -1.07 27.02
CA PHE B 34 50.74 -1.23 26.92
C PHE B 34 50.38 -2.71 26.85
N LYS B 35 49.42 -3.10 27.68
CA LYS B 35 48.88 -4.45 27.68
C LYS B 35 47.49 -4.41 27.06
N ARG B 36 47.27 -5.27 26.07
CA ARG B 36 46.01 -5.25 25.32
C ARG B 36 44.86 -5.70 26.21
N GLN B 37 43.64 -5.54 25.68
CA GLN B 37 42.43 -5.93 26.38
C GLN B 37 41.72 -7.05 25.63
N ARG B 38 41.10 -7.95 26.39
CA ARG B 38 40.24 -8.98 25.83
C ARG B 38 38.94 -9.00 26.62
N ALA B 39 37.83 -9.09 25.91
CA ALA B 39 36.51 -9.10 26.51
C ALA B 39 35.93 -10.50 26.44
N VAL B 40 35.44 -11.00 27.57
CA VAL B 40 34.83 -12.32 27.67
C VAL B 40 33.33 -12.14 27.82
N PHE B 41 32.56 -12.91 27.06
CA PHE B 41 31.11 -12.83 27.08
C PHE B 41 30.51 -14.00 27.85
N GLU B 42 29.28 -13.82 28.29
CA GLU B 42 28.58 -14.82 29.08
C GLU B 42 27.09 -14.68 28.86
N ASP B 43 26.41 -15.81 28.70
CA ASP B 43 24.97 -15.78 28.44
C ASP B 43 24.19 -15.48 29.71
N LEU B 44 23.03 -14.85 29.52
CA LEU B 44 22.16 -14.49 30.63
C LEU B 44 21.34 -15.70 31.05
N LEU B 45 20.31 -15.47 31.86
CA LEU B 45 19.54 -16.56 32.43
C LEU B 45 18.71 -17.26 31.35
N TYR B 46 17.97 -18.27 31.79
CA TYR B 46 17.12 -19.06 30.91
C TYR B 46 15.74 -19.18 31.51
N GLN B 47 14.71 -18.87 30.72
CA GLN B 47 13.33 -19.13 31.10
C GLN B 47 13.03 -20.60 30.87
N THR B 48 12.63 -21.30 31.91
CA THR B 48 12.35 -22.74 31.85
C THR B 48 10.84 -22.93 31.79
N ILE B 49 10.31 -23.03 30.57
CA ILE B 49 8.88 -23.27 30.42
C ILE B 49 8.54 -24.69 30.84
N ARG B 50 9.37 -25.66 30.46
CA ARG B 50 9.21 -27.05 30.88
C ARG B 50 10.49 -27.48 31.58
N GLN B 51 10.34 -27.99 32.79
CA GLN B 51 11.51 -28.37 33.59
C GLN B 51 12.18 -29.60 33.00
N PRO B 52 13.49 -29.56 32.75
CA PRO B 52 14.19 -30.77 32.32
C PRO B 52 14.12 -31.85 33.39
N GLY B 53 14.01 -33.09 32.95
CA GLY B 53 13.84 -34.18 33.90
C GLY B 53 12.49 -34.22 34.56
N ALA B 54 11.46 -33.64 33.93
CA ALA B 54 10.13 -33.67 34.49
C ALA B 54 9.59 -35.10 34.52
N GLN B 55 8.82 -35.39 35.58
CA GLN B 55 8.27 -36.73 35.78
C GLN B 55 6.89 -36.81 35.13
N SER B 56 6.90 -37.08 33.82
CA SER B 56 5.65 -37.18 33.08
C SER B 56 4.81 -38.37 33.56
N SER B 57 5.46 -39.49 33.84
CA SER B 57 4.80 -40.67 34.38
C SER B 57 5.66 -41.27 35.47
N GLU B 58 5.12 -42.29 36.15
CA GLU B 58 5.86 -42.92 37.23
C GLU B 58 7.12 -43.63 36.74
N GLN B 59 7.21 -43.91 35.45
CA GLN B 59 8.35 -44.61 34.88
C GLN B 59 9.12 -43.81 33.83
N THR B 60 8.44 -42.94 33.09
CA THR B 60 9.08 -42.17 32.03
C THR B 60 9.32 -40.73 32.49
N THR B 61 10.47 -40.19 32.10
CA THR B 61 10.83 -38.83 32.44
C THR B 61 11.32 -38.11 31.19
N LEU B 62 11.10 -36.81 31.16
CA LEU B 62 11.49 -36.00 30.01
C LEU B 62 13.01 -35.93 29.91
N PRO B 63 13.61 -36.30 28.77
CA PRO B 63 15.07 -36.19 28.66
C PRO B 63 15.57 -34.76 28.56
N SER B 64 14.85 -33.89 27.86
CA SER B 64 15.24 -32.49 27.73
C SER B 64 14.00 -31.62 27.82
N GLY B 65 14.09 -30.55 28.60
CA GLY B 65 12.98 -29.65 28.81
C GLY B 65 12.92 -28.54 27.77
N LEU B 66 12.15 -27.51 28.11
CA LEU B 66 11.97 -26.34 27.25
C LEU B 66 12.59 -25.14 27.94
N GLN B 67 13.72 -24.67 27.42
CA GLN B 67 14.41 -23.53 27.99
C GLN B 67 14.76 -22.53 26.89
N ILE B 68 14.50 -21.26 27.14
CA ILE B 68 14.78 -20.19 26.19
C ILE B 68 15.74 -19.20 26.85
N GLY B 69 16.84 -18.90 26.17
CA GLY B 69 17.81 -17.97 26.73
C GLY B 69 17.28 -16.54 26.76
N THR B 70 17.90 -15.72 27.61
CA THR B 70 17.54 -14.33 27.72
C THR B 70 18.56 -13.39 27.12
N GLY B 71 19.56 -13.91 26.41
CA GLY B 71 20.54 -13.09 25.73
C GLY B 71 21.96 -13.36 26.23
N VAL B 72 22.81 -12.34 26.11
CA VAL B 72 24.21 -12.42 26.50
C VAL B 72 24.56 -11.18 27.30
N ARG B 73 25.58 -11.31 28.15
CA ARG B 73 26.05 -10.20 28.94
C ARG B 73 27.57 -10.20 28.96
N PRO B 74 28.19 -9.02 28.90
CA PRO B 74 29.65 -8.97 29.04
C PRO B 74 30.08 -9.07 30.49
N VAL B 75 30.62 -10.22 30.88
CA VAL B 75 31.00 -10.42 32.27
C VAL B 75 32.18 -9.52 32.63
N ALA B 76 33.19 -9.47 31.76
CA ALA B 76 34.37 -8.66 32.04
C ALA B 76 35.13 -8.41 30.75
N THR B 77 35.93 -7.34 30.75
CA THR B 77 36.92 -7.08 29.72
C THR B 77 38.21 -6.76 30.46
N GLU B 78 39.13 -7.71 30.49
CA GLU B 78 40.32 -7.59 31.30
C GLU B 78 41.57 -7.46 30.43
N ARG B 79 42.63 -6.93 31.04
CA ARG B 79 43.87 -6.67 30.35
C ARG B 79 44.81 -7.87 30.47
N LEU B 80 45.47 -8.20 29.36
CA LEU B 80 46.40 -9.32 29.31
C LEU B 80 47.79 -8.82 29.70
N HIS B 81 48.24 -9.19 30.91
CA HIS B 81 49.55 -8.78 31.37
C HIS B 81 50.63 -9.72 30.85
N SER B 82 50.67 -9.93 29.54
CA SER B 82 51.70 -10.74 28.93
C SER B 82 52.99 -9.92 28.81
N GLN B 83 54.02 -10.55 28.24
CA GLN B 83 55.33 -9.91 28.10
C GLN B 83 55.45 -9.33 26.69
N GLY B 84 55.84 -8.06 26.63
CA GLY B 84 56.01 -7.38 25.36
C GLY B 84 57.47 -7.31 24.94
N ASN B 85 57.69 -7.22 23.64
CA ASN B 85 59.04 -7.17 23.10
C ASN B 85 59.72 -5.85 23.49
N LEU B 86 61.04 -5.91 23.58
CA LEU B 86 61.84 -4.77 24.00
C LEU B 86 62.53 -4.13 22.80
N SER B 87 62.88 -2.85 22.96
CA SER B 87 63.60 -2.10 21.95
C SER B 87 64.64 -1.23 22.62
N GLN B 88 65.66 -0.86 21.86
CA GLN B 88 66.77 -0.07 22.37
C GLN B 88 66.55 1.41 22.06
N THR B 89 66.76 2.27 23.05
CA THR B 89 66.72 3.71 22.85
C THR B 89 68.03 4.40 23.21
N ASN B 90 68.97 3.69 23.85
CA ASN B 90 70.27 4.25 24.22
C ASN B 90 70.11 5.50 25.09
N ASN B 91 69.12 5.48 25.97
CA ASN B 91 68.87 6.58 26.90
C ASN B 91 69.28 6.15 28.30
N SER B 92 70.00 7.04 28.99
CA SER B 92 70.51 6.69 30.32
C SER B 92 69.40 6.58 31.36
N LYS B 93 68.27 7.24 31.13
CA LYS B 93 67.17 7.28 32.10
C LYS B 93 66.04 6.31 31.77
N ASP B 94 66.22 5.47 30.76
CA ASP B 94 65.20 4.52 30.36
C ASP B 94 65.55 3.13 30.87
N VAL B 95 64.62 2.51 31.58
CA VAL B 95 64.80 1.16 32.10
C VAL B 95 63.61 0.32 31.66
N ALA B 96 63.88 -0.93 31.31
CA ALA B 96 62.84 -1.87 30.92
C ALA B 96 62.83 -3.04 31.88
N ILE B 97 61.63 -3.44 32.28
CA ILE B 97 61.45 -4.47 33.30
C ILE B 97 61.06 -5.76 32.60
N LYS B 98 61.83 -6.82 32.84
CA LYS B 98 61.63 -8.11 32.20
C LYS B 98 61.13 -9.12 33.23
N GLY B 99 60.11 -9.87 32.85
CA GLY B 99 59.51 -10.85 33.74
C GLY B 99 58.22 -10.34 34.37
N GLN B 100 58.14 -10.39 35.68
CA GLN B 100 56.96 -9.96 36.42
C GLN B 100 57.34 -8.89 37.43
N GLY B 101 56.61 -7.80 37.43
CA GLY B 101 56.88 -6.74 38.39
C GLY B 101 56.18 -5.45 37.99
N PHE B 102 56.31 -4.47 38.87
CA PHE B 102 55.67 -3.17 38.70
C PHE B 102 56.49 -2.11 39.42
N PHE B 103 56.80 -1.02 38.73
CA PHE B 103 57.36 0.13 39.42
C PHE B 103 56.28 0.81 40.24
N GLN B 104 56.69 1.42 41.35
CA GLN B 104 55.75 2.10 42.23
C GLN B 104 55.98 3.61 42.13
N VAL B 105 54.89 4.36 41.99
CA VAL B 105 54.94 5.81 41.94
C VAL B 105 53.94 6.35 42.95
N MET B 106 54.15 7.60 43.36
CA MET B 106 53.30 8.25 44.35
C MET B 106 52.59 9.44 43.71
N LEU B 107 51.27 9.40 43.69
CA LEU B 107 50.49 10.51 43.17
C LEU B 107 50.52 11.68 44.15
N PRO B 108 50.25 12.90 43.67
CA PRO B 108 50.33 14.06 44.57
C PRO B 108 49.41 14.00 45.77
N ASP B 109 48.22 13.39 45.61
CA ASP B 109 47.28 13.34 46.73
C ASP B 109 47.75 12.44 47.85
N GLY B 110 48.73 11.57 47.60
CA GLY B 110 49.28 10.72 48.64
C GLY B 110 49.28 9.25 48.30
N THR B 111 48.28 8.80 47.54
CA THR B 111 48.18 7.38 47.21
C THR B 111 49.33 6.94 46.32
N SER B 112 49.50 5.63 46.21
CA SER B 112 50.53 5.04 45.39
C SER B 112 49.91 4.22 44.26
N ALA B 113 50.44 4.38 43.06
CA ALA B 113 50.03 3.62 41.89
C ALA B 113 51.20 2.80 41.37
N TYR B 114 50.91 1.91 40.44
CA TYR B 114 51.90 0.98 39.90
C TYR B 114 51.89 1.04 38.39
N THR B 115 53.09 1.03 37.80
CA THR B 115 53.26 1.19 36.37
C THR B 115 54.18 0.10 35.83
N ARG B 116 54.11 -0.09 34.51
CA ARG B 116 55.05 -0.92 33.78
C ARG B 116 55.92 -0.15 32.81
N ASP B 117 55.48 1.03 32.39
CA ASP B 117 56.20 1.83 31.40
C ASP B 117 57.33 2.59 32.07
N GLY B 118 58.55 2.09 31.90
CA GLY B 118 59.70 2.73 32.50
C GLY B 118 60.34 3.77 31.59
N SER B 119 60.03 5.04 31.83
CA SER B 119 60.65 6.14 31.08
C SER B 119 60.71 7.32 32.03
N PHE B 120 61.84 7.49 32.69
CA PHE B 120 61.97 8.45 33.78
C PHE B 120 62.69 9.71 33.34
N GLN B 121 62.19 10.84 33.81
CA GLN B 121 62.84 12.14 33.65
C GLN B 121 63.36 12.60 35.01
N VAL B 122 63.90 13.81 35.02
CA VAL B 122 64.35 14.44 36.26
C VAL B 122 63.73 15.82 36.35
N ASP B 123 63.12 16.13 37.49
CA ASP B 123 62.58 17.46 37.69
C ASP B 123 63.70 18.44 38.02
N GLN B 124 63.35 19.71 38.21
CA GLN B 124 64.35 20.71 38.52
C GLN B 124 64.99 20.50 39.88
N ASN B 125 64.38 19.69 40.74
CA ASN B 125 64.91 19.42 42.07
C ASN B 125 65.84 18.22 42.12
N GLY B 126 66.09 17.57 40.99
CA GLY B 126 66.96 16.42 40.96
C GLY B 126 66.32 15.11 41.37
N GLN B 127 64.99 15.06 41.47
CA GLN B 127 64.28 13.87 41.90
C GLN B 127 63.84 13.06 40.69
N LEU B 128 63.98 11.73 40.79
CA LEU B 128 63.63 10.85 39.69
C LEU B 128 62.12 10.81 39.52
N VAL B 129 61.65 11.14 38.31
CA VAL B 129 60.23 11.30 38.04
C VAL B 129 59.91 10.68 36.69
N THR B 130 58.80 9.96 36.62
CA THR B 130 58.35 9.36 35.37
C THR B 130 57.61 10.38 34.52
N ALA B 131 57.33 9.99 33.28
CA ALA B 131 56.64 10.88 32.34
C ALA B 131 55.23 11.15 32.84
N GLY B 132 54.99 12.37 33.29
CA GLY B 132 53.70 12.73 33.84
C GLY B 132 53.80 13.50 35.13
N GLY B 133 55.04 13.78 35.55
CA GLY B 133 55.25 14.53 36.77
C GLY B 133 55.04 13.76 38.05
N PHE B 134 55.30 12.45 38.05
CA PHE B 134 55.11 11.61 39.22
C PHE B 134 56.45 11.00 39.63
N GLN B 135 56.79 11.12 40.90
CA GLN B 135 58.07 10.64 41.39
C GLN B 135 57.97 9.18 41.82
N VAL B 136 59.10 8.48 41.75
CA VAL B 136 59.14 7.09 42.18
C VAL B 136 59.06 7.04 43.71
N GLN B 137 58.43 5.96 44.22
CA GLN B 137 58.19 5.87 45.65
C GLN B 137 59.46 5.90 46.49
N PRO B 138 60.54 5.17 46.17
CA PRO B 138 61.78 5.32 46.95
C PRO B 138 62.38 6.72 46.90
N ALA B 139 61.94 7.57 45.96
CA ALA B 139 62.36 8.96 45.87
C ALA B 139 63.88 9.06 45.69
N ILE B 140 64.35 8.52 44.57
CA ILE B 140 65.76 8.61 44.23
C ILE B 140 66.06 10.01 43.72
N THR B 141 67.09 10.64 44.28
CA THR B 141 67.46 12.02 43.95
C THR B 141 68.84 12.02 43.33
N ILE B 142 68.92 12.35 42.04
CA ILE B 142 70.20 12.44 41.34
C ILE B 142 70.85 13.78 41.68
N PRO B 143 72.08 13.78 42.20
CA PRO B 143 72.74 15.04 42.55
C PRO B 143 73.34 15.73 41.34
N ALA B 144 74.05 16.82 41.56
CA ALA B 144 74.76 17.52 40.50
C ALA B 144 76.06 16.78 40.18
N ASN B 145 76.91 17.41 39.37
CA ASN B 145 78.18 16.85 38.89
C ASN B 145 78.05 15.38 38.50
N ALA B 146 76.96 15.03 37.83
CA ALA B 146 76.68 13.67 37.42
C ALA B 146 77.17 13.45 35.98
N LEU B 147 78.04 12.47 35.80
CA LEU B 147 78.56 12.13 34.48
C LEU B 147 77.71 11.07 33.80
N SER B 148 77.59 9.89 34.42
CA SER B 148 76.81 8.80 33.87
C SER B 148 76.06 8.12 35.00
N ILE B 149 74.92 7.53 34.66
CA ILE B 149 74.06 6.83 35.61
C ILE B 149 74.07 5.35 35.26
N THR B 150 74.43 4.51 36.21
CA THR B 150 74.49 3.07 36.02
C THR B 150 73.42 2.39 36.85
N ILE B 151 72.61 1.56 36.21
CA ILE B 151 71.56 0.79 36.87
C ILE B 151 71.79 -0.67 36.51
N GLY B 152 72.31 -1.44 37.47
CA GLY B 152 72.71 -2.81 37.22
C GLY B 152 71.53 -3.75 37.06
N ARG B 153 71.82 -5.04 37.18
CA ARG B 153 70.78 -6.05 37.04
C ARG B 153 69.73 -5.90 38.13
N ASP B 154 70.15 -5.65 39.36
CA ASP B 154 69.24 -5.39 40.46
C ASP B 154 68.91 -3.90 40.50
N GLY B 155 68.25 -3.46 41.55
CA GLY B 155 67.82 -2.08 41.65
C GLY B 155 68.82 -1.15 42.30
N VAL B 156 70.09 -1.20 41.87
CA VAL B 156 71.12 -0.31 42.38
C VAL B 156 71.36 0.79 41.36
N VAL B 157 71.21 2.03 41.81
CA VAL B 157 71.40 3.21 40.97
C VAL B 157 72.63 3.93 41.47
N SER B 158 73.64 4.05 40.61
CA SER B 158 74.88 4.72 40.98
C SER B 158 75.20 5.79 39.95
N VAL B 159 75.97 6.79 40.37
CA VAL B 159 76.37 7.89 39.52
C VAL B 159 77.89 7.97 39.51
N THR B 160 78.46 8.12 38.33
CA THR B 160 79.91 8.29 38.19
C THR B 160 80.24 9.77 38.42
N GLN B 161 80.97 10.04 39.49
CA GLN B 161 81.32 11.39 39.89
C GLN B 161 82.80 11.65 39.62
N GLN B 162 83.10 12.81 39.04
CA GLN B 162 84.49 13.18 38.82
C GLN B 162 85.22 13.35 40.15
N GLY B 163 84.57 13.96 41.14
CA GLY B 163 85.17 14.07 42.45
C GLY B 163 85.17 12.75 43.18
N GLN B 164 86.23 12.55 43.97
CA GLN B 164 86.40 11.39 44.85
C GLN B 164 86.71 10.12 44.06
N ALA B 165 86.59 10.18 42.73
CA ALA B 165 86.95 9.08 41.84
C ALA B 165 86.31 7.76 42.26
N ALA B 166 85.04 7.82 42.66
CA ALA B 166 84.36 6.61 43.13
C ALA B 166 82.85 6.73 42.98
N PRO B 167 82.19 5.72 42.41
CA PRO B 167 80.72 5.76 42.32
C PRO B 167 80.10 5.72 43.72
N VAL B 168 78.95 6.39 43.86
CA VAL B 168 78.22 6.43 45.11
C VAL B 168 76.82 5.90 44.88
N GLN B 169 76.35 5.03 45.77
CA GLN B 169 75.02 4.43 45.66
C GLN B 169 73.98 5.52 45.89
N VAL B 170 73.33 5.95 44.81
CA VAL B 170 72.31 6.99 44.93
C VAL B 170 71.11 6.46 45.70
N GLY B 171 70.67 5.25 45.41
CA GLY B 171 69.52 4.70 46.08
C GLY B 171 69.18 3.32 45.55
N GLN B 172 68.09 2.77 46.06
CA GLN B 172 67.60 1.46 45.70
C GLN B 172 66.31 1.59 44.89
N LEU B 173 66.15 0.73 43.90
CA LEU B 173 64.99 0.75 43.01
C LEU B 173 64.24 -0.56 43.17
N ASN B 174 63.30 -0.58 44.11
CA ASN B 174 62.49 -1.76 44.37
C ASN B 174 61.36 -1.86 43.35
N LEU B 175 60.68 -3.01 43.35
CA LEU B 175 59.49 -3.16 42.53
C LEU B 175 58.56 -4.17 43.19
N THR B 176 57.29 -4.09 42.84
CA THR B 176 56.24 -4.83 43.53
C THR B 176 55.62 -5.87 42.61
N THR B 177 54.97 -6.85 43.23
CA THR B 177 54.30 -7.93 42.53
C THR B 177 52.92 -8.13 43.15
N PHE B 178 51.96 -8.53 42.33
CA PHE B 178 50.61 -8.88 42.78
C PHE B 178 50.35 -10.33 42.42
N MET B 179 49.80 -11.09 43.36
CA MET B 179 49.44 -12.47 43.06
C MET B 179 48.27 -12.58 42.10
N ASN B 180 47.52 -11.49 41.90
CA ASN B 180 46.47 -11.43 40.88
C ASN B 180 46.65 -10.11 40.13
N ASP B 181 47.46 -10.14 39.09
CA ASP B 181 47.72 -8.92 38.33
C ASP B 181 46.57 -8.58 37.39
N THR B 182 45.72 -9.54 37.06
CA THR B 182 44.60 -9.27 36.15
C THR B 182 43.61 -8.31 36.77
N GLY B 183 43.35 -8.44 38.06
CA GLY B 183 42.32 -7.65 38.72
C GLY B 183 42.65 -6.19 38.91
N LEU B 184 43.88 -5.77 38.64
CA LEU B 184 44.22 -4.37 38.79
C LEU B 184 43.40 -3.50 37.85
N GLU B 185 42.82 -2.44 38.39
CA GLU B 185 42.10 -1.51 37.53
C GLU B 185 43.08 -0.62 36.79
N SER B 186 42.59 0.03 35.74
CA SER B 186 43.43 0.85 34.88
C SER B 186 42.93 2.29 34.89
N ILE B 187 43.86 3.22 35.09
CA ILE B 187 43.59 4.63 34.91
C ILE B 187 44.56 5.18 33.88
N GLY B 188 44.50 6.48 33.63
CA GLY B 188 45.30 7.08 32.58
C GLY B 188 46.79 7.05 32.87
N GLU B 189 47.54 7.63 31.93
CA GLU B 189 49.00 7.75 31.96
C GLU B 189 49.69 6.50 32.49
N ASN B 190 49.24 5.32 32.04
CA ASN B 190 49.90 4.05 32.35
C ASN B 190 50.01 3.80 33.85
N LEU B 191 48.91 4.01 34.56
CA LEU B 191 48.87 3.79 36.00
C LEU B 191 47.90 2.67 36.35
N TYR B 192 48.23 1.93 37.41
CA TYR B 192 47.35 0.96 38.01
C TYR B 192 47.35 1.17 39.51
N ILE B 193 46.20 0.98 40.14
CA ILE B 193 46.07 1.12 41.59
C ILE B 193 45.53 -0.20 42.15
N GLU B 194 45.78 -0.40 43.44
CA GLU B 194 45.41 -1.66 44.09
C GLU B 194 43.91 -1.72 44.32
N THR B 195 43.34 -2.91 44.12
CA THR B 195 41.93 -3.18 44.39
C THR B 195 41.83 -4.44 45.22
N GLN B 196 40.59 -4.77 45.62
CA GLN B 196 40.39 -5.97 46.42
C GLN B 196 40.59 -7.23 45.60
N SER B 197 40.40 -7.15 44.28
CA SER B 197 40.63 -8.31 43.42
C SER B 197 42.08 -8.75 43.46
N SER B 198 43.01 -7.79 43.42
CA SER B 198 44.42 -8.08 43.53
C SER B 198 44.84 -8.13 44.99
N GLY B 199 45.88 -8.92 45.27
CA GLY B 199 46.36 -9.06 46.62
C GLY B 199 47.17 -7.86 47.08
N ALA B 200 47.69 -7.97 48.30
CA ALA B 200 48.55 -6.94 48.83
C ALA B 200 49.83 -6.86 48.02
N PRO B 201 50.35 -5.66 47.80
CA PRO B 201 51.54 -5.52 46.94
C PRO B 201 52.80 -6.05 47.60
N ASN B 202 53.29 -7.20 47.12
CA ASN B 202 54.51 -7.79 47.66
C ASN B 202 55.70 -7.09 47.02
N GLU B 203 56.33 -6.18 47.76
CA GLU B 203 57.48 -5.45 47.24
C GLU B 203 58.75 -6.23 47.49
N SER B 204 59.73 -6.06 46.60
CA SER B 204 61.00 -6.76 46.70
C SER B 204 61.99 -6.06 45.78
N THR B 205 63.16 -6.69 45.62
CA THR B 205 64.29 -6.33 44.78
C THR B 205 64.34 -7.21 43.54
N PRO B 206 64.87 -6.70 42.43
CA PRO B 206 64.89 -7.49 41.20
C PRO B 206 65.67 -8.79 41.36
N GLY B 207 65.20 -9.83 40.68
CA GLY B 207 65.85 -11.13 40.71
C GLY B 207 65.45 -12.04 41.85
N LEU B 208 64.60 -11.57 42.76
CA LEU B 208 64.18 -12.35 43.91
C LEU B 208 62.66 -12.43 43.97
N ASN B 209 62.18 -13.53 44.55
CA ASN B 209 60.74 -13.78 44.71
C ASN B 209 60.02 -13.80 43.37
N GLY B 210 60.72 -14.20 42.31
CA GLY B 210 60.13 -14.26 40.98
C GLY B 210 60.04 -12.94 40.27
N ALA B 211 60.51 -11.85 40.88
CA ALA B 211 60.46 -10.55 40.23
C ALA B 211 61.43 -10.49 39.06
N GLY B 212 61.04 -9.77 38.02
CA GLY B 212 61.86 -9.66 36.83
C GLY B 212 63.05 -8.74 37.04
N LEU B 213 63.94 -8.76 36.06
CA LEU B 213 65.16 -7.97 36.09
C LEU B 213 64.91 -6.61 35.45
N LEU B 214 65.92 -5.74 35.56
CA LEU B 214 65.88 -4.41 34.96
C LEU B 214 67.00 -4.29 33.94
N TYR B 215 66.69 -3.70 32.78
CA TYR B 215 67.64 -3.49 31.71
C TYR B 215 67.78 -2.00 31.46
N GLN B 216 69.03 -1.54 31.40
CA GLN B 216 69.31 -0.13 31.14
C GLN B 216 69.23 0.15 29.65
N GLY B 217 68.65 1.30 29.30
CA GLY B 217 68.60 1.73 27.91
C GLY B 217 67.58 1.04 27.05
N TYR B 218 66.66 0.28 27.64
CA TYR B 218 65.61 -0.40 26.89
C TYR B 218 64.25 0.11 27.33
N VAL B 219 63.22 -0.32 26.60
CA VAL B 219 61.84 0.06 26.92
C VAL B 219 60.93 -1.06 26.46
N GLU B 220 59.86 -1.29 27.22
CA GLU B 220 58.93 -2.38 26.95
C GLU B 220 57.78 -1.83 26.10
N THR B 221 57.65 -2.33 24.89
CA THR B 221 56.64 -1.84 23.96
C THR B 221 55.31 -2.54 24.20
N SER B 222 54.28 -2.10 23.47
CA SER B 222 52.95 -2.66 23.62
C SER B 222 52.90 -4.09 23.11
N ASN B 223 51.95 -4.86 23.63
CA ASN B 223 51.78 -6.25 23.23
C ASN B 223 50.59 -6.43 22.28
N VAL B 224 50.39 -5.47 21.38
CA VAL B 224 49.28 -5.49 20.43
C VAL B 224 49.79 -6.01 19.09
N ASN B 225 48.94 -6.73 18.36
CA ASN B 225 49.30 -7.32 17.08
C ASN B 225 48.24 -6.96 16.05
N VAL B 226 48.60 -6.08 15.12
CA VAL B 226 47.64 -5.60 14.12
C VAL B 226 47.13 -6.74 13.25
N ALA B 227 47.96 -7.77 13.04
CA ALA B 227 47.54 -8.88 12.19
C ALA B 227 46.32 -9.58 12.76
N GLU B 228 46.32 -9.88 14.06
CA GLU B 228 45.15 -10.49 14.67
C GLU B 228 44.04 -9.48 14.92
N GLU B 229 44.40 -8.21 15.15
CA GLU B 229 43.36 -7.21 15.37
C GLU B 229 42.47 -7.04 14.15
N LEU B 230 43.07 -7.05 12.95
CA LEU B 230 42.28 -6.87 11.74
C LEU B 230 41.29 -8.01 11.52
N VAL B 231 41.74 -9.25 11.71
CA VAL B 231 40.84 -10.37 11.49
C VAL B 231 39.74 -10.39 12.55
N ASN B 232 40.08 -10.03 13.80
CA ASN B 232 39.06 -9.91 14.82
C ASN B 232 38.05 -8.82 14.45
N MET B 233 38.52 -7.72 13.85
CA MET B 233 37.60 -6.68 13.41
C MET B 233 36.64 -7.20 12.35
N ILE B 234 37.15 -7.99 11.41
CA ILE B 234 36.27 -8.58 10.40
C ILE B 234 35.23 -9.48 11.06
N GLN B 235 35.67 -10.31 12.01
CA GLN B 235 34.73 -11.20 12.70
C GLN B 235 33.64 -10.40 13.39
N VAL B 236 34.02 -9.35 14.12
CA VAL B 236 33.02 -8.61 14.90
C VAL B 236 32.08 -7.85 13.97
N GLN B 237 32.61 -7.32 12.85
CA GLN B 237 31.74 -6.63 11.91
C GLN B 237 30.69 -7.58 11.33
N ARG B 238 31.12 -8.78 10.94
CA ARG B 238 30.16 -9.74 10.39
C ARG B 238 29.15 -10.17 11.44
N ALA B 239 29.61 -10.37 12.68
CA ALA B 239 28.68 -10.77 13.73
C ALA B 239 27.64 -9.69 13.99
N TYR B 240 28.05 -8.43 14.04
CA TYR B 240 27.12 -7.33 14.27
C TYR B 240 26.12 -7.22 13.11
N GLU B 241 26.62 -7.33 11.87
CA GLU B 241 25.72 -7.25 10.73
C GLU B 241 24.73 -8.40 10.72
N ILE B 242 25.16 -9.59 11.16
CA ILE B 242 24.23 -10.71 11.26
C ILE B 242 23.19 -10.45 12.34
N ASN B 243 23.62 -9.91 13.49
CA ASN B 243 22.68 -9.66 14.58
C ASN B 243 21.62 -8.65 14.18
N SER B 244 22.00 -7.63 13.41
CA SER B 244 21.01 -6.64 12.99
C SER B 244 19.90 -7.27 12.15
N LYS B 245 20.21 -8.37 11.47
CA LYS B 245 19.20 -9.05 10.66
C LYS B 245 18.06 -9.57 11.52
N ALA B 246 18.36 -10.03 12.74
CA ALA B 246 17.30 -10.50 13.64
C ALA B 246 16.34 -9.37 14.00
N VAL B 247 16.87 -8.18 14.29
CA VAL B 247 16.02 -7.03 14.58
C VAL B 247 15.16 -6.70 13.38
N SER B 248 15.76 -6.69 12.18
CA SER B 248 14.99 -6.37 10.99
C SER B 248 13.88 -7.38 10.76
N THR B 249 14.17 -8.67 10.94
CA THR B 249 13.16 -9.71 10.74
C THR B 249 12.05 -9.59 11.77
N THR B 250 12.39 -9.31 13.03
CA THR B 250 11.35 -9.13 14.03
C THR B 250 10.47 -7.95 13.71
N ASP B 251 11.07 -6.85 13.24
CA ASP B 251 10.28 -5.68 12.86
C ASP B 251 9.32 -6.02 11.71
N GLN B 252 9.81 -6.75 10.71
CA GLN B 252 8.94 -7.11 9.60
C GLN B 252 7.80 -8.02 10.05
N MET B 253 8.10 -8.98 10.93
CA MET B 253 7.05 -9.84 11.44
C MET B 253 6.00 -9.05 12.22
N LEU B 254 6.44 -8.11 13.05
CA LEU B 254 5.48 -7.29 13.79
C LEU B 254 4.64 -6.45 12.83
N GLN B 255 5.26 -5.89 11.80
CA GLN B 255 4.50 -5.11 10.82
C GLN B 255 3.44 -5.97 10.14
N LYS B 256 3.82 -7.17 9.72
CA LYS B 256 2.86 -8.05 9.05
C LYS B 256 1.73 -8.44 9.99
N LEU B 257 2.06 -8.71 11.25
CA LEU B 257 1.02 -9.05 12.22
C LEU B 257 0.07 -7.88 12.46
N THR B 258 0.61 -6.66 12.50
CA THR B 258 -0.23 -5.49 12.72
C THR B 258 -1.13 -5.20 11.53
N GLN B 259 -0.62 -5.40 10.31
CA GLN B 259 -1.38 -5.03 9.12
C GLN B 259 -2.55 -5.96 8.83
N LEU B 260 -2.94 -6.88 9.72
CA LEU B 260 -4.10 -7.74 9.47
C LEU B 260 -5.37 -6.92 9.30
N MET C 1 3.88 19.56 13.37
CA MET C 1 3.01 20.18 14.35
C MET C 1 3.11 19.49 15.69
N ILE C 2 4.24 18.82 15.94
CA ILE C 2 4.46 18.08 17.17
C ILE C 2 5.84 18.37 17.71
N SER C 3 6.00 18.12 19.01
CA SER C 3 7.24 18.46 19.70
C SER C 3 8.43 17.71 19.13
N SER C 4 8.26 16.42 18.84
CA SER C 4 9.35 15.64 18.26
C SER C 4 9.75 16.21 16.91
N LEU C 5 8.77 16.60 16.10
CA LEU C 5 9.07 17.18 14.79
C LEU C 5 9.86 18.48 14.93
N TRP C 6 9.46 19.34 15.87
CA TRP C 6 10.18 20.60 16.02
C TRP C 6 11.60 20.38 16.57
N ILE C 7 11.76 19.43 17.49
CA ILE C 7 13.09 19.11 18.00
C ILE C 7 13.98 18.58 16.86
N ALA C 8 13.41 17.72 16.01
CA ALA C 8 14.19 17.19 14.89
C ALA C 8 14.55 18.28 13.89
N LYS C 9 13.64 19.23 13.67
CA LYS C 9 13.96 20.34 12.78
C LYS C 9 15.13 21.16 13.32
N THR C 10 15.12 21.43 14.64
CA THR C 10 16.25 22.16 15.23
C THR C 10 17.54 21.38 15.09
N GLY C 11 17.49 20.07 15.29
CA GLY C 11 18.69 19.25 15.11
C GLY C 11 19.20 19.28 13.69
N LEU C 12 18.28 19.20 12.73
CA LEU C 12 18.68 19.27 11.32
C LEU C 12 19.34 20.61 11.00
N ASP C 13 18.78 21.70 11.52
CA ASP C 13 19.37 23.01 11.27
C ASP C 13 20.77 23.11 11.87
N ALA C 14 20.95 22.56 13.07
CA ALA C 14 22.28 22.57 13.69
C ALA C 14 23.27 21.77 12.85
N GLN C 15 22.86 20.60 12.37
CA GLN C 15 23.77 19.80 11.56
C GLN C 15 24.09 20.49 10.24
N GLN C 16 23.11 21.18 9.65
CA GLN C 16 23.37 21.92 8.42
C GLN C 16 24.37 23.05 8.65
N THR C 17 24.24 23.77 9.76
CA THR C 17 25.22 24.82 10.06
C THR C 17 26.61 24.24 10.26
N ASN C 18 26.69 23.10 10.95
CA ASN C 18 27.99 22.46 11.14
C ASN C 18 28.61 22.06 9.80
N MET C 19 27.78 21.50 8.91
CA MET C 19 28.29 21.11 7.59
C MET C 19 28.74 22.33 6.80
N ASP C 20 27.99 23.43 6.89
CA ASP C 20 28.38 24.65 6.19
C ASP C 20 29.72 25.17 6.72
N VAL C 21 29.91 25.13 8.03
CA VAL C 21 31.19 25.55 8.60
C VAL C 21 32.32 24.67 8.09
N ILE C 22 32.11 23.36 8.06
CA ILE C 22 33.15 22.45 7.59
C ILE C 22 33.48 22.73 6.13
N ALA C 23 32.46 22.93 5.30
CA ALA C 23 32.69 23.21 3.89
C ALA C 23 33.44 24.51 3.69
N ASN C 24 33.07 25.55 4.45
CA ASN C 24 33.77 26.82 4.31
C ASN C 24 35.22 26.71 4.75
N ASN C 25 35.49 25.97 5.83
CA ASN C 25 36.87 25.77 6.26
C ASN C 25 37.67 25.03 5.20
N LEU C 26 37.08 24.00 4.60
CA LEU C 26 37.80 23.25 3.59
C LEU C 26 38.00 24.03 2.30
N ALA C 27 37.10 24.96 1.98
CA ALA C 27 37.20 25.67 0.72
C ALA C 27 38.50 26.48 0.63
N ASN C 28 38.76 27.31 1.63
CA ASN C 28 39.97 28.14 1.62
C ASN C 28 41.01 27.50 2.54
N VAL C 29 41.64 26.44 2.04
CA VAL C 29 42.73 25.82 2.77
C VAL C 29 44.09 26.40 2.37
N SER C 30 44.19 27.02 1.20
CA SER C 30 45.43 27.59 0.71
C SER C 30 45.46 29.11 0.83
N THR C 31 44.53 29.70 1.56
CA THR C 31 44.50 31.15 1.74
C THR C 31 45.49 31.56 2.80
N ASN C 32 46.37 32.49 2.46
CA ASN C 32 47.39 32.94 3.40
C ASN C 32 46.76 33.70 4.56
N GLY C 33 47.23 33.41 5.77
CA GLY C 33 46.76 34.10 6.96
C GLY C 33 45.29 33.89 7.25
N PHE C 34 44.83 32.64 7.19
CA PHE C 34 43.43 32.31 7.41
C PHE C 34 43.27 31.50 8.68
N LYS C 35 42.19 31.79 9.41
CA LYS C 35 41.88 31.14 10.68
C LYS C 35 40.61 30.31 10.52
N ARG C 36 40.65 29.08 11.02
CA ARG C 36 39.53 28.18 10.88
C ARG C 36 38.37 28.60 11.79
N GLN C 37 37.19 28.11 11.46
CA GLN C 37 35.98 28.34 12.24
C GLN C 37 35.63 27.13 13.08
N ARG C 38 34.87 27.37 14.13
CA ARG C 38 34.41 26.30 15.01
C ARG C 38 33.09 26.75 15.63
N ALA C 39 32.03 25.98 15.40
CA ALA C 39 30.69 26.32 15.87
C ALA C 39 30.39 25.53 17.14
N VAL C 40 29.91 26.21 18.16
CA VAL C 40 29.59 25.60 19.44
C VAL C 40 28.08 25.63 19.61
N PHE C 41 27.52 24.51 20.09
CA PHE C 41 26.08 24.38 20.32
C PHE C 41 25.79 24.34 21.81
N GLU C 42 24.51 24.47 22.13
CA GLU C 42 24.04 24.33 23.51
C GLU C 42 22.55 24.05 23.47
N ASP C 43 22.07 23.26 24.43
CA ASP C 43 20.69 22.81 24.41
C ASP C 43 19.73 23.97 24.65
N LEU C 44 18.55 23.87 24.04
CA LEU C 44 17.52 24.90 24.15
C LEU C 44 16.81 24.74 25.49
N LEU C 45 15.68 25.44 25.64
CA LEU C 45 14.97 25.46 26.90
C LEU C 45 14.38 24.08 27.21
N TYR C 46 13.95 23.93 28.47
CA TYR C 46 13.32 22.73 28.96
C TYR C 46 11.93 23.07 29.48
N GLN C 47 10.95 22.23 29.16
CA GLN C 47 9.61 22.37 29.70
C GLN C 47 9.39 21.30 30.76
N THR C 48 8.94 21.72 31.93
CA THR C 48 8.85 20.86 33.11
C THR C 48 7.42 20.42 33.33
N ILE C 49 7.23 19.12 33.54
CA ILE C 49 5.93 18.57 33.93
C ILE C 49 5.84 18.36 35.43
N ARG C 50 6.82 17.67 36.01
CA ARG C 50 6.94 17.51 37.45
C ARG C 50 8.22 18.21 37.90
N GLN C 51 8.08 19.13 38.84
CA GLN C 51 9.20 19.95 39.26
C GLN C 51 10.28 19.08 39.90
N PRO C 52 11.55 19.22 39.52
CA PRO C 52 12.61 18.45 40.18
C PRO C 52 12.72 18.83 41.64
N GLY C 53 13.00 17.84 42.48
CA GLY C 53 13.10 18.08 43.90
C GLY C 53 11.83 18.59 44.53
N ALA C 54 10.68 18.27 43.95
CA ALA C 54 9.42 18.77 44.48
C ALA C 54 9.06 18.08 45.79
N GLN C 55 8.22 18.75 46.56
CA GLN C 55 7.72 18.22 47.83
C GLN C 55 6.46 17.42 47.53
N SER C 56 6.63 16.11 47.33
CA SER C 56 5.49 15.26 47.03
C SER C 56 4.64 15.05 48.29
N SER C 57 5.24 14.48 49.32
CA SER C 57 4.55 14.28 50.60
C SER C 57 5.17 15.18 51.66
N GLU C 58 4.71 15.01 52.89
CA GLU C 58 5.24 15.81 53.99
C GLU C 58 6.69 15.44 54.28
N GLN C 59 7.10 14.22 53.99
CA GLN C 59 8.46 13.75 54.27
C GLN C 59 9.25 13.44 53.01
N THR C 60 8.65 12.73 52.06
CA THR C 60 9.37 12.35 50.84
C THR C 60 9.53 13.54 49.91
N THR C 61 10.60 13.50 49.12
CA THR C 61 10.86 14.49 48.09
C THR C 61 11.22 13.78 46.79
N LEU C 62 10.88 14.40 45.67
CA LEU C 62 11.16 13.77 44.39
C LEU C 62 12.67 13.77 44.12
N PRO C 63 13.29 12.60 43.91
CA PRO C 63 14.71 12.59 43.58
C PRO C 63 15.04 13.31 42.29
N SER C 64 14.14 13.27 41.31
CA SER C 64 14.36 13.93 40.04
C SER C 64 13.01 14.12 39.35
N GLY C 65 12.75 15.33 38.88
CA GLY C 65 11.49 15.63 38.24
C GLY C 65 11.46 15.19 36.79
N LEU C 66 10.40 15.61 36.10
CA LEU C 66 10.20 15.29 34.70
C LEU C 66 10.37 16.55 33.88
N GLN C 67 11.38 16.56 33.01
CA GLN C 67 11.65 17.69 32.13
C GLN C 67 11.89 17.17 30.72
N ILE C 68 11.38 17.90 29.73
CA ILE C 68 11.52 17.54 28.33
C ILE C 68 12.23 18.68 27.62
N GLY C 69 13.25 18.34 26.84
CA GLY C 69 13.99 19.34 26.11
C GLY C 69 13.21 19.89 24.93
N THR C 70 13.66 21.05 24.44
CA THR C 70 13.06 21.63 23.25
C THR C 70 13.95 21.56 22.02
N GLY C 71 15.23 21.23 22.16
CA GLY C 71 16.10 21.13 21.01
C GLY C 71 17.49 21.66 21.27
N VAL C 72 18.14 22.18 20.23
CA VAL C 72 19.49 22.73 20.34
C VAL C 72 19.53 24.06 19.61
N ARG C 73 20.46 24.92 20.01
CA ARG C 73 20.62 26.23 19.41
C ARG C 73 22.10 26.57 19.27
N PRO C 74 22.57 26.86 18.06
CA PRO C 74 23.97 27.26 17.89
C PRO C 74 24.24 28.63 18.47
N VAL C 75 24.94 28.67 19.60
CA VAL C 75 25.16 29.94 20.28
C VAL C 75 26.08 30.84 19.47
N ALA C 76 27.19 30.31 18.97
CA ALA C 76 28.13 31.11 18.21
C ALA C 76 29.01 30.20 17.38
N THR C 77 29.66 30.79 16.39
CA THR C 77 30.71 30.15 15.61
C THR C 77 31.92 31.08 15.64
N GLU C 78 32.95 30.70 16.37
CA GLU C 78 34.10 31.56 16.58
C GLU C 78 35.27 31.11 15.72
N ARG C 79 36.14 32.06 15.39
CA ARG C 79 37.34 31.77 14.61
C ARG C 79 38.50 31.50 15.56
N LEU C 80 39.08 30.30 15.46
CA LEU C 80 40.13 29.87 16.36
C LEU C 80 41.45 30.51 15.93
N HIS C 81 41.91 31.51 16.68
CA HIS C 81 43.13 32.24 16.32
C HIS C 81 44.35 31.50 16.85
N SER C 82 44.67 30.39 16.18
CA SER C 82 45.87 29.64 16.48
C SER C 82 47.02 30.19 15.62
N GLN C 83 48.15 29.50 15.62
CA GLN C 83 49.33 29.92 14.87
C GLN C 83 49.50 29.03 13.65
N GLY C 84 49.67 29.66 12.49
CA GLY C 84 49.88 28.94 11.25
C GLY C 84 51.33 28.57 11.03
N ASN C 85 51.57 27.88 9.92
CA ASN C 85 52.91 27.47 9.55
C ASN C 85 53.52 28.48 8.59
N LEU C 86 54.79 28.81 8.83
CA LEU C 86 55.47 29.86 8.07
C LEU C 86 56.13 29.24 6.85
N SER C 87 55.56 29.50 5.68
CA SER C 87 56.18 29.11 4.42
C SER C 87 57.19 30.17 4.00
N GLN C 88 57.96 29.85 2.96
CA GLN C 88 59.00 30.73 2.45
C GLN C 88 58.77 31.00 0.97
N THR C 89 58.95 32.26 0.57
CA THR C 89 58.75 32.65 -0.81
C THR C 89 59.93 33.43 -1.41
N ASN C 90 60.92 33.81 -0.61
CA ASN C 90 62.08 34.57 -1.10
C ASN C 90 61.64 35.85 -1.79
N ASN C 91 60.63 36.51 -1.24
CA ASN C 91 60.14 37.78 -1.76
C ASN C 91 60.60 38.91 -0.85
N SER C 92 61.06 40.01 -1.46
CA SER C 92 61.63 41.10 -0.68
C SER C 92 60.58 41.80 0.17
N LYS C 93 59.38 41.99 -0.38
CA LYS C 93 58.34 42.78 0.28
C LYS C 93 57.33 41.92 1.03
N ASP C 94 57.59 40.63 1.17
CA ASP C 94 56.69 39.73 1.89
C ASP C 94 57.18 39.59 3.32
N VAL C 95 56.29 39.88 4.27
CA VAL C 95 56.61 39.82 5.70
C VAL C 95 55.53 39.04 6.42
N ALA C 96 55.95 38.09 7.24
CA ALA C 96 55.04 37.30 8.07
C ALA C 96 55.21 37.70 9.52
N ILE C 97 54.16 37.50 10.31
CA ILE C 97 54.14 37.89 11.72
C ILE C 97 54.01 36.63 12.56
N LYS C 98 54.89 36.49 13.54
CA LYS C 98 54.90 35.34 14.43
C LYS C 98 54.53 35.78 15.84
N GLY C 99 53.57 35.09 16.44
CA GLY C 99 53.14 35.42 17.79
C GLY C 99 51.72 35.95 17.84
N GLN C 100 51.57 37.22 18.19
CA GLN C 100 50.27 37.85 18.28
C GLN C 100 50.34 39.23 17.66
N GLY C 101 49.19 39.75 17.27
CA GLY C 101 49.08 41.09 16.72
C GLY C 101 48.54 41.07 15.30
N PHE C 102 48.23 42.29 14.83
CA PHE C 102 47.68 42.48 13.49
C PHE C 102 48.27 43.73 12.88
N PHE C 103 48.33 43.75 11.56
CA PHE C 103 48.69 44.96 10.83
C PHE C 103 47.46 45.85 10.71
N GLN C 104 47.67 47.15 10.85
CA GLN C 104 46.59 48.13 10.78
C GLN C 104 46.51 48.71 9.38
N VAL C 105 45.32 48.67 8.79
CA VAL C 105 45.09 49.16 7.44
C VAL C 105 43.94 50.16 7.48
N MET C 106 43.93 51.07 6.51
CA MET C 106 42.95 52.14 6.46
C MET C 106 41.97 51.87 5.32
N LEU C 107 40.68 51.80 5.65
CA LEU C 107 39.65 51.57 4.66
C LEU C 107 39.36 52.84 3.88
N PRO C 108 38.74 52.72 2.70
CA PRO C 108 38.46 53.93 1.90
C PRO C 108 37.61 54.96 2.61
N ASP C 109 36.68 54.54 3.47
CA ASP C 109 35.81 55.51 4.14
C ASP C 109 36.48 56.20 5.31
N GLY C 110 37.75 55.90 5.58
CA GLY C 110 38.50 56.58 6.62
C GLY C 110 38.69 55.80 7.90
N THR C 111 37.93 54.75 8.12
CA THR C 111 38.08 53.95 9.33
C THR C 111 39.28 53.03 9.20
N SER C 112 39.52 52.22 10.22
CA SER C 112 40.67 51.33 10.28
C SER C 112 40.23 49.90 10.51
N ALA C 113 40.85 48.98 9.78
CA ALA C 113 40.67 47.55 9.95
C ALA C 113 42.02 46.91 10.26
N TYR C 114 42.00 45.63 10.58
CA TYR C 114 43.21 44.92 10.95
C TYR C 114 43.28 43.59 10.20
N THR C 115 44.50 43.21 9.82
CA THR C 115 44.72 42.03 9.00
C THR C 115 45.91 41.24 9.53
N ARG C 116 46.10 40.06 8.97
CA ARG C 116 47.18 39.15 9.35
C ARG C 116 48.07 38.71 8.19
N ASP C 117 47.51 38.58 6.99
CA ASP C 117 48.28 38.03 5.87
C ASP C 117 49.41 38.95 5.48
N GLY C 118 50.53 38.35 5.07
CA GLY C 118 51.64 39.12 4.57
C GLY C 118 51.72 39.12 3.06
N SER C 119 51.24 40.19 2.44
CA SER C 119 51.38 40.38 0.99
C SER C 119 51.26 41.87 0.74
N PHE C 120 52.39 42.53 0.55
CA PHE C 120 52.44 43.98 0.45
C PHE C 120 52.83 44.40 -0.95
N GLN C 121 52.00 45.21 -1.58
CA GLN C 121 52.30 45.82 -2.87
C GLN C 121 52.74 47.25 -2.66
N VAL C 122 53.02 47.94 -3.75
CA VAL C 122 53.31 49.37 -3.73
C VAL C 122 52.43 50.04 -4.77
N ASP C 123 51.72 51.08 -4.38
CA ASP C 123 50.87 51.79 -5.31
C ASP C 123 51.71 52.60 -6.29
N GLN C 124 51.04 53.19 -7.29
CA GLN C 124 51.74 54.04 -8.23
C GLN C 124 52.28 55.31 -7.59
N ASN C 125 51.81 55.66 -6.39
CA ASN C 125 52.28 56.82 -5.67
C ASN C 125 53.47 56.52 -4.77
N GLY C 126 53.87 55.26 -4.66
CA GLY C 126 55.02 54.89 -3.87
C GLY C 126 54.75 54.54 -2.42
N GLN C 127 53.50 54.31 -2.05
CA GLN C 127 53.15 53.95 -0.68
C GLN C 127 52.96 52.45 -0.57
N LEU C 128 53.23 51.92 0.63
CA LEU C 128 53.11 50.49 0.87
C LEU C 128 51.63 50.15 1.07
N VAL C 129 51.11 49.27 0.22
CA VAL C 129 49.70 48.89 0.27
C VAL C 129 49.62 47.36 0.27
N THR C 130 48.49 46.86 0.76
CA THR C 130 48.24 45.43 0.75
C THR C 130 47.51 45.05 -0.53
N ALA C 131 47.25 43.75 -0.68
CA ALA C 131 46.48 43.28 -1.84
C ALA C 131 45.08 43.85 -1.79
N GLY C 132 44.60 44.36 -2.92
CA GLY C 132 43.30 44.98 -3.01
C GLY C 132 43.32 46.49 -3.01
N GLY C 133 44.47 47.11 -2.80
CA GLY C 133 44.61 48.55 -2.87
C GLY C 133 44.61 49.26 -1.53
N PHE C 134 44.21 48.59 -0.45
CA PHE C 134 44.17 49.22 0.85
C PHE C 134 45.59 49.55 1.32
N GLN C 135 45.74 50.73 1.93
CA GLN C 135 47.04 51.25 2.30
C GLN C 135 47.27 51.13 3.81
N VAL C 136 48.52 50.84 4.17
CA VAL C 136 48.87 50.66 5.58
C VAL C 136 48.71 51.96 6.34
N GLN C 137 48.21 51.87 7.56
CA GLN C 137 47.84 53.07 8.32
C GLN C 137 49.01 53.98 8.64
N PRO C 138 50.15 53.49 9.16
CA PRO C 138 51.26 54.42 9.44
C PRO C 138 51.82 55.12 8.21
N ALA C 139 51.32 54.79 7.01
CA ALA C 139 51.67 55.50 5.77
C ALA C 139 53.17 55.43 5.50
N ILE C 140 53.65 54.21 5.28
CA ILE C 140 55.03 53.99 4.88
C ILE C 140 55.12 54.10 3.36
N THR C 141 55.89 55.07 2.89
CA THR C 141 56.05 55.32 1.47
C THR C 141 57.44 54.88 1.02
N ILE C 142 57.49 54.08 -0.04
CA ILE C 142 58.74 53.59 -0.60
C ILE C 142 59.13 54.54 -1.74
N PRO C 143 60.24 55.27 -1.63
CA PRO C 143 60.64 56.15 -2.72
C PRO C 143 61.12 55.36 -3.92
N ALA C 144 61.17 56.05 -5.06
CA ALA C 144 61.70 55.46 -6.28
C ALA C 144 63.20 55.26 -6.15
N ASN C 145 63.81 54.76 -7.24
CA ASN C 145 65.24 54.43 -7.30
C ASN C 145 65.70 53.68 -6.05
N ALA C 146 64.84 52.82 -5.52
CA ALA C 146 65.15 52.02 -4.34
C ALA C 146 65.73 50.69 -4.79
N LEU C 147 67.02 50.47 -4.50
CA LEU C 147 67.67 49.23 -4.90
C LEU C 147 67.07 48.04 -4.17
N SER C 148 66.86 48.16 -2.86
CA SER C 148 66.28 47.07 -2.09
C SER C 148 65.58 47.64 -0.86
N ILE C 149 64.67 46.84 -0.32
CA ILE C 149 63.90 47.18 0.87
C ILE C 149 64.19 46.13 1.93
N THR C 150 64.44 46.57 3.16
CA THR C 150 64.77 45.68 4.25
C THR C 150 63.81 45.92 5.41
N ILE C 151 63.28 44.85 5.96
CA ILE C 151 62.42 44.89 7.14
C ILE C 151 63.11 44.10 8.23
N GLY C 152 63.38 44.74 9.36
CA GLY C 152 64.09 44.10 10.44
C GLY C 152 63.21 43.18 11.26
N ARG C 153 63.83 42.60 12.29
CA ARG C 153 63.08 41.74 13.21
C ARG C 153 61.99 42.53 13.91
N ASP C 154 62.32 43.75 14.33
CA ASP C 154 61.32 44.66 14.88
C ASP C 154 60.66 45.41 13.72
N GLY C 155 59.93 46.48 14.05
CA GLY C 155 59.19 47.22 13.04
C GLY C 155 60.00 48.19 12.21
N VAL C 156 61.33 48.15 12.30
CA VAL C 156 62.15 49.08 11.54
C VAL C 156 62.14 48.70 10.07
N VAL C 157 61.91 49.69 9.21
CA VAL C 157 61.93 49.50 7.76
C VAL C 157 62.95 50.45 7.17
N SER C 158 63.84 49.92 6.33
CA SER C 158 64.89 50.71 5.71
C SER C 158 64.91 50.44 4.22
N VAL C 159 65.46 51.40 3.47
CA VAL C 159 65.60 51.30 2.03
C VAL C 159 67.06 51.55 1.67
N THR C 160 67.65 50.65 0.89
CA THR C 160 69.04 50.78 0.46
C THR C 160 69.07 51.08 -1.02
N GLN C 161 69.84 52.10 -1.40
CA GLN C 161 69.98 52.48 -2.80
C GLN C 161 71.40 52.98 -3.03
N GLN C 162 71.80 52.96 -4.31
CA GLN C 162 73.15 53.37 -4.67
C GLN C 162 73.36 54.87 -4.51
N GLY C 163 72.30 55.66 -4.59
CA GLY C 163 72.45 57.11 -4.45
C GLY C 163 73.05 57.51 -3.12
N GLN C 164 72.66 56.82 -2.05
CA GLN C 164 73.19 57.08 -0.71
C GLN C 164 74.20 56.03 -0.28
N ALA C 165 74.01 54.77 -0.67
CA ALA C 165 74.88 53.66 -0.27
C ALA C 165 74.91 53.48 1.25
N ALA C 166 73.81 53.81 1.91
CA ALA C 166 73.68 53.66 3.35
C ALA C 166 72.26 53.22 3.68
N PRO C 167 72.07 52.48 4.76
CA PRO C 167 70.71 52.04 5.15
C PRO C 167 69.90 53.15 5.82
N VAL C 168 69.28 53.98 4.98
CA VAL C 168 68.49 55.11 5.48
C VAL C 168 67.11 54.61 5.90
N GLN C 169 66.65 55.06 7.06
CA GLN C 169 65.33 54.68 7.54
C GLN C 169 64.24 55.34 6.69
N VAL C 170 63.12 54.64 6.54
CA VAL C 170 62.02 55.14 5.75
C VAL C 170 60.68 55.12 6.47
N GLY C 171 60.49 54.32 7.51
CA GLY C 171 59.21 54.26 8.18
C GLY C 171 59.26 53.30 9.35
N GLN C 172 58.09 53.10 9.96
CA GLN C 172 57.98 52.23 11.13
C GLN C 172 56.69 51.43 11.06
N LEU C 173 56.78 50.15 11.40
CA LEU C 173 55.62 49.26 11.48
C LEU C 173 55.37 48.88 12.92
N ASN C 174 54.14 49.07 13.37
CA ASN C 174 53.73 48.71 14.72
C ASN C 174 52.52 47.79 14.66
N LEU C 175 52.49 46.80 15.54
CA LEU C 175 51.43 45.81 15.56
C LEU C 175 50.40 46.14 16.62
N THR C 176 49.15 45.83 16.32
CA THR C 176 48.03 46.12 17.19
C THR C 176 47.50 44.82 17.81
N THR C 177 47.16 44.87 19.09
CA THR C 177 46.66 43.71 19.81
C THR C 177 45.34 44.04 20.49
N PHE C 178 44.58 42.98 20.77
CA PHE C 178 43.29 43.07 21.45
C PHE C 178 43.30 42.13 22.64
N MET C 179 42.41 42.40 23.60
CA MET C 179 42.23 41.49 24.72
C MET C 179 41.54 40.22 24.27
N ASN C 180 40.54 40.33 23.41
CA ASN C 180 39.75 39.18 22.94
C ASN C 180 39.76 39.19 21.42
N ASP C 181 40.72 38.47 20.83
CA ASP C 181 40.80 38.40 19.38
C ASP C 181 39.61 37.66 18.77
N THR C 182 38.92 36.83 19.55
CA THR C 182 37.77 36.10 19.03
C THR C 182 36.64 37.05 18.66
N GLY C 183 36.41 38.07 19.47
CA GLY C 183 35.31 38.98 19.23
C GLY C 183 35.59 40.06 18.20
N LEU C 184 36.25 39.68 17.11
CA LEU C 184 36.52 40.58 16.00
C LEU C 184 35.55 40.28 14.86
N GLU C 185 34.81 41.29 14.42
CA GLU C 185 33.91 41.11 13.29
C GLU C 185 34.72 41.01 12.01
N SER C 186 34.62 39.88 11.32
CA SER C 186 35.46 39.60 10.16
C SER C 186 34.68 39.96 8.90
N ILE C 187 35.03 41.09 8.31
CA ILE C 187 34.50 41.46 7.00
C ILE C 187 35.35 40.75 5.95
N GLY C 188 34.91 40.79 4.70
CA GLY C 188 35.58 40.06 3.65
C GLY C 188 36.95 40.61 3.31
N GLU C 189 37.68 39.85 2.50
CA GLU C 189 38.99 40.24 1.97
C GLU C 189 40.03 40.36 3.08
N ASN C 190 40.06 39.35 3.96
CA ASN C 190 41.10 39.21 4.97
C ASN C 190 41.24 40.47 5.83
N LEU C 191 40.11 40.98 6.29
CA LEU C 191 40.10 42.18 7.12
C LEU C 191 39.25 41.94 8.36
N TYR C 192 39.71 42.47 9.49
CA TYR C 192 38.99 42.41 10.75
C TYR C 192 38.76 43.82 11.25
N ILE C 193 37.56 44.08 11.76
CA ILE C 193 37.22 45.35 12.39
C ILE C 193 36.81 45.08 13.82
N GLU C 194 37.38 45.83 14.76
CA GLU C 194 37.10 45.61 16.17
C GLU C 194 35.69 46.05 16.52
N THR C 195 35.09 45.35 17.48
CA THR C 195 33.74 45.66 17.93
C THR C 195 33.69 45.73 19.45
N GLN C 196 32.48 45.83 19.99
CA GLN C 196 32.32 45.89 21.45
C GLN C 196 32.80 44.61 22.11
N SER C 197 32.64 43.47 21.44
CA SER C 197 33.03 42.20 22.04
C SER C 197 34.53 42.16 22.33
N SER C 198 35.34 42.62 21.38
CA SER C 198 36.77 42.72 21.63
C SER C 198 37.10 44.01 22.37
N GLY C 199 38.28 44.04 22.97
CA GLY C 199 38.70 45.19 23.73
C GLY C 199 39.14 46.33 22.85
N ALA C 200 39.48 47.44 23.50
CA ALA C 200 40.03 48.58 22.78
C ALA C 200 41.40 48.21 22.23
N PRO C 201 41.64 48.35 20.93
CA PRO C 201 42.94 47.96 20.37
C PRO C 201 44.06 48.80 20.95
N ASN C 202 45.21 48.16 21.15
CA ASN C 202 46.41 48.89 21.56
C ASN C 202 47.57 48.50 20.67
N GLU C 203 48.26 49.51 20.14
CA GLU C 203 49.35 49.30 19.20
C GLU C 203 50.70 49.53 19.87
N SER C 204 51.69 48.75 19.45
CA SER C 204 53.02 48.82 20.04
C SER C 204 54.03 48.23 19.06
N THR C 205 55.30 48.51 19.33
CA THR C 205 56.37 47.96 18.53
C THR C 205 56.47 46.45 18.73
N PRO C 206 56.88 45.71 17.69
CA PRO C 206 57.03 44.26 17.84
C PRO C 206 58.08 43.92 18.90
N GLY C 207 57.87 42.79 19.56
CA GLY C 207 58.79 42.31 20.58
C GLY C 207 58.53 42.85 21.97
N LEU C 208 57.55 43.74 22.14
CA LEU C 208 57.21 44.29 23.43
C LEU C 208 55.71 44.21 23.65
N ASN C 209 55.31 44.18 24.92
CA ASN C 209 53.90 44.14 25.30
C ASN C 209 53.19 42.93 24.71
N GLY C 210 53.90 41.81 24.59
CA GLY C 210 53.30 40.57 24.15
C GLY C 210 53.12 40.43 22.65
N ALA C 211 53.54 41.41 21.85
CA ALA C 211 53.43 41.29 20.41
C ALA C 211 54.49 40.36 19.87
N GLY C 212 54.29 39.92 18.63
CA GLY C 212 55.18 38.99 17.97
C GLY C 212 56.34 39.69 17.29
N LEU C 213 56.96 38.97 16.36
CA LEU C 213 58.07 39.49 15.57
C LEU C 213 57.75 39.37 14.09
N LEU C 214 58.55 40.04 13.28
CA LEU C 214 58.37 40.05 11.83
C LEU C 214 59.49 39.31 11.15
N TYR C 215 59.14 38.39 10.25
CA TYR C 215 60.10 37.66 9.44
C TYR C 215 59.91 38.05 7.99
N GLN C 216 60.94 38.59 7.36
CA GLN C 216 60.84 38.97 5.97
C GLN C 216 60.97 37.74 5.08
N GLY C 217 60.25 37.75 3.97
CA GLY C 217 60.29 36.67 3.02
C GLY C 217 59.45 35.46 3.36
N TYR C 218 58.73 35.49 4.47
CA TYR C 218 57.86 34.39 4.87
C TYR C 218 56.40 34.79 4.73
N VAL C 219 55.53 33.81 4.89
CA VAL C 219 54.09 34.03 4.82
C VAL C 219 53.40 32.99 5.68
N GLU C 220 52.37 33.40 6.40
CA GLU C 220 51.65 32.52 7.31
C GLU C 220 50.50 31.85 6.56
N THR C 221 50.58 30.54 6.41
CA THR C 221 49.53 29.81 5.72
C THR C 221 48.31 29.64 6.62
N SER C 222 47.19 29.27 6.00
CA SER C 222 45.96 29.04 6.76
C SER C 222 46.17 27.92 7.77
N ASN C 223 45.63 28.11 8.97
CA ASN C 223 45.76 27.06 9.98
C ASN C 223 44.59 26.09 9.94
N VAL C 224 44.33 25.57 8.74
CA VAL C 224 43.25 24.59 8.51
C VAL C 224 43.91 23.24 8.28
N ASN C 225 43.55 22.26 9.09
CA ASN C 225 44.09 20.91 8.98
C ASN C 225 43.14 20.08 8.13
N VAL C 226 43.60 19.69 6.93
CA VAL C 226 42.75 18.96 6.00
C VAL C 226 42.50 17.52 6.45
N ALA C 227 43.17 17.06 7.51
CA ALA C 227 42.98 15.69 7.96
C ALA C 227 41.68 15.53 8.73
N GLU C 228 41.48 16.33 9.77
CA GLU C 228 40.30 16.18 10.63
C GLU C 228 39.01 16.54 9.92
N GLU C 229 39.07 17.34 8.85
CA GLU C 229 37.85 17.76 8.18
C GLU C 229 37.10 16.58 7.58
N LEU C 230 37.81 15.56 7.08
CA LEU C 230 37.14 14.43 6.46
C LEU C 230 36.37 13.61 7.48
N VAL C 231 36.99 13.32 8.63
CA VAL C 231 36.29 12.58 9.67
C VAL C 231 35.14 13.40 10.22
N ASN C 232 35.30 14.73 10.32
CA ASN C 232 34.18 15.56 10.74
C ASN C 232 33.05 15.52 9.73
N MET C 233 33.38 15.48 8.44
CA MET C 233 32.34 15.33 7.42
C MET C 233 31.59 14.02 7.58
N ILE C 234 32.33 12.94 7.86
CA ILE C 234 31.68 11.64 8.06
C ILE C 234 30.71 11.71 9.24
N GLN C 235 31.16 12.26 10.36
CA GLN C 235 30.31 12.35 11.54
C GLN C 235 29.09 13.22 11.26
N VAL C 236 29.28 14.35 10.58
CA VAL C 236 28.17 15.25 10.29
C VAL C 236 27.15 14.57 9.40
N GLN C 237 27.62 13.85 8.37
CA GLN C 237 26.69 13.16 7.48
C GLN C 237 25.89 12.12 8.24
N ARG C 238 26.55 11.33 9.09
CA ARG C 238 25.82 10.31 9.84
C ARG C 238 24.80 10.94 10.79
N ALA C 239 25.18 12.01 11.48
CA ALA C 239 24.24 12.66 12.40
C ALA C 239 23.04 13.23 11.65
N TYR C 240 23.28 13.84 10.49
CA TYR C 240 22.17 14.37 9.70
C TYR C 240 21.24 13.26 9.25
N GLU C 241 21.81 12.13 8.81
CA GLU C 241 20.97 11.01 8.41
C GLU C 241 20.14 10.50 9.58
N ILE C 242 20.72 10.44 10.77
CA ILE C 242 19.98 9.98 11.94
C ILE C 242 18.83 10.93 12.25
N ASN C 243 19.07 12.23 12.20
CA ASN C 243 18.00 13.19 12.46
C ASN C 243 16.90 13.08 11.41
N SER C 244 17.27 12.90 10.15
CA SER C 244 16.26 12.72 9.11
C SER C 244 15.45 11.45 9.35
N LYS C 245 16.11 10.40 9.83
CA LYS C 245 15.39 9.18 10.18
C LYS C 245 14.40 9.44 11.31
N ALA C 246 14.78 10.28 12.27
CA ALA C 246 13.85 10.64 13.35
C ALA C 246 12.65 11.39 12.79
N VAL C 247 12.88 12.32 11.86
CA VAL C 247 11.76 13.03 11.23
C VAL C 247 10.84 12.04 10.54
N SER C 248 11.43 11.09 9.81
CA SER C 248 10.62 10.09 9.11
C SER C 248 9.81 9.25 10.09
N THR C 249 10.43 8.88 11.22
CA THR C 249 9.72 8.10 12.23
C THR C 249 8.52 8.86 12.77
N THR C 250 8.72 10.15 13.09
CA THR C 250 7.60 10.94 13.61
C THR C 250 6.50 11.07 12.57
N ASP C 251 6.87 11.32 11.31
CA ASP C 251 5.86 11.45 10.27
C ASP C 251 5.09 10.16 10.08
N GLN C 252 5.78 9.02 10.06
CA GLN C 252 5.12 7.73 9.92
C GLN C 252 4.17 7.48 11.08
N MET C 253 4.62 7.80 12.30
CA MET C 253 3.78 7.60 13.48
C MET C 253 2.51 8.41 13.39
N LEU C 254 2.62 9.69 13.04
CA LEU C 254 1.42 10.51 12.94
C LEU C 254 0.53 10.06 11.80
N GLN C 255 1.11 9.64 10.67
CA GLN C 255 0.31 9.19 9.54
C GLN C 255 -0.48 7.94 9.90
N LYS C 256 0.16 6.97 10.55
CA LYS C 256 -0.57 5.78 10.95
C LYS C 256 -1.54 6.04 12.09
N LEU C 257 -1.34 7.10 12.87
CA LEU C 257 -2.38 7.50 13.82
C LEU C 257 -3.60 8.05 13.08
N THR C 258 -3.37 8.89 12.08
CA THR C 258 -4.50 9.53 11.40
C THR C 258 -5.13 8.65 10.32
N GLN C 259 -4.53 7.49 10.01
CA GLN C 259 -5.12 6.59 9.03
C GLN C 259 -6.50 6.08 9.47
N LEU C 260 -6.82 6.16 10.76
CA LEU C 260 -8.12 5.71 11.27
C LEU C 260 -9.27 6.43 10.57
N MET D 1 -5.35 21.87 -11.45
CA MET D 1 -6.46 22.70 -11.00
C MET D 1 -6.12 23.44 -9.71
N ILE D 2 -4.85 23.41 -9.34
CA ILE D 2 -4.39 24.01 -8.09
C ILE D 2 -3.22 24.94 -8.39
N SER D 3 -3.19 26.08 -7.69
CA SER D 3 -2.10 27.03 -7.86
C SER D 3 -0.76 26.39 -7.55
N SER D 4 -0.70 25.55 -6.51
CA SER D 4 0.55 24.87 -6.19
C SER D 4 0.98 23.96 -7.34
N LEU D 5 0.02 23.24 -7.93
CA LEU D 5 0.34 22.37 -9.05
C LEU D 5 0.88 23.16 -10.23
N TRP D 6 0.26 24.29 -10.54
CA TRP D 6 0.74 25.10 -11.66
C TRP D 6 2.13 25.67 -11.39
N ILE D 7 2.37 26.11 -10.16
CA ILE D 7 3.69 26.62 -9.80
C ILE D 7 4.74 25.53 -9.92
N ALA D 8 4.42 24.33 -9.46
CA ALA D 8 5.37 23.23 -9.56
C ALA D 8 5.63 22.85 -11.00
N LYS D 9 4.59 22.91 -11.85
CA LYS D 9 4.79 22.62 -13.27
C LYS D 9 5.72 23.64 -13.91
N THR D 10 5.56 24.92 -13.57
CA THR D 10 6.46 25.94 -14.11
C THR D 10 7.88 25.71 -13.63
N GLY D 11 8.05 25.33 -12.36
CA GLY D 11 9.38 25.04 -11.86
C GLY D 11 10.02 23.84 -12.56
N LEU D 12 9.24 22.80 -12.80
CA LEU D 12 9.74 21.64 -13.53
C LEU D 12 10.17 22.02 -14.94
N ASP D 13 9.37 22.84 -15.61
CA ASP D 13 9.74 23.27 -16.97
C ASP D 13 11.02 24.10 -16.96
N ALA D 14 11.17 24.98 -15.97
CA ALA D 14 12.40 25.77 -15.88
C ALA D 14 13.61 24.88 -15.68
N GLN D 15 13.49 23.89 -14.79
CA GLN D 15 14.61 22.99 -14.56
C GLN D 15 14.91 22.14 -15.79
N GLN D 16 13.87 21.74 -16.52
CA GLN D 16 14.09 21.00 -17.76
C GLN D 16 14.86 21.83 -18.77
N THR D 17 14.50 23.10 -18.92
CA THR D 17 15.22 23.97 -19.84
C THR D 17 16.68 24.14 -19.41
N ASN D 18 16.90 24.29 -18.10
CA ASN D 18 18.27 24.40 -17.61
C ASN D 18 19.06 23.14 -17.91
N MET D 19 18.46 21.97 -17.70
CA MET D 19 19.14 20.72 -18.00
C MET D 19 19.44 20.59 -19.49
N ASP D 20 18.49 21.02 -20.33
CA ASP D 20 18.71 20.93 -21.77
C ASP D 20 19.86 21.81 -22.21
N VAL D 21 19.94 23.04 -21.69
CA VAL D 21 21.04 23.90 -22.09
C VAL D 21 22.37 23.36 -21.58
N ILE D 22 22.38 22.77 -20.38
CA ILE D 22 23.61 22.17 -19.88
C ILE D 22 24.04 21.02 -20.78
N ALA D 23 23.10 20.16 -21.17
CA ALA D 23 23.42 19.04 -22.05
C ALA D 23 23.94 19.53 -23.39
N ASN D 24 23.31 20.57 -23.94
CA ASN D 24 23.77 21.10 -25.23
C ASN D 24 25.18 21.67 -25.12
N ASN D 25 25.47 22.38 -24.02
CA ASN D 25 26.82 22.89 -23.82
C ASN D 25 27.83 21.77 -23.71
N LEU D 26 27.48 20.70 -22.99
CA LEU D 26 28.39 19.57 -22.83
C LEU D 26 28.60 18.82 -24.14
N ALA D 27 27.58 18.79 -25.01
CA ALA D 27 27.65 17.99 -26.22
C ALA D 27 28.80 18.44 -27.11
N ASN D 28 28.76 19.69 -27.58
CA ASN D 28 29.76 20.18 -28.51
C ASN D 28 30.89 20.89 -27.76
N VAL D 29 31.61 20.11 -26.96
CA VAL D 29 32.76 20.65 -26.24
C VAL D 29 33.96 20.77 -27.17
N SER D 30 34.02 19.97 -28.23
CA SER D 30 35.14 19.98 -29.16
C SER D 30 34.90 20.86 -30.37
N THR D 31 33.73 21.49 -30.48
CA THR D 31 33.46 22.35 -31.62
C THR D 31 34.32 23.60 -31.55
N ASN D 32 35.00 23.91 -32.65
CA ASN D 32 35.87 25.07 -32.68
C ASN D 32 35.05 26.35 -32.77
N GLY D 33 35.50 27.38 -32.05
CA GLY D 33 34.82 28.66 -32.07
C GLY D 33 33.41 28.60 -31.54
N PHE D 34 33.22 27.94 -30.40
CA PHE D 34 31.90 27.77 -29.80
C PHE D 34 31.83 28.55 -28.50
N LYS D 35 30.76 29.34 -28.36
CA LYS D 35 30.50 30.13 -27.17
C LYS D 35 29.34 29.50 -26.42
N ARG D 36 29.56 29.19 -25.14
CA ARG D 36 28.58 28.42 -24.40
C ARG D 36 27.33 29.25 -24.14
N GLN D 37 26.29 28.57 -23.63
CA GLN D 37 24.99 29.16 -23.38
C GLN D 37 24.71 29.18 -21.89
N ARG D 38 24.15 30.29 -21.42
CA ARG D 38 23.70 30.41 -20.04
C ARG D 38 22.24 30.84 -20.05
N ALA D 39 21.41 30.15 -19.28
CA ALA D 39 19.98 30.42 -19.22
C ALA D 39 19.67 31.25 -17.98
N VAL D 40 18.89 32.31 -18.15
CA VAL D 40 18.49 33.19 -17.07
C VAL D 40 16.98 33.25 -17.04
N PHE D 41 16.41 33.08 -15.83
CA PHE D 41 14.99 33.11 -15.57
C PHE D 41 14.63 34.36 -14.77
N GLU D 42 13.35 34.45 -14.39
CA GLU D 42 12.86 35.52 -13.53
C GLU D 42 11.56 35.07 -12.91
N ASP D 43 11.21 35.69 -11.79
CA ASP D 43 9.97 35.34 -11.10
C ASP D 43 8.77 35.86 -11.86
N LEU D 44 7.69 35.08 -11.85
CA LEU D 44 6.46 35.45 -12.53
C LEU D 44 5.68 36.45 -11.69
N LEU D 45 4.43 36.69 -12.05
CA LEU D 45 3.64 37.70 -11.38
C LEU D 45 3.27 37.25 -9.97
N TYR D 46 2.64 38.18 -9.24
CA TYR D 46 2.20 37.95 -7.87
C TYR D 46 0.74 38.35 -7.73
N GLN D 47 -0.02 37.52 -7.03
CA GLN D 47 -1.39 37.83 -6.66
C GLN D 47 -1.36 38.51 -5.29
N THR D 48 -1.88 39.72 -5.21
CA THR D 48 -1.85 40.51 -3.98
C THR D 48 -3.21 40.38 -3.31
N ILE D 49 -3.27 39.54 -2.27
CA ILE D 49 -4.51 39.43 -1.51
C ILE D 49 -4.76 40.72 -0.72
N ARG D 50 -3.71 41.24 -0.08
CA ARG D 50 -3.78 42.49 0.65
C ARG D 50 -2.68 43.41 0.13
N GLN D 51 -3.05 44.65 -0.20
CA GLN D 51 -2.10 45.57 -0.78
C GLN D 51 -0.99 45.88 0.21
N PRO D 52 0.28 45.81 -0.20
CA PRO D 52 1.37 46.17 0.72
C PRO D 52 1.28 47.63 1.12
N GLY D 53 1.61 47.91 2.38
CA GLY D 53 1.50 49.26 2.89
C GLY D 53 0.10 49.81 2.86
N ALA D 54 -0.90 48.96 3.09
CA ALA D 54 -2.29 49.40 3.06
C ALA D 54 -2.58 50.26 4.28
N GLN D 55 -3.45 51.26 4.08
CA GLN D 55 -3.88 52.16 5.15
C GLN D 55 -4.88 51.42 6.01
N SER D 56 -4.39 50.69 7.02
CA SER D 56 -5.25 49.82 7.79
C SER D 56 -6.22 50.59 8.67
N SER D 57 -5.89 51.82 9.04
CA SER D 57 -6.77 52.68 9.80
C SER D 57 -6.38 54.13 9.53
N GLU D 58 -6.91 55.04 10.34
CA GLU D 58 -6.64 56.45 10.10
C GLU D 58 -5.17 56.80 10.29
N GLN D 59 -4.44 56.01 11.10
CA GLN D 59 -3.06 56.35 11.44
C GLN D 59 -2.09 55.18 11.39
N THR D 60 -2.51 53.99 10.98
CA THR D 60 -1.62 52.84 10.92
C THR D 60 -1.63 52.22 9.54
N THR D 61 -0.46 51.73 9.13
CA THR D 61 -0.27 51.12 7.82
C THR D 61 0.32 49.73 7.99
N LEU D 62 -0.05 48.83 7.09
CA LEU D 62 0.45 47.47 7.14
C LEU D 62 1.95 47.45 6.86
N PRO D 63 2.77 46.89 7.74
CA PRO D 63 4.21 46.83 7.45
C PRO D 63 4.55 46.08 6.18
N SER D 64 3.80 45.01 5.87
CA SER D 64 4.04 44.23 4.67
C SER D 64 2.73 43.60 4.23
N GLY D 65 2.54 43.48 2.92
CA GLY D 65 1.31 42.95 2.36
C GLY D 65 1.31 41.44 2.29
N LEU D 66 0.29 40.92 1.61
CA LEU D 66 0.11 39.49 1.41
C LEU D 66 0.17 39.23 -0.09
N GLN D 67 1.26 38.60 -0.54
CA GLN D 67 1.47 38.34 -1.96
C GLN D 67 1.86 36.89 -2.17
N ILE D 68 1.29 36.27 -3.20
CA ILE D 68 1.54 34.87 -3.53
C ILE D 68 2.10 34.81 -4.94
N GLY D 69 3.23 34.14 -5.10
CA GLY D 69 3.86 34.04 -6.40
C GLY D 69 3.08 33.16 -7.36
N THR D 70 3.38 33.32 -8.65
CA THR D 70 2.77 32.47 -9.67
C THR D 70 3.82 31.62 -10.41
N GLY D 71 5.00 31.45 -9.85
CA GLY D 71 5.99 30.57 -10.44
C GLY D 71 7.22 31.28 -10.97
N VAL D 72 7.89 30.68 -11.95
CA VAL D 72 9.10 31.23 -12.52
C VAL D 72 8.98 31.21 -14.03
N ARG D 73 9.68 32.13 -14.70
CA ARG D 73 9.65 32.25 -16.14
C ARG D 73 11.06 32.39 -16.68
N PRO D 74 11.48 31.55 -17.63
CA PRO D 74 12.81 31.71 -18.22
C PRO D 74 12.87 32.96 -19.09
N VAL D 75 13.78 33.88 -18.75
CA VAL D 75 13.94 35.08 -19.55
C VAL D 75 14.52 34.73 -20.91
N ALA D 76 15.74 34.17 -20.91
CA ALA D 76 16.39 33.89 -22.18
C ALA D 76 17.58 32.98 -21.95
N THR D 77 17.98 32.26 -23.00
CA THR D 77 19.20 31.46 -23.00
C THR D 77 20.23 32.22 -23.84
N GLU D 78 20.97 33.10 -23.18
CA GLU D 78 21.93 33.93 -23.87
C GLU D 78 23.20 33.14 -24.16
N ARG D 79 24.03 33.69 -25.04
CA ARG D 79 25.30 33.08 -25.41
C ARG D 79 26.44 33.96 -24.91
N LEU D 80 27.37 33.36 -24.17
CA LEU D 80 28.49 34.11 -23.59
C LEU D 80 29.61 34.18 -24.61
N HIS D 81 29.79 35.37 -25.20
CA HIS D 81 30.86 35.57 -26.19
C HIS D 81 32.17 35.85 -25.47
N SER D 82 32.63 34.85 -24.73
CA SER D 82 33.91 34.93 -24.05
C SER D 82 35.03 34.65 -25.04
N GLN D 83 36.26 34.51 -24.54
CA GLN D 83 37.42 34.22 -25.38
C GLN D 83 37.88 32.79 -25.14
N GLY D 84 38.03 32.03 -26.23
CA GLY D 84 38.48 30.67 -26.12
C GLY D 84 39.98 30.54 -26.28
N ASN D 85 40.51 29.41 -25.80
CA ASN D 85 41.94 29.15 -25.91
C ASN D 85 42.33 28.92 -27.36
N LEU D 86 43.52 29.40 -27.72
CA LEU D 86 44.06 29.19 -29.06
C LEU D 86 44.92 27.93 -29.04
N SER D 87 44.59 26.97 -29.90
CA SER D 87 45.35 25.74 -29.99
C SER D 87 46.49 25.91 -30.99
N GLN D 88 47.16 24.81 -31.32
CA GLN D 88 48.25 24.81 -32.28
C GLN D 88 47.99 23.74 -33.32
N THR D 89 48.01 24.14 -34.60
CA THR D 89 47.80 23.20 -35.70
C THR D 89 48.86 23.28 -36.79
N ASN D 90 49.56 24.41 -36.94
CA ASN D 90 50.60 24.56 -37.95
C ASN D 90 50.07 24.29 -39.36
N ASN D 91 48.84 24.72 -39.61
CA ASN D 91 48.27 24.66 -40.95
C ASN D 91 48.51 26.00 -41.65
N SER D 92 48.08 26.08 -42.90
CA SER D 92 48.29 27.29 -43.71
C SER D 92 47.00 28.02 -44.04
N LYS D 93 45.85 27.35 -43.98
CA LYS D 93 44.59 27.94 -44.43
C LYS D 93 43.61 28.15 -43.30
N ASP D 94 44.07 28.22 -42.05
CA ASP D 94 43.20 28.47 -40.91
C ASP D 94 43.79 29.60 -40.08
N VAL D 95 42.96 30.55 -39.71
CA VAL D 95 43.37 31.70 -38.91
C VAL D 95 42.45 31.81 -37.71
N ALA D 96 43.03 32.16 -36.56
CA ALA D 96 42.27 32.37 -35.34
C ALA D 96 42.28 33.86 -35.00
N ILE D 97 41.13 34.36 -34.59
CA ILE D 97 40.95 35.78 -34.28
C ILE D 97 40.97 35.92 -32.76
N LYS D 98 41.93 36.69 -32.26
CA LYS D 98 42.11 36.90 -30.83
C LYS D 98 41.68 38.33 -30.51
N GLY D 99 40.62 38.46 -29.72
CA GLY D 99 40.05 39.76 -29.40
C GLY D 99 38.55 39.80 -29.62
N GLN D 100 38.11 40.68 -30.52
CA GLN D 100 36.69 40.81 -30.83
C GLN D 100 36.52 40.96 -32.34
N GLY D 101 35.37 40.53 -32.83
CA GLY D 101 35.04 40.63 -34.24
C GLY D 101 34.61 39.30 -34.81
N PHE D 102 34.23 39.35 -36.08
CA PHE D 102 33.78 38.17 -36.81
C PHE D 102 34.19 38.28 -38.27
N PHE D 103 34.23 37.14 -38.95
CA PHE D 103 34.46 37.10 -40.39
C PHE D 103 33.12 37.17 -41.10
N GLN D 104 33.05 37.96 -42.16
CA GLN D 104 31.83 38.10 -42.94
C GLN D 104 31.76 37.04 -44.01
N VAL D 105 30.57 36.48 -44.22
CA VAL D 105 30.36 35.36 -45.12
C VAL D 105 29.10 35.63 -45.94
N MET D 106 29.15 35.29 -47.23
CA MET D 106 28.03 35.52 -48.13
C MET D 106 27.21 34.23 -48.25
N LEU D 107 26.03 34.23 -47.64
CA LEU D 107 25.19 33.05 -47.66
C LEU D 107 24.62 32.81 -49.06
N PRO D 108 24.27 31.56 -49.39
CA PRO D 108 23.81 31.26 -50.76
C PRO D 108 22.61 32.07 -51.20
N ASP D 109 21.66 32.34 -50.29
CA ASP D 109 20.47 33.08 -50.69
C ASP D 109 20.80 34.51 -51.12
N GLY D 110 21.90 35.06 -50.61
CA GLY D 110 22.32 36.39 -50.99
C GLY D 110 22.66 37.28 -49.82
N THR D 111 22.12 36.95 -48.65
CA THR D 111 22.37 37.75 -47.46
C THR D 111 23.78 37.47 -46.93
N SER D 112 24.10 38.09 -45.80
CA SER D 112 25.42 37.96 -45.20
C SER D 112 25.29 37.51 -43.76
N ALA D 113 26.23 36.67 -43.33
CA ALA D 113 26.30 36.18 -41.96
C ALA D 113 27.70 36.43 -41.42
N TYR D 114 27.89 36.15 -40.14
CA TYR D 114 29.17 36.38 -39.49
C TYR D 114 29.55 35.16 -38.68
N THR D 115 30.83 34.78 -38.77
CA THR D 115 31.32 33.57 -38.14
C THR D 115 32.53 33.87 -37.27
N ARG D 116 32.77 32.99 -36.31
CA ARG D 116 33.89 33.11 -35.39
C ARG D 116 34.94 32.03 -35.56
N ASP D 117 34.61 30.92 -36.21
CA ASP D 117 35.54 29.81 -36.40
C ASP D 117 36.30 30.00 -37.70
N GLY D 118 37.62 30.14 -37.60
CA GLY D 118 38.44 30.29 -38.78
C GLY D 118 39.12 29.00 -39.22
N SER D 119 38.56 28.35 -40.23
CA SER D 119 39.18 27.17 -40.84
C SER D 119 38.74 27.17 -42.30
N PHE D 120 39.57 27.76 -43.16
CA PHE D 120 39.20 28.02 -44.54
C PHE D 120 39.75 26.94 -45.45
N GLN D 121 38.99 26.64 -46.49
CA GLN D 121 39.43 25.78 -47.58
C GLN D 121 39.37 26.57 -48.89
N VAL D 122 39.65 25.89 -49.98
CA VAL D 122 39.62 26.49 -51.32
C VAL D 122 38.66 25.69 -52.18
N ASP D 123 37.75 26.40 -52.86
CA ASP D 123 36.84 25.73 -53.76
C ASP D 123 37.54 25.41 -55.07
N GLN D 124 36.85 24.69 -55.95
CA GLN D 124 37.42 24.34 -57.25
C GLN D 124 37.70 25.57 -58.09
N ASN D 125 37.01 26.68 -57.85
CA ASN D 125 37.25 27.91 -58.60
C ASN D 125 38.46 28.69 -58.10
N GLY D 126 38.96 28.39 -56.91
CA GLY D 126 40.15 29.04 -56.39
C GLY D 126 39.91 30.14 -55.38
N GLN D 127 38.67 30.38 -54.99
CA GLN D 127 38.36 31.40 -54.00
C GLN D 127 38.32 30.79 -52.61
N LEU D 128 38.58 31.63 -51.60
CA LEU D 128 38.67 31.16 -50.23
C LEU D 128 37.28 30.96 -49.66
N VAL D 129 36.97 29.75 -49.23
CA VAL D 129 35.67 29.42 -48.67
C VAL D 129 35.87 28.73 -47.33
N THR D 130 34.84 28.77 -46.50
CA THR D 130 34.85 28.08 -45.22
C THR D 130 34.24 26.69 -45.37
N ALA D 131 34.39 25.90 -44.31
CA ALA D 131 33.84 24.54 -44.30
C ALA D 131 32.32 24.61 -44.35
N GLY D 132 31.74 24.27 -45.49
CA GLY D 132 30.31 24.38 -45.67
C GLY D 132 29.95 24.97 -47.02
N GLY D 133 30.97 25.32 -47.80
CA GLY D 133 30.78 25.83 -49.14
C GLY D 133 30.58 27.33 -49.23
N PHE D 134 30.44 28.00 -48.10
CA PHE D 134 30.21 29.44 -48.11
C PHE D 134 31.51 30.18 -48.40
N GLN D 135 31.43 31.16 -49.30
CA GLN D 135 32.60 31.95 -49.69
C GLN D 135 32.64 33.25 -48.88
N VAL D 136 33.86 33.70 -48.59
CA VAL D 136 34.05 34.90 -47.79
C VAL D 136 33.54 36.10 -48.57
N GLN D 137 33.00 37.09 -47.84
CA GLN D 137 32.35 38.22 -48.49
C GLN D 137 33.30 39.06 -49.36
N PRO D 138 34.51 39.44 -48.91
CA PRO D 138 35.40 40.19 -49.81
C PRO D 138 35.88 39.38 -51.00
N ALA D 139 35.54 38.09 -51.03
CA ALA D 139 35.82 37.20 -52.16
C ALA D 139 37.32 37.14 -52.46
N ILE D 140 38.07 36.62 -51.50
CA ILE D 140 39.50 36.43 -51.67
C ILE D 140 39.72 35.18 -52.51
N THR D 141 40.42 35.34 -53.64
CA THR D 141 40.65 34.26 -54.57
C THR D 141 42.13 33.89 -54.55
N ILE D 142 42.43 32.63 -54.27
CA ILE D 142 43.79 32.13 -54.21
C ILE D 142 44.19 31.69 -55.62
N PRO D 143 45.22 32.29 -56.22
CA PRO D 143 45.64 31.84 -57.56
C PRO D 143 46.25 30.46 -57.52
N ALA D 144 46.22 29.78 -58.66
CA ALA D 144 46.78 28.46 -58.78
C ALA D 144 48.30 28.53 -58.69
N ASN D 145 48.93 27.36 -58.74
CA ASN D 145 50.39 27.18 -58.59
C ASN D 145 50.94 28.11 -57.51
N ALA D 146 50.37 28.00 -56.32
CA ALA D 146 50.77 28.82 -55.18
C ALA D 146 51.70 28.01 -54.29
N LEU D 147 52.90 28.53 -54.05
CA LEU D 147 53.85 27.82 -53.21
C LEU D 147 53.45 27.87 -51.74
N SER D 148 53.04 29.03 -51.26
CA SER D 148 52.61 29.17 -49.87
C SER D 148 51.71 30.38 -49.75
N ILE D 149 50.83 30.34 -48.76
CA ILE D 149 49.91 31.43 -48.46
C ILE D 149 50.20 31.91 -47.05
N THR D 150 50.50 33.19 -46.91
CA THR D 150 50.78 33.78 -45.61
C THR D 150 49.80 34.91 -45.33
N ILE D 151 49.42 35.04 -44.07
CA ILE D 151 48.49 36.07 -43.62
C ILE D 151 49.14 36.82 -42.47
N GLY D 152 49.27 38.13 -42.62
CA GLY D 152 49.97 38.92 -41.63
C GLY D 152 49.15 39.16 -40.38
N ARG D 153 49.72 39.94 -39.46
CA ARG D 153 49.01 40.28 -38.24
C ARG D 153 47.76 41.09 -38.55
N ASP D 154 47.85 42.02 -39.48
CA ASP D 154 46.68 42.75 -39.97
C ASP D 154 46.01 41.90 -41.06
N GLY D 155 45.03 42.49 -41.74
CA GLY D 155 44.23 41.72 -42.67
C GLY D 155 44.90 41.35 -43.98
N VAL D 156 46.08 41.91 -44.26
CA VAL D 156 46.72 41.69 -45.56
C VAL D 156 47.14 40.24 -45.68
N VAL D 157 46.84 39.64 -46.83
CA VAL D 157 47.18 38.25 -47.13
C VAL D 157 47.96 38.21 -48.43
N SER D 158 49.10 37.54 -48.42
CA SER D 158 49.95 37.44 -49.60
C SER D 158 50.23 35.98 -49.90
N VAL D 159 50.65 35.73 -51.14
CA VAL D 159 50.94 34.38 -51.62
C VAL D 159 52.25 34.40 -52.37
N THR D 160 53.12 33.44 -52.06
CA THR D 160 54.43 33.34 -52.71
C THR D 160 54.27 32.56 -54.00
N GLN D 161 54.50 33.22 -55.13
CA GLN D 161 54.32 32.59 -56.43
C GLN D 161 55.52 31.69 -56.74
N GLN D 162 55.55 31.12 -57.94
CA GLN D 162 56.63 30.23 -58.31
C GLN D 162 57.97 30.95 -58.32
N GLY D 163 58.01 32.16 -58.87
CA GLY D 163 59.23 32.94 -58.89
C GLY D 163 59.02 34.37 -58.45
N GLN D 164 59.52 35.32 -59.23
CA GLN D 164 59.32 36.75 -59.02
C GLN D 164 60.03 37.25 -57.77
N ALA D 165 60.63 36.33 -57.01
CA ALA D 165 61.48 36.64 -55.86
C ALA D 165 60.80 37.54 -54.83
N ALA D 166 59.47 37.66 -54.88
CA ALA D 166 58.78 38.55 -53.96
C ALA D 166 57.34 38.11 -53.81
N PRO D 167 56.80 38.06 -52.58
CA PRO D 167 55.39 37.73 -52.42
C PRO D 167 54.50 38.85 -52.95
N VAL D 168 53.30 38.47 -53.38
CA VAL D 168 52.34 39.40 -53.95
C VAL D 168 51.08 39.37 -53.11
N GLN D 169 50.59 40.56 -52.74
CA GLN D 169 49.35 40.65 -51.99
C GLN D 169 48.18 40.21 -52.85
N VAL D 170 47.25 39.48 -52.24
CA VAL D 170 46.09 38.97 -52.95
C VAL D 170 44.77 39.53 -52.43
N GLY D 171 44.75 40.15 -51.25
CA GLY D 171 43.52 40.69 -50.71
C GLY D 171 43.70 41.14 -49.28
N GLN D 172 42.58 41.37 -48.61
CA GLN D 172 42.61 41.77 -47.20
C GLN D 172 41.36 41.27 -46.51
N LEU D 173 41.54 40.75 -45.29
CA LEU D 173 40.45 40.19 -44.50
C LEU D 173 40.04 41.19 -43.43
N ASN D 174 39.20 42.15 -43.81
CA ASN D 174 38.58 43.02 -42.82
C ASN D 174 37.58 42.23 -41.99
N LEU D 175 37.49 42.56 -40.72
CA LEU D 175 36.57 41.89 -39.82
C LEU D 175 35.57 42.90 -39.26
N THR D 176 34.36 42.43 -39.00
CA THR D 176 33.26 43.29 -38.59
C THR D 176 32.99 43.12 -37.11
N THR D 177 32.84 44.23 -36.41
CA THR D 177 32.52 44.26 -35.00
C THR D 177 31.08 44.71 -34.79
N PHE D 178 30.49 44.27 -33.69
CA PHE D 178 29.13 44.61 -33.30
C PHE D 178 29.16 45.37 -31.97
N MET D 179 27.98 45.80 -31.54
CA MET D 179 27.81 46.48 -30.26
C MET D 179 27.19 45.57 -29.20
N ASN D 180 26.38 44.61 -29.60
CA ASN D 180 25.62 43.75 -28.70
C ASN D 180 25.86 42.29 -29.05
N ASP D 181 27.13 41.90 -29.10
CA ASP D 181 27.57 40.58 -29.54
C ASP D 181 26.67 39.44 -29.04
N THR D 182 26.18 39.55 -27.81
CA THR D 182 25.28 38.55 -27.26
C THR D 182 23.85 38.66 -27.80
N GLY D 183 23.59 39.58 -28.72
CA GLY D 183 22.27 39.72 -29.28
C GLY D 183 22.11 39.10 -30.65
N LEU D 184 23.21 38.61 -31.23
CA LEU D 184 23.14 38.00 -32.54
C LEU D 184 22.44 36.64 -32.46
N GLU D 185 21.35 36.49 -33.21
CA GLU D 185 20.68 35.20 -33.25
C GLU D 185 21.54 34.20 -34.03
N SER D 186 21.54 32.95 -33.58
CA SER D 186 22.45 31.94 -34.09
C SER D 186 21.72 30.97 -34.99
N ILE D 187 22.34 30.67 -36.14
CA ILE D 187 21.88 29.59 -37.01
C ILE D 187 22.96 28.53 -37.02
N GLY D 188 22.73 27.44 -37.73
CA GLY D 188 23.65 26.32 -37.71
C GLY D 188 24.99 26.62 -38.38
N GLU D 189 25.92 25.69 -38.19
CA GLU D 189 27.23 25.73 -38.84
C GLU D 189 28.03 26.97 -38.44
N ASN D 190 28.00 27.29 -37.14
CA ASN D 190 28.85 28.34 -36.56
C ASN D 190 28.63 29.68 -37.26
N LEU D 191 27.37 30.05 -37.44
CA LEU D 191 27.03 31.30 -38.13
C LEU D 191 26.15 32.16 -37.26
N TYR D 192 26.26 33.47 -37.45
CA TYR D 192 25.45 34.46 -36.74
C TYR D 192 24.92 35.47 -37.74
N ILE D 193 23.74 36.01 -37.44
CA ILE D 193 23.16 37.11 -38.21
C ILE D 193 22.63 38.14 -37.23
N GLU D 194 22.49 39.37 -37.72
CA GLU D 194 22.15 40.50 -36.86
C GLU D 194 20.64 40.70 -36.78
N THR D 195 20.20 41.24 -35.64
CA THR D 195 18.80 41.56 -35.41
C THR D 195 18.76 42.94 -34.77
N GLN D 196 17.58 43.32 -34.25
CA GLN D 196 17.45 44.63 -33.63
C GLN D 196 18.23 44.73 -32.33
N SER D 197 18.48 43.62 -31.65
CA SER D 197 19.25 43.67 -30.41
C SER D 197 20.67 44.16 -30.66
N SER D 198 21.31 43.67 -31.72
CA SER D 198 22.66 44.08 -32.06
C SER D 198 22.62 45.27 -33.01
N GLY D 199 23.57 46.19 -32.82
CA GLY D 199 23.64 47.36 -33.65
C GLY D 199 24.09 47.03 -35.06
N ALA D 200 24.19 48.08 -35.87
CA ALA D 200 24.67 47.92 -37.23
C ALA D 200 26.14 47.53 -37.20
N PRO D 201 26.53 46.42 -37.83
CA PRO D 201 27.93 46.01 -37.79
C PRO D 201 28.82 47.01 -38.51
N ASN D 202 30.04 47.18 -37.99
CA ASN D 202 31.02 48.05 -38.62
C ASN D 202 32.25 47.24 -38.94
N GLU D 203 32.66 47.25 -40.21
CA GLU D 203 33.84 46.51 -40.64
C GLU D 203 35.08 47.38 -40.51
N SER D 204 36.19 46.74 -40.17
CA SER D 204 37.44 47.45 -39.94
C SER D 204 38.60 46.51 -40.11
N THR D 205 39.79 47.10 -40.27
CA THR D 205 41.00 46.32 -40.32
C THR D 205 41.32 45.76 -38.93
N PRO D 206 41.95 44.60 -38.85
CA PRO D 206 42.32 44.05 -37.54
C PRO D 206 43.27 44.97 -36.80
N GLY D 207 43.12 44.99 -35.47
CA GLY D 207 44.02 45.75 -34.63
C GLY D 207 43.65 47.21 -34.43
N LEU D 208 42.54 47.67 -34.99
CA LEU D 208 42.11 49.05 -34.83
C LEU D 208 40.63 49.08 -34.48
N ASN D 209 40.22 50.15 -33.80
CA ASN D 209 38.84 50.32 -33.35
C ASN D 209 38.39 49.17 -32.47
N GLY D 210 39.31 48.67 -31.64
CA GLY D 210 38.97 47.59 -30.74
C GLY D 210 38.87 46.22 -31.36
N ALA D 211 39.29 46.06 -32.61
CA ALA D 211 39.22 44.76 -33.25
C ALA D 211 40.35 43.86 -32.76
N GLY D 212 40.24 42.58 -33.10
CA GLY D 212 41.23 41.60 -32.69
C GLY D 212 42.39 41.51 -33.65
N LEU D 213 43.19 40.46 -33.48
CA LEU D 213 44.34 40.19 -34.33
C LEU D 213 44.22 38.77 -34.89
N LEU D 214 44.72 38.60 -36.11
CA LEU D 214 44.63 37.33 -36.82
C LEU D 214 45.95 36.59 -36.68
N TYR D 215 45.90 35.39 -36.10
CA TYR D 215 47.07 34.52 -36.00
C TYR D 215 46.89 33.34 -36.94
N GLN D 216 47.87 33.12 -37.80
CA GLN D 216 47.81 31.99 -38.72
C GLN D 216 48.31 30.72 -38.03
N GLY D 217 47.71 29.59 -38.38
CA GLY D 217 48.14 28.31 -37.88
C GLY D 217 47.48 27.86 -36.60
N TYR D 218 46.62 28.67 -36.01
CA TYR D 218 45.93 28.32 -34.78
C TYR D 218 44.44 28.12 -35.06
N VAL D 219 43.70 27.86 -33.99
CA VAL D 219 42.25 27.67 -34.09
C VAL D 219 41.67 27.97 -32.72
N GLU D 220 40.45 28.52 -32.71
CA GLU D 220 39.79 28.94 -31.49
C GLU D 220 38.88 27.83 -31.01
N THR D 221 39.16 27.31 -29.81
CA THR D 221 38.39 26.20 -29.27
C THR D 221 37.11 26.71 -28.60
N SER D 222 36.29 25.76 -28.15
CA SER D 222 35.07 26.10 -27.45
C SER D 222 35.36 26.55 -26.03
N ASN D 223 34.57 27.51 -25.54
CA ASN D 223 34.73 27.95 -24.17
C ASN D 223 33.76 27.24 -23.23
N VAL D 224 33.81 25.92 -23.19
CA VAL D 224 32.95 25.12 -22.34
C VAL D 224 33.77 24.62 -21.15
N ASN D 225 33.27 24.85 -19.94
CA ASN D 225 33.98 24.46 -18.72
C ASN D 225 33.35 23.17 -18.19
N VAL D 226 33.82 22.05 -18.75
CA VAL D 226 33.30 20.74 -18.38
C VAL D 226 33.54 20.45 -16.91
N ALA D 227 34.55 21.07 -16.30
CA ALA D 227 34.83 20.82 -14.89
C ALA D 227 33.69 21.32 -13.99
N GLU D 228 32.93 22.32 -14.43
CA GLU D 228 31.80 22.81 -13.65
C GLU D 228 30.46 22.47 -14.25
N GLU D 229 30.41 22.05 -15.52
CA GLU D 229 29.15 21.57 -16.07
C GLU D 229 28.62 20.39 -15.26
N LEU D 230 29.50 19.54 -14.73
CA LEU D 230 29.04 18.38 -13.98
C LEU D 230 28.36 18.79 -12.67
N VAL D 231 28.96 19.73 -11.94
CA VAL D 231 28.34 20.15 -10.69
C VAL D 231 27.04 20.91 -10.97
N ASN D 232 26.99 21.67 -12.06
CA ASN D 232 25.73 22.29 -12.43
C ASN D 232 24.67 21.24 -12.74
N MET D 233 25.08 20.14 -13.38
CA MET D 233 24.17 19.05 -13.65
C MET D 233 23.65 18.43 -12.35
N ILE D 234 24.52 18.28 -11.36
CA ILE D 234 24.11 17.73 -10.07
C ILE D 234 23.05 18.62 -9.43
N GLN D 235 23.31 19.93 -9.42
CA GLN D 235 22.34 20.85 -8.82
C GLN D 235 21.01 20.83 -9.56
N VAL D 236 21.07 20.77 -10.89
CA VAL D 236 19.84 20.71 -11.68
C VAL D 236 19.05 19.45 -11.36
N GLN D 237 19.74 18.31 -11.25
CA GLN D 237 19.05 17.07 -10.95
C GLN D 237 18.37 17.14 -9.59
N ARG D 238 19.06 17.70 -8.59
CA ARG D 238 18.46 17.80 -7.26
C ARG D 238 17.23 18.70 -7.28
N ALA D 239 17.32 19.84 -7.97
CA ALA D 239 16.17 20.75 -8.03
C ALA D 239 14.99 20.07 -8.72
N TYR D 240 15.25 19.35 -9.81
CA TYR D 240 14.18 18.65 -10.51
C TYR D 240 13.51 17.61 -9.61
N GLU D 241 14.33 16.84 -8.87
CA GLU D 241 13.75 15.84 -7.97
C GLU D 241 12.90 16.49 -6.90
N ILE D 242 13.35 17.62 -6.35
CA ILE D 242 12.58 18.26 -5.29
C ILE D 242 11.27 18.83 -5.82
N ASN D 243 11.28 19.38 -7.03
CA ASN D 243 10.02 19.85 -7.62
C ASN D 243 9.07 18.68 -7.86
N SER D 244 9.60 17.55 -8.33
CA SER D 244 8.75 16.37 -8.48
C SER D 244 8.17 15.94 -7.14
N LYS D 245 8.96 16.04 -6.07
CA LYS D 245 8.45 15.75 -4.74
C LYS D 245 7.30 16.69 -4.38
N ALA D 246 7.42 17.97 -4.73
CA ALA D 246 6.35 18.91 -4.46
C ALA D 246 5.07 18.53 -5.21
N VAL D 247 5.21 18.14 -6.48
CA VAL D 247 4.04 17.70 -7.24
C VAL D 247 3.40 16.48 -6.59
N SER D 248 4.22 15.53 -6.15
CA SER D 248 3.68 14.34 -5.51
C SER D 248 2.94 14.69 -4.22
N THR D 249 3.49 15.62 -3.44
CA THR D 249 2.83 16.03 -2.21
C THR D 249 1.48 16.69 -2.51
N THR D 250 1.42 17.54 -3.53
CA THR D 250 0.15 18.14 -3.89
C THR D 250 -0.87 17.08 -4.30
N ASP D 251 -0.43 16.09 -5.10
CA ASP D 251 -1.33 15.02 -5.49
C ASP D 251 -1.83 14.24 -4.28
N GLN D 252 -0.94 13.96 -3.33
CA GLN D 252 -1.34 13.19 -2.15
C GLN D 252 -2.36 13.96 -1.33
N MET D 253 -2.15 15.26 -1.13
CA MET D 253 -3.09 16.02 -0.31
C MET D 253 -4.43 16.17 -1.02
N LEU D 254 -4.41 16.34 -2.34
CA LEU D 254 -5.68 16.37 -3.08
C LEU D 254 -6.42 15.04 -2.95
N GLN D 255 -5.71 13.93 -3.05
CA GLN D 255 -6.35 12.62 -2.95
C GLN D 255 -6.97 12.42 -1.57
N LYS D 256 -6.22 12.73 -0.53
CA LYS D 256 -6.71 12.55 0.83
C LYS D 256 -7.72 13.62 1.23
N LEU D 257 -7.89 14.67 0.42
CA LEU D 257 -9.02 15.56 0.61
C LEU D 257 -10.27 15.02 -0.06
N THR D 258 -10.14 14.56 -1.32
CA THR D 258 -11.31 14.06 -2.04
C THR D 258 -11.76 12.70 -1.55
N GLN D 259 -10.95 12.01 -0.73
CA GLN D 259 -11.37 10.72 -0.21
C GLN D 259 -12.52 10.81 0.79
N LEU D 260 -13.03 11.99 1.07
CA LEU D 260 -14.16 12.14 1.99
C LEU D 260 -15.41 11.48 1.42
N MET E 1 -11.44 -1.43 -23.70
CA MET E 1 -12.86 -1.09 -23.66
C MET E 1 -13.07 0.40 -23.86
N ILE E 2 -11.99 1.18 -23.69
CA ILE E 2 -12.06 2.61 -23.82
C ILE E 2 -10.96 3.07 -24.75
N SER E 3 -11.14 4.27 -25.33
CA SER E 3 -10.25 4.75 -26.37
C SER E 3 -8.83 4.93 -25.87
N SER E 4 -8.66 5.51 -24.68
CA SER E 4 -7.32 5.67 -24.13
C SER E 4 -6.66 4.33 -23.89
N LEU E 5 -7.43 3.35 -23.41
CA LEU E 5 -6.87 2.04 -23.17
C LEU E 5 -6.40 1.40 -24.47
N TRP E 6 -7.19 1.52 -25.53
CA TRP E 6 -6.78 0.92 -26.80
C TRP E 6 -5.56 1.62 -27.38
N ILE E 7 -5.50 2.95 -27.25
CA ILE E 7 -4.34 3.70 -27.73
C ILE E 7 -3.08 3.26 -26.98
N ALA E 8 -3.20 3.10 -25.66
CA ALA E 8 -2.05 2.67 -24.87
C ALA E 8 -1.65 1.25 -25.21
N LYS E 9 -2.61 0.38 -25.49
CA LYS E 9 -2.26 -0.98 -25.91
C LYS E 9 -1.48 -0.96 -27.22
N THR E 10 -1.91 -0.15 -28.18
CA THR E 10 -1.16 -0.04 -29.44
C THR E 10 0.24 0.49 -29.20
N GLY E 11 0.37 1.48 -28.32
CA GLY E 11 1.70 2.01 -28.01
C GLY E 11 2.59 0.97 -27.36
N LEU E 12 2.04 0.18 -26.44
CA LEU E 12 2.81 -0.90 -25.82
C LEU E 12 3.25 -1.91 -26.85
N ASP E 13 2.38 -2.28 -27.78
CA ASP E 13 2.75 -3.23 -28.82
C ASP E 13 3.87 -2.69 -29.69
N ALA E 14 3.78 -1.41 -30.05
CA ALA E 14 4.84 -0.81 -30.86
C ALA E 14 6.18 -0.82 -30.12
N GLN E 15 6.16 -0.47 -28.84
CA GLN E 15 7.41 -0.49 -28.08
C GLN E 15 7.94 -1.91 -27.90
N GLN E 16 7.06 -2.90 -27.76
CA GLN E 16 7.51 -4.27 -27.68
C GLN E 16 8.20 -4.71 -28.98
N THR E 17 7.63 -4.32 -30.12
CA THR E 17 8.28 -4.65 -31.39
C THR E 17 9.64 -3.97 -31.50
N ASN E 18 9.72 -2.71 -31.05
CA ASN E 18 11.01 -2.01 -31.09
C ASN E 18 12.04 -2.73 -30.21
N MET E 19 11.64 -3.14 -29.01
CA MET E 19 12.56 -3.85 -28.12
C MET E 19 12.98 -5.18 -28.72
N ASP E 20 12.06 -5.88 -29.37
CA ASP E 20 12.41 -7.15 -30.02
C ASP E 20 13.42 -6.93 -31.13
N VAL E 21 13.23 -5.86 -31.92
CA VAL E 21 14.18 -5.56 -32.98
C VAL E 21 15.56 -5.26 -32.41
N ILE E 22 15.60 -4.49 -31.32
CA ILE E 22 16.88 -4.16 -30.69
C ILE E 22 17.55 -5.43 -30.18
N ALA E 23 16.79 -6.31 -29.54
CA ALA E 23 17.37 -7.55 -29.03
C ALA E 23 17.90 -8.43 -30.15
N ASN E 24 17.15 -8.52 -31.26
CA ASN E 24 17.61 -9.32 -32.39
C ASN E 24 18.87 -8.73 -33.01
N ASN E 25 18.95 -7.40 -33.12
CA ASN E 25 20.17 -6.78 -33.63
C ASN E 25 21.35 -7.07 -32.72
N LEU E 26 21.14 -7.00 -31.40
CA LEU E 26 22.25 -7.20 -30.48
C LEU E 26 22.67 -8.67 -30.41
N ALA E 27 21.74 -9.59 -30.65
CA ALA E 27 22.08 -11.01 -30.49
C ALA E 27 23.17 -11.44 -31.46
N ASN E 28 22.98 -11.16 -32.74
CA ASN E 28 23.98 -11.53 -33.75
C ASN E 28 24.89 -10.34 -34.07
N VAL E 29 25.62 -9.89 -33.06
CA VAL E 29 26.58 -8.81 -33.25
C VAL E 29 27.87 -9.31 -33.89
N SER E 30 28.08 -10.62 -33.93
CA SER E 30 29.31 -11.19 -34.48
C SER E 30 29.08 -12.04 -35.72
N THR E 31 27.85 -12.14 -36.21
CA THR E 31 27.59 -12.92 -37.41
C THR E 31 28.23 -12.25 -38.62
N ASN E 32 28.96 -13.03 -39.40
CA ASN E 32 29.64 -12.49 -40.58
C ASN E 32 28.62 -12.08 -41.63
N GLY E 33 28.79 -10.88 -42.17
CA GLY E 33 27.94 -10.43 -43.25
C GLY E 33 26.53 -10.07 -42.87
N PHE E 34 26.25 -9.90 -41.58
CA PHE E 34 24.90 -9.58 -41.14
C PHE E 34 24.60 -8.10 -41.37
N LYS E 35 23.39 -7.82 -41.85
CA LYS E 35 22.89 -6.47 -42.04
C LYS E 35 21.79 -6.23 -41.04
N ARG E 36 21.94 -5.18 -40.23
CA ARG E 36 20.98 -4.93 -39.16
C ARG E 36 19.64 -4.49 -39.72
N GLN E 37 18.64 -4.43 -38.84
CA GLN E 37 17.30 -4.03 -39.21
C GLN E 37 16.80 -2.94 -38.29
N ARG E 38 15.96 -2.06 -38.84
CA ARG E 38 15.42 -0.91 -38.13
C ARG E 38 13.91 -0.90 -38.33
N ALA E 39 13.19 -0.58 -37.26
CA ALA E 39 11.74 -0.59 -37.27
C ALA E 39 11.21 0.83 -37.49
N VAL E 40 10.24 0.96 -38.39
CA VAL E 40 9.62 2.24 -38.72
C VAL E 40 8.12 2.14 -38.51
N PHE E 41 7.55 3.15 -37.83
CA PHE E 41 6.14 3.22 -37.48
C PHE E 41 5.46 4.34 -38.26
N GLU E 42 4.15 4.44 -38.08
CA GLU E 42 3.34 5.54 -38.59
C GLU E 42 2.00 5.52 -37.88
N ASP E 43 1.50 6.71 -37.51
CA ASP E 43 0.30 6.80 -36.70
C ASP E 43 -0.94 6.38 -37.49
N LEU E 44 -1.93 5.86 -36.77
CA LEU E 44 -3.16 5.36 -37.37
C LEU E 44 -4.10 6.53 -37.67
N LEU E 45 -5.35 6.22 -37.95
CA LEU E 45 -6.30 7.22 -38.42
C LEU E 45 -6.70 8.18 -37.28
N TYR E 46 -7.54 9.14 -37.64
CA TYR E 46 -8.02 10.17 -36.73
C TYR E 46 -9.52 10.28 -36.87
N GLN E 47 -10.22 10.28 -35.74
CA GLN E 47 -11.66 10.52 -35.72
C GLN E 47 -11.90 12.02 -35.66
N THR E 48 -12.69 12.54 -36.60
CA THR E 48 -12.92 13.97 -36.73
C THR E 48 -14.28 14.29 -36.10
N ILE E 49 -14.25 14.82 -34.88
CA ILE E 49 -15.48 15.29 -34.26
C ILE E 49 -16.00 16.54 -34.96
N ARG E 50 -15.11 17.49 -35.23
CA ARG E 50 -15.43 18.70 -35.95
C ARG E 50 -14.48 18.83 -37.13
N GLN E 51 -15.03 19.00 -38.32
CA GLN E 51 -14.21 19.00 -39.52
C GLN E 51 -13.27 20.21 -39.51
N PRO E 52 -11.97 20.02 -39.74
CA PRO E 52 -11.06 21.16 -39.80
C PRO E 52 -11.36 22.02 -41.03
N GLY E 53 -11.31 23.33 -40.83
CA GLY E 53 -11.65 24.24 -41.91
C GLY E 53 -13.12 24.26 -42.25
N ALA E 54 -13.99 23.88 -41.31
CA ALA E 54 -15.41 23.87 -41.58
C ALA E 54 -15.97 25.29 -41.62
N GLN E 55 -17.12 25.42 -42.29
CA GLN E 55 -17.79 26.71 -42.48
C GLN E 55 -18.73 26.92 -41.30
N SER E 56 -18.24 27.63 -40.28
CA SER E 56 -19.03 27.78 -39.05
C SER E 56 -20.18 28.75 -39.22
N SER E 57 -20.05 29.73 -40.12
CA SER E 57 -21.07 30.74 -40.31
C SER E 57 -21.06 31.13 -41.78
N GLU E 58 -21.67 32.27 -42.09
CA GLU E 58 -21.72 32.71 -43.49
C GLU E 58 -20.33 32.99 -44.04
N GLN E 59 -19.41 33.45 -43.19
CA GLN E 59 -18.06 33.77 -43.63
C GLN E 59 -16.96 33.23 -42.72
N THR E 60 -17.24 32.89 -41.47
CA THR E 60 -16.21 32.42 -40.56
C THR E 60 -15.93 30.94 -40.76
N THR E 61 -14.66 30.59 -40.77
CA THR E 61 -14.21 29.22 -40.91
C THR E 61 -13.40 28.82 -39.69
N LEU E 62 -13.49 27.55 -39.31
CA LEU E 62 -12.72 27.07 -38.16
C LEU E 62 -11.25 27.06 -38.52
N PRO E 63 -10.39 27.78 -37.80
CA PRO E 63 -8.96 27.69 -38.06
C PRO E 63 -8.41 26.29 -37.85
N SER E 64 -9.00 25.54 -36.92
CA SER E 64 -8.58 24.16 -36.68
C SER E 64 -9.77 23.38 -36.16
N GLY E 65 -9.88 22.13 -36.58
CA GLY E 65 -10.98 21.27 -36.20
C GLY E 65 -10.69 20.53 -34.91
N LEU E 66 -11.45 19.46 -34.70
CA LEU E 66 -11.27 18.58 -33.54
C LEU E 66 -11.03 17.17 -34.04
N GLN E 67 -9.82 16.66 -33.82
CA GLN E 67 -9.46 15.32 -34.24
C GLN E 67 -8.81 14.57 -33.10
N ILE E 68 -9.16 13.29 -32.97
CA ILE E 68 -8.61 12.42 -31.94
C ILE E 68 -7.90 11.26 -32.62
N GLY E 69 -6.64 11.03 -32.24
CA GLY E 69 -5.88 9.96 -32.85
C GLY E 69 -6.36 8.59 -32.43
N THR E 70 -6.02 7.58 -33.22
CA THR E 70 -6.38 6.22 -32.89
C THR E 70 -5.21 5.35 -32.48
N GLY E 71 -3.98 5.82 -32.62
CA GLY E 71 -2.83 5.07 -32.14
C GLY E 71 -1.72 5.09 -33.16
N VAL E 72 -0.75 4.20 -32.96
CA VAL E 72 0.43 4.09 -33.81
C VAL E 72 0.56 2.65 -34.30
N ARG E 73 0.82 2.50 -35.59
CA ARG E 73 0.95 1.20 -36.22
C ARG E 73 2.36 1.02 -36.76
N PRO E 74 3.03 -0.10 -36.47
CA PRO E 74 4.36 -0.33 -37.04
C PRO E 74 4.28 -0.69 -38.51
N VAL E 75 4.71 0.22 -39.39
CA VAL E 75 4.53 -0.01 -40.82
C VAL E 75 5.52 -1.06 -41.32
N ALA E 76 6.79 -1.00 -40.89
CA ALA E 76 7.76 -1.91 -41.50
C ALA E 76 8.94 -2.14 -40.58
N THR E 77 9.71 -3.17 -40.92
CA THR E 77 10.99 -3.49 -40.28
C THR E 77 11.98 -3.77 -41.41
N GLU E 78 12.79 -2.79 -41.76
CA GLU E 78 13.61 -2.83 -42.96
C GLU E 78 15.06 -3.10 -42.63
N ARG E 79 15.70 -3.94 -43.44
CA ARG E 79 17.14 -4.11 -43.36
C ARG E 79 17.86 -2.87 -43.86
N LEU E 80 19.01 -2.59 -43.26
CA LEU E 80 19.86 -1.47 -43.67
C LEU E 80 21.09 -2.04 -44.35
N HIS E 81 21.06 -2.14 -45.67
CA HIS E 81 22.16 -2.71 -46.44
C HIS E 81 23.28 -1.69 -46.57
N SER E 82 23.95 -1.45 -45.44
CA SER E 82 25.13 -0.61 -45.42
C SER E 82 26.36 -1.47 -45.76
N GLN E 83 27.55 -0.89 -45.65
CA GLN E 83 28.78 -1.61 -45.93
C GLN E 83 29.42 -2.06 -44.62
N GLY E 84 29.50 -3.37 -44.42
CA GLY E 84 30.14 -3.89 -43.23
C GLY E 84 31.65 -3.78 -43.29
N ASN E 85 32.26 -3.84 -42.11
CA ASN E 85 33.71 -3.77 -42.03
C ASN E 85 34.32 -5.12 -42.42
N LEU E 86 35.62 -5.09 -42.72
CA LEU E 86 36.34 -6.26 -43.15
C LEU E 86 37.43 -6.61 -42.15
N SER E 87 37.75 -7.90 -42.07
CA SER E 87 38.78 -8.39 -41.16
C SER E 87 39.70 -9.34 -41.90
N GLN E 88 40.83 -9.66 -41.26
CA GLN E 88 41.84 -10.55 -41.84
C GLN E 88 41.64 -11.94 -41.26
N THR E 89 40.92 -12.79 -42.00
CA THR E 89 40.75 -14.17 -41.56
C THR E 89 41.87 -15.08 -42.08
N ASN E 90 42.51 -14.71 -43.18
CA ASN E 90 43.65 -15.45 -43.73
C ASN E 90 43.30 -16.90 -44.04
N ASN E 91 42.29 -17.05 -44.90
CA ASN E 91 41.91 -18.35 -45.46
C ASN E 91 41.88 -18.23 -46.98
N SER E 92 42.39 -19.27 -47.64
CA SER E 92 42.45 -19.24 -49.10
C SER E 92 41.06 -19.26 -49.72
N LYS E 93 40.07 -19.80 -49.01
CA LYS E 93 38.71 -19.95 -49.53
C LYS E 93 37.73 -19.01 -48.84
N ASP E 94 38.20 -17.87 -48.35
CA ASP E 94 37.35 -16.85 -47.77
C ASP E 94 37.38 -15.61 -48.65
N VAL E 95 36.20 -15.12 -49.02
CA VAL E 95 36.08 -13.97 -49.91
C VAL E 95 35.14 -12.96 -49.29
N ALA E 96 35.47 -11.69 -49.46
CA ALA E 96 34.62 -10.59 -49.03
C ALA E 96 34.28 -9.73 -50.23
N ILE E 97 33.08 -9.16 -50.22
CA ILE E 97 32.59 -8.36 -51.33
C ILE E 97 32.50 -6.91 -50.88
N LYS E 98 33.20 -6.02 -51.56
CA LYS E 98 33.22 -4.60 -51.23
C LYS E 98 32.36 -3.85 -52.23
N GLY E 99 31.40 -3.09 -51.73
CA GLY E 99 30.47 -2.40 -52.59
C GLY E 99 29.06 -2.95 -52.46
N GLN E 100 28.47 -3.36 -53.57
CA GLN E 100 27.14 -3.94 -53.57
C GLN E 100 27.11 -5.14 -54.50
N GLY E 101 26.22 -6.06 -54.22
CA GLY E 101 26.11 -7.30 -54.96
C GLY E 101 25.85 -8.46 -54.03
N PHE E 102 25.52 -9.60 -54.61
CA PHE E 102 25.24 -10.80 -53.84
C PHE E 102 25.80 -12.02 -54.56
N PHE E 103 26.19 -13.03 -53.79
CA PHE E 103 26.55 -14.32 -54.35
C PHE E 103 25.30 -15.17 -54.51
N GLN E 104 25.10 -15.69 -55.72
CA GLN E 104 23.95 -16.53 -55.99
C GLN E 104 24.18 -17.93 -55.41
N VAL E 105 23.07 -18.61 -55.08
CA VAL E 105 23.14 -19.95 -54.53
C VAL E 105 21.86 -20.68 -54.92
N MET E 106 21.94 -22.01 -54.97
CA MET E 106 20.83 -22.84 -55.43
C MET E 106 20.26 -23.62 -54.25
N LEU E 107 18.96 -23.45 -54.00
CA LEU E 107 18.29 -24.18 -52.95
C LEU E 107 18.01 -25.61 -53.39
N PRO E 108 17.89 -26.54 -52.44
CA PRO E 108 17.68 -27.95 -52.82
C PRO E 108 16.46 -28.18 -53.69
N ASP E 109 15.38 -27.43 -53.49
CA ASP E 109 14.22 -27.60 -54.36
C ASP E 109 14.51 -27.16 -55.78
N GLY E 110 15.33 -26.13 -55.96
CA GLY E 110 15.71 -25.72 -57.30
C GLY E 110 15.79 -24.22 -57.52
N THR E 111 15.13 -23.43 -56.68
CA THR E 111 15.13 -21.99 -56.86
C THR E 111 16.49 -21.41 -56.48
N SER E 112 16.61 -20.09 -56.60
CA SER E 112 17.87 -19.39 -56.35
C SER E 112 17.70 -18.42 -55.20
N ALA E 113 18.63 -18.47 -54.25
CA ALA E 113 18.73 -17.50 -53.17
C ALA E 113 20.00 -16.67 -53.35
N TYR E 114 20.10 -15.59 -52.59
CA TYR E 114 21.23 -14.69 -52.68
C TYR E 114 21.78 -14.43 -51.29
N THR E 115 23.10 -14.36 -51.19
CA THR E 115 23.76 -14.25 -49.89
C THR E 115 24.88 -13.23 -49.94
N ARG E 116 25.25 -12.74 -48.76
CA ARG E 116 26.41 -11.87 -48.61
C ARG E 116 27.56 -12.56 -47.87
N ASP E 117 27.39 -13.81 -47.47
CA ASP E 117 28.42 -14.51 -46.74
C ASP E 117 29.60 -14.83 -47.65
N GLY E 118 30.74 -15.16 -47.03
CA GLY E 118 31.93 -15.44 -47.79
C GLY E 118 32.66 -16.70 -47.40
N SER E 119 32.23 -17.36 -46.33
CA SER E 119 32.89 -18.57 -45.85
C SER E 119 32.56 -19.71 -46.80
N PHE E 120 33.36 -19.81 -47.86
CA PHE E 120 33.14 -20.83 -48.88
C PHE E 120 33.96 -22.07 -48.57
N GLN E 121 33.29 -23.23 -48.62
CA GLN E 121 33.96 -24.50 -48.37
C GLN E 121 33.85 -25.39 -49.61
N VAL E 122 34.26 -26.64 -49.48
CA VAL E 122 34.21 -27.60 -50.57
C VAL E 122 33.43 -28.82 -50.11
N ASP E 123 32.51 -29.28 -50.96
CA ASP E 123 31.77 -30.48 -50.65
C ASP E 123 32.65 -31.70 -50.88
N GLN E 124 32.10 -32.89 -50.59
CA GLN E 124 32.87 -34.12 -50.76
C GLN E 124 33.24 -34.37 -52.22
N ASN E 125 32.45 -33.84 -53.16
CA ASN E 125 32.67 -34.08 -54.58
C ASN E 125 33.52 -33.00 -55.25
N GLY E 126 33.99 -32.02 -54.49
CA GLY E 126 34.86 -31.01 -55.04
C GLY E 126 34.18 -29.78 -55.61
N GLN E 127 32.91 -29.55 -55.29
CA GLN E 127 32.19 -28.37 -55.73
C GLN E 127 32.19 -27.32 -54.64
N LEU E 128 32.38 -26.07 -55.03
CA LEU E 128 32.44 -24.97 -54.07
C LEU E 128 31.06 -24.74 -53.48
N VAL E 129 30.90 -25.06 -52.20
CA VAL E 129 29.62 -24.91 -51.51
C VAL E 129 29.82 -24.00 -50.31
N THR E 130 28.73 -23.41 -49.85
CA THR E 130 28.76 -22.54 -48.69
C THR E 130 28.43 -23.33 -47.43
N ALA E 131 28.57 -22.67 -46.28
CA ALA E 131 28.30 -23.31 -44.99
C ALA E 131 26.81 -23.59 -44.89
N GLY E 132 26.43 -24.86 -44.97
CA GLY E 132 25.03 -25.24 -44.91
C GLY E 132 24.67 -26.28 -45.96
N GLY E 133 25.57 -26.52 -46.90
CA GLY E 133 25.38 -27.49 -47.94
C GLY E 133 24.97 -26.93 -49.29
N PHE E 134 24.51 -25.68 -49.33
CA PHE E 134 24.13 -25.09 -50.60
C PHE E 134 25.36 -24.81 -51.45
N GLN E 135 25.20 -24.96 -52.77
CA GLN E 135 26.27 -24.75 -53.71
C GLN E 135 25.96 -23.56 -54.61
N VAL E 136 27.01 -22.84 -55.01
CA VAL E 136 26.85 -21.67 -55.85
C VAL E 136 26.25 -22.06 -57.19
N GLN E 137 25.39 -21.19 -57.72
CA GLN E 137 24.68 -21.50 -58.96
C GLN E 137 25.60 -21.72 -60.17
N PRO E 138 26.64 -20.88 -60.43
CA PRO E 138 27.47 -21.11 -61.62
C PRO E 138 28.20 -22.45 -61.63
N ALA E 139 28.09 -23.21 -60.54
CA ALA E 139 28.62 -24.57 -60.45
C ALA E 139 30.13 -24.59 -60.67
N ILE E 140 30.85 -23.95 -59.76
CA ILE E 140 32.31 -23.97 -59.77
C ILE E 140 32.78 -25.18 -58.97
N THR E 141 33.65 -25.99 -59.57
CA THR E 141 34.18 -27.18 -58.93
C THR E 141 35.68 -27.07 -58.78
N ILE E 142 36.18 -27.60 -57.66
CA ILE E 142 37.61 -27.59 -57.38
C ILE E 142 38.18 -28.98 -57.60
N PRO E 143 39.08 -29.16 -58.55
CA PRO E 143 39.65 -30.50 -58.79
C PRO E 143 40.52 -30.94 -57.63
N ALA E 144 40.69 -32.25 -57.53
CA ALA E 144 41.55 -32.81 -56.50
C ALA E 144 43.00 -32.43 -56.75
N ASN E 145 43.87 -32.87 -55.84
CA ASN E 145 45.31 -32.58 -55.85
C ASN E 145 45.58 -31.12 -56.21
N ALA E 146 44.84 -30.23 -55.56
CA ALA E 146 44.95 -28.80 -55.80
C ALA E 146 45.87 -28.18 -54.75
N LEU E 147 46.86 -27.42 -55.21
CA LEU E 147 47.78 -26.77 -54.28
C LEU E 147 47.17 -25.52 -53.67
N SER E 148 46.80 -24.56 -54.50
CA SER E 148 46.28 -23.29 -54.01
C SER E 148 45.21 -22.76 -54.95
N ILE E 149 44.20 -22.14 -54.36
CA ILE E 149 43.09 -21.52 -55.10
C ILE E 149 43.22 -20.02 -54.92
N THR E 150 43.36 -19.30 -56.03
CA THR E 150 43.52 -17.86 -56.01
C THR E 150 42.35 -17.21 -56.72
N ILE E 151 41.69 -16.27 -56.05
CA ILE E 151 40.54 -15.56 -56.60
C ILE E 151 40.96 -14.11 -56.81
N GLY E 152 40.86 -13.64 -58.05
CA GLY E 152 41.33 -12.32 -58.40
C GLY E 152 40.41 -11.24 -57.90
N ARG E 153 40.80 -9.99 -58.18
CA ARG E 153 39.96 -8.86 -57.83
C ARG E 153 38.65 -8.88 -58.58
N ASP E 154 38.65 -9.32 -59.83
CA ASP E 154 37.44 -9.56 -60.57
C ASP E 154 36.98 -11.00 -60.33
N GLY E 155 36.04 -11.47 -61.14
CA GLY E 155 35.43 -12.75 -60.89
C GLY E 155 36.23 -13.98 -61.26
N VAL E 156 37.40 -13.82 -61.89
CA VAL E 156 38.18 -14.98 -62.32
C VAL E 156 38.78 -15.70 -61.11
N VAL E 157 38.64 -17.01 -61.08
CA VAL E 157 39.20 -17.85 -60.03
C VAL E 157 40.04 -18.95 -60.67
N SER E 158 41.26 -19.12 -60.19
CA SER E 158 42.19 -20.08 -60.76
C SER E 158 42.71 -21.01 -59.68
N VAL E 159 43.16 -22.18 -60.10
CA VAL E 159 43.69 -23.19 -59.20
C VAL E 159 45.05 -23.61 -59.72
N THR E 160 45.91 -24.10 -58.81
CA THR E 160 47.23 -24.59 -59.17
C THR E 160 47.36 -26.05 -58.75
N GLN E 161 47.73 -26.90 -59.69
CA GLN E 161 47.99 -28.31 -59.39
C GLN E 161 49.46 -28.49 -59.04
N GLN E 162 49.91 -29.74 -58.95
CA GLN E 162 51.29 -30.03 -58.57
C GLN E 162 52.27 -29.49 -59.61
N GLY E 163 51.97 -29.70 -60.89
CA GLY E 163 52.87 -29.34 -61.96
C GLY E 163 52.25 -28.34 -62.91
N GLN E 164 52.70 -28.40 -64.16
CA GLN E 164 52.28 -27.58 -65.30
C GLN E 164 52.81 -26.15 -65.21
N ALA E 165 53.40 -25.74 -64.08
CA ALA E 165 54.09 -24.46 -63.93
C ALA E 165 53.25 -23.27 -64.39
N ALA E 166 51.92 -23.40 -64.33
CA ALA E 166 51.04 -22.32 -64.75
C ALA E 166 49.65 -22.56 -64.17
N PRO E 167 48.95 -21.51 -63.77
CA PRO E 167 47.60 -21.69 -63.26
C PRO E 167 46.63 -22.01 -64.38
N VAL E 168 45.54 -22.69 -64.01
CA VAL E 168 44.46 -23.01 -64.94
C VAL E 168 43.17 -22.40 -64.41
N GLN E 169 42.45 -21.70 -65.28
CA GLN E 169 41.21 -21.06 -64.91
C GLN E 169 40.09 -22.10 -64.77
N VAL E 170 39.25 -21.91 -63.76
CA VAL E 170 38.17 -22.84 -63.47
C VAL E 170 36.81 -22.25 -63.82
N GLY E 171 36.53 -21.03 -63.35
CA GLY E 171 35.23 -20.44 -63.60
C GLY E 171 35.24 -18.96 -63.29
N GLN E 172 34.04 -18.39 -63.34
CA GLN E 172 33.83 -16.96 -63.10
C GLN E 172 32.80 -16.79 -62.00
N LEU E 173 33.11 -15.97 -61.01
CA LEU E 173 32.19 -15.71 -59.91
C LEU E 173 31.40 -14.43 -60.18
N ASN E 174 30.47 -14.54 -61.12
CA ASN E 174 29.55 -13.44 -61.39
C ASN E 174 28.65 -13.22 -60.19
N LEU E 175 28.35 -11.94 -59.93
CA LEU E 175 27.50 -11.58 -58.81
C LEU E 175 26.33 -10.75 -59.30
N THR E 176 25.22 -10.85 -58.60
CA THR E 176 23.97 -10.23 -59.02
C THR E 176 23.58 -9.11 -58.08
N THR E 177 22.98 -8.08 -58.64
CA THR E 177 22.47 -6.95 -57.89
C THR E 177 20.98 -6.79 -58.16
N PHE E 178 20.36 -5.94 -57.34
CA PHE E 178 18.94 -5.66 -57.43
C PHE E 178 18.72 -4.15 -57.42
N MET E 179 17.60 -3.73 -58.00
CA MET E 179 17.25 -2.31 -57.97
C MET E 179 17.02 -1.84 -56.54
N ASN E 180 16.33 -2.63 -55.73
CA ASN E 180 15.98 -2.26 -54.36
C ASN E 180 16.41 -3.39 -53.44
N ASP E 181 17.63 -3.31 -52.92
CA ASP E 181 18.13 -4.35 -52.02
C ASP E 181 17.33 -4.43 -50.73
N THR E 182 16.67 -3.35 -50.32
CA THR E 182 15.93 -3.36 -49.07
C THR E 182 14.69 -4.24 -49.16
N GLY E 183 14.12 -4.39 -50.34
CA GLY E 183 12.90 -5.16 -50.50
C GLY E 183 13.06 -6.67 -50.44
N LEU E 184 14.30 -7.17 -50.50
CA LEU E 184 14.52 -8.59 -50.39
C LEU E 184 14.08 -9.09 -49.02
N GLU E 185 13.33 -10.19 -48.99
CA GLU E 185 12.89 -10.77 -47.74
C GLU E 185 13.92 -11.78 -47.26
N SER E 186 14.27 -11.71 -45.99
CA SER E 186 15.27 -12.62 -45.44
C SER E 186 14.62 -13.94 -45.07
N ILE E 187 15.42 -15.00 -45.13
CA ILE E 187 15.04 -16.31 -44.65
C ILE E 187 16.14 -16.81 -43.72
N GLY E 188 16.01 -18.05 -43.26
CA GLY E 188 16.96 -18.60 -42.33
C GLY E 188 18.34 -18.78 -42.93
N GLU E 189 19.25 -19.23 -42.08
CA GLU E 189 20.65 -19.52 -42.41
C GLU E 189 21.27 -18.50 -43.36
N ASN E 190 21.00 -17.22 -43.11
CA ASN E 190 21.72 -16.11 -43.75
C ASN E 190 21.59 -16.14 -45.28
N LEU E 191 20.34 -16.02 -45.75
CA LEU E 191 20.05 -16.03 -47.16
C LEU E 191 19.00 -14.97 -47.48
N TYR E 192 18.94 -14.59 -48.75
CA TYR E 192 17.92 -13.67 -49.25
C TYR E 192 17.37 -14.23 -50.55
N ILE E 193 16.09 -13.97 -50.80
CA ILE E 193 15.44 -14.42 -52.02
C ILE E 193 14.73 -13.26 -52.69
N GLU E 194 14.52 -13.39 -53.99
CA GLU E 194 13.92 -12.32 -54.77
C GLU E 194 12.43 -12.21 -54.48
N THR E 195 11.95 -10.96 -54.42
CA THR E 195 10.52 -10.71 -54.27
C THR E 195 10.06 -9.70 -55.30
N GLN E 196 8.79 -9.28 -55.21
CA GLN E 196 8.30 -8.27 -56.13
C GLN E 196 8.83 -6.88 -55.80
N SER E 197 9.06 -6.60 -54.52
CA SER E 197 9.52 -5.26 -54.13
C SER E 197 10.85 -4.94 -54.78
N SER E 198 11.79 -5.87 -54.75
CA SER E 198 13.05 -5.70 -55.46
C SER E 198 12.87 -6.06 -56.93
N GLY E 199 13.68 -5.44 -57.77
CA GLY E 199 13.59 -5.68 -59.19
C GLY E 199 14.16 -7.04 -59.57
N ALA E 200 14.07 -7.34 -60.86
CA ALA E 200 14.66 -8.56 -61.36
C ALA E 200 16.17 -8.52 -61.21
N PRO E 201 16.80 -9.57 -60.72
CA PRO E 201 18.25 -9.54 -60.51
C PRO E 201 19.00 -9.34 -61.82
N ASN E 202 20.05 -8.54 -61.77
CA ASN E 202 20.95 -8.40 -62.91
C ASN E 202 22.33 -8.93 -62.53
N GLU E 203 22.87 -9.81 -63.37
CA GLU E 203 24.12 -10.50 -63.09
C GLU E 203 25.25 -9.84 -63.86
N SER E 204 26.39 -9.66 -63.21
CA SER E 204 27.53 -9.03 -63.87
C SER E 204 28.82 -9.49 -63.21
N THR E 205 29.93 -9.28 -63.93
CA THR E 205 31.24 -9.49 -63.35
C THR E 205 31.53 -8.39 -62.33
N PRO E 206 32.37 -8.67 -61.34
CA PRO E 206 32.70 -7.65 -60.36
C PRO E 206 33.37 -6.45 -61.00
N GLY E 207 33.08 -5.27 -60.45
CA GLY E 207 33.71 -4.04 -60.90
C GLY E 207 33.01 -3.33 -62.04
N LEU E 208 31.93 -3.90 -62.57
CA LEU E 208 31.22 -3.30 -63.69
C LEU E 208 29.78 -3.03 -63.31
N ASN E 209 29.23 -1.95 -63.86
CA ASN E 209 27.82 -1.57 -63.67
C ASN E 209 27.50 -1.39 -62.19
N GLY E 210 28.45 -0.85 -61.43
CA GLY E 210 28.23 -0.57 -60.04
C GLY E 210 28.44 -1.73 -59.09
N ALA E 211 28.76 -2.91 -59.59
CA ALA E 211 29.01 -4.04 -58.71
C ALA E 211 30.32 -3.86 -57.96
N GLY E 212 30.44 -4.58 -56.85
CA GLY E 212 31.59 -4.48 -55.99
C GLY E 212 32.78 -5.29 -56.50
N LEU E 213 33.75 -5.48 -55.62
CA LEU E 213 34.96 -6.22 -55.93
C LEU E 213 35.17 -7.31 -54.90
N LEU E 214 35.83 -8.39 -55.32
CA LEU E 214 36.09 -9.52 -54.45
C LEU E 214 37.49 -9.40 -53.86
N TYR E 215 37.59 -9.62 -52.56
CA TYR E 215 38.87 -9.65 -51.85
C TYR E 215 39.02 -11.03 -51.23
N GLN E 216 40.10 -11.73 -51.59
CA GLN E 216 40.34 -13.06 -51.06
C GLN E 216 41.00 -12.97 -49.69
N GLY E 217 40.65 -13.91 -48.83
CA GLY E 217 41.24 -13.97 -47.51
C GLY E 217 40.65 -13.02 -46.48
N TYR E 218 39.54 -12.37 -46.80
CA TYR E 218 38.86 -11.48 -45.88
C TYR E 218 37.48 -12.02 -45.55
N VAL E 219 36.81 -11.36 -44.61
CA VAL E 219 35.45 -11.70 -44.23
C VAL E 219 34.78 -10.43 -43.73
N GLU E 220 33.50 -10.27 -44.04
CA GLU E 220 32.77 -9.05 -43.74
C GLU E 220 31.96 -9.23 -42.45
N THR E 221 32.22 -8.39 -41.47
CA THR E 221 31.51 -8.46 -40.20
C THR E 221 30.17 -7.74 -40.29
N SER E 222 29.33 -8.00 -39.30
CA SER E 222 27.99 -7.43 -39.27
C SER E 222 28.06 -5.92 -39.11
N ASN E 223 27.07 -5.23 -39.66
CA ASN E 223 27.03 -3.76 -39.58
C ASN E 223 26.23 -3.30 -38.37
N VAL E 224 26.58 -3.78 -37.19
CA VAL E 224 25.90 -3.43 -35.95
C VAL E 224 26.90 -2.75 -35.03
N ASN E 225 26.53 -1.59 -34.52
CA ASN E 225 27.36 -0.83 -33.58
C ASN E 225 26.76 -0.95 -32.19
N VAL E 226 27.55 -1.43 -31.23
CA VAL E 226 27.04 -1.70 -29.90
C VAL E 226 26.84 -0.41 -29.11
N ALA E 227 27.45 0.69 -29.54
CA ALA E 227 27.41 1.91 -28.76
C ALA E 227 26.00 2.47 -28.65
N GLU E 228 25.31 2.62 -29.78
CA GLU E 228 23.98 3.23 -29.77
C GLU E 228 22.87 2.25 -29.42
N GLU E 229 23.14 0.94 -29.48
CA GLU E 229 22.11 -0.02 -29.11
C GLU E 229 21.72 0.12 -27.64
N LEU E 230 22.70 0.37 -26.77
CA LEU E 230 22.39 0.49 -25.35
C LEU E 230 21.54 1.72 -25.06
N VAL E 231 21.85 2.85 -25.70
CA VAL E 231 21.03 4.04 -25.47
C VAL E 231 19.64 3.85 -26.07
N ASN E 232 19.53 3.13 -27.18
CA ASN E 232 18.21 2.80 -27.70
C ASN E 232 17.44 1.93 -26.72
N MET E 233 18.13 1.00 -26.06
CA MET E 233 17.48 0.19 -25.02
C MET E 233 16.97 1.07 -23.90
N ILE E 234 17.77 2.04 -23.47
CA ILE E 234 17.34 2.93 -22.39
C ILE E 234 16.07 3.69 -22.80
N GLN E 235 16.10 4.27 -24.01
CA GLN E 235 14.96 5.06 -24.45
C GLN E 235 13.71 4.22 -24.60
N VAL E 236 13.84 3.02 -25.17
CA VAL E 236 12.65 2.19 -25.37
C VAL E 236 12.11 1.69 -24.04
N GLN E 237 12.99 1.41 -23.07
CA GLN E 237 12.52 1.03 -21.75
C GLN E 237 11.73 2.17 -21.10
N ARG E 238 12.23 3.40 -21.22
CA ARG E 238 11.50 4.53 -20.64
C ARG E 238 10.15 4.73 -21.31
N ALA E 239 10.10 4.61 -22.64
CA ALA E 239 8.83 4.75 -23.34
C ALA E 239 7.83 3.68 -22.93
N TYR E 240 8.31 2.43 -22.79
CA TYR E 240 7.44 1.34 -22.37
C TYR E 240 6.89 1.59 -20.97
N GLU E 241 7.75 2.06 -20.06
CA GLU E 241 7.29 2.36 -18.71
C GLU E 241 6.26 3.47 -18.72
N ILE E 242 6.46 4.49 -19.57
CA ILE E 242 5.49 5.58 -19.66
C ILE E 242 4.13 5.07 -20.13
N ASN E 243 4.14 4.22 -21.17
CA ASN E 243 2.88 3.68 -21.67
C ASN E 243 2.18 2.83 -20.62
N SER E 244 2.94 2.03 -19.87
CA SER E 244 2.34 1.24 -18.80
C SER E 244 1.71 2.14 -17.74
N LYS E 245 2.39 3.23 -17.40
CA LYS E 245 1.83 4.17 -16.43
C LYS E 245 0.55 4.81 -16.96
N ALA E 246 0.50 5.08 -18.27
CA ALA E 246 -0.73 5.60 -18.85
C ALA E 246 -1.86 4.60 -18.73
N VAL E 247 -1.58 3.32 -18.97
CA VAL E 247 -2.59 2.28 -18.78
C VAL E 247 -3.09 2.28 -17.34
N SER E 248 -2.16 2.38 -16.39
CA SER E 248 -2.54 2.38 -14.99
C SER E 248 -3.43 3.58 -14.65
N THR E 249 -3.09 4.75 -15.19
CA THR E 249 -3.90 5.93 -14.94
C THR E 249 -5.31 5.77 -15.50
N THR E 250 -5.42 5.22 -16.72
CA THR E 250 -6.74 4.98 -17.28
C THR E 250 -7.55 4.02 -16.42
N ASP E 251 -6.91 2.95 -15.95
CA ASP E 251 -7.63 1.97 -15.14
C ASP E 251 -8.10 2.60 -13.82
N GLN E 252 -7.24 3.38 -13.18
CA GLN E 252 -7.63 4.04 -11.93
C GLN E 252 -8.77 5.01 -12.17
N MET E 253 -8.72 5.78 -13.26
CA MET E 253 -9.78 6.71 -13.57
C MET E 253 -11.11 5.99 -13.76
N LEU E 254 -11.09 4.89 -14.51
CA LEU E 254 -12.31 4.13 -14.74
C LEU E 254 -12.84 3.53 -13.45
N GLN E 255 -11.95 3.02 -12.60
CA GLN E 255 -12.37 2.44 -11.33
C GLN E 255 -13.02 3.49 -10.43
N LYS E 256 -12.43 4.68 -10.37
CA LYS E 256 -13.02 5.74 -9.56
C LYS E 256 -14.33 6.22 -10.16
N LEU E 257 -14.49 6.09 -11.48
CA LEU E 257 -15.79 6.39 -12.08
C LEU E 257 -16.84 5.38 -11.65
N THR E 258 -16.52 4.10 -11.72
CA THR E 258 -17.50 3.05 -11.43
C THR E 258 -17.64 2.75 -9.95
N GLN E 259 -16.84 3.40 -9.10
CA GLN E 259 -17.01 3.22 -7.65
C GLN E 259 -18.37 3.71 -7.16
N LEU E 260 -19.08 4.49 -7.96
CA LEU E 260 -20.39 5.00 -7.56
C LEU E 260 -21.37 3.88 -7.27
N MET F 1 -13.16 -17.06 18.03
CA MET F 1 -13.83 -18.09 18.80
C MET F 1 -14.07 -19.34 17.96
N ILE F 2 -13.26 -19.53 16.94
CA ILE F 2 -13.40 -20.65 16.01
C ILE F 2 -12.16 -21.52 16.08
N SER F 3 -12.35 -22.81 15.77
CA SER F 3 -11.24 -23.75 15.81
C SER F 3 -10.11 -23.34 14.88
N SER F 4 -10.45 -22.81 13.70
CA SER F 4 -9.41 -22.34 12.79
C SER F 4 -8.62 -21.20 13.43
N LEU F 5 -9.30 -20.28 14.10
CA LEU F 5 -8.59 -19.18 14.76
C LEU F 5 -7.66 -19.69 15.84
N TRP F 6 -8.11 -20.67 16.64
CA TRP F 6 -7.23 -21.18 17.69
C TRP F 6 -6.05 -21.96 17.12
N ILE F 7 -6.28 -22.70 16.03
CA ILE F 7 -5.19 -23.41 15.38
C ILE F 7 -4.15 -22.42 14.87
N ALA F 8 -4.61 -21.33 14.25
CA ALA F 8 -3.69 -20.31 13.76
C ALA F 8 -2.94 -19.63 14.89
N LYS F 9 -3.60 -19.40 16.03
CA LYS F 9 -2.90 -18.84 17.19
C LYS F 9 -1.78 -19.75 17.65
N THR F 10 -2.06 -21.06 17.73
CA THR F 10 -1.02 -22.00 18.13
C THR F 10 0.14 -22.00 17.14
N GLY F 11 -0.17 -21.94 15.85
CA GLY F 11 0.89 -21.88 14.85
C GLY F 11 1.74 -20.63 14.98
N LEU F 12 1.10 -19.48 15.21
CA LEU F 12 1.84 -18.24 15.41
C LEU F 12 2.76 -18.33 16.62
N ASP F 13 2.26 -18.89 17.72
CA ASP F 13 3.10 -19.02 18.91
C ASP F 13 4.28 -19.95 18.67
N ALA F 14 4.05 -21.04 17.94
CA ALA F 14 5.15 -21.95 17.61
C ALA F 14 6.22 -21.24 16.78
N GLN F 15 5.79 -20.47 15.78
CA GLN F 15 6.75 -19.74 14.96
C GLN F 15 7.49 -18.70 15.79
N GLN F 16 6.80 -18.07 16.74
CA GLN F 16 7.47 -17.11 17.61
C GLN F 16 8.54 -17.77 18.45
N THR F 17 8.25 -18.96 19.00
CA THR F 17 9.27 -19.66 19.78
C THR F 17 10.45 -20.06 18.91
N ASN F 18 10.19 -20.48 17.68
CA ASN F 18 11.28 -20.82 16.76
C ASN F 18 12.15 -19.59 16.50
N MET F 19 11.53 -18.45 16.25
CA MET F 19 12.30 -17.23 16.02
C MET F 19 13.09 -16.84 17.26
N ASP F 20 12.51 -17.04 18.44
CA ASP F 20 13.21 -16.71 19.67
C ASP F 20 14.47 -17.56 19.84
N VAL F 21 14.36 -18.87 19.57
CA VAL F 21 15.55 -19.70 19.73
C VAL F 21 16.59 -19.36 18.67
N ILE F 22 16.16 -19.01 17.45
CA ILE F 22 17.13 -18.60 16.44
C ILE F 22 17.85 -17.33 16.86
N ALA F 23 17.10 -16.36 17.38
CA ALA F 23 17.72 -15.11 17.83
C ALA F 23 18.68 -15.35 18.99
N ASN F 24 18.31 -16.23 19.92
CA ASN F 24 19.21 -16.54 21.02
C ASN F 24 20.49 -17.20 20.52
N ASN F 25 20.36 -18.14 19.58
CA ASN F 25 21.54 -18.77 19.02
C ASN F 25 22.44 -17.75 18.33
N LEU F 26 21.83 -16.80 17.60
CA LEU F 26 22.65 -15.80 16.91
C LEU F 26 23.30 -14.82 17.87
N ALA F 27 22.63 -14.47 18.96
CA ALA F 27 23.12 -13.39 19.81
C ALA F 27 24.49 -13.71 20.39
N ASN F 28 24.65 -14.87 21.02
CA ASN F 28 25.92 -15.25 21.62
C ASN F 28 26.74 -16.10 20.65
N VAL F 29 26.99 -15.54 19.47
CA VAL F 29 27.82 -16.20 18.49
C VAL F 29 29.29 -16.17 18.90
N SER F 30 29.67 -15.25 19.78
CA SER F 30 31.04 -15.10 20.23
C SER F 30 31.15 -15.33 21.72
N THR F 31 30.48 -16.36 22.22
CA THR F 31 30.58 -16.77 23.62
C THR F 31 31.38 -18.06 23.68
N ASN F 32 32.48 -18.04 24.42
CA ASN F 32 33.38 -19.19 24.45
C ASN F 32 32.68 -20.39 25.07
N GLY F 33 32.68 -21.50 24.33
CA GLY F 33 32.09 -22.72 24.84
C GLY F 33 30.58 -22.81 24.77
N PHE F 34 29.95 -22.01 23.92
CA PHE F 34 28.50 -22.02 23.82
C PHE F 34 28.02 -23.13 22.89
N LYS F 35 26.92 -23.77 23.26
CA LYS F 35 26.30 -24.83 22.48
C LYS F 35 24.94 -24.37 22.00
N ARG F 36 24.68 -24.53 20.70
CA ARG F 36 23.47 -24.01 20.11
C ARG F 36 22.27 -24.89 20.43
N GLN F 37 21.09 -24.33 20.22
CA GLN F 37 19.83 -24.99 20.53
C GLN F 37 18.93 -25.02 19.31
N ARG F 38 18.08 -26.05 19.23
CA ARG F 38 17.05 -26.12 18.21
C ARG F 38 15.79 -26.69 18.84
N ALA F 39 14.65 -26.16 18.43
CA ALA F 39 13.37 -26.53 19.01
C ALA F 39 12.65 -27.54 18.13
N VAL F 40 12.03 -28.53 18.77
CA VAL F 40 11.25 -29.55 18.07
C VAL F 40 9.78 -29.32 18.38
N PHE F 41 8.94 -29.43 17.37
CA PHE F 41 7.51 -29.19 17.51
C PHE F 41 6.73 -30.49 17.34
N GLU F 42 5.70 -30.63 18.16
CA GLU F 42 4.83 -31.80 18.14
C GLU F 42 3.38 -31.32 18.12
N ASP F 43 2.59 -31.88 17.20
CA ASP F 43 1.24 -31.38 17.01
C ASP F 43 0.33 -31.80 18.16
N LEU F 44 -0.80 -31.12 18.26
CA LEU F 44 -1.74 -31.33 19.35
C LEU F 44 -2.71 -32.46 19.01
N LEU F 45 -3.76 -32.59 19.80
CA LEU F 45 -4.68 -33.71 19.66
C LEU F 45 -5.52 -33.59 18.40
N TYR F 46 -6.35 -34.60 18.16
CA TYR F 46 -7.24 -34.64 17.01
C TYR F 46 -8.65 -34.94 17.49
N GLN F 47 -9.60 -34.08 17.12
CA GLN F 47 -11.00 -34.37 17.34
C GLN F 47 -11.48 -35.33 16.27
N THR F 48 -12.13 -36.41 16.69
CA THR F 48 -12.59 -37.45 15.78
C THR F 48 -14.10 -37.35 15.65
N ILE F 49 -14.58 -37.05 14.45
CA ILE F 49 -16.02 -37.03 14.19
C ILE F 49 -16.51 -38.40 13.75
N ARG F 50 -15.85 -38.99 12.76
CA ARG F 50 -16.11 -40.35 12.34
C ARG F 50 -14.86 -41.17 12.66
N GLN F 51 -15.04 -42.21 13.47
CA GLN F 51 -13.89 -42.98 13.95
C GLN F 51 -13.24 -43.72 12.80
N PRO F 52 -11.93 -43.65 12.65
CA PRO F 52 -11.25 -44.42 11.59
C PRO F 52 -11.45 -45.91 11.81
N GLY F 53 -11.60 -46.64 10.70
CA GLY F 53 -11.87 -48.05 10.78
C GLY F 53 -13.23 -48.39 11.33
N ALA F 54 -14.18 -47.44 11.28
CA ALA F 54 -15.51 -47.69 11.80
C ALA F 54 -16.23 -48.76 10.99
N GLN F 55 -17.06 -49.53 11.66
CA GLN F 55 -17.87 -50.57 11.03
C GLN F 55 -19.09 -49.91 10.40
N SER F 56 -18.89 -49.37 9.19
CA SER F 56 -19.94 -48.59 8.55
C SER F 56 -21.14 -49.48 8.20
N SER F 57 -20.88 -50.72 7.81
CA SER F 57 -21.95 -51.66 7.51
C SER F 57 -21.63 -53.02 8.11
N GLU F 58 -22.38 -54.05 7.71
CA GLU F 58 -22.08 -55.38 8.21
C GLU F 58 -20.69 -55.83 7.81
N GLN F 59 -20.21 -55.41 6.64
CA GLN F 59 -18.88 -55.76 6.17
C GLN F 59 -17.99 -54.55 5.89
N THR F 60 -18.57 -53.41 5.52
CA THR F 60 -17.76 -52.27 5.11
C THR F 60 -17.10 -51.62 6.31
N THR F 61 -15.78 -51.42 6.22
CA THR F 61 -15.02 -50.70 7.23
C THR F 61 -14.47 -49.44 6.58
N LEU F 62 -14.62 -48.31 7.28
CA LEU F 62 -14.18 -47.05 6.72
C LEU F 62 -12.66 -47.06 6.49
N PRO F 63 -12.19 -46.80 5.27
CA PRO F 63 -10.73 -46.77 5.05
C PRO F 63 -10.03 -45.71 5.88
N SER F 64 -10.68 -44.58 6.14
CA SER F 64 -10.12 -43.56 7.01
C SER F 64 -11.25 -42.69 7.54
N GLY F 65 -11.19 -42.36 8.82
CA GLY F 65 -12.22 -41.58 9.46
C GLY F 65 -12.06 -40.09 9.22
N LEU F 66 -12.84 -39.32 9.97
CA LEU F 66 -12.81 -37.87 9.91
C LEU F 66 -12.15 -37.35 11.18
N GLN F 67 -10.98 -36.74 11.03
CA GLN F 67 -10.22 -36.23 12.17
C GLN F 67 -9.73 -34.82 11.86
N ILE F 68 -9.84 -33.94 12.85
CA ILE F 68 -9.47 -32.54 12.71
C ILE F 68 -8.40 -32.22 13.76
N GLY F 69 -7.28 -31.67 13.32
CA GLY F 69 -6.22 -31.32 14.25
C GLY F 69 -6.60 -30.17 15.14
N THR F 70 -5.89 -30.05 16.26
CA THR F 70 -6.13 -28.95 17.19
C THR F 70 -4.94 -28.00 17.31
N GLY F 71 -3.94 -28.11 16.43
CA GLY F 71 -2.84 -27.17 16.40
C GLY F 71 -1.50 -27.88 16.53
N VAL F 72 -0.52 -27.16 17.07
CA VAL F 72 0.85 -27.65 17.21
C VAL F 72 1.44 -26.98 18.44
N ARG F 73 2.23 -27.76 19.20
CA ARG F 73 2.85 -27.25 20.41
C ARG F 73 4.33 -27.56 20.42
N PRO F 74 5.14 -26.70 21.03
CA PRO F 74 6.57 -27.01 21.18
C PRO F 74 6.78 -27.95 22.37
N VAL F 75 7.56 -28.99 22.15
CA VAL F 75 7.78 -30.01 23.16
C VAL F 75 9.13 -29.88 23.84
N ALA F 76 10.19 -29.63 23.08
CA ALA F 76 11.51 -29.53 23.66
C ALA F 76 12.38 -28.58 22.85
N THR F 77 13.41 -28.06 23.50
CA THR F 77 14.45 -27.26 22.87
C THR F 77 15.78 -27.94 23.18
N GLU F 78 16.18 -28.84 22.28
CA GLU F 78 17.37 -29.65 22.53
C GLU F 78 18.63 -28.90 22.16
N ARG F 79 19.66 -29.08 22.97
CA ARG F 79 20.98 -28.52 22.69
C ARG F 79 21.76 -29.50 21.82
N LEU F 80 22.55 -28.96 20.89
CA LEU F 80 23.38 -29.80 20.04
C LEU F 80 24.80 -29.77 20.57
N HIS F 81 25.12 -30.74 21.44
CA HIS F 81 26.42 -30.79 22.10
C HIS F 81 27.49 -31.30 21.12
N SER F 82 27.76 -30.46 20.13
CA SER F 82 28.84 -30.73 19.19
C SER F 82 30.15 -30.18 19.74
N GLN F 83 31.19 -30.25 18.93
CA GLN F 83 32.50 -29.73 19.30
C GLN F 83 32.77 -28.44 18.53
N GLY F 84 33.11 -27.38 19.26
CA GLY F 84 33.41 -26.12 18.62
C GLY F 84 34.85 -26.05 18.14
N ASN F 85 35.11 -25.04 17.30
CA ASN F 85 36.45 -24.82 16.81
C ASN F 85 37.33 -24.23 17.90
N LEU F 86 38.59 -24.68 17.95
CA LEU F 86 39.56 -24.16 18.90
C LEU F 86 40.29 -22.97 18.30
N SER F 87 40.72 -22.07 19.17
CA SER F 87 41.41 -20.85 18.75
C SER F 87 42.74 -20.75 19.49
N GLN F 88 43.54 -19.78 19.08
CA GLN F 88 44.82 -19.49 19.71
C GLN F 88 44.71 -18.17 20.47
N THR F 89 45.14 -18.17 21.72
CA THR F 89 45.15 -16.95 22.52
C THR F 89 46.46 -16.70 23.24
N ASN F 90 47.34 -17.69 23.36
CA ASN F 90 48.65 -17.54 23.98
C ASN F 90 48.53 -16.95 25.40
N ASN F 91 47.83 -17.70 26.25
CA ASN F 91 47.64 -17.32 27.63
C ASN F 91 47.98 -18.50 28.53
N SER F 92 48.49 -18.18 29.72
CA SER F 92 48.89 -19.24 30.64
C SER F 92 47.69 -19.99 31.20
N LYS F 93 46.59 -19.27 31.46
CA LYS F 93 45.47 -19.81 32.19
C LYS F 93 44.21 -19.88 31.34
N ASP F 94 44.38 -20.21 30.06
CA ASP F 94 43.26 -20.47 29.16
C ASP F 94 43.32 -21.93 28.75
N VAL F 95 42.36 -22.72 29.23
CA VAL F 95 42.33 -24.16 29.00
C VAL F 95 41.09 -24.51 28.20
N ALA F 96 41.28 -25.24 27.11
CA ALA F 96 40.19 -25.72 26.27
C ALA F 96 40.21 -27.23 26.27
N ILE F 97 39.04 -27.84 26.45
CA ILE F 97 38.94 -29.29 26.50
C ILE F 97 38.44 -29.80 25.16
N LYS F 98 38.99 -30.92 24.72
CA LYS F 98 38.65 -31.53 23.45
C LYS F 98 38.03 -32.90 23.70
N GLY F 99 36.85 -33.11 23.14
CA GLY F 99 36.13 -34.36 23.34
C GLY F 99 34.85 -34.19 24.12
N GLN F 100 34.78 -34.77 25.30
CA GLN F 100 33.60 -34.69 26.15
C GLN F 100 34.03 -34.43 27.59
N GLY F 101 33.14 -33.84 28.36
CA GLY F 101 33.42 -33.58 29.75
C GLY F 101 33.09 -32.17 30.20
N PHE F 102 33.16 -31.92 31.50
CA PHE F 102 32.84 -30.61 32.06
C PHE F 102 33.70 -30.35 33.29
N PHE F 103 34.11 -29.10 33.46
CA PHE F 103 34.76 -28.71 34.70
C PHE F 103 33.72 -28.61 35.81
N GLN F 104 34.13 -28.91 37.04
CA GLN F 104 33.24 -28.78 38.18
C GLN F 104 33.50 -27.46 38.89
N VAL F 105 32.42 -26.83 39.36
CA VAL F 105 32.49 -25.52 39.98
C VAL F 105 31.67 -25.53 41.26
N MET F 106 32.22 -24.96 42.33
CA MET F 106 31.56 -24.92 43.62
C MET F 106 30.80 -23.60 43.74
N LEU F 107 29.47 -23.66 43.68
CA LEU F 107 28.66 -22.47 43.80
C LEU F 107 28.71 -21.94 45.23
N PRO F 108 28.41 -20.65 45.42
CA PRO F 108 28.50 -20.08 46.78
C PRO F 108 27.60 -20.75 47.80
N ASP F 109 26.42 -21.22 47.40
CA ASP F 109 25.49 -21.84 48.35
C ASP F 109 25.83 -23.28 48.66
N GLY F 110 27.01 -23.75 48.29
CA GLY F 110 27.49 -25.08 48.64
C GLY F 110 27.23 -26.14 47.59
N THR F 111 26.37 -25.88 46.62
CA THR F 111 26.08 -26.86 45.58
C THR F 111 27.23 -26.89 44.57
N SER F 112 27.16 -27.84 43.65
CA SER F 112 28.17 -28.02 42.62
C SER F 112 27.52 -27.98 41.25
N ALA F 113 28.01 -27.08 40.40
CA ALA F 113 27.56 -26.97 39.02
C ALA F 113 28.67 -27.45 38.09
N TYR F 114 28.35 -27.53 36.80
CA TYR F 114 29.30 -27.99 35.81
C TYR F 114 29.34 -27.01 34.65
N THR F 115 30.53 -26.74 34.15
CA THR F 115 30.74 -25.74 33.13
C THR F 115 31.61 -26.29 32.02
N ARG F 116 31.64 -25.54 30.91
CA ARG F 116 32.45 -25.89 29.74
C ARG F 116 33.41 -24.79 29.33
N ASP F 117 33.06 -23.53 29.57
CA ASP F 117 33.87 -22.39 29.16
C ASP F 117 35.13 -22.33 30.01
N GLY F 118 36.23 -22.85 29.48
CA GLY F 118 37.48 -22.80 30.20
C GLY F 118 38.30 -21.56 29.93
N SER F 119 38.21 -20.58 30.84
CA SER F 119 39.05 -19.38 30.78
C SER F 119 39.28 -18.96 32.23
N PHE F 120 40.38 -19.45 32.80
CA PHE F 120 40.59 -19.34 34.24
C PHE F 120 41.32 -18.07 34.60
N GLN F 121 41.39 -17.82 35.90
CA GLN F 121 42.12 -16.69 36.46
C GLN F 121 42.34 -16.97 37.94
N VAL F 122 43.05 -16.06 38.61
CA VAL F 122 43.42 -16.23 40.00
C VAL F 122 42.84 -15.08 40.81
N ASP F 123 42.33 -15.41 42.00
CA ASP F 123 41.81 -14.41 42.91
C ASP F 123 42.90 -13.96 43.87
N GLN F 124 42.53 -13.10 44.82
CA GLN F 124 43.51 -12.56 45.75
C GLN F 124 44.01 -13.59 46.76
N ASN F 125 43.40 -14.76 46.83
CA ASN F 125 43.83 -15.80 47.75
C ASN F 125 44.60 -16.93 47.05
N GLY F 126 44.85 -16.80 45.75
CA GLY F 126 45.59 -17.79 45.02
C GLY F 126 44.77 -18.91 44.41
N GLN F 127 43.47 -18.97 44.70
CA GLN F 127 42.63 -20.03 44.15
C GLN F 127 42.45 -19.86 42.65
N LEU F 128 42.28 -20.97 41.96
CA LEU F 128 42.06 -20.96 40.51
C LEU F 128 40.56 -20.89 40.27
N VAL F 129 40.07 -19.68 40.05
CA VAL F 129 38.64 -19.44 39.87
C VAL F 129 38.38 -19.11 38.41
N THR F 130 37.12 -19.24 38.02
CA THR F 130 36.69 -18.88 36.68
C THR F 130 36.18 -17.45 36.65
N ALA F 131 35.85 -16.99 35.45
CA ALA F 131 35.33 -15.63 35.28
C ALA F 131 33.96 -15.55 35.91
N GLY F 132 33.88 -14.91 37.08
CA GLY F 132 32.63 -14.81 37.81
C GLY F 132 32.84 -15.02 39.29
N GLY F 133 34.04 -15.44 39.68
CA GLY F 133 34.40 -15.63 41.06
C GLY F 133 34.25 -17.05 41.56
N PHE F 134 33.50 -17.89 40.86
CA PHE F 134 33.34 -19.28 41.28
C PHE F 134 34.65 -20.03 41.16
N GLN F 135 34.98 -20.81 42.18
CA GLN F 135 36.21 -21.58 42.17
C GLN F 135 35.95 -23.00 41.71
N VAL F 136 37.01 -23.69 41.33
CA VAL F 136 36.90 -25.09 40.91
C VAL F 136 36.75 -25.98 42.14
N GLN F 137 36.32 -27.21 41.92
CA GLN F 137 36.02 -28.14 43.00
C GLN F 137 37.29 -28.72 43.64
N PRO F 138 38.28 -29.18 42.86
CA PRO F 138 39.49 -29.72 43.50
C PRO F 138 40.29 -28.71 44.30
N ALA F 139 39.90 -27.43 44.30
CA ALA F 139 40.53 -26.40 45.11
C ALA F 139 42.03 -26.26 44.79
N ILE F 140 42.30 -25.86 43.56
CA ILE F 140 43.67 -25.63 43.10
C ILE F 140 44.13 -24.27 43.61
N THR F 141 45.30 -24.25 44.25
CA THR F 141 45.89 -23.03 44.78
C THR F 141 47.20 -22.73 44.07
N ILE F 142 47.37 -21.47 43.68
CA ILE F 142 48.57 -21.01 42.99
C ILE F 142 49.37 -20.16 43.97
N PRO F 143 50.54 -20.60 44.42
CA PRO F 143 51.34 -19.79 45.34
C PRO F 143 51.93 -18.58 44.64
N ALA F 144 52.32 -17.60 45.44
CA ALA F 144 52.93 -16.39 44.92
C ALA F 144 54.32 -16.69 44.38
N ASN F 145 54.99 -15.65 43.89
CA ASN F 145 56.34 -15.70 43.33
C ASN F 145 56.46 -16.71 42.18
N ALA F 146 55.34 -17.20 41.67
CA ALA F 146 55.39 -18.16 40.57
C ALA F 146 55.78 -17.47 39.28
N LEU F 147 56.46 -18.22 38.41
CA LEU F 147 56.88 -17.71 37.11
C LEU F 147 55.89 -18.06 36.01
N SER F 148 55.53 -19.33 35.89
CA SER F 148 54.59 -19.75 34.86
C SER F 148 53.83 -20.98 35.33
N ILE F 149 52.67 -21.20 34.73
CA ILE F 149 51.80 -22.33 35.05
C ILE F 149 51.64 -23.17 33.79
N THR F 150 51.94 -24.45 33.91
CA THR F 150 51.86 -25.37 32.78
C THR F 150 50.86 -26.47 33.10
N ILE F 151 49.91 -26.68 32.20
CA ILE F 151 48.93 -27.74 32.31
C ILE F 151 49.17 -28.71 31.16
N GLY F 152 49.46 -29.96 31.48
CA GLY F 152 49.81 -30.93 30.47
C GLY F 152 48.60 -31.37 29.68
N ARG F 153 48.80 -32.45 28.93
CA ARG F 153 47.69 -33.04 28.18
C ARG F 153 46.59 -33.49 29.13
N ASP F 154 46.96 -34.10 30.25
CA ASP F 154 46.04 -34.38 31.35
C ASP F 154 46.18 -33.31 32.42
N GLY F 155 45.32 -33.40 33.43
CA GLY F 155 45.21 -32.33 34.40
C GLY F 155 46.26 -32.29 35.49
N VAL F 156 47.54 -32.37 35.12
CA VAL F 156 48.63 -32.24 36.09
C VAL F 156 49.12 -30.79 36.00
N VAL F 157 48.50 -29.92 36.80
CA VAL F 157 48.91 -28.52 36.81
C VAL F 157 50.21 -28.38 37.58
N SER F 158 51.19 -27.71 36.98
CA SER F 158 52.50 -27.54 37.58
C SER F 158 52.90 -26.08 37.52
N VAL F 159 53.73 -25.67 38.48
CA VAL F 159 54.18 -24.30 38.61
C VAL F 159 55.70 -24.28 38.48
N THR F 160 56.20 -23.43 37.58
CA THR F 160 57.63 -23.22 37.45
C THR F 160 58.05 -22.12 38.41
N GLN F 161 58.94 -22.46 39.35
CA GLN F 161 59.35 -21.52 40.39
C GLN F 161 60.82 -21.14 40.21
N GLN F 162 61.21 -20.09 40.92
CA GLN F 162 62.52 -19.49 40.69
C GLN F 162 63.65 -20.38 41.19
N GLY F 163 63.53 -20.91 42.40
CA GLY F 163 64.66 -21.59 43.02
C GLY F 163 64.45 -23.05 43.37
N GLN F 164 63.73 -23.79 42.52
CA GLN F 164 63.51 -25.21 42.74
C GLN F 164 64.04 -26.08 41.62
N ALA F 165 64.44 -25.50 40.49
CA ALA F 165 65.05 -26.20 39.36
C ALA F 165 64.14 -27.26 38.75
N ALA F 166 62.88 -27.31 39.15
CA ALA F 166 61.94 -28.30 38.64
C ALA F 166 60.53 -27.85 38.97
N PRO F 167 59.55 -28.16 38.14
CA PRO F 167 58.16 -27.81 38.46
C PRO F 167 57.67 -28.59 39.67
N VAL F 168 56.71 -28.00 40.37
CA VAL F 168 56.08 -28.62 41.54
C VAL F 168 54.66 -29.03 41.15
N GLN F 169 54.32 -30.29 41.40
CA GLN F 169 53.01 -30.81 41.04
C GLN F 169 52.00 -30.28 42.05
N VAL F 170 51.34 -29.17 41.69
CA VAL F 170 50.43 -28.52 42.63
C VAL F 170 49.22 -29.40 42.92
N GLY F 171 48.61 -29.94 41.88
CA GLY F 171 47.42 -30.75 42.08
C GLY F 171 46.95 -31.38 40.80
N GLN F 172 45.77 -31.98 40.87
CA GLN F 172 45.17 -32.68 39.74
C GLN F 172 43.86 -31.99 39.36
N LEU F 173 43.63 -31.87 38.05
CA LEU F 173 42.44 -31.22 37.52
C LEU F 173 41.69 -32.23 36.65
N ASN F 174 40.68 -32.87 37.23
CA ASN F 174 39.90 -33.87 36.53
C ASN F 174 38.72 -33.20 35.83
N LEU F 175 37.80 -34.00 35.30
CA LEU F 175 36.54 -33.46 34.78
C LEU F 175 35.49 -34.54 34.84
N THR F 176 34.23 -34.12 34.80
CA THR F 176 33.10 -35.02 34.96
C THR F 176 32.37 -35.18 33.63
N THR F 177 32.00 -36.43 33.32
CA THR F 177 31.30 -36.75 32.09
C THR F 177 29.95 -37.37 32.41
N PHE F 178 28.92 -36.96 31.67
CA PHE F 178 27.59 -37.52 31.79
C PHE F 178 27.28 -38.36 30.57
N MET F 179 26.31 -39.27 30.71
CA MET F 179 25.86 -40.08 29.60
C MET F 179 24.65 -39.47 28.89
N ASN F 180 24.14 -38.34 29.38
CA ASN F 180 22.99 -37.66 28.80
C ASN F 180 23.27 -36.15 28.73
N ASP F 181 24.39 -35.78 28.13
CA ASP F 181 24.86 -34.40 28.16
C ASP F 181 23.79 -33.42 27.70
N THR F 182 22.95 -33.81 26.74
CA THR F 182 21.87 -32.94 26.31
C THR F 182 20.79 -32.76 27.36
N GLY F 183 20.74 -33.61 28.38
CA GLY F 183 19.73 -33.52 29.40
C GLY F 183 20.04 -32.58 30.54
N LEU F 184 21.21 -31.96 30.56
CA LEU F 184 21.57 -31.06 31.63
C LEU F 184 20.69 -29.82 31.62
N GLU F 185 20.37 -29.31 32.80
CA GLU F 185 19.61 -28.08 32.94
C GLU F 185 20.56 -26.91 33.03
N SER F 186 20.38 -25.93 32.15
CA SER F 186 21.29 -24.80 32.04
C SER F 186 20.80 -23.64 32.89
N ILE F 187 21.74 -22.96 33.54
CA ILE F 187 21.46 -21.72 34.23
C ILE F 187 22.35 -20.64 33.64
N GLY F 188 22.28 -19.43 34.17
CA GLY F 188 23.07 -18.35 33.64
C GLY F 188 24.55 -18.52 33.91
N GLU F 189 25.35 -17.71 33.22
CA GLU F 189 26.80 -17.64 33.42
C GLU F 189 27.49 -18.94 33.01
N ASN F 190 27.00 -19.58 31.95
CA ASN F 190 27.62 -20.77 31.37
C ASN F 190 27.85 -21.87 32.41
N LEU F 191 26.82 -22.13 33.20
CA LEU F 191 26.87 -23.18 34.21
C LEU F 191 25.72 -24.15 33.97
N TYR F 192 26.01 -25.44 34.07
CA TYR F 192 25.00 -26.49 34.00
C TYR F 192 24.93 -27.17 35.36
N ILE F 193 23.72 -27.48 35.81
CA ILE F 193 23.52 -28.17 37.07
C ILE F 193 22.97 -29.56 36.78
N GLU F 194 23.35 -30.51 37.62
CA GLU F 194 22.89 -31.88 37.46
C GLU F 194 21.40 -31.97 37.75
N THR F 195 20.69 -32.72 36.92
CA THR F 195 19.25 -32.93 37.09
C THR F 195 18.97 -34.42 37.04
N GLN F 196 17.68 -34.77 37.02
CA GLN F 196 17.30 -36.17 36.99
C GLN F 196 17.49 -36.78 35.61
N SER F 197 17.22 -36.02 34.55
CA SER F 197 17.38 -36.54 33.21
C SER F 197 18.83 -36.90 32.94
N SER F 198 19.76 -36.04 33.34
CA SER F 198 21.17 -36.38 33.25
C SER F 198 21.55 -37.36 34.35
N GLY F 199 22.40 -38.31 34.00
CA GLY F 199 22.82 -39.31 34.96
C GLY F 199 23.76 -38.75 36.01
N ALA F 200 24.08 -39.58 36.98
CA ALA F 200 25.02 -39.18 38.02
C ALA F 200 26.42 -39.05 37.43
N PRO F 201 27.10 -37.94 37.65
CA PRO F 201 28.45 -37.77 37.09
C PRO F 201 29.43 -38.76 37.69
N ASN F 202 30.44 -39.11 36.91
CA ASN F 202 31.54 -39.96 37.35
C ASN F 202 32.84 -39.25 36.96
N GLU F 203 33.41 -38.51 37.91
CA GLU F 203 34.60 -37.72 37.64
C GLU F 203 35.77 -38.62 37.27
N SER F 204 36.56 -38.17 36.29
CA SER F 204 37.70 -38.95 35.83
C SER F 204 38.79 -38.02 35.33
N THR F 205 40.00 -38.54 35.27
CA THR F 205 41.12 -37.82 34.70
C THR F 205 40.98 -37.76 33.18
N PRO F 206 41.60 -36.77 32.54
CA PRO F 206 41.52 -36.69 31.07
C PRO F 206 42.13 -37.92 30.42
N GLY F 207 41.55 -38.31 29.29
CA GLY F 207 42.08 -39.40 28.50
C GLY F 207 41.59 -40.79 28.88
N LEU F 208 40.78 -40.91 29.93
CA LEU F 208 40.26 -42.20 30.37
C LEU F 208 38.75 -42.20 30.32
N ASN F 209 38.19 -43.37 30.03
CA ASN F 209 36.74 -43.57 29.97
C ASN F 209 36.06 -42.61 28.99
N GLY F 210 36.74 -42.32 27.89
CA GLY F 210 36.19 -41.45 26.87
C GLY F 210 36.28 -39.97 27.18
N ALA F 211 36.92 -39.58 28.27
CA ALA F 211 37.02 -38.18 28.62
C ALA F 211 37.95 -37.44 27.66
N GLY F 212 37.76 -36.13 27.56
CA GLY F 212 38.54 -35.31 26.66
C GLY F 212 39.88 -34.93 27.24
N LEU F 213 40.64 -34.20 26.44
CA LEU F 213 42.00 -33.77 26.80
C LEU F 213 42.05 -32.26 26.97
N LEU F 214 42.87 -31.81 27.91
CA LEU F 214 43.04 -30.39 28.15
C LEU F 214 44.17 -29.85 27.28
N TYR F 215 43.97 -28.63 26.78
CA TYR F 215 44.99 -27.91 26.03
C TYR F 215 45.13 -26.53 26.63
N GLN F 216 46.36 -26.09 26.83
CA GLN F 216 46.62 -24.75 27.35
C GLN F 216 46.75 -23.76 26.21
N GLY F 217 46.24 -22.56 26.41
CA GLY F 217 46.35 -21.52 25.41
C GLY F 217 45.29 -21.56 24.33
N TYR F 218 44.28 -22.40 24.45
CA TYR F 218 43.19 -22.47 23.49
C TYR F 218 41.88 -22.11 24.18
N VAL F 219 40.96 -21.55 23.41
CA VAL F 219 39.62 -21.24 23.89
C VAL F 219 38.61 -21.82 22.91
N GLU F 220 37.63 -22.55 23.43
CA GLU F 220 36.65 -23.23 22.60
C GLU F 220 35.53 -22.25 22.25
N THR F 221 35.46 -21.86 20.98
CA THR F 221 34.45 -20.90 20.55
C THR F 221 33.08 -21.56 20.48
N SER F 222 32.05 -20.71 20.37
CA SER F 222 30.68 -21.22 20.28
C SER F 222 30.51 -22.03 19.01
N ASN F 223 29.74 -23.11 19.10
CA ASN F 223 29.54 -23.98 17.95
C ASN F 223 28.31 -23.55 17.14
N VAL F 224 28.24 -22.26 16.81
CA VAL F 224 27.10 -21.71 16.08
C VAL F 224 27.53 -21.45 14.65
N ASN F 225 26.75 -21.96 13.70
CA ASN F 225 27.02 -21.79 12.28
C ASN F 225 26.15 -20.65 11.77
N VAL F 226 26.78 -19.52 11.45
CA VAL F 226 26.03 -18.34 11.02
C VAL F 226 25.40 -18.56 9.66
N ALA F 227 26.05 -19.34 8.79
CA ALA F 227 25.60 -19.49 7.41
C ALA F 227 24.24 -20.17 7.27
N GLU F 228 23.74 -20.80 8.34
CA GLU F 228 22.43 -21.46 8.28
C GLU F 228 21.34 -20.68 9.00
N GLU F 229 21.70 -19.82 9.95
CA GLU F 229 20.70 -19.07 10.68
C GLU F 229 19.98 -18.07 9.78
N LEU F 230 20.64 -17.57 8.74
CA LEU F 230 19.96 -16.67 7.80
C LEU F 230 18.83 -17.40 7.09
N VAL F 231 19.10 -18.60 6.61
CA VAL F 231 18.06 -19.39 5.95
C VAL F 231 16.94 -19.72 6.94
N ASN F 232 17.31 -20.06 8.17
CA ASN F 232 16.29 -20.33 9.17
C ASN F 232 15.41 -19.13 9.41
N MET F 233 16.01 -17.93 9.49
CA MET F 233 15.21 -16.73 9.71
C MET F 233 14.29 -16.45 8.53
N ILE F 234 14.77 -16.68 7.31
CA ILE F 234 13.91 -16.47 6.14
C ILE F 234 12.71 -17.41 6.18
N GLN F 235 12.95 -18.69 6.48
CA GLN F 235 11.87 -19.65 6.58
C GLN F 235 10.89 -19.27 7.68
N VAL F 236 11.41 -18.82 8.83
CA VAL F 236 10.55 -18.43 9.94
C VAL F 236 9.67 -17.25 9.56
N GLN F 237 10.26 -16.26 8.89
CA GLN F 237 9.47 -15.09 8.48
C GLN F 237 8.36 -15.48 7.51
N ARG F 238 8.67 -16.35 6.56
CA ARG F 238 7.64 -16.78 5.62
C ARG F 238 6.52 -17.53 6.32
N ALA F 239 6.88 -18.42 7.26
CA ALA F 239 5.85 -19.16 7.98
C ALA F 239 4.96 -18.23 8.80
N TYR F 240 5.57 -17.24 9.46
CA TYR F 240 4.80 -16.29 10.25
C TYR F 240 3.84 -15.49 9.37
N GLU F 241 4.32 -15.05 8.20
CA GLU F 241 3.45 -14.31 7.29
C GLU F 241 2.28 -15.17 6.82
N ILE F 242 2.56 -16.45 6.52
CA ILE F 242 1.48 -17.34 6.07
C ILE F 242 0.43 -17.51 7.16
N ASN F 243 0.87 -17.73 8.40
CA ASN F 243 -0.09 -17.91 9.48
C ASN F 243 -0.89 -16.64 9.73
N SER F 244 -0.25 -15.47 9.64
CA SER F 244 -1.00 -14.22 9.76
C SER F 244 -2.03 -14.09 8.66
N LYS F 245 -1.68 -14.51 7.44
CA LYS F 245 -2.65 -14.51 6.35
C LYS F 245 -3.84 -15.40 6.68
N ALA F 246 -3.58 -16.57 7.28
CA ALA F 246 -4.67 -17.46 7.65
C ALA F 246 -5.59 -16.80 8.69
N VAL F 247 -5.00 -16.13 9.68
CA VAL F 247 -5.81 -15.44 10.68
C VAL F 247 -6.68 -14.38 10.04
N SER F 248 -6.09 -13.59 9.13
CA SER F 248 -6.85 -12.54 8.46
C SER F 248 -7.97 -13.11 7.61
N THR F 249 -7.72 -14.23 6.93
CA THR F 249 -8.77 -14.86 6.15
C THR F 249 -9.91 -15.33 7.03
N THR F 250 -9.60 -15.94 8.18
CA THR F 250 -10.65 -16.36 9.09
C THR F 250 -11.46 -15.15 9.57
N ASP F 251 -10.78 -14.05 9.91
CA ASP F 251 -11.50 -12.87 10.38
C ASP F 251 -12.41 -12.31 9.30
N GLN F 252 -11.93 -12.23 8.06
CA GLN F 252 -12.76 -11.74 6.98
C GLN F 252 -13.96 -12.65 6.75
N MET F 253 -13.76 -13.97 6.83
CA MET F 253 -14.85 -14.90 6.68
C MET F 253 -15.92 -14.66 7.75
N LEU F 254 -15.48 -14.48 9.00
CA LEU F 254 -16.43 -14.25 10.08
C LEU F 254 -17.16 -12.92 9.90
N GLN F 255 -16.45 -11.89 9.45
CA GLN F 255 -17.09 -10.59 9.22
C GLN F 255 -18.14 -10.68 8.13
N LYS F 256 -17.84 -11.37 7.03
CA LYS F 256 -18.84 -11.54 5.98
C LYS F 256 -20.00 -12.38 6.46
N LEU F 257 -19.76 -13.33 7.36
CA LEU F 257 -20.85 -14.08 7.95
C LEU F 257 -21.76 -13.18 8.79
N THR F 258 -21.18 -12.31 9.60
CA THR F 258 -21.96 -11.53 10.54
C THR F 258 -22.49 -10.22 9.98
N GLN F 259 -22.08 -9.83 8.77
CA GLN F 259 -22.62 -8.60 8.19
C GLN F 259 -24.05 -8.74 7.68
N LEU F 260 -24.57 -9.96 7.59
CA LEU F 260 -25.94 -10.15 7.12
C LEU F 260 -26.93 -9.69 8.19
N MET G 1 -15.46 7.42 25.67
CA MET G 1 -16.10 7.46 26.98
C MET G 1 -16.04 6.11 27.66
N ILE G 2 -15.08 5.28 27.24
CA ILE G 2 -14.94 3.93 27.76
C ILE G 2 -13.57 3.80 28.42
N SER G 3 -13.50 2.91 29.41
CA SER G 3 -12.26 2.71 30.14
C SER G 3 -11.14 2.23 29.23
N SER G 4 -11.46 1.34 28.29
CA SER G 4 -10.45 0.88 27.34
C SER G 4 -9.92 2.04 26.51
N LEU G 5 -10.82 2.92 26.06
CA LEU G 5 -10.39 4.06 25.26
C LEU G 5 -9.49 5.00 26.07
N TRP G 6 -9.84 5.25 27.33
CA TRP G 6 -8.98 6.11 28.15
C TRP G 6 -7.63 5.47 28.42
N ILE G 7 -7.60 4.16 28.65
CA ILE G 7 -6.34 3.46 28.84
C ILE G 7 -5.46 3.58 27.61
N ALA G 8 -6.07 3.39 26.42
CA ALA G 8 -5.31 3.50 25.19
C ALA G 8 -4.79 4.91 24.97
N LYS G 9 -5.60 5.92 25.32
CA LYS G 9 -5.14 7.30 25.20
C LYS G 9 -3.93 7.56 26.10
N THR G 10 -3.97 7.05 27.34
CA THR G 10 -2.82 7.22 28.22
C THR G 10 -1.59 6.52 27.66
N GLY G 11 -1.77 5.33 27.08
CA GLY G 11 -0.65 4.64 26.47
C GLY G 11 -0.06 5.42 25.31
N LEU G 12 -0.94 6.00 24.48
CA LEU G 12 -0.46 6.83 23.38
C LEU G 12 0.35 8.02 23.88
N ASP G 13 -0.14 8.68 24.94
CA ASP G 13 0.60 9.81 25.49
C ASP G 13 1.95 9.38 26.02
N ALA G 14 2.01 8.23 26.70
CA ALA G 14 3.29 7.75 27.23
C ALA G 14 4.27 7.47 26.10
N GLN G 15 3.80 6.84 25.02
CA GLN G 15 4.69 6.57 23.89
C GLN G 15 5.14 7.87 23.22
N GLN G 16 4.25 8.86 23.14
CA GLN G 16 4.64 10.15 22.58
C GLN G 16 5.74 10.80 23.41
N THR G 17 5.62 10.76 24.74
CA THR G 17 6.64 11.34 25.58
C THR G 17 7.97 10.60 25.45
N ASN G 18 7.91 9.27 25.33
CA ASN G 18 9.14 8.51 25.13
C ASN G 18 9.81 8.89 23.81
N MET G 19 9.02 9.03 22.74
CA MET G 19 9.58 9.45 21.47
C MET G 19 10.16 10.85 21.56
N ASP G 20 9.52 11.73 22.33
CA ASP G 20 10.03 13.08 22.49
C ASP G 20 11.38 13.08 23.18
N VAL G 21 11.54 12.30 24.24
CA VAL G 21 12.83 12.29 24.94
C VAL G 21 13.90 11.65 24.05
N ILE G 22 13.54 10.63 23.27
CA ILE G 22 14.50 10.03 22.35
C ILE G 22 14.96 11.06 21.32
N ALA G 23 14.01 11.81 20.75
CA ALA G 23 14.37 12.81 19.75
C ALA G 23 15.19 13.93 20.35
N ASN G 24 14.89 14.33 21.59
CA ASN G 24 15.70 15.34 22.26
C ASN G 24 17.13 14.85 22.47
N ASN G 25 17.29 13.59 22.89
CA ASN G 25 18.64 13.04 23.02
C ASN G 25 19.36 13.01 21.68
N LEU G 26 18.65 12.66 20.61
CA LEU G 26 19.30 12.59 19.30
C LEU G 26 19.69 13.97 18.79
N ALA G 27 18.86 14.99 19.05
CA ALA G 27 19.06 16.29 18.40
C ALA G 27 20.39 16.91 18.78
N ASN G 28 20.68 16.99 20.08
CA ASN G 28 21.93 17.60 20.54
C ASN G 28 23.00 16.52 20.75
N VAL G 29 23.28 15.79 19.66
CA VAL G 29 24.31 14.77 19.72
C VAL G 29 25.70 15.37 19.69
N SER G 30 25.83 16.62 19.25
CA SER G 30 27.11 17.29 19.14
C SER G 30 27.20 18.49 20.09
N THR G 31 26.67 18.33 21.30
CA THR G 31 26.73 19.36 22.32
C THR G 31 27.75 18.94 23.37
N ASN G 32 28.75 19.77 23.60
CA ASN G 32 29.80 19.42 24.55
C ASN G 32 29.25 19.32 25.96
N GLY G 33 29.67 18.28 26.68
CA GLY G 33 29.24 18.10 28.05
C GLY G 33 27.76 17.88 28.21
N PHE G 34 27.18 17.02 27.40
CA PHE G 34 25.75 16.74 27.43
C PHE G 34 25.48 15.32 27.88
N LYS G 35 24.41 15.14 28.65
CA LYS G 35 24.05 13.88 29.26
C LYS G 35 22.72 13.40 28.69
N ARG G 36 22.60 12.09 28.47
CA ARG G 36 21.38 11.53 27.92
C ARG G 36 20.32 11.40 29.00
N GLN G 37 19.07 11.30 28.57
CA GLN G 37 17.93 11.16 29.46
C GLN G 37 17.18 9.87 29.14
N ARG G 38 16.57 9.29 30.18
CA ARG G 38 15.76 8.09 30.02
C ARG G 38 14.54 8.21 30.92
N ALA G 39 13.36 7.91 30.37
CA ALA G 39 12.12 8.00 31.10
C ALA G 39 11.86 6.74 31.91
N VAL G 40 11.14 6.90 33.02
CA VAL G 40 10.72 5.77 33.85
C VAL G 40 9.20 5.80 33.95
N PHE G 41 8.57 4.64 33.74
CA PHE G 41 7.12 4.54 33.66
C PHE G 41 6.59 3.72 34.83
N GLU G 42 5.41 4.11 35.31
CA GLU G 42 4.69 3.35 36.32
C GLU G 42 3.23 3.27 35.92
N ASP G 43 2.57 2.21 36.37
CA ASP G 43 1.17 2.02 36.06
C ASP G 43 0.30 2.88 36.97
N LEU G 44 -0.89 3.23 36.47
CA LEU G 44 -1.83 4.05 37.22
C LEU G 44 -2.56 3.18 38.24
N LEU G 45 -3.62 3.73 38.82
CA LEU G 45 -4.36 3.02 39.85
C LEU G 45 -5.15 1.86 39.25
N TYR G 46 -5.43 0.89 40.12
CA TYR G 46 -6.27 -0.26 39.77
C TYR G 46 -7.59 -0.11 40.52
N GLN G 47 -8.70 -0.10 39.78
CA GLN G 47 -10.01 -0.08 40.39
C GLN G 47 -10.46 -1.52 40.65
N THR G 48 -10.88 -1.78 41.88
CA THR G 48 -11.12 -3.14 42.37
C THR G 48 -12.61 -3.41 42.41
N ILE G 49 -13.04 -4.47 41.73
CA ILE G 49 -14.43 -4.88 41.81
C ILE G 49 -14.62 -5.83 43.00
N ARG G 50 -13.75 -6.82 43.13
CA ARG G 50 -13.75 -7.74 44.26
C ARG G 50 -12.38 -7.68 44.93
N GLN G 51 -12.38 -7.43 46.23
CA GLN G 51 -11.13 -7.24 46.94
C GLN G 51 -10.34 -8.54 46.98
N PRO G 52 -9.06 -8.53 46.62
CA PRO G 52 -8.25 -9.74 46.75
C PRO G 52 -8.19 -10.20 48.20
N GLY G 53 -8.21 -11.51 48.41
CA GLY G 53 -8.28 -12.04 49.74
C GLY G 53 -9.63 -11.92 50.39
N ALA G 54 -10.69 -11.73 49.62
CA ALA G 54 -12.03 -11.60 50.18
C ALA G 54 -12.46 -12.89 50.85
N GLN G 55 -13.19 -12.75 51.96
CA GLN G 55 -13.72 -13.89 52.70
C GLN G 55 -14.99 -14.34 52.01
N SER G 56 -14.85 -15.24 51.03
CA SER G 56 -15.99 -15.63 50.22
C SER G 56 -17.03 -16.38 51.05
N SER G 57 -16.59 -17.23 51.96
CA SER G 57 -17.47 -17.97 52.84
C SER G 57 -16.83 -18.04 54.21
N GLU G 58 -17.35 -18.92 55.07
CA GLU G 58 -16.78 -19.08 56.39
C GLU G 58 -15.33 -19.58 56.32
N GLN G 59 -14.99 -20.30 55.26
CA GLN G 59 -13.65 -20.86 55.09
C GLN G 59 -12.95 -20.39 53.83
N THR G 60 -13.67 -20.26 52.72
CA THR G 60 -13.05 -19.95 51.44
C THR G 60 -12.57 -18.50 51.40
N THR G 61 -11.34 -18.32 50.93
CA THR G 61 -10.77 -17.01 50.67
C THR G 61 -10.40 -16.92 49.20
N LEU G 62 -10.76 -15.82 48.57
CA LEU G 62 -10.49 -15.66 47.14
C LEU G 62 -8.98 -15.62 46.90
N PRO G 63 -8.42 -16.52 46.10
CA PRO G 63 -6.99 -16.46 45.83
C PRO G 63 -6.55 -15.16 45.17
N SER G 64 -7.40 -14.58 44.32
CA SER G 64 -7.05 -13.34 43.63
C SER G 64 -8.34 -12.62 43.27
N GLY G 65 -8.44 -11.36 43.66
CA GLY G 65 -9.62 -10.57 43.38
C GLY G 65 -9.66 -10.10 41.94
N LEU G 66 -10.67 -9.28 41.64
CA LEU G 66 -10.86 -8.71 40.31
C LEU G 66 -10.45 -7.25 40.33
N GLN G 67 -9.46 -6.90 39.51
CA GLN G 67 -8.95 -5.54 39.44
C GLN G 67 -8.74 -5.16 37.98
N ILE G 68 -9.05 -3.90 37.65
CA ILE G 68 -8.87 -3.37 36.31
C ILE G 68 -7.93 -2.18 36.40
N GLY G 69 -6.87 -2.21 35.59
CA GLY G 69 -5.92 -1.11 35.59
C GLY G 69 -6.49 0.14 34.95
N THR G 70 -5.82 1.26 35.20
CA THR G 70 -6.23 2.52 34.59
C THR G 70 -5.29 3.03 33.51
N GLY G 71 -4.02 2.66 33.55
CA GLY G 71 -3.10 3.07 32.51
C GLY G 71 -1.70 3.22 33.07
N VAL G 72 -0.89 3.99 32.33
CA VAL G 72 0.51 4.21 32.66
C VAL G 72 0.81 5.70 32.55
N ARG G 73 1.54 6.23 33.53
CA ARG G 73 1.96 7.62 33.49
C ARG G 73 3.47 7.69 33.69
N PRO G 74 4.15 8.60 33.00
CA PRO G 74 5.59 8.75 33.22
C PRO G 74 5.86 9.36 34.58
N VAL G 75 6.92 8.89 35.22
CA VAL G 75 7.26 9.33 36.57
C VAL G 75 8.34 10.39 36.53
N ALA G 76 9.45 10.07 35.87
CA ALA G 76 10.59 10.97 35.85
C ALA G 76 11.45 10.67 34.63
N THR G 77 12.39 11.57 34.36
CA THR G 77 13.38 11.40 33.30
C THR G 77 14.75 11.54 33.94
N GLU G 78 15.41 10.42 34.18
CA GLU G 78 16.72 10.43 34.80
C GLU G 78 17.80 10.76 33.77
N ARG G 79 18.75 11.60 34.19
CA ARG G 79 19.91 11.94 33.38
C ARG G 79 21.05 11.03 33.76
N LEU G 80 21.63 10.35 32.77
CA LEU G 80 22.72 9.42 33.03
C LEU G 80 24.02 10.20 33.12
N HIS G 81 24.43 10.53 34.35
CA HIS G 81 25.64 11.32 34.58
C HIS G 81 26.89 10.46 34.44
N SER G 82 27.06 9.89 33.25
CA SER G 82 28.23 9.09 32.94
C SER G 82 29.39 10.03 32.59
N GLN G 83 30.47 9.45 32.06
CA GLN G 83 31.63 10.22 31.64
C GLN G 83 31.63 10.32 30.13
N GLY G 84 31.59 11.55 29.62
CA GLY G 84 31.62 11.76 28.18
C GLY G 84 32.98 11.43 27.60
N ASN G 85 32.98 11.06 26.32
CA ASN G 85 34.22 10.75 25.64
C ASN G 85 35.00 12.04 25.39
N LEU G 86 36.29 12.02 25.72
CA LEU G 86 37.12 13.20 25.58
C LEU G 86 37.65 13.33 24.16
N SER G 87 37.55 14.53 23.62
CA SER G 87 38.09 14.86 22.31
C SER G 87 39.31 15.75 22.48
N GLN G 88 39.96 16.06 21.36
CA GLN G 88 41.14 16.92 21.35
C GLN G 88 40.95 18.02 20.32
N THR G 89 41.33 19.25 20.69
CA THR G 89 41.24 20.38 19.78
C THR G 89 42.49 21.26 19.76
N ASN G 90 43.40 21.10 20.71
CA ASN G 90 44.64 21.87 20.77
C ASN G 90 44.36 23.37 20.84
N ASN G 91 43.64 23.76 21.89
CA ASN G 91 43.35 25.16 22.18
C ASN G 91 43.82 25.50 23.58
N SER G 92 44.20 26.76 23.77
CA SER G 92 44.71 27.18 25.07
C SER G 92 43.61 27.22 26.11
N LYS G 93 42.42 27.67 25.73
CA LYS G 93 41.36 27.96 26.69
C LYS G 93 40.32 26.85 26.81
N ASP G 94 40.27 25.91 25.86
CA ASP G 94 39.33 24.80 25.97
C ASP G 94 39.78 23.84 27.06
N VAL G 95 38.95 23.65 28.08
CA VAL G 95 39.29 22.83 29.23
C VAL G 95 38.20 21.79 29.43
N ALA G 96 38.60 20.53 29.57
CA ALA G 96 37.69 19.45 29.87
C ALA G 96 37.89 18.97 31.29
N ILE G 97 36.81 18.48 31.90
CA ILE G 97 36.84 18.00 33.28
C ILE G 97 36.51 16.52 33.28
N LYS G 98 37.39 15.73 33.88
CA LYS G 98 37.27 14.28 33.90
C LYS G 98 36.92 13.83 35.31
N GLY G 99 35.75 13.20 35.45
CA GLY G 99 35.32 12.74 36.76
C GLY G 99 33.96 13.29 37.16
N GLN G 100 33.93 14.10 38.21
CA GLN G 100 32.70 14.68 38.73
C GLN G 100 32.91 16.18 38.95
N GLY G 101 31.85 16.85 39.39
CA GLY G 101 31.92 18.26 39.69
C GLY G 101 31.55 19.14 38.51
N PHE G 102 31.31 20.41 38.81
CA PHE G 102 30.89 21.38 37.82
C PHE G 102 31.62 22.70 38.05
N PHE G 103 31.85 23.41 36.96
CA PHE G 103 32.32 24.79 37.08
C PHE G 103 31.17 25.67 37.53
N GLN G 104 31.46 26.64 38.39
CA GLN G 104 30.44 27.51 38.95
C GLN G 104 30.49 28.86 38.28
N VAL G 105 29.34 29.34 37.81
CA VAL G 105 29.23 30.63 37.14
C VAL G 105 28.14 31.44 37.85
N MET G 106 28.14 32.74 37.60
CA MET G 106 27.14 33.64 38.16
C MET G 106 26.20 34.12 37.07
N LEU G 107 24.91 33.93 37.27
CA LEU G 107 23.92 34.45 36.34
C LEU G 107 23.84 35.98 36.49
N PRO G 108 23.37 36.67 35.45
CA PRO G 108 23.33 38.14 35.53
C PRO G 108 22.51 38.67 36.69
N ASP G 109 21.41 38.01 37.04
CA ASP G 109 20.56 38.51 38.11
C ASP G 109 21.17 38.33 39.50
N GLY G 110 22.26 37.56 39.62
CA GLY G 110 22.97 37.41 40.87
C GLY G 110 23.05 36.00 41.39
N THR G 111 22.19 35.09 40.93
CA THR G 111 22.21 33.73 41.43
C THR G 111 23.42 32.97 40.89
N SER G 112 23.63 31.79 41.45
CA SER G 112 24.76 30.94 41.09
C SER G 112 24.26 29.72 40.35
N ALA G 113 24.92 29.38 39.24
CA ALA G 113 24.58 28.22 38.44
C ALA G 113 25.83 27.39 38.22
N TYR G 114 25.64 26.16 37.74
CA TYR G 114 26.73 25.22 37.56
C TYR G 114 26.65 24.60 36.18
N THR G 115 27.81 24.31 35.60
CA THR G 115 27.89 23.78 34.26
C THR G 115 28.97 22.72 34.17
N ARG G 116 28.82 21.82 33.19
CA ARG G 116 29.79 20.77 32.96
C ARG G 116 30.63 21.01 31.71
N ASP G 117 30.12 21.79 30.76
CA ASP G 117 30.81 22.02 29.49
C ASP G 117 31.86 23.11 29.67
N GLY G 118 33.12 22.75 29.47
CA GLY G 118 34.20 23.71 29.53
C GLY G 118 34.67 24.19 28.17
N SER G 119 34.23 25.38 27.77
CA SER G 119 34.74 26.03 26.55
C SER G 119 34.73 27.53 26.82
N PHE G 120 35.86 28.04 27.29
CA PHE G 120 35.95 29.39 27.83
C PHE G 120 36.40 30.39 26.75
N GLN G 121 36.06 31.65 26.99
CA GLN G 121 36.53 32.76 26.19
C GLN G 121 36.97 33.89 27.13
N VAL G 122 37.34 35.02 26.55
CA VAL G 122 37.81 36.18 27.31
C VAL G 122 36.96 37.37 26.90
N ASP G 123 36.49 38.13 27.89
CA ASP G 123 35.72 39.34 27.63
C ASP G 123 36.69 40.50 27.44
N GLN G 124 36.16 41.72 27.31
CA GLN G 124 37.02 42.87 27.07
C GLN G 124 37.94 43.14 28.26
N ASN G 125 37.45 43.01 29.49
CA ASN G 125 38.25 43.33 30.66
C ASN G 125 39.25 42.23 31.00
N GLY G 126 39.19 41.08 30.34
CA GLY G 126 40.10 39.99 30.64
C GLY G 126 39.58 38.97 31.63
N GLN G 127 38.30 39.01 31.96
CA GLN G 127 37.71 38.06 32.89
C GLN G 127 37.31 36.79 32.15
N LEU G 128 37.64 35.64 32.72
CA LEU G 128 37.36 34.37 32.07
C LEU G 128 35.87 34.09 32.10
N VAL G 129 35.25 34.06 30.91
CA VAL G 129 33.82 33.85 30.79
C VAL G 129 33.56 32.65 29.91
N THR G 130 32.38 32.04 30.10
CA THR G 130 31.99 30.89 29.32
C THR G 130 31.40 31.34 27.98
N ALA G 131 30.96 30.37 27.20
CA ALA G 131 30.33 30.68 25.91
C ALA G 131 28.93 31.24 26.16
N GLY G 132 28.84 32.58 26.24
CA GLY G 132 27.57 33.21 26.54
C GLY G 132 27.73 34.44 27.42
N GLY G 133 28.93 34.66 27.92
CA GLY G 133 29.25 35.84 28.69
C GLY G 133 29.28 35.65 30.19
N PHE G 134 28.68 34.58 30.69
CA PHE G 134 28.69 34.34 32.13
C PHE G 134 30.11 34.08 32.62
N GLN G 135 30.47 34.72 33.72
CA GLN G 135 31.82 34.63 34.24
C GLN G 135 31.91 33.61 35.36
N VAL G 136 33.06 32.94 35.45
CA VAL G 136 33.25 31.90 36.45
C VAL G 136 33.31 32.52 37.84
N GLN G 137 32.91 31.73 38.84
CA GLN G 137 32.76 32.27 40.19
C GLN G 137 34.05 32.81 40.80
N PRO G 138 35.20 32.11 40.77
CA PRO G 138 36.40 32.66 41.40
C PRO G 138 36.90 33.96 40.77
N ALA G 139 36.29 34.41 39.67
CA ALA G 139 36.61 35.69 39.04
C ALA G 139 38.07 35.74 38.59
N ILE G 140 38.41 34.82 37.69
CA ILE G 140 39.75 34.78 37.11
C ILE G 140 39.88 35.89 36.07
N THR G 141 40.94 36.68 36.17
CA THR G 141 41.19 37.77 35.25
C THR G 141 42.52 37.54 34.52
N ILE G 142 42.48 37.63 33.20
CA ILE G 142 43.67 37.43 32.37
C ILE G 142 44.29 38.80 32.12
N PRO G 143 45.55 39.02 32.47
CA PRO G 143 46.16 40.33 32.26
C PRO G 143 46.50 40.55 30.79
N ALA G 144 46.89 41.78 30.48
CA ALA G 144 47.34 42.11 29.14
C ALA G 144 48.71 41.48 28.88
N ASN G 145 49.21 41.67 27.65
CA ASN G 145 50.49 41.14 27.20
C ASN G 145 50.73 39.72 27.69
N ALA G 146 49.73 38.87 27.48
CA ALA G 146 49.77 37.48 27.91
C ALA G 146 50.21 36.62 26.74
N LEU G 147 51.43 36.10 26.80
CA LEU G 147 51.94 35.25 25.73
C LEU G 147 51.15 33.96 25.63
N SER G 148 50.98 33.26 26.75
CA SER G 148 50.20 32.03 26.76
C SER G 148 49.78 31.72 28.19
N ILE G 149 48.53 31.28 28.34
CA ILE G 149 47.99 30.88 29.63
C ILE G 149 47.96 29.36 29.69
N THR G 150 48.22 28.83 30.87
CA THR G 150 48.31 27.39 31.09
C THR G 150 47.46 27.03 32.29
N ILE G 151 46.83 25.86 32.23
CA ILE G 151 46.03 25.32 33.32
C ILE G 151 46.55 23.93 33.64
N GLY G 152 47.04 23.75 34.86
CA GLY G 152 47.67 22.51 35.25
C GLY G 152 46.67 21.40 35.47
N ARG G 153 47.18 20.26 35.94
CA ARG G 153 46.32 19.13 36.25
C ARG G 153 45.33 19.47 37.36
N ASP G 154 45.80 20.17 38.39
CA ASP G 154 44.90 20.68 39.42
C ASP G 154 44.33 22.02 38.97
N GLY G 155 43.71 22.75 39.88
CA GLY G 155 43.01 23.96 39.54
C GLY G 155 43.85 25.21 39.40
N VAL G 156 45.18 25.09 39.39
CA VAL G 156 46.04 26.26 39.28
C VAL G 156 46.11 26.71 37.83
N VAL G 157 45.92 28.01 37.61
CA VAL G 157 46.00 28.61 36.28
C VAL G 157 47.03 29.72 36.32
N SER G 158 47.98 29.68 35.40
CA SER G 158 49.04 30.67 35.32
C SER G 158 49.12 31.22 33.91
N VAL G 159 49.98 32.22 33.73
CA VAL G 159 50.19 32.83 32.42
C VAL G 159 51.62 33.32 32.35
N THR G 160 52.28 33.07 31.22
CA THR G 160 53.65 33.51 31.02
C THR G 160 53.64 34.93 30.45
N GLN G 161 54.65 35.70 30.80
CA GLN G 161 54.80 37.06 30.29
C GLN G 161 56.21 37.27 29.78
N GLN G 162 56.32 38.17 28.80
CA GLN G 162 57.62 38.41 28.15
C GLN G 162 58.63 39.00 29.13
N GLY G 163 58.18 39.91 30.00
CA GLY G 163 59.08 40.63 30.86
C GLY G 163 59.68 39.85 32.01
N GLN G 164 59.18 38.66 32.28
CA GLN G 164 59.68 37.81 33.35
C GLN G 164 60.11 36.46 32.79
N ALA G 165 60.54 35.58 33.68
CA ALA G 165 60.93 34.22 33.34
C ALA G 165 60.01 33.19 33.97
N ALA G 166 59.86 33.22 35.29
CA ALA G 166 58.96 32.29 35.97
C ALA G 166 57.51 32.74 35.76
N PRO G 167 56.63 31.86 35.28
CA PRO G 167 55.24 32.26 35.06
C PRO G 167 54.58 32.70 36.36
N VAL G 168 53.71 33.71 36.25
CA VAL G 168 53.03 34.30 37.39
C VAL G 168 51.65 33.69 37.51
N GLN G 169 51.36 33.11 38.68
CA GLN G 169 50.05 32.52 38.92
C GLN G 169 49.01 33.61 39.10
N VAL G 170 47.79 33.34 38.64
CA VAL G 170 46.69 34.30 38.66
C VAL G 170 45.57 33.86 39.59
N GLY G 171 44.97 32.71 39.32
CA GLY G 171 43.82 32.28 40.10
C GLY G 171 43.76 30.79 40.34
N GLN G 172 42.62 30.31 40.84
CA GLN G 172 42.44 28.89 41.13
C GLN G 172 41.09 28.46 40.59
N LEU G 173 41.07 27.34 39.87
CA LEU G 173 39.83 26.83 39.29
C LEU G 173 39.24 25.73 40.17
N ASN G 174 38.81 26.14 41.36
CA ASN G 174 38.09 25.23 42.23
C ASN G 174 36.77 24.85 41.58
N LEU G 175 36.38 23.59 41.74
CA LEU G 175 35.11 23.12 41.21
C LEU G 175 34.30 22.50 42.34
N THR G 176 32.99 22.65 42.24
CA THR G 176 32.08 22.19 43.28
C THR G 176 31.33 20.96 42.82
N THR G 177 31.11 20.05 43.76
CA THR G 177 30.36 18.83 43.50
C THR G 177 29.12 18.80 44.39
N PHE G 178 28.28 17.79 44.15
CA PHE G 178 27.01 17.63 44.83
C PHE G 178 26.90 16.21 45.36
N MET G 179 26.07 16.05 46.40
CA MET G 179 25.78 14.72 46.91
C MET G 179 25.05 13.88 45.86
N ASN G 180 24.08 14.48 45.18
CA ASN G 180 23.30 13.79 44.15
C ASN G 180 23.20 14.72 42.94
N ASP G 181 23.93 14.39 41.88
CA ASP G 181 23.95 15.21 40.68
C ASP G 181 22.77 14.92 39.75
N THR G 182 22.03 13.83 39.97
CA THR G 182 20.88 13.54 39.13
C THR G 182 19.76 14.54 39.36
N GLY G 183 19.59 15.01 40.59
CA GLY G 183 18.50 15.89 40.95
C GLY G 183 18.68 17.34 40.57
N LEU G 184 19.74 17.69 39.85
CA LEU G 184 19.94 19.07 39.44
C LEU G 184 18.89 19.47 38.42
N GLU G 185 18.21 20.58 38.66
CA GLU G 185 17.25 21.13 37.71
C GLU G 185 18.01 21.80 36.58
N SER G 186 17.75 21.36 35.35
CA SER G 186 18.48 21.85 34.20
C SER G 186 17.70 22.96 33.51
N ILE G 187 18.42 23.96 33.02
CA ILE G 187 17.86 25.03 32.21
C ILE G 187 18.68 25.11 30.93
N GLY G 188 18.40 26.10 30.09
CA GLY G 188 19.09 26.21 28.82
C GLY G 188 20.60 26.38 28.92
N GLU G 189 21.25 26.44 27.76
CA GLU G 189 22.69 26.66 27.61
C GLU G 189 23.51 25.91 28.65
N ASN G 190 23.18 24.62 28.84
CA ASN G 190 23.99 23.71 29.62
C ASN G 190 24.25 24.23 31.04
N LEU G 191 23.22 24.76 31.68
CA LEU G 191 23.33 25.27 33.03
C LEU G 191 22.40 24.50 33.95
N TYR G 192 22.93 24.05 35.08
CA TYR G 192 22.15 23.41 36.12
C TYR G 192 22.13 24.28 37.36
N ILE G 193 21.00 24.32 38.05
CA ILE G 193 20.86 25.12 39.26
C ILE G 193 20.58 24.19 40.43
N GLU G 194 20.93 24.66 41.62
CA GLU G 194 20.69 23.87 42.84
C GLU G 194 19.20 23.78 43.11
N THR G 195 18.79 22.64 43.67
CA THR G 195 17.40 22.42 44.04
C THR G 195 17.38 21.68 45.37
N GLN G 196 16.18 21.31 45.82
CA GLN G 196 16.04 20.64 47.10
C GLN G 196 16.56 19.21 47.04
N SER G 197 16.31 18.51 45.94
CA SER G 197 16.75 17.12 45.83
C SER G 197 18.27 17.03 45.84
N SER G 198 18.93 17.88 45.07
CA SER G 198 20.39 17.91 45.09
C SER G 198 20.89 18.51 46.39
N GLY G 199 21.96 17.94 46.93
CA GLY G 199 22.50 18.38 48.19
C GLY G 199 23.14 19.75 48.07
N ALA G 200 23.63 20.23 49.22
CA ALA G 200 24.33 21.50 49.24
C ALA G 200 25.66 21.36 48.48
N PRO G 201 25.94 22.23 47.53
CA PRO G 201 27.20 22.11 46.78
C PRO G 201 28.39 22.35 47.69
N ASN G 202 29.44 21.55 47.49
CA ASN G 202 30.68 21.71 48.22
C ASN G 202 31.83 21.84 47.24
N GLU G 203 32.65 22.87 47.43
CA GLU G 203 33.74 23.18 46.51
C GLU G 203 35.02 22.47 46.94
N SER G 204 35.87 22.17 45.97
CA SER G 204 37.15 21.56 46.25
C SER G 204 38.07 21.78 45.07
N THR G 205 39.37 21.63 45.32
CA THR G 205 40.34 21.63 44.25
C THR G 205 40.22 20.33 43.45
N PRO G 206 40.51 20.38 42.16
CA PRO G 206 40.44 19.16 41.35
C PRO G 206 41.41 18.10 41.86
N GLY G 207 40.97 16.84 41.78
CA GLY G 207 41.78 15.73 42.25
C GLY G 207 41.64 15.39 43.71
N LEU G 208 40.79 16.10 44.46
CA LEU G 208 40.61 15.86 45.87
C LEU G 208 39.13 15.68 46.18
N ASN G 209 38.86 14.98 47.28
CA ASN G 209 37.49 14.76 47.76
C ASN G 209 36.61 14.12 46.68
N GLY G 210 37.20 13.24 45.88
CA GLY G 210 36.47 12.53 44.86
C GLY G 210 36.21 13.34 43.60
N ALA G 211 36.68 14.58 43.53
CA ALA G 211 36.43 15.39 42.35
C ALA G 211 37.31 14.93 41.19
N GLY G 212 37.11 15.56 40.04
CA GLY G 212 37.80 15.19 38.82
C GLY G 212 39.10 15.93 38.62
N LEU G 213 39.57 15.92 37.37
CA LEU G 213 40.80 16.57 36.97
C LEU G 213 40.51 17.47 35.77
N LEU G 214 41.40 18.44 35.56
CA LEU G 214 41.29 19.35 34.44
C LEU G 214 42.31 18.99 33.37
N TYR G 215 41.86 18.86 32.13
CA TYR G 215 42.71 18.63 30.98
C TYR G 215 42.58 19.82 30.05
N GLN G 216 43.69 20.48 29.76
CA GLN G 216 43.67 21.62 28.86
C GLN G 216 43.76 21.13 27.41
N GLY G 217 43.02 21.79 26.53
CA GLY G 217 43.00 21.41 25.14
C GLY G 217 42.00 20.34 24.78
N TYR G 218 41.25 19.82 25.74
CA TYR G 218 40.24 18.81 25.48
C TYR G 218 38.86 19.37 25.76
N VAL G 219 37.86 18.80 25.08
CA VAL G 219 36.47 19.16 25.27
C VAL G 219 35.68 17.87 25.47
N GLU G 220 34.79 17.87 26.46
CA GLU G 220 34.02 16.67 26.81
C GLU G 220 32.79 16.59 25.92
N THR G 221 32.79 15.69 24.96
CA THR G 221 31.66 15.51 24.06
C THR G 221 30.50 14.83 24.78
N SER G 222 29.32 14.94 24.18
CA SER G 222 28.12 14.39 24.79
C SER G 222 28.20 12.87 24.89
N ASN G 223 27.64 12.32 25.95
CA ASN G 223 27.65 10.86 26.10
C ASN G 223 26.40 10.21 25.52
N VAL G 224 26.09 10.55 24.28
CA VAL G 224 24.92 10.02 23.59
C VAL G 224 25.39 8.99 22.58
N ASN G 225 24.94 7.74 22.75
CA ASN G 225 25.31 6.65 21.87
C ASN G 225 24.22 6.47 20.82
N VAL G 226 24.59 6.63 19.55
CA VAL G 226 23.61 6.56 18.47
C VAL G 226 23.27 5.13 18.11
N ALA G 227 23.99 4.15 18.66
CA ALA G 227 23.78 2.75 18.28
C ALA G 227 22.40 2.24 18.68
N GLU G 228 21.94 2.53 19.89
CA GLU G 228 20.67 2.02 20.38
C GLU G 228 19.51 2.98 20.21
N GLU G 229 19.76 4.22 19.80
CA GLU G 229 18.66 5.13 19.56
C GLU G 229 17.78 4.65 18.40
N LEU G 230 18.38 4.04 17.39
CA LEU G 230 17.60 3.54 16.26
C LEU G 230 16.65 2.43 16.70
N VAL G 231 17.16 1.48 17.51
CA VAL G 231 16.30 0.40 17.96
C VAL G 231 15.24 0.93 18.91
N ASN G 232 15.57 1.94 19.71
CA ASN G 232 14.56 2.55 20.56
C ASN G 232 13.46 3.20 19.73
N MET G 233 13.84 3.87 18.64
CA MET G 233 12.83 4.46 17.77
C MET G 233 11.95 3.38 17.13
N ILE G 234 12.55 2.28 16.69
CA ILE G 234 11.76 1.19 16.11
C ILE G 234 10.76 0.66 17.13
N GLN G 235 11.23 0.43 18.36
CA GLN G 235 10.36 -0.10 19.40
C GLN G 235 9.23 0.86 19.73
N VAL G 236 9.54 2.16 19.83
CA VAL G 236 8.50 3.12 20.20
C VAL G 236 7.49 3.27 19.07
N GLN G 237 7.94 3.19 17.82
CA GLN G 237 7.00 3.24 16.70
C GLN G 237 6.06 2.05 16.72
N ARG G 238 6.60 0.85 16.99
CA ARG G 238 5.73 -0.32 17.06
C ARG G 238 4.75 -0.22 18.22
N ALA G 239 5.19 0.31 19.36
CA ALA G 239 4.29 0.47 20.49
C ALA G 239 3.17 1.45 20.17
N TYR G 240 3.51 2.55 19.50
CA TYR G 240 2.49 3.51 19.09
C TYR G 240 1.50 2.86 18.14
N GLU G 241 2.00 2.03 17.21
CA GLU G 241 1.11 1.32 16.31
C GLU G 241 0.16 0.41 17.06
N ILE G 242 0.67 -0.31 18.06
CA ILE G 242 -0.16 -1.23 18.82
C ILE G 242 -1.26 -0.47 19.56
N ASN G 243 -0.89 0.64 20.20
CA ASN G 243 -1.90 1.41 20.92
C ASN G 243 -2.94 2.02 19.98
N SER G 244 -2.50 2.49 18.80
CA SER G 244 -3.44 3.00 17.83
C SER G 244 -4.40 1.91 17.37
N LYS G 245 -3.89 0.69 17.20
CA LYS G 245 -4.76 -0.43 16.85
C LYS G 245 -5.76 -0.72 17.97
N ALA G 246 -5.33 -0.57 19.22
CA ALA G 246 -6.27 -0.72 20.34
C ALA G 246 -7.39 0.31 20.26
N VAL G 247 -7.04 1.57 19.98
CA VAL G 247 -8.06 2.60 19.83
C VAL G 247 -9.00 2.25 18.68
N SER G 248 -8.44 1.77 17.56
CA SER G 248 -9.27 1.43 16.41
C SER G 248 -10.24 0.31 16.73
N THR G 249 -9.77 -0.72 17.43
CA THR G 249 -10.67 -1.82 17.81
C THR G 249 -11.77 -1.34 18.73
N THR G 250 -11.44 -0.49 19.70
CA THR G 250 -12.47 0.05 20.59
C THR G 250 -13.51 0.83 19.79
N ASP G 251 -13.05 1.66 18.85
CA ASP G 251 -13.99 2.42 18.04
C ASP G 251 -14.88 1.51 17.20
N GLN G 252 -14.29 0.46 16.62
CA GLN G 252 -15.09 -0.46 15.81
C GLN G 252 -16.17 -1.13 16.64
N MET G 253 -15.81 -1.64 17.82
CA MET G 253 -16.80 -2.34 18.62
C MET G 253 -17.88 -1.38 19.12
N LEU G 254 -17.49 -0.16 19.51
CA LEU G 254 -18.48 0.81 19.96
C LEU G 254 -19.43 1.19 18.84
N GLN G 255 -18.90 1.38 17.63
CA GLN G 255 -19.75 1.71 16.49
C GLN G 255 -20.70 0.57 16.16
N LYS G 256 -20.22 -0.67 16.21
CA LYS G 256 -21.11 -1.80 15.96
C LYS G 256 -22.17 -1.93 17.04
N LEU G 257 -21.85 -1.53 18.27
CA LEU G 257 -22.87 -1.50 19.32
C LEU G 257 -23.93 -0.47 19.02
N THR G 258 -23.51 0.77 18.70
CA THR G 258 -24.47 1.84 18.50
C THR G 258 -25.15 1.79 17.14
N GLN G 259 -24.74 0.90 16.26
CA GLN G 259 -25.37 0.80 14.94
C GLN G 259 -26.83 0.38 15.05
N LEU G 260 -27.13 -0.57 15.92
CA LEU G 260 -28.49 -1.09 16.04
C LEU G 260 -29.44 -0.03 16.61
N MET H 1 -22.98 24.50 6.87
CA MET H 1 -23.77 25.57 7.47
C MET H 1 -23.53 25.63 8.97
N ILE H 2 -22.63 24.79 9.45
CA ILE H 2 -22.37 24.66 10.88
C ILE H 2 -20.98 25.19 11.20
N SER H 3 -20.81 25.56 12.47
CA SER H 3 -19.58 26.24 12.89
C SER H 3 -18.35 25.38 12.67
N SER H 4 -18.46 24.07 12.88
CA SER H 4 -17.31 23.21 12.66
C SER H 4 -16.84 23.29 11.21
N LEU H 5 -17.77 23.23 10.26
CA LEU H 5 -17.40 23.34 8.85
C LEU H 5 -16.85 24.72 8.53
N TRP H 6 -17.46 25.77 9.09
CA TRP H 6 -16.97 27.11 8.80
C TRP H 6 -15.58 27.36 9.36
N ILE H 7 -15.19 26.65 10.43
CA ILE H 7 -13.83 26.78 10.94
C ILE H 7 -12.86 25.92 10.13
N ALA H 8 -13.26 24.70 9.78
CA ALA H 8 -12.39 23.81 9.05
C ALA H 8 -12.09 24.33 7.65
N LYS H 9 -13.05 25.05 7.03
CA LYS H 9 -12.78 25.62 5.71
C LYS H 9 -11.65 26.64 5.78
N THR H 10 -11.68 27.52 6.78
CA THR H 10 -10.62 28.50 6.92
C THR H 10 -9.29 27.80 7.23
N GLY H 11 -9.32 26.75 8.03
CA GLY H 11 -8.09 26.00 8.29
C GLY H 11 -7.50 25.43 7.03
N LEU H 12 -8.35 24.82 6.19
CA LEU H 12 -7.87 24.25 4.93
C LEU H 12 -7.32 25.33 4.03
N ASP H 13 -7.98 26.49 3.95
CA ASP H 13 -7.49 27.56 3.09
C ASP H 13 -6.15 28.10 3.58
N ALA H 14 -5.98 28.22 4.89
CA ALA H 14 -4.70 28.68 5.42
C ALA H 14 -3.59 27.70 5.08
N GLN H 15 -3.86 26.40 5.23
CA GLN H 15 -2.84 25.41 4.89
C GLN H 15 -2.53 25.45 3.39
N GLN H 16 -3.56 25.66 2.57
CA GLN H 16 -3.34 25.75 1.13
C GLN H 16 -2.45 26.94 0.78
N THR H 17 -2.69 28.09 1.41
CA THR H 17 -1.85 29.26 1.14
C THR H 17 -0.42 29.02 1.58
N ASN H 18 -0.24 28.36 2.73
CA ASN H 18 1.11 28.05 3.19
C ASN H 18 1.82 27.14 2.20
N MET H 19 1.12 26.11 1.71
CA MET H 19 1.71 25.22 0.72
C MET H 19 2.02 25.97 -0.57
N ASP H 20 1.15 26.90 -0.95
CA ASP H 20 1.38 27.70 -2.15
C ASP H 20 2.64 28.53 -2.03
N VAL H 21 2.85 29.16 -0.87
CA VAL H 21 4.06 29.95 -0.66
C VAL H 21 5.29 29.05 -0.72
N ILE H 22 5.22 27.87 -0.11
CA ILE H 22 6.36 26.95 -0.15
C ILE H 22 6.66 26.53 -1.59
N ALA H 23 5.62 26.25 -2.37
CA ALA H 23 5.83 25.83 -3.75
C ALA H 23 6.41 26.96 -4.59
N ASN H 24 5.95 28.19 -4.36
CA ASN H 24 6.53 29.33 -5.06
C ASN H 24 8.00 29.49 -4.72
N ASN H 25 8.36 29.34 -3.45
CA ASN H 25 9.77 29.42 -3.06
C ASN H 25 10.58 28.33 -3.74
N LEU H 26 10.03 27.11 -3.81
CA LEU H 26 10.77 26.02 -4.43
C LEU H 26 10.92 26.20 -5.94
N ALA H 27 9.90 26.75 -6.61
CA ALA H 27 9.91 26.77 -8.07
C ALA H 27 11.07 27.61 -8.60
N ASN H 28 11.19 28.84 -8.14
CA ASN H 28 12.27 29.72 -8.60
C ASN H 28 13.47 29.65 -7.66
N VAL H 29 14.03 28.44 -7.54
CA VAL H 29 15.21 28.25 -6.73
C VAL H 29 16.47 28.70 -7.47
N SER H 30 16.40 28.92 -8.78
CA SER H 30 17.55 29.29 -9.59
C SER H 30 17.32 30.63 -10.27
N THR H 31 16.82 31.60 -9.52
CA THR H 31 16.64 32.96 -10.00
C THR H 31 17.63 33.87 -9.29
N ASN H 32 18.42 34.61 -10.05
CA ASN H 32 19.45 35.47 -9.49
C ASN H 32 18.81 36.54 -8.61
N GLY H 33 19.37 36.75 -7.43
CA GLY H 33 18.92 37.80 -6.54
C GLY H 33 17.48 37.66 -6.09
N PHE H 34 17.11 36.47 -5.61
CA PHE H 34 15.77 36.19 -5.16
C PHE H 34 15.76 35.92 -3.66
N LYS H 35 14.73 36.44 -2.99
CA LYS H 35 14.60 36.36 -1.55
C LYS H 35 13.41 35.49 -1.20
N ARG H 36 13.61 34.54 -0.29
CA ARG H 36 12.54 33.62 0.08
C ARG H 36 11.51 34.33 0.96
N GLN H 37 10.31 33.76 0.99
CA GLN H 37 9.18 34.30 1.71
C GLN H 37 8.69 33.32 2.76
N ARG H 38 8.06 33.85 3.81
CA ARG H 38 7.35 33.02 4.77
C ARG H 38 6.05 33.71 5.16
N ALA H 39 5.02 32.91 5.38
CA ALA H 39 3.69 33.44 5.69
C ALA H 39 3.48 33.50 7.19
N VAL H 40 2.65 34.45 7.63
CA VAL H 40 2.31 34.62 9.04
C VAL H 40 0.81 34.44 9.19
N PHE H 41 0.41 33.58 10.12
CA PHE H 41 -1.00 33.29 10.36
C PHE H 41 -1.43 33.86 11.70
N GLU H 42 -2.68 34.34 11.76
CA GLU H 42 -3.23 34.88 12.98
C GLU H 42 -4.68 34.43 13.11
N ASP H 43 -5.14 34.31 14.35
CA ASP H 43 -6.46 33.77 14.61
C ASP H 43 -7.55 34.81 14.32
N LEU H 44 -8.75 34.32 14.07
CA LEU H 44 -9.89 35.17 13.73
C LEU H 44 -10.61 35.58 15.00
N LEU H 45 -11.81 36.13 14.84
CA LEU H 45 -12.57 36.65 15.97
C LEU H 45 -13.03 35.52 16.89
N TYR H 46 -13.49 35.93 18.07
CA TYR H 46 -13.99 35.02 19.09
C TYR H 46 -15.43 35.39 19.44
N GLN H 47 -16.30 34.39 19.50
CA GLN H 47 -17.66 34.57 19.99
C GLN H 47 -17.65 34.36 21.50
N THR H 48 -18.11 35.37 22.24
CA THR H 48 -18.06 35.35 23.71
C THR H 48 -19.43 34.94 24.23
N ILE H 49 -19.57 33.65 24.53
CA ILE H 49 -20.84 33.17 25.08
C ILE H 49 -21.04 33.70 26.49
N ARG H 50 -20.00 33.59 27.32
CA ARG H 50 -20.01 34.16 28.67
C ARG H 50 -18.80 35.07 28.79
N GLN H 51 -19.06 36.33 29.18
CA GLN H 51 -18.00 37.32 29.23
C GLN H 51 -16.96 36.93 30.28
N PRO H 52 -15.68 36.90 29.94
CA PRO H 52 -14.66 36.60 30.96
C PRO H 52 -14.65 37.67 32.03
N GLY H 53 -14.34 37.26 33.26
CA GLY H 53 -14.36 38.19 34.36
C GLY H 53 -15.74 38.67 34.74
N ALA H 54 -16.79 37.97 34.33
CA ALA H 54 -18.15 38.39 34.64
C ALA H 54 -18.41 38.27 36.14
N GLN H 55 -19.23 39.19 36.64
CA GLN H 55 -19.60 39.24 38.05
C GLN H 55 -20.77 38.30 38.26
N SER H 56 -20.47 37.05 38.64
CA SER H 56 -21.54 36.08 38.82
C SER H 56 -22.44 36.47 39.98
N SER H 57 -21.86 36.97 41.05
CA SER H 57 -22.60 37.50 42.18
C SER H 57 -21.67 38.44 42.92
N GLU H 58 -22.06 38.82 44.14
CA GLU H 58 -21.16 39.59 44.98
C GLU H 58 -19.91 38.76 45.26
N GLN H 59 -18.75 39.43 45.23
CA GLN H 59 -17.44 38.86 45.55
C GLN H 59 -17.14 37.58 44.76
N THR H 60 -17.83 37.34 43.66
CA THR H 60 -17.61 36.16 42.84
C THR H 60 -17.49 36.57 41.38
N THR H 61 -16.31 36.36 40.81
CA THR H 61 -16.04 36.67 39.41
C THR H 61 -15.60 35.39 38.70
N LEU H 62 -16.08 35.20 37.49
CA LEU H 62 -15.70 34.02 36.73
C LEU H 62 -14.21 34.08 36.40
N PRO H 63 -13.42 33.09 36.80
CA PRO H 63 -11.98 33.13 36.47
C PRO H 63 -11.71 33.14 34.98
N SER H 64 -12.55 32.49 34.18
CA SER H 64 -12.35 32.43 32.74
C SER H 64 -13.70 32.20 32.07
N GLY H 65 -14.05 33.08 31.13
CA GLY H 65 -15.32 32.99 30.46
C GLY H 65 -15.31 31.92 29.38
N LEU H 66 -16.39 31.89 28.61
CA LEU H 66 -16.56 30.95 27.52
C LEU H 66 -16.41 31.71 26.20
N GLN H 67 -15.37 31.37 25.45
CA GLN H 67 -15.13 32.00 24.15
C GLN H 67 -14.81 30.92 23.13
N ILE H 68 -15.41 31.02 21.95
CA ILE H 68 -15.24 30.04 20.88
C ILE H 68 -14.63 30.75 19.68
N GLY H 69 -13.57 30.17 19.14
CA GLY H 69 -12.89 30.78 18.01
C GLY H 69 -13.66 30.67 16.71
N THR H 70 -13.27 31.51 15.75
CA THR H 70 -13.85 31.41 14.42
C THR H 70 -12.92 30.79 13.39
N GLY H 71 -11.62 30.92 13.55
CA GLY H 71 -10.70 30.29 12.61
C GLY H 71 -9.37 31.02 12.58
N VAL H 72 -8.61 30.76 11.52
CA VAL H 72 -7.29 31.33 11.32
C VAL H 72 -7.20 31.88 9.91
N ARG H 73 -6.58 33.05 9.77
CA ARG H 73 -6.42 33.69 8.48
C ARG H 73 -4.97 34.13 8.30
N PRO H 74 -4.46 34.08 7.07
CA PRO H 74 -3.15 34.66 6.81
C PRO H 74 -3.19 36.17 6.97
N VAL H 75 -2.07 36.73 7.43
CA VAL H 75 -2.05 38.16 7.72
C VAL H 75 -1.00 38.87 6.89
N ALA H 76 0.06 38.17 6.50
CA ALA H 76 1.13 38.77 5.73
C ALA H 76 2.08 37.70 5.24
N THR H 77 2.92 38.09 4.28
CA THR H 77 4.06 37.29 3.85
C THR H 77 5.29 38.18 3.85
N GLU H 78 6.33 37.75 4.55
CA GLU H 78 7.53 38.53 4.72
C GLU H 78 8.70 37.87 4.00
N ARG H 79 9.49 38.68 3.32
CA ARG H 79 10.65 38.21 2.59
C ARG H 79 11.90 38.39 3.43
N LEU H 80 12.68 37.33 3.58
CA LEU H 80 13.91 37.39 4.36
C LEU H 80 14.99 38.03 3.51
N HIS H 81 15.22 39.32 3.70
CA HIS H 81 16.22 40.05 2.91
C HIS H 81 17.63 39.75 3.44
N SER H 82 17.99 38.48 3.38
CA SER H 82 19.32 38.04 3.79
C SER H 82 20.28 38.24 2.62
N GLN H 83 21.48 37.67 2.72
CA GLN H 83 22.49 37.77 1.70
C GLN H 83 22.55 36.46 0.93
N GLY H 84 22.41 36.53 -0.39
CA GLY H 84 22.54 35.35 -1.20
C GLY H 84 23.99 34.89 -1.33
N ASN H 85 24.15 33.62 -1.70
CA ASN H 85 25.47 33.05 -1.87
C ASN H 85 26.02 33.41 -3.25
N LEU H 86 27.16 34.10 -3.27
CA LEU H 86 27.73 34.56 -4.53
C LEU H 86 28.32 33.40 -5.33
N SER H 87 28.17 33.47 -6.65
CA SER H 87 28.76 32.51 -7.56
C SER H 87 29.50 33.26 -8.65
N GLN H 88 30.66 32.76 -9.05
CA GLN H 88 31.52 33.45 -9.99
C GLN H 88 31.28 32.97 -11.41
N THR H 89 31.05 33.92 -12.32
CA THR H 89 30.83 33.61 -13.72
C THR H 89 31.90 34.14 -14.65
N ASN H 90 32.82 34.97 -14.16
CA ASN H 90 33.95 35.49 -14.92
C ASN H 90 33.52 36.32 -16.13
N ASN H 91 32.30 36.85 -16.11
CA ASN H 91 31.89 37.76 -17.17
C ASN H 91 32.35 39.18 -16.83
N SER H 92 32.17 40.08 -17.78
CA SER H 92 32.54 41.48 -17.58
C SER H 92 31.37 42.36 -17.19
N LYS H 93 30.13 41.92 -17.44
CA LYS H 93 28.95 42.74 -17.21
C LYS H 93 27.98 42.08 -16.24
N ASP H 94 28.52 41.38 -15.24
CA ASP H 94 27.72 40.86 -14.13
C ASP H 94 28.18 41.54 -12.86
N VAL H 95 27.25 42.16 -12.14
CA VAL H 95 27.55 42.92 -10.93
C VAL H 95 26.77 42.31 -9.78
N ALA H 96 27.46 41.94 -8.72
CA ALA H 96 26.84 41.37 -7.53
C ALA H 96 27.09 42.29 -6.36
N ILE H 97 26.04 42.61 -5.62
CA ILE H 97 26.13 43.53 -4.49
C ILE H 97 26.25 42.73 -3.21
N LYS H 98 27.20 43.12 -2.36
CA LYS H 98 27.37 42.53 -1.04
C LYS H 98 26.91 43.53 0.00
N GLY H 99 25.90 43.14 0.78
CA GLY H 99 25.29 44.05 1.74
C GLY H 99 23.83 44.27 1.46
N GLN H 100 23.42 45.53 1.36
CA GLN H 100 22.04 45.86 1.02
C GLN H 100 22.04 47.01 0.03
N GLY H 101 20.94 47.11 -0.70
CA GLY H 101 20.80 48.11 -1.75
C GLY H 101 20.13 47.53 -2.98
N PHE H 102 19.76 48.44 -3.88
CA PHE H 102 19.08 48.07 -5.11
C PHE H 102 19.51 49.00 -6.23
N PHE H 103 19.62 48.43 -7.43
CA PHE H 103 19.78 49.23 -8.63
C PHE H 103 18.45 49.86 -9.00
N GLN H 104 18.49 51.09 -9.46
CA GLN H 104 17.30 51.79 -9.93
C GLN H 104 17.14 51.55 -11.42
N VAL H 105 15.90 51.38 -11.86
CA VAL H 105 15.57 51.04 -13.24
C VAL H 105 14.40 51.89 -13.69
N MET H 106 14.46 52.36 -14.94
CA MET H 106 13.42 53.22 -15.49
C MET H 106 12.43 52.37 -16.27
N LEU H 107 11.20 52.27 -15.77
CA LEU H 107 10.19 51.55 -16.52
C LEU H 107 9.76 52.37 -17.74
N PRO H 108 9.24 51.74 -18.78
CA PRO H 108 8.86 52.49 -19.98
C PRO H 108 7.82 53.57 -19.72
N ASP H 109 6.91 53.37 -18.78
CA ASP H 109 5.86 54.36 -18.54
C ASP H 109 6.38 55.62 -17.88
N GLY H 110 7.61 55.63 -17.39
CA GLY H 110 8.21 56.78 -16.75
C GLY H 110 8.50 56.62 -15.28
N THR H 111 7.93 55.60 -14.63
CA THR H 111 8.18 55.37 -13.22
C THR H 111 9.55 54.72 -13.02
N SER H 112 9.95 54.61 -11.75
CA SER H 112 11.23 54.01 -11.39
C SER H 112 10.99 52.84 -10.46
N ALA H 113 11.55 51.69 -10.82
CA ALA H 113 11.51 50.49 -10.00
C ALA H 113 12.92 50.20 -9.48
N TYR H 114 13.01 49.21 -8.60
CA TYR H 114 14.28 48.86 -7.98
C TYR H 114 14.47 47.36 -8.06
N THR H 115 15.69 46.92 -8.31
CA THR H 115 15.97 45.52 -8.52
C THR H 115 17.27 45.15 -7.83
N ARG H 116 17.47 43.84 -7.64
CA ARG H 116 18.70 43.31 -7.09
C ARG H 116 19.41 42.37 -8.03
N ASP H 117 18.77 42.00 -9.14
CA ASP H 117 19.37 41.07 -10.11
C ASP H 117 20.48 41.77 -10.86
N GLY H 118 21.71 41.33 -10.66
CA GLY H 118 22.82 41.89 -11.39
C GLY H 118 23.14 41.11 -12.66
N SER H 119 22.60 41.57 -13.78
CA SER H 119 22.88 40.95 -15.07
C SER H 119 22.63 42.03 -16.13
N PHE H 120 23.70 42.62 -16.63
CA PHE H 120 23.60 43.78 -17.50
C PHE H 120 23.92 43.42 -18.93
N GLN H 121 23.29 44.14 -19.85
CA GLN H 121 23.53 44.02 -21.28
C GLN H 121 23.63 45.42 -21.87
N VAL H 122 23.99 45.49 -23.14
CA VAL H 122 24.07 46.75 -23.87
C VAL H 122 23.19 46.63 -25.11
N ASP H 123 22.32 47.62 -25.30
CA ASP H 123 21.44 47.62 -26.45
C ASP H 123 22.17 48.18 -27.67
N GLN H 124 21.44 48.42 -28.76
CA GLN H 124 22.08 48.83 -30.00
C GLN H 124 22.69 50.23 -29.89
N ASN H 125 22.13 51.09 -29.05
CA ASN H 125 22.60 52.46 -28.92
C ASN H 125 23.62 52.65 -27.82
N GLY H 126 24.09 51.57 -27.21
CA GLY H 126 25.10 51.64 -26.18
C GLY H 126 24.59 51.89 -24.77
N GLN H 127 23.28 52.03 -24.58
CA GLN H 127 22.74 52.19 -23.25
C GLN H 127 22.95 50.94 -22.42
N LEU H 128 23.32 51.12 -21.16
CA LEU H 128 23.49 49.99 -20.26
C LEU H 128 22.12 49.59 -19.70
N VAL H 129 21.63 48.43 -20.12
CA VAL H 129 20.28 48.00 -19.77
C VAL H 129 20.33 46.61 -19.16
N THR H 130 19.35 46.33 -18.31
CA THR H 130 19.22 45.00 -17.73
C THR H 130 18.53 44.07 -18.71
N ALA H 131 18.44 42.79 -18.33
CA ALA H 131 17.81 41.78 -19.18
C ALA H 131 16.32 42.04 -19.20
N GLY H 132 15.84 42.70 -20.25
CA GLY H 132 14.45 43.09 -20.35
C GLY H 132 14.28 44.44 -21.00
N GLY H 133 15.38 45.14 -21.25
CA GLY H 133 15.37 46.39 -21.96
C GLY H 133 15.33 47.63 -21.10
N PHE H 134 15.03 47.49 -19.81
CA PHE H 134 15.00 48.64 -18.93
C PHE H 134 16.39 49.18 -18.69
N GLN H 135 16.54 50.50 -18.77
CA GLN H 135 17.83 51.15 -18.64
C GLN H 135 18.06 51.65 -17.23
N VAL H 136 19.30 51.62 -16.80
CA VAL H 136 19.68 52.10 -15.47
C VAL H 136 19.46 53.60 -15.40
N GLN H 137 19.09 54.09 -14.22
CA GLN H 137 18.71 55.50 -14.08
C GLN H 137 19.88 56.44 -14.34
N PRO H 138 21.07 56.23 -13.78
CA PRO H 138 22.21 57.10 -14.14
C PRO H 138 22.55 57.07 -15.62
N ALA H 139 22.04 56.10 -16.38
CA ALA H 139 22.20 56.05 -17.83
C ALA H 139 23.66 55.93 -18.24
N ILE H 140 24.32 54.88 -17.77
CA ILE H 140 25.69 54.60 -18.18
C ILE H 140 25.70 54.24 -19.65
N THR H 141 26.57 54.89 -20.41
CA THR H 141 26.69 54.65 -21.84
C THR H 141 28.06 54.06 -22.14
N ILE H 142 28.09 52.91 -22.81
CA ILE H 142 29.33 52.25 -23.21
C ILE H 142 29.58 52.58 -24.68
N PRO H 143 30.64 53.30 -25.01
CA PRO H 143 30.87 53.67 -26.41
C PRO H 143 31.35 52.51 -27.26
N ALA H 144 31.54 52.74 -28.55
CA ALA H 144 32.08 51.72 -29.42
C ALA H 144 33.57 51.51 -29.10
N ASN H 145 34.21 50.64 -29.88
CA ASN H 145 35.61 50.26 -29.74
C ASN H 145 35.99 50.05 -28.27
N ALA H 146 35.09 49.48 -27.49
CA ALA H 146 35.32 49.27 -26.07
C ALA H 146 36.09 47.97 -25.89
N LEU H 147 37.35 48.07 -25.51
CA LEU H 147 38.16 46.86 -25.31
C LEU H 147 37.68 46.09 -24.09
N SER H 148 37.48 46.76 -22.96
CA SER H 148 37.01 46.09 -21.77
C SER H 148 36.35 47.11 -20.85
N ILE H 149 35.50 46.58 -19.96
CA ILE H 149 34.72 47.37 -19.02
C ILE H 149 35.09 46.93 -17.61
N THR H 150 35.43 47.90 -16.77
CA THR H 150 35.81 47.63 -15.38
C THR H 150 34.87 48.37 -14.44
N ILE H 151 34.48 47.70 -13.37
CA ILE H 151 33.68 48.30 -12.31
C ILE H 151 34.36 48.01 -10.99
N GLY H 152 34.81 49.06 -10.31
CA GLY H 152 35.55 48.89 -9.09
C GLY H 152 34.67 48.54 -7.91
N ARG H 153 35.30 48.46 -6.74
CA ARG H 153 34.56 48.20 -5.52
C ARG H 153 33.51 49.26 -5.27
N ASP H 154 33.80 50.50 -5.67
CA ASP H 154 32.84 51.59 -5.57
C ASP H 154 32.00 51.63 -6.85
N GLY H 155 31.21 52.69 -7.00
CA GLY H 155 30.28 52.78 -8.11
C GLY H 155 30.83 53.31 -9.41
N VAL H 156 32.14 53.58 -9.48
CA VAL H 156 32.71 54.11 -10.71
C VAL H 156 32.84 53.00 -11.74
N VAL H 157 32.41 53.28 -12.96
CA VAL H 157 32.52 52.35 -14.08
C VAL H 157 33.39 52.99 -15.14
N SER H 158 34.39 52.26 -15.62
CA SER H 158 35.33 52.76 -16.60
C SER H 158 35.40 51.81 -17.79
N VAL H 159 35.73 52.37 -18.95
CA VAL H 159 35.87 51.60 -20.17
C VAL H 159 37.23 51.93 -20.78
N THR H 160 38.04 50.91 -21.04
CA THR H 160 39.31 51.16 -21.68
C THR H 160 39.13 51.25 -23.19
N GLN H 161 40.06 51.92 -23.86
CA GLN H 161 39.96 52.10 -25.29
C GLN H 161 41.25 51.72 -26.00
N GLN H 162 41.32 51.99 -27.30
CA GLN H 162 42.44 51.52 -28.12
C GLN H 162 43.76 52.12 -27.66
N GLY H 163 43.77 53.41 -27.32
CA GLY H 163 44.98 54.09 -26.92
C GLY H 163 44.80 54.81 -25.60
N GLN H 164 45.55 55.90 -25.46
CA GLN H 164 45.51 56.81 -24.32
C GLN H 164 46.11 56.16 -23.07
N ALA H 165 46.42 54.87 -23.14
CA ALA H 165 47.13 54.15 -22.09
C ALA H 165 46.49 54.30 -20.71
N ALA H 166 45.24 54.75 -20.65
CA ALA H 166 44.59 54.99 -19.37
C ALA H 166 43.09 54.84 -19.52
N PRO H 167 42.42 54.11 -18.63
CA PRO H 167 40.97 53.96 -18.74
C PRO H 167 40.26 55.27 -18.48
N VAL H 168 39.11 55.44 -19.13
CA VAL H 168 38.31 56.64 -18.99
C VAL H 168 37.01 56.28 -18.28
N GLN H 169 36.45 57.26 -17.59
CA GLN H 169 35.23 57.08 -16.80
C GLN H 169 34.03 57.53 -17.62
N VAL H 170 32.96 56.73 -17.59
CA VAL H 170 31.74 57.03 -18.35
C VAL H 170 30.54 57.28 -17.46
N GLY H 171 30.59 56.94 -16.19
CA GLY H 171 29.46 57.18 -15.31
C GLY H 171 29.72 56.64 -13.91
N GLN H 172 28.71 56.81 -13.06
CA GLN H 172 28.77 56.36 -11.67
C GLN H 172 27.56 55.48 -11.39
N LEU H 173 27.81 54.27 -10.89
CA LEU H 173 26.76 53.30 -10.66
C LEU H 173 26.33 53.28 -9.20
N ASN H 174 25.73 54.39 -8.76
CA ASN H 174 25.25 54.48 -7.39
C ASN H 174 24.00 53.60 -7.21
N LEU H 175 23.57 53.45 -5.95
CA LEU H 175 22.43 52.62 -5.65
C LEU H 175 21.65 53.20 -4.48
N THR H 176 20.39 52.79 -4.36
CA THR H 176 19.48 53.34 -3.37
C THR H 176 19.17 52.31 -2.30
N THR H 177 18.87 52.82 -1.11
CA THR H 177 18.43 52.00 0.02
C THR H 177 17.15 52.57 0.58
N PHE H 178 16.49 51.76 1.42
CA PHE H 178 15.20 52.10 2.00
C PHE H 178 15.26 51.99 3.51
N MET H 179 14.24 52.54 4.17
CA MET H 179 14.10 52.38 5.61
C MET H 179 13.65 50.97 5.98
N ASN H 180 12.69 50.42 5.23
CA ASN H 180 12.17 49.08 5.46
C ASN H 180 12.16 48.35 4.12
N ASP H 181 13.07 47.40 3.95
CA ASP H 181 13.20 46.71 2.68
C ASP H 181 11.98 45.85 2.38
N THR H 182 11.42 45.20 3.40
CA THR H 182 10.32 44.27 3.17
C THR H 182 9.05 44.95 2.69
N GLY H 183 8.93 46.26 2.88
CA GLY H 183 7.71 46.96 2.52
C GLY H 183 7.54 47.26 1.04
N LEU H 184 8.56 46.99 0.23
CA LEU H 184 8.46 47.28 -1.20
C LEU H 184 7.44 46.37 -1.86
N GLU H 185 6.54 46.96 -2.63
CA GLU H 185 5.58 46.18 -3.40
C GLU H 185 6.31 45.43 -4.52
N SER H 186 6.03 44.14 -4.62
CA SER H 186 6.75 43.28 -5.55
C SER H 186 5.94 43.07 -6.83
N ILE H 187 6.62 43.16 -7.97
CA ILE H 187 6.06 42.82 -9.26
C ILE H 187 7.01 41.84 -9.94
N GLY H 188 6.72 41.48 -11.18
CA GLY H 188 7.54 40.52 -11.89
C GLY H 188 8.88 41.09 -12.30
N GLU H 189 9.65 40.25 -13.00
CA GLU H 189 10.94 40.63 -13.59
C GLU H 189 11.94 41.07 -12.53
N ASN H 190 11.85 40.51 -11.32
CA ASN H 190 12.75 40.83 -10.22
C ASN H 190 12.76 42.32 -9.91
N LEU H 191 11.61 42.98 -10.08
CA LEU H 191 11.51 44.41 -9.88
C LEU H 191 10.66 44.72 -8.66
N TYR H 192 11.14 45.63 -7.84
CA TYR H 192 10.40 46.13 -6.69
C TYR H 192 10.08 47.60 -6.89
N ILE H 193 8.89 48.01 -6.45
CA ILE H 193 8.49 49.41 -6.55
C ILE H 193 8.23 49.93 -5.15
N GLU H 194 8.66 51.17 -4.91
CA GLU H 194 8.49 51.78 -3.60
C GLU H 194 7.03 52.13 -3.36
N THR H 195 6.63 52.08 -2.09
CA THR H 195 5.27 52.40 -1.72
C THR H 195 5.28 52.99 -0.30
N GLN H 196 4.09 53.23 0.23
CA GLN H 196 3.97 53.93 1.51
C GLN H 196 4.60 53.14 2.65
N SER H 197 4.63 51.81 2.55
CA SER H 197 5.21 51.00 3.62
C SER H 197 6.69 51.32 3.80
N SER H 198 7.42 51.44 2.70
CA SER H 198 8.84 51.74 2.75
C SER H 198 9.06 53.24 2.76
N GLY H 199 10.16 53.67 3.38
CA GLY H 199 10.49 55.06 3.46
C GLY H 199 10.94 55.62 2.12
N ALA H 200 11.26 56.90 2.13
CA ALA H 200 11.77 57.54 0.94
C ALA H 200 13.12 56.94 0.55
N PRO H 201 13.30 56.53 -0.70
CA PRO H 201 14.57 55.91 -1.08
C PRO H 201 15.70 56.93 -1.05
N ASN H 202 16.78 56.58 -0.37
CA ASN H 202 17.96 57.44 -0.32
C ASN H 202 19.06 56.82 -1.17
N GLU H 203 19.58 57.61 -2.11
CA GLU H 203 20.58 57.16 -3.06
C GLU H 203 21.96 57.54 -2.57
N SER H 204 22.92 56.62 -2.74
CA SER H 204 24.29 56.88 -2.30
C SER H 204 25.23 56.00 -3.12
N THR H 205 26.51 56.35 -3.04
CA THR H 205 27.56 55.56 -3.66
C THR H 205 27.83 54.30 -2.84
N PRO H 206 28.28 53.23 -3.49
CA PRO H 206 28.59 52.00 -2.74
C PRO H 206 29.70 52.23 -1.72
N GLY H 207 29.61 51.51 -0.61
CA GLY H 207 30.60 51.58 0.43
C GLY H 207 30.41 52.69 1.44
N LEU H 208 29.36 53.50 1.32
CA LEU H 208 29.11 54.59 2.23
C LEU H 208 27.68 54.50 2.76
N ASN H 209 27.51 54.92 4.01
CA ASN H 209 26.20 54.94 4.67
C ASN H 209 25.55 53.55 4.67
N GLY H 210 26.37 52.53 4.86
CA GLY H 210 25.88 51.17 4.96
C GLY H 210 25.56 50.50 3.64
N ALA H 211 25.78 51.16 2.51
CA ALA H 211 25.51 50.55 1.22
C ALA H 211 26.51 49.44 0.93
N GLY H 212 26.10 48.51 0.08
CA GLY H 212 26.91 47.36 -0.25
C GLY H 212 28.04 47.68 -1.19
N LEU H 213 28.82 46.65 -1.50
CA LEU H 213 29.95 46.77 -2.41
C LEU H 213 29.67 45.99 -3.68
N LEU H 214 30.06 46.56 -4.82
CA LEU H 214 29.89 45.91 -6.10
C LEU H 214 31.05 44.97 -6.38
N TYR H 215 30.76 43.82 -6.97
CA TYR H 215 31.77 42.89 -7.44
C TYR H 215 31.45 42.55 -8.88
N GLN H 216 32.46 42.61 -9.75
CA GLN H 216 32.30 42.32 -11.16
C GLN H 216 32.55 40.84 -11.41
N GLY H 217 31.74 40.26 -12.29
CA GLY H 217 31.87 38.86 -12.62
C GLY H 217 31.15 37.90 -11.69
N TYR H 218 30.33 38.41 -10.77
CA TYR H 218 29.61 37.58 -9.83
C TYR H 218 28.12 37.85 -9.95
N VAL H 219 27.31 36.85 -9.62
CA VAL H 219 25.86 36.95 -9.59
C VAL H 219 25.37 36.40 -8.26
N GLU H 220 24.40 37.08 -7.66
CA GLU H 220 23.86 36.67 -6.38
C GLU H 220 22.72 35.68 -6.60
N THR H 221 22.89 34.46 -6.14
CA THR H 221 21.88 33.43 -6.31
C THR H 221 20.77 33.56 -5.25
N SER H 222 19.64 32.95 -5.55
CA SER H 222 18.50 33.00 -4.64
C SER H 222 18.85 32.39 -3.30
N ASN H 223 18.37 33.01 -2.22
CA ASN H 223 18.68 32.52 -0.89
C ASN H 223 17.61 31.55 -0.38
N VAL H 224 17.29 30.54 -1.18
CA VAL H 224 16.29 29.55 -0.83
C VAL H 224 17.01 28.34 -0.27
N ASN H 225 16.88 28.14 1.04
CA ASN H 225 17.49 26.99 1.71
C ASN H 225 16.62 25.77 1.42
N VAL H 226 17.02 25.02 0.40
CA VAL H 226 16.17 23.95 -0.12
C VAL H 226 16.06 22.77 0.85
N ALA H 227 16.96 22.67 1.82
CA ALA H 227 16.85 21.62 2.83
C ALA H 227 15.82 21.93 3.89
N GLU H 228 15.33 23.16 3.95
CA GLU H 228 14.32 23.56 4.93
C GLU H 228 12.91 23.52 4.36
N GLU H 229 12.75 23.09 3.12
CA GLU H 229 11.44 23.09 2.46
C GLU H 229 10.76 21.73 2.48
N LEU H 230 11.53 20.64 2.49
CA LEU H 230 10.92 19.31 2.56
C LEU H 230 10.18 19.12 3.86
N VAL H 231 10.77 19.56 4.98
CA VAL H 231 10.10 19.45 6.26
C VAL H 231 8.84 20.31 6.28
N ASN H 232 8.89 21.48 5.65
CA ASN H 232 7.68 22.31 5.57
C ASN H 232 6.61 21.62 4.75
N MET H 233 6.99 20.94 3.67
CA MET H 233 6.02 20.21 2.87
C MET H 233 5.37 19.09 3.69
N ILE H 234 6.18 18.37 4.46
CA ILE H 234 5.62 17.33 5.32
C ILE H 234 4.65 17.92 6.33
N GLN H 235 5.03 19.04 6.95
CA GLN H 235 4.17 19.68 7.94
C GLN H 235 2.85 20.11 7.31
N VAL H 236 2.89 20.74 6.14
CA VAL H 236 1.66 21.24 5.56
C VAL H 236 0.77 20.09 5.11
N GLN H 237 1.36 19.02 4.59
CA GLN H 237 0.54 17.87 4.21
C GLN H 237 -0.15 17.27 5.42
N ARG H 238 0.60 17.10 6.52
CA ARG H 238 -0.01 16.52 7.72
C ARG H 238 -1.08 17.43 8.30
N ALA H 239 -0.85 18.74 8.29
CA ALA H 239 -1.86 19.67 8.78
C ALA H 239 -3.10 19.62 7.91
N TYR H 240 -2.93 19.49 6.60
CA TYR H 240 -4.07 19.35 5.71
C TYR H 240 -4.88 18.11 6.05
N GLU H 241 -4.20 17.00 6.30
CA GLU H 241 -4.89 15.77 6.69
C GLU H 241 -5.66 15.97 7.99
N ILE H 242 -5.03 16.60 8.98
CA ILE H 242 -5.67 16.80 10.28
C ILE H 242 -6.91 17.66 10.13
N ASN H 243 -6.82 18.73 9.34
CA ASN H 243 -7.99 19.58 9.12
C ASN H 243 -9.09 18.84 8.38
N SER H 244 -8.73 18.02 7.39
CA SER H 244 -9.74 17.26 6.66
C SER H 244 -10.46 16.27 7.55
N LYS H 245 -9.77 15.77 8.58
CA LYS H 245 -10.43 14.87 9.53
C LYS H 245 -11.60 15.56 10.22
N ALA H 246 -11.47 16.85 10.51
CA ALA H 246 -12.56 17.59 11.14
C ALA H 246 -13.77 17.67 10.21
N VAL H 247 -13.54 17.92 8.93
CA VAL H 247 -14.63 17.97 7.97
C VAL H 247 -15.32 16.62 7.88
N SER H 248 -14.53 15.54 7.83
CA SER H 248 -15.12 14.21 7.77
C SER H 248 -15.97 13.92 9.00
N THR H 249 -15.47 14.27 10.18
CA THR H 249 -16.22 14.02 11.41
C THR H 249 -17.51 14.84 11.44
N THR H 250 -17.45 16.10 11.03
CA THR H 250 -18.66 16.92 11.01
C THR H 250 -19.68 16.36 10.04
N ASP H 251 -19.22 15.90 8.87
CA ASP H 251 -20.13 15.28 7.91
C ASP H 251 -20.78 14.03 8.52
N GLN H 252 -19.99 13.21 9.20
CA GLN H 252 -20.54 11.99 9.80
C GLN H 252 -21.61 12.32 10.83
N MET H 253 -21.32 13.26 11.73
CA MET H 253 -22.29 13.56 12.77
C MET H 253 -23.54 14.22 12.20
N LEU H 254 -23.38 15.08 11.19
CA LEU H 254 -24.56 15.69 10.56
C LEU H 254 -25.42 14.63 9.87
N GLN H 255 -24.79 13.67 9.19
CA GLN H 255 -25.56 12.60 8.57
C GLN H 255 -26.29 11.77 9.61
N LYS H 256 -25.63 11.48 10.73
CA LYS H 256 -26.29 10.73 11.80
C LYS H 256 -27.48 11.51 12.36
N LEU H 257 -27.33 12.82 12.50
CA LEU H 257 -28.45 13.64 12.95
C LEU H 257 -29.60 13.63 11.95
N THR H 258 -29.29 13.75 10.67
CA THR H 258 -30.35 13.86 9.66
C THR H 258 -31.07 12.54 9.46
N GLN H 259 -30.40 11.41 9.63
CA GLN H 259 -31.00 10.12 9.32
C GLN H 259 -32.00 9.66 10.38
N LEU H 260 -32.42 10.52 11.28
CA LEU H 260 -33.44 10.18 12.27
C LEU H 260 -34.72 9.71 11.61
N MET I 1 -31.99 14.60 -15.88
CA MET I 1 -32.99 14.95 -14.89
C MET I 1 -32.62 16.25 -14.18
N ILE I 2 -31.34 16.43 -13.90
CA ILE I 2 -30.85 17.58 -13.15
C ILE I 2 -29.76 18.27 -13.98
N SER I 3 -29.84 19.60 -14.03
CA SER I 3 -28.83 20.38 -14.72
C SER I 3 -27.44 20.08 -14.18
N SER I 4 -27.31 19.82 -12.88
CA SER I 4 -26.01 19.45 -12.34
C SER I 4 -25.53 18.13 -12.94
N LEU I 5 -26.43 17.16 -13.07
CA LEU I 5 -26.04 15.90 -13.69
C LEU I 5 -25.59 16.10 -15.13
N TRP I 6 -26.31 16.93 -15.89
CA TRP I 6 -25.90 17.18 -17.27
C TRP I 6 -24.55 17.86 -17.33
N ILE I 7 -24.32 18.84 -16.46
CA ILE I 7 -23.05 19.55 -16.44
C ILE I 7 -21.91 18.61 -16.09
N ALA I 8 -22.13 17.74 -15.09
CA ALA I 8 -21.08 16.80 -14.70
C ALA I 8 -20.80 15.79 -15.80
N LYS I 9 -21.84 15.37 -16.53
CA LYS I 9 -21.61 14.48 -17.67
C LYS I 9 -20.77 15.15 -18.74
N THR I 10 -21.05 16.43 -19.02
CA THR I 10 -20.23 17.15 -20.00
C THR I 10 -18.79 17.26 -19.52
N GLY I 11 -18.59 17.53 -18.23
CA GLY I 11 -17.25 17.61 -17.70
C GLY I 11 -16.50 16.28 -17.80
N LEU I 12 -17.19 15.19 -17.51
CA LEU I 12 -16.58 13.88 -17.65
C LEU I 12 -16.18 13.61 -19.10
N ASP I 13 -17.05 13.98 -20.05
CA ASP I 13 -16.71 13.80 -21.46
C ASP I 13 -15.49 14.63 -21.84
N ALA I 14 -15.41 15.87 -21.35
CA ALA I 14 -14.26 16.71 -21.66
C ALA I 14 -12.97 16.11 -21.11
N GLN I 15 -13.02 15.61 -19.87
CA GLN I 15 -11.82 15.00 -19.30
C GLN I 15 -11.43 13.73 -20.05
N GLN I 16 -12.42 12.95 -20.50
CA GLN I 16 -12.11 11.77 -21.28
C GLN I 16 -11.43 12.14 -22.60
N THR I 17 -11.91 13.21 -23.25
CA THR I 17 -11.26 13.68 -24.46
C THR I 17 -9.82 14.12 -24.21
N ASN I 18 -9.60 14.83 -23.10
CA ASN I 18 -8.23 15.24 -22.77
C ASN I 18 -7.33 14.03 -22.54
N MET I 19 -7.83 13.03 -21.83
CA MET I 19 -7.04 11.83 -21.61
C MET I 19 -6.76 11.11 -22.92
N ASP I 20 -7.74 11.09 -23.82
CA ASP I 20 -7.53 10.44 -25.11
C ASP I 20 -6.43 11.12 -25.91
N VAL I 21 -6.43 12.45 -25.93
CA VAL I 21 -5.39 13.13 -26.68
C VAL I 21 -4.03 12.94 -26.03
N ILE I 22 -3.97 12.89 -24.69
CA ILE I 22 -2.70 12.62 -24.01
C ILE I 22 -2.19 11.24 -24.38
N ALA I 23 -3.08 10.24 -24.38
CA ALA I 23 -2.67 8.88 -24.72
C ALA I 23 -2.22 8.79 -26.17
N ASN I 24 -2.90 9.51 -27.07
CA ASN I 24 -2.47 9.52 -28.47
C ASN I 24 -1.08 10.14 -28.61
N ASN I 25 -0.82 11.23 -27.90
CA ASN I 25 0.50 11.84 -27.94
C ASN I 25 1.55 10.88 -27.40
N LEU I 26 1.23 10.16 -26.33
CA LEU I 26 2.21 9.24 -25.75
C LEU I 26 2.49 8.05 -26.66
N ALA I 27 1.45 7.55 -27.34
CA ALA I 27 1.60 6.29 -28.07
C ALA I 27 2.63 6.40 -29.19
N ASN I 28 2.50 7.41 -30.05
CA ASN I 28 3.40 7.56 -31.19
C ASN I 28 4.58 8.46 -30.84
N VAL I 29 5.25 8.10 -29.74
CA VAL I 29 6.44 8.85 -29.32
C VAL I 29 7.60 8.65 -30.28
N SER I 30 7.67 7.50 -30.95
CA SER I 30 8.79 7.19 -31.83
C SER I 30 8.45 7.33 -33.31
N THR I 31 7.31 7.93 -33.64
CA THR I 31 6.94 8.15 -35.03
C THR I 31 7.70 9.35 -35.58
N ASN I 32 8.34 9.17 -36.73
CA ASN I 32 9.12 10.25 -37.32
C ASN I 32 8.23 11.39 -37.79
N GLY I 33 8.67 12.62 -37.50
CA GLY I 33 7.98 13.79 -37.98
C GLY I 33 6.56 13.95 -37.45
N PHE I 34 6.37 13.78 -36.15
CA PHE I 34 5.06 13.89 -35.54
C PHE I 34 5.00 15.13 -34.65
N LYS I 35 3.87 15.84 -34.72
CA LYS I 35 3.64 17.05 -33.96
C LYS I 35 2.55 16.78 -32.93
N ARG I 36 2.85 17.06 -31.67
CA ARG I 36 1.94 16.73 -30.58
C ARG I 36 0.76 17.69 -30.55
N GLN I 37 -0.39 17.17 -30.13
CA GLN I 37 -1.63 17.92 -30.09
C GLN I 37 -1.92 18.39 -28.67
N ARG I 38 -2.76 19.43 -28.58
CA ARG I 38 -3.31 19.87 -27.32
C ARG I 38 -4.73 20.37 -27.58
N ALA I 39 -5.63 20.10 -26.65
CA ALA I 39 -7.04 20.40 -26.82
C ALA I 39 -7.42 21.61 -25.98
N VAL I 40 -8.18 22.52 -26.58
CA VAL I 40 -8.71 23.70 -25.90
C VAL I 40 -10.22 23.54 -25.80
N PHE I 41 -10.74 23.74 -24.58
CA PHE I 41 -12.16 23.64 -24.30
C PHE I 41 -12.76 25.03 -24.19
N GLU I 42 -14.05 25.09 -23.90
CA GLU I 42 -14.74 26.37 -23.71
C GLU I 42 -16.08 26.09 -23.04
N ASP I 43 -16.74 27.16 -22.59
CA ASP I 43 -17.96 27.07 -21.81
C ASP I 43 -19.17 26.98 -22.72
N LEU I 44 -20.17 26.20 -22.31
CA LEU I 44 -21.41 26.10 -23.06
C LEU I 44 -22.28 27.31 -22.76
N LEU I 45 -23.55 27.23 -23.15
CA LEU I 45 -24.46 28.37 -22.99
C LEU I 45 -24.74 28.64 -21.52
N TYR I 46 -25.44 29.76 -21.30
CA TYR I 46 -25.81 30.21 -19.96
C TYR I 46 -27.28 30.56 -19.96
N GLN I 47 -28.02 30.02 -18.99
CA GLN I 47 -29.42 30.37 -18.78
C GLN I 47 -29.47 31.65 -17.95
N THR I 48 -30.10 32.69 -18.49
CA THR I 48 -30.14 34.01 -17.87
C THR I 48 -31.52 34.18 -17.23
N ILE I 49 -31.63 33.83 -15.96
CA ILE I 49 -32.91 33.94 -15.27
C ILE I 49 -33.28 35.41 -15.08
N ARG I 50 -32.33 36.21 -14.60
CA ARG I 50 -32.52 37.65 -14.44
C ARG I 50 -31.49 38.37 -15.31
N GLN I 51 -31.98 39.24 -16.18
CA GLN I 51 -31.09 39.86 -17.17
C GLN I 51 -30.14 40.83 -16.48
N PRO I 52 -28.83 40.70 -16.67
CA PRO I 52 -27.90 41.68 -16.10
C PRO I 52 -28.15 43.06 -16.67
N GLY I 53 -27.99 44.07 -15.82
CA GLY I 53 -28.22 45.44 -16.22
C GLY I 53 -29.67 45.87 -16.26
N ALA I 54 -30.60 44.98 -15.94
CA ALA I 54 -32.01 45.33 -15.95
C ALA I 54 -32.34 46.28 -14.80
N GLN I 55 -33.33 47.13 -15.03
CA GLN I 55 -33.73 48.11 -14.03
C GLN I 55 -34.44 47.43 -12.88
N SER I 56 -33.87 47.52 -11.68
CA SER I 56 -34.54 47.05 -10.48
C SER I 56 -35.49 48.10 -9.90
N SER I 57 -35.46 49.31 -10.44
CA SER I 57 -36.34 50.40 -10.04
C SER I 57 -36.24 51.47 -11.12
N GLU I 58 -36.80 52.65 -10.86
CA GLU I 58 -36.72 53.74 -11.81
C GLU I 58 -35.42 54.52 -11.71
N GLN I 59 -34.55 54.18 -10.75
CA GLN I 59 -33.28 54.88 -10.57
C GLN I 59 -32.07 53.97 -10.51
N THR I 60 -32.21 52.70 -10.16
CA THR I 60 -31.09 51.79 -9.99
C THR I 60 -31.09 50.75 -11.10
N THR I 61 -30.15 49.82 -11.00
CA THR I 61 -30.04 48.73 -11.96
C THR I 61 -29.30 47.57 -11.30
N LEU I 62 -29.55 46.37 -11.80
CA LEU I 62 -28.92 45.19 -11.23
C LEU I 62 -27.43 45.17 -11.57
N PRO I 63 -26.54 45.16 -10.59
CA PRO I 63 -25.11 45.08 -10.91
C PRO I 63 -24.74 43.85 -11.71
N SER I 64 -25.39 42.71 -11.43
CA SER I 64 -25.11 41.48 -12.17
C SER I 64 -26.32 40.57 -12.01
N GLY I 65 -26.88 40.12 -13.12
CA GLY I 65 -28.05 39.28 -13.10
C GLY I 65 -27.73 37.85 -12.71
N LEU I 66 -28.77 37.03 -12.71
CA LEU I 66 -28.65 35.61 -12.36
C LEU I 66 -28.43 34.82 -13.64
N GLN I 67 -27.28 34.16 -13.74
CA GLN I 67 -26.96 33.33 -14.89
C GLN I 67 -26.33 32.03 -14.42
N ILE I 68 -26.74 30.93 -15.05
CA ILE I 68 -26.27 29.60 -14.68
C ILE I 68 -25.67 28.95 -15.91
N GLY I 69 -24.45 28.43 -15.78
CA GLY I 69 -23.80 27.78 -16.90
C GLY I 69 -24.44 26.45 -17.24
N THR I 70 -24.13 25.95 -18.43
CA THR I 70 -24.65 24.66 -18.87
C THR I 70 -23.58 23.60 -19.08
N GLY I 71 -22.31 23.91 -18.88
CA GLY I 71 -21.28 22.89 -18.97
C GLY I 71 -20.10 23.39 -19.76
N VAL I 72 -19.28 22.43 -20.21
CA VAL I 72 -18.05 22.71 -20.93
C VAL I 72 -17.92 21.72 -22.08
N ARG I 73 -17.47 22.20 -23.23
CA ARG I 73 -17.27 21.38 -24.41
C ARG I 73 -15.88 21.64 -24.96
N PRO I 74 -15.28 20.66 -25.63
CA PRO I 74 -13.97 20.88 -26.27
C PRO I 74 -14.14 21.64 -27.58
N VAL I 75 -13.75 22.91 -27.58
CA VAL I 75 -13.99 23.74 -28.75
C VAL I 75 -13.09 23.34 -29.91
N ALA I 76 -11.83 23.02 -29.63
CA ALA I 76 -10.93 22.70 -30.74
C ALA I 76 -9.72 21.94 -30.22
N THR I 77 -8.91 21.47 -31.17
CA THR I 77 -7.61 20.89 -30.88
C THR I 77 -6.60 21.45 -31.88
N GLU I 78 -5.35 21.54 -31.46
CA GLU I 78 -4.31 22.15 -32.28
C GLU I 78 -3.01 21.39 -32.13
N ARG I 79 -2.32 21.19 -33.23
CA ARG I 79 -1.04 20.49 -33.25
C ARG I 79 0.09 21.51 -33.24
N LEU I 80 0.93 21.45 -32.21
CA LEU I 80 2.04 22.39 -32.09
C LEU I 80 3.08 22.08 -33.17
N HIS I 81 3.16 22.94 -34.19
CA HIS I 81 4.06 22.72 -35.31
C HIS I 81 5.45 23.27 -35.00
N SER I 82 6.05 22.72 -33.96
CA SER I 82 7.44 23.04 -33.63
C SER I 82 8.37 22.22 -34.51
N GLN I 83 9.67 22.47 -34.38
CA GLN I 83 10.69 21.77 -35.15
C GLN I 83 11.28 20.67 -34.26
N GLY I 84 10.99 19.42 -34.61
CA GLY I 84 11.45 18.31 -33.81
C GLY I 84 12.95 18.09 -33.91
N ASN I 85 13.49 17.36 -32.94
CA ASN I 85 14.93 17.11 -32.89
C ASN I 85 15.36 16.24 -34.06
N LEU I 86 16.62 16.39 -34.45
CA LEU I 86 17.20 15.64 -35.55
C LEU I 86 18.14 14.57 -35.00
N SER I 87 17.92 13.34 -35.41
CA SER I 87 18.75 12.21 -35.00
C SER I 87 19.51 11.69 -36.21
N GLN I 88 20.75 11.27 -35.98
CA GLN I 88 21.62 10.82 -37.05
C GLN I 88 21.47 9.30 -37.22
N THR I 89 21.01 8.89 -38.40
CA THR I 89 20.87 7.47 -38.73
C THR I 89 21.92 7.00 -39.73
N ASN I 90 22.60 7.92 -40.41
CA ASN I 90 23.71 7.60 -41.31
C ASN I 90 23.26 6.66 -42.44
N ASN I 91 22.12 6.96 -43.04
CA ASN I 91 21.67 6.28 -44.24
C ASN I 91 21.78 7.21 -45.44
N SER I 92 21.68 6.64 -46.63
CA SER I 92 21.81 7.41 -47.86
C SER I 92 20.47 7.87 -48.42
N LYS I 93 19.35 7.53 -47.77
CA LYS I 93 18.05 7.86 -48.30
C LYS I 93 17.09 8.34 -47.21
N ASP I 94 17.62 8.95 -46.16
CA ASP I 94 16.81 9.59 -45.13
C ASP I 94 17.03 11.09 -45.19
N VAL I 95 15.95 11.84 -45.37
CA VAL I 95 16.03 13.28 -45.56
C VAL I 95 15.31 13.95 -44.40
N ALA I 96 16.01 14.83 -43.70
CA ALA I 96 15.45 15.56 -42.57
C ALA I 96 15.26 17.02 -42.98
N ILE I 97 14.07 17.53 -42.73
CA ILE I 97 13.75 18.92 -43.05
C ILE I 97 13.97 19.77 -41.81
N LYS I 98 14.63 20.91 -41.99
CA LYS I 98 14.97 21.83 -40.90
C LYS I 98 14.36 23.18 -41.24
N GLY I 99 13.21 23.48 -40.65
CA GLY I 99 12.49 24.70 -40.96
C GLY I 99 11.02 24.46 -41.16
N GLN I 100 10.46 24.96 -42.25
CA GLN I 100 9.05 24.80 -42.56
C GLN I 100 8.89 24.24 -43.96
N GLY I 101 7.98 23.30 -44.12
CA GLY I 101 7.72 22.73 -45.42
C GLY I 101 7.15 21.34 -45.32
N PHE I 102 6.72 20.84 -46.47
CA PHE I 102 6.13 19.51 -46.57
C PHE I 102 6.44 18.93 -47.93
N PHE I 103 6.99 17.72 -47.96
CA PHE I 103 7.14 16.99 -49.21
C PHE I 103 5.77 16.66 -49.77
N GLN I 104 5.64 16.75 -51.10
CA GLN I 104 4.39 16.43 -51.77
C GLN I 104 4.39 14.99 -52.23
N VAL I 105 3.23 14.35 -52.15
CA VAL I 105 3.07 12.93 -52.49
C VAL I 105 1.77 12.77 -53.27
N MET I 106 1.80 11.92 -54.29
CA MET I 106 0.62 11.66 -55.12
C MET I 106 -0.04 10.36 -54.65
N LEU I 107 -1.26 10.46 -54.17
CA LEU I 107 -2.00 9.27 -53.76
C LEU I 107 -2.46 8.48 -54.98
N PRO I 108 -2.73 7.18 -54.83
CA PRO I 108 -3.12 6.38 -56.00
C PRO I 108 -4.37 6.88 -56.71
N ASP I 109 -5.34 7.43 -55.98
CA ASP I 109 -6.56 7.89 -56.63
C ASP I 109 -6.31 9.09 -57.54
N GLY I 110 -5.26 9.86 -57.29
CA GLY I 110 -4.94 10.98 -58.14
C GLY I 110 -4.68 12.27 -57.39
N THR I 111 -5.21 12.39 -56.18
CA THR I 111 -5.03 13.59 -55.40
C THR I 111 -3.62 13.65 -54.82
N SER I 112 -3.33 14.71 -54.06
CA SER I 112 -2.01 14.93 -53.50
C SER I 112 -2.10 15.22 -52.02
N ALA I 113 -1.18 14.64 -51.26
CA ALA I 113 -1.03 14.85 -49.83
C ALA I 113 0.36 15.39 -49.56
N TYR I 114 0.61 15.71 -48.30
CA TYR I 114 1.89 16.29 -47.90
C TYR I 114 2.36 15.64 -46.61
N THR I 115 3.68 15.61 -46.43
CA THR I 115 4.25 14.90 -45.30
C THR I 115 5.57 15.54 -44.88
N ARG I 116 5.98 15.25 -43.64
CA ARG I 116 7.30 15.61 -43.16
C ARG I 116 8.16 14.39 -42.86
N ASP I 117 7.62 13.20 -43.04
CA ASP I 117 8.33 11.96 -42.68
C ASP I 117 9.39 11.68 -43.74
N GLY I 118 10.66 11.80 -43.36
CA GLY I 118 11.72 11.50 -44.29
C GLY I 118 12.22 10.08 -44.18
N SER I 119 11.70 9.21 -45.05
CA SER I 119 12.18 7.84 -45.14
C SER I 119 11.87 7.37 -46.56
N PHE I 120 12.87 7.43 -47.43
CA PHE I 120 12.67 7.21 -48.85
C PHE I 120 13.25 5.87 -49.27
N GLN I 121 12.48 5.13 -50.06
CA GLN I 121 12.90 3.87 -50.64
C GLN I 121 12.71 3.94 -52.14
N VAL I 122 13.18 2.90 -52.83
CA VAL I 122 13.06 2.81 -54.27
C VAL I 122 12.27 1.56 -54.63
N ASP I 123 11.30 1.72 -55.52
CA ASP I 123 10.52 0.59 -56.00
C ASP I 123 11.33 -0.15 -57.07
N GLN I 124 10.74 -1.19 -57.66
CA GLN I 124 11.47 -1.97 -58.66
C GLN I 124 11.79 -1.16 -59.91
N ASN I 125 11.08 -0.05 -60.14
CA ASN I 125 11.35 0.80 -61.29
C ASN I 125 12.39 1.88 -61.01
N GLY I 126 12.87 1.99 -59.77
CA GLY I 126 13.84 3.00 -59.43
C GLY I 126 13.27 4.33 -58.98
N GLN I 127 11.95 4.49 -58.99
CA GLN I 127 11.34 5.73 -58.55
C GLN I 127 11.54 5.90 -57.05
N LEU I 128 11.69 7.16 -56.63
CA LEU I 128 11.88 7.49 -55.21
C LEU I 128 10.51 7.60 -54.57
N VAL I 129 10.09 6.55 -53.86
CA VAL I 129 8.79 6.52 -53.22
C VAL I 129 8.98 6.57 -51.72
N THR I 130 7.95 7.06 -51.03
CA THR I 130 7.99 7.08 -49.58
C THR I 130 7.70 5.68 -49.02
N ALA I 131 7.93 5.53 -47.73
CA ALA I 131 7.69 4.24 -47.07
C ALA I 131 6.20 3.97 -47.05
N GLY I 132 5.75 3.08 -47.93
CA GLY I 132 4.34 2.77 -48.03
C GLY I 132 3.88 2.54 -49.45
N GLY I 133 4.70 2.95 -50.42
CA GLY I 133 4.40 2.72 -51.81
C GLY I 133 3.89 3.93 -52.58
N PHE I 134 4.01 5.13 -52.03
CA PHE I 134 3.56 6.35 -52.69
C PHE I 134 4.76 7.10 -53.23
N GLN I 135 4.70 7.52 -54.49
CA GLN I 135 5.81 8.19 -55.13
C GLN I 135 5.71 9.70 -54.96
N VAL I 136 6.87 10.35 -54.92
CA VAL I 136 6.91 11.81 -54.81
C VAL I 136 6.39 12.43 -56.11
N GLN I 137 5.78 13.60 -55.99
CA GLN I 137 5.10 14.20 -57.14
C GLN I 137 6.05 14.50 -58.30
N PRO I 138 7.21 15.14 -58.11
CA PRO I 138 8.11 15.38 -59.26
C PRO I 138 8.66 14.10 -59.89
N ALA I 139 8.42 12.94 -59.30
CA ALA I 139 8.78 11.64 -59.89
C ALA I 139 10.29 11.55 -60.14
N ILE I 140 11.05 11.59 -59.05
CA ILE I 140 12.49 11.47 -59.12
C ILE I 140 12.83 10.00 -59.35
N THR I 141 13.31 9.67 -60.56
CA THR I 141 13.61 8.30 -60.93
C THR I 141 15.10 8.06 -60.76
N ILE I 142 15.46 7.32 -59.71
CA ILE I 142 16.85 6.94 -59.47
C ILE I 142 17.23 5.86 -60.46
N PRO I 143 18.29 6.05 -61.26
CA PRO I 143 18.69 5.03 -62.22
C PRO I 143 19.37 3.86 -61.52
N ALA I 144 19.51 2.77 -62.26
CA ALA I 144 20.20 1.58 -61.78
C ALA I 144 21.71 1.83 -61.83
N ASN I 145 22.49 0.80 -61.54
CA ASN I 145 23.95 0.83 -61.51
C ASN I 145 24.48 2.10 -60.85
N ALA I 146 23.81 2.53 -59.78
CA ALA I 146 24.18 3.76 -59.09
C ALA I 146 25.16 3.43 -57.98
N LEU I 147 26.39 3.93 -58.11
CA LEU I 147 27.37 3.73 -57.05
C LEU I 147 26.94 4.42 -55.76
N SER I 148 26.48 5.65 -55.86
CA SER I 148 26.04 6.37 -54.66
C SER I 148 24.99 7.41 -55.02
N ILE I 149 24.20 7.78 -54.01
CA ILE I 149 23.14 8.77 -54.15
C ILE I 149 23.40 9.87 -53.13
N THR I 150 23.40 11.12 -53.59
CA THR I 150 23.64 12.26 -52.73
C THR I 150 22.54 13.30 -52.93
N ILE I 151 22.18 13.94 -51.82
CA ILE I 151 21.15 14.98 -51.82
C ILE I 151 21.74 16.22 -51.16
N GLY I 152 21.83 17.31 -51.91
CA GLY I 152 22.46 18.51 -51.41
C GLY I 152 21.60 19.25 -50.41
N ARG I 153 22.15 20.36 -49.92
CA ARG I 153 21.41 21.21 -48.99
C ARG I 153 20.15 21.76 -49.66
N ASP I 154 20.26 22.14 -50.93
CA ASP I 154 19.10 22.55 -51.71
C ASP I 154 18.39 21.31 -52.24
N GLY I 155 17.46 21.51 -53.17
CA GLY I 155 16.67 20.41 -53.67
C GLY I 155 17.35 19.51 -54.67
N VAL I 156 18.58 19.83 -55.08
CA VAL I 156 19.25 19.05 -56.11
C VAL I 156 19.60 17.66 -55.59
N VAL I 157 19.24 16.64 -56.37
CA VAL I 157 19.55 15.25 -56.05
C VAL I 157 20.41 14.70 -57.18
N SER I 158 21.58 14.17 -56.83
CA SER I 158 22.51 13.68 -57.83
C SER I 158 22.94 12.26 -57.49
N VAL I 159 23.44 11.58 -58.51
CA VAL I 159 23.85 10.19 -58.40
C VAL I 159 25.25 10.04 -58.99
N THR I 160 26.15 9.43 -58.23
CA THR I 160 27.47 9.07 -58.72
C THR I 160 27.41 7.66 -59.29
N GLN I 161 27.72 7.52 -60.57
CA GLN I 161 27.60 6.27 -61.30
C GLN I 161 28.98 5.63 -61.46
N GLN I 162 29.03 4.54 -62.24
CA GLN I 162 30.27 3.79 -62.39
C GLN I 162 31.37 4.62 -63.06
N GLY I 163 31.03 5.34 -64.11
CA GLY I 163 32.04 6.09 -64.84
C GLY I 163 31.73 7.56 -64.97
N GLN I 164 32.25 8.18 -66.04
CA GLN I 164 31.97 9.57 -66.45
C GLN I 164 32.51 10.58 -65.44
N ALA I 165 33.07 10.09 -64.33
CA ALA I 165 33.84 10.92 -63.38
C ALA I 165 33.09 12.18 -62.96
N ALA I 166 31.76 12.12 -62.93
CA ALA I 166 30.98 13.29 -62.54
C ALA I 166 29.57 12.89 -62.12
N PRO I 167 29.09 13.39 -61.00
CA PRO I 167 27.70 13.13 -60.62
C PRO I 167 26.75 13.78 -61.60
N VAL I 168 25.61 13.12 -61.83
CA VAL I 168 24.60 13.57 -62.76
C VAL I 168 23.28 13.78 -62.01
N GLN I 169 22.67 14.94 -62.22
CA GLN I 169 21.38 15.23 -61.61
C GLN I 169 20.30 14.36 -62.24
N VAL I 170 19.39 13.87 -61.40
CA VAL I 170 18.26 13.08 -61.86
C VAL I 170 16.93 13.69 -61.44
N GLY I 171 16.95 14.87 -60.83
CA GLY I 171 15.72 15.51 -60.41
C GLY I 171 16.00 16.56 -59.34
N GLN I 172 14.91 17.03 -58.75
CA GLN I 172 15.00 18.02 -57.68
C GLN I 172 13.87 17.78 -56.69
N LEU I 173 14.08 18.20 -55.45
CA LEU I 173 13.12 18.03 -54.37
C LEU I 173 12.65 19.40 -53.88
N ASN I 174 11.62 19.92 -54.53
CA ASN I 174 10.96 21.12 -54.03
C ASN I 174 10.01 20.73 -52.90
N LEU I 175 9.70 21.68 -52.04
CA LEU I 175 8.75 21.45 -50.96
C LEU I 175 7.75 22.59 -50.92
N THR I 176 6.53 22.27 -50.50
CA THR I 176 5.42 23.20 -50.52
C THR I 176 5.11 23.69 -49.11
N THR I 177 4.86 24.99 -49.00
CA THR I 177 4.49 25.60 -47.74
C THR I 177 3.04 26.07 -47.81
N PHE I 178 2.48 26.33 -46.63
CA PHE I 178 1.10 26.77 -46.50
C PHE I 178 1.05 28.06 -45.71
N MET I 179 -0.02 28.82 -45.91
CA MET I 179 -0.23 30.03 -45.12
C MET I 179 -0.48 29.71 -43.66
N ASN I 180 -1.27 28.67 -43.39
CA ASN I 180 -1.58 28.25 -42.02
C ASN I 180 -1.50 26.73 -41.99
N ASP I 181 -0.40 26.20 -41.45
CA ASP I 181 -0.19 24.76 -41.45
C ASP I 181 -0.96 24.04 -40.35
N THR I 182 -1.49 24.78 -39.36
CA THR I 182 -2.27 24.13 -38.32
C THR I 182 -3.56 23.52 -38.87
N GLY I 183 -4.24 24.25 -39.74
CA GLY I 183 -5.51 23.80 -40.28
C GLY I 183 -5.39 22.83 -41.43
N LEU I 184 -4.64 21.74 -41.24
CA LEU I 184 -4.49 20.70 -42.23
C LEU I 184 -5.16 19.43 -41.73
N GLU I 185 -6.09 18.90 -42.53
CA GLU I 185 -6.71 17.63 -42.19
C GLU I 185 -5.66 16.52 -42.19
N SER I 186 -5.69 15.69 -41.17
CA SER I 186 -4.63 14.70 -40.93
C SER I 186 -5.21 13.29 -41.12
N ILE I 187 -5.02 12.74 -42.31
CA ILE I 187 -5.30 11.33 -42.56
C ILE I 187 -4.11 10.52 -42.04
N GLY I 188 -4.26 9.20 -41.99
CA GLY I 188 -3.24 8.35 -41.43
C GLY I 188 -1.95 8.35 -42.23
N GLU I 189 -1.08 7.40 -41.86
CA GLU I 189 0.25 7.19 -42.44
C GLU I 189 0.97 8.51 -42.74
N ASN I 190 0.95 9.40 -41.75
CA ASN I 190 1.75 10.63 -41.77
C ASN I 190 1.48 11.47 -43.02
N LEU I 191 0.20 11.65 -43.35
CA LEU I 191 -0.17 12.45 -44.50
C LEU I 191 -1.15 13.55 -44.08
N TYR I 192 -1.06 14.68 -44.77
CA TYR I 192 -1.99 15.79 -44.58
C TYR I 192 -2.55 16.19 -45.93
N ILE I 193 -3.82 16.60 -45.94
CA ILE I 193 -4.47 17.08 -47.15
C ILE I 193 -4.94 18.50 -46.90
N GLU I 194 -4.75 19.36 -47.90
CA GLU I 194 -5.12 20.76 -47.74
C GLU I 194 -6.64 20.91 -47.62
N THR I 195 -7.05 21.87 -46.79
CA THR I 195 -8.47 22.16 -46.60
C THR I 195 -8.73 23.63 -46.86
N GLN I 196 -9.95 24.09 -46.53
CA GLN I 196 -10.26 25.49 -46.74
C GLN I 196 -9.51 26.39 -45.77
N SER I 197 -9.30 25.93 -44.54
CA SER I 197 -8.65 26.77 -43.53
C SER I 197 -7.19 27.05 -43.87
N SER I 198 -6.58 26.25 -44.72
CA SER I 198 -5.21 26.47 -45.16
C SER I 198 -5.22 26.87 -46.63
N GLY I 199 -4.51 27.94 -46.95
CA GLY I 199 -4.51 28.45 -48.31
C GLY I 199 -3.89 27.46 -49.28
N ALA I 200 -3.95 27.83 -50.55
CA ALA I 200 -3.37 26.98 -51.58
C ALA I 200 -1.87 26.85 -51.35
N PRO I 201 -1.33 25.63 -51.36
CA PRO I 201 0.10 25.46 -51.10
C PRO I 201 0.93 26.13 -52.18
N ASN I 202 2.07 26.68 -51.78
CA ASN I 202 3.00 27.30 -52.71
C ASN I 202 4.31 26.51 -52.64
N GLU I 203 4.75 26.00 -53.78
CA GLU I 203 5.97 25.21 -53.82
C GLU I 203 7.18 26.14 -53.91
N SER I 204 8.32 25.64 -53.42
CA SER I 204 9.55 26.43 -53.45
C SER I 204 10.74 25.50 -53.29
N THR I 205 11.90 26.00 -53.72
CA THR I 205 13.15 25.32 -53.48
C THR I 205 13.56 25.52 -52.03
N PRO I 206 14.31 24.58 -51.46
CA PRO I 206 14.71 24.71 -50.05
C PRO I 206 15.62 25.91 -49.85
N GLY I 207 15.54 26.48 -48.65
CA GLY I 207 16.41 27.57 -48.26
C GLY I 207 15.96 28.95 -48.70
N LEU I 208 14.83 29.07 -49.39
CA LEU I 208 14.36 30.36 -49.88
C LEU I 208 12.92 30.56 -49.44
N ASN I 209 12.56 31.83 -49.25
CA ASN I 209 11.21 32.24 -48.83
C ASN I 209 10.82 31.60 -47.50
N GLY I 210 11.79 31.41 -46.61
CA GLY I 210 11.51 30.81 -45.32
C GLY I 210 11.40 29.31 -45.32
N ALA I 211 11.61 28.65 -46.46
CA ALA I 211 11.57 27.20 -46.50
C ALA I 211 12.79 26.61 -45.78
N GLY I 212 12.65 25.39 -45.30
CA GLY I 212 13.69 24.74 -44.54
C GLY I 212 14.81 24.22 -45.42
N LEU I 213 15.75 23.56 -44.78
CA LEU I 213 16.90 22.96 -45.44
C LEU I 213 16.82 21.44 -45.34
N LEU I 214 17.38 20.75 -46.32
CA LEU I 214 17.34 19.30 -46.38
C LEU I 214 18.68 18.73 -45.96
N TYR I 215 18.68 17.85 -44.97
CA TYR I 215 19.86 17.13 -44.54
C TYR I 215 19.74 15.68 -44.96
N GLN I 216 20.83 15.13 -45.50
CA GLN I 216 20.88 13.73 -45.90
C GLN I 216 21.53 12.92 -44.79
N GLY I 217 20.86 11.84 -44.38
CA GLY I 217 21.35 10.99 -43.32
C GLY I 217 20.78 11.23 -41.95
N TYR I 218 19.77 12.10 -41.83
CA TYR I 218 19.12 12.37 -40.56
C TYR I 218 17.62 12.15 -40.70
N VAL I 219 16.96 11.99 -39.55
CA VAL I 219 15.51 11.81 -39.52
C VAL I 219 14.96 12.56 -38.33
N GLU I 220 13.81 13.21 -38.52
CA GLU I 220 13.22 14.07 -37.52
C GLU I 220 12.30 13.27 -36.61
N THR I 221 12.61 13.26 -35.31
CA THR I 221 11.79 12.55 -34.35
C THR I 221 10.60 13.41 -33.92
N SER I 222 9.63 12.74 -33.31
CA SER I 222 8.41 13.43 -32.88
C SER I 222 8.74 14.43 -31.79
N ASN I 223 7.99 15.54 -31.78
CA ASN I 223 8.25 16.60 -30.80
C ASN I 223 7.40 16.43 -29.55
N VAL I 224 7.45 15.24 -28.95
CA VAL I 224 6.65 14.93 -27.78
C VAL I 224 7.54 14.99 -26.56
N ASN I 225 7.21 15.88 -25.63
CA ASN I 225 7.97 16.04 -24.39
C ASN I 225 7.35 15.13 -23.34
N VAL I 226 7.97 13.96 -23.14
CA VAL I 226 7.38 12.95 -22.28
C VAL I 226 7.39 13.36 -20.81
N ALA I 227 8.19 14.37 -20.44
CA ALA I 227 8.28 14.76 -19.05
C ALA I 227 7.01 15.41 -18.52
N GLU I 228 6.33 16.22 -19.33
CA GLU I 228 5.13 16.92 -18.88
C GLU I 228 3.85 16.12 -19.12
N GLU I 229 3.90 15.08 -19.94
CA GLU I 229 2.71 14.25 -20.14
C GLU I 229 2.29 13.58 -18.83
N LEU I 230 3.24 13.22 -17.98
CA LEU I 230 2.90 12.58 -16.71
C LEU I 230 2.14 13.52 -15.80
N VAL I 231 2.62 14.76 -15.65
CA VAL I 231 1.91 15.70 -14.80
C VAL I 231 0.56 16.06 -15.42
N ASN I 232 0.48 16.13 -16.75
CA ASN I 232 -0.81 16.38 -17.38
C ASN I 232 -1.81 15.27 -17.08
N MET I 233 -1.36 14.01 -17.14
CA MET I 233 -2.27 12.91 -16.87
C MET I 233 -2.65 12.85 -15.39
N ILE I 234 -1.74 13.25 -14.50
CA ILE I 234 -2.09 13.33 -13.08
C ILE I 234 -3.20 14.36 -12.88
N GLN I 235 -3.05 15.53 -13.49
CA GLN I 235 -4.09 16.55 -13.39
C GLN I 235 -5.40 16.06 -13.97
N VAL I 236 -5.34 15.35 -15.10
CA VAL I 236 -6.55 14.82 -15.72
C VAL I 236 -7.24 13.84 -14.78
N GLN I 237 -6.48 12.96 -14.16
CA GLN I 237 -7.05 11.99 -13.23
C GLN I 237 -7.73 12.68 -12.06
N ARG I 238 -7.09 13.71 -11.50
CA ARG I 238 -7.70 14.40 -10.38
C ARG I 238 -8.98 15.11 -10.79
N ALA I 239 -8.98 15.75 -11.97
CA ALA I 239 -10.21 16.40 -12.42
C ALA I 239 -11.33 15.40 -12.63
N TYR I 240 -10.99 14.23 -13.19
CA TYR I 240 -12.00 13.20 -13.39
C TYR I 240 -12.57 12.72 -12.06
N GLU I 241 -11.70 12.56 -11.05
CA GLU I 241 -12.18 12.16 -9.74
C GLU I 241 -13.11 13.22 -9.15
N ILE I 242 -12.77 14.50 -9.33
CA ILE I 242 -13.63 15.56 -8.82
C ILE I 242 -15.00 15.52 -9.47
N ASN I 243 -15.04 15.35 -10.80
CA ASN I 243 -16.33 15.29 -11.48
C ASN I 243 -17.13 14.07 -11.04
N SER I 244 -16.46 12.94 -10.84
CA SER I 244 -17.15 11.76 -10.34
C SER I 244 -17.74 12.01 -8.96
N LYS I 245 -17.01 12.74 -8.11
CA LYS I 245 -17.53 13.09 -6.80
C LYS I 245 -18.77 13.96 -6.93
N ALA I 246 -18.76 14.90 -7.87
CA ALA I 246 -19.94 15.74 -8.08
C ALA I 246 -21.14 14.89 -8.51
N VAL I 247 -20.91 13.94 -9.42
CA VAL I 247 -21.99 13.06 -9.84
C VAL I 247 -22.53 12.26 -8.65
N SER I 248 -21.63 11.74 -7.82
CA SER I 248 -22.06 10.95 -6.67
C SER I 248 -22.89 11.79 -5.70
N THR I 249 -22.46 13.03 -5.45
CA THR I 249 -23.22 13.90 -4.56
C THR I 249 -24.60 14.18 -5.11
N THR I 250 -24.71 14.44 -6.41
CA THR I 250 -26.02 14.68 -7.01
C THR I 250 -26.89 13.43 -6.90
N ASP I 251 -26.31 12.26 -7.14
CA ASP I 251 -27.07 11.02 -7.03
C ASP I 251 -27.60 10.82 -5.63
N GLN I 252 -26.75 11.04 -4.62
CA GLN I 252 -27.18 10.86 -3.23
C GLN I 252 -28.27 11.86 -2.88
N MET I 253 -28.13 13.10 -3.34
CA MET I 253 -29.15 14.12 -3.08
C MET I 253 -30.49 13.71 -3.67
N LEU I 254 -30.48 13.23 -4.91
CA LEU I 254 -31.72 12.78 -5.54
C LEU I 254 -32.32 11.60 -4.79
N GLN I 255 -31.46 10.66 -4.35
CA GLN I 255 -31.96 9.50 -3.63
C GLN I 255 -32.65 9.91 -2.34
N LYS I 256 -32.04 10.82 -1.58
CA LYS I 256 -32.68 11.26 -0.36
C LYS I 256 -33.92 12.08 -0.61
N LEU I 257 -33.96 12.84 -1.72
CA LEU I 257 -35.19 13.57 -2.06
C LEU I 257 -36.33 12.60 -2.34
N THR I 258 -36.05 11.56 -3.11
CA THR I 258 -37.10 10.63 -3.51
C THR I 258 -37.40 9.57 -2.47
N GLN I 259 -36.58 9.47 -1.41
CA GLN I 259 -36.86 8.49 -0.36
C GLN I 259 -38.19 8.76 0.32
N LEU I 260 -38.47 10.02 0.63
CA LEU I 260 -39.68 10.37 1.38
C LEU I 260 -40.93 10.19 0.52
N MET J 1 -36.78 -11.62 -14.51
CA MET J 1 -38.01 -11.34 -15.24
C MET J 1 -37.90 -10.04 -16.03
N ILE J 2 -36.71 -9.49 -16.08
CA ILE J 2 -36.46 -8.20 -16.70
C ILE J 2 -35.46 -8.36 -17.83
N SER J 3 -35.72 -7.69 -18.95
CA SER J 3 -34.86 -7.80 -20.11
C SER J 3 -33.44 -7.34 -19.80
N SER J 4 -33.31 -6.27 -19.00
CA SER J 4 -31.98 -5.82 -18.63
C SER J 4 -31.22 -6.89 -17.86
N LEU J 5 -31.90 -7.57 -16.94
CA LEU J 5 -31.26 -8.63 -16.17
C LEU J 5 -30.84 -9.79 -17.07
N TRP J 6 -31.73 -10.20 -17.97
CA TRP J 6 -31.41 -11.32 -18.85
C TRP J 6 -30.40 -10.98 -19.93
N ILE J 7 -30.14 -9.69 -20.16
CA ILE J 7 -29.05 -9.29 -21.03
C ILE J 7 -27.73 -9.20 -20.27
N ALA J 8 -27.77 -8.67 -19.06
CA ALA J 8 -26.56 -8.58 -18.25
C ALA J 8 -26.05 -9.97 -17.87
N LYS J 9 -26.94 -10.96 -17.75
CA LYS J 9 -26.49 -12.33 -17.54
C LYS J 9 -25.58 -12.79 -18.67
N THR J 10 -26.01 -12.59 -19.91
CA THR J 10 -25.18 -13.00 -21.04
C THR J 10 -23.90 -12.18 -21.11
N GLY J 11 -23.97 -10.90 -20.76
CA GLY J 11 -22.75 -10.10 -20.72
C GLY J 11 -21.74 -10.63 -19.73
N LEU J 12 -22.21 -10.98 -18.53
CA LEU J 12 -21.32 -11.57 -17.53
C LEU J 12 -20.74 -12.89 -18.03
N ASP J 13 -21.56 -13.72 -18.66
CA ASP J 13 -21.07 -15.00 -19.17
C ASP J 13 -19.99 -14.80 -20.23
N ALA J 14 -20.20 -13.84 -21.13
CA ALA J 14 -19.20 -13.58 -22.16
C ALA J 14 -17.89 -13.09 -21.55
N GLN J 15 -17.98 -12.18 -20.58
CA GLN J 15 -16.75 -11.72 -19.95
C GLN J 15 -16.04 -12.85 -19.20
N GLN J 16 -16.82 -13.73 -18.57
CA GLN J 16 -16.22 -14.85 -17.86
C GLN J 16 -15.49 -15.79 -18.82
N THR J 17 -16.09 -16.08 -19.97
CA THR J 17 -15.41 -16.99 -20.90
C THR J 17 -14.19 -16.33 -21.53
N ASN J 18 -14.24 -15.01 -21.75
CA ASN J 18 -13.04 -14.31 -22.22
C ASN J 18 -11.92 -14.41 -21.19
N MET J 19 -12.24 -14.18 -19.92
CA MET J 19 -11.22 -14.31 -18.88
C MET J 19 -10.71 -15.75 -18.80
N ASP J 20 -11.59 -16.71 -19.02
CA ASP J 20 -11.18 -18.12 -18.96
C ASP J 20 -10.18 -18.45 -20.05
N VAL J 21 -10.43 -17.99 -21.28
CA VAL J 21 -9.48 -18.27 -22.35
C VAL J 21 -8.18 -17.52 -22.11
N ILE J 22 -8.22 -16.31 -21.55
CA ILE J 22 -6.98 -15.60 -21.22
C ILE J 22 -6.18 -16.38 -20.18
N ALA J 23 -6.86 -16.90 -19.15
CA ALA J 23 -6.18 -17.67 -18.12
C ALA J 23 -5.58 -18.94 -18.69
N ASN J 24 -6.31 -19.60 -19.59
CA ASN J 24 -5.78 -20.82 -20.21
C ASN J 24 -4.54 -20.51 -21.04
N ASN J 25 -4.56 -19.39 -21.78
CA ASN J 25 -3.37 -19.00 -22.52
C ASN J 25 -2.20 -18.73 -21.59
N LEU J 26 -2.45 -18.05 -20.47
CA LEU J 26 -1.37 -17.74 -19.55
C LEU J 26 -0.84 -18.97 -18.82
N ALA J 27 -1.69 -19.99 -18.63
CA ALA J 27 -1.29 -21.14 -17.83
C ALA J 27 -0.13 -21.89 -18.47
N ASN J 28 -0.32 -22.36 -19.69
CA ASN J 28 0.70 -23.15 -20.37
C ASN J 28 1.54 -22.27 -21.30
N VAL J 29 2.23 -21.30 -20.69
CA VAL J 29 3.13 -20.46 -21.45
C VAL J 29 4.45 -21.17 -21.74
N SER J 30 4.80 -22.19 -20.95
CA SER J 30 6.04 -22.93 -21.14
C SER J 30 5.86 -24.20 -21.94
N THR J 31 4.64 -24.48 -22.41
CA THR J 31 4.39 -25.70 -23.17
C THR J 31 5.03 -25.59 -24.55
N ASN J 32 5.77 -26.63 -24.94
CA ASN J 32 6.41 -26.63 -26.25
C ASN J 32 5.35 -26.78 -27.34
N GLY J 33 5.48 -25.97 -28.38
CA GLY J 33 4.58 -26.05 -29.51
C GLY J 33 3.12 -25.76 -29.19
N PHE J 34 2.87 -24.65 -28.49
CA PHE J 34 1.52 -24.26 -28.12
C PHE J 34 1.14 -22.96 -28.81
N LYS J 35 -0.07 -22.93 -29.35
CA LYS J 35 -0.59 -21.80 -30.10
C LYS J 35 -1.70 -21.14 -29.30
N ARG J 36 -1.61 -19.82 -29.14
CA ARG J 36 -2.55 -19.10 -28.30
C ARG J 36 -3.93 -19.03 -28.95
N GLN J 37 -4.94 -18.81 -28.12
CA GLN J 37 -6.33 -18.78 -28.56
C GLN J 37 -6.93 -17.41 -28.26
N ARG J 38 -7.88 -17.00 -29.10
CA ARG J 38 -8.65 -15.81 -28.84
C ARG J 38 -10.10 -16.06 -29.19
N ALA J 39 -11.00 -15.40 -28.46
CA ALA J 39 -12.44 -15.61 -28.58
C ALA J 39 -13.09 -14.48 -29.35
N VAL J 40 -14.08 -14.82 -30.17
CA VAL J 40 -14.86 -13.88 -30.95
C VAL J 40 -16.33 -14.05 -30.57
N PHE J 41 -16.98 -12.95 -30.23
CA PHE J 41 -18.37 -12.93 -29.81
C PHE J 41 -19.26 -12.36 -30.91
N GLU J 42 -20.57 -12.60 -30.75
CA GLU J 42 -21.57 -12.03 -31.64
C GLU J 42 -22.79 -11.69 -30.80
N ASP J 43 -23.59 -10.75 -31.31
CA ASP J 43 -24.80 -10.31 -30.63
C ASP J 43 -25.94 -11.30 -30.88
N LEU J 44 -26.83 -11.38 -29.89
CA LEU J 44 -27.98 -12.27 -29.98
C LEU J 44 -29.06 -11.63 -30.85
N LEU J 45 -30.26 -12.19 -30.83
CA LEU J 45 -31.31 -11.72 -31.71
C LEU J 45 -31.80 -10.34 -31.29
N TYR J 46 -32.75 -9.82 -32.08
CA TYR J 46 -33.35 -8.52 -31.86
C TYR J 46 -34.86 -8.63 -31.94
N GLN J 47 -35.54 -7.92 -31.05
CA GLN J 47 -37.00 -7.84 -31.05
C GLN J 47 -37.39 -6.55 -31.76
N THR J 48 -38.25 -6.68 -32.77
CA THR J 48 -38.68 -5.54 -33.58
C THR J 48 -40.06 -5.12 -33.12
N ILE J 49 -40.13 -4.02 -32.37
CA ILE J 49 -41.42 -3.47 -31.97
C ILE J 49 -42.13 -2.86 -33.18
N ARG J 50 -41.40 -2.09 -33.99
CA ARG J 50 -41.93 -1.48 -35.19
C ARG J 50 -41.02 -1.85 -36.36
N GLN J 51 -41.61 -2.35 -37.43
CA GLN J 51 -40.84 -2.81 -38.58
C GLN J 51 -40.12 -1.64 -39.24
N PRO J 52 -38.81 -1.67 -39.36
CA PRO J 52 -38.10 -0.56 -40.01
C PRO J 52 -38.52 -0.43 -41.46
N GLY J 53 -38.53 0.81 -41.94
CA GLY J 53 -38.96 1.06 -43.29
C GLY J 53 -40.44 0.92 -43.53
N ALA J 54 -41.24 0.88 -42.47
CA ALA J 54 -42.68 0.76 -42.63
C ALA J 54 -43.24 2.04 -43.24
N GLN J 55 -44.35 1.89 -43.96
CA GLN J 55 -45.01 3.01 -44.62
C GLN J 55 -45.74 3.83 -43.56
N SER J 56 -45.08 4.87 -43.04
CA SER J 56 -45.62 5.64 -41.94
C SER J 56 -46.72 6.60 -42.35
N SER J 57 -46.89 6.84 -43.65
CA SER J 57 -47.97 7.68 -44.16
C SER J 57 -48.20 7.29 -45.61
N GLU J 58 -48.95 8.11 -46.34
CA GLU J 58 -49.10 7.85 -47.76
C GLU J 58 -47.79 8.05 -48.51
N GLN J 59 -46.88 8.85 -47.95
CA GLN J 59 -45.61 9.15 -48.59
C GLN J 59 -44.40 8.86 -47.70
N THR J 60 -44.52 9.10 -46.40
CA THR J 60 -43.39 8.98 -45.50
C THR J 60 -43.11 7.52 -45.14
N THR J 61 -41.84 7.22 -44.96
CA THR J 61 -41.41 5.90 -44.51
C THR J 61 -40.55 6.06 -43.25
N LEU J 62 -40.67 5.10 -42.35
CA LEU J 62 -39.94 5.16 -41.09
C LEU J 62 -38.45 5.06 -41.34
N PRO J 63 -37.64 6.03 -40.92
CA PRO J 63 -36.18 5.93 -41.13
C PRO J 63 -35.57 4.73 -40.45
N SER J 64 -36.06 4.37 -39.27
CA SER J 64 -35.52 3.23 -38.53
C SER J 64 -36.53 2.83 -37.46
N GLY J 65 -36.98 1.59 -37.51
CA GLY J 65 -37.94 1.10 -36.55
C GLY J 65 -37.32 0.85 -35.20
N LEU J 66 -38.18 0.50 -34.24
CA LEU J 66 -37.74 0.24 -32.88
C LEU J 66 -37.26 -1.21 -32.79
N GLN J 67 -35.98 -1.38 -32.45
CA GLN J 67 -35.40 -2.70 -32.30
C GLN J 67 -34.60 -2.75 -31.01
N ILE J 68 -34.77 -3.85 -30.26
CA ILE J 68 -34.10 -4.03 -28.98
C ILE J 68 -33.27 -5.31 -29.04
N GLY J 69 -31.99 -5.20 -28.66
CA GLY J 69 -31.12 -6.35 -28.67
C GLY J 69 -31.43 -7.31 -27.55
N THR J 70 -30.87 -8.51 -27.66
CA THR J 70 -31.06 -9.52 -26.62
C THR J 70 -29.80 -9.88 -25.85
N GLY J 71 -28.62 -9.57 -26.33
CA GLY J 71 -27.41 -9.84 -25.57
C GLY J 71 -26.29 -10.30 -26.47
N VAL J 72 -25.30 -10.95 -25.85
CA VAL J 72 -24.09 -11.39 -26.52
C VAL J 72 -23.88 -12.87 -26.27
N ARG J 73 -23.25 -13.54 -27.22
CA ARG J 73 -22.80 -14.91 -27.02
C ARG J 73 -21.45 -15.10 -27.70
N PRO J 74 -20.60 -15.96 -27.15
CA PRO J 74 -19.33 -16.27 -27.82
C PRO J 74 -19.58 -17.17 -29.02
N VAL J 75 -19.14 -16.76 -30.19
CA VAL J 75 -19.46 -17.48 -31.40
C VAL J 75 -18.31 -18.41 -31.81
N ALA J 76 -17.08 -18.04 -31.45
CA ALA J 76 -15.97 -18.88 -31.88
C ALA J 76 -14.74 -18.62 -31.03
N THR J 77 -13.79 -19.54 -31.12
CA THR J 77 -12.45 -19.38 -30.58
C THR J 77 -11.48 -19.92 -31.61
N GLU J 78 -10.46 -19.12 -31.95
CA GLU J 78 -9.50 -19.53 -32.96
C GLU J 78 -8.08 -19.47 -32.39
N ARG J 79 -7.23 -20.34 -32.93
CA ARG J 79 -5.85 -20.44 -32.51
C ARG J 79 -4.96 -19.76 -33.55
N LEU J 80 -4.12 -18.84 -33.08
CA LEU J 80 -3.22 -18.11 -33.98
C LEU J 80 -2.06 -19.03 -34.34
N HIS J 81 -2.16 -19.67 -35.51
CA HIS J 81 -1.14 -20.61 -35.96
C HIS J 81 0.05 -19.87 -36.60
N SER J 82 0.78 -19.15 -35.76
CA SER J 82 1.99 -18.46 -36.20
C SER J 82 3.19 -19.35 -35.88
N GLN J 83 4.39 -18.81 -36.08
CA GLN J 83 5.62 -19.54 -35.79
C GLN J 83 6.15 -19.08 -34.44
N GLY J 84 6.23 -20.01 -33.50
CA GLY J 84 6.76 -19.71 -32.19
C GLY J 84 8.26 -19.54 -32.20
N ASN J 85 8.77 -18.97 -31.12
CA ASN J 85 10.20 -18.78 -30.98
C ASN J 85 10.90 -20.13 -30.81
N LEU J 86 12.11 -20.22 -31.37
CA LEU J 86 12.90 -21.44 -31.31
C LEU J 86 13.99 -21.29 -30.26
N SER J 87 14.03 -22.22 -29.32
CA SER J 87 15.05 -22.28 -28.30
C SER J 87 15.89 -23.53 -28.50
N GLN J 88 17.15 -23.47 -28.06
CA GLN J 88 18.11 -24.55 -28.28
C GLN J 88 18.33 -25.30 -26.98
N THR J 89 18.25 -26.63 -27.04
CA THR J 89 18.43 -27.48 -25.87
C THR J 89 19.60 -28.43 -25.98
N ASN J 90 20.25 -28.53 -27.14
CA ASN J 90 21.40 -29.42 -27.34
C ASN J 90 21.05 -30.87 -27.03
N ASN J 91 19.83 -31.28 -27.32
CA ASN J 91 19.41 -32.67 -27.20
C ASN J 91 19.28 -33.26 -28.60
N SER J 92 19.97 -34.37 -28.84
CA SER J 92 20.03 -34.93 -30.20
C SER J 92 18.67 -35.42 -30.66
N LYS J 93 17.75 -35.70 -29.74
CA LYS J 93 16.47 -36.30 -30.08
C LYS J 93 15.32 -35.31 -30.00
N ASP J 94 15.61 -34.01 -30.10
CA ASP J 94 14.60 -32.97 -30.13
C ASP J 94 14.59 -32.31 -31.50
N VAL J 95 13.41 -32.25 -32.12
CA VAL J 95 13.25 -31.74 -33.47
C VAL J 95 12.30 -30.56 -33.44
N ALA J 96 12.69 -29.45 -34.05
CA ALA J 96 11.87 -28.26 -34.15
C ALA J 96 11.46 -28.05 -35.60
N ILE J 97 10.17 -27.92 -35.83
CA ILE J 97 9.62 -27.76 -37.18
C ILE J 97 9.39 -26.28 -37.42
N LYS J 98 10.06 -25.74 -38.44
CA LYS J 98 9.93 -24.34 -38.81
C LYS J 98 9.07 -24.27 -40.06
N GLY J 99 7.99 -23.48 -39.99
CA GLY J 99 7.03 -23.38 -41.07
C GLY J 99 5.66 -23.90 -40.64
N GLN J 100 5.00 -24.59 -41.55
CA GLN J 100 3.68 -25.16 -41.28
C GLN J 100 3.71 -26.65 -41.57
N GLY J 101 3.21 -27.43 -40.62
CA GLY J 101 3.19 -28.87 -40.78
C GLY J 101 2.89 -29.53 -39.45
N PHE J 102 2.69 -30.84 -39.50
CA PHE J 102 2.39 -31.62 -38.32
C PHE J 102 2.97 -33.01 -38.46
N PHE J 103 3.50 -33.55 -37.36
CA PHE J 103 3.91 -34.94 -37.32
C PHE J 103 2.71 -35.82 -37.05
N GLN J 104 2.66 -36.95 -37.74
CA GLN J 104 1.54 -37.89 -37.58
C GLN J 104 1.88 -38.92 -36.50
N VAL J 105 0.94 -39.14 -35.59
CA VAL J 105 1.12 -40.03 -34.46
C VAL J 105 -0.01 -41.06 -34.47
N MET J 106 0.35 -42.33 -34.35
CA MET J 106 -0.63 -43.42 -34.40
C MET J 106 -1.11 -43.72 -32.99
N LEU J 107 -2.36 -43.37 -32.71
CA LEU J 107 -2.91 -43.61 -31.39
C LEU J 107 -3.11 -45.12 -31.17
N PRO J 108 -3.07 -45.57 -29.91
CA PRO J 108 -3.24 -47.00 -29.65
C PRO J 108 -4.58 -47.55 -30.13
N ASP J 109 -5.64 -46.73 -30.11
CA ASP J 109 -6.94 -47.19 -30.57
C ASP J 109 -6.88 -47.61 -32.04
N GLY J 110 -6.20 -46.82 -32.87
CA GLY J 110 -6.09 -47.12 -34.29
C GLY J 110 -6.16 -45.89 -35.15
N THR J 111 -6.63 -44.79 -34.58
CA THR J 111 -6.71 -43.53 -35.32
C THR J 111 -5.33 -42.88 -35.41
N SER J 112 -5.28 -41.77 -36.12
CA SER J 112 -4.06 -41.00 -36.27
C SER J 112 -4.33 -39.55 -35.89
N ALA J 113 -3.49 -39.01 -35.03
CA ALA J 113 -3.54 -37.61 -34.63
C ALA J 113 -2.34 -36.87 -35.21
N TYR J 114 -2.34 -35.55 -35.07
CA TYR J 114 -1.29 -34.72 -35.60
C TYR J 114 -0.79 -33.77 -34.52
N THR J 115 0.52 -33.66 -34.40
CA THR J 115 1.14 -32.89 -33.33
C THR J 115 2.16 -31.92 -33.88
N ARG J 116 2.44 -30.87 -33.10
CA ARG J 116 3.45 -29.90 -33.43
C ARG J 116 4.64 -29.94 -32.47
N ASP J 117 4.47 -30.51 -31.28
CA ASP J 117 5.51 -30.53 -30.27
C ASP J 117 6.58 -31.56 -30.64
N GLY J 118 7.80 -31.09 -30.88
CA GLY J 118 8.90 -31.98 -31.18
C GLY J 118 9.73 -32.33 -29.96
N SER J 119 9.44 -33.49 -29.36
CA SER J 119 10.23 -33.97 -28.23
C SER J 119 10.07 -35.49 -28.19
N PHE J 120 11.07 -36.21 -28.68
CA PHE J 120 10.94 -37.63 -28.96
C PHE J 120 11.87 -38.45 -28.09
N GLN J 121 11.44 -39.68 -27.81
CA GLN J 121 12.22 -40.64 -27.04
C GLN J 121 12.19 -41.99 -27.75
N VAL J 122 12.91 -42.96 -27.20
CA VAL J 122 12.99 -44.31 -27.74
C VAL J 122 12.52 -45.28 -26.68
N ASP J 123 11.61 -46.18 -27.06
CA ASP J 123 11.08 -47.16 -26.13
C ASP J 123 12.05 -48.33 -25.99
N GLN J 124 11.61 -49.40 -25.33
CA GLN J 124 12.49 -50.56 -25.14
C GLN J 124 12.68 -51.35 -26.43
N ASN J 125 11.75 -51.22 -27.38
CA ASN J 125 11.82 -51.96 -28.62
C ASN J 125 12.56 -51.22 -29.72
N GLY J 126 13.15 -50.06 -29.40
CA GLY J 126 13.84 -49.27 -30.40
C GLY J 126 12.95 -48.64 -31.44
N GLN J 127 11.78 -48.13 -31.03
CA GLN J 127 10.88 -47.43 -31.93
C GLN J 127 10.74 -45.99 -31.46
N LEU J 128 10.85 -45.06 -32.40
CA LEU J 128 10.75 -43.64 -32.07
C LEU J 128 9.34 -43.31 -31.61
N VAL J 129 9.21 -42.90 -30.35
CA VAL J 129 7.90 -42.60 -29.76
C VAL J 129 7.96 -41.24 -29.08
N THR J 130 6.80 -40.62 -28.93
CA THR J 130 6.71 -39.33 -28.27
C THR J 130 6.57 -39.53 -26.76
N ALA J 131 6.46 -38.42 -26.03
CA ALA J 131 6.27 -38.46 -24.59
C ALA J 131 4.85 -38.93 -24.30
N GLY J 132 4.70 -40.20 -23.96
CA GLY J 132 3.39 -40.77 -23.69
C GLY J 132 3.24 -42.17 -24.23
N GLY J 133 4.24 -42.63 -24.99
CA GLY J 133 4.26 -43.96 -25.54
C GLY J 133 3.73 -44.07 -26.94
N PHE J 134 3.06 -43.04 -27.44
CA PHE J 134 2.55 -43.06 -28.81
C PHE J 134 3.71 -43.06 -29.79
N GLN J 135 3.60 -43.86 -30.84
CA GLN J 135 4.67 -44.02 -31.81
C GLN J 135 4.40 -43.20 -33.07
N VAL J 136 5.48 -42.79 -33.73
CA VAL J 136 5.35 -42.04 -34.98
C VAL J 136 4.86 -42.97 -36.07
N GLN J 137 3.97 -42.46 -36.92
CA GLN J 137 3.26 -43.32 -37.87
C GLN J 137 4.19 -44.01 -38.86
N PRO J 138 5.17 -43.34 -39.49
CA PRO J 138 6.08 -44.08 -40.38
C PRO J 138 6.88 -45.17 -39.70
N ALA J 139 6.89 -45.21 -38.36
CA ALA J 139 7.50 -46.28 -37.59
C ALA J 139 9.01 -46.38 -37.84
N ILE J 140 9.71 -45.29 -37.52
CA ILE J 140 11.16 -45.28 -37.58
C ILE J 140 11.70 -46.16 -36.45
N THR J 141 12.53 -47.13 -36.81
CA THR J 141 13.06 -48.10 -35.86
C THR J 141 14.56 -47.88 -35.69
N ILE J 142 14.94 -47.20 -34.62
CA ILE J 142 16.35 -46.95 -34.35
C ILE J 142 17.00 -48.23 -33.87
N PRO J 143 18.11 -48.67 -34.47
CA PRO J 143 18.73 -49.93 -34.06
C PRO J 143 19.47 -49.80 -32.74
N ALA J 144 19.94 -50.93 -32.22
CA ALA J 144 20.68 -50.96 -30.97
C ALA J 144 22.09 -50.41 -31.17
N ASN J 145 22.78 -50.19 -30.05
CA ASN J 145 24.15 -49.65 -30.00
C ASN J 145 24.37 -48.55 -31.03
N ALA J 146 23.56 -47.50 -30.97
CA ALA J 146 23.64 -46.38 -31.90
C ALA J 146 24.60 -45.35 -31.34
N LEU J 147 25.67 -45.04 -32.09
CA LEU J 147 26.61 -44.03 -31.67
C LEU J 147 25.97 -42.64 -31.68
N SER J 148 25.28 -42.30 -32.76
CA SER J 148 24.66 -40.99 -32.88
C SER J 148 23.53 -41.06 -33.90
N ILE J 149 22.60 -40.12 -33.77
CA ILE J 149 21.43 -40.02 -34.63
C ILE J 149 21.40 -38.62 -35.23
N THR J 150 21.25 -38.55 -36.55
CA THR J 150 21.23 -37.28 -37.26
C THR J 150 19.96 -37.14 -38.08
N ILE J 151 19.42 -35.94 -38.12
CA ILE J 151 18.25 -35.61 -38.94
C ILE J 151 18.59 -34.39 -39.77
N GLY J 152 18.53 -34.53 -41.09
CA GLY J 152 18.89 -33.45 -41.97
C GLY J 152 17.80 -32.41 -42.06
N ARG J 153 18.01 -31.45 -42.97
CA ARG J 153 17.02 -30.40 -43.18
C ARG J 153 15.70 -30.99 -43.64
N ASP J 154 15.75 -31.97 -44.54
CA ASP J 154 14.55 -32.70 -44.92
C ASP J 154 14.39 -33.90 -43.98
N GLY J 155 13.50 -34.82 -44.33
CA GLY J 155 13.08 -35.85 -43.40
C GLY J 155 14.02 -37.02 -43.20
N VAL J 156 15.14 -37.09 -43.91
CA VAL J 156 16.02 -38.25 -43.80
C VAL J 156 16.60 -38.31 -42.39
N VAL J 157 16.59 -39.51 -41.80
CA VAL J 157 17.14 -39.75 -40.48
C VAL J 157 18.15 -40.88 -40.59
N SER J 158 19.36 -40.65 -40.08
CA SER J 158 20.43 -41.62 -40.19
C SER J 158 21.02 -41.90 -38.82
N VAL J 159 21.63 -43.07 -38.70
CA VAL J 159 22.25 -43.51 -37.46
C VAL J 159 23.67 -43.97 -37.77
N THR J 160 24.61 -43.57 -36.92
CA THR J 160 26.02 -43.92 -37.10
C THR J 160 26.33 -45.18 -36.28
N GLN J 161 26.86 -46.20 -36.95
CA GLN J 161 27.22 -47.44 -36.29
C GLN J 161 28.69 -47.44 -35.88
N GLN J 162 29.05 -48.41 -35.05
CA GLN J 162 30.44 -48.54 -34.63
C GLN J 162 31.37 -48.82 -35.80
N GLY J 163 30.95 -49.72 -36.69
CA GLY J 163 31.73 -50.07 -37.86
C GLY J 163 31.14 -49.50 -39.14
N GLN J 164 31.84 -49.79 -40.24
CA GLN J 164 31.45 -49.47 -41.61
C GLN J 164 31.59 -47.98 -41.90
N ALA J 165 31.86 -47.19 -40.85
CA ALA J 165 32.22 -45.77 -40.97
C ALA J 165 31.36 -45.02 -41.98
N ALA J 166 30.04 -45.23 -41.92
CA ALA J 166 29.15 -44.55 -42.83
C ALA J 166 27.74 -44.54 -42.26
N PRO J 167 27.02 -43.43 -42.32
CA PRO J 167 25.65 -43.41 -41.82
C PRO J 167 24.74 -44.29 -42.66
N VAL J 168 23.69 -44.80 -42.01
CA VAL J 168 22.70 -45.65 -42.67
C VAL J 168 21.32 -45.06 -42.44
N GLN J 169 20.53 -44.97 -43.51
CA GLN J 169 19.18 -44.42 -43.41
C GLN J 169 18.24 -45.43 -42.77
N VAL J 170 17.34 -44.94 -41.92
CA VAL J 170 16.38 -45.79 -41.22
C VAL J 170 14.94 -45.37 -41.48
N GLY J 171 14.71 -44.31 -42.26
CA GLY J 171 13.35 -43.89 -42.53
C GLY J 171 13.33 -42.43 -42.96
N GLN J 172 12.15 -41.84 -42.84
CA GLN J 172 11.97 -40.44 -43.19
C GLN J 172 10.81 -39.86 -42.41
N LEU J 173 10.96 -38.62 -41.96
CA LEU J 173 9.95 -37.95 -41.16
C LEU J 173 9.09 -37.05 -42.04
N ASN J 174 8.32 -37.70 -42.92
CA ASN J 174 7.34 -36.96 -43.71
C ASN J 174 6.29 -36.37 -42.80
N LEU J 175 5.87 -35.14 -43.09
CA LEU J 175 4.91 -34.45 -42.24
C LEU J 175 3.70 -34.03 -43.06
N THR J 176 2.61 -33.78 -42.36
CA THR J 176 1.32 -33.52 -42.99
C THR J 176 0.96 -32.05 -42.91
N THR J 177 0.34 -31.56 -43.97
CA THR J 177 -0.20 -30.21 -44.02
C THR J 177 -1.71 -30.28 -44.21
N PHE J 178 -2.39 -29.19 -43.85
CA PHE J 178 -3.83 -29.11 -43.93
C PHE J 178 -4.25 -27.88 -44.70
N MET J 179 -5.43 -27.96 -45.33
CA MET J 179 -6.00 -26.79 -45.99
C MET J 179 -6.30 -25.69 -44.98
N ASN J 180 -6.82 -26.06 -43.81
CA ASN J 180 -7.17 -25.10 -42.77
C ASN J 180 -6.74 -25.68 -41.43
N ASP J 181 -5.62 -25.18 -40.91
CA ASP J 181 -5.13 -25.68 -39.62
C ASP J 181 -6.05 -25.26 -38.48
N THR J 182 -6.74 -24.13 -38.62
CA THR J 182 -7.61 -23.66 -37.55
C THR J 182 -8.76 -24.62 -37.27
N GLY J 183 -9.16 -25.40 -38.25
CA GLY J 183 -10.27 -26.33 -38.07
C GLY J 183 -9.92 -27.63 -37.39
N LEU J 184 -8.66 -27.83 -37.02
CA LEU J 184 -8.27 -29.06 -36.33
C LEU J 184 -8.86 -29.10 -34.93
N GLU J 185 -9.68 -30.11 -34.65
CA GLU J 185 -10.18 -30.30 -33.30
C GLU J 185 -9.02 -30.64 -32.36
N SER J 186 -9.07 -30.07 -31.16
CA SER J 186 -7.98 -30.20 -30.20
C SER J 186 -8.38 -31.17 -29.09
N ILE J 187 -7.47 -32.08 -28.76
CA ILE J 187 -7.62 -32.95 -27.61
C ILE J 187 -6.39 -32.78 -26.73
N GLY J 188 -6.31 -33.55 -25.66
CA GLY J 188 -5.18 -33.44 -24.75
C GLY J 188 -3.90 -33.95 -25.36
N GLU J 189 -2.83 -33.87 -24.56
CA GLU J 189 -1.51 -34.38 -24.93
C GLU J 189 -0.96 -33.70 -26.18
N ASN J 190 -1.34 -32.44 -26.40
CA ASN J 190 -0.85 -31.65 -27.53
C ASN J 190 -1.10 -32.36 -28.86
N LEU J 191 -2.33 -32.79 -29.06
CA LEU J 191 -2.72 -33.50 -30.27
C LEU J 191 -3.90 -32.81 -30.94
N TYR J 192 -4.01 -33.03 -32.25
CA TYR J 192 -5.14 -32.54 -33.03
C TYR J 192 -5.64 -33.67 -33.92
N ILE J 193 -6.94 -33.69 -34.16
CA ILE J 193 -7.56 -34.72 -34.99
C ILE J 193 -8.29 -34.05 -36.14
N GLU J 194 -8.30 -34.72 -37.28
CA GLU J 194 -8.94 -34.18 -38.48
C GLU J 194 -10.45 -34.13 -38.31
N THR J 195 -11.06 -33.07 -38.83
CA THR J 195 -12.50 -32.89 -38.82
C THR J 195 -12.97 -32.48 -40.21
N GLN J 196 -14.28 -32.27 -40.33
CA GLN J 196 -14.84 -31.92 -41.63
C GLN J 196 -14.35 -30.57 -42.11
N SER J 197 -14.23 -29.60 -41.20
CA SER J 197 -13.78 -28.27 -41.54
C SER J 197 -12.26 -28.13 -41.55
N SER J 198 -11.55 -29.25 -41.65
CA SER J 198 -10.09 -29.23 -41.70
C SER J 198 -9.51 -29.76 -42.99
N GLY J 199 -10.27 -30.51 -43.78
CA GLY J 199 -9.78 -31.05 -45.02
C GLY J 199 -8.91 -32.28 -44.80
N ALA J 200 -8.67 -32.99 -45.90
CA ALA J 200 -7.84 -34.19 -45.83
C ALA J 200 -6.37 -33.79 -45.61
N PRO J 201 -5.63 -34.57 -44.84
CA PRO J 201 -4.20 -34.29 -44.66
C PRO J 201 -3.43 -34.55 -45.95
N ASN J 202 -2.31 -33.85 -46.08
CA ASN J 202 -1.43 -34.00 -47.24
C ASN J 202 -0.03 -34.35 -46.74
N GLU J 203 0.43 -35.55 -47.08
CA GLU J 203 1.78 -35.97 -46.72
C GLU J 203 2.80 -35.28 -47.63
N SER J 204 3.89 -34.83 -47.04
CA SER J 204 4.92 -34.17 -47.84
C SER J 204 6.25 -34.24 -47.11
N THR J 205 7.33 -34.16 -47.89
CA THR J 205 8.67 -34.06 -47.35
C THR J 205 8.96 -32.62 -46.95
N PRO J 206 9.84 -32.43 -45.97
CA PRO J 206 10.17 -31.06 -45.54
C PRO J 206 10.79 -30.25 -46.67
N GLY J 207 10.47 -28.97 -46.70
CA GLY J 207 11.03 -28.06 -47.67
C GLY J 207 10.35 -28.06 -49.02
N LEU J 208 9.33 -28.89 -49.22
CA LEU J 208 8.65 -28.99 -50.51
C LEU J 208 7.17 -28.67 -50.32
N ASN J 209 6.62 -27.92 -51.28
CA ASN J 209 5.20 -27.57 -51.28
C ASN J 209 4.80 -26.84 -50.00
N GLY J 210 5.65 -25.91 -49.57
CA GLY J 210 5.32 -25.07 -48.43
C GLY J 210 5.55 -25.72 -47.08
N ALA J 211 6.00 -26.96 -47.03
CA ALA J 211 6.27 -27.61 -45.75
C ALA J 211 7.53 -27.03 -45.12
N GLY J 212 7.52 -26.91 -43.80
CA GLY J 212 8.65 -26.35 -43.09
C GLY J 212 9.81 -27.33 -43.00
N LEU J 213 10.95 -26.79 -42.60
CA LEU J 213 12.15 -27.57 -42.39
C LEU J 213 12.20 -28.11 -40.96
N LEU J 214 13.12 -29.04 -40.73
CA LEU J 214 13.33 -29.63 -39.42
C LEU J 214 14.73 -29.29 -38.93
N TYR J 215 14.82 -28.81 -37.70
CA TYR J 215 16.11 -28.52 -37.07
C TYR J 215 16.32 -29.47 -35.90
N GLN J 216 17.47 -30.12 -35.86
CA GLN J 216 17.82 -31.00 -34.77
C GLN J 216 18.45 -30.20 -33.64
N GLY J 217 18.08 -30.55 -32.41
CA GLY J 217 18.60 -29.87 -31.24
C GLY J 217 17.81 -28.66 -30.81
N TYR J 218 16.82 -28.24 -31.59
CA TYR J 218 15.97 -27.12 -31.24
C TYR J 218 14.58 -27.61 -30.85
N VAL J 219 13.83 -26.73 -30.19
CA VAL J 219 12.47 -27.04 -29.77
C VAL J 219 11.64 -25.77 -29.90
N GLU J 220 10.39 -25.92 -30.33
CA GLU J 220 9.52 -24.79 -30.56
C GLU J 220 8.72 -24.50 -29.29
N THR J 221 8.71 -23.23 -28.88
CA THR J 221 8.03 -22.82 -27.67
C THR J 221 6.67 -22.22 -27.99
N SER J 222 5.83 -22.11 -26.96
CA SER J 222 4.50 -21.54 -27.12
C SER J 222 4.60 -20.07 -27.52
N ASN J 223 3.64 -19.61 -28.32
CA ASN J 223 3.60 -18.20 -28.71
C ASN J 223 2.51 -17.51 -27.90
N VAL J 224 2.90 -17.05 -26.70
CA VAL J 224 2.02 -16.32 -25.80
C VAL J 224 2.68 -14.99 -25.46
N ASN J 225 1.93 -13.90 -25.57
CA ASN J 225 2.44 -12.56 -25.34
C ASN J 225 1.86 -12.04 -24.03
N VAL J 226 2.63 -12.17 -22.95
CA VAL J 226 2.15 -11.74 -21.63
C VAL J 226 1.92 -10.23 -21.61
N ALA J 227 2.68 -9.48 -22.41
CA ALA J 227 2.49 -8.04 -22.49
C ALA J 227 1.11 -7.68 -23.00
N GLU J 228 0.46 -8.57 -23.74
CA GLU J 228 -0.93 -8.37 -24.13
C GLU J 228 -1.88 -9.07 -23.17
N GLU J 229 -1.46 -10.18 -22.56
CA GLU J 229 -2.33 -10.89 -21.63
C GLU J 229 -2.67 -10.02 -20.41
N LEU J 230 -1.70 -9.24 -19.93
CA LEU J 230 -1.96 -8.43 -18.74
C LEU J 230 -3.02 -7.37 -19.01
N VAL J 231 -2.89 -6.64 -20.12
CA VAL J 231 -3.88 -5.62 -20.42
C VAL J 231 -5.22 -6.26 -20.75
N ASN J 232 -5.22 -7.47 -21.32
CA ASN J 232 -6.47 -8.17 -21.51
C ASN J 232 -7.13 -8.49 -20.18
N MET J 233 -6.34 -8.89 -19.18
CA MET J 233 -6.90 -9.14 -17.85
C MET J 233 -7.51 -7.89 -17.26
N ILE J 234 -6.83 -6.75 -17.41
CA ILE J 234 -7.37 -5.50 -16.90
C ILE J 234 -8.70 -5.18 -17.57
N GLN J 235 -8.73 -5.32 -18.90
CA GLN J 235 -9.94 -5.02 -19.66
C GLN J 235 -11.10 -5.91 -19.25
N VAL J 236 -10.86 -7.22 -19.10
CA VAL J 236 -11.95 -8.11 -18.73
C VAL J 236 -12.42 -7.84 -17.31
N GLN J 237 -11.51 -7.47 -16.41
CA GLN J 237 -11.92 -7.12 -15.06
C GLN J 237 -12.85 -5.91 -15.08
N ARG J 238 -12.48 -4.89 -15.85
CA ARG J 238 -13.34 -3.70 -15.91
C ARG J 238 -14.69 -4.03 -16.53
N ALA J 239 -14.71 -4.85 -17.57
CA ALA J 239 -15.99 -5.21 -18.20
C ALA J 239 -16.88 -5.97 -17.23
N TYR J 240 -16.29 -6.90 -16.48
CA TYR J 240 -17.07 -7.63 -15.48
C TYR J 240 -17.63 -6.67 -14.42
N GLU J 241 -16.82 -5.70 -14.01
CA GLU J 241 -17.30 -4.71 -13.05
C GLU J 241 -18.48 -3.92 -13.59
N ILE J 242 -18.39 -3.51 -14.85
CA ILE J 242 -19.47 -2.72 -15.45
C ILE J 242 -20.76 -3.54 -15.52
N ASN J 243 -20.67 -4.79 -15.97
CA ASN J 243 -21.86 -5.62 -16.07
C ASN J 243 -22.46 -5.89 -14.70
N SER J 244 -21.61 -6.11 -13.69
CA SER J 244 -22.11 -6.29 -12.33
C SER J 244 -22.82 -5.03 -11.85
N LYS J 245 -22.30 -3.86 -12.21
CA LYS J 245 -22.97 -2.62 -11.86
C LYS J 245 -24.34 -2.53 -12.51
N ALA J 246 -24.45 -2.97 -13.77
CA ALA J 246 -25.74 -2.98 -14.43
C ALA J 246 -26.73 -3.89 -13.73
N VAL J 247 -26.27 -5.08 -13.32
CA VAL J 247 -27.13 -6.01 -12.60
C VAL J 247 -27.60 -5.38 -11.29
N SER J 248 -26.68 -4.72 -10.58
CA SER J 248 -27.04 -4.10 -9.30
C SER J 248 -28.06 -2.99 -9.52
N THR J 249 -27.90 -2.20 -10.57
CA THR J 249 -28.87 -1.14 -10.85
C THR J 249 -30.24 -1.73 -11.14
N THR J 250 -30.30 -2.80 -11.94
CA THR J 250 -31.59 -3.44 -12.21
C THR J 250 -32.20 -3.97 -10.93
N ASP J 251 -31.39 -4.58 -10.06
CA ASP J 251 -31.90 -5.10 -8.80
C ASP J 251 -32.50 -4.00 -7.95
N GLN J 252 -31.78 -2.87 -7.83
CA GLN J 252 -32.29 -1.77 -7.03
C GLN J 252 -33.58 -1.21 -7.61
N MET J 253 -33.64 -1.06 -8.94
CA MET J 253 -34.83 -0.55 -9.58
C MET J 253 -36.03 -1.45 -9.33
N LEU J 254 -35.84 -2.76 -9.51
CA LEU J 254 -36.94 -3.70 -9.31
C LEU J 254 -37.37 -3.74 -7.85
N GLN J 255 -36.41 -3.68 -6.93
CA GLN J 255 -36.74 -3.70 -5.52
C GLN J 255 -37.52 -2.47 -5.11
N LYS J 256 -37.16 -1.31 -5.65
CA LYS J 256 -37.94 -0.11 -5.37
C LYS J 256 -39.32 -0.15 -6.02
N LEU J 257 -39.43 -0.80 -7.18
CA LEU J 257 -40.75 -0.96 -7.80
C LEU J 257 -41.65 -1.82 -6.94
N THR J 258 -41.13 -2.93 -6.41
CA THR J 258 -41.97 -3.88 -5.69
C THR J 258 -42.27 -3.45 -4.26
N GLN J 259 -42.05 -2.20 -3.91
CA GLN J 259 -42.44 -1.67 -2.60
C GLN J 259 -43.81 -1.03 -2.61
N LEU J 260 -44.50 -1.04 -3.75
CA LEU J 260 -45.81 -0.43 -3.87
C LEU J 260 -46.90 -1.31 -3.25
N MET K 1 -36.89 -22.97 8.77
CA MET K 1 -38.01 -23.83 8.41
C MET K 1 -38.15 -23.95 6.91
N ILE K 2 -37.09 -23.61 6.18
CA ILE K 2 -37.08 -23.62 4.73
C ILE K 2 -35.95 -24.51 4.26
N SER K 3 -36.22 -25.34 3.25
CA SER K 3 -35.23 -26.26 2.74
C SER K 3 -33.96 -25.54 2.30
N SER K 4 -34.10 -24.34 1.74
CA SER K 4 -32.91 -23.59 1.35
C SER K 4 -32.05 -23.27 2.57
N LEU K 5 -32.67 -22.87 3.68
CA LEU K 5 -31.91 -22.62 4.90
C LEU K 5 -31.25 -23.90 5.41
N TRP K 6 -31.99 -25.00 5.41
CA TRP K 6 -31.42 -26.25 5.90
C TRP K 6 -30.29 -26.76 5.02
N ILE K 7 -30.28 -26.40 3.74
CA ILE K 7 -29.18 -26.80 2.87
C ILE K 7 -27.99 -25.86 3.02
N ALA K 8 -28.26 -24.56 3.15
CA ALA K 8 -27.17 -23.60 3.30
C ALA K 8 -26.44 -23.78 4.62
N LYS K 9 -27.14 -24.23 5.66
CA LYS K 9 -26.45 -24.52 6.92
C LYS K 9 -25.41 -25.61 6.74
N THR K 10 -25.77 -26.69 6.05
CA THR K 10 -24.81 -27.76 5.78
C THR K 10 -23.68 -27.27 4.90
N GLY K 11 -23.99 -26.44 3.91
CA GLY K 11 -22.94 -25.89 3.07
C GLY K 11 -21.94 -25.07 3.85
N LEU K 12 -22.43 -24.21 4.76
CA LEU K 12 -21.55 -23.42 5.60
C LEU K 12 -20.70 -24.31 6.50
N ASP K 13 -21.31 -25.36 7.07
CA ASP K 13 -20.53 -26.25 7.92
C ASP K 13 -19.45 -26.97 7.14
N ALA K 14 -19.77 -27.39 5.91
CA ALA K 14 -18.76 -28.06 5.07
C ALA K 14 -17.60 -27.12 4.76
N GLN K 15 -17.91 -25.88 4.39
CA GLN K 15 -16.85 -24.92 4.11
C GLN K 15 -16.01 -24.64 5.36
N GLN K 16 -16.66 -24.56 6.52
CA GLN K 16 -15.93 -24.35 7.77
C GLN K 16 -14.98 -25.50 8.05
N THR K 17 -15.44 -26.74 7.84
CA THR K 17 -14.57 -27.89 8.06
C THR K 17 -13.40 -27.90 7.08
N ASN K 18 -13.66 -27.51 5.83
CA ASN K 18 -12.58 -27.43 4.86
C ASN K 18 -11.55 -26.39 5.28
N MET K 19 -12.00 -25.23 5.73
CA MET K 19 -11.07 -24.22 6.21
C MET K 19 -10.31 -24.70 7.44
N ASP K 20 -10.98 -25.45 8.30
CA ASP K 20 -10.34 -25.99 9.49
C ASP K 20 -9.21 -26.95 9.12
N VAL K 21 -9.45 -27.85 8.18
CA VAL K 21 -8.38 -28.78 7.80
C VAL K 21 -7.26 -28.03 7.09
N ILE K 22 -7.59 -27.00 6.31
CA ILE K 22 -6.53 -26.20 5.68
C ILE K 22 -5.67 -25.54 6.74
N ALA K 23 -6.30 -24.96 7.76
CA ALA K 23 -5.54 -24.31 8.83
C ALA K 23 -4.71 -25.31 9.61
N ASN K 24 -5.24 -26.51 9.84
CA ASN K 24 -4.47 -27.53 10.53
C ASN K 24 -3.25 -27.93 9.72
N ASN K 25 -3.41 -28.10 8.42
CA ASN K 25 -2.26 -28.40 7.56
C ASN K 25 -1.24 -27.27 7.60
N LEU K 26 -1.72 -26.03 7.60
CA LEU K 26 -0.83 -24.88 7.51
C LEU K 26 -0.10 -24.61 8.82
N ALA K 27 -0.72 -24.90 9.96
CA ALA K 27 -0.13 -24.50 11.23
C ALA K 27 1.16 -25.24 11.53
N ASN K 28 1.15 -26.56 11.41
CA ASN K 28 2.34 -27.35 11.74
C ASN K 28 3.15 -27.64 10.47
N VAL K 29 3.50 -26.56 9.76
CA VAL K 29 4.33 -26.70 8.58
C VAL K 29 5.78 -27.00 8.98
N SER K 30 6.16 -26.71 10.22
CA SER K 30 7.53 -26.93 10.68
C SER K 30 7.69 -28.21 11.49
N THR K 31 6.67 -29.05 11.52
CA THR K 31 6.72 -30.31 12.25
C THR K 31 7.44 -31.36 11.43
N ASN K 32 8.32 -32.12 12.07
CA ASN K 32 9.05 -33.17 11.38
C ASN K 32 8.13 -34.35 11.08
N GLY K 33 8.18 -34.84 9.85
CA GLY K 33 7.43 -36.02 9.47
C GLY K 33 5.93 -35.87 9.55
N PHE K 34 5.39 -34.77 9.03
CA PHE K 34 3.97 -34.51 9.04
C PHE K 34 3.39 -34.64 7.64
N LYS K 35 2.20 -35.23 7.56
CA LYS K 35 1.54 -35.51 6.30
C LYS K 35 0.29 -34.65 6.17
N ARG K 36 0.09 -34.07 4.98
CA ARG K 36 -1.05 -33.21 4.76
C ARG K 36 -2.35 -34.01 4.72
N GLN K 37 -3.45 -33.33 4.98
CA GLN K 37 -4.78 -33.91 4.98
C GLN K 37 -5.64 -33.25 3.92
N ARG K 38 -6.43 -34.07 3.22
CA ARG K 38 -7.39 -33.60 2.23
C ARG K 38 -8.76 -34.13 2.60
N ALA K 39 -9.74 -33.23 2.68
CA ALA K 39 -11.10 -33.60 3.05
C ALA K 39 -11.93 -33.82 1.78
N VAL K 40 -12.63 -34.95 1.74
CA VAL K 40 -13.47 -35.31 0.60
C VAL K 40 -14.93 -35.15 1.01
N PHE K 41 -15.71 -34.50 0.16
CA PHE K 41 -17.11 -34.24 0.44
C PHE K 41 -18.01 -35.16 -0.38
N GLU K 42 -19.30 -35.12 -0.05
CA GLU K 42 -20.30 -35.93 -0.73
C GLU K 42 -21.70 -35.40 -0.42
N ASP K 43 -22.54 -35.27 -1.43
CA ASP K 43 -23.87 -34.71 -1.25
C ASP K 43 -24.75 -35.61 -0.39
N LEU K 44 -25.71 -34.99 0.30
CA LEU K 44 -26.62 -35.73 1.16
C LEU K 44 -27.69 -36.40 0.31
N LEU K 45 -28.74 -36.88 0.96
CA LEU K 45 -29.76 -37.67 0.28
C LEU K 45 -30.63 -36.78 -0.61
N TYR K 46 -31.63 -37.40 -1.22
CA TYR K 46 -32.55 -36.73 -2.13
C TYR K 46 -33.98 -37.07 -1.78
N GLN K 47 -34.86 -36.10 -1.99
CA GLN K 47 -36.30 -36.32 -1.92
C GLN K 47 -36.83 -36.48 -3.35
N THR K 48 -37.43 -37.63 -3.63
CA THR K 48 -37.98 -37.91 -4.94
C THR K 48 -39.49 -37.69 -4.90
N ILE K 49 -39.96 -36.73 -5.68
CA ILE K 49 -41.38 -36.41 -5.76
C ILE K 49 -42.06 -37.14 -6.90
N ARG K 50 -41.42 -37.14 -8.07
CA ARG K 50 -41.88 -37.92 -9.22
C ARG K 50 -40.86 -39.02 -9.49
N GLN K 51 -41.31 -40.25 -9.47
CA GLN K 51 -40.40 -41.39 -9.61
C GLN K 51 -39.88 -41.48 -11.04
N PRO K 52 -38.58 -41.40 -11.27
CA PRO K 52 -38.06 -41.56 -12.64
C PRO K 52 -38.34 -42.96 -13.15
N GLY K 53 -38.54 -43.06 -14.46
CA GLY K 53 -38.87 -44.32 -15.08
C GLY K 53 -40.32 -44.71 -15.01
N ALA K 54 -41.16 -43.89 -14.36
CA ALA K 54 -42.57 -44.19 -14.28
C ALA K 54 -43.24 -43.95 -15.63
N GLN K 55 -44.23 -44.78 -15.95
CA GLN K 55 -44.96 -44.63 -17.19
C GLN K 55 -45.76 -43.33 -17.18
N SER K 56 -45.66 -42.57 -18.27
CA SER K 56 -46.45 -41.36 -18.46
C SER K 56 -47.56 -41.57 -19.49
N SER K 57 -47.65 -42.75 -20.07
CA SER K 57 -48.66 -43.10 -21.06
C SER K 57 -48.71 -44.63 -21.13
N GLU K 58 -49.34 -45.15 -22.17
CA GLU K 58 -49.36 -46.60 -22.36
C GLU K 58 -47.95 -47.17 -22.53
N GLN K 59 -47.08 -46.45 -23.25
CA GLN K 59 -45.75 -46.97 -23.56
C GLN K 59 -44.60 -46.04 -23.24
N THR K 60 -44.82 -44.73 -23.08
CA THR K 60 -43.74 -43.80 -22.83
C THR K 60 -43.46 -43.67 -21.34
N THR K 61 -42.21 -43.36 -21.00
CA THR K 61 -41.79 -43.22 -19.62
C THR K 61 -41.19 -41.84 -19.40
N LEU K 62 -41.19 -41.42 -18.13
CA LEU K 62 -40.61 -40.12 -17.79
C LEU K 62 -39.11 -40.15 -18.02
N PRO K 63 -38.55 -39.20 -18.78
CA PRO K 63 -37.08 -39.16 -18.93
C PRO K 63 -36.35 -38.99 -17.62
N SER K 64 -36.90 -38.19 -16.69
CA SER K 64 -36.27 -37.98 -15.39
C SER K 64 -37.29 -37.32 -14.48
N GLY K 65 -37.43 -37.86 -13.26
CA GLY K 65 -38.40 -37.33 -12.33
C GLY K 65 -37.87 -36.21 -11.48
N LEU K 66 -38.77 -35.62 -10.69
CA LEU K 66 -38.41 -34.54 -9.79
C LEU K 66 -37.66 -35.10 -8.59
N GLN K 67 -36.44 -34.61 -8.37
CA GLN K 67 -35.57 -35.17 -7.34
C GLN K 67 -34.72 -34.04 -6.76
N ILE K 68 -35.07 -33.58 -5.59
CA ILE K 68 -34.39 -32.45 -4.96
C ILE K 68 -33.32 -32.97 -4.02
N GLY K 69 -32.20 -32.25 -3.95
CA GLY K 69 -31.15 -32.63 -3.02
C GLY K 69 -31.43 -32.16 -1.61
N THR K 70 -30.61 -32.63 -0.66
CA THR K 70 -30.75 -32.18 0.72
C THR K 70 -29.50 -31.55 1.31
N GLY K 71 -28.38 -31.55 0.61
CA GLY K 71 -27.21 -30.84 1.09
C GLY K 71 -25.95 -31.64 0.81
N VAL K 72 -24.90 -31.30 1.55
CA VAL K 72 -23.59 -31.92 1.41
C VAL K 72 -23.10 -32.32 2.80
N ARG K 73 -22.22 -33.32 2.84
CA ARG K 73 -21.67 -33.82 4.09
C ARG K 73 -20.21 -34.20 3.89
N PRO K 74 -19.30 -33.74 4.75
CA PRO K 74 -17.92 -34.23 4.69
C PRO K 74 -17.86 -35.67 5.18
N VAL K 75 -17.25 -36.55 4.39
CA VAL K 75 -17.28 -37.98 4.65
C VAL K 75 -15.96 -38.49 5.20
N ALA K 76 -14.83 -38.02 4.69
CA ALA K 76 -13.55 -38.58 5.13
C ALA K 76 -12.44 -37.57 4.88
N THR K 77 -11.30 -37.83 5.51
CA THR K 77 -10.07 -37.08 5.30
C THR K 77 -8.92 -38.06 5.07
N GLU K 78 -8.19 -37.86 3.99
CA GLU K 78 -7.07 -38.71 3.63
C GLU K 78 -5.76 -38.01 3.92
N ARG K 79 -4.81 -38.77 4.46
CA ARG K 79 -3.46 -38.26 4.72
C ARG K 79 -2.57 -38.67 3.55
N LEU K 80 -1.98 -37.67 2.90
CA LEU K 80 -1.18 -37.92 1.70
C LEU K 80 0.19 -38.44 2.12
N HIS K 81 0.28 -39.76 2.30
CA HIS K 81 1.51 -40.39 2.82
C HIS K 81 2.52 -40.58 1.69
N SER K 82 3.04 -39.46 1.20
CA SER K 82 4.14 -39.48 0.25
C SER K 82 5.46 -39.37 1.00
N GLN K 83 6.54 -39.14 0.27
CA GLN K 83 7.86 -38.97 0.86
C GLN K 83 8.20 -37.50 0.92
N GLY K 84 8.42 -36.99 2.13
CA GLY K 84 8.75 -35.60 2.32
C GLY K 84 10.20 -35.30 2.02
N ASN K 85 10.53 -34.01 2.06
CA ASN K 85 11.90 -33.58 1.84
C ASN K 85 12.77 -33.96 3.03
N LEU K 86 14.08 -34.05 2.78
CA LEU K 86 15.05 -34.38 3.81
C LEU K 86 15.95 -33.18 4.06
N SER K 87 16.11 -32.82 5.33
CA SER K 87 16.98 -31.74 5.74
C SER K 87 18.10 -32.30 6.61
N GLN K 88 19.26 -31.65 6.55
CA GLN K 88 20.44 -32.09 7.28
C GLN K 88 20.59 -31.27 8.55
N THR K 89 20.81 -31.95 9.67
CA THR K 89 21.03 -31.29 10.95
C THR K 89 22.36 -31.63 11.59
N ASN K 90 23.13 -32.55 11.01
CA ASN K 90 24.44 -32.97 11.52
C ASN K 90 24.35 -33.54 12.93
N ASN K 91 23.18 -34.02 13.33
CA ASN K 91 23.00 -34.61 14.65
C ASN K 91 23.09 -36.12 14.53
N SER K 92 23.98 -36.73 15.31
CA SER K 92 24.26 -38.15 15.17
C SER K 92 23.11 -39.03 15.59
N LYS K 93 22.17 -38.51 16.38
CA LYS K 93 21.06 -39.31 16.91
C LYS K 93 19.76 -39.11 16.15
N ASP K 94 19.79 -38.39 15.04
CA ASP K 94 18.59 -38.17 14.22
C ASP K 94 18.60 -39.12 13.03
N VAL K 95 17.51 -39.88 12.89
CA VAL K 95 17.39 -40.88 11.84
C VAL K 95 16.17 -40.53 10.99
N ALA K 96 16.36 -40.48 9.68
CA ALA K 96 15.29 -40.21 8.73
C ALA K 96 15.01 -41.47 7.93
N ILE K 97 13.75 -41.88 7.89
CA ILE K 97 13.34 -43.09 7.18
C ILE K 97 12.92 -42.70 5.77
N LYS K 98 13.60 -43.27 4.78
CA LYS K 98 13.39 -42.95 3.37
C LYS K 98 12.70 -44.15 2.73
N GLY K 99 11.41 -44.00 2.44
CA GLY K 99 10.65 -45.08 1.86
C GLY K 99 9.32 -45.28 2.55
N GLN K 100 9.07 -46.51 3.02
CA GLN K 100 7.82 -46.85 3.69
C GLN K 100 8.13 -47.58 4.99
N GLY K 101 7.35 -47.30 6.03
CA GLY K 101 7.49 -47.95 7.30
C GLY K 101 7.35 -46.97 8.45
N PHE K 102 7.47 -47.52 9.66
CA PHE K 102 7.36 -46.73 10.89
C PHE K 102 8.23 -47.35 11.96
N PHE K 103 8.58 -46.56 12.96
CA PHE K 103 9.20 -47.06 14.17
C PHE K 103 8.13 -47.39 15.20
N GLN K 104 8.35 -48.48 15.92
CA GLN K 104 7.42 -48.92 16.94
C GLN K 104 7.83 -48.35 18.29
N VAL K 105 6.85 -47.84 19.03
CA VAL K 105 7.08 -47.17 20.31
C VAL K 105 6.18 -47.81 21.36
N MET K 106 6.76 -48.16 22.49
CA MET K 106 6.01 -48.79 23.59
C MET K 106 5.49 -47.70 24.52
N LEU K 107 4.17 -47.49 24.53
CA LEU K 107 3.57 -46.49 25.37
C LEU K 107 3.62 -46.90 26.83
N PRO K 108 3.51 -45.94 27.75
CA PRO K 108 3.57 -46.30 29.18
C PRO K 108 2.52 -47.30 29.62
N ASP K 109 1.32 -47.26 29.04
CA ASP K 109 0.28 -48.18 29.44
C ASP K 109 0.54 -49.62 28.98
N GLY K 110 1.54 -49.84 28.15
CA GLY K 110 1.87 -51.16 27.65
C GLY K 110 1.52 -51.40 26.20
N THR K 111 0.72 -50.53 25.59
CA THR K 111 0.37 -50.69 24.19
C THR K 111 1.54 -50.26 23.29
N SER K 112 1.36 -50.42 21.99
CA SER K 112 2.39 -50.05 21.01
C SER K 112 1.78 -49.12 19.97
N ALA K 113 2.44 -48.00 19.74
CA ALA K 113 2.09 -47.07 18.69
C ALA K 113 3.19 -47.06 17.64
N TYR K 114 2.94 -46.35 16.55
CA TYR K 114 3.87 -46.30 15.43
C TYR K 114 4.05 -44.86 14.99
N THR K 115 5.31 -44.46 14.82
CA THR K 115 5.65 -43.09 14.49
C THR K 115 6.56 -43.05 13.27
N ARG K 116 6.65 -41.87 12.65
CA ARG K 116 7.53 -41.68 11.51
C ARG K 116 8.52 -40.55 11.73
N ASP K 117 8.49 -39.90 12.88
CA ASP K 117 9.37 -38.77 13.17
C ASP K 117 10.64 -39.27 13.82
N GLY K 118 11.78 -38.91 13.24
CA GLY K 118 13.06 -39.32 13.78
C GLY K 118 13.77 -38.24 14.56
N SER K 119 13.70 -38.32 15.89
CA SER K 119 14.44 -37.39 16.75
C SER K 119 14.62 -38.11 18.10
N PHE K 120 15.81 -38.64 18.32
CA PHE K 120 16.06 -39.54 19.44
C PHE K 120 17.02 -38.91 20.42
N GLN K 121 16.72 -39.08 21.71
CA GLN K 121 17.62 -38.73 22.80
C GLN K 121 17.78 -39.94 23.71
N VAL K 122 18.88 -39.95 24.44
CA VAL K 122 19.20 -41.03 25.37
C VAL K 122 18.87 -40.56 26.77
N ASP K 123 18.05 -41.32 27.48
CA ASP K 123 17.66 -40.94 28.84
C ASP K 123 18.78 -41.32 29.80
N GLN K 124 18.52 -41.21 31.11
CA GLN K 124 19.56 -41.44 32.09
C GLN K 124 19.95 -42.91 32.21
N ASN K 125 19.11 -43.83 31.74
CA ASN K 125 19.40 -45.25 31.85
C ASN K 125 20.00 -45.84 30.58
N GLY K 126 20.23 -45.03 29.55
CA GLY K 126 20.78 -45.51 28.31
C GLY K 126 19.77 -45.95 27.28
N GLN K 127 18.49 -46.01 27.63
CA GLN K 127 17.46 -46.37 26.66
C GLN K 127 17.38 -45.30 25.58
N LEU K 128 17.06 -45.74 24.36
CA LEU K 128 16.90 -44.81 23.24
C LEU K 128 15.43 -44.40 23.16
N VAL K 129 15.12 -43.26 23.76
CA VAL K 129 13.75 -42.79 23.82
C VAL K 129 13.58 -41.65 22.83
N THR K 130 12.31 -41.38 22.49
CA THR K 130 11.99 -40.26 21.63
C THR K 130 11.66 -39.03 22.48
N ALA K 131 11.44 -37.91 21.80
CA ALA K 131 11.12 -36.66 22.49
C ALA K 131 9.75 -36.81 23.16
N GLY K 132 9.77 -36.99 24.48
CA GLY K 132 8.55 -37.24 25.21
C GLY K 132 8.75 -38.33 26.25
N GLY K 133 9.84 -39.07 26.13
CA GLY K 133 10.21 -40.10 27.07
C GLY K 133 9.87 -41.51 26.63
N PHE K 134 9.00 -41.67 25.64
CA PHE K 134 8.63 -43.00 25.17
C PHE K 134 9.82 -43.68 24.51
N GLN K 135 10.03 -44.94 24.84
CA GLN K 135 11.19 -45.69 24.36
C GLN K 135 10.81 -46.52 23.13
N VAL K 136 11.82 -46.80 22.31
CA VAL K 136 11.61 -47.61 21.11
C VAL K 136 11.48 -49.07 21.52
N GLN K 137 10.52 -49.77 20.92
CA GLN K 137 10.18 -51.12 21.39
C GLN K 137 11.33 -52.11 21.31
N PRO K 138 12.13 -52.19 20.24
CA PRO K 138 13.27 -53.12 20.24
C PRO K 138 14.25 -52.92 21.39
N ALA K 139 14.10 -51.85 22.17
CA ALA K 139 14.85 -51.65 23.42
C ALA K 139 16.35 -51.63 23.17
N ILE K 140 16.79 -50.60 22.42
CA ILE K 140 18.21 -50.39 22.19
C ILE K 140 18.82 -49.77 23.44
N THR K 141 19.81 -50.45 24.02
CA THR K 141 20.46 -50.01 25.24
C THR K 141 21.85 -49.49 24.90
N ILE K 142 22.00 -48.18 24.86
CA ILE K 142 23.30 -47.57 24.61
C ILE K 142 24.13 -47.65 25.88
N PRO K 143 25.29 -48.28 25.84
CA PRO K 143 26.16 -48.35 27.03
C PRO K 143 26.87 -47.02 27.24
N ALA K 144 27.62 -46.94 28.33
CA ALA K 144 28.38 -45.74 28.63
C ALA K 144 29.59 -45.68 27.70
N ASN K 145 30.43 -44.66 27.93
CA ASN K 145 31.67 -44.41 27.19
C ASN K 145 31.49 -44.59 25.68
N ALA K 146 30.35 -44.19 25.15
CA ALA K 146 30.08 -44.31 23.71
C ALA K 146 30.60 -43.06 23.02
N LEU K 147 31.76 -43.18 22.39
CA LEU K 147 32.34 -42.03 21.70
C LEU K 147 31.48 -41.59 20.53
N SER K 148 30.94 -42.54 19.77
CA SER K 148 30.10 -42.21 18.64
C SER K 148 29.13 -43.35 18.38
N ILE K 149 27.98 -43.00 17.80
CA ILE K 149 26.92 -43.94 17.48
C ILE K 149 26.80 -43.99 15.95
N THR K 150 26.93 -45.19 15.38
CA THR K 150 26.87 -45.39 13.95
C THR K 150 25.64 -46.23 13.62
N ILE K 151 24.77 -45.71 12.77
CA ILE K 151 23.56 -46.41 12.34
C ILE K 151 23.66 -46.63 10.84
N GLY K 152 23.73 -47.89 10.42
CA GLY K 152 23.88 -48.20 9.02
C GLY K 152 22.59 -48.09 8.25
N ARG K 153 22.71 -48.22 6.93
CA ARG K 153 21.54 -48.19 6.05
C ARG K 153 20.62 -49.38 6.27
N ASP K 154 21.12 -50.46 6.87
CA ASP K 154 20.32 -51.64 7.15
C ASP K 154 19.76 -51.63 8.58
N GLY K 155 19.85 -50.49 9.26
CA GLY K 155 19.28 -50.36 10.60
C GLY K 155 19.98 -51.18 11.66
N VAL K 156 21.30 -51.25 11.64
CA VAL K 156 22.08 -51.86 12.70
C VAL K 156 22.84 -50.75 13.42
N VAL K 157 22.64 -50.66 14.73
CA VAL K 157 23.20 -49.59 15.54
C VAL K 157 24.40 -50.11 16.30
N SER K 158 25.54 -49.43 16.16
CA SER K 158 26.75 -49.81 16.85
C SER K 158 27.34 -48.59 17.52
N VAL K 159 28.21 -48.82 18.49
CA VAL K 159 28.87 -47.75 19.22
C VAL K 159 30.38 -47.95 19.10
N THR K 160 31.12 -46.84 19.20
CA THR K 160 32.57 -46.87 19.19
C THR K 160 33.07 -46.56 20.60
N GLN K 161 33.58 -47.57 21.29
CA GLN K 161 34.08 -47.39 22.64
C GLN K 161 35.52 -46.87 22.58
N GLN K 162 36.19 -46.83 23.73
CA GLN K 162 37.53 -46.28 23.79
C GLN K 162 38.52 -47.13 23.00
N GLY K 163 38.42 -48.44 23.10
CA GLY K 163 39.36 -49.34 22.46
C GLY K 163 38.66 -50.37 21.60
N GLN K 164 39.22 -51.59 21.62
CA GLN K 164 38.72 -52.75 20.90
C GLN K 164 38.89 -52.62 19.39
N ALA K 165 39.30 -51.43 18.93
CA ALA K 165 39.59 -51.17 17.52
C ALA K 165 38.48 -51.66 16.60
N ALA K 166 37.26 -51.76 17.11
CA ALA K 166 36.15 -52.31 16.35
C ALA K 166 34.82 -51.97 17.01
N PRO K 167 33.79 -51.62 16.24
CA PRO K 167 32.49 -51.34 16.83
C PRO K 167 31.87 -52.60 17.42
N VAL K 168 31.03 -52.40 18.43
CA VAL K 168 30.30 -53.47 19.09
C VAL K 168 28.82 -53.27 18.85
N GLN K 169 28.17 -54.24 18.24
CA GLN K 169 26.74 -54.15 17.98
C GLN K 169 25.96 -54.26 19.27
N VAL K 170 25.03 -53.33 19.48
CA VAL K 170 24.23 -53.30 20.70
C VAL K 170 22.75 -53.51 20.46
N GLY K 171 22.29 -53.49 19.21
CA GLY K 171 20.88 -53.70 18.94
C GLY K 171 20.59 -53.54 17.47
N GLN K 172 19.31 -53.61 17.14
CA GLN K 172 18.85 -53.48 15.76
C GLN K 172 17.53 -52.73 15.73
N LEU K 173 17.26 -52.10 14.60
CA LEU K 173 16.02 -51.36 14.37
C LEU K 173 15.21 -52.07 13.31
N ASN K 174 13.93 -52.30 13.59
CA ASN K 174 13.00 -52.90 12.64
C ASN K 174 11.90 -51.91 12.30
N LEU K 175 11.45 -51.94 11.04
CA LEU K 175 10.45 -51.02 10.55
C LEU K 175 9.16 -51.80 10.27
N THR K 176 8.03 -51.24 10.70
CA THR K 176 6.73 -51.87 10.52
C THR K 176 6.03 -51.27 9.32
N THR K 177 5.57 -52.13 8.42
CA THR K 177 4.87 -51.70 7.22
C THR K 177 3.41 -52.15 7.28
N PHE K 178 2.50 -51.24 6.93
CA PHE K 178 1.07 -51.49 7.02
C PHE K 178 0.47 -51.60 5.63
N MET K 179 -0.56 -52.44 5.52
CA MET K 179 -1.26 -52.59 4.24
C MET K 179 -1.91 -51.29 3.81
N ASN K 180 -2.53 -50.57 4.74
CA ASN K 180 -3.17 -49.29 4.47
C ASN K 180 -2.63 -48.27 5.45
N ASP K 181 -1.62 -47.51 5.02
CA ASP K 181 -1.01 -46.52 5.90
C ASP K 181 -2.01 -45.42 6.26
N THR K 182 -2.84 -45.01 5.31
CA THR K 182 -3.78 -43.93 5.56
C THR K 182 -4.85 -44.31 6.57
N GLY K 183 -4.98 -45.59 6.91
CA GLY K 183 -5.98 -46.00 7.88
C GLY K 183 -5.58 -45.81 9.32
N LEU K 184 -4.31 -45.52 9.59
CA LEU K 184 -3.87 -45.37 10.97
C LEU K 184 -4.57 -44.20 11.65
N GLU K 185 -4.85 -44.36 12.93
CA GLU K 185 -5.49 -43.31 13.73
C GLU K 185 -4.41 -42.56 14.52
N SER K 186 -4.46 -41.24 14.47
CA SER K 186 -3.49 -40.40 15.15
C SER K 186 -4.00 -40.01 16.53
N ILE K 187 -3.10 -39.98 17.51
CA ILE K 187 -3.46 -39.65 18.88
C ILE K 187 -2.90 -38.32 19.34
N GLY K 188 -2.04 -37.69 18.57
CA GLY K 188 -1.61 -36.34 18.84
C GLY K 188 -0.19 -36.14 19.35
N GLU K 189 0.69 -37.10 19.16
CA GLU K 189 2.10 -36.93 19.50
C GLU K 189 2.97 -37.52 18.40
N ASN K 190 2.56 -37.32 17.15
CA ASN K 190 3.15 -37.99 16.00
C ASN K 190 3.13 -39.50 16.15
N LEU K 191 2.15 -40.01 16.89
CA LEU K 191 2.00 -41.45 17.13
C LEU K 191 0.71 -41.91 16.47
N TYR K 192 0.82 -42.94 15.64
CA TYR K 192 -0.33 -43.56 15.01
C TYR K 192 -0.58 -44.92 15.65
N ILE K 193 -1.82 -45.16 16.08
CA ILE K 193 -2.20 -46.41 16.70
C ILE K 193 -2.83 -47.31 15.64
N GLU K 194 -2.57 -48.61 15.74
CA GLU K 194 -3.20 -49.56 14.83
C GLU K 194 -4.70 -49.58 15.04
N THR K 195 -5.45 -49.67 13.95
CA THR K 195 -6.90 -49.79 14.01
C THR K 195 -7.34 -50.93 13.09
N GLN K 196 -8.66 -51.10 12.98
CA GLN K 196 -9.20 -52.19 12.18
C GLN K 196 -8.90 -51.99 10.70
N SER K 197 -9.03 -50.76 10.20
CA SER K 197 -8.89 -50.51 8.77
C SER K 197 -7.48 -50.83 8.29
N SER K 198 -6.47 -50.35 9.01
CA SER K 198 -5.10 -50.67 8.67
C SER K 198 -4.81 -52.13 8.96
N GLY K 199 -3.91 -52.71 8.18
CA GLY K 199 -3.57 -54.10 8.35
C GLY K 199 -2.85 -54.37 9.66
N ALA K 200 -2.78 -55.65 10.01
CA ALA K 200 -2.01 -56.03 11.18
C ALA K 200 -0.53 -55.74 10.94
N PRO K 201 0.16 -55.14 11.91
CA PRO K 201 1.57 -54.79 11.71
C PRO K 201 2.44 -56.03 11.57
N ASN K 202 3.51 -55.88 10.79
CA ASN K 202 4.47 -56.97 10.60
C ASN K 202 5.84 -56.34 10.38
N GLU K 203 6.73 -56.50 11.36
CA GLU K 203 8.04 -55.87 11.31
C GLU K 203 8.88 -56.48 10.20
N SER K 204 9.87 -55.70 9.75
CA SER K 204 10.79 -56.14 8.73
C SER K 204 12.10 -55.38 8.88
N THR K 205 13.15 -55.97 8.33
CA THR K 205 14.42 -55.28 8.28
C THR K 205 14.41 -54.22 7.18
N PRO K 206 15.15 -53.12 7.36
CA PRO K 206 15.17 -52.08 6.33
C PRO K 206 15.70 -52.62 5.01
N GLY K 207 15.10 -52.13 3.91
CA GLY K 207 15.53 -52.52 2.59
C GLY K 207 15.02 -53.86 2.10
N LEU K 208 14.21 -54.55 2.88
CA LEU K 208 13.68 -55.86 2.50
C LEU K 208 12.15 -55.81 2.48
N ASN K 209 11.57 -56.45 1.47
CA ASN K 209 10.12 -56.50 1.29
C ASN K 209 9.53 -55.10 1.19
N GLY K 210 10.24 -54.20 0.51
CA GLY K 210 9.75 -52.86 0.27
C GLY K 210 9.93 -51.89 1.41
N ALA K 211 10.48 -52.32 2.54
CA ALA K 211 10.71 -51.39 3.64
C ALA K 211 11.79 -50.37 3.26
N GLY K 212 11.64 -49.16 3.79
CA GLY K 212 12.54 -48.09 3.47
C GLY K 212 13.89 -48.24 4.14
N LEU K 213 14.78 -47.31 3.82
CA LEU K 213 16.14 -47.27 4.35
C LEU K 213 16.22 -46.21 5.45
N LEU K 214 17.37 -46.17 6.12
CA LEU K 214 17.61 -45.22 7.20
C LEU K 214 18.80 -44.35 6.86
N TYR K 215 18.66 -43.05 7.08
CA TYR K 215 19.75 -42.09 6.93
C TYR K 215 20.02 -41.45 8.28
N GLN K 216 21.26 -41.54 8.74
CA GLN K 216 21.62 -40.93 10.01
C GLN K 216 21.97 -39.46 9.82
N GLY K 217 21.43 -38.60 10.66
CA GLY K 217 21.70 -37.18 10.57
C GLY K 217 20.72 -36.38 9.76
N TYR K 218 19.52 -36.90 9.52
CA TYR K 218 18.50 -36.18 8.76
C TYR K 218 17.16 -36.33 9.44
N VAL K 219 16.28 -35.37 9.19
CA VAL K 219 14.91 -35.41 9.68
C VAL K 219 13.98 -35.12 8.51
N GLU K 220 12.89 -35.87 8.42
CA GLU K 220 11.94 -35.69 7.33
C GLU K 220 10.99 -34.55 7.66
N THR K 221 11.01 -33.50 6.84
CA THR K 221 10.15 -32.36 7.08
C THR K 221 8.73 -32.65 6.62
N SER K 222 7.80 -31.80 7.08
CA SER K 222 6.41 -31.97 6.71
C SER K 222 6.22 -31.74 5.21
N ASN K 223 5.30 -32.49 4.60
CA ASN K 223 5.04 -32.34 3.18
C ASN K 223 3.81 -31.45 2.96
N VAL K 224 3.99 -30.16 3.24
CA VAL K 224 2.94 -29.16 3.10
C VAL K 224 3.37 -28.15 2.05
N ASN K 225 2.44 -27.77 1.17
CA ASN K 225 2.71 -26.85 0.07
C ASN K 225 1.90 -25.58 0.28
N VAL K 226 2.56 -24.55 0.81
CA VAL K 226 1.86 -23.29 1.11
C VAL K 226 1.37 -22.64 -0.18
N ALA K 227 2.09 -22.85 -1.28
CA ALA K 227 1.68 -22.25 -2.55
C ALA K 227 0.30 -22.73 -2.98
N GLU K 228 -0.06 -23.94 -2.59
CA GLU K 228 -1.41 -24.44 -2.88
C GLU K 228 -2.36 -24.14 -1.72
N GLU K 229 -1.84 -24.09 -0.50
CA GLU K 229 -2.70 -23.80 0.65
C GLU K 229 -3.32 -22.42 0.54
N LEU K 230 -2.55 -21.43 0.06
CA LEU K 230 -3.10 -20.09 -0.05
C LEU K 230 -4.23 -20.02 -1.07
N VAL K 231 -4.07 -20.70 -2.21
CA VAL K 231 -5.12 -20.74 -3.21
C VAL K 231 -6.36 -21.42 -2.63
N ASN K 232 -6.16 -22.49 -1.88
CA ASN K 232 -7.29 -23.17 -1.23
C ASN K 232 -7.99 -22.23 -0.26
N MET K 233 -7.22 -21.42 0.48
CA MET K 233 -7.84 -20.48 1.41
C MET K 233 -8.69 -19.46 0.67
N ILE K 234 -8.19 -18.94 -0.44
CA ILE K 234 -8.97 -17.98 -1.22
C ILE K 234 -10.27 -18.60 -1.72
N GLN K 235 -10.17 -19.82 -2.25
CA GLN K 235 -11.37 -20.51 -2.73
C GLN K 235 -12.36 -20.73 -1.60
N VAL K 236 -11.87 -21.14 -0.42
CA VAL K 236 -12.75 -21.38 0.72
C VAL K 236 -13.46 -20.10 1.12
N GLN K 237 -12.74 -18.99 1.17
CA GLN K 237 -13.36 -17.73 1.54
C GLN K 237 -14.46 -17.34 0.56
N ARG K 238 -14.19 -17.48 -0.74
CA ARG K 238 -15.23 -17.14 -1.71
C ARG K 238 -16.45 -18.04 -1.57
N ALA K 239 -16.24 -19.34 -1.37
CA ALA K 239 -17.37 -20.24 -1.21
C ALA K 239 -18.21 -19.88 0.02
N TYR K 240 -17.54 -19.56 1.12
CA TYR K 240 -18.26 -19.16 2.32
C TYR K 240 -19.07 -17.90 2.08
N GLU K 241 -18.48 -16.93 1.38
CA GLU K 241 -19.21 -15.69 1.11
C GLU K 241 -20.45 -15.96 0.27
N ILE K 242 -20.33 -16.83 -0.74
CA ILE K 242 -21.48 -17.12 -1.59
C ILE K 242 -22.58 -17.82 -0.81
N ASN K 243 -22.21 -18.77 0.05
CA ASN K 243 -23.23 -19.45 0.86
C ASN K 243 -23.92 -18.46 1.81
N SER K 244 -23.15 -17.56 2.41
CA SER K 244 -23.76 -16.55 3.26
C SER K 244 -24.72 -15.66 2.46
N LYS K 245 -24.37 -15.36 1.22
CA LYS K 245 -25.27 -14.60 0.37
C LYS K 245 -26.58 -15.35 0.12
N ALA K 246 -26.48 -16.67 -0.09
CA ALA K 246 -27.70 -17.46 -0.25
C ALA K 246 -28.55 -17.42 1.02
N VAL K 247 -27.91 -17.50 2.19
CA VAL K 247 -28.66 -17.41 3.44
C VAL K 247 -29.37 -16.06 3.54
N SER K 248 -28.68 -14.98 3.16
CA SER K 248 -29.29 -13.66 3.21
C SER K 248 -30.49 -13.56 2.28
N THR K 249 -30.38 -14.15 1.08
CA THR K 249 -31.50 -14.13 0.16
C THR K 249 -32.71 -14.88 0.74
N THR K 250 -32.47 -16.04 1.34
CA THR K 250 -33.56 -16.76 1.97
C THR K 250 -34.19 -15.95 3.09
N ASP K 251 -33.35 -15.27 3.89
CA ASP K 251 -33.88 -14.44 4.96
C ASP K 251 -34.76 -13.32 4.41
N GLN K 252 -34.33 -12.68 3.32
CA GLN K 252 -35.12 -11.60 2.74
C GLN K 252 -36.47 -12.11 2.26
N MET K 253 -36.49 -13.24 1.56
CA MET K 253 -37.76 -13.73 1.06
C MET K 253 -38.68 -14.17 2.19
N LEU K 254 -38.12 -14.76 3.25
CA LEU K 254 -38.94 -15.11 4.41
C LEU K 254 -39.51 -13.87 5.08
N GLN K 255 -38.71 -12.80 5.18
CA GLN K 255 -39.21 -11.57 5.78
C GLN K 255 -40.37 -11.00 4.97
N LYS K 256 -40.24 -11.02 3.64
CA LYS K 256 -41.34 -10.54 2.81
C LYS K 256 -42.59 -11.40 2.98
N LEU K 257 -42.42 -12.73 3.03
CA LEU K 257 -43.57 -13.60 3.25
C LEU K 257 -44.23 -13.31 4.59
N THR K 258 -43.44 -13.05 5.62
CA THR K 258 -44.02 -12.71 6.92
C THR K 258 -44.78 -11.39 6.86
N GLN K 259 -44.19 -10.37 6.22
CA GLN K 259 -44.84 -9.06 6.13
C GLN K 259 -45.95 -9.01 5.11
N LEU K 260 -46.20 -10.11 4.40
CA LEU K 260 -47.37 -10.23 3.54
C LEU K 260 -48.65 -9.78 4.24
N ILE L 2 -36.43 -8.99 28.69
CA ILE L 2 -36.70 -10.43 28.59
C ILE L 2 -35.41 -11.20 28.87
N SER L 3 -35.53 -12.52 29.00
CA SER L 3 -34.40 -13.33 29.46
C SER L 3 -33.22 -13.26 28.49
N SER L 4 -33.49 -13.31 27.19
CA SER L 4 -32.40 -13.23 26.22
C SER L 4 -31.68 -11.88 26.32
N LEU L 5 -32.44 -10.81 26.51
CA LEU L 5 -31.83 -9.50 26.69
C LEU L 5 -30.94 -9.46 27.93
N TRP L 6 -31.46 -9.97 29.05
CA TRP L 6 -30.68 -9.95 30.28
C TRP L 6 -29.49 -10.87 30.25
N ILE L 7 -29.47 -11.85 29.34
CA ILE L 7 -28.28 -12.69 29.18
C ILE L 7 -27.26 -12.01 28.28
N ALA L 8 -27.71 -11.45 27.16
CA ALA L 8 -26.80 -10.80 26.24
C ALA L 8 -26.15 -9.57 26.88
N LYS L 9 -26.84 -8.91 27.81
CA LYS L 9 -26.24 -7.79 28.52
C LYS L 9 -25.03 -8.23 29.33
N THR L 10 -25.15 -9.36 30.03
CA THR L 10 -24.02 -9.90 30.77
C THR L 10 -22.90 -10.31 29.83
N GLY L 11 -23.26 -10.88 28.67
CA GLY L 11 -22.23 -11.23 27.70
C GLY L 11 -21.45 -10.01 27.24
N LEU L 12 -22.15 -8.92 26.94
CA LEU L 12 -21.49 -7.68 26.54
C LEU L 12 -20.59 -7.16 27.65
N ASP L 13 -21.07 -7.20 28.90
CA ASP L 13 -20.24 -6.71 30.01
C ASP L 13 -18.98 -7.53 30.17
N ALA L 14 -19.09 -8.86 30.05
CA ALA L 14 -17.90 -9.71 30.17
C ALA L 14 -16.90 -9.41 29.06
N GLN L 15 -17.38 -9.26 27.82
CA GLN L 15 -16.47 -8.93 26.73
C GLN L 15 -15.82 -7.56 26.94
N GLN L 16 -16.58 -6.61 27.50
CA GLN L 16 -16.01 -5.30 27.77
C GLN L 16 -14.90 -5.39 28.81
N THR L 17 -15.10 -6.18 29.86
CA THR L 17 -14.05 -6.35 30.85
C THR L 17 -12.82 -7.00 30.25
N ASN L 18 -13.03 -7.98 29.37
CA ASN L 18 -11.90 -8.61 28.71
C ASN L 18 -11.13 -7.60 27.86
N MET L 19 -11.85 -6.75 27.13
CA MET L 19 -11.18 -5.73 26.33
C MET L 19 -10.43 -4.75 27.22
N ASP L 20 -10.99 -4.42 28.39
CA ASP L 20 -10.33 -3.50 29.30
C ASP L 20 -9.02 -4.08 29.80
N VAL L 21 -9.02 -5.36 30.18
CA VAL L 21 -7.76 -5.95 30.67
C VAL L 21 -6.76 -6.07 29.53
N ILE L 22 -7.21 -6.35 28.30
CA ILE L 22 -6.29 -6.40 27.17
C ILE L 22 -5.66 -5.03 26.94
N ALA L 23 -6.46 -3.98 26.98
CA ALA L 23 -5.93 -2.63 26.78
C ALA L 23 -4.96 -2.25 27.89
N ASN L 24 -5.27 -2.64 29.13
CA ASN L 24 -4.35 -2.37 30.22
C ASN L 24 -3.02 -3.09 30.00
N ASN L 25 -3.07 -4.35 29.56
CA ASN L 25 -1.83 -5.08 29.30
C ASN L 25 -1.02 -4.40 28.20
N LEU L 26 -1.69 -3.95 27.14
CA LEU L 26 -0.97 -3.34 26.02
C LEU L 26 -0.50 -1.93 26.30
N ALA L 27 -1.11 -1.22 27.25
CA ALA L 27 -0.75 0.16 27.48
C ALA L 27 0.64 0.29 28.06
N ASN L 28 0.86 -0.30 29.24
CA ASN L 28 2.16 -0.20 29.91
C ASN L 28 3.07 -1.35 29.47
N VAL L 29 3.27 -1.42 28.15
CA VAL L 29 4.15 -2.44 27.59
C VAL L 29 5.60 -2.18 27.93
N SER L 30 5.96 -0.94 28.25
CA SER L 30 7.34 -0.58 28.56
C SER L 30 7.58 -0.36 30.05
N THR L 31 6.61 -0.71 30.89
CA THR L 31 6.76 -0.53 32.33
C THR L 31 7.72 -1.58 32.88
N ASN L 32 8.76 -1.12 33.56
CA ASN L 32 9.76 -2.04 34.10
C ASN L 32 9.15 -2.91 35.19
N GLY L 33 9.44 -4.21 35.14
CA GLY L 33 8.96 -5.13 36.15
C GLY L 33 7.46 -5.26 36.19
N PHE L 34 6.83 -5.43 35.04
CA PHE L 34 5.39 -5.58 34.96
C PHE L 34 5.01 -7.00 34.55
N LYS L 35 3.97 -7.52 35.17
CA LYS L 35 3.49 -8.87 34.94
C LYS L 35 2.16 -8.82 34.20
N ARG L 36 2.05 -9.61 33.13
CA ARG L 36 0.85 -9.59 32.31
C ARG L 36 -0.34 -10.10 33.10
N GLN L 37 -1.52 -9.58 32.76
CA GLN L 37 -2.74 -9.86 33.49
C GLN L 37 -3.77 -10.49 32.55
N ARG L 38 -4.38 -11.59 32.98
CA ARG L 38 -5.39 -12.29 32.20
C ARG L 38 -6.59 -12.59 33.08
N ALA L 39 -7.78 -12.50 32.49
CA ALA L 39 -9.03 -12.67 33.22
C ALA L 39 -9.69 -14.00 32.85
N VAL L 40 -10.30 -14.64 33.83
CA VAL L 40 -11.03 -15.89 33.65
C VAL L 40 -12.48 -15.64 34.05
N PHE L 41 -13.40 -16.04 33.16
CA PHE L 41 -14.83 -15.86 33.35
C PHE L 41 -15.45 -17.12 33.94
N GLU L 42 -16.76 -17.08 34.15
CA GLU L 42 -17.49 -18.19 34.73
C GLU L 42 -18.98 -17.93 34.56
N ASP L 43 -19.73 -18.98 34.23
CA ASP L 43 -21.14 -18.84 33.94
C ASP L 43 -21.95 -18.60 35.21
N LEU L 44 -23.11 -18.00 35.04
CA LEU L 44 -24.01 -17.70 36.15
C LEU L 44 -24.88 -18.92 36.45
N LEU L 45 -25.92 -18.72 37.24
CA LEU L 45 -26.73 -19.82 37.71
C LEU L 45 -27.62 -20.37 36.59
N TYR L 46 -28.38 -21.40 36.94
CA TYR L 46 -29.28 -22.08 36.02
C TYR L 46 -30.63 -22.27 36.68
N GLN L 47 -31.69 -21.91 35.96
CA GLN L 47 -33.05 -22.20 36.41
C GLN L 47 -33.44 -23.59 35.95
N THR L 48 -33.86 -24.43 36.90
CA THR L 48 -34.20 -25.81 36.62
C THR L 48 -35.72 -25.96 36.57
N ILE L 49 -36.24 -26.34 35.42
CA ILE L 49 -37.68 -26.53 35.29
C ILE L 49 -38.08 -27.96 35.63
N ARG L 50 -37.44 -28.94 35.01
CA ARG L 50 -37.67 -30.35 35.30
C ARG L 50 -36.41 -30.92 35.95
N GLN L 51 -36.58 -31.52 37.11
CA GLN L 51 -35.43 -31.97 37.89
C GLN L 51 -34.77 -33.16 37.21
N PRO L 52 -33.47 -33.11 36.94
CA PRO L 52 -32.79 -34.30 36.42
C PRO L 52 -32.82 -35.43 37.43
N GLY L 53 -32.90 -36.65 36.93
CA GLY L 53 -32.95 -37.83 37.78
C GLY L 53 -34.29 -38.15 38.37
N ALA L 54 -35.34 -37.40 38.05
CA ALA L 54 -36.66 -37.67 38.58
C ALA L 54 -37.22 -38.95 37.97
N GLN L 55 -38.22 -39.51 38.63
CA GLN L 55 -38.87 -40.73 38.15
C GLN L 55 -39.84 -40.36 37.04
N SER L 56 -39.52 -40.77 35.81
CA SER L 56 -40.45 -40.59 34.70
C SER L 56 -41.60 -41.58 34.77
N SER L 57 -41.35 -42.76 35.34
CA SER L 57 -42.38 -43.78 35.52
C SER L 57 -42.01 -44.60 36.75
N GLU L 58 -42.64 -45.76 36.90
CA GLU L 58 -42.28 -46.65 38.00
C GLU L 58 -40.90 -47.23 37.83
N GLN L 59 -40.40 -47.36 36.60
CA GLN L 59 -39.10 -47.95 36.32
C GLN L 59 -38.12 -46.94 35.75
N THR L 60 -38.48 -46.29 34.65
CA THR L 60 -37.55 -45.42 33.93
C THR L 60 -37.35 -44.10 34.67
N THR L 61 -36.32 -43.37 34.25
CA THR L 61 -35.96 -42.10 34.86
C THR L 61 -35.64 -41.08 33.77
N LEU L 62 -35.74 -39.81 34.12
CA LEU L 62 -35.42 -38.75 33.17
C LEU L 62 -33.93 -38.78 32.86
N PRO L 63 -33.54 -38.81 31.57
CA PRO L 63 -32.10 -38.83 31.27
C PRO L 63 -31.41 -37.52 31.55
N SER L 64 -32.08 -36.39 31.32
CA SER L 64 -31.47 -35.09 31.57
C SER L 64 -32.58 -34.06 31.70
N GLY L 65 -32.61 -33.35 32.82
CA GLY L 65 -33.66 -32.40 33.08
C GLY L 65 -33.52 -31.14 32.25
N LEU L 66 -34.54 -30.29 32.36
CA LEU L 66 -34.56 -29.03 31.63
C LEU L 66 -33.93 -27.94 32.49
N GLN L 67 -32.87 -27.31 31.96
CA GLN L 67 -32.18 -26.23 32.65
C GLN L 67 -31.91 -25.10 31.68
N ILE L 68 -32.05 -23.87 32.17
CA ILE L 68 -31.82 -22.67 31.36
C ILE L 68 -30.76 -21.83 32.04
N GLY L 69 -29.73 -21.46 31.28
CA GLY L 69 -28.67 -20.66 31.85
C GLY L 69 -29.08 -19.23 32.12
N THR L 70 -28.30 -18.54 32.93
CA THR L 70 -28.58 -17.14 33.21
C THR L 70 -27.57 -16.17 32.60
N GLY L 71 -26.36 -16.62 32.31
CA GLY L 71 -25.38 -15.75 31.68
C GLY L 71 -23.99 -16.10 32.14
N VAL L 72 -23.08 -15.13 31.99
CA VAL L 72 -21.68 -15.30 32.31
C VAL L 72 -21.23 -14.17 33.22
N ARG L 73 -20.17 -14.42 33.97
CA ARG L 73 -19.66 -13.48 34.95
C ARG L 73 -18.16 -13.63 35.05
N PRO L 74 -17.39 -12.54 34.99
CA PRO L 74 -15.93 -12.65 35.14
C PRO L 74 -15.55 -13.00 36.56
N VAL L 75 -15.11 -14.25 36.79
CA VAL L 75 -14.94 -14.72 38.15
C VAL L 75 -13.64 -14.21 38.75
N ALA L 76 -12.57 -14.10 37.95
CA ALA L 76 -11.30 -13.70 38.55
C ALA L 76 -10.40 -13.10 37.48
N THR L 77 -9.33 -12.45 37.95
CA THR L 77 -8.23 -12.03 37.11
C THR L 77 -6.93 -12.33 37.85
N GLU L 78 -5.89 -12.64 37.08
CA GLU L 78 -4.64 -13.11 37.65
C GLU L 78 -3.48 -12.51 36.88
N ARG L 79 -2.30 -12.56 37.50
CA ARG L 79 -1.08 -12.03 36.92
C ARG L 79 -0.06 -13.15 36.76
N LEU L 80 0.46 -13.31 35.55
CA LEU L 80 1.43 -14.37 35.26
C LEU L 80 2.77 -13.96 35.83
N HIS L 81 3.13 -14.52 36.99
CA HIS L 81 4.40 -14.19 37.65
C HIS L 81 5.54 -15.00 37.05
N SER L 82 5.80 -14.75 35.78
CA SER L 82 6.93 -15.36 35.08
C SER L 82 8.15 -14.45 35.24
N GLN L 83 9.20 -14.72 34.47
CA GLN L 83 10.42 -13.94 34.50
C GLN L 83 10.52 -13.14 33.20
N GLY L 84 10.60 -11.82 33.32
CA GLY L 84 10.76 -10.98 32.15
C GLY L 84 12.19 -10.92 31.67
N ASN L 85 12.35 -10.53 30.42
CA ASN L 85 13.68 -10.39 29.85
C ASN L 85 14.39 -9.18 30.45
N LEU L 86 15.72 -9.26 30.50
CA LEU L 86 16.55 -8.21 31.07
C LEU L 86 17.06 -7.30 29.97
N SER L 87 17.09 -6.00 30.25
CA SER L 87 17.61 -5.00 29.34
C SER L 87 18.66 -4.16 30.05
N GLN L 88 19.75 -3.88 29.36
CA GLN L 88 20.88 -3.18 29.96
C GLN L 88 20.73 -1.67 29.82
N THR L 89 21.07 -0.96 30.89
CA THR L 89 21.01 0.50 30.90
C THR L 89 22.33 1.17 31.26
N ASN L 90 23.35 0.40 31.66
CA ASN L 90 24.66 0.93 32.00
C ASN L 90 24.60 1.95 33.13
N ASN L 91 23.62 1.83 34.02
CA ASN L 91 23.54 2.67 35.21
C ASN L 91 23.82 1.83 36.44
N SER L 92 24.78 2.28 37.25
CA SER L 92 25.25 1.47 38.38
C SER L 92 24.18 1.27 39.44
N LYS L 93 23.12 2.08 39.45
CA LYS L 93 22.10 2.01 40.48
C LYS L 93 20.84 1.28 40.02
N ASP L 94 20.88 0.60 38.89
CA ASP L 94 19.75 -0.19 38.42
C ASP L 94 19.97 -1.66 38.77
N VAL L 95 18.99 -2.27 39.44
CA VAL L 95 19.08 -3.64 39.90
C VAL L 95 17.89 -4.41 39.35
N ALA L 96 18.15 -5.57 38.75
CA ALA L 96 17.13 -6.46 38.27
C ALA L 96 17.21 -7.78 39.03
N ILE L 97 16.12 -8.18 39.65
CA ILE L 97 16.11 -9.41 40.43
C ILE L 97 15.85 -10.59 39.50
N LYS L 98 16.64 -11.65 39.65
CA LYS L 98 16.57 -12.82 38.78
C LYS L 98 16.05 -13.99 39.60
N GLY L 99 14.75 -14.28 39.43
CA GLY L 99 14.12 -15.36 40.16
C GLY L 99 12.83 -14.93 40.81
N GLN L 100 12.76 -15.03 42.14
CA GLN L 100 11.55 -14.71 42.89
C GLN L 100 11.89 -13.76 44.02
N GLY L 101 10.90 -12.97 44.43
CA GLY L 101 11.07 -12.05 45.54
C GLY L 101 10.77 -10.61 45.19
N PHE L 102 10.56 -9.78 46.21
CA PHE L 102 10.29 -8.37 46.01
C PHE L 102 11.10 -7.56 47.00
N PHE L 103 11.50 -6.36 46.59
CA PHE L 103 12.11 -5.42 47.52
C PHE L 103 11.05 -4.87 48.46
N GLN L 104 11.48 -4.51 49.66
CA GLN L 104 10.57 -3.94 50.66
C GLN L 104 10.68 -2.43 50.67
N VAL L 105 9.54 -1.75 50.63
CA VAL L 105 9.47 -0.31 50.50
C VAL L 105 8.60 0.24 51.62
N MET L 106 9.07 1.30 52.28
CA MET L 106 8.34 1.93 53.36
C MET L 106 7.50 3.07 52.81
N LEU L 107 6.18 2.90 52.84
CA LEU L 107 5.30 3.99 52.46
C LEU L 107 5.32 5.08 53.53
N PRO L 108 5.05 6.33 53.15
CA PRO L 108 5.14 7.43 54.13
C PRO L 108 4.22 7.25 55.33
N ASP L 109 3.03 6.68 55.14
CA ASP L 109 2.11 6.52 56.25
C ASP L 109 2.64 5.58 57.32
N GLY L 110 3.56 4.68 56.97
CA GLY L 110 4.17 3.78 57.93
C GLY L 110 4.05 2.30 57.60
N THR L 111 3.18 1.91 56.67
CA THR L 111 3.03 0.51 56.32
C THR L 111 4.18 0.08 55.40
N SER L 112 4.11 -1.14 54.88
CA SER L 112 5.14 -1.68 54.01
C SER L 112 4.52 -2.09 52.69
N ALA L 113 5.18 -1.73 51.58
CA ALA L 113 4.76 -2.12 50.26
C ALA L 113 5.92 -2.80 49.55
N TYR L 114 5.60 -3.72 48.64
CA TYR L 114 6.61 -4.52 47.97
C TYR L 114 6.52 -4.30 46.47
N THR L 115 7.68 -4.24 45.82
CA THR L 115 7.75 -3.99 44.39
C THR L 115 8.85 -4.85 43.78
N ARG L 116 8.80 -4.97 42.45
CA ARG L 116 9.83 -5.66 41.71
C ARG L 116 10.64 -4.76 40.80
N ASP L 117 10.09 -3.63 40.39
CA ASP L 117 10.80 -2.70 39.52
C ASP L 117 12.02 -2.14 40.23
N GLY L 118 13.21 -2.43 39.69
CA GLY L 118 14.43 -1.94 40.28
C GLY L 118 15.00 -0.75 39.55
N SER L 119 14.79 0.45 40.11
CA SER L 119 15.36 1.68 39.55
C SER L 119 15.53 2.64 40.73
N PHE L 120 16.74 2.68 41.27
CA PHE L 120 17.00 3.38 42.52
C PHE L 120 17.84 4.63 42.28
N GLN L 121 17.54 5.67 43.04
CA GLN L 121 18.33 6.89 43.07
C GLN L 121 18.70 7.19 44.52
N VAL L 122 19.43 8.28 44.72
CA VAL L 122 19.84 8.72 46.05
C VAL L 122 19.38 10.16 46.24
N ASP L 123 18.75 10.44 47.37
CA ASP L 123 18.31 11.79 47.67
C ASP L 123 19.45 12.56 48.33
N GLN L 124 19.15 13.76 48.83
CA GLN L 124 20.20 14.61 49.38
C GLN L 124 20.78 14.04 50.67
N ASN L 125 20.03 13.20 51.37
CA ASN L 125 20.46 12.69 52.67
C ASN L 125 21.26 11.39 52.58
N GLY L 126 21.53 10.90 51.37
CA GLY L 126 22.29 9.69 51.21
C GLY L 126 21.51 8.40 51.32
N GLN L 127 20.21 8.47 51.60
CA GLN L 127 19.39 7.28 51.66
C GLN L 127 19.11 6.76 50.26
N LEU L 128 18.93 5.44 50.15
CA LEU L 128 18.61 4.83 48.87
C LEU L 128 17.09 4.81 48.69
N VAL L 129 16.61 5.50 47.67
CA VAL L 129 15.18 5.64 47.44
C VAL L 129 14.87 5.25 46.00
N THR L 130 13.60 4.89 45.78
CA THR L 130 13.12 4.58 44.45
C THR L 130 12.49 5.81 43.81
N ALA L 131 12.28 5.74 42.49
CA ALA L 131 11.72 6.86 41.75
C ALA L 131 10.29 7.11 42.22
N GLY L 132 10.10 8.18 42.98
CA GLY L 132 8.80 8.48 43.54
C GLY L 132 8.88 9.01 44.95
N GLY L 133 10.08 8.90 45.54
CA GLY L 133 10.33 9.39 46.88
C GLY L 133 10.32 8.34 47.96
N PHE L 134 9.75 7.18 47.71
CA PHE L 134 9.74 6.12 48.70
C PHE L 134 11.14 5.55 48.88
N GLN L 135 11.46 5.15 50.10
CA GLN L 135 12.78 4.65 50.43
C GLN L 135 12.76 3.13 50.61
N VAL L 136 13.90 2.50 50.35
CA VAL L 136 14.03 1.06 50.55
C VAL L 136 14.11 0.79 52.04
N GLN L 137 13.32 -0.18 52.51
CA GLN L 137 13.15 -0.37 53.94
C GLN L 137 14.44 -0.72 54.69
N PRO L 138 15.29 -1.64 54.21
CA PRO L 138 16.55 -1.90 54.94
C PRO L 138 17.44 -0.67 55.14
N ALA L 139 17.12 0.46 54.51
CA ALA L 139 17.75 1.75 54.79
C ALA L 139 19.26 1.71 54.52
N ILE L 140 19.59 1.52 53.25
CA ILE L 140 20.97 1.59 52.80
C ILE L 140 21.39 3.04 52.74
N THR L 141 22.49 3.38 53.41
CA THR L 141 23.00 4.73 53.49
C THR L 141 24.33 4.81 52.75
N ILE L 142 24.48 5.82 51.92
CA ILE L 142 25.67 6.00 51.09
C ILE L 142 26.42 7.24 51.58
N PRO L 143 27.74 7.18 51.74
CA PRO L 143 28.49 8.37 52.14
C PRO L 143 28.50 9.42 51.05
N ALA L 144 29.03 10.59 51.41
CA ALA L 144 29.03 11.72 50.49
C ALA L 144 30.06 11.58 49.39
N ASN L 145 31.20 10.92 49.67
CA ASN L 145 32.30 10.83 48.73
C ASN L 145 32.31 9.50 47.98
N ALA L 146 31.14 8.96 47.66
CA ALA L 146 31.08 7.69 46.93
C ALA L 146 31.68 7.83 45.54
N LEU L 147 32.53 6.86 45.18
CA LEU L 147 33.07 6.79 43.83
C LEU L 147 32.32 5.79 42.97
N SER L 148 32.25 4.54 43.40
CA SER L 148 31.50 3.51 42.69
C SER L 148 30.80 2.62 43.70
N ILE L 149 29.64 2.10 43.29
CA ILE L 149 28.79 1.28 44.14
C ILE L 149 28.70 -0.10 43.50
N THR L 150 29.03 -1.13 44.26
CA THR L 150 28.97 -2.51 43.80
C THR L 150 27.92 -3.26 44.59
N ILE L 151 26.97 -3.86 43.89
CA ILE L 151 25.91 -4.66 44.51
C ILE L 151 26.17 -6.10 44.09
N GLY L 152 26.71 -6.90 45.00
CA GLY L 152 27.06 -8.26 44.67
C GLY L 152 25.84 -9.13 44.42
N ARG L 153 26.05 -10.21 43.69
CA ARG L 153 24.98 -11.15 43.42
C ARG L 153 24.40 -11.75 44.70
N ASP L 154 25.20 -11.83 45.76
CA ASP L 154 24.71 -12.30 47.04
C ASP L 154 23.77 -11.31 47.70
N GLY L 155 23.92 -10.02 47.43
CA GLY L 155 23.08 -9.00 48.03
C GLY L 155 23.80 -8.00 48.91
N VAL L 156 25.11 -8.05 48.96
CA VAL L 156 25.88 -7.09 49.77
C VAL L 156 26.16 -5.86 48.94
N VAL L 157 25.95 -4.68 49.53
CA VAL L 157 26.18 -3.41 48.88
C VAL L 157 27.43 -2.78 49.47
N SER L 158 28.41 -2.49 48.61
CA SER L 158 29.67 -1.90 49.03
C SER L 158 29.95 -0.67 48.18
N VAL L 159 30.75 0.23 48.72
CA VAL L 159 31.11 1.46 48.03
C VAL L 159 32.62 1.65 48.13
N THR L 160 33.22 2.13 47.03
CA THR L 160 34.64 2.44 47.01
C THR L 160 34.84 3.95 47.11
N GLN L 161 35.97 4.34 47.71
CA GLN L 161 36.26 5.74 47.99
C GLN L 161 37.68 6.06 47.56
N GLN L 162 37.92 7.34 47.31
CA GLN L 162 39.24 7.80 46.91
C GLN L 162 40.23 7.64 48.06
N GLY L 163 41.47 7.28 47.72
CA GLY L 163 42.49 7.09 48.72
C GLY L 163 42.22 5.95 49.67
N GLN L 164 41.64 4.86 49.16
CA GLN L 164 41.32 3.69 49.97
C GLN L 164 41.74 2.44 49.22
N ALA L 165 42.00 1.38 49.97
CA ALA L 165 42.42 0.11 49.39
C ALA L 165 41.24 -0.82 49.15
N ALA L 166 40.41 -1.03 50.16
CA ALA L 166 39.31 -1.98 50.05
C ALA L 166 37.96 -1.25 50.12
N PRO L 167 36.95 -1.76 49.43
CA PRO L 167 35.62 -1.16 49.54
C PRO L 167 35.01 -1.37 50.92
N VAL L 168 34.13 -0.46 51.30
CA VAL L 168 33.46 -0.52 52.61
C VAL L 168 32.01 -0.95 52.37
N GLN L 169 31.57 -1.93 53.14
CA GLN L 169 30.20 -2.42 53.03
C GLN L 169 29.25 -1.47 53.77
N VAL L 170 28.15 -1.11 53.12
CA VAL L 170 27.19 -0.18 53.71
C VAL L 170 25.91 -0.85 54.16
N GLY L 171 25.64 -2.08 53.74
CA GLY L 171 24.45 -2.76 54.17
C GLY L 171 24.17 -3.98 53.33
N GLN L 172 23.24 -4.79 53.81
CA GLN L 172 22.81 -6.00 53.13
C GLN L 172 21.40 -5.79 52.58
N LEU L 173 21.21 -6.14 51.31
CA LEU L 173 19.94 -5.91 50.64
C LEU L 173 19.19 -7.25 50.55
N ASN L 174 18.39 -7.53 51.57
CA ASN L 174 17.56 -8.72 51.58
C ASN L 174 16.35 -8.49 50.67
N LEU L 175 15.52 -9.52 50.57
CA LEU L 175 14.25 -9.37 49.84
C LEU L 175 13.25 -10.35 50.42
N THR L 176 11.97 -10.01 50.25
CA THR L 176 10.89 -10.79 50.84
C THR L 176 10.19 -11.62 49.78
N THR L 177 9.78 -12.82 50.17
CA THR L 177 9.08 -13.75 49.31
C THR L 177 7.76 -14.15 49.96
N PHE L 178 6.83 -14.60 49.12
CA PHE L 178 5.49 -14.95 49.56
C PHE L 178 5.16 -16.37 49.13
N MET L 179 4.23 -16.99 49.86
CA MET L 179 3.72 -18.29 49.46
C MET L 179 2.96 -18.21 48.15
N ASN L 180 2.14 -17.18 47.97
CA ASN L 180 1.38 -16.98 46.75
C ASN L 180 1.44 -15.50 46.40
N ASP L 181 2.32 -15.14 45.47
CA ASP L 181 2.46 -13.76 45.05
C ASP L 181 1.44 -13.37 43.99
N THR L 182 0.66 -14.32 43.47
CA THR L 182 -0.40 -13.97 42.54
C THR L 182 -1.51 -13.20 43.23
N GLY L 183 -1.77 -13.48 44.51
CA GLY L 183 -2.83 -12.86 45.26
C GLY L 183 -2.50 -11.54 45.91
N LEU L 184 -1.33 -10.97 45.65
CA LEU L 184 -0.97 -9.69 46.24
C LEU L 184 -1.87 -8.59 45.70
N GLU L 185 -2.45 -7.81 46.60
CA GLU L 185 -3.20 -6.62 46.20
C GLU L 185 -2.25 -5.63 45.54
N SER L 186 -2.67 -5.08 44.40
CA SER L 186 -1.82 -4.22 43.59
C SER L 186 -2.37 -2.81 43.61
N ILE L 187 -1.80 -1.96 44.45
CA ILE L 187 -2.09 -0.53 44.41
C ILE L 187 -1.31 0.07 43.26
N GLY L 188 -1.60 1.32 42.92
CA GLY L 188 -0.90 1.98 41.84
C GLY L 188 0.55 2.24 42.19
N GLU L 189 1.19 3.05 41.35
CA GLU L 189 2.57 3.47 41.54
C GLU L 189 3.54 2.29 41.55
N ASN L 190 3.15 1.20 40.88
CA ASN L 190 4.03 0.04 40.71
C ASN L 190 4.44 -0.57 42.05
N LEU L 191 3.47 -0.70 42.96
CA LEU L 191 3.71 -1.27 44.28
C LEU L 191 2.65 -2.30 44.59
N TYR L 192 3.02 -3.28 45.43
CA TYR L 192 2.09 -4.31 45.89
C TYR L 192 2.06 -4.30 47.41
N ILE L 193 0.94 -4.74 47.98
CA ILE L 193 0.79 -4.92 49.41
C ILE L 193 0.23 -6.31 49.67
N GLU L 194 0.48 -6.81 50.88
CA GLU L 194 0.08 -8.15 51.25
C GLU L 194 -1.36 -8.16 51.78
N THR L 195 -2.00 -9.32 51.68
CA THR L 195 -3.37 -9.49 52.14
C THR L 195 -3.48 -10.87 52.79
N GLN L 196 -4.71 -11.28 53.07
CA GLN L 196 -4.92 -12.60 53.68
C GLN L 196 -4.65 -13.71 52.68
N SER L 197 -4.98 -13.50 51.41
CA SER L 197 -4.79 -14.54 50.41
C SER L 197 -3.31 -14.92 50.28
N SER L 198 -2.44 -13.91 50.20
CA SER L 198 -1.01 -14.16 50.15
C SER L 198 -0.49 -14.42 51.56
N GLY L 199 0.44 -15.36 51.67
CA GLY L 199 1.01 -15.69 52.95
C GLY L 199 1.81 -14.55 53.54
N ALA L 200 2.17 -14.71 54.80
CA ALA L 200 2.97 -13.70 55.47
C ALA L 200 4.34 -13.61 54.79
N PRO L 201 4.83 -12.40 54.50
CA PRO L 201 6.13 -12.29 53.83
C PRO L 201 7.25 -12.88 54.66
N ASN L 202 8.20 -13.51 53.98
CA ASN L 202 9.39 -14.07 54.61
C ASN L 202 10.61 -13.39 54.01
N GLU L 203 11.39 -12.72 54.84
CA GLU L 203 12.58 -12.02 54.38
C GLU L 203 13.75 -12.99 54.34
N SER L 204 14.55 -12.91 53.27
CA SER L 204 15.69 -13.79 53.12
C SER L 204 16.74 -13.12 52.26
N THR L 205 17.96 -13.62 52.37
CA THR L 205 19.06 -13.16 51.55
C THR L 205 18.96 -13.74 50.14
N PRO L 206 19.42 -13.00 49.14
CA PRO L 206 19.42 -13.54 47.77
C PRO L 206 20.31 -14.77 47.67
N GLY L 207 19.89 -15.71 46.83
CA GLY L 207 20.64 -16.92 46.60
C GLY L 207 20.43 -18.03 47.61
N LEU L 208 19.61 -17.80 48.63
CA LEU L 208 19.33 -18.82 49.63
C LEU L 208 17.82 -19.01 49.76
N ASN L 209 17.43 -20.24 50.10
CA ASN L 209 16.03 -20.60 50.33
C ASN L 209 15.17 -20.27 49.10
N GLY L 210 15.71 -20.54 47.92
CA GLY L 210 14.95 -20.38 46.70
C GLY L 210 14.62 -18.94 46.36
N ALA L 211 15.38 -17.99 46.88
CA ALA L 211 15.20 -16.59 46.55
C ALA L 211 16.00 -16.23 45.31
N GLY L 212 15.65 -15.11 44.70
CA GLY L 212 16.29 -14.70 43.48
C GLY L 212 17.70 -14.17 43.71
N LEU L 213 18.35 -13.85 42.60
CA LEU L 213 19.66 -13.22 42.61
C LEU L 213 19.53 -11.75 42.21
N LEU L 214 20.63 -11.02 42.36
CA LEU L 214 20.67 -9.61 42.03
C LEU L 214 21.70 -9.35 40.95
N TYR L 215 21.29 -8.71 39.87
CA TYR L 215 22.19 -8.25 38.83
C TYR L 215 22.19 -6.73 38.79
N GLN L 216 23.36 -6.14 38.65
CA GLN L 216 23.50 -4.69 38.65
C GLN L 216 23.66 -4.20 37.22
N GLY L 217 22.93 -3.13 36.90
CA GLY L 217 22.98 -2.53 35.59
C GLY L 217 21.90 -2.97 34.63
N TYR L 218 20.94 -3.76 35.09
CA TYR L 218 19.86 -4.26 34.25
C TYR L 218 18.52 -3.96 34.89
N VAL L 219 17.48 -3.90 34.06
CA VAL L 219 16.12 -3.65 34.52
C VAL L 219 15.21 -4.72 33.92
N GLU L 220 14.34 -5.28 34.75
CA GLU L 220 13.44 -6.34 34.30
C GLU L 220 12.28 -5.71 33.52
N THR L 221 12.18 -6.07 32.24
CA THR L 221 11.15 -5.53 31.38
C THR L 221 9.83 -6.27 31.59
N SER L 222 8.75 -5.62 31.14
CA SER L 222 7.43 -6.20 31.29
C SER L 222 7.30 -7.47 30.46
N ASN L 223 6.67 -8.49 31.03
CA ASN L 223 6.54 -9.76 30.31
C ASN L 223 5.23 -9.84 29.55
N VAL L 224 4.96 -8.84 28.71
CA VAL L 224 3.75 -8.79 27.91
C VAL L 224 4.06 -9.33 26.53
N ASN L 225 3.32 -10.35 26.11
CA ASN L 225 3.53 -10.98 24.80
C ASN L 225 2.59 -10.30 23.80
N VAL L 226 3.16 -9.43 22.97
CA VAL L 226 2.36 -8.65 22.03
C VAL L 226 1.69 -9.52 20.99
N ALA L 227 2.28 -10.67 20.66
CA ALA L 227 1.76 -11.50 19.57
C ALA L 227 0.34 -11.98 19.88
N GLU L 228 0.10 -12.41 21.12
CA GLU L 228 -1.22 -12.93 21.49
C GLU L 228 -2.25 -11.82 21.64
N GLU L 229 -1.81 -10.59 21.89
CA GLU L 229 -2.77 -9.51 22.15
C GLU L 229 -3.60 -9.18 20.92
N LEU L 230 -3.00 -9.22 19.72
CA LEU L 230 -3.75 -8.89 18.53
C LEU L 230 -4.85 -9.91 18.25
N VAL L 231 -4.53 -11.21 18.34
CA VAL L 231 -5.55 -12.21 18.12
C VAL L 231 -6.60 -12.17 19.22
N ASN L 232 -6.20 -11.86 20.46
CA ASN L 232 -7.19 -11.67 21.51
C ASN L 232 -8.12 -10.51 21.18
N MET L 233 -7.57 -9.43 20.62
CA MET L 233 -8.42 -8.30 20.24
C MET L 233 -9.40 -8.69 19.15
N ILE L 234 -8.95 -9.47 18.17
CA ILE L 234 -9.85 -9.91 17.11
C ILE L 234 -10.98 -10.78 17.69
N GLN L 235 -10.62 -11.69 18.60
CA GLN L 235 -11.64 -12.52 19.25
C GLN L 235 -12.63 -11.66 20.01
N VAL L 236 -12.13 -10.68 20.76
CA VAL L 236 -13.00 -9.83 21.56
C VAL L 236 -13.95 -9.05 20.67
N GLN L 237 -13.42 -8.48 19.59
CA GLN L 237 -14.27 -7.71 18.68
C GLN L 237 -15.37 -8.58 18.07
N ARG L 238 -15.01 -9.79 17.62
CA ARG L 238 -16.01 -10.65 17.00
C ARG L 238 -17.06 -11.10 18.02
N ALA L 239 -16.64 -11.44 19.24
CA ALA L 239 -17.61 -11.85 20.25
C ALA L 239 -18.56 -10.71 20.61
N TYR L 240 -18.01 -9.49 20.73
CA TYR L 240 -18.85 -8.34 21.03
C TYR L 240 -19.85 -8.09 19.91
N GLU L 241 -19.41 -8.20 18.66
CA GLU L 241 -20.33 -8.03 17.54
C GLU L 241 -21.42 -9.08 17.53
N ILE L 242 -21.08 -10.33 17.85
CA ILE L 242 -22.08 -11.39 17.88
C ILE L 242 -23.12 -11.13 18.97
N ASN L 243 -22.66 -10.73 20.16
CA ASN L 243 -23.61 -10.43 21.22
C ASN L 243 -24.49 -9.24 20.86
N SER L 244 -23.91 -8.23 20.19
CA SER L 244 -24.71 -7.10 19.72
C SER L 244 -25.79 -7.56 18.75
N LYS L 245 -25.45 -8.46 17.84
CA LYS L 245 -26.44 -9.00 16.92
C LYS L 245 -27.52 -9.77 17.65
N ALA L 246 -27.15 -10.51 18.70
CA ALA L 246 -28.17 -11.21 19.49
C ALA L 246 -29.13 -10.23 20.16
N VAL L 247 -28.59 -9.13 20.70
CA VAL L 247 -29.45 -8.10 21.28
C VAL L 247 -30.39 -7.52 20.22
N SER L 248 -29.85 -7.28 19.03
CA SER L 248 -30.68 -6.73 17.95
C SER L 248 -31.79 -7.70 17.56
N THR L 249 -31.47 -9.00 17.52
CA THR L 249 -32.49 -9.99 17.19
C THR L 249 -33.60 -10.01 18.24
N THR L 250 -33.22 -9.96 19.52
CA THR L 250 -34.23 -9.91 20.56
C THR L 250 -35.09 -8.67 20.45
N ASP L 251 -34.46 -7.53 20.14
CA ASP L 251 -35.21 -6.29 19.98
C ASP L 251 -36.20 -6.39 18.83
N GLN L 252 -35.77 -6.96 17.69
CA GLN L 252 -36.67 -7.14 16.56
C GLN L 252 -37.85 -8.06 16.92
N MET L 253 -37.57 -9.13 17.66
CA MET L 253 -38.63 -10.04 18.08
C MET L 253 -39.64 -9.32 18.96
N LEU L 254 -39.15 -8.53 19.93
CA LEU L 254 -40.06 -7.80 20.80
C LEU L 254 -40.87 -6.76 20.01
N GLN L 255 -40.23 -6.10 19.04
CA GLN L 255 -40.93 -5.11 18.24
C GLN L 255 -42.04 -5.75 17.41
N LYS L 256 -41.77 -6.94 16.85
CA LYS L 256 -42.83 -7.64 16.14
C LYS L 256 -43.94 -8.07 17.08
N LEU L 257 -43.60 -8.53 18.28
CA LEU L 257 -44.62 -8.98 19.22
C LEU L 257 -45.51 -7.83 19.66
N THR L 258 -44.93 -6.67 19.95
CA THR L 258 -45.69 -5.61 20.60
C THR L 258 -46.75 -5.01 19.68
N GLN L 259 -46.48 -4.93 18.38
CA GLN L 259 -47.44 -4.36 17.44
C GLN L 259 -48.51 -5.37 17.02
N LEU L 260 -48.68 -6.46 17.76
CA LEU L 260 -49.67 -7.46 17.46
C LEU L 260 -51.09 -6.91 17.55
N MET M 1 -43.34 18.63 27.09
CA MET M 1 -43.62 17.24 26.80
C MET M 1 -42.71 16.32 27.59
N ILE M 2 -41.96 15.49 26.88
CA ILE M 2 -41.09 14.49 27.49
C ILE M 2 -39.77 15.15 27.84
N SER M 3 -39.38 15.06 29.11
CA SER M 3 -38.16 15.71 29.58
C SER M 3 -36.92 15.09 28.96
N SER M 4 -36.97 13.82 28.59
CA SER M 4 -35.81 13.18 27.98
C SER M 4 -35.43 13.85 26.68
N LEU M 5 -36.40 14.36 25.93
CA LEU M 5 -36.12 15.04 24.68
C LEU M 5 -35.24 16.28 24.93
N TRP M 6 -35.63 17.10 25.91
CA TRP M 6 -34.84 18.29 26.19
C TRP M 6 -33.49 17.94 26.80
N ILE M 7 -33.43 16.89 27.63
CA ILE M 7 -32.15 16.47 28.18
C ILE M 7 -31.19 16.06 27.06
N ALA M 8 -31.69 15.28 26.11
CA ALA M 8 -30.85 14.87 24.99
C ALA M 8 -30.49 16.06 24.10
N LYS M 9 -31.38 17.04 23.98
CA LYS M 9 -31.05 18.24 23.22
C LYS M 9 -29.88 18.99 23.85
N THR M 10 -29.91 19.12 25.19
CA THR M 10 -28.81 19.77 25.88
C THR M 10 -27.51 19.00 25.70
N GLY M 11 -27.60 17.66 25.77
CA GLY M 11 -26.41 16.87 25.52
C GLY M 11 -25.84 17.07 24.13
N LEU M 12 -26.73 17.13 23.13
CA LEU M 12 -26.28 17.38 21.76
C LEU M 12 -25.61 18.73 21.63
N ASP M 13 -26.17 19.76 22.25
CA ASP M 13 -25.55 21.08 22.18
C ASP M 13 -24.18 21.08 22.84
N ALA M 14 -24.05 20.40 23.98
CA ALA M 14 -22.75 20.33 24.65
C ALA M 14 -21.72 19.65 23.75
N GLN M 15 -22.11 18.53 23.13
CA GLN M 15 -21.17 17.83 22.27
C GLN M 15 -20.81 18.67 21.05
N GLN M 16 -21.77 19.42 20.52
CA GLN M 16 -21.47 20.28 19.38
C GLN M 16 -20.47 21.37 19.75
N THR M 17 -20.63 21.98 20.92
CA THR M 17 -19.66 22.98 21.36
C THR M 17 -18.28 22.35 21.56
N ASN M 18 -18.25 21.13 22.09
CA ASN M 18 -16.98 20.44 22.23
C ASN M 18 -16.32 20.23 20.88
N MET M 19 -17.10 19.82 19.88
CA MET M 19 -16.56 19.63 18.54
C MET M 19 -16.05 20.95 17.96
N ASP M 20 -16.77 22.04 18.22
CA ASP M 20 -16.31 23.35 17.74
C ASP M 20 -14.97 23.74 18.37
N VAL M 21 -14.82 23.49 19.67
CA VAL M 21 -13.55 23.78 20.33
C VAL M 21 -12.43 22.94 19.71
N ILE M 22 -12.69 21.65 19.48
CA ILE M 22 -11.68 20.79 18.87
C ILE M 22 -11.29 21.31 17.49
N ALA M 23 -12.27 21.69 16.68
CA ALA M 23 -12.00 22.17 15.34
C ALA M 23 -11.20 23.47 15.37
N ASN M 24 -11.53 24.37 16.30
CA ASN M 24 -10.77 25.61 16.41
C ASN M 24 -9.33 25.34 16.83
N ASN M 25 -9.13 24.40 17.75
CA ASN M 25 -7.77 24.03 18.12
C ASN M 25 -6.99 23.48 16.94
N LEU M 26 -7.64 22.64 16.13
CA LEU M 26 -6.94 22.03 15.01
C LEU M 26 -6.67 23.04 13.89
N ALA M 27 -7.54 24.02 13.71
CA ALA M 27 -7.42 24.91 12.56
C ALA M 27 -6.13 25.71 12.61
N ASN M 28 -5.85 26.37 13.73
CA ASN M 28 -4.66 27.20 13.85
C ASN M 28 -3.54 26.45 14.57
N VAL M 29 -3.10 25.36 13.94
CA VAL M 29 -1.97 24.63 14.47
C VAL M 29 -0.65 25.29 14.12
N SER M 30 -0.62 26.13 13.09
CA SER M 30 0.58 26.83 12.68
C SER M 30 0.64 28.26 13.19
N THR M 31 -0.37 28.71 13.94
CA THR M 31 -0.37 30.07 14.47
C THR M 31 0.70 30.18 15.55
N ASN M 32 1.67 31.06 15.35
CA ASN M 32 2.77 31.20 16.30
C ASN M 32 2.26 31.73 17.63
N GLY M 33 2.71 31.11 18.70
CA GLY M 33 2.30 31.53 20.03
C GLY M 33 0.82 31.33 20.32
N PHE M 34 0.28 30.17 19.98
CA PHE M 34 -1.12 29.87 20.22
C PHE M 34 -1.26 28.80 21.29
N LYS M 35 -2.29 28.96 22.12
CA LYS M 35 -2.53 28.09 23.26
C LYS M 35 -3.82 27.32 23.05
N ARG M 36 -3.76 26.00 23.25
CA ARG M 36 -4.94 25.17 23.15
C ARG M 36 -5.92 25.50 24.27
N GLN M 37 -7.20 25.26 24.00
CA GLN M 37 -8.25 25.49 24.98
C GLN M 37 -9.11 24.24 25.11
N ARG M 38 -9.45 23.92 26.35
CA ARG M 38 -10.24 22.74 26.69
C ARG M 38 -11.50 23.18 27.40
N ALA M 39 -12.63 22.58 27.03
CA ALA M 39 -13.92 22.93 27.61
C ALA M 39 -14.21 22.11 28.86
N VAL M 40 -15.00 22.68 29.76
CA VAL M 40 -15.42 22.01 30.99
C VAL M 40 -16.94 22.01 31.01
N PHE M 41 -17.53 20.85 31.31
CA PHE M 41 -18.97 20.71 31.36
C PHE M 41 -19.45 20.50 32.79
N GLU M 42 -20.71 20.87 33.03
CA GLU M 42 -21.34 20.69 34.32
C GLU M 42 -22.81 20.40 34.11
N ASP M 43 -23.43 19.75 35.10
CA ASP M 43 -24.83 19.37 34.97
C ASP M 43 -25.73 20.48 35.51
N LEU M 44 -26.98 20.47 35.04
CA LEU M 44 -27.95 21.48 35.41
C LEU M 44 -28.62 21.09 36.73
N LEU M 45 -29.72 21.77 37.05
CA LEU M 45 -30.42 21.54 38.31
C LEU M 45 -31.04 20.13 38.34
N TYR M 46 -31.50 19.75 39.53
CA TYR M 46 -32.12 18.46 39.74
C TYR M 46 -33.51 18.66 40.33
N GLN M 47 -34.50 17.98 39.75
CA GLN M 47 -35.84 17.99 40.29
C GLN M 47 -35.93 17.01 41.44
N THR M 48 -36.28 17.50 42.63
CA THR M 48 -36.32 16.69 43.84
C THR M 48 -37.77 16.30 44.11
N ILE M 49 -38.11 15.04 43.86
CA ILE M 49 -39.46 14.57 44.13
C ILE M 49 -39.64 14.27 45.61
N ARG M 50 -38.71 13.55 46.20
CA ARG M 50 -38.71 13.25 47.63
C ARG M 50 -37.44 13.79 48.23
N GLN M 51 -37.57 14.60 49.27
CA GLN M 51 -36.41 15.24 49.88
C GLN M 51 -35.56 14.17 50.58
N PRO M 52 -34.28 14.04 50.24
CA PRO M 52 -33.44 13.05 50.93
C PRO M 52 -33.31 13.37 52.40
N GLY M 53 -33.22 12.31 53.21
CA GLY M 53 -33.09 12.45 54.63
C GLY M 53 -34.38 12.67 55.38
N ALA M 54 -35.51 12.73 54.69
CA ALA M 54 -36.79 12.91 55.34
C ALA M 54 -37.15 11.67 56.15
N GLN M 55 -37.94 11.89 57.21
CA GLN M 55 -38.39 10.80 58.07
C GLN M 55 -39.36 9.93 57.28
N SER M 56 -38.89 8.78 56.80
CA SER M 56 -39.78 7.87 56.09
C SER M 56 -40.78 7.23 57.05
N SER M 57 -40.37 7.02 58.28
CA SER M 57 -41.25 6.55 59.35
C SER M 57 -40.72 7.16 60.65
N GLU M 58 -41.14 6.61 61.78
CA GLU M 58 -40.64 7.09 63.05
C GLU M 58 -39.22 6.56 63.28
N GLN M 59 -38.28 7.47 63.52
CA GLN M 59 -36.88 7.16 63.79
C GLN M 59 -36.19 6.44 62.63
N THR M 60 -36.73 6.56 61.41
CA THR M 60 -36.10 6.00 60.22
C THR M 60 -36.10 7.04 59.13
N THR M 61 -34.95 7.25 58.49
CA THR M 61 -34.79 8.28 57.49
C THR M 61 -34.55 7.65 56.12
N LEU M 62 -35.01 8.34 55.08
CA LEU M 62 -34.79 7.86 53.72
C LEU M 62 -33.30 7.87 53.40
N PRO M 63 -32.73 6.75 52.94
CA PRO M 63 -31.31 6.76 52.59
C PRO M 63 -30.97 7.76 51.50
N SER M 64 -31.86 7.94 50.52
CA SER M 64 -31.65 8.90 49.45
C SER M 64 -32.97 9.11 48.73
N GLY M 65 -33.38 10.37 48.60
CA GLY M 65 -34.65 10.67 47.96
C GLY M 65 -34.57 10.46 46.46
N LEU M 66 -35.66 10.83 45.80
CA LEU M 66 -35.75 10.73 44.35
C LEU M 66 -35.34 12.07 43.75
N GLN M 67 -34.30 12.06 42.93
CA GLN M 67 -33.83 13.24 42.24
C GLN M 67 -33.60 12.92 40.78
N ILE M 68 -34.13 13.75 39.90
CA ILE M 68 -34.07 13.53 38.46
C ILE M 68 -33.22 14.64 37.84
N GLY M 69 -32.25 14.25 37.01
CA GLY M 69 -31.43 15.22 36.34
C GLY M 69 -32.18 15.97 35.27
N THR M 70 -31.59 17.09 34.84
CA THR M 70 -32.23 17.95 33.85
C THR M 70 -31.38 18.18 32.62
N GLY M 71 -30.08 18.01 32.70
CA GLY M 71 -29.23 18.14 31.53
C GLY M 71 -27.84 18.61 31.94
N VAL M 72 -27.05 18.93 30.92
CA VAL M 72 -25.67 19.37 31.09
C VAL M 72 -25.50 20.68 30.35
N ARG M 73 -24.50 21.46 30.77
CA ARG M 73 -24.18 22.69 30.08
C ARG M 73 -22.68 22.92 30.15
N PRO M 74 -22.11 23.60 29.16
CA PRO M 74 -20.71 24.01 29.28
C PRO M 74 -20.58 25.22 30.18
N VAL M 75 -19.64 25.16 31.12
CA VAL M 75 -19.49 26.20 32.12
C VAL M 75 -18.36 27.15 31.78
N ALA M 76 -17.25 26.65 31.25
CA ALA M 76 -16.12 27.50 30.91
C ALA M 76 -15.18 26.75 29.98
N THR M 77 -14.21 27.50 29.44
CA THR M 77 -13.12 26.94 28.66
C THR M 77 -11.82 27.54 29.13
N GLU M 78 -10.81 26.70 29.31
CA GLU M 78 -9.53 27.11 29.87
C GLU M 78 -8.44 26.95 28.81
N ARG M 79 -7.62 27.97 28.66
CA ARG M 79 -6.49 27.94 27.74
C ARG M 79 -5.25 27.54 28.52
N LEU M 80 -4.56 26.51 28.04
CA LEU M 80 -3.35 26.03 28.70
C LEU M 80 -2.21 27.00 28.40
N HIS M 81 -1.91 27.87 29.35
CA HIS M 81 -0.81 28.84 29.18
C HIS M 81 0.51 28.19 29.61
N SER M 82 1.01 27.32 28.73
CA SER M 82 2.28 26.64 28.93
C SER M 82 3.28 27.09 27.88
N GLN M 83 4.47 26.51 27.94
CA GLN M 83 5.55 26.85 27.02
C GLN M 83 5.61 25.86 25.88
N GLY M 84 5.62 26.36 24.64
CA GLY M 84 5.67 25.53 23.47
C GLY M 84 7.07 25.46 22.87
N ASN M 85 7.18 24.64 21.82
CA ASN M 85 8.45 24.45 21.15
C ASN M 85 8.84 25.69 20.35
N LEU M 86 10.13 25.85 20.13
CA LEU M 86 10.67 26.98 19.38
C LEU M 86 11.11 26.54 18.00
N SER M 87 10.77 27.34 16.99
CA SER M 87 11.15 27.08 15.61
C SER M 87 12.02 28.22 15.11
N GLN M 88 13.11 27.87 14.44
CA GLN M 88 14.06 28.87 13.96
C GLN M 88 13.57 29.53 12.68
N THR M 89 13.81 30.84 12.57
CA THR M 89 13.41 31.59 11.39
C THR M 89 14.56 32.29 10.69
N ASN M 90 15.70 32.49 11.36
CA ASN M 90 16.87 33.21 10.87
C ASN M 90 16.61 34.70 10.68
N ASN M 91 15.38 35.16 10.87
CA ASN M 91 15.10 36.58 10.78
C ASN M 91 15.63 37.28 12.03
N SER M 92 16.29 38.42 11.82
CA SER M 92 16.93 39.11 12.93
C SER M 92 15.96 39.93 13.77
N LYS M 93 14.70 40.05 13.35
CA LYS M 93 13.71 40.86 14.05
C LYS M 93 12.57 40.02 14.62
N ASP M 94 12.78 38.72 14.77
CA ASP M 94 11.80 37.83 15.38
C ASP M 94 12.31 37.41 16.74
N VAL M 95 11.53 37.67 17.79
CA VAL M 95 11.95 37.41 19.16
C VAL M 95 10.96 36.43 19.79
N ALA M 96 11.49 35.36 20.35
CA ALA M 96 10.72 34.40 21.11
C ALA M 96 10.90 34.67 22.60
N ILE M 97 9.88 34.35 23.39
CA ILE M 97 9.88 34.64 24.81
C ILE M 97 9.85 33.32 25.57
N LYS M 98 10.75 33.20 26.55
CA LYS M 98 10.87 32.01 27.38
C LYS M 98 10.32 32.31 28.76
N GLY M 99 9.42 31.46 29.24
CA GLY M 99 8.86 31.64 30.57
C GLY M 99 7.47 32.22 30.55
N GLN M 100 7.30 33.39 31.16
CA GLN M 100 6.01 34.04 31.29
C GLN M 100 6.09 35.47 30.78
N GLY M 101 4.93 36.06 30.54
CA GLY M 101 4.87 37.46 30.15
C GLY M 101 4.33 37.68 28.76
N PHE M 102 3.99 38.94 28.45
CA PHE M 102 3.44 39.30 27.17
C PHE M 102 4.03 40.63 26.72
N PHE M 103 4.15 40.80 25.41
CA PHE M 103 4.50 42.09 24.86
C PHE M 103 3.27 42.99 24.86
N GLN M 104 3.51 44.29 25.00
CA GLN M 104 2.44 45.27 25.08
C GLN M 104 2.37 46.06 23.79
N VAL M 105 1.17 46.19 23.22
CA VAL M 105 0.96 46.93 21.99
C VAL M 105 -0.18 47.91 22.21
N MET M 106 -0.21 48.94 21.37
CA MET M 106 -1.22 49.98 21.44
C MET M 106 -2.18 49.84 20.26
N LEU M 107 -3.46 49.63 20.56
CA LEU M 107 -4.46 49.59 19.51
C LEU M 107 -4.66 50.98 18.92
N PRO M 108 -5.15 51.07 17.68
CA PRO M 108 -5.30 52.39 17.06
C PRO M 108 -6.21 53.33 17.83
N ASP M 109 -7.20 52.81 18.55
CA ASP M 109 -8.11 53.69 19.29
C ASP M 109 -7.48 54.30 20.53
N GLY M 110 -6.28 53.86 20.91
CA GLY M 110 -5.58 54.39 22.06
C GLY M 110 -5.47 53.44 23.23
N THR M 111 -6.29 52.40 23.26
CA THR M 111 -6.20 51.42 24.34
C THR M 111 -4.96 50.55 24.16
N SER M 112 -4.70 49.71 25.16
CA SER M 112 -3.53 48.85 25.16
C SER M 112 -3.96 47.38 25.22
N ALA M 113 -3.27 46.55 24.45
CA ALA M 113 -3.51 45.11 24.43
C ALA M 113 -2.19 44.39 24.61
N TYR M 114 -2.26 43.07 24.83
CA TYR M 114 -1.09 42.27 25.13
C TYR M 114 -1.07 41.04 24.24
N THR M 115 0.11 40.71 23.73
CA THR M 115 0.26 39.61 22.79
C THR M 115 1.47 38.77 23.16
N ARG M 116 1.64 37.65 22.45
CA ARG M 116 2.76 36.77 22.67
C ARG M 116 3.46 36.34 21.39
N ASP M 117 2.81 36.47 20.23
CA ASP M 117 3.41 36.09 18.95
C ASP M 117 4.48 37.11 18.59
N GLY M 118 5.73 36.70 18.67
CA GLY M 118 6.83 37.60 18.37
C GLY M 118 7.33 37.52 16.95
N SER M 119 6.87 38.45 16.11
CA SER M 119 7.36 38.55 14.73
C SER M 119 7.15 40.00 14.30
N PHE M 120 8.24 40.77 14.29
CA PHE M 120 8.16 42.22 14.16
C PHE M 120 8.76 42.67 12.83
N GLN M 121 8.15 43.70 12.25
CA GLN M 121 8.70 44.43 11.12
C GLN M 121 8.97 45.87 11.55
N VAL M 122 9.43 46.69 10.61
CA VAL M 122 9.71 48.09 10.84
C VAL M 122 8.92 48.91 9.83
N ASP M 123 8.18 49.89 10.32
CA ASP M 123 7.34 50.71 9.46
C ASP M 123 8.21 51.73 8.73
N GLN M 124 7.56 52.65 7.99
CA GLN M 124 8.32 53.62 7.23
C GLN M 124 9.01 54.64 8.13
N ASN M 125 8.44 54.94 9.30
CA ASN M 125 9.04 55.92 10.20
C ASN M 125 10.10 55.31 11.09
N GLY M 126 10.40 54.02 10.94
CA GLY M 126 11.43 53.38 11.74
C GLY M 126 10.95 52.76 13.03
N GLN M 127 9.68 52.92 13.38
CA GLN M 127 9.16 52.35 14.61
C GLN M 127 9.08 50.83 14.49
N LEU M 128 9.13 50.18 15.65
CA LEU M 128 9.02 48.72 15.71
C LEU M 128 7.55 48.37 15.89
N VAL M 129 6.97 47.70 14.89
CA VAL M 129 5.55 47.36 14.90
C VAL M 129 5.40 45.88 14.61
N THR M 130 4.27 45.33 15.06
CA THR M 130 3.95 43.94 14.79
C THR M 130 3.30 43.80 13.43
N ALA M 131 3.12 42.55 13.00
CA ALA M 131 2.54 42.27 11.70
C ALA M 131 1.07 42.64 11.73
N GLY M 132 0.74 43.79 11.18
CA GLY M 132 -0.63 44.29 11.21
C GLY M 132 -0.69 45.79 11.40
N GLY M 133 0.44 46.39 11.76
CA GLY M 133 0.56 47.82 11.89
C GLY M 133 0.55 48.34 13.32
N PHE M 134 0.12 47.53 14.28
CA PHE M 134 0.12 47.96 15.66
C PHE M 134 1.56 48.15 16.15
N GLN M 135 1.79 49.24 16.88
CA GLN M 135 3.12 49.57 17.35
C GLN M 135 3.32 49.12 18.80
N VAL M 136 4.55 48.74 19.11
CA VAL M 136 4.89 48.30 20.47
C VAL M 136 4.88 49.51 21.39
N GLN M 137 4.37 49.32 22.61
CA GLN M 137 4.15 50.44 23.51
C GLN M 137 5.41 51.20 23.91
N PRO M 138 6.54 50.55 24.28
CA PRO M 138 7.73 51.33 24.67
C PRO M 138 8.29 52.25 23.59
N ALA M 139 7.70 52.22 22.39
CA ALA M 139 8.01 53.17 21.33
C ALA M 139 9.49 53.12 20.95
N ILE M 140 9.90 51.98 20.41
CA ILE M 140 11.26 51.80 19.91
C ILE M 140 11.36 52.39 18.52
N THR M 141 12.32 53.30 18.32
CA THR M 141 12.54 53.94 17.03
C THR M 141 13.96 53.65 16.58
N ILE M 142 14.10 53.03 15.42
CA ILE M 142 15.39 52.58 14.91
C ILE M 142 15.90 53.61 13.90
N PRO M 143 17.17 54.02 13.96
CA PRO M 143 17.69 54.98 12.99
C PRO M 143 17.71 54.40 11.58
N ALA M 144 17.92 55.28 10.61
CA ALA M 144 17.82 54.91 9.21
C ALA M 144 18.95 53.96 8.78
N ASN M 145 20.19 54.42 8.91
CA ASN M 145 21.35 53.64 8.48
C ASN M 145 21.58 52.53 9.51
N ALA M 146 20.91 51.41 9.30
CA ALA M 146 20.97 50.27 10.21
C ALA M 146 21.61 49.09 9.51
N LEU M 147 22.64 48.51 10.12
CA LEU M 147 23.27 47.30 9.60
C LEU M 147 22.67 46.05 10.23
N SER M 148 22.76 45.94 11.56
CA SER M 148 22.23 44.79 12.26
C SER M 148 21.57 45.24 13.56
N ILE M 149 20.60 44.44 13.99
CA ILE M 149 19.84 44.70 15.22
C ILE M 149 20.07 43.53 16.16
N THR M 150 20.49 43.83 17.39
CA THR M 150 20.75 42.82 18.40
C THR M 150 19.86 43.07 19.60
N ILE M 151 19.13 42.04 20.01
CA ILE M 151 18.31 42.09 21.21
C ILE M 151 18.87 41.06 22.19
N GLY M 152 19.33 41.54 23.34
CA GLY M 152 19.96 40.67 24.31
C GLY M 152 18.96 39.87 25.11
N ARG M 153 19.51 39.05 26.03
CA ARG M 153 18.67 38.24 26.89
C ARG M 153 17.86 39.11 27.85
N ASP M 154 18.38 40.28 28.22
CA ASP M 154 17.72 41.14 29.19
C ASP M 154 16.76 42.13 28.54
N GLY M 155 16.58 42.05 27.22
CA GLY M 155 15.61 42.90 26.56
C GLY M 155 16.10 44.26 26.13
N VAL M 156 17.40 44.47 26.06
CA VAL M 156 17.96 45.73 25.55
C VAL M 156 18.21 45.58 24.07
N VAL M 157 17.68 46.51 23.28
CA VAL M 157 17.76 46.46 21.82
C VAL M 157 18.77 47.50 21.36
N SER M 158 19.73 47.06 20.54
CA SER M 158 20.75 47.95 20.01
C SER M 158 20.88 47.72 18.51
N VAL M 159 21.33 48.75 17.81
CA VAL M 159 21.54 48.67 16.36
C VAL M 159 22.95 49.14 16.06
N THR M 160 23.66 48.39 15.22
CA THR M 160 25.03 48.73 14.87
C THR M 160 25.05 49.65 13.66
N GLN M 161 26.02 50.55 13.63
CA GLN M 161 26.21 51.49 12.55
C GLN M 161 27.38 51.04 11.69
N GLN M 162 27.74 51.86 10.69
CA GLN M 162 28.88 51.53 9.85
C GLN M 162 30.19 52.09 10.41
N GLY M 163 30.21 53.37 10.73
CA GLY M 163 31.43 54.00 11.20
C GLY M 163 31.85 53.55 12.59
N GLN M 164 31.08 53.94 13.60
CA GLN M 164 31.44 53.62 14.97
C GLN M 164 31.29 52.13 15.25
N ALA M 165 32.28 51.57 15.93
CA ALA M 165 32.24 50.13 16.24
C ALA M 165 31.24 49.83 17.34
N ALA M 166 31.18 50.67 18.36
CA ALA M 166 30.32 50.40 19.50
C ALA M 166 28.86 50.55 19.12
N PRO M 167 28.01 49.54 19.33
CA PRO M 167 26.59 49.71 19.05
C PRO M 167 25.95 50.70 19.99
N VAL M 168 24.88 51.32 19.52
CA VAL M 168 24.16 52.35 20.27
C VAL M 168 22.87 51.77 20.80
N GLN M 169 22.63 51.93 22.10
CA GLN M 169 21.37 51.51 22.69
C GLN M 169 20.23 52.35 22.15
N VAL M 170 19.06 51.73 22.00
CA VAL M 170 17.91 52.42 21.42
C VAL M 170 16.76 52.46 22.40
N GLY M 171 16.65 51.47 23.27
CA GLY M 171 15.55 51.43 24.22
C GLY M 171 15.52 50.11 24.96
N GLN M 172 14.53 50.00 25.84
CA GLN M 172 14.33 48.81 26.66
C GLN M 172 13.00 48.18 26.30
N LEU M 173 13.03 46.88 25.99
CA LEU M 173 11.81 46.16 25.61
C LEU M 173 11.26 45.41 26.83
N ASN M 174 10.74 46.19 27.77
CA ASN M 174 10.16 45.59 28.96
C ASN M 174 8.83 44.92 28.61
N LEU M 175 8.39 44.04 29.50
CA LEU M 175 7.19 43.24 29.25
C LEU M 175 6.36 43.16 30.52
N THR M 176 5.07 42.89 30.34
CA THR M 176 4.11 42.90 31.43
C THR M 176 3.80 41.49 31.90
N THR M 177 3.47 41.38 33.19
CA THR M 177 3.07 40.12 33.80
C THR M 177 1.71 40.28 34.45
N PHE M 178 0.92 39.22 34.38
CA PHE M 178 -0.44 39.19 34.91
C PHE M 178 -0.54 38.13 36.00
N MET M 179 -1.41 38.39 36.98
CA MET M 179 -1.65 37.42 38.04
C MET M 179 -2.28 36.13 37.50
N ASN M 180 -3.26 36.26 36.61
CA ASN M 180 -3.96 35.12 36.04
C ASN M 180 -3.91 35.24 34.52
N ASP M 181 -2.98 34.53 33.89
CA ASP M 181 -2.86 34.58 32.44
C ASP M 181 -4.07 33.97 31.76
N THR M 182 -4.69 32.96 32.39
CA THR M 182 -5.82 32.28 31.78
C THR M 182 -7.03 33.20 31.63
N GLY M 183 -7.23 34.11 32.57
CA GLY M 183 -8.41 34.96 32.57
C GLY M 183 -8.42 36.09 31.59
N LEU M 184 -7.34 36.31 30.84
CA LEU M 184 -7.30 37.39 29.87
C LEU M 184 -8.32 37.14 28.76
N GLU M 185 -9.19 38.11 28.53
CA GLU M 185 -10.13 38.01 27.42
C GLU M 185 -9.38 38.12 26.10
N SER M 186 -9.69 37.22 25.17
CA SER M 186 -8.99 37.15 23.90
C SER M 186 -9.84 37.74 22.79
N ILE M 187 -9.18 38.45 21.87
CA ILE M 187 -9.81 38.93 20.66
C ILE M 187 -8.97 38.47 19.48
N GLY M 188 -9.33 38.90 18.27
CA GLY M 188 -8.67 38.41 17.08
C GLY M 188 -7.23 38.87 16.97
N GLU M 189 -6.52 38.23 16.04
CA GLU M 189 -5.15 38.60 15.68
C GLU M 189 -4.20 38.47 16.88
N ASN M 190 -4.38 37.41 17.66
CA ASN M 190 -3.45 37.05 18.73
C ASN M 190 -3.25 38.20 19.72
N LEU M 191 -4.33 38.88 20.07
CA LEU M 191 -4.27 39.97 21.03
C LEU M 191 -5.16 39.65 22.22
N TYR M 192 -4.64 39.90 23.41
CA TYR M 192 -5.39 39.72 24.65
C TYR M 192 -5.60 41.08 25.30
N ILE M 193 -6.78 41.27 25.87
CA ILE M 193 -7.09 42.51 26.57
C ILE M 193 -7.30 42.21 28.04
N GLU M 194 -7.06 43.22 28.87
CA GLU M 194 -7.18 43.05 30.31
C GLU M 194 -8.64 42.89 30.72
N THR M 195 -8.86 42.03 31.71
CA THR M 195 -10.19 41.79 32.25
C THR M 195 -10.09 41.74 33.77
N GLN M 196 -11.24 41.87 34.43
CA GLN M 196 -11.24 41.95 35.88
C GLN M 196 -10.69 40.67 36.52
N SER M 197 -10.92 39.52 35.89
CA SER M 197 -10.40 38.26 36.44
C SER M 197 -8.88 38.27 36.47
N SER M 198 -8.24 38.70 35.39
CA SER M 198 -6.79 38.84 35.39
C SER M 198 -6.39 40.05 36.21
N GLY M 199 -5.32 39.91 36.99
CA GLY M 199 -4.88 40.99 37.83
C GLY M 199 -4.40 42.19 37.04
N ALA M 200 -4.16 43.27 37.75
CA ALA M 200 -3.62 44.47 37.12
C ALA M 200 -2.22 44.16 36.60
N PRO M 201 -1.96 44.36 35.31
CA PRO M 201 -0.65 44.01 34.77
C PRO M 201 0.45 44.85 35.39
N ASN M 202 1.61 44.24 35.58
CA ASN M 202 2.77 44.95 36.11
C ASN M 202 3.93 44.85 35.13
N GLU M 203 4.52 45.99 34.80
CA GLU M 203 5.68 46.04 33.92
C GLU M 203 6.90 45.49 34.64
N SER M 204 7.80 44.89 33.86
CA SER M 204 9.03 44.36 34.43
C SER M 204 10.04 44.15 33.31
N THR M 205 11.32 44.20 33.69
CA THR M 205 12.38 43.86 32.77
C THR M 205 12.52 42.34 32.66
N PRO M 206 12.95 41.84 31.50
CA PRO M 206 13.10 40.39 31.34
C PRO M 206 14.10 39.81 32.31
N GLY M 207 13.81 38.60 32.76
CA GLY M 207 14.72 37.87 33.64
C GLY M 207 14.62 38.18 35.11
N LEU M 208 13.64 38.97 35.53
CA LEU M 208 13.47 39.31 36.93
C LEU M 208 11.99 39.17 37.32
N ASN M 209 11.77 38.88 38.60
CA ASN M 209 10.42 38.78 39.16
C ASN M 209 9.59 37.73 38.42
N GLY M 210 10.25 36.65 38.00
CA GLY M 210 9.56 35.60 37.27
C GLY M 210 9.07 36.01 35.90
N ALA M 211 9.82 36.85 35.20
CA ALA M 211 9.52 37.23 33.83
C ALA M 211 10.51 36.54 32.89
N GLY M 212 10.02 36.14 31.73
CA GLY M 212 10.83 35.32 30.84
C GLY M 212 11.95 36.09 30.17
N LEU M 213 12.80 35.33 29.49
CA LEU M 213 13.91 35.87 28.73
C LEU M 213 13.54 36.00 27.26
N LEU M 214 14.39 36.65 26.50
CA LEU M 214 14.17 36.89 25.08
C LEU M 214 15.25 36.21 24.27
N TYR M 215 14.83 35.46 23.26
CA TYR M 215 15.73 34.87 22.27
C TYR M 215 15.50 35.55 20.93
N GLN M 216 16.57 36.06 20.32
CA GLN M 216 16.46 36.72 19.04
C GLN M 216 16.65 35.72 17.92
N GLY M 217 15.74 35.74 16.95
CA GLY M 217 15.82 34.84 15.81
C GLY M 217 14.91 33.63 15.88
N TYR M 218 14.06 33.54 16.90
CA TYR M 218 13.15 32.42 17.05
C TYR M 218 11.75 32.93 17.32
N VAL M 219 10.76 32.07 17.03
CA VAL M 219 9.37 32.35 17.35
C VAL M 219 8.81 31.15 18.10
N GLU M 220 7.78 31.40 18.89
CA GLU M 220 7.16 30.36 19.69
C GLU M 220 6.03 29.71 18.90
N THR M 221 5.96 28.39 18.94
CA THR M 221 4.97 27.64 18.18
C THR M 221 3.77 27.29 19.06
N SER M 222 2.63 27.06 18.40
CA SER M 222 1.41 26.72 19.12
C SER M 222 1.56 25.39 19.82
N ASN M 223 0.99 25.28 21.02
CA ASN M 223 1.06 24.03 21.78
C ASN M 223 -0.26 23.26 21.63
N VAL M 224 -0.39 22.63 20.48
CA VAL M 224 -1.56 21.82 20.14
C VAL M 224 -1.10 20.37 20.03
N ASN M 225 -1.90 19.45 20.57
CA ASN M 225 -1.57 18.03 20.61
C ASN M 225 -2.56 17.26 19.73
N VAL M 226 -2.18 17.02 18.47
CA VAL M 226 -3.07 16.38 17.52
C VAL M 226 -3.39 14.95 17.92
N ALA M 227 -2.43 14.27 18.58
CA ALA M 227 -2.69 12.90 19.03
C ALA M 227 -3.82 12.84 20.03
N GLU M 228 -4.02 13.91 20.81
CA GLU M 228 -5.16 14.01 21.70
C GLU M 228 -6.40 14.53 20.98
N GLU M 229 -6.20 15.44 20.02
CA GLU M 229 -7.34 16.00 19.31
C GLU M 229 -8.10 14.95 18.51
N LEU M 230 -7.38 14.03 17.87
CA LEU M 230 -8.06 13.01 17.06
C LEU M 230 -8.92 12.09 17.94
N VAL M 231 -8.38 11.67 19.09
CA VAL M 231 -9.15 10.83 19.98
C VAL M 231 -10.34 11.59 20.55
N ASN M 232 -10.16 12.88 20.82
CA ASN M 232 -11.30 13.69 21.24
C ASN M 232 -12.38 13.73 20.16
N MET M 233 -11.96 13.82 18.89
CA MET M 233 -12.92 13.78 17.79
C MET M 233 -13.69 12.47 17.79
N ILE M 234 -13.00 11.36 17.97
CA ILE M 234 -13.69 10.06 17.99
C ILE M 234 -14.70 10.03 19.13
N GLN M 235 -14.29 10.49 20.32
CA GLN M 235 -15.18 10.46 21.47
C GLN M 235 -16.42 11.32 21.23
N VAL M 236 -16.23 12.53 20.70
CA VAL M 236 -17.38 13.42 20.51
C VAL M 236 -18.30 12.87 19.44
N GLN M 237 -17.75 12.25 18.39
CA GLN M 237 -18.60 11.64 17.37
C GLN M 237 -19.47 10.54 17.98
N ARG M 238 -18.85 9.67 18.78
CA ARG M 238 -19.62 8.58 19.39
C ARG M 238 -20.69 9.13 20.34
N ALA M 239 -20.35 10.15 21.14
CA ALA M 239 -21.33 10.72 22.05
C ALA M 239 -22.48 11.35 21.29
N TYR M 240 -22.20 12.03 20.19
CA TYR M 240 -23.25 12.62 19.38
C TYR M 240 -24.17 11.53 18.82
N GLU M 241 -23.60 10.42 18.37
CA GLU M 241 -24.43 9.33 17.87
C GLU M 241 -25.32 8.75 18.97
N ILE M 242 -24.76 8.59 20.17
CA ILE M 242 -25.55 8.04 21.28
C ILE M 242 -26.72 8.97 21.62
N ASN M 243 -26.45 10.28 21.70
CA ASN M 243 -27.53 11.21 22.02
C ASN M 243 -28.58 11.24 20.93
N SER M 244 -28.16 11.15 19.66
CA SER M 244 -29.12 11.08 18.58
C SER M 244 -29.99 9.84 18.70
N LYS M 245 -29.40 8.71 19.10
CA LYS M 245 -30.19 7.51 19.31
C LYS M 245 -31.20 7.69 20.44
N ALA M 246 -30.79 8.40 21.50
CA ALA M 246 -31.73 8.68 22.58
C ALA M 246 -32.91 9.52 22.09
N VAL M 247 -32.62 10.53 21.28
CA VAL M 247 -33.70 11.33 20.69
C VAL M 247 -34.61 10.46 19.85
N SER M 248 -34.03 9.56 19.06
CA SER M 248 -34.83 8.69 18.20
C SER M 248 -35.74 7.78 19.02
N THR M 249 -35.23 7.23 20.12
CA THR M 249 -36.05 6.37 20.96
C THR M 249 -37.20 7.15 21.60
N THR M 250 -36.92 8.37 22.07
CA THR M 250 -37.98 9.19 22.63
C THR M 250 -39.04 9.50 21.57
N ASP M 251 -38.61 9.82 20.35
CA ASP M 251 -39.56 10.06 19.28
C ASP M 251 -40.40 8.83 18.98
N GLN M 252 -39.77 7.65 19.00
CA GLN M 252 -40.50 6.43 18.73
C GLN M 252 -41.58 6.18 19.77
N MET M 253 -41.25 6.36 21.04
CA MET M 253 -42.26 6.11 22.08
C MET M 253 -43.36 7.17 22.03
N LEU M 254 -43.02 8.42 21.72
CA LEU M 254 -44.06 9.44 21.55
C LEU M 254 -44.97 9.09 20.38
N GLN M 255 -44.40 8.59 19.28
CA GLN M 255 -45.20 8.22 18.13
C GLN M 255 -46.13 7.06 18.48
N LYS M 256 -45.65 6.10 19.26
CA LYS M 256 -46.52 5.02 19.72
C LYS M 256 -47.67 5.56 20.56
N LEU M 257 -47.36 6.49 21.47
CA LEU M 257 -48.41 7.08 22.28
C LEU M 257 -49.44 7.82 21.43
N THR M 258 -48.99 8.50 20.38
CA THR M 258 -49.91 9.13 19.45
C THR M 258 -50.76 8.09 18.72
N GLN M 259 -50.15 7.00 18.27
CA GLN M 259 -50.90 5.96 17.57
C GLN M 259 -51.91 5.29 18.47
N LEU M 260 -51.70 5.35 19.78
CA LEU M 260 -52.68 4.85 20.75
C LEU M 260 -54.04 5.49 20.52
N MET N 1 -53.35 28.00 3.01
CA MET N 1 -52.84 26.64 2.92
C MET N 1 -51.63 26.48 3.85
N ILE N 2 -51.10 25.26 3.92
CA ILE N 2 -49.94 25.01 4.76
C ILE N 2 -48.76 25.85 4.29
N SER N 3 -47.99 26.37 5.24
CA SER N 3 -46.91 27.30 4.96
C SER N 3 -45.54 26.63 4.89
N SER N 4 -45.30 25.67 5.77
CA SER N 4 -43.99 25.02 5.80
C SER N 4 -43.69 24.30 4.49
N LEU N 5 -44.72 23.79 3.81
CA LEU N 5 -44.49 23.16 2.51
C LEU N 5 -43.86 24.14 1.54
N TRP N 6 -44.46 25.33 1.39
CA TRP N 6 -43.91 26.31 0.46
C TRP N 6 -42.54 26.79 0.90
N ILE N 7 -42.36 27.01 2.21
CA ILE N 7 -41.07 27.51 2.69
C ILE N 7 -39.98 26.50 2.38
N ALA N 8 -40.22 25.23 2.69
CA ALA N 8 -39.22 24.20 2.42
C ALA N 8 -39.02 23.99 0.92
N LYS N 9 -40.06 24.19 0.12
CA LYS N 9 -39.88 24.09 -1.33
C LYS N 9 -38.95 25.17 -1.85
N THR N 10 -39.11 26.40 -1.36
CA THR N 10 -38.19 27.46 -1.75
C THR N 10 -36.77 27.15 -1.29
N GLY N 11 -36.63 26.61 -0.08
CA GLY N 11 -35.31 26.20 0.38
C GLY N 11 -34.68 25.16 -0.52
N LEU N 12 -35.46 24.17 -0.95
CA LEU N 12 -34.95 23.15 -1.85
C LEU N 12 -34.52 23.76 -3.17
N ASP N 13 -35.31 24.67 -3.73
CA ASP N 13 -34.94 25.29 -4.99
C ASP N 13 -33.65 26.08 -4.85
N ALA N 14 -33.50 26.82 -3.75
CA ALA N 14 -32.28 27.58 -3.54
C ALA N 14 -31.06 26.67 -3.44
N GLN N 15 -31.18 25.58 -2.68
CA GLN N 15 -30.04 24.67 -2.56
C GLN N 15 -29.73 24.02 -3.89
N GLN N 16 -30.75 23.68 -4.68
CA GLN N 16 -30.51 23.12 -6.00
C GLN N 16 -29.75 24.09 -6.89
N THR N 17 -30.13 25.36 -6.87
CA THR N 17 -29.41 26.35 -7.66
C THR N 17 -27.96 26.49 -7.20
N ASN N 18 -27.74 26.46 -5.88
CA ASN N 18 -26.39 26.56 -5.35
C ASN N 18 -25.53 25.39 -5.83
N MET N 19 -26.08 24.18 -5.75
CA MET N 19 -25.32 23.03 -6.22
C MET N 19 -25.13 23.07 -7.73
N ASP N 20 -26.07 23.68 -8.45
CA ASP N 20 -25.91 23.83 -9.89
C ASP N 20 -24.71 24.71 -10.22
N VAL N 21 -24.59 25.86 -9.54
CA VAL N 21 -23.45 26.73 -9.83
C VAL N 21 -22.16 26.06 -9.36
N ILE N 22 -22.19 25.28 -8.28
CA ILE N 22 -21.00 24.56 -7.86
C ILE N 22 -20.56 23.57 -8.94
N ALA N 23 -21.52 22.83 -9.48
CA ALA N 23 -21.19 21.85 -10.52
C ALA N 23 -20.66 22.56 -11.77
N ASN N 24 -21.25 23.70 -12.13
CA ASN N 24 -20.76 24.43 -13.29
C ASN N 24 -19.33 24.91 -13.06
N ASN N 25 -19.02 25.39 -11.85
CA ASN N 25 -17.66 25.79 -11.54
C ASN N 25 -16.69 24.61 -11.64
N LEU N 26 -17.11 23.45 -11.14
CA LEU N 26 -16.21 22.30 -11.17
C LEU N 26 -16.03 21.75 -12.58
N ALA N 27 -17.01 21.94 -13.46
CA ALA N 27 -16.94 21.34 -14.78
C ALA N 27 -15.77 21.88 -15.57
N ASN N 28 -15.79 23.18 -15.90
CA ASN N 28 -14.74 23.78 -16.72
C ASN N 28 -13.61 24.29 -15.86
N VAL N 29 -13.00 23.36 -15.13
CA VAL N 29 -11.84 23.72 -14.32
C VAL N 29 -10.59 23.87 -15.19
N SER N 30 -10.61 23.35 -16.42
CA SER N 30 -9.46 23.43 -17.31
C SER N 30 -9.68 24.38 -18.47
N THR N 31 -10.81 25.07 -18.51
CA THR N 31 -11.06 26.04 -19.57
C THR N 31 -10.24 27.29 -19.29
N ASN N 32 -9.28 27.58 -20.16
CA ASN N 32 -8.38 28.70 -19.92
C ASN N 32 -9.15 30.01 -19.94
N GLY N 33 -8.78 30.91 -19.02
CA GLY N 33 -9.46 32.19 -18.92
C GLY N 33 -10.89 32.10 -18.46
N PHE N 34 -11.18 31.19 -17.53
CA PHE N 34 -12.51 31.06 -16.96
C PHE N 34 -12.53 31.68 -15.56
N LYS N 35 -13.64 32.28 -15.19
CA LYS N 35 -13.78 33.00 -13.94
C LYS N 35 -14.81 32.31 -13.05
N ARG N 36 -14.43 32.06 -11.80
CA ARG N 36 -15.33 31.45 -10.84
C ARG N 36 -16.48 32.40 -10.51
N GLN N 37 -17.65 31.82 -10.26
CA GLN N 37 -18.84 32.59 -9.91
C GLN N 37 -19.48 32.00 -8.66
N ARG N 38 -19.97 32.90 -7.80
CA ARG N 38 -20.60 32.52 -6.54
C ARG N 38 -21.96 33.17 -6.44
N ALA N 39 -22.94 32.43 -5.94
CA ALA N 39 -24.31 32.90 -5.84
C ALA N 39 -24.59 33.44 -4.46
N VAL N 40 -25.45 34.47 -4.40
CA VAL N 40 -25.86 35.09 -3.15
C VAL N 40 -27.37 34.98 -3.02
N PHE N 41 -27.84 34.74 -1.81
CA PHE N 41 -29.26 34.54 -1.54
C PHE N 41 -29.80 35.70 -0.70
N GLU N 42 -31.13 35.74 -0.58
CA GLU N 42 -31.77 36.74 0.26
C GLU N 42 -33.16 36.27 0.63
N ASP N 43 -33.61 36.64 1.83
CA ASP N 43 -34.91 36.20 2.32
C ASP N 43 -36.03 36.95 1.64
N LEU N 44 -37.21 36.34 1.63
CA LEU N 44 -38.38 36.87 0.95
C LEU N 44 -39.17 37.77 1.89
N LEU N 45 -40.39 38.12 1.49
CA LEU N 45 -41.22 39.04 2.24
C LEU N 45 -41.62 38.46 3.60
N TYR N 46 -42.04 39.33 4.50
CA TYR N 46 -42.49 38.96 5.82
C TYR N 46 -43.90 39.51 6.06
N GLN N 47 -44.71 38.76 6.78
CA GLN N 47 -46.07 39.17 7.12
C GLN N 47 -46.15 39.47 8.61
N THR N 48 -46.63 40.66 8.95
CA THR N 48 -46.78 41.06 10.33
C THR N 48 -48.12 40.59 10.87
N ILE N 49 -48.24 40.64 12.20
CA ILE N 49 -49.46 40.24 12.89
C ILE N 49 -49.89 41.38 13.80
N ARG N 50 -51.16 41.77 13.67
CA ARG N 50 -51.72 42.81 14.52
C ARG N 50 -51.86 42.32 15.96
N GLN N 51 -51.77 43.26 16.90
CA GLN N 51 -51.90 42.94 18.31
C GLN N 51 -52.53 44.08 19.09
N THR N 61 -47.03 49.29 21.90
CA THR N 61 -45.72 49.62 22.44
C THR N 61 -44.88 48.37 22.67
N LEU N 62 -45.19 47.30 21.94
CA LEU N 62 -44.50 46.04 22.13
C LEU N 62 -43.04 46.17 21.71
N PRO N 63 -42.10 45.65 22.49
CA PRO N 63 -40.68 45.71 22.08
C PRO N 63 -40.39 45.02 20.76
N SER N 64 -41.09 43.93 20.46
CA SER N 64 -40.87 43.21 19.21
C SER N 64 -42.19 42.69 18.69
N GLY N 65 -42.48 42.99 17.42
CA GLY N 65 -43.68 42.50 16.78
C GLY N 65 -43.55 41.06 16.36
N LEU N 66 -44.62 40.54 15.76
CA LEU N 66 -44.68 39.16 15.31
C LEU N 66 -44.62 39.15 13.79
N GLN N 67 -43.53 38.60 13.24
CA GLN N 67 -43.34 38.50 11.81
C GLN N 67 -42.89 37.10 11.44
N ILE N 68 -43.49 36.53 10.41
CA ILE N 68 -43.22 35.16 9.98
C ILE N 68 -42.63 35.21 8.58
N GLY N 69 -41.56 34.46 8.37
CA GLY N 69 -40.86 34.48 7.10
C GLY N 69 -41.59 33.73 6.01
N THR N 70 -41.01 33.77 4.83
CA THR N 70 -41.60 33.11 3.66
C THR N 70 -40.65 32.14 2.98
N GLY N 71 -39.36 32.46 2.93
CA GLY N 71 -38.39 31.58 2.32
C GLY N 71 -37.18 32.36 1.86
N VAL N 72 -36.36 31.69 1.05
CA VAL N 72 -35.13 32.28 0.54
C VAL N 72 -35.16 32.22 -0.98
N ARG N 73 -34.47 33.16 -1.60
CA ARG N 73 -34.49 33.30 -3.05
C ARG N 73 -33.11 33.76 -3.52
N PRO N 74 -32.59 33.15 -4.59
CA PRO N 74 -31.31 33.59 -5.13
C PRO N 74 -31.46 34.89 -5.90
N VAL N 75 -30.68 35.90 -5.51
CA VAL N 75 -30.81 37.23 -6.09
C VAL N 75 -29.80 37.46 -7.21
N ALA N 76 -28.55 37.04 -7.04
CA ALA N 76 -27.54 37.33 -8.05
C ALA N 76 -26.41 36.32 -7.96
N THR N 77 -25.62 36.28 -9.03
CA THR N 77 -24.37 35.53 -9.08
C THR N 77 -23.27 36.47 -9.53
N GLU N 78 -22.19 36.53 -8.76
CA GLU N 78 -21.07 37.42 -9.03
C GLU N 78 -19.84 36.62 -9.39
N ARG N 79 -19.12 37.08 -10.40
CA ARG N 79 -17.90 36.42 -10.86
C ARG N 79 -16.69 37.13 -10.27
N LEU N 80 -15.77 36.35 -9.73
CA LEU N 80 -14.57 36.87 -9.09
C LEU N 80 -13.51 37.11 -10.17
N HIS N 81 -13.45 38.35 -10.66
CA HIS N 81 -12.48 38.71 -11.69
C HIS N 81 -11.14 39.04 -11.04
N SER N 82 -10.36 38.00 -10.81
CA SER N 82 -9.01 38.12 -10.25
C SER N 82 -8.01 37.59 -11.28
N GLN N 83 -6.76 37.49 -10.87
CA GLN N 83 -5.68 37.04 -11.74
C GLN N 83 -5.44 35.55 -11.50
N GLY N 84 -5.58 34.75 -12.55
CA GLY N 84 -5.31 33.33 -12.45
C GLY N 84 -3.88 33.00 -12.78
N ASN N 85 -3.48 31.78 -12.41
CA ASN N 85 -2.11 31.34 -12.65
C ASN N 85 -1.86 31.19 -14.15
N LEU N 86 -0.65 31.56 -14.57
CA LEU N 86 -0.27 31.49 -15.97
C LEU N 86 0.45 30.16 -16.22
N SER N 87 0.08 29.48 -17.30
CA SER N 87 0.73 28.25 -17.71
C SER N 87 1.24 28.41 -19.13
N GLN N 88 2.47 27.97 -19.37
CA GLN N 88 3.09 28.13 -20.68
C GLN N 88 2.78 26.92 -21.57
N THR N 89 2.52 27.21 -22.84
CA THR N 89 2.19 26.17 -23.81
C THR N 89 3.23 26.03 -24.92
N ASN N 90 4.34 26.75 -24.85
CA ASN N 90 5.41 26.72 -25.84
C ASN N 90 4.92 27.13 -27.23
N ASN N 91 3.77 27.77 -27.33
CA ASN N 91 3.24 28.23 -28.60
C ASN N 91 3.43 29.73 -28.71
N SER N 92 4.07 30.17 -29.78
CA SER N 92 4.40 31.59 -29.92
C SER N 92 3.18 32.46 -30.18
N LYS N 93 2.03 31.87 -30.47
CA LYS N 93 0.82 32.64 -30.75
C LYS N 93 -0.16 32.65 -29.58
N ASP N 94 0.23 32.13 -28.42
CA ASP N 94 -0.62 32.18 -27.23
C ASP N 94 -0.25 33.41 -26.41
N VAL N 95 -1.24 34.23 -26.09
CA VAL N 95 -1.03 35.49 -25.40
C VAL N 95 -1.79 35.48 -24.08
N ALA N 96 -1.11 35.83 -22.99
CA ALA N 96 -1.72 35.95 -21.68
C ALA N 96 -1.61 37.39 -21.20
N ILE N 97 -2.66 37.87 -20.55
CA ILE N 97 -2.76 39.25 -20.11
C ILE N 97 -2.58 39.30 -18.60
N LYS N 98 -1.63 40.11 -18.14
CA LYS N 98 -1.31 40.25 -16.73
C LYS N 98 -1.90 41.57 -16.23
N GLY N 99 -3.02 41.50 -15.53
CA GLY N 99 -3.66 42.69 -15.03
C GLY N 99 -5.15 42.72 -15.31
N GLN N 100 -5.62 43.78 -15.96
CA GLN N 100 -7.03 43.97 -16.25
C GLN N 100 -7.21 44.28 -17.72
N GLY N 101 -8.40 43.98 -18.23
CA GLY N 101 -8.74 44.24 -19.61
C GLY N 101 -9.16 42.97 -20.34
N PHE N 102 -9.67 43.18 -21.55
CA PHE N 102 -10.10 42.08 -22.40
C PHE N 102 -9.81 42.43 -23.84
N PHE N 103 -9.45 41.42 -24.64
CA PHE N 103 -9.31 41.63 -26.06
C PHE N 103 -10.68 41.88 -26.69
N GLN N 104 -10.69 42.66 -27.77
CA GLN N 104 -11.93 42.93 -28.48
C GLN N 104 -12.07 41.97 -29.65
N VAL N 105 -13.22 41.30 -29.72
CA VAL N 105 -13.47 40.27 -30.71
C VAL N 105 -14.69 40.66 -31.52
N MET N 106 -14.58 40.60 -32.85
CA MET N 106 -15.67 40.97 -33.73
C MET N 106 -16.51 39.75 -34.07
N LEU N 107 -17.77 39.78 -33.65
CA LEU N 107 -18.69 38.70 -33.97
C LEU N 107 -19.08 38.75 -35.45
N PRO N 108 -19.45 37.61 -36.03
CA PRO N 108 -19.79 37.60 -37.46
C PRO N 108 -20.95 38.50 -37.82
N ASP N 109 -21.95 38.63 -36.94
CA ASP N 109 -23.13 39.43 -37.28
C ASP N 109 -22.86 40.92 -37.28
N GLY N 110 -21.71 41.36 -36.77
CA GLY N 110 -21.33 42.76 -36.77
C GLY N 110 -21.06 43.33 -35.40
N THR N 111 -21.71 42.77 -34.37
CA THR N 111 -21.49 43.24 -33.02
C THR N 111 -20.10 42.87 -32.54
N SER N 112 -19.67 43.51 -31.45
CA SER N 112 -18.37 43.29 -30.87
C SER N 112 -18.52 42.63 -29.50
N ALA N 113 -17.60 41.72 -29.18
CA ALA N 113 -17.60 41.01 -27.91
C ALA N 113 -16.19 40.99 -27.36
N TYR N 114 -16.08 40.86 -26.04
CA TYR N 114 -14.81 40.95 -25.35
C TYR N 114 -14.54 39.64 -24.61
N THR N 115 -13.28 39.22 -24.62
CA THR N 115 -12.89 37.97 -24.00
C THR N 115 -11.50 38.11 -23.40
N ARG N 116 -11.17 37.18 -22.50
CA ARG N 116 -9.89 37.18 -21.83
C ARG N 116 -9.03 35.96 -22.16
N ASP N 117 -9.63 34.88 -22.62
CA ASP N 117 -8.89 33.67 -22.95
C ASP N 117 -8.03 33.91 -24.18
N GLY N 118 -6.73 34.05 -23.98
CA GLY N 118 -5.83 34.29 -25.10
C GLY N 118 -5.29 33.02 -25.72
N SER N 119 -5.91 32.57 -26.80
CA SER N 119 -5.45 31.41 -27.55
C SER N 119 -5.83 31.66 -29.01
N PHE N 120 -4.89 32.19 -29.77
CA PHE N 120 -5.17 32.67 -31.11
C PHE N 120 -4.60 31.72 -32.16
N GLN N 121 -5.22 31.73 -33.32
CA GLN N 121 -4.75 31.00 -34.49
C GLN N 121 -4.52 32.00 -35.62
N VAL N 122 -4.22 31.48 -36.81
CA VAL N 122 -4.07 32.29 -38.01
C VAL N 122 -4.99 31.73 -39.08
N ASP N 123 -5.84 32.58 -39.64
CA ASP N 123 -6.75 32.15 -40.69
C ASP N 123 -5.99 32.02 -42.01
N GLN N 124 -6.69 31.50 -43.03
CA GLN N 124 -6.05 31.30 -44.32
C GLN N 124 -5.63 32.60 -44.98
N ASN N 125 -6.25 33.72 -44.60
CA ASN N 125 -5.89 35.02 -45.16
C ASN N 125 -4.89 35.77 -44.30
N GLY N 126 -4.46 35.20 -43.18
CA GLY N 126 -3.51 35.84 -42.30
C GLY N 126 -4.11 36.66 -41.17
N GLN N 127 -5.43 36.84 -41.15
CA GLN N 127 -6.06 37.54 -40.04
C GLN N 127 -5.85 36.77 -38.74
N LEU N 128 -5.48 37.48 -37.69
CA LEU N 128 -5.29 36.87 -36.39
C LEU N 128 -6.67 36.59 -35.80
N VAL N 129 -7.06 35.33 -35.77
CA VAL N 129 -8.38 34.92 -35.30
C VAL N 129 -8.22 34.01 -34.10
N THR N 130 -9.28 33.90 -33.32
CA THR N 130 -9.30 33.01 -32.18
C THR N 130 -9.84 31.65 -32.60
N ALA N 131 -9.80 30.70 -31.66
CA ALA N 131 -10.29 29.35 -31.93
C ALA N 131 -11.81 29.41 -32.05
N GLY N 132 -12.30 29.45 -33.29
CA GLY N 132 -13.71 29.60 -33.53
C GLY N 132 -14.01 30.52 -34.70
N GLY N 133 -12.96 31.07 -35.31
CA GLY N 133 -13.11 31.89 -36.50
C GLY N 133 -13.32 33.36 -36.26
N PHE N 134 -13.51 33.78 -35.01
CA PHE N 134 -13.72 35.20 -34.72
C PHE N 134 -12.40 35.94 -34.79
N GLN N 135 -12.37 37.04 -35.53
CA GLN N 135 -11.13 37.78 -35.75
C GLN N 135 -11.02 38.95 -34.78
N VAL N 136 -9.78 39.27 -34.42
CA VAL N 136 -9.53 40.36 -33.48
C VAL N 136 -9.83 41.68 -34.14
N GLN N 137 -10.45 42.59 -33.38
CA GLN N 137 -10.97 43.83 -33.96
C GLN N 137 -9.90 44.72 -34.58
N PRO N 138 -8.74 44.98 -33.95
CA PRO N 138 -7.74 45.85 -34.60
C PRO N 138 -7.19 45.28 -35.90
N ALA N 139 -7.59 44.06 -36.26
CA ALA N 139 -7.23 43.43 -37.52
C ALA N 139 -5.71 43.28 -37.67
N ILE N 140 -5.13 42.50 -36.78
CA ILE N 140 -3.71 42.19 -36.83
C ILE N 140 -3.49 41.18 -37.96
N THR N 141 -2.92 41.62 -39.07
CA THR N 141 -2.71 40.78 -40.24
C THR N 141 -1.24 40.36 -40.30
N ILE N 142 -1.01 39.05 -40.38
CA ILE N 142 0.33 38.50 -40.47
C ILE N 142 0.63 38.20 -41.93
N PRO N 143 1.67 38.79 -42.52
CA PRO N 143 2.00 38.48 -43.90
C PRO N 143 2.49 37.05 -44.06
N ALA N 144 2.38 36.54 -45.28
CA ALA N 144 2.73 35.16 -45.55
C ALA N 144 4.23 34.94 -45.39
N ASN N 145 4.62 33.67 -45.37
CA ASN N 145 6.01 33.22 -45.25
C ASN N 145 6.77 34.02 -44.20
N ALA N 146 6.14 34.18 -43.04
CA ALA N 146 6.79 34.85 -41.92
C ALA N 146 7.59 33.86 -41.10
N LEU N 147 8.86 34.20 -40.84
CA LEU N 147 9.72 33.29 -40.08
C LEU N 147 9.17 33.07 -38.67
N SER N 148 8.87 34.15 -37.96
CA SER N 148 8.32 34.02 -36.62
C SER N 148 7.62 35.33 -36.26
N ILE N 149 6.79 35.24 -35.22
CA ILE N 149 5.97 36.34 -34.74
C ILE N 149 6.40 36.67 -33.33
N THR N 150 6.60 37.95 -33.04
CA THR N 150 6.97 38.40 -31.72
C THR N 150 6.02 39.49 -31.27
N ILE N 151 5.40 39.30 -30.11
CA ILE N 151 4.47 40.25 -29.52
C ILE N 151 5.14 40.85 -28.29
N GLY N 152 5.35 42.15 -28.30
CA GLY N 152 6.01 42.79 -27.18
C GLY N 152 5.14 42.81 -25.94
N ARG N 153 5.73 43.27 -24.84
CA ARG N 153 4.96 43.39 -23.60
C ARG N 153 3.84 44.41 -23.76
N ASP N 154 4.09 45.47 -24.53
CA ASP N 154 3.04 46.40 -24.89
C ASP N 154 2.23 45.82 -26.04
N GLY N 155 1.41 46.64 -26.68
CA GLY N 155 0.52 46.15 -27.72
C GLY N 155 1.12 45.99 -29.08
N VAL N 156 2.44 46.05 -29.23
CA VAL N 156 3.06 45.98 -30.54
C VAL N 156 3.29 44.52 -30.92
N VAL N 157 3.12 44.22 -32.20
CA VAL N 157 3.31 42.88 -32.74
C VAL N 157 4.07 43.01 -34.05
N SER N 158 5.06 42.15 -34.25
CA SER N 158 5.88 42.23 -35.46
C SER N 158 6.37 40.86 -35.86
N VAL N 159 6.36 40.59 -37.16
CA VAL N 159 6.86 39.35 -37.70
C VAL N 159 8.23 39.61 -38.31
N THR N 160 8.97 38.53 -38.54
CA THR N 160 10.30 38.63 -39.16
C THR N 160 10.32 37.87 -40.48
N GLN N 161 10.96 38.47 -41.49
CA GLN N 161 11.13 37.86 -42.79
C GLN N 161 12.49 37.17 -42.85
N GLN N 162 12.87 36.71 -44.03
CA GLN N 162 14.15 36.06 -44.25
C GLN N 162 15.06 37.00 -45.02
N GLY N 163 16.28 37.17 -44.53
CA GLY N 163 17.23 38.07 -45.17
C GLY N 163 16.83 39.53 -45.10
N GLN N 164 16.28 39.97 -43.97
CA GLN N 164 15.89 41.36 -43.78
C GLN N 164 16.54 41.99 -42.56
N ALA N 165 16.65 41.24 -41.45
CA ALA N 165 17.24 41.74 -40.21
C ALA N 165 16.53 42.99 -39.70
N ALA N 166 15.23 43.10 -39.97
CA ALA N 166 14.43 44.23 -39.54
C ALA N 166 12.99 43.79 -39.43
N PRO N 167 12.51 43.49 -38.23
CA PRO N 167 11.09 43.12 -38.08
C PRO N 167 10.17 44.23 -38.54
N VAL N 168 9.07 43.85 -39.15
CA VAL N 168 8.10 44.80 -39.71
C VAL N 168 6.89 44.88 -38.78
N GLN N 169 6.48 46.10 -38.48
CA GLN N 169 5.29 46.29 -37.65
C GLN N 169 4.05 45.97 -38.46
N VAL N 170 3.18 45.12 -37.90
CA VAL N 170 1.98 44.69 -38.60
C VAL N 170 0.70 45.25 -37.98
N GLY N 171 0.73 45.71 -36.74
CA GLY N 171 -0.44 46.28 -36.13
C GLY N 171 -0.22 46.53 -34.66
N GLN N 172 -1.26 47.06 -34.02
CA GLN N 172 -1.27 47.38 -32.61
C GLN N 172 -2.38 46.60 -31.93
N LEU N 173 -2.02 45.85 -30.89
CA LEU N 173 -2.98 44.96 -30.21
C LEU N 173 -3.43 45.63 -28.92
N ASN N 174 -4.44 46.48 -29.03
CA ASN N 174 -5.02 47.15 -27.87
C ASN N 174 -6.01 46.24 -27.16
N LEU N 175 -6.18 46.47 -25.87
CA LEU N 175 -7.17 45.77 -25.07
C LEU N 175 -8.01 46.78 -24.30
N THR N 176 -9.29 46.48 -24.18
CA THR N 176 -10.26 47.40 -23.59
C THR N 176 -10.57 47.00 -22.16
N THR N 177 -10.73 48.00 -21.29
CA THR N 177 -11.08 47.81 -19.90
C THR N 177 -12.50 48.31 -19.66
N PHE N 178 -13.03 48.00 -18.48
CA PHE N 178 -14.39 48.36 -18.13
C PHE N 178 -14.43 48.98 -16.73
N MET N 179 -15.48 49.77 -16.50
CA MET N 179 -15.72 50.31 -15.17
C MET N 179 -16.03 49.20 -14.17
N ASN N 180 -16.80 48.21 -14.58
CA ASN N 180 -17.15 47.08 -13.73
C ASN N 180 -17.15 45.82 -14.58
N ASP N 181 -16.15 44.96 -14.38
CA ASP N 181 -16.07 43.73 -15.17
C ASP N 181 -17.17 42.74 -14.80
N THR N 182 -17.68 42.81 -13.57
CA THR N 182 -18.68 41.85 -13.13
C THR N 182 -19.99 41.99 -13.92
N GLY N 183 -20.26 43.18 -14.45
CA GLY N 183 -21.50 43.42 -15.15
C GLY N 183 -21.57 42.91 -16.56
N LEU N 184 -20.48 42.35 -17.09
CA LEU N 184 -20.52 41.80 -18.44
C LEU N 184 -21.36 40.54 -18.49
N GLU N 185 -22.24 40.45 -19.49
CA GLU N 185 -23.07 39.27 -19.67
C GLU N 185 -22.27 38.22 -20.44
N SER N 186 -22.07 37.07 -19.83
CA SER N 186 -21.32 36.00 -20.46
C SER N 186 -22.22 35.19 -21.38
N ILE N 187 -21.73 34.90 -22.58
CA ILE N 187 -22.46 34.04 -23.50
C ILE N 187 -21.58 32.86 -23.84
N GLY N 188 -22.06 31.99 -24.73
CA GLY N 188 -21.26 30.88 -25.19
C GLY N 188 -20.06 31.36 -25.98
N GLU N 189 -19.29 30.39 -26.47
CA GLU N 189 -18.06 30.67 -27.22
C GLU N 189 -17.04 31.41 -26.36
N ASN N 190 -17.24 31.41 -25.04
CA ASN N 190 -16.31 32.01 -24.09
C ASN N 190 -16.12 33.50 -24.34
N LEU N 191 -17.24 34.21 -24.48
CA LEU N 191 -17.22 35.63 -24.79
C LEU N 191 -18.13 36.39 -23.83
N TYR N 192 -17.88 37.69 -23.74
CA TYR N 192 -18.64 38.60 -22.90
C TYR N 192 -19.21 39.72 -23.74
N ILE N 193 -20.39 40.21 -23.35
CA ILE N 193 -21.05 41.32 -24.02
C ILE N 193 -21.33 42.39 -22.98
N GLU N 194 -21.11 43.65 -23.37
CA GLU N 194 -21.36 44.76 -22.46
C GLU N 194 -22.85 44.93 -22.20
N THR N 195 -23.17 45.45 -21.03
CA THR N 195 -24.55 45.73 -20.66
C THR N 195 -24.67 47.15 -20.12
N GLN N 196 -25.83 47.48 -19.56
CA GLN N 196 -26.00 48.81 -18.97
C GLN N 196 -25.31 48.93 -17.62
N SER N 197 -25.16 47.81 -16.89
CA SER N 197 -24.53 47.86 -15.58
C SER N 197 -23.07 48.29 -15.69
N SER N 198 -22.36 47.78 -16.69
CA SER N 198 -20.98 48.17 -16.92
C SER N 198 -20.92 49.30 -17.95
N GLY N 199 -20.07 50.29 -17.69
CA GLY N 199 -19.98 51.44 -18.56
C GLY N 199 -19.45 51.09 -19.93
N ALA N 200 -19.54 52.06 -20.82
CA ALA N 200 -19.04 51.87 -22.18
C ALA N 200 -17.53 51.62 -22.15
N PRO N 201 -17.03 50.73 -23.00
CA PRO N 201 -15.59 50.45 -22.99
C PRO N 201 -14.78 51.66 -23.43
N ASN N 202 -13.57 51.75 -22.88
CA ASN N 202 -12.62 52.82 -23.22
C ASN N 202 -11.31 52.14 -23.61
N GLU N 203 -11.18 51.84 -24.91
CA GLU N 203 -10.02 51.11 -25.41
C GLU N 203 -8.74 51.89 -25.14
N SER N 204 -7.74 51.22 -24.61
CA SER N 204 -6.48 51.84 -24.26
C SER N 204 -5.33 50.89 -24.57
N THR N 205 -4.17 51.47 -24.86
CA THR N 205 -2.99 50.66 -25.13
C THR N 205 -2.54 49.96 -23.85
N PRO N 206 -1.91 48.77 -23.98
CA PRO N 206 -1.47 48.06 -22.78
C PRO N 206 -0.43 48.84 -22.01
N GLY N 207 -0.46 48.70 -20.69
CA GLY N 207 0.50 49.35 -19.81
C GLY N 207 0.14 50.75 -19.39
N LEU N 208 -0.96 51.32 -19.89
CA LEU N 208 -1.35 52.68 -19.58
C LEU N 208 -2.78 52.71 -19.09
N ASN N 209 -3.07 53.66 -18.20
CA ASN N 209 -4.41 53.86 -17.65
C ASN N 209 -4.92 52.59 -16.97
N GLY N 210 -4.03 51.87 -16.30
CA GLY N 210 -4.42 50.68 -15.58
C GLY N 210 -4.61 49.44 -16.42
N ALA N 211 -4.41 49.52 -17.72
CA ALA N 211 -4.49 48.34 -18.56
C ALA N 211 -3.28 47.44 -18.31
N GLY N 212 -3.52 46.13 -18.37
CA GLY N 212 -2.48 45.17 -18.06
C GLY N 212 -1.47 45.01 -19.17
N LEU N 213 -0.46 44.19 -18.90
CA LEU N 213 0.60 43.90 -19.85
C LEU N 213 0.22 42.69 -20.70
N LEU N 214 1.15 42.26 -21.54
CA LEU N 214 0.95 41.10 -22.39
C LEU N 214 2.18 40.20 -22.30
N TYR N 215 1.94 38.89 -22.19
CA TYR N 215 2.98 37.89 -22.30
C TYR N 215 2.74 37.06 -23.55
N GLN N 216 3.78 36.34 -23.96
CA GLN N 216 3.71 35.48 -25.14
C GLN N 216 4.02 34.05 -24.74
N GLY N 217 3.24 33.11 -25.26
CA GLY N 217 3.41 31.70 -24.95
C GLY N 217 2.71 31.22 -23.70
N TYR N 218 1.88 32.06 -23.08
CA TYR N 218 1.24 31.73 -21.83
C TYR N 218 -0.27 31.88 -21.95
N VAL N 219 -1.00 31.13 -21.13
CA VAL N 219 -2.44 31.21 -21.05
C VAL N 219 -2.84 31.28 -19.58
N GLU N 220 -3.86 32.07 -19.28
CA GLU N 220 -4.33 32.25 -17.91
C GLU N 220 -5.33 31.15 -17.58
N THR N 221 -4.97 30.27 -16.66
CA THR N 221 -5.86 29.19 -16.28
C THR N 221 -7.01 29.73 -15.43
N SER N 222 -8.06 28.92 -15.32
CA SER N 222 -9.24 29.33 -14.56
C SER N 222 -8.91 29.45 -13.08
N ASN N 223 -9.48 30.46 -12.44
CA ASN N 223 -9.24 30.71 -11.02
C ASN N 223 -10.30 30.03 -10.15
N VAL N 224 -10.50 28.74 -10.37
CA VAL N 224 -11.42 27.94 -9.57
C VAL N 224 -10.61 27.19 -8.53
N ASN N 225 -10.92 27.43 -7.25
CA ASN N 225 -10.22 26.78 -6.15
C ASN N 225 -11.07 25.58 -5.71
N VAL N 226 -10.66 24.39 -6.15
CA VAL N 226 -11.43 23.18 -5.87
C VAL N 226 -11.36 22.77 -4.41
N ALA N 227 -10.50 23.40 -3.61
CA ALA N 227 -10.39 23.02 -2.21
C ALA N 227 -11.68 23.30 -1.45
N GLU N 228 -12.32 24.44 -1.71
CA GLU N 228 -13.55 24.78 -1.03
C GLU N 228 -14.80 24.26 -1.74
N GLU N 229 -14.67 23.80 -2.98
CA GLU N 229 -15.84 23.31 -3.70
C GLU N 229 -16.39 22.04 -3.07
N LEU N 230 -15.52 21.14 -2.61
CA LEU N 230 -15.99 19.92 -1.97
C LEU N 230 -16.70 20.22 -0.66
N VAL N 231 -16.16 21.15 0.13
CA VAL N 231 -16.82 21.53 1.38
C VAL N 231 -18.17 22.17 1.08
N ASN N 232 -18.24 23.00 0.04
CA ASN N 232 -19.53 23.57 -0.35
C ASN N 232 -20.51 22.49 -0.77
N MET N 233 -20.04 21.46 -1.47
CA MET N 233 -20.91 20.35 -1.84
C MET N 233 -21.43 19.63 -0.61
N ILE N 234 -20.57 19.43 0.39
CA ILE N 234 -21.01 18.76 1.61
C ILE N 234 -22.09 19.58 2.31
N GLN N 235 -21.86 20.90 2.42
CA GLN N 235 -22.85 21.76 3.05
C GLN N 235 -24.17 21.74 2.28
N VAL N 236 -24.10 21.80 0.95
CA VAL N 236 -25.31 21.78 0.14
C VAL N 236 -26.06 20.47 0.32
N GLN N 237 -25.35 19.35 0.33
CA GLN N 237 -25.99 18.06 0.52
C GLN N 237 -26.71 17.99 1.85
N ARG N 238 -26.04 18.42 2.94
CA ARG N 238 -26.68 18.34 4.24
C ARG N 238 -27.88 19.29 4.34
N ALA N 239 -27.79 20.47 3.72
CA ALA N 239 -28.93 21.37 3.71
C ALA N 239 -30.12 20.74 2.98
N TYR N 240 -29.84 20.05 1.87
CA TYR N 240 -30.91 19.37 1.15
C TYR N 240 -31.55 18.28 2.01
N GLU N 241 -30.73 17.53 2.74
CA GLU N 241 -31.26 16.52 3.65
C GLU N 241 -32.19 17.15 4.67
N ILE N 242 -31.76 18.27 5.25
CA ILE N 242 -32.56 18.94 6.27
C ILE N 242 -33.89 19.41 5.71
N ASN N 243 -33.87 20.02 4.53
CA ASN N 243 -35.11 20.51 3.93
C ASN N 243 -36.05 19.36 3.60
N SER N 244 -35.49 18.24 3.12
CA SER N 244 -36.33 17.06 2.87
C SER N 244 -36.96 16.57 4.15
N LYS N 245 -36.20 16.58 5.26
CA LYS N 245 -36.76 16.17 6.54
C LYS N 245 -37.90 17.10 6.96
N ALA N 246 -37.74 18.40 6.72
CA ALA N 246 -38.82 19.34 7.05
C ALA N 246 -40.06 19.06 6.22
N VAL N 247 -39.89 18.78 4.94
CA VAL N 247 -41.04 18.44 4.09
C VAL N 247 -41.73 17.19 4.62
N SER N 248 -40.94 16.19 5.02
CA SER N 248 -41.52 14.96 5.55
C SER N 248 -42.32 15.23 6.82
N THR N 249 -41.79 16.05 7.72
CA THR N 249 -42.50 16.37 8.95
C THR N 249 -43.81 17.08 8.66
N THR N 250 -43.79 18.05 7.74
CA THR N 250 -45.02 18.72 7.37
C THR N 250 -46.04 17.76 6.79
N ASP N 251 -45.58 16.85 5.93
CA ASP N 251 -46.48 15.86 5.34
C ASP N 251 -47.11 14.99 6.42
N GLN N 252 -46.31 14.54 7.39
CA GLN N 252 -46.84 13.69 8.45
C GLN N 252 -47.89 14.42 9.26
N MET N 253 -47.61 15.64 9.69
CA MET N 253 -48.56 16.36 10.53
C MET N 253 -49.84 16.66 9.77
N LEU N 254 -49.72 17.05 8.49
CA LEU N 254 -50.92 17.32 7.71
C LEU N 254 -51.75 16.07 7.49
N GLN N 255 -51.08 14.93 7.26
CA GLN N 255 -51.80 13.66 7.09
C GLN N 255 -52.55 13.30 8.36
N LYS N 256 -51.90 13.45 9.51
CA LYS N 256 -52.58 13.18 10.77
C LYS N 256 -53.76 14.10 11.01
N LEU N 257 -53.63 15.38 10.66
CA LEU N 257 -54.76 16.30 10.78
C LEU N 257 -55.91 15.87 9.87
N THR N 258 -55.60 15.45 8.65
CA THR N 258 -56.66 15.04 7.72
C THR N 258 -57.32 13.73 8.15
N GLN N 259 -56.59 12.87 8.86
CA GLN N 259 -57.13 11.57 9.23
C GLN N 259 -58.38 11.70 10.10
N LEU N 260 -58.35 12.61 11.07
CA LEU N 260 -59.49 12.77 11.98
C LEU N 260 -60.71 13.28 11.23
N MET O 1 -61.61 3.54 -13.68
CA MET O 1 -60.66 4.36 -14.43
C MET O 1 -60.04 5.41 -13.52
N ILE O 2 -58.77 5.72 -13.76
CA ILE O 2 -58.07 6.75 -13.01
C ILE O 2 -57.06 7.40 -13.94
N SER O 3 -56.88 8.71 -13.79
CA SER O 3 -56.19 9.50 -14.81
C SER O 3 -54.71 9.17 -14.87
N SER O 4 -54.03 9.15 -13.72
CA SER O 4 -52.58 9.16 -13.70
C SER O 4 -51.94 7.78 -13.75
N LEU O 5 -52.70 6.71 -13.48
CA LEU O 5 -52.10 5.38 -13.45
C LEU O 5 -51.56 4.99 -14.81
N TRP O 6 -52.34 5.18 -15.87
CA TRP O 6 -51.91 4.78 -17.19
C TRP O 6 -50.91 5.74 -17.81
N ILE O 7 -50.65 6.87 -17.18
CA ILE O 7 -49.53 7.73 -17.57
C ILE O 7 -48.25 7.28 -16.90
N ALA O 8 -48.32 7.01 -15.59
CA ALA O 8 -47.14 6.52 -14.89
C ALA O 8 -46.71 5.16 -15.40
N LYS O 9 -47.66 4.32 -15.83
CA LYS O 9 -47.29 3.04 -16.42
C LYS O 9 -46.49 3.23 -17.70
N THR O 10 -46.91 4.17 -18.54
CA THR O 10 -46.17 4.45 -19.77
C THR O 10 -44.78 4.97 -19.45
N GLY O 11 -44.67 5.85 -18.44
CA GLY O 11 -43.36 6.31 -18.03
C GLY O 11 -42.45 5.17 -17.57
N LEU O 12 -43.01 4.24 -16.79
CA LEU O 12 -42.24 3.08 -16.36
C LEU O 12 -41.80 2.25 -17.55
N ASP O 13 -42.69 2.05 -18.53
CA ASP O 13 -42.31 1.29 -19.72
C ASP O 13 -41.18 1.97 -20.49
N ALA O 14 -41.25 3.29 -20.63
CA ALA O 14 -40.20 4.01 -21.34
C ALA O 14 -38.87 3.85 -20.63
N GLN O 15 -38.85 4.02 -19.31
CA GLN O 15 -37.61 3.86 -18.57
C GLN O 15 -37.10 2.43 -18.65
N GLN O 16 -38.01 1.45 -18.66
CA GLN O 16 -37.60 0.06 -18.78
C GLN O 16 -36.91 -0.20 -20.12
N THR O 17 -37.47 0.31 -21.21
CA THR O 17 -36.84 0.11 -22.51
C THR O 17 -35.51 0.84 -22.59
N ASN O 18 -35.42 2.01 -21.97
CA ASN O 18 -34.14 2.73 -21.94
C ASN O 18 -33.08 1.90 -21.21
N MET O 19 -33.44 1.34 -20.05
CA MET O 19 -32.51 0.48 -19.33
C MET O 19 -32.15 -0.74 -20.16
N ASP O 20 -33.12 -1.27 -20.92
CA ASP O 20 -32.87 -2.43 -21.75
C ASP O 20 -31.81 -2.13 -22.81
N VAL O 21 -31.95 -1.01 -23.51
CA VAL O 21 -30.96 -0.69 -24.54
C VAL O 21 -29.61 -0.37 -23.92
N ILE O 22 -29.60 0.26 -22.73
CA ILE O 22 -28.32 0.51 -22.07
C ILE O 22 -27.62 -0.79 -21.71
N ALA O 23 -28.37 -1.74 -21.16
CA ALA O 23 -27.78 -3.03 -20.81
C ALA O 23 -27.30 -3.77 -22.05
N ASN O 24 -28.05 -3.68 -23.15
CA ASN O 24 -27.60 -4.31 -24.38
C ASN O 24 -26.30 -3.70 -24.87
N ASN O 25 -26.18 -2.37 -24.80
CA ASN O 25 -24.94 -1.73 -25.20
C ASN O 25 -23.78 -2.16 -24.31
N LEU O 26 -24.03 -2.28 -23.01
CA LEU O 26 -22.95 -2.66 -22.10
C LEU O 26 -22.54 -4.11 -22.27
N ALA O 27 -23.48 -4.99 -22.63
CA ALA O 27 -23.18 -6.42 -22.67
C ALA O 27 -22.13 -6.73 -23.73
N ASN O 28 -22.29 -6.18 -24.93
CA ASN O 28 -21.36 -6.45 -26.02
C ASN O 28 -20.34 -5.31 -26.16
N VAL O 29 -19.51 -5.19 -25.13
CA VAL O 29 -18.39 -4.24 -25.19
C VAL O 29 -17.14 -4.89 -25.74
N SER O 30 -17.09 -6.23 -25.81
CA SER O 30 -15.92 -6.94 -26.30
C SER O 30 -16.12 -7.50 -27.71
N THR O 31 -17.27 -7.27 -28.32
CA THR O 31 -17.48 -7.76 -29.67
C THR O 31 -16.84 -6.81 -30.69
N ASN O 32 -16.56 -7.36 -31.87
CA ASN O 32 -15.88 -6.61 -32.91
C ASN O 32 -16.89 -6.04 -33.90
N GLY O 33 -16.66 -4.80 -34.31
CA GLY O 33 -17.50 -4.16 -35.31
C GLY O 33 -18.94 -3.96 -34.86
N PHE O 34 -19.12 -3.44 -33.66
CA PHE O 34 -20.44 -3.17 -33.11
C PHE O 34 -20.67 -1.67 -33.00
N LYS O 35 -21.93 -1.26 -33.11
CA LYS O 35 -22.32 0.15 -33.06
C LYS O 35 -23.30 0.36 -31.92
N ARG O 36 -23.06 1.42 -31.14
CA ARG O 36 -23.92 1.69 -30.00
C ARG O 36 -25.29 2.18 -30.46
N GLN O 37 -26.27 2.00 -29.58
CA GLN O 37 -27.66 2.33 -29.88
C GLN O 37 -28.17 3.42 -28.94
N ARG O 38 -29.06 4.25 -29.46
CA ARG O 38 -29.76 5.25 -28.67
C ARG O 38 -31.23 5.22 -29.01
N ALA O 39 -32.07 5.18 -27.98
CA ALA O 39 -33.51 5.24 -28.17
C ALA O 39 -33.99 6.68 -27.99
N VAL O 40 -35.02 7.04 -28.74
CA VAL O 40 -35.59 8.39 -28.69
C VAL O 40 -37.08 8.26 -28.37
N PHE O 41 -37.56 9.09 -27.45
CA PHE O 41 -38.94 9.04 -26.99
C PHE O 41 -39.72 10.23 -27.53
N GLU O 42 -41.03 10.20 -27.29
CA GLU O 42 -41.93 11.24 -27.73
C GLU O 42 -43.21 11.17 -26.91
N ASP O 43 -43.90 12.30 -26.80
CA ASP O 43 -45.14 12.34 -26.05
C ASP O 43 -46.28 11.76 -26.86
N LEU O 44 -47.35 11.38 -26.17
CA LEU O 44 -48.52 10.79 -26.80
C LEU O 44 -49.52 11.88 -27.15
N LEU O 45 -50.74 11.48 -27.50
CA LEU O 45 -51.77 12.43 -27.88
C LEU O 45 -52.20 13.28 -26.69
N TYR O 46 -52.72 14.47 -26.99
CA TYR O 46 -53.22 15.39 -25.99
C TYR O 46 -54.72 15.58 -26.15
N GLN O 47 -55.42 15.72 -25.04
CA GLN O 47 -56.85 15.97 -25.05
C GLN O 47 -57.12 17.43 -24.71
N THR O 48 -57.93 18.08 -25.53
CA THR O 48 -58.25 19.49 -25.35
C THR O 48 -59.60 19.61 -24.67
N ILE O 49 -59.66 20.42 -23.61
CA ILE O 49 -60.90 20.70 -22.91
C ILE O 49 -61.54 21.92 -23.55
N ARG O 50 -62.80 21.80 -23.95
CA ARG O 50 -63.48 22.88 -24.65
C ARG O 50 -64.01 23.90 -23.65
N GLN O 51 -63.72 25.16 -23.90
CA GLN O 51 -64.13 26.27 -23.05
C GLN O 51 -65.20 27.11 -23.73
N PRO O 52 -66.03 27.82 -22.95
CA PRO O 52 -67.07 28.74 -23.42
C PRO O 52 -66.66 29.59 -24.61
N THR O 61 -59.15 35.06 -28.93
CA THR O 61 -57.80 35.54 -28.70
C THR O 61 -57.36 35.25 -27.27
N LEU O 62 -57.79 34.12 -26.73
CA LEU O 62 -57.43 33.75 -25.37
C LEU O 62 -55.93 33.47 -25.30
N PRO O 63 -55.31 33.66 -24.13
CA PRO O 63 -53.86 33.40 -24.03
C PRO O 63 -53.46 31.99 -24.39
N SER O 64 -54.28 31.00 -24.05
CA SER O 64 -54.00 29.60 -24.36
C SER O 64 -55.27 28.79 -24.19
N GLY O 65 -55.19 27.51 -24.55
CA GLY O 65 -56.28 26.58 -24.35
C GLY O 65 -55.92 25.51 -23.34
N LEU O 66 -56.93 24.87 -22.75
CA LEU O 66 -56.68 23.85 -21.76
C LEU O 66 -56.40 22.52 -22.44
N GLN O 67 -55.19 22.00 -22.25
CA GLN O 67 -54.78 20.74 -22.86
C GLN O 67 -54.13 19.85 -21.81
N ILE O 68 -54.42 18.56 -21.90
CA ILE O 68 -53.95 17.57 -20.93
C ILE O 68 -53.19 16.49 -21.69
N GLY O 69 -52.00 16.15 -21.19
CA GLY O 69 -51.19 15.13 -21.81
C GLY O 69 -51.67 13.72 -21.49
N THR O 70 -50.96 12.75 -22.07
CA THR O 70 -51.32 11.35 -21.85
C THR O 70 -50.16 10.44 -21.50
N GLY O 71 -48.92 10.76 -21.86
CA GLY O 71 -47.80 9.93 -21.49
C GLY O 71 -46.71 10.00 -22.53
N VAL O 72 -45.83 9.00 -22.50
CA VAL O 72 -44.66 8.93 -23.36
C VAL O 72 -44.63 7.57 -24.02
N ARG O 73 -43.95 7.49 -25.16
CA ARG O 73 -43.90 6.27 -25.94
C ARG O 73 -42.61 6.22 -26.75
N PRO O 74 -41.83 5.14 -26.65
CA PRO O 74 -40.60 5.04 -27.45
C PRO O 74 -40.93 4.90 -28.92
N VAL O 75 -40.38 5.79 -29.74
CA VAL O 75 -40.73 5.86 -31.15
C VAL O 75 -39.67 5.20 -32.03
N ALA O 76 -38.39 5.41 -31.75
CA ALA O 76 -37.35 4.92 -32.63
C ALA O 76 -36.08 4.63 -31.84
N THR O 77 -35.20 3.85 -32.45
CA THR O 77 -33.90 3.53 -31.89
C THR O 77 -32.89 3.51 -33.02
N GLU O 78 -31.89 4.37 -32.95
CA GLU O 78 -30.89 4.50 -33.99
C GLU O 78 -29.54 3.97 -33.51
N ARG O 79 -28.65 3.73 -34.47
CA ARG O 79 -27.31 3.25 -34.19
C ARG O 79 -26.31 4.29 -34.65
N LEU O 80 -25.34 4.59 -33.79
CA LEU O 80 -24.34 5.61 -34.10
C LEU O 80 -23.24 4.99 -34.96
N HIS O 81 -23.34 5.18 -36.27
CA HIS O 81 -22.39 4.59 -37.22
C HIS O 81 -21.13 5.45 -37.33
N SER O 82 -20.44 5.59 -36.20
CA SER O 82 -19.15 6.27 -36.17
C SER O 82 -18.04 5.26 -36.45
N GLN O 83 -16.80 5.73 -36.36
CA GLN O 83 -15.64 4.89 -36.59
C GLN O 83 -15.07 4.44 -35.26
N GLY O 84 -15.00 3.12 -35.06
CA GLY O 84 -14.44 2.57 -33.84
C GLY O 84 -12.94 2.55 -33.88
N ASN O 85 -12.36 2.10 -32.76
CA ASN O 85 -10.92 1.98 -32.67
C ASN O 85 -10.45 0.68 -33.31
N LEU O 86 -9.13 0.51 -33.40
CA LEU O 86 -8.53 -0.65 -34.02
C LEU O 86 -7.60 -1.34 -33.03
N SER O 87 -7.68 -2.67 -32.99
CA SER O 87 -6.83 -3.48 -32.14
C SER O 87 -6.03 -4.45 -32.99
N GLN O 88 -4.73 -4.53 -32.75
CA GLN O 88 -3.84 -5.37 -33.54
C GLN O 88 -4.00 -6.82 -33.10
N THR O 89 -4.60 -7.65 -33.95
CA THR O 89 -4.84 -9.04 -33.61
C THR O 89 -3.66 -9.95 -33.98
N ASN O 90 -2.66 -9.44 -34.68
CA ASN O 90 -1.46 -10.16 -35.13
C ASN O 90 -1.78 -11.26 -36.14
N ASN O 91 -3.05 -11.49 -36.47
CA ASN O 91 -3.40 -12.48 -37.48
C ASN O 91 -3.21 -11.88 -38.87
N SER O 92 -3.27 -12.75 -39.88
CA SER O 92 -3.05 -12.33 -41.25
C SER O 92 -4.31 -12.38 -42.10
N LYS O 93 -5.43 -12.85 -41.54
CA LYS O 93 -6.68 -12.95 -42.29
C LYS O 93 -7.79 -12.10 -41.67
N ASP O 94 -7.44 -11.06 -40.93
CA ASP O 94 -8.41 -10.16 -40.32
C ASP O 94 -8.32 -8.80 -40.99
N VAL O 95 -9.46 -8.27 -41.39
CA VAL O 95 -9.53 -7.02 -42.16
C VAL O 95 -10.38 -6.03 -41.39
N ALA O 96 -9.90 -4.80 -41.27
CA ALA O 96 -10.63 -3.72 -40.63
C ALA O 96 -10.85 -2.60 -41.64
N ILE O 97 -12.09 -2.16 -41.78
CA ILE O 97 -12.45 -1.14 -42.75
C ILE O 97 -12.21 0.22 -42.13
N LYS O 98 -11.41 1.04 -42.80
CA LYS O 98 -11.14 2.41 -42.37
C LYS O 98 -12.03 3.34 -43.20
N GLY O 99 -13.06 3.88 -42.57
CA GLY O 99 -14.01 4.73 -43.28
C GLY O 99 -15.42 4.20 -43.20
N GLN O 100 -16.11 4.14 -44.34
CA GLN O 100 -17.47 3.63 -44.41
C GLN O 100 -17.56 2.57 -45.50
N GLY O 101 -18.26 1.49 -45.19
CA GLY O 101 -18.42 0.40 -46.12
C GLY O 101 -18.92 -0.83 -45.40
N PHE O 102 -19.26 -1.84 -46.20
CA PHE O 102 -19.78 -3.10 -45.65
C PHE O 102 -19.36 -4.25 -46.53
N PHE O 103 -18.87 -5.32 -45.92
CA PHE O 103 -18.67 -6.57 -46.64
C PHE O 103 -20.01 -7.22 -46.95
N GLN O 104 -20.06 -7.95 -48.07
CA GLN O 104 -21.28 -8.64 -48.47
C GLN O 104 -21.07 -10.13 -48.29
N VAL O 105 -21.78 -10.72 -47.33
CA VAL O 105 -21.77 -12.15 -47.11
C VAL O 105 -23.12 -12.71 -47.57
N MET O 106 -23.15 -14.02 -47.81
CA MET O 106 -24.32 -14.69 -48.34
C MET O 106 -24.83 -15.72 -47.34
N LEU O 107 -26.11 -15.61 -46.99
CA LEU O 107 -26.72 -16.56 -46.08
C LEU O 107 -26.94 -17.90 -46.76
N PRO O 108 -27.05 -18.98 -46.00
CA PRO O 108 -27.31 -20.30 -46.62
C PRO O 108 -28.60 -20.34 -47.40
N ASP O 109 -29.63 -19.60 -46.98
CA ASP O 109 -30.89 -19.62 -47.71
C ASP O 109 -30.77 -18.98 -49.09
N GLY O 110 -29.79 -18.10 -49.30
CA GLY O 110 -29.55 -17.54 -50.61
C GLY O 110 -29.49 -16.03 -50.65
N THR O 111 -30.14 -15.36 -49.69
CA THR O 111 -30.16 -13.90 -49.68
C THR O 111 -28.78 -13.35 -49.33
N SER O 112 -28.68 -12.03 -49.29
CA SER O 112 -27.43 -11.35 -49.02
C SER O 112 -27.52 -10.58 -47.71
N ALA O 113 -26.44 -10.61 -46.94
CA ALA O 113 -26.34 -9.89 -45.68
C ALA O 113 -25.05 -9.07 -45.69
N TYR O 114 -25.11 -7.87 -45.13
CA TYR O 114 -23.99 -6.95 -45.14
C TYR O 114 -23.49 -6.73 -43.73
N THR O 115 -22.18 -6.90 -43.54
CA THR O 115 -21.57 -6.82 -42.22
C THR O 115 -20.33 -5.93 -42.27
N ARG O 116 -19.84 -5.58 -41.09
CA ARG O 116 -18.64 -4.78 -40.95
C ARG O 116 -17.53 -5.47 -40.16
N ASP O 117 -17.86 -6.41 -39.29
CA ASP O 117 -16.87 -7.12 -38.49
C ASP O 117 -16.09 -8.07 -39.39
N GLY O 118 -14.83 -7.74 -39.65
CA GLY O 118 -14.00 -8.57 -40.49
C GLY O 118 -13.06 -9.46 -39.70
N SER O 119 -13.41 -10.74 -39.58
CA SER O 119 -12.52 -11.74 -38.98
C SER O 119 -12.77 -13.04 -39.73
N PHE O 120 -11.97 -13.29 -40.76
CA PHE O 120 -12.22 -14.34 -41.72
C PHE O 120 -11.45 -15.60 -41.37
N GLN O 121 -11.96 -16.73 -41.87
CA GLN O 121 -11.29 -18.02 -41.76
C GLN O 121 -11.51 -18.77 -43.07
N VAL O 122 -10.69 -19.79 -43.30
CA VAL O 122 -10.72 -20.55 -44.53
C VAL O 122 -11.31 -21.92 -44.24
N ASP O 123 -12.33 -22.30 -45.00
CA ASP O 123 -12.96 -23.60 -44.85
C ASP O 123 -12.14 -24.67 -45.57
N GLN O 124 -12.60 -25.92 -45.47
CA GLN O 124 -11.85 -27.03 -46.04
C GLN O 124 -11.79 -26.97 -47.56
N ASN O 125 -12.74 -26.28 -48.21
CA ASN O 125 -12.74 -26.20 -49.66
C ASN O 125 -11.72 -25.20 -50.20
N GLY O 126 -11.21 -24.30 -49.37
CA GLY O 126 -10.28 -23.28 -49.79
C GLY O 126 -10.88 -21.90 -49.96
N GLN O 127 -12.20 -21.77 -49.89
CA GLN O 127 -12.84 -20.48 -50.01
C GLN O 127 -12.61 -19.66 -48.74
N LEU O 128 -13.03 -18.41 -48.79
CA LEU O 128 -12.93 -17.49 -47.65
C LEU O 128 -14.31 -17.32 -47.04
N VAL O 129 -14.45 -17.67 -45.76
CA VAL O 129 -15.73 -17.61 -45.06
C VAL O 129 -15.57 -16.81 -43.79
N THR O 130 -16.67 -16.19 -43.36
CA THR O 130 -16.67 -15.46 -42.11
C THR O 130 -16.89 -16.42 -40.94
N ALA O 131 -16.67 -15.90 -39.73
CA ALA O 131 -16.86 -16.69 -38.54
C ALA O 131 -18.33 -17.05 -38.39
N GLY O 132 -18.67 -18.31 -38.64
CA GLY O 132 -20.04 -18.74 -38.57
C GLY O 132 -20.43 -19.65 -39.71
N GLY O 133 -19.69 -19.58 -40.82
CA GLY O 133 -19.89 -20.44 -41.96
C GLY O 133 -20.31 -19.73 -43.22
N PHE O 134 -20.79 -18.49 -43.13
CA PHE O 134 -21.21 -17.76 -44.32
C PHE O 134 -19.98 -17.41 -45.15
N GLN O 135 -20.14 -17.44 -46.48
CA GLN O 135 -19.04 -17.15 -47.38
C GLN O 135 -19.23 -15.79 -48.02
N VAL O 136 -18.10 -15.14 -48.33
CA VAL O 136 -18.12 -13.79 -48.89
C VAL O 136 -18.62 -13.85 -50.33
N GLN O 137 -19.37 -12.82 -50.73
CA GLN O 137 -20.04 -12.85 -52.03
C GLN O 137 -19.07 -12.92 -53.21
N PRO O 138 -18.01 -12.09 -53.30
CA PRO O 138 -17.14 -12.17 -54.49
C PRO O 138 -16.43 -13.51 -54.66
N ALA O 139 -16.64 -14.44 -53.73
CA ALA O 139 -16.13 -15.80 -53.83
C ALA O 139 -14.61 -15.84 -53.95
N ILE O 140 -13.95 -15.36 -52.90
CA ILE O 140 -12.50 -15.38 -52.84
C ILE O 140 -12.04 -16.80 -52.56
N THR O 141 -11.17 -17.33 -53.43
CA THR O 141 -10.66 -18.68 -53.31
C THR O 141 -9.17 -18.64 -53.03
N ILE O 142 -8.75 -19.26 -51.93
CA ILE O 142 -7.34 -19.35 -51.56
C ILE O 142 -6.87 -20.78 -51.82
N PRO O 143 -5.97 -21.00 -52.77
CA PRO O 143 -5.52 -22.36 -53.06
C PRO O 143 -4.65 -22.91 -51.94
N ALA O 144 -4.53 -24.24 -51.92
CA ALA O 144 -3.71 -24.90 -50.92
C ALA O 144 -2.24 -24.57 -51.13
N ASN O 145 -1.43 -24.92 -50.13
CA ASN O 145 0.01 -24.66 -50.15
C ASN O 145 0.29 -23.17 -50.32
N ALA O 146 -0.17 -22.40 -49.34
CA ALA O 146 -0.07 -20.94 -49.36
C ALA O 146 0.91 -20.50 -48.29
N LEU O 147 1.96 -19.79 -48.69
CA LEU O 147 2.91 -19.27 -47.72
C LEU O 147 2.32 -18.12 -46.93
N SER O 148 1.67 -17.18 -47.62
CA SER O 148 1.13 -16.00 -46.95
C SER O 148 0.06 -15.38 -47.83
N ILE O 149 -0.84 -14.63 -47.18
CA ILE O 149 -1.94 -13.94 -47.82
C ILE O 149 -1.80 -12.45 -47.51
N THR O 150 -1.83 -11.62 -48.55
CA THR O 150 -1.69 -10.18 -48.39
C THR O 150 -2.88 -9.47 -49.02
N ILE O 151 -3.39 -8.47 -48.32
CA ILE O 151 -4.52 -7.67 -48.78
C ILE O 151 -4.10 -6.20 -48.76
N GLY O 152 -4.04 -5.58 -49.93
CA GLY O 152 -3.59 -4.22 -50.03
C GLY O 152 -4.68 -3.23 -49.68
N ARG O 153 -4.40 -1.95 -49.95
CA ARG O 153 -5.38 -0.90 -49.72
C ARG O 153 -6.62 -1.14 -50.56
N ASP O 154 -6.45 -1.55 -51.81
CA ASP O 154 -7.57 -1.91 -52.67
C ASP O 154 -8.06 -3.30 -52.30
N GLY O 155 -8.98 -3.84 -53.09
CA GLY O 155 -9.53 -5.14 -52.82
C GLY O 155 -8.72 -6.32 -53.30
N VAL O 156 -7.56 -6.08 -53.91
CA VAL O 156 -6.77 -7.19 -54.44
C VAL O 156 -6.22 -8.02 -53.29
N VAL O 157 -6.42 -9.33 -53.35
CA VAL O 157 -5.89 -10.27 -52.39
C VAL O 157 -4.92 -11.17 -53.12
N SER O 158 -3.68 -11.24 -52.62
CA SER O 158 -2.63 -12.01 -53.27
C SER O 158 -2.11 -13.08 -52.34
N VAL O 159 -1.68 -14.20 -52.90
CA VAL O 159 -1.15 -15.33 -52.16
C VAL O 159 0.25 -15.63 -52.66
N THR O 160 1.17 -15.83 -51.73
CA THR O 160 2.56 -16.14 -52.07
C THR O 160 2.77 -17.64 -52.01
N GLN O 161 3.42 -18.19 -53.03
CA GLN O 161 3.69 -19.61 -53.12
C GLN O 161 5.19 -19.86 -53.12
N GLN O 162 5.56 -21.08 -52.71
CA GLN O 162 6.97 -21.46 -52.65
C GLN O 162 7.52 -21.63 -54.06
N GLY O 163 8.72 -21.08 -54.29
CA GLY O 163 9.37 -21.21 -55.57
C GLY O 163 8.97 -20.19 -56.62
N GLN O 164 8.10 -19.25 -56.28
CA GLN O 164 7.69 -18.20 -57.19
C GLN O 164 8.03 -16.84 -56.59
N ALA O 165 8.40 -15.89 -57.45
CA ALA O 165 8.73 -14.54 -57.01
C ALA O 165 7.51 -13.64 -57.04
N ALA O 166 6.81 -13.59 -58.17
CA ALA O 166 5.65 -12.73 -58.31
C ALA O 166 4.44 -13.36 -57.62
N PRO O 167 3.84 -12.70 -56.64
CA PRO O 167 2.62 -13.24 -56.03
C PRO O 167 1.48 -13.28 -57.03
N VAL O 168 0.59 -14.25 -56.85
CA VAL O 168 -0.53 -14.48 -57.75
C VAL O 168 -1.79 -13.92 -57.11
N GLN O 169 -2.51 -13.10 -57.87
CA GLN O 169 -3.79 -12.57 -57.40
C GLN O 169 -4.88 -13.63 -57.52
N VAL O 170 -5.73 -13.70 -56.52
CA VAL O 170 -6.80 -14.69 -56.49
C VAL O 170 -8.20 -14.09 -56.54
N GLY O 171 -8.38 -12.84 -56.14
CA GLY O 171 -9.72 -12.27 -56.14
C GLY O 171 -9.70 -10.81 -55.81
N GLN O 172 -10.89 -10.23 -55.75
CA GLN O 172 -11.07 -8.82 -55.44
C GLN O 172 -12.11 -8.69 -54.34
N LEU O 173 -11.85 -7.80 -53.39
CA LEU O 173 -12.77 -7.54 -52.28
C LEU O 173 -13.47 -6.22 -52.55
N ASN O 174 -14.56 -6.28 -53.31
CA ASN O 174 -15.41 -5.12 -53.50
C ASN O 174 -16.36 -5.00 -52.34
N LEU O 175 -16.43 -3.81 -51.74
CA LEU O 175 -17.29 -3.60 -50.59
C LEU O 175 -18.45 -2.68 -50.98
N THR O 176 -19.60 -2.94 -50.38
CA THR O 176 -20.82 -2.21 -50.74
C THR O 176 -21.00 -1.00 -49.85
N THR O 177 -21.73 -0.02 -50.37
CA THR O 177 -22.11 1.16 -49.62
C THR O 177 -23.60 1.41 -49.76
N PHE O 178 -24.18 2.01 -48.72
CA PHE O 178 -25.58 2.35 -48.69
C PHE O 178 -25.72 3.86 -48.55
N MET O 179 -26.85 4.38 -49.03
CA MET O 179 -27.12 5.81 -48.86
C MET O 179 -27.53 6.15 -47.44
N ASN O 180 -28.30 5.28 -46.79
CA ASN O 180 -28.74 5.48 -45.41
C ASN O 180 -28.21 4.34 -44.57
N ASP O 181 -27.16 4.62 -43.80
CA ASP O 181 -26.49 3.57 -43.04
C ASP O 181 -27.31 3.11 -41.84
N THR O 182 -28.07 4.01 -41.22
CA THR O 182 -28.81 3.64 -40.02
C THR O 182 -29.99 2.75 -40.33
N GLY O 183 -30.57 2.86 -41.52
CA GLY O 183 -31.80 2.16 -41.85
C GLY O 183 -31.67 0.67 -42.07
N LEU O 184 -30.46 0.12 -42.00
CA LEU O 184 -30.28 -1.31 -42.19
C LEU O 184 -30.96 -2.07 -41.06
N GLU O 185 -31.68 -3.14 -41.41
CA GLU O 185 -32.31 -3.99 -40.41
C GLU O 185 -31.27 -4.93 -39.84
N SER O 186 -31.09 -4.92 -38.53
CA SER O 186 -30.03 -5.69 -37.90
C SER O 186 -30.58 -7.02 -37.38
N ILE O 187 -29.85 -8.10 -37.66
CA ILE O 187 -30.17 -9.40 -37.09
C ILE O 187 -28.92 -9.86 -36.34
N GLY O 188 -28.96 -11.07 -35.80
CA GLY O 188 -27.85 -11.55 -34.99
C GLY O 188 -26.56 -11.76 -35.78
N GLU O 189 -25.48 -12.06 -35.07
CA GLU O 189 -24.18 -12.36 -35.67
C GLU O 189 -23.64 -11.17 -36.46
N ASN O 190 -23.96 -9.96 -35.99
CA ASN O 190 -23.45 -8.72 -36.58
C ASN O 190 -23.73 -8.66 -38.07
N LEU O 191 -24.96 -8.98 -38.44
CA LEU O 191 -25.39 -8.93 -39.83
C LEU O 191 -26.49 -7.90 -40.00
N TYR O 192 -26.46 -7.21 -41.13
CA TYR O 192 -27.48 -6.24 -41.49
C TYR O 192 -28.03 -6.61 -42.86
N ILE O 193 -29.29 -6.25 -43.09
CA ILE O 193 -29.93 -6.45 -44.37
C ILE O 193 -30.59 -5.16 -44.81
N GLU O 194 -30.72 -4.99 -46.12
CA GLU O 194 -31.24 -3.75 -46.68
C GLU O 194 -32.76 -3.65 -46.45
N THR O 195 -33.24 -2.41 -46.40
CA THR O 195 -34.65 -2.12 -46.21
C THR O 195 -35.05 -1.03 -47.18
N GLN O 196 -36.27 -0.50 -47.02
CA GLN O 196 -36.67 0.66 -47.80
C GLN O 196 -36.05 1.94 -47.25
N SER O 197 -35.84 2.02 -45.94
CA SER O 197 -35.23 3.22 -45.36
C SER O 197 -33.79 3.39 -45.83
N SER O 198 -33.06 2.28 -45.97
CA SER O 198 -31.71 2.32 -46.51
C SER O 198 -31.75 2.18 -48.02
N GLY O 199 -30.88 2.92 -48.70
CA GLY O 199 -30.88 2.90 -50.14
C GLY O 199 -30.43 1.56 -50.70
N ALA O 200 -30.54 1.43 -52.00
CA ALA O 200 -30.07 0.23 -52.67
C ALA O 200 -28.55 0.15 -52.55
N PRO O 201 -28.00 -0.98 -52.11
CA PRO O 201 -26.54 -1.09 -51.99
C PRO O 201 -25.87 -0.97 -53.35
N ASN O 202 -24.71 -0.31 -53.34
CA ASN O 202 -23.90 -0.18 -54.55
C ASN O 202 -22.48 -0.63 -54.26
N GLU O 203 -21.94 -1.47 -55.15
CA GLU O 203 -20.60 -1.99 -54.97
C GLU O 203 -19.56 -0.89 -55.22
N SER O 204 -18.39 -1.05 -54.62
CA SER O 204 -17.31 -0.11 -54.85
C SER O 204 -15.99 -0.77 -54.51
N THR O 205 -14.96 -0.45 -55.30
CA THR O 205 -13.60 -0.78 -54.92
C THR O 205 -13.15 0.16 -53.80
N PRO O 206 -12.30 -0.31 -52.90
CA PRO O 206 -11.86 0.56 -51.79
C PRO O 206 -11.16 1.80 -52.30
N GLY O 207 -11.42 2.92 -51.64
CA GLY O 207 -10.78 4.18 -51.95
C GLY O 207 -11.47 5.02 -53.01
N LEU O 208 -12.55 4.53 -53.60
CA LEU O 208 -13.24 5.26 -54.66
C LEU O 208 -14.70 5.47 -54.29
N ASN O 209 -15.23 6.61 -54.73
CA ASN O 209 -16.65 6.95 -54.54
C ASN O 209 -17.04 6.93 -53.06
N GLY O 210 -16.14 7.41 -52.21
CA GLY O 210 -16.42 7.52 -50.80
C GLY O 210 -16.26 6.25 -49.99
N ALA O 211 -15.90 5.14 -50.62
CA ALA O 211 -15.68 3.91 -49.87
C ALA O 211 -14.40 4.02 -49.05
N GLY O 212 -14.30 3.15 -48.04
CA GLY O 212 -13.16 3.15 -47.14
C GLY O 212 -12.04 2.24 -47.63
N LEU O 213 -10.94 2.28 -46.90
CA LEU O 213 -9.78 1.45 -47.19
C LEU O 213 -9.81 0.19 -46.32
N LEU O 214 -8.81 -0.66 -46.49
CA LEU O 214 -8.70 -1.91 -45.74
C LEU O 214 -7.35 -1.97 -45.04
N TYR O 215 -7.36 -2.44 -43.80
CA TYR O 215 -6.15 -2.72 -43.04
C TYR O 215 -6.09 -4.21 -42.75
N GLN O 216 -4.96 -4.83 -43.04
CA GLN O 216 -4.78 -6.25 -42.77
C GLN O 216 -4.23 -6.45 -41.38
N GLY O 217 -4.76 -7.44 -40.67
CA GLY O 217 -4.29 -7.74 -39.33
C GLY O 217 -4.91 -6.90 -38.24
N TYR O 218 -6.08 -6.32 -38.46
CA TYR O 218 -6.75 -5.51 -37.46
C TYR O 218 -8.24 -5.81 -37.49
N VAL O 219 -8.88 -5.65 -36.33
CA VAL O 219 -10.31 -5.80 -36.20
C VAL O 219 -10.89 -4.55 -35.56
N GLU O 220 -11.94 -4.00 -36.16
CA GLU O 220 -12.58 -2.81 -35.63
C GLU O 220 -13.39 -3.16 -34.40
N THR O 221 -13.20 -2.40 -33.32
CA THR O 221 -13.92 -2.65 -32.09
C THR O 221 -15.17 -1.79 -32.02
N SER O 222 -15.91 -1.88 -30.92
CA SER O 222 -17.19 -1.20 -30.78
C SER O 222 -16.98 0.20 -30.22
N ASN O 223 -17.86 1.12 -30.61
CA ASN O 223 -17.82 2.49 -30.13
C ASN O 223 -18.89 2.66 -29.04
N VAL O 224 -18.53 2.22 -27.83
CA VAL O 224 -19.40 2.29 -26.68
C VAL O 224 -18.71 3.12 -25.60
N ASN O 225 -19.43 4.07 -25.03
CA ASN O 225 -18.88 5.00 -24.04
C ASN O 225 -19.44 4.63 -22.67
N VAL O 226 -18.68 3.82 -21.93
CA VAL O 226 -19.15 3.32 -20.63
C VAL O 226 -19.36 4.47 -19.65
N ALA O 227 -18.59 5.55 -19.79
CA ALA O 227 -18.79 6.71 -18.93
C ALA O 227 -20.19 7.28 -19.11
N GLU O 228 -20.65 7.38 -20.36
CA GLU O 228 -22.01 7.80 -20.61
C GLU O 228 -23.02 6.76 -20.13
N GLU O 229 -22.69 5.48 -20.31
CA GLU O 229 -23.63 4.43 -19.95
C GLU O 229 -23.93 4.43 -18.46
N LEU O 230 -22.91 4.60 -17.62
CA LEU O 230 -23.13 4.55 -16.17
C LEU O 230 -24.04 5.70 -15.71
N VAL O 231 -23.80 6.90 -16.20
CA VAL O 231 -24.63 8.04 -15.81
C VAL O 231 -26.04 7.86 -16.34
N ASN O 232 -26.18 7.28 -17.54
CA ASN O 232 -27.52 6.98 -18.04
C ASN O 232 -28.23 5.97 -17.15
N MET O 233 -27.50 4.99 -16.62
CA MET O 233 -28.09 4.04 -15.69
C MET O 233 -28.58 4.73 -14.42
N ILE O 234 -27.77 5.66 -13.90
CA ILE O 234 -28.18 6.40 -12.72
C ILE O 234 -29.47 7.17 -13.01
N GLN O 235 -29.52 7.84 -14.16
CA GLN O 235 -30.70 8.62 -14.51
C GLN O 235 -31.93 7.73 -14.64
N VAL O 236 -31.82 6.60 -15.31
CA VAL O 236 -32.99 5.76 -15.51
C VAL O 236 -33.45 5.15 -14.20
N GLN O 237 -32.51 4.82 -13.31
CA GLN O 237 -32.92 4.31 -11.99
C GLN O 237 -33.71 5.36 -11.22
N ARG O 238 -33.22 6.60 -11.21
CA ARG O 238 -33.95 7.65 -10.49
C ARG O 238 -35.32 7.91 -11.12
N ALA O 239 -35.38 7.93 -12.45
CA ALA O 239 -36.67 8.16 -13.11
C ALA O 239 -37.66 7.05 -12.80
N TYR O 240 -37.18 5.80 -12.80
CA TYR O 240 -38.05 4.68 -12.47
C TYR O 240 -38.59 4.80 -11.06
N GLU O 241 -37.73 5.18 -10.12
CA GLU O 241 -38.19 5.33 -8.74
C GLU O 241 -39.22 6.45 -8.62
N ILE O 242 -39.01 7.57 -9.33
CA ILE O 242 -39.96 8.67 -9.26
C ILE O 242 -41.31 8.25 -9.82
N ASN O 243 -41.31 7.54 -10.95
CA ASN O 243 -42.57 7.07 -11.50
C ASN O 243 -43.26 6.07 -10.58
N SER O 244 -42.47 5.24 -9.90
CA SER O 244 -43.06 4.33 -8.92
C SER O 244 -43.73 5.10 -7.79
N LYS O 245 -43.10 6.18 -7.34
CA LYS O 245 -43.73 7.01 -6.31
C LYS O 245 -45.02 7.64 -6.83
N ALA O 246 -45.05 8.04 -8.11
CA ALA O 246 -46.27 8.57 -8.69
C ALA O 246 -47.38 7.53 -8.68
N VAL O 247 -47.05 6.29 -9.03
CA VAL O 247 -48.03 5.21 -8.99
C VAL O 247 -48.55 5.04 -7.56
N SER O 248 -47.64 5.05 -6.58
CA SER O 248 -48.04 4.83 -5.20
C SER O 248 -48.97 5.94 -4.71
N THR O 249 -48.66 7.19 -5.03
CA THR O 249 -49.52 8.28 -4.54
C THR O 249 -50.86 8.29 -5.26
N THR O 250 -50.90 7.94 -6.55
CA THR O 250 -52.19 7.77 -7.21
C THR O 250 -53.01 6.68 -6.54
N ASP O 251 -52.38 5.57 -6.20
CA ASP O 251 -53.08 4.49 -5.51
C ASP O 251 -53.63 4.96 -4.18
N GLN O 252 -52.82 5.69 -3.41
CA GLN O 252 -53.28 6.18 -2.11
C GLN O 252 -54.48 7.11 -2.26
N MET O 253 -54.40 8.04 -3.22
CA MET O 253 -55.51 8.98 -3.41
C MET O 253 -56.77 8.25 -3.83
N LEU O 254 -56.66 7.32 -4.77
CA LEU O 254 -57.84 6.59 -5.23
C LEU O 254 -58.43 5.73 -4.12
N GLN O 255 -57.58 5.11 -3.31
CA GLN O 255 -58.08 4.30 -2.19
C GLN O 255 -58.80 5.17 -1.18
N LYS O 256 -58.27 6.35 -0.88
CA LYS O 256 -58.95 7.26 0.03
C LYS O 256 -60.30 7.67 -0.54
N LEU O 257 -60.37 7.91 -1.85
CA LEU O 257 -61.65 8.25 -2.46
C LEU O 257 -62.65 7.11 -2.33
N THR O 258 -62.22 5.89 -2.67
CA THR O 258 -63.16 4.78 -2.74
C THR O 258 -63.57 4.27 -1.37
N GLN O 259 -62.77 4.49 -0.34
CA GLN O 259 -63.16 4.07 1.00
C GLN O 259 -64.10 5.06 1.67
N LEU O 260 -64.72 5.94 0.89
CA LEU O 260 -65.67 6.92 1.42
C LEU O 260 -66.88 6.22 2.04
N ILE P 2 -62.76 -18.71 -4.87
CA ILE P 2 -61.61 -17.86 -5.11
C ILE P 2 -60.49 -18.69 -5.74
N SER P 3 -59.98 -18.22 -6.87
CA SER P 3 -58.96 -18.95 -7.60
C SER P 3 -57.61 -18.25 -7.63
N SER P 4 -57.60 -16.91 -7.61
CA SER P 4 -56.35 -16.18 -7.73
C SER P 4 -55.44 -16.45 -6.53
N LEU P 5 -56.03 -16.60 -5.35
CA LEU P 5 -55.22 -16.87 -4.16
C LEU P 5 -54.46 -18.19 -4.31
N TRP P 6 -55.14 -19.24 -4.77
CA TRP P 6 -54.47 -20.52 -4.90
C TRP P 6 -53.50 -20.53 -6.10
N ILE P 7 -53.80 -19.75 -7.14
CA ILE P 7 -52.85 -19.63 -8.24
C ILE P 7 -51.55 -18.99 -7.75
N ALA P 8 -51.66 -17.92 -6.98
CA ALA P 8 -50.47 -17.28 -6.43
C ALA P 8 -49.75 -18.18 -5.44
N LYS P 9 -50.50 -19.00 -4.70
CA LYS P 9 -49.86 -19.98 -3.83
C LYS P 9 -49.03 -20.98 -4.63
N THR P 10 -49.57 -21.45 -5.76
CA THR P 10 -48.80 -22.35 -6.61
C THR P 10 -47.55 -21.68 -7.14
N GLY P 11 -47.67 -20.40 -7.51
CA GLY P 11 -46.48 -19.66 -7.93
C GLY P 11 -45.44 -19.56 -6.83
N LEU P 12 -45.87 -19.29 -5.61
CA LEU P 12 -44.96 -19.26 -4.48
C LEU P 12 -44.25 -20.60 -4.30
N ASP P 13 -45.00 -21.70 -4.41
CA ASP P 13 -44.40 -23.02 -4.24
C ASP P 13 -43.38 -23.31 -5.35
N ALA P 14 -43.70 -22.93 -6.57
CA ALA P 14 -42.75 -23.13 -7.67
C ALA P 14 -41.46 -22.35 -7.42
N GLN P 15 -41.58 -21.09 -6.99
CA GLN P 15 -40.38 -20.31 -6.70
C GLN P 15 -39.60 -20.92 -5.53
N GLN P 16 -40.31 -21.47 -4.54
CA GLN P 16 -39.64 -22.12 -3.43
C GLN P 16 -38.83 -23.32 -3.89
N THR P 17 -39.40 -24.14 -4.78
CA THR P 17 -38.66 -25.28 -5.32
C THR P 17 -37.44 -24.83 -6.11
N ASN P 18 -37.60 -23.77 -6.92
CA ASN P 18 -36.46 -23.26 -7.67
C ASN P 18 -35.35 -22.79 -6.74
N MET P 19 -35.70 -22.06 -5.68
CA MET P 19 -34.70 -21.64 -4.71
C MET P 19 -34.06 -22.84 -4.02
N ASP P 20 -34.84 -23.90 -3.78
CA ASP P 20 -34.31 -25.11 -3.17
C ASP P 20 -33.22 -25.73 -4.04
N VAL P 21 -33.50 -25.87 -5.34
CA VAL P 21 -32.48 -26.49 -6.19
C VAL P 21 -31.27 -25.56 -6.32
N ILE P 22 -31.48 -24.25 -6.33
CA ILE P 22 -30.35 -23.32 -6.39
C ILE P 22 -29.47 -23.47 -5.16
N ALA P 23 -30.08 -23.53 -3.98
CA ALA P 23 -29.32 -23.67 -2.75
C ALA P 23 -28.59 -25.01 -2.72
N ASN P 24 -29.23 -26.07 -3.19
CA ASN P 24 -28.55 -27.37 -3.24
C ASN P 24 -27.35 -27.33 -4.17
N ASN P 25 -27.48 -26.66 -5.31
CA ASN P 25 -26.34 -26.52 -6.21
C ASN P 25 -25.22 -25.74 -5.54
N LEU P 26 -25.55 -24.66 -4.83
CA LEU P 26 -24.52 -23.85 -4.19
C LEU P 26 -23.85 -24.60 -3.05
N ALA P 27 -24.57 -25.51 -2.40
CA ALA P 27 -24.04 -26.17 -1.21
C ALA P 27 -22.78 -26.96 -1.53
N ASN P 28 -22.91 -28.00 -2.35
CA ASN P 28 -21.78 -28.90 -2.64
C ASN P 28 -21.02 -28.43 -3.87
N VAL P 29 -20.56 -27.18 -3.82
CA VAL P 29 -19.77 -26.65 -4.93
C VAL P 29 -18.40 -27.31 -4.97
N SER P 30 -17.89 -27.76 -3.82
CA SER P 30 -16.57 -28.37 -3.74
C SER P 30 -16.63 -29.89 -3.72
N THR P 31 -17.79 -30.47 -3.98
CA THR P 31 -17.92 -31.93 -4.01
C THR P 31 -17.43 -32.46 -5.35
N ASN P 32 -16.46 -33.35 -5.32
CA ASN P 32 -15.91 -33.90 -6.55
C ASN P 32 -16.95 -34.75 -7.26
N GLY P 33 -17.03 -34.59 -8.59
CA GLY P 33 -17.93 -35.39 -9.38
C GLY P 33 -19.37 -34.94 -9.36
N PHE P 34 -19.68 -33.83 -8.71
CA PHE P 34 -21.05 -33.33 -8.67
C PHE P 34 -21.45 -32.79 -10.04
N LYS P 35 -22.75 -32.86 -10.33
CA LYS P 35 -23.30 -32.42 -11.60
C LYS P 35 -24.35 -31.35 -11.37
N ARG P 36 -24.27 -30.26 -12.13
CA ARG P 36 -25.19 -29.15 -11.96
C ARG P 36 -26.62 -29.60 -12.24
N GLN P 37 -27.56 -29.02 -11.49
CA GLN P 37 -28.95 -29.43 -11.52
C GLN P 37 -29.82 -28.23 -11.84
N ARG P 38 -30.84 -28.44 -12.67
CA ARG P 38 -31.77 -27.38 -13.04
C ARG P 38 -33.18 -27.94 -13.02
N ALA P 39 -34.16 -27.05 -12.80
CA ALA P 39 -35.55 -27.44 -12.72
C ALA P 39 -36.36 -26.78 -13.82
N VAL P 40 -37.27 -27.54 -14.44
CA VAL P 40 -38.13 -27.05 -15.49
C VAL P 40 -39.57 -27.16 -15.02
N PHE P 41 -40.31 -26.06 -15.14
CA PHE P 41 -41.69 -25.95 -14.69
C PHE P 41 -42.65 -26.19 -15.84
N GLU P 42 -43.95 -26.08 -15.54
CA GLU P 42 -44.99 -26.35 -16.52
C GLU P 42 -46.32 -25.86 -15.97
N ASP P 43 -47.13 -25.23 -16.81
CA ASP P 43 -48.38 -24.68 -16.33
C ASP P 43 -49.42 -25.79 -16.12
N LEU P 44 -50.42 -25.49 -15.29
CA LEU P 44 -51.46 -26.44 -14.95
C LEU P 44 -52.52 -26.45 -16.04
N LEU P 45 -53.61 -27.18 -15.81
CA LEU P 45 -54.67 -27.29 -16.80
C LEU P 45 -55.38 -25.94 -16.97
N TYR P 46 -55.80 -25.66 -18.19
CA TYR P 46 -56.56 -24.46 -18.51
C TYR P 46 -58.03 -24.81 -18.58
N GLN P 47 -58.87 -23.97 -17.98
CA GLN P 47 -60.31 -24.19 -18.01
C GLN P 47 -60.93 -23.28 -19.05
N THR P 48 -61.81 -23.83 -19.87
CA THR P 48 -62.39 -23.11 -21.00
C THR P 48 -63.78 -22.59 -20.67
N ILE P 49 -64.05 -21.38 -21.13
CA ILE P 49 -65.38 -20.77 -21.04
C ILE P 49 -65.88 -20.57 -22.46
N ARG P 50 -66.97 -21.24 -22.79
CA ARG P 50 -67.53 -21.17 -24.13
C ARG P 50 -68.69 -20.17 -24.16
N GLN P 51 -68.89 -19.56 -25.32
CA GLN P 51 -69.91 -18.55 -25.51
C GLN P 51 -70.77 -18.91 -26.71
N PRO P 52 -72.04 -18.51 -26.70
CA PRO P 52 -72.91 -18.81 -27.84
C PRO P 52 -72.48 -18.05 -29.09
N GLY P 53 -72.75 -18.66 -30.24
CA GLY P 53 -72.41 -18.06 -31.52
C GLY P 53 -73.50 -17.18 -32.08
N GLY P 65 -63.88 -19.23 -27.50
CA GLY P 65 -62.45 -19.37 -27.40
C GLY P 65 -61.83 -18.53 -26.29
N LEU P 66 -62.19 -18.85 -25.05
CA LEU P 66 -61.67 -18.15 -23.88
C LEU P 66 -61.14 -19.18 -22.90
N GLN P 67 -59.91 -18.98 -22.42
CA GLN P 67 -59.27 -19.88 -21.50
C GLN P 67 -58.78 -19.13 -20.27
N ILE P 68 -58.79 -19.82 -19.13
CA ILE P 68 -58.28 -19.28 -17.87
C ILE P 68 -57.26 -20.25 -17.31
N GLY P 69 -56.12 -19.71 -16.87
CA GLY P 69 -55.07 -20.53 -16.32
C GLY P 69 -55.33 -20.92 -14.88
N THR P 70 -54.44 -21.76 -14.34
CA THR P 70 -54.60 -22.26 -12.99
C THR P 70 -53.31 -22.33 -12.19
N GLY P 71 -52.19 -21.86 -12.72
CA GLY P 71 -50.93 -21.84 -11.98
C GLY P 71 -49.84 -22.60 -12.69
N VAL P 72 -48.72 -22.78 -11.98
CA VAL P 72 -47.56 -23.46 -12.51
C VAL P 72 -47.05 -24.46 -11.47
N ARG P 73 -46.65 -25.65 -11.93
CA ARG P 73 -46.06 -26.66 -11.09
C ARG P 73 -44.75 -27.12 -11.68
N PRO P 74 -43.78 -27.49 -10.84
CA PRO P 74 -42.52 -28.02 -11.37
C PRO P 74 -42.73 -29.41 -11.94
N VAL P 75 -42.35 -29.59 -13.20
CA VAL P 75 -42.63 -30.80 -13.93
C VAL P 75 -41.42 -31.73 -13.97
N ALA P 76 -40.21 -31.19 -14.04
CA ALA P 76 -39.06 -32.09 -14.11
C ALA P 76 -37.81 -31.39 -13.61
N THR P 77 -36.77 -32.20 -13.41
CA THR P 77 -35.46 -31.71 -12.98
C THR P 77 -34.40 -32.50 -13.73
N GLU P 78 -33.46 -31.79 -14.34
CA GLU P 78 -32.45 -32.40 -15.19
C GLU P 78 -31.05 -32.01 -14.73
N ARG P 79 -30.12 -32.94 -14.89
CA ARG P 79 -28.72 -32.71 -14.55
C ARG P 79 -27.91 -32.51 -15.83
N LEU P 80 -26.83 -31.74 -15.72
CA LEU P 80 -25.99 -31.44 -16.86
C LEU P 80 -24.76 -32.35 -16.81
N HIS P 81 -24.85 -33.49 -17.49
CA HIS P 81 -23.75 -34.46 -17.51
C HIS P 81 -22.71 -34.02 -18.53
N SER P 82 -21.97 -32.98 -18.16
CA SER P 82 -20.89 -32.45 -18.98
C SER P 82 -19.56 -32.58 -18.25
N GLN P 83 -18.48 -32.45 -19.01
CA GLN P 83 -17.15 -32.59 -18.44
C GLN P 83 -16.84 -31.45 -17.49
N GLY P 84 -16.20 -31.77 -16.38
CA GLY P 84 -15.80 -30.76 -15.42
C GLY P 84 -14.29 -30.58 -15.38
N ASN P 85 -13.83 -29.51 -14.73
CA ASN P 85 -12.42 -29.24 -14.65
C ASN P 85 -11.73 -30.24 -13.71
N LEU P 86 -10.41 -30.32 -13.82
CA LEU P 86 -9.61 -31.28 -13.08
C LEU P 86 -8.69 -30.55 -12.11
N SER P 87 -8.61 -31.07 -10.88
CA SER P 87 -7.75 -30.52 -9.85
C SER P 87 -6.74 -31.57 -9.43
N GLN P 88 -5.48 -31.17 -9.32
CA GLN P 88 -4.38 -32.07 -9.01
C GLN P 88 -4.31 -32.34 -7.51
N THR P 89 -4.09 -33.60 -7.14
CA THR P 89 -4.00 -33.99 -5.74
C THR P 89 -2.67 -34.62 -5.37
N ASN P 90 -1.79 -34.88 -6.34
CA ASN P 90 -0.50 -35.54 -6.14
C ASN P 90 -0.63 -36.96 -5.60
N ASN P 91 -1.85 -37.47 -5.46
CA ASN P 91 -2.04 -38.82 -4.95
C ASN P 91 -1.84 -39.83 -6.07
N SER P 92 -1.56 -41.07 -5.67
CA SER P 92 -1.34 -42.14 -6.63
C SER P 92 -2.53 -43.09 -6.74
N LYS P 93 -3.64 -42.79 -6.06
CA LYS P 93 -4.82 -43.65 -6.09
C LYS P 93 -6.07 -42.83 -6.32
N ASP P 94 -5.99 -41.82 -7.17
CA ASP P 94 -7.13 -41.01 -7.56
C ASP P 94 -7.23 -40.99 -9.08
N VAL P 95 -8.42 -41.26 -9.59
CA VAL P 95 -8.64 -41.36 -11.04
C VAL P 95 -9.74 -40.37 -11.43
N ALA P 96 -9.45 -39.55 -12.42
CA ALA P 96 -10.45 -38.65 -13.01
C ALA P 96 -10.72 -39.14 -14.42
N ILE P 97 -11.98 -39.43 -14.71
CA ILE P 97 -12.36 -40.00 -15.99
C ILE P 97 -12.67 -38.88 -16.97
N LYS P 98 -11.94 -38.86 -18.08
CA LYS P 98 -12.11 -37.84 -19.11
C LYS P 98 -13.06 -38.38 -20.17
N GLY P 99 -14.28 -37.85 -20.20
CA GLY P 99 -15.26 -38.31 -21.16
C GLY P 99 -16.55 -38.74 -20.50
N GLN P 100 -17.10 -39.87 -20.93
CA GLN P 100 -18.33 -40.41 -20.39
C GLN P 100 -18.12 -41.84 -19.93
N GLY P 101 -18.66 -42.16 -18.79
CA GLY P 101 -18.53 -43.49 -18.20
C GLY P 101 -18.59 -43.41 -16.70
N PHE P 102 -18.99 -44.52 -16.07
CA PHE P 102 -19.17 -44.58 -14.63
C PHE P 102 -18.45 -45.81 -14.09
N PHE P 103 -17.66 -45.62 -13.04
CA PHE P 103 -17.12 -46.76 -12.32
C PHE P 103 -18.24 -47.51 -11.63
N GLN P 104 -18.13 -48.83 -11.59
CA GLN P 104 -19.15 -49.68 -11.00
C GLN P 104 -18.71 -50.11 -9.61
N VAL P 105 -19.53 -49.77 -8.61
CA VAL P 105 -19.27 -50.18 -7.23
C VAL P 105 -20.42 -51.08 -6.79
N MET P 106 -20.14 -51.90 -5.77
CA MET P 106 -21.10 -52.86 -5.26
C MET P 106 -21.51 -52.46 -3.85
N LEU P 107 -22.81 -52.26 -3.64
CA LEU P 107 -23.33 -51.96 -2.32
C LEU P 107 -23.31 -53.21 -1.45
N PRO P 108 -23.35 -53.06 -0.13
CA PRO P 108 -23.39 -54.24 0.73
C PRO P 108 -24.57 -55.15 0.46
N ASP P 109 -25.71 -54.60 0.04
CA ASP P 109 -26.89 -55.40 -0.23
C ASP P 109 -26.93 -55.94 -1.66
N GLY P 110 -25.79 -56.07 -2.30
CA GLY P 110 -25.70 -56.72 -3.61
C GLY P 110 -25.85 -55.86 -4.84
N THR P 111 -26.88 -55.01 -4.87
CA THR P 111 -27.13 -54.18 -6.03
C THR P 111 -25.95 -53.24 -6.27
N SER P 112 -25.64 -53.04 -7.55
CA SER P 112 -24.48 -52.27 -7.96
C SER P 112 -24.90 -50.90 -8.45
N ALA P 113 -24.30 -49.86 -7.90
CA ALA P 113 -24.52 -48.48 -8.32
C ALA P 113 -23.31 -47.98 -9.10
N TYR P 114 -23.39 -46.74 -9.56
CA TYR P 114 -22.35 -46.16 -10.40
C TYR P 114 -22.02 -44.77 -9.89
N THR P 115 -20.76 -44.36 -10.09
CA THR P 115 -20.29 -43.07 -9.60
C THR P 115 -19.24 -42.51 -10.54
N ARG P 116 -19.05 -41.20 -10.45
CA ARG P 116 -18.00 -40.50 -11.18
C ARG P 116 -16.86 -40.03 -10.28
N ASP P 117 -17.08 -39.92 -8.99
CA ASP P 117 -16.07 -39.44 -8.05
C ASP P 117 -14.98 -40.49 -7.92
N GLY P 118 -13.84 -40.25 -8.56
CA GLY P 118 -12.72 -41.16 -8.43
C GLY P 118 -11.78 -40.75 -7.32
N SER P 119 -11.95 -41.37 -6.15
CA SER P 119 -11.07 -41.14 -5.00
C SER P 119 -11.03 -42.47 -4.24
N PHE P 120 -10.04 -43.29 -4.55
CA PHE P 120 -10.02 -44.67 -4.10
C PHE P 120 -9.04 -44.86 -2.95
N GLN P 121 -9.35 -45.85 -2.11
CA GLN P 121 -8.51 -46.21 -0.99
C GLN P 121 -8.42 -47.73 -0.91
N VAL P 122 -7.44 -48.21 -0.15
CA VAL P 122 -7.17 -49.63 0.00
C VAL P 122 -7.52 -50.04 1.41
N ASP P 123 -8.33 -51.09 1.54
CA ASP P 123 -8.78 -51.56 2.84
C ASP P 123 -7.79 -52.58 3.40
N GLN P 124 -8.18 -53.27 4.47
CA GLN P 124 -7.26 -54.18 5.15
C GLN P 124 -6.91 -55.38 4.28
N ASN P 125 -7.81 -55.79 3.38
CA ASN P 125 -7.57 -56.97 2.54
C ASN P 125 -6.85 -56.63 1.24
N GLY P 126 -6.46 -55.38 1.05
CA GLY P 126 -5.83 -55.00 -0.20
C GLY P 126 -6.77 -55.02 -1.40
N GLN P 127 -8.00 -54.53 -1.23
CA GLN P 127 -8.97 -54.43 -2.31
C GLN P 127 -9.32 -52.97 -2.51
N LEU P 128 -9.31 -52.53 -3.77
CA LEU P 128 -9.54 -51.12 -4.06
C LEU P 128 -10.98 -50.75 -3.77
N VAL P 129 -11.18 -49.86 -2.79
CA VAL P 129 -12.51 -49.44 -2.37
C VAL P 129 -12.58 -47.92 -2.41
N THR P 130 -13.80 -47.41 -2.56
CA THR P 130 -14.01 -45.98 -2.52
C THR P 130 -14.12 -45.49 -1.08
N ALA P 131 -14.19 -44.18 -0.92
CA ALA P 131 -14.31 -43.58 0.41
C ALA P 131 -15.69 -43.87 0.95
N GLY P 132 -15.79 -44.88 1.81
CA GLY P 132 -17.07 -45.31 2.34
C GLY P 132 -17.15 -46.82 2.50
N GLY P 133 -16.15 -47.53 1.98
CA GLY P 133 -16.05 -48.96 2.13
C GLY P 133 -16.54 -49.76 0.95
N PHE P 134 -17.28 -49.14 0.03
CA PHE P 134 -17.77 -49.85 -1.14
C PHE P 134 -16.62 -50.20 -2.07
N GLN P 135 -16.60 -51.44 -2.55
CA GLN P 135 -15.50 -51.93 -3.37
C GLN P 135 -15.87 -51.89 -4.85
N VAL P 136 -14.84 -51.69 -5.69
CA VAL P 136 -15.06 -51.62 -7.12
C VAL P 136 -15.45 -53.00 -7.65
N GLN P 137 -16.43 -53.02 -8.54
CA GLN P 137 -17.01 -54.29 -8.99
C GLN P 137 -16.01 -55.20 -9.68
N PRO P 138 -15.16 -54.74 -10.62
CA PRO P 138 -14.19 -55.66 -11.24
C PRO P 138 -13.19 -56.24 -10.25
N ALA P 139 -13.23 -55.79 -8.99
CA ALA P 139 -12.43 -56.35 -7.91
C ALA P 139 -10.94 -56.23 -8.21
N ILE P 140 -10.48 -54.99 -8.31
CA ILE P 140 -9.06 -54.70 -8.51
C ILE P 140 -8.35 -54.83 -7.16
N THR P 141 -7.54 -55.87 -7.01
CA THR P 141 -6.84 -56.13 -5.78
C THR P 141 -5.41 -55.60 -5.85
N ILE P 142 -4.84 -55.32 -4.69
CA ILE P 142 -3.47 -54.85 -4.56
C ILE P 142 -2.72 -55.84 -3.68
N PRO P 143 -1.58 -56.36 -4.11
CA PRO P 143 -0.82 -57.27 -3.24
C PRO P 143 -0.12 -56.53 -2.12
N ALA P 144 0.52 -57.26 -1.22
CA ALA P 144 1.24 -56.64 -0.13
C ALA P 144 2.52 -55.99 -0.65
N ASN P 145 3.19 -55.26 0.25
CA ASN P 145 4.47 -54.60 0.00
C ASN P 145 4.52 -53.90 -1.36
N ALA P 146 3.45 -53.22 -1.73
CA ALA P 146 3.43 -52.47 -2.98
C ALA P 146 4.38 -51.28 -2.90
N LEU P 147 5.00 -50.95 -4.02
CA LEU P 147 5.89 -49.80 -4.11
C LEU P 147 5.22 -48.60 -4.76
N SER P 148 4.67 -48.77 -5.96
CA SER P 148 4.03 -47.67 -6.66
C SER P 148 2.92 -48.23 -7.55
N ILE P 149 1.68 -47.86 -7.25
CA ILE P 149 0.53 -48.32 -8.02
C ILE P 149 0.34 -47.37 -9.19
N THR P 150 0.40 -47.91 -10.40
CA THR P 150 0.21 -47.13 -11.61
C THR P 150 -0.98 -47.67 -12.39
N ILE P 151 -1.82 -46.76 -12.86
CA ILE P 151 -3.03 -47.10 -13.59
C ILE P 151 -2.88 -46.61 -15.01
N GLY P 152 -3.02 -47.51 -15.98
CA GLY P 152 -2.78 -47.15 -17.36
C GLY P 152 -3.85 -46.22 -17.92
N ARG P 153 -3.56 -45.69 -19.10
CA ARG P 153 -4.51 -44.80 -19.76
C ARG P 153 -5.77 -45.53 -20.19
N ASP P 154 -5.69 -46.85 -20.38
CA ASP P 154 -6.83 -47.65 -20.80
C ASP P 154 -7.28 -48.62 -19.72
N GLY P 155 -7.12 -48.25 -18.44
CA GLY P 155 -7.71 -48.98 -17.35
C GLY P 155 -6.89 -50.13 -16.79
N VAL P 156 -5.74 -50.45 -17.37
CA VAL P 156 -4.92 -51.52 -16.83
C VAL P 156 -4.21 -51.03 -15.57
N VAL P 157 -4.30 -51.83 -14.50
CA VAL P 157 -3.73 -51.48 -13.21
C VAL P 157 -2.47 -52.31 -13.01
N SER P 158 -1.35 -51.63 -12.73
CA SER P 158 -0.07 -52.28 -12.54
C SER P 158 0.52 -51.83 -11.22
N VAL P 159 1.20 -52.76 -10.54
CA VAL P 159 1.89 -52.49 -9.29
C VAL P 159 3.25 -53.14 -9.33
N THR P 160 4.28 -52.38 -8.98
CA THR P 160 5.65 -52.88 -8.98
C THR P 160 5.96 -53.60 -7.68
N GLN P 161 7.14 -54.21 -7.63
CA GLN P 161 7.61 -54.93 -6.45
C GLN P 161 9.06 -54.55 -6.18
N GLN P 162 9.66 -55.19 -5.17
CA GLN P 162 10.98 -54.82 -4.72
C GLN P 162 12.05 -55.18 -5.74
N GLY P 163 12.22 -56.48 -6.01
CA GLY P 163 13.31 -56.94 -6.83
C GLY P 163 12.97 -57.16 -8.29
N GLN P 164 11.68 -57.33 -8.60
CA GLN P 164 11.26 -57.60 -9.95
C GLN P 164 11.52 -56.39 -10.85
N ALA P 165 12.03 -56.66 -12.05
CA ALA P 165 12.40 -55.60 -12.98
C ALA P 165 11.25 -55.17 -13.88
N ALA P 166 10.10 -55.82 -13.80
CA ALA P 166 8.96 -55.47 -14.62
C ALA P 166 7.70 -55.43 -13.77
N PRO P 167 6.82 -54.46 -14.00
CA PRO P 167 5.55 -54.43 -13.25
C PRO P 167 4.70 -55.63 -13.59
N VAL P 168 3.90 -56.05 -12.60
CA VAL P 168 2.99 -57.17 -12.75
C VAL P 168 1.56 -56.64 -12.76
N GLN P 169 0.81 -57.00 -13.80
CA GLN P 169 -0.57 -56.56 -13.92
C GLN P 169 -1.47 -57.39 -13.02
N VAL P 170 -2.41 -56.72 -12.34
CA VAL P 170 -3.28 -57.37 -11.37
C VAL P 170 -4.75 -57.26 -11.73
N GLY P 171 -5.14 -56.36 -12.63
CA GLY P 171 -6.54 -56.24 -12.99
C GLY P 171 -6.75 -55.10 -13.95
N GLN P 172 -7.95 -55.06 -14.51
CA GLN P 172 -8.33 -54.03 -15.47
C GLN P 172 -9.58 -53.31 -14.98
N LEU P 173 -9.57 -51.99 -15.10
CA LEU P 173 -10.69 -51.15 -14.64
C LEU P 173 -11.62 -50.86 -15.81
N ASN P 174 -12.43 -51.86 -16.16
CA ASN P 174 -13.49 -51.63 -17.13
C ASN P 174 -14.54 -50.72 -16.51
N LEU P 175 -15.14 -49.87 -17.34
CA LEU P 175 -16.18 -48.97 -16.87
C LEU P 175 -17.40 -49.09 -17.76
N THR P 176 -18.55 -48.73 -17.20
CA THR P 176 -19.82 -48.90 -17.88
C THR P 176 -20.26 -47.60 -18.51
N THR P 177 -21.23 -47.71 -19.42
CA THR P 177 -21.82 -46.57 -20.09
C THR P 177 -23.31 -46.79 -20.18
N PHE P 178 -24.05 -45.69 -20.18
CA PHE P 178 -25.50 -45.73 -20.28
C PHE P 178 -25.95 -45.02 -21.55
N MET P 179 -27.06 -45.49 -22.11
CA MET P 179 -27.61 -44.84 -23.28
C MET P 179 -28.16 -43.46 -22.95
N ASN P 180 -28.66 -43.27 -21.74
CA ASN P 180 -29.19 -41.99 -21.28
C ASN P 180 -28.62 -41.69 -19.90
N ASP P 181 -27.70 -40.73 -19.83
CA ASP P 181 -27.07 -40.41 -18.56
C ASP P 181 -27.97 -39.60 -17.64
N THR P 182 -28.88 -38.81 -18.20
CA THR P 182 -29.71 -37.94 -17.37
C THR P 182 -30.74 -38.74 -16.57
N GLY P 183 -31.12 -39.92 -17.06
CA GLY P 183 -32.17 -40.67 -16.42
C GLY P 183 -31.78 -41.41 -15.16
N LEU P 184 -30.50 -41.42 -14.80
CA LEU P 184 -30.06 -42.14 -13.62
C LEU P 184 -30.58 -41.48 -12.35
N GLU P 185 -31.18 -42.28 -11.48
CA GLU P 185 -31.58 -41.80 -10.16
C GLU P 185 -30.41 -41.86 -9.21
N SER P 186 -30.26 -40.82 -8.38
CA SER P 186 -29.11 -40.68 -7.51
C SER P 186 -29.52 -40.93 -6.07
N ILE P 187 -28.89 -41.92 -5.44
CA ILE P 187 -28.98 -42.09 -4.00
C ILE P 187 -27.96 -41.16 -3.35
N GLY P 188 -28.02 -41.03 -2.04
CA GLY P 188 -27.28 -39.97 -1.37
C GLY P 188 -25.77 -40.07 -1.55
N GLU P 189 -25.20 -41.25 -1.36
CA GLU P 189 -23.75 -41.35 -1.19
C GLU P 189 -23.01 -41.23 -2.51
N ASN P 190 -23.26 -40.15 -3.25
CA ASN P 190 -22.53 -39.86 -4.50
C ASN P 190 -22.59 -41.03 -5.47
N LEU P 191 -23.75 -41.68 -5.53
CA LEU P 191 -23.94 -42.85 -6.38
C LEU P 191 -25.18 -42.66 -7.25
N TYR P 192 -25.20 -43.37 -8.37
CA TYR P 192 -26.35 -43.39 -9.27
C TYR P 192 -26.76 -44.83 -9.51
N ILE P 193 -28.06 -45.10 -9.48
CA ILE P 193 -28.61 -46.42 -9.70
C ILE P 193 -29.41 -46.40 -11.00
N GLU P 194 -29.21 -47.44 -11.82
CA GLU P 194 -29.87 -47.50 -13.11
C GLU P 194 -31.38 -47.66 -12.95
N THR P 195 -32.13 -46.97 -13.79
CA THR P 195 -33.59 -47.02 -13.80
C THR P 195 -34.06 -47.34 -15.21
N GLN P 196 -35.37 -47.50 -15.37
CA GLN P 196 -35.92 -47.76 -16.70
C GLN P 196 -35.75 -46.58 -17.63
N SER P 197 -35.65 -45.36 -17.10
CA SER P 197 -35.44 -44.19 -17.96
C SER P 197 -34.11 -44.25 -18.67
N SER P 198 -33.06 -44.71 -17.98
CA SER P 198 -31.76 -44.88 -18.59
C SER P 198 -31.67 -46.26 -19.24
N GLY P 199 -30.79 -46.38 -20.21
CA GLY P 199 -30.66 -47.63 -20.93
C GLY P 199 -30.01 -48.71 -20.11
N ALA P 200 -29.96 -49.90 -20.67
CA ALA P 200 -29.25 -51.00 -20.04
C ALA P 200 -27.76 -50.70 -20.05
N PRO P 201 -27.09 -50.75 -18.89
CA PRO P 201 -25.66 -50.44 -18.86
C PRO P 201 -24.85 -51.41 -19.69
N ASN P 202 -23.84 -50.89 -20.39
CA ASN P 202 -22.94 -51.72 -21.18
C ASN P 202 -21.51 -51.45 -20.74
N GLU P 203 -20.77 -52.52 -20.45
CA GLU P 203 -19.43 -52.43 -19.91
C GLU P 203 -18.40 -52.45 -21.04
N SER P 204 -17.35 -51.65 -20.90
CA SER P 204 -16.31 -51.61 -21.92
C SER P 204 -15.02 -51.09 -21.29
N THR P 205 -13.92 -51.35 -21.98
CA THR P 205 -12.64 -50.84 -21.57
C THR P 205 -12.55 -49.34 -21.87
N PRO P 206 -11.75 -48.60 -21.12
CA PRO P 206 -11.61 -47.17 -21.39
C PRO P 206 -11.04 -46.92 -22.78
N GLY P 207 -11.52 -45.86 -23.42
CA GLY P 207 -11.02 -45.49 -24.73
C GLY P 207 -11.62 -46.23 -25.90
N LEU P 208 -12.55 -47.15 -25.65
CA LEU P 208 -13.20 -47.90 -26.72
C LEU P 208 -14.71 -47.78 -26.58
N ASN P 209 -15.40 -47.87 -27.73
CA ASN P 209 -16.86 -47.81 -27.77
C ASN P 209 -17.38 -46.51 -27.17
N GLY P 210 -16.64 -45.42 -27.39
CA GLY P 210 -17.07 -44.12 -26.90
C GLY P 210 -16.85 -43.90 -25.42
N ALA P 211 -16.23 -44.83 -24.72
CA ALA P 211 -15.97 -44.64 -23.30
C ALA P 211 -14.82 -43.64 -23.10
N GLY P 212 -14.66 -43.19 -21.86
CA GLY P 212 -13.69 -42.19 -21.54
C GLY P 212 -12.30 -42.76 -21.30
N LEU P 213 -11.44 -41.90 -20.76
CA LEU P 213 -10.07 -42.27 -20.43
C LEU P 213 -9.80 -41.92 -18.98
N LEU P 214 -8.81 -42.61 -18.40
CA LEU P 214 -8.49 -42.48 -16.99
C LEU P 214 -7.16 -41.74 -16.82
N TYR P 215 -7.17 -40.72 -15.98
CA TYR P 215 -5.96 -40.01 -15.57
C TYR P 215 -5.70 -40.32 -14.11
N GLN P 216 -4.47 -40.74 -13.81
CA GLN P 216 -4.09 -41.05 -12.44
C GLN P 216 -3.55 -39.81 -11.76
N GLY P 217 -4.03 -39.53 -10.55
CA GLY P 217 -3.58 -38.40 -9.78
C GLY P 217 -4.53 -37.21 -9.77
N TYR P 218 -5.50 -37.18 -10.67
CA TYR P 218 -6.44 -36.07 -10.75
C TYR P 218 -7.82 -36.53 -10.34
N VAL P 219 -8.64 -35.58 -9.90
CA VAL P 219 -10.01 -35.84 -9.48
C VAL P 219 -10.92 -34.83 -10.17
N GLU P 220 -12.03 -35.31 -10.71
CA GLU P 220 -12.94 -34.44 -11.44
C GLU P 220 -13.69 -33.53 -10.49
N THR P 221 -13.74 -32.24 -10.82
CA THR P 221 -14.40 -31.25 -9.99
C THR P 221 -15.89 -31.18 -10.35
N SER P 222 -16.58 -30.18 -9.82
CA SER P 222 -18.01 -30.01 -10.04
C SER P 222 -18.26 -28.88 -11.02
N ASN P 223 -19.20 -29.11 -11.94
CA ASN P 223 -19.50 -28.12 -12.97
C ASN P 223 -20.63 -27.20 -12.55
N VAL P 224 -20.47 -26.54 -11.41
CA VAL P 224 -21.45 -25.59 -10.91
C VAL P 224 -20.95 -24.19 -11.29
N ASN P 225 -21.71 -23.50 -12.13
CA ASN P 225 -21.35 -22.16 -12.58
C ASN P 225 -21.88 -21.16 -11.57
N VAL P 226 -20.98 -20.61 -10.75
CA VAL P 226 -21.39 -19.72 -9.67
C VAL P 226 -21.98 -18.44 -10.22
N ALA P 227 -21.46 -17.96 -11.35
CA ALA P 227 -21.90 -16.69 -11.91
C ALA P 227 -23.37 -16.71 -12.31
N GLU P 228 -23.98 -17.89 -12.46
CA GLU P 228 -25.39 -17.98 -12.78
C GLU P 228 -26.26 -18.13 -11.54
N GLU P 229 -25.72 -18.72 -10.47
CA GLU P 229 -26.52 -18.97 -9.28
C GLU P 229 -26.96 -17.67 -8.63
N LEU P 230 -26.09 -16.67 -8.59
CA LEU P 230 -26.44 -15.42 -7.91
C LEU P 230 -27.56 -14.68 -8.64
N VAL P 231 -27.47 -14.58 -9.97
CA VAL P 231 -28.54 -13.92 -10.69
C VAL P 231 -29.82 -14.74 -10.64
N ASN P 232 -29.71 -16.08 -10.65
CA ASN P 232 -30.90 -16.90 -10.49
C ASN P 232 -31.58 -16.65 -9.15
N MET P 233 -30.80 -16.53 -8.07
CA MET P 233 -31.40 -16.32 -6.77
C MET P 233 -31.99 -14.92 -6.65
N ILE P 234 -31.37 -13.92 -7.28
CA ILE P 234 -31.99 -12.59 -7.33
C ILE P 234 -33.34 -12.67 -8.03
N GLN P 235 -33.38 -13.38 -9.16
CA GLN P 235 -34.62 -13.50 -9.90
C GLN P 235 -35.70 -14.20 -9.08
N VAL P 236 -35.34 -15.28 -8.38
CA VAL P 236 -36.34 -16.01 -7.62
C VAL P 236 -36.82 -15.18 -6.44
N GLN P 237 -35.93 -14.41 -5.82
CA GLN P 237 -36.36 -13.55 -4.71
C GLN P 237 -37.37 -12.51 -5.19
N ARG P 238 -37.08 -11.87 -6.33
CA ARG P 238 -38.01 -10.85 -6.83
C ARG P 238 -39.34 -11.47 -7.21
N ALA P 239 -39.32 -12.65 -7.87
CA ALA P 239 -40.56 -13.30 -8.23
C ALA P 239 -41.36 -13.70 -7.00
N TYR P 240 -40.69 -14.18 -5.95
CA TYR P 240 -41.37 -14.54 -4.72
C TYR P 240 -42.05 -13.33 -4.10
N GLU P 241 -41.35 -12.20 -4.07
CA GLU P 241 -41.94 -11.00 -3.50
C GLU P 241 -43.16 -10.56 -4.31
N ILE P 242 -43.07 -10.63 -5.65
CA ILE P 242 -44.18 -10.21 -6.49
C ILE P 242 -45.40 -11.11 -6.27
N ASN P 243 -45.18 -12.42 -6.18
CA ASN P 243 -46.30 -13.32 -5.92
C ASN P 243 -46.92 -13.08 -4.54
N SER P 244 -46.07 -12.76 -3.56
CA SER P 244 -46.61 -12.39 -2.25
C SER P 244 -47.48 -11.15 -2.33
N LYS P 245 -47.06 -10.16 -3.12
CA LYS P 245 -47.89 -8.97 -3.30
C LYS P 245 -49.21 -9.32 -3.97
N ALA P 246 -49.20 -10.24 -4.93
CA ALA P 246 -50.45 -10.68 -5.54
C ALA P 246 -51.38 -11.31 -4.52
N VAL P 247 -50.83 -12.15 -3.64
CA VAL P 247 -51.63 -12.74 -2.56
C VAL P 247 -52.23 -11.63 -1.70
N SER P 248 -51.42 -10.62 -1.36
CA SER P 248 -51.91 -9.56 -0.47
C SER P 248 -53.05 -8.79 -1.12
N THR P 249 -52.93 -8.46 -2.40
CA THR P 249 -53.99 -7.74 -3.07
C THR P 249 -55.26 -8.58 -3.17
N THR P 250 -55.12 -9.88 -3.45
CA THR P 250 -56.29 -10.74 -3.47
C THR P 250 -56.98 -10.77 -2.12
N ASP P 251 -56.19 -10.87 -1.04
CA ASP P 251 -56.78 -10.87 0.29
C ASP P 251 -57.51 -9.57 0.58
N GLN P 252 -56.91 -8.44 0.21
CA GLN P 252 -57.54 -7.16 0.47
C GLN P 252 -58.87 -7.04 -0.27
N MET P 253 -58.90 -7.43 -1.55
CA MET P 253 -60.14 -7.30 -2.30
C MET P 253 -61.20 -8.26 -1.79
N LEU P 254 -60.80 -9.46 -1.37
CA LEU P 254 -61.77 -10.39 -0.78
C LEU P 254 -62.35 -9.83 0.51
N GLN P 255 -61.50 -9.22 1.35
CA GLN P 255 -61.98 -8.60 2.58
C GLN P 255 -62.96 -7.48 2.27
N LYS P 256 -62.64 -6.64 1.27
CA LYS P 256 -63.54 -5.55 0.92
C LYS P 256 -64.88 -6.09 0.43
N LEU P 257 -64.86 -7.17 -0.34
CA LEU P 257 -66.11 -7.79 -0.77
C LEU P 257 -66.92 -8.28 0.42
N THR P 258 -66.30 -9.07 1.30
CA THR P 258 -67.07 -9.68 2.38
C THR P 258 -67.47 -8.67 3.44
N GLN P 259 -66.86 -7.48 3.47
CA GLN P 259 -67.24 -6.49 4.47
C GLN P 259 -68.65 -5.95 4.20
N LEU P 260 -69.04 -5.82 2.94
CA LEU P 260 -70.37 -5.30 2.62
C LEU P 260 -71.44 -6.31 3.01
N ILE Q 2 -62.39 -20.55 22.77
CA ILE Q 2 -61.15 -20.07 22.17
C ILE Q 2 -60.18 -21.24 22.08
N SER Q 3 -59.70 -21.53 20.86
CA SER Q 3 -58.88 -22.72 20.65
C SER Q 3 -57.48 -22.40 20.15
N SER Q 4 -57.33 -21.60 19.11
CA SER Q 4 -56.03 -21.40 18.48
C SER Q 4 -55.08 -20.55 19.31
N LEU Q 5 -55.61 -19.72 20.21
CA LEU Q 5 -54.74 -18.82 20.97
C LEU Q 5 -53.77 -19.59 21.85
N TRP Q 6 -54.23 -20.65 22.51
CA TRP Q 6 -53.35 -21.40 23.39
C TRP Q 6 -52.26 -22.11 22.60
N ILE Q 7 -52.60 -22.65 21.43
CA ILE Q 7 -51.60 -23.31 20.58
C ILE Q 7 -50.54 -22.31 20.15
N ALA Q 8 -50.97 -21.11 19.74
CA ALA Q 8 -50.01 -20.09 19.33
C ALA Q 8 -49.16 -19.65 20.51
N LYS Q 9 -49.74 -19.56 21.71
CA LYS Q 9 -48.96 -19.21 22.89
C LYS Q 9 -47.90 -20.26 23.18
N THR Q 10 -48.25 -21.54 23.06
CA THR Q 10 -47.26 -22.58 23.26
C THR Q 10 -46.14 -22.48 22.24
N GLY Q 11 -46.48 -22.18 20.99
CA GLY Q 11 -45.45 -21.97 19.99
C GLY Q 11 -44.53 -20.83 20.34
N LEU Q 12 -45.09 -19.71 20.81
CA LEU Q 12 -44.28 -18.57 21.21
C LEU Q 12 -43.36 -18.93 22.37
N ASP Q 13 -43.87 -19.67 23.35
CA ASP Q 13 -43.04 -20.06 24.48
C ASP Q 13 -41.91 -20.98 24.05
N ALA Q 14 -42.19 -21.92 23.14
CA ALA Q 14 -41.14 -22.82 22.66
C ALA Q 14 -40.04 -22.03 21.95
N GLN Q 15 -40.44 -21.10 21.08
CA GLN Q 15 -39.45 -20.30 20.38
C GLN Q 15 -38.67 -19.41 21.34
N GLN Q 16 -39.35 -18.89 22.37
CA GLN Q 16 -38.65 -18.08 23.36
C GLN Q 16 -37.61 -18.88 24.11
N THR Q 17 -37.94 -20.12 24.50
CA THR Q 17 -36.97 -20.95 25.19
C THR Q 17 -35.79 -21.29 24.28
N ASN Q 18 -36.07 -21.57 23.01
CA ASN Q 18 -34.98 -21.82 22.07
C ASN Q 18 -34.06 -20.61 21.95
N MET Q 19 -34.64 -19.41 21.84
CA MET Q 19 -33.84 -18.20 21.76
C MET Q 19 -33.04 -18.00 23.05
N ASP Q 20 -33.64 -18.34 24.19
CA ASP Q 20 -32.95 -18.20 25.47
C ASP Q 20 -31.71 -19.07 25.53
N VAL Q 21 -31.84 -20.34 25.14
CA VAL Q 21 -30.67 -21.22 25.20
C VAL Q 21 -29.63 -20.79 24.17
N ILE Q 22 -30.06 -20.30 23.01
CA ILE Q 22 -29.09 -19.82 22.02
C ILE Q 22 -28.31 -18.63 22.56
N ALA Q 23 -29.01 -17.69 23.21
CA ALA Q 23 -28.34 -16.52 23.77
C ALA Q 23 -27.40 -16.94 24.89
N ASN Q 24 -27.80 -17.91 25.71
CA ASN Q 24 -26.90 -18.38 26.76
C ASN Q 24 -25.64 -19.01 26.16
N ASN Q 25 -25.78 -19.78 25.09
CA ASN Q 25 -24.60 -20.34 24.43
C ASN Q 25 -23.71 -19.24 23.90
N LEU Q 26 -24.30 -18.22 23.28
CA LEU Q 26 -23.49 -17.15 22.70
C LEU Q 26 -22.83 -16.28 23.77
N ALA Q 27 -23.42 -16.22 24.97
CA ALA Q 27 -22.88 -15.35 26.01
C ALA Q 27 -21.51 -15.81 26.46
N ASN Q 28 -21.41 -17.04 26.96
CA ASN Q 28 -20.14 -17.56 27.47
C ASN Q 28 -19.38 -18.31 26.38
N VAL Q 29 -19.11 -17.58 25.29
CA VAL Q 29 -18.33 -18.16 24.21
C VAL Q 29 -16.84 -18.21 24.55
N SER Q 30 -16.41 -17.51 25.59
CA SER Q 30 -15.01 -17.48 25.99
C SER Q 30 -14.76 -18.15 27.32
N THR Q 31 -15.77 -18.73 27.95
CA THR Q 31 -15.59 -19.41 29.23
C THR Q 31 -14.86 -20.72 29.01
N ASN Q 32 -13.80 -20.95 29.78
CA ASN Q 32 -13.01 -22.17 29.62
C ASN Q 32 -13.79 -23.37 30.13
N GLY Q 33 -13.68 -24.47 29.38
CA GLY Q 33 -14.32 -25.71 29.79
C GLY Q 33 -15.83 -25.65 29.84
N PHE Q 34 -16.44 -25.05 28.84
CA PHE Q 34 -17.90 -24.95 28.76
C PHE Q 34 -18.42 -25.85 27.64
N LYS Q 35 -19.60 -26.42 27.85
CA LYS Q 35 -20.22 -27.31 26.89
C LYS Q 35 -21.56 -26.73 26.47
N ARG Q 36 -21.80 -26.66 25.16
CA ARG Q 36 -23.01 -26.04 24.66
C ARG Q 36 -24.23 -26.92 24.92
N GLN Q 37 -25.39 -26.29 24.91
CA GLN Q 37 -26.66 -26.95 25.17
C GLN Q 37 -27.58 -26.79 23.97
N ARG Q 38 -28.40 -27.82 23.75
CA ARG Q 38 -29.46 -27.76 22.75
C ARG Q 38 -30.73 -28.31 23.34
N ALA Q 39 -31.84 -27.64 23.07
CA ALA Q 39 -33.13 -28.03 23.60
C ALA Q 39 -33.87 -28.92 22.61
N VAL Q 40 -34.70 -29.82 23.15
CA VAL Q 40 -35.51 -30.72 22.36
C VAL Q 40 -36.97 -30.38 22.60
N PHE Q 41 -37.71 -30.15 21.53
CA PHE Q 41 -39.13 -29.86 21.62
C PHE Q 41 -39.94 -31.11 21.31
N GLU Q 42 -41.20 -31.09 21.74
CA GLU Q 42 -42.04 -32.27 21.61
C GLU Q 42 -43.50 -31.85 21.70
N ASP Q 43 -44.34 -32.51 20.91
CA ASP Q 43 -45.74 -32.14 20.78
C ASP Q 43 -46.53 -32.57 22.01
N LEU Q 44 -47.65 -31.88 22.24
CA LEU Q 44 -48.52 -32.15 23.38
C LEU Q 44 -49.45 -33.32 23.05
N LEU Q 45 -50.48 -33.49 23.87
CA LEU Q 45 -51.45 -34.57 23.66
C LEU Q 45 -52.38 -34.26 22.51
N TYR Q 46 -52.79 -35.30 21.79
CA TYR Q 46 -53.78 -35.19 20.73
C TYR Q 46 -55.15 -35.57 21.25
N GLN Q 47 -56.18 -34.92 20.72
CA GLN Q 47 -57.56 -35.23 21.08
C GLN Q 47 -58.25 -35.86 19.89
N THR Q 48 -58.94 -36.98 20.12
CA THR Q 48 -59.57 -37.73 19.05
C THR Q 48 -61.04 -37.36 18.93
N ILE Q 49 -61.53 -37.32 17.70
CA ILE Q 49 -62.95 -37.10 17.42
C ILE Q 49 -63.48 -38.37 16.77
N ARG Q 50 -64.46 -38.99 17.41
CA ARG Q 50 -64.92 -40.30 16.95
C ARG Q 50 -65.94 -40.14 15.83
N GLN Q 51 -65.76 -40.93 14.76
CA GLN Q 51 -66.71 -40.97 13.66
C GLN Q 51 -67.70 -42.09 13.91
N PRO Q 52 -69.00 -41.91 13.62
CA PRO Q 52 -70.01 -42.95 13.83
C PRO Q 52 -69.89 -44.08 12.83
N GLY Q 65 -60.67 -42.57 13.44
CA GLY Q 65 -61.13 -41.19 13.49
C GLY Q 65 -60.03 -40.18 13.24
N LEU Q 66 -60.32 -38.91 13.47
CA LEU Q 66 -59.37 -37.83 13.29
C LEU Q 66 -58.82 -37.39 14.63
N GLN Q 67 -57.64 -36.78 14.59
CA GLN Q 67 -56.95 -36.31 15.80
C GLN Q 67 -56.55 -34.85 15.60
N ILE Q 68 -56.72 -34.07 16.66
CA ILE Q 68 -56.43 -32.64 16.64
C ILE Q 68 -55.29 -32.37 17.62
N GLY Q 69 -54.35 -31.52 17.20
CA GLY Q 69 -53.20 -31.19 18.00
C GLY Q 69 -53.50 -30.16 19.07
N THR Q 70 -52.49 -29.90 19.90
CA THR Q 70 -52.63 -28.96 21.00
C THR Q 70 -51.45 -28.00 21.19
N GLY Q 71 -50.26 -28.32 20.70
CA GLY Q 71 -49.14 -27.40 20.80
C GLY Q 71 -47.84 -28.16 20.97
N VAL Q 72 -46.79 -27.40 21.29
CA VAL Q 72 -45.45 -27.93 21.47
C VAL Q 72 -44.88 -27.42 22.79
N ARG Q 73 -44.04 -28.22 23.42
CA ARG Q 73 -43.40 -27.85 24.67
C ARG Q 73 -41.99 -28.41 24.71
N PRO Q 74 -41.08 -27.77 25.41
CA PRO Q 74 -39.75 -28.36 25.61
C PRO Q 74 -39.84 -29.57 26.52
N VAL Q 75 -38.98 -30.56 26.24
CA VAL Q 75 -38.94 -31.80 26.99
C VAL Q 75 -37.61 -32.00 27.71
N ALA Q 76 -36.50 -31.62 27.10
CA ALA Q 76 -35.20 -31.79 27.71
C ALA Q 76 -34.20 -30.84 27.06
N THR Q 77 -33.05 -30.70 27.71
CA THR Q 77 -31.93 -29.91 27.19
C THR Q 77 -30.66 -30.70 27.40
N GLU Q 78 -29.98 -31.02 26.30
CA GLU Q 78 -28.81 -31.90 26.34
C GLU Q 78 -27.56 -31.09 26.05
N ARG Q 79 -26.48 -31.41 26.77
CA ARG Q 79 -25.19 -30.78 26.57
C ARG Q 79 -24.33 -31.64 25.66
N LEU Q 80 -23.56 -31.01 24.78
CA LEU Q 80 -22.64 -31.72 23.90
C LEU Q 80 -21.30 -31.84 24.60
N HIS Q 81 -21.02 -33.02 25.16
CA HIS Q 81 -19.76 -33.25 25.86
C HIS Q 81 -18.68 -33.72 24.88
N SER Q 82 -18.36 -32.85 23.94
CA SER Q 82 -17.33 -33.11 22.95
C SER Q 82 -15.98 -32.64 23.50
N GLN Q 83 -14.97 -32.61 22.64
CA GLN Q 83 -13.63 -32.19 23.01
C GLN Q 83 -13.41 -30.77 22.53
N GLY Q 84 -13.03 -29.88 23.45
CA GLY Q 84 -12.79 -28.50 23.09
C GLY Q 84 -11.36 -28.24 22.68
N ASN Q 85 -11.17 -27.17 21.92
CA ASN Q 85 -9.84 -26.78 21.48
C ASN Q 85 -9.03 -26.24 22.65
N LEU Q 86 -7.71 -26.42 22.57
CA LEU Q 86 -6.80 -25.98 23.62
C LEU Q 86 -6.13 -24.68 23.20
N SER Q 87 -5.97 -23.77 24.16
CA SER Q 87 -5.29 -22.51 23.95
C SER Q 87 -4.16 -22.37 24.96
N GLN Q 88 -2.97 -22.02 24.49
CA GLN Q 88 -1.81 -21.93 25.36
C GLN Q 88 -1.96 -20.77 26.34
N THR Q 89 -1.43 -20.96 27.56
CA THR Q 89 -1.50 -19.94 28.59
C THR Q 89 -0.16 -19.58 29.20
N ASN Q 90 0.89 -20.38 29.02
CA ASN Q 90 2.21 -20.21 29.61
C ASN Q 90 2.20 -20.32 31.13
N ASN Q 91 1.05 -20.61 31.75
CA ASN Q 91 0.97 -20.71 33.19
C ASN Q 91 1.18 -22.16 33.60
N SER Q 92 2.14 -22.39 34.50
CA SER Q 92 2.52 -23.75 34.86
C SER Q 92 1.47 -24.47 35.69
N LYS Q 93 0.43 -23.77 36.15
CA LYS Q 93 -0.59 -24.38 36.98
C LYS Q 93 -1.91 -24.61 36.25
N ASP Q 94 -2.03 -24.19 34.99
CA ASP Q 94 -3.23 -24.48 34.22
C ASP Q 94 -3.15 -25.88 33.62
N VAL Q 95 -4.18 -26.68 33.84
CA VAL Q 95 -4.22 -28.06 33.40
C VAL Q 95 -5.44 -28.27 32.52
N ALA Q 96 -5.23 -28.76 31.31
CA ALA Q 96 -6.31 -29.11 30.39
C ALA Q 96 -6.36 -30.62 30.22
N ILE Q 97 -7.53 -31.19 30.41
CA ILE Q 97 -7.73 -32.62 30.31
C ILE Q 97 -8.08 -32.98 28.88
N LYS Q 98 -7.53 -34.09 28.40
CA LYS Q 98 -7.75 -34.55 27.03
C LYS Q 98 -8.39 -35.93 27.05
N GLY Q 99 -9.64 -36.01 26.63
CA GLY Q 99 -10.35 -37.28 26.63
C GLY Q 99 -11.63 -37.24 27.43
N GLN Q 100 -11.68 -38.03 28.50
CA GLN Q 100 -12.85 -38.12 29.35
C GLN Q 100 -12.46 -37.87 30.79
N GLY Q 101 -13.39 -37.30 31.57
CA GLY Q 101 -13.16 -37.16 32.99
C GLY Q 101 -13.40 -35.78 33.55
N PHE Q 102 -13.58 -35.70 34.88
CA PHE Q 102 -13.81 -34.45 35.57
C PHE Q 102 -12.94 -34.42 36.82
N PHE Q 103 -12.50 -33.23 37.21
CA PHE Q 103 -11.82 -33.06 38.48
C PHE Q 103 -12.84 -32.97 39.60
N GLN Q 104 -12.49 -33.53 40.76
CA GLN Q 104 -13.37 -33.53 41.92
C GLN Q 104 -12.98 -32.38 42.84
N VAL Q 105 -13.93 -31.49 43.11
CA VAL Q 105 -13.70 -30.28 43.87
C VAL Q 105 -14.71 -30.21 45.01
N MET Q 106 -14.24 -29.96 46.23
CA MET Q 106 -15.10 -30.02 47.41
C MET Q 106 -15.66 -28.64 47.73
N LEU Q 107 -16.98 -28.55 47.81
CA LEU Q 107 -17.65 -27.31 48.18
C LEU Q 107 -17.58 -27.07 49.69
N PRO Q 108 -17.80 -25.84 50.14
CA PRO Q 108 -17.91 -25.59 51.58
C PRO Q 108 -19.02 -26.39 52.25
N ASP Q 109 -20.10 -26.69 51.52
CA ASP Q 109 -21.17 -27.51 52.09
C ASP Q 109 -20.73 -28.93 52.34
N GLY Q 110 -19.58 -29.35 51.80
CA GLY Q 110 -19.05 -30.68 51.95
C GLY Q 110 -19.28 -31.58 50.76
N THR Q 111 -20.25 -31.25 49.91
CA THR Q 111 -20.51 -32.05 48.72
C THR Q 111 -19.37 -31.91 47.72
N SER Q 112 -19.07 -33.00 47.04
CA SER Q 112 -18.00 -33.04 46.06
C SER Q 112 -18.59 -32.83 44.67
N ALA Q 113 -18.47 -31.61 44.16
CA ALA Q 113 -18.87 -31.32 42.79
C ALA Q 113 -17.75 -31.73 41.84
N TYR Q 114 -18.08 -31.76 40.55
CA TYR Q 114 -17.13 -32.19 39.54
C TYR Q 114 -17.08 -31.15 38.42
N THR Q 115 -15.88 -30.71 38.08
CA THR Q 115 -15.68 -29.64 37.13
C THR Q 115 -14.81 -30.12 35.98
N ARG Q 116 -14.79 -29.32 34.92
CA ARG Q 116 -14.01 -29.63 33.73
C ARG Q 116 -12.94 -28.58 33.44
N ASP Q 117 -13.18 -27.32 33.79
CA ASP Q 117 -12.25 -26.25 33.51
C ASP Q 117 -11.05 -26.33 34.45
N GLY Q 118 -9.85 -26.38 33.88
CA GLY Q 118 -8.65 -26.41 34.68
C GLY Q 118 -7.92 -25.08 34.72
N SER Q 119 -8.07 -24.35 35.82
CA SER Q 119 -7.32 -23.11 36.04
C SER Q 119 -7.11 -23.02 37.55
N PHE Q 120 -5.97 -23.51 38.01
CA PHE Q 120 -5.73 -23.73 39.44
C PHE Q 120 -4.73 -22.71 39.97
N GLN Q 121 -4.96 -22.27 41.20
CA GLN Q 121 -4.08 -21.36 41.89
C GLN Q 121 -3.76 -21.94 43.26
N VAL Q 122 -2.84 -21.29 43.96
CA VAL Q 122 -2.38 -21.75 45.27
C VAL Q 122 -2.75 -20.71 46.30
N ASP Q 123 -3.41 -21.14 47.38
CA ASP Q 123 -3.81 -20.24 48.44
C ASP Q 123 -2.67 -20.08 49.44
N GLN Q 124 -2.95 -19.45 50.58
CA GLN Q 124 -1.89 -19.13 51.54
C GLN Q 124 -1.29 -20.38 52.16
N ASN Q 125 -2.11 -21.42 52.38
CA ASN Q 125 -1.63 -22.62 53.04
C ASN Q 125 -0.98 -23.60 52.08
N GLY Q 126 -0.76 -23.21 50.82
CA GLY Q 126 -0.09 -24.06 49.87
C GLY Q 126 -0.96 -25.09 49.19
N GLN Q 127 -2.25 -25.14 49.51
CA GLN Q 127 -3.14 -26.09 48.86
C GLN Q 127 -3.44 -25.66 47.43
N LEU Q 128 -3.79 -26.64 46.59
CA LEU Q 128 -4.10 -26.39 45.20
C LEU Q 128 -5.61 -26.20 45.06
N VAL Q 129 -6.04 -24.99 44.77
CA VAL Q 129 -7.46 -24.65 44.71
C VAL Q 129 -7.78 -24.00 43.38
N THR Q 130 -9.03 -24.13 42.96
CA THR Q 130 -9.49 -23.47 41.75
C THR Q 130 -9.86 -22.02 42.04
N ALA Q 131 -10.08 -21.26 40.97
CA ALA Q 131 -10.44 -19.85 41.12
C ALA Q 131 -11.81 -19.74 41.76
N GLY Q 132 -11.84 -19.33 43.03
CA GLY Q 132 -13.07 -19.30 43.79
C GLY Q 132 -12.85 -19.80 45.20
N GLY Q 133 -11.69 -20.42 45.43
CA GLY Q 133 -11.31 -20.90 46.74
C GLY Q 133 -11.61 -22.36 47.00
N PHE Q 134 -12.44 -22.98 46.16
CA PHE Q 134 -12.76 -24.38 46.34
C PHE Q 134 -11.54 -25.24 46.07
N GLN Q 135 -11.35 -26.27 46.89
CA GLN Q 135 -10.14 -27.07 46.85
C GLN Q 135 -10.38 -28.44 46.24
N VAL Q 136 -9.35 -28.93 45.55
CA VAL Q 136 -9.44 -30.24 44.89
C VAL Q 136 -9.42 -31.33 45.93
N GLN Q 137 -10.19 -32.41 45.68
CA GLN Q 137 -10.41 -33.44 46.69
C GLN Q 137 -9.15 -34.19 47.10
N PRO Q 138 -8.27 -34.66 46.18
CA PRO Q 138 -7.08 -35.40 46.64
C PRO Q 138 -6.14 -34.58 47.51
N ALA Q 139 -6.44 -33.29 47.69
CA ALA Q 139 -5.75 -32.42 48.63
C ALA Q 139 -4.26 -32.32 48.31
N ILE Q 140 -3.97 -31.81 47.13
CA ILE Q 140 -2.59 -31.58 46.72
C ILE Q 140 -2.05 -30.38 47.48
N THR Q 141 -0.87 -30.54 48.08
CA THR Q 141 -0.22 -29.48 48.84
C THR Q 141 1.14 -29.17 48.24
N ILE Q 142 1.46 -27.88 48.16
CA ILE Q 142 2.69 -27.40 47.57
C ILE Q 142 3.52 -26.74 48.67
N PRO Q 143 4.75 -27.18 48.91
CA PRO Q 143 5.57 -26.54 49.95
C PRO Q 143 6.05 -25.18 49.49
N ALA Q 144 6.61 -24.43 50.45
CA ALA Q 144 7.13 -23.11 50.16
C ALA Q 144 8.40 -23.22 49.32
N ASN Q 145 8.94 -22.05 48.95
CA ASN Q 145 10.18 -21.93 48.18
C ASN Q 145 10.22 -22.90 46.99
N ALA Q 146 9.06 -23.15 46.39
CA ALA Q 146 9.00 -24.04 45.24
C ALA Q 146 9.56 -23.32 44.02
N LEU Q 147 10.49 -23.97 43.33
CA LEU Q 147 11.05 -23.39 42.11
C LEU Q 147 10.12 -23.61 40.92
N SER Q 148 9.85 -24.86 40.59
CA SER Q 148 8.98 -25.19 39.47
C SER Q 148 8.15 -26.41 39.82
N ILE Q 149 6.86 -26.34 39.50
CA ILE Q 149 5.92 -27.43 39.73
C ILE Q 149 5.50 -27.98 38.37
N THR Q 150 5.67 -29.29 38.20
CA THR Q 150 5.36 -29.95 36.94
C THR Q 150 4.34 -31.05 37.16
N ILE Q 151 3.31 -31.07 36.33
CA ILE Q 151 2.24 -32.04 36.41
C ILE Q 151 2.36 -32.96 35.21
N GLY Q 152 2.66 -34.22 35.46
CA GLY Q 152 2.84 -35.16 34.38
C GLY Q 152 1.53 -35.59 33.75
N ARG Q 153 1.65 -36.15 32.55
CA ARG Q 153 0.47 -36.64 31.84
C ARG Q 153 -0.18 -37.81 32.57
N ASP Q 154 0.60 -38.57 33.34
CA ASP Q 154 0.03 -39.68 34.09
C ASP Q 154 -0.90 -39.18 35.18
N GLY Q 155 -0.56 -38.06 35.82
CA GLY Q 155 -1.37 -37.51 36.87
C GLY Q 155 -0.60 -37.06 38.09
N VAL Q 156 0.67 -37.43 38.19
CA VAL Q 156 1.48 -37.05 39.33
C VAL Q 156 1.87 -35.59 39.23
N VAL Q 157 2.22 -35.01 40.37
CA VAL Q 157 2.69 -33.63 40.44
C VAL Q 157 3.98 -33.61 41.24
N SER Q 158 5.00 -32.92 40.73
CA SER Q 158 6.30 -32.86 41.35
C SER Q 158 6.74 -31.42 41.51
N VAL Q 159 7.55 -31.18 42.54
CA VAL Q 159 8.04 -29.85 42.89
C VAL Q 159 9.56 -29.91 42.92
N THR Q 160 10.21 -28.92 42.31
CA THR Q 160 11.66 -28.83 42.29
C THR Q 160 12.13 -27.81 43.32
N GLN Q 161 13.11 -28.20 44.13
CA GLN Q 161 13.65 -27.34 45.17
C GLN Q 161 15.13 -27.11 44.94
N GLN Q 162 15.60 -25.93 45.36
CA GLN Q 162 17.00 -25.58 45.21
C GLN Q 162 17.86 -26.40 46.17
N GLY Q 163 18.93 -26.99 45.65
CA GLY Q 163 19.85 -27.74 46.48
C GLY Q 163 19.90 -29.22 46.16
N GLN Q 164 18.75 -29.82 45.88
CA GLN Q 164 18.65 -31.22 45.58
C GLN Q 164 18.18 -31.44 44.15
N ALA Q 165 18.67 -32.51 43.54
CA ALA Q 165 18.39 -32.80 42.13
C ALA Q 165 17.10 -33.59 41.96
N ALA Q 166 16.90 -34.62 42.78
CA ALA Q 166 15.73 -35.47 42.62
C ALA Q 166 14.47 -34.70 42.98
N PRO Q 167 13.48 -34.65 42.09
CA PRO Q 167 12.22 -33.99 42.44
C PRO Q 167 11.48 -34.73 43.54
N VAL Q 168 10.72 -33.97 44.32
CA VAL Q 168 9.95 -34.52 45.44
C VAL Q 168 8.49 -34.60 45.03
N GLN Q 169 7.89 -35.78 45.21
CA GLN Q 169 6.49 -35.95 44.92
C GLN Q 169 5.65 -35.39 46.06
N VAL Q 170 4.60 -34.64 45.73
CA VAL Q 170 3.77 -33.99 46.73
C VAL Q 170 2.35 -34.53 46.78
N GLY Q 171 1.85 -35.13 45.71
CA GLY Q 171 0.50 -35.65 45.72
C GLY Q 171 0.17 -36.35 44.42
N GLN Q 172 -1.01 -36.96 44.40
CA GLN Q 172 -1.54 -37.65 43.24
C GLN Q 172 -2.86 -37.02 42.83
N LEU Q 173 -3.05 -36.85 41.53
CA LEU Q 173 -4.23 -36.18 41.00
C LEU Q 173 -5.04 -37.18 40.19
N ASN Q 174 -5.95 -37.87 40.88
CA ASN Q 174 -6.89 -38.75 40.21
C ASN Q 174 -8.04 -37.93 39.62
N LEU Q 175 -8.85 -38.57 38.78
CA LEU Q 175 -10.02 -37.91 38.24
C LEU Q 175 -11.15 -38.92 38.09
N THR Q 176 -12.38 -38.41 38.06
CA THR Q 176 -13.57 -39.23 38.09
C THR Q 176 -14.17 -39.33 36.70
N THR Q 177 -14.83 -40.46 36.46
CA THR Q 177 -15.57 -40.69 35.22
C THR Q 177 -17.00 -41.08 35.58
N PHE Q 178 -17.94 -40.66 34.74
CA PHE Q 178 -19.36 -40.96 34.92
C PHE Q 178 -19.84 -41.84 33.77
N MET Q 179 -20.84 -42.67 34.05
CA MET Q 179 -21.42 -43.49 33.00
C MET Q 179 -22.28 -42.65 32.06
N ASN Q 180 -22.89 -41.59 32.56
CA ASN Q 180 -23.72 -40.68 31.75
C ASN Q 180 -23.47 -39.26 32.26
N ASP Q 181 -22.55 -38.55 31.61
CA ASP Q 181 -22.21 -37.21 32.05
C ASP Q 181 -23.28 -36.18 31.69
N THR Q 182 -24.19 -36.51 30.78
CA THR Q 182 -25.24 -35.56 30.42
C THR Q 182 -26.16 -35.29 31.60
N GLY Q 183 -26.46 -36.31 32.39
CA GLY Q 183 -27.40 -36.17 33.49
C GLY Q 183 -26.86 -35.39 34.68
N LEU Q 184 -25.57 -35.07 34.69
CA LEU Q 184 -25.01 -34.26 35.77
C LEU Q 184 -25.69 -32.91 35.80
N GLU Q 185 -26.07 -32.46 37.00
CA GLU Q 185 -26.79 -31.20 37.14
C GLU Q 185 -25.79 -30.07 37.27
N SER Q 186 -25.92 -29.06 36.40
CA SER Q 186 -24.95 -27.98 36.35
C SER Q 186 -25.39 -26.86 37.29
N ILE Q 187 -24.71 -26.74 38.42
CA ILE Q 187 -24.89 -25.57 39.28
C ILE Q 187 -23.99 -24.48 38.71
N GLY Q 188 -24.11 -23.27 39.22
CA GLY Q 188 -23.31 -22.17 38.74
C GLY Q 188 -21.82 -22.35 38.94
N GLU Q 189 -21.05 -21.32 38.59
CA GLU Q 189 -19.59 -21.28 38.73
C GLU Q 189 -18.92 -22.57 38.26
N ASN Q 190 -19.35 -23.05 37.09
CA ASN Q 190 -18.69 -24.16 36.40
C ASN Q 190 -18.52 -25.38 37.30
N LEU Q 191 -19.63 -25.87 37.82
CA LEU Q 191 -19.63 -27.06 38.65
C LEU Q 191 -20.79 -27.96 38.24
N TYR Q 192 -20.52 -29.25 38.13
CA TYR Q 192 -21.55 -30.25 37.87
C TYR Q 192 -21.62 -31.18 39.07
N ILE Q 193 -22.82 -31.39 39.59
CA ILE Q 193 -23.04 -32.27 40.73
C ILE Q 193 -23.70 -33.55 40.23
N GLU Q 194 -23.41 -34.65 40.92
CA GLU Q 194 -23.89 -35.95 40.51
C GLU Q 194 -25.33 -36.14 40.94
N THR Q 195 -26.15 -36.67 40.03
CA THR Q 195 -27.57 -36.90 40.27
C THR Q 195 -27.89 -38.37 40.07
N GLN Q 196 -29.16 -38.72 40.28
CA GLN Q 196 -29.58 -40.10 40.10
C GLN Q 196 -29.62 -40.51 38.64
N SER Q 197 -29.82 -39.55 37.73
CA SER Q 197 -29.80 -39.86 36.30
C SER Q 197 -28.41 -40.19 35.79
N SER Q 198 -27.37 -39.92 36.56
CA SER Q 198 -26.01 -40.25 36.21
C SER Q 198 -25.50 -41.34 37.13
N GLY Q 199 -24.68 -42.22 36.58
CA GLY Q 199 -24.11 -43.28 37.37
C GLY Q 199 -23.17 -42.75 38.43
N ALA Q 200 -22.90 -43.60 39.41
CA ALA Q 200 -22.00 -43.22 40.50
C ALA Q 200 -20.61 -42.94 39.94
N PRO Q 201 -19.99 -41.81 40.28
CA PRO Q 201 -18.67 -41.51 39.74
C PRO Q 201 -17.64 -42.55 40.19
N ASN Q 202 -16.74 -42.90 39.28
CA ASN Q 202 -15.65 -43.82 39.58
C ASN Q 202 -14.33 -43.08 39.44
N GLU Q 203 -13.48 -43.16 40.46
CA GLU Q 203 -12.21 -42.45 40.49
C GLU Q 203 -11.12 -43.33 39.90
N SER Q 204 -10.26 -42.73 39.08
CA SER Q 204 -9.20 -43.48 38.43
C SER Q 204 -8.03 -42.57 38.12
N THR Q 205 -6.87 -43.19 37.93
CA THR Q 205 -5.70 -42.47 37.48
C THR Q 205 -5.88 -42.04 36.03
N PRO Q 206 -5.37 -40.88 35.64
CA PRO Q 206 -5.50 -40.45 34.25
C PRO Q 206 -4.81 -41.42 33.30
N GLY Q 207 -5.41 -41.61 32.14
CA GLY Q 207 -4.86 -42.47 31.12
C GLY Q 207 -5.14 -43.94 31.28
N LEU Q 208 -5.85 -44.34 32.33
CA LEU Q 208 -6.18 -45.74 32.58
C LEU Q 208 -7.69 -45.91 32.67
N ASN Q 209 -8.16 -47.07 32.20
CA ASN Q 209 -9.57 -47.44 32.28
C ASN Q 209 -10.46 -46.39 31.60
N GLY Q 210 -9.99 -45.87 30.46
CA GLY Q 210 -10.75 -44.92 29.70
C GLY Q 210 -10.65 -43.48 30.16
N ALA Q 211 -9.90 -43.21 31.22
CA ALA Q 211 -9.69 -41.84 31.65
C ALA Q 211 -8.74 -41.13 30.69
N GLY Q 212 -8.84 -39.81 30.64
CA GLY Q 212 -8.06 -39.00 29.73
C GLY Q 212 -6.68 -38.70 30.27
N LEU Q 213 -5.98 -37.82 29.56
CA LEU Q 213 -4.64 -37.38 29.92
C LEU Q 213 -4.70 -35.90 30.31
N LEU Q 214 -3.61 -35.43 30.93
CA LEU Q 214 -3.52 -34.06 31.40
C LEU Q 214 -2.36 -33.36 30.70
N TYR Q 215 -2.62 -32.16 30.20
CA TYR Q 215 -1.58 -31.30 29.65
C TYR Q 215 -1.39 -30.11 30.57
N GLN Q 216 -0.14 -29.70 30.76
CA GLN Q 216 0.18 -28.58 31.63
C GLN Q 216 0.39 -27.33 30.79
N GLY Q 217 -0.24 -26.23 31.20
CA GLY Q 217 -0.09 -24.96 30.51
C GLY Q 217 -1.19 -24.62 29.53
N TYR Q 218 -2.24 -25.43 29.45
CA TYR Q 218 -3.32 -25.20 28.51
C TYR Q 218 -4.65 -25.25 29.24
N VAL Q 219 -5.65 -24.61 28.63
CA VAL Q 219 -7.02 -24.64 29.13
C VAL Q 219 -7.92 -25.06 27.97
N GLU Q 220 -9.05 -25.68 28.31
CA GLU Q 220 -9.97 -26.19 27.31
C GLU Q 220 -11.03 -25.15 27.02
N THR Q 221 -11.10 -24.71 25.77
CA THR Q 221 -12.07 -23.70 25.39
C THR Q 221 -13.45 -24.32 25.16
N SER Q 222 -14.45 -23.46 25.13
CA SER Q 222 -15.82 -23.92 24.93
C SER Q 222 -16.04 -24.34 23.49
N ASN Q 223 -16.94 -25.30 23.30
CA ASN Q 223 -17.29 -25.80 21.97
C ASN Q 223 -18.61 -25.15 21.56
N VAL Q 224 -18.50 -23.94 21.03
CA VAL Q 224 -19.65 -23.19 20.54
C VAL Q 224 -19.42 -22.91 19.05
N ASN Q 225 -20.43 -23.21 18.23
CA ASN Q 225 -20.34 -23.08 16.79
C ASN Q 225 -21.20 -21.88 16.37
N VAL Q 226 -20.56 -20.70 16.30
CA VAL Q 226 -21.29 -19.49 15.97
C VAL Q 226 -21.88 -19.56 14.57
N ALA Q 227 -21.24 -20.31 13.68
CA ALA Q 227 -21.74 -20.44 12.31
C ALA Q 227 -23.11 -21.10 12.28
N GLU Q 228 -23.44 -21.91 13.29
CA GLU Q 228 -24.79 -22.45 13.40
C GLU Q 228 -25.65 -21.69 14.39
N GLU Q 229 -25.06 -21.00 15.36
CA GLU Q 229 -25.85 -20.16 16.25
C GLU Q 229 -26.52 -19.04 15.48
N LEU Q 230 -25.83 -18.47 14.49
CA LEU Q 230 -26.44 -17.42 13.67
C LEU Q 230 -27.65 -17.93 12.91
N VAL Q 231 -27.53 -19.11 12.31
CA VAL Q 231 -28.64 -19.68 11.56
C VAL Q 231 -29.79 -20.00 12.50
N ASN Q 232 -29.49 -20.51 13.70
CA ASN Q 232 -30.55 -20.79 14.67
C ASN Q 232 -31.25 -19.50 15.08
N MET Q 233 -30.51 -18.41 15.25
CA MET Q 233 -31.14 -17.14 15.59
C MET Q 233 -32.07 -16.67 14.48
N ILE Q 234 -31.64 -16.79 13.23
CA ILE Q 234 -32.49 -16.39 12.11
C ILE Q 234 -33.77 -17.22 12.10
N GLN Q 235 -33.64 -18.54 12.26
CA GLN Q 235 -34.81 -19.41 12.26
C GLN Q 235 -35.74 -19.07 13.41
N VAL Q 236 -35.18 -18.81 14.59
CA VAL Q 236 -36.01 -18.49 15.74
C VAL Q 236 -36.79 -17.21 15.51
N GLN Q 237 -36.12 -16.18 14.99
CA GLN Q 237 -36.81 -14.92 14.73
C GLN Q 237 -37.93 -15.09 13.73
N ARG Q 238 -37.66 -15.81 12.64
CA ARG Q 238 -38.71 -16.00 11.64
C ARG Q 238 -39.87 -16.83 12.18
N ALA Q 239 -39.57 -17.88 12.95
CA ALA Q 239 -40.63 -18.70 13.52
C ALA Q 239 -41.50 -17.89 14.47
N TYR Q 240 -40.88 -17.06 15.30
CA TYR Q 240 -41.65 -16.21 16.20
C TYR Q 240 -42.54 -15.25 15.42
N GLU Q 241 -41.99 -14.63 14.39
CA GLU Q 241 -42.78 -13.68 13.61
C GLU Q 241 -43.95 -14.37 12.93
N ILE Q 242 -43.74 -15.59 12.43
CA ILE Q 242 -44.83 -16.32 11.79
C ILE Q 242 -45.89 -16.73 12.81
N ASN Q 243 -45.46 -17.18 13.99
CA ASN Q 243 -46.43 -17.58 15.02
C ASN Q 243 -47.25 -16.38 15.50
N SER Q 244 -46.70 -15.18 15.40
CA SER Q 244 -47.49 -14.00 15.75
C SER Q 244 -48.68 -13.84 14.82
N LYS Q 245 -48.52 -14.22 13.55
CA LYS Q 245 -49.63 -14.09 12.60
C LYS Q 245 -50.81 -14.97 12.99
N ALA Q 246 -50.55 -16.13 13.59
CA ALA Q 246 -51.65 -16.98 14.02
C ALA Q 246 -52.48 -16.28 15.09
N VAL Q 247 -51.82 -15.63 16.05
CA VAL Q 247 -52.54 -14.89 17.08
C VAL Q 247 -53.34 -13.75 16.45
N SER Q 248 -52.71 -13.03 15.52
CA SER Q 248 -53.40 -11.91 14.89
C SER Q 248 -54.66 -12.37 14.15
N THR Q 249 -54.54 -13.44 13.37
CA THR Q 249 -55.67 -13.94 12.60
C THR Q 249 -56.77 -14.48 13.52
N THR Q 250 -56.39 -15.20 14.58
CA THR Q 250 -57.39 -15.70 15.52
C THR Q 250 -58.12 -14.54 16.18
N ASP Q 251 -57.39 -13.51 16.59
CA ASP Q 251 -58.03 -12.36 17.20
C ASP Q 251 -59.01 -11.69 16.24
N GLN Q 252 -58.60 -11.50 14.99
CA GLN Q 252 -59.48 -10.84 14.03
C GLN Q 252 -60.73 -11.66 13.75
N MET Q 253 -60.58 -12.97 13.57
CA MET Q 253 -61.75 -13.79 13.27
C MET Q 253 -62.68 -13.89 14.47
N LEU Q 254 -62.12 -13.94 15.68
CA LEU Q 254 -62.98 -13.96 16.87
C LEU Q 254 -63.72 -12.65 17.05
N GLN Q 255 -63.06 -11.53 16.76
CA GLN Q 255 -63.74 -10.24 16.81
C GLN Q 255 -64.87 -10.19 15.79
N LYS Q 256 -64.61 -10.69 14.58
CA LYS Q 256 -65.67 -10.71 13.58
C LYS Q 256 -66.84 -11.60 14.02
N LEU Q 257 -66.54 -12.72 14.65
CA LEU Q 257 -67.61 -13.58 15.17
C LEU Q 257 -68.44 -12.85 16.21
N THR Q 258 -67.78 -12.23 17.19
CA THR Q 258 -68.54 -11.58 18.25
C THR Q 258 -69.22 -10.29 17.81
N GLN Q 259 -68.83 -9.74 16.65
CA GLN Q 259 -69.51 -8.55 16.15
C GLN Q 259 -70.98 -8.81 15.88
N LEU Q 260 -71.30 -9.96 15.28
CA LEU Q 260 -72.67 -10.26 14.89
C LEU Q 260 -73.56 -10.43 16.12
N ILE R 2 -61.70 2.10 34.29
CA ILE R 2 -61.68 2.66 35.63
C ILE R 2 -60.87 1.77 36.55
N SER R 3 -60.45 0.61 36.03
CA SER R 3 -59.73 -0.37 36.81
C SER R 3 -58.28 -0.54 36.36
N SER R 4 -58.05 -0.79 35.09
CA SER R 4 -56.68 -0.95 34.61
C SER R 4 -56.09 0.35 34.09
N LEU R 5 -56.92 1.38 33.85
CA LEU R 5 -56.42 2.63 33.31
C LEU R 5 -55.38 3.27 34.22
N TRP R 6 -55.71 3.39 35.50
CA TRP R 6 -54.79 4.06 36.43
C TRP R 6 -53.55 3.22 36.69
N ILE R 7 -53.70 1.90 36.72
CA ILE R 7 -52.53 1.03 36.89
C ILE R 7 -51.58 1.19 35.72
N ALA R 8 -52.11 1.21 34.50
CA ALA R 8 -51.27 1.41 33.33
C ALA R 8 -50.68 2.82 33.30
N LYS R 9 -51.42 3.80 33.80
CA LYS R 9 -50.86 5.15 33.90
C LYS R 9 -49.67 5.19 34.83
N THR R 10 -49.77 4.52 35.98
CA THR R 10 -48.63 4.44 36.89
C THR R 10 -47.46 3.73 36.25
N GLY R 11 -47.73 2.66 35.51
CA GLY R 11 -46.64 1.97 34.80
C GLY R 11 -45.96 2.86 33.78
N LEU R 12 -46.76 3.62 33.01
CA LEU R 12 -46.19 4.55 32.04
C LEU R 12 -45.36 5.62 32.74
N ASP R 13 -45.84 6.13 33.87
CA ASP R 13 -45.08 7.13 34.60
C ASP R 13 -43.75 6.57 35.10
N ALA R 14 -43.76 5.34 35.61
CA ALA R 14 -42.51 4.73 36.06
C ALA R 14 -41.54 4.55 34.91
N GLN R 15 -42.03 4.09 33.76
CA GLN R 15 -41.14 3.94 32.61
C GLN R 15 -40.62 5.28 32.13
N GLN R 16 -41.45 6.33 32.21
CA GLN R 16 -40.99 7.66 31.84
C GLN R 16 -39.89 8.14 32.77
N THR R 17 -40.03 7.89 34.07
CA THR R 17 -38.97 8.25 35.01
C THR R 17 -37.68 7.50 34.72
N ASN R 18 -37.81 6.22 34.40
CA ASN R 18 -36.63 5.43 34.03
C ASN R 18 -35.97 6.01 32.78
N MET R 19 -36.76 6.38 31.79
CA MET R 19 -36.18 6.98 30.58
C MET R 19 -35.50 8.30 30.89
N ASP R 20 -36.09 9.10 31.79
CA ASP R 20 -35.49 10.38 32.14
C ASP R 20 -34.14 10.19 32.83
N VAL R 21 -34.05 9.24 33.76
CA VAL R 21 -32.76 9.04 34.41
C VAL R 21 -31.74 8.46 33.43
N ILE R 22 -32.18 7.60 32.49
CA ILE R 22 -31.25 7.11 31.47
C ILE R 22 -30.72 8.25 30.62
N ALA R 23 -31.61 9.16 30.20
CA ALA R 23 -31.20 10.28 29.38
C ALA R 23 -30.27 11.21 30.13
N ASN R 24 -30.53 11.43 31.42
CA ASN R 24 -29.63 12.25 32.22
C ASN R 24 -28.26 11.61 32.35
N ASN R 25 -28.21 10.29 32.53
CA ASN R 25 -26.94 9.59 32.58
C ASN R 25 -26.18 9.73 31.26
N LEU R 26 -26.89 9.60 30.14
CA LEU R 26 -26.22 9.68 28.85
C LEU R 26 -25.80 11.09 28.50
N ALA R 27 -26.49 12.11 29.04
CA ALA R 27 -26.21 13.48 28.65
C ALA R 27 -24.81 13.91 29.07
N ASN R 28 -24.47 13.71 30.34
CA ASN R 28 -23.15 14.10 30.85
C ASN R 28 -22.21 12.91 30.85
N VAL R 29 -21.92 12.40 29.65
CA VAL R 29 -20.96 11.32 29.50
C VAL R 29 -19.53 11.83 29.57
N SER R 30 -19.33 13.16 29.56
CA SER R 30 -18.00 13.74 29.61
C SER R 30 -17.78 14.66 30.81
N THR R 31 -18.81 14.91 31.61
CA THR R 31 -18.66 15.78 32.78
C THR R 31 -17.71 15.16 33.78
N ASN R 32 -16.75 15.94 34.24
CA ASN R 32 -15.74 15.42 35.16
C ASN R 32 -16.34 15.23 36.54
N GLY R 33 -16.12 14.05 37.12
CA GLY R 33 -16.59 13.78 38.46
C GLY R 33 -18.06 13.48 38.59
N PHE R 34 -18.72 13.11 37.50
CA PHE R 34 -20.14 12.76 37.56
C PHE R 34 -20.30 11.31 37.98
N LYS R 35 -21.42 11.03 38.66
CA LYS R 35 -21.74 9.69 39.13
C LYS R 35 -23.04 9.23 38.50
N ARG R 36 -23.05 8.00 37.98
CA ARG R 36 -24.24 7.47 37.35
C ARG R 36 -25.32 7.21 38.39
N GLN R 37 -26.58 7.38 37.97
CA GLN R 37 -27.72 7.20 38.85
C GLN R 37 -28.62 6.11 38.30
N ARG R 38 -29.16 5.28 39.19
CA ARG R 38 -30.14 4.26 38.83
C ARG R 38 -31.30 4.34 39.79
N ALA R 39 -32.52 4.28 39.26
CA ALA R 39 -33.71 4.36 40.08
C ALA R 39 -34.17 2.97 40.50
N VAL R 40 -34.89 2.90 41.61
CA VAL R 40 -35.43 1.65 42.13
C VAL R 40 -36.94 1.83 42.30
N PHE R 41 -37.70 0.85 41.81
CA PHE R 41 -39.15 0.89 41.88
C PHE R 41 -39.67 -0.03 42.98
N GLU R 42 -40.96 0.10 43.27
CA GLU R 42 -41.63 -0.77 44.23
C GLU R 42 -43.13 -0.59 44.08
N ASP R 43 -43.86 -1.69 44.19
CA ASP R 43 -45.31 -1.68 43.96
C ASP R 43 -46.04 -0.95 45.07
N LEU R 44 -47.26 -0.51 44.75
CA LEU R 44 -48.08 0.23 45.70
C LEU R 44 -48.85 -0.76 46.59
N LEU R 45 -49.83 -0.24 47.33
CA LEU R 45 -50.54 -1.06 48.30
C LEU R 45 -51.45 -2.07 47.61
N TYR R 46 -51.47 -3.29 48.16
CA TYR R 46 -52.33 -4.35 47.67
C TYR R 46 -53.65 -4.32 48.44
N GLN R 47 -54.77 -4.38 47.71
CA GLN R 47 -56.06 -4.48 48.35
C GLN R 47 -56.40 -5.94 48.60
N THR R 48 -57.26 -6.18 49.59
CA THR R 48 -57.60 -7.52 50.01
C THR R 48 -59.09 -7.76 49.87
N ILE R 49 -59.44 -8.97 49.46
CA ILE R 49 -60.83 -9.41 49.33
C ILE R 49 -60.99 -10.64 50.22
N ARG R 50 -61.74 -10.49 51.30
CA ARG R 50 -61.88 -11.58 52.25
C ARG R 50 -62.79 -12.67 51.68
N GLN R 51 -62.46 -13.92 52.00
CA GLN R 51 -63.29 -15.05 51.60
C GLN R 51 -64.37 -15.31 52.64
N PRO R 52 -65.49 -15.91 52.23
CA PRO R 52 -66.53 -16.23 53.20
C PRO R 52 -66.05 -17.24 54.22
N GLY R 53 -66.56 -17.11 55.44
CA GLY R 53 -66.18 -18.00 56.53
C GLY R 53 -65.75 -17.25 57.78
N PRO R 63 -57.78 -22.12 53.28
CA PRO R 63 -56.92 -20.93 53.37
C PRO R 63 -57.37 -19.80 52.46
N SER R 64 -57.58 -18.62 53.02
CA SER R 64 -58.04 -17.48 52.25
C SER R 64 -56.87 -16.86 51.48
N GLY R 65 -57.14 -15.72 50.83
CA GLY R 65 -56.15 -15.06 50.01
C GLY R 65 -56.73 -13.97 49.14
N LEU R 66 -56.42 -14.02 47.84
CA LEU R 66 -56.96 -13.10 46.85
C LEU R 66 -56.59 -11.65 47.17
N GLN R 67 -55.30 -11.37 47.07
CA GLN R 67 -54.79 -10.01 47.14
C GLN R 67 -54.64 -9.45 45.73
N ILE R 68 -55.23 -8.27 45.50
CA ILE R 68 -55.23 -7.64 44.18
C ILE R 68 -54.25 -6.47 44.21
N GLY R 69 -53.36 -6.41 43.23
CA GLY R 69 -52.33 -5.39 43.19
C GLY R 69 -52.78 -4.13 42.48
N THR R 70 -51.85 -3.18 42.40
CA THR R 70 -52.07 -1.94 41.69
C THR R 70 -50.72 -1.51 41.11
N GLY R 71 -50.63 -0.25 40.69
CA GLY R 71 -49.48 0.22 39.95
C GLY R 71 -48.21 0.25 40.78
N VAL R 72 -47.18 0.82 40.17
CA VAL R 72 -45.84 0.88 40.76
C VAL R 72 -45.38 2.33 40.76
N ARG R 73 -44.67 2.71 41.82
CA ARG R 73 -44.14 4.06 41.91
C ARG R 73 -42.64 4.00 42.18
N PRO R 74 -41.89 5.01 41.73
CA PRO R 74 -40.47 5.08 42.08
C PRO R 74 -40.29 5.54 43.51
N VAL R 75 -39.38 4.89 44.23
CA VAL R 75 -39.17 5.17 45.65
C VAL R 75 -37.87 5.94 45.88
N ALA R 76 -36.82 5.63 45.14
CA ALA R 76 -35.54 6.28 45.36
C ALA R 76 -34.67 6.13 44.13
N THR R 77 -33.60 6.92 44.08
CA THR R 77 -32.56 6.81 43.07
C THR R 77 -31.21 6.84 43.77
N GLU R 78 -30.34 5.93 43.40
CA GLU R 78 -29.03 5.80 44.05
C GLU R 78 -27.93 5.97 43.03
N ARG R 79 -26.84 6.59 43.47
CA ARG R 79 -25.69 6.87 42.62
C ARG R 79 -24.60 5.85 42.90
N LEU R 80 -23.96 5.38 41.83
CA LEU R 80 -22.87 4.41 41.95
C LEU R 80 -21.60 5.16 42.33
N HIS R 81 -21.36 5.28 43.64
CA HIS R 81 -20.18 5.98 44.15
C HIS R 81 -18.95 5.08 44.00
N SER R 82 -18.51 4.94 42.76
CA SER R 82 -17.36 4.14 42.41
C SER R 82 -16.20 5.05 42.00
N GLN R 83 -15.13 4.45 41.53
CA GLN R 83 -13.95 5.17 41.06
C GLN R 83 -13.91 5.13 39.54
N GLY R 84 -13.78 6.30 38.92
CA GLY R 84 -13.73 6.41 37.48
C GLY R 84 -12.30 6.42 36.96
N ASN R 85 -12.20 6.44 35.63
CA ASN R 85 -10.90 6.48 34.97
C ASN R 85 -10.27 7.86 35.14
N LEU R 86 -9.00 7.95 34.78
CA LEU R 86 -8.23 9.17 34.89
C LEU R 86 -7.87 9.69 33.52
N SER R 87 -8.15 10.97 33.28
CA SER R 87 -7.86 11.63 32.02
C SER R 87 -6.79 12.69 32.23
N GLN R 88 -5.96 12.89 31.22
CA GLN R 88 -4.82 13.81 31.30
C GLN R 88 -5.13 15.11 30.58
N THR R 89 -4.77 16.23 31.22
CA THR R 89 -4.95 17.55 30.62
C THR R 89 -3.68 18.37 30.56
N ASN R 90 -2.59 17.93 31.17
CA ASN R 90 -1.30 18.61 31.25
C ASN R 90 -1.37 19.89 32.07
N ASN R 91 -2.54 20.29 32.54
CA ASN R 91 -2.65 21.44 33.42
C ASN R 91 -1.96 21.13 34.74
N SER R 92 -1.38 22.17 35.35
CA SER R 92 -0.67 22.00 36.61
C SER R 92 -1.56 22.14 37.83
N LYS R 93 -2.85 22.42 37.63
CA LYS R 93 -3.75 22.68 38.74
C LYS R 93 -4.85 21.64 38.91
N ASP R 94 -5.13 20.84 37.87
CA ASP R 94 -6.15 19.81 38.00
C ASP R 94 -5.69 18.74 38.98
N VAL R 95 -6.59 18.35 39.88
CA VAL R 95 -6.30 17.35 40.90
C VAL R 95 -7.37 16.27 40.83
N ALA R 96 -6.94 15.02 40.83
CA ALA R 96 -7.84 13.88 40.77
C ALA R 96 -7.80 13.09 42.06
N ILE R 97 -8.97 12.66 42.53
CA ILE R 97 -9.07 11.90 43.76
C ILE R 97 -8.78 10.43 43.48
N LYS R 98 -8.03 9.81 44.38
CA LYS R 98 -7.71 8.38 44.30
C LYS R 98 -8.44 7.67 45.44
N GLY R 99 -9.67 7.27 45.17
CA GLY R 99 -10.46 6.56 46.18
C GLY R 99 -11.65 7.34 46.68
N GLN R 100 -11.67 7.65 47.98
CA GLN R 100 -12.80 8.30 48.62
C GLN R 100 -12.39 9.69 49.11
N GLY R 101 -13.35 10.60 49.08
CA GLY R 101 -13.13 11.96 49.57
C GLY R 101 -13.71 13.00 48.64
N PHE R 102 -14.02 14.16 49.20
CA PHE R 102 -14.58 15.28 48.44
C PHE R 102 -13.83 16.56 48.76
N PHE R 103 -13.58 17.36 47.74
CA PHE R 103 -13.07 18.71 47.97
C PHE R 103 -14.17 19.56 48.59
N GLN R 104 -13.77 20.46 49.48
CA GLN R 104 -14.70 21.33 50.18
C GLN R 104 -14.68 22.72 49.57
N VAL R 105 -15.84 23.20 49.15
CA VAL R 105 -15.99 24.46 48.46
C VAL R 105 -16.89 25.37 49.27
N MET R 106 -16.52 26.64 49.39
CA MET R 106 -17.33 27.59 50.14
C MET R 106 -18.21 28.38 49.18
N LEU R 107 -19.53 28.24 49.32
CA LEU R 107 -20.44 28.94 48.45
C LEU R 107 -20.42 30.43 48.76
N PRO R 108 -20.71 31.28 47.76
CA PRO R 108 -20.78 32.72 48.02
C PRO R 108 -21.84 33.10 49.04
N ASP R 109 -22.90 32.31 49.17
CA ASP R 109 -23.91 32.60 50.18
C ASP R 109 -23.33 32.50 51.59
N GLY R 110 -22.47 31.52 51.82
CA GLY R 110 -21.84 31.35 53.12
C GLY R 110 -21.75 29.91 53.57
N THR R 111 -22.55 29.04 52.96
CA THR R 111 -22.56 27.63 53.33
C THR R 111 -21.39 26.90 52.67
N SER R 112 -21.32 25.59 52.93
CA SER R 112 -20.25 24.76 52.43
C SER R 112 -20.84 23.62 51.61
N ALA R 113 -20.24 23.34 50.47
CA ALA R 113 -20.61 22.23 49.61
C ALA R 113 -19.39 21.36 49.36
N TYR R 114 -19.62 20.21 48.74
CA TYR R 114 -18.54 19.26 48.49
C TYR R 114 -18.62 18.76 47.06
N THR R 115 -17.47 18.51 46.46
CA THR R 115 -17.41 18.20 45.05
C THR R 115 -16.32 17.18 44.78
N ARG R 116 -16.34 16.65 43.56
CA ARG R 116 -15.28 15.78 43.06
C ARG R 116 -14.59 16.33 41.83
N ASP R 117 -15.16 17.34 41.18
CA ASP R 117 -14.63 17.87 39.93
C ASP R 117 -13.38 18.68 40.24
N GLY R 118 -12.22 18.07 40.02
CA GLY R 118 -10.98 18.79 40.23
C GLY R 118 -10.54 19.55 38.99
N SER R 119 -10.88 20.84 38.93
CA SER R 119 -10.45 21.70 37.84
C SER R 119 -10.37 23.11 38.41
N PHE R 120 -9.18 23.51 38.84
CA PHE R 120 -9.00 24.74 39.59
C PHE R 120 -8.38 25.81 38.72
N GLN R 121 -8.70 27.07 39.04
CA GLN R 121 -8.11 28.22 38.39
C GLN R 121 -7.76 29.24 39.46
N VAL R 122 -7.15 30.34 39.04
CA VAL R 122 -6.70 31.38 39.98
C VAL R 122 -7.31 32.70 39.55
N ASP R 123 -7.90 33.41 40.51
CA ASP R 123 -8.49 34.72 40.22
C ASP R 123 -7.45 35.81 40.45
N GLN R 124 -7.89 37.07 40.46
CA GLN R 124 -6.95 38.18 40.49
C GLN R 124 -6.22 38.29 41.82
N ASN R 125 -6.82 37.81 42.91
CA ASN R 125 -6.21 37.94 44.22
C ASN R 125 -5.19 36.85 44.51
N GLY R 126 -4.98 35.92 43.58
CA GLY R 126 -4.11 34.79 43.82
C GLY R 126 -4.76 33.63 44.52
N GLN R 127 -6.06 33.71 44.78
CA GLN R 127 -6.77 32.64 45.47
C GLN R 127 -6.91 31.43 44.55
N LEU R 128 -7.31 30.31 45.14
CA LEU R 128 -7.52 29.06 44.42
C LEU R 128 -9.02 28.82 44.33
N VAL R 129 -9.57 28.97 43.13
CA VAL R 129 -11.01 28.85 42.92
C VAL R 129 -11.28 27.89 41.78
N THR R 130 -12.50 27.34 41.77
CA THR R 130 -12.91 26.44 40.73
C THR R 130 -13.58 27.20 39.59
N ALA R 131 -14.00 26.47 38.55
CA ALA R 131 -14.60 27.09 37.39
C ALA R 131 -16.00 27.55 37.76
N GLY R 132 -16.13 28.84 38.08
CA GLY R 132 -17.39 29.38 38.53
C GLY R 132 -17.22 30.42 39.62
N GLY R 133 -16.00 30.52 40.15
CA GLY R 133 -15.66 31.51 41.14
C GLY R 133 -15.67 31.00 42.57
N PHE R 134 -16.23 29.83 42.82
CA PHE R 134 -16.26 29.28 44.16
C PHE R 134 -14.84 28.95 44.63
N GLN R 135 -14.56 29.24 45.89
CA GLN R 135 -13.22 29.10 46.44
C GLN R 135 -13.13 27.91 47.38
N VAL R 136 -12.00 27.21 47.31
CA VAL R 136 -11.75 26.07 48.18
C VAL R 136 -11.69 26.53 49.63
N GLN R 137 -12.21 25.69 50.53
CA GLN R 137 -12.36 26.10 51.93
C GLN R 137 -11.02 26.37 52.62
N PRO R 138 -9.99 25.53 52.51
CA PRO R 138 -8.70 25.87 53.15
C PRO R 138 -8.06 27.13 52.60
N ALA R 139 -8.52 27.64 51.46
CA ALA R 139 -8.11 28.94 50.93
C ALA R 139 -6.60 29.00 50.66
N ILE R 140 -6.16 28.16 49.73
CA ILE R 140 -4.80 28.25 49.22
C ILE R 140 -4.64 29.59 48.52
N THR R 141 -3.59 30.32 48.88
CA THR R 141 -3.34 31.66 48.35
C THR R 141 -2.00 31.66 47.60
N ILE R 142 -2.06 31.33 46.31
CA ILE R 142 -0.84 31.31 45.50
C ILE R 142 -0.30 32.74 45.36
N PRO R 143 0.95 33.00 45.70
CA PRO R 143 1.50 34.35 45.59
C PRO R 143 1.77 34.70 44.13
N ALA R 144 2.21 35.93 43.92
CA ALA R 144 2.51 36.41 42.59
C ALA R 144 3.77 35.75 42.04
N ASN R 145 4.03 35.98 40.75
CA ASN R 145 5.19 35.49 40.03
C ASN R 145 5.55 34.05 40.39
N ALA R 146 4.54 33.21 40.52
CA ALA R 146 4.75 31.79 40.84
C ALA R 146 5.42 31.12 39.66
N LEU R 147 6.72 30.81 39.82
CA LEU R 147 7.44 30.17 38.73
C LEU R 147 6.87 28.79 38.41
N SER R 148 6.51 28.03 39.45
CA SER R 148 5.90 26.72 39.27
C SER R 148 5.15 26.36 40.55
N ILE R 149 4.04 25.66 40.40
CA ILE R 149 3.20 25.26 41.51
C ILE R 149 2.94 23.77 41.42
N THR R 150 3.17 23.06 42.52
CA THR R 150 3.00 21.61 42.53
C THR R 150 2.23 21.15 43.76
N ILE R 151 1.33 20.21 43.54
CA ILE R 151 0.52 19.60 44.59
C ILE R 151 0.84 18.11 44.58
N GLY R 152 1.39 17.62 45.68
CA GLY R 152 1.86 16.25 45.73
C GLY R 152 0.79 15.27 46.14
N ARG R 153 1.23 14.10 46.61
CA ARG R 153 0.29 13.06 47.03
C ARG R 153 -0.58 13.53 48.17
N ASP R 154 0.01 14.18 49.17
CA ASP R 154 -0.75 14.71 50.29
C ASP R 154 -1.24 16.12 49.93
N GLY R 155 -1.75 16.83 50.92
CA GLY R 155 -2.32 18.14 50.67
C GLY R 155 -1.34 19.27 50.56
N VAL R 156 -0.04 19.00 50.65
CA VAL R 156 0.95 20.06 50.61
C VAL R 156 0.99 20.68 49.22
N VAL R 157 0.89 22.00 49.16
CA VAL R 157 0.97 22.76 47.92
C VAL R 157 2.21 23.64 48.01
N SER R 158 3.15 23.45 47.09
CA SER R 158 4.42 24.17 47.15
C SER R 158 4.66 24.92 45.85
N VAL R 159 5.05 26.18 45.97
CA VAL R 159 5.34 27.03 44.82
C VAL R 159 6.81 27.42 44.87
N THR R 160 7.51 27.21 43.76
CA THR R 160 8.92 27.55 43.65
C THR R 160 9.05 28.97 43.11
N GLN R 161 9.94 29.74 43.73
CA GLN R 161 10.23 31.09 43.28
C GLN R 161 11.69 31.19 42.88
N GLN R 162 11.97 32.07 41.91
CA GLN R 162 13.33 32.22 41.42
C GLN R 162 14.24 32.73 42.53
N GLY R 163 15.44 32.15 42.59
CA GLY R 163 16.39 32.47 43.63
C GLY R 163 16.19 31.73 44.94
N GLN R 164 15.29 30.75 44.97
CA GLN R 164 15.03 29.96 46.17
C GLN R 164 15.46 28.52 45.92
N ALA R 165 16.19 27.95 46.87
CA ALA R 165 16.57 26.54 46.77
C ALA R 165 15.41 25.63 47.13
N ALA R 166 14.92 25.75 48.35
CA ALA R 166 13.80 24.94 48.80
C ALA R 166 12.48 25.65 48.52
N PRO R 167 11.55 25.02 47.81
CA PRO R 167 10.25 25.65 47.57
C PRO R 167 9.52 25.90 48.87
N VAL R 168 8.75 26.98 48.91
CA VAL R 168 8.02 27.39 50.10
C VAL R 168 6.64 26.75 50.07
N GLN R 169 6.26 26.13 51.17
CA GLN R 169 4.91 25.58 51.30
C GLN R 169 3.93 26.72 51.55
N VAL R 170 2.85 26.75 50.78
CA VAL R 170 1.91 27.86 50.81
C VAL R 170 0.60 27.50 51.51
N GLY R 171 0.27 26.22 51.65
CA GLY R 171 -0.96 25.83 52.31
C GLY R 171 -1.14 24.34 52.27
N GLN R 172 -2.24 23.89 52.86
CA GLN R 172 -2.59 22.48 52.93
C GLN R 172 -3.96 22.27 52.30
N LEU R 173 -4.09 21.19 51.55
CA LEU R 173 -5.31 20.87 50.82
C LEU R 173 -5.89 19.57 51.36
N ASN R 174 -6.71 19.68 52.40
CA ASN R 174 -7.36 18.51 52.98
C ASN R 174 -8.58 18.13 52.15
N LEU R 175 -9.30 17.11 52.61
CA LEU R 175 -10.56 16.74 51.97
C LEU R 175 -11.45 16.05 52.97
N THR R 176 -12.75 16.08 52.70
CA THR R 176 -13.75 15.58 53.64
C THR R 176 -14.30 14.24 53.16
N THR R 177 -14.80 13.47 54.12
CA THR R 177 -15.43 12.18 53.85
C THR R 177 -16.72 12.08 54.66
N PHE R 178 -17.59 11.17 54.20
CA PHE R 178 -18.86 10.89 54.84
C PHE R 178 -18.99 9.39 55.05
N MET R 179 -19.76 9.00 56.07
CA MET R 179 -20.02 7.58 56.29
C MET R 179 -21.08 7.05 55.33
N ASN R 180 -21.85 7.94 54.71
CA ASN R 180 -22.84 7.57 53.70
C ASN R 180 -22.84 8.67 52.65
N ASP R 181 -22.11 8.45 51.56
CA ASP R 181 -22.02 9.42 50.48
C ASP R 181 -23.16 9.33 49.49
N THR R 182 -24.01 8.30 49.59
CA THR R 182 -25.15 8.20 48.70
C THR R 182 -26.22 9.22 49.04
N GLY R 183 -26.35 9.57 50.32
CA GLY R 183 -27.41 10.45 50.79
C GLY R 183 -27.18 11.93 50.61
N LEU R 184 -26.11 12.34 49.93
CA LEU R 184 -25.87 13.76 49.72
C LEU R 184 -26.87 14.31 48.70
N GLU R 185 -27.61 15.34 49.10
CA GLU R 185 -28.48 16.01 48.15
C GLU R 185 -27.66 16.65 47.06
N SER R 186 -28.07 16.44 45.81
CA SER R 186 -27.32 16.88 44.65
C SER R 186 -27.93 18.17 44.10
N ILE R 187 -27.08 19.16 43.87
CA ILE R 187 -27.48 20.37 43.17
C ILE R 187 -26.61 20.50 41.93
N GLY R 188 -26.80 21.57 41.17
CA GLY R 188 -26.09 21.73 39.93
C GLY R 188 -24.59 21.92 40.13
N GLU R 189 -23.92 22.22 39.02
CA GLU R 189 -22.49 22.50 38.93
C GLU R 189 -21.63 21.60 39.82
N ASN R 190 -21.93 20.30 39.84
CA ASN R 190 -21.11 19.30 40.53
C ASN R 190 -20.90 19.66 41.99
N LEU R 191 -21.97 20.04 42.68
CA LEU R 191 -21.90 20.38 44.09
C LEU R 191 -22.87 19.51 44.88
N TYR R 192 -22.42 19.03 46.03
CA TYR R 192 -23.23 18.23 46.94
C TYR R 192 -23.26 18.91 48.30
N ILE R 193 -24.41 18.87 48.96
CA ILE R 193 -24.57 19.41 50.30
C ILE R 193 -25.05 18.30 51.22
N GLU R 194 -24.46 18.21 52.40
CA GLU R 194 -24.81 17.16 53.35
C GLU R 194 -26.23 17.36 53.85
N THR R 195 -26.90 16.23 54.12
CA THR R 195 -28.25 16.23 54.64
C THR R 195 -28.27 15.50 55.99
N GLN R 196 -29.48 15.31 56.53
CA GLN R 196 -29.59 14.53 57.76
C GLN R 196 -29.34 13.06 57.50
N SER R 197 -29.65 12.58 56.30
CA SER R 197 -29.39 11.18 55.96
C SER R 197 -27.90 10.87 55.99
N SER R 198 -27.09 11.70 55.35
CA SER R 198 -25.65 11.55 55.42
C SER R 198 -25.13 12.08 56.74
N GLY R 199 -24.05 11.47 57.22
CA GLY R 199 -23.48 11.91 58.48
C GLY R 199 -22.75 13.22 58.35
N ALA R 200 -22.34 13.75 59.49
CA ALA R 200 -21.54 14.96 59.50
C ALA R 200 -20.19 14.68 58.83
N PRO R 201 -19.71 15.57 57.97
CA PRO R 201 -18.45 15.33 57.28
C PRO R 201 -17.27 15.35 58.24
N ASN R 202 -16.26 14.55 57.94
CA ASN R 202 -15.00 14.59 58.67
C ASN R 202 -13.87 14.93 57.70
N GLU R 203 -13.11 15.97 58.03
CA GLU R 203 -12.05 16.46 57.16
C GLU R 203 -10.71 15.93 57.62
N SER R 204 -9.90 15.48 56.66
CA SER R 204 -8.61 14.89 56.98
C SER R 204 -7.65 15.10 55.82
N THR R 205 -6.37 14.89 56.10
CA THR R 205 -5.36 14.93 55.07
C THR R 205 -5.44 13.67 54.21
N PRO R 206 -5.05 13.75 52.95
CA PRO R 206 -5.09 12.57 52.08
C PRO R 206 -4.17 11.47 52.58
N GLY R 207 -4.59 10.23 52.33
CA GLY R 207 -3.79 9.08 52.72
C GLY R 207 -3.93 8.63 54.15
N LEU R 208 -4.82 9.24 54.92
CA LEU R 208 -5.02 8.89 56.31
C LEU R 208 -6.49 8.65 56.59
N ASN R 209 -6.77 7.69 57.47
CA ASN R 209 -8.13 7.38 57.92
C ASN R 209 -9.04 7.02 56.74
N GLY R 210 -8.50 6.30 55.76
CA GLY R 210 -9.28 5.87 54.63
C GLY R 210 -9.57 6.92 53.60
N ALA R 211 -8.95 8.10 53.70
CA ALA R 211 -9.12 9.12 52.69
C ALA R 211 -8.33 8.78 51.44
N GLY R 212 -8.60 9.54 50.37
CA GLY R 212 -7.98 9.29 49.09
C GLY R 212 -6.60 9.90 48.96
N LEU R 213 -6.09 9.87 47.74
CA LEU R 213 -4.82 10.49 47.38
C LEU R 213 -5.03 11.42 46.19
N LEU R 214 -4.04 12.26 45.94
CA LEU R 214 -4.13 13.28 44.91
C LEU R 214 -3.09 13.03 43.82
N TYR R 215 -3.54 13.07 42.57
CA TYR R 215 -2.66 13.11 41.42
C TYR R 215 -2.78 14.48 40.77
N GLN R 216 -1.65 15.10 40.48
CA GLN R 216 -1.64 16.41 39.84
C GLN R 216 -1.62 16.26 38.33
N GLY R 217 -2.45 17.05 37.65
CA GLY R 217 -2.50 17.03 36.20
C GLY R 217 -3.52 16.09 35.61
N TYR R 218 -4.20 15.29 36.43
CA TYR R 218 -5.21 14.36 35.95
C TYR R 218 -6.57 14.72 36.54
N VAL R 219 -7.62 14.43 35.78
CA VAL R 219 -8.99 14.74 36.17
C VAL R 219 -9.85 13.51 35.99
N GLU R 220 -10.65 13.19 37.01
CA GLU R 220 -11.49 12.01 36.98
C GLU R 220 -12.67 12.19 36.04
N THR R 221 -12.95 11.17 35.24
CA THR R 221 -14.06 11.19 34.30
C THR R 221 -15.31 10.61 34.97
N SER R 222 -16.33 10.34 34.17
CA SER R 222 -17.59 9.82 34.67
C SER R 222 -17.65 8.31 34.53
N ASN R 223 -18.36 7.67 35.45
CA ASN R 223 -18.51 6.22 35.45
C ASN R 223 -19.88 5.88 34.85
N VAL R 224 -19.92 5.82 33.52
CA VAL R 224 -21.13 5.48 32.78
C VAL R 224 -20.80 4.32 31.85
N ASN R 225 -21.65 3.30 31.85
CA ASN R 225 -21.49 2.12 30.99
C ASN R 225 -22.46 2.24 29.83
N VAL R 226 -21.93 2.63 28.66
CA VAL R 226 -22.78 2.95 27.51
C VAL R 226 -23.57 1.75 27.03
N ALA R 227 -22.96 0.56 27.05
CA ALA R 227 -23.68 -0.63 26.62
C ALA R 227 -24.87 -0.91 27.54
N GLU R 228 -24.66 -0.78 28.84
CA GLU R 228 -25.74 -0.97 29.80
C GLU R 228 -26.83 0.07 29.60
N GLU R 229 -26.44 1.32 29.33
CA GLU R 229 -27.45 2.37 29.10
C GLU R 229 -28.26 2.07 27.84
N LEU R 230 -27.60 1.61 26.78
CA LEU R 230 -28.32 1.30 25.55
C LEU R 230 -29.29 0.14 25.76
N VAL R 231 -28.84 -0.91 26.46
CA VAL R 231 -29.73 -2.04 26.72
C VAL R 231 -30.92 -1.61 27.55
N ASN R 232 -30.69 -0.78 28.57
CA ASN R 232 -31.80 -0.28 29.37
C ASN R 232 -32.73 0.60 28.55
N MET R 233 -32.19 1.36 27.60
CA MET R 233 -33.05 2.16 26.72
C MET R 233 -33.96 1.26 25.89
N ILE R 234 -33.40 0.20 25.32
CA ILE R 234 -34.23 -0.74 24.56
C ILE R 234 -35.30 -1.34 25.46
N GLN R 235 -34.91 -1.74 26.67
CA GLN R 235 -35.85 -2.38 27.57
C GLN R 235 -36.98 -1.43 27.96
N VAL R 236 -36.66 -0.17 28.27
CA VAL R 236 -37.69 0.76 28.69
C VAL R 236 -38.61 1.12 27.53
N GLN R 237 -38.06 1.26 26.32
CA GLN R 237 -38.91 1.53 25.18
C GLN R 237 -39.89 0.39 24.94
N ARG R 238 -39.40 -0.86 25.00
CA ARG R 238 -40.30 -1.98 24.80
C ARG R 238 -41.32 -2.08 25.93
N ALA R 239 -40.92 -1.77 27.16
CA ALA R 239 -41.87 -1.80 28.26
C ALA R 239 -42.97 -0.78 28.08
N TYR R 240 -42.62 0.44 27.66
CA TYR R 240 -43.62 1.46 27.40
C TYR R 240 -44.56 1.04 26.28
N GLU R 241 -43.99 0.50 25.20
CA GLU R 241 -44.81 0.07 24.07
C GLU R 241 -45.77 -1.04 24.46
N ILE R 242 -45.32 -1.99 25.27
CA ILE R 242 -46.21 -3.07 25.74
C ILE R 242 -47.28 -2.50 26.66
N ASN R 243 -46.88 -1.62 27.59
CA ASN R 243 -47.82 -1.11 28.57
C ASN R 243 -48.93 -0.29 27.93
N SER R 244 -48.65 0.33 26.78
CA SER R 244 -49.71 1.06 26.07
C SER R 244 -50.84 0.13 25.65
N LYS R 245 -50.53 -1.14 25.40
CA LYS R 245 -51.56 -2.07 24.97
C LYS R 245 -52.61 -2.29 26.06
N ALA R 246 -52.21 -2.22 27.33
CA ALA R 246 -53.18 -2.34 28.40
C ALA R 246 -54.20 -1.20 28.36
N VAL R 247 -53.73 0.03 28.15
CA VAL R 247 -54.64 1.15 28.01
C VAL R 247 -55.56 0.96 26.81
N SER R 248 -55.00 0.53 25.69
CA SER R 248 -55.83 0.36 24.49
C SER R 248 -56.91 -0.69 24.71
N THR R 249 -56.54 -1.82 25.31
CA THR R 249 -57.51 -2.89 25.55
C THR R 249 -58.57 -2.46 26.55
N THR R 250 -58.17 -1.76 27.61
CA THR R 250 -59.15 -1.28 28.58
C THR R 250 -60.13 -0.33 27.92
N ASP R 251 -59.62 0.59 27.09
CA ASP R 251 -60.51 1.51 26.40
C ASP R 251 -61.48 0.77 25.50
N GLN R 252 -61.00 -0.22 24.75
CA GLN R 252 -61.88 -0.95 23.83
C GLN R 252 -62.97 -1.70 24.59
N MET R 253 -62.59 -2.40 25.67
CA MET R 253 -63.59 -3.18 26.38
C MET R 253 -64.58 -2.29 27.12
N LEU R 254 -64.11 -1.17 27.67
CA LEU R 254 -65.03 -0.25 28.32
C LEU R 254 -65.99 0.36 27.32
N GLN R 255 -65.51 0.70 26.13
CA GLN R 255 -66.39 1.21 25.08
C GLN R 255 -67.42 0.17 24.68
N LYS R 256 -67.00 -1.09 24.52
CA LYS R 256 -67.95 -2.14 24.18
C LYS R 256 -68.99 -2.32 25.28
N LEU R 257 -68.58 -2.24 26.54
CA LEU R 257 -69.53 -2.32 27.63
C LEU R 257 -70.54 -1.18 27.59
N THR R 258 -70.06 0.05 27.40
CA THR R 258 -70.94 1.19 27.50
C THR R 258 -71.80 1.36 26.24
N GLN R 259 -71.45 0.71 25.13
CA GLN R 259 -72.28 0.82 23.94
C GLN R 259 -73.68 0.26 24.18
N LEU R 260 -73.78 -0.90 24.84
CA LEU R 260 -75.07 -1.49 25.12
C LEU R 260 -75.79 -0.66 26.19
N ILE S 2 -68.25 22.73 24.11
CA ILE S 2 -68.05 23.30 22.78
C ILE S 2 -66.76 24.12 22.76
N SER S 3 -66.38 24.66 23.92
CA SER S 3 -65.18 25.49 24.00
C SER S 3 -63.91 24.68 23.77
N SER S 4 -63.97 23.36 23.98
CA SER S 4 -62.79 22.52 23.75
C SER S 4 -62.33 22.62 22.30
N LEU S 5 -63.28 22.71 21.36
CA LEU S 5 -62.91 22.85 19.96
C LEU S 5 -62.13 24.13 19.72
N TRP S 6 -62.58 25.25 20.30
CA TRP S 6 -61.86 26.51 20.12
C TRP S 6 -60.48 26.45 20.75
N ILE S 7 -60.37 25.87 21.95
CA ILE S 7 -59.08 25.78 22.62
C ILE S 7 -58.10 24.97 21.78
N ALA S 8 -58.54 23.81 21.29
CA ALA S 8 -57.67 22.98 20.49
C ALA S 8 -57.34 23.63 19.15
N LYS S 9 -58.27 24.39 18.59
CA LYS S 9 -57.98 25.12 17.36
C LYS S 9 -56.90 26.16 17.57
N THR S 10 -56.95 26.88 18.69
CA THR S 10 -55.89 27.84 18.99
C THR S 10 -54.55 27.14 19.18
N GLY S 11 -54.56 26.00 19.86
CA GLY S 11 -53.32 25.23 20.00
C GLY S 11 -52.74 24.81 18.67
N LEU S 12 -53.61 24.33 17.77
CA LEU S 12 -53.15 23.93 16.44
C LEU S 12 -52.59 25.12 15.66
N ASP S 13 -53.23 26.28 15.77
CA ASP S 13 -52.72 27.46 15.09
C ASP S 13 -51.35 27.86 15.64
N ALA S 14 -51.17 27.79 16.95
CA ALA S 14 -49.86 28.11 17.52
C ALA S 14 -48.80 27.16 17.02
N GLN S 15 -49.11 25.86 16.97
CA GLN S 15 -48.14 24.90 16.46
C GLN S 15 -47.84 25.14 14.99
N GLN S 16 -48.86 25.56 14.22
CA GLN S 16 -48.64 25.89 12.82
C GLN S 16 -47.67 27.05 12.67
N THR S 17 -47.83 28.10 13.49
CA THR S 17 -46.92 29.23 13.40
C THR S 17 -45.51 28.82 13.81
N ASN S 18 -45.40 27.96 14.82
CA ASN S 18 -44.07 27.47 15.21
C ASN S 18 -43.42 26.70 14.07
N MET S 19 -44.19 25.85 13.39
CA MET S 19 -43.64 25.14 12.24
C MET S 19 -43.23 26.10 11.14
N ASP S 20 -44.01 27.16 10.94
CA ASP S 20 -43.66 28.16 9.92
C ASP S 20 -42.34 28.82 10.22
N VAL S 21 -42.13 29.23 11.48
CA VAL S 21 -40.86 29.91 11.80
C VAL S 21 -39.70 28.93 11.73
N ILE S 22 -39.92 27.67 12.11
CA ILE S 22 -38.85 26.68 11.99
C ILE S 22 -38.48 26.47 10.53
N ALA S 23 -39.48 26.35 9.66
CA ALA S 23 -39.21 26.17 8.24
C ALA S 23 -38.49 27.37 7.67
N ASN S 24 -38.87 28.58 8.09
CA ASN S 24 -38.17 29.76 7.61
C ASN S 24 -36.72 29.77 8.07
N ASN S 25 -36.46 29.38 9.31
CA ASN S 25 -35.07 29.31 9.79
C ASN S 25 -34.28 28.29 8.98
N LEU S 26 -34.88 27.15 8.67
CA LEU S 26 -34.14 26.11 7.96
C LEU S 26 -33.94 26.47 6.49
N ALA S 27 -34.85 27.25 5.91
CA ALA S 27 -34.77 27.52 4.48
C ALA S 27 -33.57 28.38 4.15
N ASN S 28 -33.52 29.60 4.68
CA ASN S 28 -32.43 30.52 4.38
C ASN S 28 -31.28 30.30 5.36
N VAL S 29 -30.69 29.11 5.26
CA VAL S 29 -29.52 28.79 6.07
C VAL S 29 -28.22 29.20 5.39
N SER S 30 -28.23 29.41 4.07
CA SER S 30 -27.04 29.80 3.34
C SER S 30 -26.98 31.30 3.06
N THR S 31 -28.03 32.05 3.38
CA THR S 31 -27.99 33.49 3.17
C THR S 31 -27.04 34.15 4.16
N ASN S 32 -26.55 35.32 3.79
CA ASN S 32 -25.54 36.02 4.56
C ASN S 32 -26.19 37.11 5.42
N GLY S 33 -25.69 37.26 6.63
CA GLY S 33 -26.24 38.25 7.55
C GLY S 33 -27.65 37.95 8.01
N PHE S 34 -27.94 36.68 8.29
CA PHE S 34 -29.26 36.25 8.73
C PHE S 34 -29.23 35.94 10.22
N LYS S 35 -30.29 36.32 10.92
CA LYS S 35 -30.42 36.05 12.35
C LYS S 35 -31.65 35.18 12.57
N ARG S 36 -31.48 34.09 13.32
CA ARG S 36 -32.57 33.17 13.56
C ARG S 36 -33.66 33.82 14.40
N GLN S 37 -34.89 33.35 14.21
CA GLN S 37 -36.06 33.86 14.91
C GLN S 37 -36.65 32.77 15.79
N ARG S 38 -36.95 33.13 17.03
CA ARG S 38 -37.60 32.23 17.98
C ARG S 38 -38.93 32.85 18.39
N ALA S 39 -40.00 32.06 18.32
CA ALA S 39 -41.34 32.53 18.59
C ALA S 39 -41.70 32.25 20.04
N VAL S 40 -42.26 33.26 20.71
CA VAL S 40 -42.66 33.17 22.11
C VAL S 40 -44.19 33.28 22.15
N PHE S 41 -44.82 32.31 22.80
CA PHE S 41 -46.26 32.22 22.94
C PHE S 41 -46.69 32.74 24.31
N GLU S 42 -48.01 32.78 24.52
CA GLU S 42 -48.57 33.28 25.77
C GLU S 42 -50.03 32.87 25.84
N ASP S 43 -50.46 32.41 27.02
CA ASP S 43 -51.83 31.98 27.21
C ASP S 43 -52.78 33.19 27.22
N LEU S 44 -54.06 32.90 27.02
CA LEU S 44 -55.08 33.93 26.90
C LEU S 44 -55.71 34.20 28.27
N LEU S 45 -56.82 34.93 28.27
CA LEU S 45 -57.54 35.21 29.51
C LEU S 45 -58.11 33.93 30.10
N TYR S 46 -58.35 33.97 31.41
CA TYR S 46 -58.98 32.87 32.14
C TYR S 46 -60.38 33.29 32.56
N GLN S 47 -61.35 32.42 32.32
CA GLN S 47 -62.72 32.68 32.75
C GLN S 47 -62.91 32.13 34.16
N THR S 48 -63.52 32.94 35.02
CA THR S 48 -63.63 32.62 36.44
C THR S 48 -65.06 32.24 36.79
N ILE S 49 -65.21 31.16 37.55
CA ILE S 49 -66.50 30.69 38.03
C ILE S 49 -66.58 30.97 39.52
N ARG S 50 -67.60 31.72 39.93
CA ARG S 50 -67.66 32.22 41.30
C ARG S 50 -68.16 31.15 42.26
N GLN S 51 -67.55 31.10 43.44
CA GLN S 51 -67.96 30.21 44.50
C GLN S 51 -69.17 30.78 45.25
N PRO S 52 -69.93 29.93 45.96
CA PRO S 52 -71.04 30.31 46.83
C PRO S 52 -70.78 31.57 47.65
N GLY S 65 -62.14 31.24 42.69
CA GLY S 65 -61.32 30.10 43.00
C GLY S 65 -61.21 29.11 41.86
N LEU S 66 -62.18 29.13 40.96
CA LEU S 66 -62.20 28.25 39.81
C LEU S 66 -61.92 29.07 38.55
N GLN S 67 -60.89 28.67 37.81
CA GLN S 67 -60.49 29.36 36.59
C GLN S 67 -60.27 28.36 35.48
N ILE S 68 -60.75 28.69 34.29
CA ILE S 68 -60.65 27.83 33.11
C ILE S 68 -59.93 28.60 32.01
N GLY S 69 -58.99 27.92 31.35
CA GLY S 69 -58.22 28.55 30.30
C GLY S 69 -59.02 28.80 29.04
N THR S 70 -58.39 29.48 28.09
CA THR S 70 -59.07 29.81 26.85
C THR S 70 -58.25 29.38 25.63
N GLY S 71 -56.94 29.38 25.75
CA GLY S 71 -56.08 29.00 24.65
C GLY S 71 -54.77 29.77 24.71
N VAL S 72 -54.06 29.77 23.59
CA VAL S 72 -52.77 30.43 23.50
C VAL S 72 -52.73 31.31 22.26
N ARG S 73 -51.77 32.22 22.23
CA ARG S 73 -51.51 33.04 21.06
C ARG S 73 -50.01 33.31 20.98
N PRO S 74 -49.46 33.41 19.78
CA PRO S 74 -48.04 33.77 19.68
C PRO S 74 -47.83 35.23 20.01
N VAL S 75 -47.31 35.51 21.20
CA VAL S 75 -47.25 36.89 21.65
C VAL S 75 -46.19 37.67 20.89
N ALA S 76 -45.06 37.05 20.58
CA ALA S 76 -44.00 37.80 19.91
C ALA S 76 -43.02 36.84 19.24
N THR S 77 -42.07 37.41 18.51
CA THR S 77 -40.94 36.68 17.97
C THR S 77 -39.69 37.53 18.13
N GLU S 78 -38.59 36.89 18.52
CA GLU S 78 -37.36 37.60 18.81
C GLU S 78 -36.24 37.04 17.93
N ARG S 79 -35.38 37.93 17.46
CA ARG S 79 -34.25 37.57 16.61
C ARG S 79 -33.00 37.50 17.46
N LEU S 80 -32.22 36.43 17.28
CA LEU S 80 -30.97 36.28 18.01
C LEU S 80 -29.89 37.09 17.30
N HIS S 81 -29.54 38.24 17.86
CA HIS S 81 -28.54 39.12 17.27
C HIS S 81 -27.14 38.78 17.78
N SER S 82 -26.73 37.54 17.53
CA SER S 82 -25.42 37.07 17.93
C SER S 82 -24.44 37.29 16.78
N GLN S 83 -23.26 36.67 16.88
CA GLN S 83 -22.22 36.79 15.87
C GLN S 83 -22.07 35.45 15.15
N GLY S 84 -22.23 35.47 13.83
CA GLY S 84 -22.07 34.26 13.04
C GLY S 84 -20.62 34.01 12.67
N ASN S 85 -20.39 32.87 12.04
CA ASN S 85 -19.06 32.52 11.60
C ASN S 85 -18.69 33.32 10.35
N LEU S 86 -17.46 33.15 9.88
CA LEU S 86 -16.95 33.87 8.72
C LEU S 86 -16.47 32.89 7.66
N SER S 87 -16.79 33.20 6.41
CA SER S 87 -16.36 32.40 5.26
C SER S 87 -15.53 33.27 4.34
N GLN S 88 -14.35 32.79 3.99
CA GLN S 88 -13.46 33.54 3.09
C GLN S 88 -13.95 33.43 1.66
N THR S 89 -13.89 34.55 0.93
CA THR S 89 -14.30 34.58 -0.46
C THR S 89 -13.28 35.18 -1.40
N ASN S 90 -12.21 35.78 -0.88
CA ASN S 90 -11.12 36.34 -1.68
C ASN S 90 -11.57 37.52 -2.53
N ASN S 91 -12.85 37.87 -2.46
CA ASN S 91 -13.33 39.05 -3.16
C ASN S 91 -12.83 40.30 -2.46
N SER S 92 -12.50 41.32 -3.22
CA SER S 92 -11.92 42.54 -2.67
C SER S 92 -12.96 43.53 -2.18
N LYS S 93 -14.24 43.31 -2.48
CA LYS S 93 -15.28 44.27 -2.14
C LYS S 93 -16.32 43.73 -1.17
N ASP S 94 -16.04 42.60 -0.52
CA ASP S 94 -16.94 42.03 0.47
C ASP S 94 -16.43 42.39 1.86
N VAL S 95 -17.29 43.00 2.67
CA VAL S 95 -16.94 43.47 4.00
C VAL S 95 -17.73 42.67 5.01
N ALA S 96 -17.02 42.01 5.94
CA ALA S 96 -17.65 41.27 7.02
C ALA S 96 -17.55 42.08 8.29
N ILE S 97 -18.70 42.52 8.81
CA ILE S 97 -18.70 43.35 10.00
C ILE S 97 -18.46 42.47 11.23
N LYS S 98 -17.47 42.87 12.05
CA LYS S 98 -17.09 42.14 13.25
C LYS S 98 -17.52 42.96 14.46
N GLY S 99 -18.55 42.50 15.15
CA GLY S 99 -19.07 43.21 16.30
C GLY S 99 -20.56 43.43 16.20
N GLN S 100 -21.00 44.68 16.31
CA GLN S 100 -22.41 45.01 16.16
C GLN S 100 -22.54 46.34 15.42
N GLY S 101 -23.50 46.39 14.50
CA GLY S 101 -23.67 47.57 13.67
C GLY S 101 -24.49 47.20 12.44
N PHE S 102 -24.69 48.21 11.60
CA PHE S 102 -25.48 48.03 10.38
C PHE S 102 -24.99 48.99 9.31
N PHE S 103 -24.80 48.49 8.10
CA PHE S 103 -24.59 49.36 6.96
C PHE S 103 -25.91 49.99 6.55
N GLN S 104 -25.83 51.23 6.07
CA GLN S 104 -27.01 52.01 5.71
C GLN S 104 -27.12 52.10 4.19
N VAL S 105 -28.28 51.70 3.67
CA VAL S 105 -28.56 51.81 2.25
C VAL S 105 -29.77 52.72 2.07
N MET S 106 -29.88 53.30 0.88
CA MET S 106 -30.93 54.25 0.56
C MET S 106 -31.91 53.60 -0.42
N LEU S 107 -33.14 53.38 0.02
CA LEU S 107 -34.15 52.84 -0.88
C LEU S 107 -34.52 53.86 -1.94
N PRO S 108 -35.02 53.43 -3.10
CA PRO S 108 -35.45 54.39 -4.12
C PRO S 108 -36.53 55.33 -3.64
N ASP S 109 -37.38 54.88 -2.71
CA ASP S 109 -38.45 55.72 -2.19
C ASP S 109 -37.93 56.89 -1.36
N GLY S 110 -36.65 56.90 -1.01
CA GLY S 110 -36.08 57.93 -0.19
C GLY S 110 -35.86 57.54 1.26
N THR S 111 -36.43 56.42 1.70
CA THR S 111 -36.23 55.94 3.05
C THR S 111 -34.83 55.32 3.18
N SER S 112 -34.42 55.10 4.42
CA SER S 112 -33.13 54.51 4.72
C SER S 112 -33.34 53.14 5.37
N ALA S 113 -32.68 52.12 4.83
CA ALA S 113 -32.72 50.78 5.38
C ALA S 113 -31.34 50.42 5.91
N TYR S 114 -31.30 49.38 6.74
CA TYR S 114 -30.06 48.96 7.37
C TYR S 114 -29.90 47.46 7.19
N THR S 115 -28.65 47.03 7.04
CA THR S 115 -28.38 45.64 6.73
C THR S 115 -27.07 45.19 7.34
N ARG S 116 -26.89 43.86 7.39
CA ARG S 116 -25.65 43.24 7.81
C ARG S 116 -24.92 42.53 6.68
N ASP S 117 -25.56 42.36 5.54
CA ASP S 117 -25.02 41.57 4.44
C ASP S 117 -23.98 42.39 3.69
N GLY S 118 -22.72 42.04 3.87
CA GLY S 118 -21.66 42.70 3.13
C GLY S 118 -21.28 41.99 1.86
N SER S 119 -21.85 42.43 0.74
CA SER S 119 -21.48 41.92 -0.58
C SER S 119 -21.76 43.04 -1.58
N PHE S 120 -20.73 43.78 -1.93
CA PHE S 120 -20.87 45.03 -2.67
C PHE S 120 -20.38 44.89 -4.10
N GLN S 121 -21.05 45.60 -5.00
CA GLN S 121 -20.65 45.66 -6.40
C GLN S 121 -20.72 47.11 -6.85
N VAL S 122 -20.11 47.39 -7.99
CA VAL S 122 -19.97 48.74 -8.51
C VAL S 122 -20.70 48.82 -9.84
N ASP S 123 -21.54 49.85 -9.99
CA ASP S 123 -22.27 50.06 -11.23
C ASP S 123 -21.48 50.97 -12.15
N GLN S 124 -22.11 51.46 -13.23
CA GLN S 124 -21.37 52.16 -14.27
C GLN S 124 -20.85 53.51 -13.79
N ASN S 125 -21.58 54.20 -12.93
CA ASN S 125 -21.12 55.50 -12.43
C ASN S 125 -19.96 55.37 -11.46
N GLY S 126 -19.65 54.17 -10.99
CA GLY S 126 -18.61 53.97 -10.01
C GLY S 126 -19.07 54.04 -8.57
N GLN S 127 -20.34 54.40 -8.33
CA GLN S 127 -20.85 54.46 -6.97
C GLN S 127 -21.02 53.06 -6.41
N LEU S 128 -20.59 52.88 -5.16
CA LEU S 128 -20.61 51.57 -4.52
C LEU S 128 -22.04 51.25 -4.10
N VAL S 129 -22.57 50.13 -4.59
CA VAL S 129 -23.94 49.72 -4.32
C VAL S 129 -23.95 48.27 -3.86
N THR S 130 -25.04 47.89 -3.19
CA THR S 130 -25.20 46.52 -2.75
C THR S 130 -25.83 45.69 -3.87
N ALA S 131 -25.84 44.38 -3.67
CA ALA S 131 -26.39 43.45 -4.66
C ALA S 131 -27.91 43.61 -4.69
N GLY S 132 -28.41 44.29 -5.71
CA GLY S 132 -29.83 44.57 -5.82
C GLY S 132 -30.10 45.94 -6.38
N GLY S 133 -29.09 46.80 -6.36
CA GLY S 133 -29.16 48.13 -6.95
C GLY S 133 -29.17 49.26 -5.93
N PHE S 134 -29.57 48.97 -4.70
CA PHE S 134 -29.60 49.99 -3.66
C PHE S 134 -28.20 50.48 -3.37
N GLN S 135 -28.06 51.77 -3.08
CA GLN S 135 -26.76 52.40 -2.92
C GLN S 135 -26.52 52.76 -1.47
N VAL S 136 -25.27 52.60 -1.04
CA VAL S 136 -24.89 52.89 0.33
C VAL S 136 -25.01 54.38 0.59
N GLN S 137 -25.45 54.74 1.79
CA GLN S 137 -25.70 56.14 2.11
C GLN S 137 -24.46 57.03 2.06
N PRO S 138 -23.30 56.64 2.62
CA PRO S 138 -22.11 57.49 2.47
C PRO S 138 -21.68 57.69 1.02
N ALA S 139 -22.13 56.84 0.11
CA ALA S 139 -21.89 57.00 -1.33
C ALA S 139 -20.39 57.05 -1.64
N ILE S 140 -19.74 55.93 -1.37
CA ILE S 140 -18.33 55.79 -1.70
C ILE S 140 -18.19 55.64 -3.21
N THR S 141 -17.46 56.55 -3.83
CA THR S 141 -17.26 56.56 -5.28
C THR S 141 -15.85 56.08 -5.60
N ILE S 142 -15.76 55.12 -6.50
CA ILE S 142 -14.49 54.52 -6.91
C ILE S 142 -14.16 55.04 -8.31
N PRO S 143 -13.05 55.75 -8.48
CA PRO S 143 -12.69 56.25 -9.81
C PRO S 143 -12.33 55.11 -10.75
N ALA S 144 -12.31 55.43 -12.04
CA ALA S 144 -11.95 54.46 -13.06
C ALA S 144 -10.49 54.07 -12.92
N ASN S 145 -10.07 53.11 -13.75
CA ASN S 145 -8.72 52.54 -13.75
C ASN S 145 -8.18 52.32 -12.35
N ALA S 146 -9.01 51.82 -11.45
CA ALA S 146 -8.57 51.51 -10.10
C ALA S 146 -7.85 50.16 -10.09
N LEU S 147 -6.68 50.12 -9.46
CA LEU S 147 -5.89 48.89 -9.40
C LEU S 147 -6.31 48.02 -8.22
N SER S 148 -6.25 48.56 -7.01
CA SER S 148 -6.63 47.83 -5.82
C SER S 148 -7.46 48.71 -4.90
N ILE S 149 -8.48 48.10 -4.29
CA ILE S 149 -9.35 48.76 -3.34
C ILE S 149 -9.13 48.12 -1.98
N THR S 150 -8.76 48.92 -1.00
CA THR S 150 -8.49 48.45 0.35
C THR S 150 -9.44 49.13 1.33
N ILE S 151 -10.13 48.33 2.12
CA ILE S 151 -11.05 48.83 3.14
C ILE S 151 -10.40 48.53 4.49
N GLY S 152 -10.09 49.57 5.23
CA GLY S 152 -9.39 49.42 6.49
C GLY S 152 -10.28 48.88 7.59
N ARG S 153 -9.65 48.61 8.73
CA ARG S 153 -10.38 48.07 9.87
C ARG S 153 -11.37 49.09 10.44
N ASP S 154 -11.11 50.37 10.25
CA ASP S 154 -11.99 51.41 10.76
C ASP S 154 -12.86 52.05 9.67
N GLY S 155 -12.96 51.41 8.51
CA GLY S 155 -13.89 51.85 7.50
C GLY S 155 -13.40 52.89 6.51
N VAL S 156 -12.09 53.07 6.38
CA VAL S 156 -11.55 53.98 5.38
C VAL S 156 -11.35 53.22 4.08
N VAL S 157 -11.87 53.77 2.99
CA VAL S 157 -11.82 53.12 1.68
C VAL S 157 -10.77 53.83 0.84
N SER S 158 -9.80 53.09 0.35
CA SER S 158 -8.71 53.66 -0.43
C SER S 158 -8.58 52.91 -1.76
N VAL S 159 -8.31 53.64 -2.83
CA VAL S 159 -8.08 53.07 -4.15
C VAL S 159 -6.71 53.51 -4.63
N THR S 160 -5.94 52.56 -5.13
CA THR S 160 -4.62 52.89 -5.64
C THR S 160 -4.66 53.04 -7.16
N GLN S 161 -3.72 53.84 -7.67
CA GLN S 161 -3.65 54.15 -9.09
C GLN S 161 -2.27 53.77 -9.61
N GLN S 162 -2.07 53.97 -10.91
CA GLN S 162 -0.80 53.65 -11.55
C GLN S 162 0.12 54.86 -11.49
N GLY S 163 1.35 54.64 -11.02
CA GLY S 163 2.32 55.71 -10.93
C GLY S 163 2.22 56.57 -9.71
N GLN S 164 1.46 56.18 -8.70
CA GLN S 164 1.33 56.93 -7.46
C GLN S 164 1.96 56.15 -6.32
N ALA S 165 2.90 56.80 -5.62
CA ALA S 165 3.59 56.13 -4.52
C ALA S 165 2.64 55.78 -3.38
N ALA S 166 1.74 56.70 -3.04
CA ALA S 166 0.85 56.48 -1.91
C ALA S 166 -0.60 56.43 -2.38
N PRO S 167 -1.42 55.58 -1.77
CA PRO S 167 -2.83 55.51 -2.16
C PRO S 167 -3.59 56.74 -1.70
N VAL S 168 -4.72 56.98 -2.35
CA VAL S 168 -5.58 58.11 -2.04
C VAL S 168 -6.77 57.62 -1.24
N GLN S 169 -7.46 58.55 -0.59
CA GLN S 169 -8.65 58.27 0.19
C GLN S 169 -9.87 58.81 -0.52
N VAL S 170 -10.90 57.97 -0.65
CA VAL S 170 -12.11 58.35 -1.38
C VAL S 170 -13.32 58.27 -0.47
N GLY S 171 -13.12 58.44 0.83
CA GLY S 171 -14.24 58.50 1.74
C GLY S 171 -14.17 57.52 2.91
N GLN S 172 -14.97 57.78 3.94
CA GLN S 172 -15.07 56.93 5.10
C GLN S 172 -16.39 56.17 5.07
N LEU S 173 -16.39 54.96 5.61
CA LEU S 173 -17.57 54.10 5.62
C LEU S 173 -18.02 53.91 7.06
N ASN S 174 -18.89 54.80 7.53
CA ASN S 174 -19.44 54.70 8.87
C ASN S 174 -20.55 53.66 8.92
N LEU S 175 -20.95 53.28 10.13
CA LEU S 175 -22.04 52.34 10.31
C LEU S 175 -22.90 52.80 11.48
N THR S 176 -24.16 52.34 11.46
CA THR S 176 -25.15 52.77 12.42
C THR S 176 -25.46 51.67 13.42
N THR S 177 -25.91 52.06 14.60
CA THR S 177 -26.36 51.15 15.64
C THR S 177 -27.69 51.65 16.17
N PHE S 178 -28.36 50.77 16.91
CA PHE S 178 -29.66 51.07 17.48
C PHE S 178 -29.66 50.77 18.97
N MET S 179 -30.57 51.43 19.69
CA MET S 179 -30.75 51.13 21.10
C MET S 179 -31.22 49.69 21.30
N ASN S 180 -32.17 49.25 20.46
CA ASN S 180 -32.74 47.91 20.54
C ASN S 180 -32.69 47.30 19.15
N ASP S 181 -31.78 46.35 18.94
CA ASP S 181 -31.63 45.75 17.62
C ASP S 181 -32.81 44.83 17.29
N THR S 182 -33.44 44.25 18.31
CA THR S 182 -34.50 43.28 18.06
C THR S 182 -35.73 43.93 17.42
N GLY S 183 -35.99 45.18 17.73
CA GLY S 183 -37.21 45.82 17.29
C GLY S 183 -37.26 46.29 15.87
N LEU S 184 -36.18 46.16 15.11
CA LEU S 184 -36.18 46.62 13.73
C LEU S 184 -37.20 45.84 12.90
N GLU S 185 -37.96 46.55 12.07
CA GLU S 185 -38.92 45.90 11.19
C GLU S 185 -38.18 45.38 9.97
N SER S 186 -38.28 44.08 9.71
CA SER S 186 -37.52 43.43 8.66
C SER S 186 -38.37 43.29 7.40
N ILE S 187 -37.75 43.51 6.25
CA ILE S 187 -38.36 43.30 4.96
C ILE S 187 -37.39 42.46 4.11
N GLY S 188 -37.75 42.25 2.85
CA GLY S 188 -36.97 41.40 1.98
C GLY S 188 -35.60 41.99 1.70
N GLU S 189 -34.79 41.17 1.01
CA GLU S 189 -33.44 41.55 0.58
C GLU S 189 -32.55 41.94 1.76
N ASN S 190 -32.82 41.35 2.93
CA ASN S 190 -32.05 41.59 4.14
C ASN S 190 -31.97 43.09 4.44
N LEU S 191 -33.15 43.69 4.64
CA LEU S 191 -33.24 45.10 4.98
C LEU S 191 -34.04 45.28 6.24
N TYR S 192 -33.55 46.15 7.12
CA TYR S 192 -34.22 46.48 8.37
C TYR S 192 -34.48 47.97 8.42
N ILE S 193 -35.66 48.35 8.90
CA ILE S 193 -36.02 49.75 9.06
C ILE S 193 -36.35 50.00 10.52
N GLU S 194 -36.05 51.22 10.97
CA GLU S 194 -36.33 51.58 12.35
C GLU S 194 -37.82 51.81 12.53
N THR S 195 -38.30 51.57 13.75
CA THR S 195 -39.70 51.79 14.07
C THR S 195 -39.84 52.48 15.41
N GLN S 196 -41.06 52.55 15.94
CA GLN S 196 -41.27 53.14 17.25
C GLN S 196 -40.58 52.33 18.33
N SER S 197 -40.55 51.01 18.18
CA SER S 197 -39.97 50.14 19.20
C SER S 197 -38.47 50.40 19.37
N SER S 198 -37.74 50.57 18.28
CA SER S 198 -36.31 50.78 18.32
C SER S 198 -36.01 52.27 18.36
N GLY S 199 -34.93 52.63 19.05
CA GLY S 199 -34.56 54.02 19.17
C GLY S 199 -34.07 54.60 17.86
N ALA S 200 -33.86 55.91 17.88
CA ALA S 200 -33.33 56.59 16.71
C ALA S 200 -31.92 56.08 16.43
N PRO S 201 -31.62 55.68 15.19
CA PRO S 201 -30.29 55.14 14.90
C PRO S 201 -29.21 56.18 15.14
N ASN S 202 -28.06 55.72 15.63
CA ASN S 202 -26.90 56.59 15.81
C ASN S 202 -25.73 56.05 15.01
N GLU S 203 -25.11 56.92 14.23
CA GLU S 203 -24.04 56.53 13.32
C GLU S 203 -22.67 56.87 13.91
N SER S 204 -21.68 56.04 13.59
CA SER S 204 -20.33 56.25 14.10
C SER S 204 -19.35 55.53 13.20
N THR S 205 -18.08 55.95 13.31
CA THR S 205 -17.01 55.24 12.63
C THR S 205 -16.82 53.87 13.27
N PRO S 206 -16.47 52.85 12.49
CA PRO S 206 -16.28 51.51 13.07
C PRO S 206 -15.19 51.51 14.12
N GLY S 207 -15.39 50.71 15.16
CA GLY S 207 -14.42 50.56 16.22
C GLY S 207 -14.55 51.53 17.38
N LEU S 208 -15.53 52.43 17.35
CA LEU S 208 -15.72 53.38 18.42
C LEU S 208 -17.16 53.34 18.90
N ASN S 209 -17.35 53.69 20.18
CA ASN S 209 -18.68 53.72 20.81
C ASN S 209 -19.38 52.37 20.69
N GLY S 210 -18.61 51.30 20.86
CA GLY S 210 -19.16 49.96 20.79
C GLY S 210 -19.48 49.45 19.40
N ALA S 211 -19.28 50.27 18.37
CA ALA S 211 -19.52 49.82 17.01
C ALA S 211 -18.49 48.78 16.61
N GLY S 212 -18.91 47.87 15.73
CA GLY S 212 -18.04 46.79 15.31
C GLY S 212 -16.97 47.23 14.34
N LEU S 213 -16.07 46.29 14.05
CA LEU S 213 -14.99 46.52 13.10
C LEU S 213 -15.38 45.98 11.72
N LEU S 214 -14.46 46.10 10.77
CA LEU S 214 -14.70 45.64 9.40
C LEU S 214 -13.53 44.78 8.94
N TYR S 215 -13.84 43.62 8.39
CA TYR S 215 -12.84 42.76 7.76
C TYR S 215 -13.11 42.71 6.26
N GLN S 216 -12.06 42.85 5.47
CA GLN S 216 -12.18 42.82 4.02
C GLN S 216 -11.95 41.39 3.51
N GLY S 217 -12.73 41.01 2.51
CA GLY S 217 -12.60 39.69 1.91
C GLY S 217 -13.39 38.59 2.57
N TYR S 218 -14.22 38.90 3.55
CA TYR S 218 -15.01 37.90 4.25
C TYR S 218 -16.48 38.27 4.22
N VAL S 219 -17.33 37.27 4.35
CA VAL S 219 -18.78 37.46 4.38
C VAL S 219 -19.31 36.76 5.63
N GLU S 220 -20.13 37.47 6.40
CA GLU S 220 -20.69 36.93 7.62
C GLU S 220 -21.83 35.96 7.27
N THR S 221 -21.79 34.76 7.84
CA THR S 221 -22.76 33.73 7.54
C THR S 221 -23.85 33.69 8.62
N SER S 222 -24.94 33.02 8.29
CA SER S 222 -26.08 32.95 9.20
C SER S 222 -25.72 32.14 10.44
N ASN S 223 -26.40 32.45 11.54
CA ASN S 223 -26.18 31.79 12.83
C ASN S 223 -27.30 30.82 13.16
N VAL S 224 -27.82 30.12 12.15
CA VAL S 224 -28.85 29.11 12.36
C VAL S 224 -28.18 27.82 12.81
N ASN S 225 -28.59 27.30 13.95
CA ASN S 225 -28.04 26.06 14.51
C ASN S 225 -29.01 24.93 14.19
N VAL S 226 -28.65 24.08 13.23
CA VAL S 226 -29.50 22.98 12.82
C VAL S 226 -29.67 21.93 13.90
N ALA S 227 -28.79 21.92 14.90
CA ALA S 227 -28.88 20.92 15.96
C ALA S 227 -30.09 21.12 16.88
N GLU S 228 -30.76 22.27 16.78
CA GLU S 228 -31.94 22.55 17.59
C GLU S 228 -33.23 22.54 16.80
N GLU S 229 -33.17 22.86 15.51
CA GLU S 229 -34.37 22.84 14.68
C GLU S 229 -34.95 21.46 14.50
N LEU S 230 -34.12 20.41 14.47
CA LEU S 230 -34.65 19.05 14.39
C LEU S 230 -35.49 18.72 15.63
N VAL S 231 -34.97 19.05 16.81
CA VAL S 231 -35.72 18.82 18.04
C VAL S 231 -36.99 19.65 18.05
N ASN S 232 -36.91 20.90 17.58
CA ASN S 232 -38.10 21.73 17.52
C ASN S 232 -39.15 21.14 16.58
N MET S 233 -38.72 20.61 15.43
CA MET S 233 -39.67 19.99 14.52
C MET S 233 -40.31 18.76 15.13
N ILE S 234 -39.53 17.95 15.83
CA ILE S 234 -40.10 16.76 16.47
C ILE S 234 -41.15 17.17 17.50
N GLN S 235 -40.82 18.16 18.34
CA GLN S 235 -41.76 18.60 19.36
C GLN S 235 -43.02 19.17 18.73
N VAL S 236 -42.86 19.96 17.67
CA VAL S 236 -44.02 20.56 17.01
C VAL S 236 -44.91 19.48 16.42
N GLN S 237 -44.32 18.49 15.76
CA GLN S 237 -45.13 17.44 15.16
C GLN S 237 -45.90 16.66 16.22
N ARG S 238 -45.23 16.31 17.32
CA ARG S 238 -45.93 15.54 18.36
C ARG S 238 -47.04 16.36 19.01
N ALA S 239 -46.80 17.65 19.24
CA ALA S 239 -47.84 18.50 19.80
C ALA S 239 -49.03 18.60 18.84
N TYR S 240 -48.76 18.68 17.54
CA TYR S 240 -49.83 18.71 16.56
C TYR S 240 -50.65 17.43 16.61
N GLU S 241 -49.97 16.28 16.73
CA GLU S 241 -50.69 15.02 16.84
C GLU S 241 -51.59 15.00 18.08
N ILE S 242 -51.06 15.47 19.21
CA ILE S 242 -51.84 15.45 20.45
C ILE S 242 -53.07 16.34 20.32
N ASN S 243 -52.90 17.54 19.77
CA ASN S 243 -54.05 18.43 19.61
C ASN S 243 -55.07 17.85 18.63
N SER S 244 -54.61 17.19 17.57
CA SER S 244 -55.54 16.55 16.65
C SER S 244 -56.34 15.47 17.35
N LYS S 245 -55.69 14.66 18.19
CA LYS S 245 -56.41 13.65 18.93
C LYS S 245 -57.42 14.27 19.89
N ALA S 246 -57.06 15.40 20.50
CA ALA S 246 -58.01 16.09 21.37
C ALA S 246 -59.23 16.55 20.59
N VAL S 247 -59.02 17.09 19.40
CA VAL S 247 -60.15 17.50 18.56
C VAL S 247 -61.04 16.32 18.23
N SER S 248 -60.42 15.19 17.86
CA SER S 248 -61.20 14.01 17.50
C SER S 248 -62.01 13.51 18.70
N THR S 249 -61.40 13.50 19.88
CA THR S 249 -62.10 13.04 21.07
C THR S 249 -63.28 13.94 21.40
N THR S 250 -63.09 15.26 21.31
CA THR S 250 -64.20 16.17 21.55
C THR S 250 -65.30 15.95 20.53
N ASP S 251 -64.93 15.73 19.26
CA ASP S 251 -65.92 15.46 18.23
C ASP S 251 -66.74 14.22 18.55
N GLN S 252 -66.06 13.15 18.95
CA GLN S 252 -66.78 11.92 19.28
C GLN S 252 -67.70 12.12 20.47
N MET S 253 -67.23 12.83 21.50
CA MET S 253 -68.07 13.08 22.67
C MET S 253 -69.32 13.88 22.28
N LEU S 254 -69.14 14.91 21.47
CA LEU S 254 -70.28 15.73 21.06
C LEU S 254 -71.25 14.95 20.20
N GLN S 255 -70.72 14.09 19.31
CA GLN S 255 -71.58 13.26 18.49
C GLN S 255 -72.40 12.29 19.34
N LYS S 256 -71.76 11.69 20.34
CA LYS S 256 -72.50 10.81 21.24
C LYS S 256 -73.54 11.58 22.03
N LEU S 257 -73.25 12.82 22.41
CA LEU S 257 -74.24 13.64 23.09
C LEU S 257 -75.44 13.90 22.21
N THR S 258 -75.22 14.34 20.98
CA THR S 258 -76.32 14.67 20.09
C THR S 258 -77.01 13.45 19.52
N GLN S 259 -76.43 12.26 19.67
CA GLN S 259 -77.08 11.05 19.19
C GLN S 259 -78.42 10.81 19.89
N LEU S 260 -78.47 11.02 21.20
CA LEU S 260 -79.70 10.81 21.95
C LEU S 260 -80.76 11.84 21.55
N ILE T 2 -77.03 19.85 -1.39
CA ILE T 2 -76.54 19.43 -2.70
C ILE T 2 -75.53 20.45 -3.24
N SER T 3 -75.65 21.69 -2.79
CA SER T 3 -74.70 22.72 -3.18
C SER T 3 -73.29 22.35 -2.75
N SER T 4 -73.15 21.87 -1.51
CA SER T 4 -71.84 21.43 -1.03
C SER T 4 -71.32 20.28 -1.87
N LEU T 5 -72.19 19.34 -2.23
CA LEU T 5 -71.76 18.21 -3.06
C LEU T 5 -71.24 18.69 -4.40
N TRP T 6 -71.96 19.61 -5.04
CA TRP T 6 -71.50 20.11 -6.34
C TRP T 6 -70.18 20.84 -6.23
N ILE T 7 -70.03 21.68 -5.20
CA ILE T 7 -68.79 22.43 -5.03
C ILE T 7 -67.62 21.49 -4.80
N ALA T 8 -67.81 20.49 -3.93
CA ALA T 8 -66.73 19.55 -3.65
C ALA T 8 -66.41 18.69 -4.86
N LYS T 9 -67.42 18.36 -5.67
CA LYS T 9 -67.16 17.63 -6.91
C LYS T 9 -66.30 18.46 -7.85
N THR T 10 -66.59 19.75 -7.97
CA THR T 10 -65.76 20.61 -8.80
C THR T 10 -64.33 20.66 -8.27
N GLY T 11 -64.17 20.78 -6.95
CA GLY T 11 -62.83 20.79 -6.37
C GLY T 11 -62.08 19.51 -6.65
N LEU T 12 -62.75 18.36 -6.51
CA LEU T 12 -62.11 17.09 -6.79
C LEU T 12 -61.69 16.98 -8.25
N ASP T 13 -62.54 17.43 -9.17
CA ASP T 13 -62.18 17.40 -10.58
C ASP T 13 -60.98 18.29 -10.87
N ALA T 14 -60.94 19.48 -10.27
CA ALA T 14 -59.80 20.35 -10.46
C ALA T 14 -58.51 19.71 -9.96
N GLN T 15 -58.58 19.08 -8.78
CA GLN T 15 -57.39 18.41 -8.26
C GLN T 15 -56.99 17.23 -9.13
N GLN T 16 -57.97 16.54 -9.70
CA GLN T 16 -57.66 15.43 -10.60
C GLN T 16 -56.92 15.93 -11.83
N THR T 17 -57.36 17.04 -12.41
CA THR T 17 -56.66 17.59 -13.58
C THR T 17 -55.25 18.05 -13.21
N ASN T 18 -55.10 18.66 -12.03
CA ASN T 18 -53.77 19.08 -11.60
C ASN T 18 -52.85 17.88 -11.45
N MET T 19 -53.33 16.80 -10.83
CA MET T 19 -52.52 15.60 -10.72
C MET T 19 -52.20 15.02 -12.09
N ASP T 20 -53.15 15.12 -13.02
CA ASP T 20 -52.91 14.64 -14.38
C ASP T 20 -51.75 15.39 -15.03
N VAL T 21 -51.74 16.71 -14.94
CA VAL T 21 -50.67 17.46 -15.59
C VAL T 21 -49.34 17.23 -14.88
N ILE T 22 -49.38 17.02 -13.56
CA ILE T 22 -48.14 16.71 -12.83
C ILE T 22 -47.57 15.37 -13.32
N ALA T 23 -48.42 14.37 -13.47
CA ALA T 23 -47.97 13.07 -13.95
C ALA T 23 -47.46 13.17 -15.38
N ASN T 24 -48.12 13.97 -16.20
CA ASN T 24 -47.66 14.16 -17.57
C ASN T 24 -46.28 14.79 -17.61
N ASN T 25 -46.05 15.80 -16.77
CA ASN T 25 -44.73 16.41 -16.70
C ASN T 25 -43.68 15.40 -16.23
N LEU T 26 -44.03 14.57 -15.24
CA LEU T 26 -43.05 13.61 -14.74
C LEU T 26 -42.74 12.52 -15.74
N ALA T 27 -43.72 12.11 -16.56
CA ALA T 27 -43.54 10.95 -17.42
C ALA T 27 -42.43 11.17 -18.43
N ASN T 28 -42.50 12.26 -19.19
CA ASN T 28 -41.51 12.53 -20.22
C ASN T 28 -40.39 13.43 -19.70
N VAL T 29 -39.70 12.92 -18.68
CA VAL T 29 -38.56 13.64 -18.11
C VAL T 29 -37.30 13.47 -18.93
N SER T 30 -37.28 12.53 -19.87
CA SER T 30 -36.12 12.28 -20.72
C SER T 30 -36.45 12.45 -22.19
N THR T 31 -37.42 13.31 -22.50
CA THR T 31 -37.83 13.57 -23.88
C THR T 31 -37.17 14.85 -24.37
N ASN T 32 -36.47 14.76 -25.49
CA ASN T 32 -35.75 15.91 -26.02
C ASN T 32 -36.71 17.02 -26.44
N GLY T 33 -36.35 18.25 -26.12
CA GLY T 33 -37.12 19.40 -26.54
C GLY T 33 -38.53 19.44 -25.99
N PHE T 34 -38.69 19.16 -24.70
CA PHE T 34 -39.98 19.20 -24.04
C PHE T 34 -39.98 20.31 -23.00
N LYS T 35 -41.14 20.98 -22.86
CA LYS T 35 -41.30 22.08 -21.93
C LYS T 35 -42.37 21.72 -20.92
N ARG T 36 -42.10 21.99 -19.65
CA ARG T 36 -43.04 21.66 -18.60
C ARG T 36 -44.27 22.55 -18.68
N GLN T 37 -45.37 22.04 -18.12
CA GLN T 37 -46.64 22.75 -18.08
C GLN T 37 -47.09 22.91 -16.63
N ARG T 38 -47.74 24.04 -16.35
CA ARG T 38 -48.37 24.27 -15.06
C ARG T 38 -49.79 24.74 -15.30
N ALA T 39 -50.73 24.21 -14.53
CA ALA T 39 -52.15 24.52 -14.69
C ALA T 39 -52.55 25.64 -13.73
N VAL T 40 -53.40 26.54 -14.20
CA VAL T 40 -53.89 27.66 -13.41
C VAL T 40 -55.40 27.56 -13.31
N PHE T 41 -55.91 27.71 -12.09
CA PHE T 41 -57.33 27.62 -11.81
C PHE T 41 -57.92 28.98 -11.50
N GLU T 42 -59.24 29.06 -11.51
CA GLU T 42 -59.94 30.30 -11.19
C GLU T 42 -61.29 29.97 -10.58
N ASP T 43 -61.91 30.98 -9.98
CA ASP T 43 -63.19 30.82 -9.33
C ASP T 43 -64.33 31.02 -10.34
N LEU T 44 -65.50 30.52 -9.96
CA LEU T 44 -66.70 30.69 -10.77
C LEU T 44 -67.44 31.95 -10.33
N LEU T 45 -68.66 32.14 -10.83
CA LEU T 45 -69.46 33.29 -10.45
C LEU T 45 -69.85 33.20 -8.97
N TYR T 46 -70.20 34.36 -8.40
CA TYR T 46 -70.60 34.45 -7.01
C TYR T 46 -72.07 34.84 -6.93
N GLN T 47 -72.83 34.08 -6.15
CA GLN T 47 -74.24 34.36 -5.93
C GLN T 47 -74.38 35.47 -4.89
N THR T 48 -75.29 36.40 -5.15
CA THR T 48 -75.59 37.48 -4.22
C THR T 48 -76.97 37.19 -3.64
N ILE T 49 -76.99 36.43 -2.54
CA ILE T 49 -78.27 36.06 -1.93
C ILE T 49 -78.93 37.28 -1.30
N ARG T 50 -78.18 38.07 -0.56
CA ARG T 50 -78.72 39.23 0.14
C ARG T 50 -77.76 40.40 0.01
N GLN T 51 -78.29 41.55 -0.37
CA GLN T 51 -77.48 42.76 -0.50
C GLN T 51 -77.20 43.36 0.88
N PRO T 52 -76.04 44.02 1.03
CA PRO T 52 -75.69 44.64 2.32
C PRO T 52 -76.49 45.92 2.59
N GLN T 59 -73.15 50.98 16.88
CA GLN T 59 -72.58 51.90 15.90
C GLN T 59 -71.84 51.14 14.80
N THR T 60 -70.71 50.54 15.16
CA THR T 60 -69.88 49.80 14.22
C THR T 60 -70.15 48.31 14.37
N THR T 61 -70.76 47.71 13.36
CA THR T 61 -71.05 46.28 13.33
C THR T 61 -70.53 45.70 12.02
N LEU T 62 -70.63 44.38 11.90
CA LEU T 62 -70.22 43.72 10.67
C LEU T 62 -71.19 44.08 9.54
N PRO T 63 -70.71 44.09 8.29
CA PRO T 63 -71.56 44.57 7.19
C PRO T 63 -72.83 43.78 6.98
N SER T 64 -72.88 42.51 7.40
CA SER T 64 -74.08 41.68 7.34
C SER T 64 -74.56 41.51 5.89
N GLY T 65 -73.69 40.92 5.08
CA GLY T 65 -74.03 40.61 3.71
C GLY T 65 -73.67 39.17 3.38
N LEU T 66 -74.46 38.57 2.50
CA LEU T 66 -74.27 37.19 2.10
C LEU T 66 -73.81 37.13 0.65
N GLN T 67 -72.84 36.25 0.38
CA GLN T 67 -72.30 36.10 -0.96
C GLN T 67 -71.69 34.70 -1.06
N ILE T 68 -72.40 33.80 -1.70
CA ILE T 68 -72.02 32.40 -1.77
C ILE T 68 -71.18 32.16 -3.02
N GLY T 69 -70.09 31.41 -2.86
CA GLY T 69 -69.29 31.01 -3.99
C GLY T 69 -69.92 29.87 -4.76
N THR T 70 -69.27 29.49 -5.85
CA THR T 70 -69.77 28.42 -6.70
C THR T 70 -68.79 27.27 -6.87
N GLY T 71 -67.51 27.55 -7.04
CA GLY T 71 -66.53 26.50 -7.20
C GLY T 71 -65.34 26.99 -8.01
N VAL T 72 -64.52 26.04 -8.43
CA VAL T 72 -63.27 26.32 -9.11
C VAL T 72 -63.24 25.58 -10.44
N ARG T 73 -62.70 26.22 -11.46
CA ARG T 73 -62.54 25.61 -12.77
C ARG T 73 -61.11 25.84 -13.25
N PRO T 74 -60.57 24.90 -14.02
CA PRO T 74 -59.26 25.14 -14.65
C PRO T 74 -59.41 26.02 -15.86
N VAL T 75 -58.51 26.99 -15.99
CA VAL T 75 -58.57 28.00 -17.05
C VAL T 75 -57.59 27.69 -18.17
N ALA T 76 -56.33 27.44 -17.82
CA ALA T 76 -55.32 27.22 -18.84
C ALA T 76 -54.17 26.43 -18.25
N THR T 77 -53.32 25.92 -19.14
CA THR T 77 -52.07 25.28 -18.77
C THR T 77 -50.96 25.98 -19.53
N GLU T 78 -50.16 26.77 -18.82
CA GLU T 78 -49.09 27.52 -19.42
C GLU T 78 -47.81 26.70 -19.45
N ARG T 79 -47.11 26.75 -20.57
CA ARG T 79 -45.85 26.03 -20.73
C ARG T 79 -44.68 26.95 -20.46
N LEU T 80 -43.76 26.52 -19.61
CA LEU T 80 -42.59 27.32 -19.28
C LEU T 80 -41.57 27.17 -20.41
N HIS T 81 -41.63 28.08 -21.37
CA HIS T 81 -40.72 28.06 -22.51
C HIS T 81 -39.35 28.61 -22.13
N SER T 82 -38.73 27.95 -21.17
CA SER T 82 -37.40 28.31 -20.72
C SER T 82 -36.36 27.61 -21.60
N GLN T 83 -35.10 27.67 -21.20
CA GLN T 83 -34.01 27.05 -21.93
C GLN T 83 -33.56 25.79 -21.20
N GLY T 84 -33.61 24.65 -21.89
CA GLY T 84 -33.15 23.41 -21.31
C GLY T 84 -31.67 23.18 -21.50
N ASN T 85 -31.14 22.23 -20.73
CA ASN T 85 -29.73 21.91 -20.83
C ASN T 85 -29.43 21.19 -22.14
N LEU T 86 -28.15 21.16 -22.49
CA LEU T 86 -27.69 20.49 -23.69
C LEU T 86 -26.88 19.26 -23.32
N SER T 87 -27.27 18.11 -23.87
CA SER T 87 -26.56 16.86 -23.64
C SER T 87 -25.95 16.38 -24.95
N GLN T 88 -24.73 15.84 -24.87
CA GLN T 88 -23.99 15.41 -26.03
C GLN T 88 -24.37 13.99 -26.43
N THR T 89 -24.79 13.82 -27.68
CA THR T 89 -25.05 12.50 -28.23
C THR T 89 -23.97 12.03 -29.19
N ASN T 90 -22.97 12.85 -29.48
CA ASN T 90 -21.82 12.54 -30.32
C ASN T 90 -22.20 12.30 -31.77
N ASN T 91 -23.48 12.40 -32.13
CA ASN T 91 -23.90 12.20 -33.50
C ASN T 91 -23.54 13.43 -34.35
N SER T 92 -23.63 13.25 -35.67
CA SER T 92 -23.26 14.30 -36.61
C SER T 92 -24.45 14.94 -37.30
N LYS T 93 -25.66 14.41 -37.09
CA LYS T 93 -26.86 14.96 -37.72
C LYS T 93 -27.89 15.41 -36.70
N ASP T 94 -27.47 15.79 -35.50
CA ASP T 94 -28.35 16.31 -34.47
C ASP T 94 -28.01 17.76 -34.17
N VAL T 95 -29.04 18.58 -34.00
CA VAL T 95 -28.86 20.00 -33.76
C VAL T 95 -29.66 20.41 -32.53
N ALA T 96 -29.22 21.48 -31.89
CA ALA T 96 -29.86 22.00 -30.69
C ALA T 96 -30.05 23.50 -30.82
N ILE T 97 -31.15 23.99 -30.29
CA ILE T 97 -31.50 25.41 -30.38
C ILE T 97 -30.96 26.13 -29.15
N LYS T 98 -30.25 27.24 -29.38
CA LYS T 98 -29.75 28.09 -28.31
C LYS T 98 -30.53 29.41 -28.37
N GLY T 99 -31.55 29.53 -27.51
CA GLY T 99 -32.39 30.69 -27.51
C GLY T 99 -33.82 30.37 -27.91
N GLN T 100 -34.43 31.23 -28.72
CA GLN T 100 -35.79 31.00 -29.20
C GLN T 100 -35.78 30.55 -30.65
N GLY T 101 -36.89 29.93 -31.06
CA GLY T 101 -37.07 29.49 -32.43
C GLY T 101 -37.50 28.04 -32.51
N PHE T 102 -38.30 27.74 -33.54
CA PHE T 102 -38.79 26.40 -33.77
C PHE T 102 -38.51 26.00 -35.21
N PHE T 103 -38.20 24.72 -35.41
CA PHE T 103 -38.09 24.19 -36.76
C PHE T 103 -39.48 24.06 -37.38
N GLN T 104 -39.50 23.87 -38.70
CA GLN T 104 -40.74 23.69 -39.43
C GLN T 104 -40.71 22.35 -40.17
N VAL T 105 -41.77 21.57 -40.01
CA VAL T 105 -41.91 20.29 -40.69
C VAL T 105 -43.29 20.23 -41.31
N MET T 106 -43.44 19.34 -42.29
CA MET T 106 -44.67 19.22 -43.06
C MET T 106 -45.42 17.96 -42.67
N LEU T 107 -46.67 18.11 -42.26
CA LEU T 107 -47.50 16.96 -41.95
C LEU T 107 -47.97 16.28 -43.23
N PRO T 108 -48.34 15.00 -43.15
CA PRO T 108 -48.75 14.29 -44.37
C PRO T 108 -49.92 14.92 -45.09
N ASP T 109 -50.90 15.47 -44.38
CA ASP T 109 -52.08 16.01 -45.03
C ASP T 109 -51.74 17.24 -45.87
N GLY T 110 -50.80 18.06 -45.42
CA GLY T 110 -50.41 19.23 -46.18
C GLY T 110 -50.12 20.44 -45.32
N THR T 111 -50.71 20.47 -44.13
CA THR T 111 -50.47 21.60 -43.22
C THR T 111 -49.05 21.52 -42.67
N SER T 112 -48.65 22.61 -42.02
CA SER T 112 -47.30 22.75 -41.50
C SER T 112 -47.34 22.86 -39.98
N ALA T 113 -46.49 22.09 -39.32
CA ALA T 113 -46.39 22.08 -37.86
C ALA T 113 -44.95 22.31 -37.46
N TYR T 114 -44.76 22.82 -36.25
CA TYR T 114 -43.46 23.24 -35.77
C TYR T 114 -42.98 22.32 -34.64
N THR T 115 -41.69 22.06 -34.61
CA THR T 115 -41.07 21.24 -33.59
C THR T 115 -39.92 22.00 -32.94
N ARG T 116 -39.33 21.40 -31.93
CA ARG T 116 -38.23 22.03 -31.23
C ARG T 116 -37.00 21.14 -31.10
N ASP T 117 -37.17 19.83 -30.88
CA ASP T 117 -36.05 18.95 -30.66
C ASP T 117 -35.35 18.62 -31.97
N GLY T 118 -34.06 18.31 -31.88
CA GLY T 118 -33.30 17.94 -33.05
C GLY T 118 -32.77 16.52 -33.01
N SER T 119 -33.34 15.64 -33.83
CA SER T 119 -32.84 14.29 -34.00
C SER T 119 -33.23 13.86 -35.41
N PHE T 120 -32.30 14.00 -36.35
CA PHE T 120 -32.59 13.87 -37.76
C PHE T 120 -31.89 12.65 -38.34
N GLN T 121 -32.61 11.91 -39.17
CA GLN T 121 -32.06 10.87 -40.01
C GLN T 121 -32.21 11.29 -41.47
N VAL T 122 -31.65 10.50 -42.37
CA VAL T 122 -31.71 10.76 -43.80
C VAL T 122 -32.44 9.60 -44.45
N ASP T 123 -33.50 9.91 -45.20
CA ASP T 123 -34.28 8.89 -45.86
C ASP T 123 -33.51 8.31 -47.03
N GLN T 124 -34.13 7.35 -47.72
CA GLN T 124 -33.43 6.65 -48.80
C GLN T 124 -33.12 7.60 -49.96
N ASN T 125 -33.95 8.61 -50.18
CA ASN T 125 -33.70 9.55 -51.27
C ASN T 125 -32.51 10.46 -50.96
N GLY T 126 -32.40 10.92 -49.72
CA GLY T 126 -31.31 11.78 -49.33
C GLY T 126 -31.76 13.01 -48.57
N GLN T 127 -33.06 13.26 -48.54
CA GLN T 127 -33.57 14.44 -47.86
C GLN T 127 -33.46 14.27 -46.35
N LEU T 128 -33.56 15.40 -45.65
CA LEU T 128 -33.42 15.42 -44.19
C LEU T 128 -34.80 15.32 -43.56
N VAL T 129 -35.01 14.29 -42.76
CA VAL T 129 -36.30 14.04 -42.11
C VAL T 129 -36.06 13.80 -40.63
N THR T 130 -37.09 14.05 -39.84
CA THR T 130 -37.03 13.80 -38.41
C THR T 130 -37.33 12.33 -38.12
N ALA T 131 -37.12 11.94 -36.87
CA ALA T 131 -37.40 10.57 -36.45
C ALA T 131 -38.91 10.38 -36.39
N GLY T 132 -39.46 9.76 -37.43
CA GLY T 132 -40.89 9.59 -37.53
C GLY T 132 -41.39 9.73 -38.95
N GLY T 133 -40.51 10.19 -39.85
CA GLY T 133 -40.79 10.27 -41.26
C GLY T 133 -41.19 11.65 -41.76
N PHE T 134 -41.56 12.55 -40.86
CA PHE T 134 -41.97 13.89 -41.28
C PHE T 134 -40.79 14.64 -41.87
N GLN T 135 -40.98 15.19 -43.07
CA GLN T 135 -39.90 15.84 -43.78
C GLN T 135 -39.70 17.27 -43.28
N VAL T 136 -38.44 17.65 -43.09
CA VAL T 136 -38.14 19.01 -42.65
C VAL T 136 -38.45 19.97 -43.78
N GLN T 137 -39.15 21.06 -43.45
CA GLN T 137 -39.70 21.94 -44.48
C GLN T 137 -38.65 22.57 -45.39
N PRO T 138 -37.54 23.11 -44.90
CA PRO T 138 -36.53 23.67 -45.83
C PRO T 138 -35.98 22.64 -46.81
N ALA T 139 -36.16 21.35 -46.56
CA ALA T 139 -35.83 20.29 -47.51
C ALA T 139 -34.35 20.29 -47.87
N ILE T 140 -33.52 20.03 -46.87
CA ILE T 140 -32.08 19.89 -47.08
C ILE T 140 -31.79 18.50 -47.60
N THR T 141 -31.10 18.42 -48.73
CA THR T 141 -30.75 17.15 -49.35
C THR T 141 -29.24 16.93 -49.28
N ILE T 142 -28.85 15.77 -48.76
CA ILE T 142 -27.45 15.40 -48.61
C ILE T 142 -27.16 14.27 -49.61
N PRO T 143 -26.37 14.52 -50.65
CA PRO T 143 -26.13 13.47 -51.65
C PRO T 143 -25.30 12.32 -51.11
N ALA T 144 -25.04 11.32 -51.94
CA ALA T 144 -24.28 10.16 -51.51
C ALA T 144 -22.82 10.54 -51.27
N ASN T 145 -22.02 9.53 -50.90
CA ASN T 145 -20.61 9.67 -50.56
C ASN T 145 -20.33 10.91 -49.72
N ALA T 146 -21.20 11.16 -48.74
CA ALA T 146 -21.04 12.31 -47.84
C ALA T 146 -20.06 11.94 -46.74
N LEU T 147 -18.78 12.29 -46.95
CA LEU T 147 -17.77 11.95 -45.95
C LEU T 147 -18.04 12.63 -44.62
N SER T 148 -18.41 13.89 -44.65
CA SER T 148 -18.73 14.61 -43.41
C SER T 148 -19.74 15.71 -43.70
N ILE T 149 -20.64 15.91 -42.73
CA ILE T 149 -21.69 16.91 -42.80
C ILE T 149 -21.42 17.93 -41.70
N THR T 150 -21.59 19.21 -42.03
CA THR T 150 -21.33 20.28 -41.08
C THR T 150 -22.51 21.23 -41.05
N ILE T 151 -22.98 21.54 -39.84
CA ILE T 151 -24.06 22.50 -39.62
C ILE T 151 -23.52 23.52 -38.63
N GLY T 152 -23.11 24.67 -39.14
CA GLY T 152 -22.47 25.67 -38.30
C GLY T 152 -23.47 26.38 -37.39
N ARG T 153 -22.95 27.39 -36.70
CA ARG T 153 -23.81 28.20 -35.83
C ARG T 153 -24.85 28.95 -36.62
N ASP T 154 -24.64 29.13 -37.92
CA ASP T 154 -25.65 29.63 -38.83
C ASP T 154 -26.29 28.46 -39.57
N GLY T 155 -27.37 28.76 -40.29
CA GLY T 155 -28.16 27.70 -40.90
C GLY T 155 -27.49 26.97 -42.04
N VAL T 156 -26.33 27.43 -42.49
CA VAL T 156 -25.69 26.81 -43.65
C VAL T 156 -25.27 25.39 -43.31
N VAL T 157 -25.61 24.46 -44.21
CA VAL T 157 -25.20 23.07 -44.10
C VAL T 157 -24.27 22.77 -45.26
N SER T 158 -23.09 22.25 -44.94
CA SER T 158 -22.05 22.02 -45.94
C SER T 158 -21.56 20.59 -45.83
N VAL T 159 -21.49 19.90 -46.97
CA VAL T 159 -21.06 18.51 -47.03
C VAL T 159 -19.72 18.46 -47.75
N THR T 160 -18.82 17.62 -47.27
CA THR T 160 -17.57 17.39 -47.97
C THR T 160 -17.67 16.14 -48.83
N GLN T 161 -16.73 16.02 -49.77
CA GLN T 161 -16.72 14.89 -50.70
C GLN T 161 -15.29 14.40 -50.86
N GLN T 162 -15.12 13.38 -51.70
CA GLN T 162 -13.81 12.77 -51.88
C GLN T 162 -12.91 13.69 -52.69
N GLY T 163 -11.78 14.07 -52.10
CA GLY T 163 -10.81 14.89 -52.80
C GLY T 163 -11.31 16.27 -53.20
N GLN T 164 -12.04 16.94 -52.31
CA GLN T 164 -12.52 18.29 -52.55
C GLN T 164 -11.82 19.25 -51.60
N ALA T 165 -11.25 20.32 -52.15
CA ALA T 165 -10.53 21.28 -51.32
C ALA T 165 -11.47 21.97 -50.34
N ALA T 166 -12.66 22.33 -50.80
CA ALA T 166 -13.60 23.05 -49.97
C ALA T 166 -14.96 22.35 -49.95
N PRO T 167 -15.65 22.38 -48.82
CA PRO T 167 -16.97 21.74 -48.76
C PRO T 167 -17.97 22.48 -49.63
N VAL T 168 -18.98 21.74 -50.09
CA VAL T 168 -20.03 22.31 -50.92
C VAL T 168 -21.27 22.53 -50.07
N GLN T 169 -21.87 23.71 -50.19
CA GLN T 169 -23.09 24.04 -49.47
C GLN T 169 -24.27 23.33 -50.12
N VAL T 170 -25.13 22.74 -49.29
CA VAL T 170 -26.31 22.05 -49.80
C VAL T 170 -27.60 22.63 -49.21
N GLY T 171 -27.57 23.87 -48.75
CA GLY T 171 -28.77 24.52 -48.27
C GLY T 171 -28.59 25.30 -46.99
N GLN T 172 -29.68 25.83 -46.44
CA GLN T 172 -29.64 26.57 -45.19
C GLN T 172 -30.88 26.22 -44.38
N LEU T 173 -30.68 26.08 -43.08
CA LEU T 173 -31.74 25.69 -42.15
C LEU T 173 -32.24 26.93 -41.41
N ASN T 174 -33.15 27.66 -42.05
CA ASN T 174 -33.82 28.76 -41.38
C ASN T 174 -34.86 28.22 -40.42
N LEU T 175 -35.15 28.98 -39.38
CA LEU T 175 -36.10 28.57 -38.35
C LEU T 175 -37.06 29.71 -38.05
N THR T 176 -38.23 29.34 -37.54
CA THR T 176 -39.33 30.28 -37.36
C THR T 176 -39.37 30.81 -35.94
N THR T 177 -40.00 31.97 -35.78
CA THR T 177 -40.19 32.62 -34.50
C THR T 177 -41.62 33.12 -34.39
N PHE T 178 -42.15 33.11 -33.18
CA PHE T 178 -43.51 33.53 -32.90
C PHE T 178 -43.52 34.74 -31.98
N MET T 179 -44.54 35.57 -32.13
CA MET T 179 -44.71 36.71 -31.24
C MET T 179 -45.01 36.26 -29.82
N ASN T 180 -45.82 35.22 -29.67
CA ASN T 180 -46.18 34.68 -28.35
C ASN T 180 -46.20 33.17 -28.47
N ASP T 181 -45.16 32.51 -27.98
CA ASP T 181 -45.04 31.07 -28.12
C ASP T 181 -45.83 30.28 -27.10
N THR T 182 -46.30 30.92 -26.03
CA THR T 182 -47.07 30.21 -25.02
C THR T 182 -48.44 29.79 -25.56
N GLY T 183 -48.95 30.51 -26.55
CA GLY T 183 -50.25 30.20 -27.11
C GLY T 183 -50.28 29.13 -28.17
N LEU T 184 -49.14 28.51 -28.48
CA LEU T 184 -49.10 27.47 -29.50
C LEU T 184 -49.88 26.25 -29.05
N GLU T 185 -50.61 25.65 -29.98
CA GLU T 185 -51.30 24.39 -29.72
C GLU T 185 -50.34 23.23 -29.89
N SER T 186 -50.28 22.37 -28.88
CA SER T 186 -49.33 21.25 -28.85
C SER T 186 -50.09 19.96 -29.15
N ILE T 187 -50.07 19.53 -30.41
CA ILE T 187 -50.54 18.21 -30.77
C ILE T 187 -49.46 17.21 -30.36
N GLY T 188 -49.78 15.94 -30.41
CA GLY T 188 -48.84 14.93 -29.95
C GLY T 188 -47.60 14.84 -30.82
N GLU T 189 -46.66 14.02 -30.36
CA GLU T 189 -45.44 13.68 -31.10
C GLU T 189 -44.52 14.89 -31.26
N ASN T 190 -44.34 15.65 -30.17
CA ASN T 190 -43.38 16.75 -30.12
C ASN T 190 -43.59 17.74 -31.26
N LEU T 191 -44.84 18.10 -31.51
CA LEU T 191 -45.18 19.03 -32.56
C LEU T 191 -46.10 20.12 -32.02
N TYR T 192 -45.98 21.31 -32.60
CA TYR T 192 -46.86 22.43 -32.31
C TYR T 192 -47.42 22.96 -33.63
N ILE T 193 -48.68 23.40 -33.61
CA ILE T 193 -49.31 23.97 -34.79
C ILE T 193 -49.73 25.39 -34.47
N GLU T 194 -49.64 26.28 -35.45
CA GLU T 194 -49.99 27.67 -35.26
C GLU T 194 -51.48 27.80 -34.98
N THR T 195 -51.83 28.71 -34.08
CA THR T 195 -53.22 28.99 -33.75
C THR T 195 -53.43 30.50 -33.72
N GLN T 196 -54.67 30.90 -33.41
CA GLN T 196 -54.98 32.32 -33.33
C GLN T 196 -54.30 32.97 -32.14
N SER T 197 -54.04 32.22 -31.07
CA SER T 197 -53.40 32.80 -29.89
C SER T 197 -52.01 33.30 -30.23
N SER T 198 -51.17 32.45 -30.83
CA SER T 198 -49.85 32.88 -31.25
C SER T 198 -49.96 33.73 -32.51
N GLY T 199 -49.05 34.68 -32.64
CA GLY T 199 -49.06 35.56 -33.79
C GLY T 199 -48.60 34.83 -35.05
N ALA T 200 -48.62 35.56 -36.14
CA ALA T 200 -48.18 35.00 -37.41
C ALA T 200 -46.69 34.71 -37.35
N PRO T 201 -46.27 33.47 -37.56
CA PRO T 201 -44.84 33.14 -37.45
C PRO T 201 -44.05 33.80 -38.55
N ASN T 202 -42.79 34.15 -38.22
CA ASN T 202 -41.88 34.68 -39.22
C ASN T 202 -40.60 33.87 -39.21
N GLU T 203 -40.15 33.45 -40.38
CA GLU T 203 -38.94 32.64 -40.49
C GLU T 203 -37.73 33.55 -40.67
N SER T 204 -36.59 33.07 -40.16
CA SER T 204 -35.35 33.83 -40.28
C SER T 204 -34.17 32.87 -40.19
N THR T 205 -33.04 33.32 -40.72
CA THR T 205 -31.81 32.58 -40.55
C THR T 205 -31.35 32.67 -39.10
N PRO T 206 -30.68 31.64 -38.59
CA PRO T 206 -30.22 31.68 -37.20
C PRO T 206 -29.32 32.87 -36.94
N GLY T 207 -29.45 33.46 -35.75
CA GLY T 207 -28.63 34.58 -35.35
C GLY T 207 -29.10 35.92 -35.83
N LEU T 208 -30.28 36.00 -36.46
CA LEU T 208 -30.83 37.26 -36.93
C LEU T 208 -32.26 37.42 -36.43
N ASN T 209 -32.65 38.67 -36.18
CA ASN T 209 -34.00 39.01 -35.75
C ASN T 209 -34.42 38.23 -34.51
N GLY T 210 -33.50 38.08 -33.57
CA GLY T 210 -33.80 37.42 -32.32
C GLY T 210 -33.87 35.91 -32.38
N ALA T 211 -33.51 35.30 -33.50
CA ALA T 211 -33.53 33.85 -33.60
C ALA T 211 -32.39 33.25 -32.80
N GLY T 212 -32.34 31.91 -32.79
CA GLY T 212 -31.34 31.19 -32.03
C GLY T 212 -30.13 30.82 -32.85
N LEU T 213 -29.32 29.92 -32.29
CA LEU T 213 -28.12 29.40 -32.92
C LEU T 213 -28.14 27.89 -32.89
N LEU T 214 -27.55 27.28 -33.90
CA LEU T 214 -27.57 25.83 -34.05
C LEU T 214 -26.23 25.25 -33.58
N TYR T 215 -26.29 24.32 -32.64
CA TYR T 215 -25.13 23.55 -32.22
C TYR T 215 -25.27 22.13 -32.75
N GLN T 216 -24.22 21.64 -33.40
CA GLN T 216 -24.23 20.30 -33.96
C GLN T 216 -23.72 19.30 -32.94
N GLY T 217 -24.41 18.17 -32.82
CA GLY T 217 -23.98 17.11 -31.94
C GLY T 217 -24.52 17.17 -30.53
N TYR T 218 -25.52 18.00 -30.27
CA TYR T 218 -26.12 18.10 -28.96
C TYR T 218 -27.63 18.12 -29.09
N VAL T 219 -28.31 17.69 -28.03
CA VAL T 219 -29.77 17.71 -27.99
C VAL T 219 -30.21 18.44 -26.74
N GLU T 220 -31.36 19.09 -26.82
CA GLU T 220 -31.90 19.89 -25.73
C GLU T 220 -32.82 19.04 -24.87
N THR T 221 -32.45 18.86 -23.60
CA THR T 221 -33.24 18.07 -22.68
C THR T 221 -34.38 18.90 -22.09
N SER T 222 -35.39 18.20 -21.58
CA SER T 222 -36.57 18.87 -21.04
C SER T 222 -36.24 19.54 -19.71
N ASN T 223 -36.89 20.68 -19.47
CA ASN T 223 -36.69 21.44 -18.23
C ASN T 223 -37.82 21.11 -17.25
N VAL T 224 -37.70 19.96 -16.62
CA VAL T 224 -38.66 19.48 -15.63
C VAL T 224 -37.98 19.49 -14.26
N ASN T 225 -38.61 20.17 -13.30
CA ASN T 225 -38.06 20.31 -11.96
C ASN T 225 -38.68 19.23 -11.08
N VAL T 226 -37.91 18.17 -10.80
CA VAL T 226 -38.45 17.01 -10.12
C VAL T 226 -38.88 17.35 -8.69
N ALA T 227 -38.09 18.16 -7.98
CA ALA T 227 -38.45 18.53 -6.62
C ALA T 227 -39.75 19.33 -6.60
N GLU T 228 -39.89 20.26 -7.53
CA GLU T 228 -41.12 21.03 -7.64
C GLU T 228 -42.31 20.13 -7.91
N GLU T 229 -42.14 19.18 -8.83
CA GLU T 229 -43.25 18.27 -9.14
C GLU T 229 -43.61 17.40 -7.95
N LEU T 230 -42.61 16.92 -7.21
CA LEU T 230 -42.91 16.09 -6.04
C LEU T 230 -43.65 16.88 -4.96
N VAL T 231 -43.21 18.11 -4.70
CA VAL T 231 -43.91 18.93 -3.70
C VAL T 231 -45.33 19.21 -4.14
N ASN T 232 -45.52 19.55 -5.42
CA ASN T 232 -46.87 19.81 -5.92
C ASN T 232 -47.72 18.55 -5.83
N MET T 233 -47.14 17.37 -6.07
CA MET T 233 -47.89 16.14 -5.97
C MET T 233 -48.34 15.87 -4.54
N ILE T 234 -47.45 16.09 -3.58
CA ILE T 234 -47.82 15.94 -2.17
C ILE T 234 -48.96 16.88 -1.82
N GLN T 235 -48.86 18.13 -2.26
CA GLN T 235 -49.91 19.10 -1.96
C GLN T 235 -51.22 18.70 -2.61
N VAL T 236 -51.18 18.19 -3.83
CA VAL T 236 -52.39 17.77 -4.52
C VAL T 236 -53.05 16.64 -3.75
N GLN T 237 -52.27 15.66 -3.31
CA GLN T 237 -52.84 14.54 -2.55
C GLN T 237 -53.49 15.03 -1.27
N ARG T 238 -52.81 15.92 -0.54
CA ARG T 238 -53.38 16.41 0.71
C ARG T 238 -54.64 17.24 0.47
N ALA T 239 -54.65 18.05 -0.58
CA ALA T 239 -55.84 18.84 -0.88
C ALA T 239 -57.00 17.93 -1.26
N TYR T 240 -56.72 16.85 -1.99
CA TYR T 240 -57.77 15.88 -2.31
C TYR T 240 -58.34 15.26 -1.05
N GLU T 241 -57.46 14.87 -0.12
CA GLU T 241 -57.93 14.28 1.13
C GLU T 241 -58.76 15.28 1.92
N ILE T 242 -58.37 16.56 1.91
CA ILE T 242 -59.16 17.57 2.59
C ILE T 242 -60.53 17.71 1.95
N ASN T 243 -60.57 17.75 0.61
CA ASN T 243 -61.84 17.97 -0.08
C ASN T 243 -62.80 16.81 0.11
N SER T 244 -62.30 15.58 0.22
CA SER T 244 -63.20 14.45 0.45
C SER T 244 -63.97 14.60 1.75
N LYS T 245 -63.38 15.29 2.73
CA LYS T 245 -64.07 15.49 4.01
C LYS T 245 -65.33 16.32 3.84
N ALA T 246 -65.32 17.26 2.89
CA ALA T 246 -66.53 18.05 2.64
C ALA T 246 -67.67 17.16 2.17
N VAL T 247 -67.38 16.25 1.24
CA VAL T 247 -68.40 15.32 0.78
C VAL T 247 -68.88 14.45 1.92
N SER T 248 -67.95 13.97 2.76
CA SER T 248 -68.34 13.10 3.86
C SER T 248 -69.27 13.82 4.84
N THR T 249 -68.92 15.05 5.20
CA THR T 249 -69.75 15.80 6.15
C THR T 249 -71.12 16.15 5.55
N THR T 250 -71.14 16.52 4.27
CA THR T 250 -72.44 16.78 3.64
C THR T 250 -73.29 15.52 3.61
N ASP T 251 -72.66 14.38 3.37
CA ASP T 251 -73.39 13.12 3.39
C ASP T 251 -73.96 12.84 4.78
N GLN T 252 -73.17 13.10 5.82
CA GLN T 252 -73.66 12.90 7.19
C GLN T 252 -74.87 13.79 7.46
N MET T 253 -74.77 15.06 7.06
CA MET T 253 -75.89 15.99 7.27
C MET T 253 -77.13 15.52 6.55
N LEU T 254 -76.99 15.13 5.28
CA LEU T 254 -78.15 14.69 4.51
C LEU T 254 -78.76 13.43 5.09
N GLN T 255 -77.92 12.48 5.51
CA GLN T 255 -78.44 11.25 6.09
C GLN T 255 -79.23 11.52 7.36
N LYS T 256 -78.69 12.39 8.23
CA LYS T 256 -79.41 12.71 9.44
C LYS T 256 -80.72 13.42 9.14
N LEU T 257 -80.71 14.33 8.15
CA LEU T 257 -81.93 15.02 7.77
C LEU T 257 -82.99 14.03 7.27
N THR T 258 -82.59 13.10 6.43
CA THR T 258 -83.54 12.09 5.94
C THR T 258 -84.06 11.24 7.08
N GLN T 259 -83.19 10.85 8.01
CA GLN T 259 -83.62 10.02 9.12
C GLN T 259 -84.59 10.76 10.04
N LEU T 260 -84.43 12.07 10.18
CA LEU T 260 -85.35 12.86 10.99
C LEU T 260 -85.97 14.01 10.21
N ILE U 2 -83.59 -7.02 -8.71
CA ILE U 2 -83.45 -5.66 -9.20
C ILE U 2 -82.23 -5.58 -10.13
N SER U 3 -82.32 -4.72 -11.15
CA SER U 3 -81.31 -4.71 -12.20
C SER U 3 -79.95 -4.25 -11.71
N SER U 4 -79.92 -3.35 -10.72
CA SER U 4 -78.66 -2.81 -10.25
C SER U 4 -77.77 -3.90 -9.66
N LEU U 5 -78.37 -4.80 -8.87
CA LEU U 5 -77.59 -5.88 -8.29
C LEU U 5 -77.02 -6.80 -9.35
N TRP U 6 -77.81 -7.13 -10.38
CA TRP U 6 -77.29 -7.98 -11.44
C TRP U 6 -76.15 -7.31 -12.18
N ILE U 7 -76.29 -6.02 -12.47
CA ILE U 7 -75.24 -5.31 -13.18
C ILE U 7 -73.96 -5.26 -12.37
N ALA U 8 -74.08 -4.94 -11.08
CA ALA U 8 -72.89 -4.89 -10.23
C ALA U 8 -72.28 -6.28 -10.04
N LYS U 9 -73.10 -7.32 -10.01
CA LYS U 9 -72.58 -8.68 -9.97
C LYS U 9 -71.75 -8.99 -11.20
N THR U 10 -72.25 -8.59 -12.37
CA THR U 10 -71.48 -8.80 -13.59
C THR U 10 -70.17 -8.04 -13.55
N GLY U 11 -70.20 -6.80 -13.05
CA GLY U 11 -68.96 -6.03 -12.95
C GLY U 11 -67.95 -6.68 -12.01
N LEU U 12 -68.42 -7.14 -10.86
CA LEU U 12 -67.51 -7.81 -9.92
C LEU U 12 -66.94 -9.08 -10.53
N ASP U 13 -67.75 -9.84 -11.26
CA ASP U 13 -67.25 -11.04 -11.91
C ASP U 13 -66.20 -10.70 -12.96
N ALA U 14 -66.41 -9.64 -13.73
CA ALA U 14 -65.42 -9.24 -14.72
C ALA U 14 -64.10 -8.85 -14.06
N GLN U 15 -64.17 -8.08 -12.97
CA GLN U 15 -62.94 -7.70 -12.29
C GLN U 15 -62.24 -8.91 -11.69
N GLN U 16 -63.01 -9.87 -11.16
CA GLN U 16 -62.41 -11.08 -10.63
C GLN U 16 -61.70 -11.87 -11.72
N THR U 17 -62.32 -11.98 -12.90
CA THR U 17 -61.67 -12.69 -14.00
C THR U 17 -60.40 -11.97 -14.44
N ASN U 18 -60.42 -10.64 -14.48
CA ASN U 18 -59.21 -9.90 -14.81
C ASN U 18 -58.11 -10.18 -13.80
N MET U 19 -58.45 -10.17 -12.52
CA MET U 19 -57.46 -10.48 -11.49
C MET U 19 -56.93 -11.89 -11.64
N ASP U 20 -57.81 -12.82 -12.04
CA ASP U 20 -57.39 -14.20 -12.24
C ASP U 20 -56.36 -14.31 -13.35
N VAL U 21 -56.60 -13.65 -14.48
CA VAL U 21 -55.64 -13.76 -15.57
C VAL U 21 -54.34 -13.04 -15.21
N ILE U 22 -54.43 -11.94 -14.47
CA ILE U 22 -53.20 -11.26 -14.02
C ILE U 22 -52.39 -12.18 -13.11
N ALA U 23 -53.06 -12.86 -12.18
CA ALA U 23 -52.36 -13.75 -11.28
C ALA U 23 -51.73 -14.91 -12.03
N ASN U 24 -52.44 -15.44 -13.04
CA ASN U 24 -51.87 -16.51 -13.85
C ASN U 24 -50.64 -16.02 -14.60
N ASN U 25 -50.70 -14.80 -15.14
CA ASN U 25 -49.54 -14.24 -15.82
C ASN U 25 -48.35 -14.11 -14.88
N LEU U 26 -48.59 -13.66 -13.66
CA LEU U 26 -47.49 -13.45 -12.73
C LEU U 26 -46.95 -14.77 -12.18
N ALA U 27 -47.80 -15.78 -12.02
CA ALA U 27 -47.37 -17.02 -11.36
C ALA U 27 -46.30 -17.73 -12.17
N ASN U 28 -46.54 -17.96 -13.45
CA ASN U 28 -45.58 -18.69 -14.27
C ASN U 28 -44.64 -17.74 -15.01
N VAL U 29 -44.01 -16.83 -14.27
CA VAL U 29 -43.03 -15.92 -14.84
C VAL U 29 -41.73 -16.63 -15.18
N SER U 30 -41.54 -17.85 -14.70
CA SER U 30 -40.32 -18.63 -14.94
C SER U 30 -40.51 -19.72 -15.98
N THR U 31 -41.72 -19.95 -16.45
CA THR U 31 -41.96 -20.98 -17.45
C THR U 31 -41.27 -20.62 -18.77
N ASN U 32 -40.64 -21.60 -19.39
CA ASN U 32 -39.94 -21.39 -20.64
C ASN U 32 -40.93 -21.28 -21.80
N GLY U 33 -40.75 -20.25 -22.63
CA GLY U 33 -41.60 -20.05 -23.77
C GLY U 33 -43.05 -19.78 -23.42
N PHE U 34 -43.28 -18.89 -22.46
CA PHE U 34 -44.62 -18.53 -22.05
C PHE U 34 -44.98 -17.17 -22.65
N LYS U 35 -46.17 -17.09 -23.24
CA LYS U 35 -46.68 -15.89 -23.88
C LYS U 35 -47.77 -15.29 -23.00
N ARG U 36 -47.57 -14.05 -22.57
CA ARG U 36 -48.48 -13.45 -21.61
C ARG U 36 -49.84 -13.18 -22.25
N GLN U 37 -50.89 -13.34 -21.45
CA GLN U 37 -52.26 -13.17 -21.91
C GLN U 37 -52.78 -11.81 -21.50
N ARG U 38 -53.86 -11.39 -22.16
CA ARG U 38 -54.55 -10.16 -21.80
C ARG U 38 -56.02 -10.36 -22.08
N ALA U 39 -56.87 -10.04 -21.10
CA ALA U 39 -58.30 -10.24 -21.21
C ALA U 39 -58.97 -8.96 -21.66
N VAL U 40 -59.81 -9.07 -22.69
CA VAL U 40 -60.57 -7.95 -23.23
C VAL U 40 -62.05 -8.24 -22.98
N PHE U 41 -62.77 -7.25 -22.47
CA PHE U 41 -64.17 -7.35 -22.13
C PHE U 41 -65.02 -6.72 -23.23
N GLU U 42 -66.33 -6.68 -22.97
CA GLU U 42 -67.27 -6.08 -23.90
C GLU U 42 -68.57 -5.81 -23.15
N ASP U 43 -69.16 -4.64 -23.41
CA ASP U 43 -70.44 -4.31 -22.81
C ASP U 43 -71.56 -5.09 -23.49
N LEU U 44 -72.61 -5.36 -22.72
CA LEU U 44 -73.74 -6.15 -23.20
C LEU U 44 -74.67 -5.29 -24.04
N LEU U 45 -75.86 -5.81 -24.33
CA LEU U 45 -76.84 -5.08 -25.11
C LEU U 45 -77.34 -3.87 -24.34
N TYR U 46 -78.18 -3.07 -25.00
CA TYR U 46 -78.76 -1.88 -24.42
C TYR U 46 -80.27 -1.94 -24.53
N GLN U 47 -80.94 -1.65 -23.41
CA GLN U 47 -82.39 -1.58 -23.36
C GLN U 47 -82.85 -0.15 -23.51
N THR U 48 -83.74 0.09 -24.46
CA THR U 48 -84.27 1.43 -24.73
C THR U 48 -85.68 1.51 -24.17
N ILE U 49 -85.83 2.22 -23.05
CA ILE U 49 -87.16 2.36 -22.45
C ILE U 49 -88.07 3.16 -23.37
N ARG U 50 -87.57 4.25 -23.94
CA ARG U 50 -88.34 5.02 -24.90
C ARG U 50 -87.39 5.71 -25.88
N GLN U 51 -87.82 5.80 -27.13
CA GLN U 51 -86.99 6.40 -28.17
C GLN U 51 -87.10 7.92 -28.12
N PRO U 52 -86.07 8.64 -28.58
CA PRO U 52 -86.16 10.10 -28.65
C PRO U 52 -87.26 10.53 -29.61
N GLY U 53 -87.88 11.66 -29.30
CA GLY U 53 -88.95 12.22 -30.09
C GLY U 53 -88.45 13.30 -31.04
N ALA U 54 -89.29 14.30 -31.27
CA ALA U 54 -88.92 15.44 -32.09
C ALA U 54 -88.07 16.42 -31.30
N GLN U 55 -87.09 17.02 -31.96
CA GLN U 55 -86.21 17.96 -31.31
C GLN U 55 -85.64 18.91 -32.37
N SER U 56 -84.89 19.92 -31.90
CA SER U 56 -84.25 20.91 -32.76
C SER U 56 -85.29 21.66 -33.60
N SER U 57 -86.22 22.30 -32.89
CA SER U 57 -87.25 23.14 -33.51
C SER U 57 -87.24 24.48 -32.76
N GLU U 58 -86.35 25.38 -33.17
CA GLU U 58 -86.18 26.69 -32.55
C GLU U 58 -85.91 26.55 -31.05
N GLN U 59 -85.23 25.47 -30.67
CA GLN U 59 -84.97 25.16 -29.27
C GLN U 59 -83.61 24.51 -29.14
N THR U 60 -83.10 24.52 -27.91
CA THR U 60 -81.82 23.91 -27.56
C THR U 60 -82.01 22.84 -26.50
N THR U 61 -83.03 22.01 -26.66
CA THR U 61 -83.39 21.04 -25.65
C THR U 61 -82.49 19.81 -25.72
N LEU U 62 -82.37 19.13 -24.58
CA LEU U 62 -81.67 17.86 -24.53
C LEU U 62 -82.54 16.77 -25.17
N PRO U 63 -81.92 15.76 -25.77
CA PRO U 63 -82.70 14.63 -26.28
C PRO U 63 -83.29 13.83 -25.14
N SER U 64 -84.57 13.48 -25.25
CA SER U 64 -85.28 12.74 -24.20
C SER U 64 -85.29 11.26 -24.56
N GLY U 65 -84.12 10.65 -24.43
CA GLY U 65 -83.99 9.24 -24.75
C GLY U 65 -83.40 8.43 -23.62
N LEU U 66 -84.17 7.48 -23.10
CA LEU U 66 -83.72 6.64 -21.99
C LEU U 66 -83.21 5.32 -22.55
N GLN U 67 -81.98 4.97 -22.20
CA GLN U 67 -81.32 3.78 -22.73
C GLN U 67 -80.40 3.22 -21.66
N ILE U 68 -80.87 2.19 -20.96
CA ILE U 68 -80.14 1.62 -19.83
C ILE U 68 -79.14 0.59 -20.34
N GLY U 69 -78.02 0.47 -19.63
CA GLY U 69 -77.05 -0.56 -19.93
C GLY U 69 -77.47 -1.90 -19.36
N THR U 70 -76.61 -2.90 -19.58
CA THR U 70 -76.91 -4.23 -19.11
C THR U 70 -75.78 -4.82 -18.27
N GLY U 71 -74.55 -4.50 -18.61
CA GLY U 71 -73.41 -4.99 -17.85
C GLY U 71 -72.22 -5.26 -18.77
N VAL U 72 -71.27 -6.03 -18.26
CA VAL U 72 -70.03 -6.30 -18.98
C VAL U 72 -69.74 -7.78 -18.89
N ARG U 73 -69.21 -8.34 -19.98
CA ARG U 73 -68.80 -9.73 -20.00
C ARG U 73 -67.41 -9.84 -20.61
N PRO U 74 -66.59 -10.79 -20.16
CA PRO U 74 -65.28 -10.99 -20.78
C PRO U 74 -65.44 -11.65 -22.14
N VAL U 75 -65.07 -10.92 -23.19
CA VAL U 75 -65.32 -11.44 -24.54
C VAL U 75 -64.14 -12.27 -25.05
N ALA U 76 -62.91 -11.95 -24.68
CA ALA U 76 -61.80 -12.75 -25.20
C ALA U 76 -60.60 -12.63 -24.29
N THR U 77 -59.66 -13.57 -24.45
CA THR U 77 -58.36 -13.52 -23.79
C THR U 77 -57.31 -13.80 -24.87
N GLU U 78 -56.66 -12.74 -25.34
CA GLU U 78 -55.69 -12.86 -26.42
C GLU U 78 -54.28 -12.91 -25.85
N ARG U 79 -53.48 -13.83 -26.34
CA ARG U 79 -52.10 -13.97 -25.94
C ARG U 79 -51.21 -13.17 -26.87
N LEU U 80 -50.07 -12.72 -26.36
CA LEU U 80 -49.14 -11.90 -27.13
C LEU U 80 -47.99 -12.79 -27.61
N HIS U 81 -48.09 -13.28 -28.84
CA HIS U 81 -47.05 -14.13 -29.42
C HIS U 81 -45.86 -13.29 -29.88
N SER U 82 -45.28 -12.58 -28.92
CA SER U 82 -44.09 -11.78 -29.18
C SER U 82 -42.86 -12.68 -29.15
N GLN U 83 -41.68 -12.07 -29.11
CA GLN U 83 -40.42 -12.80 -29.02
C GLN U 83 -39.81 -12.54 -27.66
N GLY U 84 -39.57 -13.59 -26.89
CA GLY U 84 -38.99 -13.45 -25.58
C GLY U 84 -37.47 -13.45 -25.62
N ASN U 85 -36.88 -13.20 -24.45
CA ASN U 85 -35.43 -13.21 -24.34
C ASN U 85 -34.90 -14.63 -24.30
N LEU U 86 -33.62 -14.77 -24.58
CA LEU U 86 -32.94 -16.05 -24.59
C LEU U 86 -31.99 -16.15 -23.41
N SER U 87 -32.07 -17.25 -22.68
CA SER U 87 -31.17 -17.52 -21.57
C SER U 87 -30.31 -18.74 -21.89
N GLN U 88 -29.03 -18.64 -21.55
CA GLN U 88 -28.09 -19.71 -21.84
C GLN U 88 -28.17 -20.78 -20.76
N THR U 89 -28.20 -22.05 -21.19
CA THR U 89 -28.25 -23.17 -20.27
C THR U 89 -27.07 -24.13 -20.41
N ASN U 90 -26.26 -24.01 -21.45
CA ASN U 90 -25.09 -24.83 -21.72
C ASN U 90 -25.43 -26.30 -21.94
N ASN U 91 -26.71 -26.65 -22.06
CA ASN U 91 -27.13 -28.03 -22.28
C ASN U 91 -27.34 -28.24 -23.77
N SER U 92 -26.69 -29.24 -24.34
CA SER U 92 -26.70 -29.45 -25.77
C SER U 92 -28.05 -29.89 -26.32
N LYS U 93 -28.99 -30.28 -25.44
CA LYS U 93 -30.29 -30.79 -25.86
C LYS U 93 -31.40 -29.76 -25.67
N ASP U 94 -31.05 -28.48 -25.56
CA ASP U 94 -32.03 -27.41 -25.42
C ASP U 94 -31.96 -26.51 -26.66
N VAL U 95 -33.11 -26.30 -27.28
CA VAL U 95 -33.21 -25.59 -28.55
C VAL U 95 -34.12 -24.38 -28.36
N ALA U 96 -33.62 -23.21 -28.74
CA ALA U 96 -34.41 -21.98 -28.73
C ALA U 96 -34.83 -21.65 -30.14
N ILE U 97 -36.04 -21.10 -30.28
CA ILE U 97 -36.63 -20.81 -31.58
C ILE U 97 -36.72 -19.31 -31.78
N LYS U 98 -36.27 -18.85 -32.94
CA LYS U 98 -36.30 -17.44 -33.32
C LYS U 98 -37.37 -17.23 -34.38
N GLY U 99 -38.21 -16.24 -34.17
CA GLY U 99 -39.25 -15.91 -35.14
C GLY U 99 -40.56 -16.61 -34.82
N GLN U 100 -41.07 -17.38 -35.78
CA GLN U 100 -42.34 -18.08 -35.61
C GLN U 100 -42.13 -19.56 -35.89
N GLY U 101 -42.99 -20.38 -35.31
CA GLY U 101 -42.92 -21.81 -35.49
C GLY U 101 -43.32 -22.53 -34.22
N PHE U 102 -43.56 -23.83 -34.35
CA PHE U 102 -43.96 -24.64 -33.22
C PHE U 102 -43.42 -26.06 -33.42
N PHE U 103 -42.72 -26.57 -32.42
CA PHE U 103 -42.37 -27.98 -32.42
C PHE U 103 -43.63 -28.82 -32.23
N GLN U 104 -43.73 -29.89 -33.00
CA GLN U 104 -44.90 -30.75 -32.97
C GLN U 104 -44.61 -31.99 -32.12
N VAL U 105 -45.38 -32.16 -31.06
CA VAL U 105 -45.27 -33.34 -30.20
C VAL U 105 -46.47 -34.24 -30.48
N MET U 106 -46.42 -35.44 -29.92
CA MET U 106 -47.44 -36.46 -30.15
C MET U 106 -48.12 -36.79 -28.83
N LEU U 107 -49.39 -36.44 -28.72
CA LEU U 107 -50.13 -36.76 -27.51
C LEU U 107 -50.40 -38.26 -27.43
N PRO U 108 -50.52 -38.80 -26.21
CA PRO U 108 -50.70 -40.26 -26.08
C PRO U 108 -51.95 -40.80 -26.74
N ASP U 109 -53.03 -40.03 -26.79
CA ASP U 109 -54.29 -40.54 -27.32
C ASP U 109 -54.24 -40.74 -28.83
N GLY U 110 -53.35 -40.03 -29.53
CA GLY U 110 -53.24 -40.20 -30.97
C GLY U 110 -53.16 -38.91 -31.75
N THR U 111 -53.66 -37.82 -31.17
CA THR U 111 -53.62 -36.53 -31.83
C THR U 111 -52.24 -35.89 -31.62
N SER U 112 -52.08 -34.66 -32.10
CA SER U 112 -50.82 -33.95 -32.03
C SER U 112 -51.03 -32.55 -31.45
N ALA U 113 -50.06 -32.09 -30.68
CA ALA U 113 -50.07 -30.76 -30.09
C ALA U 113 -48.78 -30.06 -30.41
N TYR U 114 -48.79 -28.73 -30.35
CA TYR U 114 -47.65 -27.92 -30.72
C TYR U 114 -47.19 -27.10 -29.52
N THR U 115 -45.89 -26.83 -29.47
CA THR U 115 -45.30 -26.16 -28.32
C THR U 115 -44.12 -25.31 -28.74
N ARG U 116 -43.75 -24.36 -27.88
CA ARG U 116 -42.57 -23.53 -28.08
C ARG U 116 -41.48 -23.80 -27.06
N ASP U 117 -41.78 -24.51 -25.98
CA ASP U 117 -40.82 -24.75 -24.90
C ASP U 117 -39.69 -25.63 -25.41
N GLY U 118 -38.49 -25.07 -25.49
CA GLY U 118 -37.35 -25.85 -25.91
C GLY U 118 -36.63 -26.49 -24.73
N SER U 119 -36.95 -27.75 -24.45
CA SER U 119 -36.30 -28.49 -23.38
C SER U 119 -36.48 -29.97 -23.71
N PHE U 120 -35.44 -30.59 -24.26
CA PHE U 120 -35.54 -31.93 -24.79
C PHE U 120 -34.63 -32.88 -24.03
N GLN U 121 -35.09 -34.12 -23.88
CA GLN U 121 -34.34 -35.18 -23.23
C GLN U 121 -34.52 -36.46 -24.03
N VAL U 122 -33.62 -37.42 -23.80
CA VAL U 122 -33.62 -38.68 -24.53
C VAL U 122 -34.09 -39.78 -23.60
N ASP U 123 -35.10 -40.52 -24.04
CA ASP U 123 -35.66 -41.59 -23.23
C ASP U 123 -34.80 -42.83 -23.36
N GLN U 124 -35.30 -43.98 -22.87
CA GLN U 124 -34.51 -45.20 -22.85
C GLN U 124 -34.28 -45.80 -24.23
N ASN U 125 -35.11 -45.46 -25.21
CA ASN U 125 -35.01 -46.05 -26.53
C ASN U 125 -34.12 -45.24 -27.48
N GLY U 126 -33.59 -44.11 -27.03
CA GLY U 126 -32.81 -43.23 -27.87
C GLY U 126 -33.63 -42.16 -28.57
N GLN U 127 -34.96 -42.24 -28.50
CA GLN U 127 -35.81 -41.26 -29.14
C GLN U 127 -35.74 -39.93 -28.38
N LEU U 128 -35.99 -38.85 -29.10
CA LEU U 128 -35.99 -37.51 -28.51
C LEU U 128 -37.40 -37.17 -28.06
N VAL U 129 -37.58 -36.93 -26.78
CA VAL U 129 -38.89 -36.62 -26.21
C VAL U 129 -38.81 -35.34 -25.42
N THR U 130 -39.96 -34.68 -25.27
CA THR U 130 -40.02 -33.49 -24.43
C THR U 130 -39.96 -33.89 -22.97
N ALA U 131 -39.80 -32.88 -22.11
CA ALA U 131 -39.78 -33.11 -20.67
C ALA U 131 -41.19 -33.50 -20.23
N GLY U 132 -41.43 -34.80 -20.07
CA GLY U 132 -42.76 -35.28 -19.74
C GLY U 132 -43.07 -36.59 -20.43
N GLY U 133 -42.20 -37.02 -21.34
CA GLY U 133 -42.31 -38.31 -21.98
C GLY U 133 -42.95 -38.30 -23.35
N PHE U 134 -43.61 -37.20 -23.74
CA PHE U 134 -44.25 -37.14 -25.03
C PHE U 134 -43.21 -37.06 -26.14
N GLN U 135 -43.37 -37.89 -27.17
CA GLN U 135 -42.39 -37.97 -28.24
C GLN U 135 -42.54 -36.82 -29.21
N VAL U 136 -41.40 -36.34 -29.72
CA VAL U 136 -41.42 -35.35 -30.79
C VAL U 136 -41.88 -36.01 -32.08
N GLN U 137 -42.82 -35.37 -32.78
CA GLN U 137 -43.47 -36.02 -33.90
C GLN U 137 -42.51 -36.44 -35.01
N PRO U 138 -41.56 -35.61 -35.45
CA PRO U 138 -40.56 -36.11 -36.42
C PRO U 138 -39.72 -37.26 -35.89
N ALA U 139 -39.66 -37.44 -34.57
CA ALA U 139 -39.02 -38.60 -33.94
C ALA U 139 -37.54 -38.72 -34.32
N ILE U 140 -36.77 -37.72 -33.89
CA ILE U 140 -35.33 -37.75 -34.11
C ILE U 140 -34.71 -38.78 -33.18
N THR U 141 -33.95 -39.70 -33.75
CA THR U 141 -33.33 -40.79 -33.00
C THR U 141 -31.83 -40.55 -32.92
N ILE U 142 -31.31 -40.52 -31.70
CA ILE U 142 -29.89 -40.32 -31.45
C ILE U 142 -29.29 -41.67 -31.09
N PRO U 143 -28.29 -42.17 -31.81
CA PRO U 143 -27.73 -43.48 -31.50
C PRO U 143 -26.97 -43.47 -30.19
N ALA U 144 -26.58 -44.67 -29.76
CA ALA U 144 -25.79 -44.80 -28.55
C ALA U 144 -24.38 -44.27 -28.78
N ASN U 145 -23.58 -44.29 -27.71
CA ASN U 145 -22.21 -43.80 -27.70
C ASN U 145 -22.05 -42.49 -28.48
N ALA U 146 -22.98 -41.57 -28.28
CA ALA U 146 -22.97 -40.29 -28.97
C ALA U 146 -21.99 -39.37 -28.25
N LEU U 147 -20.85 -39.08 -28.90
CA LEU U 147 -19.87 -38.20 -28.27
C LEU U 147 -20.43 -36.80 -28.06
N SER U 148 -21.15 -36.27 -29.05
CA SER U 148 -21.77 -34.96 -28.91
C SER U 148 -22.84 -34.80 -29.97
N ILE U 149 -24.02 -34.35 -29.54
CA ILE U 149 -25.14 -34.10 -30.43
C ILE U 149 -25.16 -32.62 -30.76
N THR U 150 -25.12 -32.28 -32.04
CA THR U 150 -25.09 -30.89 -32.47
C THR U 150 -26.25 -30.62 -33.42
N ILE U 151 -26.93 -29.49 -33.20
CA ILE U 151 -28.04 -29.05 -34.04
C ILE U 151 -27.68 -27.68 -34.58
N GLY U 152 -27.68 -27.54 -35.90
CA GLY U 152 -27.29 -26.30 -36.52
C GLY U 152 -28.37 -25.24 -36.44
N ARG U 153 -28.11 -24.12 -37.12
CA ARG U 153 -29.12 -23.07 -37.20
C ARG U 153 -30.36 -23.55 -37.93
N ASP U 154 -30.20 -24.50 -38.85
CA ASP U 154 -31.32 -25.15 -39.49
C ASP U 154 -31.73 -26.36 -38.66
N GLY U 155 -32.67 -27.15 -39.19
CA GLY U 155 -33.14 -28.31 -38.47
C GLY U 155 -32.23 -29.52 -38.52
N VAL U 156 -31.14 -29.46 -39.27
CA VAL U 156 -30.27 -30.63 -39.39
C VAL U 156 -29.59 -30.91 -38.07
N VAL U 157 -29.62 -32.17 -37.65
CA VAL U 157 -28.98 -32.63 -36.43
C VAL U 157 -28.04 -33.76 -36.79
N SER U 158 -26.82 -33.70 -36.26
CA SER U 158 -25.80 -34.71 -36.53
C SER U 158 -25.08 -35.06 -35.24
N VAL U 159 -24.46 -36.23 -35.22
CA VAL U 159 -23.72 -36.71 -34.06
C VAL U 159 -22.43 -37.35 -34.53
N THR U 160 -21.32 -37.03 -33.86
CA THR U 160 -20.03 -37.61 -34.19
C THR U 160 -19.87 -38.98 -33.56
N GLN U 161 -19.22 -39.87 -34.30
CA GLN U 161 -18.96 -41.22 -33.81
C GLN U 161 -17.58 -41.26 -33.15
N GLN U 162 -17.07 -42.47 -32.90
CA GLN U 162 -15.78 -42.62 -32.23
C GLN U 162 -14.62 -42.38 -33.20
N GLY U 163 -14.51 -43.19 -34.24
CA GLY U 163 -13.39 -43.12 -35.14
C GLY U 163 -13.58 -42.25 -36.36
N GLN U 164 -14.75 -42.34 -36.99
CA GLN U 164 -15.01 -41.60 -38.21
C GLN U 164 -14.95 -40.10 -37.95
N ALA U 165 -14.22 -39.39 -38.81
CA ALA U 165 -14.09 -37.94 -38.64
C ALA U 165 -15.36 -37.20 -39.06
N ALA U 166 -15.95 -37.60 -40.17
CA ALA U 166 -17.15 -36.92 -40.66
C ALA U 166 -18.36 -37.31 -39.82
N PRO U 167 -19.09 -36.36 -39.25
CA PRO U 167 -20.28 -36.71 -38.48
C PRO U 167 -21.37 -37.29 -39.36
N VAL U 168 -22.19 -38.16 -38.77
CA VAL U 168 -23.28 -38.81 -39.47
C VAL U 168 -24.59 -38.09 -39.14
N GLN U 169 -25.27 -37.61 -40.18
CA GLN U 169 -26.55 -36.95 -39.98
C GLN U 169 -27.60 -37.94 -39.52
N VAL U 170 -28.52 -37.49 -38.68
CA VAL U 170 -29.53 -38.37 -38.11
C VAL U 170 -30.96 -37.88 -38.34
N GLY U 171 -31.19 -36.63 -38.68
CA GLY U 171 -32.55 -36.17 -38.91
C GLY U 171 -32.63 -34.68 -39.12
N GLN U 172 -33.86 -34.21 -39.27
CA GLN U 172 -34.17 -32.80 -39.47
C GLN U 172 -35.30 -32.39 -38.55
N LEU U 173 -35.14 -31.25 -37.89
CA LEU U 173 -36.13 -30.75 -36.93
C LEU U 173 -37.00 -29.70 -37.61
N ASN U 174 -37.90 -30.16 -38.46
CA ASN U 174 -38.85 -29.24 -39.08
C ASN U 174 -39.88 -28.79 -38.06
N LEU U 175 -40.45 -27.61 -38.28
CA LEU U 175 -41.39 -27.02 -37.36
C LEU U 175 -42.57 -26.46 -38.13
N THR U 176 -43.71 -26.37 -37.46
CA THR U 176 -44.97 -26.00 -38.09
C THR U 176 -45.32 -24.55 -37.79
N THR U 177 -46.05 -23.94 -38.72
CA THR U 177 -46.51 -22.57 -38.58
C THR U 177 -48.00 -22.51 -38.88
N PHE U 178 -48.63 -21.48 -38.32
CA PHE U 178 -50.06 -21.25 -38.49
C PHE U 178 -50.29 -19.87 -39.08
N MET U 179 -51.44 -19.72 -39.75
CA MET U 179 -51.78 -18.43 -40.34
C MET U 179 -52.09 -17.39 -39.27
N ASN U 180 -52.67 -17.80 -38.15
CA ASN U 180 -53.01 -16.90 -37.06
C ASN U 180 -52.71 -17.62 -35.74
N ASP U 181 -51.55 -17.30 -35.14
CA ASP U 181 -51.14 -17.99 -33.94
C ASP U 181 -51.96 -17.59 -32.72
N THR U 182 -52.73 -16.50 -32.80
CA THR U 182 -53.53 -16.08 -31.65
C THR U 182 -54.69 -17.03 -31.40
N GLY U 183 -55.18 -17.70 -32.43
CA GLY U 183 -56.34 -18.56 -32.29
C GLY U 183 -56.06 -19.94 -31.74
N LEU U 184 -54.82 -20.29 -31.44
CA LEU U 184 -54.51 -21.61 -30.92
C LEU U 184 -55.11 -21.79 -29.53
N GLU U 185 -55.64 -22.99 -29.29
CA GLU U 185 -56.21 -23.32 -27.99
C GLU U 185 -55.12 -23.86 -27.08
N SER U 186 -54.97 -23.25 -25.91
CA SER U 186 -53.88 -23.58 -24.99
C SER U 186 -54.39 -24.54 -23.93
N ILE U 187 -53.66 -25.62 -23.71
CA ILE U 187 -53.97 -26.57 -22.65
C ILE U 187 -52.71 -26.74 -21.80
N GLY U 188 -52.76 -27.65 -20.83
CA GLY U 188 -51.64 -27.86 -19.95
C GLY U 188 -50.41 -28.40 -20.67
N GLU U 189 -49.31 -28.56 -19.93
CA GLU U 189 -48.07 -29.08 -20.47
C GLU U 189 -47.52 -28.23 -21.62
N ASN U 190 -47.79 -26.92 -21.58
CA ASN U 190 -47.29 -25.98 -22.59
C ASN U 190 -47.67 -26.42 -24.00
N LEU U 191 -48.91 -26.86 -24.16
CA LEU U 191 -49.37 -27.39 -25.44
C LEU U 191 -50.41 -26.47 -26.06
N TYR U 192 -50.28 -26.27 -27.36
CA TYR U 192 -51.27 -25.56 -28.16
C TYR U 192 -51.84 -26.52 -29.20
N ILE U 193 -53.15 -26.43 -29.44
CA ILE U 193 -53.81 -27.25 -30.43
C ILE U 193 -54.55 -26.35 -31.40
N GLU U 194 -54.81 -26.89 -32.59
CA GLU U 194 -55.49 -26.15 -33.63
C GLU U 194 -56.96 -25.96 -33.30
N THR U 195 -57.55 -24.90 -33.85
CA THR U 195 -58.96 -24.62 -33.72
C THR U 195 -59.52 -24.28 -35.09
N GLN U 196 -60.78 -23.83 -35.10
CA GLN U 196 -61.36 -23.28 -36.32
C GLN U 196 -60.83 -21.89 -36.60
N SER U 197 -60.45 -21.14 -35.56
CA SER U 197 -59.99 -19.78 -35.75
C SER U 197 -58.59 -19.72 -36.36
N SER U 198 -57.73 -20.67 -36.03
CA SER U 198 -56.38 -20.72 -36.56
C SER U 198 -56.33 -21.71 -37.72
N GLY U 199 -55.64 -21.32 -38.79
CA GLY U 199 -55.64 -22.12 -40.00
C GLY U 199 -54.91 -23.43 -39.82
N ALA U 200 -54.98 -24.25 -40.85
CA ALA U 200 -54.33 -25.55 -40.82
C ALA U 200 -52.81 -25.37 -40.75
N PRO U 201 -52.14 -26.13 -39.90
CA PRO U 201 -50.69 -25.99 -39.77
C PRO U 201 -49.97 -26.42 -41.04
N ASN U 202 -48.86 -25.74 -41.33
CA ASN U 202 -47.99 -26.10 -42.43
C ASN U 202 -46.57 -26.28 -41.91
N GLU U 203 -45.95 -27.40 -42.30
CA GLU U 203 -44.62 -27.73 -41.81
C GLU U 203 -43.54 -27.19 -42.74
N SER U 204 -42.42 -26.78 -42.16
CA SER U 204 -41.30 -26.29 -42.96
C SER U 204 -40.02 -26.41 -42.14
N THR U 205 -38.91 -26.52 -42.86
CA THR U 205 -37.62 -26.49 -42.21
C THR U 205 -37.32 -25.07 -41.72
N PRO U 206 -36.58 -24.91 -40.63
CA PRO U 206 -36.31 -23.57 -40.11
C PRO U 206 -35.62 -22.69 -41.13
N GLY U 207 -36.01 -21.41 -41.14
CA GLY U 207 -35.44 -20.45 -42.06
C GLY U 207 -36.18 -20.28 -43.37
N LEU U 208 -37.20 -21.10 -43.63
CA LEU U 208 -37.94 -21.03 -44.88
C LEU U 208 -39.43 -20.96 -44.57
N ASN U 209 -40.19 -20.41 -45.53
CA ASN U 209 -41.65 -20.28 -45.41
C ASN U 209 -42.03 -19.51 -44.15
N GLY U 210 -41.25 -18.49 -43.82
CA GLY U 210 -41.54 -17.68 -42.66
C GLY U 210 -41.28 -18.34 -41.33
N ALA U 211 -40.62 -19.50 -41.31
CA ALA U 211 -40.30 -20.16 -40.06
C ALA U 211 -39.12 -19.46 -39.38
N GLY U 212 -38.81 -19.91 -38.17
CA GLY U 212 -37.74 -19.33 -37.38
C GLY U 212 -36.41 -20.00 -37.60
N LEU U 213 -35.52 -19.83 -36.63
CA LEU U 213 -34.22 -20.46 -36.63
C LEU U 213 -33.96 -21.11 -35.29
N LEU U 214 -33.12 -22.15 -35.30
CA LEU U 214 -32.85 -22.92 -34.09
C LEU U 214 -31.49 -22.54 -33.53
N TYR U 215 -31.45 -22.15 -32.26
CA TYR U 215 -30.22 -21.95 -31.53
C TYR U 215 -30.04 -23.11 -30.56
N GLN U 216 -28.83 -23.66 -30.52
CA GLN U 216 -28.54 -24.78 -29.64
C GLN U 216 -28.09 -24.27 -28.29
N GLY U 217 -28.60 -24.90 -27.23
CA GLY U 217 -28.17 -24.56 -25.89
C GLY U 217 -28.75 -23.29 -25.32
N TYR U 218 -29.87 -22.81 -25.86
CA TYR U 218 -30.53 -21.63 -25.34
C TYR U 218 -32.02 -21.93 -25.13
N VAL U 219 -32.61 -21.24 -24.16
CA VAL U 219 -34.01 -21.45 -23.80
C VAL U 219 -34.71 -20.11 -23.84
N GLU U 220 -35.88 -20.07 -24.49
CA GLU U 220 -36.67 -18.84 -24.56
C GLU U 220 -37.46 -18.67 -23.28
N THR U 221 -37.40 -17.47 -22.70
CA THR U 221 -38.07 -17.19 -21.45
C THR U 221 -39.43 -16.55 -21.68
N SER U 222 -40.22 -16.48 -20.62
CA SER U 222 -41.56 -15.92 -20.71
C SER U 222 -41.51 -14.43 -20.97
N ASN U 223 -42.43 -13.95 -21.80
CA ASN U 223 -42.48 -12.52 -22.10
C ASN U 223 -43.52 -11.80 -21.23
N VAL U 224 -43.36 -11.92 -19.93
CA VAL U 224 -44.24 -11.27 -18.96
C VAL U 224 -43.65 -9.90 -18.60
N ASN U 225 -44.52 -8.94 -18.33
CA ASN U 225 -44.11 -7.57 -18.02
C ASN U 225 -44.62 -7.20 -16.63
N VAL U 226 -43.75 -7.31 -15.63
CA VAL U 226 -44.15 -7.10 -14.25
C VAL U 226 -44.59 -5.66 -14.02
N ALA U 227 -43.99 -4.70 -14.73
CA ALA U 227 -44.42 -3.32 -14.59
C ALA U 227 -45.88 -3.16 -14.99
N GLU U 228 -46.29 -3.80 -16.09
CA GLU U 228 -47.69 -3.81 -16.47
C GLU U 228 -48.54 -4.54 -15.44
N GLU U 229 -48.05 -5.68 -14.94
CA GLU U 229 -48.86 -6.50 -14.05
C GLU U 229 -49.18 -5.78 -12.75
N LEU U 230 -48.20 -5.09 -12.16
CA LEU U 230 -48.44 -4.42 -10.88
C LEU U 230 -49.48 -3.30 -11.02
N VAL U 231 -49.35 -2.48 -12.07
CA VAL U 231 -50.31 -1.40 -12.27
C VAL U 231 -51.69 -1.97 -12.58
N ASN U 232 -51.75 -3.07 -13.33
CA ASN U 232 -53.04 -3.70 -13.58
C ASN U 232 -53.67 -4.20 -12.27
N MET U 233 -52.85 -4.76 -11.39
CA MET U 233 -53.36 -5.21 -10.09
C MET U 233 -53.95 -4.04 -9.30
N ILE U 234 -53.23 -2.93 -9.26
CA ILE U 234 -53.73 -1.76 -8.52
C ILE U 234 -55.05 -1.29 -9.12
N GLN U 235 -55.10 -1.20 -10.46
CA GLN U 235 -56.29 -0.70 -11.11
C GLN U 235 -57.49 -1.62 -10.86
N VAL U 236 -57.29 -2.94 -10.94
CA VAL U 236 -58.41 -3.86 -10.76
C VAL U 236 -58.87 -3.85 -9.30
N GLN U 237 -57.95 -3.71 -8.35
CA GLN U 237 -58.35 -3.62 -6.95
C GLN U 237 -59.22 -2.38 -6.72
N ARG U 238 -58.78 -1.23 -7.25
CA ARG U 238 -59.57 -0.02 -7.07
C ARG U 238 -60.93 -0.13 -7.74
N ALA U 239 -60.97 -0.70 -8.95
CA ALA U 239 -62.25 -0.88 -9.64
C ALA U 239 -63.17 -1.83 -8.87
N TYR U 240 -62.60 -2.88 -8.27
CA TYR U 240 -63.41 -3.80 -7.48
C TYR U 240 -64.03 -3.09 -6.28
N GLU U 241 -63.24 -2.26 -5.59
CA GLU U 241 -63.81 -1.51 -4.47
C GLU U 241 -64.90 -0.55 -4.94
N ILE U 242 -64.67 0.12 -6.06
CA ILE U 242 -65.67 1.04 -6.60
C ILE U 242 -66.97 0.30 -6.89
N ASN U 243 -66.86 -0.87 -7.54
CA ASN U 243 -68.06 -1.64 -7.86
C ASN U 243 -68.78 -2.09 -6.60
N SER U 244 -68.04 -2.53 -5.58
CA SER U 244 -68.68 -2.95 -4.34
C SER U 244 -69.41 -1.79 -3.68
N LYS U 245 -68.93 -0.57 -3.87
CA LYS U 245 -69.65 0.58 -3.33
C LYS U 245 -71.06 0.69 -3.90
N ALA U 246 -71.23 0.38 -5.18
CA ALA U 246 -72.56 0.42 -5.80
C ALA U 246 -73.50 -0.60 -5.15
N VAL U 247 -72.99 -1.81 -4.89
CA VAL U 247 -73.81 -2.81 -4.21
C VAL U 247 -74.20 -2.31 -2.83
N SER U 248 -73.25 -1.70 -2.11
CA SER U 248 -73.56 -1.20 -0.77
C SER U 248 -74.65 -0.14 -0.81
N THR U 249 -74.55 0.80 -1.75
CA THR U 249 -75.55 1.85 -1.84
C THR U 249 -76.92 1.30 -2.23
N THR U 250 -76.95 0.35 -3.18
CA THR U 250 -78.23 -0.24 -3.56
C THR U 250 -78.85 -1.00 -2.39
N ASP U 251 -78.03 -1.72 -1.62
CA ASP U 251 -78.54 -2.39 -0.44
C ASP U 251 -79.11 -1.40 0.57
N GLN U 252 -78.41 -0.29 0.78
CA GLN U 252 -78.90 0.71 1.73
C GLN U 252 -80.23 1.29 1.31
N MET U 253 -80.36 1.64 0.02
CA MET U 253 -81.61 2.24 -0.43
C MET U 253 -82.75 1.23 -0.41
N LEU U 254 -82.47 -0.03 -0.74
CA LEU U 254 -83.50 -1.06 -0.64
C LEU U 254 -83.92 -1.27 0.81
N GLN U 255 -82.98 -1.23 1.74
CA GLN U 255 -83.32 -1.37 3.14
C GLN U 255 -84.19 -0.21 3.62
N LYS U 256 -83.85 1.01 3.20
CA LYS U 256 -84.68 2.16 3.56
C LYS U 256 -86.08 2.02 2.97
N LEU U 257 -86.18 1.52 1.74
CA LEU U 257 -87.49 1.29 1.15
C LEU U 257 -88.29 0.28 1.95
N THR U 258 -87.69 -0.88 2.24
CA THR U 258 -88.42 -1.95 2.89
C THR U 258 -88.73 -1.65 4.35
N GLN U 259 -88.05 -0.68 4.96
CA GLN U 259 -88.46 -0.24 6.30
C GLN U 259 -89.74 0.58 6.27
N LEU U 260 -90.39 0.72 5.12
CA LEU U 260 -91.65 1.45 5.01
C LEU U 260 -92.74 0.79 5.83
N ASP V 2 -108.79 -12.26 1.83
CA ASP V 2 -107.99 -12.75 2.95
C ASP V 2 -107.05 -13.85 2.49
N HIS V 3 -107.30 -14.39 1.30
CA HIS V 3 -106.46 -15.45 0.77
C HIS V 3 -105.17 -14.93 0.15
N ALA V 4 -105.03 -13.62 -0.05
CA ALA V 4 -103.81 -13.09 -0.63
C ALA V 4 -102.60 -13.28 0.26
N ILE V 5 -102.81 -13.49 1.57
CA ILE V 5 -101.70 -13.66 2.48
C ILE V 5 -100.96 -14.95 2.19
N TYR V 6 -101.63 -15.93 1.57
CA TYR V 6 -100.99 -17.21 1.32
C TYR V 6 -99.90 -17.11 0.27
N THR V 7 -100.12 -16.28 -0.76
CA THR V 7 -99.08 -16.08 -1.77
C THR V 7 -97.82 -15.49 -1.13
N ALA V 8 -98.00 -14.48 -0.29
CA ALA V 8 -96.85 -13.83 0.35
C ALA V 8 -96.14 -14.78 1.31
N MET V 9 -96.89 -15.57 2.08
CA MET V 9 -96.22 -16.49 2.99
C MET V 9 -95.49 -17.59 2.23
N GLY V 10 -96.06 -18.06 1.12
CA GLY V 10 -95.34 -19.02 0.30
C GLY V 10 -94.06 -18.45 -0.27
N ALA V 11 -94.11 -17.20 -0.74
CA ALA V 11 -92.91 -16.55 -1.24
C ALA V 11 -91.86 -16.43 -0.15
N ALA V 12 -92.27 -16.04 1.06
CA ALA V 12 -91.33 -15.91 2.17
C ALA V 12 -90.71 -17.25 2.53
N SER V 13 -91.52 -18.31 2.59
CA SER V 13 -90.99 -19.62 2.94
C SER V 13 -90.01 -20.12 1.90
N GLN V 14 -90.33 -19.92 0.61
CA GLN V 14 -89.41 -20.35 -0.43
C GLN V 14 -88.13 -19.50 -0.43
N THR V 15 -88.23 -18.23 -0.06
CA THR V 15 -87.03 -17.43 0.13
C THR V 15 -86.17 -18.00 1.25
N LEU V 16 -86.80 -18.45 2.33
CA LEU V 16 -86.05 -19.09 3.39
C LEU V 16 -85.36 -20.35 2.91
N ASN V 17 -86.05 -21.15 2.09
CA ASN V 17 -85.44 -22.36 1.55
C ASN V 17 -84.26 -22.04 0.64
N GLN V 18 -84.39 -21.02 -0.20
CA GLN V 18 -83.28 -20.59 -1.04
C GLN V 18 -82.10 -20.11 -0.20
N GLN V 19 -82.39 -19.41 0.90
CA GLN V 19 -81.34 -19.00 1.81
C GLN V 19 -80.65 -20.20 2.44
N ALA V 20 -81.42 -21.25 2.75
CA ALA V 20 -80.83 -22.47 3.28
C ALA V 20 -79.91 -23.11 2.25
N VAL V 21 -80.32 -23.13 0.99
CA VAL V 21 -79.48 -23.70 -0.06
C VAL V 21 -78.17 -22.92 -0.18
N THR V 22 -78.27 -21.59 -0.16
CA THR V 22 -77.06 -20.77 -0.27
C THR V 22 -76.15 -20.98 0.94
N ALA V 23 -76.73 -21.10 2.14
CA ALA V 23 -75.93 -21.37 3.32
C ALA V 23 -75.23 -22.72 3.21
N SER V 24 -75.93 -23.73 2.70
CA SER V 24 -75.30 -25.04 2.52
C SER V 24 -74.15 -24.97 1.53
N ASN V 25 -74.33 -24.23 0.44
CA ASN V 25 -73.23 -24.07 -0.51
C ASN V 25 -72.04 -23.35 0.13
N LEU V 26 -72.30 -22.32 0.93
CA LEU V 26 -71.21 -21.58 1.54
C LEU V 26 -70.50 -22.37 2.63
N ALA V 27 -71.22 -23.26 3.31
CA ALA V 27 -70.62 -23.98 4.43
C ALA V 27 -69.45 -24.85 3.99
N ASN V 28 -69.65 -25.66 2.96
CA ASN V 28 -68.59 -26.55 2.47
C ASN V 28 -67.83 -25.88 1.33
N ALA V 29 -67.25 -24.73 1.63
CA ALA V 29 -66.45 -23.99 0.65
C ALA V 29 -65.03 -24.53 0.56
N SER V 30 -64.65 -25.48 1.39
CA SER V 30 -63.30 -26.03 1.38
C SER V 30 -63.26 -27.53 1.08
N THR V 31 -64.40 -28.16 0.85
CA THR V 31 -64.42 -29.59 0.55
C THR V 31 -63.82 -29.83 -0.82
N PRO V 32 -62.78 -30.64 -0.94
CA PRO V 32 -62.15 -30.84 -2.25
C PRO V 32 -63.10 -31.53 -3.22
N GLY V 33 -63.03 -31.12 -4.48
CA GLY V 33 -63.87 -31.72 -5.51
C GLY V 33 -65.35 -31.55 -5.26
N PHE V 34 -65.76 -30.36 -4.84
CA PHE V 34 -67.17 -30.07 -4.60
C PHE V 34 -67.74 -29.25 -5.75
N ARG V 35 -69.02 -29.48 -6.03
CA ARG V 35 -69.74 -28.77 -7.07
C ARG V 35 -70.89 -28.00 -6.43
N ALA V 36 -70.95 -26.70 -6.70
CA ALA V 36 -71.96 -25.85 -6.08
C ALA V 36 -73.36 -26.22 -6.54
N GLN V 37 -74.34 -25.97 -5.69
CA GLN V 37 -75.73 -26.26 -5.97
C GLN V 37 -76.41 -24.97 -6.43
N LEU V 38 -76.94 -24.97 -7.64
CA LEU V 38 -77.64 -23.80 -8.15
C LEU V 38 -79.01 -23.68 -7.51
N ASN V 39 -79.61 -22.49 -7.65
CA ASN V 39 -80.93 -22.23 -7.11
C ASN V 39 -81.66 -21.26 -8.03
N ALA V 40 -82.99 -21.40 -8.06
CA ALA V 40 -83.83 -20.55 -8.88
C ALA V 40 -85.24 -20.58 -8.32
N LEU V 41 -86.01 -19.55 -8.65
CA LEU V 41 -87.40 -19.45 -8.25
C LEU V 41 -88.29 -19.68 -9.46
N ARG V 42 -89.24 -20.60 -9.32
CA ARG V 42 -90.12 -21.00 -10.41
C ARG V 42 -91.54 -20.55 -10.07
N ALA V 43 -92.16 -19.81 -10.99
CA ALA V 43 -93.52 -19.34 -10.78
C ALA V 43 -94.52 -20.43 -11.12
N VAL V 44 -95.57 -20.53 -10.33
CA VAL V 44 -96.64 -21.50 -10.53
C VAL V 44 -97.96 -20.74 -10.66
N PRO V 45 -98.39 -20.44 -11.86
CA PRO V 45 -99.67 -19.73 -12.06
C PRO V 45 -100.85 -20.68 -11.89
N VAL V 46 -101.57 -20.53 -10.79
CA VAL V 46 -102.75 -21.34 -10.55
C VAL V 46 -103.90 -20.80 -11.38
N ASP V 47 -104.52 -21.66 -12.17
CA ASP V 47 -105.66 -21.31 -12.99
C ASP V 47 -106.94 -21.73 -12.30
N GLY V 48 -108.06 -21.30 -12.87
CA GLY V 48 -109.36 -21.60 -12.29
C GLY V 48 -110.49 -20.96 -13.04
N LEU V 49 -111.44 -20.36 -12.31
CA LEU V 49 -112.58 -19.71 -12.92
C LEU V 49 -112.41 -18.19 -12.87
N SER V 50 -113.34 -17.48 -13.49
CA SER V 50 -113.28 -16.03 -13.64
C SER V 50 -111.95 -15.61 -14.23
N LEU V 51 -111.18 -14.82 -13.49
CA LEU V 51 -109.89 -14.31 -13.94
C LEU V 51 -108.80 -14.72 -12.96
N ALA V 52 -107.70 -15.25 -13.49
CA ALA V 52 -106.60 -15.74 -12.67
C ALA V 52 -105.69 -14.60 -12.27
N THR V 53 -105.44 -14.47 -10.98
CA THR V 53 -104.57 -13.42 -10.49
C THR V 53 -103.45 -13.98 -9.63
N ARG V 54 -103.74 -15.01 -8.83
CA ARG V 54 -102.73 -15.58 -7.96
C ARG V 54 -101.74 -16.41 -8.78
N THR V 55 -100.45 -16.22 -8.52
CA THR V 55 -99.40 -17.06 -9.11
C THR V 55 -98.42 -17.39 -7.98
N LEU V 56 -98.54 -18.59 -7.44
CA LEU V 56 -97.70 -19.00 -6.32
C LEU V 56 -96.25 -19.13 -6.77
N VAL V 57 -95.35 -19.13 -5.79
CA VAL V 57 -93.91 -19.17 -6.03
C VAL V 57 -93.33 -20.38 -5.33
N THR V 58 -92.49 -21.15 -6.02
CA THR V 58 -91.77 -22.26 -5.44
C THR V 58 -90.31 -22.19 -5.87
N ALA V 59 -89.44 -22.71 -5.02
CA ALA V 59 -88.01 -22.73 -5.31
C ALA V 59 -87.63 -24.04 -5.99
N SER V 60 -86.56 -23.99 -6.77
CA SER V 60 -86.09 -25.17 -7.48
C SER V 60 -84.58 -25.06 -7.68
N THR V 61 -83.94 -26.20 -7.83
CA THR V 61 -82.50 -26.28 -8.07
C THR V 61 -82.24 -27.03 -9.37
N PRO V 62 -81.99 -26.33 -10.47
CA PRO V 62 -81.75 -27.00 -11.76
C PRO V 62 -80.36 -27.60 -11.85
N GLY V 63 -80.04 -28.50 -10.91
CA GLY V 63 -78.76 -29.18 -10.92
C GLY V 63 -77.63 -28.31 -10.42
N ALA V 64 -76.43 -28.87 -10.52
CA ALA V 64 -75.24 -28.20 -10.05
C ALA V 64 -74.62 -27.40 -11.19
N ASP V 65 -73.41 -26.88 -10.98
CA ASP V 65 -72.65 -26.20 -12.01
C ASP V 65 -71.31 -26.91 -12.18
N MET V 66 -70.86 -27.02 -13.44
CA MET V 66 -69.70 -27.82 -13.77
C MET V 66 -68.45 -26.98 -13.97
N THR V 67 -68.45 -25.72 -13.55
CA THR V 67 -67.27 -24.89 -13.68
C THR V 67 -66.18 -25.43 -12.77
N PRO V 68 -65.01 -25.82 -13.29
CA PRO V 68 -63.98 -26.41 -12.43
C PRO V 68 -63.31 -25.35 -11.57
N GLY V 69 -63.29 -25.60 -10.26
CA GLY V 69 -62.62 -24.70 -9.35
C GLY V 69 -61.12 -24.83 -9.43
N GLN V 70 -60.43 -23.91 -8.76
CA GLN V 70 -58.98 -23.90 -8.77
C GLN V 70 -58.45 -25.10 -7.99
N LEU V 71 -57.12 -25.22 -7.93
CA LEU V 71 -56.53 -26.41 -7.37
C LEU V 71 -55.26 -26.06 -6.60
N ASP V 72 -55.04 -26.77 -5.50
CA ASP V 72 -53.82 -26.70 -4.72
C ASP V 72 -52.78 -27.65 -5.30
N TYR V 73 -51.51 -27.30 -5.09
CA TYR V 73 -50.38 -28.16 -5.42
C TYR V 73 -49.85 -28.73 -4.11
N THR V 74 -50.34 -29.90 -3.72
CA THR V 74 -49.95 -30.52 -2.47
C THR V 74 -48.72 -31.42 -2.59
N SER V 75 -48.23 -31.66 -3.80
CA SER V 75 -47.05 -32.47 -4.08
C SER V 75 -47.20 -33.93 -3.67
N ARG V 76 -48.38 -34.33 -3.20
CA ARG V 76 -48.59 -35.73 -2.87
C ARG V 76 -48.65 -36.55 -4.14
N PRO V 77 -47.88 -37.63 -4.25
CA PRO V 77 -47.76 -38.33 -5.54
C PRO V 77 -49.05 -38.93 -6.06
N LEU V 78 -50.02 -39.21 -5.19
CA LEU V 78 -51.26 -39.88 -5.61
C LEU V 78 -52.47 -39.00 -5.38
N ASP V 79 -52.35 -37.72 -5.73
CA ASP V 79 -53.48 -36.80 -5.77
C ASP V 79 -53.67 -36.37 -7.22
N VAL V 80 -54.89 -36.55 -7.74
CA VAL V 80 -55.16 -36.30 -9.15
C VAL V 80 -56.25 -35.25 -9.29
N ALA V 81 -56.22 -34.56 -10.42
CA ALA V 81 -57.24 -33.59 -10.77
C ALA V 81 -57.70 -33.86 -12.20
N LEU V 82 -59.02 -33.77 -12.41
CA LEU V 82 -59.61 -34.11 -13.68
C LEU V 82 -59.54 -32.93 -14.65
N GLN V 83 -59.86 -33.22 -15.92
CA GLN V 83 -59.93 -32.20 -16.95
C GLN V 83 -61.27 -31.47 -16.87
N GLN V 84 -61.60 -30.72 -17.91
CA GLN V 84 -62.81 -29.90 -17.89
C GLN V 84 -64.07 -30.73 -17.65
N ASP V 85 -64.16 -31.89 -18.28
CA ASP V 85 -65.35 -32.73 -18.20
C ASP V 85 -64.99 -34.16 -17.86
N GLY V 86 -64.08 -34.35 -16.91
CA GLY V 86 -63.70 -35.67 -16.46
C GLY V 86 -64.39 -36.08 -15.19
N TRP V 87 -64.45 -37.38 -14.96
CA TRP V 87 -65.09 -37.92 -13.76
C TRP V 87 -64.43 -39.24 -13.39
N LEU V 88 -63.97 -39.35 -12.15
CA LEU V 88 -63.53 -40.63 -11.63
C LEU V 88 -64.76 -41.45 -11.26
N VAL V 89 -64.71 -42.74 -11.57
CA VAL V 89 -65.83 -43.64 -11.34
C VAL V 89 -65.55 -44.47 -10.11
N VAL V 90 -66.43 -44.36 -9.11
CA VAL V 90 -66.31 -45.10 -7.87
C VAL V 90 -67.55 -45.96 -7.70
N GLN V 91 -67.51 -46.85 -6.70
CA GLN V 91 -68.62 -47.73 -6.39
C GLN V 91 -69.32 -47.24 -5.14
N ALA V 92 -70.62 -46.99 -5.24
CA ALA V 92 -71.38 -46.46 -4.12
C ALA V 92 -71.62 -47.54 -3.07
N ALA V 93 -72.36 -47.18 -2.02
CA ALA V 93 -72.64 -48.10 -0.93
C ALA V 93 -73.62 -49.20 -1.31
N ASP V 94 -74.50 -48.94 -2.28
CA ASP V 94 -75.51 -49.92 -2.70
C ASP V 94 -75.04 -50.81 -3.84
N GLY V 95 -73.81 -50.61 -4.33
CA GLY V 95 -73.25 -51.39 -5.41
C GLY V 95 -73.28 -50.70 -6.76
N ALA V 96 -74.17 -49.74 -6.94
CA ALA V 96 -74.20 -48.99 -8.19
C ALA V 96 -73.01 -48.06 -8.29
N GLU V 97 -72.68 -47.68 -9.51
CA GLU V 97 -71.52 -46.83 -9.77
C GLU V 97 -71.91 -45.36 -9.70
N GLY V 98 -70.93 -44.53 -9.36
CA GLY V 98 -71.12 -43.09 -9.31
C GLY V 98 -69.90 -42.38 -9.83
N TYR V 99 -70.08 -41.10 -10.13
CA TYR V 99 -69.03 -40.27 -10.71
C TYR V 99 -68.71 -39.13 -9.76
N THR V 100 -67.42 -38.85 -9.58
CA THR V 100 -66.98 -37.82 -8.67
C THR V 100 -65.74 -37.15 -9.25
N ARG V 101 -65.23 -36.15 -8.53
CA ARG V 101 -64.00 -35.46 -8.91
C ARG V 101 -63.04 -35.31 -7.74
N ASN V 102 -63.37 -35.88 -6.58
CA ASN V 102 -62.53 -35.76 -5.39
C ASN V 102 -61.30 -36.64 -5.58
N GLY V 103 -60.25 -36.07 -6.16
CA GLY V 103 -59.06 -36.84 -6.45
C GLY V 103 -58.13 -37.05 -5.27
N ASN V 104 -58.69 -37.35 -4.10
CA ASN V 104 -57.90 -37.62 -2.90
C ASN V 104 -57.91 -39.12 -2.64
N ILE V 105 -57.02 -39.82 -3.35
CA ILE V 105 -56.99 -41.27 -3.30
C ILE V 105 -56.22 -41.73 -2.07
N GLN V 106 -56.82 -42.65 -1.31
CA GLN V 106 -56.18 -43.25 -0.15
C GLN V 106 -55.94 -44.73 -0.41
N VAL V 107 -54.92 -45.27 0.26
CA VAL V 107 -54.55 -46.68 0.14
C VAL V 107 -54.77 -47.33 1.50
N GLY V 108 -55.48 -48.45 1.50
CA GLY V 108 -55.72 -49.18 2.72
C GLY V 108 -54.55 -50.07 3.09
N PRO V 109 -54.73 -50.84 4.16
CA PRO V 109 -53.69 -51.76 4.62
C PRO V 109 -53.56 -53.03 3.79
N THR V 110 -54.28 -53.15 2.68
CA THR V 110 -54.23 -54.37 1.89
C THR V 110 -54.20 -54.09 0.39
N GLY V 111 -53.84 -52.88 -0.01
CA GLY V 111 -53.79 -52.54 -1.42
C GLY V 111 -55.09 -52.06 -2.01
N GLN V 112 -56.10 -51.82 -1.20
CA GLN V 112 -57.37 -51.30 -1.68
C GLN V 112 -57.30 -49.79 -1.87
N LEU V 113 -57.71 -49.32 -3.04
CA LEU V 113 -57.79 -47.89 -3.30
C LEU V 113 -59.17 -47.38 -2.92
N THR V 114 -59.21 -46.24 -2.24
CA THR V 114 -60.47 -45.68 -1.77
C THR V 114 -60.50 -44.19 -2.05
N ILE V 115 -61.71 -43.67 -2.21
CA ILE V 115 -61.99 -42.24 -2.26
C ILE V 115 -63.18 -41.97 -1.36
N GLN V 116 -62.99 -41.12 -0.35
CA GLN V 116 -64.02 -40.82 0.64
C GLN V 116 -64.57 -42.09 1.29
N GLY V 117 -63.72 -43.11 1.42
CA GLY V 117 -64.14 -44.37 2.01
C GLY V 117 -64.84 -45.32 1.07
N HIS V 118 -64.97 -44.98 -0.21
CA HIS V 118 -65.61 -45.84 -1.20
C HIS V 118 -64.57 -46.43 -2.15
N PRO V 119 -64.76 -47.66 -2.60
CA PRO V 119 -63.78 -48.27 -3.51
C PRO V 119 -63.76 -47.57 -4.86
N VAL V 120 -62.59 -47.64 -5.51
CA VAL V 120 -62.36 -47.00 -6.79
C VAL V 120 -62.20 -48.08 -7.84
N ILE V 121 -62.95 -47.95 -8.93
CA ILE V 121 -62.97 -48.96 -9.99
C ILE V 121 -62.31 -48.38 -11.24
N GLY V 122 -61.50 -49.20 -11.89
CA GLY V 122 -60.89 -48.87 -13.17
C GLY V 122 -61.32 -49.87 -14.21
N GLU V 123 -60.38 -50.25 -15.06
CA GLU V 123 -60.65 -51.34 -16.01
C GLU V 123 -60.88 -52.63 -15.25
N GLY V 124 -61.94 -53.34 -15.63
CA GLY V 124 -62.33 -54.52 -14.88
C GLY V 124 -63.27 -54.19 -13.75
N GLY V 125 -62.74 -54.10 -12.53
CA GLY V 125 -63.53 -53.78 -11.37
C GLY V 125 -62.78 -52.95 -10.36
N PRO V 126 -63.09 -53.15 -9.08
CA PRO V 126 -62.34 -52.43 -8.03
C PRO V 126 -60.88 -52.82 -8.01
N ILE V 127 -60.00 -51.88 -8.34
CA ILE V 127 -58.59 -52.18 -8.49
C ILE V 127 -57.95 -52.39 -7.13
N THR V 128 -56.88 -53.17 -7.11
CA THR V 128 -56.14 -53.46 -5.88
C THR V 128 -54.67 -53.51 -6.19
N VAL V 129 -53.91 -52.56 -5.66
CA VAL V 129 -52.46 -52.51 -5.83
C VAL V 129 -51.82 -53.54 -4.90
N PRO V 130 -50.54 -53.88 -5.09
CA PRO V 130 -49.90 -54.82 -4.15
C PRO V 130 -49.80 -54.27 -2.74
N GLU V 131 -49.21 -55.06 -1.84
CA GLU V 131 -49.37 -54.85 -0.40
C GLU V 131 -48.92 -53.46 0.02
N GLY V 132 -47.63 -53.17 -0.10
CA GLY V 132 -47.11 -51.91 0.42
C GLY V 132 -46.28 -51.14 -0.57
N SER V 133 -46.61 -51.27 -1.86
CA SER V 133 -45.84 -50.62 -2.90
C SER V 133 -46.19 -49.14 -2.98
N GLU V 134 -45.21 -48.33 -3.37
CA GLU V 134 -45.48 -46.93 -3.70
C GLU V 134 -46.19 -46.84 -5.04
N ILE V 135 -47.12 -45.90 -5.14
CA ILE V 135 -48.03 -45.78 -6.27
C ILE V 135 -47.77 -44.46 -6.99
N THR V 136 -47.74 -44.52 -8.32
CA THR V 136 -47.65 -43.35 -9.16
C THR V 136 -48.74 -43.41 -10.21
N ILE V 137 -49.28 -42.25 -10.58
CA ILE V 137 -50.37 -42.15 -11.53
C ILE V 137 -49.91 -41.35 -12.73
N ALA V 138 -50.08 -41.90 -13.92
CA ALA V 138 -49.64 -41.26 -15.15
C ALA V 138 -50.62 -40.17 -15.56
N ALA V 139 -50.42 -39.60 -16.74
CA ALA V 139 -51.31 -38.56 -17.23
C ALA V 139 -52.57 -39.09 -17.90
N ASP V 140 -52.63 -40.41 -18.16
CA ASP V 140 -53.80 -40.99 -18.84
C ASP V 140 -54.44 -42.09 -18.02
N GLY V 141 -54.13 -42.18 -16.73
CA GLY V 141 -54.78 -43.12 -15.84
C GLY V 141 -54.02 -44.41 -15.59
N THR V 142 -52.80 -44.55 -16.08
CA THR V 142 -52.02 -45.75 -15.82
C THR V 142 -51.45 -45.70 -14.42
N ILE V 143 -51.63 -46.77 -13.66
CA ILE V 143 -51.15 -46.86 -12.29
C ILE V 143 -49.88 -47.72 -12.28
N SER V 144 -48.80 -47.15 -11.77
CA SER V 144 -47.51 -47.85 -11.69
C SER V 144 -47.17 -48.09 -10.23
N ALA V 145 -46.79 -49.32 -9.91
CA ALA V 145 -46.44 -49.70 -8.56
C ALA V 145 -44.96 -50.03 -8.49
N LEU V 146 -44.33 -49.67 -7.38
CA LEU V 146 -42.95 -50.02 -7.08
C LEU V 146 -42.87 -50.56 -5.67
N ASN V 147 -42.48 -51.82 -5.54
CA ASN V 147 -42.36 -52.41 -4.21
C ASN V 147 -41.23 -51.74 -3.44
N PRO V 148 -41.39 -51.50 -2.15
CA PRO V 148 -40.30 -50.89 -1.38
C PRO V 148 -39.07 -51.77 -1.36
N GLY V 149 -37.90 -51.13 -1.41
CA GLY V 149 -36.65 -51.84 -1.44
C GLY V 149 -36.28 -52.43 -2.78
N ASP V 150 -37.24 -52.58 -3.69
CA ASP V 150 -36.93 -53.06 -5.02
C ASP V 150 -36.09 -52.04 -5.77
N PRO V 151 -35.19 -52.47 -6.64
CA PRO V 151 -34.49 -51.52 -7.51
C PRO V 151 -35.48 -50.78 -8.38
N PRO V 152 -35.19 -49.51 -8.71
CA PRO V 152 -36.18 -48.70 -9.44
C PRO V 152 -36.52 -49.24 -10.81
N ASN V 153 -35.67 -50.07 -11.41
CA ASN V 153 -35.96 -50.58 -12.74
C ASN V 153 -37.04 -51.66 -12.74
N THR V 154 -37.70 -51.92 -11.62
CA THR V 154 -38.76 -52.90 -11.55
C THR V 154 -40.13 -52.28 -11.34
N VAL V 155 -40.28 -50.99 -11.64
CA VAL V 155 -41.60 -50.37 -11.58
C VAL V 155 -42.51 -51.01 -12.63
N ALA V 156 -43.72 -51.36 -12.23
CA ALA V 156 -44.57 -52.08 -13.16
C ALA V 156 -45.99 -51.52 -13.17
N PRO V 157 -46.63 -51.43 -14.33
CA PRO V 157 -48.05 -51.09 -14.35
C PRO V 157 -48.87 -52.18 -13.69
N VAL V 158 -49.85 -51.77 -12.89
CA VAL V 158 -50.65 -52.72 -12.12
C VAL V 158 -52.13 -52.41 -12.26
N GLY V 159 -52.50 -51.58 -13.22
CA GLY V 159 -53.89 -51.26 -13.42
C GLY V 159 -54.04 -50.01 -14.27
N ARG V 160 -55.29 -49.55 -14.35
CA ARG V 160 -55.61 -48.35 -15.13
C ARG V 160 -56.95 -47.82 -14.66
N LEU V 161 -57.00 -46.53 -14.36
CA LEU V 161 -58.24 -45.92 -13.90
C LEU V 161 -59.25 -45.82 -15.03
N LYS V 162 -60.50 -45.61 -14.66
CA LYS V 162 -61.61 -45.49 -15.62
C LYS V 162 -62.12 -44.05 -15.56
N LEU V 163 -61.93 -43.32 -16.65
CA LEU V 163 -62.35 -41.93 -16.75
C LEU V 163 -63.47 -41.81 -17.78
N VAL V 164 -64.58 -41.20 -17.38
CA VAL V 164 -65.70 -40.99 -18.26
C VAL V 164 -65.82 -39.49 -18.54
N LYS V 165 -66.59 -39.17 -19.58
CA LYS V 165 -66.77 -37.78 -20.01
C LYS V 165 -68.26 -37.45 -19.96
N ALA V 166 -68.68 -36.79 -18.89
CA ALA V 166 -70.05 -36.33 -18.72
C ALA V 166 -70.11 -34.83 -18.96
N GLU V 167 -71.02 -34.41 -19.83
CA GLU V 167 -71.08 -33.00 -20.23
C GLU V 167 -71.44 -32.11 -19.05
N GLY V 168 -72.42 -32.52 -18.26
CA GLY V 168 -72.83 -31.72 -17.11
C GLY V 168 -74.31 -31.37 -17.12
N ASN V 169 -74.94 -31.52 -18.28
CA ASN V 169 -76.39 -31.32 -18.41
C ASN V 169 -77.14 -32.64 -18.41
N GLU V 170 -76.48 -33.75 -18.07
CA GLU V 170 -77.12 -35.05 -18.07
C GLU V 170 -76.79 -35.87 -16.82
N VAL V 171 -76.21 -35.25 -15.78
CA VAL V 171 -75.93 -35.93 -14.53
C VAL V 171 -76.67 -35.20 -13.42
N GLN V 172 -77.24 -35.98 -12.50
CA GLN V 172 -77.99 -35.44 -11.37
C GLN V 172 -77.34 -35.87 -10.06
N ARG V 173 -77.29 -34.95 -9.11
CA ARG V 173 -76.69 -35.26 -7.82
C ARG V 173 -77.57 -36.21 -7.03
N SER V 174 -76.98 -37.26 -6.48
CA SER V 174 -77.73 -38.20 -5.65
C SER V 174 -77.90 -37.60 -4.26
N ASP V 175 -78.38 -38.41 -3.32
CA ASP V 175 -78.64 -37.91 -1.98
C ASP V 175 -77.40 -37.86 -1.10
N ASP V 176 -76.26 -38.37 -1.57
CA ASP V 176 -75.06 -38.40 -0.74
C ASP V 176 -73.86 -37.76 -1.41
N GLY V 177 -74.05 -36.96 -2.46
CA GLY V 177 -72.98 -36.24 -3.09
C GLY V 177 -72.44 -36.88 -4.36
N LEU V 178 -72.77 -38.14 -4.62
CA LEU V 178 -72.33 -38.79 -5.85
C LEU V 178 -73.25 -38.42 -7.00
N PHE V 179 -72.70 -38.39 -8.20
CA PHE V 179 -73.46 -38.07 -9.40
C PHE V 179 -73.79 -39.34 -10.18
N ARG V 180 -74.98 -39.34 -10.79
CA ARG V 180 -75.40 -40.44 -11.62
C ARG V 180 -76.08 -39.91 -12.87
N LEU V 181 -76.09 -40.74 -13.92
CA LEU V 181 -76.73 -40.36 -15.16
C LEU V 181 -78.23 -40.23 -14.98
N THR V 182 -78.83 -39.26 -15.67
CA THR V 182 -80.27 -39.10 -15.65
C THR V 182 -80.92 -40.10 -16.61
N ALA V 183 -82.26 -40.05 -16.67
CA ALA V 183 -82.99 -41.02 -17.47
C ALA V 183 -82.65 -40.89 -18.95
N GLU V 184 -82.66 -39.66 -19.47
CA GLU V 184 -82.33 -39.45 -20.87
C GLU V 184 -80.89 -39.86 -21.16
N ALA V 185 -79.96 -39.51 -20.26
CA ALA V 185 -78.56 -39.86 -20.46
C ALA V 185 -78.38 -41.37 -20.52
N GLN V 186 -79.01 -42.10 -19.60
CA GLN V 186 -78.86 -43.56 -19.61
C GLN V 186 -79.53 -44.17 -20.83
N ALA V 187 -80.68 -43.62 -21.25
CA ALA V 187 -81.34 -44.12 -22.43
C ALA V 187 -80.49 -43.93 -23.68
N GLU V 188 -79.80 -42.79 -23.78
CA GLU V 188 -79.04 -42.50 -24.98
C GLU V 188 -77.63 -43.09 -24.98
N ARG V 189 -77.04 -43.35 -23.81
CA ARG V 189 -75.66 -43.82 -23.74
C ARG V 189 -75.50 -45.10 -22.93
N GLY V 190 -76.56 -45.89 -22.78
CA GLY V 190 -76.46 -47.15 -22.09
C GLY V 190 -76.50 -47.00 -20.58
N ALA V 191 -76.56 -48.14 -19.91
CA ALA V 191 -76.64 -48.15 -18.45
C ALA V 191 -75.37 -47.60 -17.82
N VAL V 192 -74.21 -47.99 -18.33
CA VAL V 192 -72.93 -47.62 -17.76
C VAL V 192 -72.08 -46.94 -18.84
N LEU V 193 -71.46 -45.83 -18.49
CA LEU V 193 -70.60 -45.13 -19.43
C LEU V 193 -69.34 -45.92 -19.71
N ALA V 194 -68.76 -45.68 -20.88
CA ALA V 194 -67.52 -46.32 -21.30
C ALA V 194 -66.39 -45.30 -21.27
N ALA V 195 -65.22 -45.74 -20.80
CA ALA V 195 -64.08 -44.84 -20.69
C ALA V 195 -63.63 -44.36 -22.06
N ASP V 196 -63.09 -43.14 -22.10
CA ASP V 196 -62.58 -42.57 -23.33
C ASP V 196 -61.15 -42.12 -23.11
N PRO V 197 -60.30 -42.24 -24.14
CA PRO V 197 -58.88 -41.88 -23.97
C PRO V 197 -58.61 -40.38 -24.04
N SER V 198 -59.59 -39.57 -24.41
CA SER V 198 -59.37 -38.13 -24.57
C SER V 198 -59.24 -37.40 -23.24
N ILE V 199 -59.65 -38.03 -22.14
CA ILE V 199 -59.59 -37.38 -20.84
C ILE V 199 -58.18 -37.49 -20.28
N ARG V 200 -57.61 -36.37 -19.87
CA ARG V 200 -56.27 -36.31 -19.32
C ARG V 200 -56.32 -35.81 -17.89
N ILE V 201 -55.43 -36.35 -17.06
CA ILE V 201 -55.31 -35.95 -15.67
C ILE V 201 -53.84 -35.68 -15.37
N MET V 202 -53.59 -35.12 -14.19
CA MET V 202 -52.23 -34.88 -13.74
C MET V 202 -52.15 -35.15 -12.25
N SER V 203 -50.97 -35.55 -11.80
CA SER V 203 -50.77 -35.91 -10.40
C SER V 203 -50.19 -34.74 -9.61
N GLY V 204 -50.33 -34.83 -8.29
CA GLY V 204 -49.74 -33.86 -7.40
C GLY V 204 -50.60 -32.66 -7.08
N VAL V 205 -51.79 -32.54 -7.68
CA VAL V 205 -52.66 -31.41 -7.45
C VAL V 205 -54.03 -31.91 -7.01
N LEU V 206 -54.74 -31.05 -6.29
CA LEU V 206 -56.05 -31.40 -5.75
C LEU V 206 -57.01 -30.24 -5.97
N GLU V 207 -58.17 -30.53 -6.56
CA GLU V 207 -59.11 -29.49 -6.93
C GLU V 207 -60.03 -29.14 -5.77
N GLY V 208 -60.16 -27.84 -5.50
CA GLY V 208 -61.07 -27.36 -4.48
C GLY V 208 -62.46 -27.11 -5.05
N SER V 209 -63.32 -26.55 -4.20
CA SER V 209 -64.70 -26.30 -4.59
C SER V 209 -64.79 -25.08 -5.51
N ASN V 210 -65.96 -24.88 -6.09
CA ASN V 210 -66.24 -23.74 -6.96
C ASN V 210 -67.48 -23.03 -6.41
N VAL V 211 -67.27 -22.11 -5.48
CA VAL V 211 -68.34 -21.31 -4.90
C VAL V 211 -68.00 -19.85 -5.11
N LYS V 212 -68.93 -19.09 -5.67
CA LYS V 212 -68.66 -17.70 -6.02
C LYS V 212 -69.06 -16.79 -4.87
N PRO V 213 -68.11 -16.15 -4.19
CA PRO V 213 -68.50 -15.27 -3.07
C PRO V 213 -69.39 -14.12 -3.48
N VAL V 214 -69.16 -13.53 -4.66
CA VAL V 214 -70.01 -12.42 -5.10
C VAL V 214 -71.43 -12.90 -5.33
N GLU V 215 -71.59 -14.05 -5.99
CA GLU V 215 -72.92 -14.60 -6.21
C GLU V 215 -73.61 -14.88 -4.88
N ALA V 216 -72.88 -15.49 -3.93
CA ALA V 216 -73.48 -15.80 -2.64
C ALA V 216 -73.92 -14.54 -1.92
N MET V 217 -73.07 -13.52 -1.90
CA MET V 217 -73.40 -12.29 -1.17
C MET V 217 -74.60 -11.58 -1.80
N THR V 218 -74.61 -11.45 -3.12
CA THR V 218 -75.73 -10.78 -3.77
C THR V 218 -77.03 -11.56 -3.57
N ASP V 219 -76.96 -12.89 -3.66
CA ASP V 219 -78.16 -13.69 -3.44
C ASP V 219 -78.68 -13.53 -2.02
N MET V 220 -77.79 -13.52 -1.03
CA MET V 220 -78.24 -13.36 0.35
C MET V 220 -78.88 -12.00 0.57
N ILE V 221 -78.28 -10.94 0.02
CA ILE V 221 -78.85 -9.61 0.17
C ILE V 221 -80.24 -9.55 -0.47
N ALA V 222 -80.36 -10.09 -1.68
CA ALA V 222 -81.64 -10.06 -2.37
C ALA V 222 -82.69 -10.86 -1.59
N ASN V 223 -82.30 -12.01 -1.04
CA ASN V 223 -83.26 -12.81 -0.28
C ASN V 223 -83.73 -12.07 0.96
N ALA V 224 -82.80 -11.41 1.66
CA ALA V 224 -83.20 -10.66 2.85
C ALA V 224 -84.20 -9.56 2.48
N ARG V 225 -83.91 -8.80 1.42
CA ARG V 225 -84.81 -7.72 1.04
C ARG V 225 -86.17 -8.25 0.62
N ARG V 226 -86.19 -9.34 -0.15
CA ARG V 226 -87.46 -9.92 -0.59
C ARG V 226 -88.28 -10.39 0.60
N PHE V 227 -87.63 -11.02 1.58
CA PHE V 227 -88.35 -11.48 2.76
C PHE V 227 -88.95 -10.31 3.53
N GLU V 228 -88.20 -9.22 3.66
CA GLU V 228 -88.74 -8.07 4.37
C GLU V 228 -89.94 -7.48 3.65
N MET V 229 -89.87 -7.39 2.31
CA MET V 229 -91.01 -6.87 1.56
C MET V 229 -92.23 -7.77 1.70
N GLN V 230 -92.03 -9.08 1.66
CA GLN V 230 -93.15 -10.00 1.81
C GLN V 230 -93.78 -9.87 3.19
N MET V 231 -92.97 -9.69 4.22
CA MET V 231 -93.52 -9.46 5.56
C MET V 231 -94.34 -8.18 5.60
N LYS V 232 -93.87 -7.14 4.92
CA LYS V 232 -94.66 -5.90 4.84
C LYS V 232 -96.01 -6.17 4.19
N VAL V 233 -96.03 -6.94 3.10
CA VAL V 233 -97.29 -7.24 2.43
C VAL V 233 -98.23 -8.01 3.36
N ILE V 234 -97.68 -9.00 4.08
CA ILE V 234 -98.52 -9.82 4.96
C ILE V 234 -99.15 -8.97 6.04
N THR V 235 -98.35 -8.12 6.70
CA THR V 235 -98.92 -7.32 7.78
C THR V 235 -99.91 -6.30 7.25
N SER V 236 -99.66 -5.75 6.06
CA SER V 236 -100.63 -4.83 5.46
C SER V 236 -101.96 -5.53 5.20
N VAL V 237 -101.91 -6.74 4.65
CA VAL V 237 -103.15 -7.47 4.36
C VAL V 237 -103.89 -7.80 5.64
N ASP V 238 -103.16 -8.23 6.68
CA ASP V 238 -103.81 -8.55 7.94
C ASP V 238 -104.51 -7.33 8.53
N GLU V 239 -103.81 -6.20 8.57
CA GLU V 239 -104.41 -5.00 9.12
C GLU V 239 -105.61 -4.55 8.29
N ASN V 240 -105.50 -4.66 6.96
CA ASN V 240 -106.59 -4.27 6.08
C ASN V 240 -107.83 -5.12 6.32
N GLU V 241 -107.64 -6.43 6.46
CA GLU V 241 -108.77 -7.32 6.67
C GLU V 241 -109.32 -7.25 8.10
N GLY V 242 -108.55 -6.73 9.05
CA GLY V 242 -109.04 -6.64 10.41
C GLY V 242 -110.18 -5.66 10.65
N ARG V 243 -110.77 -5.09 9.61
CA ARG V 243 -111.89 -4.17 9.79
C ARG V 243 -113.14 -4.52 8.99
N ALA V 244 -113.05 -5.46 8.06
CA ALA V 244 -114.27 -5.96 7.44
C ALA V 244 -115.19 -6.64 8.45
N ASN V 245 -114.64 -7.26 9.48
CA ASN V 245 -115.47 -7.76 10.56
C ASN V 245 -116.19 -6.62 11.28
N GLN V 246 -115.50 -5.50 11.50
CA GLN V 246 -116.16 -4.33 12.07
C GLN V 246 -117.28 -3.85 11.17
N LEU V 247 -117.07 -3.93 9.85
CA LEU V 247 -118.14 -3.62 8.91
C LEU V 247 -119.33 -4.54 9.13
N LEU V 248 -119.07 -5.83 9.24
CA LEU V 248 -120.15 -6.81 9.40
C LEU V 248 -120.82 -6.71 10.76
N SER V 249 -120.19 -6.01 11.71
CA SER V 249 -120.68 -5.98 13.09
C SER V 249 -122.13 -5.51 13.17
N MET V 250 -122.46 -4.44 12.46
CA MET V 250 -123.79 -3.83 12.53
C MET V 250 -124.13 -3.42 13.96
N ASP W 2 -95.68 26.60 18.33
CA ASP W 2 -95.59 25.65 17.23
C ASP W 2 -94.50 26.06 16.24
N HIS W 3 -94.18 27.34 16.20
CA HIS W 3 -93.21 27.86 15.25
C HIS W 3 -91.77 27.61 15.66
N ALA W 4 -91.55 26.91 16.78
CA ALA W 4 -90.20 26.46 17.10
C ALA W 4 -89.64 25.59 15.98
N ILE W 5 -90.51 24.84 15.30
CA ILE W 5 -90.06 24.08 14.13
C ILE W 5 -89.55 25.01 13.05
N TYR W 6 -90.21 26.16 12.87
CA TYR W 6 -89.74 27.13 11.89
C TYR W 6 -88.40 27.74 12.29
N THR W 7 -88.24 28.03 13.58
CA THR W 7 -86.96 28.54 14.05
C THR W 7 -85.84 27.52 13.79
N ALA W 8 -86.10 26.26 14.10
CA ALA W 8 -85.07 25.23 13.93
C ALA W 8 -84.76 25.00 12.46
N MET W 9 -85.77 25.04 11.58
CA MET W 9 -85.49 24.84 10.16
C MET W 9 -84.71 26.02 9.60
N GLY W 10 -85.00 27.24 10.07
CA GLY W 10 -84.18 28.37 9.67
C GLY W 10 -82.74 28.20 10.10
N ALA W 11 -82.53 27.72 11.32
CA ALA W 11 -81.16 27.46 11.79
C ALA W 11 -80.48 26.41 10.92
N ALA W 12 -81.18 25.33 10.59
CA ALA W 12 -80.58 24.28 9.77
C ALA W 12 -80.24 24.79 8.38
N SER W 13 -81.13 25.58 7.78
CA SER W 13 -80.85 26.12 6.45
C SER W 13 -79.65 27.04 6.47
N GLN W 14 -79.53 27.89 7.49
CA GLN W 14 -78.37 28.77 7.56
C GLN W 14 -77.09 27.99 7.83
N THR W 15 -77.18 26.90 8.58
CA THR W 15 -76.02 26.03 8.75
C THR W 15 -75.60 25.42 7.41
N LEU W 16 -76.57 25.02 6.60
CA LEU W 16 -76.25 24.51 5.27
C LEU W 16 -75.57 25.58 4.42
N ASN W 17 -76.04 26.82 4.50
CA ASN W 17 -75.40 27.90 3.75
C ASN W 17 -73.96 28.11 4.21
N GLN W 18 -73.72 28.08 5.53
CA GLN W 18 -72.37 28.22 6.03
C GLN W 18 -71.48 27.07 5.57
N GLN W 19 -72.03 25.86 5.55
CA GLN W 19 -71.28 24.72 5.03
C GLN W 19 -70.94 24.92 3.56
N ALA W 20 -71.87 25.49 2.80
CA ALA W 20 -71.60 25.77 1.39
C ALA W 20 -70.46 26.78 1.25
N VAL W 21 -70.45 27.81 2.10
CA VAL W 21 -69.36 28.78 2.07
C VAL W 21 -68.02 28.11 2.36
N THR W 22 -68.00 27.25 3.38
CA THR W 22 -66.75 26.55 3.72
C THR W 22 -66.31 25.64 2.58
N ALA W 23 -67.26 24.96 1.93
CA ALA W 23 -66.91 24.10 0.80
C ALA W 23 -66.34 24.93 -0.35
N SER W 24 -66.92 26.11 -0.60
CA SER W 24 -66.38 26.98 -1.64
C SER W 24 -64.96 27.43 -1.31
N ASN W 25 -64.71 27.76 -0.04
CA ASN W 25 -63.36 28.13 0.35
C ASN W 25 -62.38 26.98 0.14
N LEU W 26 -62.78 25.76 0.51
CA LEU W 26 -61.85 24.64 0.39
C LEU W 26 -61.67 24.18 -1.04
N ALA W 27 -62.66 24.43 -1.91
CA ALA W 27 -62.59 23.93 -3.27
C ALA W 27 -61.41 24.53 -4.02
N ASN W 28 -61.27 25.86 -3.99
CA ASN W 28 -60.18 26.54 -4.67
C ASN W 28 -59.04 26.82 -3.69
N ALA W 29 -58.44 25.73 -3.22
CA ALA W 29 -57.33 25.80 -2.30
C ALA W 29 -56.00 26.02 -2.99
N SER W 30 -55.98 26.08 -4.32
CA SER W 30 -54.74 26.27 -5.07
C SER W 30 -54.83 27.40 -6.09
N THR W 31 -55.92 28.16 -6.10
CA THR W 31 -56.03 29.28 -7.02
C THR W 31 -55.13 30.42 -6.57
N PRO W 32 -54.20 30.88 -7.40
CA PRO W 32 -53.32 31.97 -6.99
C PRO W 32 -54.09 33.27 -6.79
N GLY W 33 -53.64 34.06 -5.82
CA GLY W 33 -54.26 35.34 -5.55
C GLY W 33 -55.63 35.28 -4.93
N PHE W 34 -56.07 34.10 -4.49
CA PHE W 34 -57.38 33.96 -3.88
C PHE W 34 -57.38 34.51 -2.47
N ARG W 35 -58.55 34.96 -2.02
CA ARG W 35 -58.74 35.43 -0.66
C ARG W 35 -59.92 34.68 -0.04
N ALA W 36 -59.68 34.05 1.10
CA ALA W 36 -60.68 33.20 1.72
C ALA W 36 -61.90 34.01 2.16
N GLN W 37 -63.06 33.39 2.08
CA GLN W 37 -64.32 33.99 2.51
C GLN W 37 -64.60 33.60 3.94
N LEU W 38 -65.00 34.57 4.75
CA LEU W 38 -65.25 34.34 6.16
C LEU W 38 -66.75 34.45 6.45
N ASN W 39 -67.23 33.58 7.33
CA ASN W 39 -68.65 33.49 7.65
C ASN W 39 -68.87 33.80 9.12
N ALA W 40 -70.03 34.38 9.43
CA ALA W 40 -70.36 34.73 10.81
C ALA W 40 -71.87 34.83 10.93
N LEU W 41 -72.47 33.93 11.70
CA LEU W 41 -73.91 33.96 11.91
C LEU W 41 -74.31 35.18 12.72
N ARG W 42 -75.49 35.71 12.41
CA ARG W 42 -76.02 36.90 13.07
C ARG W 42 -77.40 36.59 13.64
N ALA W 43 -77.57 36.88 14.93
CA ALA W 43 -78.89 36.72 15.56
C ALA W 43 -79.81 37.85 15.11
N VAL W 44 -81.06 37.51 14.82
CA VAL W 44 -82.06 38.47 14.36
C VAL W 44 -83.30 38.33 15.22
N PRO W 45 -83.35 39.03 16.35
CA PRO W 45 -84.53 38.94 17.22
C PRO W 45 -85.74 39.58 16.57
N VAL W 46 -86.90 38.97 16.81
CA VAL W 46 -88.16 39.51 16.31
C VAL W 46 -88.50 40.77 17.11
N ASP W 47 -89.46 41.54 16.61
CA ASP W 47 -89.84 42.78 17.29
C ASP W 47 -90.37 42.51 18.68
N GLY W 48 -91.18 41.47 18.84
CA GLY W 48 -91.79 41.16 20.12
C GLY W 48 -93.05 41.96 20.36
N LEU W 49 -94.10 41.29 20.82
CA LEU W 49 -95.34 41.97 21.18
C LEU W 49 -95.91 41.54 22.52
N SER W 50 -95.55 40.36 23.03
CA SER W 50 -95.91 39.95 24.38
C SER W 50 -94.93 38.86 24.79
N LEU W 51 -94.01 39.18 25.70
CA LEU W 51 -93.00 38.24 26.17
C LEU W 51 -92.16 37.70 25.00
N ALA W 52 -91.41 38.62 24.40
CA ALA W 52 -90.56 38.28 23.27
C ALA W 52 -89.60 37.15 23.62
N THR W 53 -89.76 36.01 22.95
CA THR W 53 -88.94 34.83 23.19
C THR W 53 -88.16 34.40 21.97
N ARG W 54 -88.82 34.28 20.82
CA ARG W 54 -88.16 33.77 19.63
C ARG W 54 -87.04 34.69 19.16
N THR W 55 -85.99 34.09 18.61
CA THR W 55 -84.85 34.85 18.08
C THR W 55 -84.22 34.01 16.98
N LEU W 56 -84.49 34.36 15.74
CA LEU W 56 -84.02 33.59 14.60
C LEU W 56 -82.52 33.81 14.37
N VAL W 57 -81.98 33.14 13.36
CA VAL W 57 -80.57 33.26 13.00
C VAL W 57 -80.46 33.31 11.48
N THR W 58 -79.62 34.20 10.98
CA THR W 58 -79.37 34.33 9.55
C THR W 58 -77.88 34.43 9.31
N ALA W 59 -77.38 33.66 8.35
CA ALA W 59 -75.96 33.68 8.05
C ALA W 59 -75.57 34.96 7.32
N SER W 60 -74.31 35.35 7.48
CA SER W 60 -73.77 36.53 6.82
C SER W 60 -72.26 36.40 6.73
N THR W 61 -71.71 36.89 5.62
CA THR W 61 -70.27 36.85 5.40
C THR W 61 -69.68 38.25 5.56
N PRO W 62 -68.94 38.51 6.64
CA PRO W 62 -68.35 39.86 6.80
C PRO W 62 -67.42 40.25 5.66
N GLY W 63 -66.68 39.29 5.10
CA GLY W 63 -65.78 39.60 4.02
C GLY W 63 -64.48 38.81 4.09
N ALA W 64 -63.63 38.99 3.08
CA ALA W 64 -62.40 38.22 3.01
C ALA W 64 -61.41 38.69 4.07
N ASP W 65 -60.62 37.74 4.57
CA ASP W 65 -59.51 38.05 5.45
C ASP W 65 -58.26 38.28 4.61
N MET W 66 -57.64 39.44 4.76
CA MET W 66 -56.58 39.87 3.87
C MET W 66 -55.20 39.41 4.33
N THR W 67 -55.13 38.32 5.08
CA THR W 67 -53.84 37.76 5.46
C THR W 67 -53.14 37.28 4.19
N PRO W 68 -51.93 37.74 3.90
CA PRO W 68 -51.26 37.32 2.67
C PRO W 68 -50.94 35.83 2.69
N GLY W 69 -51.04 35.22 1.52
CA GLY W 69 -50.71 33.81 1.40
C GLY W 69 -49.25 33.58 1.08
N GLN W 70 -48.81 32.35 1.29
CA GLN W 70 -47.43 31.99 0.96
C GLN W 70 -47.23 32.03 -0.55
N LEU W 71 -46.00 32.32 -0.96
CA LEU W 71 -45.66 32.48 -2.36
C LEU W 71 -44.58 31.47 -2.73
N ASP W 72 -44.66 30.95 -3.95
CA ASP W 72 -43.73 29.95 -4.44
C ASP W 72 -42.86 30.52 -5.55
N TYR W 73 -41.61 30.08 -5.58
CA TYR W 73 -40.63 30.58 -6.56
C TYR W 73 -40.81 29.82 -7.86
N THR W 74 -41.40 30.48 -8.86
CA THR W 74 -41.66 29.85 -10.15
C THR W 74 -40.65 30.21 -11.22
N SER W 75 -39.85 31.25 -11.02
CA SER W 75 -38.80 31.66 -11.95
C SER W 75 -39.36 31.96 -13.34
N ARG W 76 -40.30 32.90 -13.40
CA ARG W 76 -40.79 33.41 -14.66
C ARG W 76 -40.57 34.91 -14.75
N PRO W 77 -40.20 35.42 -15.92
CA PRO W 77 -39.91 36.87 -16.02
C PRO W 77 -41.09 37.76 -15.68
N LEU W 78 -42.31 37.35 -16.02
CA LEU W 78 -43.49 38.21 -15.89
C LEU W 78 -44.50 37.66 -14.90
N ASP W 79 -44.02 37.14 -13.78
CA ASP W 79 -44.87 36.74 -12.66
C ASP W 79 -44.49 37.58 -11.45
N VAL W 80 -45.48 38.23 -10.85
CA VAL W 80 -45.24 39.18 -9.77
C VAL W 80 -46.03 38.74 -8.54
N ALA W 81 -45.62 39.27 -7.39
CA ALA W 81 -46.30 39.03 -6.13
C ALA W 81 -46.28 40.32 -5.33
N LEU W 82 -47.47 40.81 -4.98
CA LEU W 82 -47.59 42.11 -4.33
C LEU W 82 -46.98 42.07 -2.94
N GLN W 83 -47.00 43.23 -2.28
CA GLN W 83 -46.50 43.35 -0.91
C GLN W 83 -47.58 42.88 0.06
N GLN W 84 -47.41 43.22 1.33
CA GLN W 84 -48.38 42.80 2.35
C GLN W 84 -49.77 43.32 2.06
N ASP W 85 -49.89 44.60 1.71
CA ASP W 85 -51.20 45.24 1.57
C ASP W 85 -51.27 46.06 0.28
N GLY W 86 -50.88 45.45 -0.83
CA GLY W 86 -50.95 46.10 -2.12
C GLY W 86 -51.94 45.41 -3.03
N TRP W 87 -52.57 46.20 -3.89
CA TRP W 87 -53.53 45.70 -4.87
C TRP W 87 -53.13 46.15 -6.26
N LEU W 88 -53.18 45.22 -7.21
CA LEU W 88 -52.85 45.51 -8.59
C LEU W 88 -54.11 46.00 -9.31
N VAL W 89 -53.97 47.07 -10.07
CA VAL W 89 -55.12 47.67 -10.75
C VAL W 89 -55.32 46.98 -12.10
N VAL W 90 -56.57 46.55 -12.36
CA VAL W 90 -56.91 45.88 -13.61
C VAL W 90 -58.18 46.53 -14.15
N GLN W 91 -58.36 46.45 -15.47
CA GLN W 91 -59.57 46.91 -16.13
C GLN W 91 -60.58 45.78 -16.16
N ALA W 92 -61.74 45.99 -15.55
CA ALA W 92 -62.72 44.93 -15.41
C ALA W 92 -63.31 44.56 -16.77
N ALA W 93 -64.13 43.52 -16.78
CA ALA W 93 -64.73 43.04 -18.04
C ALA W 93 -65.65 44.09 -18.64
N ASP W 94 -66.50 44.71 -17.82
CA ASP W 94 -67.41 45.74 -18.32
C ASP W 94 -66.65 46.98 -18.75
N GLY W 95 -65.60 47.34 -18.02
CA GLY W 95 -64.85 48.55 -18.29
C GLY W 95 -64.51 49.28 -17.00
N ALA W 96 -65.01 48.76 -15.88
CA ALA W 96 -64.76 49.37 -14.59
C ALA W 96 -63.38 49.00 -14.06
N GLU W 97 -63.11 49.42 -12.83
CA GLU W 97 -61.82 49.22 -12.20
C GLU W 97 -61.90 48.07 -11.22
N GLY W 98 -60.83 47.26 -11.16
CA GLY W 98 -60.80 46.15 -10.24
C GLY W 98 -59.46 45.97 -9.56
N TYR W 99 -59.47 45.70 -8.27
CA TYR W 99 -58.25 45.50 -7.51
C TYR W 99 -58.04 44.01 -7.28
N THR W 100 -56.97 43.46 -7.84
CA THR W 100 -56.70 42.04 -7.74
C THR W 100 -55.35 41.81 -7.06
N ARG W 101 -55.01 40.53 -6.89
CA ARG W 101 -53.70 40.14 -6.42
C ARG W 101 -53.13 38.95 -7.17
N ASN W 102 -53.80 38.47 -8.23
CA ASN W 102 -53.33 37.31 -8.99
C ASN W 102 -52.22 37.76 -9.92
N GLY W 103 -50.98 37.61 -9.46
CA GLY W 103 -49.85 38.04 -10.25
C GLY W 103 -49.43 37.06 -11.32
N ASN W 104 -50.33 36.74 -12.24
CA ASN W 104 -50.07 35.82 -13.34
C ASN W 104 -50.37 36.56 -14.65
N ILE W 105 -49.38 37.26 -15.15
CA ILE W 105 -49.55 38.12 -16.33
C ILE W 105 -49.18 37.32 -17.57
N GLN W 106 -49.89 37.59 -18.67
CA GLN W 106 -49.65 36.95 -19.94
C GLN W 106 -49.59 38.00 -21.03
N VAL W 107 -48.97 37.62 -22.15
CA VAL W 107 -48.81 38.50 -23.30
C VAL W 107 -49.56 37.91 -24.47
N GLY W 108 -50.44 38.71 -25.07
CA GLY W 108 -51.14 38.30 -26.26
C GLY W 108 -50.27 38.44 -27.50
N PRO W 109 -50.81 37.99 -28.63
CA PRO W 109 -50.04 38.09 -29.88
C PRO W 109 -49.65 39.51 -30.23
N THR W 110 -50.54 40.48 -29.99
CA THR W 110 -50.25 41.86 -30.33
C THR W 110 -49.42 42.56 -29.26
N GLY W 111 -49.30 41.98 -28.08
CA GLY W 111 -48.48 42.58 -27.05
C GLY W 111 -49.23 43.42 -26.04
N GLN W 112 -50.30 42.88 -25.48
CA GLN W 112 -51.04 43.52 -24.38
C GLN W 112 -51.00 42.61 -23.17
N LEU W 113 -50.59 43.16 -22.03
CA LEU W 113 -50.54 42.40 -20.78
C LEU W 113 -51.98 42.15 -20.32
N THR W 114 -52.46 40.92 -20.51
CA THR W 114 -53.81 40.54 -20.15
C THR W 114 -53.77 39.51 -19.05
N ILE W 115 -54.47 39.76 -17.96
CA ILE W 115 -54.61 38.82 -16.85
C ILE W 115 -56.02 38.22 -16.96
N GLN W 116 -56.09 36.92 -17.24
CA GLN W 116 -57.37 36.21 -17.33
C GLN W 116 -58.30 36.86 -18.35
N GLY W 117 -57.74 37.33 -19.44
CA GLY W 117 -58.51 38.02 -20.46
C GLY W 117 -58.82 39.47 -20.17
N HIS W 118 -58.28 40.03 -19.09
CA HIS W 118 -58.52 41.41 -18.72
C HIS W 118 -57.22 42.22 -18.85
N PRO W 119 -57.21 43.29 -19.62
CA PRO W 119 -55.99 44.10 -19.74
C PRO W 119 -55.61 44.74 -18.41
N VAL W 120 -54.32 44.86 -18.19
CA VAL W 120 -53.79 45.52 -17.00
C VAL W 120 -53.74 47.01 -17.27
N ILE W 121 -54.02 47.80 -16.23
CA ILE W 121 -54.05 49.26 -16.34
C ILE W 121 -52.88 49.82 -15.55
N GLY W 122 -52.05 50.61 -16.23
CA GLY W 122 -51.04 51.41 -15.56
C GLY W 122 -51.33 52.87 -15.78
N GLU W 123 -50.50 53.76 -15.25
CA GLU W 123 -50.70 55.19 -15.48
C GLU W 123 -50.47 55.53 -16.95
N GLY W 124 -51.32 56.40 -17.48
CA GLY W 124 -51.20 56.81 -18.87
C GLY W 124 -51.41 55.67 -19.86
N GLY W 125 -52.63 55.15 -19.93
CA GLY W 125 -52.93 54.06 -20.82
C GLY W 125 -52.78 52.73 -20.13
N PRO W 126 -53.59 51.73 -20.50
CA PRO W 126 -53.55 50.45 -19.80
C PRO W 126 -52.20 49.75 -19.87
N ILE W 127 -51.76 49.39 -21.06
CA ILE W 127 -50.48 48.70 -21.23
C ILE W 127 -50.15 48.64 -22.71
N THR W 128 -48.85 48.52 -23.02
CA THR W 128 -48.40 48.28 -24.39
C THR W 128 -46.97 47.79 -24.33
N VAL W 129 -46.72 46.61 -24.92
CA VAL W 129 -45.37 46.04 -24.94
C VAL W 129 -45.04 45.64 -26.37
N PRO W 130 -43.75 45.52 -26.69
CA PRO W 130 -43.36 45.10 -28.04
C PRO W 130 -43.80 43.68 -28.38
N GLU W 131 -43.47 43.22 -29.59
CA GLU W 131 -43.99 41.95 -30.08
C GLU W 131 -43.49 40.78 -29.24
N GLY W 132 -42.19 40.73 -28.98
CA GLY W 132 -41.63 39.57 -28.31
C GLY W 132 -40.55 39.88 -27.30
N SER W 133 -40.59 41.08 -26.73
CA SER W 133 -39.53 41.50 -25.83
C SER W 133 -39.54 40.68 -24.54
N GLU W 134 -38.34 40.45 -24.00
CA GLU W 134 -38.17 39.76 -22.72
C GLU W 134 -38.50 40.74 -21.60
N ILE W 135 -39.76 40.69 -21.14
CA ILE W 135 -40.23 41.65 -20.14
C ILE W 135 -39.57 41.35 -18.81
N THR W 136 -39.06 42.40 -18.16
CA THR W 136 -38.49 42.31 -16.82
C THR W 136 -39.13 43.38 -15.96
N ILE W 137 -39.86 42.95 -14.93
CA ILE W 137 -40.62 43.86 -14.08
C ILE W 137 -39.78 44.21 -12.86
N ALA W 138 -39.61 45.50 -12.61
CA ALA W 138 -38.72 45.98 -11.56
C ALA W 138 -39.38 45.80 -10.20
N ALA W 139 -38.74 46.35 -9.16
CA ALA W 139 -39.22 46.19 -7.80
C ALA W 139 -40.43 47.06 -7.49
N ASP W 140 -40.54 48.24 -8.09
CA ASP W 140 -41.62 49.15 -7.75
C ASP W 140 -42.61 49.40 -8.88
N GLY W 141 -42.41 48.81 -10.06
CA GLY W 141 -43.40 48.93 -11.11
C GLY W 141 -42.83 49.14 -12.50
N THR W 142 -41.57 49.57 -12.59
CA THR W 142 -40.97 49.82 -13.90
C THR W 142 -40.90 48.53 -14.71
N ILE W 143 -41.30 48.62 -15.97
CA ILE W 143 -41.32 47.45 -16.85
C ILE W 143 -40.27 47.60 -17.93
N SER W 144 -39.09 47.04 -17.72
CA SER W 144 -38.05 47.08 -18.73
C SER W 144 -38.36 46.06 -19.82
N ALA W 145 -38.09 46.43 -21.07
CA ALA W 145 -38.26 45.56 -22.21
C ALA W 145 -36.97 45.50 -22.99
N LEU W 146 -36.62 44.29 -23.44
CA LEU W 146 -35.42 44.06 -24.24
C LEU W 146 -35.82 43.24 -25.45
N ASN W 147 -35.57 43.78 -26.64
CA ASN W 147 -35.88 43.04 -27.86
C ASN W 147 -34.97 41.82 -27.95
N PRO W 148 -35.52 40.62 -28.19
CA PRO W 148 -34.66 39.44 -28.31
C PRO W 148 -33.68 39.59 -29.46
N GLY W 149 -32.46 39.10 -29.25
CA GLY W 149 -31.42 39.19 -30.25
C GLY W 149 -30.72 40.53 -30.28
N ASP W 150 -31.43 41.57 -29.88
CA ASP W 150 -30.85 42.91 -29.82
C ASP W 150 -29.76 42.94 -28.75
N PRO W 151 -28.73 43.76 -28.93
CA PRO W 151 -27.68 43.87 -27.91
C PRO W 151 -28.26 44.26 -26.57
N PRO W 152 -27.73 43.69 -25.48
CA PRO W 152 -28.37 43.88 -24.17
C PRO W 152 -28.39 45.30 -23.68
N ASN W 153 -27.56 46.18 -24.21
CA ASN W 153 -27.47 47.56 -23.74
C ASN W 153 -28.62 48.43 -24.20
N THR W 154 -29.70 47.84 -24.73
CA THR W 154 -30.83 48.60 -25.22
C THR W 154 -32.12 48.29 -24.45
N VAL W 155 -31.99 47.93 -23.17
CA VAL W 155 -33.15 47.71 -22.33
C VAL W 155 -33.84 49.05 -22.09
N ALA W 156 -35.15 49.11 -22.30
CA ALA W 156 -35.87 50.36 -22.22
C ALA W 156 -37.15 50.20 -21.41
N PRO W 157 -37.43 51.06 -20.44
CA PRO W 157 -38.73 51.03 -19.77
C PRO W 157 -39.86 51.30 -20.76
N VAL W 158 -40.98 50.60 -20.57
CA VAL W 158 -42.12 50.75 -21.47
C VAL W 158 -43.39 51.01 -20.67
N GLY W 159 -43.24 51.46 -19.43
CA GLY W 159 -44.38 51.81 -18.61
C GLY W 159 -44.25 51.24 -17.20
N ARG W 160 -45.23 51.61 -16.37
CA ARG W 160 -45.25 51.23 -14.97
C ARG W 160 -46.65 50.75 -14.59
N LEU W 161 -46.71 49.75 -13.73
CA LEU W 161 -47.98 49.22 -13.26
C LEU W 161 -48.61 50.17 -12.24
N LYS W 162 -49.87 49.92 -11.92
CA LYS W 162 -50.60 50.72 -10.94
C LYS W 162 -50.91 49.86 -9.72
N LEU W 163 -50.44 50.30 -8.56
CA LEU W 163 -50.65 49.62 -7.30
C LEU W 163 -51.34 50.56 -6.33
N VAL W 164 -52.38 50.07 -5.66
CA VAL W 164 -53.11 50.86 -4.67
C VAL W 164 -53.00 50.15 -3.33
N LYS W 165 -53.40 50.85 -2.27
CA LYS W 165 -53.35 50.31 -0.92
C LYS W 165 -54.70 50.45 -0.25
N ALA W 166 -55.20 49.36 0.33
CA ALA W 166 -56.46 49.35 1.06
C ALA W 166 -56.31 48.47 2.28
N GLU W 167 -56.85 48.92 3.41
CA GLU W 167 -56.64 48.20 4.68
C GLU W 167 -57.23 46.80 4.63
N GLY W 168 -58.45 46.66 4.10
CA GLY W 168 -59.09 45.37 4.05
C GLY W 168 -60.56 45.43 4.45
N ASN W 169 -60.88 46.33 5.37
CA ASN W 169 -62.28 46.55 5.76
C ASN W 169 -62.98 47.54 4.83
N GLU W 170 -62.25 48.14 3.89
CA GLU W 170 -62.82 49.11 2.96
C GLU W 170 -62.93 48.56 1.54
N VAL W 171 -62.72 47.27 1.36
CA VAL W 171 -62.83 46.63 0.05
C VAL W 171 -63.89 45.53 0.14
N GLN W 172 -64.82 45.52 -0.81
CA GLN W 172 -65.84 44.49 -0.90
C GLN W 172 -65.66 43.73 -2.21
N ARG W 173 -65.95 42.43 -2.16
CA ARG W 173 -65.79 41.59 -3.33
C ARG W 173 -66.88 41.91 -4.35
N SER W 174 -66.84 41.20 -5.48
CA SER W 174 -67.82 41.39 -6.54
C SER W 174 -68.21 40.03 -7.09
N ASP W 175 -69.23 40.02 -7.95
CA ASP W 175 -69.77 38.77 -8.47
C ASP W 175 -68.71 37.99 -9.25
N ASP W 176 -67.98 38.68 -10.12
CA ASP W 176 -66.92 37.99 -10.86
C ASP W 176 -65.80 37.54 -9.93
N GLY W 177 -65.45 38.37 -8.95
CA GLY W 177 -64.40 38.02 -8.01
C GLY W 177 -63.31 39.07 -7.90
N LEU W 178 -63.54 40.24 -8.49
CA LEU W 178 -62.57 41.32 -8.47
C LEU W 178 -62.97 42.34 -7.42
N PHE W 179 -62.08 42.57 -6.45
CA PHE W 179 -62.38 43.45 -5.34
C PHE W 179 -62.58 44.89 -5.80
N ARG W 180 -63.40 45.64 -5.07
CA ARG W 180 -63.67 47.03 -5.36
C ARG W 180 -63.85 47.79 -4.05
N LEU W 181 -63.74 49.12 -4.13
CA LEU W 181 -63.91 49.96 -2.96
C LEU W 181 -65.35 49.96 -2.47
N THR W 182 -65.52 50.05 -1.16
CA THR W 182 -66.85 50.22 -0.59
C THR W 182 -67.31 51.66 -0.78
N ALA W 183 -68.61 51.88 -0.56
CA ALA W 183 -69.17 53.22 -0.73
C ALA W 183 -68.54 54.21 0.24
N GLU W 184 -68.37 53.81 1.50
CA GLU W 184 -67.73 54.70 2.47
C GLU W 184 -66.28 54.97 2.11
N ALA W 185 -65.57 53.95 1.60
CA ALA W 185 -64.19 54.16 1.19
C ALA W 185 -64.10 55.14 0.03
N GLN W 186 -65.00 55.02 -0.95
CA GLN W 186 -65.02 55.96 -2.06
C GLN W 186 -65.35 57.37 -1.58
N ALA W 187 -66.28 57.50 -0.64
CA ALA W 187 -66.62 58.81 -0.10
C ALA W 187 -65.42 59.44 0.61
N GLU W 188 -64.70 58.64 1.40
CA GLU W 188 -63.58 59.18 2.18
C GLU W 188 -62.36 59.48 1.32
N ARG W 189 -62.01 58.60 0.39
CA ARG W 189 -60.80 58.73 -0.40
C ARG W 189 -61.04 59.20 -1.82
N GLY W 190 -61.93 58.54 -2.56
CA GLY W 190 -62.21 58.93 -3.93
C GLY W 190 -62.68 57.77 -4.77
N ALA W 191 -63.15 58.05 -5.99
CA ALA W 191 -63.63 56.99 -6.86
C ALA W 191 -62.50 56.05 -7.25
N VAL W 192 -61.33 56.59 -7.56
CA VAL W 192 -60.18 55.80 -7.98
C VAL W 192 -59.02 56.11 -7.04
N LEU W 193 -58.39 55.06 -6.53
CA LEU W 193 -57.25 55.22 -5.64
C LEU W 193 -56.00 55.62 -6.44
N ALA W 194 -55.09 56.30 -5.76
CA ALA W 194 -53.84 56.71 -6.38
C ALA W 194 -52.74 55.68 -6.11
N ALA W 195 -51.63 55.84 -6.80
CA ALA W 195 -50.50 54.92 -6.71
C ALA W 195 -49.46 55.50 -5.77
N ASP W 196 -49.28 54.83 -4.61
CA ASP W 196 -48.25 55.31 -3.70
C ASP W 196 -46.95 54.54 -3.91
N PRO W 197 -45.79 55.17 -3.69
CA PRO W 197 -44.52 54.48 -3.90
C PRO W 197 -44.13 53.52 -2.80
N SER W 198 -44.88 53.51 -1.67
CA SER W 198 -44.52 52.63 -0.56
C SER W 198 -44.61 51.16 -0.97
N ILE W 199 -45.64 50.80 -1.74
CA ILE W 199 -45.80 49.42 -2.18
C ILE W 199 -44.66 49.06 -3.13
N ARG W 200 -44.11 47.86 -2.95
CA ARG W 200 -43.09 47.35 -3.85
C ARG W 200 -43.33 45.87 -4.08
N ILE W 201 -42.99 45.42 -5.30
CA ILE W 201 -43.27 44.04 -5.70
C ILE W 201 -41.95 43.33 -6.00
N MET W 202 -42.05 42.05 -6.36
CA MET W 202 -40.90 41.28 -6.77
C MET W 202 -41.31 40.34 -7.90
N SER W 203 -40.42 40.16 -8.87
CA SER W 203 -40.72 39.37 -10.04
C SER W 203 -40.30 37.91 -9.83
N GLY W 204 -40.91 37.03 -10.62
CA GLY W 204 -40.55 35.64 -10.62
C GLY W 204 -41.19 34.79 -9.55
N VAL W 205 -42.04 35.35 -8.72
CA VAL W 205 -42.68 34.61 -7.64
C VAL W 205 -44.18 34.88 -7.67
N LEU W 206 -44.97 33.83 -7.52
CA LEU W 206 -46.43 33.91 -7.58
C LEU W 206 -47.02 33.64 -6.20
N GLU W 207 -48.05 34.40 -5.84
CA GLU W 207 -48.66 34.31 -4.52
C GLU W 207 -49.76 33.27 -4.51
N GLY W 208 -49.73 32.38 -3.52
CA GLY W 208 -50.74 31.35 -3.37
C GLY W 208 -51.97 31.85 -2.66
N SER W 209 -52.80 30.91 -2.24
CA SER W 209 -54.03 31.22 -1.53
C SER W 209 -53.77 31.31 -0.03
N ASN W 210 -54.81 31.67 0.72
CA ASN W 210 -54.74 31.73 2.19
C ASN W 210 -55.98 31.07 2.75
N VAL W 211 -55.92 29.76 2.94
CA VAL W 211 -57.01 28.98 3.51
C VAL W 211 -56.46 28.15 4.67
N LYS W 212 -57.16 28.16 5.80
CA LYS W 212 -56.69 27.47 6.98
C LYS W 212 -57.34 26.09 7.05
N PRO W 213 -56.59 25.01 6.83
CA PRO W 213 -57.21 23.67 6.94
C PRO W 213 -57.79 23.39 8.32
N VAL W 214 -57.12 23.86 9.37
CA VAL W 214 -57.63 23.65 10.72
C VAL W 214 -58.95 24.37 10.91
N GLU W 215 -59.04 25.62 10.46
CA GLU W 215 -60.30 26.35 10.55
C GLU W 215 -61.39 25.66 9.76
N ALA W 216 -61.07 25.19 8.56
CA ALA W 216 -62.09 24.51 7.74
C ALA W 216 -62.59 23.24 8.42
N MET W 217 -61.68 22.42 8.94
CA MET W 217 -62.09 21.17 9.58
C MET W 217 -62.91 21.45 10.84
N THR W 218 -62.48 22.39 11.67
CA THR W 218 -63.23 22.70 12.87
C THR W 218 -64.62 23.24 12.53
N ASP W 219 -64.71 24.09 11.52
CA ASP W 219 -66.01 24.60 11.10
C ASP W 219 -66.91 23.48 10.60
N MET W 220 -66.35 22.54 9.84
CA MET W 220 -67.18 21.43 9.37
C MET W 220 -67.71 20.59 10.52
N ILE W 221 -66.86 20.30 11.51
CA ILE W 221 -67.31 19.50 12.64
C ILE W 221 -68.39 20.25 13.41
N ALA W 222 -68.18 21.54 13.65
CA ALA W 222 -69.18 22.33 14.37
C ALA W 222 -70.50 22.39 13.61
N ASN W 223 -70.44 22.54 12.29
CA ASN W 223 -71.66 22.60 11.50
C ASN W 223 -72.41 21.28 11.53
N ALA W 224 -71.70 20.16 11.45
CA ALA W 224 -72.35 18.85 11.54
C ALA W 224 -73.06 18.69 12.88
N ARG W 225 -72.36 19.06 13.96
CA ARG W 225 -72.98 18.91 15.28
C ARG W 225 -74.20 19.81 15.44
N ARG W 226 -74.10 21.06 14.99
CA ARG W 226 -75.24 21.96 15.10
C ARG W 226 -76.43 21.46 14.29
N PHE W 227 -76.17 20.94 13.08
CA PHE W 227 -77.25 20.41 12.26
C PHE W 227 -77.92 19.23 12.95
N GLU W 228 -77.13 18.35 13.57
CA GLU W 228 -77.71 17.22 14.29
C GLU W 228 -78.59 17.68 15.45
N MET W 229 -78.11 18.67 16.21
CA MET W 229 -78.92 19.17 17.32
C MET W 229 -80.22 19.80 16.82
N GLN W 230 -80.15 20.54 15.71
CA GLN W 230 -81.35 21.15 15.16
C GLN W 230 -82.35 20.09 14.70
N MET W 231 -81.86 19.01 14.08
CA MET W 231 -82.76 17.93 13.70
C MET W 231 -83.40 17.27 14.91
N LYS W 232 -82.63 17.12 16.00
CA LYS W 232 -83.21 16.59 17.23
C LYS W 232 -84.34 17.48 17.73
N VAL W 233 -84.12 18.79 17.72
CA VAL W 233 -85.18 19.71 18.16
C VAL W 233 -86.40 19.59 17.26
N ILE W 234 -86.18 19.50 15.95
CA ILE W 234 -87.28 19.40 15.00
C ILE W 234 -88.14 18.17 15.30
N THR W 235 -87.49 17.02 15.44
CA THR W 235 -88.26 15.80 15.66
C THR W 235 -88.93 15.81 17.03
N SER W 236 -88.29 16.42 18.04
CA SER W 236 -88.93 16.52 19.34
C SER W 236 -90.22 17.34 19.25
N VAL W 237 -90.15 18.49 18.59
CA VAL W 237 -91.34 19.34 18.47
C VAL W 237 -92.42 18.63 17.67
N ASP W 238 -92.02 17.94 16.59
CA ASP W 238 -93.00 17.27 15.75
C ASP W 238 -93.73 16.18 16.53
N GLU W 239 -92.98 15.31 17.24
CA GLU W 239 -93.63 14.25 17.98
C GLU W 239 -94.49 14.81 19.11
N ASN W 240 -94.02 15.88 19.76
CA ASN W 240 -94.82 16.51 20.82
C ASN W 240 -96.14 17.03 20.29
N GLU W 241 -96.11 17.73 19.15
CA GLU W 241 -97.35 18.25 18.58
C GLU W 241 -98.26 17.12 18.11
N GLY W 242 -97.68 16.08 17.52
CA GLY W 242 -98.49 14.96 17.08
C GLY W 242 -99.20 14.26 18.22
N ARG W 243 -98.51 14.10 19.36
CA ARG W 243 -99.17 13.54 20.53
C ARG W 243 -100.19 14.52 21.11
N ALA W 244 -99.90 15.81 21.08
CA ALA W 244 -100.76 16.78 21.75
C ALA W 244 -102.04 17.08 21.00
N ASN W 245 -102.05 16.91 19.69
CA ASN W 245 -103.30 17.27 18.99
C ASN W 245 -104.45 16.31 19.29
N GLN W 246 -104.24 15.31 20.14
CA GLN W 246 -105.25 14.30 20.43
C GLN W 246 -106.34 14.79 21.37
N LEU W 247 -106.05 15.76 22.24
CA LEU W 247 -107.02 16.23 23.21
C LEU W 247 -108.18 17.00 22.56
N LEU W 248 -108.05 17.35 21.28
CA LEU W 248 -109.06 18.15 20.60
C LEU W 248 -110.33 17.37 20.30
N SER W 249 -110.27 16.03 20.31
CA SER W 249 -111.45 15.22 20.03
C SER W 249 -112.49 15.35 21.14
N ASP X 2 -104.31 12.80 -2.10
CA ASP X 2 -104.07 11.37 -2.23
C ASP X 2 -103.10 11.09 -3.37
N HIS X 3 -103.24 11.84 -4.45
CA HIS X 3 -102.40 11.63 -5.62
C HIS X 3 -100.98 12.14 -5.42
N ALA X 4 -100.69 12.83 -4.31
CA ALA X 4 -99.33 13.27 -4.05
C ALA X 4 -98.39 12.11 -3.78
N ILE X 5 -98.92 10.91 -3.53
CA ILE X 5 -98.06 9.75 -3.35
C ILE X 5 -97.46 9.31 -4.68
N TYR X 6 -98.18 9.54 -5.78
CA TYR X 6 -97.74 9.01 -7.07
C TYR X 6 -96.53 9.76 -7.60
N THR X 7 -96.49 11.08 -7.44
CA THR X 7 -95.31 11.83 -7.88
C THR X 7 -94.07 11.39 -7.10
N ALA X 8 -94.20 11.18 -5.80
CA ALA X 8 -93.06 10.75 -5.00
C ALA X 8 -92.59 9.35 -5.40
N MET X 9 -93.54 8.42 -5.60
CA MET X 9 -93.12 7.08 -6.00
C MET X 9 -92.50 7.08 -7.39
N GLY X 10 -93.01 7.91 -8.30
CA GLY X 10 -92.39 8.04 -9.61
C GLY X 10 -90.97 8.60 -9.51
N ALA X 11 -90.77 9.59 -8.65
CA ALA X 11 -89.43 10.11 -8.44
C ALA X 11 -88.50 9.04 -7.90
N ALA X 12 -88.99 8.22 -6.96
CA ALA X 12 -88.15 7.14 -6.43
C ALA X 12 -87.80 6.13 -7.51
N SER X 13 -88.77 5.77 -8.35
CA SER X 13 -88.51 4.80 -9.41
C SER X 13 -87.49 5.35 -10.41
N GLN X 14 -87.63 6.62 -10.78
CA GLN X 14 -86.67 7.20 -11.73
C GLN X 14 -85.29 7.33 -11.09
N THR X 15 -85.22 7.59 -9.79
CA THR X 15 -83.92 7.57 -9.11
C THR X 15 -83.31 6.18 -9.17
N LEU X 16 -84.12 5.14 -8.99
CA LEU X 16 -83.60 3.78 -9.11
C LEU X 16 -83.08 3.52 -10.52
N ASN X 17 -83.79 3.98 -11.55
CA ASN X 17 -83.32 3.81 -12.91
C ASN X 17 -82.00 4.52 -13.15
N GLN X 18 -81.87 5.74 -12.63
CA GLN X 18 -80.61 6.48 -12.79
C GLN X 18 -79.48 5.79 -12.06
N GLN X 19 -79.77 5.21 -10.89
CA GLN X 19 -78.76 4.42 -10.18
C GLN X 19 -78.34 3.22 -11.01
N ALA X 20 -79.30 2.58 -11.68
CA ALA X 20 -78.96 1.46 -12.56
C ALA X 20 -78.06 1.91 -13.69
N VAL X 21 -78.32 3.08 -14.27
CA VAL X 21 -77.48 3.59 -15.35
C VAL X 21 -76.07 3.83 -14.85
N THR X 22 -75.94 4.46 -13.67
CA THR X 22 -74.62 4.72 -13.12
C THR X 22 -73.88 3.42 -12.81
N ALA X 23 -74.59 2.42 -12.29
CA ALA X 23 -73.96 1.13 -12.03
C ALA X 23 -73.49 0.48 -13.32
N SER X 24 -74.28 0.58 -14.39
CA SER X 24 -73.85 0.04 -15.67
C SER X 24 -72.62 0.75 -16.18
N ASN X 25 -72.55 2.08 -16.00
CA ASN X 25 -71.35 2.81 -16.38
C ASN X 25 -70.14 2.33 -15.59
N LEU X 26 -70.31 2.11 -14.29
CA LEU X 26 -69.19 1.68 -13.47
C LEU X 26 -68.75 0.26 -13.78
N ALA X 27 -69.69 -0.59 -14.19
CA ALA X 27 -69.36 -2.01 -14.37
C ALA X 27 -68.29 -2.21 -15.43
N ASN X 28 -68.44 -1.56 -16.57
CA ASN X 28 -67.45 -1.67 -17.65
C ASN X 28 -66.49 -0.49 -17.58
N ALA X 29 -65.64 -0.52 -16.55
CA ALA X 29 -64.62 0.49 -16.34
C ALA X 29 -63.29 0.12 -16.97
N SER X 30 -63.23 -0.97 -17.73
CA SER X 30 -61.98 -1.39 -18.36
C SER X 30 -62.16 -1.86 -19.80
N THR X 31 -63.35 -1.73 -20.38
CA THR X 31 -63.55 -2.15 -21.76
C THR X 31 -62.94 -1.12 -22.70
N PRO X 32 -62.02 -1.51 -23.58
CA PRO X 32 -61.36 -0.53 -24.46
C PRO X 32 -62.36 0.14 -25.38
N GLY X 33 -62.12 1.41 -25.66
CA GLY X 33 -62.96 2.17 -26.56
C GLY X 33 -64.39 2.32 -26.10
N PHE X 34 -64.58 2.64 -24.83
CA PHE X 34 -65.91 2.78 -24.24
C PHE X 34 -66.24 4.24 -24.05
N ARG X 35 -67.53 4.57 -24.19
CA ARG X 35 -68.03 5.90 -23.94
C ARG X 35 -69.05 5.84 -22.82
N ALA X 36 -68.88 6.68 -21.81
CA ALA X 36 -69.77 6.66 -20.66
C ALA X 36 -71.16 7.14 -21.04
N GLN X 37 -72.12 6.85 -20.17
CA GLN X 37 -73.50 7.23 -20.38
C GLN X 37 -73.86 8.34 -19.40
N LEU X 38 -74.26 9.50 -19.94
CA LEU X 38 -74.71 10.59 -19.09
C LEU X 38 -76.14 10.32 -18.62
N ASN X 39 -76.57 11.10 -17.62
CA ASN X 39 -77.92 10.95 -17.09
C ASN X 39 -78.38 12.28 -16.52
N ALA X 40 -79.68 12.50 -16.57
CA ALA X 40 -80.27 13.73 -16.06
C ALA X 40 -81.75 13.50 -15.79
N LEU X 41 -82.33 14.36 -14.97
CA LEU X 41 -83.73 14.31 -14.63
C LEU X 41 -84.48 15.47 -15.28
N ARG X 42 -85.59 15.15 -15.95
CA ARG X 42 -86.40 16.14 -16.64
C ARG X 42 -87.73 16.29 -15.93
N ALA X 43 -88.15 17.53 -15.71
CA ALA X 43 -89.45 17.83 -15.11
C ALA X 43 -90.52 17.78 -16.18
N VAL X 44 -91.64 17.13 -15.86
CA VAL X 44 -92.73 16.98 -16.81
C VAL X 44 -94.03 17.44 -16.17
N PRO X 45 -94.30 18.74 -16.10
CA PRO X 45 -95.53 19.21 -15.47
C PRO X 45 -96.75 18.77 -16.23
N VAL X 46 -97.85 18.58 -15.50
CA VAL X 46 -99.14 18.23 -16.08
C VAL X 46 -100.05 19.45 -15.98
N ASP X 47 -100.64 19.83 -17.10
CA ASP X 47 -101.47 21.04 -17.19
C ASP X 47 -102.93 20.63 -17.13
N GLY X 48 -103.52 20.72 -15.94
CA GLY X 48 -104.92 20.40 -15.76
C GLY X 48 -105.81 21.60 -15.96
N LEU X 49 -106.83 21.77 -15.10
CA LEU X 49 -107.73 22.89 -15.24
C LEU X 49 -107.34 24.07 -14.35
N SER X 50 -107.21 23.83 -13.05
CA SER X 50 -106.92 24.89 -12.10
C SER X 50 -105.89 24.43 -11.09
N LEU X 51 -105.05 25.37 -10.65
CA LEU X 51 -104.06 25.15 -9.60
C LEU X 51 -103.11 24.01 -9.96
N ALA X 52 -102.30 24.28 -10.98
CA ALA X 52 -101.35 23.30 -11.48
C ALA X 52 -100.24 23.12 -10.45
N THR X 53 -100.41 22.12 -9.58
CA THR X 53 -99.47 21.88 -8.49
C THR X 53 -98.73 20.56 -8.61
N ARG X 54 -98.82 19.87 -9.75
CA ARG X 54 -98.15 18.59 -9.95
C ARG X 54 -97.10 18.74 -11.05
N THR X 55 -95.87 18.38 -10.73
CA THR X 55 -94.78 18.35 -11.71
C THR X 55 -94.01 17.05 -11.49
N LEU X 56 -94.22 16.07 -12.36
CA LEU X 56 -93.56 14.79 -12.23
C LEU X 56 -92.09 14.92 -12.64
N VAL X 57 -91.41 13.78 -12.70
CA VAL X 57 -90.01 13.72 -13.12
C VAL X 57 -89.77 12.38 -13.81
N THR X 58 -89.07 12.43 -14.94
CA THR X 58 -88.69 11.23 -15.67
C THR X 58 -87.20 11.27 -15.97
N ALA X 59 -86.49 10.20 -15.63
CA ALA X 59 -85.07 10.14 -15.90
C ALA X 59 -84.81 10.09 -17.40
N SER X 60 -83.71 10.73 -17.82
CA SER X 60 -83.36 10.73 -19.23
C SER X 60 -81.84 10.74 -19.37
N THR X 61 -81.37 10.20 -20.49
CA THR X 61 -79.94 10.14 -20.79
C THR X 61 -79.68 10.88 -22.10
N PRO X 62 -79.10 12.08 -22.05
CA PRO X 62 -78.86 12.81 -23.31
C PRO X 62 -77.96 12.07 -24.28
N GLY X 63 -76.97 11.35 -23.80
CA GLY X 63 -76.08 10.61 -24.66
C GLY X 63 -74.69 10.50 -24.04
N ALA X 64 -73.80 9.90 -24.80
CA ALA X 64 -72.44 9.69 -24.34
C ALA X 64 -71.65 10.99 -24.36
N ASP X 65 -70.80 11.17 -23.36
CA ASP X 65 -69.86 12.29 -23.33
C ASP X 65 -68.58 11.86 -24.03
N MET X 66 -68.07 12.72 -24.91
CA MET X 66 -67.00 12.35 -25.82
C MET X 66 -65.62 12.78 -25.32
N THR X 67 -65.44 12.87 -24.02
CA THR X 67 -64.11 13.16 -23.48
C THR X 67 -63.26 11.91 -23.62
N PRO X 68 -62.16 11.94 -24.37
CA PRO X 68 -61.37 10.73 -24.57
C PRO X 68 -60.66 10.32 -23.29
N GLY X 69 -60.61 9.00 -23.06
CA GLY X 69 -59.89 8.46 -21.93
C GLY X 69 -58.42 8.34 -22.22
N GLN X 70 -57.69 7.80 -21.24
CA GLN X 70 -56.28 7.57 -21.44
C GLN X 70 -56.06 6.38 -22.37
N LEU X 71 -54.80 6.20 -22.77
CA LEU X 71 -54.43 5.09 -23.64
C LEU X 71 -53.22 4.37 -23.04
N ASP X 72 -53.32 3.05 -22.95
CA ASP X 72 -52.22 2.22 -22.48
C ASP X 72 -51.32 1.85 -23.64
N TYR X 73 -50.02 1.92 -23.42
CA TYR X 73 -49.03 1.56 -24.43
C TYR X 73 -48.74 0.07 -24.30
N THR X 74 -49.41 -0.73 -25.13
CA THR X 74 -49.19 -2.17 -25.14
C THR X 74 -48.14 -2.60 -26.13
N SER X 75 -47.64 -1.69 -26.97
CA SER X 75 -46.63 -1.96 -27.98
C SER X 75 -47.07 -2.99 -29.01
N ARG X 76 -48.35 -3.35 -29.05
CA ARG X 76 -48.85 -4.27 -30.05
C ARG X 76 -48.83 -3.60 -31.41
N PRO X 77 -48.32 -4.27 -32.46
CA PRO X 77 -48.12 -3.59 -33.74
C PRO X 77 -49.38 -3.01 -34.36
N LEU X 78 -50.53 -3.67 -34.20
CA LEU X 78 -51.75 -3.27 -34.88
C LEU X 78 -52.84 -2.87 -33.89
N ASP X 79 -52.48 -2.08 -32.89
CA ASP X 79 -53.44 -1.43 -32.00
C ASP X 79 -53.42 0.06 -32.28
N VAL X 80 -54.58 0.61 -32.64
CA VAL X 80 -54.67 2.01 -33.04
C VAL X 80 -55.47 2.77 -32.00
N ALA X 81 -55.15 4.05 -31.86
CA ALA X 81 -55.88 4.97 -31.01
C ALA X 81 -56.22 6.22 -31.82
N LEU X 82 -57.49 6.61 -31.81
CA LEU X 82 -57.94 7.71 -32.65
C LEU X 82 -57.52 9.04 -32.05
N GLN X 83 -57.85 10.12 -32.75
CA GLN X 83 -57.59 11.48 -32.29
C GLN X 83 -58.76 11.93 -31.42
N GLN X 84 -58.86 13.24 -31.16
CA GLN X 84 -59.91 13.76 -30.30
C GLN X 84 -61.30 13.33 -30.76
N ASP X 85 -61.53 13.34 -32.07
CA ASP X 85 -62.84 12.95 -32.62
C ASP X 85 -62.67 12.04 -33.82
N GLY X 86 -61.82 11.03 -33.68
CA GLY X 86 -61.72 10.00 -34.68
C GLY X 86 -62.71 8.88 -34.48
N TRP X 87 -63.00 8.16 -35.55
CA TRP X 87 -64.00 7.09 -35.49
C TRP X 87 -63.65 6.02 -36.52
N LEU X 88 -63.28 4.84 -36.05
CA LEU X 88 -63.11 3.71 -36.96
C LEU X 88 -64.49 3.25 -37.41
N VAL X 89 -64.64 3.08 -38.73
CA VAL X 89 -65.91 2.69 -39.32
C VAL X 89 -65.89 1.19 -39.55
N VAL X 90 -66.87 0.49 -38.99
CA VAL X 90 -66.98 -0.95 -39.11
C VAL X 90 -68.36 -1.29 -39.64
N GLN X 91 -68.50 -2.50 -40.17
CA GLN X 91 -69.78 -2.98 -40.68
C GLN X 91 -70.48 -3.80 -39.61
N ALA X 92 -71.70 -3.40 -39.27
CA ALA X 92 -72.46 -4.07 -38.22
C ALA X 92 -73.06 -5.36 -38.76
N ALA X 93 -73.97 -5.96 -37.99
CA ALA X 93 -74.58 -7.22 -38.39
C ALA X 93 -75.59 -7.06 -39.52
N ASP X 94 -76.27 -5.91 -39.60
CA ASP X 94 -77.30 -5.69 -40.61
C ASP X 94 -76.80 -4.83 -41.77
N GLY X 95 -75.50 -4.65 -41.89
CA GLY X 95 -74.92 -3.88 -42.97
C GLY X 95 -74.77 -2.40 -42.70
N ALA X 96 -75.29 -1.90 -41.59
CA ALA X 96 -75.09 -0.50 -41.24
C ALA X 96 -73.65 -0.25 -40.83
N GLU X 97 -73.19 0.97 -41.05
CA GLU X 97 -71.82 1.35 -40.75
C GLU X 97 -71.77 1.97 -39.35
N GLY X 98 -71.31 1.19 -38.38
CA GLY X 98 -71.13 1.70 -37.05
C GLY X 98 -69.78 2.37 -36.86
N TYR X 99 -69.71 3.24 -35.86
CA TYR X 99 -68.50 3.97 -35.54
C TYR X 99 -68.04 3.56 -34.16
N THR X 100 -66.75 3.25 -34.02
CA THR X 100 -66.20 2.86 -32.73
C THR X 100 -64.88 3.57 -32.50
N ARG X 101 -64.43 3.53 -31.25
CA ARG X 101 -63.09 3.98 -30.88
C ARG X 101 -62.24 2.84 -30.35
N ASN X 102 -62.76 1.61 -30.37
CA ASN X 102 -62.03 0.44 -29.91
C ASN X 102 -61.03 0.05 -31.00
N GLY X 103 -59.75 0.33 -30.75
CA GLY X 103 -58.72 0.07 -31.73
C GLY X 103 -58.16 -1.33 -31.75
N ASN X 104 -58.67 -2.23 -30.92
CA ASN X 104 -58.16 -3.60 -30.85
C ASN X 104 -58.62 -4.35 -32.08
N ILE X 105 -57.74 -4.46 -33.07
CA ILE X 105 -58.05 -5.10 -34.34
C ILE X 105 -57.47 -6.51 -34.33
N GLN X 106 -58.30 -7.49 -34.70
CA GLN X 106 -57.88 -8.88 -34.81
C GLN X 106 -57.85 -9.29 -36.27
N VAL X 107 -57.11 -10.37 -36.55
CA VAL X 107 -56.97 -10.92 -37.89
C VAL X 107 -57.44 -12.36 -37.86
N GLY X 108 -58.29 -12.74 -38.81
CA GLY X 108 -58.77 -14.09 -38.91
C GLY X 108 -57.82 -14.97 -39.68
N PRO X 109 -58.18 -16.25 -39.80
CA PRO X 109 -57.32 -17.19 -40.54
C PRO X 109 -57.12 -16.83 -41.99
N THR X 110 -58.13 -16.25 -42.65
CA THR X 110 -58.05 -15.95 -44.06
C THR X 110 -57.61 -14.51 -44.33
N GLY X 111 -56.94 -13.87 -43.38
CA GLY X 111 -56.47 -12.52 -43.57
C GLY X 111 -57.52 -11.45 -43.45
N GLN X 112 -58.72 -11.80 -42.97
CA GLN X 112 -59.78 -10.82 -42.83
C GLN X 112 -59.64 -10.07 -41.51
N LEU X 113 -59.62 -8.75 -41.59
CA LEU X 113 -59.58 -7.93 -40.38
C LEU X 113 -60.94 -7.93 -39.71
N THR X 114 -60.92 -7.71 -38.39
CA THR X 114 -62.17 -7.70 -37.63
C THR X 114 -61.95 -6.94 -36.34
N ILE X 115 -63.07 -6.51 -35.74
CA ILE X 115 -63.09 -5.91 -34.41
C ILE X 115 -64.31 -6.46 -33.69
N GLN X 116 -64.08 -7.35 -32.73
CA GLN X 116 -65.16 -8.00 -31.98
C GLN X 116 -66.15 -8.68 -32.91
N GLY X 117 -65.64 -9.30 -33.97
CA GLY X 117 -66.47 -10.01 -34.92
C GLY X 117 -67.07 -9.15 -36.02
N HIS X 118 -66.87 -7.83 -35.96
CA HIS X 118 -67.41 -6.93 -36.97
C HIS X 118 -66.31 -6.57 -37.96
N PRO X 119 -66.46 -6.86 -39.25
CA PRO X 119 -65.39 -6.57 -40.21
C PRO X 119 -65.23 -5.08 -40.42
N VAL X 120 -64.02 -4.57 -40.17
CA VAL X 120 -63.75 -3.16 -40.38
C VAL X 120 -63.64 -2.87 -41.87
N ILE X 121 -64.29 -1.80 -42.31
CA ILE X 121 -64.27 -1.40 -43.71
C ILE X 121 -63.37 -0.18 -43.86
N GLY X 122 -62.51 -0.23 -44.87
CA GLY X 122 -61.64 0.89 -45.18
C GLY X 122 -62.02 1.49 -46.52
N GLU X 123 -61.02 1.98 -47.25
CA GLU X 123 -61.28 2.56 -48.57
C GLU X 123 -61.67 1.45 -49.53
N GLY X 124 -62.96 1.37 -49.84
CA GLY X 124 -63.49 0.30 -50.66
C GLY X 124 -64.52 -0.53 -49.93
N GLY X 125 -64.21 -1.78 -49.64
CA GLY X 125 -65.07 -2.63 -48.87
C GLY X 125 -64.37 -3.14 -47.62
N PRO X 126 -64.88 -4.24 -47.05
CA PRO X 126 -64.17 -4.86 -45.93
C PRO X 126 -62.78 -5.30 -46.33
N ILE X 127 -61.77 -4.68 -45.76
CA ILE X 127 -60.39 -4.87 -46.20
C ILE X 127 -59.89 -6.23 -45.72
N THR X 128 -59.19 -6.93 -46.61
CA THR X 128 -58.60 -8.22 -46.30
C THR X 128 -57.11 -8.16 -46.65
N VAL X 129 -56.26 -8.41 -45.67
CA VAL X 129 -54.81 -8.39 -45.85
C VAL X 129 -54.39 -9.75 -46.36
N PRO X 130 -53.12 -9.94 -46.76
CA PRO X 130 -52.65 -11.28 -47.12
C PRO X 130 -52.83 -12.27 -45.97
N GLU X 131 -52.58 -13.54 -46.29
CA GLU X 131 -52.93 -14.64 -45.40
C GLU X 131 -52.29 -14.50 -44.02
N GLY X 132 -50.96 -14.56 -43.96
CA GLY X 132 -50.30 -14.57 -42.68
C GLY X 132 -49.19 -13.55 -42.53
N SER X 133 -49.38 -12.37 -43.10
CA SER X 133 -48.35 -11.35 -43.11
C SER X 133 -48.45 -10.45 -41.87
N GLU X 134 -47.29 -9.94 -41.44
CA GLU X 134 -47.28 -8.93 -40.40
C GLU X 134 -47.86 -7.62 -40.92
N ILE X 135 -48.62 -6.95 -40.06
CA ILE X 135 -49.38 -5.76 -40.43
C ILE X 135 -48.85 -4.58 -39.62
N THR X 136 -48.70 -3.44 -40.29
CA THR X 136 -48.29 -2.20 -39.64
C THR X 136 -49.23 -1.08 -40.06
N ILE X 137 -49.60 -0.23 -39.11
CA ILE X 137 -50.50 0.89 -39.34
C ILE X 137 -49.68 2.17 -39.36
N ALA X 138 -49.92 3.01 -40.35
CA ALA X 138 -49.21 4.26 -40.50
C ALA X 138 -49.75 5.29 -39.51
N ALA X 139 -49.32 6.53 -39.63
CA ALA X 139 -49.80 7.60 -38.78
C ALA X 139 -51.09 8.23 -39.28
N ASP X 140 -51.60 7.79 -40.44
CA ASP X 140 -52.82 8.37 -40.98
C ASP X 140 -53.78 7.32 -41.52
N GLY X 141 -53.52 6.04 -41.32
CA GLY X 141 -54.46 4.99 -41.68
C GLY X 141 -54.01 4.04 -42.76
N THR X 142 -52.84 4.27 -43.37
CA THR X 142 -52.33 3.35 -44.37
C THR X 142 -51.93 2.03 -43.73
N ILE X 143 -52.28 0.92 -44.37
CA ILE X 143 -51.97 -0.41 -43.87
C ILE X 143 -50.88 -1.00 -44.74
N SER X 144 -49.78 -1.41 -44.10
CA SER X 144 -48.67 -2.06 -44.79
C SER X 144 -48.57 -3.51 -44.35
N ALA X 145 -48.30 -4.39 -45.31
CA ALA X 145 -48.18 -5.81 -45.04
C ALA X 145 -46.79 -6.28 -45.44
N LEU X 146 -46.22 -7.18 -44.63
CA LEU X 146 -44.94 -7.80 -44.91
C LEU X 146 -45.10 -9.30 -44.71
N ASN X 147 -44.92 -10.07 -45.78
CA ASN X 147 -45.01 -11.51 -45.67
C ASN X 147 -43.82 -12.02 -44.85
N PRO X 148 -44.05 -12.83 -43.81
CA PRO X 148 -42.94 -13.27 -42.97
C PRO X 148 -41.94 -14.09 -43.75
N GLY X 149 -40.67 -13.95 -43.38
CA GLY X 149 -39.58 -14.60 -44.07
C GLY X 149 -39.05 -13.84 -45.26
N ASP X 150 -39.87 -13.00 -45.88
CA ASP X 150 -39.44 -12.21 -47.01
C ASP X 150 -38.49 -11.10 -46.55
N PRO X 151 -37.63 -10.62 -47.44
CA PRO X 151 -36.71 -9.56 -47.06
C PRO X 151 -37.49 -8.31 -46.68
N PRO X 152 -36.94 -7.50 -45.77
CA PRO X 152 -37.68 -6.33 -45.28
C PRO X 152 -38.02 -5.31 -46.36
N ASN X 153 -37.32 -5.31 -47.49
CA ASN X 153 -37.62 -4.35 -48.54
C ASN X 153 -38.79 -4.78 -49.41
N THR X 154 -39.58 -5.76 -48.97
CA THR X 154 -40.77 -6.19 -49.69
C THR X 154 -42.06 -5.77 -49.00
N VAL X 155 -41.98 -4.87 -48.01
CA VAL X 155 -43.17 -4.38 -47.35
C VAL X 155 -43.99 -3.55 -48.33
N ALA X 156 -45.28 -3.85 -48.43
CA ALA X 156 -46.11 -3.17 -49.42
C ALA X 156 -47.43 -2.69 -48.81
N PRO X 157 -47.87 -1.48 -49.17
CA PRO X 157 -49.21 -1.05 -48.77
C PRO X 157 -50.26 -1.98 -49.38
N VAL X 158 -51.31 -2.26 -48.59
CA VAL X 158 -52.31 -3.23 -49.02
C VAL X 158 -53.71 -2.64 -48.85
N GLY X 159 -53.82 -1.53 -48.13
CA GLY X 159 -55.10 -0.91 -47.93
C GLY X 159 -54.98 0.31 -47.04
N ARG X 160 -56.12 0.98 -46.86
CA ARG X 160 -56.17 2.20 -46.07
C ARG X 160 -57.46 2.22 -45.26
N LEU X 161 -57.35 2.57 -43.99
CA LEU X 161 -58.53 2.67 -43.14
C LEU X 161 -59.36 3.89 -43.52
N LYS X 162 -60.61 3.87 -43.09
CA LYS X 162 -61.54 4.98 -43.31
C LYS X 162 -61.88 5.58 -41.95
N LEU X 163 -61.42 6.81 -41.72
CA LEU X 163 -61.63 7.51 -40.47
C LEU X 163 -62.55 8.71 -40.71
N VAL X 164 -63.61 8.80 -39.92
CA VAL X 164 -64.55 9.91 -40.04
C VAL X 164 -64.48 10.76 -38.78
N LYS X 165 -64.89 12.01 -38.91
CA LYS X 165 -64.88 12.96 -37.81
C LYS X 165 -66.32 13.31 -37.45
N ALA X 166 -66.68 13.09 -36.20
CA ALA X 166 -68.01 13.40 -35.69
C ALA X 166 -67.88 14.34 -34.50
N GLU X 167 -68.70 15.39 -34.48
CA GLU X 167 -68.58 16.40 -33.43
C GLU X 167 -68.83 15.79 -32.05
N GLY X 168 -69.85 14.95 -31.92
CA GLY X 168 -70.19 14.30 -30.67
C GLY X 168 -71.59 14.58 -30.19
N ASN X 169 -72.15 15.73 -30.55
CA ASN X 169 -73.51 16.09 -30.18
C ASN X 169 -74.54 15.65 -31.20
N GLU X 170 -74.11 14.99 -32.27
CA GLU X 170 -75.02 14.54 -33.32
C GLU X 170 -75.00 13.02 -33.49
N VAL X 171 -74.36 12.30 -32.58
CA VAL X 171 -74.23 10.85 -32.66
C VAL X 171 -74.97 10.23 -31.48
N GLN X 172 -75.73 9.18 -31.77
CA GLN X 172 -76.48 8.46 -30.75
C GLN X 172 -76.05 7.01 -30.72
N ARG X 173 -76.09 6.43 -29.52
CA ARG X 173 -75.73 5.03 -29.36
C ARG X 173 -76.84 4.13 -29.89
N SER X 174 -76.47 2.92 -30.28
CA SER X 174 -77.41 1.92 -30.76
C SER X 174 -77.45 0.75 -29.80
N ASP X 175 -78.37 -0.18 -30.07
CA ASP X 175 -78.56 -1.31 -29.16
C ASP X 175 -77.32 -2.18 -29.08
N ASP X 176 -76.68 -2.46 -30.21
CA ASP X 176 -75.47 -3.28 -30.19
C ASP X 176 -74.32 -2.55 -29.52
N GLY X 177 -74.26 -1.23 -29.67
CA GLY X 177 -73.22 -0.44 -29.03
C GLY X 177 -72.34 0.32 -30.02
N LEU X 178 -72.86 0.55 -31.22
CA LEU X 178 -72.15 1.26 -32.27
C LEU X 178 -72.85 2.59 -32.52
N PHE X 179 -72.10 3.69 -32.40
CA PHE X 179 -72.70 5.00 -32.58
C PHE X 179 -73.04 5.25 -34.04
N ARG X 180 -74.21 5.83 -34.27
CA ARG X 180 -74.65 6.22 -35.61
C ARG X 180 -75.18 7.64 -35.56
N LEU X 181 -75.14 8.29 -36.73
CA LEU X 181 -75.60 9.67 -36.81
C LEU X 181 -77.09 9.77 -36.53
N THR X 182 -77.49 10.90 -35.95
CA THR X 182 -78.90 11.19 -35.79
C THR X 182 -79.54 11.49 -37.14
N ALA X 183 -80.87 11.65 -37.13
CA ALA X 183 -81.59 11.86 -38.38
C ALA X 183 -81.18 13.18 -39.04
N GLU X 184 -81.14 14.26 -38.26
CA GLU X 184 -80.84 15.58 -38.82
C GLU X 184 -79.41 15.65 -39.32
N ALA X 185 -78.45 15.16 -38.53
CA ALA X 185 -77.06 15.17 -38.97
C ALA X 185 -76.87 14.27 -40.18
N GLN X 186 -77.56 13.13 -40.22
CA GLN X 186 -77.49 12.25 -41.38
C GLN X 186 -78.01 12.95 -42.62
N ALA X 187 -79.14 13.65 -42.50
CA ALA X 187 -79.67 14.39 -43.64
C ALA X 187 -78.70 15.48 -44.09
N GLU X 188 -78.07 16.16 -43.15
CA GLU X 188 -77.21 17.30 -43.52
C GLU X 188 -75.90 16.84 -44.12
N ARG X 189 -75.29 15.79 -43.58
CA ARG X 189 -73.96 15.36 -44.02
C ARG X 189 -73.99 14.15 -44.92
N GLY X 190 -75.16 13.70 -45.34
CA GLY X 190 -75.25 12.53 -46.20
C GLY X 190 -75.44 11.24 -45.42
N ALA X 191 -75.91 10.22 -46.13
CA ALA X 191 -76.18 8.93 -45.49
C ALA X 191 -74.90 8.32 -44.94
N VAL X 192 -73.80 8.39 -45.70
CA VAL X 192 -72.52 7.84 -45.30
C VAL X 192 -71.48 8.95 -45.33
N LEU X 193 -70.69 9.04 -44.26
CA LEU X 193 -69.71 10.10 -44.13
C LEU X 193 -68.56 9.90 -45.12
N ALA X 194 -67.74 10.93 -45.25
CA ALA X 194 -66.60 10.93 -46.14
C ALA X 194 -65.31 10.87 -45.33
N ALA X 195 -64.34 10.11 -45.81
CA ALA X 195 -63.09 9.89 -45.08
C ALA X 195 -62.26 11.16 -45.14
N ASP X 196 -62.38 12.00 -44.13
CA ASP X 196 -61.59 13.22 -44.09
C ASP X 196 -60.12 12.91 -43.85
N PRO X 197 -59.22 13.69 -44.43
CA PRO X 197 -57.78 13.45 -44.24
C PRO X 197 -57.16 14.20 -43.07
N SER X 198 -57.95 14.90 -42.26
CA SER X 198 -57.40 15.68 -41.17
C SER X 198 -57.17 14.88 -39.90
N ILE X 199 -57.61 13.63 -39.84
CA ILE X 199 -57.48 12.81 -38.65
C ILE X 199 -56.20 11.99 -38.75
N ARG X 200 -55.42 11.99 -37.67
CA ARG X 200 -54.18 11.22 -37.60
C ARG X 200 -54.24 10.32 -36.37
N ILE X 201 -53.74 9.09 -36.52
CA ILE X 201 -53.75 8.10 -35.46
C ILE X 201 -52.33 7.62 -35.22
N MET X 202 -52.16 6.82 -34.18
CA MET X 202 -50.88 6.24 -33.85
C MET X 202 -51.07 4.78 -33.45
N SER X 203 -50.06 3.97 -33.73
CA SER X 203 -50.11 2.55 -33.44
C SER X 203 -49.37 2.25 -32.14
N GLY X 204 -49.63 1.06 -31.60
CA GLY X 204 -48.99 0.60 -30.40
C GLY X 204 -49.68 0.97 -29.10
N VAL X 205 -50.78 1.73 -29.16
CA VAL X 205 -51.49 2.13 -27.96
C VAL X 205 -52.96 1.79 -28.13
N LEU X 206 -53.63 1.60 -26.99
CA LEU X 206 -55.04 1.22 -26.97
C LEU X 206 -55.77 2.08 -25.95
N GLU X 207 -56.86 2.72 -26.38
CA GLU X 207 -57.59 3.66 -25.54
C GLU X 207 -58.57 2.92 -24.64
N GLY X 208 -58.61 3.32 -23.37
CA GLY X 208 -59.52 2.75 -22.40
C GLY X 208 -60.86 3.46 -22.37
N SER X 209 -61.52 3.36 -21.22
CA SER X 209 -62.83 3.97 -21.01
C SER X 209 -62.70 5.31 -20.32
N ASN X 210 -63.79 6.07 -20.30
CA ASN X 210 -63.83 7.39 -19.69
C ASN X 210 -65.01 7.45 -18.73
N VAL X 211 -64.80 7.00 -17.49
CA VAL X 211 -65.79 7.08 -16.44
C VAL X 211 -65.15 7.74 -15.23
N LYS X 212 -65.83 8.73 -14.66
CA LYS X 212 -65.26 9.52 -13.58
C LYS X 212 -65.69 8.93 -12.24
N PRO X 213 -64.77 8.37 -11.45
CA PRO X 213 -65.18 7.80 -10.16
C PRO X 213 -65.80 8.82 -9.23
N VAL X 214 -65.30 10.05 -9.23
CA VAL X 214 -65.86 11.07 -8.35
C VAL X 214 -67.29 11.38 -8.75
N GLU X 215 -67.55 11.53 -10.05
CA GLU X 215 -68.92 11.76 -10.51
C GLU X 215 -69.81 10.58 -10.14
N ALA X 216 -69.31 9.35 -10.31
CA ALA X 216 -70.12 8.19 -9.97
C ALA X 216 -70.48 8.17 -8.48
N MET X 217 -69.50 8.45 -7.63
CA MET X 217 -69.74 8.43 -6.19
C MET X 217 -70.73 9.52 -5.78
N THR X 218 -70.55 10.73 -6.30
CA THR X 218 -71.48 11.81 -5.96
C THR X 218 -72.88 11.49 -6.44
N ASP X 219 -73.01 10.95 -7.65
CA ASP X 219 -74.33 10.59 -8.17
C ASP X 219 -74.98 9.53 -7.30
N MET X 220 -74.22 8.52 -6.87
CA MET X 220 -74.78 7.47 -6.03
C MET X 220 -75.26 8.03 -4.69
N ILE X 221 -74.45 8.91 -4.09
CA ILE X 221 -74.85 9.49 -2.80
C ILE X 221 -76.12 10.32 -2.96
N ALA X 222 -76.18 11.15 -4.00
CA ALA X 222 -77.35 11.98 -4.22
C ALA X 222 -78.59 11.13 -4.47
N ASN X 223 -78.44 10.05 -5.25
CA ASN X 223 -79.56 9.17 -5.51
C ASN X 223 -80.07 8.54 -4.23
N ALA X 224 -79.17 8.06 -3.38
CA ALA X 224 -79.60 7.43 -2.13
C ALA X 224 -80.36 8.43 -1.25
N ARG X 225 -79.83 9.66 -1.13
CA ARG X 225 -80.49 10.64 -0.28
C ARG X 225 -81.86 11.02 -0.83
N ARG X 226 -81.96 11.22 -2.14
CA ARG X 226 -83.24 11.57 -2.73
C ARG X 226 -84.24 10.44 -2.55
N PHE X 227 -83.79 9.19 -2.68
CA PHE X 227 -84.68 8.06 -2.46
C PHE X 227 -85.20 8.05 -1.03
N GLU X 228 -84.33 8.33 -0.06
CA GLU X 228 -84.78 8.36 1.33
C GLU X 228 -85.82 9.46 1.56
N MET X 229 -85.58 10.65 0.99
CA MET X 229 -86.55 11.74 1.17
C MET X 229 -87.90 11.38 0.56
N GLN X 230 -87.88 10.78 -0.65
CA GLN X 230 -89.13 10.39 -1.28
C GLN X 230 -89.87 9.35 -0.45
N MET X 231 -89.13 8.40 0.13
CA MET X 231 -89.77 7.40 0.97
C MET X 231 -90.43 8.04 2.19
N LYS X 232 -89.76 9.03 2.79
CA LYS X 232 -90.38 9.73 3.93
C LYS X 232 -91.65 10.43 3.50
N VAL X 233 -91.65 11.04 2.32
CA VAL X 233 -92.87 11.69 1.82
C VAL X 233 -93.98 10.68 1.64
N ILE X 234 -93.66 9.51 1.08
CA ILE X 234 -94.66 8.47 0.90
C ILE X 234 -95.28 8.09 2.23
N THR X 235 -94.43 7.89 3.24
CA THR X 235 -94.94 7.49 4.56
C THR X 235 -95.86 8.56 5.12
N SER X 236 -95.46 9.83 5.02
CA SER X 236 -96.28 10.90 5.57
C SER X 236 -97.64 10.97 4.88
N VAL X 237 -97.66 10.88 3.55
CA VAL X 237 -98.92 10.96 2.83
C VAL X 237 -99.82 9.79 3.19
N ASP X 238 -99.27 8.59 3.27
CA ASP X 238 -100.07 7.43 3.64
C ASP X 238 -100.67 7.59 5.03
N GLU X 239 -99.86 8.04 5.99
CA GLU X 239 -100.39 8.23 7.34
C GLU X 239 -101.51 9.25 7.35
N ASN X 240 -101.33 10.37 6.65
CA ASN X 240 -102.36 11.40 6.64
C ASN X 240 -103.65 10.88 6.03
N GLU X 241 -103.56 10.17 4.90
CA GLU X 241 -104.77 9.65 4.28
C GLU X 241 -105.46 8.63 5.17
N GLY X 242 -104.68 7.75 5.80
CA GLY X 242 -105.27 6.74 6.67
C GLY X 242 -105.99 7.33 7.85
N ARG X 243 -105.41 8.37 8.45
CA ARG X 243 -106.10 9.03 9.56
C ARG X 243 -107.27 9.89 9.09
N ALA X 244 -107.21 10.40 7.87
CA ALA X 244 -108.30 11.22 7.35
C ALA X 244 -109.53 10.38 7.00
N ASN X 245 -109.33 9.13 6.60
CA ASN X 245 -110.47 8.30 6.25
C ASN X 245 -111.40 8.05 7.44
N GLN X 246 -110.92 8.24 8.67
CA GLN X 246 -111.79 8.09 9.83
C GLN X 246 -112.91 9.13 9.83
N LEU X 247 -112.69 10.27 9.19
CA LEU X 247 -113.72 11.29 9.09
C LEU X 247 -114.96 10.76 8.38
N LEU X 248 -114.78 9.84 7.44
CA LEU X 248 -115.89 9.32 6.66
C LEU X 248 -116.87 8.53 7.52
N SER X 249 -116.45 8.06 8.69
CA SER X 249 -117.34 7.30 9.55
C SER X 249 -118.41 8.20 10.15
N MET X 250 -119.33 7.58 10.88
CA MET X 250 -120.43 8.31 11.50
C MET X 250 -120.81 7.68 12.84
N ASP Y 2 -108.14 -21.08 24.62
CA ASP Y 2 -107.85 -20.23 25.75
C ASP Y 2 -106.61 -20.69 26.51
N HIS Y 3 -106.38 -21.99 26.54
CA HIS Y 3 -105.23 -22.52 27.27
C HIS Y 3 -103.94 -22.49 26.47
N ALA Y 4 -103.99 -22.09 25.19
CA ALA Y 4 -102.77 -21.94 24.41
C ALA Y 4 -101.84 -20.89 25.01
N ILE Y 5 -102.39 -19.92 25.74
CA ILE Y 5 -101.55 -18.91 26.35
C ILE Y 5 -100.62 -19.55 27.38
N TYR Y 6 -101.09 -20.59 28.07
CA TYR Y 6 -100.22 -21.26 29.03
C TYR Y 6 -99.13 -22.07 28.34
N THR Y 7 -99.44 -22.67 27.19
CA THR Y 7 -98.40 -23.33 26.41
C THR Y 7 -97.32 -22.34 26.00
N ALA Y 8 -97.75 -21.18 25.50
CA ALA Y 8 -96.78 -20.17 25.07
C ALA Y 8 -95.97 -19.64 26.25
N MET Y 9 -96.62 -19.43 27.40
CA MET Y 9 -95.90 -18.98 28.58
C MET Y 9 -94.87 -20.01 29.03
N GLY Y 10 -95.24 -21.29 29.01
CA GLY Y 10 -94.28 -22.32 29.36
C GLY Y 10 -93.10 -22.35 28.41
N ALA Y 11 -93.37 -22.19 27.11
CA ALA Y 11 -92.28 -22.11 26.14
C ALA Y 11 -91.36 -20.93 26.43
N ALA Y 12 -91.94 -19.77 26.75
CA ALA Y 12 -91.12 -18.60 27.04
C ALA Y 12 -90.28 -18.80 28.29
N SER Y 13 -90.87 -19.36 29.34
CA SER Y 13 -90.11 -19.58 30.57
C SER Y 13 -88.98 -20.58 30.37
N GLN Y 14 -89.24 -21.65 29.60
CA GLN Y 14 -88.16 -22.60 29.33
C GLN Y 14 -87.10 -21.98 28.43
N THR Y 15 -87.47 -21.05 27.54
CA THR Y 15 -86.47 -20.32 26.78
C THR Y 15 -85.60 -19.48 27.70
N LEU Y 16 -86.21 -18.85 28.71
CA LEU Y 16 -85.42 -18.10 29.69
C LEU Y 16 -84.47 -19.01 30.45
N ASN Y 17 -84.93 -20.20 30.83
CA ASN Y 17 -84.04 -21.14 31.53
C ASN Y 17 -82.88 -21.57 30.64
N GLN Y 18 -83.15 -21.86 29.37
CA GLN Y 18 -82.08 -22.23 28.46
C GLN Y 18 -81.09 -21.09 28.28
N GLN Y 19 -81.59 -19.86 28.21
CA GLN Y 19 -80.71 -18.70 28.14
C GLN Y 19 -79.86 -18.60 29.40
N ALA Y 20 -80.44 -18.91 30.56
CA ALA Y 20 -79.66 -18.88 31.79
C ALA Y 20 -78.54 -19.92 31.76
N VAL Y 21 -78.84 -21.12 31.25
CA VAL Y 21 -77.80 -22.15 31.14
C VAL Y 21 -76.68 -21.67 30.22
N THR Y 22 -77.04 -21.11 29.07
CA THR Y 22 -76.03 -20.63 28.13
C THR Y 22 -75.19 -19.52 28.75
N ALA Y 23 -75.83 -18.61 29.48
CA ALA Y 23 -75.09 -17.52 30.12
C ALA Y 23 -74.15 -18.07 31.19
N SER Y 24 -74.59 -19.06 31.96
CA SER Y 24 -73.70 -19.66 32.95
C SER Y 24 -72.51 -20.32 32.28
N ASN Y 25 -72.74 -21.01 31.16
CA ASN Y 25 -71.61 -21.60 30.44
C ASN Y 25 -70.65 -20.53 29.94
N LEU Y 26 -71.18 -19.41 29.44
CA LEU Y 26 -70.31 -18.36 28.92
C LEU Y 26 -69.58 -17.62 30.03
N ALA Y 27 -70.14 -17.60 31.24
CA ALA Y 27 -69.53 -16.83 32.32
C ALA Y 27 -68.15 -17.37 32.69
N ASN Y 28 -68.06 -18.67 32.95
CA ASN Y 28 -66.80 -19.28 33.37
C ASN Y 28 -66.11 -19.91 32.16
N ALA Y 29 -65.69 -19.05 31.24
CA ALA Y 29 -64.95 -19.47 30.06
C ALA Y 29 -63.44 -19.49 30.29
N SER Y 30 -63.00 -19.21 31.51
CA SER Y 30 -61.57 -19.21 31.83
C SER Y 30 -61.25 -20.04 33.06
N THR Y 31 -62.23 -20.67 33.68
CA THR Y 31 -61.94 -21.50 34.84
C THR Y 31 -61.19 -22.75 34.42
N PRO Y 32 -60.17 -23.17 35.17
CA PRO Y 32 -59.39 -24.34 34.79
C PRO Y 32 -60.12 -25.64 35.09
N GLY Y 33 -60.08 -26.56 34.13
CA GLY Y 33 -60.72 -27.84 34.29
C GLY Y 33 -62.23 -27.75 34.44
N PHE Y 34 -62.90 -27.34 33.36
CA PHE Y 34 -64.34 -27.18 33.37
C PHE Y 34 -64.98 -28.00 32.26
N ARG Y 35 -66.22 -28.42 32.48
CA ARG Y 35 -67.01 -29.12 31.49
C ARG Y 35 -68.30 -28.36 31.25
N ALA Y 36 -68.61 -28.10 29.98
CA ALA Y 36 -69.79 -27.33 29.66
C ALA Y 36 -71.05 -28.13 29.96
N GLN Y 37 -72.19 -27.45 29.87
CA GLN Y 37 -73.49 -28.05 30.17
C GLN Y 37 -74.36 -27.98 28.92
N LEU Y 38 -74.60 -29.14 28.32
CA LEU Y 38 -75.45 -29.19 27.13
C LEU Y 38 -76.90 -28.94 27.51
N ASN Y 39 -77.68 -28.48 26.53
CA ASN Y 39 -79.10 -28.23 26.73
C ASN Y 39 -79.88 -28.70 25.51
N ALA Y 40 -81.12 -29.12 25.74
CA ALA Y 40 -81.98 -29.59 24.67
C ALA Y 40 -83.42 -29.50 25.14
N LEU Y 41 -84.25 -28.76 24.42
CA LEU Y 41 -85.64 -28.63 24.79
C LEU Y 41 -86.36 -29.96 24.65
N ARG Y 42 -87.17 -30.31 25.64
CA ARG Y 42 -87.86 -31.59 25.69
C ARG Y 42 -89.36 -31.37 25.62
N ALA Y 43 -90.01 -32.14 24.76
CA ALA Y 43 -91.46 -32.02 24.56
C ALA Y 43 -92.20 -32.94 25.52
N VAL Y 44 -93.31 -32.45 26.05
CA VAL Y 44 -94.15 -33.26 26.93
C VAL Y 44 -95.60 -33.17 26.47
N PRO Y 45 -96.09 -34.14 25.72
CA PRO Y 45 -97.47 -34.06 25.18
C PRO Y 45 -98.50 -34.44 26.24
N VAL Y 46 -99.36 -33.48 26.58
CA VAL Y 46 -100.52 -33.79 27.41
C VAL Y 46 -101.57 -34.49 26.55
N ASP Y 47 -102.41 -35.30 27.19
CA ASP Y 47 -103.32 -36.14 26.43
C ASP Y 47 -104.54 -36.49 27.26
N GLY Y 48 -105.58 -36.95 26.57
CA GLY Y 48 -106.72 -37.59 27.20
C GLY Y 48 -108.09 -37.25 26.65
N LEU Y 49 -108.80 -38.30 26.25
CA LEU Y 49 -110.23 -38.33 26.00
C LEU Y 49 -110.71 -37.49 24.81
N SER Y 50 -109.84 -36.67 24.22
CA SER Y 50 -110.19 -35.97 22.98
C SER Y 50 -109.00 -35.29 22.34
N LEU Y 51 -108.71 -35.61 21.09
CA LEU Y 51 -107.92 -34.76 20.20
C LEU Y 51 -106.68 -34.19 20.87
N ALA Y 52 -105.70 -35.03 21.18
CA ALA Y 52 -104.56 -34.57 21.96
C ALA Y 52 -103.72 -33.61 21.14
N THR Y 53 -103.99 -32.31 21.30
CA THR Y 53 -103.31 -31.27 20.54
C THR Y 53 -102.28 -30.51 21.34
N ARG Y 54 -102.61 -30.08 22.55
CA ARG Y 54 -101.66 -29.32 23.36
C ARG Y 54 -100.43 -30.16 23.67
N THR Y 55 -99.25 -29.58 23.49
CA THR Y 55 -97.98 -30.28 23.66
C THR Y 55 -97.00 -29.31 24.32
N LEU Y 56 -96.94 -29.35 25.65
CA LEU Y 56 -96.08 -28.45 26.39
C LEU Y 56 -94.62 -28.77 26.11
N VAL Y 57 -93.75 -27.81 26.40
CA VAL Y 57 -92.32 -27.94 26.20
C VAL Y 57 -91.61 -27.60 27.50
N THR Y 58 -90.67 -28.46 27.90
CA THR Y 58 -89.89 -28.23 29.11
C THR Y 58 -88.41 -28.34 28.77
N ALA Y 59 -87.62 -27.43 29.34
CA ALA Y 59 -86.19 -27.46 29.12
C ALA Y 59 -85.56 -28.66 29.82
N SER Y 60 -84.45 -29.14 29.26
CA SER Y 60 -83.76 -30.29 29.80
C SER Y 60 -82.29 -30.21 29.42
N THR Y 61 -81.43 -30.70 30.31
CA THR Y 61 -79.99 -30.68 30.09
C THR Y 61 -79.45 -32.11 30.19
N PRO Y 62 -78.85 -32.64 29.14
CA PRO Y 62 -78.12 -33.91 29.28
C PRO Y 62 -76.90 -33.76 30.17
N GLY Y 63 -76.14 -34.83 30.36
CA GLY Y 63 -75.03 -34.79 31.31
C GLY Y 63 -74.03 -33.69 31.08
N ALA Y 64 -73.26 -33.78 30.00
CA ALA Y 64 -72.23 -32.80 29.68
C ALA Y 64 -71.57 -33.14 28.34
N ASP Y 65 -70.63 -32.31 27.91
CA ASP Y 65 -69.80 -32.62 26.76
C ASP Y 65 -68.37 -32.87 27.24
N MET Y 66 -67.79 -33.99 26.80
CA MET Y 66 -66.50 -34.43 27.30
C MET Y 66 -65.36 -34.14 26.35
N THR Y 67 -65.52 -33.15 25.48
CA THR Y 67 -64.43 -32.74 24.60
C THR Y 67 -63.34 -32.07 25.44
N PRO Y 68 -62.10 -32.55 25.40
CA PRO Y 68 -61.05 -31.93 26.21
C PRO Y 68 -60.78 -30.50 25.75
N GLY Y 69 -60.48 -29.63 26.70
CA GLY Y 69 -60.22 -28.25 26.40
C GLY Y 69 -58.78 -28.00 26.01
N GLN Y 70 -58.54 -26.81 25.48
CA GLN Y 70 -57.20 -26.40 25.09
C GLN Y 70 -56.34 -26.18 26.33
N LEU Y 71 -55.10 -26.64 26.26
CA LEU Y 71 -54.18 -26.57 27.39
C LEU Y 71 -52.98 -25.69 27.05
N ASP Y 72 -52.54 -24.91 28.04
CA ASP Y 72 -51.39 -24.03 27.89
C ASP Y 72 -50.27 -24.48 28.82
N TYR Y 73 -49.04 -24.23 28.39
CA TYR Y 73 -47.83 -24.68 29.08
C TYR Y 73 -47.34 -23.55 29.98
N THR Y 74 -47.56 -23.69 31.28
CA THR Y 74 -47.10 -22.70 32.25
C THR Y 74 -45.80 -23.11 32.93
N SER Y 75 -45.27 -24.30 32.64
CA SER Y 75 -44.00 -24.80 33.16
C SER Y 75 -43.99 -24.96 34.67
N ARG Y 76 -45.13 -24.84 35.33
CA ARG Y 76 -45.19 -25.04 36.77
C ARG Y 76 -44.90 -26.51 37.07
N PRO Y 77 -44.10 -26.81 38.10
CA PRO Y 77 -43.68 -28.20 38.30
C PRO Y 77 -44.81 -29.18 38.54
N LEU Y 78 -45.90 -28.77 39.18
CA LEU Y 78 -46.97 -29.69 39.55
C LEU Y 78 -48.33 -29.24 39.01
N ASP Y 79 -48.38 -28.91 37.72
CA ASP Y 79 -49.64 -28.72 37.02
C ASP Y 79 -49.80 -29.84 36.00
N VAL Y 80 -50.92 -30.55 36.07
CA VAL Y 80 -51.11 -31.77 35.28
C VAL Y 80 -52.34 -31.62 34.39
N ALA Y 81 -52.30 -32.31 33.26
CA ALA Y 81 -53.41 -32.37 32.32
C ALA Y 81 -53.65 -33.82 31.96
N LEU Y 82 -54.92 -34.22 31.95
CA LEU Y 82 -55.26 -35.63 31.79
C LEU Y 82 -55.28 -36.02 30.32
N GLN Y 83 -55.53 -37.31 30.08
CA GLN Y 83 -55.67 -37.85 28.73
C GLN Y 83 -57.09 -37.58 28.24
N GLN Y 84 -57.49 -38.26 27.17
CA GLN Y 84 -58.81 -38.02 26.58
C GLN Y 84 -59.93 -38.29 27.58
N ASP Y 85 -59.80 -39.35 28.38
CA ASP Y 85 -60.86 -39.74 29.31
C ASP Y 85 -60.32 -39.88 30.73
N GLY Y 86 -59.34 -39.06 31.08
CA GLY Y 86 -58.79 -39.10 32.42
C GLY Y 86 -59.65 -38.41 33.44
N TRP Y 87 -59.42 -38.74 34.71
CA TRP Y 87 -60.14 -38.13 35.82
C TRP Y 87 -59.28 -38.21 37.06
N LEU Y 88 -59.03 -37.08 37.70
CA LEU Y 88 -58.37 -37.05 38.99
C LEU Y 88 -59.41 -37.25 40.08
N VAL Y 89 -59.11 -38.12 41.03
CA VAL Y 89 -60.03 -38.41 42.13
C VAL Y 89 -59.68 -37.51 43.30
N VAL Y 90 -60.71 -36.87 43.88
CA VAL Y 90 -60.56 -36.02 45.05
C VAL Y 90 -61.58 -36.46 46.08
N GLN Y 91 -61.38 -36.02 47.31
CA GLN Y 91 -62.27 -36.33 48.42
C GLN Y 91 -63.23 -35.16 48.60
N ALA Y 92 -64.50 -35.37 48.29
CA ALA Y 92 -65.49 -34.31 48.41
C ALA Y 92 -65.75 -33.98 49.87
N ALA Y 93 -66.52 -32.91 50.10
CA ALA Y 93 -66.77 -32.46 51.45
C ALA Y 93 -67.53 -33.51 52.27
N ASP Y 94 -68.53 -34.15 51.67
CA ASP Y 94 -69.31 -35.15 52.38
C ASP Y 94 -68.50 -36.40 52.70
N GLY Y 95 -67.39 -36.63 51.97
CA GLY Y 95 -66.54 -37.78 52.17
C GLY Y 95 -66.47 -38.70 50.97
N ALA Y 96 -67.57 -38.85 50.24
CA ALA Y 96 -67.57 -39.70 49.05
C ALA Y 96 -66.63 -39.13 47.99
N GLU Y 97 -65.91 -40.02 47.33
CA GLU Y 97 -64.94 -39.60 46.34
C GLU Y 97 -65.63 -39.02 45.11
N GLY Y 98 -64.99 -38.04 44.49
CA GLY Y 98 -65.49 -37.45 43.27
C GLY Y 98 -64.38 -37.35 42.24
N TYR Y 99 -64.78 -37.08 41.01
CA TYR Y 99 -63.85 -37.01 39.88
C TYR Y 99 -63.85 -35.61 39.30
N THR Y 100 -62.69 -35.15 38.86
CA THR Y 100 -62.56 -33.83 38.28
C THR Y 100 -61.45 -33.85 37.24
N ARG Y 101 -61.22 -32.71 36.60
CA ARG Y 101 -60.13 -32.55 35.65
C ARG Y 101 -59.29 -31.32 35.93
N ASN Y 102 -59.55 -30.62 37.03
CA ASN Y 102 -58.85 -29.38 37.36
C ASN Y 102 -57.46 -29.75 37.89
N GLY Y 103 -56.54 -29.97 36.96
CA GLY Y 103 -55.19 -30.35 37.33
C GLY Y 103 -54.35 -29.19 37.83
N ASN Y 104 -54.71 -28.65 38.99
CA ASN Y 104 -54.04 -27.50 39.58
C ASN Y 104 -53.80 -27.83 41.05
N ILE Y 105 -52.65 -28.42 41.35
CA ILE Y 105 -52.38 -28.93 42.68
C ILE Y 105 -51.62 -27.87 43.49
N GLN Y 106 -51.83 -27.89 44.80
CA GLN Y 106 -51.19 -26.98 45.72
C GLN Y 106 -50.69 -27.76 46.92
N VAL Y 107 -49.63 -27.24 47.55
CA VAL Y 107 -49.01 -27.85 48.71
C VAL Y 107 -49.25 -26.93 49.90
N GLY Y 108 -49.91 -27.46 50.92
CA GLY Y 108 -50.19 -26.70 52.12
C GLY Y 108 -48.98 -26.62 53.02
N PRO Y 109 -49.07 -25.73 54.01
CA PRO Y 109 -47.94 -25.55 54.94
C PRO Y 109 -47.65 -26.77 55.77
N THR Y 110 -48.61 -27.68 55.94
CA THR Y 110 -48.42 -28.85 56.79
C THR Y 110 -48.15 -30.12 55.98
N GLY Y 111 -47.85 -29.98 54.70
CA GLY Y 111 -47.58 -31.12 53.85
C GLY Y 111 -48.77 -31.70 53.12
N GLN Y 112 -49.96 -31.15 53.31
CA GLN Y 112 -51.12 -31.61 52.56
C GLN Y 112 -50.96 -31.31 51.09
N LEU Y 113 -51.49 -32.20 50.25
CA LEU Y 113 -51.50 -32.00 48.80
C LEU Y 113 -52.96 -31.93 48.36
N THR Y 114 -53.35 -30.82 47.75
CA THR Y 114 -54.77 -30.63 47.49
C THR Y 114 -55.01 -29.80 46.25
N ILE Y 115 -56.07 -30.13 45.52
CA ILE Y 115 -56.67 -29.19 44.58
C ILE Y 115 -57.49 -28.23 45.44
N GLN Y 116 -57.99 -27.15 44.84
CA GLN Y 116 -58.67 -26.11 45.59
C GLN Y 116 -59.70 -26.67 46.55
N GLY Y 117 -59.47 -26.46 47.84
CA GLY Y 117 -60.38 -26.92 48.87
C GLY Y 117 -60.27 -28.40 49.20
N HIS Y 118 -60.44 -29.25 48.19
CA HIS Y 118 -60.56 -30.66 48.52
C HIS Y 118 -59.22 -31.38 48.38
N PRO Y 119 -58.94 -32.34 49.26
CA PRO Y 119 -57.69 -33.09 49.18
C PRO Y 119 -57.70 -34.09 48.03
N VAL Y 120 -56.51 -34.56 47.69
CA VAL Y 120 -56.31 -35.52 46.59
C VAL Y 120 -55.96 -36.87 47.20
N ILE Y 121 -56.62 -37.92 46.70
CA ILE Y 121 -56.40 -39.28 47.19
C ILE Y 121 -55.61 -40.05 46.14
N GLY Y 122 -54.52 -40.66 46.58
CA GLY Y 122 -53.75 -41.56 45.72
C GLY Y 122 -54.05 -43.00 46.05
N GLU Y 123 -53.06 -43.88 45.89
CA GLU Y 123 -53.24 -45.27 46.28
C GLU Y 123 -53.36 -45.35 47.79
N GLY Y 124 -54.56 -45.59 48.28
CA GLY Y 124 -54.82 -45.55 49.71
C GLY Y 124 -55.66 -44.33 50.09
N GLY Y 125 -55.26 -43.64 51.15
CA GLY Y 125 -55.94 -42.44 51.57
C GLY Y 125 -55.37 -41.21 50.89
N PRO Y 126 -55.70 -40.03 51.39
CA PRO Y 126 -55.10 -38.80 50.87
C PRO Y 126 -53.59 -38.82 51.02
N ILE Y 127 -52.92 -38.27 50.03
CA ILE Y 127 -51.46 -38.34 49.97
C ILE Y 127 -50.86 -37.16 50.72
N THR Y 128 -49.74 -37.42 51.39
CA THR Y 128 -48.99 -36.40 52.11
C THR Y 128 -47.53 -36.46 51.69
N VAL Y 129 -46.87 -35.31 51.73
CA VAL Y 129 -45.49 -35.18 51.29
C VAL Y 129 -44.68 -34.55 52.41
N PRO Y 130 -43.34 -34.65 52.39
CA PRO Y 130 -42.54 -33.94 53.39
C PRO Y 130 -42.83 -32.44 53.36
N GLU Y 131 -42.44 -31.77 54.46
CA GLU Y 131 -42.90 -30.42 54.71
C GLU Y 131 -42.51 -29.45 53.59
N GLY Y 132 -41.21 -29.24 53.43
CA GLY Y 132 -40.75 -28.25 52.47
C GLY Y 132 -40.23 -28.84 51.18
N SER Y 133 -40.55 -30.10 50.94
CA SER Y 133 -40.00 -30.82 49.79
C SER Y 133 -40.61 -30.33 48.49
N GLU Y 134 -39.76 -30.19 47.47
CA GLU Y 134 -40.24 -29.92 46.13
C GLU Y 134 -40.83 -31.19 45.52
N ILE Y 135 -41.88 -31.03 44.72
CA ILE Y 135 -42.68 -32.14 44.23
C ILE Y 135 -42.60 -32.18 42.72
N THR Y 136 -42.35 -33.36 42.16
CA THR Y 136 -42.39 -33.58 40.72
C THR Y 136 -43.34 -34.73 40.43
N ILE Y 137 -43.99 -34.66 39.27
CA ILE Y 137 -45.02 -35.62 38.89
C ILE Y 137 -44.61 -36.28 37.58
N ALA Y 138 -44.72 -37.60 37.53
CA ALA Y 138 -44.25 -38.38 36.40
C ALA Y 138 -45.31 -38.35 35.28
N ALA Y 139 -45.10 -39.19 34.27
CA ALA Y 139 -46.03 -39.30 33.16
C ALA Y 139 -47.07 -40.40 33.36
N ASP Y 140 -47.06 -41.08 34.51
CA ASP Y 140 -48.04 -42.11 34.78
C ASP Y 140 -48.67 -42.00 36.17
N GLY Y 141 -48.39 -40.93 36.91
CA GLY Y 141 -49.01 -40.72 38.20
C GLY Y 141 -48.12 -40.92 39.40
N THR Y 142 -46.81 -41.01 39.22
CA THR Y 142 -45.89 -41.19 40.34
C THR Y 142 -45.38 -39.85 40.82
N ILE Y 143 -45.49 -39.61 42.12
CA ILE Y 143 -45.05 -38.35 42.72
C ILE Y 143 -43.72 -38.60 43.41
N SER Y 144 -42.72 -37.80 43.04
CA SER Y 144 -41.39 -37.88 43.64
C SER Y 144 -41.09 -36.61 44.41
N ALA Y 145 -40.52 -36.76 45.59
CA ALA Y 145 -40.28 -35.63 46.49
C ALA Y 145 -38.79 -35.45 46.71
N LEU Y 146 -38.31 -34.23 46.55
CA LEU Y 146 -36.92 -33.88 46.80
C LEU Y 146 -36.89 -32.91 47.97
N ASN Y 147 -36.28 -33.34 49.07
CA ASN Y 147 -36.16 -32.45 50.22
C ASN Y 147 -35.11 -31.38 49.91
N PRO Y 148 -35.43 -30.10 50.08
CA PRO Y 148 -34.49 -29.05 49.69
C PRO Y 148 -33.22 -29.11 50.53
N GLY Y 149 -32.10 -28.73 49.91
CA GLY Y 149 -30.80 -28.78 50.54
C GLY Y 149 -30.10 -30.11 50.42
N ASP Y 150 -30.85 -31.21 50.35
CA ASP Y 150 -30.26 -32.52 50.16
C ASP Y 150 -29.73 -32.64 48.72
N PRO Y 151 -28.73 -33.51 48.50
CA PRO Y 151 -28.21 -33.66 47.15
C PRO Y 151 -29.28 -34.20 46.22
N PRO Y 152 -29.22 -33.84 44.94
CA PRO Y 152 -30.27 -34.26 44.00
C PRO Y 152 -30.38 -35.76 43.82
N ASN Y 153 -29.34 -36.51 44.18
CA ASN Y 153 -29.35 -37.96 43.96
C ASN Y 153 -30.12 -38.72 45.04
N THR Y 154 -30.99 -38.05 45.79
CA THR Y 154 -31.81 -38.71 46.80
C THR Y 154 -33.30 -38.54 46.52
N VAL Y 155 -33.68 -38.24 45.28
CA VAL Y 155 -35.08 -38.11 44.94
C VAL Y 155 -35.75 -39.47 45.01
N ALA Y 156 -36.88 -39.55 45.72
CA ALA Y 156 -37.57 -40.80 45.92
C ALA Y 156 -39.07 -40.61 45.74
N PRO Y 157 -39.78 -41.63 45.27
CA PRO Y 157 -41.23 -41.56 45.22
C PRO Y 157 -41.85 -41.52 46.61
N VAL Y 158 -43.00 -40.86 46.71
CA VAL Y 158 -43.71 -40.75 47.98
C VAL Y 158 -45.17 -41.11 47.80
N GLY Y 159 -45.54 -41.55 46.60
CA GLY Y 159 -46.91 -41.96 46.37
C GLY Y 159 -47.22 -41.97 44.89
N ARG Y 160 -48.38 -42.54 44.58
CA ARG Y 160 -48.87 -42.63 43.21
C ARG Y 160 -50.25 -42.00 43.13
N LEU Y 161 -50.44 -41.16 42.11
CA LEU Y 161 -51.77 -40.60 41.86
C LEU Y 161 -52.72 -41.70 41.41
N LYS Y 162 -54.00 -41.52 41.73
CA LYS Y 162 -55.04 -42.46 41.34
C LYS Y 162 -55.82 -41.85 40.17
N LEU Y 163 -55.90 -42.59 39.07
CA LEU Y 163 -56.56 -42.11 37.86
C LEU Y 163 -57.59 -43.13 37.43
N VAL Y 164 -58.82 -42.69 37.23
CA VAL Y 164 -59.89 -43.55 36.76
C VAL Y 164 -60.18 -43.21 35.30
N LYS Y 165 -61.00 -44.04 34.66
CA LYS Y 165 -61.35 -43.86 33.25
C LYS Y 165 -62.85 -44.04 33.09
N ALA Y 166 -63.57 -42.92 32.97
CA ALA Y 166 -65.01 -42.92 32.74
C ALA Y 166 -65.28 -42.37 31.36
N GLU Y 167 -66.16 -43.04 30.61
CA GLU Y 167 -66.38 -42.66 29.23
C GLU Y 167 -66.94 -41.25 29.11
N GLY Y 168 -67.90 -40.89 29.96
CA GLY Y 168 -68.47 -39.57 29.91
C GLY Y 168 -69.97 -39.56 30.10
N ASN Y 169 -70.65 -40.63 29.70
CA ASN Y 169 -72.09 -40.75 29.90
C ASN Y 169 -72.45 -41.49 31.18
N GLU Y 170 -71.45 -41.91 31.96
CA GLU Y 170 -71.69 -42.59 33.23
C GLU Y 170 -71.60 -41.66 34.43
N VAL Y 171 -71.38 -40.35 34.20
CA VAL Y 171 -71.15 -39.41 35.29
C VAL Y 171 -72.14 -38.26 35.16
N GLN Y 172 -72.70 -37.85 36.30
CA GLN Y 172 -73.61 -36.72 36.37
C GLN Y 172 -73.05 -35.70 37.36
N ARG Y 173 -73.05 -34.43 36.95
CA ARG Y 173 -72.46 -33.39 37.77
C ARG Y 173 -73.26 -33.19 39.05
N SER Y 174 -72.56 -33.14 40.19
CA SER Y 174 -73.20 -32.88 41.46
C SER Y 174 -73.29 -31.37 41.69
N ASP Y 175 -73.96 -30.99 42.78
CA ASP Y 175 -74.19 -29.58 43.06
C ASP Y 175 -72.91 -28.82 43.36
N ASP Y 176 -71.86 -29.50 43.83
CA ASP Y 176 -70.62 -28.86 44.17
C ASP Y 176 -69.63 -28.78 43.01
N GLY Y 177 -70.00 -29.28 41.84
CA GLY Y 177 -69.14 -29.26 40.68
C GLY Y 177 -68.23 -30.45 40.50
N LEU Y 178 -68.30 -31.45 41.38
CA LEU Y 178 -67.50 -32.65 41.27
C LEU Y 178 -68.35 -33.78 40.71
N PHE Y 179 -67.87 -34.39 39.63
CA PHE Y 179 -68.63 -35.45 38.97
C PHE Y 179 -68.64 -36.72 39.82
N ARG Y 180 -69.72 -37.48 39.70
CA ARG Y 180 -69.87 -38.74 40.40
C ARG Y 180 -70.53 -39.75 39.46
N LEU Y 181 -70.31 -41.03 39.76
CA LEU Y 181 -70.88 -42.09 38.94
C LEU Y 181 -72.39 -42.15 39.08
N THR Y 182 -73.07 -42.47 37.98
CA THR Y 182 -74.51 -42.61 38.01
C THR Y 182 -74.90 -43.94 38.67
N ALA Y 183 -76.20 -44.11 38.88
CA ALA Y 183 -76.69 -45.25 39.64
C ALA Y 183 -76.33 -46.57 38.98
N GLU Y 184 -76.84 -46.79 37.76
CA GLU Y 184 -76.60 -48.06 37.09
C GLU Y 184 -75.12 -48.26 36.78
N ALA Y 185 -74.43 -47.18 36.41
CA ALA Y 185 -73.00 -47.30 36.10
C ALA Y 185 -72.21 -47.76 37.31
N GLN Y 186 -72.47 -47.16 38.48
CA GLN Y 186 -71.76 -47.60 39.68
C GLN Y 186 -72.21 -48.98 40.13
N ALA Y 187 -73.47 -49.35 39.88
CA ALA Y 187 -73.91 -50.70 40.19
C ALA Y 187 -73.14 -51.72 39.36
N GLU Y 188 -72.90 -51.40 38.08
CA GLU Y 188 -72.24 -52.35 37.20
C GLU Y 188 -70.73 -52.33 37.34
N ARG Y 189 -70.14 -51.20 37.74
CA ARG Y 189 -68.68 -51.09 37.84
C ARG Y 189 -68.18 -50.97 39.27
N GLY Y 190 -69.01 -51.27 40.26
CA GLY Y 190 -68.59 -51.18 41.64
C GLY Y 190 -68.78 -49.79 42.20
N ALA Y 191 -68.80 -49.71 43.54
CA ALA Y 191 -68.99 -48.44 44.21
C ALA Y 191 -67.76 -47.55 44.10
N VAL Y 192 -66.58 -48.14 44.00
CA VAL Y 192 -65.33 -47.40 43.90
C VAL Y 192 -64.58 -47.89 42.65
N LEU Y 193 -64.09 -46.95 41.86
CA LEU Y 193 -63.36 -47.30 40.66
C LEU Y 193 -61.93 -47.72 40.99
N ALA Y 194 -61.28 -48.34 40.02
CA ALA Y 194 -59.91 -48.82 40.17
C ALA Y 194 -59.01 -48.13 39.16
N ALA Y 195 -57.82 -47.76 39.60
CA ALA Y 195 -56.86 -47.10 38.73
C ALA Y 195 -56.37 -48.07 37.65
N ASP Y 196 -56.09 -47.51 36.48
CA ASP Y 196 -55.56 -48.29 35.37
C ASP Y 196 -54.29 -47.65 34.83
N PRO Y 197 -53.31 -48.46 34.42
CA PRO Y 197 -52.03 -47.90 33.97
C PRO Y 197 -52.06 -47.30 32.58
N SER Y 198 -53.15 -47.48 31.82
CA SER Y 198 -53.20 -47.06 30.43
C SER Y 198 -53.57 -45.59 30.27
N ILE Y 199 -53.46 -44.79 31.33
CA ILE Y 199 -53.73 -43.36 31.27
C ILE Y 199 -52.48 -42.61 31.67
N ARG Y 200 -52.08 -41.64 30.84
CA ARG Y 200 -50.86 -40.88 31.07
C ARG Y 200 -51.22 -39.41 31.29
N ILE Y 201 -50.40 -38.73 32.10
CA ILE Y 201 -50.58 -37.32 32.37
C ILE Y 201 -49.36 -36.57 31.86
N MET Y 202 -49.51 -35.25 31.75
CA MET Y 202 -48.45 -34.37 31.28
C MET Y 202 -48.27 -33.27 32.32
N SER Y 203 -47.06 -33.15 32.85
CA SER Y 203 -46.79 -32.20 33.91
C SER Y 203 -46.39 -30.86 33.33
N GLY Y 204 -46.94 -29.79 33.90
CA GLY Y 204 -46.61 -28.44 33.48
C GLY Y 204 -47.59 -27.79 32.54
N VAL Y 205 -48.70 -28.45 32.21
CA VAL Y 205 -49.68 -27.93 31.28
C VAL Y 205 -51.04 -27.95 31.96
N LEU Y 206 -51.79 -26.85 31.80
CA LEU Y 206 -53.09 -26.70 32.43
C LEU Y 206 -54.14 -26.41 31.37
N GLU Y 207 -55.30 -27.05 31.49
CA GLU Y 207 -56.33 -26.95 30.46
C GLU Y 207 -57.44 -26.00 30.90
N GLY Y 208 -57.98 -25.26 29.93
CA GLY Y 208 -59.04 -24.32 30.20
C GLY Y 208 -60.41 -24.96 30.21
N SER Y 209 -61.36 -24.39 29.48
CA SER Y 209 -62.72 -24.90 29.46
C SER Y 209 -63.15 -25.16 28.03
N ASN Y 210 -64.03 -26.13 27.85
CA ASN Y 210 -64.54 -26.48 26.52
C ASN Y 210 -65.88 -25.79 26.27
N VAL Y 211 -65.79 -24.51 25.94
CA VAL Y 211 -66.95 -23.69 25.64
C VAL Y 211 -66.84 -23.25 24.18
N LYS Y 212 -67.93 -23.41 23.43
CA LYS Y 212 -67.94 -23.07 22.02
C LYS Y 212 -68.60 -21.72 21.81
N PRO Y 213 -67.83 -20.67 21.48
CA PRO Y 213 -68.45 -19.35 21.27
C PRO Y 213 -69.48 -19.35 20.14
N VAL Y 214 -69.24 -20.08 19.07
CA VAL Y 214 -70.19 -20.13 17.97
C VAL Y 214 -71.50 -20.77 18.42
N GLU Y 215 -71.40 -21.87 19.18
CA GLU Y 215 -72.59 -22.52 19.69
C GLU Y 215 -73.35 -21.59 20.64
N ALA Y 216 -72.62 -20.86 21.49
CA ALA Y 216 -73.28 -19.95 22.42
C ALA Y 216 -74.01 -18.84 21.66
N MET Y 217 -73.36 -18.26 20.64
CA MET Y 217 -74.00 -17.21 19.87
C MET Y 217 -75.25 -17.73 19.16
N THR Y 218 -75.16 -18.91 18.54
CA THR Y 218 -76.32 -19.48 17.86
C THR Y 218 -77.45 -19.73 18.84
N ASP Y 219 -77.13 -20.29 20.02
CA ASP Y 219 -78.18 -20.56 21.01
C ASP Y 219 -78.85 -19.27 21.47
N MET Y 220 -78.07 -18.22 21.70
CA MET Y 220 -78.66 -16.97 22.16
C MET Y 220 -79.56 -16.35 21.10
N ILE Y 221 -79.12 -16.36 19.83
CA ILE Y 221 -79.94 -15.80 18.78
C ILE Y 221 -81.25 -16.58 18.63
N ALA Y 222 -81.14 -17.92 18.64
CA ALA Y 222 -82.33 -18.75 18.50
C ALA Y 222 -83.29 -18.53 19.66
N ASN Y 223 -82.76 -18.43 20.88
CA ASN Y 223 -83.61 -18.22 22.04
C ASN Y 223 -84.34 -16.88 21.96
N ALA Y 224 -83.63 -15.83 21.53
CA ALA Y 224 -84.28 -14.53 21.41
C ALA Y 224 -85.41 -14.59 20.40
N ARG Y 225 -85.17 -15.21 19.25
CA ARG Y 225 -86.22 -15.27 18.24
C ARG Y 225 -87.41 -16.08 18.71
N ARG Y 226 -87.16 -17.21 19.38
CA ARG Y 226 -88.26 -18.02 19.89
C ARG Y 226 -89.07 -17.25 20.92
N PHE Y 227 -88.40 -16.49 21.78
CA PHE Y 227 -89.11 -15.68 22.75
C PHE Y 227 -89.99 -14.64 22.07
N GLU Y 228 -89.48 -14.01 21.00
CA GLU Y 228 -90.31 -13.06 20.25
C GLU Y 228 -91.57 -13.74 19.72
N MET Y 229 -91.41 -14.92 19.12
CA MET Y 229 -92.57 -15.62 18.56
C MET Y 229 -93.59 -15.94 19.64
N GLN Y 230 -93.12 -16.42 20.80
CA GLN Y 230 -94.04 -16.75 21.88
C GLN Y 230 -94.78 -15.52 22.38
N MET Y 231 -94.09 -14.38 22.50
CA MET Y 231 -94.76 -13.17 22.93
C MET Y 231 -95.84 -12.76 21.93
N LYS Y 232 -95.54 -12.88 20.64
CA LYS Y 232 -96.56 -12.56 19.63
C LYS Y 232 -97.78 -13.46 19.76
N VAL Y 233 -97.57 -14.76 19.96
CA VAL Y 233 -98.70 -15.67 20.11
C VAL Y 233 -99.52 -15.32 21.35
N ILE Y 234 -98.85 -14.97 22.45
CA ILE Y 234 -99.57 -14.59 23.66
C ILE Y 234 -100.43 -13.36 23.41
N THR Y 235 -99.89 -12.35 22.75
CA THR Y 235 -100.68 -11.15 22.47
C THR Y 235 -101.88 -11.48 21.60
N SER Y 236 -101.69 -12.31 20.58
CA SER Y 236 -102.80 -12.67 19.70
C SER Y 236 -103.91 -13.38 20.49
N VAL Y 237 -103.54 -14.35 21.32
CA VAL Y 237 -104.55 -15.08 22.09
C VAL Y 237 -105.26 -14.14 23.07
N ASP Y 238 -104.50 -13.24 23.70
CA ASP Y 238 -105.11 -12.32 24.65
C ASP Y 238 -106.14 -11.44 23.98
N GLU Y 239 -105.81 -10.85 22.83
CA GLU Y 239 -106.76 -9.97 22.17
C GLU Y 239 -107.95 -10.76 21.63
N ASN Y 240 -107.72 -12.00 21.20
CA ASN Y 240 -108.82 -12.84 20.75
C ASN Y 240 -109.82 -13.09 21.87
N GLU Y 241 -109.31 -13.48 23.05
CA GLU Y 241 -110.19 -13.74 24.17
C GLU Y 241 -110.89 -12.46 24.63
N GLY Y 242 -110.19 -11.33 24.57
CA GLY Y 242 -110.81 -10.07 24.94
C GLY Y 242 -111.96 -9.71 24.03
N ARG Y 243 -111.81 -9.96 22.73
CA ARG Y 243 -112.92 -9.72 21.83
C ARG Y 243 -114.01 -10.77 21.97
N ALA Y 244 -113.65 -11.98 22.40
CA ALA Y 244 -114.64 -13.05 22.52
C ALA Y 244 -115.54 -12.86 23.73
N ASN Y 245 -115.00 -12.38 24.84
CA ASN Y 245 -115.75 -12.41 26.10
C ASN Y 245 -116.94 -11.47 26.11
N GLN Y 246 -117.09 -10.60 25.12
CA GLN Y 246 -118.25 -9.71 25.06
C GLN Y 246 -119.46 -10.36 24.43
N LEU Y 247 -119.36 -11.60 23.97
CA LEU Y 247 -120.48 -12.27 23.34
C LEU Y 247 -121.65 -12.46 24.30
N LEU Y 248 -121.40 -12.51 25.60
CA LEU Y 248 -122.45 -12.72 26.59
C LEU Y 248 -123.37 -11.53 26.76
N SER Y 249 -123.00 -10.36 26.22
CA SER Y 249 -123.79 -9.16 26.42
C SER Y 249 -125.09 -9.22 25.64
N MET Y 250 -126.04 -8.39 26.04
CA MET Y 250 -127.32 -8.28 25.36
C MET Y 250 -127.23 -7.31 24.19
N ASP Z 2 -108.56 -3.80 43.77
CA ASP Z 2 -108.60 -2.41 43.33
C ASP Z 2 -107.41 -1.63 43.86
N HIS Z 3 -106.83 -2.08 44.97
CA HIS Z 3 -105.71 -1.41 45.59
C HIS Z 3 -104.36 -1.93 45.11
N ALA Z 4 -104.33 -2.90 44.20
CA ALA Z 4 -103.07 -3.32 43.61
C ALA Z 4 -102.41 -2.20 42.83
N ILE Z 5 -103.19 -1.23 42.38
CA ILE Z 5 -102.62 -0.06 41.70
C ILE Z 5 -101.69 0.68 42.65
N TYR Z 6 -102.04 0.73 43.94
CA TYR Z 6 -101.17 1.40 44.90
C TYR Z 6 -99.85 0.67 45.08
N THR Z 7 -99.88 -0.66 45.15
CA THR Z 7 -98.64 -1.42 45.26
C THR Z 7 -97.78 -1.22 44.02
N ALA Z 8 -98.40 -1.25 42.85
CA ALA Z 8 -97.64 -1.07 41.61
C ALA Z 8 -97.01 0.32 41.54
N MET Z 9 -97.77 1.36 41.90
CA MET Z 9 -97.20 2.71 41.84
C MET Z 9 -96.12 2.90 42.89
N GLY Z 10 -96.27 2.30 44.07
CA GLY Z 10 -95.20 2.36 45.05
C GLY Z 10 -93.94 1.70 44.56
N ALA Z 11 -94.08 0.54 43.90
CA ALA Z 11 -92.92 -0.12 43.32
C ALA Z 11 -92.27 0.76 42.25
N ALA Z 12 -93.08 1.41 41.42
CA ALA Z 12 -92.52 2.29 40.40
C ALA Z 12 -91.77 3.47 41.02
N SER Z 13 -92.35 4.08 42.05
CA SER Z 13 -91.69 5.21 42.70
C SER Z 13 -90.37 4.79 43.35
N GLN Z 14 -90.36 3.63 43.99
CA GLN Z 14 -89.11 3.17 44.59
C GLN Z 14 -88.08 2.80 43.52
N THR Z 15 -88.54 2.30 42.37
CA THR Z 15 -87.61 2.08 41.26
C THR Z 15 -87.01 3.39 40.80
N LEU Z 16 -87.81 4.44 40.74
CA LEU Z 16 -87.27 5.75 40.38
C LEU Z 16 -86.26 6.24 41.41
N ASN Z 17 -86.53 6.00 42.70
CA ASN Z 17 -85.57 6.38 43.73
C ASN Z 17 -84.25 5.63 43.56
N GLN Z 18 -84.33 4.32 43.30
CA GLN Z 18 -83.12 3.54 43.09
C GLN Z 18 -82.36 4.02 41.86
N GLN Z 19 -83.09 4.38 40.80
CA GLN Z 19 -82.44 4.96 39.62
C GLN Z 19 -81.74 6.26 39.95
N ALA Z 20 -82.37 7.09 40.78
CA ALA Z 20 -81.73 8.34 41.20
C ALA Z 20 -80.45 8.07 41.98
N VAL Z 21 -80.47 7.07 42.86
CA VAL Z 21 -79.27 6.71 43.61
C VAL Z 21 -78.16 6.27 42.65
N THR Z 22 -78.50 5.41 41.69
CA THR Z 22 -77.50 4.95 40.73
C THR Z 22 -76.94 6.11 39.91
N ALA Z 23 -77.80 7.03 39.49
CA ALA Z 23 -77.34 8.19 38.74
C ALA Z 23 -76.42 9.06 39.59
N SER Z 24 -76.74 9.22 40.87
CA SER Z 24 -75.87 9.97 41.76
C SER Z 24 -74.50 9.31 41.89
N ASN Z 25 -74.48 7.98 42.01
CA ASN Z 25 -73.21 7.27 42.09
C ASN Z 25 -72.41 7.45 40.81
N LEU Z 26 -73.07 7.39 39.66
CA LEU Z 26 -72.36 7.51 38.39
C LEU Z 26 -71.86 8.92 38.14
N ALA Z 27 -72.60 9.94 38.58
CA ALA Z 27 -72.23 11.31 38.25
C ALA Z 27 -70.88 11.69 38.83
N ASN Z 28 -70.67 11.47 40.13
CA ASN Z 28 -69.42 11.80 40.78
C ASN Z 28 -68.49 10.59 40.81
N ALA Z 29 -68.20 10.08 39.62
CA ALA Z 29 -67.32 8.93 39.47
C ALA Z 29 -65.85 9.29 39.46
N SER Z 30 -65.52 10.59 39.50
CA SER Z 30 -64.13 11.03 39.45
C SER Z 30 -63.75 11.87 40.66
N THR Z 31 -64.64 12.02 41.63
CA THR Z 31 -64.17 12.80 42.77
C THR Z 31 -63.22 11.96 43.61
N PRO Z 32 -62.14 12.56 44.12
CA PRO Z 32 -61.17 11.79 44.90
C PRO Z 32 -61.77 11.32 46.22
N GLY Z 33 -61.47 10.08 46.57
CA GLY Z 33 -61.91 9.51 47.84
C GLY Z 33 -63.41 9.45 47.99
N PHE Z 34 -64.10 8.97 46.97
CA PHE Z 34 -65.55 8.84 47.01
C PHE Z 34 -65.94 7.39 47.24
N ARG Z 35 -66.99 7.19 48.03
CA ARG Z 35 -67.51 5.87 48.34
C ARG Z 35 -68.89 5.72 47.71
N ALA Z 36 -69.09 4.62 47.00
CA ALA Z 36 -70.35 4.40 46.31
C ALA Z 36 -71.48 4.19 47.31
N GLN Z 37 -72.70 4.33 46.82
CA GLN Z 37 -73.91 4.22 47.63
C GLN Z 37 -74.65 2.96 47.23
N LEU Z 38 -74.54 1.92 48.06
CA LEU Z 38 -75.23 0.67 47.77
C LEU Z 38 -76.73 0.85 47.99
N ASN Z 39 -77.51 0.01 47.29
CA ASN Z 39 -78.97 0.08 47.38
C ASN Z 39 -79.55 -1.29 47.08
N ALA Z 40 -80.68 -1.59 47.73
CA ALA Z 40 -81.38 -2.84 47.51
C ALA Z 40 -82.82 -2.68 47.98
N LEU Z 41 -83.75 -3.16 47.15
CA LEU Z 41 -85.17 -3.03 47.47
C LEU Z 41 -85.52 -3.84 48.72
N ARG Z 42 -86.46 -3.31 49.49
CA ARG Z 42 -86.88 -3.92 50.75
C ARG Z 42 -88.38 -4.13 50.74
N ALA Z 43 -88.81 -5.31 51.19
CA ALA Z 43 -90.21 -5.70 51.15
C ALA Z 43 -90.87 -5.43 52.50
N VAL Z 44 -92.10 -4.93 52.46
CA VAL Z 44 -92.86 -4.66 53.67
C VAL Z 44 -94.26 -5.26 53.51
N PRO Z 45 -94.59 -6.33 54.23
CA PRO Z 45 -95.90 -6.96 54.04
C PRO Z 45 -96.98 -6.36 54.92
N VAL Z 46 -98.09 -5.97 54.30
CA VAL Z 46 -99.28 -5.56 55.02
C VAL Z 46 -100.07 -6.81 55.38
N ASP Z 47 -100.68 -6.83 56.57
CA ASP Z 47 -101.34 -8.05 57.01
C ASP Z 47 -102.38 -7.71 58.07
N GLY Z 48 -103.25 -8.70 58.32
CA GLY Z 48 -104.18 -8.68 59.43
C GLY Z 48 -105.57 -9.21 59.12
N LEU Z 49 -105.95 -10.23 59.87
CA LEU Z 49 -107.30 -10.77 59.96
C LEU Z 49 -107.80 -11.44 58.68
N SER Z 50 -107.07 -11.30 57.57
CA SER Z 50 -107.52 -11.93 56.33
C SER Z 50 -106.47 -11.93 55.24
N LEU Z 51 -106.12 -13.11 54.73
CA LEU Z 51 -105.48 -13.28 53.43
C LEU Z 51 -104.36 -12.28 53.14
N ALA Z 52 -103.26 -12.38 53.88
CA ALA Z 52 -102.18 -11.41 53.70
C ALA Z 52 -101.54 -11.59 52.33
N THR Z 53 -101.92 -10.75 51.38
CA THR Z 53 -101.43 -10.82 50.01
C THR Z 53 -100.68 -9.58 49.56
N ARG Z 54 -101.13 -8.39 49.97
CA ARG Z 54 -100.49 -7.15 49.54
C ARG Z 54 -99.18 -6.97 50.28
N THR Z 55 -98.08 -7.00 49.53
CA THR Z 55 -96.75 -6.72 50.09
C THR Z 55 -96.14 -5.58 49.29
N LEU Z 56 -95.85 -4.48 49.97
CA LEU Z 56 -95.34 -3.28 49.32
C LEU Z 56 -93.83 -3.32 49.23
N VAL Z 57 -93.27 -2.40 48.45
CA VAL Z 57 -91.82 -2.31 48.25
C VAL Z 57 -91.38 -0.91 48.63
N THR Z 58 -90.32 -0.82 49.43
CA THR Z 58 -89.68 0.45 49.77
C THR Z 58 -88.18 0.30 49.57
N ALA Z 59 -87.61 1.18 48.75
CA ALA Z 59 -86.18 1.12 48.50
C ALA Z 59 -85.40 1.50 49.76
N SER Z 60 -84.20 0.96 49.87
CA SER Z 60 -83.33 1.24 50.99
C SER Z 60 -81.88 1.19 50.53
N THR Z 61 -81.02 1.92 51.24
CA THR Z 61 -79.60 2.00 50.89
C THR Z 61 -78.76 1.61 52.10
N PRO Z 62 -78.03 0.51 52.05
CA PRO Z 62 -77.06 0.21 53.11
C PRO Z 62 -75.96 1.26 53.17
N GLY Z 63 -75.05 1.14 54.13
CA GLY Z 63 -74.04 2.17 54.34
C GLY Z 63 -73.24 2.54 53.10
N ALA Z 64 -72.39 1.63 52.65
CA ALA Z 64 -71.53 1.85 51.49
C ALA Z 64 -70.74 0.57 51.26
N ASP Z 65 -69.97 0.56 50.18
CA ASP Z 65 -69.01 -0.50 49.90
C ASP Z 65 -67.63 0.09 50.06
N MET Z 66 -66.92 -0.33 51.10
CA MET Z 66 -65.62 0.24 51.45
C MET Z 66 -64.48 -0.37 50.66
N THR Z 67 -64.77 -0.96 49.51
CA THR Z 67 -63.71 -1.44 48.64
C THR Z 67 -62.79 -0.28 48.28
N PRO Z 68 -61.48 -0.41 48.50
CA PRO Z 68 -60.59 0.74 48.26
C PRO Z 68 -60.61 1.17 46.81
N GLY Z 69 -60.59 2.49 46.62
CA GLY Z 69 -60.49 3.03 45.27
C GLY Z 69 -59.09 2.85 44.72
N GLN Z 70 -58.97 2.99 43.40
CA GLN Z 70 -57.68 2.81 42.77
C GLN Z 70 -56.82 4.06 42.93
N LEU Z 71 -55.50 3.83 42.91
CA LEU Z 71 -54.52 4.87 43.17
C LEU Z 71 -53.85 5.30 41.89
N ASP Z 72 -53.74 6.62 41.69
CA ASP Z 72 -53.00 7.18 40.57
C ASP Z 72 -51.85 8.02 41.11
N TYR Z 73 -50.71 7.96 40.43
CA TYR Z 73 -49.48 8.58 40.91
C TYR Z 73 -49.39 10.00 40.39
N THR Z 74 -49.34 10.97 41.30
CA THR Z 74 -49.23 12.37 40.95
C THR Z 74 -47.91 13.00 41.36
N SER Z 75 -47.09 12.31 42.15
CA SER Z 75 -45.78 12.76 42.61
C SER Z 75 -45.85 14.01 43.49
N ARG Z 76 -47.04 14.44 43.87
CA ARG Z 76 -47.17 15.59 44.75
C ARG Z 76 -46.76 15.18 46.17
N PRO Z 77 -45.92 15.97 46.83
CA PRO Z 77 -45.37 15.51 48.14
C PRO Z 77 -46.42 15.27 49.20
N LEU Z 78 -47.55 15.97 49.17
CA LEU Z 78 -48.55 15.88 50.23
C LEU Z 78 -49.85 15.25 49.75
N ASP Z 79 -49.74 14.16 48.99
CA ASP Z 79 -50.88 13.33 48.63
C ASP Z 79 -50.76 12.00 49.36
N VAL Z 80 -51.82 11.60 50.06
CA VAL Z 80 -51.81 10.44 50.92
C VAL Z 80 -52.85 9.43 50.45
N ALA Z 81 -52.46 8.16 50.42
CA ALA Z 81 -53.35 7.05 50.12
C ALA Z 81 -53.29 6.06 51.28
N LEU Z 82 -54.46 5.66 51.77
CA LEU Z 82 -54.55 4.87 52.99
C LEU Z 82 -54.48 3.37 52.67
N GLN Z 83 -54.55 2.56 53.72
CA GLN Z 83 -54.57 1.11 53.60
C GLN Z 83 -55.96 0.61 53.22
N GLN Z 84 -56.18 -0.69 53.39
CA GLN Z 84 -57.46 -1.30 53.01
C GLN Z 84 -58.63 -0.57 53.63
N ASP Z 85 -58.57 -0.28 54.93
CA ASP Z 85 -59.69 0.35 55.62
C ASP Z 85 -59.20 1.47 56.54
N GLY Z 86 -58.28 2.28 56.06
CA GLY Z 86 -57.83 3.43 56.82
C GLY Z 86 -58.70 4.66 56.58
N TRP Z 87 -58.65 5.59 57.53
CA TRP Z 87 -59.40 6.83 57.43
C TRP Z 87 -58.59 7.96 58.01
N LEU Z 88 -58.80 9.17 57.47
CA LEU Z 88 -58.27 10.39 58.04
C LEU Z 88 -59.42 11.13 58.72
N VAL Z 89 -59.20 11.57 59.95
CA VAL Z 89 -60.23 12.22 60.75
C VAL Z 89 -60.01 13.72 60.69
N VAL Z 90 -61.08 14.45 60.36
CA VAL Z 90 -61.06 15.91 60.27
C VAL Z 90 -62.29 16.45 60.95
N GLN Z 91 -62.17 17.60 61.61
CA GLN Z 91 -63.33 18.21 62.24
C GLN Z 91 -64.25 18.79 61.17
N ALA Z 92 -65.56 18.65 61.38
CA ALA Z 92 -66.54 19.06 60.41
C ALA Z 92 -66.97 20.50 60.65
N ALA Z 93 -67.98 20.96 59.92
CA ALA Z 93 -68.48 22.32 60.10
C ALA Z 93 -69.11 22.52 61.46
N ASP Z 94 -69.87 21.55 61.93
CA ASP Z 94 -70.55 21.68 63.22
C ASP Z 94 -69.59 21.61 64.40
N GLY Z 95 -68.34 21.25 64.16
CA GLY Z 95 -67.35 21.08 65.21
C GLY Z 95 -67.09 19.63 65.58
N ALA Z 96 -67.97 18.72 65.18
CA ALA Z 96 -67.74 17.31 65.42
C ALA Z 96 -66.72 16.77 64.41
N GLU Z 97 -66.22 15.58 64.69
CA GLU Z 97 -65.21 14.94 63.86
C GLU Z 97 -65.87 13.97 62.89
N GLY Z 98 -65.33 13.90 61.67
CA GLY Z 98 -65.75 12.94 60.69
C GLY Z 98 -64.53 12.28 60.06
N TYR Z 99 -64.80 11.24 59.29
CA TYR Z 99 -63.76 10.44 58.66
C TYR Z 99 -63.87 10.54 57.14
N THR Z 100 -62.73 10.46 56.47
CA THR Z 100 -62.73 10.57 55.02
C THR Z 100 -61.50 9.86 54.48
N ARG Z 101 -61.43 9.76 53.15
CA ARG Z 101 -60.27 9.21 52.48
C ARG Z 101 -59.77 10.12 51.37
N ASN Z 102 -60.29 11.33 51.27
CA ASN Z 102 -59.86 12.31 50.28
C ASN Z 102 -58.49 12.83 50.68
N GLY Z 103 -57.45 12.31 50.06
CA GLY Z 103 -56.09 12.62 50.47
C GLY Z 103 -55.51 13.90 49.91
N ASN Z 104 -56.31 14.73 49.26
CA ASN Z 104 -55.80 15.95 48.63
C ASN Z 104 -55.64 17.05 49.68
N ILE Z 105 -54.58 16.90 50.48
CA ILE Z 105 -54.30 17.89 51.52
C ILE Z 105 -53.82 19.18 50.88
N GLN Z 106 -54.10 20.30 51.55
CA GLN Z 106 -53.64 21.61 51.12
C GLN Z 106 -53.18 22.38 52.35
N VAL Z 107 -52.35 23.39 52.11
CA VAL Z 107 -51.81 24.23 53.18
C VAL Z 107 -52.20 25.67 52.89
N GLY Z 108 -52.77 26.33 53.90
CA GLY Z 108 -53.18 27.71 53.75
C GLY Z 108 -52.02 28.67 53.90
N PRO Z 109 -52.31 29.96 53.71
CA PRO Z 109 -51.25 30.97 53.80
C PRO Z 109 -50.65 31.10 55.19
N THR Z 110 -51.34 30.65 56.24
CA THR Z 110 -50.87 30.81 57.61
C THR Z 110 -50.43 29.48 58.22
N GLY Z 111 -49.96 28.56 57.39
CA GLY Z 111 -49.51 27.28 57.89
C GLY Z 111 -50.60 26.41 58.48
N GLN Z 112 -51.79 26.41 57.87
CA GLN Z 112 -52.92 25.61 58.34
C GLN Z 112 -53.14 24.46 57.35
N LEU Z 113 -52.92 23.24 57.81
CA LEU Z 113 -53.20 22.08 56.97
C LEU Z 113 -54.69 21.79 56.95
N THR Z 114 -55.19 21.37 55.80
CA THR Z 114 -56.62 21.10 55.68
C THR Z 114 -56.89 20.28 54.44
N ILE Z 115 -57.78 19.29 54.58
CA ILE Z 115 -58.47 18.76 53.42
C ILE Z 115 -59.48 19.80 52.96
N GLN Z 116 -60.05 19.58 51.78
CA GLN Z 116 -61.00 20.51 51.18
C GLN Z 116 -62.03 20.98 52.18
N GLY Z 117 -61.98 22.28 52.50
CA GLY Z 117 -62.90 22.87 53.44
C GLY Z 117 -62.53 22.69 54.91
N HIS Z 118 -62.21 21.45 55.31
CA HIS Z 118 -62.09 21.17 56.73
C HIS Z 118 -60.64 20.96 57.15
N PRO Z 119 -60.23 21.51 58.29
CA PRO Z 119 -58.87 21.28 58.77
C PRO Z 119 -58.66 19.86 59.26
N VAL Z 120 -57.41 19.42 59.21
CA VAL Z 120 -57.02 18.09 59.65
C VAL Z 120 -56.62 18.16 61.12
N ILE Z 121 -56.95 17.13 61.88
CA ILE Z 121 -56.64 17.07 63.30
C ILE Z 121 -55.61 15.97 63.54
N GLY Z 122 -54.78 16.16 64.56
CA GLY Z 122 -53.80 15.18 64.96
C GLY Z 122 -53.71 15.07 66.47
N GLU Z 123 -52.51 15.18 67.02
CA GLU Z 123 -52.34 15.24 68.46
C GLU Z 123 -52.90 16.56 68.97
N GLY Z 124 -54.03 16.50 69.66
CA GLY Z 124 -54.68 17.70 70.13
C GLY Z 124 -55.63 18.28 69.09
N GLY Z 125 -55.51 19.58 68.83
CA GLY Z 125 -56.34 20.23 67.86
C GLY Z 125 -55.79 20.09 66.45
N PRO Z 126 -56.27 20.93 65.53
CA PRO Z 126 -55.75 20.90 64.17
C PRO Z 126 -54.25 21.18 64.15
N ILE Z 127 -53.54 20.47 63.27
CA ILE Z 127 -52.10 20.60 63.21
C ILE Z 127 -51.73 21.82 62.39
N THR Z 128 -50.67 22.52 62.81
CA THR Z 128 -50.17 23.69 62.12
C THR Z 128 -48.69 23.52 61.83
N VAL Z 129 -48.27 23.97 60.65
CA VAL Z 129 -46.89 23.84 60.21
C VAL Z 129 -46.26 25.23 60.17
N PRO Z 130 -44.94 25.36 60.03
CA PRO Z 130 -44.34 26.68 59.83
C PRO Z 130 -44.92 27.43 58.64
N GLU Z 131 -44.60 28.72 58.54
CA GLU Z 131 -45.33 29.62 57.65
C GLU Z 131 -45.22 29.18 56.19
N GLY Z 132 -44.01 28.84 55.75
CA GLY Z 132 -43.82 28.49 54.35
C GLY Z 132 -42.98 27.25 54.16
N SER Z 133 -42.93 26.41 55.19
CA SER Z 133 -42.08 25.23 55.14
C SER Z 133 -42.62 24.20 54.16
N GLU Z 134 -41.70 23.57 53.41
CA GLU Z 134 -42.07 22.43 52.59
C GLU Z 134 -42.37 21.23 53.47
N ILE Z 135 -43.40 20.48 53.09
CA ILE Z 135 -43.96 19.41 53.91
C ILE Z 135 -43.73 18.08 53.22
N THR Z 136 -43.28 17.09 54.00
CA THR Z 136 -43.18 15.71 53.54
C THR Z 136 -43.94 14.83 54.51
N ILE Z 137 -44.70 13.87 53.99
CA ILE Z 137 -45.53 13.00 54.80
C ILE Z 137 -44.88 11.62 54.85
N ALA Z 138 -44.68 11.12 56.06
CA ALA Z 138 -44.05 9.83 56.25
C ALA Z 138 -45.03 8.70 55.95
N ALA Z 139 -44.56 7.46 56.10
CA ALA Z 139 -45.40 6.29 55.90
C ALA Z 139 -46.27 5.99 57.12
N ASP Z 140 -46.01 6.63 58.25
CA ASP Z 140 -46.79 6.40 59.46
C ASP Z 140 -47.50 7.65 59.98
N GLY Z 141 -47.47 8.75 59.24
CA GLY Z 141 -48.18 9.95 59.62
C GLY Z 141 -47.34 11.09 60.14
N THR Z 142 -46.03 11.02 60.03
CA THR Z 142 -45.17 12.10 60.52
C THR Z 142 -45.06 13.21 59.48
N ILE Z 143 -45.22 14.44 59.93
CA ILE Z 143 -45.16 15.61 59.04
C ILE Z 143 -43.80 16.26 59.23
N SER Z 144 -42.89 16.02 58.30
CA SER Z 144 -41.57 16.63 58.32
C SER Z 144 -41.62 17.96 57.58
N ALA Z 145 -41.04 18.99 58.18
CA ALA Z 145 -41.03 20.33 57.62
C ALA Z 145 -39.60 20.77 57.37
N LEU Z 146 -39.38 21.43 56.24
CA LEU Z 146 -38.10 22.02 55.90
C LEU Z 146 -38.31 23.47 55.53
N ASN Z 147 -37.63 24.37 56.23
CA ASN Z 147 -37.76 25.78 55.93
C ASN Z 147 -37.00 26.10 54.65
N PRO Z 148 -37.60 26.83 53.71
CA PRO Z 148 -36.91 27.13 52.46
C PRO Z 148 -35.64 27.94 52.70
N GLY Z 149 -34.61 27.66 51.90
CA GLY Z 149 -33.35 28.35 52.01
C GLY Z 149 -32.43 27.74 53.05
N ASP Z 150 -33.01 27.22 54.11
CA ASP Z 150 -32.24 26.58 55.16
C ASP Z 150 -31.60 25.30 54.62
N PRO Z 151 -30.38 24.97 55.06
CA PRO Z 151 -29.73 23.77 54.58
C PRO Z 151 -30.54 22.54 54.93
N PRO Z 152 -30.44 21.48 54.11
CA PRO Z 152 -31.35 20.33 54.26
C PRO Z 152 -31.22 19.60 55.58
N ASN Z 153 -30.14 19.80 56.32
CA ASN Z 153 -29.92 19.04 57.55
C ASN Z 153 -30.76 19.54 58.71
N THR Z 154 -31.80 20.34 58.46
CA THR Z 154 -32.66 20.85 59.50
C THR Z 154 -34.13 20.48 59.28
N VAL Z 155 -34.38 19.31 58.69
CA VAL Z 155 -35.74 18.82 58.56
C VAL Z 155 -36.25 18.40 59.93
N ALA Z 156 -37.43 18.89 60.30
CA ALA Z 156 -37.92 18.67 61.65
C ALA Z 156 -39.35 18.14 61.64
N PRO Z 157 -39.66 17.11 62.42
CA PRO Z 157 -41.07 16.71 62.58
C PRO Z 157 -41.84 17.78 63.35
N VAL Z 158 -43.00 18.17 62.81
CA VAL Z 158 -43.77 19.26 63.38
C VAL Z 158 -45.18 18.83 63.76
N GLY Z 159 -45.43 17.53 63.83
CA GLY Z 159 -46.75 17.05 64.17
C GLY Z 159 -46.95 15.63 63.66
N ARG Z 160 -48.19 15.19 63.72
CA ARG Z 160 -48.51 13.82 63.32
C ARG Z 160 -50.00 13.73 63.00
N LEU Z 161 -50.32 13.06 61.90
CA LEU Z 161 -51.71 12.82 61.56
C LEU Z 161 -52.32 11.80 62.52
N LYS Z 162 -53.62 11.93 62.74
CA LYS Z 162 -54.38 10.95 63.53
C LYS Z 162 -55.13 10.05 62.57
N LEU Z 163 -54.81 8.76 62.60
CA LEU Z 163 -55.41 7.78 61.70
C LEU Z 163 -56.23 6.80 62.52
N VAL Z 164 -57.47 6.56 62.09
CA VAL Z 164 -58.35 5.62 62.75
C VAL Z 164 -58.54 4.41 61.83
N LYS Z 165 -59.23 3.39 62.34
CA LYS Z 165 -59.46 2.16 61.60
C LYS Z 165 -60.91 1.73 61.79
N ALA Z 166 -61.70 1.87 60.73
CA ALA Z 166 -63.11 1.46 60.74
C ALA Z 166 -63.30 0.37 59.69
N GLU Z 167 -63.86 -0.76 60.12
CA GLU Z 167 -64.01 -1.89 59.21
C GLU Z 167 -65.05 -1.62 58.14
N GLY Z 168 -66.09 -0.85 58.45
CA GLY Z 168 -67.01 -0.41 57.43
C GLY Z 168 -68.48 -0.67 57.68
N ASN Z 169 -68.79 -1.75 58.39
CA ASN Z 169 -70.19 -2.09 58.61
C ASN Z 169 -70.86 -1.21 59.66
N GLU Z 170 -70.09 -0.37 60.35
CA GLU Z 170 -70.61 0.45 61.45
C GLU Z 170 -70.46 1.94 61.22
N VAL Z 171 -70.16 2.35 60.00
CA VAL Z 171 -70.03 3.77 59.66
C VAL Z 171 -71.14 4.13 58.69
N GLN Z 172 -71.74 5.29 58.90
CA GLN Z 172 -72.83 5.78 58.07
C GLN Z 172 -72.52 7.18 57.56
N ARG Z 173 -72.82 7.41 56.29
CA ARG Z 173 -72.53 8.71 55.68
C ARG Z 173 -73.44 9.77 56.27
N SER Z 174 -72.85 10.90 56.66
CA SER Z 174 -73.61 12.02 57.20
C SER Z 174 -74.19 12.83 56.06
N ASP Z 175 -74.72 14.01 56.36
CA ASP Z 175 -75.39 14.83 55.36
C ASP Z 175 -74.42 15.63 54.50
N ASP Z 176 -73.14 15.65 54.83
CA ASP Z 176 -72.16 16.41 54.06
C ASP Z 176 -71.07 15.52 53.46
N GLY Z 177 -71.29 14.21 53.43
CA GLY Z 177 -70.35 13.30 52.81
C GLY Z 177 -69.20 12.87 53.70
N LEU Z 178 -69.26 13.14 55.00
CA LEU Z 178 -68.21 12.72 55.94
C LEU Z 178 -68.77 11.62 56.82
N PHE Z 179 -68.09 10.47 56.84
CA PHE Z 179 -68.61 9.32 57.55
C PHE Z 179 -68.49 9.50 59.06
N ARG Z 180 -69.37 8.83 59.79
CA ARG Z 180 -69.36 8.82 61.24
C ARG Z 180 -69.79 7.45 61.73
N LEU Z 181 -69.40 7.14 62.97
CA LEU Z 181 -69.75 5.87 63.58
C LEU Z 181 -71.24 5.83 63.91
N THR Z 182 -71.82 4.64 63.79
CA THR Z 182 -73.21 4.45 64.18
C THR Z 182 -73.35 4.53 65.71
N ALA Z 183 -74.60 4.53 66.17
CA ALA Z 183 -74.87 4.76 67.58
C ALA Z 183 -74.25 3.66 68.45
N GLU Z 184 -74.54 2.40 68.14
CA GLU Z 184 -73.99 1.31 68.94
C GLU Z 184 -72.48 1.24 68.83
N ALA Z 185 -71.95 1.46 67.63
CA ALA Z 185 -70.50 1.40 67.44
C ALA Z 185 -69.79 2.45 68.27
N GLN Z 186 -70.30 3.69 68.25
CA GLN Z 186 -69.67 4.74 69.05
C GLN Z 186 -69.90 4.51 70.54
N ALA Z 187 -71.03 3.92 70.91
CA ALA Z 187 -71.24 3.59 72.32
C ALA Z 187 -70.22 2.57 72.80
N GLU Z 188 -69.95 1.54 72.00
CA GLU Z 188 -69.07 0.47 72.42
C GLU Z 188 -67.60 0.74 72.15
N ARG Z 189 -67.26 1.78 71.38
CA ARG Z 189 -65.87 2.13 71.13
C ARG Z 189 -65.52 3.55 71.55
N GLY Z 190 -66.39 4.23 72.30
CA GLY Z 190 -66.13 5.60 72.70
C GLY Z 190 -66.58 6.59 71.65
N ALA Z 191 -66.82 7.83 72.12
CA ALA Z 191 -67.25 8.89 71.21
C ALA Z 191 -66.15 9.22 70.19
N VAL Z 192 -64.90 9.25 70.63
CA VAL Z 192 -63.77 9.58 69.77
C VAL Z 192 -62.86 8.37 69.71
N LEU Z 193 -62.46 7.98 68.49
CA LEU Z 193 -61.60 6.84 68.31
C LEU Z 193 -60.17 7.19 68.73
N ALA Z 194 -59.35 6.14 68.90
CA ALA Z 194 -57.97 6.27 69.32
C ALA Z 194 -57.05 5.90 68.16
N ALA Z 195 -55.98 6.67 68.01
CA ALA Z 195 -55.04 6.42 66.92
C ALA Z 195 -54.36 5.07 67.11
N ASP Z 196 -54.09 4.40 65.98
CA ASP Z 196 -53.44 3.11 65.99
C ASP Z 196 -52.25 3.12 65.04
N PRO Z 197 -51.20 2.36 65.34
CA PRO Z 197 -50.01 2.35 64.49
C PRO Z 197 -50.06 1.38 63.31
N SER Z 198 -51.02 0.47 63.28
CA SER Z 198 -51.07 -0.55 62.25
C SER Z 198 -51.57 -0.03 60.91
N ILE Z 199 -51.69 1.28 60.73
CA ILE Z 199 -52.17 1.88 59.50
C ILE Z 199 -51.02 2.65 58.86
N ARG Z 200 -50.74 2.38 57.59
CA ARG Z 200 -49.65 3.00 56.86
C ARG Z 200 -50.20 3.72 55.64
N ILE Z 201 -49.64 4.88 55.35
CA ILE Z 201 -50.03 5.67 54.20
C ILE Z 201 -48.93 5.63 53.16
N MET Z 202 -49.24 6.13 51.96
CA MET Z 202 -48.29 6.22 50.86
C MET Z 202 -48.31 7.64 50.34
N SER Z 203 -47.13 8.24 50.19
CA SER Z 203 -47.02 9.62 49.76
C SER Z 203 -46.86 9.69 48.24
N GLY Z 204 -47.57 10.64 47.64
CA GLY Z 204 -47.46 10.90 46.22
C GLY Z 204 -48.58 10.35 45.37
N VAL Z 205 -49.36 9.41 45.88
CA VAL Z 205 -50.44 8.80 45.11
C VAL Z 205 -51.77 9.24 45.71
N LEU Z 206 -52.80 9.27 44.88
CA LEU Z 206 -54.12 9.73 45.27
C LEU Z 206 -55.15 8.66 44.93
N GLU Z 207 -56.19 8.58 45.76
CA GLU Z 207 -57.22 7.55 45.61
C GLU Z 207 -58.45 8.13 44.92
N GLY Z 208 -58.99 7.38 43.97
CA GLY Z 208 -60.16 7.81 43.23
C GLY Z 208 -61.47 7.41 43.90
N SER Z 209 -62.33 6.73 43.15
CA SER Z 209 -63.63 6.31 43.65
C SER Z 209 -63.89 4.87 43.26
N ASN Z 210 -64.71 4.19 44.06
CA ASN Z 210 -65.08 2.80 43.79
C ASN Z 210 -66.52 2.75 43.29
N VAL Z 211 -66.68 2.97 42.00
CA VAL Z 211 -67.97 2.83 41.33
C VAL Z 211 -67.81 1.80 40.22
N LYS Z 212 -68.73 0.83 40.19
CA LYS Z 212 -68.60 -0.27 39.25
C LYS Z 212 -69.46 -0.01 38.04
N PRO Z 213 -68.89 0.29 36.87
CA PRO Z 213 -69.72 0.55 35.69
C PRO Z 213 -70.61 -0.60 35.30
N VAL Z 214 -70.12 -1.85 35.43
CA VAL Z 214 -70.95 -3.00 35.09
C VAL Z 214 -72.15 -3.09 36.02
N GLU Z 215 -71.92 -2.88 37.32
CA GLU Z 215 -73.03 -2.87 38.26
C GLU Z 215 -74.02 -1.77 37.94
N ALA Z 216 -73.52 -0.58 37.60
CA ALA Z 216 -74.41 0.53 37.29
C ALA Z 216 -75.27 0.23 36.07
N MET Z 217 -74.66 -0.31 35.01
CA MET Z 217 -75.41 -0.62 33.81
C MET Z 217 -76.45 -1.72 34.06
N THR Z 218 -76.05 -2.76 34.80
CA THR Z 218 -77.00 -3.82 35.11
C THR Z 218 -78.17 -3.29 35.92
N ASP Z 219 -77.90 -2.45 36.92
CA ASP Z 219 -78.98 -1.88 37.71
C ASP Z 219 -79.88 -1.01 36.86
N MET Z 220 -79.30 -0.23 35.94
CA MET Z 220 -80.13 0.61 35.07
C MET Z 220 -81.05 -0.24 34.20
N ILE Z 221 -80.54 -1.31 33.61
CA ILE Z 221 -81.37 -2.17 32.77
C ILE Z 221 -82.48 -2.80 33.60
N ALA Z 222 -82.13 -3.33 34.77
CA ALA Z 222 -83.13 -3.97 35.62
C ALA Z 222 -84.21 -2.98 36.05
N ASN Z 223 -83.81 -1.78 36.44
CA ASN Z 223 -84.78 -0.77 36.85
C ASN Z 223 -85.70 -0.39 35.70
N ALA Z 224 -85.15 -0.24 34.49
CA ALA Z 224 -85.98 0.10 33.35
C ALA Z 224 -87.04 -0.97 33.13
N ARG Z 225 -86.62 -2.25 33.10
CA ARG Z 225 -87.58 -3.32 32.85
C ARG Z 225 -88.63 -3.38 33.97
N ARG Z 226 -88.20 -3.26 35.22
CA ARG Z 226 -89.14 -3.35 36.34
C ARG Z 226 -90.16 -2.23 36.30
N PHE Z 227 -89.70 -1.01 36.02
CA PHE Z 227 -90.61 0.13 35.94
C PHE Z 227 -91.62 -0.05 34.82
N GLU Z 228 -91.17 -0.53 33.66
CA GLU Z 228 -92.12 -0.73 32.57
C GLU Z 228 -93.14 -1.80 32.91
N MET Z 229 -92.72 -2.88 33.56
CA MET Z 229 -93.66 -3.92 33.96
C MET Z 229 -94.70 -3.37 34.94
N GLN Z 230 -94.25 -2.57 35.92
CA GLN Z 230 -95.18 -2.00 36.87
C GLN Z 230 -96.17 -1.06 36.19
N MET Z 231 -95.70 -0.28 35.22
CA MET Z 231 -96.60 0.60 34.48
C MET Z 231 -97.65 -0.21 33.72
N LYS Z 232 -97.24 -1.33 33.12
CA LYS Z 232 -98.21 -2.17 32.42
C LYS Z 232 -99.25 -2.72 33.39
N VAL Z 233 -98.82 -3.14 34.58
CA VAL Z 233 -99.78 -3.61 35.57
C VAL Z 233 -100.75 -2.50 35.94
N ILE Z 234 -100.23 -1.27 36.09
CA ILE Z 234 -101.07 -0.12 36.42
C ILE Z 234 -102.16 0.05 35.37
N THR Z 235 -101.78 0.06 34.08
CA THR Z 235 -102.77 0.34 33.05
C THR Z 235 -103.76 -0.81 32.92
N SER Z 236 -103.31 -2.05 33.10
CA SER Z 236 -104.24 -3.17 33.05
C SER Z 236 -105.28 -3.08 34.17
N VAL Z 237 -104.83 -2.77 35.40
CA VAL Z 237 -105.77 -2.65 36.51
C VAL Z 237 -106.74 -1.51 36.27
N ASP Z 238 -106.24 -0.37 35.76
CA ASP Z 238 -107.10 0.77 35.50
C ASP Z 238 -108.18 0.43 34.47
N GLU Z 239 -107.78 -0.23 33.38
CA GLU Z 239 -108.75 -0.60 32.37
C GLU Z 239 -109.78 -1.58 32.92
N ASN Z 240 -109.33 -2.55 33.71
CA ASN Z 240 -110.25 -3.52 34.30
C ASN Z 240 -111.27 -2.83 35.19
N GLU Z 241 -110.81 -1.93 36.05
CA GLU Z 241 -111.72 -1.23 36.96
C GLU Z 241 -112.70 -0.35 36.17
N GLY Z 242 -112.20 0.33 35.14
CA GLY Z 242 -113.09 1.18 34.35
C GLY Z 242 -114.16 0.38 33.65
N ARG Z 243 -113.79 -0.76 33.06
CA ARG Z 243 -114.78 -1.61 32.42
C ARG Z 243 -115.78 -2.17 33.43
N ALA Z 244 -115.30 -2.51 34.63
CA ALA Z 244 -116.19 -3.12 35.61
C ALA Z 244 -117.06 -2.11 36.32
N ASN Z 245 -116.76 -0.82 36.22
CA ASN Z 245 -117.51 0.19 36.95
C ASN Z 245 -118.95 0.33 36.48
N GLN Z 246 -119.32 -0.25 35.33
CA GLN Z 246 -120.65 -0.03 34.78
C GLN Z 246 -121.71 -0.94 35.37
N LEU Z 247 -121.36 -1.82 36.31
CA LEU Z 247 -122.34 -2.74 36.88
C LEU Z 247 -123.47 -2.01 37.57
N LEU Z 248 -123.17 -0.87 38.21
CA LEU Z 248 -124.19 -0.16 38.98
C LEU Z 248 -125.29 0.41 38.09
N SER Z 249 -125.10 0.44 36.78
CA SER Z 249 -126.09 0.99 35.88
C SER Z 249 -127.30 0.06 35.78
N MET Z 250 -128.39 0.58 35.22
CA MET Z 250 -129.61 -0.20 35.03
C MET Z 250 -129.74 -0.66 33.58
N UNK AA 1 -95.46 7.64 -28.88
CA UNK AA 1 -96.44 8.16 -27.95
C UNK AA 1 -96.19 7.65 -26.53
N UNK AA 2 -94.97 7.88 -26.04
CA UNK AA 2 -94.63 7.48 -24.68
C UNK AA 2 -95.28 8.42 -23.67
N UNK AA 3 -95.26 8.01 -22.41
CA UNK AA 3 -95.88 8.79 -21.35
C UNK AA 3 -95.15 8.55 -20.04
N UNK AA 4 -95.37 9.47 -19.10
CA UNK AA 4 -94.80 9.37 -17.77
C UNK AA 4 -95.52 8.31 -16.95
N UNK AA 5 -94.89 7.89 -15.86
CA UNK AA 5 -95.40 6.80 -15.04
C UNK AA 5 -96.32 7.36 -13.95
N UNK AA 6 -97.57 7.62 -14.35
CA UNK AA 6 -98.61 7.98 -13.40
C UNK AA 6 -99.92 7.25 -13.62
N UNK AA 7 -100.17 6.71 -14.82
CA UNK AA 7 -101.34 5.88 -15.06
C UNK AA 7 -101.02 4.40 -15.10
N UNK AA 8 -99.75 4.04 -15.29
CA UNK AA 8 -99.34 2.64 -15.21
C UNK AA 8 -99.07 2.19 -13.78
N UNK AA 9 -98.95 3.13 -12.84
CA UNK AA 9 -98.85 2.80 -11.42
C UNK AA 9 -100.21 2.83 -10.73
N UNK AA 10 -101.20 3.48 -11.32
CA UNK AA 10 -102.56 3.46 -10.81
C UNK AA 10 -103.30 2.22 -11.29
N UNK AA 11 -104.62 2.23 -11.21
CA UNK AA 11 -105.42 1.07 -11.59
C UNK AA 11 -105.14 0.63 -13.02
N UNK AA 12 -104.69 1.54 -13.89
CA UNK AA 12 -104.33 1.23 -15.27
C UNK AA 12 -105.52 0.61 -16.00
N UNK AA 13 -106.59 1.39 -16.09
CA UNK AA 13 -107.85 0.93 -16.66
C UNK AA 13 -108.12 1.63 -17.99
N UNK AA 14 -109.29 1.34 -18.55
CA UNK AA 14 -109.74 1.90 -19.80
C UNK AA 14 -110.90 2.85 -19.56
N UNK AA 15 -111.49 3.35 -20.65
CA UNK AA 15 -112.62 4.27 -20.56
C UNK AA 15 -113.82 3.61 -19.89
N UNK BA 1 -85.67 44.34 3.32
CA UNK BA 1 -86.00 43.17 2.51
C UNK BA 1 -85.09 41.99 2.84
N UNK BA 2 -85.44 40.82 2.31
CA UNK BA 2 -84.68 39.59 2.54
C UNK BA 2 -84.56 39.29 4.03
N UNK BA 3 -85.72 39.10 4.66
CA UNK BA 3 -85.78 38.87 6.10
C UNK BA 3 -85.45 37.41 6.41
N UNK BA 4 -85.64 37.00 7.66
CA UNK BA 4 -85.34 35.64 8.07
C UNK BA 4 -86.33 34.66 7.45
N UNK BA 5 -86.03 33.37 7.59
CA UNK BA 5 -86.81 32.32 6.94
C UNK BA 5 -87.82 31.74 7.93
N UNK BA 6 -88.84 32.55 8.21
CA UNK BA 6 -90.00 32.08 8.97
C UNK BA 6 -91.32 32.32 8.26
N UNK BA 7 -91.34 33.13 7.19
CA UNK BA 7 -92.52 33.30 6.37
C UNK BA 7 -92.45 32.52 5.07
N UNK BA 8 -91.26 32.30 4.52
CA UNK BA 8 -91.12 31.46 3.34
C UNK BA 8 -91.40 30.00 3.67
N UNK BA 9 -91.05 29.55 4.87
CA UNK BA 9 -91.39 28.21 5.31
C UNK BA 9 -92.85 28.08 5.70
N UNK BA 10 -93.54 29.19 5.87
CA UNK BA 10 -94.97 29.20 6.14
C UNK BA 10 -95.73 29.17 4.82
N UNK BA 11 -97.04 29.42 4.88
CA UNK BA 11 -97.87 29.37 3.68
C UNK BA 11 -97.52 30.46 2.66
N UNK BA 12 -96.81 31.52 3.07
CA UNK BA 12 -96.43 32.61 2.18
C UNK BA 12 -97.65 33.26 1.54
N UNK BA 13 -98.46 33.88 2.39
CA UNK BA 13 -99.73 34.48 1.98
C UNK BA 13 -99.76 35.96 2.33
N UNK BA 14 -100.92 36.59 2.12
CA UNK BA 14 -101.10 38.00 2.34
C UNK BA 14 -102.47 38.23 2.96
N UNK BA 15 -102.90 39.49 2.99
CA UNK BA 15 -104.19 39.86 3.55
C UNK BA 15 -105.22 40.10 2.45
N UNK CA 1 -97.05 -34.51 -8.51
CA UNK CA 1 -97.73 -34.06 -7.30
C UNK CA 1 -96.81 -33.18 -6.45
N UNK CA 2 -97.15 -33.05 -5.17
CA UNK CA 2 -96.42 -32.20 -4.22
C UNK CA 2 -96.34 -30.77 -4.74
N UNK CA 3 -97.51 -30.16 -4.88
CA UNK CA 3 -97.63 -28.83 -5.48
C UNK CA 3 -97.14 -27.77 -4.50
N UNK CA 4 -97.35 -26.50 -4.84
CA UNK CA 4 -96.88 -25.41 -4.00
C UNK CA 4 -97.60 -25.41 -2.66
N UNK CA 5 -96.91 -24.89 -1.64
CA UNK CA 5 -97.42 -24.91 -0.27
C UNK CA 5 -98.41 -23.77 -0.07
N UNK CA 6 -99.63 -23.97 -0.55
CA UNK CA 6 -100.73 -23.06 -0.30
C UNK CA 6 -101.99 -23.74 0.19
N UNK CA 7 -102.03 -25.07 0.19
CA UNK CA 7 -103.13 -25.82 0.79
C UNK CA 7 -102.79 -26.41 2.14
N UNK CA 8 -101.49 -26.66 2.40
CA UNK CA 8 -101.07 -27.12 3.71
C UNK CA 8 -101.02 -26.01 4.74
N UNK CA 9 -100.96 -24.75 4.30
CA UNK CA 9 -101.02 -23.64 5.24
C UNK CA 9 -102.44 -23.43 5.77
N UNK CA 10 -103.44 -23.80 4.99
CA UNK CA 10 -104.83 -23.75 5.43
C UNK CA 10 -105.14 -24.98 6.28
N UNK CA 11 -106.42 -25.26 6.50
CA UNK CA 11 -106.81 -26.35 7.38
C UNK CA 11 -106.40 -27.71 6.84
N UNK CA 12 -106.15 -27.84 5.53
CA UNK CA 12 -105.77 -29.11 4.92
C UNK CA 12 -106.84 -30.18 5.16
N UNK CA 13 -108.01 -29.94 4.59
CA UNK CA 13 -109.19 -30.76 4.82
C UNK CA 13 -109.77 -31.25 3.50
N UNK CA 14 -110.96 -31.84 3.57
CA UNK CA 14 -111.66 -32.40 2.43
C UNK CA 14 -113.08 -31.82 2.37
N UNK CA 15 -113.90 -32.42 1.50
CA UNK CA 15 -115.29 -31.99 1.36
C UNK CA 15 -116.24 -33.18 1.47
N UNK DA 1 -90.37 -35.37 39.82
CA UNK DA 1 -91.10 -35.32 38.55
C UNK DA 1 -92.33 -34.44 38.68
N UNK DA 2 -93.27 -34.64 37.77
CA UNK DA 2 -94.53 -33.89 37.75
C UNK DA 2 -94.28 -32.39 37.74
N UNK DA 3 -93.31 -31.96 36.94
CA UNK DA 3 -92.91 -30.56 36.84
C UNK DA 3 -93.10 -30.11 35.40
N UNK DA 4 -94.32 -29.70 35.08
CA UNK DA 4 -94.62 -29.09 33.78
C UNK DA 4 -95.49 -27.88 34.08
N UNK DA 5 -95.00 -26.69 33.74
CA UNK DA 5 -95.62 -25.45 34.19
C UNK DA 5 -96.91 -25.22 33.41
N UNK DA 6 -97.97 -25.90 33.85
CA UNK DA 6 -99.31 -25.62 33.35
C UNK DA 6 -100.36 -25.54 34.44
N UNK DA 7 -100.07 -25.98 35.66
CA UNK DA 7 -100.95 -25.81 36.80
C UNK DA 7 -100.48 -24.73 37.76
N UNK DA 8 -99.16 -24.56 37.90
CA UNK DA 8 -98.65 -23.47 38.72
C UNK DA 8 -98.97 -22.12 38.11
N UNK DA 9 -98.95 -22.01 36.78
CA UNK DA 9 -99.38 -20.77 36.14
C UNK DA 9 -100.87 -20.57 36.29
N UNK DA 10 -101.63 -21.65 36.43
CA UNK DA 10 -103.07 -21.57 36.60
C UNK DA 10 -103.38 -21.23 38.06
N UNK DA 11 -104.65 -21.39 38.45
CA UNK DA 11 -105.07 -21.01 39.79
C UNK DA 11 -104.48 -21.90 40.87
N UNK DA 12 -104.03 -23.10 40.52
CA UNK DA 12 -103.50 -24.07 41.49
C UNK DA 12 -104.56 -24.42 42.54
N UNK DA 13 -105.65 -25.00 42.07
CA UNK DA 13 -106.78 -25.38 42.91
C UNK DA 13 -106.77 -26.89 43.17
N UNK DA 14 -107.86 -27.38 43.76
CA UNK DA 14 -108.00 -28.80 44.07
C UNK DA 14 -109.47 -29.18 43.98
N UNK DA 15 -109.76 -30.43 44.36
CA UNK DA 15 -111.11 -30.97 44.38
C UNK DA 15 -111.83 -30.81 43.04
N UNK EA 1 -92.35 6.72 62.83
CA UNK EA 1 -91.58 6.01 61.81
C UNK EA 1 -92.28 6.10 60.46
N UNK EA 2 -91.53 6.53 59.44
CA UNK EA 2 -92.08 6.61 58.10
C UNK EA 2 -92.47 5.23 57.60
N UNK EA 3 -93.58 5.17 56.87
CA UNK EA 3 -94.14 3.92 56.39
C UNK EA 3 -94.13 3.88 54.86
N UNK EA 4 -94.60 2.77 54.31
CA UNK EA 4 -94.65 2.61 52.87
C UNK EA 4 -95.66 3.58 52.26
N UNK EA 5 -95.44 3.94 51.00
CA UNK EA 5 -96.28 4.91 50.31
C UNK EA 5 -97.52 4.21 49.79
N UNK EA 6 -98.53 4.08 50.66
CA UNK EA 6 -99.83 3.54 50.28
C UNK EA 6 -100.99 4.43 50.69
N UNK EA 7 -100.83 5.30 51.69
CA UNK EA 7 -101.84 6.28 52.05
C UNK EA 7 -101.51 7.67 51.54
N UNK EA 8 -100.25 7.95 51.19
CA UNK EA 8 -99.91 9.24 50.61
C UNK EA 8 -100.47 9.39 49.21
N UNK EA 9 -100.55 8.29 48.45
CA UNK EA 9 -101.17 8.30 47.14
C UNK EA 9 -102.69 8.21 47.19
N UNK EA 10 -103.25 7.84 48.34
CA UNK EA 10 -104.69 7.82 48.54
C UNK EA 10 -105.19 9.21 48.94
N UNK EA 11 -106.40 9.29 49.47
CA UNK EA 11 -106.96 10.58 49.89
C UNK EA 11 -106.11 11.24 50.97
N UNK EA 12 -105.29 10.48 51.69
CA UNK EA 12 -104.37 11.03 52.69
C UNK EA 12 -105.11 11.78 53.79
N UNK EA 13 -105.91 11.03 54.55
CA UNK EA 13 -106.66 11.59 55.67
C UNK EA 13 -106.82 10.51 56.74
N UNK EA 14 -107.69 10.78 57.70
CA UNK EA 14 -107.97 9.83 58.78
C UNK EA 14 -109.31 10.18 59.40
N UNK EA 15 -109.84 9.22 60.15
CA UNK EA 15 -111.12 9.43 60.84
C UNK EA 15 -110.89 10.08 62.21
N GLY FA 1 -122.04 -16.82 -15.47
CA GLY FA 1 -120.86 -16.44 -16.20
C GLY FA 1 -120.14 -15.26 -15.57
N VAL FA 2 -120.87 -14.15 -15.40
CA VAL FA 2 -120.28 -12.97 -14.78
C VAL FA 2 -119.94 -13.30 -13.33
N PRO FA 3 -118.76 -12.90 -12.84
CA PRO FA 3 -118.39 -13.24 -11.46
C PRO FA 3 -119.39 -12.66 -10.46
N GLY FA 4 -119.66 -13.44 -9.41
CA GLY FA 4 -120.59 -13.04 -8.38
C GLY FA 4 -122.02 -13.45 -8.63
N ALA FA 5 -122.33 -13.98 -9.81
CA ALA FA 5 -123.69 -14.41 -10.13
C ALA FA 5 -123.91 -15.84 -9.65
N LEU FA 6 -125.12 -16.35 -9.89
CA LEU FA 6 -125.51 -17.67 -9.44
C LEU FA 6 -125.69 -18.59 -10.64
N SER FA 7 -125.03 -19.74 -10.59
CA SER FA 7 -125.14 -20.75 -11.64
C SER FA 7 -125.21 -22.12 -10.99
N ASN FA 8 -126.10 -22.97 -11.53
CA ASN FA 8 -126.32 -24.28 -10.93
C ASN FA 8 -125.19 -25.27 -11.21
N GLN FA 9 -124.22 -24.91 -12.05
CA GLN FA 9 -123.12 -25.80 -12.36
C GLN FA 9 -121.95 -25.51 -11.43
N PRO FA 10 -121.51 -26.46 -10.61
CA PRO FA 10 -120.33 -26.23 -9.76
C PRO FA 10 -119.09 -26.01 -10.60
N ALA FA 11 -118.20 -25.14 -10.13
CA ALA FA 11 -117.00 -24.82 -10.87
C ALA FA 11 -116.04 -26.01 -10.87
N PRO FA 12 -115.30 -26.22 -11.95
CA PRO FA 12 -114.31 -27.29 -11.95
C PRO FA 12 -113.19 -26.99 -10.99
N PRO FA 13 -112.53 -28.02 -10.47
CA PRO FA 13 -111.45 -27.78 -9.49
C PRO FA 13 -110.29 -27.02 -10.10
N ASN FA 14 -109.61 -26.25 -9.25
CA ASN FA 14 -108.47 -25.43 -9.65
C ASN FA 14 -107.19 -26.19 -9.34
N GLU FA 15 -106.28 -26.24 -10.32
CA GLU FA 15 -105.02 -26.94 -10.17
C GLU FA 15 -103.88 -26.05 -10.67
N ALA FA 16 -102.70 -26.26 -10.10
CA ALA FA 16 -101.52 -25.46 -10.43
C ALA FA 16 -100.33 -26.38 -10.66
N PRO FA 17 -100.28 -27.04 -11.82
CA PRO FA 17 -99.15 -27.94 -12.08
C PRO FA 17 -97.84 -27.18 -12.18
N ILE FA 18 -96.78 -27.81 -11.68
CA ILE FA 18 -95.46 -27.18 -11.70
C ILE FA 18 -94.92 -27.10 -13.13
N ALA FA 19 -95.04 -28.20 -13.87
CA ALA FA 19 -94.53 -28.27 -15.23
C ALA FA 19 -95.53 -29.01 -16.10
N THR FA 20 -95.70 -28.53 -17.33
CA THR FA 20 -96.63 -29.17 -18.26
C THR FA 20 -96.06 -30.52 -18.70
N PRO FA 21 -96.82 -31.62 -18.56
CA PRO FA 21 -96.37 -32.96 -18.92
C PRO FA 21 -96.14 -33.12 -20.43
N GLY GA 1 -102.89 42.83 27.87
CA GLY GA 1 -102.21 42.48 29.10
C GLY GA 1 -101.75 41.04 29.14
N VAL GA 2 -102.45 40.22 29.91
CA VAL GA 2 -102.12 38.80 29.99
C VAL GA 2 -102.39 38.14 28.65
N PRO GA 3 -101.47 37.33 28.13
CA PRO GA 3 -101.73 36.67 26.84
C PRO GA 3 -102.95 35.77 26.91
N GLY GA 4 -103.68 35.70 25.80
CA GLY GA 4 -104.89 34.92 25.72
C GLY GA 4 -106.16 35.63 26.14
N ALA GA 5 -106.06 36.88 26.61
CA ALA GA 5 -107.23 37.64 27.01
C ALA GA 5 -107.87 38.27 25.77
N LEU GA 6 -108.81 39.18 25.99
CA LEU GA 6 -109.54 39.84 24.91
C LEU GA 6 -109.11 41.30 24.83
N SER GA 7 -108.79 41.75 23.62
CA SER GA 7 -108.37 43.13 23.37
C SER GA 7 -109.22 43.72 22.27
N ASN GA 8 -109.40 45.04 22.32
CA ASN GA 8 -110.20 45.72 21.31
C ASN GA 8 -109.38 46.21 20.12
N GLN GA 9 -108.06 46.14 20.19
CA GLN GA 9 -107.21 46.66 19.11
C GLN GA 9 -106.15 45.64 18.74
N PRO GA 10 -105.76 45.59 17.48
CA PRO GA 10 -104.74 44.63 17.06
C PRO GA 10 -103.36 45.02 17.55
N ALA GA 11 -102.50 44.02 17.69
CA ALA GA 11 -101.11 44.28 18.01
C ALA GA 11 -100.40 44.86 16.79
N PRO GA 12 -99.34 45.64 17.01
CA PRO GA 12 -98.59 46.17 15.88
C PRO GA 12 -97.95 45.05 15.08
N PRO GA 13 -97.76 45.25 13.78
CA PRO GA 13 -97.19 44.18 12.95
C PRO GA 13 -95.77 43.82 13.38
N ASN GA 14 -95.42 42.55 13.18
CA ASN GA 14 -94.13 42.04 13.57
C ASN GA 14 -93.10 42.22 12.47
N GLU GA 15 -91.85 42.43 12.87
CA GLU GA 15 -90.75 42.54 11.93
C GLU GA 15 -89.47 42.04 12.60
N ALA GA 16 -88.54 41.58 11.77
CA ALA GA 16 -87.25 41.04 12.24
C ALA GA 16 -86.14 41.68 11.44
N PRO GA 17 -85.70 42.88 11.84
CA PRO GA 17 -84.66 43.58 11.09
C PRO GA 17 -83.32 42.84 11.19
N ILE GA 18 -82.75 42.52 10.02
CA ILE GA 18 -81.43 41.89 10.00
C ILE GA 18 -80.38 42.86 10.56
N ALA GA 19 -80.44 44.11 10.14
CA ALA GA 19 -79.54 45.15 10.62
C ALA GA 19 -80.35 46.37 11.03
N THR GA 20 -79.90 47.03 12.08
CA THR GA 20 -80.63 48.19 12.60
C THR GA 20 -80.61 49.32 11.57
N PRO GA 21 -81.72 50.06 11.43
CA PRO GA 21 -81.79 51.19 10.50
C PRO GA 21 -81.03 52.42 11.00
N GLY HA 1 -114.28 27.85 -12.41
CA GLY HA 1 -114.38 28.75 -11.27
C GLY HA 1 -113.59 28.27 -10.08
N VAL HA 2 -114.16 28.47 -8.89
CA VAL HA 2 -113.50 28.03 -7.66
C VAL HA 2 -113.44 26.50 -7.64
N PRO HA 3 -112.35 25.89 -7.19
CA PRO HA 3 -112.31 24.43 -7.09
C PRO HA 3 -113.36 23.93 -6.12
N GLY HA 4 -113.94 22.77 -6.45
CA GLY HA 4 -114.97 22.17 -5.64
C GLY HA 4 -116.37 22.61 -5.97
N ALA HA 5 -116.54 23.59 -6.84
CA ALA HA 5 -117.87 24.03 -7.24
C ALA HA 5 -118.42 23.11 -8.32
N LEU HA 6 -119.59 23.45 -8.84
CA LEU HA 6 -120.24 22.67 -9.88
C LEU HA 6 -120.28 23.46 -11.18
N SER HA 7 -120.10 22.74 -12.31
CA SER HA 7 -120.09 23.35 -13.67
C SER HA 7 -120.74 22.43 -14.70
N ASN HA 8 -121.36 23.02 -15.74
CA ASN HA 8 -122.13 22.31 -16.80
C ASN HA 8 -121.31 21.36 -17.69
N GLN HA 9 -120.11 21.75 -18.13
CA GLN HA 9 -119.34 20.87 -19.07
C GLN HA 9 -118.07 20.33 -18.41
N PRO HA 10 -117.66 19.08 -18.75
CA PRO HA 10 -116.49 18.43 -18.14
C PRO HA 10 -115.12 19.09 -18.33
N ALA HA 11 -114.16 18.68 -17.50
CA ALA HA 11 -112.79 19.16 -17.55
C ALA HA 11 -112.07 18.64 -18.79
N PRO HA 12 -111.15 19.42 -19.34
CA PRO HA 12 -110.38 18.97 -20.50
C PRO HA 12 -109.41 17.87 -20.12
N PRO HA 13 -108.98 17.04 -21.07
CA PRO HA 13 -108.02 15.98 -20.74
C PRO HA 13 -106.70 16.55 -20.26
N ASN HA 14 -106.04 15.79 -19.38
CA ASN HA 14 -104.76 16.18 -18.82
C ASN HA 14 -103.64 15.39 -19.50
N GLU HA 15 -102.58 16.09 -19.90
CA GLU HA 15 -101.46 15.46 -20.59
C GLU HA 15 -100.16 15.89 -19.95
N ALA HA 16 -99.16 15.01 -20.05
CA ALA HA 16 -97.82 15.27 -19.50
C ALA HA 16 -96.80 15.04 -20.61
N PRO HA 17 -96.58 16.04 -21.46
CA PRO HA 17 -95.62 15.86 -22.57
C PRO HA 17 -94.19 15.82 -22.06
N ILE HA 18 -93.44 14.81 -22.49
CA ILE HA 18 -92.03 14.69 -22.09
C ILE HA 18 -91.21 15.82 -22.71
N ALA HA 19 -91.51 16.17 -23.96
CA ALA HA 19 -90.82 17.27 -24.63
C ALA HA 19 -91.80 17.96 -25.56
N THR HA 20 -91.86 19.27 -25.49
CA THR HA 20 -92.80 20.03 -26.32
C THR HA 20 -92.30 20.04 -27.76
N PRO HA 21 -93.13 19.61 -28.73
CA PRO HA 21 -92.79 19.59 -30.15
C PRO HA 21 -92.47 20.98 -30.70
N GLY IA 1 -114.20 -14.61 61.08
CA GLY IA 1 -115.22 -14.80 60.08
C GLY IA 1 -114.67 -14.96 58.68
N VAL IA 2 -115.43 -15.64 57.82
CA VAL IA 2 -115.02 -15.88 56.43
C VAL IA 2 -115.05 -14.55 55.69
N PRO IA 3 -114.18 -14.35 54.69
CA PRO IA 3 -114.16 -13.06 53.98
C PRO IA 3 -115.49 -12.77 53.30
N GLY IA 4 -115.86 -11.50 53.29
CA GLY IA 4 -117.09 -11.05 52.67
C GLY IA 4 -118.34 -11.25 53.50
N ALA IA 5 -118.22 -11.77 54.72
CA ALA IA 5 -119.38 -12.02 55.57
C ALA IA 5 -119.62 -10.81 56.46
N LEU IA 6 -120.54 -10.96 57.41
CA LEU IA 6 -120.83 -9.91 58.39
C LEU IA 6 -120.16 -10.24 59.72
N SER IA 7 -119.89 -9.19 60.50
CA SER IA 7 -119.23 -9.34 61.77
C SER IA 7 -119.66 -8.21 62.70
N ASN IA 8 -119.45 -8.43 64.00
CA ASN IA 8 -119.85 -7.46 65.01
C ASN IA 8 -118.69 -6.70 65.61
N GLN IA 9 -117.45 -7.01 65.23
CA GLN IA 9 -116.28 -6.36 65.79
C GLN IA 9 -115.43 -5.78 64.66
N PRO IA 10 -115.00 -4.52 64.80
CA PRO IA 10 -114.17 -3.91 63.76
C PRO IA 10 -112.81 -4.57 63.65
N ALA IA 11 -112.27 -4.53 62.44
CA ALA IA 11 -110.97 -5.11 62.19
C ALA IA 11 -109.87 -4.27 62.84
N PRO IA 12 -108.79 -4.91 63.29
CA PRO IA 12 -107.69 -4.14 63.89
C PRO IA 12 -107.00 -3.29 62.84
N PRO IA 13 -106.36 -2.20 63.24
CA PRO IA 13 -105.68 -1.34 62.28
C PRO IA 13 -104.51 -2.05 61.61
N ASN IA 14 -104.21 -1.59 60.40
CA ASN IA 14 -103.10 -2.12 59.62
C ASN IA 14 -101.87 -1.25 59.84
N GLU IA 15 -100.74 -1.89 60.11
CA GLU IA 15 -99.51 -1.17 60.47
C GLU IA 15 -98.48 -1.18 59.34
N ALA IA 16 -98.09 -2.36 58.85
CA ALA IA 16 -97.08 -2.52 57.82
C ALA IA 16 -95.79 -1.79 58.19
N PRO IA 17 -95.05 -2.26 59.19
CA PRO IA 17 -93.82 -1.58 59.60
C PRO IA 17 -92.66 -1.86 58.66
N ILE IA 18 -91.73 -0.90 58.63
CA ILE IA 18 -90.55 -1.06 57.78
C ILE IA 18 -89.64 -2.15 58.33
N ALA IA 19 -89.38 -2.14 59.63
CA ALA IA 19 -88.53 -3.13 60.27
C ALA IA 19 -88.94 -3.29 61.72
N THR IA 20 -89.15 -4.53 62.14
CA THR IA 20 -89.59 -4.78 63.51
C THR IA 20 -88.46 -4.49 64.48
N PRO IA 21 -88.77 -3.92 65.66
CA PRO IA 21 -87.77 -3.59 66.69
C PRO IA 21 -87.08 -4.83 67.24
N ALA JA 2 -126.14 28.30 11.85
CA ALA JA 2 -124.78 28.83 11.91
C ALA JA 2 -123.78 27.74 12.24
N LEU JA 3 -124.22 26.48 12.11
CA LEU JA 3 -123.38 25.34 12.42
C LEU JA 3 -123.07 24.47 11.21
N LEU JA 4 -123.66 24.76 10.05
CA LEU JA 4 -123.34 24.01 8.84
C LEU JA 4 -122.17 24.62 8.07
N ASN JA 5 -121.72 25.82 8.46
CA ASN JA 5 -120.53 26.40 7.85
C ASN JA 5 -119.25 25.79 8.39
N ILE JA 6 -119.33 25.04 9.49
CA ILE JA 6 -118.15 24.40 10.04
C ILE JA 6 -117.59 23.39 9.05
N PHE JA 7 -118.47 22.63 8.40
CA PHE JA 7 -118.04 21.67 7.39
C PHE JA 7 -117.33 22.37 6.25
N ASP JA 8 -117.87 23.50 5.79
CA ASP JA 8 -117.24 24.24 4.70
C ASP JA 8 -115.87 24.74 5.11
N ILE JA 9 -115.76 25.30 6.32
CA ILE JA 9 -114.47 25.83 6.78
C ILE JA 9 -113.44 24.71 6.88
N ALA JA 10 -113.83 23.59 7.50
CA ALA JA 10 -112.89 22.49 7.66
C ALA JA 10 -112.51 21.87 6.33
N GLY JA 11 -113.45 21.75 5.40
CA GLY JA 11 -113.13 21.22 4.09
C GLY JA 11 -112.18 22.13 3.33
N SER JA 12 -112.38 23.45 3.43
CA SER JA 12 -111.46 24.38 2.81
C SER JA 12 -110.07 24.25 3.40
N ALA JA 13 -109.98 24.11 4.73
CA ALA JA 13 -108.68 23.92 5.36
C ALA JA 13 -108.01 22.63 4.89
N LEU JA 14 -108.78 21.55 4.78
CA LEU JA 14 -108.23 20.29 4.33
C LEU JA 14 -107.71 20.40 2.90
N ALA JA 15 -108.49 21.05 2.02
CA ALA JA 15 -108.06 21.20 0.64
C ALA JA 15 -106.80 22.05 0.54
N ALA JA 16 -106.74 23.15 1.29
CA ALA JA 16 -105.56 23.99 1.26
C ALA JA 16 -104.33 23.25 1.74
N GLN JA 17 -104.46 22.49 2.83
CA GLN JA 17 -103.32 21.74 3.33
C GLN JA 17 -102.89 20.66 2.35
N SER JA 18 -103.84 20.00 1.69
CA SER JA 18 -103.49 19.00 0.69
C SER JA 18 -102.75 19.64 -0.48
N LYS JA 19 -103.19 20.82 -0.92
CA LYS JA 19 -102.49 21.51 -1.99
C LYS JA 19 -101.07 21.89 -1.59
N ARG JA 20 -100.89 22.37 -0.36
CA ARG JA 20 -99.56 22.71 0.10
C ARG JA 20 -98.67 21.47 0.16
N LEU JA 21 -99.22 20.35 0.63
CA LEU JA 21 -98.46 19.12 0.66
C LEU JA 21 -98.07 18.66 -0.74
N ASN JA 22 -98.99 18.78 -1.70
CA ASN JA 22 -98.67 18.42 -3.08
C ASN JA 22 -97.55 19.29 -3.63
N VAL JA 23 -97.59 20.59 -3.36
CA VAL JA 23 -96.55 21.48 -3.84
C VAL JA 23 -95.20 21.11 -3.22
N ALA JA 24 -95.19 20.82 -1.92
CA ALA JA 24 -93.94 20.42 -1.27
C ALA JA 24 -93.41 19.12 -1.86
N ALA JA 25 -94.29 18.16 -2.11
CA ALA JA 25 -93.85 16.90 -2.71
C ALA JA 25 -93.29 17.11 -4.11
N SER JA 26 -93.93 17.99 -4.89
CA SER JA 26 -93.42 18.29 -6.22
C SER JA 26 -92.04 18.93 -6.16
N ASN JA 27 -91.83 19.86 -5.22
CA ASN JA 27 -90.51 20.45 -5.07
C ASN JA 27 -89.47 19.41 -4.70
N LEU JA 28 -89.81 18.54 -3.75
CA LEU JA 28 -88.85 17.51 -3.34
C LEU JA 28 -88.53 16.58 -4.50
N ALA JA 29 -89.52 16.21 -5.29
CA ALA JA 29 -89.29 15.33 -6.44
C ALA JA 29 -88.40 16.00 -7.47
N ASN JA 30 -88.69 17.26 -7.81
CA ASN JA 30 -87.95 17.97 -8.85
C ASN JA 30 -86.83 18.82 -8.28
N ALA JA 31 -86.30 18.45 -7.12
CA ALA JA 31 -85.17 19.17 -6.55
C ALA JA 31 -83.98 19.23 -7.50
N ASP JA 32 -83.79 18.21 -8.33
CA ASP JA 32 -82.64 18.11 -9.22
C ASP JA 32 -83.07 17.92 -10.67
N SER JA 33 -84.02 18.71 -11.12
CA SER JA 33 -84.47 18.66 -12.51
C SER JA 33 -83.68 19.67 -13.32
N VAL JA 34 -82.91 19.18 -14.30
CA VAL JA 34 -82.05 20.06 -15.08
C VAL JA 34 -82.88 20.95 -15.99
N THR JA 35 -83.96 20.43 -16.57
CA THR JA 35 -84.77 21.20 -17.50
C THR JA 35 -86.19 20.66 -17.52
N GLY JA 36 -87.09 21.48 -18.04
CA GLY JA 36 -88.46 21.07 -18.25
C GLY JA 36 -88.71 20.70 -19.70
N PRO JA 37 -89.97 20.72 -20.11
CA PRO JA 37 -90.30 20.36 -21.50
C PRO JA 37 -89.79 21.38 -22.50
N ASP JA 38 -90.13 22.65 -22.28
CA ASP JA 38 -89.76 23.69 -23.24
C ASP JA 38 -88.25 23.89 -23.27
N GLY JA 39 -87.59 23.84 -22.12
CA GLY JA 39 -86.16 24.04 -22.06
C GLY JA 39 -85.74 24.92 -20.90
N GLN JA 40 -86.67 25.72 -20.40
CA GLN JA 40 -86.37 26.60 -19.28
C GLN JA 40 -86.10 25.76 -18.03
N PRO JA 41 -85.16 26.17 -17.18
CA PRO JA 41 -84.88 25.41 -15.96
C PRO JA 41 -86.06 25.42 -15.02
N TYR JA 42 -86.18 24.34 -14.25
CA TYR JA 42 -87.26 24.25 -13.27
C TYR JA 42 -87.08 25.30 -12.19
N ARG JA 43 -88.19 25.85 -11.73
CA ARG JA 43 -88.21 26.86 -10.69
C ARG JA 43 -89.16 26.42 -9.59
N ALA JA 44 -88.73 26.59 -8.35
CA ALA JA 44 -89.55 26.17 -7.22
C ALA JA 44 -90.86 26.93 -7.17
N LYS JA 45 -91.93 26.24 -6.78
CA LYS JA 45 -93.26 26.83 -6.71
C LYS JA 45 -93.78 26.72 -5.29
N GLN JA 46 -94.72 27.59 -4.95
CA GLN JA 46 -95.37 27.55 -3.64
C GLN JA 46 -96.69 28.28 -3.71
N VAL JA 47 -97.60 27.91 -2.80
CA VAL JA 47 -98.96 28.45 -2.80
C VAL JA 47 -99.01 29.78 -2.07
N VAL JA 48 -100.13 30.49 -2.21
CA VAL JA 48 -100.38 31.75 -1.52
C VAL JA 48 -101.78 31.68 -0.92
N PHE JA 49 -101.85 31.56 0.40
CA PHE JA 49 -103.14 31.42 1.06
C PHE JA 49 -103.89 32.75 1.09
N GLN JA 50 -105.18 32.66 1.41
CA GLN JA 50 -106.04 33.83 1.55
C GLN JA 50 -107.14 33.49 2.54
N VAL JA 51 -107.72 34.53 3.12
CA VAL JA 51 -108.84 34.35 4.05
C VAL JA 51 -110.13 34.28 3.24
N ASP JA 52 -110.83 33.15 3.36
CA ASP JA 52 -112.05 32.92 2.57
C ASP JA 52 -113.28 33.46 3.33
N ALA JA 53 -113.30 34.77 3.49
CA ALA JA 53 -114.38 35.45 4.18
C ALA JA 53 -115.33 36.05 3.15
N ALA JA 54 -116.63 35.79 3.32
CA ALA JA 54 -117.64 36.33 2.42
C ALA JA 54 -117.84 37.82 2.64
N ALA JA 58 -115.58 39.82 9.76
CA ALA JA 58 -115.97 38.62 9.02
C ALA JA 58 -114.76 37.75 8.73
N THR JA 59 -114.77 36.53 9.29
CA THR JA 59 -113.71 35.56 9.08
C THR JA 59 -114.32 34.20 8.79
N GLY JA 60 -113.58 33.39 8.06
CA GLY JA 60 -114.03 32.05 7.69
C GLY JA 60 -112.84 31.15 7.45
N GLY JA 61 -113.00 30.22 6.51
CA GLY JA 61 -111.95 29.26 6.22
C GLY JA 61 -110.80 29.88 5.46
N VAL JA 62 -109.79 29.05 5.21
CA VAL JA 62 -108.64 29.45 4.44
C VAL JA 62 -108.86 29.05 2.98
N LYS JA 63 -108.23 29.79 2.07
CA LYS JA 63 -108.42 29.54 0.64
C LYS JA 63 -107.12 29.85 -0.08
N VAL JA 64 -106.74 28.99 -1.02
CA VAL JA 64 -105.53 29.15 -1.80
C VAL JA 64 -105.83 30.06 -2.98
N ALA JA 65 -105.11 31.18 -3.06
CA ALA JA 65 -105.36 32.14 -4.14
C ALA JA 65 -104.79 31.65 -5.46
N SER JA 66 -103.49 31.34 -5.49
CA SER JA 66 -102.83 30.88 -6.70
C SER JA 66 -101.50 30.24 -6.29
N VAL JA 67 -100.72 29.86 -7.29
CA VAL JA 67 -99.40 29.28 -7.08
C VAL JA 67 -98.38 30.16 -7.79
N ILE JA 68 -97.33 30.54 -7.07
CA ILE JA 68 -96.32 31.45 -7.60
C ILE JA 68 -94.96 30.78 -7.52
N GLU JA 69 -94.11 31.09 -8.48
CA GLU JA 69 -92.73 30.63 -8.46
C GLU JA 69 -91.91 31.53 -7.56
N SER JA 70 -91.02 30.91 -6.78
CA SER JA 70 -90.22 31.64 -5.82
C SER JA 70 -89.35 32.67 -6.52
N GLN JA 71 -89.32 33.88 -5.97
CA GLN JA 71 -88.53 34.97 -6.53
C GLN JA 71 -87.05 34.86 -6.21
N ALA JA 72 -86.66 33.90 -5.37
CA ALA JA 72 -85.25 33.73 -5.06
C ALA JA 72 -84.48 33.34 -6.32
N PRO JA 73 -83.27 33.84 -6.50
CA PRO JA 73 -82.54 33.53 -7.74
C PRO JA 73 -82.13 32.07 -7.79
N GLU JA 74 -82.33 31.47 -8.96
CA GLU JA 74 -81.99 30.06 -9.14
C GLU JA 74 -80.48 29.87 -9.11
N LYS JA 75 -80.06 28.69 -8.70
CA LYS JA 75 -78.63 28.42 -8.65
C LYS JA 75 -78.10 28.21 -10.07
N LEU JA 76 -76.78 28.27 -10.21
CA LEU JA 76 -76.19 28.05 -11.52
C LEU JA 76 -74.85 27.35 -11.32
N VAL JA 77 -74.58 26.33 -12.14
CA VAL JA 77 -73.36 25.55 -12.03
C VAL JA 77 -72.64 25.58 -13.37
N TYR JA 78 -71.35 25.28 -13.33
CA TYR JA 78 -70.48 25.36 -14.50
C TYR JA 78 -70.49 24.03 -15.23
N GLU JA 79 -70.88 24.06 -16.51
CA GLU JA 79 -70.92 22.85 -17.32
C GLU JA 79 -70.88 23.22 -18.79
N PRO JA 80 -69.70 23.39 -19.38
CA PRO JA 80 -69.64 23.86 -20.77
C PRO JA 80 -70.04 22.82 -21.79
N GLY JA 81 -69.83 21.54 -21.49
CA GLY JA 81 -70.16 20.48 -22.44
C GLY JA 81 -71.62 20.08 -22.40
N ASN JA 82 -72.51 21.07 -22.24
CA ASN JA 82 -73.94 20.82 -22.16
C ASN JA 82 -74.62 21.86 -23.05
N PRO JA 83 -75.49 21.45 -23.96
CA PRO JA 83 -76.14 22.42 -24.86
C PRO JA 83 -77.02 23.43 -24.13
N LEU JA 84 -77.43 23.13 -22.90
CA LEU JA 84 -78.22 24.08 -22.13
C LEU JA 84 -77.40 25.26 -21.61
N ALA JA 85 -76.07 25.16 -21.62
CA ALA JA 85 -75.23 26.21 -21.07
C ALA JA 85 -75.31 27.47 -21.92
N ASP JA 86 -75.20 28.62 -21.26
CA ASP JA 86 -75.21 29.92 -21.93
C ASP JA 86 -73.81 30.24 -22.42
N ALA JA 87 -73.59 31.49 -22.82
CA ALA JA 87 -72.31 31.90 -23.37
C ALA JA 87 -71.17 31.76 -22.36
N ASN JA 88 -71.47 31.80 -21.07
CA ASN JA 88 -70.45 31.68 -20.03
C ASN JA 88 -70.30 30.25 -19.52
N GLY JA 89 -71.02 29.30 -20.11
CA GLY JA 89 -70.92 27.92 -19.66
C GLY JA 89 -71.59 27.65 -18.34
N TYR JA 90 -72.64 28.38 -18.01
CA TYR JA 90 -73.38 28.20 -16.77
C TYR JA 90 -74.78 27.68 -17.07
N VAL JA 91 -75.14 26.56 -16.45
CA VAL JA 91 -76.47 25.97 -16.58
C VAL JA 91 -77.22 26.19 -15.28
N LYS JA 92 -78.48 26.59 -15.40
CA LYS JA 92 -79.29 26.97 -14.25
C LYS JA 92 -79.96 25.76 -13.64
N MET JA 93 -79.97 25.71 -12.31
CA MET JA 93 -80.55 24.66 -11.50
C MET JA 93 -81.53 25.26 -10.51
N PRO JA 94 -82.58 24.52 -10.16
CA PRO JA 94 -83.63 25.09 -9.30
C PRO JA 94 -83.12 25.37 -7.89
N ASN JA 95 -83.75 26.34 -7.24
CA ASN JA 95 -83.42 26.73 -5.88
C ASN JA 95 -84.49 26.18 -4.95
N VAL JA 96 -84.25 24.99 -4.43
CA VAL JA 96 -85.18 24.32 -3.53
C VAL JA 96 -84.50 24.08 -2.20
N ASP JA 97 -85.20 24.39 -1.11
CA ASP JA 97 -84.70 24.16 0.24
C ASP JA 97 -85.30 22.85 0.74
N VAL JA 98 -84.47 21.81 0.79
CA VAL JA 98 -84.97 20.48 1.16
C VAL JA 98 -85.50 20.49 2.59
N VAL JA 99 -84.80 21.14 3.51
CA VAL JA 99 -85.28 21.25 4.88
C VAL JA 99 -86.58 22.02 4.93
N GLY JA 100 -86.69 23.07 4.12
CA GLY JA 100 -87.93 23.82 4.07
C GLY JA 100 -89.11 22.97 3.63
N GLU JA 101 -88.90 22.17 2.59
CA GLU JA 101 -89.96 21.28 2.13
C GLU JA 101 -90.30 20.24 3.17
N MET JA 102 -89.30 19.70 3.86
CA MET JA 102 -89.56 18.72 4.90
C MET JA 102 -90.43 19.30 6.01
N VAL JA 103 -90.05 20.46 6.54
CA VAL JA 103 -90.83 21.04 7.62
C VAL JA 103 -92.19 21.50 7.13
N ASN JA 104 -92.30 21.89 5.86
CA ASN JA 104 -93.61 22.20 5.30
C ASN JA 104 -94.50 20.97 5.30
N THR JA 105 -93.96 19.82 4.91
CA THR JA 105 -94.75 18.59 4.95
C THR JA 105 -95.17 18.26 6.38
N MET JA 106 -94.26 18.42 7.35
CA MET JA 106 -94.61 18.12 8.73
C MET JA 106 -95.74 19.02 9.23
N SER JA 107 -95.61 20.33 9.00
CA SER JA 107 -96.64 21.26 9.47
C SER JA 107 -97.97 21.01 8.77
N ALA JA 108 -97.92 20.74 7.46
CA ALA JA 108 -99.16 20.47 6.72
C ALA JA 108 -99.85 19.23 7.25
N SER JA 109 -99.08 18.17 7.53
CA SER JA 109 -99.68 16.96 8.09
C SER JA 109 -100.31 17.23 9.44
N ARG JA 110 -99.62 17.96 10.31
CA ARG JA 110 -100.17 18.23 11.63
C ARG JA 110 -101.44 19.07 11.55
N SER JA 111 -101.46 20.09 10.69
CA SER JA 111 -102.67 20.89 10.55
C SER JA 111 -103.80 20.07 9.96
N TYR JA 112 -103.48 19.16 9.03
CA TYR JA 112 -104.48 18.25 8.50
C TYR JA 112 -105.11 17.42 9.61
N GLN JA 113 -104.28 16.87 10.50
CA GLN JA 113 -104.81 16.08 11.60
C GLN JA 113 -105.70 16.92 12.51
N ALA JA 114 -105.26 18.14 12.82
CA ALA JA 114 -106.05 19.01 13.69
C ALA JA 114 -107.42 19.31 13.08
N ASN JA 115 -107.44 19.62 11.78
CA ASN JA 115 -108.71 19.88 11.13
C ASN JA 115 -109.60 18.64 11.10
N ILE JA 116 -109.01 17.46 10.91
CA ILE JA 116 -109.80 16.24 10.95
C ILE JA 116 -110.46 16.07 12.31
N GLU JA 117 -109.70 16.31 13.37
CA GLU JA 117 -110.27 16.18 14.71
C GLU JA 117 -111.38 17.19 14.95
N VAL JA 118 -111.19 18.43 14.50
CA VAL JA 118 -112.22 19.45 14.65
C VAL JA 118 -113.49 19.02 13.94
N LEU JA 119 -113.35 18.53 12.71
CA LEU JA 119 -114.51 18.10 11.94
C LEU JA 119 -115.22 16.95 12.61
N ASN JA 120 -114.45 16.00 13.15
CA ASN JA 120 -115.07 14.86 13.84
C ASN JA 120 -115.88 15.31 15.04
N THR JA 121 -115.30 16.20 15.87
CA THR JA 121 -116.01 16.66 17.05
C THR JA 121 -117.27 17.42 16.68
N VAL JA 122 -117.18 18.29 15.67
CA VAL JA 122 -118.35 19.06 15.25
C VAL JA 122 -119.43 18.14 14.69
N LYS JA 123 -119.03 17.11 13.95
CA LYS JA 123 -119.99 16.15 13.45
C LYS JA 123 -120.69 15.43 14.58
N SER JA 124 -119.94 15.06 15.62
CA SER JA 124 -120.56 14.40 16.76
C SER JA 124 -121.57 15.31 17.45
N MET JA 125 -121.21 16.58 17.64
CA MET JA 125 -122.14 17.51 18.29
C MET JA 125 -123.37 17.74 17.43
N MET JA 126 -123.21 17.87 16.12
CA MET JA 126 -124.35 18.02 15.23
C MET JA 126 -125.24 16.79 15.28
N LEU JA 127 -124.64 15.60 15.32
CA LEU JA 127 -125.42 14.37 15.40
C LEU JA 127 -126.24 14.32 16.68
N LYS JA 128 -125.63 14.72 17.79
CA LYS JA 128 -126.33 14.70 19.07
C LYS JA 128 -127.33 15.84 19.22
N THR JA 129 -127.23 16.88 18.39
CA THR JA 129 -128.18 17.99 18.47
C THR JA 129 -129.60 17.53 18.14
N LEU JA 130 -129.74 16.61 17.18
CA LEU JA 130 -131.05 16.17 16.72
C LEU JA 130 -131.83 15.41 17.77
N THR JA 131 -131.20 15.01 18.88
CA THR JA 131 -131.87 14.27 19.94
C THR JA 131 -132.58 15.17 20.94
N LEU JA 132 -132.92 16.39 20.52
CA LEU JA 132 -133.58 17.35 21.40
C LEU JA 132 -134.95 16.85 21.82
N ALA KA 2 -114.54 24.79 40.55
CA ALA KA 2 -115.63 24.90 39.60
C ALA KA 2 -115.70 23.67 38.71
N LEU KA 3 -114.73 22.77 38.89
CA LEU KA 3 -114.58 21.56 38.09
C LEU KA 3 -114.24 21.90 36.65
N LEU KA 4 -114.14 23.19 36.34
CA LEU KA 4 -113.78 23.66 35.01
C LEU KA 4 -112.46 24.42 35.01
N ASN KA 5 -111.93 24.77 36.18
CA ASN KA 5 -110.59 25.35 36.23
C ASN KA 5 -109.52 24.33 35.92
N ILE KA 6 -109.87 23.05 35.84
CA ILE KA 6 -108.90 22.03 35.42
C ILE KA 6 -108.42 22.32 34.00
N PHE KA 7 -109.34 22.69 33.11
CA PHE KA 7 -108.96 23.05 31.75
C PHE KA 7 -108.03 24.27 31.75
N ASP KA 8 -108.34 25.27 32.57
CA ASP KA 8 -107.48 26.45 32.64
C ASP KA 8 -106.09 26.10 33.14
N ILE KA 9 -106.00 25.25 34.17
CA ILE KA 9 -104.71 24.86 34.71
C ILE KA 9 -103.90 24.10 33.67
N ALA KA 10 -104.54 23.15 32.99
CA ALA KA 10 -103.83 22.37 31.97
C ALA KA 10 -103.40 23.24 30.81
N GLY KA 11 -104.26 24.16 30.38
CA GLY KA 11 -103.89 25.05 29.29
C GLY KA 11 -102.73 25.96 29.65
N SER KA 12 -102.73 26.49 30.88
CA SER KA 12 -101.60 27.30 31.32
C SER KA 12 -100.32 26.47 31.37
N ALA KA 13 -100.42 25.23 31.83
CA ALA KA 13 -99.23 24.36 31.85
C ALA KA 13 -98.72 24.13 30.44
N LEU KA 14 -99.61 23.86 29.50
CA LEU KA 14 -99.20 23.64 28.13
C LEU KA 14 -98.54 24.88 27.53
N ALA KA 15 -99.12 26.05 27.77
CA ALA KA 15 -98.54 27.28 27.26
C ALA KA 15 -97.16 27.53 27.85
N ALA KA 16 -97.00 27.31 29.17
CA ALA KA 16 -95.70 27.50 29.79
C ALA KA 16 -94.66 26.55 29.22
N GLN KA 17 -95.04 25.28 29.05
CA GLN KA 17 -94.08 24.32 28.50
C GLN KA 17 -93.70 24.68 27.07
N SER KA 18 -94.68 25.15 26.28
CA SER KA 18 -94.36 25.58 24.92
C SER KA 18 -93.41 26.76 24.93
N LYS KA 19 -93.63 27.72 25.83
CA LYS KA 19 -92.72 28.86 25.93
C LYS KA 19 -91.30 28.42 26.26
N ARG KA 20 -91.18 27.51 27.24
CA ARG KA 20 -89.84 27.06 27.63
C ARG KA 20 -89.16 26.31 26.50
N LEU KA 21 -89.92 25.47 25.79
CA LEU KA 21 -89.35 24.75 24.65
C LEU KA 21 -88.91 25.72 23.55
N ASN KA 22 -89.71 26.76 23.31
CA ASN KA 22 -89.33 27.74 22.30
C ASN KA 22 -88.05 28.47 22.69
N VAL KA 23 -87.92 28.83 23.96
CA VAL KA 23 -86.69 29.48 24.43
C VAL KA 23 -85.49 28.56 24.25
N ALA KA 24 -85.64 27.28 24.60
CA ALA KA 24 -84.55 26.34 24.44
C ALA KA 24 -84.16 26.18 22.97
N ALA KA 25 -85.16 26.09 22.08
CA ALA KA 25 -84.87 25.95 20.67
C ALA KA 25 -84.17 27.19 20.13
N SER KA 26 -84.58 28.38 20.57
CA SER KA 26 -83.93 29.60 20.13
C SER KA 26 -82.48 29.63 20.59
N ASN KA 27 -82.21 29.22 21.83
CA ASN KA 27 -80.84 29.17 22.30
C ASN KA 27 -80.01 28.19 21.48
N LEU KA 28 -80.57 27.02 21.18
CA LEU KA 28 -79.84 26.06 20.36
C LEU KA 28 -79.55 26.62 18.97
N ALA KA 29 -80.50 27.36 18.41
CA ALA KA 29 -80.25 27.97 17.10
C ALA KA 29 -79.16 29.03 17.17
N ASN KA 30 -79.11 29.77 18.27
CA ASN KA 30 -78.13 30.84 18.45
C ASN KA 30 -76.90 30.38 19.24
N ALA KA 31 -76.65 29.07 19.29
CA ALA KA 31 -75.52 28.55 20.04
C ALA KA 31 -74.21 29.21 19.62
N ASP KA 32 -73.95 29.25 18.31
CA ASP KA 32 -72.69 29.78 17.80
C ASP KA 32 -72.88 31.06 16.99
N SER KA 33 -73.86 31.88 17.34
CA SER KA 33 -74.03 33.16 16.68
C SER KA 33 -73.12 34.20 17.31
N VAL KA 34 -73.10 35.39 16.71
CA VAL KA 34 -72.29 36.49 17.22
C VAL KA 34 -72.80 37.76 16.56
N THR KA 35 -72.49 38.91 17.16
CA THR KA 35 -72.77 40.25 16.64
C THR KA 35 -74.19 40.36 16.09
N GLY KA 36 -75.15 40.25 17.01
CA GLY KA 36 -76.54 40.48 16.68
C GLY KA 36 -76.81 41.91 16.27
N PRO KA 37 -78.06 42.34 16.34
CA PRO KA 37 -78.39 43.71 15.95
C PRO KA 37 -77.66 44.73 16.81
N ASP KA 38 -77.21 45.80 16.17
CA ASP KA 38 -76.49 46.91 16.80
C ASP KA 38 -75.15 46.47 17.42
N GLY KA 39 -74.70 45.24 17.13
CA GLY KA 39 -73.38 44.79 17.50
C GLY KA 39 -73.24 44.18 18.88
N GLN KA 40 -74.25 44.30 19.73
CA GLN KA 40 -74.15 43.73 21.07
C GLN KA 40 -74.10 42.21 20.97
N PRO KA 41 -73.22 41.55 21.74
CA PRO KA 41 -73.14 40.08 21.67
C PRO KA 41 -74.43 39.44 22.14
N TYR KA 42 -74.72 38.28 21.55
CA TYR KA 42 -75.90 37.52 21.94
C TYR KA 42 -75.71 36.89 23.31
N ARG KA 43 -76.77 36.91 24.11
CA ARG KA 43 -76.76 36.30 25.43
C ARG KA 43 -77.95 35.34 25.56
N ALA KA 44 -77.71 34.21 26.21
CA ALA KA 44 -78.74 33.22 26.38
C ALA KA 44 -79.79 33.70 27.38
N LYS KA 45 -80.97 33.10 27.30
CA LYS KA 45 -82.08 33.47 28.17
C LYS KA 45 -82.73 32.21 28.74
N GLN KA 46 -83.35 32.38 29.91
CA GLN KA 46 -84.10 31.32 30.56
C GLN KA 46 -85.45 31.88 30.99
N VAL KA 47 -86.33 30.99 31.44
CA VAL KA 47 -87.65 31.36 31.89
C VAL KA 47 -87.84 30.89 33.34
N VAL KA 48 -88.68 31.61 34.06
CA VAL KA 48 -88.96 31.33 35.46
C VAL KA 48 -90.45 31.01 35.60
N PHE KA 49 -90.75 29.84 36.17
CA PHE KA 49 -92.13 29.44 36.38
C PHE KA 49 -92.60 29.93 37.75
N GLN KA 50 -93.85 30.36 37.82
CA GLN KA 50 -94.47 30.78 39.06
C GLN KA 50 -95.89 30.26 39.10
N VAL KA 51 -96.44 30.15 40.30
CA VAL KA 51 -97.79 29.66 40.48
C VAL KA 51 -98.72 30.83 40.74
N ASP KA 52 -99.96 30.70 40.29
CA ASP KA 52 -100.96 31.74 40.43
C ASP KA 52 -101.80 31.45 41.67
N ALA KA 53 -101.48 32.12 42.77
CA ALA KA 53 -102.21 31.94 44.01
C ALA KA 53 -103.54 32.67 43.88
N ALA KA 54 -104.57 31.96 43.42
CA ALA KA 54 -105.89 32.54 43.24
C ALA KA 54 -106.59 32.73 44.59
N ALA KA 58 -103.17 28.79 47.93
CA ALA KA 58 -103.97 27.69 47.44
C ALA KA 58 -103.32 27.02 46.23
N THR KA 59 -104.13 26.49 45.33
CA THR KA 59 -103.65 25.77 44.15
C THR KA 59 -104.04 26.53 42.90
N GLY KA 60 -103.09 26.67 41.97
CA GLY KA 60 -103.36 27.41 40.75
C GLY KA 60 -102.43 26.97 39.65
N GLY KA 61 -102.63 27.58 38.48
CA GLY KA 61 -101.85 27.26 37.31
C GLY KA 61 -100.47 27.88 37.36
N VAL KA 62 -99.71 27.63 36.30
CA VAL KA 62 -98.34 28.11 36.17
C VAL KA 62 -98.29 29.20 35.13
N LYS KA 63 -97.43 30.19 35.38
CA LYS KA 63 -97.21 31.30 34.46
C LYS KA 63 -95.73 31.60 34.39
N VAL KA 64 -95.35 32.34 33.35
CA VAL KA 64 -93.98 32.80 33.18
C VAL KA 64 -94.00 34.33 33.19
N ALA KA 65 -93.42 34.93 34.23
CA ALA KA 65 -93.49 36.38 34.37
C ALA KA 65 -92.71 37.09 33.28
N SER KA 66 -91.45 36.70 33.08
CA SER KA 66 -90.59 37.34 32.08
C SER KA 66 -89.41 36.44 31.80
N VAL KA 67 -88.77 36.66 30.66
CA VAL KA 67 -87.57 35.95 30.28
C VAL KA 67 -86.36 36.67 30.85
N ILE KA 68 -85.48 35.92 31.51
CA ILE KA 68 -84.34 36.50 32.23
C ILE KA 68 -83.05 36.09 31.52
N GLU KA 69 -82.20 37.06 31.26
CA GLU KA 69 -80.92 36.80 30.61
C GLU KA 69 -79.99 36.07 31.57
N SER KA 70 -79.14 35.21 31.01
CA SER KA 70 -78.19 34.47 31.83
C SER KA 70 -77.05 35.38 32.30
N GLN KA 71 -76.65 35.21 33.55
CA GLN KA 71 -75.54 35.95 34.12
C GLN KA 71 -74.22 35.18 34.05
N ALA KA 72 -74.22 34.00 33.45
CA ALA KA 72 -72.98 33.27 33.28
C ALA KA 72 -72.06 34.03 32.33
N PRO KA 73 -70.76 34.09 32.63
CA PRO KA 73 -69.86 34.89 31.78
C PRO KA 73 -69.83 34.38 30.35
N GLU KA 74 -69.77 35.32 29.41
CA GLU KA 74 -69.64 34.99 28.01
C GLU KA 74 -68.25 34.41 27.74
N LYS KA 75 -68.13 33.67 26.64
CA LYS KA 75 -66.83 33.14 26.26
C LYS KA 75 -66.04 34.24 25.55
N LEU KA 76 -64.81 34.46 25.98
CA LEU KA 76 -63.94 35.46 25.38
C LEU KA 76 -62.93 34.74 24.50
N VAL KA 77 -63.03 34.95 23.19
CA VAL KA 77 -62.19 34.25 22.22
C VAL KA 77 -61.28 35.27 21.56
N TYR KA 78 -59.98 34.98 21.55
CA TYR KA 78 -58.99 35.89 20.97
C TYR KA 78 -59.07 35.82 19.45
N GLU KA 79 -59.49 36.93 18.84
CA GLU KA 79 -59.50 37.02 17.38
C GLU KA 79 -59.49 38.48 16.96
N PRO KA 80 -58.31 39.09 16.84
CA PRO KA 80 -58.25 40.54 16.57
C PRO KA 80 -58.82 40.94 15.21
N GLY KA 81 -59.00 40.01 14.28
CA GLY KA 81 -59.44 40.35 12.95
C GLY KA 81 -60.89 40.75 12.86
N ASN KA 82 -61.62 40.62 13.97
CA ASN KA 82 -63.02 40.97 14.02
C ASN KA 82 -63.17 42.38 14.59
N PRO KA 83 -63.93 43.26 13.95
CA PRO KA 83 -64.09 44.63 14.48
C PRO KA 83 -64.70 44.66 15.87
N LEU KA 84 -65.37 43.60 16.30
CA LEU KA 84 -65.89 43.55 17.67
C LEU KA 84 -64.79 43.40 18.70
N ALA KA 85 -63.57 43.06 18.28
CA ALA KA 85 -62.49 42.84 19.24
C ALA KA 85 -62.19 44.10 20.02
N ASP KA 86 -62.07 43.96 21.33
CA ASP KA 86 -61.77 45.09 22.21
C ASP KA 86 -60.27 45.36 22.18
N ALA KA 87 -59.78 46.17 23.13
CA ALA KA 87 -58.35 46.47 23.19
C ALA KA 87 -57.50 45.23 23.40
N ASN KA 88 -58.07 44.16 23.95
CA ASN KA 88 -57.36 42.90 24.11
C ASN KA 88 -57.56 41.96 22.93
N GLY KA 89 -58.28 42.40 21.89
CA GLY KA 89 -58.53 41.55 20.75
C GLY KA 89 -59.43 40.36 21.04
N TYR KA 90 -60.48 40.55 21.83
CA TYR KA 90 -61.36 39.47 22.24
C TYR KA 90 -62.76 39.71 21.71
N VAL KA 91 -63.42 38.63 21.31
CA VAL KA 91 -64.82 38.64 20.89
C VAL KA 91 -65.62 37.85 21.90
N LYS KA 92 -66.89 38.27 22.07
CA LYS KA 92 -67.77 37.70 23.09
C LYS KA 92 -68.73 36.73 22.41
N MET KA 93 -68.44 35.43 22.56
CA MET KA 93 -69.29 34.34 22.12
C MET KA 93 -70.33 34.01 23.19
N PRO KA 94 -71.54 33.66 22.77
CA PRO KA 94 -72.62 33.40 23.73
C PRO KA 94 -72.38 32.14 24.52
N ASN KA 95 -72.96 32.11 25.72
CA ASN KA 95 -72.86 30.98 26.64
C ASN KA 95 -74.10 30.11 26.44
N VAL KA 96 -73.92 28.95 25.81
CA VAL KA 96 -74.99 28.01 25.55
C VAL KA 96 -74.55 26.65 26.05
N ASP KA 97 -75.34 26.05 26.95
CA ASP KA 97 -75.08 24.72 27.47
C ASP KA 97 -75.91 23.74 26.66
N VAL KA 98 -75.26 23.03 25.75
CA VAL KA 98 -75.97 22.14 24.84
C VAL KA 98 -76.67 21.02 25.60
N VAL KA 99 -75.98 20.42 26.57
CA VAL KA 99 -76.59 19.36 27.36
C VAL KA 99 -77.76 19.90 28.17
N GLY KA 100 -77.60 21.09 28.74
CA GLY KA 100 -78.69 21.70 29.47
C GLY KA 100 -79.92 21.93 28.61
N GLU KA 101 -79.71 22.40 27.39
CA GLU KA 101 -80.83 22.63 26.48
C GLU KA 101 -81.48 21.31 26.07
N MET KA 102 -80.69 20.27 25.84
CA MET KA 102 -81.27 18.97 25.52
C MET KA 102 -82.13 18.46 26.67
N VAL KA 103 -81.62 18.58 27.90
CA VAL KA 103 -82.39 18.13 29.06
C VAL KA 103 -83.66 18.96 29.21
N ASN KA 104 -83.57 20.27 28.97
CA ASN KA 104 -84.75 21.12 29.07
C ASN KA 104 -85.80 20.72 28.04
N THR KA 105 -85.38 20.44 26.81
CA THR KA 105 -86.33 20.00 25.79
C THR KA 105 -86.98 18.68 26.18
N MET KA 106 -86.20 17.75 26.71
CA MET KA 106 -86.76 16.47 27.14
C MET KA 106 -87.80 16.68 28.24
N SER KA 107 -87.47 17.50 29.22
CA SER KA 107 -88.40 17.75 30.32
C SER KA 107 -89.67 18.43 29.81
N ALA KA 108 -89.53 19.40 28.91
CA ALA KA 108 -90.70 20.07 28.36
C ALA KA 108 -91.60 19.11 27.63
N SER KA 109 -91.01 18.23 26.81
CA SER KA 109 -91.82 17.26 26.08
C SER KA 109 -92.56 16.32 27.04
N ARG KA 110 -91.86 15.84 28.07
CA ARG KA 110 -92.50 14.93 29.02
C ARG KA 110 -93.64 15.60 29.77
N SER KA 111 -93.42 16.84 30.23
CA SER KA 111 -94.48 17.55 30.93
C SER KA 111 -95.67 17.79 30.01
N TYR KA 112 -95.40 18.14 28.75
CA TYR KA 112 -96.47 18.37 27.79
C TYR KA 112 -97.32 17.12 27.60
N GLN KA 113 -96.66 15.97 27.44
CA GLN KA 113 -97.41 14.72 27.27
C GLN KA 113 -98.21 14.36 28.52
N ALA KA 114 -97.62 14.57 29.71
CA ALA KA 114 -98.37 14.28 30.93
C ALA KA 114 -99.62 15.15 31.03
N ASN KA 115 -99.48 16.44 30.72
CA ASN KA 115 -100.63 17.33 30.80
C ASN KA 115 -101.69 16.97 29.77
N ILE KA 116 -101.27 16.57 28.57
CA ILE KA 116 -102.28 16.20 27.57
C ILE KA 116 -103.01 14.93 28.00
N GLU KA 117 -102.31 14.00 28.65
CA GLU KA 117 -102.99 12.81 29.16
C GLU KA 117 -104.00 13.17 30.25
N VAL KA 118 -103.61 14.07 31.15
CA VAL KA 118 -104.54 14.52 32.19
C VAL KA 118 -105.77 15.16 31.58
N LEU KA 119 -105.56 15.99 30.55
CA LEU KA 119 -106.69 16.61 29.86
C LEU KA 119 -107.59 15.56 29.24
N ASN KA 120 -107.02 14.54 28.63
CA ASN KA 120 -107.82 13.49 28.03
C ASN KA 120 -108.71 12.81 29.07
N THR KA 121 -108.12 12.43 30.21
CA THR KA 121 -108.89 11.76 31.24
C THR KA 121 -110.00 12.65 31.79
N VAL KA 122 -109.68 13.91 32.08
CA VAL KA 122 -110.70 14.78 32.66
C VAL KA 122 -111.80 15.07 31.64
N LYS KA 123 -111.46 15.15 30.35
CA LYS KA 123 -112.49 15.34 29.33
C LYS KA 123 -113.42 14.15 29.26
N SER KA 124 -112.87 12.93 29.36
CA SER KA 124 -113.74 11.76 29.41
C SER KA 124 -114.66 11.79 30.62
N MET KA 125 -114.13 12.14 31.79
CA MET KA 125 -114.94 12.19 33.00
C MET KA 125 -116.06 13.23 32.86
N MET KA 126 -115.72 14.41 32.34
CA MET KA 126 -116.71 15.46 32.20
C MET KA 126 -117.77 15.11 31.16
N LEU KA 127 -117.39 14.43 30.07
CA LEU KA 127 -118.38 13.96 29.11
C LEU KA 127 -119.33 12.96 29.75
N LYS KA 128 -118.81 12.06 30.58
CA LYS KA 128 -119.66 11.12 31.28
C LYS KA 128 -120.52 11.76 32.36
N THR KA 129 -120.11 12.94 32.87
CA THR KA 129 -120.85 13.58 33.94
C THR KA 129 -122.27 13.97 33.51
N LEU KA 130 -122.42 14.48 32.30
CA LEU KA 130 -123.69 15.08 31.89
C LEU KA 130 -124.81 14.06 31.71
N THR KA 131 -124.52 12.76 31.75
CA THR KA 131 -125.55 11.77 31.51
C THR KA 131 -126.60 11.73 32.60
N LEU KA 132 -126.34 12.31 33.76
CA LEU KA 132 -127.28 12.30 34.87
C LEU KA 132 -128.22 13.49 34.85
N GLY KA 133 -128.02 14.46 33.96
CA GLY KA 133 -128.87 15.63 33.92
C GLY KA 133 -130.22 15.42 33.28
N GLN KA 134 -130.45 14.25 32.68
CA GLN KA 134 -131.72 13.96 32.04
C GLN KA 134 -132.71 13.35 33.02
N ALA LA 2 -131.71 5.73 -4.89
CA ALA LA 2 -131.85 4.43 -4.22
C ALA LA 2 -130.72 4.22 -3.22
N LEU LA 3 -131.09 3.93 -1.97
CA LEU LA 3 -130.11 3.69 -0.92
C LEU LA 3 -129.73 2.22 -0.79
N LEU LA 4 -130.44 1.31 -1.46
CA LEU LA 4 -130.04 -0.09 -1.47
C LEU LA 4 -128.86 -0.34 -2.39
N ASN LA 5 -128.75 0.44 -3.48
CA ASN LA 5 -127.66 0.23 -4.43
C ASN LA 5 -126.28 0.46 -3.82
N ILE LA 6 -126.22 1.11 -2.66
CA ILE LA 6 -124.92 1.35 -2.02
C ILE LA 6 -124.24 0.02 -1.69
N PHE LA 7 -125.03 -0.98 -1.31
CA PHE LA 7 -124.44 -2.25 -0.93
C PHE LA 7 -123.72 -2.92 -2.09
N ASP LA 8 -124.34 -2.99 -3.26
CA ASP LA 8 -123.70 -3.60 -4.41
C ASP LA 8 -122.79 -2.65 -5.17
N ILE LA 9 -122.74 -1.37 -4.77
CA ILE LA 9 -121.66 -0.50 -5.24
C ILE LA 9 -120.40 -0.74 -4.41
N ALA LA 10 -120.55 -0.73 -3.09
CA ALA LA 10 -119.40 -0.94 -2.21
C ALA LA 10 -118.87 -2.37 -2.28
N GLY LA 11 -119.74 -3.35 -2.51
CA GLY LA 11 -119.26 -4.69 -2.74
C GLY LA 11 -118.42 -4.81 -4.00
N SER LA 12 -118.86 -4.13 -5.06
CA SER LA 12 -118.05 -4.08 -6.27
C SER LA 12 -116.71 -3.42 -6.01
N ALA LA 13 -116.71 -2.32 -5.25
CA ALA LA 13 -115.45 -1.66 -4.93
C ALA LA 13 -114.54 -2.57 -4.12
N LEU LA 14 -115.10 -3.28 -3.14
CA LEU LA 14 -114.32 -4.20 -2.33
C LEU LA 14 -113.71 -5.30 -3.19
N ALA LA 15 -114.51 -5.89 -4.09
CA ALA LA 15 -113.99 -6.94 -4.94
C ALA LA 15 -112.88 -6.43 -5.85
N ALA LA 16 -113.07 -5.24 -6.44
CA ALA LA 16 -112.05 -4.70 -7.32
C ALA LA 16 -110.75 -4.42 -6.58
N GLN LA 17 -110.85 -3.84 -5.38
CA GLN LA 17 -109.64 -3.56 -4.62
C GLN LA 17 -108.96 -4.84 -4.16
N SER LA 18 -109.75 -5.87 -3.82
CA SER LA 18 -109.15 -7.14 -3.45
C SER LA 18 -108.39 -7.76 -4.62
N LYS LA 19 -108.98 -7.70 -5.82
CA LYS LA 19 -108.29 -8.21 -7.00
C LYS LA 19 -107.00 -7.44 -7.26
N ARG LA 20 -107.05 -6.11 -7.12
CA ARG LA 20 -105.85 -5.30 -7.32
C ARG LA 20 -104.76 -5.67 -6.31
N LEU LA 21 -105.14 -5.83 -5.05
CA LEU LA 21 -104.17 -6.20 -4.03
C LEU LA 21 -103.57 -7.57 -4.30
N ASN LA 22 -104.39 -8.53 -4.72
CA ASN LA 22 -103.87 -9.85 -5.04
C ASN LA 22 -102.90 -9.80 -6.21
N VAL LA 23 -103.21 -9.00 -7.23
CA VAL LA 23 -102.30 -8.86 -8.36
C VAL LA 23 -100.98 -8.27 -7.91
N ALA LA 24 -101.03 -7.23 -7.08
CA ALA LA 24 -99.80 -6.63 -6.59
C ALA LA 24 -98.97 -7.62 -5.76
N ALA LA 25 -99.64 -8.38 -4.90
CA ALA LA 25 -98.93 -9.38 -4.09
C ALA LA 25 -98.30 -10.45 -4.97
N SER LA 26 -99.02 -10.91 -5.99
CA SER LA 26 -98.47 -11.90 -6.90
C SER LA 26 -97.25 -11.38 -7.64
N ASN LA 27 -97.31 -10.13 -8.09
CA ASN LA 27 -96.15 -9.54 -8.77
C ASN LA 27 -94.96 -9.42 -7.82
N LEU LA 28 -95.21 -9.00 -6.58
CA LEU LA 28 -94.11 -8.93 -5.63
C LEU LA 28 -93.51 -10.31 -5.36
N ALA LA 29 -94.35 -11.33 -5.26
CA ALA LA 29 -93.85 -12.67 -5.03
C ALA LA 29 -93.02 -13.16 -6.21
N ASN LA 30 -93.46 -12.88 -7.43
CA ASN LA 30 -92.77 -13.30 -8.64
C ASN LA 30 -91.81 -12.26 -9.17
N ALA LA 31 -91.37 -11.31 -8.33
CA ALA LA 31 -90.45 -10.28 -8.79
C ALA LA 31 -89.14 -10.85 -9.31
N ASP LA 32 -88.75 -12.05 -8.90
CA ASP LA 32 -87.47 -12.63 -9.31
C ASP LA 32 -87.60 -14.02 -9.90
N SER LA 33 -88.81 -14.51 -10.13
CA SER LA 33 -88.98 -15.83 -10.73
C SER LA 33 -88.47 -15.81 -12.16
N VAL LA 34 -87.71 -16.84 -12.52
CA VAL LA 34 -87.00 -16.85 -13.81
C VAL LA 34 -87.78 -17.57 -14.91
N THR LA 35 -88.73 -18.44 -14.57
CA THR LA 35 -89.43 -19.20 -15.59
C THR LA 35 -90.80 -19.61 -15.09
N GLY LA 36 -91.65 -20.01 -16.02
CA GLY LA 36 -92.95 -20.53 -15.70
C GLY LA 36 -92.99 -22.04 -15.88
N PRO LA 37 -94.20 -22.59 -15.96
CA PRO LA 37 -94.33 -24.05 -16.12
C PRO LA 37 -93.79 -24.56 -17.45
N ASP LA 38 -93.65 -23.71 -18.46
CA ASP LA 38 -93.23 -24.17 -19.77
C ASP LA 38 -92.17 -23.26 -20.40
N GLY LA 39 -91.31 -22.69 -19.58
CA GLY LA 39 -90.23 -21.86 -20.08
C GLY LA 39 -90.64 -20.43 -20.41
N GLN LA 40 -91.90 -20.07 -20.24
CA GLN LA 40 -92.32 -18.70 -20.47
C GLN LA 40 -91.96 -17.83 -19.28
N PRO LA 41 -91.21 -16.74 -19.48
CA PRO LA 41 -90.87 -15.88 -18.35
C PRO LA 41 -92.10 -15.25 -17.73
N TYR LA 42 -92.03 -15.02 -16.41
CA TYR LA 42 -93.13 -14.35 -15.73
C TYR LA 42 -93.24 -12.92 -16.21
N ARG LA 43 -94.48 -12.47 -16.40
CA ARG LA 43 -94.77 -11.12 -16.83
C ARG LA 43 -95.63 -10.43 -15.79
N ALA LA 44 -95.29 -9.17 -15.48
CA ALA LA 44 -96.11 -8.40 -14.56
C ALA LA 44 -97.52 -8.26 -15.12
N LYS LA 45 -98.51 -8.36 -14.24
CA LYS LA 45 -99.90 -8.29 -14.65
C LYS LA 45 -100.58 -7.11 -13.97
N GLN LA 46 -101.64 -6.62 -14.62
CA GLN LA 46 -102.42 -5.50 -14.11
C GLN LA 46 -103.89 -5.76 -14.37
N VAL LA 47 -104.74 -5.06 -13.65
CA VAL LA 47 -106.18 -5.20 -13.79
C VAL LA 47 -106.71 -4.00 -14.56
N VAL LA 48 -107.91 -4.16 -15.12
CA VAL LA 48 -108.58 -3.08 -15.84
C VAL LA 48 -109.87 -2.75 -15.11
N PHE LA 49 -109.98 -1.52 -14.62
CA PHE LA 49 -111.18 -1.04 -13.95
C PHE LA 49 -112.14 -0.39 -14.95
N GLN LA 50 -113.43 -0.54 -14.69
CA GLN LA 50 -114.44 0.11 -15.52
C GLN LA 50 -115.65 0.41 -14.65
N VAL LA 51 -116.52 1.27 -15.16
CA VAL LA 51 -117.76 1.63 -14.47
C VAL LA 51 -118.85 0.67 -14.91
N ASP LA 52 -119.75 0.34 -13.98
CA ASP LA 52 -120.82 -0.61 -14.28
C ASP LA 52 -121.84 0.00 -15.22
N ALA LA 53 -122.20 1.27 -15.00
CA ALA LA 53 -123.23 1.96 -15.78
C ALA LA 53 -124.55 1.19 -15.76
N ALA LA 58 -125.27 5.98 -16.77
CA ALA LA 58 -124.69 7.03 -15.94
C ALA LA 58 -123.40 6.56 -15.28
N THR LA 59 -123.41 6.44 -13.95
CA THR LA 59 -122.26 5.97 -13.20
C THR LA 59 -122.73 4.96 -12.16
N GLY LA 60 -121.81 4.10 -11.77
CA GLY LA 60 -122.09 3.07 -10.79
C GLY LA 60 -120.83 2.54 -10.18
N GLY LA 61 -120.86 1.26 -9.79
CA GLY LA 61 -119.73 0.64 -9.15
C GLY LA 61 -118.59 0.40 -10.12
N VAL LA 62 -117.49 -0.12 -9.58
CA VAL LA 62 -116.28 -0.40 -10.35
C VAL LA 62 -116.15 -1.91 -10.50
N LYS LA 63 -115.95 -2.35 -11.73
CA LYS LA 63 -115.78 -3.76 -12.03
C LYS LA 63 -114.44 -3.97 -12.73
N VAL LA 64 -113.79 -5.09 -12.42
CA VAL LA 64 -112.52 -5.43 -13.06
C VAL LA 64 -112.84 -6.06 -14.41
N ALA LA 65 -112.53 -5.33 -15.48
CA ALA LA 65 -112.84 -5.81 -16.82
C ALA LA 65 -112.07 -7.08 -17.15
N SER LA 66 -110.76 -7.06 -16.91
CA SER LA 66 -109.90 -8.19 -17.24
C SER LA 66 -108.55 -8.00 -16.56
N VAL LA 67 -107.69 -9.00 -16.71
CA VAL LA 67 -106.32 -8.97 -16.22
C VAL LA 67 -105.40 -9.14 -17.43
N ILE LA 68 -104.48 -8.20 -17.62
CA ILE LA 68 -103.62 -8.15 -18.79
C ILE LA 68 -102.17 -8.06 -18.36
N GLU LA 69 -101.30 -8.77 -19.07
CA GLU LA 69 -99.87 -8.66 -18.81
C GLU LA 69 -99.34 -7.38 -19.44
N SER LA 70 -98.58 -6.61 -18.66
CA SER LA 70 -98.06 -5.34 -19.13
C SER LA 70 -97.13 -5.55 -20.32
N GLN LA 71 -97.23 -4.67 -21.31
CA GLN LA 71 -96.45 -4.77 -22.54
C GLN LA 71 -95.22 -3.87 -22.41
N ALA LA 72 -94.22 -4.38 -21.71
CA ALA LA 72 -92.94 -3.71 -21.54
C ALA LA 72 -91.82 -4.67 -21.86
N PRO LA 73 -90.69 -4.19 -22.36
CA PRO LA 73 -89.58 -5.09 -22.68
C PRO LA 73 -89.09 -5.82 -21.45
N GLU LA 74 -88.75 -7.09 -21.62
CA GLU LA 74 -88.25 -7.88 -20.51
C GLU LA 74 -86.81 -7.48 -20.18
N LYS LA 75 -86.54 -7.26 -18.89
CA LYS LA 75 -85.21 -6.87 -18.45
C LYS LA 75 -84.30 -8.10 -18.56
N LEU LA 76 -83.88 -8.38 -19.79
CA LEU LA 76 -83.13 -9.60 -20.07
C LEU LA 76 -81.71 -9.51 -19.55
N VAL LA 77 -81.18 -10.64 -19.09
CA VAL LA 77 -79.87 -10.72 -18.45
C VAL LA 77 -79.06 -11.82 -19.13
N TYR LA 78 -77.74 -11.75 -18.95
CA TYR LA 78 -76.81 -12.62 -19.68
C TYR LA 78 -76.38 -13.77 -18.79
N GLU LA 79 -76.90 -14.96 -19.08
CA GLU LA 79 -76.49 -16.20 -18.42
C GLU LA 79 -76.30 -17.25 -19.51
N PRO LA 80 -75.12 -17.30 -20.14
CA PRO LA 80 -74.93 -18.22 -21.27
C PRO LA 80 -75.06 -19.69 -20.90
N GLY LA 81 -74.73 -20.07 -19.68
CA GLY LA 81 -74.79 -21.47 -19.28
C GLY LA 81 -76.13 -21.86 -18.72
N ASN LA 82 -77.21 -21.50 -19.42
CA ASN LA 82 -78.55 -21.83 -18.97
C ASN LA 82 -79.36 -22.38 -20.14
N PRO LA 83 -80.14 -23.43 -19.91
CA PRO LA 83 -80.93 -24.00 -21.02
C PRO LA 83 -81.90 -23.02 -21.64
N LEU LA 84 -82.48 -22.11 -20.85
CA LEU LA 84 -83.45 -21.17 -21.37
C LEU LA 84 -82.83 -20.04 -22.19
N ALA LA 85 -81.50 -19.95 -22.23
CA ALA LA 85 -80.85 -18.87 -22.95
C ALA LA 85 -81.14 -18.97 -24.44
N ASP LA 86 -81.29 -17.80 -25.08
CA ASP LA 86 -81.54 -17.73 -26.51
C ASP LA 86 -80.23 -17.93 -27.27
N ALA LA 87 -80.24 -17.63 -28.57
CA ALA LA 87 -79.05 -17.83 -29.39
C ALA LA 87 -77.88 -16.97 -28.92
N ASN LA 88 -78.16 -15.80 -28.35
CA ASN LA 88 -77.12 -14.92 -27.83
C ASN LA 88 -76.86 -15.10 -26.34
N GLY LA 89 -77.55 -16.04 -25.69
CA GLY LA 89 -77.33 -16.27 -24.29
C GLY LA 89 -78.02 -15.29 -23.36
N TYR LA 90 -78.98 -14.54 -23.86
CA TYR LA 90 -79.72 -13.57 -23.05
C TYR LA 90 -81.02 -14.20 -22.60
N VAL LA 91 -81.11 -14.59 -21.33
CA VAL LA 91 -82.37 -15.06 -20.79
C VAL LA 91 -83.23 -13.85 -20.40
N LYS LA 92 -84.54 -14.08 -20.33
CA LYS LA 92 -85.49 -13.01 -20.07
C LYS LA 92 -85.98 -13.09 -18.63
N MET LA 93 -86.05 -11.94 -17.98
CA MET LA 93 -86.44 -11.80 -16.59
C MET LA 93 -87.67 -10.94 -16.45
N PRO LA 94 -88.43 -11.07 -15.36
CA PRO LA 94 -89.65 -10.27 -15.22
C PRO LA 94 -89.35 -8.79 -15.19
N ASN LA 95 -90.22 -8.01 -15.83
CA ASN LA 95 -90.10 -6.55 -15.85
C ASN LA 95 -90.91 -5.90 -14.74
N VAL LA 96 -90.69 -6.36 -13.52
CA VAL LA 96 -91.46 -5.91 -12.35
C VAL LA 96 -90.57 -5.02 -11.51
N ASP LA 97 -91.02 -3.81 -11.24
CA ASP LA 97 -90.34 -2.93 -10.30
C ASP LA 97 -90.78 -3.32 -8.89
N VAL LA 98 -90.39 -2.53 -7.89
CA VAL LA 98 -90.74 -2.77 -6.51
C VAL LA 98 -91.55 -1.63 -5.91
N VAL LA 99 -91.17 -0.39 -6.21
CA VAL LA 99 -91.91 0.76 -5.69
C VAL LA 99 -93.34 0.74 -6.19
N GLY LA 100 -93.56 0.31 -7.44
CA GLY LA 100 -94.91 0.29 -7.97
C GLY LA 100 -95.84 -0.57 -7.14
N GLU LA 101 -95.41 -1.78 -6.81
CA GLU LA 101 -96.25 -2.66 -6.01
C GLU LA 101 -96.30 -2.23 -4.55
N MET LA 102 -95.19 -1.72 -4.01
CA MET LA 102 -95.20 -1.24 -2.64
C MET LA 102 -96.16 -0.07 -2.45
N VAL LA 103 -96.42 0.70 -3.51
CA VAL LA 103 -97.40 1.77 -3.41
C VAL LA 103 -98.80 1.26 -3.77
N ASN LA 104 -98.90 0.31 -4.70
CA ASN LA 104 -100.21 -0.24 -5.05
C ASN LA 104 -100.87 -0.90 -3.85
N THR LA 105 -100.09 -1.65 -3.06
CA THR LA 105 -100.67 -2.30 -1.89
C THR LA 105 -101.26 -1.28 -0.91
N MET LA 106 -100.52 -0.20 -0.63
CA MET LA 106 -101.00 0.81 0.29
C MET LA 106 -102.24 1.51 -0.25
N SER LA 107 -102.22 1.86 -1.54
CA SER LA 107 -103.37 2.54 -2.12
C SER LA 107 -104.61 1.64 -2.09
N ALA LA 108 -104.44 0.36 -2.43
CA ALA LA 108 -105.56 -0.56 -2.41
C ALA LA 108 -106.11 -0.75 -1.00
N SER LA 109 -105.22 -0.85 -0.02
CA SER LA 109 -105.68 -1.00 1.36
C SER LA 109 -106.45 0.24 1.81
N ARG LA 110 -105.96 1.43 1.47
CA ARG LA 110 -106.65 2.64 1.86
C ARG LA 110 -108.03 2.73 1.21
N SER LA 111 -108.13 2.41 -0.08
CA SER LA 111 -109.43 2.44 -0.75
C SER LA 111 -110.37 1.40 -0.15
N TYR LA 112 -109.87 0.22 0.15
CA TYR LA 112 -110.67 -0.82 0.78
C TYR LA 112 -111.23 -0.33 2.11
N GLN LA 113 -110.38 0.27 2.94
CA GLN LA 113 -110.84 0.77 4.23
C GLN LA 113 -111.85 1.89 4.06
N ALA LA 114 -111.64 2.78 3.09
CA ALA LA 114 -112.59 3.87 2.86
C ALA LA 114 -113.96 3.32 2.45
N ASN LA 115 -113.97 2.33 1.56
CA ASN LA 115 -115.25 1.74 1.19
C ASN LA 115 -115.90 1.01 2.35
N ILE LA 116 -115.11 0.40 3.22
CA ILE LA 116 -115.66 -0.20 4.43
C ILE LA 116 -116.36 0.86 5.28
N GLU LA 117 -115.72 2.01 5.45
CA GLU LA 117 -116.34 3.09 6.22
C GLU LA 117 -117.62 3.57 5.57
N VAL LA 118 -117.62 3.71 4.24
CA VAL LA 118 -118.83 4.13 3.54
C VAL LA 118 -119.96 3.14 3.80
N LEU LA 119 -119.67 1.85 3.68
CA LEU LA 119 -120.69 0.84 3.90
C LEU LA 119 -121.21 0.87 5.33
N ASN LA 120 -120.31 1.05 6.30
CA ASN LA 120 -120.75 1.16 7.69
C ASN LA 120 -121.70 2.32 7.89
N THR LA 121 -121.34 3.50 7.39
CA THR LA 121 -122.19 4.67 7.57
C THR LA 121 -123.54 4.49 6.89
N VAL LA 122 -123.54 3.95 5.67
CA VAL LA 122 -124.79 3.77 4.95
C VAL LA 122 -125.68 2.75 5.65
N LYS LA 123 -125.11 1.65 6.13
CA LYS LA 123 -125.90 0.67 6.86
C LYS LA 123 -126.49 1.27 8.12
N SER LA 124 -125.71 2.07 8.84
CA SER LA 124 -126.21 2.70 10.06
C SER LA 124 -127.38 3.62 9.76
N MET LA 125 -127.25 4.46 8.72
CA MET LA 125 -128.34 5.38 8.42
C MET LA 125 -129.55 4.65 7.85
N MET LA 126 -129.35 3.55 7.13
CA MET LA 126 -130.48 2.76 6.65
C MET LA 126 -131.24 2.15 7.82
N LEU LA 127 -130.51 1.57 8.78
CA LEU LA 127 -131.15 1.01 9.96
C LEU LA 127 -131.88 2.09 10.76
N LYS LA 128 -131.32 3.30 10.79
CA LYS LA 128 -131.99 4.41 11.45
C LYS LA 128 -133.28 4.77 10.72
N THR LA 129 -133.25 4.81 9.39
CA THR LA 129 -134.45 5.10 8.61
C THR LA 129 -135.50 4.01 8.77
N LEU LA 130 -135.05 2.80 9.11
CA LEU LA 130 -135.99 1.68 9.25
C LEU LA 130 -136.99 1.89 10.38
N THR LA 131 -136.75 2.84 11.28
CA THR LA 131 -137.67 3.08 12.38
C THR LA 131 -138.20 4.51 12.36
N LEU LA 132 -138.64 4.97 11.18
CA LEU LA 132 -139.21 6.30 11.03
C LEU LA 132 -140.43 6.46 11.91
N GLY LA 133 -140.50 7.58 12.63
CA GLY LA 133 -141.64 7.86 13.49
C GLY LA 133 -141.71 6.94 14.70
N ALA MA 2 -132.86 -20.96 41.13
CA ALA MA 2 -133.31 -19.59 40.88
C ALA MA 2 -132.19 -18.77 40.25
N LEU MA 3 -132.32 -17.44 40.31
CA LEU MA 3 -131.31 -16.53 39.79
C LEU MA 3 -130.61 -15.72 40.87
N LEU MA 4 -131.10 -15.76 42.12
CA LEU MA 4 -130.43 -15.02 43.18
C LEU MA 4 -129.06 -15.61 43.48
N ASN MA 5 -128.90 -16.93 43.33
CA ASN MA 5 -127.60 -17.55 43.54
C ASN MA 5 -126.56 -17.08 42.53
N ILE MA 6 -127.01 -16.54 41.40
CA ILE MA 6 -126.06 -16.04 40.40
C ILE MA 6 -125.24 -14.89 40.96
N PHE MA 7 -125.89 -14.01 41.72
CA PHE MA 7 -125.17 -12.90 42.32
C PHE MA 7 -124.09 -13.39 43.27
N ASP MA 8 -124.41 -14.38 44.10
CA ASP MA 8 -123.42 -14.94 45.01
C ASP MA 8 -122.28 -15.58 44.24
N ILE MA 9 -122.59 -16.35 43.21
CA ILE MA 9 -121.56 -17.05 42.45
C ILE MA 9 -120.63 -16.05 41.76
N ALA MA 10 -121.21 -15.04 41.12
CA ALA MA 10 -120.40 -14.05 40.42
C ALA MA 10 -119.59 -13.20 41.39
N GLY MA 11 -120.16 -12.87 42.56
CA GLY MA 11 -119.38 -12.14 43.54
C GLY MA 11 -118.21 -12.94 44.06
N SER MA 12 -118.41 -14.23 44.30
CA SER MA 12 -117.30 -15.07 44.72
C SER MA 12 -116.23 -15.15 43.65
N ALA MA 13 -116.64 -15.30 42.38
CA ALA MA 13 -115.67 -15.35 41.30
C ALA MA 13 -114.89 -14.04 41.19
N LEU MA 14 -115.59 -12.90 41.32
CA LEU MA 14 -114.92 -11.61 41.25
C LEU MA 14 -113.91 -11.46 42.39
N ALA MA 15 -114.30 -11.88 43.61
CA ALA MA 15 -113.38 -11.78 44.74
C ALA MA 15 -112.15 -12.65 44.52
N ALA MA 16 -112.35 -13.88 44.03
CA ALA MA 16 -111.21 -14.76 43.80
C ALA MA 16 -110.28 -14.20 42.74
N GLN MA 17 -110.83 -13.67 41.65
CA GLN MA 17 -110.00 -13.10 40.61
C GLN MA 17 -109.26 -11.86 41.11
N SER MA 18 -109.91 -11.05 41.94
CA SER MA 18 -109.22 -9.90 42.51
C SER MA 18 -108.07 -10.32 43.40
N LYS MA 19 -108.27 -11.37 44.21
CA LYS MA 19 -107.18 -11.86 45.04
C LYS MA 19 -106.02 -12.37 44.19
N ARG MA 20 -106.33 -13.12 43.12
CA ARG MA 20 -105.27 -13.61 42.25
C ARG MA 20 -104.51 -12.46 41.60
N LEU MA 21 -105.23 -11.44 41.13
CA LEU MA 21 -104.58 -10.29 40.53
C LEU MA 21 -103.70 -9.56 41.53
N ASN MA 22 -104.18 -9.38 42.76
CA ASN MA 22 -103.37 -8.72 43.78
C ASN MA 22 -102.12 -9.52 44.09
N VAL MA 23 -102.23 -10.84 44.17
CA VAL MA 23 -101.06 -11.66 44.43
C VAL MA 23 -100.05 -11.53 43.29
N ALA MA 24 -100.52 -11.56 42.05
CA ALA MA 24 -99.61 -11.42 40.92
C ALA MA 24 -98.91 -10.07 40.93
N ALA MA 25 -99.66 -9.00 41.22
CA ALA MA 25 -99.06 -7.67 41.26
C ALA MA 25 -98.03 -7.57 42.38
N SER MA 26 -98.34 -8.15 43.55
CA SER MA 26 -97.39 -8.11 44.65
C SER MA 26 -96.11 -8.88 44.31
N ASN MA 27 -96.25 -10.03 43.66
CA ASN MA 27 -95.06 -10.78 43.25
C ASN MA 27 -94.23 -9.98 42.26
N LEU MA 28 -94.87 -9.34 41.29
CA LEU MA 28 -94.12 -8.52 40.33
C LEU MA 28 -93.42 -7.37 41.03
N ALA MA 29 -94.09 -6.73 41.99
CA ALA MA 29 -93.47 -5.61 42.69
C ALA MA 29 -92.26 -6.05 43.51
N ASN MA 30 -92.40 -7.16 44.25
CA ASN MA 30 -91.34 -7.64 45.11
C ASN MA 30 -90.42 -8.63 44.41
N ALA MA 31 -90.45 -8.67 43.08
CA ALA MA 31 -89.64 -9.64 42.34
C ALA MA 31 -88.15 -9.46 42.56
N ASP MA 32 -87.71 -8.31 43.04
CA ASP MA 32 -86.28 -8.03 43.18
C ASP MA 32 -85.99 -7.36 44.52
N SER MA 33 -86.59 -7.88 45.58
CA SER MA 33 -86.43 -7.33 46.93
C SER MA 33 -85.88 -8.42 47.82
N VAL MA 34 -84.56 -8.50 47.92
CA VAL MA 34 -83.90 -9.57 48.69
C VAL MA 34 -83.69 -9.03 50.10
N THR MA 35 -84.77 -9.11 50.89
CA THR MA 35 -84.74 -8.94 52.34
C THR MA 35 -86.17 -9.05 52.86
N GLY MA 36 -86.30 -9.05 54.18
CA GLY MA 36 -87.57 -8.97 54.82
C GLY MA 36 -87.47 -8.18 56.11
N PRO MA 37 -88.59 -7.72 56.64
CA PRO MA 37 -88.54 -6.96 57.90
C PRO MA 37 -87.92 -7.73 59.04
N ASP MA 38 -88.04 -9.06 59.04
CA ASP MA 38 -87.42 -9.90 60.06
C ASP MA 38 -86.16 -10.59 59.55
N GLY MA 39 -85.66 -10.21 58.38
CA GLY MA 39 -84.46 -10.78 57.84
C GLY MA 39 -84.67 -11.97 56.91
N GLN MA 40 -85.85 -12.58 56.93
CA GLN MA 40 -86.11 -13.71 56.04
C GLN MA 40 -86.29 -13.22 54.61
N PRO MA 41 -85.76 -13.92 53.62
CA PRO MA 41 -85.92 -13.48 52.23
C PRO MA 41 -87.37 -13.57 51.79
N TYR MA 42 -87.72 -12.69 50.85
CA TYR MA 42 -89.07 -12.71 50.29
C TYR MA 42 -89.25 -13.96 49.44
N ARG MA 43 -90.42 -14.60 49.59
CA ARG MA 43 -90.73 -15.83 48.90
C ARG MA 43 -92.06 -15.68 48.17
N ALA MA 44 -92.12 -16.20 46.95
CA ALA MA 44 -93.32 -16.05 46.13
C ALA MA 44 -94.50 -16.76 46.79
N LYS MA 45 -95.68 -16.17 46.63
CA LYS MA 45 -96.89 -16.70 47.24
C LYS MA 45 -97.95 -16.91 46.16
N GLN MA 46 -98.79 -17.92 46.37
CA GLN MA 46 -99.86 -18.25 45.44
C GLN MA 46 -101.12 -18.61 46.22
N VAL MA 47 -102.27 -18.28 45.64
CA VAL MA 47 -103.55 -18.63 46.26
C VAL MA 47 -103.95 -20.04 45.87
N VAL MA 48 -104.87 -20.61 46.64
CA VAL MA 48 -105.44 -21.93 46.35
C VAL MA 48 -106.94 -21.78 46.20
N PHE MA 49 -107.49 -22.29 45.10
CA PHE MA 49 -108.92 -22.22 44.86
C PHE MA 49 -109.62 -23.47 45.39
N GLN MA 50 -110.91 -23.31 45.68
CA GLN MA 50 -111.75 -24.41 46.15
C GLN MA 50 -113.17 -24.16 45.66
N VAL MA 51 -113.94 -25.23 45.60
CA VAL MA 51 -115.37 -25.17 45.27
C VAL MA 51 -116.17 -25.29 46.55
N ASP MA 52 -116.99 -24.29 46.85
CA ASP MA 52 -117.69 -24.20 48.13
C ASP MA 52 -119.02 -24.95 48.11
N ALA MA 53 -118.95 -26.25 47.80
CA ALA MA 53 -120.12 -27.14 47.83
C ALA MA 53 -121.28 -26.59 47.01
N ALA MA 58 -122.51 -31.25 44.49
CA ALA MA 58 -123.08 -30.39 43.46
C ALA MA 58 -122.05 -29.41 42.94
N THR MA 59 -122.50 -28.24 42.50
CA THR MA 59 -121.66 -27.19 41.99
C THR MA 59 -121.81 -25.94 42.84
N GLY MA 60 -121.13 -24.87 42.42
CA GLY MA 60 -121.17 -23.63 43.15
C GLY MA 60 -120.06 -22.71 42.70
N GLY MA 61 -119.89 -21.63 43.46
CA GLY MA 61 -118.89 -20.64 43.16
C GLY MA 61 -117.49 -21.11 43.53
N VAL MA 62 -116.56 -20.16 43.50
CA VAL MA 62 -115.17 -20.41 43.85
C VAL MA 62 -114.84 -19.65 45.13
N LYS MA 63 -113.88 -20.17 45.89
CA LYS MA 63 -113.41 -19.51 47.08
C LYS MA 63 -111.90 -19.68 47.16
N VAL MA 64 -111.26 -18.78 47.88
CA VAL MA 64 -109.82 -18.81 48.07
C VAL MA 64 -109.56 -19.39 49.45
N ALA MA 65 -109.10 -20.66 49.48
CA ALA MA 65 -108.90 -21.33 50.76
C ALA MA 65 -107.77 -20.68 51.56
N SER MA 66 -106.62 -20.48 50.93
CA SER MA 66 -105.48 -19.92 51.63
C SER MA 66 -104.41 -19.51 50.64
N VAL MA 67 -103.49 -18.68 51.11
CA VAL MA 67 -102.31 -18.27 50.36
C VAL MA 67 -101.11 -19.01 50.93
N ILE MA 68 -100.37 -19.68 50.05
CA ILE MA 68 -99.26 -20.54 50.48
C ILE MA 68 -97.99 -20.12 49.74
N GLU MA 69 -96.86 -20.32 50.40
CA GLU MA 69 -95.57 -20.03 49.81
C GLU MA 69 -95.21 -21.10 48.79
N SER MA 70 -94.60 -20.67 47.69
CA SER MA 70 -94.18 -21.62 46.66
C SER MA 70 -93.01 -22.45 47.17
N GLN MA 71 -93.00 -23.72 46.78
CA GLN MA 71 -91.96 -24.65 47.18
C GLN MA 71 -90.84 -24.76 46.16
N ALA MA 72 -90.84 -23.93 45.13
CA ALA MA 72 -89.77 -23.93 44.15
C ALA MA 72 -88.46 -23.51 44.84
N PRO MA 73 -87.33 -24.06 44.40
CA PRO MA 73 -86.05 -23.71 45.03
C PRO MA 73 -85.75 -22.23 44.90
N GLU MA 74 -85.19 -21.66 45.95
CA GLU MA 74 -84.89 -20.23 45.99
C GLU MA 74 -83.59 -19.96 45.26
N LYS MA 75 -83.65 -19.12 44.23
CA LYS MA 75 -82.44 -18.69 43.53
C LYS MA 75 -81.53 -17.98 44.52
N LEU MA 76 -80.24 -18.28 44.45
CA LEU MA 76 -79.28 -17.70 45.38
C LEU MA 76 -78.05 -17.24 44.61
N VAL MA 77 -77.53 -16.08 45.01
CA VAL MA 77 -76.37 -15.49 44.37
C VAL MA 77 -75.26 -15.36 45.40
N TYR MA 78 -74.06 -15.06 44.91
CA TYR MA 78 -72.85 -15.04 45.73
C TYR MA 78 -72.36 -13.61 45.87
N GLU MA 79 -72.43 -13.08 47.10
CA GLU MA 79 -71.79 -11.81 47.42
C GLU MA 79 -71.54 -11.76 48.92
N PRO MA 80 -70.29 -11.72 49.36
CA PRO MA 80 -70.00 -11.74 50.80
C PRO MA 80 -70.23 -10.40 51.49
N GLY MA 81 -70.49 -9.33 50.74
CA GLY MA 81 -70.62 -8.02 51.36
C GLY MA 81 -71.80 -7.91 52.30
N ASN MA 82 -72.95 -8.43 51.87
CA ASN MA 82 -74.17 -8.29 52.65
C ASN MA 82 -74.09 -9.12 53.92
N PRO MA 83 -74.52 -8.57 55.06
CA PRO MA 83 -74.57 -9.37 56.30
C PRO MA 83 -75.54 -10.53 56.23
N LEU MA 84 -76.52 -10.50 55.33
CA LEU MA 84 -77.47 -11.59 55.18
C LEU MA 84 -76.83 -12.86 54.63
N ALA MA 85 -75.61 -12.77 54.10
CA ALA MA 85 -74.98 -13.93 53.50
C ALA MA 85 -74.72 -15.01 54.55
N ASP MA 86 -74.88 -16.26 54.14
CA ASP MA 86 -74.65 -17.40 55.01
C ASP MA 86 -73.14 -17.66 55.11
N ALA MA 87 -72.78 -18.83 55.63
CA ALA MA 87 -71.38 -19.16 55.82
C ALA MA 87 -70.62 -19.21 54.49
N ASN MA 88 -71.32 -19.43 53.38
CA ASN MA 88 -70.68 -19.53 52.08
C ASN MA 88 -70.85 -18.29 51.22
N GLY MA 89 -71.35 -17.20 51.79
CA GLY MA 89 -71.50 -15.96 51.05
C GLY MA 89 -72.69 -15.90 50.12
N TYR MA 90 -73.62 -16.84 50.22
CA TYR MA 90 -74.79 -16.87 49.35
C TYR MA 90 -75.96 -16.17 50.01
N VAL MA 91 -76.63 -15.31 49.25
CA VAL MA 91 -77.88 -14.70 49.68
C VAL MA 91 -78.99 -15.21 48.76
N LYS MA 92 -80.22 -15.15 49.27
CA LYS MA 92 -81.35 -15.83 48.65
C LYS MA 92 -82.28 -14.79 48.00
N MET MA 93 -82.18 -14.64 46.69
CA MET MA 93 -83.12 -13.82 45.96
C MET MA 93 -84.48 -14.52 45.90
N PRO MA 94 -85.56 -13.77 45.76
CA PRO MA 94 -86.87 -14.41 45.63
C PRO MA 94 -86.96 -15.25 44.37
N ASN MA 95 -87.59 -16.42 44.48
CA ASN MA 95 -87.74 -17.34 43.36
C ASN MA 95 -89.06 -17.13 42.64
N VAL MA 96 -89.31 -15.90 42.19
CA VAL MA 96 -90.58 -15.54 41.57
C VAL MA 96 -90.36 -15.39 40.08
N ASP MA 97 -91.11 -16.16 39.29
CA ASP MA 97 -91.06 -16.05 37.84
C ASP MA 97 -91.71 -14.74 37.41
N VAL MA 98 -91.33 -14.27 36.24
CA VAL MA 98 -91.85 -13.03 35.69
C VAL MA 98 -92.92 -13.27 34.63
N VAL MA 99 -92.64 -14.13 33.66
CA VAL MA 99 -93.62 -14.35 32.60
C VAL MA 99 -94.85 -15.06 33.14
N GLY MA 100 -94.69 -15.91 34.17
CA GLY MA 100 -95.84 -16.53 34.80
C GLY MA 100 -96.78 -15.49 35.38
N GLU MA 101 -96.24 -14.52 36.11
CA GLU MA 101 -97.09 -13.46 36.65
C GLU MA 101 -97.67 -12.60 35.53
N MET MA 102 -96.90 -12.38 34.47
CA MET MA 102 -97.40 -11.58 33.36
C MET MA 102 -98.62 -12.22 32.73
N VAL MA 103 -98.61 -13.54 32.54
CA VAL MA 103 -99.79 -14.18 31.98
C VAL MA 103 -100.89 -14.33 33.02
N ASN MA 104 -100.53 -14.45 34.30
CA ASN MA 104 -101.56 -14.54 35.34
C ASN MA 104 -102.38 -13.27 35.40
N THR MA 105 -101.73 -12.12 35.25
CA THR MA 105 -102.46 -10.85 35.26
C THR MA 105 -103.49 -10.80 34.14
N MET MA 106 -103.09 -11.16 32.92
CA MET MA 106 -104.02 -11.13 31.80
C MET MA 106 -105.16 -12.13 31.99
N SER MA 107 -104.83 -13.35 32.43
CA SER MA 107 -105.88 -14.34 32.65
C SER MA 107 -106.87 -13.89 33.71
N ALA MA 108 -106.37 -13.33 34.81
CA ALA MA 108 -107.24 -12.86 35.87
C ALA MA 108 -108.14 -11.73 35.38
N SER MA 109 -107.58 -10.78 34.63
CA SER MA 109 -108.40 -9.68 34.11
C SER MA 109 -109.48 -10.20 33.18
N ARG MA 110 -109.14 -11.14 32.29
CA ARG MA 110 -110.14 -11.66 31.36
C ARG MA 110 -111.24 -12.41 32.09
N SER MA 111 -110.87 -13.22 33.09
CA SER MA 111 -111.89 -13.93 33.86
C SER MA 111 -112.78 -12.94 34.63
N TYR MA 112 -112.18 -11.87 35.16
CA TYR MA 112 -112.95 -10.85 35.85
C TYR MA 112 -113.98 -10.22 34.92
N GLN MA 113 -113.54 -9.88 33.70
CA GLN MA 113 -114.46 -9.27 32.74
C GLN MA 113 -115.58 -10.23 32.36
N ALA MA 114 -115.24 -11.50 32.16
CA ALA MA 114 -116.27 -12.49 31.80
C ALA MA 114 -117.29 -12.62 32.92
N ASN MA 115 -116.83 -12.68 34.17
CA ASN MA 115 -117.76 -12.83 35.29
C ASN MA 115 -118.65 -11.61 35.44
N ILE MA 116 -118.10 -10.41 35.29
CA ILE MA 116 -118.96 -9.24 35.44
C ILE MA 116 -119.96 -9.15 34.29
N GLU MA 117 -119.55 -9.56 33.09
CA GLU MA 117 -120.52 -9.59 31.99
C GLU MA 117 -121.63 -10.58 32.26
N VAL MA 118 -121.30 -11.74 32.81
CA VAL MA 118 -122.33 -12.71 33.18
C VAL MA 118 -123.28 -12.12 34.20
N LEU MA 119 -122.73 -11.44 35.20
CA LEU MA 119 -123.56 -10.82 36.24
C LEU MA 119 -124.52 -9.80 35.64
N ASN MA 120 -124.01 -8.96 34.73
CA ASN MA 120 -124.84 -7.93 34.12
C ASN MA 120 -125.95 -8.56 33.28
N THR MA 121 -125.63 -9.61 32.52
CA THR MA 121 -126.63 -10.28 31.71
C THR MA 121 -127.73 -10.88 32.59
N VAL MA 122 -127.35 -11.53 33.69
CA VAL MA 122 -128.34 -12.13 34.56
C VAL MA 122 -129.20 -11.07 35.22
N LYS MA 123 -128.60 -9.93 35.58
CA LYS MA 123 -129.38 -8.84 36.16
C LYS MA 123 -130.41 -8.33 35.15
N SER MA 124 -130.01 -8.18 33.89
CA SER MA 124 -130.97 -7.73 32.87
C SER MA 124 -132.09 -8.75 32.69
N MET MA 125 -131.75 -10.04 32.69
CA MET MA 125 -132.78 -11.07 32.55
C MET MA 125 -133.76 -11.03 33.71
N MET MA 126 -133.24 -10.85 34.93
CA MET MA 126 -134.13 -10.78 36.10
C MET MA 126 -135.03 -9.56 36.04
N LEU MA 127 -134.49 -8.42 35.59
CA LEU MA 127 -135.32 -7.23 35.43
C LEU MA 127 -136.43 -7.47 34.41
N LYS MA 128 -136.11 -8.12 33.29
CA LYS MA 128 -137.14 -8.43 32.31
C LYS MA 128 -138.17 -9.42 32.85
N THR MA 129 -137.73 -10.36 33.68
CA THR MA 129 -138.68 -11.30 34.29
C THR MA 129 -139.62 -10.58 35.26
N LEU MA 130 -139.12 -9.54 35.93
CA LEU MA 130 -139.93 -8.83 36.91
C LEU MA 130 -141.23 -8.29 36.34
N THR MA 131 -141.26 -7.96 35.05
CA THR MA 131 -142.45 -7.39 34.42
C THR MA 131 -143.25 -8.43 33.64
N LEU MA 132 -143.31 -9.66 34.12
CA LEU MA 132 -144.10 -10.71 33.49
C LEU MA 132 -145.58 -10.35 33.47
N ASP NA 3 -144.36 34.73 24.37
CA ASP NA 3 -145.07 34.93 25.64
C ASP NA 3 -144.32 34.25 26.79
N ARG NA 4 -145.10 33.66 27.71
CA ARG NA 4 -144.50 32.97 28.85
C ARG NA 4 -143.65 31.79 28.40
N LEU NA 5 -144.14 31.01 27.44
CA LEU NA 5 -143.39 29.85 26.97
C LEU NA 5 -142.06 30.27 26.36
N ASP NA 6 -142.08 31.33 25.55
CA ASP NA 6 -140.84 31.80 24.93
C ASP NA 6 -139.90 32.40 25.97
N ALA NA 7 -140.46 33.09 26.97
CA ALA NA 7 -139.61 33.69 28.00
C ALA NA 7 -138.95 32.64 28.88
N ALA NA 8 -139.62 31.50 29.09
CA ALA NA 8 -139.04 30.45 29.93
C ALA NA 8 -137.81 29.83 29.28
N LEU NA 9 -137.69 29.90 27.96
CA LEU NA 9 -136.60 29.25 27.24
C LEU NA 9 -135.68 30.22 26.52
N ARG NA 10 -135.96 31.52 26.56
CA ARG NA 10 -135.17 32.47 25.79
C ARG NA 10 -133.71 32.45 26.19
N PHE NA 11 -133.43 32.41 27.50
CA PHE NA 11 -132.05 32.48 27.95
C PHE NA 11 -131.25 31.27 27.49
N GLN NA 12 -131.82 30.07 27.66
CA GLN NA 12 -131.12 28.87 27.24
C GLN NA 12 -130.92 28.84 25.73
N GLN NA 13 -131.95 29.23 24.97
CA GLN NA 13 -131.81 29.24 23.52
C GLN NA 13 -130.73 30.21 23.06
N GLU NA 14 -130.69 31.40 23.68
CA GLU NA 14 -129.68 32.39 23.29
C GLU NA 14 -128.29 31.93 23.70
N ALA NA 15 -128.16 31.27 24.85
CA ALA NA 15 -126.87 30.73 25.24
C ALA NA 15 -126.41 29.67 24.23
N LEU NA 16 -127.33 28.81 23.80
CA LEU NA 16 -126.98 27.81 22.79
C LEU NA 16 -126.52 28.48 21.50
N ASN NA 17 -127.24 29.50 21.04
CA ASN NA 17 -126.89 30.17 19.80
C ASN NA 17 -125.53 30.85 19.90
N LEU NA 18 -125.27 31.54 21.01
CA LEU NA 18 -123.98 32.19 21.18
C LEU NA 18 -122.86 31.18 21.28
N ARG NA 19 -123.10 30.04 21.91
CA ARG NA 19 -122.07 28.99 21.96
C ARG NA 19 -121.78 28.48 20.55
N ALA NA 20 -122.82 28.31 19.72
CA ALA NA 20 -122.58 27.89 18.35
C ALA NA 20 -121.76 28.91 17.58
N GLN NA 21 -122.08 30.19 17.74
CA GLN NA 21 -121.33 31.23 17.02
C GLN NA 21 -119.88 31.27 17.48
N ARG NA 22 -119.63 31.14 18.78
CA ARG NA 22 -118.26 31.12 19.26
C ARG NA 22 -117.52 29.89 18.77
N GLN NA 23 -118.22 28.76 18.67
CA GLN NA 23 -117.61 27.56 18.09
C GLN NA 23 -117.18 27.81 16.65
N GLU NA 24 -118.04 28.48 15.88
CA GLU NA 24 -117.69 28.79 14.50
C GLU NA 24 -116.48 29.70 14.43
N ILE NA 25 -116.42 30.70 15.32
CA ILE NA 25 -115.26 31.60 15.34
C ILE NA 25 -113.99 30.83 15.66
N LEU NA 26 -114.04 29.93 16.65
CA LEU NA 26 -112.87 29.14 16.99
C LEU NA 26 -112.45 28.23 15.85
N ALA NA 27 -113.41 27.63 15.16
CA ALA NA 27 -113.08 26.79 14.01
C ALA NA 27 -112.41 27.61 12.92
N ALA NA 28 -112.91 28.81 12.65
CA ALA NA 28 -112.31 29.64 11.61
C ALA NA 28 -110.88 30.02 11.98
N ASN NA 29 -110.66 30.45 13.21
CA ASN NA 29 -109.32 30.92 13.57
C ASN NA 29 -108.39 29.78 13.95
N ILE NA 30 -108.86 28.54 13.97
CA ILE NA 30 -107.95 27.41 14.00
C ILE NA 30 -107.69 26.87 12.59
N ALA NA 31 -108.61 27.11 11.65
CA ALA NA 31 -108.35 26.74 10.26
C ALA NA 31 -107.40 27.70 9.57
N ASN NA 32 -107.39 28.97 9.99
CA ASN NA 32 -106.47 29.95 9.42
C ASN NA 32 -105.13 29.98 10.14
N ALA NA 33 -104.70 28.86 10.72
CA ALA NA 33 -103.52 28.85 11.57
C ALA NA 33 -102.22 29.09 10.82
N ASP NA 34 -102.23 29.03 9.49
CA ASP NA 34 -101.01 29.18 8.72
C ASP NA 34 -100.96 30.44 7.87
N THR NA 35 -102.05 31.16 7.74
CA THR NA 35 -102.06 32.34 6.89
C THR NA 35 -101.38 33.51 7.60
N PRO NA 36 -100.29 34.05 7.07
CA PRO NA 36 -99.66 35.21 7.70
C PRO NA 36 -100.54 36.45 7.62
N GLY NA 37 -100.41 37.30 8.62
CA GLY NA 37 -101.17 38.52 8.68
C GLY NA 37 -102.60 38.37 9.16
N TYR NA 38 -103.00 37.17 9.58
CA TYR NA 38 -104.35 36.93 10.07
C TYR NA 38 -104.36 37.01 11.58
N GLN NA 39 -105.29 37.81 12.12
CA GLN NA 39 -105.38 38.03 13.55
C GLN NA 39 -106.40 37.08 14.17
N ALA NA 40 -106.08 36.55 15.34
CA ALA NA 40 -107.02 35.68 16.05
C ALA NA 40 -108.26 36.47 16.44
N ARG NA 41 -109.40 35.79 16.42
CA ARG NA 41 -110.68 36.41 16.72
C ARG NA 41 -111.43 35.59 17.76
N ASP NA 42 -112.24 36.27 18.56
CA ASP NA 42 -113.12 35.64 19.53
C ASP NA 42 -114.05 36.71 20.07
N ILE NA 43 -115.04 36.28 20.85
CA ILE NA 43 -116.07 37.16 21.36
C ILE NA 43 -116.12 37.05 22.87
N ASP NA 44 -116.62 38.12 23.51
CA ASP NA 44 -116.78 38.15 24.96
C ASP NA 44 -118.14 37.55 25.28
N PHE NA 45 -118.13 36.29 25.73
CA PHE NA 45 -119.37 35.53 25.82
C PHE NA 45 -120.33 36.13 26.84
N ALA NA 46 -119.83 36.50 28.01
CA ALA NA 46 -120.70 36.99 29.06
C ALA NA 46 -121.39 38.29 28.64
N SER NA 47 -120.61 39.25 28.14
CA SER NA 47 -121.18 40.51 27.70
C SER NA 47 -122.14 40.32 26.54
N GLU NA 48 -121.79 39.46 25.58
CA GLU NA 48 -122.69 39.20 24.46
C GLU NA 48 -124.00 38.61 24.92
N LEU NA 49 -123.96 37.63 25.84
CA LEU NA 49 -125.17 37.00 26.32
C LEU NA 49 -126.03 38.00 27.08
N LYS NA 50 -125.42 38.81 27.94
CA LYS NA 50 -126.18 39.79 28.71
C LYS NA 50 -126.83 40.83 27.79
N LYS NA 51 -126.09 41.29 26.78
CA LYS NA 51 -126.65 42.27 25.85
C LYS NA 51 -127.78 41.68 25.04
N VAL NA 52 -127.63 40.43 24.57
CA VAL NA 52 -128.70 39.85 23.76
C VAL NA 52 -129.93 39.54 24.59
N MET NA 53 -129.75 39.15 25.87
CA MET NA 53 -130.91 38.91 26.72
C MET NA 53 -131.56 40.20 27.18
N VAL NA 54 -130.82 41.31 27.24
CA VAL NA 54 -131.42 42.60 27.55
C VAL NA 54 -132.10 43.17 26.30
N ALA NA 82 -125.07 42.88 14.15
CA ALA NA 82 -124.80 41.45 14.16
C ALA NA 82 -124.17 41.02 15.48
N VAL NA 83 -122.96 40.45 15.40
CA VAL NA 83 -122.25 39.93 16.55
C VAL NA 83 -120.95 40.69 16.71
N ASP NA 84 -120.68 41.16 17.92
CA ASP NA 84 -119.45 41.89 18.20
C ASP NA 84 -118.31 40.91 18.51
N LEU NA 85 -117.18 41.10 17.83
CA LEU NA 85 -116.00 40.27 18.03
C LEU NA 85 -114.77 41.17 18.16
N LEU NA 86 -113.78 40.69 18.90
CA LEU NA 86 -112.57 41.46 19.17
C LEU NA 86 -111.36 40.56 19.05
N TYR NA 87 -110.20 41.18 18.81
CA TYR NA 87 -108.97 40.44 18.61
C TYR NA 87 -108.46 39.86 19.92
N ARG NA 88 -107.70 38.77 19.81
CA ARG NA 88 -107.10 38.13 20.96
C ARG NA 88 -105.70 38.68 21.20
N VAL NA 89 -105.30 38.72 22.47
CA VAL NA 89 -103.98 39.18 22.84
C VAL NA 89 -102.96 38.15 22.38
N PRO NA 90 -101.97 38.54 21.58
CA PRO NA 90 -101.00 37.56 21.08
C PRO NA 90 -100.18 36.96 22.21
N ASP NA 91 -99.78 35.70 22.02
CA ASP NA 91 -99.00 34.97 23.01
C ASP NA 91 -97.50 35.11 22.77
N GLN NA 92 -97.04 34.72 21.59
CA GLN NA 92 -95.64 34.85 21.21
C GLN NA 92 -95.54 35.43 19.80
N PRO NA 93 -94.52 36.25 19.55
CA PRO NA 93 -94.37 36.86 18.23
C PRO NA 93 -93.93 35.85 17.17
N SER NA 94 -94.31 36.13 15.94
CA SER NA 94 -93.89 35.35 14.79
C SER NA 94 -93.55 36.30 13.65
N LEU NA 95 -92.56 35.90 12.84
CA LEU NA 95 -92.10 36.79 11.77
C LEU NA 95 -93.19 37.00 10.71
N ASP NA 96 -93.92 35.95 10.35
CA ASP NA 96 -94.92 36.07 9.30
C ASP NA 96 -96.03 37.04 9.70
N GLY NA 97 -96.48 36.97 10.94
CA GLY NA 97 -97.49 37.89 11.42
C GLY NA 97 -98.66 37.20 12.10
N ASN NA 98 -98.75 35.89 11.94
CA ASN NA 98 -99.85 35.14 12.52
C ASN NA 98 -99.75 35.13 14.04
N THR NA 99 -100.92 35.12 14.70
CA THR NA 99 -100.98 35.28 16.15
C THR NA 99 -101.99 34.31 16.77
N VAL NA 100 -101.97 33.05 16.35
CA VAL NA 100 -102.87 32.04 16.88
C VAL NA 100 -102.05 30.98 17.59
N ASP NA 101 -102.50 30.59 18.79
CA ASP NA 101 -101.81 29.60 19.60
C ASP NA 101 -102.63 28.33 19.65
N MET NA 102 -102.03 27.22 19.21
CA MET NA 102 -102.79 26.00 18.99
C MET NA 102 -103.35 25.43 20.29
N ASP NA 103 -102.53 25.35 21.33
CA ASP NA 103 -103.00 24.76 22.58
C ASP NA 103 -104.12 25.60 23.19
N ARG NA 104 -103.97 26.93 23.16
CA ARG NA 104 -105.01 27.80 23.69
C ARG NA 104 -106.31 27.64 22.91
N GLU NA 105 -106.21 27.58 21.58
CA GLU NA 105 -107.41 27.39 20.78
C GLU NA 105 -108.07 26.05 21.06
N ARG NA 106 -107.26 25.00 21.24
CA ARG NA 106 -107.83 23.68 21.53
C ARG NA 106 -108.53 23.67 22.88
N THR NA 107 -107.93 24.28 23.90
CA THR NA 107 -108.59 24.33 25.20
C THR NA 107 -109.89 25.11 25.13
N GLN NA 108 -109.88 26.25 24.44
CA GLN NA 108 -111.12 27.03 24.30
C GLN NA 108 -112.17 26.23 23.54
N PHE NA 109 -111.76 25.50 22.50
CA PHE NA 109 -112.67 24.69 21.73
C PHE NA 109 -113.32 23.63 22.60
N ALA NA 110 -112.52 22.94 23.41
CA ALA NA 110 -113.08 21.90 24.27
C ALA NA 110 -114.04 22.50 25.29
N ASP NA 111 -113.67 23.63 25.90
CA ASP NA 111 -114.54 24.25 26.89
C ASP NA 111 -115.87 24.65 26.27
N ASN NA 112 -115.83 25.30 25.09
CA ASN NA 112 -117.06 25.73 24.45
C ASN NA 112 -117.91 24.54 24.03
N SER NA 113 -117.28 23.47 23.54
CA SER NA 113 -118.04 22.29 23.17
C SER NA 113 -118.76 21.69 24.38
N LEU NA 114 -118.05 21.56 25.50
CA LEU NA 114 -118.67 20.99 26.69
C LEU NA 114 -119.80 21.88 27.20
N LYS NA 115 -119.61 23.20 27.19
CA LYS NA 115 -120.67 24.08 27.66
C LYS NA 115 -121.87 24.06 26.73
N TYR NA 116 -121.64 23.94 25.42
CA TYR NA 116 -122.74 23.78 24.49
C TYR NA 116 -123.52 22.51 24.76
N GLN NA 117 -122.81 21.41 25.03
CA GLN NA 117 -123.48 20.16 25.36
C GLN NA 117 -124.30 20.29 26.63
N MET NA 118 -123.75 20.97 27.64
CA MET NA 118 -124.49 21.18 28.88
C MET NA 118 -125.74 22.01 28.65
N GLY NA 119 -125.62 23.07 27.85
CA GLY NA 119 -126.79 23.89 27.56
C GLY NA 119 -127.86 23.11 26.83
N LEU NA 120 -127.45 22.28 25.87
CA LEU NA 120 -128.41 21.43 25.17
C LEU NA 120 -129.10 20.48 26.14
N THR NA 121 -128.34 19.88 27.06
CA THR NA 121 -128.94 18.96 28.03
C THR NA 121 -129.94 19.69 28.92
N VAL NA 122 -129.60 20.88 29.38
CA VAL NA 122 -130.50 21.65 30.23
C VAL NA 122 -131.78 21.98 29.48
N LEU NA 123 -131.65 22.44 28.23
CA LEU NA 123 -132.83 22.76 27.44
C LEU NA 123 -133.71 21.53 27.22
N GLY NA 124 -133.09 20.38 26.91
CA GLY NA 124 -133.85 19.17 26.71
C GLY NA 124 -134.59 18.74 27.96
N SER NA 125 -133.93 18.81 29.12
CA SER NA 125 -134.59 18.45 30.36
C SER NA 125 -135.75 19.38 30.68
N GLN NA 126 -135.55 20.69 30.46
CA GLN NA 126 -136.63 21.64 30.72
C GLN NA 126 -137.82 21.39 29.81
N LEU NA 127 -137.56 21.13 28.53
CA LEU NA 127 -138.65 20.82 27.61
C LEU NA 127 -139.34 19.51 27.98
N LYS NA 128 -138.58 18.52 28.41
CA LYS NA 128 -139.18 17.26 28.82
C LYS NA 128 -140.09 17.46 30.03
N GLY NA 129 -139.66 18.26 31.00
CA GLY NA 129 -140.51 18.56 32.13
C GLY NA 129 -141.76 19.32 31.74
N MET NA 130 -141.62 20.31 30.86
CA MET NA 130 -142.78 21.06 30.40
C MET NA 130 -143.76 20.15 29.66
N MET NA 131 -143.25 19.19 28.90
CA MET NA 131 -144.13 18.23 28.23
C MET NA 131 -144.80 17.31 29.25
N ASN NA 132 -144.03 16.83 30.23
CA ASN NA 132 -144.55 15.91 31.24
C ASN NA 132 -145.62 16.54 32.11
N VAL NA 133 -145.58 17.86 32.32
CA VAL NA 133 -146.58 18.50 33.15
C VAL NA 133 -147.98 18.45 32.54
N LEU NA 134 -148.10 18.05 31.28
CA LEU NA 134 -149.40 18.01 30.60
C LEU NA 134 -150.08 16.66 30.72
N GLN NA 135 -149.61 15.79 31.60
CA GLN NA 135 -150.24 14.49 31.81
C GLN NA 135 -150.54 14.27 33.29
N ASP OA 3 -155.37 14.79 0.09
CA ASP OA 3 -154.26 15.20 -0.74
C ASP OA 3 -153.49 16.33 -0.06
N ARG OA 4 -154.15 17.04 0.85
CA ARG OA 4 -153.46 18.07 1.63
C ARG OA 4 -152.37 17.44 2.48
N LEU OA 5 -152.68 16.31 3.13
CA LEU OA 5 -151.66 15.55 3.83
C LEU OA 5 -150.57 15.09 2.87
N ASP OA 6 -150.97 14.66 1.67
CA ASP OA 6 -150.02 14.22 0.67
C ASP OA 6 -148.98 15.30 0.40
N ALA OA 7 -149.42 16.52 0.12
CA ALA OA 7 -148.48 17.60 -0.20
C ALA OA 7 -147.66 18.02 1.02
N ALA OA 8 -148.32 18.14 2.17
CA ALA OA 8 -147.65 18.62 3.37
C ALA OA 8 -146.51 17.70 3.76
N LEU OA 9 -146.71 16.38 3.66
CA LEU OA 9 -145.59 15.48 3.85
C LEU OA 9 -144.74 15.32 2.60
N ARG OA 10 -145.27 15.72 1.43
CA ARG OA 10 -144.56 15.51 0.18
C ARG OA 10 -143.34 16.41 0.09
N PHE OA 11 -143.43 17.62 0.63
CA PHE OA 11 -142.25 18.49 0.60
C PHE OA 11 -141.05 17.79 1.24
N GLN OA 12 -141.22 17.32 2.48
CA GLN OA 12 -140.13 16.65 3.17
C GLN OA 12 -139.79 15.31 2.54
N GLN OA 13 -140.79 14.59 2.01
CA GLN OA 13 -140.53 13.31 1.38
C GLN OA 13 -139.63 13.48 0.15
N GLU OA 14 -139.91 14.48 -0.67
CA GLU OA 14 -139.05 14.78 -1.81
C GLU OA 14 -137.68 15.27 -1.40
N ALA OA 15 -137.60 16.07 -0.32
CA ALA OA 15 -136.28 16.46 0.19
C ALA OA 15 -135.47 15.23 0.57
N LEU OA 16 -136.10 14.28 1.27
CA LEU OA 16 -135.42 13.06 1.67
C LEU OA 16 -135.01 12.24 0.47
N ASN OA 17 -135.88 12.15 -0.54
CA ASN OA 17 -135.57 11.38 -1.74
C ASN OA 17 -134.36 11.95 -2.46
N LEU OA 18 -134.31 13.27 -2.60
CA LEU OA 18 -133.16 13.89 -3.25
C LEU OA 18 -131.90 13.72 -2.42
N ARG OA 19 -132.02 13.77 -1.10
CA ARG OA 19 -130.85 13.49 -0.26
C ARG OA 19 -130.34 12.08 -0.50
N ALA OA 20 -131.26 11.11 -0.63
CA ALA OA 20 -130.84 9.73 -0.90
C ALA OA 20 -130.14 9.62 -2.25
N GLN OA 21 -130.67 10.30 -3.27
CA GLN OA 21 -130.05 10.25 -4.59
C GLN OA 21 -128.64 10.84 -4.54
N ARG OA 22 -128.49 11.98 -3.86
CA ARG OA 22 -127.17 12.60 -3.77
C ARG OA 22 -126.21 11.71 -2.99
N GLN OA 23 -126.70 11.03 -1.95
CA GLN OA 23 -125.88 10.09 -1.22
C GLN OA 23 -125.42 8.95 -2.12
N GLU OA 24 -126.32 8.45 -2.97
CA GLU OA 24 -125.95 7.38 -3.89
C GLU OA 24 -124.87 7.84 -4.86
N ILE OA 25 -124.99 9.05 -5.39
CA ILE OA 25 -123.98 9.55 -6.33
C ILE OA 25 -122.64 9.73 -5.62
N LEU OA 26 -122.66 10.23 -4.39
CA LEU OA 26 -121.42 10.38 -3.63
C LEU OA 26 -120.78 9.02 -3.37
N ALA OA 27 -121.58 8.02 -3.04
CA ALA OA 27 -121.04 6.68 -2.84
C ALA OA 27 -120.44 6.14 -4.14
N ALA OA 28 -121.09 6.40 -5.27
CA ALA OA 28 -120.57 5.94 -6.55
C ALA OA 28 -119.21 6.56 -6.85
N ASN OA 29 -119.07 7.86 -6.66
CA ASN OA 29 -117.79 8.50 -6.95
C ASN OA 29 -116.74 8.25 -5.86
N ILE OA 30 -117.14 7.75 -4.70
CA ILE OA 30 -116.17 7.21 -3.76
C ILE OA 30 -115.67 5.86 -4.23
N ALA OA 31 -116.59 4.99 -4.66
CA ALA OA 31 -116.19 3.65 -5.10
C ALA OA 31 -115.29 3.71 -6.32
N ASN OA 32 -115.61 4.59 -7.28
CA ASN OA 32 -114.80 4.73 -8.48
C ASN OA 32 -113.70 5.77 -8.33
N ALA OA 33 -113.20 5.98 -7.11
CA ALA OA 33 -112.23 7.04 -6.87
C ALA OA 33 -110.88 6.79 -7.53
N ASP OA 34 -110.59 5.55 -7.94
CA ASP OA 34 -109.30 5.23 -8.53
C ASP OA 34 -109.42 4.76 -9.98
N THR OA 35 -110.54 5.02 -10.62
CA THR OA 35 -110.71 4.65 -12.02
C THR OA 35 -110.16 5.75 -12.91
N PRO OA 36 -109.14 5.48 -13.73
CA PRO OA 36 -108.64 6.53 -14.62
C PRO OA 36 -109.65 6.90 -15.67
N GLY OA 37 -109.60 8.17 -16.09
CA GLY OA 37 -110.57 8.67 -17.04
C GLY OA 37 -111.95 8.86 -16.48
N TYR OA 38 -112.09 9.05 -15.18
CA TYR OA 38 -113.38 9.24 -14.54
C TYR OA 38 -113.62 10.71 -14.27
N GLN OA 39 -114.87 11.13 -14.35
CA GLN OA 39 -115.28 12.50 -14.10
C GLN OA 39 -116.19 12.55 -12.88
N ALA OA 40 -115.85 13.40 -11.92
CA ALA OA 40 -116.66 13.53 -10.71
C ALA OA 40 -118.02 14.11 -11.05
N ARG OA 41 -119.07 13.53 -10.47
CA ARG OA 41 -120.44 13.93 -10.75
C ARG OA 41 -121.13 14.35 -9.46
N ASP OA 42 -122.03 15.32 -9.58
CA ASP OA 42 -122.80 15.80 -8.44
C ASP OA 42 -124.02 16.54 -8.98
N ILE OA 43 -124.94 16.85 -8.07
CA ILE OA 43 -126.18 17.55 -8.42
C ILE OA 43 -126.34 18.76 -7.51
N ASP OA 44 -127.13 19.72 -7.96
CA ASP OA 44 -127.42 20.93 -7.20
C ASP OA 44 -128.72 20.73 -6.45
N PHE OA 45 -128.61 20.57 -5.12
CA PHE OA 45 -129.75 20.13 -4.32
C PHE OA 45 -130.87 21.16 -4.34
N ALA OA 46 -130.54 22.44 -4.18
CA ALA OA 46 -131.57 23.46 -4.04
C ALA OA 46 -132.39 23.59 -5.32
N SER OA 47 -131.71 23.77 -6.45
CA SER OA 47 -132.42 23.92 -7.72
C SER OA 47 -133.15 22.64 -8.09
N GLU OA 48 -132.55 21.48 -7.81
CA GLU OA 48 -133.23 20.23 -8.11
C GLU OA 48 -134.52 20.10 -7.31
N LEU OA 49 -134.47 20.45 -6.02
CA LEU OA 49 -135.67 20.38 -5.20
C LEU OA 49 -136.73 21.36 -5.68
N LYS OA 50 -136.30 22.57 -6.08
CA LYS OA 50 -137.26 23.53 -6.61
C LYS OA 50 -137.95 22.99 -7.86
N LYS OA 51 -137.17 22.42 -8.77
CA LYS OA 51 -137.74 21.87 -10.00
C LYS OA 51 -138.70 20.73 -9.69
N VAL OA 52 -138.32 19.84 -8.77
CA VAL OA 52 -139.18 18.70 -8.46
C VAL OA 52 -140.48 19.18 -7.83
N MET OA 53 -140.41 20.14 -6.90
CA MET OA 53 -141.62 20.67 -6.29
C MET OA 53 -142.52 21.34 -7.32
N VAL OA 54 -141.93 22.12 -8.23
CA VAL OA 54 -142.73 22.77 -9.26
C VAL OA 54 -143.02 21.80 -10.39
N ALA OA 82 -135.18 11.66 -14.57
CA ALA OA 82 -135.66 13.04 -14.63
C ALA OA 82 -134.79 13.94 -13.77
N VAL OA 83 -133.59 13.45 -13.42
CA VAL OA 83 -132.64 14.19 -12.62
C VAL OA 83 -131.38 14.40 -13.44
N ASP OA 84 -130.93 15.65 -13.52
CA ASP OA 84 -129.70 16.00 -14.24
C ASP OA 84 -128.56 16.19 -13.26
N LEU OA 85 -127.36 15.81 -13.69
CA LEU OA 85 -126.18 15.84 -12.85
C LEU OA 85 -125.10 16.67 -13.52
N LEU OA 86 -124.26 17.30 -12.70
CA LEU OA 86 -123.23 18.22 -13.17
C LEU OA 86 -121.85 17.67 -12.85
N TYR OA 87 -120.86 18.11 -13.61
CA TYR OA 87 -119.49 17.68 -13.38
C TYR OA 87 -118.85 18.57 -12.32
N ARG OA 88 -118.28 17.95 -11.28
CA ARG OA 88 -117.62 18.71 -10.24
C ARG OA 88 -116.36 19.38 -10.79
N VAL OA 89 -116.14 20.61 -10.36
CA VAL OA 89 -114.95 21.36 -10.80
C VAL OA 89 -113.70 20.72 -10.20
N PRO OA 90 -112.72 20.34 -11.02
CA PRO OA 90 -111.49 19.77 -10.46
C PRO OA 90 -110.68 20.81 -9.70
N ASP OA 91 -109.86 20.32 -8.78
CA ASP OA 91 -108.99 21.18 -7.98
C ASP OA 91 -107.53 21.02 -8.31
N GLN OA 92 -107.06 19.80 -8.59
CA GLN OA 92 -105.68 19.55 -8.93
C GLN OA 92 -105.60 18.67 -10.16
N PRO OA 93 -104.59 18.85 -11.00
CA PRO OA 93 -104.41 17.97 -12.16
C PRO OA 93 -103.97 16.58 -11.76
N SER OA 94 -104.28 15.62 -12.62
CA SER OA 94 -103.87 14.24 -12.43
C SER OA 94 -103.66 13.60 -13.80
N LEU OA 95 -102.50 12.96 -13.99
CA LEU OA 95 -102.16 12.43 -15.30
C LEU OA 95 -103.12 11.34 -15.74
N ASP OA 96 -103.53 10.47 -14.82
CA ASP OA 96 -104.40 9.37 -15.22
C ASP OA 96 -105.82 9.82 -15.52
N GLY OA 97 -106.10 11.11 -15.59
CA GLY OA 97 -107.41 11.56 -16.01
C GLY OA 97 -108.50 11.42 -14.96
N ASN OA 98 -108.13 11.25 -13.70
CA ASN OA 98 -109.09 11.13 -12.62
C ASN OA 98 -109.21 12.48 -11.92
N THR OA 99 -110.43 13.01 -11.85
CA THR OA 99 -110.66 14.32 -11.28
C THR OA 99 -111.44 14.28 -9.97
N VAL OA 100 -111.90 13.12 -9.52
CA VAL OA 100 -112.67 13.03 -8.30
C VAL OA 100 -111.71 13.19 -7.13
N ASP OA 101 -111.81 14.30 -6.42
CA ASP OA 101 -111.02 14.52 -5.23
C ASP OA 101 -111.49 13.57 -4.12
N MET OA 102 -110.82 13.64 -2.97
CA MET OA 102 -111.20 12.83 -1.83
C MET OA 102 -111.73 13.65 -0.66
N ASP OA 103 -110.99 14.69 -0.24
CA ASP OA 103 -111.37 15.41 0.96
C ASP OA 103 -112.69 16.17 0.77
N ARG OA 104 -112.83 16.86 -0.36
CA ARG OA 104 -114.03 17.65 -0.60
C ARG OA 104 -115.26 16.76 -0.64
N GLU OA 105 -115.17 15.64 -1.35
CA GLU OA 105 -116.31 14.74 -1.44
C GLU OA 105 -116.57 14.00 -0.13
N ARG OA 106 -115.53 13.76 0.68
CA ARG OA 106 -115.77 13.17 2.00
C ARG OA 106 -116.54 14.13 2.90
N THR OA 107 -116.15 15.40 2.90
CA THR OA 107 -116.92 16.39 3.65
C THR OA 107 -118.34 16.49 3.12
N GLN OA 108 -118.50 16.41 1.80
CA GLN OA 108 -119.84 16.42 1.22
C GLN OA 108 -120.65 15.21 1.68
N PHE OA 109 -120.01 14.04 1.74
CA PHE OA 109 -120.68 12.84 2.20
C PHE OA 109 -121.17 13.00 3.64
N ALA OA 110 -120.29 13.50 4.51
CA ALA OA 110 -120.68 13.69 5.91
C ALA OA 110 -121.83 14.70 6.02
N ASP OA 111 -121.74 15.81 5.30
CA ASP OA 111 -122.80 16.82 5.34
C ASP OA 111 -124.12 16.25 4.84
N ASN OA 112 -124.08 15.49 3.74
CA ASN OA 112 -125.30 14.92 3.20
C ASN OA 112 -125.91 13.90 4.16
N SER OA 113 -125.08 13.09 4.81
CA SER OA 113 -125.61 12.14 5.78
C SER OA 113 -126.28 12.86 6.94
N LEU OA 114 -125.64 13.92 7.45
CA LEU OA 114 -126.23 14.67 8.55
C LEU OA 114 -127.54 15.31 8.15
N LYS OA 115 -127.60 15.90 6.95
CA LYS OA 115 -128.84 16.53 6.52
C LYS OA 115 -129.93 15.51 6.23
N TYR OA 116 -129.56 14.32 5.74
CA TYR OA 116 -130.54 13.26 5.58
C TYR OA 116 -131.13 12.85 6.92
N GLN OA 117 -130.29 12.71 7.93
CA GLN OA 117 -130.81 12.38 9.26
C GLN OA 117 -131.70 13.49 9.80
N MET OA 118 -131.31 14.74 9.57
CA MET OA 118 -132.12 15.87 10.02
C MET OA 118 -133.49 15.85 9.34
N GLY OA 119 -133.52 15.62 8.03
CA GLY OA 119 -134.79 15.53 7.34
C GLY OA 119 -135.63 14.37 7.84
N LEU OA 120 -134.98 13.23 8.10
CA LEU OA 120 -135.70 12.07 8.62
C LEU OA 120 -136.35 12.37 9.95
N THR OA 121 -135.61 13.02 10.86
CA THR OA 121 -136.19 13.29 12.18
C THR OA 121 -137.26 14.37 12.11
N VAL OA 122 -137.11 15.35 11.20
CA VAL OA 122 -138.17 16.35 11.04
C VAL OA 122 -139.45 15.69 10.53
N LEU OA 123 -139.33 14.82 9.53
CA LEU OA 123 -140.49 14.13 9.01
C LEU OA 123 -141.13 13.25 10.07
N GLY OA 124 -140.30 12.56 10.86
CA GLY OA 124 -140.84 11.73 11.92
C GLY OA 124 -141.58 12.53 12.98
N SER OA 125 -141.01 13.68 13.37
CA SER OA 125 -141.67 14.54 14.34
C SER OA 125 -143.00 15.05 13.81
N GLN OA 126 -143.04 15.46 12.54
CA GLN OA 126 -144.28 15.95 11.95
C GLN OA 126 -145.33 14.84 11.91
N LEU OA 127 -144.93 13.64 11.51
CA LEU OA 127 -145.87 12.53 11.45
C LEU OA 127 -146.40 12.16 12.83
N LYS OA 128 -145.52 12.12 13.82
CA LYS OA 128 -145.96 11.80 15.18
C LYS OA 128 -146.88 12.88 15.74
N GLY OA 129 -146.59 14.15 15.46
CA GLY OA 129 -147.48 15.21 15.88
C GLY OA 129 -148.84 15.11 15.22
N MET OA 130 -148.87 14.75 13.94
CA MET OA 130 -150.15 14.53 13.28
C MET OA 130 -150.89 13.35 13.89
N MET OA 131 -150.17 12.28 14.23
CA MET OA 131 -150.80 11.07 14.73
C MET OA 131 -151.40 11.28 16.12
N ASN OA 132 -150.62 11.88 17.04
CA ASN OA 132 -151.05 11.95 18.42
C ASN OA 132 -152.29 12.82 18.61
N VAL OA 133 -152.61 13.67 17.65
CA VAL OA 133 -153.84 14.45 17.74
C VAL OA 133 -155.05 13.54 17.68
N LEU OA 134 -154.97 12.45 16.91
CA LEU OA 134 -156.08 11.52 16.77
C LEU OA 134 -156.20 10.54 17.94
N GLN OA 135 -155.57 10.83 19.07
CA GLN OA 135 -155.66 9.97 20.24
C GLN OA 135 -156.55 10.59 21.31
N LEU PA 2 -155.89 -0.33 62.81
CA LEU PA 2 -154.78 -1.24 63.06
C LEU PA 2 -155.13 -2.65 62.64
N ASP PA 3 -156.23 -2.80 61.91
CA ASP PA 3 -156.74 -4.10 61.52
C ASP PA 3 -156.77 -4.24 60.01
N ARG PA 4 -156.46 -5.46 59.54
CA ARG PA 4 -156.58 -5.86 58.14
C ARG PA 4 -155.61 -5.12 57.25
N LEU PA 5 -156.15 -4.30 56.34
CA LEU PA 5 -155.38 -3.58 55.34
C LEU PA 5 -154.09 -2.99 55.88
N ASP PA 6 -154.18 -2.38 57.07
CA ASP PA 6 -153.03 -1.73 57.68
C ASP PA 6 -151.84 -2.68 57.78
N ALA PA 7 -152.00 -3.79 58.51
CA ALA PA 7 -150.89 -4.72 58.67
C ALA PA 7 -150.58 -5.46 57.38
N ALA PA 8 -151.61 -5.81 56.61
CA ALA PA 8 -151.41 -6.58 55.39
C ALA PA 8 -150.51 -5.85 54.42
N LEU PA 9 -150.61 -4.52 54.35
CA LEU PA 9 -149.70 -3.75 53.55
C LEU PA 9 -148.46 -3.28 54.32
N ARG PA 10 -148.54 -3.24 55.65
CA ARG PA 10 -147.40 -2.83 56.45
C ARG PA 10 -146.26 -3.84 56.35
N PHE PA 11 -146.60 -5.14 56.25
CA PHE PA 11 -145.53 -6.13 56.17
C PHE PA 11 -144.63 -5.89 54.96
N GLN PA 12 -145.19 -5.35 53.88
CA GLN PA 12 -144.38 -5.00 52.71
C GLN PA 12 -143.84 -3.58 52.78
N GLN PA 13 -144.58 -2.65 53.40
CA GLN PA 13 -144.09 -1.29 53.52
C GLN PA 13 -142.82 -1.22 54.36
N GLU PA 14 -142.79 -1.95 55.48
CA GLU PA 14 -141.59 -1.97 56.30
C GLU PA 14 -140.44 -2.69 55.61
N ALA PA 15 -140.74 -3.71 54.80
CA ALA PA 15 -139.69 -4.34 54.00
C ALA PA 15 -139.09 -3.35 53.03
N LEU PA 16 -139.94 -2.55 52.37
CA LEU PA 16 -139.42 -1.52 51.46
C LEU PA 16 -138.59 -0.49 52.21
N ASN PA 17 -139.04 -0.10 53.40
CA ASN PA 17 -138.27 0.84 54.20
C ASN PA 17 -136.90 0.27 54.55
N LEU PA 18 -136.85 -1.01 54.93
CA LEU PA 18 -135.58 -1.64 55.24
C LEU PA 18 -134.67 -1.70 54.03
N ARG PA 19 -135.24 -2.02 52.85
CA ARG PA 19 -134.43 -2.03 51.64
C ARG PA 19 -133.87 -0.64 51.35
N ALA PA 20 -134.70 0.39 51.52
CA ALA PA 20 -134.24 1.76 51.27
C ALA PA 20 -133.13 2.16 52.23
N GLN PA 21 -133.26 1.81 53.50
CA GLN PA 21 -132.22 2.15 54.47
C GLN PA 21 -130.91 1.40 54.16
N ARG PA 22 -131.01 0.13 53.80
CA ARG PA 22 -129.81 -0.61 53.43
C ARG PA 22 -129.17 -0.02 52.17
N GLN PA 23 -130.00 0.42 51.23
CA GLN PA 23 -129.49 1.09 50.03
C GLN PA 23 -128.75 2.37 50.39
N GLU PA 24 -129.31 3.14 51.31
CA GLU PA 24 -128.65 4.37 51.74
C GLU PA 24 -127.31 4.08 52.40
N ILE PA 25 -127.26 3.04 53.24
CA ILE PA 25 -126.00 2.68 53.87
C ILE PA 25 -124.97 2.23 52.83
N LEU PA 26 -125.41 1.45 51.84
CA LEU PA 26 -124.50 1.03 50.78
C LEU PA 26 -123.99 2.23 50.00
N ALA PA 27 -124.87 3.20 49.71
CA ALA PA 27 -124.43 4.39 49.01
C ALA PA 27 -123.42 5.17 49.84
N ALA PA 28 -123.64 5.27 51.14
CA ALA PA 28 -122.71 5.98 52.00
C ALA PA 28 -121.34 5.30 52.01
N ASN PA 29 -121.31 3.98 52.17
CA ASN PA 29 -120.03 3.30 52.25
C ASN PA 29 -119.36 3.11 50.90
N ILE PA 30 -120.07 3.31 49.79
CA ILE PA 30 -119.39 3.34 48.51
C ILE PA 30 -118.92 4.75 48.16
N ALA PA 31 -119.60 5.79 48.67
CA ALA PA 31 -119.12 7.15 48.47
C ALA PA 31 -117.93 7.46 49.36
N ASN PA 32 -117.84 6.82 50.52
CA ASN PA 32 -116.71 7.01 51.43
C ASN PA 32 -115.63 5.95 51.23
N ALA PA 33 -115.44 5.48 50.00
CA ALA PA 33 -114.60 4.32 49.74
C ALA PA 33 -113.12 4.63 49.69
N ASP PA 34 -112.73 5.90 49.73
CA ASP PA 34 -111.32 6.27 49.65
C ASP PA 34 -110.79 6.95 50.90
N THR PA 35 -111.63 7.21 51.89
CA THR PA 35 -111.16 7.81 53.13
C THR PA 35 -110.36 6.80 53.93
N PRO PA 36 -109.13 7.11 54.33
CA PRO PA 36 -108.32 6.14 55.05
C PRO PA 36 -108.95 5.78 56.40
N GLY PA 37 -108.77 4.52 56.80
CA GLY PA 37 -109.28 4.05 58.06
C GLY PA 37 -110.78 3.91 58.13
N TYR PA 38 -111.45 3.75 56.99
CA TYR PA 38 -112.89 3.61 56.97
C TYR PA 38 -113.30 2.16 57.14
N GLN PA 39 -114.42 1.96 57.84
CA GLN PA 39 -114.97 0.63 58.11
C GLN PA 39 -116.23 0.43 57.29
N ALA PA 40 -116.31 -0.69 56.59
CA ALA PA 40 -117.51 -1.02 55.83
C ALA PA 40 -118.66 -1.30 56.78
N ARG PA 41 -119.84 -0.76 56.46
CA ARG PA 41 -121.01 -0.86 57.31
C ARG PA 41 -122.13 -1.55 56.55
N ASP PA 42 -122.79 -2.50 57.21
CA ASP PA 42 -123.94 -3.17 56.62
C ASP PA 42 -124.77 -3.77 57.75
N ILE PA 43 -126.00 -4.15 57.42
CA ILE PA 43 -126.93 -4.68 58.41
C ILE PA 43 -127.45 -6.03 57.95
N ASP PA 44 -127.92 -6.82 58.90
CA ASP PA 44 -128.46 -8.15 58.63
C ASP PA 44 -129.96 -7.99 58.35
N PHE PA 45 -130.33 -8.11 57.08
CA PHE PA 45 -131.69 -7.74 56.67
C PHE PA 45 -132.74 -8.62 57.34
N ALA PA 46 -132.50 -9.93 57.43
CA ALA PA 46 -133.51 -10.82 57.99
C ALA PA 46 -133.78 -10.49 59.46
N SER PA 47 -132.71 -10.42 60.26
CA SER PA 47 -132.88 -10.12 61.67
C SER PA 47 -133.48 -8.74 61.88
N GLU PA 48 -133.04 -7.76 61.09
CA GLU PA 48 -133.58 -6.41 61.23
C GLU PA 48 -135.07 -6.38 60.88
N LEU PA 49 -135.48 -7.07 59.81
CA LEU PA 49 -136.89 -7.10 59.44
C LEU PA 49 -137.73 -7.78 60.52
N LYS PA 50 -137.24 -8.89 61.06
CA LYS PA 50 -137.98 -9.55 62.12
C LYS PA 50 -138.11 -8.66 63.35
N LYS PA 51 -137.03 -8.00 63.75
CA LYS PA 51 -137.07 -7.12 64.91
C LYS PA 51 -137.99 -5.93 64.68
N VAL PA 52 -137.99 -5.38 63.47
CA VAL PA 52 -138.90 -4.28 63.16
C VAL PA 52 -140.34 -4.74 63.21
N MET PA 53 -140.63 -5.92 62.63
CA MET PA 53 -142.01 -6.42 62.63
C MET PA 53 -142.51 -6.67 64.04
N VAL PA 54 -141.67 -7.23 64.90
CA VAL PA 54 -142.05 -7.40 66.29
C VAL PA 54 -142.08 -6.06 67.03
N ARG PA 55 -141.39 -5.05 66.50
CA ARG PA 55 -141.30 -3.72 67.11
C ARG PA 55 -140.71 -3.77 68.50
N ALA PA 82 -132.09 3.49 64.94
CA ALA PA 82 -132.24 2.49 65.98
C ALA PA 82 -131.69 1.14 65.52
N VAL PA 83 -131.62 0.95 64.21
CA VAL PA 83 -131.05 -0.27 63.65
C VAL PA 83 -129.56 -0.33 63.95
N ASP PA 84 -129.11 -1.47 64.48
CA ASP PA 84 -127.70 -1.67 64.79
C ASP PA 84 -126.99 -2.19 63.55
N LEU PA 85 -125.94 -1.50 63.14
CA LEU PA 85 -125.21 -1.82 61.92
C LEU PA 85 -123.94 -2.58 62.26
N LEU PA 86 -123.69 -3.68 61.55
CA LEU PA 86 -122.54 -4.53 61.77
C LEU PA 86 -121.40 -4.15 60.83
N TYR PA 87 -120.21 -4.63 61.16
CA TYR PA 87 -119.01 -4.37 60.38
C TYR PA 87 -118.68 -5.60 59.54
N ARG PA 88 -118.43 -5.39 58.25
CA ARG PA 88 -118.10 -6.48 57.35
C ARG PA 88 -116.63 -6.85 57.49
N VAL PA 89 -116.35 -8.14 57.53
CA VAL PA 89 -114.98 -8.62 57.69
C VAL PA 89 -114.17 -8.25 56.44
N PRO PA 90 -112.99 -7.66 56.59
CA PRO PA 90 -112.21 -7.27 55.41
C PRO PA 90 -111.84 -8.47 54.56
N ASP PA 91 -111.90 -8.27 53.24
CA ASP PA 91 -111.51 -9.33 52.31
C ASP PA 91 -109.99 -9.47 52.26
N GLN PA 92 -109.27 -8.34 52.23
CA GLN PA 92 -107.81 -8.36 52.20
C GLN PA 92 -107.30 -7.03 52.73
N PRO PA 93 -106.18 -7.00 53.43
CA PRO PA 93 -105.78 -5.78 54.15
C PRO PA 93 -105.21 -4.73 53.21
N SER PA 94 -105.19 -3.50 53.72
CA SER PA 94 -104.56 -2.37 53.06
C SER PA 94 -103.92 -1.48 54.12
N LEU PA 95 -102.85 -0.79 53.72
CA LEU PA 95 -102.08 0.01 54.69
C LEU PA 95 -102.89 1.19 55.20
N ASP PA 96 -103.69 1.82 54.34
CA ASP PA 96 -104.42 3.02 54.74
C ASP PA 96 -105.49 2.74 55.78
N GLY PA 97 -105.82 1.46 56.03
CA GLY PA 97 -106.80 1.11 57.03
C GLY PA 97 -108.21 1.00 56.52
N ASN PA 98 -108.48 1.39 55.28
CA ASN PA 98 -109.80 1.23 54.71
C ASN PA 98 -110.11 -0.24 54.49
N THR PA 99 -111.35 -0.63 54.78
CA THR PA 99 -111.76 -2.01 54.58
C THR PA 99 -112.96 -2.17 53.66
N VAL PA 100 -113.23 -1.19 52.81
CA VAL PA 100 -114.30 -1.33 51.83
C VAL PA 100 -113.79 -2.14 50.65
N ASP PA 101 -114.62 -3.06 50.16
CA ASP PA 101 -114.30 -3.89 49.00
C ASP PA 101 -115.20 -3.46 47.86
N MET PA 102 -114.60 -2.89 46.81
CA MET PA 102 -115.37 -2.16 45.80
C MET PA 102 -116.29 -3.08 45.02
N ASP PA 103 -115.76 -4.18 44.48
CA ASP PA 103 -116.59 -5.05 43.65
C ASP PA 103 -117.70 -5.70 44.45
N ARG PA 104 -117.40 -6.15 45.67
CA ARG PA 104 -118.44 -6.74 46.52
C ARG PA 104 -119.50 -5.71 46.88
N GLU PA 105 -119.08 -4.47 47.16
CA GLU PA 105 -120.05 -3.42 47.45
C GLU PA 105 -120.94 -3.15 46.25
N ARG PA 106 -120.37 -3.13 45.04
CA ARG PA 106 -121.18 -2.91 43.85
C ARG PA 106 -122.17 -4.06 43.64
N THR PA 107 -121.72 -5.29 43.86
CA THR PA 107 -122.62 -6.43 43.73
C THR PA 107 -123.77 -6.34 44.72
N GLN PA 108 -123.46 -6.01 45.97
CA GLN PA 108 -124.50 -5.87 46.99
C GLN PA 108 -125.46 -4.75 46.63
N PHE PA 109 -124.94 -3.64 46.10
CA PHE PA 109 -125.78 -2.51 45.70
C PHE PA 109 -126.75 -2.94 44.61
N ALA PA 110 -126.26 -3.63 43.59
CA ALA PA 110 -127.13 -4.09 42.51
C ALA PA 110 -128.17 -5.07 43.01
N ASP PA 111 -127.77 -6.01 43.88
CA ASP PA 111 -128.71 -6.98 44.41
C ASP PA 111 -129.79 -6.29 45.23
N ASN PA 112 -129.41 -5.34 46.07
CA ASN PA 112 -130.38 -4.64 46.90
C ASN PA 112 -131.33 -3.80 46.05
N SER PA 113 -130.82 -3.16 45.00
CA SER PA 113 -131.70 -2.42 44.11
C SER PA 113 -132.71 -3.33 43.44
N LEU PA 114 -132.27 -4.50 42.98
CA LEU PA 114 -133.18 -5.43 42.35
C LEU PA 114 -134.23 -5.94 43.33
N LYS PA 115 -133.81 -6.22 44.57
CA LYS PA 115 -134.76 -6.65 45.59
C LYS PA 115 -135.78 -5.56 45.90
N TYR PA 116 -135.32 -4.30 45.95
CA TYR PA 116 -136.24 -3.19 46.19
C TYR PA 116 -137.27 -3.09 45.06
N GLN PA 117 -136.82 -3.22 43.82
CA GLN PA 117 -137.76 -3.18 42.70
C GLN PA 117 -138.75 -4.34 42.77
N MET PA 118 -138.28 -5.52 43.16
CA MET PA 118 -139.19 -6.66 43.28
C MET PA 118 -140.23 -6.41 44.35
N GLY PA 119 -139.80 -5.88 45.50
CA GLY PA 119 -140.76 -5.55 46.55
C GLY PA 119 -141.76 -4.50 46.09
N LEU PA 120 -141.28 -3.48 45.40
CA LEU PA 120 -142.17 -2.42 44.91
C LEU PA 120 -143.20 -2.99 43.95
N THR PA 121 -142.77 -3.86 43.03
CA THR PA 121 -143.71 -4.35 42.02
C THR PA 121 -144.71 -5.34 42.63
N VAL PA 122 -144.28 -6.17 43.58
CA VAL PA 122 -145.23 -7.08 44.21
C VAL PA 122 -146.23 -6.30 45.05
N LEU PA 123 -145.77 -5.25 45.75
CA LEU PA 123 -146.68 -4.40 46.50
C LEU PA 123 -147.68 -3.72 45.58
N GLY PA 124 -147.21 -3.20 44.45
CA GLY PA 124 -148.10 -2.54 43.52
C GLY PA 124 -149.13 -3.48 42.92
N SER PA 125 -148.70 -4.69 42.57
CA SER PA 125 -149.64 -5.67 42.04
C SER PA 125 -150.69 -6.05 43.09
N GLN PA 126 -150.25 -6.27 44.33
CA GLN PA 126 -151.20 -6.61 45.39
C GLN PA 126 -152.20 -5.47 45.61
N LEU PA 127 -151.71 -4.24 45.63
CA LEU PA 127 -152.58 -3.09 45.85
C LEU PA 127 -153.56 -2.91 44.70
N LYS PA 128 -153.10 -3.11 43.46
CA LYS PA 128 -154.01 -3.03 42.33
C LYS PA 128 -155.07 -4.11 42.40
N GLY PA 129 -154.69 -5.33 42.79
CA GLY PA 129 -155.66 -6.39 42.96
C GLY PA 129 -156.69 -6.05 44.02
N MET PA 130 -156.24 -5.45 45.12
CA MET PA 130 -157.18 -5.02 46.16
C MET PA 130 -158.12 -3.94 45.64
N MET PA 131 -157.59 -2.97 44.90
CA MET PA 131 -158.42 -1.87 44.42
C MET PA 131 -159.44 -2.34 43.39
N ASN PA 132 -159.08 -3.34 42.58
CA ASN PA 132 -159.99 -3.79 41.54
C ASN PA 132 -161.28 -4.36 42.11
N VAL PA 133 -161.25 -4.84 43.36
CA VAL PA 133 -162.45 -5.38 43.98
C VAL PA 133 -163.50 -4.29 44.17
N LEU PA 134 -163.06 -3.08 44.49
CA LEU PA 134 -163.98 -1.96 44.72
C LEU PA 134 -164.44 -1.34 43.39
N GLN PA 135 -165.01 -2.20 42.54
CA GLN PA 135 -165.56 -1.79 41.27
C GLN PA 135 -166.95 -2.36 41.10
N GLY PA 136 -167.87 -1.55 40.58
CA GLY PA 136 -169.24 -1.97 40.36
C GLY PA 136 -169.98 -2.31 41.64
N ALA QA 2 -135.64 7.74 53.55
CA ALA QA 2 -136.41 8.51 52.58
C ALA QA 2 -135.78 8.39 51.19
N LEU QA 3 -134.57 7.84 51.15
CA LEU QA 3 -133.82 7.58 49.92
C LEU QA 3 -133.39 8.86 49.23
N LEU QA 4 -133.82 10.01 49.75
CA LEU QA 4 -133.45 11.29 49.15
C LEU QA 4 -132.10 11.78 49.63
N ASN QA 5 -131.68 11.41 50.83
CA ASN QA 5 -130.38 11.84 51.34
C ASN QA 5 -129.22 11.25 50.55
N ILE QA 6 -129.47 10.23 49.74
CA ILE QA 6 -128.42 9.70 48.88
C ILE QA 6 -127.93 10.76 47.90
N PHE QA 7 -128.83 11.64 47.46
CA PHE QA 7 -128.42 12.73 46.58
C PHE QA 7 -127.42 13.65 47.28
N ASP QA 8 -127.69 14.01 48.54
CA ASP QA 8 -126.75 14.84 49.30
C ASP QA 8 -125.43 14.12 49.49
N ILE QA 9 -125.48 12.84 49.84
CA ILE QA 9 -124.25 12.08 50.09
C ILE QA 9 -123.40 12.02 48.83
N ALA QA 10 -124.03 11.70 47.70
CA ALA QA 10 -123.31 11.57 46.44
C ALA QA 10 -122.81 12.92 45.97
N GLY QA 11 -123.57 14.00 46.19
CA GLY QA 11 -123.08 15.32 45.84
C GLY QA 11 -121.85 15.71 46.63
N SER QA 12 -121.85 15.41 47.94
CA SER QA 12 -120.67 15.66 48.74
C SER QA 12 -119.48 14.83 48.24
N ALA QA 13 -119.73 13.57 47.89
CA ALA QA 13 -118.65 12.73 47.38
C ALA QA 13 -118.10 13.28 46.07
N LEU QA 14 -118.97 13.73 45.18
CA LEU QA 14 -118.52 14.30 43.91
C LEU QA 14 -117.71 15.57 44.14
N ALA QA 15 -118.15 16.41 45.08
CA ALA QA 15 -117.39 17.62 45.39
C ALA QA 15 -116.00 17.28 45.92
N ALA QA 16 -115.93 16.31 46.83
CA ALA QA 16 -114.64 15.92 47.38
C ALA QA 16 -113.72 15.36 46.31
N GLN QA 17 -114.25 14.49 45.44
CA GLN QA 17 -113.42 13.92 44.39
C GLN QA 17 -112.97 14.98 43.39
N SER QA 18 -113.86 15.93 43.07
CA SER QA 18 -113.47 17.02 42.18
C SER QA 18 -112.35 17.85 42.78
N LYS QA 19 -112.45 18.17 44.08
CA LYS QA 19 -111.40 18.95 44.72
C LYS QA 19 -110.07 18.18 44.75
N ARG QA 20 -110.13 16.88 45.05
CA ARG QA 20 -108.92 16.07 45.04
C ARG QA 20 -108.28 16.05 43.65
N LEU QA 21 -109.10 15.87 42.62
CA LEU QA 21 -108.57 15.86 41.26
C LEU QA 21 -107.96 17.21 40.90
N ASN QA 22 -108.60 18.30 41.30
CA ASN QA 22 -108.07 19.63 41.02
C ASN QA 22 -106.71 19.83 41.69
N VAL QA 23 -106.59 19.41 42.94
CA VAL QA 23 -105.32 19.56 43.65
C VAL QA 23 -104.24 18.73 42.98
N ALA QA 24 -104.56 17.49 42.59
CA ALA QA 24 -103.57 16.64 41.94
C ALA QA 24 -103.13 17.25 40.60
N ALA QA 25 -104.09 17.77 39.83
CA ALA QA 25 -103.76 18.38 38.55
C ALA QA 25 -102.88 19.62 38.73
N SER QA 26 -103.19 20.44 39.74
CA SER QA 26 -102.36 21.61 40.01
C SER QA 26 -100.95 21.19 40.39
N ASN QA 27 -100.81 20.14 41.20
CA ASN QA 27 -99.48 19.66 41.56
C ASN QA 27 -98.72 19.19 40.32
N LEU QA 28 -99.39 18.44 39.45
CA LEU QA 28 -98.73 17.99 38.23
C LEU QA 28 -98.29 19.17 37.36
N ALA QA 29 -99.15 20.18 37.24
CA ALA QA 29 -98.82 21.33 36.42
C ALA QA 29 -97.63 22.10 36.97
N ASN QA 30 -97.60 22.30 38.29
CA ASN QA 30 -96.55 23.09 38.92
C ASN QA 30 -95.43 22.21 39.50
N ALA QA 31 -95.29 20.98 39.01
CA ALA QA 31 -94.22 20.12 39.47
C ALA QA 31 -92.86 20.74 39.25
N ASP QA 32 -92.64 21.33 38.08
CA ASP QA 32 -91.36 21.94 37.74
C ASP QA 32 -91.30 23.42 38.10
N SER QA 33 -92.38 23.99 38.62
CA SER QA 33 -92.40 25.41 38.94
C SER QA 33 -91.52 25.71 40.14
N VAL QA 34 -90.98 26.93 40.17
CA VAL QA 34 -90.17 27.41 41.28
C VAL QA 34 -90.60 28.84 41.59
N THR QA 35 -89.99 29.40 42.63
CA THR QA 35 -90.09 30.81 43.01
C THR QA 35 -91.50 31.36 42.83
N GLY QA 36 -92.42 30.80 43.61
CA GLY QA 36 -93.79 31.30 43.64
C GLY QA 36 -93.84 32.75 44.05
N PRO QA 37 -95.05 33.33 44.07
CA PRO QA 37 -95.17 34.76 44.37
C PRO QA 37 -94.58 35.10 45.74
N ASP QA 38 -93.94 36.25 45.81
CA ASP QA 38 -93.21 36.75 46.98
C ASP QA 38 -91.99 35.91 47.32
N GLY QA 39 -91.55 35.03 46.42
CA GLY QA 39 -90.29 34.34 46.57
C GLY QA 39 -90.34 32.98 47.24
N GLN QA 40 -91.43 32.64 47.91
CA GLN QA 40 -91.51 31.36 48.58
C GLN QA 40 -91.69 30.24 47.55
N PRO QA 41 -90.86 29.21 47.57
CA PRO QA 41 -91.00 28.13 46.60
C PRO QA 41 -92.32 27.39 46.77
N TYR QA 42 -92.84 26.86 45.67
CA TYR QA 42 -94.09 26.12 45.70
C TYR QA 42 -93.92 24.84 46.50
N ARG QA 43 -94.97 24.48 47.24
CA ARG QA 43 -94.97 23.27 48.06
C ARG QA 43 -96.16 22.40 47.66
N ALA QA 44 -95.91 21.09 47.54
CA ALA QA 44 -96.97 20.18 47.15
C ALA QA 44 -98.08 20.16 48.19
N LYS QA 45 -99.32 20.17 47.72
CA LYS QA 45 -100.49 20.24 48.59
C LYS QA 45 -101.30 18.95 48.47
N GLN QA 46 -101.91 18.55 49.59
CA GLN QA 46 -102.78 17.39 49.63
C GLN QA 46 -104.06 17.77 50.35
N VAL QA 47 -105.10 16.99 50.14
CA VAL QA 47 -106.38 17.23 50.78
C VAL QA 47 -106.58 16.25 51.92
N VAL QA 48 -107.61 16.48 52.73
CA VAL QA 48 -107.97 15.58 53.83
C VAL QA 48 -109.46 15.31 53.75
N PHE QA 49 -109.83 14.04 53.78
CA PHE QA 49 -111.23 13.63 53.73
C PHE QA 49 -111.74 13.32 55.13
N GLN QA 50 -112.92 13.86 55.45
CA GLN QA 50 -113.57 13.61 56.73
C GLN QA 50 -115.00 13.18 56.46
N VAL QA 51 -115.61 12.54 57.44
CA VAL QA 51 -117.00 12.11 57.35
C VAL QA 51 -117.89 13.21 57.90
N ASP QA 52 -118.90 13.62 57.13
CA ASP QA 52 -119.77 14.71 57.53
C ASP QA 52 -120.96 14.20 58.34
N ALA QA 53 -120.62 13.56 59.47
CA ALA QA 53 -121.64 12.96 60.33
C ALA QA 53 -122.60 14.04 60.82
N ALA QA 54 -123.90 13.75 60.69
CA ALA QA 54 -124.94 14.68 61.11
C ALA QA 54 -126.25 13.94 61.32
N ALA QA 58 -123.83 9.41 63.01
CA ALA QA 58 -123.83 8.04 62.52
C ALA QA 58 -122.89 7.88 61.33
N THR QA 59 -123.46 7.83 60.13
CA THR QA 59 -122.70 7.71 58.90
C THR QA 59 -123.21 8.70 57.88
N GLY QA 60 -122.34 9.07 56.95
CA GLY QA 60 -122.69 10.05 55.95
C GLY QA 60 -121.63 10.15 54.88
N GLY QA 61 -121.69 11.26 54.14
CA GLY QA 61 -120.80 11.48 53.03
C GLY QA 61 -119.43 11.98 53.47
N VAL QA 62 -118.63 12.34 52.47
CA VAL QA 62 -117.25 12.77 52.67
C VAL QA 62 -117.14 14.24 52.29
N LYS QA 63 -116.53 15.02 53.17
CA LYS QA 63 -116.20 16.40 52.90
C LYS QA 63 -114.69 16.59 53.05
N VAL QA 64 -114.21 17.76 52.62
CA VAL QA 64 -112.78 18.07 52.67
C VAL QA 64 -112.57 19.08 53.79
N ALA QA 65 -111.81 18.68 54.80
CA ALA QA 65 -111.59 19.56 55.95
C ALA QA 65 -110.78 20.79 55.57
N SER QA 66 -109.66 20.59 54.90
CA SER QA 66 -108.77 21.68 54.51
C SER QA 66 -107.76 21.12 53.51
N VAL QA 67 -106.75 21.92 53.18
CA VAL QA 67 -105.65 21.50 52.34
C VAL QA 67 -104.35 21.73 53.12
N ILE QA 68 -103.48 20.73 53.11
CA ILE QA 68 -102.27 20.75 53.93
C ILE QA 68 -101.06 20.52 53.03
N GLU QA 69 -99.99 21.24 53.30
CA GLU QA 69 -98.74 21.03 52.57
C GLU QA 69 -98.10 19.73 53.01
N SER QA 70 -97.64 18.94 52.04
CA SER QA 70 -96.95 17.70 52.35
C SER QA 70 -95.61 18.00 53.02
N GLN QA 71 -95.23 17.16 53.98
CA GLN QA 71 -94.00 17.34 54.73
C GLN QA 71 -92.87 16.45 54.21
N ALA QA 72 -92.95 16.02 52.96
CA ALA QA 72 -91.84 15.30 52.35
C ALA QA 72 -90.65 16.23 52.18
N PRO QA 73 -89.43 15.69 52.17
CA PRO QA 73 -88.26 16.56 52.01
C PRO QA 73 -88.29 17.33 50.70
N GLU QA 74 -87.83 18.57 50.76
CA GLU QA 74 -87.91 19.49 49.62
C GLU QA 74 -86.62 19.38 48.81
N LYS QA 75 -86.77 19.19 47.50
CA LYS QA 75 -85.61 18.90 46.66
C LYS QA 75 -84.75 20.14 46.49
N LEU QA 76 -83.47 19.91 46.17
CA LEU QA 76 -82.54 20.99 45.92
C LEU QA 76 -81.76 20.72 44.65
N VAL QA 77 -81.49 21.78 43.88
CA VAL QA 77 -80.70 21.68 42.66
C VAL QA 77 -79.54 22.66 42.77
N TYR QA 78 -78.34 22.20 42.46
CA TYR QA 78 -77.15 23.04 42.61
C TYR QA 78 -76.99 23.90 41.35
N GLU QA 79 -77.36 25.17 41.46
CA GLU QA 79 -77.24 26.11 40.35
C GLU QA 79 -76.89 27.48 40.88
N PRO QA 80 -75.61 27.75 41.14
CA PRO QA 80 -75.20 29.08 41.57
C PRO QA 80 -75.54 30.16 40.55
N GLY QA 81 -75.57 29.81 39.27
CA GLY QA 81 -75.90 30.76 38.23
C GLY QA 81 -77.38 31.08 38.16
N ASN QA 82 -77.94 31.55 39.28
CA ASN QA 82 -79.35 31.87 39.37
C ASN QA 82 -79.56 32.79 40.57
N PRO QA 83 -80.34 33.87 40.42
CA PRO QA 83 -80.52 34.80 41.53
C PRO QA 83 -81.21 34.19 42.74
N LEU QA 84 -81.94 33.10 42.56
CA LEU QA 84 -82.62 32.44 43.67
C LEU QA 84 -81.72 31.52 44.46
N ALA QA 85 -80.48 31.32 44.03
CA ALA QA 85 -79.56 30.44 44.72
C ALA QA 85 -79.32 30.93 46.14
N ASP QA 86 -79.32 29.99 47.09
CA ASP QA 86 -79.10 30.32 48.49
C ASP QA 86 -77.61 30.50 48.74
N ALA QA 87 -77.22 30.52 50.02
CA ALA QA 87 -75.82 30.71 50.37
C ALA QA 87 -74.93 29.60 49.79
N ASN QA 88 -75.49 28.40 49.61
CA ASN QA 88 -74.76 27.28 49.04
C ASN QA 88 -75.04 27.08 47.55
N GLY QA 89 -75.72 28.03 46.91
CA GLY QA 89 -76.05 27.88 45.51
C GLY QA 89 -77.06 26.80 45.21
N TYR QA 90 -78.06 26.64 46.07
CA TYR QA 90 -79.11 25.64 45.90
C TYR QA 90 -80.43 26.33 45.63
N VAL QA 91 -81.10 25.94 44.55
CA VAL QA 91 -82.45 26.38 44.25
C VAL QA 91 -83.42 25.30 44.71
N LYS QA 92 -84.47 25.73 45.41
CA LYS QA 92 -85.41 24.79 46.01
C LYS QA 92 -86.45 24.35 44.98
N MET QA 93 -86.67 23.04 44.91
CA MET QA 93 -87.60 22.43 43.98
C MET QA 93 -88.67 21.67 44.75
N PRO QA 94 -89.94 21.79 44.37
CA PRO QA 94 -91.01 21.17 45.15
C PRO QA 94 -90.94 19.65 45.12
N ASN QA 95 -91.44 19.04 46.19
CA ASN QA 95 -91.43 17.59 46.35
C ASN QA 95 -92.74 17.02 45.78
N VAL QA 96 -92.74 16.80 44.47
CA VAL QA 96 -93.90 16.28 43.77
C VAL QA 96 -93.53 14.93 43.15
N ASP QA 97 -94.35 13.93 43.41
CA ASP QA 97 -94.17 12.59 42.85
C ASP QA 97 -95.16 12.40 41.71
N VAL QA 98 -94.65 12.33 40.48
CA VAL QA 98 -95.52 12.27 39.32
C VAL QA 98 -96.36 11.01 39.32
N VAL QA 99 -95.76 9.87 39.69
CA VAL QA 99 -96.52 8.62 39.74
C VAL QA 99 -97.64 8.71 40.76
N GLY QA 100 -97.35 9.25 41.93
CA GLY QA 100 -98.40 9.41 42.93
C GLY QA 100 -99.51 10.31 42.46
N GLU QA 101 -99.18 11.41 41.80
CA GLU QA 101 -100.20 12.31 41.30
C GLU QA 101 -101.05 11.65 40.22
N MET QA 102 -100.43 10.90 39.32
CA MET QA 102 -101.19 10.23 38.28
C MET QA 102 -102.12 9.17 38.85
N VAL QA 103 -101.63 8.41 39.84
CA VAL QA 103 -102.48 7.41 40.49
C VAL QA 103 -103.65 8.07 41.20
N ASN QA 104 -103.39 9.21 41.86
CA ASN QA 104 -104.47 9.96 42.49
C ASN QA 104 -105.50 10.40 41.45
N THR QA 105 -105.03 10.88 40.30
CA THR QA 105 -105.94 11.31 39.24
C THR QA 105 -106.82 10.17 38.78
N MET QA 106 -106.23 9.02 38.51
CA MET QA 106 -106.99 7.87 38.03
C MET QA 106 -108.01 7.40 39.07
N SER QA 107 -107.58 7.31 40.33
CA SER QA 107 -108.50 6.87 41.37
C SER QA 107 -109.65 7.84 41.56
N ALA QA 108 -109.35 9.14 41.49
CA ALA QA 108 -110.41 10.15 41.61
C ALA QA 108 -111.40 10.02 40.46
N SER QA 109 -110.91 9.81 39.23
CA SER QA 109 -111.80 9.65 38.10
C SER QA 109 -112.71 8.45 38.28
N ARG QA 110 -112.13 7.32 38.71
CA ARG QA 110 -112.94 6.12 38.89
C ARG QA 110 -114.00 6.32 39.96
N SER QA 111 -113.62 6.94 41.09
CA SER QA 111 -114.60 7.16 42.16
C SER QA 111 -115.69 8.11 41.72
N TYR QA 112 -115.34 9.15 40.97
CA TYR QA 112 -116.34 10.08 40.46
C TYR QA 112 -117.35 9.36 39.56
N GLN QA 113 -116.85 8.52 38.66
CA GLN QA 113 -117.75 7.78 37.78
C GLN QA 113 -118.64 6.84 38.58
N ALA QA 114 -118.08 6.16 39.58
CA ALA QA 114 -118.89 5.26 40.39
C ALA QA 114 -119.99 6.02 41.11
N ASN QA 115 -119.67 7.19 41.65
CA ASN QA 115 -120.68 7.96 42.38
C ASN QA 115 -121.77 8.48 41.46
N ILE QA 116 -121.41 8.93 40.24
CA ILE QA 116 -122.47 9.38 39.35
C ILE QA 116 -123.35 8.20 38.93
N GLU QA 117 -122.77 7.01 38.78
CA GLU QA 117 -123.61 5.84 38.50
C GLU QA 117 -124.55 5.54 39.65
N VAL QA 118 -124.07 5.68 40.89
CA VAL QA 118 -124.94 5.52 42.06
C VAL QA 118 -126.09 6.52 41.99
N LEU QA 119 -125.78 7.77 41.64
CA LEU QA 119 -126.82 8.79 41.55
C LEU QA 119 -127.87 8.42 40.52
N ASN QA 120 -127.44 7.94 39.35
CA ASN QA 120 -128.38 7.55 38.32
C ASN QA 120 -129.26 6.39 38.79
N THR QA 121 -128.67 5.40 39.46
CA THR QA 121 -129.44 4.27 39.94
C THR QA 121 -130.50 4.71 40.95
N VAL QA 122 -130.12 5.60 41.87
CA VAL QA 122 -131.08 6.08 42.87
C VAL QA 122 -132.16 6.90 42.21
N LYS QA 123 -131.81 7.68 41.19
CA LYS QA 123 -132.82 8.43 40.46
C LYS QA 123 -133.83 7.50 39.80
N SER QA 124 -133.35 6.42 39.18
CA SER QA 124 -134.26 5.48 38.54
C SER QA 124 -135.17 4.82 39.57
N MET QA 125 -134.60 4.42 40.71
CA MET QA 125 -135.42 3.78 41.74
C MET QA 125 -136.48 4.72 42.28
N MET QA 126 -136.12 5.99 42.49
CA MET QA 126 -137.10 6.95 42.98
C MET QA 126 -138.18 7.24 41.96
N LEU QA 127 -137.83 7.31 40.67
CA LEU QA 127 -138.87 7.45 39.65
C LEU QA 127 -139.80 6.25 39.63
N LYS QA 128 -139.25 5.05 39.82
CA LYS QA 128 -140.09 3.86 39.91
C LYS QA 128 -141.05 3.96 41.10
N THR QA 129 -140.55 4.44 42.24
CA THR QA 129 -141.40 4.63 43.40
C THR QA 129 -142.50 5.65 43.10
N LEU QA 130 -142.17 6.71 42.37
CA LEU QA 130 -143.18 7.68 41.97
C LEU QA 130 -144.26 7.03 41.11
N THR QA 131 -143.85 6.21 40.15
CA THR QA 131 -144.79 5.54 39.26
C THR QA 131 -145.27 4.20 39.81
N LEU QA 132 -145.14 3.98 41.13
CA LEU QA 132 -145.68 2.77 41.75
C LEU QA 132 -147.15 2.56 41.41
N GLY QA 133 -147.95 3.61 41.54
CA GLY QA 133 -149.38 3.50 41.31
C GLY QA 133 -149.75 3.15 39.87
N GLY RA 1 -118.18 -39.34 23.37
CA GLY RA 1 -118.43 -39.40 21.95
C GLY RA 1 -117.89 -38.20 21.20
N VAL RA 2 -118.73 -37.60 20.37
CA VAL RA 2 -118.30 -36.40 19.63
C VAL RA 2 -118.05 -35.27 20.61
N PRO RA 3 -116.96 -34.51 20.48
CA PRO RA 3 -116.70 -33.43 21.44
C PRO RA 3 -117.84 -32.41 21.45
N GLY RA 4 -118.14 -31.92 22.64
CA GLY RA 4 -119.25 -31.00 22.84
C GLY RA 4 -120.57 -31.66 23.15
N ALA RA 5 -120.65 -32.99 23.08
CA ALA RA 5 -121.87 -33.71 23.41
C ALA RA 5 -121.93 -33.94 24.91
N LEU RA 6 -122.93 -34.70 25.36
CA LEU RA 6 -123.13 -34.97 26.78
C LEU RA 6 -123.01 -36.46 27.03
N SER RA 7 -122.20 -36.83 28.01
CA SER RA 7 -122.03 -38.21 28.43
C SER RA 7 -122.12 -38.28 29.95
N ASN RA 8 -122.59 -39.43 30.44
CA ASN RA 8 -122.79 -39.58 31.87
C ASN RA 8 -121.48 -39.76 32.62
N GLN RA 9 -120.54 -40.52 32.06
CA GLN RA 9 -119.30 -40.79 32.75
C GLN RA 9 -118.41 -39.54 32.79
N PRO RA 10 -117.62 -39.38 33.85
CA PRO RA 10 -116.69 -38.24 33.91
C PRO RA 10 -115.46 -38.45 33.05
N ALA RA 11 -114.50 -37.53 33.14
CA ALA RA 11 -113.31 -37.57 32.31
C ALA RA 11 -112.11 -38.03 33.13
N PRO RA 12 -111.30 -38.95 32.63
CA PRO RA 12 -110.11 -39.35 33.37
C PRO RA 12 -109.11 -38.21 33.44
N PRO RA 13 -108.28 -38.18 34.47
CA PRO RA 13 -107.30 -37.09 34.60
C PRO RA 13 -106.28 -37.11 33.49
N ASN RA 14 -105.77 -35.93 33.16
CA ASN RA 14 -104.76 -35.76 32.13
C ASN RA 14 -103.38 -35.74 32.78
N GLU RA 15 -102.50 -36.64 32.34
CA GLU RA 15 -101.14 -36.73 32.84
C GLU RA 15 -100.17 -36.56 31.68
N ALA RA 16 -99.14 -35.74 31.88
CA ALA RA 16 -98.14 -35.44 30.85
C ALA RA 16 -96.76 -35.67 31.44
N PRO RA 17 -96.35 -36.94 31.58
CA PRO RA 17 -95.05 -37.22 32.19
C PRO RA 17 -93.89 -36.73 31.32
N ILE RA 18 -92.81 -36.31 31.99
CA ILE RA 18 -91.64 -35.86 31.27
C ILE RA 18 -90.92 -37.03 30.61
N ALA RA 19 -90.76 -38.13 31.34
CA ALA RA 19 -90.07 -39.32 30.84
C ALA RA 19 -90.86 -40.57 31.18
N THR RA 20 -90.90 -41.51 30.26
CA THR RA 20 -91.66 -42.73 30.47
C THR RA 20 -90.93 -43.63 31.46
N PRO RA 21 -91.59 -44.08 32.54
CA PRO RA 21 -90.98 -44.98 33.53
C PRO RA 21 -90.73 -46.38 33.00
N ALA SA 2 -133.04 -23.56 10.16
CA ALA SA 2 -133.59 -22.67 11.16
C ALA SA 2 -132.50 -21.77 11.74
N LEU SA 3 -132.92 -20.64 12.31
CA LEU SA 3 -131.97 -19.68 12.87
C LEU SA 3 -131.37 -20.16 14.19
N LEU SA 4 -132.02 -21.10 14.88
CA LEU SA 4 -131.41 -21.68 16.07
C LEU SA 4 -130.25 -22.59 15.71
N ASN SA 5 -130.13 -23.00 14.46
CA ASN SA 5 -128.96 -23.75 14.02
C ASN SA 5 -127.73 -22.85 13.92
N ILE SA 6 -127.91 -21.54 13.86
CA ILE SA 6 -126.78 -20.63 13.75
C ILE SA 6 -125.90 -20.74 14.98
N PHE SA 7 -126.51 -20.93 16.15
CA PHE SA 7 -125.71 -21.03 17.37
C PHE SA 7 -124.80 -22.24 17.34
N ASP SA 8 -125.31 -23.40 16.92
CA ASP SA 8 -124.46 -24.58 16.87
C ASP SA 8 -123.42 -24.47 15.74
N ILE SA 9 -123.80 -23.85 14.62
CA ILE SA 9 -122.84 -23.67 13.53
C ILE SA 9 -121.69 -22.78 13.98
N ALA SA 10 -122.01 -21.66 14.63
CA ALA SA 10 -120.97 -20.75 15.10
C ALA SA 10 -120.15 -21.39 16.21
N GLY SA 11 -120.79 -22.17 17.08
CA GLY SA 11 -120.03 -22.88 18.11
C GLY SA 11 -119.05 -23.88 17.51
N SER SA 12 -119.48 -24.60 16.48
CA SER SA 12 -118.57 -25.51 15.79
C SER SA 12 -117.43 -24.75 15.15
N ALA SA 13 -117.72 -23.61 14.53
CA ALA SA 13 -116.66 -22.80 13.93
C ALA SA 13 -115.66 -22.33 14.99
N LEU SA 14 -116.16 -21.86 16.13
CA LEU SA 14 -115.28 -21.41 17.20
C LEU SA 14 -114.42 -22.56 17.73
N ALA SA 15 -115.02 -23.73 17.93
CA ALA SA 15 -114.26 -24.86 18.42
C ALA SA 15 -113.18 -25.27 17.43
N ALA SA 16 -113.52 -25.31 16.14
CA ALA SA 16 -112.54 -25.69 15.13
C ALA SA 16 -111.39 -24.69 15.07
N GLN SA 17 -111.71 -23.39 15.11
CA GLN SA 17 -110.65 -22.38 15.06
C GLN SA 17 -109.78 -22.44 16.32
N SER SA 18 -110.38 -22.69 17.48
CA SER SA 18 -109.60 -22.81 18.69
C SER SA 18 -108.66 -24.00 18.63
N LYS SA 19 -109.13 -25.14 18.13
CA LYS SA 19 -108.27 -26.30 17.99
C LYS SA 19 -107.13 -26.03 17.02
N ARG SA 20 -107.43 -25.38 15.90
CA ARG SA 20 -106.40 -25.05 14.92
C ARG SA 20 -105.36 -24.12 15.52
N LEU SA 21 -105.80 -23.10 16.25
CA LEU SA 21 -104.87 -22.18 16.88
C LEU SA 21 -104.01 -22.88 17.92
N ASN SA 22 -104.60 -23.78 18.70
CA ASN SA 22 -103.82 -24.52 19.68
C ASN SA 22 -102.77 -25.40 19.02
N VAL SA 23 -103.13 -26.04 17.91
CA VAL SA 23 -102.16 -26.87 17.18
C VAL SA 23 -101.01 -26.02 16.69
N ALA SA 24 -101.32 -24.86 16.11
CA ALA SA 24 -100.26 -23.99 15.63
C ALA SA 24 -99.37 -23.51 16.77
N ALA SA 25 -99.97 -23.17 17.91
CA ALA SA 25 -99.18 -22.71 19.06
C ALA SA 25 -98.27 -23.81 19.58
N SER SA 26 -98.78 -25.05 19.65
CA SER SA 26 -97.93 -26.15 20.10
C SER SA 26 -96.79 -26.40 19.13
N ASN SA 27 -97.06 -26.31 17.82
CA ASN SA 27 -95.99 -26.45 16.84
C ASN SA 27 -94.93 -25.38 17.03
N LEU SA 28 -95.35 -24.13 17.24
CA LEU SA 28 -94.38 -23.07 17.48
C LEU SA 28 -93.58 -23.32 18.75
N ALA SA 29 -94.23 -23.78 19.81
CA ALA SA 29 -93.53 -24.02 21.06
C ALA SA 29 -92.51 -25.14 20.92
N ASN SA 30 -92.85 -26.20 20.19
CA ASN SA 30 -91.97 -27.35 20.04
C ASN SA 30 -91.21 -27.35 18.73
N ALA SA 31 -91.04 -26.18 18.11
CA ALA SA 31 -90.30 -26.10 16.84
C ALA SA 31 -88.89 -26.65 16.98
N ASP SA 32 -88.28 -26.54 18.15
CA ASP SA 32 -86.89 -26.93 18.34
C ASP SA 32 -86.73 -27.85 19.52
N SER SA 33 -87.62 -28.82 19.68
CA SER SA 33 -87.58 -29.77 20.78
C SER SA 33 -87.25 -31.15 20.22
N VAL SA 34 -85.97 -31.49 20.18
CA VAL SA 34 -85.53 -32.76 19.59
C VAL SA 34 -85.44 -33.76 20.74
N THR SA 35 -86.59 -34.32 21.10
CA THR SA 35 -86.73 -35.52 21.91
C THR SA 35 -88.20 -35.79 22.13
N GLY SA 36 -88.50 -36.92 22.76
CA GLY SA 36 -89.83 -37.23 23.21
C GLY SA 36 -89.79 -38.03 24.49
N PRO SA 37 -90.94 -38.21 25.14
CA PRO SA 37 -90.98 -39.06 26.33
C PRO SA 37 -90.57 -40.49 26.06
N ASP SA 38 -90.69 -40.96 24.82
CA ASP SA 38 -90.30 -42.31 24.45
C ASP SA 38 -89.08 -42.32 23.54
N GLY SA 39 -88.46 -41.16 23.28
CA GLY SA 39 -87.34 -41.08 22.37
C GLY SA 39 -87.71 -40.80 20.94
N GLN SA 40 -88.98 -40.79 20.60
CA GLN SA 40 -89.40 -40.46 19.24
C GLN SA 40 -89.30 -38.97 19.01
N PRO SA 41 -88.62 -38.51 17.96
CA PRO SA 41 -88.52 -37.08 17.70
C PRO SA 41 -89.90 -36.48 17.45
N TYR SA 42 -90.06 -35.24 17.89
CA TYR SA 42 -91.34 -34.56 17.72
C TYR SA 42 -91.63 -34.34 16.23
N ARG SA 43 -92.89 -34.53 15.85
CA ARG SA 43 -93.31 -34.40 14.47
C ARG SA 43 -94.48 -33.43 14.39
N ALA SA 44 -94.45 -32.55 13.40
CA ALA SA 44 -95.48 -31.53 13.27
C ALA SA 44 -96.83 -32.18 12.99
N LYS SA 45 -97.89 -31.58 13.53
CA LYS SA 45 -99.24 -32.10 13.40
C LYS SA 45 -100.19 -31.00 12.98
N GLN SA 46 -101.28 -31.38 12.33
CA GLN SA 46 -102.30 -30.44 11.89
C GLN SA 46 -103.67 -31.10 11.98
N VAL SA 47 -104.70 -30.28 12.13
CA VAL SA 47 -106.06 -30.79 12.22
C VAL SA 47 -106.63 -31.01 10.82
N VAL SA 48 -107.73 -31.75 10.76
CA VAL SA 48 -108.44 -32.00 9.52
C VAL SA 48 -109.87 -31.51 9.69
N PHE SA 49 -110.29 -30.59 8.83
CA PHE SA 49 -111.65 -30.06 8.87
C PHE SA 49 -112.62 -30.97 8.11
N GLN SA 50 -113.89 -30.88 8.49
CA GLN SA 50 -114.95 -31.66 7.85
C GLN SA 50 -116.24 -30.87 7.97
N VAL SA 51 -117.21 -31.22 7.13
CA VAL SA 51 -118.54 -30.65 7.19
C VAL SA 51 -119.49 -31.67 7.78
N ASP SA 52 -120.58 -31.19 8.38
CA ASP SA 52 -121.57 -32.06 9.00
C ASP SA 52 -122.96 -31.61 8.61
N ALA SA 53 -123.90 -32.55 8.63
CA ALA SA 53 -125.28 -32.28 8.26
C ALA SA 53 -126.25 -32.84 9.31
N GLN SA 57 -128.60 -30.41 5.29
CA GLN SA 57 -127.85 -31.27 4.39
C GLN SA 57 -127.00 -30.46 3.41
N ALA SA 58 -125.75 -30.90 3.22
CA ALA SA 58 -124.77 -30.35 2.29
C ALA SA 58 -124.28 -28.96 2.69
N THR SA 59 -124.82 -28.36 3.76
CA THR SA 59 -124.39 -27.05 4.23
C THR SA 59 -124.49 -27.04 5.75
N GLY SA 60 -123.36 -26.96 6.43
CA GLY SA 60 -123.35 -26.96 7.87
C GLY SA 60 -122.06 -26.42 8.41
N GLY SA 61 -121.88 -26.59 9.72
CA GLY SA 61 -120.68 -26.11 10.37
C GLY SA 61 -119.47 -26.96 10.03
N VAL SA 62 -118.34 -26.56 10.59
CA VAL SA 62 -117.08 -27.25 10.38
C VAL SA 62 -116.79 -28.17 11.55
N LYS SA 63 -116.38 -29.39 11.26
CA LYS SA 63 -116.08 -30.39 12.27
C LYS SA 63 -114.64 -30.85 12.09
N VAL SA 64 -113.88 -30.86 13.19
CA VAL SA 64 -112.50 -31.32 13.16
C VAL SA 64 -112.50 -32.85 13.21
N ALA SA 65 -112.17 -33.49 12.10
CA ALA SA 65 -112.21 -34.94 12.05
C ALA SA 65 -111.19 -35.56 13.01
N SER SA 66 -109.95 -35.11 12.93
CA SER SA 66 -108.88 -35.66 13.75
C SER SA 66 -107.66 -34.76 13.60
N VAL SA 67 -106.57 -35.18 14.24
CA VAL SA 67 -105.29 -34.50 14.17
C VAL SA 67 -104.27 -35.51 13.64
N ILE SA 68 -103.57 -35.15 12.58
CA ILE SA 68 -102.65 -36.05 11.91
C ILE SA 68 -101.28 -35.39 11.81
N GLU SA 69 -100.24 -36.19 11.99
CA GLU SA 69 -98.89 -35.71 11.79
C GLU SA 69 -98.56 -35.64 10.30
N SER SA 70 -97.77 -34.64 9.94
CA SER SA 70 -97.40 -34.44 8.54
C SER SA 70 -96.47 -35.54 8.07
N GLN SA 71 -96.53 -35.81 6.76
CA GLN SA 71 -95.67 -36.81 6.13
C GLN SA 71 -94.48 -36.17 5.41
N ALA SA 72 -94.26 -34.87 5.59
CA ALA SA 72 -93.11 -34.23 4.98
C ALA SA 72 -91.83 -34.78 5.60
N PRO SA 73 -90.76 -34.88 4.82
CA PRO SA 73 -89.48 -35.36 5.37
C PRO SA 73 -89.00 -34.45 6.48
N GLU SA 74 -88.41 -35.05 7.50
CA GLU SA 74 -87.96 -34.34 8.69
C GLU SA 74 -86.49 -34.00 8.57
N LYS SA 75 -86.13 -32.78 8.99
CA LYS SA 75 -84.74 -32.36 8.98
C LYS SA 75 -83.93 -33.23 9.92
N LEU SA 76 -82.68 -33.48 9.55
CA LEU SA 76 -81.78 -34.29 10.37
C LEU SA 76 -80.40 -33.68 10.33
N VAL SA 77 -79.75 -33.61 11.49
CA VAL SA 77 -78.46 -32.96 11.62
C VAL SA 77 -77.43 -33.96 12.13
N TYR SA 78 -76.16 -33.66 11.86
CA TYR SA 78 -75.06 -34.55 12.15
C TYR SA 78 -74.52 -34.24 13.55
N GLU SA 79 -74.88 -35.06 14.53
CA GLU SA 79 -74.42 -34.90 15.91
C GLU SA 79 -74.21 -36.26 16.53
N PRO SA 80 -73.03 -36.85 16.34
CA PRO SA 80 -72.76 -38.17 16.95
C PRO SA 80 -72.77 -38.16 18.46
N GLY SA 81 -72.63 -36.99 19.10
CA GLY SA 81 -72.59 -36.95 20.54
C GLY SA 81 -73.89 -37.37 21.20
N ASN SA 82 -75.01 -36.91 20.67
CA ASN SA 82 -76.30 -37.22 21.29
C ASN SA 82 -76.61 -38.70 21.16
N PRO SA 83 -77.07 -39.36 22.22
CA PRO SA 83 -77.39 -40.79 22.14
C PRO SA 83 -78.51 -41.10 21.16
N LEU SA 84 -79.36 -40.13 20.84
CA LEU SA 84 -80.45 -40.39 19.90
C LEU SA 84 -79.96 -40.53 18.46
N ALA SA 85 -78.70 -40.23 18.19
CA ALA SA 85 -78.18 -40.37 16.83
C ALA SA 85 -78.17 -41.84 16.41
N ASP SA 86 -78.46 -42.08 15.14
CA ASP SA 86 -78.46 -43.43 14.58
C ASP SA 86 -77.03 -43.81 14.21
N ALA SA 87 -76.90 -44.88 13.43
CA ALA SA 87 -75.58 -45.40 13.08
C ALA SA 87 -74.72 -44.36 12.36
N ASN SA 88 -75.33 -43.52 11.54
CA ASN SA 88 -74.60 -42.50 10.81
C ASN SA 88 -74.45 -41.20 11.60
N GLY SA 89 -74.99 -41.12 12.81
CA GLY SA 89 -74.90 -39.91 13.60
C GLY SA 89 -75.92 -38.85 13.27
N TYR SA 90 -76.90 -39.15 12.43
CA TYR SA 90 -77.92 -38.19 12.06
C TYR SA 90 -79.09 -38.27 13.04
N VAL SA 91 -79.32 -37.17 13.75
CA VAL SA 91 -80.42 -37.06 14.70
C VAL SA 91 -81.53 -36.24 14.05
N LYS SA 92 -82.76 -36.72 14.17
CA LYS SA 92 -83.91 -36.15 13.48
C LYS SA 92 -84.60 -35.13 14.36
N MET SA 93 -84.97 -34.01 13.77
CA MET SA 93 -85.64 -32.90 14.43
C MET SA 93 -86.93 -32.53 13.70
N PRO SA 94 -87.87 -31.87 14.38
CA PRO SA 94 -89.14 -31.55 13.73
C PRO SA 94 -88.96 -30.59 12.56
N ASN SA 95 -89.84 -30.73 11.58
CA ASN SA 95 -89.87 -29.87 10.40
C ASN SA 95 -91.13 -29.01 10.48
N VAL SA 96 -90.97 -27.79 10.99
CA VAL SA 96 -92.07 -26.85 11.15
C VAL SA 96 -91.71 -25.57 10.41
N ASP SA 97 -92.63 -25.09 9.58
CA ASP SA 97 -92.45 -23.83 8.86
C ASP SA 97 -92.98 -22.71 9.74
N VAL SA 98 -92.06 -21.93 10.30
CA VAL SA 98 -92.44 -20.89 11.25
C VAL SA 98 -93.34 -19.85 10.58
N VAL SA 99 -93.05 -19.52 9.32
CA VAL SA 99 -93.90 -18.57 8.60
C VAL SA 99 -95.31 -19.13 8.45
N GLY SA 100 -95.42 -20.41 8.11
CA GLY SA 100 -96.71 -21.06 8.00
C GLY SA 100 -97.47 -21.03 9.31
N GLU SA 101 -96.76 -21.26 10.42
CA GLU SA 101 -97.40 -21.20 11.72
C GLU SA 101 -97.89 -19.79 12.07
N MET SA 102 -97.09 -18.76 11.79
CA MET SA 102 -97.53 -17.40 12.07
C MET SA 102 -98.77 -17.05 11.26
N VAL SA 103 -98.76 -17.40 9.97
CA VAL SA 103 -99.91 -17.10 9.13
C VAL SA 103 -101.13 -17.90 9.56
N ASN SA 104 -100.94 -19.15 9.99
CA ASN SA 104 -102.04 -19.93 10.52
C ASN SA 104 -102.64 -19.27 11.75
N THR SA 105 -101.78 -18.77 12.64
CA THR SA 105 -102.29 -18.08 13.82
C THR SA 105 -103.11 -16.86 13.44
N MET SA 106 -102.60 -16.05 12.51
CA MET SA 106 -103.34 -14.85 12.13
C MET SA 106 -104.67 -15.19 11.48
N SER SA 107 -104.69 -16.15 10.56
CA SER SA 107 -105.93 -16.52 9.89
C SER SA 107 -106.93 -17.12 10.88
N ALA SA 108 -106.46 -17.95 11.80
CA ALA SA 108 -107.35 -18.53 12.80
C ALA SA 108 -107.95 -17.44 13.68
N SER SA 109 -107.14 -16.46 14.08
CA SER SA 109 -107.68 -15.37 14.89
C SER SA 109 -108.73 -14.59 14.13
N ARG SA 110 -108.47 -14.29 12.85
CA ARG SA 110 -109.44 -13.53 12.07
C ARG SA 110 -110.74 -14.29 11.90
N SER SA 111 -110.66 -15.59 11.61
CA SER SA 111 -111.87 -16.39 11.47
C SER SA 111 -112.63 -16.48 12.78
N TYR SA 112 -111.89 -16.60 13.89
CA TYR SA 112 -112.51 -16.63 15.21
C TYR SA 112 -113.31 -15.35 15.45
N GLN SA 113 -112.71 -14.20 15.16
CA GLN SA 113 -113.42 -12.93 15.35
C GLN SA 113 -114.64 -12.84 14.44
N ALA SA 114 -114.50 -13.28 13.18
CA ALA SA 114 -115.62 -13.20 12.26
C ALA SA 114 -116.79 -14.04 12.73
N ASN SA 115 -116.52 -15.27 13.18
CA ASN SA 115 -117.60 -16.12 13.65
C ASN SA 115 -118.23 -15.56 14.92
N ILE SA 116 -117.42 -15.01 15.82
CA ILE SA 116 -117.97 -14.39 17.02
C ILE SA 116 -118.92 -13.27 16.65
N GLU SA 117 -118.51 -12.42 15.73
CA GLU SA 117 -119.36 -11.30 15.33
C GLU SA 117 -120.63 -11.79 14.66
N VAL SA 118 -120.54 -12.82 13.82
CA VAL SA 118 -121.74 -13.35 13.17
C VAL SA 118 -122.72 -13.87 14.21
N LEU SA 119 -122.20 -14.60 15.20
CA LEU SA 119 -123.06 -15.09 16.27
C LEU SA 119 -123.70 -13.94 17.02
N ASN SA 120 -122.95 -12.88 17.29
CA ASN SA 120 -123.49 -11.74 18.01
C ASN SA 120 -124.63 -11.08 17.22
N THR SA 121 -124.43 -10.89 15.92
CA THR SA 121 -125.45 -10.28 15.09
C THR SA 121 -126.71 -11.14 15.04
N VAL SA 122 -126.54 -12.46 14.89
CA VAL SA 122 -127.70 -13.34 14.82
C VAL SA 122 -128.44 -13.34 16.15
N LYS SA 123 -127.70 -13.32 17.26
CA LYS SA 123 -128.35 -13.26 18.57
C LYS SA 123 -129.15 -11.97 18.73
N SER SA 124 -128.59 -10.84 18.30
CA SER SA 124 -129.31 -9.58 18.39
C SER SA 124 -130.57 -9.61 17.54
N MET SA 125 -130.48 -10.18 16.33
CA MET SA 125 -131.66 -10.25 15.46
C MET SA 125 -132.73 -11.15 16.07
N MET SA 126 -132.33 -12.29 16.65
CA MET SA 126 -133.31 -13.16 17.29
C MET SA 126 -133.98 -12.47 18.46
N LEU SA 127 -133.19 -11.78 19.28
CA LEU SA 127 -133.76 -11.06 20.42
C LEU SA 127 -134.70 -9.95 19.97
N LYS SA 128 -134.40 -9.32 18.83
CA LYS SA 128 -135.28 -8.26 18.35
C LYS SA 128 -136.57 -8.81 17.75
N THR SA 129 -136.48 -9.94 17.04
CA THR SA 129 -137.69 -10.53 16.48
C THR SA 129 -138.49 -11.29 17.51
N LEU SA 130 -137.95 -11.52 18.70
CA LEU SA 130 -138.71 -12.14 19.78
C LEU SA 130 -139.87 -11.27 20.24
N THR SA 131 -139.84 -9.97 19.93
CA THR SA 131 -140.92 -9.08 20.36
C THR SA 131 -141.67 -8.52 19.17
N LEU SA 132 -141.97 -9.38 18.19
CA LEU SA 132 -142.74 -8.99 17.02
C LEU SA 132 -144.16 -8.57 17.42
N GLY SA 133 -144.48 -7.29 17.24
CA GLY SA 133 -145.80 -6.79 17.56
C GLY SA 133 -145.79 -5.79 18.71
N LEU TA 2 -157.25 -21.53 2.09
CA LEU TA 2 -156.80 -20.93 3.33
C LEU TA 2 -157.89 -20.11 3.98
N ASP TA 3 -157.50 -19.03 4.65
CA ASP TA 3 -158.44 -18.17 5.36
C ASP TA 3 -158.15 -16.71 5.02
N ARG TA 4 -159.15 -15.86 5.28
CA ARG TA 4 -159.03 -14.45 5.00
C ARG TA 4 -157.90 -13.79 5.78
N LEU TA 5 -157.58 -14.30 6.96
CA LEU TA 5 -156.51 -13.71 7.77
C LEU TA 5 -155.13 -14.13 7.25
N ASP TA 6 -154.94 -15.44 7.01
CA ASP TA 6 -153.65 -15.90 6.52
C ASP TA 6 -153.38 -15.43 5.10
N ALA TA 7 -154.44 -15.11 4.35
CA ALA TA 7 -154.25 -14.66 2.98
C ALA TA 7 -153.41 -13.38 2.91
N ALA TA 8 -153.59 -12.47 3.88
CA ALA TA 8 -152.85 -11.22 3.86
C ALA TA 8 -151.40 -11.41 4.23
N LEU TA 9 -151.12 -12.24 5.23
CA LEU TA 9 -149.80 -12.34 5.82
C LEU TA 9 -148.97 -13.52 5.32
N ARG TA 10 -149.51 -14.34 4.41
CA ARG TA 10 -148.73 -15.46 3.90
C ARG TA 10 -147.47 -14.99 3.19
N PHE TA 11 -147.59 -13.91 2.40
CA PHE TA 11 -146.43 -13.42 1.67
C PHE TA 11 -145.32 -12.99 2.62
N GLN TA 12 -145.66 -12.22 3.66
CA GLN TA 12 -144.65 -11.76 4.59
C GLN TA 12 -144.07 -12.91 5.40
N GLN TA 13 -144.90 -13.87 5.80
CA GLN TA 13 -144.36 -15.03 6.51
C GLN TA 13 -143.37 -15.81 5.65
N GLU TA 14 -143.71 -16.02 4.38
CA GLU TA 14 -142.81 -16.77 3.50
C GLU TA 14 -141.54 -15.99 3.25
N ALA TA 15 -141.64 -14.66 3.12
CA ALA TA 15 -140.43 -13.85 2.97
C ALA TA 15 -139.55 -13.98 4.20
N LEU TA 16 -140.13 -13.94 5.40
CA LEU TA 16 -139.33 -14.09 6.61
C LEU TA 16 -138.66 -15.46 6.67
N ASN TA 17 -139.39 -16.51 6.34
CA ASN TA 17 -138.80 -17.86 6.39
C ASN TA 17 -137.67 -18.00 5.39
N LEU TA 18 -137.85 -17.47 4.17
CA LEU TA 18 -136.79 -17.54 3.20
C LEU TA 18 -135.58 -16.71 3.64
N ARG TA 19 -135.81 -15.57 4.28
CA ARG TA 19 -134.69 -14.79 4.79
C ARG TA 19 -133.94 -15.56 5.86
N ALA TA 20 -134.65 -16.26 6.74
CA ALA TA 20 -133.99 -17.05 7.76
C ALA TA 20 -133.15 -18.16 7.15
N GLN TA 21 -133.70 -18.87 6.17
CA GLN TA 21 -132.94 -19.95 5.54
C GLN TA 21 -131.71 -19.41 4.80
N ARG TA 22 -131.87 -18.29 4.11
CA ARG TA 22 -130.75 -17.70 3.39
C ARG TA 22 -129.66 -17.25 4.35
N GLN TA 23 -130.05 -16.65 5.48
CA GLN TA 23 -129.06 -16.26 6.48
C GLN TA 23 -128.37 -17.48 7.06
N GLU TA 24 -129.10 -18.57 7.24
CA GLU TA 24 -128.48 -19.80 7.72
C GLU TA 24 -127.43 -20.31 6.75
N ILE TA 25 -127.74 -20.28 5.45
CA ILE TA 25 -126.77 -20.73 4.46
C ILE TA 25 -125.56 -19.81 4.44
N LEU TA 26 -125.78 -18.50 4.56
CA LEU TA 26 -124.66 -17.57 4.60
C LEU TA 26 -123.77 -17.83 5.82
N ALA TA 27 -124.38 -18.07 6.98
CA ALA TA 27 -123.59 -18.39 8.16
C ALA TA 27 -122.82 -19.69 7.98
N ALA TA 28 -123.43 -20.67 7.31
CA ALA TA 28 -122.75 -21.93 7.07
C ALA TA 28 -121.51 -21.73 6.21
N ASN TA 29 -121.64 -20.97 5.12
CA ASN TA 29 -120.46 -20.77 4.29
C ASN TA 29 -119.49 -19.77 4.88
N ILE TA 30 -119.89 -18.99 5.88
CA ILE TA 30 -118.90 -18.24 6.67
C ILE TA 30 -118.11 -19.19 7.57
N ALA TA 31 -118.81 -20.10 8.25
CA ALA TA 31 -118.14 -21.01 9.16
C ALA TA 31 -117.22 -21.96 8.42
N ASN TA 32 -117.54 -22.31 7.18
CA ASN TA 32 -116.68 -23.18 6.38
C ASN TA 32 -115.75 -22.40 5.47
N ALA TA 33 -115.28 -21.22 5.91
CA ALA TA 33 -114.46 -20.38 5.08
C ALA TA 33 -113.08 -20.98 4.79
N ASP TA 34 -112.58 -21.85 5.66
CA ASP TA 34 -111.23 -22.39 5.53
C ASP TA 34 -111.19 -23.85 5.13
N THR TA 35 -112.32 -24.53 5.06
CA THR TA 35 -112.31 -25.93 4.66
C THR TA 35 -112.03 -26.03 3.18
N PRO TA 36 -110.93 -26.65 2.76
CA PRO TA 36 -110.62 -26.70 1.33
C PRO TA 36 -111.59 -27.59 0.58
N GLY TA 37 -111.76 -27.28 -0.71
CA GLY TA 37 -112.71 -28.01 -1.53
C GLY TA 37 -114.16 -27.64 -1.32
N TYR TA 38 -114.42 -26.58 -0.57
CA TYR TA 38 -115.79 -26.15 -0.31
C TYR TA 38 -116.27 -25.19 -1.41
N GLN TA 39 -117.57 -25.25 -1.68
CA GLN TA 39 -118.21 -24.41 -2.68
C GLN TA 39 -119.29 -23.56 -2.02
N ALA TA 40 -119.24 -22.25 -2.24
CA ALA TA 40 -120.22 -21.36 -1.65
C ALA TA 40 -121.59 -21.60 -2.25
N ARG TA 41 -122.61 -21.62 -1.41
CA ARG TA 41 -123.97 -21.89 -1.82
C ARG TA 41 -124.86 -20.70 -1.48
N ASP TA 42 -125.90 -20.50 -2.30
CA ASP TA 42 -126.82 -19.39 -2.08
C ASP TA 42 -128.16 -19.73 -2.72
N ILE TA 43 -129.18 -18.94 -2.37
CA ILE TA 43 -130.54 -19.16 -2.80
C ILE TA 43 -130.96 -18.03 -3.71
N ASP TA 44 -131.57 -18.36 -4.86
CA ASP TA 44 -132.15 -17.35 -5.74
C ASP TA 44 -133.42 -16.86 -5.08
N PHE TA 45 -133.28 -15.79 -4.30
CA PHE TA 45 -134.34 -15.37 -3.39
C PHE TA 45 -135.63 -15.03 -4.14
N ALA TA 46 -135.53 -14.24 -5.21
CA ALA TA 46 -136.74 -13.80 -5.90
C ALA TA 46 -137.47 -14.98 -6.53
N SER TA 47 -136.75 -15.83 -7.25
CA SER TA 47 -137.40 -16.96 -7.91
C SER TA 47 -137.99 -17.92 -6.90
N GLU TA 48 -137.26 -18.18 -5.80
CA GLU TA 48 -137.77 -19.07 -4.78
C GLU TA 48 -139.02 -18.50 -4.11
N LEU TA 49 -139.03 -17.20 -3.81
CA LEU TA 49 -140.21 -16.60 -3.21
C LEU TA 49 -141.41 -16.68 -4.14
N LYS TA 50 -141.20 -16.38 -5.43
CA LYS TA 50 -142.31 -16.46 -6.36
C LYS TA 50 -142.82 -17.89 -6.50
N LYS TA 51 -141.92 -18.86 -6.52
CA LYS TA 51 -142.35 -20.26 -6.61
C LYS TA 51 -143.13 -20.67 -5.36
N VAL TA 52 -142.65 -20.26 -4.18
CA VAL TA 52 -143.33 -20.63 -2.94
C VAL TA 52 -144.70 -19.98 -2.85
N MET TA 53 -144.83 -18.74 -3.30
CA MET TA 53 -146.12 -18.06 -3.25
C MET TA 53 -146.97 -18.47 -4.45
N VAL TA 54 -147.07 -19.79 -4.68
CA VAL TA 54 -147.95 -20.35 -5.70
C VAL TA 54 -148.80 -21.43 -5.05
N ARG TA 55 -148.14 -22.40 -4.42
CA ARG TA 55 -148.83 -23.48 -3.73
C ARG TA 55 -149.57 -22.97 -2.51
N ALA TA 82 -136.43 -29.88 -0.94
CA ALA TA 82 -136.84 -28.57 -0.45
C ALA TA 82 -136.38 -27.47 -1.39
N VAL TA 83 -135.79 -26.42 -0.83
CA VAL TA 83 -135.29 -25.32 -1.63
C VAL TA 83 -133.96 -25.71 -2.26
N ASP TA 84 -133.87 -25.56 -3.57
CA ASP TA 84 -132.66 -25.93 -4.29
C ASP TA 84 -131.53 -24.95 -3.97
N LEU TA 85 -130.30 -25.43 -4.19
CA LEU TA 85 -129.10 -24.65 -3.93
C LEU TA 85 -128.39 -24.33 -5.23
N LEU TA 86 -127.96 -23.07 -5.37
CA LEU TA 86 -127.22 -22.62 -6.54
C LEU TA 86 -125.80 -22.27 -6.12
N TYR TA 87 -124.82 -22.85 -6.80
CA TYR TA 87 -123.44 -22.55 -6.50
C TYR TA 87 -123.10 -21.12 -6.87
N ARG TA 88 -122.28 -20.47 -6.05
CA ARG TA 88 -121.86 -19.11 -6.31
C ARG TA 88 -120.59 -19.13 -7.17
N VAL TA 89 -120.55 -18.28 -8.18
CA VAL TA 89 -119.41 -18.25 -9.10
C VAL TA 89 -118.17 -17.75 -8.35
N PRO TA 90 -117.05 -18.47 -8.43
CA PRO TA 90 -115.86 -18.03 -7.69
C PRO TA 90 -115.38 -16.66 -8.14
N ASP TA 91 -114.89 -15.87 -7.19
CA ASP TA 91 -114.37 -14.55 -7.49
C ASP TA 91 -112.99 -14.65 -8.12
N GLN TA 92 -112.03 -15.21 -7.40
CA GLN TA 92 -110.69 -15.43 -7.90
C GLN TA 92 -110.23 -16.82 -7.47
N PRO TA 93 -109.42 -17.48 -8.28
CA PRO TA 93 -109.06 -18.87 -8.00
C PRO TA 93 -108.13 -18.99 -6.81
N SER TA 94 -108.19 -20.15 -6.16
CA SER TA 94 -107.29 -20.48 -5.06
C SER TA 94 -106.84 -21.92 -5.21
N LEU TA 95 -105.66 -22.22 -4.68
CA LEU TA 95 -105.06 -23.55 -4.90
C LEU TA 95 -105.83 -24.64 -4.17
N ASP TA 96 -106.23 -24.39 -2.93
CA ASP TA 96 -106.80 -25.44 -2.10
C ASP TA 96 -108.15 -25.94 -2.60
N GLY TA 97 -108.77 -25.24 -3.55
CA GLY TA 97 -110.06 -25.62 -4.06
C GLY TA 97 -111.22 -24.94 -3.37
N ASN TA 98 -110.99 -24.25 -2.27
CA ASN TA 98 -112.04 -23.49 -1.61
C ASN TA 98 -112.48 -22.34 -2.50
N THR TA 99 -113.79 -22.13 -2.58
CA THR TA 99 -114.31 -21.10 -3.47
C THR TA 99 -115.27 -20.15 -2.77
N VAL TA 100 -115.23 -20.08 -1.45
CA VAL TA 100 -116.06 -19.14 -0.71
C VAL TA 100 -115.31 -17.83 -0.60
N ASP TA 101 -115.86 -16.78 -1.19
CA ASP TA 101 -115.26 -15.46 -1.06
C ASP TA 101 -115.54 -14.93 0.33
N MET TA 102 -115.01 -13.75 0.63
CA MET TA 102 -115.23 -13.15 1.93
C MET TA 102 -115.98 -11.82 1.84
N ASP TA 103 -115.52 -10.89 1.02
CA ASP TA 103 -116.13 -9.56 0.97
C ASP TA 103 -117.53 -9.64 0.40
N ARG TA 104 -117.71 -10.36 -0.72
CA ARG TA 104 -119.03 -10.45 -1.33
C ARG TA 104 -120.03 -11.11 -0.39
N GLU TA 105 -119.62 -12.19 0.26
CA GLU TA 105 -120.54 -12.86 1.18
C GLU TA 105 -120.81 -12.02 2.41
N ARG TA 106 -119.83 -11.23 2.89
CA ARG TA 106 -120.10 -10.37 4.02
C ARG TA 106 -121.12 -9.29 3.68
N THR TA 107 -120.99 -8.68 2.49
CA THR TA 107 -121.99 -7.72 2.07
C THR TA 107 -123.35 -8.39 1.92
N GLN TA 108 -123.38 -9.61 1.39
CA GLN TA 108 -124.63 -10.35 1.30
C GLN TA 108 -125.26 -10.56 2.66
N PHE TA 109 -124.44 -10.96 3.65
CA PHE TA 109 -124.98 -11.19 4.99
C PHE TA 109 -125.53 -9.90 5.58
N ALA TA 110 -124.80 -8.80 5.45
CA ALA TA 110 -125.28 -7.53 6.01
C ALA TA 110 -126.59 -7.12 5.37
N ASP TA 111 -126.67 -7.14 4.05
CA ASP TA 111 -127.90 -6.70 3.40
C ASP TA 111 -129.06 -7.66 3.67
N ASN TA 112 -128.76 -8.95 3.80
CA ASN TA 112 -129.81 -9.91 4.12
C ASN TA 112 -130.37 -9.65 5.51
N SER TA 113 -129.51 -9.37 6.49
CA SER TA 113 -130.00 -9.04 7.82
C SER TA 113 -130.83 -7.77 7.79
N LEU TA 114 -130.38 -6.76 7.03
CA LEU TA 114 -131.13 -5.51 6.96
C LEU TA 114 -132.52 -5.73 6.37
N LYS TA 115 -132.61 -6.50 5.29
CA LYS TA 115 -133.92 -6.74 4.69
C LYS TA 115 -134.78 -7.63 5.57
N TYR TA 116 -134.17 -8.53 6.33
CA TYR TA 116 -134.92 -9.31 7.31
C TYR TA 116 -135.56 -8.40 8.34
N GLN TA 117 -134.81 -7.44 8.87
CA GLN TA 117 -135.38 -6.52 9.84
C GLN TA 117 -136.46 -5.65 9.21
N MET TA 118 -136.27 -5.27 7.94
CA MET TA 118 -137.31 -4.51 7.25
C MET TA 118 -138.61 -5.31 7.17
N GLY TA 119 -138.51 -6.58 6.76
CA GLY TA 119 -139.71 -7.41 6.71
C GLY TA 119 -140.34 -7.61 8.06
N LEU TA 120 -139.50 -7.75 9.09
CA LEU TA 120 -140.01 -7.90 10.45
C LEU TA 120 -140.83 -6.69 10.86
N THR TA 121 -140.30 -5.48 10.62
CA THR TA 121 -141.03 -4.30 11.04
C THR TA 121 -142.27 -4.06 10.19
N VAL TA 122 -142.24 -4.46 8.91
CA VAL TA 122 -143.44 -4.34 8.09
C VAL TA 122 -144.55 -5.24 8.61
N LEU TA 123 -144.21 -6.50 8.90
CA LEU TA 123 -145.21 -7.42 9.43
C LEU TA 123 -145.72 -6.95 10.79
N GLY TA 124 -144.82 -6.42 11.63
CA GLY TA 124 -145.25 -5.89 12.91
C GLY TA 124 -146.21 -4.73 12.76
N SER TA 125 -145.94 -3.83 11.81
CA SER TA 125 -146.84 -2.71 11.57
C SER TA 125 -148.21 -3.20 11.10
N GLN TA 126 -148.22 -4.18 10.20
CA GLN TA 126 -149.50 -4.72 9.73
C GLN TA 126 -150.30 -5.32 10.88
N LEU TA 127 -149.64 -6.12 11.73
CA LEU TA 127 -150.34 -6.74 12.83
C LEU TA 127 -150.83 -5.70 13.85
N LYS TA 128 -150.02 -4.68 14.11
CA LYS TA 128 -150.46 -3.62 15.02
C LYS TA 128 -151.65 -2.87 14.46
N GLY TA 129 -151.67 -2.60 13.15
CA GLY TA 129 -152.83 -1.97 12.57
C GLY TA 129 -154.07 -2.83 12.68
N MET TA 130 -153.92 -4.13 12.43
CA MET TA 130 -155.07 -5.04 12.53
C MET TA 130 -155.61 -5.08 13.96
N MET TA 131 -154.71 -5.12 14.95
CA MET TA 131 -155.14 -5.11 16.34
C MET TA 131 -155.80 -3.79 16.71
N ASN TA 132 -155.24 -2.67 16.25
CA ASN TA 132 -155.79 -1.36 16.60
C ASN TA 132 -157.15 -1.13 15.98
N VAL TA 133 -157.41 -1.73 14.81
CA VAL TA 133 -158.74 -1.63 14.22
C VAL TA 133 -159.79 -2.24 15.15
N LEU TA 134 -159.41 -3.25 15.93
CA LEU TA 134 -160.33 -3.99 16.77
C LEU TA 134 -160.36 -3.48 18.21
N GLN TA 135 -160.18 -2.19 18.41
CA GLN TA 135 -160.25 -1.61 19.74
C GLN TA 135 -161.35 -0.57 19.85
N ASP UA 3 -154.49 -28.43 37.44
CA ASP UA 3 -155.95 -28.44 37.29
C ASP UA 3 -156.41 -27.33 36.36
N ARG UA 4 -156.65 -27.70 35.10
CA ARG UA 4 -157.13 -26.78 34.07
C ARG UA 4 -156.15 -25.63 33.87
N LEU UA 5 -156.53 -24.45 34.37
CA LEU UA 5 -155.64 -23.29 34.33
C LEU UA 5 -154.29 -23.62 34.96
N ASP UA 6 -154.33 -24.33 36.09
CA ASP UA 6 -153.10 -24.63 36.81
C ASP UA 6 -152.14 -25.44 35.95
N ALA UA 7 -152.62 -26.52 35.33
CA ALA UA 7 -151.73 -27.36 34.53
C ALA UA 7 -151.30 -26.66 33.25
N ALA UA 8 -152.23 -25.93 32.60
CA ALA UA 8 -151.91 -25.25 31.35
C ALA UA 8 -150.80 -24.23 31.57
N LEU UA 9 -150.87 -23.48 32.66
CA LEU UA 9 -149.76 -22.58 33.01
C LEU UA 9 -148.58 -23.34 33.57
N ARG UA 10 -148.81 -24.52 34.16
CA ARG UA 10 -147.75 -25.25 34.84
C ARG UA 10 -146.73 -25.78 33.86
N PHE UA 11 -147.17 -26.16 32.67
CA PHE UA 11 -146.20 -26.63 31.68
C PHE UA 11 -145.13 -25.58 31.42
N GLN UA 12 -145.56 -24.37 31.06
CA GLN UA 12 -144.61 -23.31 30.77
C GLN UA 12 -143.86 -22.86 32.02
N GLN UA 13 -144.53 -22.88 33.19
CA GLN UA 13 -143.83 -22.52 34.41
C GLN UA 13 -142.69 -23.47 34.70
N GLU UA 14 -142.92 -24.77 34.52
CA GLU UA 14 -141.86 -25.75 34.74
C GLU UA 14 -140.75 -25.61 33.71
N ALA UA 15 -141.12 -25.33 32.45
CA ALA UA 15 -140.09 -25.09 31.45
C ALA UA 15 -139.22 -23.90 31.83
N LEU UA 16 -139.84 -22.82 32.29
CA LEU UA 16 -139.09 -21.63 32.69
C LEU UA 16 -138.20 -21.92 33.88
N ASN UA 17 -138.71 -22.67 34.87
CA ASN UA 17 -137.90 -23.01 36.04
C ASN UA 17 -136.71 -23.86 35.64
N LEU UA 18 -136.91 -24.82 34.74
CA LEU UA 18 -135.79 -25.63 34.28
C LEU UA 18 -134.77 -24.79 33.54
N ARG UA 19 -135.23 -23.83 32.73
CA ARG UA 19 -134.29 -22.92 32.08
C ARG UA 19 -133.49 -22.14 33.11
N ALA UA 20 -134.15 -21.68 34.18
CA ALA UA 20 -133.45 -20.93 35.22
C ALA UA 20 -132.40 -21.79 35.92
N GLN UA 21 -132.73 -23.04 36.23
CA GLN UA 21 -131.75 -23.91 36.89
C GLN UA 21 -130.57 -24.21 35.97
N ARG UA 22 -130.84 -24.45 34.70
CA ARG UA 22 -129.76 -24.67 33.75
C ARG UA 22 -128.89 -23.43 33.62
N GLN UA 23 -129.51 -22.25 33.65
CA GLN UA 23 -128.75 -21.01 33.65
C GLN UA 23 -127.85 -20.91 34.87
N GLU UA 24 -128.37 -21.30 36.03
CA GLU UA 24 -127.56 -21.29 37.25
C GLU UA 24 -126.37 -22.21 37.12
N ILE UA 25 -126.58 -23.42 36.58
CA ILE UA 25 -125.47 -24.36 36.42
C ILE UA 25 -124.44 -23.81 35.45
N LEU UA 26 -124.89 -23.23 34.34
CA LEU UA 26 -123.96 -22.67 33.36
C LEU UA 26 -123.16 -21.52 33.96
N ALA UA 27 -123.81 -20.64 34.71
CA ALA UA 27 -123.09 -19.54 35.35
C ALA UA 27 -122.08 -20.07 36.36
N ALA UA 28 -122.45 -21.10 37.10
CA ALA UA 28 -121.52 -21.68 38.07
C ALA UA 28 -120.28 -22.23 37.37
N ASN UA 29 -120.47 -23.01 36.31
CA ASN UA 29 -119.33 -23.62 35.65
C ASN UA 29 -118.58 -22.64 34.75
N ILE UA 30 -119.14 -21.46 34.48
CA ILE UA 30 -118.37 -20.42 33.82
C ILE UA 30 -117.53 -19.65 34.84
N ALA UA 31 -118.11 -19.33 36.00
CA ALA UA 31 -117.35 -18.65 37.04
C ALA UA 31 -116.23 -19.52 37.56
N ASN UA 32 -116.43 -20.84 37.56
CA ASN UA 32 -115.43 -21.78 38.04
C ASN UA 32 -114.57 -22.32 36.90
N ALA UA 33 -114.35 -21.53 35.84
CA ALA UA 33 -113.69 -22.02 34.66
C ALA UA 33 -112.17 -22.03 34.77
N ASP UA 34 -111.61 -21.51 35.86
CA ASP UA 34 -110.16 -21.41 36.00
C ASP UA 34 -109.70 -22.06 37.29
N THR UA 35 -110.18 -23.27 37.55
CA THR UA 35 -109.81 -24.04 38.74
C THR UA 35 -109.44 -25.45 38.31
N PRO UA 36 -108.23 -25.91 38.63
CA PRO UA 36 -107.84 -27.26 38.24
C PRO UA 36 -108.68 -28.32 38.94
N GLY UA 37 -108.87 -29.44 38.26
CA GLY UA 37 -109.63 -30.54 38.82
C GLY UA 37 -111.12 -30.41 38.72
N TYR UA 38 -111.63 -29.48 37.93
CA TYR UA 38 -113.06 -29.26 37.80
C TYR UA 38 -113.58 -29.90 36.51
N GLN UA 39 -114.78 -30.47 36.59
CA GLN UA 39 -115.43 -31.11 35.46
C GLN UA 39 -116.69 -30.33 35.09
N ALA UA 40 -116.81 -29.98 33.82
CA ALA UA 40 -117.97 -29.23 33.36
C ALA UA 40 -119.23 -30.07 33.47
N ARG UA 41 -120.29 -29.46 33.98
CA ARG UA 41 -121.55 -30.15 34.23
C ARG UA 41 -122.66 -29.50 33.42
N ASP UA 42 -123.67 -30.30 33.07
CA ASP UA 42 -124.85 -29.79 32.38
C ASP UA 42 -125.99 -30.77 32.57
N ILE UA 43 -127.20 -30.32 32.27
CA ILE UA 43 -128.40 -31.13 32.42
C ILE UA 43 -129.05 -31.30 31.06
N ASP UA 44 -129.47 -32.52 30.75
CA ASP UA 44 -130.17 -32.82 29.50
C ASP UA 44 -131.54 -32.17 29.56
N PHE UA 45 -131.67 -31.00 28.91
CA PHE UA 45 -132.85 -30.18 29.10
C PHE UA 45 -134.12 -30.89 28.62
N ALA UA 46 -134.06 -31.50 27.44
CA ALA UA 46 -135.26 -32.11 26.87
C ALA UA 46 -135.75 -33.28 27.72
N SER UA 47 -134.85 -34.20 28.05
CA SER UA 47 -135.26 -35.35 28.86
C SER UA 47 -135.70 -34.92 30.25
N GLU UA 48 -135.00 -33.96 30.85
CA GLU UA 48 -135.38 -33.50 32.17
C GLU UA 48 -136.76 -32.85 32.16
N LEU UA 49 -137.04 -32.04 31.14
CA LEU UA 49 -138.36 -31.42 31.03
C LEU UA 49 -139.44 -32.47 30.82
N LYS UA 50 -139.17 -33.48 30.00
CA LYS UA 50 -140.15 -34.54 29.79
C LYS UA 50 -140.43 -35.28 31.08
N LYS UA 51 -139.39 -35.57 31.87
CA LYS UA 51 -139.60 -36.24 33.16
C LYS UA 51 -140.39 -35.37 34.12
N VAL UA 52 -140.06 -34.08 34.19
CA VAL UA 52 -140.73 -33.19 35.13
C VAL UA 52 -142.20 -33.02 34.76
N MET UA 53 -142.49 -32.99 33.45
CA MET UA 53 -143.87 -32.77 33.01
C MET UA 53 -144.80 -33.85 33.53
N VAL UA 54 -144.30 -35.07 33.71
CA VAL UA 54 -145.10 -36.16 34.27
C VAL UA 54 -144.75 -36.45 35.73
N ARG UA 55 -143.81 -35.71 36.31
CA ARG UA 55 -143.47 -35.86 37.72
C ARG UA 55 -144.69 -35.66 38.61
N ALA UA 82 -133.29 -31.31 42.67
CA ALA UA 82 -133.44 -32.73 42.44
C ALA UA 82 -133.24 -33.08 40.97
N VAL UA 83 -132.28 -32.41 40.34
CA VAL UA 83 -131.99 -32.62 38.92
C VAL UA 83 -130.74 -33.47 38.79
N ASP UA 84 -130.70 -34.32 37.77
CA ASP UA 84 -129.59 -35.26 37.56
C ASP UA 84 -128.63 -34.65 36.55
N LEU UA 85 -127.68 -33.86 37.06
CA LEU UA 85 -126.66 -33.28 36.20
C LEU UA 85 -125.64 -34.33 35.80
N LEU UA 86 -125.05 -34.17 34.62
CA LEU UA 86 -124.07 -35.10 34.10
C LEU UA 86 -122.89 -34.32 33.50
N TYR UA 87 -121.76 -35.01 33.41
CA TYR UA 87 -120.52 -34.40 32.97
C TYR UA 87 -120.56 -34.14 31.46
N ARG UA 88 -119.68 -33.24 31.03
CA ARG UA 88 -119.56 -32.88 29.63
C ARG UA 88 -118.22 -33.36 29.10
N VAL UA 89 -118.25 -33.94 27.90
CA VAL UA 89 -117.02 -34.52 27.32
C VAL UA 89 -116.03 -33.41 27.02
N PRO UA 90 -114.75 -33.58 27.34
CA PRO UA 90 -113.76 -32.57 26.97
C PRO UA 90 -113.50 -32.60 25.48
N ASP UA 91 -112.90 -31.53 24.98
CA ASP UA 91 -112.54 -31.42 23.59
C ASP UA 91 -111.03 -31.36 23.35
N GLN UA 92 -110.26 -30.87 24.29
CA GLN UA 92 -108.81 -30.89 24.19
C GLN UA 92 -108.22 -30.89 25.59
N PRO UA 93 -107.22 -31.74 25.85
CA PRO UA 93 -106.75 -31.91 27.23
C PRO UA 93 -106.03 -30.68 27.75
N SER UA 94 -106.08 -30.52 29.08
CA SER UA 94 -105.30 -29.53 29.79
C SER UA 94 -104.62 -30.21 30.97
N LEU UA 95 -103.38 -29.81 31.26
CA LEU UA 95 -102.61 -30.51 32.28
C LEU UA 95 -103.25 -30.38 33.65
N ASP UA 96 -103.80 -29.21 33.97
CA ASP UA 96 -104.37 -28.99 35.30
C ASP UA 96 -105.66 -29.75 35.53
N GLY UA 97 -106.24 -30.37 34.52
CA GLY UA 97 -107.46 -31.14 34.70
C GLY UA 97 -108.74 -30.37 34.51
N ASN UA 98 -108.70 -29.21 33.86
CA ASN UA 98 -109.90 -28.44 33.61
C ASN UA 98 -110.53 -28.86 32.28
N THR UA 99 -111.84 -29.07 32.29
CA THR UA 99 -112.57 -29.51 31.11
C THR UA 99 -113.55 -28.47 30.60
N VAL UA 100 -113.74 -27.36 31.31
CA VAL UA 100 -114.65 -26.32 30.85
C VAL UA 100 -114.00 -25.52 29.73
N ASP UA 101 -114.70 -25.38 28.61
CA ASP UA 101 -114.20 -24.61 27.48
C ASP UA 101 -115.03 -23.34 27.36
N MET UA 102 -114.35 -22.19 27.38
CA MET UA 102 -115.02 -20.91 27.52
C MET UA 102 -115.93 -20.60 26.34
N ASP UA 103 -115.47 -20.87 25.12
CA ASP UA 103 -116.29 -20.55 23.96
C ASP UA 103 -117.58 -21.35 23.92
N ARG UA 104 -117.48 -22.66 24.16
CA ARG UA 104 -118.68 -23.49 24.19
C ARG UA 104 -119.61 -23.07 25.31
N GLU UA 105 -119.05 -22.76 26.48
CA GLU UA 105 -119.89 -22.34 27.59
C GLU UA 105 -120.60 -21.02 27.28
N ARG UA 106 -119.90 -20.08 26.63
CA ARG UA 106 -120.52 -18.82 26.27
C ARG UA 106 -121.64 -19.01 25.25
N THR UA 107 -121.42 -19.87 24.26
CA THR UA 107 -122.48 -20.13 23.29
C THR UA 107 -123.69 -20.77 23.96
N GLN UA 108 -123.47 -21.73 24.85
CA GLN UA 108 -124.57 -22.35 25.56
C GLN UA 108 -125.29 -21.34 26.45
N PHE UA 109 -124.54 -20.43 27.09
CA PHE UA 109 -125.15 -19.42 27.94
C PHE UA 109 -126.05 -18.51 27.13
N ALA UA 110 -125.58 -18.07 25.96
CA ALA UA 110 -126.39 -17.20 25.11
C ALA UA 110 -127.65 -17.94 24.64
N ASP UA 111 -127.50 -19.20 24.24
CA ASP UA 111 -128.66 -19.98 23.81
C ASP UA 111 -129.68 -20.11 24.92
N ASN UA 112 -129.20 -20.40 26.13
CA ASN UA 112 -130.11 -20.55 27.26
C ASN UA 112 -130.81 -19.24 27.60
N SER UA 113 -130.09 -18.12 27.52
CA SER UA 113 -130.73 -16.84 27.79
C SER UA 113 -131.81 -16.54 26.77
N LEU UA 114 -131.54 -16.81 25.48
CA LEU UA 114 -132.57 -16.58 24.47
C LEU UA 114 -133.77 -17.49 24.69
N LYS UA 115 -133.54 -18.76 25.03
CA LYS UA 115 -134.65 -19.65 25.30
C LYS UA 115 -135.46 -19.18 26.50
N TYR UA 116 -134.78 -18.70 27.54
CA TYR UA 116 -135.48 -18.21 28.72
C TYR UA 116 -136.37 -17.02 28.37
N GLN UA 117 -135.84 -16.09 27.58
CA GLN UA 117 -136.64 -14.93 27.19
C GLN UA 117 -137.80 -15.34 26.31
N MET UA 118 -137.59 -16.32 25.42
CA MET UA 118 -138.68 -16.79 24.58
C MET UA 118 -139.80 -17.41 25.42
N GLY UA 119 -139.43 -18.25 26.39
CA GLY UA 119 -140.42 -18.83 27.26
C GLY UA 119 -141.15 -17.78 28.09
N LEU UA 120 -140.41 -16.76 28.54
CA LEU UA 120 -141.03 -15.66 29.26
C LEU UA 120 -142.04 -14.94 28.39
N THR UA 121 -141.70 -14.68 27.13
CA THR UA 121 -142.63 -14.00 26.23
C THR UA 121 -143.87 -14.84 25.99
N VAL UA 122 -143.70 -16.15 25.78
CA VAL UA 122 -144.85 -17.01 25.53
C VAL UA 122 -145.76 -17.05 26.76
N LEU UA 123 -145.16 -17.18 27.94
CA LEU UA 123 -145.96 -17.21 29.17
C LEU UA 123 -146.69 -15.90 29.37
N GLY UA 124 -146.02 -14.77 29.13
CA GLY UA 124 -146.67 -13.48 29.27
C GLY UA 124 -147.80 -13.30 28.28
N SER UA 125 -147.62 -13.79 27.05
CA SER UA 125 -148.69 -13.69 26.07
C SER UA 125 -149.90 -14.51 26.49
N GLN UA 126 -149.66 -15.73 27.00
CA GLN UA 126 -150.78 -16.56 27.45
C GLN UA 126 -151.52 -15.90 28.60
N LEU UA 127 -150.77 -15.37 29.58
CA LEU UA 127 -151.40 -14.72 30.72
C LEU UA 127 -152.17 -13.48 30.29
N LYS UA 128 -151.60 -12.68 29.39
CA LYS UA 128 -152.26 -11.47 28.93
C LYS UA 128 -153.54 -11.80 28.16
N GLY UA 129 -153.49 -12.84 27.33
CA GLY UA 129 -154.71 -13.28 26.65
C GLY UA 129 -155.77 -13.75 27.62
N MET UA 130 -155.36 -14.53 28.64
CA MET UA 130 -156.31 -15.01 29.63
C MET UA 130 -156.95 -13.84 30.38
N MET UA 131 -156.14 -12.84 30.73
CA MET UA 131 -156.67 -11.66 31.41
C MET UA 131 -157.62 -10.89 30.50
N ASN UA 132 -157.26 -10.76 29.22
CA ASN UA 132 -158.08 -9.98 28.30
C ASN UA 132 -159.39 -10.68 27.97
N VAL UA 133 -159.42 -12.01 28.09
CA VAL UA 133 -160.69 -12.72 27.86
C VAL UA 133 -161.74 -12.23 28.85
N LEU UA 134 -161.36 -11.98 30.09
CA LEU UA 134 -162.29 -11.52 31.11
C LEU UA 134 -162.68 -10.05 30.96
N GLN UA 135 -162.36 -9.43 29.83
CA GLN UA 135 -162.72 -8.03 29.62
C GLN UA 135 -163.56 -7.86 28.35
N ILE VA 2 -83.67 -23.18 13.01
CA ILE VA 2 -83.72 -22.86 11.59
C ILE VA 2 -82.56 -23.55 10.86
N SER VA 3 -82.85 -24.06 9.66
CA SER VA 3 -81.85 -24.79 8.91
C SER VA 3 -80.64 -23.91 8.59
N SER VA 4 -80.87 -22.62 8.34
CA SER VA 4 -79.75 -21.74 8.03
C SER VA 4 -78.77 -21.66 9.19
N LEU VA 5 -79.28 -21.45 10.40
CA LEU VA 5 -78.41 -21.42 11.57
C LEU VA 5 -77.75 -22.77 11.82
N TRP VA 6 -78.52 -23.86 11.71
CA TRP VA 6 -77.98 -25.18 11.99
C TRP VA 6 -76.99 -25.65 10.94
N ILE VA 7 -76.95 -25.00 9.78
CA ILE VA 7 -75.92 -25.28 8.78
C ILE VA 7 -74.70 -24.37 8.94
N ALA VA 8 -74.93 -23.08 9.18
CA ALA VA 8 -73.82 -22.17 9.37
C ALA VA 8 -73.03 -22.50 10.62
N LYS VA 9 -73.68 -23.08 11.64
CA LYS VA 9 -72.94 -23.54 12.81
C LYS VA 9 -71.92 -24.61 12.42
N THR VA 10 -72.35 -25.57 11.59
CA THR VA 10 -71.42 -26.61 11.14
C THR VA 10 -70.31 -26.01 10.29
N GLY VA 11 -70.65 -25.04 9.43
CA GLY VA 11 -69.63 -24.39 8.64
C GLY VA 11 -68.57 -23.71 9.50
N LEU VA 12 -69.01 -22.97 10.52
CA LEU VA 12 -68.07 -22.29 11.40
C LEU VA 12 -67.25 -23.29 12.21
N ASP VA 13 -67.87 -24.39 12.65
CA ASP VA 13 -67.12 -25.41 13.37
C ASP VA 13 -66.04 -26.02 12.49
N ALA VA 14 -66.37 -26.30 11.22
CA ALA VA 14 -65.36 -26.85 10.31
C ALA VA 14 -64.21 -25.88 10.11
N GLN VA 15 -64.53 -24.60 9.90
CA GLN VA 15 -63.47 -23.62 9.74
C GLN VA 15 -62.62 -23.51 11.00
N GLN VA 16 -63.24 -23.60 12.17
CA GLN VA 16 -62.49 -23.54 13.42
C GLN VA 16 -61.53 -24.72 13.55
N THR VA 17 -62.00 -25.92 13.21
CA THR VA 17 -61.11 -27.08 13.30
C THR VA 17 -59.96 -26.98 12.31
N ASN VA 18 -60.24 -26.48 11.10
CA ASN VA 18 -59.17 -26.29 10.13
C ASN VA 18 -58.15 -25.27 10.64
N MET VA 19 -58.62 -24.19 11.24
CA MET VA 19 -57.71 -23.20 11.80
C MET VA 19 -56.88 -23.80 12.93
N ASP VA 20 -57.49 -24.66 13.75
CA ASP VA 20 -56.74 -25.32 14.81
C ASP VA 20 -55.64 -26.22 14.24
N VAL VA 21 -55.94 -26.95 13.16
CA VAL VA 21 -54.93 -27.79 12.53
C VAL VA 21 -53.78 -26.94 11.99
N ILE VA 22 -54.11 -25.82 11.33
CA ILE VA 22 -53.08 -24.94 10.80
C ILE VA 22 -52.24 -24.38 11.94
N ALA VA 23 -52.89 -23.98 13.04
CA ALA VA 23 -52.16 -23.42 14.17
C ALA VA 23 -51.21 -24.45 14.77
N ASN VA 24 -51.65 -25.70 14.89
CA ASN VA 24 -50.77 -26.73 15.41
C ASN VA 24 -49.58 -26.96 14.49
N ASN VA 25 -49.82 -27.00 13.18
CA ASN VA 25 -48.74 -27.18 12.23
C ASN VA 25 -47.72 -26.06 12.32
N LEU VA 26 -48.20 -24.82 12.46
CA LEU VA 26 -47.28 -23.70 12.65
C LEU VA 26 -46.55 -23.80 13.98
N ALA VA 27 -47.25 -24.22 15.03
CA ALA VA 27 -46.67 -24.20 16.38
C ALA VA 27 -45.52 -25.19 16.49
N ASN VA 28 -45.73 -26.44 16.08
CA ASN VA 28 -44.66 -27.43 16.18
C ASN VA 28 -43.89 -27.51 14.86
N VAL VA 29 -43.23 -26.41 14.52
CA VAL VA 29 -42.44 -26.34 13.30
C VAL VA 29 -40.97 -26.67 13.54
N SER VA 30 -40.41 -26.26 14.67
CA SER VA 30 -39.01 -26.48 14.97
C SER VA 30 -38.75 -27.82 15.66
N THR VA 31 -39.80 -28.60 15.93
CA THR VA 31 -39.61 -29.91 16.54
C THR VA 31 -38.98 -30.86 15.55
N ASN VA 32 -38.33 -31.90 16.08
CA ASN VA 32 -37.60 -32.85 15.26
C ASN VA 32 -38.51 -34.01 14.85
N GLY VA 33 -38.45 -34.36 13.57
CA GLY VA 33 -39.20 -35.50 13.07
C GLY VA 33 -40.71 -35.34 13.11
N PHE VA 34 -41.23 -34.23 12.58
CA PHE VA 34 -42.66 -34.01 12.50
C PHE VA 34 -43.14 -34.03 11.06
N LYS VA 35 -44.27 -34.70 10.84
CA LYS VA 35 -44.90 -34.79 9.54
C LYS VA 35 -46.19 -34.00 9.56
N ARG VA 36 -46.33 -33.07 8.61
CA ARG VA 36 -47.43 -32.13 8.62
C ARG VA 36 -48.76 -32.84 8.40
N GLN VA 37 -49.84 -32.16 8.80
CA GLN VA 37 -51.19 -32.69 8.70
C GLN VA 37 -52.05 -31.76 7.84
N ARG VA 38 -53.06 -32.35 7.22
CA ARG VA 38 -54.03 -31.60 6.44
C ARG VA 38 -55.40 -32.22 6.66
N ALA VA 39 -56.38 -31.39 6.99
CA ALA VA 39 -57.72 -31.85 7.31
C ALA VA 39 -58.61 -31.75 6.09
N VAL VA 40 -59.33 -32.82 5.77
CA VAL VA 40 -60.22 -32.88 4.62
C VAL VA 40 -61.66 -32.92 5.13
N PHE VA 41 -62.51 -32.10 4.52
CA PHE VA 41 -63.91 -32.03 4.89
C PHE VA 41 -64.78 -32.77 3.88
N GLU VA 42 -66.04 -32.97 4.26
CA GLU VA 42 -66.94 -33.73 3.40
C GLU VA 42 -68.37 -33.29 3.68
N ASP VA 43 -69.15 -33.14 2.61
CA ASP VA 43 -70.52 -32.68 2.73
C ASP VA 43 -71.45 -33.82 3.16
N LEU VA 44 -72.47 -33.47 3.93
CA LEU VA 44 -73.40 -34.45 4.45
C LEU VA 44 -74.38 -34.89 3.35
N LEU VA 45 -75.36 -35.71 3.74
CA LEU VA 45 -76.31 -36.21 2.78
C LEU VA 45 -77.32 -35.12 2.40
N TYR VA 46 -77.94 -35.30 1.24
CA TYR VA 46 -78.91 -34.34 0.70
C TYR VA 46 -80.31 -34.93 0.75
N GLN VA 47 -81.27 -34.09 1.13
CA GLN VA 47 -82.67 -34.49 1.18
C GLN VA 47 -83.39 -33.95 -0.05
N THR VA 48 -84.16 -34.82 -0.69
CA THR VA 48 -84.95 -34.43 -1.85
C THR VA 48 -86.39 -34.20 -1.38
N ILE VA 49 -86.90 -33.00 -1.61
CA ILE VA 49 -88.27 -32.69 -1.24
C ILE VA 49 -89.22 -32.92 -2.41
N ARG VA 50 -88.81 -32.56 -3.63
CA ARG VA 50 -89.57 -32.85 -4.84
C ARG VA 50 -88.68 -33.60 -5.81
N GLN VA 51 -89.19 -34.70 -6.34
CA GLN VA 51 -88.45 -35.46 -7.32
C GLN VA 51 -88.34 -34.68 -8.62
N PRO VA 52 -87.21 -34.82 -9.33
CA PRO VA 52 -87.04 -34.07 -10.58
C PRO VA 52 -87.92 -34.63 -11.70
N GLY VA 53 -89.18 -34.24 -11.71
CA GLY VA 53 -90.12 -34.73 -12.70
C GLY VA 53 -89.71 -34.45 -14.13
N ALA VA 54 -89.54 -35.50 -14.93
CA ALA VA 54 -89.11 -35.34 -16.31
C ALA VA 54 -90.23 -34.77 -17.16
N GLN VA 55 -89.84 -34.01 -18.18
CA GLN VA 55 -90.79 -33.43 -19.13
C GLN VA 55 -90.60 -34.00 -20.53
N SER VA 56 -89.39 -33.89 -21.08
CA SER VA 56 -89.05 -34.43 -22.40
C SER VA 56 -90.04 -33.96 -23.47
N SER VA 57 -90.46 -32.70 -23.34
CA SER VA 57 -91.41 -32.11 -24.28
C SER VA 57 -90.72 -31.20 -25.30
N GLU VA 58 -89.39 -31.25 -25.38
CA GLU VA 58 -88.60 -30.41 -26.28
C GLU VA 58 -88.84 -28.93 -26.00
N GLN VA 59 -89.20 -28.61 -24.76
CA GLN VA 59 -89.40 -27.23 -24.33
C GLN VA 59 -88.14 -26.57 -23.81
N THR VA 60 -87.05 -27.34 -23.66
CA THR VA 60 -85.79 -26.85 -23.11
C THR VA 60 -86.01 -26.22 -21.73
N THR VA 61 -86.85 -26.86 -20.92
CA THR VA 61 -87.17 -26.35 -19.60
C THR VA 61 -86.13 -26.81 -18.57
N LEU VA 62 -86.09 -26.10 -17.46
CA LEU VA 62 -85.21 -26.46 -16.35
C LEU VA 62 -85.77 -27.66 -15.60
N PRO VA 63 -84.90 -28.48 -15.02
CA PRO VA 63 -85.38 -29.55 -14.13
C PRO VA 63 -85.90 -28.96 -12.83
N SER VA 64 -87.16 -29.27 -12.50
CA SER VA 64 -87.81 -28.71 -11.33
C SER VA 64 -87.71 -29.72 -10.18
N GLY VA 65 -86.55 -29.75 -9.55
CA GLY VA 65 -86.32 -30.63 -8.42
C GLY VA 65 -85.61 -29.90 -7.30
N LEU VA 66 -86.19 -29.99 -6.10
CA LEU VA 66 -85.68 -29.30 -4.92
C LEU VA 66 -84.86 -30.27 -4.10
N GLN VA 67 -83.70 -29.80 -3.61
CA GLN VA 67 -82.77 -30.67 -2.90
C GLN VA 67 -81.94 -29.80 -1.97
N ILE VA 68 -82.28 -29.83 -0.68
CA ILE VA 68 -81.63 -29.00 0.32
C ILE VA 68 -80.42 -29.72 0.87
N GLY VA 69 -79.34 -28.98 1.09
CA GLY VA 69 -78.15 -29.53 1.72
C GLY VA 69 -78.31 -29.70 3.21
N THR VA 70 -77.26 -30.20 3.83
CA THR VA 70 -77.31 -30.44 5.28
C THR VA 70 -76.15 -29.81 6.02
N GLY VA 71 -74.96 -29.80 5.44
CA GLY VA 71 -73.81 -29.19 6.09
C GLY VA 71 -72.54 -29.92 5.71
N VAL VA 72 -71.49 -29.67 6.49
CA VAL VA 72 -70.17 -30.23 6.24
C VAL VA 72 -69.60 -30.75 7.54
N ARG VA 73 -68.88 -31.86 7.46
CA ARG VA 73 -68.21 -32.44 8.61
C ARG VA 73 -66.76 -32.75 8.28
N PRO VA 74 -65.86 -32.66 9.25
CA PRO VA 74 -64.47 -33.10 9.03
C PRO VA 74 -64.40 -34.61 9.08
N VAL VA 75 -63.89 -35.21 8.01
CA VAL VA 75 -63.88 -36.67 7.91
C VAL VA 75 -62.56 -37.27 8.35
N ALA VA 76 -61.44 -36.63 8.01
CA ALA VA 76 -60.13 -37.14 8.40
C ALA VA 76 -59.12 -36.02 8.37
N THR VA 77 -58.00 -36.26 9.05
CA THR VA 77 -56.84 -35.36 9.03
C THR VA 77 -55.63 -36.23 8.69
N GLU VA 78 -55.23 -36.21 7.42
CA GLU VA 78 -54.17 -37.07 6.94
C GLU VA 78 -52.82 -36.39 7.08
N ARG VA 79 -51.81 -37.15 7.49
CA ARG VA 79 -50.46 -36.66 7.63
C ARG VA 79 -49.61 -37.10 6.45
N LEU VA 80 -48.70 -36.22 6.04
CA LEU VA 80 -47.85 -36.47 4.88
C LEU VA 80 -46.51 -37.01 5.36
N HIS VA 81 -46.29 -38.31 5.16
CA HIS VA 81 -45.04 -38.96 5.58
C HIS VA 81 -43.98 -38.77 4.49
N SER VA 82 -43.53 -37.54 4.38
CA SER VA 82 -42.45 -37.19 3.46
C SER VA 82 -41.13 -37.10 4.21
N GLN VA 83 -40.03 -37.18 3.47
CA GLN VA 83 -38.69 -37.15 4.03
C GLN VA 83 -38.28 -35.70 4.24
N GLY VA 84 -38.13 -35.31 5.51
CA GLY VA 84 -37.72 -33.95 5.83
C GLY VA 84 -36.23 -33.76 5.69
N ASN VA 85 -35.81 -32.50 5.81
CA ASN VA 85 -34.40 -32.17 5.73
C ASN VA 85 -33.66 -32.66 6.98
N LEU VA 86 -32.34 -32.72 6.86
CA LEU VA 86 -31.48 -33.20 7.94
C LEU VA 86 -30.67 -32.05 8.50
N SER VA 87 -30.71 -31.89 9.82
CA SER VA 87 -29.90 -30.89 10.51
C SER VA 87 -28.87 -31.59 11.38
N GLN VA 88 -27.65 -31.07 11.37
CA GLN VA 88 -26.54 -31.68 12.08
C GLN VA 88 -26.45 -31.12 13.49
N THR VA 89 -26.39 -32.02 14.48
CA THR VA 89 -26.18 -31.63 15.86
C THR VA 89 -24.81 -32.02 16.39
N ASN VA 90 -24.04 -32.81 15.63
CA ASN VA 90 -22.71 -33.29 15.95
C ASN VA 90 -22.69 -34.21 17.16
N ASN VA 91 -23.83 -34.48 17.79
CA ASN VA 91 -23.86 -35.42 18.89
C ASN VA 91 -23.75 -36.84 18.36
N SER VA 92 -22.85 -37.62 18.96
CA SER VA 92 -22.54 -38.94 18.45
C SER VA 92 -23.67 -39.94 18.62
N LYS VA 93 -24.71 -39.61 19.38
CA LYS VA 93 -25.81 -40.53 19.66
C LYS VA 93 -27.12 -40.03 19.09
N ASP VA 94 -27.08 -39.50 17.86
CA ASP VA 94 -28.26 -39.07 17.14
C ASP VA 94 -28.37 -39.85 15.84
N VAL VA 95 -29.57 -40.31 15.53
CA VAL VA 95 -29.82 -41.14 14.35
C VAL VA 95 -30.88 -40.47 13.50
N ALA VA 96 -30.62 -40.34 12.21
CA ALA VA 96 -31.60 -39.83 11.26
C ALA VA 96 -31.90 -40.93 10.25
N ILE VA 97 -33.19 -41.15 10.00
CA ILE VA 97 -33.63 -42.23 9.15
C ILE VA 97 -33.81 -41.71 7.73
N LYS VA 98 -33.20 -42.41 6.77
CA LYS VA 98 -33.38 -42.11 5.35
C LYS VA 98 -34.31 -43.16 4.76
N GLY VA 99 -35.53 -42.75 4.43
CA GLY VA 99 -36.55 -43.65 3.91
C GLY VA 99 -37.75 -43.70 4.81
N GLN VA 100 -38.29 -44.91 5.01
CA GLN VA 100 -39.47 -45.11 5.83
C GLN VA 100 -39.19 -46.13 6.91
N GLY VA 101 -39.78 -45.93 8.06
CA GLY VA 101 -39.63 -46.83 9.20
C GLY VA 101 -39.50 -46.05 10.49
N PHE VA 102 -39.92 -46.68 11.60
CA PHE VA 102 -39.86 -46.06 12.91
C PHE VA 102 -39.20 -47.04 13.88
N PHE VA 103 -38.52 -46.48 14.89
CA PHE VA 103 -38.01 -47.31 15.97
C PHE VA 103 -39.17 -47.81 16.83
N GLN VA 104 -38.93 -48.90 17.54
CA GLN VA 104 -39.90 -49.44 18.48
C GLN VA 104 -39.53 -49.01 19.89
N VAL VA 105 -40.49 -48.40 20.59
CA VAL VA 105 -40.30 -47.90 21.94
C VAL VA 105 -41.34 -48.53 22.84
N MET VA 106 -40.89 -49.09 23.96
CA MET VA 106 -41.79 -49.77 24.89
C MET VA 106 -42.33 -48.78 25.91
N LEU VA 107 -43.65 -48.62 25.94
CA LEU VA 107 -44.28 -47.75 26.92
C LEU VA 107 -44.26 -48.40 28.30
N PRO VA 108 -44.37 -47.60 29.37
CA PRO VA 108 -44.32 -48.18 30.73
C PRO VA 108 -45.42 -49.18 31.01
N ASP VA 109 -46.56 -49.12 30.32
CA ASP VA 109 -47.66 -50.04 30.55
C ASP VA 109 -47.59 -51.30 29.69
N GLY VA 110 -46.40 -51.66 29.22
CA GLY VA 110 -46.19 -52.89 28.47
C GLY VA 110 -46.30 -52.77 26.96
N THR VA 111 -47.21 -51.93 26.48
CA THR VA 111 -47.41 -51.79 25.04
C THR VA 111 -46.20 -51.12 24.40
N SER VA 112 -46.18 -51.14 23.07
CA SER VA 112 -45.08 -50.58 22.30
C SER VA 112 -45.58 -49.46 21.41
N ALA VA 113 -44.83 -48.36 21.39
CA ALA VA 113 -45.14 -47.22 20.54
C ALA VA 113 -43.97 -46.98 19.60
N TYR VA 114 -44.27 -46.44 18.42
CA TYR VA 114 -43.30 -46.24 17.36
C TYR VA 114 -43.08 -44.77 17.14
N THR VA 115 -41.83 -44.36 17.01
CA THR VA 115 -41.48 -42.96 16.83
C THR VA 115 -40.38 -42.84 15.78
N ARG VA 116 -40.35 -41.68 15.13
CA ARG VA 116 -39.33 -41.38 14.14
C ARG VA 116 -38.30 -40.37 14.63
N ASP VA 117 -38.53 -39.77 15.79
CA ASP VA 117 -37.64 -38.73 16.31
C ASP VA 117 -36.36 -39.37 16.81
N GLY VA 118 -35.25 -39.09 16.14
CA GLY VA 118 -33.97 -39.63 16.57
C GLY VA 118 -33.21 -38.69 17.46
N SER VA 119 -33.32 -38.89 18.78
CA SER VA 119 -32.56 -38.13 19.76
C SER VA 119 -32.44 -39.00 21.00
N PHE VA 120 -31.31 -39.66 21.15
CA PHE VA 120 -31.13 -40.69 22.16
C PHE VA 120 -30.11 -40.26 23.20
N GLN VA 121 -30.39 -40.59 24.46
CA GLN VA 121 -29.48 -40.34 25.56
C GLN VA 121 -29.33 -41.61 26.37
N VAL VA 122 -28.17 -41.78 26.98
CA VAL VA 122 -27.85 -42.97 27.75
C VAL VA 122 -28.35 -42.80 29.17
N ASP VA 123 -29.08 -43.79 29.67
CA ASP VA 123 -29.61 -43.75 31.02
C ASP VA 123 -28.52 -44.16 32.01
N GLN VA 124 -28.90 -44.24 33.29
CA GLN VA 124 -27.93 -44.57 34.33
C GLN VA 124 -27.42 -46.00 34.21
N ASN VA 125 -28.23 -46.90 33.63
CA ASN VA 125 -27.84 -48.30 33.51
C ASN VA 125 -27.21 -48.63 32.16
N GLY VA 126 -27.17 -47.69 31.22
CA GLY VA 126 -26.56 -47.90 29.92
C GLY VA 126 -27.53 -48.15 28.79
N GLN VA 127 -28.79 -48.47 29.07
CA GLN VA 127 -29.74 -48.71 28.00
C GLN VA 127 -30.01 -47.43 27.24
N LEU VA 128 -30.04 -47.52 25.92
CA LEU VA 128 -30.29 -46.36 25.08
C LEU VA 128 -31.76 -45.98 25.16
N VAL VA 129 -32.05 -44.78 25.67
CA VAL VA 129 -33.42 -44.34 25.87
C VAL VA 129 -33.59 -42.98 25.21
N THR VA 130 -34.84 -42.66 24.89
CA THR VA 130 -35.17 -41.37 24.32
C THR VA 130 -35.33 -40.34 25.43
N ALA VA 131 -35.25 -39.07 25.04
CA ALA VA 131 -35.39 -37.98 25.99
C ALA VA 131 -36.81 -37.96 26.54
N GLY VA 132 -36.97 -38.37 27.79
CA GLY VA 132 -38.28 -38.51 28.37
C GLY VA 132 -38.39 -39.81 29.16
N GLY VA 133 -37.38 -40.65 29.04
CA GLY VA 133 -37.28 -41.87 29.81
C GLY VA 133 -37.72 -43.12 29.07
N PHE VA 134 -38.48 -42.98 27.98
CA PHE VA 134 -38.95 -44.15 27.25
C PHE VA 134 -37.79 -44.80 26.52
N GLN VA 135 -37.65 -46.12 26.68
CA GLN VA 135 -36.50 -46.84 26.18
C GLN VA 135 -36.84 -47.58 24.88
N VAL VA 136 -35.79 -48.00 24.19
CA VAL VA 136 -35.93 -48.68 22.91
C VAL VA 136 -36.13 -50.18 23.15
N GLN VA 137 -37.06 -50.79 22.40
CA GLN VA 137 -37.41 -52.18 22.64
C GLN VA 137 -36.25 -53.14 22.44
N PRO VA 138 -35.44 -53.06 21.38
CA PRO VA 138 -34.27 -53.95 21.29
C PRO VA 138 -33.28 -53.77 22.43
N ALA VA 139 -33.36 -52.67 23.18
CA ALA VA 139 -32.58 -52.46 24.39
C ALA VA 139 -31.09 -52.53 24.11
N ILE VA 140 -30.61 -51.58 23.32
CA ILE VA 140 -29.18 -51.44 23.08
C ILE VA 140 -28.50 -51.02 24.38
N THR VA 141 -27.41 -51.69 24.71
CA THR VA 141 -26.65 -51.39 25.91
C THR VA 141 -25.30 -50.77 25.54
N ILE VA 142 -24.83 -49.88 26.40
CA ILE VA 142 -23.56 -49.21 26.20
C ILE VA 142 -22.69 -49.36 27.43
N PRO VA 143 -21.47 -49.85 27.31
CA PRO VA 143 -20.61 -50.02 28.49
C PRO VA 143 -20.05 -48.69 28.97
N ALA VA 144 -19.46 -48.72 30.16
CA ALA VA 144 -18.78 -47.56 30.68
C ALA VA 144 -17.45 -47.37 29.96
N ASN VA 145 -16.76 -46.27 30.31
CA ASN VA 145 -15.49 -45.88 29.71
C ASN VA 145 -15.45 -46.12 28.20
N ALA VA 146 -16.52 -45.73 27.52
CA ALA VA 146 -16.60 -45.89 26.07
C ALA VA 146 -15.91 -44.72 25.40
N LEU VA 147 -14.86 -45.00 24.65
CA LEU VA 147 -14.09 -43.92 24.02
C LEU VA 147 -14.93 -43.17 22.99
N SER VA 148 -15.64 -43.90 22.14
CA SER VA 148 -16.47 -43.28 21.12
C SER VA 148 -17.49 -44.28 20.62
N ILE VA 149 -18.71 -43.80 20.40
CA ILE VA 149 -19.81 -44.64 19.94
C ILE VA 149 -20.05 -44.36 18.47
N THR VA 150 -20.13 -45.42 17.66
CA THR VA 150 -20.42 -45.30 16.24
C THR VA 150 -21.60 -46.20 15.90
N ILE VA 151 -22.42 -45.72 14.97
CA ILE VA 151 -23.59 -46.46 14.52
C ILE VA 151 -23.50 -46.63 13.01
N GLY VA 152 -23.62 -47.86 12.55
CA GLY VA 152 -23.44 -48.16 11.14
C GLY VA 152 -24.61 -47.71 10.30
N ARG VA 153 -24.48 -47.96 8.99
CA ARG VA 153 -25.52 -47.59 8.04
C ARG VA 153 -26.63 -48.61 7.95
N ASP VA 154 -26.47 -49.79 8.56
CA ASP VA 154 -27.53 -50.79 8.60
C ASP VA 154 -27.96 -51.10 10.04
N GLY VA 155 -27.84 -50.13 10.93
CA GLY VA 155 -28.31 -50.31 12.29
C GLY VA 155 -27.43 -51.18 13.15
N VAL VA 156 -26.13 -51.23 12.87
CA VAL VA 156 -25.17 -51.93 13.71
C VAL VA 156 -24.47 -50.89 14.57
N VAL VA 157 -24.60 -51.04 15.88
CA VAL VA 157 -24.01 -50.10 16.83
C VAL VA 157 -22.84 -50.79 17.52
N SER VA 158 -21.67 -50.18 17.42
CA SER VA 158 -20.45 -50.74 17.97
C SER VA 158 -19.70 -49.66 18.72
N VAL VA 159 -18.89 -50.08 19.68
CA VAL VA 159 -18.11 -49.16 20.51
C VAL VA 159 -16.69 -49.68 20.60
N THR VA 160 -15.75 -48.77 20.85
CA THR VA 160 -14.34 -49.10 20.98
C THR VA 160 -13.88 -48.90 22.41
N GLN VA 161 -13.12 -49.87 22.92
CA GLN VA 161 -12.59 -49.82 24.27
C GLN VA 161 -11.20 -49.20 24.26
N GLN VA 162 -10.53 -49.24 25.41
CA GLN VA 162 -9.19 -48.68 25.50
C GLN VA 162 -8.21 -49.44 24.62
N GLY VA 163 -8.31 -50.76 24.59
CA GLY VA 163 -7.38 -51.56 23.81
C GLY VA 163 -8.04 -52.47 22.80
N GLN VA 164 -7.44 -53.65 22.60
CA GLN VA 164 -7.92 -54.70 21.69
C GLN VA 164 -7.73 -54.29 20.23
N ALA VA 165 -7.35 -53.04 20.00
CA ALA VA 165 -7.06 -52.52 18.65
C ALA VA 165 -8.17 -52.85 17.66
N ALA VA 166 -9.39 -53.00 18.15
CA ALA VA 166 -10.50 -53.38 17.29
C ALA VA 166 -11.83 -53.06 17.96
N PRO VA 167 -12.79 -52.49 17.24
CA PRO VA 167 -14.10 -52.22 17.84
C PRO VA 167 -14.84 -53.52 18.16
N VAL VA 168 -15.68 -53.45 19.18
CA VAL VA 168 -16.50 -54.57 19.62
C VAL VA 168 -17.96 -54.15 19.57
N GLN VA 169 -18.78 -54.95 18.89
CA GLN VA 169 -20.19 -54.63 18.75
C GLN VA 169 -20.92 -54.85 20.06
N VAL VA 170 -21.95 -54.03 20.31
CA VAL VA 170 -22.73 -54.09 21.53
C VAL VA 170 -24.21 -54.31 21.29
N GLY VA 171 -24.67 -54.31 20.05
CA GLY VA 171 -26.08 -54.55 19.79
C GLY VA 171 -26.43 -54.27 18.34
N GLN VA 172 -27.71 -54.45 18.05
CA GLN VA 172 -28.26 -54.21 16.72
C GLN VA 172 -29.47 -53.28 16.84
N LEU VA 173 -29.61 -52.38 15.89
CA LEU VA 173 -30.68 -51.38 15.89
C LEU VA 173 -31.53 -51.60 14.64
N ASN VA 174 -32.53 -52.47 14.76
CA ASN VA 174 -33.48 -52.68 13.69
C ASN VA 174 -34.62 -51.67 13.81
N LEU VA 175 -35.55 -51.70 12.86
CA LEU VA 175 -36.69 -50.79 12.90
C LEU VA 175 -37.86 -51.44 12.20
N THR VA 176 -39.05 -50.93 12.49
CA THR VA 176 -40.30 -51.52 12.05
C THR VA 176 -40.92 -50.68 10.94
N THR VA 177 -41.70 -51.35 10.10
CA THR VA 177 -42.40 -50.72 8.98
C THR VA 177 -43.84 -51.18 8.97
N PHE VA 178 -44.73 -50.31 8.49
CA PHE VA 178 -46.14 -50.61 8.33
C PHE VA 178 -46.52 -50.56 6.86
N MET VA 179 -47.64 -51.19 6.54
CA MET VA 179 -48.13 -51.18 5.17
C MET VA 179 -48.79 -49.85 4.83
N ASN VA 180 -49.39 -49.18 5.81
CA ASN VA 180 -50.01 -47.86 5.62
C ASN VA 180 -49.67 -47.01 6.83
N ASP VA 181 -48.56 -46.27 6.75
CA ASP VA 181 -48.12 -45.46 7.87
C ASP VA 181 -49.06 -44.30 8.17
N THR VA 182 -49.89 -43.90 7.21
CA THR VA 182 -50.83 -42.82 7.46
C THR VA 182 -51.85 -43.22 8.52
N GLY VA 183 -52.33 -44.46 8.47
CA GLY VA 183 -53.31 -44.92 9.43
C GLY VA 183 -52.73 -45.30 10.78
N LEU VA 184 -52.04 -44.37 11.42
CA LEU VA 184 -51.50 -44.57 12.76
C LEU VA 184 -52.05 -43.49 13.68
N GLU VA 185 -52.38 -43.87 14.90
CA GLU VA 185 -52.89 -42.91 15.87
C GLU VA 185 -51.73 -42.30 16.62
N SER VA 186 -51.70 -40.97 16.70
CA SER VA 186 -50.55 -40.24 17.21
C SER VA 186 -50.86 -39.73 18.61
N ILE VA 187 -49.97 -40.04 19.55
CA ILE VA 187 -50.05 -39.54 20.91
C ILE VA 187 -48.80 -38.72 21.20
N GLY VA 188 -48.82 -37.99 22.32
CA GLY VA 188 -47.75 -37.09 22.69
C GLY VA 188 -46.41 -37.81 22.82
N GLU VA 189 -45.38 -37.00 23.06
CA GLU VA 189 -44.00 -37.46 23.00
C GLU VA 189 -43.65 -38.01 21.62
N ASN VA 190 -44.36 -37.51 20.61
CA ASN VA 190 -44.14 -37.89 19.22
C ASN VA 190 -44.21 -39.41 19.03
N LEU VA 191 -45.22 -40.03 19.63
CA LEU VA 191 -45.34 -41.48 19.55
C LEU VA 191 -46.49 -41.82 18.60
N TYR VA 192 -46.29 -42.84 17.79
CA TYR VA 192 -47.33 -43.37 16.93
C TYR VA 192 -47.62 -44.80 17.32
N ILE VA 193 -48.90 -45.15 17.45
CA ILE VA 193 -49.30 -46.51 17.75
C ILE VA 193 -50.24 -46.99 16.65
N GLU VA 194 -50.28 -48.31 16.49
CA GLU VA 194 -50.99 -48.93 15.38
C GLU VA 194 -52.46 -49.11 15.70
N THR VA 195 -53.30 -48.85 14.71
CA THR VA 195 -54.72 -49.12 14.77
C THR VA 195 -55.08 -50.08 13.64
N GLN VA 196 -56.38 -50.36 13.52
CA GLN VA 196 -56.84 -51.28 12.48
C GLN VA 196 -56.60 -50.72 11.08
N SER VA 197 -56.43 -49.41 10.95
CA SER VA 197 -56.19 -48.81 9.64
C SER VA 197 -54.88 -49.29 9.04
N SER VA 198 -53.83 -49.41 9.85
CA SER VA 198 -52.54 -49.88 9.39
C SER VA 198 -52.40 -51.37 9.70
N GLY VA 199 -51.53 -52.02 8.93
CA GLY VA 199 -51.28 -53.43 9.12
C GLY VA 199 -50.41 -53.71 10.32
N ALA VA 200 -50.17 -55.00 10.54
CA ALA VA 200 -49.26 -55.39 11.61
C ALA VA 200 -47.84 -54.96 11.26
N PRO VA 201 -47.11 -54.40 12.22
CA PRO VA 201 -45.73 -53.97 11.94
C PRO VA 201 -44.83 -55.15 11.63
N ASN VA 202 -43.82 -54.90 10.78
CA ASN VA 202 -42.80 -55.89 10.51
C ASN VA 202 -41.43 -55.29 10.82
N GLU VA 203 -40.59 -56.07 11.48
CA GLU VA 203 -39.28 -55.62 11.93
C GLU VA 203 -38.20 -56.06 10.94
N SER VA 204 -37.25 -55.17 10.67
CA SER VA 204 -36.16 -55.50 9.76
C SER VA 204 -34.98 -54.60 10.07
N THR VA 205 -33.79 -55.06 9.67
CA THR VA 205 -32.61 -54.22 9.77
C THR VA 205 -32.68 -53.12 8.72
N PRO VA 206 -32.08 -51.97 9.00
CA PRO VA 206 -32.10 -50.88 8.01
C PRO VA 206 -31.46 -51.31 6.70
N GLY VA 207 -32.02 -50.83 5.60
CA GLY VA 207 -31.52 -51.13 4.28
C GLY VA 207 -32.14 -52.34 3.60
N LEU VA 208 -33.04 -53.05 4.28
CA LEU VA 208 -33.66 -54.25 3.72
C LEU VA 208 -35.16 -54.15 3.81
N ASN VA 209 -35.84 -54.81 2.86
CA ASN VA 209 -37.30 -54.88 2.83
C ASN VA 209 -37.94 -53.50 2.83
N GLY VA 210 -37.34 -52.58 2.08
CA GLY VA 210 -37.86 -51.22 2.02
C GLY VA 210 -37.75 -50.46 3.33
N ALA VA 211 -36.64 -50.62 4.04
CA ALA VA 211 -36.38 -49.90 5.27
C ALA VA 211 -35.21 -48.95 5.06
N GLY VA 212 -35.38 -47.70 5.48
CA GLY VA 212 -34.37 -46.69 5.23
C GLY VA 212 -33.10 -46.92 6.03
N LEU VA 213 -32.03 -46.30 5.54
CA LEU VA 213 -30.74 -46.38 6.20
C LEU VA 213 -30.70 -45.43 7.40
N LEU VA 214 -29.59 -45.47 8.13
CA LEU VA 214 -29.40 -44.64 9.31
C LEU VA 214 -28.15 -43.80 9.13
N TYR VA 215 -28.26 -42.51 9.43
CA TYR VA 215 -27.13 -41.59 9.46
C TYR VA 215 -26.89 -41.15 10.89
N GLN VA 216 -25.63 -41.12 11.29
CA GLN VA 216 -25.26 -40.74 12.65
C GLN VA 216 -24.87 -39.27 12.70
N GLY VA 217 -25.33 -38.57 13.72
CA GLY VA 217 -25.00 -37.17 13.90
C GLY VA 217 -25.96 -36.19 13.26
N TYR VA 218 -27.10 -36.66 12.77
CA TYR VA 218 -28.08 -35.81 12.13
C TYR VA 218 -29.47 -36.16 12.64
N VAL VA 219 -30.38 -35.18 12.61
CA VAL VA 219 -31.76 -35.39 13.00
C VAL VA 219 -32.66 -34.86 11.90
N GLU VA 220 -33.88 -35.39 11.86
CA GLU VA 220 -34.83 -35.06 10.80
C GLU VA 220 -35.73 -33.94 11.25
N THR VA 221 -35.71 -32.82 10.53
CA THR VA 221 -36.53 -31.68 10.86
C THR VA 221 -37.96 -31.87 10.35
N SER VA 222 -38.87 -31.07 10.88
CA SER VA 222 -40.27 -31.15 10.50
C SER VA 222 -40.46 -30.70 9.06
N ASN VA 223 -41.38 -31.35 8.37
CA ASN VA 223 -41.69 -30.98 6.98
C ASN VA 223 -42.93 -30.10 6.92
N VAL VA 224 -42.80 -28.90 7.49
CA VAL VA 224 -43.88 -27.92 7.53
C VAL VA 224 -43.60 -26.82 6.52
N ASN VA 225 -44.61 -26.46 5.75
CA ASN VA 225 -44.47 -25.48 4.66
C ASN VA 225 -45.24 -24.22 5.03
N VAL VA 226 -44.52 -23.24 5.59
CA VAL VA 226 -45.14 -22.00 6.05
C VAL VA 226 -45.72 -21.21 4.88
N ALA VA 227 -45.10 -21.32 3.71
CA ALA VA 227 -45.57 -20.57 2.55
C ALA VA 227 -46.99 -20.96 2.16
N GLU VA 228 -47.39 -22.20 2.43
CA GLU VA 228 -48.77 -22.61 2.19
C GLU VA 228 -49.63 -22.53 3.44
N GLU VA 229 -49.02 -22.64 4.64
CA GLU VA 229 -49.79 -22.45 5.85
C GLU VA 229 -50.39 -21.04 5.93
N LEU VA 230 -49.62 -20.03 5.52
CA LEU VA 230 -50.14 -18.67 5.54
C LEU VA 230 -51.34 -18.52 4.60
N VAL VA 231 -51.24 -19.09 3.40
CA VAL VA 231 -52.34 -18.99 2.45
C VAL VA 231 -53.58 -19.69 2.98
N ASN VA 232 -53.40 -20.89 3.56
CA ASN VA 232 -54.54 -21.59 4.15
C ASN VA 232 -55.16 -20.77 5.26
N MET VA 233 -54.33 -20.10 6.06
CA MET VA 233 -54.86 -19.25 7.13
C MET VA 233 -55.70 -18.12 6.56
N ILE VA 234 -55.21 -17.48 5.50
CA ILE VA 234 -55.97 -16.37 4.89
C ILE VA 234 -57.32 -16.85 4.39
N GLN VA 235 -57.32 -17.99 3.68
CA GLN VA 235 -58.58 -18.52 3.17
C GLN VA 235 -59.52 -18.89 4.31
N VAL VA 236 -58.99 -19.46 5.39
CA VAL VA 236 -59.81 -19.81 6.54
C VAL VA 236 -60.48 -18.58 7.11
N GLN VA 237 -59.72 -17.50 7.28
CA GLN VA 237 -60.28 -16.28 7.83
C GLN VA 237 -61.39 -15.74 6.94
N ARG VA 238 -61.17 -15.72 5.63
CA ARG VA 238 -62.19 -15.19 4.72
C ARG VA 238 -63.45 -16.04 4.74
N ALA VA 239 -63.31 -17.36 4.74
CA ALA VA 239 -64.48 -18.23 4.79
C ALA VA 239 -65.25 -18.04 6.10
N TYR VA 240 -64.51 -17.86 7.20
CA TYR VA 240 -65.15 -17.61 8.49
C TYR VA 240 -65.98 -16.34 8.43
N GLU VA 241 -65.42 -15.29 7.84
CA GLU VA 241 -66.18 -14.05 7.73
C GLU VA 241 -67.42 -14.20 6.85
N ILE VA 242 -67.31 -14.95 5.75
CA ILE VA 242 -68.47 -15.15 4.88
C ILE VA 242 -69.58 -15.88 5.62
N ASN VA 243 -69.23 -16.92 6.37
CA ASN VA 243 -70.25 -17.64 7.14
C ASN VA 243 -70.87 -16.74 8.20
N SER VA 244 -70.06 -15.88 8.83
CA SER VA 244 -70.60 -14.92 9.78
C SER VA 244 -71.61 -14.00 9.11
N LYS VA 245 -71.31 -13.56 7.90
CA LYS VA 245 -72.27 -12.74 7.15
C LYS VA 245 -73.56 -13.49 6.90
N ALA VA 246 -73.46 -14.78 6.57
CA ALA VA 246 -74.66 -15.58 6.36
C ALA VA 246 -75.51 -15.66 7.62
N VAL VA 247 -74.87 -15.86 8.76
CA VAL VA 247 -75.60 -15.91 10.03
C VAL VA 247 -76.27 -14.57 10.30
N SER VA 248 -75.56 -13.47 10.06
CA SER VA 248 -76.15 -12.15 10.29
C SER VA 248 -77.37 -11.93 9.40
N THR VA 249 -77.28 -12.32 8.13
CA THR VA 249 -78.40 -12.12 7.22
C THR VA 249 -79.62 -12.92 7.66
N THR VA 250 -79.42 -14.20 7.99
CA THR VA 250 -80.58 -14.99 8.40
C THR VA 250 -81.16 -14.48 9.71
N ASP VA 251 -80.32 -14.02 10.63
CA ASP VA 251 -80.84 -13.44 11.87
C ASP VA 251 -81.66 -12.20 11.59
N GLN VA 252 -81.18 -11.34 10.69
CA GLN VA 252 -81.91 -10.12 10.37
C GLN VA 252 -83.26 -10.43 9.77
N MET VA 253 -83.32 -11.38 8.83
CA MET VA 253 -84.60 -11.69 8.21
C MET VA 253 -85.55 -12.36 9.20
N LEU VA 254 -85.03 -13.20 10.10
CA LEU VA 254 -85.90 -13.80 11.11
C LEU VA 254 -86.45 -12.75 12.06
N GLN VA 255 -85.62 -11.78 12.45
CA GLN VA 255 -86.09 -10.70 13.30
C GLN VA 255 -87.17 -9.89 12.59
N LYS VA 256 -86.98 -9.61 11.30
CA LYS VA 256 -88.02 -8.92 10.55
C LYS VA 256 -89.31 -9.73 10.51
N LEU VA 257 -89.20 -11.06 10.36
CA LEU VA 257 -90.38 -11.92 10.39
C LEU VA 257 -91.13 -11.77 11.70
N THR VA 258 -90.42 -11.85 12.81
CA THR VA 258 -91.09 -11.83 14.10
C THR VA 258 -91.41 -10.42 14.59
N GLN VA 259 -91.01 -9.39 13.84
CA GLN VA 259 -91.37 -8.02 14.22
C GLN VA 259 -92.88 -7.85 14.27
N LEU VA 260 -93.59 -8.35 13.27
CA LEU VA 260 -95.05 -8.23 13.24
C LEU VA 260 -95.71 -9.25 14.17
N ILE WA 2 -83.14 -10.79 37.13
CA ILE WA 2 -83.17 -12.00 36.32
C ILE WA 2 -81.86 -12.77 36.51
N SER WA 3 -81.99 -14.10 36.56
CA SER WA 3 -80.82 -14.95 36.78
C SER WA 3 -79.78 -14.75 35.69
N SER WA 4 -80.22 -14.54 34.45
CA SER WA 4 -79.27 -14.32 33.36
C SER WA 4 -78.42 -13.09 33.62
N LEU WA 5 -79.05 -11.99 34.03
CA LEU WA 5 -78.29 -10.78 34.32
C LEU WA 5 -77.39 -10.95 35.54
N TRP WA 6 -77.90 -11.60 36.59
CA TRP WA 6 -77.09 -11.78 37.78
C TRP WA 6 -75.97 -12.78 37.58
N ILE WA 7 -76.00 -13.56 36.50
CA ILE WA 7 -74.87 -14.40 36.13
C ILE WA 7 -73.88 -13.65 35.25
N ALA WA 8 -74.38 -12.93 34.25
CA ALA WA 8 -73.51 -12.19 33.36
C ALA WA 8 -72.76 -11.09 34.10
N LYS WA 9 -73.35 -10.52 35.15
CA LYS WA 9 -72.64 -9.53 35.95
C LYS WA 9 -71.41 -10.14 36.62
N THR WA 10 -71.57 -11.35 37.18
CA THR WA 10 -70.42 -12.02 37.79
C THR WA 10 -69.38 -12.37 36.74
N GLY WA 11 -69.82 -12.78 35.55
CA GLY WA 11 -68.86 -13.04 34.49
C GLY WA 11 -68.05 -11.80 34.13
N LEU WA 12 -68.73 -10.67 34.00
CA LEU WA 12 -68.03 -9.42 33.70
C LEU WA 12 -67.08 -9.03 34.82
N ASP WA 13 -67.50 -9.22 36.08
CA ASP WA 13 -66.61 -8.90 37.20
C ASP WA 13 -65.38 -9.77 37.20
N ALA WA 14 -65.54 -11.06 36.91
CA ALA WA 14 -64.38 -11.95 36.84
C ALA WA 14 -63.43 -11.52 35.74
N GLN WA 15 -63.96 -11.17 34.57
CA GLN WA 15 -63.09 -10.71 33.49
C GLN WA 15 -62.39 -9.40 33.86
N GLN WA 16 -63.09 -8.51 34.56
CA GLN WA 16 -62.46 -7.27 35.00
C GLN WA 16 -61.31 -7.53 35.95
N THR WA 17 -61.50 -8.45 36.90
CA THR WA 17 -60.41 -8.77 37.83
C THR WA 17 -59.25 -9.43 37.12
N ASN WA 18 -59.53 -10.27 36.13
CA ASN WA 18 -58.45 -10.86 35.34
C ASN WA 18 -57.66 -9.77 34.61
N MET WA 19 -58.36 -8.82 34.00
CA MET WA 19 -57.67 -7.71 33.35
C MET WA 19 -56.86 -6.90 34.36
N ASP WA 20 -57.39 -6.75 35.58
CA ASP WA 20 -56.69 -6.01 36.61
C ASP WA 20 -55.36 -6.68 36.96
N VAL WA 21 -55.39 -7.99 37.19
CA VAL WA 21 -54.15 -8.67 37.57
C VAL WA 21 -53.17 -8.71 36.40
N ILE WA 22 -53.67 -8.84 35.16
CA ILE WA 22 -52.77 -8.82 34.02
C ILE WA 22 -52.09 -7.45 33.89
N ALA WA 23 -52.86 -6.37 34.07
CA ALA WA 23 -52.28 -5.04 34.01
C ALA WA 23 -51.27 -4.82 35.13
N ASN WA 24 -51.57 -5.34 36.31
CA ASN WA 24 -50.61 -5.23 37.41
C ASN WA 24 -49.31 -5.96 37.10
N ASN WA 25 -49.41 -7.15 36.51
CA ASN WA 25 -48.20 -7.87 36.10
C ASN WA 25 -47.41 -7.10 35.06
N LEU WA 26 -48.11 -6.50 34.09
CA LEU WA 26 -47.42 -5.76 33.05
C LEU WA 26 -46.79 -4.47 33.57
N ALA WA 27 -47.40 -3.86 34.58
CA ALA WA 27 -46.92 -2.55 35.06
C ALA WA 27 -45.50 -2.65 35.61
N ASN WA 28 -45.32 -3.41 36.69
CA ASN WA 28 -44.03 -3.45 37.36
C ASN WA 28 -43.18 -4.61 36.83
N VAL WA 29 -42.99 -4.61 35.51
CA VAL WA 29 -42.11 -5.59 34.90
C VAL WA 29 -40.65 -5.30 35.19
N SER WA 30 -40.31 -4.06 35.53
CA SER WA 30 -38.93 -3.67 35.80
C SER WA 30 -38.60 -3.64 37.28
N THR WA 31 -39.55 -3.97 38.15
CA THR WA 31 -39.28 -3.97 39.58
C THR WA 31 -38.39 -5.14 39.95
N ASN WA 32 -37.37 -4.88 40.76
CA ASN WA 32 -36.45 -5.93 41.18
C ASN WA 32 -37.13 -6.89 42.14
N GLY WA 33 -36.93 -8.19 41.91
CA GLY WA 33 -37.48 -9.21 42.78
C GLY WA 33 -39.00 -9.27 42.79
N PHE WA 34 -39.61 -9.21 41.61
CA PHE WA 34 -41.06 -9.28 41.50
C PHE WA 34 -41.48 -10.59 40.87
N LYS WA 35 -42.51 -11.20 41.46
CA LYS WA 35 -43.03 -12.48 41.03
C LYS WA 35 -44.40 -12.29 40.39
N ARG WA 36 -44.59 -12.91 39.22
CA ARG WA 36 -45.84 -12.75 38.50
C ARG WA 36 -46.98 -13.44 39.24
N GLN WA 37 -48.19 -12.94 39.02
CA GLN WA 37 -49.40 -13.44 39.65
C GLN WA 37 -50.30 -14.08 38.61
N ARG WA 38 -50.90 -15.20 38.97
CA ARG WA 38 -51.86 -15.91 38.13
C ARG WA 38 -53.14 -16.07 38.91
N ALA WA 39 -54.27 -15.70 38.30
CA ALA WA 39 -55.57 -15.71 38.96
C ALA WA 39 -56.37 -16.92 38.49
N VAL WA 40 -56.96 -17.63 39.45
CA VAL WA 40 -57.76 -18.81 39.16
C VAL WA 40 -59.15 -18.61 39.74
N PHE WA 41 -60.16 -19.00 38.98
CA PHE WA 41 -61.57 -18.87 39.33
C PHE WA 41 -62.18 -20.25 39.57
N GLU WA 42 -63.41 -20.22 40.08
CA GLU WA 42 -64.17 -21.44 40.32
C GLU WA 42 -65.65 -21.17 40.06
N ASP WA 43 -66.33 -22.18 39.51
CA ASP WA 43 -67.77 -22.08 39.31
C ASP WA 43 -68.50 -22.16 40.65
N LEU WA 44 -69.68 -21.57 40.69
CA LEU WA 44 -70.44 -21.46 41.91
C LEU WA 44 -71.28 -22.72 42.13
N LEU WA 45 -72.21 -22.66 43.08
CA LEU WA 45 -73.02 -23.80 43.44
C LEU WA 45 -74.08 -24.06 42.38
N TYR WA 46 -74.03 -25.23 41.75
CA TYR WA 46 -75.04 -25.59 40.76
C TYR WA 46 -76.35 -25.96 41.47
N GLN WA 47 -77.44 -25.31 41.05
CA GLN WA 47 -78.74 -25.45 41.70
C GLN WA 47 -79.60 -26.38 40.86
N THR WA 48 -79.97 -27.52 41.45
CA THR WA 48 -80.78 -28.50 40.74
C THR WA 48 -82.26 -28.20 40.92
N ILE WA 49 -83.04 -28.52 39.90
CA ILE WA 49 -84.48 -28.25 39.88
C ILE WA 49 -85.28 -29.54 39.72
N ARG WA 50 -85.02 -30.30 38.67
CA ARG WA 50 -85.66 -31.58 38.45
C ARG WA 50 -84.59 -32.66 38.36
N GLN WA 51 -84.82 -33.76 39.07
CA GLN WA 51 -83.81 -34.79 39.10
C GLN WA 51 -84.08 -35.86 38.05
N PRO WA 52 -83.04 -36.46 37.49
CA PRO WA 52 -83.22 -37.48 36.46
C PRO WA 52 -83.95 -38.70 36.99
N GLY WA 53 -84.68 -39.36 36.10
CA GLY WA 53 -85.41 -40.57 36.42
C GLY WA 53 -84.59 -41.83 36.21
N ALA WA 54 -85.29 -42.92 35.93
CA ALA WA 54 -84.67 -44.21 35.68
C ALA WA 54 -85.01 -44.65 34.26
N GLN WA 55 -84.02 -44.63 33.38
CA GLN WA 55 -84.24 -45.02 31.99
C GLN WA 55 -84.35 -46.53 31.84
N SER WA 56 -83.58 -47.28 32.63
CA SER WA 56 -83.52 -48.74 32.59
C SER WA 56 -82.98 -49.28 31.28
N SER WA 57 -82.54 -48.41 30.38
CA SER WA 57 -81.98 -48.78 29.09
C SER WA 57 -82.94 -49.62 28.24
N GLU WA 58 -84.25 -49.48 28.48
CA GLU WA 58 -85.23 -50.20 27.67
C GLU WA 58 -85.18 -49.74 26.22
N GLN WA 59 -85.08 -48.43 26.00
CA GLN WA 59 -84.84 -47.88 24.68
C GLN WA 59 -83.80 -46.78 24.79
N THR WA 60 -83.08 -46.54 23.70
CA THR WA 60 -82.00 -45.56 23.69
C THR WA 60 -82.58 -44.16 23.85
N THR WA 61 -82.42 -43.59 25.04
CA THR WA 61 -82.92 -42.25 25.35
C THR WA 61 -81.83 -41.48 26.07
N LEU WA 62 -82.17 -40.27 26.51
CA LEU WA 62 -81.24 -39.40 27.20
C LEU WA 62 -81.86 -38.88 28.49
N PRO WA 63 -81.05 -38.58 29.50
CA PRO WA 63 -81.60 -38.13 30.78
C PRO WA 63 -82.31 -36.79 30.66
N SER WA 64 -83.27 -36.56 31.55
CA SER WA 64 -84.12 -35.38 31.51
C SER WA 64 -83.89 -34.45 32.69
N GLY WA 65 -82.76 -34.58 33.39
CA GLY WA 65 -82.47 -33.70 34.50
C GLY WA 65 -82.21 -32.27 34.05
N LEU WA 66 -82.46 -31.33 34.95
CA LEU WA 66 -82.26 -29.91 34.67
C LEU WA 66 -81.50 -29.28 35.83
N GLN WA 67 -80.31 -28.76 35.55
CA GLN WA 67 -79.51 -28.05 36.52
C GLN WA 67 -79.12 -26.70 35.94
N ILE WA 68 -79.21 -25.66 36.76
CA ILE WA 68 -78.92 -24.29 36.35
C ILE WA 68 -77.67 -23.81 37.09
N GLY WA 69 -76.73 -23.24 36.34
CA GLY WA 69 -75.53 -22.70 36.94
C GLY WA 69 -75.82 -21.45 37.74
N THR WA 70 -74.78 -20.93 38.39
CA THR WA 70 -74.94 -19.76 39.23
C THR WA 70 -73.96 -18.65 38.85
N GLY WA 71 -72.80 -19.02 38.35
CA GLY WA 71 -71.83 -18.04 37.90
C GLY WA 71 -70.42 -18.48 38.23
N VAL WA 72 -69.50 -17.53 38.13
CA VAL WA 72 -68.08 -17.78 38.35
C VAL WA 72 -67.57 -16.76 39.36
N ARG WA 73 -66.70 -17.21 40.27
CA ARG WA 73 -66.12 -16.33 41.26
C ARG WA 73 -64.60 -16.48 41.26
N PRO WA 74 -63.88 -15.41 41.58
CA PRO WA 74 -62.42 -15.53 41.72
C PRO WA 74 -62.08 -16.28 42.99
N VAL WA 75 -61.37 -17.39 42.86
CA VAL WA 75 -61.09 -18.22 44.03
C VAL WA 75 -59.71 -17.95 44.59
N ALA WA 76 -58.72 -17.66 43.74
CA ALA WA 76 -57.38 -17.46 44.30
C ALA WA 76 -56.53 -16.65 43.33
N THR WA 77 -55.46 -16.08 43.88
CA THR WA 77 -54.44 -15.37 43.12
C THR WA 77 -53.09 -15.82 43.66
N GLU WA 78 -52.38 -16.64 42.89
CA GLU WA 78 -51.15 -17.27 43.35
C GLU WA 78 -49.95 -16.72 42.60
N ARG WA 79 -48.87 -16.49 43.33
CA ARG WA 79 -47.64 -15.94 42.77
C ARG WA 79 -46.70 -17.07 42.39
N LEU WA 80 -46.19 -17.03 41.17
CA LEU WA 80 -45.29 -18.06 40.68
C LEU WA 80 -43.88 -17.74 41.18
N HIS WA 81 -43.49 -18.38 42.28
CA HIS WA 81 -42.19 -18.12 42.90
C HIS WA 81 -41.07 -18.85 42.16
N SER WA 82 -40.87 -18.47 40.91
CA SER WA 82 -39.77 -19.00 40.11
C SER WA 82 -38.50 -18.22 40.42
N GLN WA 83 -37.42 -18.54 39.72
CA GLN WA 83 -36.14 -17.87 39.90
C GLN WA 83 -35.96 -16.85 38.78
N GLY WA 84 -35.87 -15.58 39.14
CA GLY WA 84 -35.68 -14.55 38.14
C GLY WA 84 -34.24 -14.45 37.68
N ASN WA 85 -34.05 -13.67 36.62
CA ASN WA 85 -32.72 -13.45 36.09
C ASN WA 85 -31.92 -12.51 36.98
N LEU WA 86 -30.63 -12.42 36.71
CA LEU WA 86 -29.73 -11.55 37.46
C LEU WA 86 -29.31 -10.39 36.57
N SER WA 87 -29.54 -9.17 37.06
CA SER WA 87 -29.09 -7.96 36.38
C SER WA 87 -27.85 -7.45 37.10
N GLN WA 88 -26.84 -7.08 36.31
CA GLN WA 88 -25.56 -6.63 36.85
C GLN WA 88 -25.57 -5.11 36.94
N THR WA 89 -25.59 -4.58 38.16
CA THR WA 89 -25.50 -3.16 38.39
C THR WA 89 -24.12 -2.70 38.80
N ASN WA 90 -23.20 -3.63 39.06
CA ASN WA 90 -21.84 -3.36 39.48
C ASN WA 90 -21.77 -2.60 40.80
N ASN WA 91 -22.89 -2.43 41.49
CA ASN WA 91 -22.89 -1.76 42.77
C ASN WA 91 -22.21 -2.63 43.83
N SER WA 92 -21.76 -1.98 44.89
CA SER WA 92 -21.03 -2.68 45.94
C SER WA 92 -21.93 -3.20 47.07
N LYS WA 93 -23.19 -2.76 47.12
CA LYS WA 93 -24.07 -3.09 48.23
C LYS WA 93 -25.41 -3.60 47.72
N ASP WA 94 -25.35 -4.51 46.75
CA ASP WA 94 -26.53 -5.19 46.24
C ASP WA 94 -26.33 -6.69 46.35
N VAL WA 95 -27.38 -7.39 46.78
CA VAL WA 95 -27.33 -8.83 47.00
C VAL WA 95 -28.45 -9.49 46.20
N ALA WA 96 -28.09 -10.55 45.48
CA ALA WA 96 -29.05 -11.35 44.73
C ALA WA 96 -29.10 -12.75 45.32
N ILE WA 97 -30.29 -13.26 45.54
CA ILE WA 97 -30.48 -14.55 46.19
C ILE WA 97 -30.58 -15.63 45.12
N LYS WA 98 -29.83 -16.71 45.30
CA LYS WA 98 -29.87 -17.87 44.42
C LYS WA 98 -30.55 -19.00 45.17
N GLY WA 99 -31.75 -19.37 44.72
CA GLY WA 99 -32.51 -20.41 45.38
C GLY WA 99 -33.74 -19.86 46.06
N GLN WA 100 -34.06 -20.39 47.24
CA GLN WA 100 -35.24 -19.98 48.00
C GLN WA 100 -34.80 -19.32 49.30
N GLY WA 101 -35.41 -18.20 49.62
CA GLY WA 101 -35.08 -17.50 50.85
C GLY WA 101 -35.62 -16.09 50.82
N PHE WA 102 -35.59 -15.46 52.00
CA PHE WA 102 -36.07 -14.09 52.14
C PHE WA 102 -35.25 -13.40 53.22
N PHE WA 103 -34.93 -12.13 53.00
CA PHE WA 103 -34.36 -11.31 54.05
C PHE WA 103 -35.43 -10.98 55.08
N GLN WA 104 -34.99 -10.53 56.26
CA GLN WA 104 -35.89 -10.11 57.30
C GLN WA 104 -35.81 -8.60 57.48
N VAL WA 105 -36.97 -7.96 57.59
CA VAL WA 105 -37.07 -6.51 57.70
C VAL WA 105 -38.01 -6.19 58.87
N MET WA 106 -37.59 -5.27 59.73
CA MET WA 106 -38.35 -4.90 60.91
C MET WA 106 -39.21 -3.68 60.58
N LEU WA 107 -40.53 -3.87 60.57
CA LEU WA 107 -41.45 -2.78 60.33
C LEU WA 107 -41.49 -1.84 61.53
N PRO WA 108 -41.94 -0.60 61.33
CA PRO WA 108 -41.95 0.36 62.45
C PRO WA 108 -42.73 -0.10 63.67
N ASP WA 109 -43.84 -0.81 63.48
CA ASP WA 109 -44.62 -1.26 64.63
C ASP WA 109 -43.91 -2.34 65.42
N GLY WA 110 -42.98 -3.06 64.81
CA GLY WA 110 -42.26 -4.11 65.50
C GLY WA 110 -42.39 -5.46 64.83
N THR WA 111 -43.41 -5.61 63.98
CA THR WA 111 -43.57 -6.84 63.24
C THR WA 111 -42.46 -7.00 62.21
N SER WA 112 -42.23 -8.24 61.80
CA SER WA 112 -41.16 -8.58 60.87
C SER WA 112 -41.76 -8.88 59.51
N ALA WA 113 -41.28 -8.20 58.48
CA ALA WA 113 -41.69 -8.42 57.11
C ALA WA 113 -40.53 -8.98 56.32
N TYR WA 114 -40.84 -9.91 55.42
CA TYR WA 114 -39.83 -10.63 54.65
C TYR WA 114 -39.84 -10.14 53.21
N THR WA 115 -38.65 -9.92 52.65
CA THR WA 115 -38.53 -9.37 51.31
C THR WA 115 -37.50 -10.15 50.52
N ARG WA 116 -37.61 -10.06 49.20
CA ARG WA 116 -36.67 -10.68 48.28
C ARG WA 116 -35.81 -9.66 47.53
N ASP WA 117 -36.27 -8.42 47.43
CA ASP WA 117 -35.56 -7.41 46.65
C ASP WA 117 -34.28 -7.00 47.37
N GLY WA 118 -33.14 -7.18 46.71
CA GLY WA 118 -31.88 -6.78 47.27
C GLY WA 118 -31.38 -5.45 46.76
N SER WA 119 -31.58 -4.39 47.55
CA SER WA 119 -31.07 -3.07 47.21
C SER WA 119 -30.88 -2.33 48.54
N PHE WA 120 -29.64 -2.31 49.03
CA PHE WA 120 -29.35 -1.87 50.38
C PHE WA 120 -28.57 -0.56 50.38
N GLN WA 121 -28.83 0.26 51.39
CA GLN WA 121 -28.08 1.48 51.63
C GLN WA 121 -27.79 1.56 53.12
N VAL WA 122 -27.01 2.57 53.50
CA VAL WA 122 -26.62 2.79 54.89
C VAL WA 122 -27.13 4.16 55.32
N ASP WA 123 -27.68 4.23 56.53
CA ASP WA 123 -28.25 5.45 57.05
C ASP WA 123 -27.17 6.25 57.79
N GLN WA 124 -27.58 7.27 58.54
CA GLN WA 124 -26.63 8.15 59.20
C GLN WA 124 -25.90 7.48 60.36
N ASN WA 125 -26.31 6.28 60.76
CA ASN WA 125 -25.63 5.55 61.81
C ASN WA 125 -24.77 4.41 61.29
N GLY WA 126 -24.93 4.02 60.03
CA GLY WA 126 -24.18 2.93 59.46
C GLY WA 126 -24.92 1.62 59.38
N GLN WA 127 -26.08 1.51 60.03
CA GLN WA 127 -26.86 0.29 59.96
C GLN WA 127 -27.35 0.05 58.54
N LEU WA 128 -27.35 -1.20 58.12
CA LEU WA 128 -27.81 -1.55 56.78
C LEU WA 128 -29.32 -1.43 56.71
N VAL WA 129 -29.82 -0.63 55.77
CA VAL WA 129 -31.25 -0.42 55.60
C VAL WA 129 -31.60 -0.64 54.14
N THR WA 130 -32.85 -1.04 53.90
CA THR WA 130 -33.31 -1.27 52.55
C THR WA 130 -33.62 0.06 51.86
N ALA WA 131 -33.84 -0.01 50.56
CA ALA WA 131 -34.19 1.18 49.78
C ALA WA 131 -35.61 1.59 50.17
N GLY WA 132 -35.72 2.58 51.04
CA GLY WA 132 -37.01 3.01 51.54
C GLY WA 132 -37.00 3.41 52.99
N GLY WA 133 -35.98 2.96 53.74
CA GLY WA 133 -35.75 3.38 55.10
C GLY WA 133 -35.82 2.28 56.13
N PHE WA 134 -36.50 1.18 55.81
CA PHE WA 134 -36.66 0.09 56.76
C PHE WA 134 -35.34 -0.59 57.05
N GLN WA 135 -35.17 -1.04 58.29
CA GLN WA 135 -33.91 -1.58 58.77
C GLN WA 135 -33.90 -3.10 58.70
N VAL WA 136 -32.72 -3.65 58.40
CA VAL WA 136 -32.56 -5.10 58.36
C VAL WA 136 -32.51 -5.64 59.78
N GLN WA 137 -33.30 -6.68 60.04
CA GLN WA 137 -33.46 -7.15 61.42
C GLN WA 137 -32.17 -7.67 62.07
N PRO WA 138 -31.35 -8.53 61.41
CA PRO WA 138 -30.13 -9.01 62.09
C PRO WA 138 -29.15 -7.89 62.45
N ALA WA 139 -29.45 -6.66 62.04
CA ALA WA 139 -28.71 -5.47 62.46
C ALA WA 139 -27.24 -5.53 62.02
N ILE WA 140 -27.04 -5.58 60.72
CA ILE WA 140 -25.70 -5.47 60.15
C ILE WA 140 -25.30 -4.00 60.12
N THR WA 141 -24.13 -3.71 60.69
CA THR WA 141 -23.63 -2.34 60.76
C THR WA 141 -22.30 -2.26 60.03
N ILE WA 142 -22.20 -1.31 59.10
CA ILE WA 142 -20.98 -1.09 58.33
C ILE WA 142 -20.21 0.05 58.98
N PRO WA 143 -18.99 -0.17 59.44
CA PRO WA 143 -18.22 0.92 60.06
C PRO WA 143 -17.83 1.97 59.05
N ALA WA 144 -17.54 3.17 59.57
CA ALA WA 144 -17.11 4.27 58.73
C ALA WA 144 -15.70 3.99 58.19
N ASN WA 145 -15.19 4.93 57.39
CA ASN WA 145 -13.89 4.85 56.73
C ASN WA 145 -13.62 3.45 56.19
N ALA WA 146 -14.63 2.85 55.56
CA ALA WA 146 -14.51 1.53 54.98
C ALA WA 146 -14.04 1.65 53.54
N LEU WA 147 -12.92 0.99 53.22
CA LEU WA 147 -12.39 1.05 51.87
C LEU WA 147 -13.25 0.27 50.89
N SER WA 148 -13.73 -0.90 51.29
CA SER WA 148 -14.55 -1.73 50.41
C SER WA 148 -15.34 -2.71 51.26
N ILE WA 149 -16.62 -2.86 50.92
CA ILE WA 149 -17.51 -3.80 51.60
C ILE WA 149 -17.64 -5.04 50.74
N THR WA 150 -17.30 -6.19 51.30
CA THR WA 150 -17.35 -7.46 50.58
C THR WA 150 -18.35 -8.38 51.25
N ILE WA 151 -19.37 -8.79 50.48
CA ILE WA 151 -20.39 -9.71 50.96
C ILE WA 151 -20.08 -11.08 50.36
N GLY WA 152 -19.75 -12.04 51.22
CA GLY WA 152 -19.33 -13.33 50.75
C GLY WA 152 -20.44 -14.14 50.12
N ARG WA 153 -20.07 -15.30 49.60
CA ARG WA 153 -21.05 -16.19 48.98
C ARG WA 153 -22.07 -16.66 50.01
N ASP WA 154 -21.61 -17.02 51.21
CA ASP WA 154 -22.51 -17.30 52.31
C ASP WA 154 -22.92 -16.00 52.99
N GLY WA 155 -23.51 -16.10 54.18
CA GLY WA 155 -23.99 -14.93 54.87
C GLY WA 155 -22.94 -14.11 55.57
N VAL WA 156 -21.66 -14.34 55.29
CA VAL WA 156 -20.60 -13.60 55.96
C VAL WA 156 -20.36 -12.29 55.24
N VAL WA 157 -20.24 -11.21 56.02
CA VAL WA 157 -19.98 -9.87 55.49
C VAL WA 157 -18.67 -9.39 56.08
N SER WA 158 -17.72 -9.02 55.22
CA SER WA 158 -16.41 -8.58 55.65
C SER WA 158 -16.09 -7.23 55.04
N VAL WA 159 -15.29 -6.45 55.75
CA VAL WA 159 -14.88 -5.13 55.31
C VAL WA 159 -13.37 -5.02 55.46
N THR WA 160 -12.78 -4.09 54.70
CA THR WA 160 -11.35 -3.85 54.75
C THR WA 160 -11.07 -2.50 55.39
N GLN WA 161 -9.89 -2.37 55.99
CA GLN WA 161 -9.47 -1.17 56.67
C GLN WA 161 -8.25 -0.56 55.98
N GLN WA 162 -7.74 0.52 56.58
CA GLN WA 162 -6.63 1.25 55.96
C GLN WA 162 -5.34 0.45 56.04
N GLY WA 163 -4.87 0.16 57.25
CA GLY WA 163 -3.59 -0.49 57.43
C GLY WA 163 -3.68 -1.86 58.07
N GLN WA 164 -4.65 -2.67 57.66
CA GLN WA 164 -4.84 -4.01 58.19
C GLN WA 164 -4.59 -5.02 57.08
N ALA WA 165 -3.74 -6.01 57.35
CA ALA WA 165 -3.43 -7.02 56.35
C ALA WA 165 -4.66 -7.86 56.01
N ALA WA 166 -5.44 -8.24 57.02
CA ALA WA 166 -6.59 -9.10 56.79
C ALA WA 166 -7.89 -8.33 56.99
N PRO WA 167 -8.91 -8.62 56.20
CA PRO WA 167 -10.19 -7.95 56.40
C PRO WA 167 -10.84 -8.35 57.71
N VAL WA 168 -11.49 -7.36 58.30
CA VAL WA 168 -12.17 -7.52 59.60
C VAL WA 168 -13.61 -7.86 59.27
N GLN WA 169 -14.24 -8.79 60.00
CA GLN WA 169 -15.66 -9.11 59.70
C GLN WA 169 -16.56 -8.10 60.36
N VAL WA 170 -17.83 -8.02 59.98
CA VAL WA 170 -18.66 -6.97 60.59
C VAL WA 170 -19.98 -7.58 60.98
N GLY WA 171 -20.29 -8.78 60.48
CA GLY WA 171 -21.56 -9.40 60.89
C GLY WA 171 -22.01 -10.46 59.92
N GLN WA 172 -22.95 -11.31 60.34
CA GLN WA 172 -23.46 -12.40 59.52
C GLN WA 172 -24.85 -12.05 59.00
N LEU WA 173 -25.12 -12.44 57.77
CA LEU WA 173 -26.37 -12.12 57.08
C LEU WA 173 -27.17 -13.40 56.88
N ASN WA 174 -27.97 -13.77 57.88
CA ASN WA 174 -28.84 -14.92 57.75
C ASN WA 174 -30.07 -14.56 56.93
N LEU WA 175 -30.84 -15.59 56.57
CA LEU WA 175 -32.09 -15.35 55.88
C LEU WA 175 -33.10 -16.41 56.30
N THR WA 176 -34.36 -16.17 55.96
CA THR WA 176 -35.47 -16.99 56.41
C THR WA 176 -36.00 -17.85 55.28
N THR WA 177 -36.55 -19.00 55.66
CA THR WA 177 -37.14 -19.95 54.74
C THR WA 177 -38.51 -20.37 55.26
N PHE WA 178 -39.43 -20.60 54.33
CA PHE WA 178 -40.77 -21.04 54.66
C PHE WA 178 -41.05 -22.40 54.05
N MET WA 179 -42.20 -22.96 54.40
CA MET WA 179 -42.61 -24.25 53.86
C MET WA 179 -43.50 -24.11 52.63
N ASN WA 180 -44.32 -23.05 52.58
CA ASN WA 180 -45.17 -22.75 51.44
C ASN WA 180 -45.06 -21.26 51.17
N ASP WA 181 -44.15 -20.89 50.28
CA ASP WA 181 -43.90 -19.48 49.98
C ASP WA 181 -45.09 -18.80 49.32
N THR WA 182 -45.93 -19.56 48.61
CA THR WA 182 -47.07 -18.97 47.91
C THR WA 182 -48.09 -18.38 48.86
N GLY WA 183 -48.09 -18.81 50.13
CA GLY WA 183 -49.05 -18.33 51.10
C GLY WA 183 -48.70 -17.03 51.78
N LEU WA 184 -47.55 -16.44 51.49
CA LEU WA 184 -47.17 -15.18 52.11
C LEU WA 184 -48.11 -14.08 51.67
N GLU WA 185 -48.54 -13.25 52.63
CA GLU WA 185 -49.44 -12.15 52.31
C GLU WA 185 -48.64 -10.91 51.94
N SER WA 186 -48.91 -10.36 50.77
CA SER WA 186 -48.13 -9.24 50.26
C SER WA 186 -48.68 -7.91 50.75
N ILE WA 187 -47.79 -7.00 51.09
CA ILE WA 187 -48.17 -5.63 51.40
C ILE WA 187 -47.50 -4.72 50.39
N GLY WA 188 -47.70 -3.40 50.54
CA GLY WA 188 -47.30 -2.46 49.52
C GLY WA 188 -45.84 -2.47 49.11
N GLU WA 189 -44.95 -2.04 49.99
CA GLU WA 189 -43.58 -1.73 49.60
C GLU WA 189 -42.73 -2.97 49.40
N ASN WA 190 -43.17 -3.89 48.53
CA ASN WA 190 -42.41 -5.08 48.17
C ASN WA 190 -42.03 -5.89 49.41
N LEU WA 191 -43.01 -6.13 50.27
CA LEU WA 191 -42.80 -6.88 51.50
C LEU WA 191 -43.86 -7.96 51.65
N TYR WA 192 -43.49 -9.04 52.33
CA TYR WA 192 -44.37 -10.15 52.60
C TYR WA 192 -44.45 -10.39 54.10
N ILE WA 193 -45.60 -10.87 54.56
CA ILE WA 193 -45.81 -11.22 55.95
C ILE WA 193 -46.33 -12.65 56.02
N GLU WA 194 -46.11 -13.27 57.18
CA GLU WA 194 -46.51 -14.64 57.39
C GLU WA 194 -47.98 -14.73 57.77
N THR WA 195 -48.67 -15.72 57.19
CA THR WA 195 -50.04 -16.02 57.57
C THR WA 195 -50.15 -17.51 57.88
N GLN WA 196 -51.36 -18.01 58.10
CA GLN WA 196 -51.51 -19.42 58.40
C GLN WA 196 -51.32 -20.31 57.18
N SER WA 197 -51.41 -19.74 55.97
CA SER WA 197 -51.19 -20.53 54.77
C SER WA 197 -49.72 -20.86 54.55
N SER WA 198 -48.82 -20.16 55.23
CA SER WA 198 -47.39 -20.42 55.14
C SER WA 198 -46.85 -20.73 56.52
N GLY WA 199 -45.95 -21.71 56.59
CA GLY WA 199 -45.45 -22.18 57.86
C GLY WA 199 -44.64 -21.13 58.59
N ALA WA 200 -44.26 -21.46 59.81
CA ALA WA 200 -43.45 -20.57 60.61
C ALA WA 200 -42.08 -20.37 59.96
N PRO WA 201 -41.52 -19.17 60.06
CA PRO WA 201 -40.22 -18.91 59.43
C PRO WA 201 -39.11 -19.70 60.09
N ASN WA 202 -38.09 -20.03 59.29
CA ASN WA 202 -36.89 -20.68 59.79
C ASN WA 202 -35.69 -19.81 59.44
N GLU WA 203 -34.99 -19.33 60.46
CA GLU WA 203 -33.82 -18.48 60.27
C GLU WA 203 -32.58 -19.37 60.13
N SER WA 204 -31.81 -19.14 59.07
CA SER WA 204 -30.64 -19.98 58.83
C SER WA 204 -29.58 -19.20 58.08
N THR WA 205 -28.34 -19.66 58.24
CA THR WA 205 -27.24 -19.16 57.44
C THR WA 205 -27.41 -19.62 55.99
N PRO WA 206 -27.14 -18.76 55.01
CA PRO WA 206 -27.28 -19.17 53.61
C PRO WA 206 -26.43 -20.39 53.30
N GLY WA 207 -26.97 -21.26 52.45
CA GLY WA 207 -26.31 -22.50 52.09
C GLY WA 207 -26.68 -23.69 52.96
N LEU WA 208 -27.47 -23.49 54.00
CA LEU WA 208 -27.84 -24.56 54.92
C LEU WA 208 -29.35 -24.68 55.00
N ASN WA 209 -29.81 -25.90 55.31
CA ASN WA 209 -31.24 -26.17 55.51
C ASN WA 209 -32.07 -25.80 54.29
N GLY WA 210 -31.50 -25.95 53.09
CA GLY WA 210 -32.22 -25.63 51.88
C GLY WA 210 -32.25 -24.16 51.52
N ALA WA 211 -31.56 -23.30 52.26
CA ALA WA 211 -31.51 -21.89 51.91
C ALA WA 211 -30.61 -21.67 50.70
N GLY WA 212 -30.74 -20.51 50.09
CA GLY WA 212 -30.00 -20.17 48.89
C GLY WA 212 -28.63 -19.59 49.21
N LEU WA 213 -28.02 -19.01 48.19
CA LEU WA 213 -26.72 -18.37 48.27
C LEU WA 213 -26.85 -16.91 47.89
N LEU WA 214 -25.77 -16.15 48.08
CA LEU WA 214 -25.77 -14.72 47.84
C LEU WA 214 -24.76 -14.35 46.78
N TYR WA 215 -25.16 -13.47 45.87
CA TYR WA 215 -24.28 -12.88 44.87
C TYR WA 215 -24.19 -11.38 45.12
N GLN WA 216 -22.97 -10.86 45.16
CA GLN WA 216 -22.77 -9.43 45.39
C GLN WA 216 -22.78 -8.69 44.06
N GLY WA 217 -23.42 -7.53 44.05
CA GLY WA 217 -23.44 -6.69 42.87
C GLY WA 217 -24.48 -7.07 41.83
N TYR WA 218 -25.39 -7.98 42.15
CA TYR WA 218 -26.43 -8.40 41.22
C TYR WA 218 -27.80 -8.23 41.87
N VAL WA 219 -28.80 -7.96 41.04
CA VAL WA 219 -30.16 -7.79 41.51
C VAL WA 219 -31.07 -8.79 40.80
N GLU WA 220 -31.96 -9.42 41.57
CA GLU WA 220 -32.87 -10.39 41.01
C GLU WA 220 -34.04 -9.67 40.34
N THR WA 221 -34.15 -9.81 39.02
CA THR WA 221 -35.19 -9.10 38.29
C THR WA 221 -36.52 -9.84 38.39
N SER WA 222 -37.56 -9.18 37.91
CA SER WA 222 -38.90 -9.76 37.93
C SER WA 222 -39.00 -10.90 36.93
N ASN WA 223 -39.94 -11.80 37.17
CA ASN WA 223 -40.21 -12.90 36.24
C ASN WA 223 -41.62 -12.71 35.67
N VAL WA 224 -41.71 -11.95 34.59
CA VAL WA 224 -42.97 -11.68 33.90
C VAL WA 224 -42.78 -12.00 32.42
N ASN WA 225 -43.76 -12.68 31.83
CA ASN WA 225 -43.68 -13.14 30.45
C ASN WA 225 -44.70 -12.36 29.61
N VAL WA 226 -44.21 -11.33 28.90
CA VAL WA 226 -45.10 -10.48 28.11
C VAL WA 226 -45.79 -11.28 27.02
N ALA WA 227 -45.16 -12.34 26.53
CA ALA WA 227 -45.78 -13.17 25.51
C ALA WA 227 -47.06 -13.81 26.03
N GLU WA 228 -47.04 -14.28 27.27
CA GLU WA 228 -48.26 -14.82 27.88
C GLU WA 228 -49.23 -13.71 28.26
N GLU WA 229 -48.72 -12.57 28.72
CA GLU WA 229 -49.61 -11.48 29.13
C GLU WA 229 -50.44 -10.96 27.97
N LEU WA 230 -49.82 -10.82 26.79
CA LEU WA 230 -50.55 -10.28 25.63
C LEU WA 230 -51.70 -11.20 25.23
N VAL WA 231 -51.44 -12.50 25.17
CA VAL WA 231 -52.50 -13.44 24.80
C VAL WA 231 -53.58 -13.46 25.87
N ASN WA 232 -53.19 -13.34 27.14
CA ASN WA 232 -54.19 -13.26 28.20
C ASN WA 232 -55.08 -12.04 28.00
N MET WA 233 -54.49 -10.90 27.64
CA MET WA 233 -55.28 -9.70 27.41
C MET WA 233 -56.26 -9.89 26.26
N ILE WA 234 -55.81 -10.51 25.17
CA ILE WA 234 -56.68 -10.71 24.02
C ILE WA 234 -57.85 -11.62 24.40
N GLN WA 235 -57.56 -12.71 25.11
CA GLN WA 235 -58.62 -13.63 25.52
C GLN WA 235 -59.59 -12.95 26.48
N VAL WA 236 -59.08 -12.13 27.40
CA VAL WA 236 -59.95 -11.40 28.32
C VAL WA 236 -60.88 -10.48 27.55
N GLN WA 237 -60.35 -9.76 26.56
CA GLN WA 237 -61.18 -8.86 25.78
C GLN WA 237 -62.28 -9.61 25.05
N ARG WA 238 -61.94 -10.76 24.45
CA ARG WA 238 -62.95 -11.52 23.71
C ARG WA 238 -64.03 -12.05 24.65
N ALA WA 239 -63.63 -12.55 25.83
CA ALA WA 239 -64.62 -13.02 26.78
C ALA WA 239 -65.52 -11.89 27.25
N TYR WA 240 -64.94 -10.70 27.47
CA TYR WA 240 -65.74 -9.55 27.86
C TYR WA 240 -66.77 -9.23 26.79
N GLU WA 241 -66.36 -9.25 25.52
CA GLU WA 241 -67.30 -8.95 24.44
C GLU WA 241 -68.41 -9.99 24.37
N ILE WA 242 -68.08 -11.27 24.54
CA ILE WA 242 -69.13 -12.29 24.44
C ILE WA 242 -70.12 -12.16 25.60
N ASN WA 243 -69.63 -11.83 26.79
CA ASN WA 243 -70.54 -11.61 27.91
C ASN WA 243 -71.43 -10.41 27.66
N SER WA 244 -70.87 -9.34 27.09
CA SER WA 244 -71.68 -8.18 26.74
C SER WA 244 -72.77 -8.56 25.74
N LYS WA 245 -72.44 -9.42 24.78
CA LYS WA 245 -73.45 -9.88 23.83
C LYS WA 245 -74.57 -10.64 24.52
N ALA WA 246 -74.21 -11.48 25.49
CA ALA WA 246 -75.23 -12.19 26.26
C ALA WA 246 -76.15 -11.23 26.99
N VAL WA 247 -75.55 -10.20 27.61
CA VAL WA 247 -76.36 -9.20 28.32
C VAL WA 247 -77.30 -8.51 27.36
N SER WA 248 -76.80 -8.15 26.17
CA SER WA 248 -77.64 -7.45 25.20
C SER WA 248 -78.81 -8.32 24.75
N THR WA 249 -78.57 -9.62 24.52
CA THR WA 249 -79.66 -10.50 24.12
C THR WA 249 -80.72 -10.61 25.21
N THR WA 250 -80.28 -10.79 26.45
CA THR WA 250 -81.26 -10.86 27.55
C THR WA 250 -82.05 -9.56 27.67
N ASP WA 251 -81.36 -8.42 27.48
CA ASP WA 251 -82.04 -7.13 27.56
C ASP WA 251 -83.10 -7.00 26.48
N GLN WA 252 -82.78 -7.42 25.25
CA GLN WA 252 -83.77 -7.35 24.18
C GLN WA 252 -84.97 -8.23 24.48
N MET WA 253 -84.72 -9.45 24.96
CA MET WA 253 -85.83 -10.34 25.30
C MET WA 253 -86.73 -9.72 26.36
N LEU WA 254 -86.14 -9.21 27.44
CA LEU WA 254 -86.96 -8.62 28.50
C LEU WA 254 -87.71 -7.39 28.01
N GLN WA 255 -87.05 -6.56 27.19
CA GLN WA 255 -87.70 -5.35 26.70
C GLN WA 255 -88.92 -5.68 25.86
N LYS WA 256 -88.79 -6.65 24.95
CA LYS WA 256 -89.95 -7.01 24.13
C LYS WA 256 -91.04 -7.67 24.97
N LEU WA 257 -90.65 -8.51 25.93
CA LEU WA 257 -91.65 -9.11 26.80
C LEU WA 257 -92.46 -8.05 27.54
N THR WA 258 -91.79 -7.01 28.03
CA THR WA 258 -92.51 -5.94 28.70
C THR WA 258 -93.35 -5.13 27.71
N GLN WA 259 -92.87 -4.96 26.49
CA GLN WA 259 -93.67 -4.32 25.46
C GLN WA 259 -94.96 -5.07 25.20
N LEU WA 260 -94.95 -6.39 25.36
CA LEU WA 260 -96.18 -7.17 25.27
C LEU WA 260 -97.22 -6.67 26.26
N ILE XA 2 -87.75 15.35 37.29
CA ILE XA 2 -87.19 14.20 37.99
C ILE XA 2 -85.74 14.47 38.35
N SER XA 3 -85.34 14.07 39.56
CA SER XA 3 -84.01 14.36 40.05
C SER XA 3 -82.91 13.71 39.20
N SER XA 4 -83.23 12.61 38.51
CA SER XA 4 -82.20 11.95 37.71
C SER XA 4 -81.68 12.87 36.61
N LEU XA 5 -82.58 13.59 35.94
CA LEU XA 5 -82.16 14.47 34.87
C LEU XA 5 -81.27 15.59 35.39
N TRP XA 6 -81.67 16.22 36.49
CA TRP XA 6 -80.91 17.34 37.04
C TRP XA 6 -79.66 16.89 37.79
N ILE XA 7 -79.50 15.60 38.03
CA ILE XA 7 -78.23 15.06 38.53
C ILE XA 7 -77.29 14.74 37.38
N ALA XA 8 -77.80 14.08 36.35
CA ALA XA 8 -76.97 13.75 35.20
C ALA XA 8 -76.53 15.01 34.45
N LYS XA 9 -77.33 16.08 34.50
CA LYS XA 9 -76.89 17.34 33.93
C LYS XA 9 -75.64 17.86 34.64
N THR XA 10 -75.63 17.80 35.98
CA THR XA 10 -74.45 18.22 36.72
C THR XA 10 -73.27 17.32 36.40
N GLY XA 11 -73.50 16.02 36.26
CA GLY XA 11 -72.43 15.12 35.88
C GLY XA 11 -71.83 15.50 34.53
N LEU XA 12 -72.68 15.76 33.55
CA LEU XA 12 -72.20 16.15 32.23
C LEU XA 12 -71.45 17.46 32.28
N ASP XA 13 -71.95 18.43 33.06
CA ASP XA 13 -71.26 19.71 33.18
C ASP XA 13 -69.87 19.54 33.78
N ALA XA 14 -69.76 18.73 34.83
CA ALA XA 14 -68.46 18.48 35.44
C ALA XA 14 -67.51 17.82 34.45
N GLN XA 15 -68.02 16.84 33.69
CA GLN XA 15 -67.16 16.19 32.69
C GLN XA 15 -66.72 17.18 31.63
N GLN XA 16 -67.61 18.06 31.19
CA GLN XA 16 -67.26 19.02 30.16
C GLN XA 16 -66.20 20.00 30.66
N THR XA 17 -66.34 20.48 31.89
CA THR XA 17 -65.33 21.38 32.44
C THR XA 17 -64.00 20.68 32.60
N ASN XA 18 -64.02 19.41 33.01
CA ASN XA 18 -62.77 18.66 33.13
C ASN XA 18 -62.10 18.50 31.76
N MET XA 19 -62.89 18.23 30.72
CA MET XA 19 -62.33 18.14 29.38
C MET XA 19 -61.76 19.46 28.92
N ASP XA 20 -62.43 20.57 29.27
CA ASP XA 20 -61.90 21.88 28.91
C ASP XA 20 -60.57 22.14 29.60
N VAL XA 21 -60.45 21.75 30.87
CA VAL XA 21 -59.18 21.93 31.59
C VAL XA 21 -58.09 21.10 30.93
N ILE XA 22 -58.40 19.85 30.57
CA ILE XA 22 -57.41 19.01 29.92
C ILE XA 22 -56.97 19.61 28.59
N ALA XA 23 -57.94 20.11 27.81
CA ALA XA 23 -57.61 20.72 26.53
C ALA XA 23 -56.75 21.95 26.71
N ASN XA 24 -57.04 22.77 27.72
CA ASN XA 24 -56.21 23.93 27.98
C ASN XA 24 -54.79 23.53 28.36
N ASN XA 25 -54.65 22.51 29.19
CA ASN XA 25 -53.31 22.04 29.55
C ASN XA 25 -52.56 21.54 28.32
N LEU XA 26 -53.26 20.87 27.41
CA LEU XA 26 -52.58 20.34 26.23
C LEU XA 26 -52.26 21.45 25.23
N ALA XA 27 -53.05 22.53 25.21
CA ALA XA 27 -52.84 23.58 24.22
C ALA XA 27 -51.50 24.28 24.41
N ASN XA 28 -51.20 24.71 25.64
CA ASN XA 28 -49.93 25.39 25.91
C ASN XA 28 -48.88 24.38 26.39
N VAL XA 29 -48.59 23.42 25.52
CA VAL XA 29 -47.52 22.47 25.80
C VAL XA 29 -46.16 23.06 25.49
N SER XA 30 -46.11 24.23 24.87
CA SER XA 30 -44.85 24.89 24.54
C SER XA 30 -44.71 26.25 25.18
N THR XA 31 -45.67 26.68 25.99
CA THR XA 31 -45.58 27.97 26.65
C THR XA 31 -44.48 27.95 27.70
N ASN XA 32 -43.63 28.95 27.69
CA ASN XA 32 -42.50 29.00 28.61
C ASN XA 32 -42.97 29.31 30.01
N GLY XA 33 -42.48 28.54 30.98
CA GLY XA 33 -42.82 28.76 32.37
C GLY XA 33 -44.29 28.56 32.68
N PHE XA 34 -44.86 27.46 32.21
CA PHE XA 34 -46.27 27.16 32.43
C PHE XA 34 -46.43 26.04 33.43
N LYS XA 35 -47.38 26.23 34.35
CA LYS XA 35 -47.70 25.27 35.40
C LYS XA 35 -49.04 24.63 35.09
N ARG XA 36 -49.09 23.30 35.12
CA ARG XA 36 -50.27 22.60 34.66
C ARG XA 36 -51.41 22.67 35.66
N GLN XA 37 -52.63 22.60 35.14
CA GLN XA 37 -53.85 22.67 35.94
C GLN XA 37 -54.33 21.28 36.29
N ARG XA 38 -55.10 21.20 37.37
CA ARG XA 38 -55.72 19.93 37.78
C ARG XA 38 -57.01 20.27 38.51
N ALA XA 39 -58.12 19.73 38.02
CA ALA XA 39 -59.44 20.08 38.52
C ALA XA 39 -59.90 19.02 39.52
N VAL XA 40 -60.40 19.46 40.66
CA VAL XA 40 -60.93 18.59 41.71
C VAL XA 40 -62.38 18.97 41.96
N PHE XA 41 -63.24 17.95 42.08
CA PHE XA 41 -64.67 18.13 42.28
C PHE XA 41 -65.04 17.77 43.71
N GLU XA 42 -66.32 17.94 44.02
CA GLU XA 42 -66.88 17.54 45.30
C GLU XA 42 -68.32 17.11 45.12
N ASP XA 43 -68.72 16.08 45.85
CA ASP XA 43 -70.11 15.65 45.86
C ASP XA 43 -70.94 16.60 46.72
N LEU XA 44 -72.16 16.87 46.26
CA LEU XA 44 -73.04 17.78 46.95
C LEU XA 44 -73.59 17.14 48.22
N LEU XA 45 -74.28 17.93 49.03
CA LEU XA 45 -74.82 17.43 50.28
C LEU XA 45 -75.94 16.43 50.01
N TYR XA 46 -76.01 15.42 50.85
CA TYR XA 46 -76.98 14.34 50.69
C TYR XA 46 -78.30 14.69 51.38
N GLN XA 47 -79.37 14.14 50.83
CA GLN XA 47 -80.72 14.40 51.30
C GLN XA 47 -81.29 13.12 51.90
N THR XA 48 -81.57 13.14 53.20
CA THR XA 48 -82.06 11.96 53.89
C THR XA 48 -83.58 11.90 53.84
N ILE XA 49 -84.12 10.69 53.66
CA ILE XA 49 -85.55 10.46 53.57
C ILE XA 49 -86.07 9.69 54.79
N ARG XA 50 -85.47 8.54 55.07
CA ARG XA 50 -85.87 7.69 56.16
C ARG XA 50 -84.66 7.39 57.05
N GLN XA 51 -84.80 7.65 58.35
CA GLN XA 51 -83.73 7.36 59.29
C GLN XA 51 -83.59 5.86 59.48
N PRO XA 52 -82.37 5.38 59.74
CA PRO XA 52 -82.18 3.96 60.03
C PRO XA 52 -82.90 3.55 61.31
N GLY XA 53 -83.35 2.30 61.35
CA GLY XA 53 -84.06 1.76 62.48
C GLY XA 53 -83.15 1.06 63.47
N ALA XA 54 -83.75 0.16 64.25
CA ALA XA 54 -83.00 -0.60 65.24
C ALA XA 54 -82.07 -1.59 64.56
N GLN XA 55 -80.90 -1.79 65.16
CA GLN XA 55 -79.88 -2.68 64.61
C GLN XA 55 -79.34 -3.59 65.71
N SER XA 56 -78.80 -4.73 65.28
CA SER XA 56 -78.18 -5.72 66.18
C SER XA 56 -79.16 -6.20 67.24
N SER XA 57 -80.47 -6.13 66.95
CA SER XA 57 -81.50 -6.61 67.86
C SER XA 57 -81.64 -8.12 67.68
N GLU XA 58 -80.65 -8.85 68.20
CA GLU XA 58 -80.52 -10.30 68.11
C GLU XA 58 -80.86 -10.82 66.71
N GLN XA 59 -80.55 -10.03 65.69
CA GLN XA 59 -80.83 -10.37 64.30
C GLN XA 59 -79.71 -9.82 63.43
N THR XA 60 -79.60 -10.36 62.23
CA THR XA 60 -78.55 -9.99 61.29
C THR XA 60 -79.09 -9.22 60.10
N THR XA 61 -80.07 -8.34 60.32
CA THR XA 61 -80.63 -7.57 59.23
C THR XA 61 -79.71 -6.43 58.84
N LEU XA 62 -79.83 -6.00 57.60
CA LEU XA 62 -79.09 -4.85 57.07
C LEU XA 62 -79.83 -3.56 57.38
N PRO XA 63 -79.13 -2.43 57.41
CA PRO XA 63 -79.80 -1.16 57.72
C PRO XA 63 -80.86 -0.79 56.71
N SER XA 64 -81.82 0.02 57.16
CA SER XA 64 -83.00 0.33 56.36
C SER XA 64 -83.06 1.76 55.84
N GLY XA 65 -82.22 2.65 56.35
CA GLY XA 65 -82.30 4.04 55.93
C GLY XA 65 -81.86 4.25 54.49
N LEU XA 66 -82.30 5.37 53.92
CA LEU XA 66 -81.93 5.73 52.57
C LEU XA 66 -81.65 7.23 52.52
N GLN XA 67 -80.82 7.63 51.55
CA GLN XA 67 -80.50 9.03 51.35
C GLN XA 67 -80.04 9.23 49.90
N ILE XA 68 -80.73 10.10 49.18
CA ILE XA 68 -80.44 10.31 47.76
C ILE XA 68 -79.31 11.33 47.64
N GLY XA 69 -78.49 11.17 46.60
CA GLY XA 69 -77.46 12.14 46.29
C GLY XA 69 -78.03 13.38 45.63
N THR XA 70 -77.14 14.32 45.34
CA THR XA 70 -77.56 15.57 44.75
C THR XA 70 -76.77 15.91 43.49
N GLY XA 71 -75.58 15.35 43.36
CA GLY XA 71 -74.77 15.55 42.18
C GLY XA 71 -73.34 15.90 42.55
N VAL XA 72 -72.61 16.41 41.57
CA VAL XA 72 -71.20 16.75 41.72
C VAL XA 72 -70.98 18.17 41.21
N ARG XA 73 -70.11 18.92 41.89
CA ARG XA 73 -69.77 20.26 41.45
C ARG XA 73 -68.26 20.43 41.39
N PRO XA 74 -67.75 21.16 40.41
CA PRO XA 74 -66.31 21.43 40.38
C PRO XA 74 -65.91 22.38 41.49
N VAL XA 75 -65.16 21.89 42.48
CA VAL XA 75 -64.90 22.68 43.67
C VAL XA 75 -63.64 23.53 43.52
N ALA XA 76 -62.58 23.00 42.90
CA ALA XA 76 -61.35 23.77 42.86
C ALA XA 76 -60.50 23.35 41.68
N THR XA 77 -59.52 24.19 41.37
CA THR XA 77 -58.58 23.94 40.29
C THR XA 77 -57.20 24.39 40.76
N GLU XA 78 -56.28 23.45 40.92
CA GLU XA 78 -54.96 23.72 41.46
C GLU XA 78 -53.93 23.70 40.35
N ARG XA 79 -52.95 24.59 40.46
CA ARG XA 79 -51.83 24.62 39.53
C ARG XA 79 -50.61 24.01 40.21
N LEU XA 80 -50.00 23.02 39.56
CA LEU XA 80 -48.89 22.30 40.17
C LEU XA 80 -47.62 23.13 40.03
N HIS XA 81 -47.26 23.85 41.09
CA HIS XA 81 -46.07 24.71 41.07
C HIS XA 81 -44.80 23.89 41.31
N SER XA 82 -44.54 22.98 40.37
CA SER XA 82 -43.35 22.15 40.43
C SER XA 82 -42.22 22.82 39.64
N GLN XA 83 -41.15 22.07 39.40
CA GLN XA 83 -40.00 22.56 38.67
C GLN XA 83 -39.99 21.95 37.27
N GLY XA 84 -39.86 22.80 36.25
CA GLY XA 84 -39.80 22.35 34.88
C GLY XA 84 -38.39 22.19 34.37
N ASN XA 85 -38.29 21.73 33.13
CA ASN XA 85 -36.99 21.56 32.51
C ASN XA 85 -36.46 22.89 31.99
N LEU XA 86 -35.19 22.90 31.63
CA LEU XA 86 -34.52 24.10 31.12
C LEU XA 86 -34.16 23.89 29.66
N SER XA 87 -34.60 24.81 28.80
CA SER XA 87 -34.27 24.82 27.39
C SER XA 87 -33.22 25.90 27.15
N GLN XA 88 -32.18 25.56 26.40
CA GLN XA 88 -31.08 26.48 26.12
C GLN XA 88 -31.40 27.28 24.87
N THR XA 89 -31.40 28.60 25.01
CA THR XA 89 -31.69 29.48 23.88
C THR XA 89 -30.52 30.35 23.47
N ASN XA 90 -29.45 30.39 24.27
CA ASN XA 90 -28.22 31.10 23.92
C ASN XA 90 -28.44 32.60 23.81
N ASN XA 91 -29.66 33.06 24.05
CA ASN XA 91 -29.93 34.49 24.06
C ASN XA 91 -29.45 35.10 25.37
N SER XA 92 -28.73 36.22 25.26
CA SER XA 92 -28.09 36.81 26.42
C SER XA 92 -29.08 37.38 27.44
N LYS XA 93 -30.35 37.53 27.07
CA LYS XA 93 -31.34 38.17 27.92
C LYS XA 93 -32.47 37.22 28.26
N ASP XA 94 -32.14 35.98 28.61
CA ASP XA 94 -33.10 35.00 29.08
C ASP XA 94 -32.68 34.56 30.48
N VAL XA 95 -33.64 34.47 31.39
CA VAL XA 95 -33.37 34.11 32.78
C VAL XA 95 -34.28 32.94 33.16
N ALA XA 96 -33.67 31.90 33.73
CA ALA XA 96 -34.40 30.76 34.28
C ALA XA 96 -34.20 30.74 35.78
N ILE XA 97 -35.29 30.68 36.53
CA ILE XA 97 -35.26 30.82 37.98
C ILE XA 97 -35.48 29.45 38.60
N LYS XA 98 -34.67 29.13 39.61
CA LYS XA 98 -34.80 27.87 40.33
C LYS XA 98 -35.66 28.04 41.58
N GLY XA 99 -35.93 26.92 42.24
CA GLY XA 99 -36.66 26.96 43.50
C GLY XA 99 -38.02 27.60 43.32
N GLN XA 100 -38.36 28.52 44.22
CA GLN XA 100 -39.62 29.23 44.17
C GLN XA 100 -39.34 30.73 44.13
N GLY XA 101 -40.09 31.43 43.29
CA GLY XA 101 -39.93 32.86 43.17
C GLY XA 101 -40.55 33.43 41.91
N PHE XA 102 -40.93 34.69 41.93
CA PHE XA 102 -41.53 35.34 40.79
C PHE XA 102 -40.96 36.74 40.64
N PHE XA 103 -40.83 37.19 39.39
CA PHE XA 103 -40.39 38.55 39.12
C PHE XA 103 -41.57 39.49 39.23
N GLN XA 104 -41.42 40.56 40.01
CA GLN XA 104 -42.49 41.53 40.17
C GLN XA 104 -42.57 42.41 38.94
N VAL XA 105 -43.72 42.44 38.29
CA VAL XA 105 -43.93 43.15 37.04
C VAL XA 105 -45.00 44.21 37.25
N MET XA 106 -44.65 45.46 36.93
CA MET XA 106 -45.60 46.56 37.04
C MET XA 106 -46.55 46.56 35.86
N LEU XA 107 -47.81 46.93 36.12
CA LEU XA 107 -48.85 46.96 35.10
C LEU XA 107 -49.18 48.40 34.72
N PRO XA 108 -49.66 48.63 33.49
CA PRO XA 108 -50.11 49.98 33.13
C PRO XA 108 -51.27 50.47 33.98
N ASP XA 109 -52.06 49.55 34.52
CA ASP XA 109 -53.15 49.94 35.42
C ASP XA 109 -52.60 50.62 36.67
N GLY XA 110 -51.51 50.10 37.21
CA GLY XA 110 -50.92 50.65 38.41
C GLY XA 110 -50.54 49.58 39.40
N THR XA 111 -51.30 48.48 39.41
CA THR XA 111 -51.00 47.36 40.29
C THR XA 111 -49.82 46.57 39.74
N SER XA 112 -49.38 45.59 40.53
CA SER XA 112 -48.23 44.76 40.18
C SER XA 112 -48.67 43.31 39.98
N ALA XA 113 -48.02 42.65 39.03
CA ALA XA 113 -48.23 41.23 38.77
C ALA XA 113 -46.91 40.50 38.88
N TYR XA 114 -46.98 39.19 39.05
CA TYR XA 114 -45.80 38.35 39.23
C TYR XA 114 -45.83 37.23 38.21
N THR XA 115 -44.69 36.94 37.60
CA THR XA 115 -44.60 35.95 36.55
C THR XA 115 -43.36 35.09 36.73
N ARG XA 116 -43.44 33.86 36.24
CA ARG XA 116 -42.33 32.93 36.24
C ARG XA 116 -41.60 32.88 34.92
N ASP XA 117 -42.20 33.39 33.85
CA ASP XA 117 -41.64 33.29 32.51
C ASP XA 117 -40.51 34.30 32.35
N GLY XA 118 -39.29 33.80 32.16
CA GLY XA 118 -38.16 34.68 31.95
C GLY XA 118 -37.81 34.85 30.49
N SER XA 119 -38.27 35.94 29.88
CA SER XA 119 -37.93 36.25 28.49
C SER XA 119 -38.08 37.76 28.33
N PHE XA 120 -36.96 38.47 28.35
CA PHE XA 120 -36.96 39.92 28.46
C PHE XA 120 -36.50 40.57 27.17
N GLN XA 121 -36.94 41.81 26.98
CA GLN XA 121 -36.53 42.63 25.85
C GLN XA 121 -36.28 44.05 26.35
N VAL XA 122 -35.47 44.78 25.60
CA VAL XA 122 -35.09 46.15 25.96
C VAL XA 122 -35.82 47.09 25.03
N ASP XA 123 -36.59 48.01 25.60
CA ASP XA 123 -37.35 48.95 24.79
C ASP XA 123 -36.44 50.11 24.35
N GLN XA 124 -37.04 51.08 23.66
CA GLN XA 124 -36.27 52.19 23.11
C GLN XA 124 -35.65 53.07 24.18
N ASN XA 125 -36.19 53.07 25.39
CA ASN XA 125 -35.66 53.87 26.49
C ASN XA 125 -34.65 53.12 27.33
N GLY XA 126 -34.36 51.87 26.99
CA GLY XA 126 -33.45 51.07 27.78
C GLY XA 126 -34.07 50.34 28.95
N GLN XA 127 -35.37 50.54 29.20
CA GLN XA 127 -36.01 49.84 30.31
C GLN XA 127 -36.09 48.35 30.03
N LEU XA 128 -35.83 47.55 31.06
CA LEU XA 128 -35.91 46.10 30.93
C LEU XA 128 -37.37 45.70 31.06
N VAL XA 129 -37.99 45.31 29.95
CA VAL XA 129 -39.42 45.03 29.91
C VAL XA 129 -39.65 43.63 29.34
N THR XA 130 -40.83 43.09 29.61
CA THR XA 130 -41.22 41.80 29.07
C THR XA 130 -41.87 41.98 27.70
N ALA XA 131 -42.08 40.86 27.02
CA ALA XA 131 -42.70 40.87 25.70
C ALA XA 131 -44.17 41.23 25.86
N GLY XA 132 -44.51 42.50 25.60
CA GLY XA 132 -45.86 42.97 25.80
C GLY XA 132 -45.89 44.39 26.35
N GLY XA 133 -44.73 44.93 26.69
CA GLY XA 133 -44.60 46.28 27.18
C GLY XA 133 -44.54 46.40 28.70
N PHE XA 134 -44.91 45.35 29.42
CA PHE XA 134 -44.84 45.39 30.87
C PHE XA 134 -43.39 45.37 31.33
N GLN XA 135 -43.06 46.23 32.28
CA GLN XA 135 -41.69 46.40 32.74
C GLN XA 135 -41.48 45.75 34.09
N VAL XA 136 -40.23 45.45 34.39
CA VAL XA 136 -39.84 44.86 35.66
C VAL XA 136 -39.86 45.93 36.73
N GLN XA 137 -40.31 45.56 37.93
CA GLN XA 137 -40.58 46.55 38.97
C GLN XA 137 -39.36 47.35 39.41
N PRO XA 138 -38.18 46.75 39.66
CA PRO XA 138 -37.05 47.56 40.15
C PRO XA 138 -36.55 48.58 39.14
N ALA XA 139 -37.19 48.66 37.97
CA ALA XA 139 -36.86 49.66 36.95
C ALA XA 139 -35.41 49.56 36.52
N ILE XA 140 -35.01 48.36 36.10
CA ILE XA 140 -33.64 48.14 35.64
C ILE XA 140 -33.46 48.82 34.28
N THR XA 141 -32.40 49.59 34.15
CA THR XA 141 -32.10 50.29 32.91
C THR XA 141 -30.71 49.91 32.42
N ILE XA 142 -30.55 49.89 31.10
CA ILE XA 142 -29.27 49.53 30.47
C ILE XA 142 -28.95 50.58 29.42
N PRO XA 143 -27.74 51.12 29.41
CA PRO XA 143 -27.38 52.14 28.42
C PRO XA 143 -27.15 51.53 27.05
N ALA XA 144 -26.87 52.41 26.08
CA ALA XA 144 -26.58 51.97 24.72
C ALA XA 144 -25.12 51.52 24.63
N ASN XA 145 -24.64 51.31 23.39
CA ASN XA 145 -23.26 50.94 23.10
C ASN XA 145 -22.75 49.81 24.00
N ALA XA 146 -23.66 48.94 24.42
CA ALA XA 146 -23.27 47.80 25.24
C ALA XA 146 -22.68 46.69 24.38
N LEU XA 147 -21.59 46.10 24.87
CA LEU XA 147 -20.97 44.99 24.17
C LEU XA 147 -21.47 43.63 24.66
N SER XA 148 -21.90 43.54 25.91
CA SER XA 148 -22.46 42.31 26.44
C SER XA 148 -23.29 42.65 27.67
N ILE XA 149 -24.23 41.75 27.99
CA ILE XA 149 -25.07 41.88 29.17
C ILE XA 149 -24.90 40.62 30.01
N THR XA 150 -24.59 40.79 31.29
CA THR XA 150 -24.32 39.67 32.19
C THR XA 150 -25.32 39.71 33.34
N ILE XA 151 -26.16 38.68 33.42
CA ILE XA 151 -27.08 38.51 34.54
C ILE XA 151 -26.53 37.35 35.36
N GLY XA 152 -25.92 37.67 36.49
CA GLY XA 152 -25.18 36.69 37.27
C GLY XA 152 -26.08 35.76 38.06
N ARG XA 153 -25.44 35.00 38.94
CA ARG XA 153 -26.17 34.00 39.74
C ARG XA 153 -27.19 34.67 40.64
N ASP XA 154 -26.82 35.78 41.27
CA ASP XA 154 -27.77 36.57 42.04
C ASP XA 154 -28.46 37.57 41.13
N GLY XA 155 -29.14 38.54 41.72
CA GLY XA 155 -29.86 39.53 40.94
C GLY XA 155 -29.00 40.63 40.37
N VAL XA 156 -27.68 40.59 40.58
CA VAL XA 156 -26.81 41.63 40.08
C VAL XA 156 -26.74 41.54 38.56
N VAL XA 157 -26.90 42.68 37.89
CA VAL XA 157 -26.86 42.77 36.43
C VAL XA 157 -25.71 43.70 36.05
N SER XA 158 -24.80 43.20 35.21
CA SER XA 158 -23.64 43.96 34.80
C SER XA 158 -23.54 44.00 33.29
N VAL XA 159 -23.02 45.12 32.78
CA VAL XA 159 -22.84 45.33 31.35
C VAL XA 159 -21.46 45.91 31.11
N THR XA 160 -20.73 45.32 30.17
CA THR XA 160 -19.39 45.79 29.83
C THR XA 160 -19.45 47.01 28.93
N GLN XA 161 -18.29 47.64 28.72
CA GLN XA 161 -18.21 48.83 27.89
C GLN XA 161 -17.15 48.67 26.81
N GLN XA 162 -16.87 49.76 26.08
CA GLN XA 162 -15.94 49.69 24.97
C GLN XA 162 -14.54 49.33 25.44
N GLY XA 163 -13.93 50.20 26.25
CA GLY XA 163 -12.57 50.00 26.66
C GLY XA 163 -12.35 50.12 28.16
N GLN XA 164 -13.33 49.67 28.93
CA GLN XA 164 -13.24 49.70 30.39
C GLN XA 164 -12.81 48.33 30.90
N ALA XA 165 -11.80 48.31 31.76
CA ALA XA 165 -11.29 47.04 32.27
C ALA XA 165 -12.33 46.30 33.09
N ALA XA 166 -13.07 47.02 33.92
CA ALA XA 166 -14.04 46.35 34.77
C ALA XA 166 -15.47 46.66 34.31
N PRO XA 167 -16.38 45.70 34.43
CA PRO XA 167 -17.78 45.96 34.09
C PRO XA 167 -18.44 46.83 35.15
N VAL XA 168 -19.63 47.31 34.82
CA VAL XA 168 -20.38 48.22 35.68
C VAL XA 168 -21.76 47.64 35.94
N GLN XA 169 -22.20 47.68 37.19
CA GLN XA 169 -23.54 47.24 37.53
C GLN XA 169 -24.56 48.28 37.08
N VAL XA 170 -25.79 47.81 36.87
CA VAL XA 170 -26.89 48.69 36.47
C VAL XA 170 -28.16 48.46 37.28
N GLY XA 171 -28.12 47.63 38.29
CA GLY XA 171 -29.28 47.41 39.14
C GLY XA 171 -29.34 45.98 39.63
N GLN XA 172 -30.22 45.76 40.60
CA GLN XA 172 -30.40 44.45 41.20
C GLN XA 172 -31.74 43.88 40.76
N LEU XA 173 -31.74 42.61 40.35
CA LEU XA 173 -32.95 41.96 39.84
C LEU XA 173 -33.65 41.24 40.99
N ASN XA 174 -34.25 42.03 41.87
CA ASN XA 174 -34.99 41.48 43.00
C ASN XA 174 -36.22 40.74 42.52
N LEU XA 175 -36.58 39.69 43.23
CA LEU XA 175 -37.78 38.91 42.92
C LEU XA 175 -38.65 38.82 44.16
N THR XA 176 -39.69 37.98 44.10
CA THR XA 176 -40.69 37.91 45.15
C THR XA 176 -41.00 36.45 45.46
N THR XA 177 -41.41 36.21 46.70
CA THR XA 177 -41.79 34.88 47.16
C THR XA 177 -43.12 34.95 47.90
N PHE XA 178 -43.88 33.87 47.85
CA PHE XA 178 -45.17 33.75 48.51
C PHE XA 178 -45.21 32.49 49.37
N MET XA 179 -46.05 32.52 50.39
CA MET XA 179 -46.18 31.39 51.30
C MET XA 179 -46.94 30.22 50.70
N ASN XA 180 -47.89 30.47 49.81
CA ASN XA 180 -48.64 29.41 49.14
C ASN XA 180 -48.69 29.75 47.66
N ASP XA 181 -47.82 29.10 46.88
CA ASP XA 181 -47.73 29.41 45.45
C ASP XA 181 -49.04 29.08 44.73
N THR XA 182 -49.76 28.05 45.19
CA THR XA 182 -51.02 27.70 44.54
C THR XA 182 -52.08 28.79 44.71
N GLY XA 183 -51.99 29.57 45.79
CA GLY XA 183 -52.98 30.59 46.05
C GLY XA 183 -53.02 31.71 45.03
N LEU XA 184 -51.89 31.98 44.36
CA LEU XA 184 -51.87 33.01 43.33
C LEU XA 184 -52.85 32.69 42.23
N GLU XA 185 -53.58 33.69 41.76
CA GLU XA 185 -54.56 33.50 40.72
C GLU XA 185 -54.04 34.10 39.42
N SER XA 186 -54.25 33.39 38.32
CA SER XA 186 -53.66 33.74 37.04
C SER XA 186 -54.58 34.67 36.25
N ILE XA 187 -53.98 35.63 35.57
CA ILE XA 187 -54.69 36.48 34.63
C ILE XA 187 -54.17 36.14 33.23
N GLY XA 188 -54.71 36.81 32.22
CA GLY XA 188 -54.47 36.44 30.84
C GLY XA 188 -53.01 36.35 30.41
N GLU XA 189 -52.32 37.50 30.41
CA GLU XA 189 -51.04 37.61 29.71
C GLU XA 189 -49.90 36.98 30.50
N ASN XA 190 -50.08 35.71 30.85
CA ASN XA 190 -49.04 34.90 31.49
C ASN XA 190 -48.53 35.56 32.77
N LEU XA 191 -49.45 36.11 33.56
CA LEU XA 191 -49.13 36.77 34.80
C LEU XA 191 -49.98 36.22 35.93
N TYR XA 192 -49.46 36.31 37.15
CA TYR XA 192 -50.18 35.93 38.35
C TYR XA 192 -50.34 37.14 39.25
N ILE XA 193 -51.41 37.15 40.04
CA ILE XA 193 -51.60 38.16 41.07
C ILE XA 193 -51.95 37.48 42.39
N GLU XA 194 -51.64 38.17 43.48
CA GLU XA 194 -51.86 37.61 44.80
C GLU XA 194 -53.34 37.64 45.17
N THR XA 195 -53.75 36.62 45.93
CA THR XA 195 -55.14 36.48 46.34
C THR XA 195 -55.19 36.39 47.86
N GLN XA 196 -56.41 36.25 48.39
CA GLN XA 196 -56.57 36.04 49.82
C GLN XA 196 -56.04 34.67 50.26
N SER XA 197 -56.08 33.68 49.37
CA SER XA 197 -55.56 32.36 49.69
C SER XA 197 -54.05 32.26 49.53
N SER XA 198 -53.40 33.32 49.05
CA SER XA 198 -51.95 33.39 48.97
C SER XA 198 -51.47 34.48 49.93
N GLY XA 199 -50.35 34.24 50.58
CA GLY XA 199 -49.83 35.19 51.54
C GLY XA 199 -49.39 36.48 50.88
N ALA XA 200 -49.10 37.47 51.72
CA ALA XA 200 -48.60 38.74 51.22
C ALA XA 200 -47.24 38.53 50.56
N PRO XA 201 -46.95 39.26 49.48
CA PRO XA 201 -45.68 39.08 48.79
C PRO XA 201 -44.51 39.46 49.69
N ASN XA 202 -43.39 38.76 49.49
CA ASN XA 202 -42.16 39.05 50.23
C ASN XA 202 -41.05 39.29 49.22
N GLU XA 203 -40.52 40.51 49.20
CA GLU XA 203 -39.41 40.82 48.31
C GLU XA 203 -38.14 40.11 48.78
N SER XA 204 -37.31 39.72 47.83
CA SER XA 204 -36.07 39.03 48.16
C SER XA 204 -35.08 39.19 47.02
N THR XA 205 -33.82 38.86 47.33
CA THR XA 205 -32.57 38.72 46.61
C THR XA 205 -32.28 37.25 46.35
N PRO XA 206 -31.94 36.89 45.10
CA PRO XA 206 -31.75 35.47 44.77
C PRO XA 206 -30.71 34.83 45.67
N GLY XA 207 -31.01 33.61 46.11
CA GLY XA 207 -30.14 32.89 47.02
C GLY XA 207 -30.31 33.22 48.48
N LEU XA 208 -31.27 34.06 48.84
CA LEU XA 208 -31.50 34.45 50.22
C LEU XA 208 -32.95 34.25 50.59
N ASN XA 209 -33.18 33.74 51.80
CA ASN XA 209 -34.52 33.58 52.37
C ASN XA 209 -35.42 32.74 51.47
N GLY XA 210 -34.86 31.65 50.94
CA GLY XA 210 -35.63 30.73 50.14
C GLY XA 210 -35.78 31.11 48.68
N ALA XA 211 -35.18 32.22 48.24
CA ALA XA 211 -35.24 32.57 46.84
C ALA XA 211 -34.36 31.61 46.03
N GLY XA 212 -34.66 31.53 44.72
CA GLY XA 212 -33.96 30.66 43.83
C GLY XA 212 -32.70 31.29 43.27
N LEU XA 213 -32.12 30.61 42.29
CA LEU XA 213 -30.95 31.09 41.58
C LEU XA 213 -31.32 31.35 40.13
N LEU XA 214 -30.55 32.22 39.48
CA LEU XA 214 -30.81 32.62 38.11
C LEU XA 214 -29.77 32.02 37.18
N TYR XA 215 -30.23 31.39 36.10
CA TYR XA 215 -29.38 30.93 35.02
C TYR XA 215 -29.63 31.80 33.81
N GLN XA 216 -28.56 32.30 33.19
CA GLN XA 216 -28.69 33.16 32.03
C GLN XA 216 -28.77 32.33 30.75
N GLY XA 217 -29.66 32.73 29.84
CA GLY XA 217 -29.77 32.09 28.56
C GLY XA 217 -30.62 30.84 28.53
N TYR XA 218 -31.24 30.46 29.65
CA TYR XA 218 -32.08 29.28 29.72
C TYR XA 218 -33.50 29.69 30.07
N VAL XA 219 -34.46 28.92 29.56
CA VAL XA 219 -35.87 29.22 29.75
C VAL XA 219 -36.55 27.99 30.34
N GLU XA 220 -37.38 28.20 31.37
CA GLU XA 220 -38.10 27.11 31.99
C GLU XA 220 -39.30 26.71 31.14
N THR XA 221 -39.37 25.43 30.78
CA THR XA 221 -40.45 24.94 29.94
C THR XA 221 -41.67 24.58 30.79
N SER XA 222 -42.78 24.34 30.11
CA SER XA 222 -44.02 23.97 30.78
C SER XA 222 -43.88 22.60 31.42
N ASN XA 223 -44.46 22.45 32.60
CA ASN XA 223 -44.37 21.17 33.33
C ASN XA 223 -45.61 20.32 33.07
N VAL XA 224 -45.83 20.01 31.79
CA VAL XA 224 -46.99 19.24 31.35
C VAL XA 224 -46.51 17.90 30.81
N ASN XA 225 -47.12 16.83 31.29
CA ASN XA 225 -46.84 15.48 30.79
C ASN XA 225 -48.09 14.96 30.08
N VAL XA 226 -47.88 14.34 28.92
CA VAL XA 226 -48.99 14.06 28.02
C VAL XA 226 -49.67 12.71 28.29
N ALA XA 227 -48.97 11.78 28.93
CA ALA XA 227 -49.59 10.48 29.22
C ALA XA 227 -50.79 10.65 30.16
N GLU XA 228 -50.63 11.43 31.22
CA GLU XA 228 -51.73 11.66 32.13
C GLU XA 228 -52.89 12.36 31.42
N GLU XA 229 -52.57 13.31 30.53
CA GLU XA 229 -53.62 14.00 29.81
C GLU XA 229 -54.40 13.05 28.91
N LEU XA 230 -53.71 12.15 28.22
CA LEU XA 230 -54.41 11.19 27.36
C LEU XA 230 -55.29 10.24 28.17
N VAL XA 231 -54.76 9.74 29.29
CA VAL XA 231 -55.56 8.83 30.12
C VAL XA 231 -56.78 9.57 30.67
N ASN XA 232 -56.59 10.81 31.11
CA ASN XA 232 -57.73 11.60 31.60
C ASN XA 232 -58.75 11.83 30.50
N MET XA 233 -58.29 12.06 29.27
CA MET XA 233 -59.22 12.22 28.15
C MET XA 233 -60.05 10.96 27.95
N ILE XA 234 -59.40 9.79 27.98
CA ILE XA 234 -60.13 8.54 27.80
C ILE XA 234 -61.17 8.37 28.91
N GLN XA 235 -60.76 8.61 30.15
CA GLN XA 235 -61.70 8.46 31.27
C GLN XA 235 -62.85 9.45 31.16
N VAL XA 236 -62.57 10.68 30.77
CA VAL XA 236 -63.61 11.70 30.62
C VAL XA 236 -64.62 11.28 29.56
N GLN XA 237 -64.11 10.79 28.42
CA GLN XA 237 -65.02 10.36 27.36
C GLN XA 237 -65.91 9.21 27.82
N ARG XA 238 -65.33 8.23 28.50
CA ARG XA 238 -66.13 7.09 28.96
C ARG XA 238 -67.19 7.53 29.97
N ALA XA 239 -66.82 8.40 30.91
CA ALA XA 239 -67.78 8.89 31.89
C ALA XA 239 -68.90 9.67 31.21
N TYR XA 240 -68.55 10.48 30.21
CA TYR XA 240 -69.56 11.22 29.48
C TYR XA 240 -70.54 10.29 28.79
N GLU XA 241 -70.03 9.23 28.16
CA GLU XA 241 -70.92 8.30 27.48
C GLU XA 241 -71.85 7.59 28.46
N ILE XA 242 -71.32 7.20 29.62
CA ILE XA 242 -72.17 6.49 30.58
C ILE XA 242 -73.23 7.43 31.16
N ASN XA 243 -72.88 8.71 31.40
CA ASN XA 243 -73.88 9.67 31.85
C ASN XA 243 -74.94 9.89 30.78
N SER XA 244 -74.52 9.93 29.51
CA SER XA 244 -75.50 10.07 28.44
C SER XA 244 -76.47 8.89 28.42
N LYS XA 245 -75.96 7.69 28.66
CA LYS XA 245 -76.84 6.54 28.72
C LYS XA 245 -77.81 6.65 29.90
N ALA XA 246 -77.34 7.17 31.03
CA ALA XA 246 -78.23 7.38 32.16
C ALA XA 246 -79.35 8.36 31.81
N VAL XA 247 -79.01 9.46 31.15
CA VAL XA 247 -80.02 10.41 30.70
C VAL XA 247 -81.01 9.73 29.77
N SER XA 248 -80.50 8.93 28.83
CA SER XA 248 -81.37 8.27 27.85
C SER XA 248 -82.34 7.31 28.52
N THR XA 249 -81.86 6.52 29.48
CA THR XA 249 -82.77 5.56 30.12
C THR XA 249 -83.79 6.26 31.00
N THR XA 250 -83.40 7.35 31.67
CA THR XA 250 -84.40 8.10 32.43
C THR XA 250 -85.45 8.72 31.52
N ASP XA 251 -85.02 9.25 30.37
CA ASP XA 251 -85.98 9.81 29.41
C ASP XA 251 -86.92 8.72 28.91
N GLN XA 252 -86.39 7.53 28.65
CA GLN XA 252 -87.24 6.42 28.23
C GLN XA 252 -88.26 6.07 29.31
N MET XA 253 -87.84 6.06 30.57
CA MET XA 253 -88.76 5.80 31.67
C MET XA 253 -89.89 6.83 31.71
N LEU XA 254 -89.52 8.11 31.58
CA LEU XA 254 -90.53 9.16 31.62
C LEU XA 254 -91.48 9.06 30.44
N GLN XA 255 -90.96 8.72 29.26
CA GLN XA 255 -91.81 8.54 28.09
C GLN XA 255 -92.80 7.40 28.30
N LYS XA 256 -92.32 6.28 28.83
CA LYS XA 256 -93.21 5.15 29.07
C LYS XA 256 -94.27 5.49 30.12
N LEU XA 257 -93.89 6.27 31.13
CA LEU XA 257 -94.88 6.69 32.12
C LEU XA 257 -95.94 7.60 31.50
N THR XA 258 -95.51 8.58 30.70
CA THR XA 258 -96.45 9.51 30.09
C THR XA 258 -97.34 8.83 29.05
N GLN XA 259 -96.87 7.73 28.45
CA GLN XA 259 -97.69 6.97 27.52
C GLN XA 259 -98.67 6.03 28.22
N LEU XA 260 -98.93 6.26 29.50
CA LEU XA 260 -99.87 5.44 30.27
C LEU XA 260 -101.28 5.50 29.69
N SER YA 33 -177.69 -22.94 10.92
CA SER YA 33 -178.34 -21.94 11.76
C SER YA 33 -177.30 -21.08 12.48
N PHE YA 34 -177.79 -20.08 13.22
CA PHE YA 34 -176.89 -19.20 13.95
C PHE YA 34 -176.11 -19.97 15.00
N ALA YA 35 -176.76 -20.89 15.71
CA ALA YA 35 -176.06 -21.69 16.71
C ALA YA 35 -174.96 -22.53 16.07
N GLY YA 36 -175.25 -23.15 14.93
CA GLY YA 36 -174.23 -23.93 14.24
C GLY YA 36 -173.08 -23.08 13.76
N GLN YA 37 -173.37 -21.90 13.23
CA GLN YA 37 -172.30 -21.00 12.78
C GLN YA 37 -171.42 -20.57 13.94
N LEU YA 38 -172.03 -20.21 15.07
CA LEU YA 38 -171.24 -19.81 16.24
C LEU YA 38 -170.40 -20.96 16.74
N HIS YA 39 -170.97 -22.17 16.78
CA HIS YA 39 -170.20 -23.34 17.22
C HIS YA 39 -169.02 -23.59 16.29
N ALA YA 40 -169.23 -23.48 14.98
CA ALA YA 40 -168.14 -23.66 14.04
C ALA YA 40 -167.05 -22.61 14.21
N ALA YA 41 -167.45 -21.36 14.41
CA ALA YA 41 -166.47 -20.30 14.62
C ALA YA 41 -165.65 -20.53 15.88
N LEU YA 42 -166.32 -20.92 16.97
CA LEU YA 42 -165.61 -21.19 18.21
C LEU YA 42 -164.65 -22.37 18.04
N ASP YA 43 -165.09 -23.41 17.34
CA ASP YA 43 -164.21 -24.55 17.08
C ASP YA 43 -163.00 -24.13 16.27
N ARG YA 44 -163.20 -23.28 15.26
CA ARG YA 44 -162.09 -22.82 14.44
C ARG YA 44 -161.09 -22.01 15.26
N ILE YA 45 -161.59 -21.12 16.12
CA ILE YA 45 -160.69 -20.31 16.95
C ILE YA 45 -159.91 -21.21 17.91
N SER YA 46 -160.59 -22.17 18.53
CA SER YA 46 -159.91 -23.08 19.44
C SER YA 46 -158.86 -23.91 18.71
N ASP YA 47 -159.17 -24.34 17.49
CA ASP YA 47 -158.19 -25.11 16.72
C ASP YA 47 -156.97 -24.27 16.40
N ARG YA 48 -157.15 -23.01 16.01
CA ARG YA 48 -156.02 -22.16 15.72
C ARG YA 48 -155.15 -21.94 16.96
N GLN YA 49 -155.79 -21.69 18.11
CA GLN YA 49 -155.03 -21.50 19.34
C GLN YA 49 -154.27 -22.77 19.71
N ALA YA 50 -154.91 -23.93 19.57
CA ALA YA 50 -154.26 -25.19 19.91
C ALA YA 50 -153.07 -25.45 18.99
N ALA YA 51 -153.22 -25.18 17.69
CA ALA YA 51 -152.11 -25.35 16.78
C ALA YA 51 -150.94 -24.44 17.14
N ALA YA 52 -151.23 -23.18 17.46
CA ALA YA 52 -150.16 -22.27 17.87
C ALA YA 52 -149.47 -22.76 19.13
N ARG YA 53 -150.25 -23.22 20.11
CA ARG YA 53 -149.69 -23.69 21.36
C ARG YA 53 -148.81 -24.92 21.15
N VAL YA 54 -149.27 -25.87 20.34
CA VAL YA 54 -148.49 -27.08 20.13
C VAL YA 54 -147.23 -26.77 19.33
N GLN YA 55 -147.29 -25.83 18.39
CA GLN YA 55 -146.08 -25.43 17.68
C GLN YA 55 -145.08 -24.78 18.63
N ALA YA 56 -145.56 -23.93 19.54
CA ALA YA 56 -144.67 -23.34 20.53
C ALA YA 56 -144.06 -24.40 21.43
N GLU YA 57 -144.86 -25.41 21.80
CA GLU YA 57 -144.34 -26.51 22.62
C GLU YA 57 -143.25 -27.27 21.89
N LYS YA 58 -143.47 -27.57 20.61
CA LYS YA 58 -142.45 -28.26 19.83
C LYS YA 58 -141.18 -27.43 19.73
N PHE YA 59 -141.32 -26.12 19.57
CA PHE YA 59 -140.15 -25.26 19.51
C PHE YA 59 -139.38 -25.26 20.82
N THR YA 60 -140.09 -25.14 21.94
CA THR YA 60 -139.40 -25.06 23.23
C THR YA 60 -138.83 -26.39 23.69
N LEU YA 61 -139.36 -27.51 23.18
CA LEU YA 61 -138.77 -28.80 23.52
C LEU YA 61 -137.43 -29.02 22.85
N GLY YA 62 -137.05 -28.20 21.88
CA GLY YA 62 -135.83 -28.39 21.13
C GLY YA 62 -135.98 -29.20 19.87
N GLU YA 63 -137.20 -29.47 19.43
CA GLU YA 63 -137.41 -30.26 18.22
C GLU YA 63 -137.01 -29.45 17.00
N PRO YA 64 -136.17 -29.98 16.11
CA PRO YA 64 -135.74 -29.21 14.94
C PRO YA 64 -136.88 -28.96 13.97
N GLY YA 65 -136.74 -27.88 13.21
CA GLY YA 65 -137.72 -27.51 12.20
C GLY YA 65 -138.43 -26.19 12.45
N ILE YA 66 -138.17 -25.51 13.55
CA ILE YA 66 -138.83 -24.25 13.89
C ILE YA 66 -137.78 -23.16 13.95
N ALA YA 67 -138.09 -22.00 13.37
CA ALA YA 67 -137.13 -20.91 13.27
C ALA YA 67 -137.49 -19.67 14.06
N LEU YA 68 -138.50 -19.73 14.92
CA LEU YA 68 -138.88 -18.66 15.83
C LEU YA 68 -139.51 -17.47 15.11
N ASN YA 69 -139.45 -17.47 13.78
CA ASN YA 69 -140.08 -16.41 13.00
C ASN YA 69 -141.47 -16.78 12.54
N ASP YA 70 -141.92 -18.00 12.81
CA ASP YA 70 -143.28 -18.42 12.52
C ASP YA 70 -144.12 -18.65 13.76
N VAL YA 71 -143.50 -19.05 14.88
CA VAL YA 71 -144.25 -19.23 16.12
C VAL YA 71 -144.82 -17.90 16.58
N MET YA 72 -144.03 -16.83 16.51
CA MET YA 72 -144.53 -15.52 16.90
C MET YA 72 -145.67 -15.07 16.00
N ALA YA 73 -145.52 -15.30 14.68
CA ALA YA 73 -146.59 -14.91 13.76
C ALA YA 73 -147.87 -15.69 14.04
N ASP YA 74 -147.75 -16.99 14.31
CA ASP YA 74 -148.93 -17.79 14.62
C ASP YA 74 -149.58 -17.36 15.93
N MET YA 75 -148.76 -17.03 16.94
CA MET YA 75 -149.33 -16.54 18.19
C MET YA 75 -150.07 -15.23 17.98
N GLN YA 76 -149.51 -14.33 17.19
CA GLN YA 76 -150.18 -13.07 16.90
C GLN YA 76 -151.48 -13.31 16.13
N LYS YA 77 -151.47 -14.25 15.19
CA LYS YA 77 -152.70 -14.57 14.47
C LYS YA 77 -153.77 -15.11 15.42
N ALA YA 78 -153.38 -15.99 16.33
CA ALA YA 78 -154.34 -16.50 17.30
C ALA YA 78 -154.88 -15.38 18.18
N SER YA 79 -154.00 -14.47 18.61
CA SER YA 79 -154.43 -13.38 19.47
C SER YA 79 -155.40 -12.45 18.75
N VAL YA 80 -155.13 -12.11 17.49
CA VAL YA 80 -156.04 -11.22 16.77
C VAL YA 80 -157.35 -11.92 16.48
N SER YA 81 -157.32 -13.22 16.20
CA SER YA 81 -158.57 -13.96 16.01
C SER YA 81 -159.40 -13.95 17.29
N MET YA 82 -158.75 -14.17 18.44
CA MET YA 82 -159.47 -14.13 19.71
C MET YA 82 -160.03 -12.74 19.99
N GLN YA 83 -159.27 -11.70 19.64
CA GLN YA 83 -159.75 -10.34 19.82
C GLN YA 83 -160.98 -10.07 18.97
N MET YA 84 -160.97 -10.53 17.72
CA MET YA 84 -162.15 -10.36 16.88
C MET YA 84 -163.33 -11.13 17.46
N GLY YA 85 -163.09 -12.33 17.96
CA GLY YA 85 -164.17 -13.10 18.55
C GLY YA 85 -164.79 -12.42 19.75
N ILE YA 86 -163.96 -11.88 20.64
CA ILE YA 86 -164.50 -11.24 21.83
C ILE YA 86 -165.18 -9.93 21.47
N GLN YA 87 -164.69 -9.22 20.46
CA GLN YA 87 -165.39 -8.02 20.00
C GLN YA 87 -166.77 -8.36 19.47
N VAL YA 88 -166.87 -9.41 18.65
CA VAL YA 88 -168.17 -9.82 18.13
C VAL YA 88 -169.09 -10.24 19.27
N ARG YA 89 -168.55 -10.95 20.25
CA ARG YA 89 -169.37 -11.36 21.39
C ARG YA 89 -169.88 -10.16 22.17
N ASN YA 90 -169.03 -9.16 22.38
CA ASN YA 90 -169.46 -7.96 23.10
C ASN YA 90 -170.58 -7.25 22.33
N LYS YA 91 -170.41 -7.10 21.02
CA LYS YA 91 -171.44 -6.44 20.23
C LYS YA 91 -172.75 -7.19 20.29
N LEU YA 92 -172.70 -8.52 20.14
CA LEU YA 92 -173.92 -9.31 20.14
C LEU YA 92 -174.62 -9.28 21.49
N VAL YA 93 -173.86 -9.38 22.59
CA VAL YA 93 -174.48 -9.39 23.90
C VAL YA 93 -175.06 -8.02 24.24
N ALA YA 94 -174.38 -6.95 23.84
CA ALA YA 94 -174.92 -5.62 24.06
C ALA YA 94 -176.22 -5.43 23.27
N ALA YA 95 -176.23 -5.88 22.02
CA ALA YA 95 -177.45 -5.79 21.22
C ALA YA 95 -178.58 -6.61 21.85
N TYR YA 96 -178.27 -7.80 22.33
CA TYR YA 96 -179.30 -8.65 22.93
C TYR YA 96 -179.89 -8.01 24.18
N GLN YA 97 -179.03 -7.47 25.05
CA GLN YA 97 -179.54 -6.88 26.27
C GLN YA 97 -180.36 -5.61 25.97
N GLU YA 98 -179.90 -4.80 25.00
CA GLU YA 98 -180.64 -3.59 24.70
C GLU YA 98 -181.95 -3.88 23.96
N VAL YA 99 -182.03 -5.01 23.26
CA VAL YA 99 -183.30 -5.38 22.63
C VAL YA 99 -184.21 -6.15 23.57
N MET YA 100 -183.67 -6.74 24.64
CA MET YA 100 -184.50 -7.37 25.64
C MET YA 100 -185.05 -6.37 26.64
N SER YA 101 -184.32 -5.29 26.89
CA SER YA 101 -184.78 -4.25 27.80
C SER YA 101 -185.78 -3.30 27.17
N MET YA 102 -186.32 -3.63 26.00
CA MET YA 102 -187.26 -2.74 25.32
C MET YA 102 -188.63 -2.85 25.96
N GLN YA 103 -189.62 -2.18 25.38
CA GLN YA 103 -190.99 -2.24 25.88
C GLN YA 103 -191.99 -2.27 24.74
N ALA ZA 35 -157.24 25.00 53.67
CA ALA ZA 35 -156.64 24.02 52.78
C ALA ZA 35 -155.64 24.67 51.84
N GLY ZA 36 -154.92 25.67 52.34
CA GLY ZA 36 -153.87 26.32 51.60
C GLY ZA 36 -152.53 25.65 51.68
N GLN ZA 37 -152.46 24.48 52.33
CA GLN ZA 37 -151.19 23.79 52.45
C GLN ZA 37 -150.69 23.30 51.09
N LEU ZA 38 -151.59 22.87 50.22
CA LEU ZA 38 -151.19 22.51 48.86
C LEU ZA 38 -150.65 23.73 48.12
N HIS ZA 39 -151.26 24.90 48.34
CA HIS ZA 39 -150.74 26.13 47.77
C HIS ZA 39 -149.33 26.41 48.26
N ALA ZA 40 -149.10 26.25 49.57
CA ALA ZA 40 -147.77 26.47 50.11
C ALA ZA 40 -146.76 25.48 49.53
N ALA ZA 41 -147.15 24.22 49.41
CA ALA ZA 41 -146.24 23.21 48.87
C ALA ZA 41 -145.89 23.49 47.41
N LEU ZA 42 -146.89 23.84 46.60
CA LEU ZA 42 -146.61 24.12 45.20
C LEU ZA 42 -145.75 25.38 45.06
N ASP ZA 43 -145.99 26.40 45.90
CA ASP ZA 43 -145.13 27.56 45.88
C ASP ZA 43 -143.70 27.20 46.24
N ARG ZA 44 -143.53 26.33 47.24
CA ARG ZA 44 -142.18 25.95 47.65
C ARG ZA 44 -141.45 25.18 46.55
N ILE ZA 45 -142.13 24.24 45.90
CA ILE ZA 45 -141.47 23.47 44.85
C ILE ZA 45 -141.16 24.36 43.63
N SER ZA 46 -142.07 25.30 43.33
CA SER ZA 46 -141.80 26.24 42.25
C SER ZA 46 -140.59 27.11 42.59
N ASP ZA 47 -140.48 27.55 43.83
CA ASP ZA 47 -139.32 28.32 44.24
C ASP ZA 47 -138.05 27.49 44.12
N ARG ZA 48 -138.11 26.21 44.48
CA ARG ZA 48 -136.94 25.35 44.37
C ARG ZA 48 -136.48 25.23 42.92
N GLN ZA 49 -137.41 24.93 42.01
CA GLN ZA 49 -137.02 24.77 40.61
C GLN ZA 49 -136.59 26.09 39.99
N ALA ZA 50 -137.19 27.21 40.41
CA ALA ZA 50 -136.74 28.51 39.93
C ALA ZA 50 -135.33 28.80 40.41
N ALA ZA 51 -135.02 28.44 41.66
CA ALA ZA 51 -133.66 28.62 42.15
C ALA ZA 51 -132.67 27.77 41.38
N ALA ZA 52 -133.05 26.53 41.04
CA ALA ZA 52 -132.19 25.69 40.23
C ALA ZA 52 -131.95 26.32 38.86
N ARG ZA 53 -133.00 26.86 38.24
CA ARG ZA 53 -132.84 27.53 36.96
C ARG ZA 53 -131.93 28.75 37.07
N VAL ZA 54 -132.09 29.51 38.15
CA VAL ZA 54 -131.23 30.69 38.34
C VAL ZA 54 -129.78 30.27 38.49
N GLN ZA 55 -129.52 29.20 39.24
CA GLN ZA 55 -128.15 28.72 39.39
C GLN ZA 55 -127.57 28.26 38.06
N ALA ZA 56 -128.38 27.56 37.25
CA ALA ZA 56 -127.92 27.13 35.94
C ALA ZA 56 -127.58 28.33 35.06
N GLU ZA 57 -128.43 29.35 35.08
CA GLU ZA 57 -128.15 30.56 34.31
C GLU ZA 57 -126.87 31.24 34.79
N LYS ZA 58 -126.67 31.29 36.11
CA LYS ZA 58 -125.46 31.91 36.64
C LYS ZA 58 -124.22 31.16 36.20
N PHE ZA 59 -124.30 29.82 36.16
CA PHE ZA 59 -123.16 29.04 35.70
C PHE ZA 59 -122.91 29.26 34.22
N THR ZA 60 -123.96 29.29 33.40
CA THR ZA 60 -123.78 29.53 31.98
C THR ZA 60 -123.30 30.94 31.69
N LEU ZA 61 -123.47 31.86 32.63
CA LEU ZA 61 -122.97 33.22 32.45
C LEU ZA 61 -121.46 33.29 32.38
N GLY ZA 62 -120.76 32.22 32.74
CA GLY ZA 62 -119.31 32.22 32.66
C GLY ZA 62 -118.60 32.93 33.79
N GLU ZA 63 -119.12 32.84 35.02
CA GLU ZA 63 -118.43 33.36 36.19
C GLU ZA 63 -118.29 32.25 37.22
N PRO ZA 64 -117.13 32.16 37.87
CA PRO ZA 64 -116.88 30.99 38.74
C PRO ZA 64 -117.58 31.07 40.07
N GLY ZA 65 -118.67 30.32 40.21
CA GLY ZA 65 -119.30 30.11 41.49
C GLY ZA 65 -119.87 28.71 41.61
N ILE ZA 66 -119.82 27.96 40.51
CA ILE ZA 66 -120.48 26.67 40.41
C ILE ZA 66 -119.48 25.64 39.93
N ALA ZA 67 -119.59 24.42 40.48
CA ALA ZA 67 -118.67 23.35 40.19
C ALA ZA 67 -119.24 22.30 39.23
N LEU ZA 68 -120.32 22.62 38.51
CA LEU ZA 68 -120.92 21.76 37.50
C LEU ZA 68 -121.55 20.51 38.11
N ASN ZA 69 -121.38 20.33 39.42
CA ASN ZA 69 -122.00 19.22 40.14
C ASN ZA 69 -123.20 19.66 40.96
N ASP ZA 70 -123.08 20.80 41.65
CA ASP ZA 70 -124.20 21.33 42.41
C ASP ZA 70 -125.37 21.67 41.49
N VAL ZA 71 -125.08 22.24 40.32
CA VAL ZA 71 -126.13 22.60 39.39
C VAL ZA 71 -126.89 21.36 38.92
N MET ZA 72 -126.16 20.30 38.57
CA MET ZA 72 -126.82 19.09 38.10
C MET ZA 72 -127.61 18.42 39.22
N ALA ZA 73 -127.06 18.37 40.43
CA ALA ZA 73 -127.79 17.79 41.55
C ALA ZA 73 -129.07 18.57 41.83
N ASP ZA 74 -128.99 19.91 41.80
CA ASP ZA 74 -130.18 20.71 42.03
C ASP ZA 74 -131.19 20.52 40.91
N MET ZA 75 -130.73 20.38 39.67
CA MET ZA 75 -131.65 20.12 38.57
C MET ZA 75 -132.39 18.80 38.76
N GLN ZA 76 -131.67 17.76 39.16
CA GLN ZA 76 -132.31 16.47 39.40
C GLN ZA 76 -133.32 16.57 40.54
N LYS ZA 77 -132.94 17.24 41.62
CA LYS ZA 77 -133.86 17.36 42.75
C LYS ZA 77 -135.11 18.14 42.38
N ALA ZA 78 -134.95 19.21 41.59
CA ALA ZA 78 -136.10 19.99 41.15
C ALA ZA 78 -137.01 19.15 40.26
N SER ZA 79 -136.42 18.35 39.37
CA SER ZA 79 -137.23 17.50 38.51
C SER ZA 79 -138.01 16.48 39.33
N VAL ZA 80 -137.36 15.89 40.34
CA VAL ZA 80 -138.05 14.90 41.17
C VAL ZA 80 -139.18 15.55 41.95
N SER ZA 81 -138.93 16.75 42.51
CA SER ZA 81 -139.98 17.43 43.26
C SER ZA 81 -141.16 17.78 42.37
N MET ZA 82 -140.88 18.23 41.14
CA MET ZA 82 -141.96 18.55 40.22
C MET ZA 82 -142.76 17.30 39.84
N GLN ZA 83 -142.06 16.17 39.66
CA GLN ZA 83 -142.76 14.92 39.39
C GLN ZA 83 -143.66 14.52 40.56
N MET ZA 84 -143.16 14.68 41.78
CA MET ZA 84 -143.99 14.40 42.96
C MET ZA 84 -145.21 15.29 42.98
N GLY ZA 85 -145.03 16.57 42.67
CA GLY ZA 85 -146.16 17.49 42.67
C GLY ZA 85 -147.21 17.12 41.63
N ILE ZA 86 -146.79 16.78 40.41
CA ILE ZA 86 -147.77 16.43 39.40
C ILE ZA 86 -148.47 15.11 39.74
N GLN ZA 87 -147.75 14.16 40.34
CA GLN ZA 87 -148.39 12.94 40.79
C GLN ZA 87 -149.43 13.22 41.86
N VAL ZA 88 -149.10 14.11 42.81
CA VAL ZA 88 -150.07 14.50 43.84
C VAL ZA 88 -151.29 15.14 43.19
N ARG ZA 89 -151.08 16.00 42.19
CA ARG ZA 89 -152.19 16.64 41.51
C ARG ZA 89 -153.09 15.59 40.85
N ASN ZA 90 -152.49 14.63 40.17
CA ASN ZA 90 -153.27 13.61 39.49
C ASN ZA 90 -154.09 12.80 40.49
N LYS ZA 91 -153.45 12.41 41.59
CA LYS ZA 91 -154.12 11.61 42.66
C LYS ZA 91 -155.29 12.40 43.24
N LEU ZA 92 -155.07 13.69 43.54
CA LEU ZA 92 -156.10 14.53 44.14
C LEU ZA 92 -157.27 14.76 43.19
N VAL ZA 93 -156.99 15.01 41.91
CA VAL ZA 93 -158.07 15.24 40.97
C VAL ZA 93 -158.85 13.95 40.74
N ALA ZA 94 -158.18 12.79 40.75
CA ALA ZA 94 -158.89 11.53 40.66
C ALA ZA 94 -159.81 11.33 41.86
N ALA ZA 95 -159.33 11.65 43.06
CA ALA ZA 95 -160.16 11.54 44.26
C ALA ZA 95 -161.36 12.48 44.18
N TYR ZA 96 -161.14 13.71 43.71
CA TYR ZA 96 -162.25 14.65 43.55
C TYR ZA 96 -163.27 14.14 42.55
N GLN ZA 97 -162.79 13.57 41.44
CA GLN ZA 97 -163.70 13.00 40.45
C GLN ZA 97 -164.54 11.88 41.06
N GLU ZA 98 -163.89 11.00 41.84
CA GLU ZA 98 -164.62 9.90 42.46
C GLU ZA 98 -165.66 10.42 43.45
N VAL ZA 99 -165.28 11.39 44.29
CA VAL ZA 99 -166.21 11.86 45.31
C VAL ZA 99 -167.35 12.65 44.66
N MET ZA 100 -167.10 13.30 43.53
CA MET ZA 100 -168.18 13.98 42.81
C MET ZA 100 -169.08 12.99 42.09
N SER ZA 101 -168.54 11.84 41.69
CA SER ZA 101 -169.33 10.82 40.99
C SER ZA 101 -170.32 10.10 41.89
N MET ZA 102 -170.53 10.53 43.13
CA MET ZA 102 -171.49 9.86 44.00
C MET ZA 102 -172.90 10.02 43.45
N GLN ZA 103 -173.81 9.16 43.91
CA GLN ZA 103 -175.21 9.17 43.48
C GLN ZA 103 -176.08 9.05 44.73
N VAL ZA 104 -176.55 10.19 45.23
CA VAL ZA 104 -177.40 10.21 46.40
C VAL ZA 104 -178.82 9.78 46.03
N SER AB 33 -167.15 37.40 24.93
CA SER AB 33 -166.08 37.09 24.00
C SER AB 33 -165.46 35.74 24.29
N PHE AB 34 -166.04 34.69 23.71
CA PHE AB 34 -165.57 33.33 23.89
C PHE AB 34 -165.08 32.70 22.59
N ALA AB 35 -165.91 32.72 21.54
CA ALA AB 35 -165.50 32.17 20.25
C ALA AB 35 -164.34 32.97 19.68
N GLY AB 36 -164.35 34.29 19.86
CA GLY AB 36 -163.23 35.11 19.41
C GLY AB 36 -161.93 34.74 20.08
N GLN AB 37 -161.98 34.53 21.41
CA GLN AB 37 -160.78 34.12 22.14
C GLN AB 37 -160.30 32.75 21.68
N LEU AB 38 -161.22 31.81 21.47
CA LEU AB 38 -160.83 30.48 21.00
C LEU AB 38 -160.19 30.55 19.62
N HIS AB 39 -160.77 31.35 18.72
CA HIS AB 39 -160.18 31.50 17.39
C HIS AB 39 -158.82 32.18 17.47
N ALA AB 40 -158.65 33.13 18.38
CA ALA AB 40 -157.34 33.75 18.56
C ALA AB 40 -156.31 32.73 19.03
N ALA AB 41 -156.70 31.84 19.96
CA ALA AB 41 -155.78 30.81 20.43
C ALA AB 41 -155.40 29.87 19.29
N LEU AB 42 -156.39 29.43 18.50
CA LEU AB 42 -156.09 28.57 17.36
C LEU AB 42 -155.20 29.28 16.35
N ASP AB 43 -155.45 30.58 16.15
CA ASP AB 43 -154.64 31.36 15.23
C ASP AB 43 -153.19 31.39 15.68
N ARG AB 44 -152.96 31.63 16.97
CA ARG AB 44 -151.60 31.65 17.49
C ARG AB 44 -150.92 30.29 17.32
N ILE AB 45 -151.65 29.20 17.62
CA ILE AB 45 -151.05 27.87 17.50
C ILE AB 45 -150.67 27.59 16.05
N SER AB 46 -151.60 27.85 15.13
CA SER AB 46 -151.34 27.58 13.72
C SER AB 46 -150.21 28.47 13.19
N ASP AB 47 -150.16 29.72 13.63
CA ASP AB 47 -149.09 30.61 13.20
C ASP AB 47 -147.74 30.12 13.68
N ARG AB 48 -147.66 29.65 14.93
CA ARG AB 48 -146.39 29.11 15.42
C ARG AB 48 -145.97 27.88 14.63
N GLN AB 49 -146.92 26.99 14.35
CA GLN AB 49 -146.58 25.81 13.55
C GLN AB 49 -146.12 26.20 12.16
N ALA AB 50 -146.79 27.17 11.53
CA ALA AB 50 -146.39 27.61 10.20
C ALA AB 50 -145.01 28.26 10.22
N ALA AB 51 -144.71 29.03 11.27
CA ALA AB 51 -143.38 29.62 11.38
C ALA AB 51 -142.31 28.54 11.50
N ALA AB 52 -142.57 27.53 12.32
CA ALA AB 52 -141.61 26.42 12.43
C ALA AB 52 -141.42 25.72 11.10
N ARG AB 53 -142.52 25.46 10.38
CA ARG AB 53 -142.43 24.77 9.11
C ARG AB 53 -141.65 25.59 8.09
N VAL AB 54 -141.92 26.88 7.99
CA VAL AB 54 -141.22 27.69 6.99
C VAL AB 54 -139.75 27.84 7.36
N GLN AB 55 -139.43 27.92 8.65
CA GLN AB 55 -138.03 27.98 9.03
C GLN AB 55 -137.30 26.69 8.67
N ALA AB 56 -137.92 25.54 8.91
CA ALA AB 56 -137.30 24.28 8.54
C ALA AB 56 -137.14 24.18 7.03
N GLU AB 57 -138.15 24.63 6.28
CA GLU AB 57 -138.09 24.58 4.82
C GLU AB 57 -136.97 25.48 4.29
N LYS AB 58 -136.82 26.66 4.88
CA LYS AB 58 -135.73 27.54 4.50
C LYS AB 58 -134.37 26.92 4.82
N PHE AB 59 -134.26 26.23 5.95
CA PHE AB 59 -132.99 25.60 6.31
C PHE AB 59 -132.63 24.48 5.35
N THR AB 60 -133.60 23.60 5.06
CA THR AB 60 -133.28 22.40 4.28
C THR AB 60 -132.92 22.69 2.83
N LEU AB 61 -133.16 23.91 2.35
CA LEU AB 61 -132.81 24.28 0.99
C LEU AB 61 -131.44 24.93 0.89
N GLY AB 62 -130.77 25.16 2.01
CA GLY AB 62 -129.42 25.69 2.00
C GLY AB 62 -129.29 27.18 2.24
N GLU AB 63 -130.37 27.86 2.58
CA GLU AB 63 -130.28 29.29 2.87
C GLU AB 63 -129.44 29.53 4.12
N PRO AB 64 -128.42 30.40 4.05
CA PRO AB 64 -127.60 30.63 5.24
C PRO AB 64 -128.34 31.47 6.27
N GLY AB 65 -127.80 31.44 7.49
CA GLY AB 65 -128.34 32.22 8.59
C GLY AB 65 -129.33 31.49 9.48
N ILE AB 66 -129.64 30.23 9.19
CA ILE AB 66 -130.57 29.44 9.98
C ILE AB 66 -129.77 28.37 10.71
N ALA AB 67 -130.03 28.23 12.01
CA ALA AB 67 -129.27 27.31 12.86
C ALA AB 67 -130.08 26.05 13.13
N LEU AB 68 -129.40 24.91 13.08
CA LEU AB 68 -130.08 23.64 13.30
C LEU AB 68 -130.65 23.54 14.71
N ASN AB 69 -129.88 23.98 15.70
CA ASN AB 69 -130.40 23.99 17.06
C ASN AB 69 -131.60 24.92 17.19
N ASP AB 70 -131.56 26.07 16.52
CA ASP AB 70 -132.67 27.00 16.58
C ASP AB 70 -133.94 26.38 16.00
N VAL AB 71 -133.83 25.73 14.83
CA VAL AB 71 -135.02 25.16 14.21
C VAL AB 71 -135.54 23.99 15.03
N MET AB 72 -134.65 23.19 15.61
CA MET AB 72 -135.10 22.09 16.47
C MET AB 72 -135.83 22.61 17.70
N ALA AB 73 -135.30 23.65 18.33
CA ALA AB 73 -135.95 24.21 19.50
C ALA AB 73 -137.32 24.78 19.14
N ASP AB 74 -137.40 25.47 18.00
CA ASP AB 74 -138.68 26.02 17.59
C ASP AB 74 -139.70 24.93 17.32
N MET AB 75 -139.27 23.84 16.67
CA MET AB 75 -140.19 22.74 16.41
C MET AB 75 -140.67 22.10 17.71
N GLN AB 76 -139.77 21.94 18.68
CA GLN AB 76 -140.17 21.38 19.96
C GLN AB 76 -141.17 22.29 20.68
N LYS AB 77 -140.95 23.61 20.63
CA LYS AB 77 -141.90 24.53 21.24
C LYS AB 77 -143.26 24.45 20.56
N ALA AB 78 -143.27 24.34 19.22
CA ALA AB 78 -144.53 24.20 18.51
C ALA AB 78 -145.26 22.93 18.92
N SER AB 79 -144.51 21.82 19.06
CA SER AB 79 -145.13 20.57 19.48
C SER AB 79 -145.71 20.69 20.88
N VAL AB 80 -144.99 21.34 21.79
CA VAL AB 80 -145.50 21.53 23.15
C VAL AB 80 -146.78 22.36 23.13
N SER AB 81 -146.80 23.42 22.30
CA SER AB 81 -148.01 24.23 22.19
C SER AB 81 -149.19 23.41 21.68
N MET AB 82 -148.94 22.57 20.67
CA MET AB 82 -150.02 21.73 20.14
C MET AB 82 -150.52 20.75 21.20
N GLN AB 83 -149.61 20.19 21.98
CA GLN AB 83 -150.02 19.26 23.03
C GLN AB 83 -150.86 19.97 24.08
N MET AB 84 -150.47 21.19 24.45
CA MET AB 84 -151.28 21.96 25.39
C MET AB 84 -152.67 22.23 24.81
N GLY AB 85 -152.72 22.57 23.53
CA GLY AB 85 -154.00 22.83 22.90
C GLY AB 85 -154.91 21.61 22.89
N ILE AB 86 -154.36 20.44 22.55
CA ILE AB 86 -155.19 19.23 22.51
C ILE AB 86 -155.63 18.84 23.92
N GLN AB 87 -154.76 19.04 24.92
CA GLN AB 87 -155.18 18.79 26.29
C GLN AB 87 -156.35 19.67 26.69
N VAL AB 88 -156.27 20.96 26.35
CA VAL AB 88 -157.36 21.88 26.67
C VAL AB 88 -158.63 21.46 25.96
N ARG AB 89 -158.52 21.06 24.68
CA ARG AB 89 -159.69 20.63 23.93
C ARG AB 89 -160.33 19.42 24.59
N ASN AB 90 -159.51 18.44 24.99
CA ASN AB 90 -160.04 17.24 25.62
C ASN AB 90 -160.76 17.58 26.92
N LYS AB 91 -160.15 18.43 27.74
CA LYS AB 91 -160.78 18.81 29.00
C LYS AB 91 -162.11 19.51 28.75
N LEU AB 92 -162.13 20.45 27.80
CA LEU AB 92 -163.34 21.22 27.53
C LEU AB 92 -164.46 20.33 27.01
N VAL AB 93 -164.14 19.42 26.08
CA VAL AB 93 -165.18 18.57 25.50
C VAL AB 93 -165.69 17.58 26.54
N ALA AB 94 -164.80 17.08 27.41
CA ALA AB 94 -165.25 16.19 28.49
C ALA AB 94 -166.19 16.92 29.43
N ALA AB 95 -165.85 18.17 29.79
CA ALA AB 95 -166.73 18.95 30.65
C ALA AB 95 -168.08 19.20 29.98
N TYR AB 96 -168.07 19.53 28.69
CA TYR AB 96 -169.31 19.76 27.96
C TYR AB 96 -170.18 18.51 27.96
N GLN AB 97 -169.60 17.36 27.64
CA GLN AB 97 -170.37 16.13 27.62
C GLN AB 97 -170.93 15.81 29.00
N GLU AB 98 -170.11 15.97 30.04
CA GLU AB 98 -170.59 15.70 31.39
C GLU AB 98 -171.73 16.62 31.79
N VAL AB 99 -171.66 17.89 31.39
CA VAL AB 99 -172.66 18.86 31.85
C VAL AB 99 -173.92 18.79 31.00
N MET AB 100 -173.85 18.27 29.78
CA MET AB 100 -175.03 18.20 28.93
C MET AB 100 -175.57 16.78 28.78
N SER AB 101 -174.94 15.79 29.41
CA SER AB 101 -175.50 14.45 29.43
C SER AB 101 -176.45 14.22 30.60
N MET AB 102 -176.46 15.10 31.58
CA MET AB 102 -177.34 14.93 32.73
C MET AB 102 -178.78 15.20 32.34
N GLN AB 103 -179.70 14.77 33.20
CA GLN AB 103 -181.13 14.89 32.96
C GLN AB 103 -181.71 15.94 33.91
N VAL AB 104 -182.48 16.87 33.37
CA VAL AB 104 -183.10 17.92 34.16
C VAL AB 104 -184.54 17.53 34.50
N SER BB 33 -174.74 11.99 -1.14
CA SER BB 33 -175.44 11.37 -0.02
C SER BB 33 -174.45 10.75 0.97
N PHE BB 34 -174.97 10.41 2.16
CA PHE BB 34 -174.10 9.86 3.20
C PHE BB 34 -173.50 8.53 2.79
N ALA BB 35 -174.30 7.64 2.20
CA ALA BB 35 -173.78 6.35 1.75
C ALA BB 35 -172.71 6.54 0.68
N GLY BB 36 -172.95 7.44 -0.27
CA GLY BB 36 -171.95 7.69 -1.30
C GLY BB 36 -170.65 8.24 -0.74
N GLN BB 37 -170.75 9.20 0.18
CA GLN BB 37 -169.56 9.76 0.78
C GLN BB 37 -168.78 8.71 1.56
N LEU BB 38 -169.49 7.88 2.33
CA LEU BB 38 -168.82 6.83 3.09
C LEU BB 38 -168.14 5.83 2.17
N HIS BB 39 -168.82 5.43 1.10
CA HIS BB 39 -168.19 4.52 0.14
C HIS BB 39 -166.97 5.13 -0.50
N ALA BB 40 -167.04 6.42 -0.89
CA ALA BB 40 -165.89 7.06 -1.51
C ALA BB 40 -164.71 7.11 -0.54
N ALA BB 41 -164.96 7.50 0.71
CA ALA BB 41 -163.89 7.60 1.68
C ALA BB 41 -163.25 6.24 1.95
N LEU BB 42 -164.07 5.22 2.16
CA LEU BB 42 -163.53 3.89 2.42
C LEU BB 42 -162.76 3.37 1.22
N ASP BB 43 -163.28 3.61 0.01
CA ASP BB 43 -162.58 3.13 -1.17
C ASP BB 43 -161.24 3.82 -1.35
N ARG BB 44 -161.18 5.13 -1.06
CA ARG BB 44 -159.89 5.82 -1.21
C ARG BB 44 -158.91 5.37 -0.14
N ILE BB 45 -159.39 5.10 1.08
CA ILE BB 45 -158.50 4.57 2.11
C ILE BB 45 -157.94 3.21 1.69
N SER BB 46 -158.82 2.34 1.18
CA SER BB 46 -158.39 1.02 0.76
C SER BB 46 -157.41 1.11 -0.41
N ASP BB 47 -157.65 2.03 -1.35
CA ASP BB 47 -156.74 2.19 -2.47
C ASP BB 47 -155.37 2.68 -2.00
N ARG BB 48 -155.34 3.62 -1.06
CA ARG BB 48 -154.06 4.08 -0.53
C ARG BB 48 -153.31 2.94 0.14
N GLN BB 49 -154.00 2.16 0.97
CA GLN BB 49 -153.33 1.06 1.64
C GLN BB 49 -152.84 0.01 0.65
N ALA BB 50 -153.65 -0.30 -0.37
CA ALA BB 50 -153.24 -1.28 -1.37
C ALA BB 50 -152.03 -0.81 -2.16
N ALA BB 51 -152.00 0.49 -2.52
CA ALA BB 51 -150.84 1.01 -3.23
C ALA BB 51 -149.60 0.93 -2.36
N ALA BB 52 -149.72 1.28 -1.08
CA ALA BB 52 -148.56 1.18 -0.19
C ALA BB 52 -148.08 -0.27 -0.08
N ARG BB 53 -149.02 -1.21 0.06
CA ARG BB 53 -148.65 -2.61 0.20
C ARG BB 53 -147.98 -3.13 -1.06
N VAL BB 54 -148.50 -2.78 -2.23
CA VAL BB 54 -147.90 -3.27 -3.46
C VAL BB 54 -146.52 -2.65 -3.69
N GLN BB 55 -146.34 -1.38 -3.30
CA GLN BB 55 -145.01 -0.79 -3.40
C GLN BB 55 -144.02 -1.49 -2.47
N ALA BB 56 -144.46 -1.80 -1.24
CA ALA BB 56 -143.58 -2.52 -0.32
C ALA BB 56 -143.25 -3.91 -0.87
N GLU BB 57 -144.22 -4.59 -1.46
CA GLU BB 57 -143.98 -5.91 -2.03
C GLU BB 57 -143.00 -5.83 -3.19
N LYS BB 58 -143.15 -4.82 -4.05
CA LYS BB 58 -142.19 -4.64 -5.13
C LYS BB 58 -140.79 -4.39 -4.59
N PHE BB 59 -140.67 -3.59 -3.53
CA PHE BB 59 -139.35 -3.36 -2.94
C PHE BB 59 -138.75 -4.65 -2.41
N THR BB 60 -139.52 -5.40 -1.62
CA THR BB 60 -138.98 -6.62 -1.01
C THR BB 60 -138.77 -7.72 -2.04
N LEU BB 61 -139.37 -7.61 -3.22
CA LEU BB 61 -139.09 -8.55 -4.29
C LEU BB 61 -137.75 -8.29 -4.97
N GLY BB 62 -137.09 -7.19 -4.65
CA GLY BB 62 -135.78 -6.88 -5.19
C GLY BB 62 -135.79 -6.06 -6.46
N GLU BB 63 -136.95 -5.75 -7.00
CA GLU BB 63 -137.01 -4.99 -8.26
C GLU BB 63 -136.51 -3.57 -8.01
N PRO BB 64 -135.53 -3.09 -8.78
CA PRO BB 64 -134.96 -1.77 -8.51
C PRO BB 64 -135.93 -0.65 -8.80
N GLY BB 65 -135.80 0.43 -8.01
CA GLY BB 65 -136.64 1.59 -8.19
C GLY BB 65 -137.24 2.12 -6.91
N ILE BB 66 -137.06 1.38 -5.81
CA ILE BB 66 -137.58 1.77 -4.51
C ILE BB 66 -136.41 2.01 -3.57
N ALA BB 67 -136.41 3.18 -2.92
CA ALA BB 67 -135.26 3.64 -2.16
C ALA BB 67 -135.44 3.55 -0.65
N LEU BB 68 -136.50 2.87 -0.19
CA LEU BB 68 -136.86 2.70 1.22
C LEU BB 68 -137.31 4.01 1.86
N ASN BB 69 -137.19 5.14 1.16
CA ASN BB 69 -137.67 6.41 1.65
C ASN BB 69 -139.10 6.70 1.23
N ASP BB 70 -139.68 5.86 0.38
CA ASP BB 70 -141.06 5.98 -0.06
C ASP BB 70 -141.98 4.95 0.56
N VAL BB 71 -141.52 3.71 0.71
CA VAL BB 71 -142.37 2.67 1.28
C VAL BB 71 -142.72 3.00 2.73
N MET BB 72 -141.73 3.40 3.52
CA MET BB 72 -142.00 3.73 4.91
C MET BB 72 -142.92 4.95 5.03
N ALA BB 73 -142.68 5.97 4.22
CA ALA BB 73 -143.54 7.15 4.26
C ALA BB 73 -144.97 6.81 3.88
N ASP BB 74 -145.15 6.00 2.84
CA ASP BB 74 -146.50 5.63 2.42
C ASP BB 74 -147.18 4.76 3.46
N MET BB 75 -146.43 3.86 4.11
CA MET BB 75 -147.03 3.07 5.18
C MET BB 75 -147.47 3.96 6.34
N GLN BB 76 -146.64 4.93 6.70
CA GLN BB 76 -147.02 5.83 7.79
C GLN BB 76 -148.25 6.65 7.43
N LYS BB 77 -148.33 7.13 6.19
CA LYS BB 77 -149.50 7.89 5.77
C LYS BB 77 -150.74 7.00 5.76
N ALA BB 78 -150.60 5.75 5.34
CA ALA BB 78 -151.73 4.83 5.37
C ALA BB 78 -152.19 4.58 6.81
N SER BB 79 -151.24 4.44 7.73
CA SER BB 79 -151.61 4.26 9.14
C SER BB 79 -152.32 5.50 9.67
N VAL BB 80 -151.88 6.69 9.26
CA VAL BB 80 -152.57 7.93 9.65
C VAL BB 80 -154.00 7.93 9.13
N SER BB 81 -154.18 7.51 7.86
CA SER BB 81 -155.52 7.46 7.29
C SER BB 81 -156.40 6.48 8.06
N MET BB 82 -155.86 5.31 8.40
CA MET BB 82 -156.63 4.33 9.16
C MET BB 82 -156.98 4.86 10.54
N GLN BB 83 -156.05 5.56 11.20
CA GLN BB 83 -156.35 6.15 12.50
C GLN BB 83 -157.47 7.18 12.39
N MET BB 84 -157.41 8.02 11.36
CA MET BB 84 -158.49 8.99 11.15
C MET BB 84 -159.82 8.29 10.93
N GLY BB 85 -159.81 7.22 10.14
CA GLY BB 85 -161.04 6.49 9.88
C GLY BB 85 -161.62 5.89 11.15
N ILE BB 86 -160.79 5.27 11.98
CA ILE BB 86 -161.31 4.64 13.18
C ILE BB 86 -161.78 5.69 14.18
N GLN BB 87 -161.10 6.83 14.26
CA GLN BB 87 -161.59 7.90 15.14
C GLN BB 87 -162.95 8.43 14.67
N VAL BB 88 -163.11 8.60 13.35
CA VAL BB 88 -164.39 9.03 12.82
C VAL BB 88 -165.47 8.00 13.12
N ARG BB 89 -165.13 6.71 12.99
CA ARG BB 89 -166.08 5.65 13.29
C ARG BB 89 -166.52 5.71 14.75
N ASN BB 90 -165.56 5.88 15.66
CA ASN BB 90 -165.90 5.94 17.08
C ASN BB 90 -166.81 7.12 17.36
N LYS BB 91 -166.48 8.29 16.81
CA LYS BB 91 -167.29 9.47 17.05
C LYS BB 91 -168.70 9.29 16.49
N LEU BB 92 -168.80 8.72 15.28
CA LEU BB 92 -170.10 8.54 14.65
C LEU BB 92 -170.97 7.56 15.42
N VAL BB 93 -170.40 6.44 15.85
CA VAL BB 93 -171.21 5.45 16.58
C VAL BB 93 -171.59 6.01 17.94
N ALA BB 94 -170.71 6.78 18.58
CA ALA BB 94 -171.08 7.40 19.85
C ALA BB 94 -172.24 8.36 19.68
N ALA BB 95 -172.18 9.20 18.64
CA ALA BB 95 -173.27 10.14 18.39
C ALA BB 95 -174.57 9.41 18.06
N TYR BB 96 -174.48 8.36 17.25
CA TYR BB 96 -175.68 7.61 16.90
C TYR BB 96 -176.29 6.96 18.12
N GLN BB 97 -175.47 6.36 18.99
CA GLN BB 97 -175.99 5.76 20.21
C GLN BB 97 -176.63 6.83 21.10
N GLU BB 98 -175.98 7.99 21.23
CA GLU BB 98 -176.54 9.04 22.07
C GLU BB 98 -177.88 9.52 21.55
N VAL BB 99 -178.02 9.69 20.23
CA VAL BB 99 -179.28 10.19 19.70
C VAL BB 99 -180.33 9.09 19.66
N MET BB 100 -179.92 7.82 19.64
CA MET BB 100 -180.89 6.74 19.58
C MET BB 100 -181.38 6.31 20.96
N SER BB 101 -180.57 6.53 22.00
CA SER BB 101 -180.93 6.13 23.35
C SER BB 101 -181.79 7.16 24.07
N MET BB 102 -182.16 8.26 23.42
CA MET BB 102 -182.96 9.28 24.06
C MET BB 102 -184.34 8.74 24.41
N GLN BB 103 -184.81 9.08 25.61
CA GLN BB 103 -186.08 8.60 26.12
C GLN BB 103 -187.20 9.47 25.56
N VAL BB 104 -187.82 8.98 24.48
CA VAL BB 104 -188.94 9.69 23.87
C VAL BB 104 -190.25 9.05 24.33
N SER CB 33 -175.67 -28.08 46.58
CA SER CB 33 -176.04 -26.91 47.37
C SER CB 33 -175.32 -25.67 46.86
N PHE CB 34 -176.08 -24.65 46.48
CA PHE CB 34 -175.50 -23.42 45.95
C PHE CB 34 -174.61 -22.75 47.00
N ALA CB 35 -175.11 -22.65 48.23
CA ALA CB 35 -174.33 -22.01 49.28
C ALA CB 35 -173.04 -22.78 49.56
N GLY CB 36 -173.12 -24.11 49.62
CA GLY CB 36 -171.93 -24.91 49.85
C GLY CB 36 -170.91 -24.77 48.74
N GLN CB 37 -171.38 -24.79 47.49
CA GLN CB 37 -170.46 -24.63 46.36
C GLN CB 37 -169.82 -23.25 46.37
N LEU CB 38 -170.60 -22.23 46.68
CA LEU CB 38 -170.07 -20.87 46.74
C LEU CB 38 -169.01 -20.75 47.83
N HIS CB 39 -169.29 -21.32 49.01
CA HIS CB 39 -168.31 -21.29 50.09
C HIS CB 39 -167.04 -22.04 49.71
N ALA CB 40 -167.19 -23.18 49.05
CA ALA CB 40 -166.02 -23.95 48.63
C ALA CB 40 -165.15 -23.16 47.66
N ALA CB 41 -165.78 -22.55 46.65
CA ALA CB 41 -165.01 -21.77 45.68
C ALA CB 41 -164.34 -20.58 46.34
N LEU CB 42 -165.06 -19.87 47.23
CA LEU CB 42 -164.49 -18.71 47.87
C LEU CB 42 -163.30 -19.09 48.77
N ASP CB 43 -163.44 -20.15 49.56
CA ASP CB 43 -162.32 -20.54 50.41
C ASP CB 43 -161.14 -21.02 49.57
N ARG CB 44 -161.40 -21.69 48.44
CA ARG CB 44 -160.31 -22.15 47.58
C ARG CB 44 -159.53 -20.96 47.01
N ILE CB 45 -160.24 -19.96 46.49
CA ILE CB 45 -159.54 -18.82 45.91
C ILE CB 45 -158.80 -18.03 47.00
N SER CB 46 -159.44 -17.87 48.17
CA SER CB 46 -158.77 -17.17 49.26
C SER CB 46 -157.52 -17.91 49.70
N ASP CB 47 -157.59 -19.23 49.80
CA ASP CB 47 -156.43 -20.00 50.23
C ASP CB 47 -155.30 -19.92 49.21
N ARG CB 48 -155.62 -20.00 47.91
CA ARG CB 48 -154.57 -19.88 46.91
C ARG CB 48 -153.92 -18.51 46.96
N GLN CB 49 -154.71 -17.45 47.10
CA GLN CB 49 -154.15 -16.11 47.20
C GLN CB 49 -153.27 -15.97 48.43
N ALA CB 50 -153.72 -16.52 49.57
CA ALA CB 50 -152.93 -16.46 50.79
C ALA CB 50 -151.62 -17.22 50.63
N ALA CB 51 -151.66 -18.38 49.96
CA ALA CB 51 -150.43 -19.13 49.73
C ALA CB 51 -149.47 -18.35 48.84
N ALA CB 52 -149.99 -17.68 47.82
CA ALA CB 52 -149.13 -16.85 46.99
C ALA CB 52 -148.49 -15.72 47.78
N ARG CB 53 -149.28 -15.08 48.65
CA ARG CB 53 -148.73 -14.02 49.49
C ARG CB 53 -147.67 -14.55 50.44
N VAL CB 54 -147.90 -15.75 50.99
CA VAL CB 54 -146.91 -16.37 51.87
C VAL CB 54 -145.63 -16.66 51.11
N GLN CB 55 -145.75 -17.11 49.86
CA GLN CB 55 -144.58 -17.36 49.03
C GLN CB 55 -143.80 -16.07 48.80
N ALA CB 56 -144.52 -14.98 48.48
CA ALA CB 56 -143.85 -13.70 48.28
C ALA CB 56 -143.16 -13.23 49.54
N GLU CB 57 -143.82 -13.39 50.69
CA GLU CB 57 -143.19 -13.03 51.96
C GLU CB 57 -141.94 -13.85 52.21
N LYS CB 58 -142.00 -15.15 51.92
CA LYS CB 58 -140.84 -16.01 52.12
C LYS CB 58 -139.68 -15.60 51.23
N PHE CB 59 -139.97 -15.21 49.99
CA PHE CB 59 -138.89 -14.78 49.11
C PHE CB 59 -138.35 -13.40 49.45
N THR CB 60 -139.18 -12.51 50.00
CA THR CB 60 -138.76 -11.11 50.13
C THR CB 60 -137.66 -10.91 51.16
N LEU CB 61 -137.43 -11.87 52.06
CA LEU CB 61 -136.36 -11.75 53.04
C LEU CB 61 -135.22 -12.71 52.74
N GLY CB 62 -135.07 -13.10 51.48
CA GLY CB 62 -133.94 -13.90 51.05
C GLY CB 62 -133.89 -15.32 51.58
N GLU CB 63 -135.03 -16.00 51.64
CA GLU CB 63 -135.01 -17.41 51.98
C GLU CB 63 -134.53 -18.24 50.80
N PRO CB 64 -133.87 -19.36 51.05
CA PRO CB 64 -133.39 -20.21 49.95
C PRO CB 64 -134.49 -21.07 49.35
N GLY CB 65 -134.25 -21.50 48.11
CA GLY CB 65 -135.12 -22.42 47.43
C GLY CB 65 -136.37 -21.82 46.81
N ILE CB 66 -136.44 -20.50 46.66
CA ILE CB 66 -137.59 -19.84 46.08
C ILE CB 66 -137.16 -19.15 44.80
N ALA CB 67 -137.92 -19.40 43.72
CA ALA CB 67 -137.57 -18.90 42.40
C ALA CB 67 -138.41 -17.68 42.06
N LEU CB 68 -137.76 -16.66 41.48
CA LEU CB 68 -138.47 -15.44 41.13
C LEU CB 68 -139.54 -15.69 40.09
N ASN CB 69 -139.26 -16.51 39.08
CA ASN CB 69 -140.27 -16.83 38.09
C ASN CB 69 -141.45 -17.55 38.74
N ASP CB 70 -141.16 -18.43 39.69
CA ASP CB 70 -142.23 -19.15 40.38
C ASP CB 70 -143.11 -18.20 41.18
N VAL CB 71 -142.50 -17.26 41.91
CA VAL CB 71 -143.31 -16.35 42.71
C VAL CB 71 -144.12 -15.41 41.82
N MET CB 72 -143.54 -14.97 40.70
CA MET CB 72 -144.28 -14.14 39.77
C MET CB 72 -145.45 -14.90 39.15
N ALA CB 73 -145.22 -16.17 38.78
CA ALA CB 73 -146.30 -16.97 38.22
C ALA CB 73 -147.42 -17.18 39.24
N ASP CB 74 -147.05 -17.44 40.49
CA ASP CB 74 -148.07 -17.61 41.52
C ASP CB 74 -148.86 -16.32 41.72
N MET CB 75 -148.17 -15.18 41.74
CA MET CB 75 -148.86 -13.91 41.91
C MET CB 75 -149.83 -13.66 40.76
N GLN CB 76 -149.40 -13.94 39.53
CA GLN CB 76 -150.27 -13.74 38.38
C GLN CB 76 -151.47 -14.67 38.41
N LYS CB 77 -151.26 -15.93 38.80
CA LYS CB 77 -152.39 -16.86 38.89
C LYS CB 77 -153.38 -16.43 39.96
N ALA CB 78 -152.89 -15.95 41.10
CA ALA CB 78 -153.80 -15.45 42.13
C ALA CB 78 -154.59 -14.26 41.61
N SER CB 79 -153.92 -13.34 40.90
CA SER CB 79 -154.60 -12.17 40.38
C SER CB 79 -155.68 -12.56 39.37
N VAL CB 80 -155.37 -13.52 38.49
CA VAL CB 80 -156.36 -13.90 37.48
C VAL CB 80 -157.51 -14.66 38.12
N SER CB 81 -157.26 -15.44 39.18
CA SER CB 81 -158.35 -16.07 39.89
C SER CB 81 -159.26 -15.03 40.55
N MET CB 82 -158.66 -14.00 41.14
CA MET CB 82 -159.45 -12.92 41.72
C MET CB 82 -160.28 -12.21 40.65
N GLN CB 83 -159.68 -11.98 39.48
CA GLN CB 83 -160.41 -11.33 38.39
C GLN CB 83 -161.60 -12.17 37.95
N MET CB 84 -161.39 -13.48 37.81
CA MET CB 84 -162.51 -14.35 37.42
C MET CB 84 -163.60 -14.33 38.48
N GLY CB 85 -163.21 -14.36 39.75
CA GLY CB 85 -164.21 -14.33 40.81
C GLY CB 85 -165.03 -13.06 40.82
N ILE CB 86 -164.36 -11.91 40.69
CA ILE CB 86 -165.11 -10.66 40.70
C ILE CB 86 -165.98 -10.54 39.47
N GLN CB 87 -165.51 -11.04 38.32
CA GLN CB 87 -166.33 -11.00 37.11
C GLN CB 87 -167.59 -11.85 37.27
N VAL CB 88 -167.45 -13.07 37.77
CA VAL CB 88 -168.63 -13.91 37.92
C VAL CB 88 -169.57 -13.35 38.97
N ARG CB 89 -169.02 -12.73 40.02
CA ARG CB 89 -169.86 -12.11 41.04
C ARG CB 89 -170.67 -10.96 40.43
N ASN CB 90 -170.01 -10.10 39.65
CA ASN CB 90 -170.72 -8.99 39.03
C ASN CB 90 -171.81 -9.48 38.09
N LYS CB 91 -171.49 -10.49 37.27
CA LYS CB 91 -172.48 -11.02 36.35
C LYS CB 91 -173.67 -11.61 37.10
N LEU CB 92 -173.41 -12.37 38.16
CA LEU CB 92 -174.49 -13.01 38.90
C LEU CB 92 -175.35 -11.98 39.62
N VAL CB 93 -174.74 -10.96 40.22
CA VAL CB 93 -175.55 -9.95 40.91
C VAL CB 93 -176.36 -9.14 39.92
N ALA CB 94 -175.80 -8.87 38.74
CA ALA CB 94 -176.57 -8.17 37.71
C ALA CB 94 -177.76 -9.01 37.27
N ALA CB 95 -177.56 -10.32 37.07
CA ALA CB 95 -178.66 -11.19 36.68
C ALA CB 95 -179.74 -11.24 37.77
N TYR CB 96 -179.32 -11.32 39.03
CA TYR CB 96 -180.27 -11.35 40.14
C TYR CB 96 -181.06 -10.05 40.20
N GLN CB 97 -180.39 -8.92 40.02
CA GLN CB 97 -181.09 -7.64 40.01
C GLN CB 97 -182.08 -7.57 38.87
N GLU CB 98 -181.69 -8.04 37.68
CA GLU CB 98 -182.60 -8.02 36.55
C GLU CB 98 -183.83 -8.89 36.80
N VAL CB 99 -183.64 -10.08 37.37
CA VAL CB 99 -184.77 -10.97 37.59
C VAL CB 99 -185.66 -10.48 38.73
N MET CB 100 -185.10 -9.81 39.73
CA MET CB 100 -185.88 -9.36 40.86
C MET CB 100 -186.40 -7.93 40.70
N SER CB 101 -186.06 -7.26 39.60
CA SER CB 101 -186.54 -5.90 39.38
C SER CB 101 -187.48 -5.85 38.18
N MET CB 102 -188.36 -6.84 38.07
CA MET CB 102 -189.36 -6.88 37.01
C MET CB 102 -190.74 -6.65 37.61
N GLN CB 103 -191.75 -6.60 36.75
CA GLN CB 103 -193.11 -6.37 37.18
C GLN CB 103 -193.89 -7.68 37.21
N VAL CB 104 -194.58 -7.92 38.32
CA VAL CB 104 -195.39 -9.12 38.46
C VAL CB 104 -196.87 -8.77 38.28
N ILE DB 66 -139.14 12.31 56.47
CA ILE DB 66 -140.19 11.43 55.96
C ILE DB 66 -139.68 10.72 54.71
N ALA DB 67 -140.34 9.64 54.33
CA ALA DB 67 -139.89 8.78 53.25
C ALA DB 67 -140.86 8.81 52.08
N LEU DB 68 -140.29 8.75 50.86
CA LEU DB 68 -141.11 8.75 49.65
C LEU DB 68 -141.97 7.50 49.58
N ASN DB 69 -141.41 6.34 49.93
CA ASN DB 69 -142.21 5.13 49.96
C ASN DB 69 -143.33 5.25 50.98
N ASP DB 70 -143.05 5.87 52.12
CA ASP DB 70 -144.08 6.07 53.14
C ASP DB 70 -145.20 6.95 52.64
N VAL DB 71 -144.87 8.05 51.95
CA VAL DB 71 -145.92 8.95 51.49
C VAL DB 71 -146.72 8.29 50.37
N MET DB 72 -146.07 7.52 49.51
CA MET DB 72 -146.81 6.79 48.48
C MET DB 72 -147.76 5.77 49.10
N ALA DB 73 -147.29 5.04 50.12
CA ALA DB 73 -148.16 4.09 50.80
C ALA DB 73 -149.32 4.80 51.48
N ASP DB 74 -149.07 5.97 52.07
CA ASP DB 74 -150.16 6.73 52.69
C ASP DB 74 -151.19 7.16 51.65
N MET DB 75 -150.74 7.61 50.48
CA MET DB 75 -151.67 7.98 49.43
C MET DB 75 -152.50 6.78 48.99
N GLN DB 76 -151.85 5.62 48.86
CA GLN DB 76 -152.57 4.41 48.48
C GLN DB 76 -153.62 4.05 49.53
N LYS DB 77 -153.25 4.15 50.81
CA LYS DB 77 -154.20 3.84 51.88
C LYS DB 77 -155.39 4.78 51.83
N ALA DB 78 -155.14 6.07 51.65
CA ALA DB 78 -156.22 7.04 51.57
C ALA DB 78 -157.15 6.74 50.40
N SER DB 79 -156.57 6.40 49.24
CA SER DB 79 -157.38 6.10 48.08
C SER DB 79 -158.24 4.87 48.31
N VAL DB 80 -157.65 3.81 48.89
CA VAL DB 80 -158.40 2.58 49.12
C VAL DB 80 -159.54 2.82 50.12
N SER DB 81 -159.24 3.53 51.20
CA SER DB 81 -160.29 3.83 52.18
C SER DB 81 -161.40 4.68 51.58
N MET DB 82 -161.04 5.66 50.75
CA MET DB 82 -162.06 6.48 50.09
C MET DB 82 -162.93 5.64 49.19
N GLN DB 83 -162.31 4.72 48.44
CA GLN DB 83 -163.09 3.83 47.58
C GLN DB 83 -164.05 2.98 48.40
N MET DB 84 -163.56 2.41 49.50
CA MET DB 84 -164.40 1.56 50.34
C MET DB 84 -165.59 2.33 50.88
N GLY DB 85 -165.33 3.51 51.45
CA GLY DB 85 -166.41 4.31 52.00
C GLY DB 85 -167.42 4.73 50.95
N ILE DB 86 -166.94 5.16 49.79
CA ILE DB 86 -167.85 5.60 48.73
C ILE DB 86 -168.71 4.42 48.25
N GLN DB 87 -168.11 3.25 48.07
CA GLN DB 87 -168.87 2.10 47.62
C GLN DB 87 -169.92 1.69 48.64
N VAL DB 88 -169.55 1.66 49.92
CA VAL DB 88 -170.51 1.29 50.96
C VAL DB 88 -171.66 2.28 50.99
N ARG DB 89 -171.35 3.57 50.95
CA ARG DB 89 -172.41 4.59 50.99
C ARG DB 89 -173.31 4.49 49.78
N ASN DB 90 -172.74 4.28 48.60
CA ASN DB 90 -173.55 4.17 47.39
C ASN DB 90 -174.46 2.96 47.43
N LYS DB 91 -173.94 1.81 47.89
CA LYS DB 91 -174.77 0.63 48.02
C LYS DB 91 -175.92 0.88 49.00
N LEU DB 92 -175.62 1.48 50.15
CA LEU DB 92 -176.65 1.72 51.16
C LEU DB 92 -177.72 2.67 50.64
N VAL DB 93 -177.30 3.76 49.98
CA VAL DB 93 -178.27 4.73 49.50
C VAL DB 93 -179.09 4.16 48.34
N ALA DB 94 -178.48 3.32 47.50
CA ALA DB 94 -179.25 2.66 46.46
C ALA DB 94 -180.29 1.73 47.04
N ALA DB 95 -179.93 0.98 48.08
CA ALA DB 95 -180.90 0.11 48.73
C ALA DB 95 -182.04 0.93 49.35
N TYR DB 96 -181.70 2.04 50.01
CA TYR DB 96 -182.73 2.87 50.60
C TYR DB 96 -183.65 3.47 49.53
N GLN DB 97 -183.07 3.90 48.41
CA GLN DB 97 -183.89 4.44 47.33
C GLN DB 97 -184.81 3.39 46.75
N GLU DB 98 -184.32 2.16 46.60
CA GLU DB 98 -185.17 1.08 46.12
C GLU DB 98 -186.31 0.82 47.10
N VAL DB 99 -186.01 0.83 48.40
CA VAL DB 99 -187.05 0.62 49.41
C VAL DB 99 -188.10 1.72 49.33
N MET DB 100 -187.66 2.97 49.18
CA MET DB 100 -188.61 4.08 49.07
C MET DB 100 -189.46 3.95 47.81
N SER DB 101 -188.84 3.57 46.69
CA SER DB 101 -189.57 3.45 45.44
C SER DB 101 -190.62 2.34 45.51
N MET DB 102 -190.26 1.20 46.09
CA MET DB 102 -191.22 0.10 46.20
C MET DB 102 -192.26 0.42 47.27
N GLN DB 103 -193.50 0.03 46.99
CA GLN DB 103 -194.59 0.28 47.92
C GLN DB 103 -194.57 -0.74 49.05
N SER EB 2 10.99 -27.18 -3.09
CA SER EB 2 12.12 -26.58 -3.79
C SER EB 2 13.06 -25.87 -2.83
N PHE EB 3 12.53 -25.48 -1.67
CA PHE EB 3 13.34 -24.76 -0.70
C PHE EB 3 14.34 -25.70 -0.03
N SER EB 4 13.93 -26.92 0.32
CA SER EB 4 14.82 -27.84 1.00
C SER EB 4 15.95 -28.29 0.08
N GLN EB 5 15.68 -28.42 -1.22
CA GLN EB 5 16.73 -28.82 -2.15
C GLN EB 5 17.85 -27.80 -2.20
N ALA EB 6 17.50 -26.50 -2.23
CA ALA EB 6 18.53 -25.47 -2.29
C ALA EB 6 19.36 -25.45 -1.00
N VAL EB 7 18.70 -25.62 0.15
CA VAL EB 7 19.44 -25.62 1.42
C VAL EB 7 20.41 -26.77 1.48
N SER EB 8 19.97 -27.97 1.08
CA SER EB 8 20.85 -29.13 1.09
C SER EB 8 22.03 -28.94 0.15
N GLY EB 9 21.76 -28.39 -1.04
CA GLY EB 9 22.85 -28.06 -1.94
C GLY EB 9 23.76 -26.98 -1.40
N LEU EB 10 23.19 -26.02 -0.66
CA LEU EB 10 23.98 -24.93 -0.11
C LEU EB 10 25.03 -25.46 0.86
N ASN EB 11 24.64 -26.39 1.74
CA ASN EB 11 25.60 -26.98 2.66
C ASN EB 11 26.66 -27.79 1.92
N ALA EB 12 26.31 -28.38 0.79
CA ALA EB 12 27.29 -29.12 0.01
C ALA EB 12 28.40 -28.20 -0.49
N ALA EB 13 28.05 -27.02 -0.99
CA ALA EB 13 29.07 -26.08 -1.43
C ALA EB 13 29.89 -25.56 -0.26
N ALA EB 14 29.24 -25.35 0.88
CA ALA EB 14 29.99 -24.91 2.07
C ALA EB 14 30.99 -25.95 2.51
N THR EB 15 30.61 -27.23 2.48
CA THR EB 15 31.53 -28.30 2.85
C THR EB 15 32.72 -28.34 1.89
N ASN EB 16 32.46 -28.17 0.60
CA ASN EB 16 33.55 -28.20 -0.38
C ASN EB 16 34.54 -27.08 -0.12
N LEU EB 17 34.05 -25.87 0.13
CA LEU EB 17 34.94 -24.76 0.45
C LEU EB 17 35.61 -24.95 1.80
N ASP EB 18 34.95 -25.65 2.72
CA ASP EB 18 35.55 -25.93 4.01
C ASP EB 18 36.81 -26.79 3.86
N VAL EB 19 36.74 -27.81 3.01
CA VAL EB 19 37.90 -28.67 2.78
C VAL EB 19 39.04 -27.89 2.13
N ILE EB 20 38.70 -27.05 1.15
CA ILE EB 20 39.73 -26.25 0.48
C ILE EB 20 40.42 -25.33 1.46
N GLY EB 21 39.64 -24.69 2.34
CA GLY EB 21 40.24 -23.84 3.35
C GLY EB 21 41.17 -24.61 4.28
N ASN EB 22 40.79 -25.83 4.62
CA ASN EB 22 41.64 -26.64 5.49
C ASN EB 22 42.92 -27.06 4.78
N ASN EB 23 42.83 -27.50 3.53
CA ASN EB 23 44.02 -27.96 2.81
C ASN EB 23 45.00 -26.82 2.60
N ILE EB 24 44.51 -25.64 2.22
CA ILE EB 24 45.42 -24.53 1.97
C ILE EB 24 46.04 -24.05 3.27
N ALA EB 25 45.34 -24.20 4.40
CA ALA EB 25 45.91 -23.81 5.69
C ALA EB 25 46.94 -24.82 6.17
N ASN EB 26 46.70 -26.11 5.93
CA ASN EB 26 47.61 -27.16 6.36
C ASN EB 26 48.86 -27.25 5.51
N SER EB 27 49.07 -26.31 4.57
CA SER EB 27 50.27 -26.36 3.74
C SER EB 27 51.51 -26.18 4.61
N ALA EB 28 52.62 -26.75 4.13
CA ALA EB 28 53.92 -26.81 4.79
C ALA EB 28 53.95 -27.78 5.95
N THR EB 29 52.83 -28.40 6.30
CA THR EB 29 52.86 -29.47 7.29
C THR EB 29 53.55 -30.69 6.69
N TYR EB 30 54.34 -31.39 7.50
CA TYR EB 30 55.18 -32.46 6.97
C TYR EB 30 54.40 -33.74 6.75
N GLY EB 31 53.82 -34.30 7.81
CA GLY EB 31 53.08 -35.53 7.67
C GLY EB 31 51.62 -35.30 7.33
N PHE EB 32 51.36 -34.64 6.21
CA PHE EB 32 50.00 -34.26 5.84
C PHE EB 32 49.67 -34.79 4.46
N LYS EB 33 48.40 -35.10 4.25
CA LYS EB 33 47.89 -35.59 2.98
C LYS EB 33 46.68 -34.76 2.58
N SER EB 34 46.64 -34.32 1.33
CA SER EB 34 45.55 -33.49 0.86
C SER EB 34 44.24 -34.28 0.85
N GLY EB 35 43.17 -33.63 1.31
CA GLY EB 35 41.86 -34.26 1.39
C GLY EB 35 40.91 -33.65 0.38
N THR EB 36 40.00 -34.49 -0.13
CA THR EB 36 38.98 -34.07 -1.06
C THR EB 36 37.64 -34.65 -0.65
N ALA EB 37 36.57 -34.00 -1.08
CA ALA EB 37 35.21 -34.41 -0.76
C ALA EB 37 34.50 -34.89 -2.02
N SER EB 38 33.76 -35.98 -1.89
CA SER EB 38 32.99 -36.54 -3.00
C SER EB 38 31.53 -36.62 -2.59
N PHE EB 39 30.65 -36.06 -3.41
CA PHE EB 39 29.24 -35.98 -3.09
C PHE EB 39 28.46 -37.11 -3.76
N ALA EB 40 27.16 -37.13 -3.51
CA ALA EB 40 26.27 -38.12 -4.11
C ALA EB 40 24.85 -37.59 -4.05
N ASP EB 41 24.12 -37.74 -5.15
CA ASP EB 41 22.74 -37.27 -5.20
C ASP EB 41 21.82 -38.24 -4.46
N MET EB 42 20.54 -37.90 -4.41
CA MET EB 42 19.56 -38.76 -3.76
C MET EB 42 18.18 -38.47 -4.34
N PHE EB 43 17.41 -39.53 -4.58
CA PHE EB 43 16.04 -39.44 -5.04
C PHE EB 43 15.15 -40.33 -4.20
N ALA EB 44 13.91 -39.92 -4.01
CA ALA EB 44 12.96 -40.77 -3.32
C ALA EB 44 12.43 -41.85 -4.25
N GLY EB 45 11.73 -41.45 -5.31
CA GLY EB 45 11.33 -42.36 -6.36
C GLY EB 45 11.96 -41.97 -7.68
N SER EB 46 11.12 -41.47 -8.60
CA SER EB 46 11.59 -40.85 -9.82
C SER EB 46 10.93 -39.50 -9.98
N LYS EB 47 11.62 -38.59 -10.65
CA LYS EB 47 11.14 -37.23 -10.91
C LYS EB 47 10.98 -36.42 -9.63
N VAL EB 48 11.48 -36.90 -8.50
CA VAL EB 48 11.33 -36.24 -7.21
C VAL EB 48 12.72 -36.11 -6.60
N GLY EB 49 13.36 -34.96 -6.82
CA GLY EB 49 14.67 -34.74 -6.24
C GLY EB 49 14.60 -34.48 -4.75
N LEU EB 50 15.74 -34.70 -4.09
CA LEU EB 50 15.81 -34.48 -2.65
C LEU EB 50 17.13 -33.82 -2.23
N GLY EB 51 17.83 -33.18 -3.16
CA GLY EB 51 19.07 -32.52 -2.82
C GLY EB 51 20.28 -33.42 -2.97
N VAL EB 52 21.38 -32.98 -2.38
CA VAL EB 52 22.65 -33.69 -2.47
C VAL EB 52 23.18 -33.94 -1.06
N LYS EB 53 23.68 -35.14 -0.84
CA LYS EB 53 24.21 -35.55 0.45
C LYS EB 53 25.70 -35.77 0.35
N VAL EB 54 26.45 -35.29 1.35
CA VAL EB 54 27.88 -35.51 1.38
C VAL EB 54 28.15 -36.99 1.66
N ALA EB 55 28.91 -37.62 0.76
CA ALA EB 55 29.13 -39.06 0.82
C ALA EB 55 30.48 -39.41 1.44
N GLY EB 56 30.96 -38.61 2.39
CA GLY EB 56 32.20 -38.90 3.06
C GLY EB 56 33.42 -38.40 2.31
N ILE EB 57 34.35 -37.78 3.03
CA ILE EB 57 35.55 -37.26 2.39
C ILE EB 57 36.61 -38.35 2.30
N THR EB 58 37.60 -38.11 1.46
CA THR EB 58 38.72 -39.04 1.28
C THR EB 58 40.01 -38.24 1.17
N GLN EB 59 41.10 -38.89 1.53
CA GLN EB 59 42.42 -38.27 1.49
C GLN EB 59 43.28 -38.95 0.44
N ASP EB 60 43.95 -38.14 -0.38
CA ASP EB 60 44.91 -38.68 -1.33
C ASP EB 60 46.20 -39.05 -0.60
N PHE EB 61 46.64 -40.29 -0.76
CA PHE EB 61 47.81 -40.80 -0.06
C PHE EB 61 49.03 -40.91 -0.95
N THR EB 62 49.09 -40.15 -2.04
CA THR EB 62 50.27 -40.14 -2.88
C THR EB 62 51.47 -39.58 -2.12
N ASP EB 63 52.64 -40.13 -2.41
CA ASP EB 63 53.85 -39.73 -1.70
C ASP EB 63 54.19 -38.27 -1.99
N GLY EB 64 54.67 -37.57 -0.97
CA GLY EB 64 55.13 -36.21 -1.11
C GLY EB 64 56.57 -36.15 -1.58
N THR EB 65 57.12 -34.94 -1.57
CA THR EB 65 58.49 -34.70 -1.99
C THR EB 65 59.41 -34.66 -0.78
N THR EB 66 60.48 -35.45 -0.84
CA THR EB 66 61.43 -35.50 0.27
C THR EB 66 62.34 -34.28 0.25
N THR EB 67 62.60 -33.74 1.44
CA THR EB 67 63.45 -32.57 1.59
C THR EB 67 64.62 -32.90 2.51
N ASN EB 68 65.82 -32.48 2.10
CA ASN EB 68 67.03 -32.75 2.88
C ASN EB 68 67.10 -31.76 4.04
N THR EB 69 66.33 -32.06 5.08
CA THR EB 69 66.36 -31.22 6.28
C THR EB 69 67.73 -31.25 6.95
N GLY EB 70 68.33 -32.44 7.02
CA GLY EB 70 69.56 -32.61 7.77
C GLY EB 70 69.31 -33.40 9.02
N ARG EB 71 69.96 -33.01 10.13
CA ARG EB 71 69.78 -33.65 11.43
C ARG EB 71 70.11 -35.14 11.38
N GLY EB 72 69.85 -35.84 12.48
CA GLY EB 72 70.06 -37.28 12.52
C GLY EB 72 68.78 -38.04 12.81
N LEU EB 73 67.89 -37.43 13.56
CA LEU EB 73 66.63 -38.06 13.96
C LEU EB 73 65.47 -37.58 13.09
N ASP EB 74 65.56 -37.92 11.81
CA ASP EB 74 64.47 -37.64 10.88
C ASP EB 74 64.56 -38.64 9.73
N VAL EB 75 63.43 -39.27 9.41
CA VAL EB 75 63.38 -40.27 8.36
C VAL EB 75 62.17 -40.02 7.48
N ALA EB 76 62.23 -40.54 6.25
CA ALA EB 76 61.14 -40.41 5.30
C ALA EB 76 60.93 -41.75 4.62
N ILE EB 77 59.70 -41.99 4.19
CA ILE EB 77 59.31 -43.25 3.56
C ILE EB 77 59.02 -42.96 2.09
N SER EB 78 59.73 -43.63 1.20
CA SER EB 78 59.61 -43.38 -0.23
C SER EB 78 58.42 -44.09 -0.87
N GLN EB 79 57.78 -45.01 -0.15
CA GLN EB 79 56.64 -45.75 -0.69
C GLN EB 79 55.59 -45.84 0.40
N ASN EB 80 54.61 -46.71 0.20
CA ASN EB 80 53.56 -46.89 1.20
C ASN EB 80 54.14 -47.45 2.49
N GLY EB 81 53.63 -46.96 3.61
CA GLY EB 81 54.11 -47.38 4.92
C GLY EB 81 53.83 -46.34 5.98
N PHE EB 82 53.47 -46.79 7.19
CA PHE EB 82 53.14 -45.91 8.29
C PHE EB 82 53.92 -46.31 9.52
N PHE EB 83 54.47 -45.33 10.23
CA PHE EB 83 55.11 -45.60 11.50
C PHE EB 83 54.06 -45.97 12.55
N ARG EB 84 54.48 -46.77 13.52
CA ARG EB 84 53.58 -47.25 14.56
C ARG EB 84 53.82 -46.47 15.84
N LEU EB 85 52.77 -45.87 16.40
CA LEU EB 85 52.87 -45.03 17.58
C LEU EB 85 51.84 -45.47 18.61
N VAL EB 86 52.19 -45.30 19.88
CA VAL EB 86 51.29 -45.63 20.98
C VAL EB 86 51.22 -44.44 21.93
N ASP EB 87 50.10 -44.35 22.65
CA ASP EB 87 49.90 -43.31 23.64
C ASP EB 87 50.25 -43.86 25.02
N SER EB 88 50.03 -43.04 26.05
CA SER EB 88 50.18 -43.52 27.42
C SER EB 88 49.11 -44.54 27.77
N ASN EB 89 47.91 -44.38 27.21
CA ASN EB 89 46.80 -45.29 27.51
C ASN EB 89 46.99 -46.68 26.92
N GLY EB 90 47.93 -46.85 25.99
CA GLY EB 90 48.19 -48.13 25.37
C GLY EB 90 47.61 -48.30 23.99
N SER EB 91 46.73 -47.40 23.55
CA SER EB 91 46.19 -47.48 22.20
C SER EB 91 47.29 -47.23 21.18
N VAL EB 92 47.11 -47.80 19.99
CA VAL EB 92 48.13 -47.79 18.94
C VAL EB 92 47.67 -46.88 17.82
N PHE EB 93 48.55 -45.95 17.43
CA PHE EB 93 48.28 -45.01 16.36
C PHE EB 93 49.31 -45.17 15.25
N TYR EB 94 48.94 -44.70 14.06
CA TYR EB 94 49.79 -44.75 12.88
C TYR EB 94 49.93 -43.37 12.29
N SER EB 95 51.14 -43.04 11.84
CA SER EB 95 51.42 -41.70 11.32
C SER EB 95 52.51 -41.80 10.27
N ARG EB 96 52.94 -40.63 9.77
CA ARG EB 96 54.03 -40.54 8.81
C ARG EB 96 55.02 -39.45 9.15
N ASN EB 97 54.96 -38.89 10.36
CA ASN EB 97 55.90 -37.84 10.74
C ASN EB 97 57.31 -38.40 10.89
N GLY EB 98 58.26 -37.77 10.21
CA GLY EB 98 59.65 -38.14 10.37
C GLY EB 98 60.36 -37.51 11.54
N GLN EB 99 59.76 -36.49 12.16
CA GLN EB 99 60.39 -35.79 13.28
C GLN EB 99 60.41 -36.69 14.50
N PHE EB 100 61.60 -37.05 14.96
CA PHE EB 100 61.77 -37.85 16.15
C PHE EB 100 62.74 -37.17 17.10
N LYS EB 101 62.47 -37.32 18.40
CA LYS EB 101 63.30 -36.72 19.43
C LYS EB 101 63.32 -37.64 20.64
N LEU EB 102 64.37 -37.52 21.44
CA LEU EB 102 64.41 -38.23 22.70
C LEU EB 102 63.64 -37.45 23.76
N ASP EB 103 63.59 -38.00 24.96
CA ASP EB 103 62.96 -37.35 26.10
C ASP EB 103 63.81 -37.61 27.32
N GLU EB 104 63.28 -37.27 28.49
CA GLU EB 104 64.00 -37.51 29.74
C GLU EB 104 64.19 -39.01 29.98
N ASN EB 105 63.33 -39.84 29.41
CA ASN EB 105 63.41 -41.28 29.58
C ASN EB 105 64.22 -41.96 28.47
N ARG EB 106 64.84 -41.17 27.59
CA ARG EB 106 65.70 -41.70 26.53
C ARG EB 106 64.93 -42.62 25.58
N ASN EB 107 63.73 -42.19 25.19
CA ASN EB 107 62.91 -42.95 24.26
C ASN EB 107 62.68 -42.16 22.98
N LEU EB 108 62.54 -42.87 21.87
CA LEU EB 108 62.26 -42.24 20.59
C LEU EB 108 60.80 -41.80 20.59
N VAL EB 109 60.56 -40.49 20.62
CA VAL EB 109 59.23 -39.93 20.74
C VAL EB 109 59.03 -38.94 19.60
N ASN EB 110 57.78 -38.85 19.13
CA ASN EB 110 57.45 -37.84 18.13
C ASN EB 110 57.49 -36.45 18.76
N MET EB 111 57.27 -35.44 17.94
CA MET EB 111 57.35 -34.06 18.42
C MET EB 111 56.24 -33.71 19.38
N GLN EB 112 55.14 -34.47 19.40
CA GLN EB 112 54.01 -34.15 20.26
C GLN EB 112 53.99 -34.93 21.57
N GLY EB 113 54.66 -36.08 21.64
CA GLY EB 113 54.73 -36.80 22.90
C GLY EB 113 54.22 -38.22 22.86
N MET EB 114 54.23 -38.85 21.69
CA MET EB 114 53.82 -40.24 21.53
C MET EB 114 55.05 -41.11 21.27
N GLN EB 115 55.17 -42.18 22.06
CA GLN EB 115 56.34 -43.06 21.94
C GLN EB 115 56.31 -43.82 20.62
N LEU EB 116 57.49 -44.10 20.10
CA LEU EB 116 57.65 -44.92 18.91
C LEU EB 116 57.85 -46.37 19.30
N THR EB 117 57.22 -47.28 18.56
CA THR EB 117 57.28 -48.70 18.83
C THR EB 117 57.99 -49.43 17.69
N GLY EB 118 58.61 -50.54 18.03
CA GLY EB 118 59.33 -51.32 17.05
C GLY EB 118 59.70 -52.68 17.57
N TYR EB 119 60.48 -53.40 16.78
CA TYR EB 119 60.94 -54.73 17.18
C TYR EB 119 61.94 -54.58 18.33
N PRO EB 120 61.72 -55.25 19.45
CA PRO EB 120 62.70 -55.19 20.54
C PRO EB 120 63.97 -55.96 20.19
N ALA EB 121 65.07 -55.53 20.79
CA ALA EB 121 66.37 -56.19 20.64
C ALA EB 121 66.71 -56.87 21.96
N THR EB 122 66.86 -58.19 21.92
CA THR EB 122 67.13 -58.97 23.12
C THR EB 122 68.23 -59.98 22.82
N GLY EB 123 68.89 -60.42 23.88
CA GLY EB 123 69.92 -61.45 23.79
C GLY EB 123 71.29 -60.92 24.16
N THR EB 124 72.24 -61.84 24.19
CA THR EB 124 73.64 -61.54 24.47
C THR EB 124 74.50 -62.29 23.46
N PRO EB 125 74.98 -61.61 22.40
CA PRO EB 125 74.75 -60.20 22.10
C PRO EB 125 73.34 -59.91 21.62
N PRO EB 126 72.84 -58.70 21.89
CA PRO EB 126 71.48 -58.36 21.43
C PRO EB 126 71.36 -58.44 19.92
N THR EB 127 70.19 -58.89 19.46
CA THR EB 127 69.92 -58.99 18.04
C THR EB 127 68.45 -58.70 17.80
N ILE EB 128 68.13 -58.33 16.57
CA ILE EB 128 66.77 -58.01 16.20
C ILE EB 128 65.96 -59.30 16.10
N GLN EB 129 64.67 -59.20 16.43
CA GLN EB 129 63.75 -60.33 16.36
C GLN EB 129 62.55 -59.91 15.53
N GLN EB 130 62.26 -60.68 14.48
CA GLN EB 130 61.10 -60.43 13.64
C GLN EB 130 59.89 -61.26 14.04
N GLY EB 131 59.98 -61.98 15.16
CA GLY EB 131 58.85 -62.75 15.65
C GLY EB 131 58.33 -62.23 16.98
N ALA EB 132 58.85 -61.08 17.40
CA ALA EB 132 58.45 -60.47 18.66
C ALA EB 132 57.43 -59.37 18.43
N ASN EB 133 56.57 -59.17 19.43
CA ASN EB 133 55.55 -58.14 19.34
C ASN EB 133 56.20 -56.75 19.36
N PRO EB 134 55.55 -55.75 18.78
CA PRO EB 134 56.10 -54.40 18.80
C PRO EB 134 56.27 -53.89 20.22
N ALA EB 135 57.38 -53.19 20.45
CA ALA EB 135 57.70 -52.64 21.75
C ALA EB 135 58.30 -51.26 21.57
N PRO EB 136 58.19 -50.39 22.58
CA PRO EB 136 58.82 -49.07 22.48
C PRO EB 136 60.33 -49.17 22.30
N ILE EB 137 60.86 -48.31 21.45
CA ILE EB 137 62.28 -48.29 21.13
C ILE EB 137 62.98 -47.28 22.05
N THR EB 138 64.08 -47.71 22.67
CA THR EB 138 64.77 -46.90 23.67
C THR EB 138 66.27 -47.01 23.45
N ILE EB 139 66.95 -45.87 23.55
CA ILE EB 139 68.42 -45.84 23.51
C ILE EB 139 68.92 -45.68 24.93
N PRO EB 140 69.34 -46.76 25.59
CA PRO EB 140 69.84 -46.64 26.97
C PRO EB 140 71.19 -45.96 27.03
N ASN EB 141 71.43 -45.30 28.17
CA ASN EB 141 72.70 -44.66 28.44
C ASN EB 141 73.61 -45.52 29.32
N THR EB 142 73.14 -46.69 29.74
CA THR EB 142 73.92 -47.53 30.64
C THR EB 142 75.14 -48.11 29.92
N LEU EB 143 76.26 -48.14 30.62
CA LEU EB 143 77.50 -48.65 30.07
C LEU EB 143 77.46 -50.17 29.98
N MET EB 144 78.02 -50.72 28.91
CA MET EB 144 78.11 -52.16 28.75
C MET EB 144 79.36 -52.70 29.45
N ALA EB 145 79.31 -53.97 29.82
CA ALA EB 145 80.43 -54.62 30.48
C ALA EB 145 81.30 -55.35 29.46
N ALA EB 146 82.52 -55.66 29.89
CA ALA EB 146 83.45 -56.38 29.02
C ALA EB 146 82.98 -57.82 28.80
N LYS EB 147 83.35 -58.36 27.64
CA LYS EB 147 83.08 -59.75 27.31
C LYS EB 147 84.37 -60.44 26.93
N SER EB 148 84.65 -61.56 27.60
CA SER EB 148 85.92 -62.26 27.39
C SER EB 148 86.00 -62.83 25.99
N THR EB 149 87.22 -62.80 25.42
CA THR EB 149 87.44 -63.38 24.10
C THR EB 149 87.32 -64.89 24.18
N THR EB 150 86.52 -65.47 23.29
CA THR EB 150 86.27 -66.90 23.28
C THR EB 150 86.69 -67.59 21.99
N THR EB 151 86.71 -66.90 20.87
CA THR EB 151 87.05 -67.51 19.58
C THR EB 151 87.99 -66.57 18.83
N ALA EB 152 89.28 -66.89 18.84
CA ALA EB 152 90.28 -66.13 18.12
C ALA EB 152 90.81 -66.95 16.96
N SER EB 153 90.80 -66.37 15.77
CA SER EB 153 91.26 -67.04 14.56
C SER EB 153 92.19 -66.12 13.80
N MET EB 154 93.30 -66.67 13.31
CA MET EB 154 94.27 -65.92 12.52
C MET EB 154 94.62 -66.72 11.28
N GLN EB 155 95.11 -66.01 10.27
CA GLN EB 155 95.58 -66.63 9.03
C GLN EB 155 97.04 -66.23 8.81
N ILE EB 156 97.91 -67.23 8.72
CA ILE EB 156 99.34 -67.02 8.61
C ILE EB 156 99.83 -67.71 7.34
N ASN EB 157 100.55 -66.97 6.51
CA ASN EB 157 101.14 -67.51 5.29
C ASN EB 157 102.62 -67.77 5.55
N LEU EB 158 103.03 -69.03 5.43
CA LEU EB 158 104.38 -69.46 5.75
C LEU EB 158 105.17 -69.73 4.48
N ASN EB 159 106.49 -69.87 4.65
CA ASN EB 159 107.40 -70.09 3.55
C ASN EB 159 107.84 -71.55 3.53
N SER EB 160 107.65 -72.21 2.38
CA SER EB 160 108.14 -73.58 2.24
C SER EB 160 109.65 -73.62 2.06
N THR EB 161 110.23 -72.55 1.53
CA THR EB 161 111.68 -72.44 1.36
C THR EB 161 112.37 -71.90 2.60
N ASP EB 162 111.73 -72.01 3.77
CA ASP EB 162 112.32 -71.55 5.01
C ASP EB 162 113.13 -72.68 5.62
N PRO EB 163 114.45 -72.56 5.71
CA PRO EB 163 115.25 -73.63 6.33
C PRO EB 163 115.02 -73.69 7.83
N VAL EB 164 115.33 -74.86 8.39
CA VAL EB 164 115.17 -75.06 9.84
C VAL EB 164 116.14 -74.13 10.57
N PRO EB 165 115.71 -73.45 11.64
CA PRO EB 165 116.62 -72.56 12.37
C PRO EB 165 117.84 -73.32 12.91
N SER EB 166 118.98 -72.63 12.92
CA SER EB 166 120.24 -73.27 13.29
C SER EB 166 120.23 -73.73 14.74
N LYS EB 167 119.72 -72.90 15.65
CA LYS EB 167 119.75 -73.22 17.06
C LYS EB 167 118.73 -74.31 17.37
N THR EB 168 119.23 -75.51 17.73
CA THR EB 168 118.34 -76.59 18.11
C THR EB 168 117.51 -76.30 19.36
N PRO EB 169 118.06 -75.81 20.48
CA PRO EB 169 117.23 -75.61 21.66
C PRO EB 169 116.43 -74.31 21.56
N PHE EB 170 115.14 -74.39 21.88
CA PHE EB 170 114.28 -73.22 21.76
C PHE EB 170 114.68 -72.14 22.76
N SER EB 171 114.60 -70.89 22.32
CA SER EB 171 114.91 -69.74 23.16
C SER EB 171 113.85 -68.68 22.98
N VAL EB 172 113.46 -68.07 24.10
CA VAL EB 172 112.51 -66.97 24.07
C VAL EB 172 113.22 -65.61 24.02
N SER EB 173 114.50 -65.55 24.36
CA SER EB 173 115.26 -64.31 24.36
C SER EB 173 116.08 -64.12 23.08
N ASP EB 174 115.94 -65.03 22.12
CA ASP EB 174 116.65 -64.92 20.85
C ASP EB 174 115.65 -65.07 19.71
N ALA EB 175 115.72 -64.16 18.74
CA ALA EB 175 114.74 -64.13 17.65
C ALA EB 175 114.91 -65.32 16.71
N ASP EB 176 116.16 -65.75 16.48
CA ASP EB 176 116.42 -66.82 15.54
C ASP EB 176 115.85 -68.16 16.01
N SER EB 177 115.55 -68.29 17.30
CA SER EB 177 115.03 -69.54 17.84
C SER EB 177 113.63 -69.85 17.31
N TYR EB 178 112.86 -68.83 16.94
CA TYR EB 178 111.52 -69.01 16.40
C TYR EB 178 111.44 -68.37 15.02
N ASN EB 179 110.72 -69.04 14.11
CA ASN EB 179 110.61 -68.54 12.74
C ASN EB 179 109.77 -67.27 12.66
N LYS EB 180 108.67 -67.21 13.43
CA LYS EB 180 107.78 -66.07 13.36
C LYS EB 180 107.22 -65.79 14.75
N LYS EB 181 106.84 -64.53 14.97
CA LYS EB 181 106.27 -64.07 16.23
C LYS EB 181 104.84 -63.60 15.99
N GLY EB 182 103.91 -63.94 16.89
CA GLY EB 182 102.52 -63.53 16.64
C GLY EB 182 101.81 -62.99 17.87
N THR EB 183 101.67 -61.67 17.96
CA THR EB 183 100.99 -61.01 19.12
C THR EB 183 99.48 -61.05 18.89
N VAL EB 184 98.72 -61.47 19.91
CA VAL EB 184 97.22 -61.54 19.82
C VAL EB 184 96.64 -60.92 21.09
N THR EB 185 95.82 -59.88 20.95
CA THR EB 185 95.24 -59.21 22.12
C THR EB 185 93.98 -59.95 22.51
N VAL EB 186 93.90 -60.38 23.77
CA VAL EB 186 92.76 -61.12 24.30
C VAL EB 186 92.25 -60.41 25.53
N TYR EB 187 90.94 -60.23 25.61
CA TYR EB 187 90.30 -59.53 26.71
C TYR EB 187 89.64 -60.52 27.66
N ASP EB 188 89.73 -60.23 28.96
CA ASP EB 188 89.12 -61.06 29.99
C ASP EB 188 87.76 -60.49 30.37
N SER EB 189 87.16 -61.02 31.45
CA SER EB 189 85.87 -60.55 31.91
C SER EB 189 85.97 -59.25 32.70
N GLN EB 190 87.18 -58.78 33.01
CA GLN EB 190 87.37 -57.49 33.66
C GLN EB 190 87.71 -56.38 32.67
N GLY EB 191 88.44 -56.68 31.61
CA GLY EB 191 88.82 -55.68 30.62
C GLY EB 191 90.32 -55.64 30.39
N ASN EB 192 91.06 -56.44 31.13
CA ASN EB 192 92.51 -56.46 30.98
C ASN EB 192 92.89 -57.03 29.62
N ALA EB 193 93.98 -56.51 29.06
CA ALA EB 193 94.46 -56.93 27.75
C ALA EB 193 95.56 -57.96 27.92
N HIS EB 194 95.36 -59.14 27.35
CA HIS EB 194 96.36 -60.21 27.40
C HIS EB 194 97.13 -60.21 26.09
N ASP EB 195 98.40 -59.85 26.15
CA ASP EB 195 99.26 -59.81 24.97
C ASP EB 195 99.77 -61.22 24.70
N MET EB 196 98.92 -62.02 24.06
CA MET EB 196 99.26 -63.40 23.76
C MET EB 196 100.22 -63.44 22.58
N ASN EB 197 101.38 -64.06 22.77
CA ASN EB 197 102.38 -64.21 21.73
C ASN EB 197 102.44 -65.65 21.27
N VAL EB 198 102.27 -65.86 19.97
CA VAL EB 198 102.32 -67.19 19.35
C VAL EB 198 103.54 -67.26 18.47
N TYR EB 199 104.38 -68.27 18.70
CA TYR EB 199 105.65 -68.42 18.01
C TYR EB 199 105.58 -69.60 17.04
N PHE EB 200 105.97 -69.36 15.80
CA PHE EB 200 106.09 -70.40 14.79
C PHE EB 200 107.52 -70.89 14.75
N VAL EB 201 107.71 -72.21 14.84
CA VAL EB 201 109.02 -72.83 14.73
C VAL EB 201 108.90 -74.01 13.77
N LYS EB 202 109.75 -74.03 12.76
CA LYS EB 202 109.79 -75.13 11.79
C LYS EB 202 110.92 -76.07 12.17
N THR EB 203 110.58 -77.31 12.49
CA THR EB 203 111.56 -78.30 12.92
C THR EB 203 112.03 -79.21 11.78
N LYS EB 204 111.12 -79.61 10.90
CA LYS EB 204 111.47 -80.47 9.77
C LYS EB 204 110.61 -80.07 8.57
N ASP EB 205 110.65 -80.89 7.53
CA ASP EB 205 109.94 -80.57 6.30
C ASP EB 205 108.44 -80.67 6.50
N ASN EB 206 107.71 -79.64 6.06
CA ASN EB 206 106.26 -79.59 6.15
C ASN EB 206 105.77 -79.82 7.58
N GLU EB 207 106.46 -79.21 8.54
CA GLU EB 207 106.10 -79.34 9.93
C GLU EB 207 106.43 -78.04 10.65
N TRP EB 208 105.49 -77.53 11.45
CA TRP EB 208 105.65 -76.28 12.17
C TRP EB 208 105.26 -76.49 13.62
N ALA EB 209 106.06 -75.94 14.52
CA ALA EB 209 105.79 -76.00 15.95
C ALA EB 209 105.25 -74.66 16.42
N VAL EB 210 104.05 -74.68 17.01
CA VAL EB 210 103.36 -73.47 17.46
C VAL EB 210 103.33 -73.47 18.97
N TYR EB 211 103.83 -72.40 19.58
CA TYR EB 211 103.92 -72.28 21.02
C TYR EB 211 103.03 -71.16 21.52
N THR EB 212 102.73 -71.18 22.81
CA THR EB 212 101.90 -70.16 23.45
C THR EB 212 102.72 -69.42 24.50
N HIS EB 213 102.64 -68.09 24.47
CA HIS EB 213 103.37 -67.26 25.42
C HIS EB 213 102.56 -65.98 25.67
N ASP EB 214 102.58 -65.52 26.91
CA ASP EB 214 101.87 -64.32 27.32
C ASP EB 214 102.88 -63.31 27.86
N SER EB 215 102.72 -62.04 27.45
CA SER EB 215 103.61 -60.98 27.90
C SER EB 215 103.01 -60.10 28.99
N SER EB 216 101.69 -59.96 29.03
CA SER EB 216 101.05 -59.12 30.03
C SER EB 216 101.08 -59.71 31.42
N ASP EB 217 101.40 -60.99 31.56
CA ASP EB 217 101.43 -61.64 32.87
C ASP EB 217 102.87 -61.68 33.38
N PRO EB 218 103.22 -60.94 34.43
CA PRO EB 218 104.59 -61.03 34.97
C PRO EB 218 104.91 -62.39 35.56
N ALA EB 219 103.89 -63.18 35.93
CA ALA EB 219 104.09 -64.51 36.50
C ALA EB 219 104.02 -65.60 35.45
N ALA EB 220 103.87 -65.26 34.17
CA ALA EB 220 103.80 -66.26 33.13
C ALA EB 220 105.12 -67.01 33.01
N THR EB 221 105.01 -68.30 32.70
CA THR EB 221 106.17 -69.16 32.55
C THR EB 221 106.60 -69.23 31.09
N ALA EB 222 107.90 -69.10 30.86
CA ALA EB 222 108.42 -69.12 29.49
C ALA EB 222 108.20 -70.50 28.87
N PRO EB 223 107.52 -70.59 27.74
CA PRO EB 223 107.29 -71.91 27.13
C PRO EB 223 108.58 -72.51 26.58
N THR EB 224 108.70 -73.82 26.72
CA THR EB 224 109.84 -74.54 26.18
C THR EB 224 109.36 -75.72 25.33
N THR EB 225 108.27 -76.35 25.77
CA THR EB 225 107.73 -77.53 25.10
C THR EB 225 106.85 -77.13 23.93
N ALA EB 226 106.45 -78.15 23.15
CA ALA EB 226 105.60 -77.93 21.99
C ALA EB 226 104.15 -77.88 22.42
N SER EB 227 103.47 -76.79 22.08
CA SER EB 227 102.05 -76.63 22.42
C SER EB 227 101.14 -77.02 21.26
N THR EB 228 101.61 -76.86 20.02
CA THR EB 228 100.79 -77.15 18.85
C THR EB 228 101.69 -77.61 17.71
N THR EB 229 101.24 -78.64 17.00
CA THR EB 229 101.91 -79.17 15.83
C THR EB 229 101.02 -78.98 14.62
N LEU EB 230 101.56 -78.34 13.58
CA LEU EB 230 100.82 -78.08 12.35
C LEU EB 230 101.47 -78.85 11.20
N LYS EB 231 100.68 -79.68 10.53
CA LYS EB 231 101.10 -80.39 9.33
C LYS EB 231 100.19 -79.99 8.19
N PHE EB 232 100.79 -79.55 7.09
CA PHE EB 232 100.04 -79.17 5.90
C PHE EB 232 99.99 -80.32 4.91
N ASN EB 233 99.16 -80.16 3.88
CA ASN EB 233 98.98 -81.21 2.87
C ASN EB 233 100.17 -81.20 1.91
N GLU EB 234 100.07 -81.98 0.84
CA GLU EB 234 101.12 -82.02 -0.16
C GLU EB 234 101.32 -80.67 -0.83
N ASN EB 235 100.24 -79.91 -1.00
CA ASN EB 235 100.29 -78.61 -1.65
C ASN EB 235 100.24 -77.45 -0.65
N GLY EB 236 100.51 -77.72 0.62
CA GLY EB 236 100.51 -76.68 1.63
C GLY EB 236 99.15 -76.34 2.19
N ILE EB 237 98.10 -77.07 1.81
CA ILE EB 237 96.76 -76.83 2.33
C ILE EB 237 96.67 -77.43 3.73
N LEU EB 238 96.13 -76.64 4.66
CA LEU EB 238 95.95 -77.12 6.02
C LEU EB 238 94.95 -78.27 6.05
N GLU EB 239 95.25 -79.28 6.87
CA GLU EB 239 94.43 -80.48 6.93
C GLU EB 239 93.74 -80.63 8.28
N SER EB 240 94.50 -80.64 9.38
CA SER EB 240 93.93 -80.82 10.71
C SER EB 240 94.90 -80.29 11.74
N GLY EB 241 94.44 -80.23 12.99
CA GLY EB 241 95.23 -79.72 14.08
C GLY EB 241 95.23 -78.21 14.22
N GLY EB 242 94.32 -77.52 13.55
CA GLY EB 242 94.26 -76.07 13.58
C GLY EB 242 93.48 -75.46 14.72
N THR EB 243 92.84 -76.26 15.56
CA THR EB 243 92.07 -75.77 16.69
C THR EB 243 92.85 -76.04 17.97
N VAL EB 244 93.16 -74.97 18.71
CA VAL EB 244 93.97 -75.05 19.92
C VAL EB 244 93.26 -74.30 21.03
N ASN EB 245 93.24 -74.90 22.23
CA ASN EB 245 92.68 -74.28 23.41
C ASN EB 245 93.79 -73.55 24.15
N ILE EB 246 93.71 -72.23 24.20
CA ILE EB 246 94.73 -71.38 24.83
C ILE EB 246 94.07 -70.64 25.98
N THR EB 247 94.68 -70.72 27.17
CA THR EB 247 94.20 -70.03 28.35
C THR EB 247 95.27 -69.07 28.84
N THR EB 248 94.87 -67.83 29.15
CA THR EB 248 95.80 -66.80 29.59
C THR EB 248 96.12 -67.01 31.07
N GLY EB 249 96.76 -66.02 31.68
CA GLY EB 249 97.09 -66.04 33.08
C GLY EB 249 96.30 -64.99 33.85
N THR EB 250 95.88 -65.35 35.06
CA THR EB 250 95.06 -64.46 35.87
C THR EB 250 95.87 -63.26 36.36
N ILE EB 251 95.25 -62.09 36.31
CA ILE EB 251 95.86 -60.86 36.80
C ILE EB 251 94.79 -60.04 37.53
N ASN EB 252 95.21 -59.38 38.61
CA ASN EB 252 94.35 -58.50 39.39
C ASN EB 252 93.14 -59.25 39.97
N GLY EB 253 93.31 -60.54 40.26
CA GLY EB 253 92.23 -61.31 40.84
C GLY EB 253 91.14 -61.71 39.89
N ALA EB 254 91.33 -61.50 38.59
CA ALA EB 254 90.33 -61.84 37.58
C ALA EB 254 90.66 -63.18 36.95
N THR EB 255 89.63 -63.98 36.69
CA THR EB 255 89.83 -65.29 36.09
C THR EB 255 90.43 -65.16 34.70
N ALA EB 256 91.30 -66.11 34.35
CA ALA EB 256 91.99 -66.07 33.08
C ALA EB 256 91.02 -66.29 31.92
N ALA EB 257 91.43 -65.82 30.74
CA ALA EB 257 90.61 -65.92 29.55
C ALA EB 257 90.85 -67.25 28.86
N THR EB 258 89.80 -68.04 28.69
CA THR EB 258 89.87 -69.32 28.01
C THR EB 258 89.21 -69.17 26.64
N PHE EB 259 89.96 -69.50 25.59
CA PHE EB 259 89.48 -69.36 24.22
C PHE EB 259 90.11 -70.43 23.34
N SER EB 260 89.45 -70.69 22.22
CA SER EB 260 89.94 -71.65 21.24
C SER EB 260 90.65 -70.89 20.12
N LEU EB 261 91.91 -71.25 19.86
CA LEU EB 261 92.72 -70.57 18.86
C LEU EB 261 92.66 -71.35 17.55
N SER EB 262 92.41 -70.64 16.46
CA SER EB 262 92.23 -71.25 15.15
C SER EB 262 93.26 -70.72 14.18
N PHE EB 263 93.98 -71.65 13.53
CA PHE EB 263 94.91 -71.33 12.45
C PHE EB 263 94.36 -71.75 11.09
N LEU EB 264 93.03 -71.89 10.99
CA LEU EB 264 92.40 -72.37 9.78
C LEU EB 264 92.61 -71.41 8.62
N ASN EB 265 92.56 -71.96 7.41
CA ASN EB 265 92.76 -71.20 6.17
C ASN EB 265 94.15 -70.57 6.13
N SER EB 266 95.15 -71.38 6.44
CA SER EB 266 96.55 -70.99 6.39
C SER EB 266 97.33 -71.94 5.49
N MET EB 267 98.27 -71.39 4.73
CA MET EB 267 99.06 -72.17 3.79
C MET EB 267 100.53 -71.85 3.96
N GLN EB 268 101.36 -72.89 3.80
CA GLN EB 268 102.81 -72.76 3.93
C GLN EB 268 103.51 -72.63 2.58
N GLN EB 269 102.76 -72.44 1.51
CA GLN EB 269 103.36 -72.30 0.19
C GLN EB 269 104.23 -71.06 0.12
N ASN EB 270 105.31 -71.15 -0.65
CA ASN EB 270 106.34 -70.11 -0.69
C ASN EB 270 105.76 -68.76 -1.11
N THR EB 271 105.79 -67.79 -0.19
CA THR EB 271 105.39 -66.42 -0.48
C THR EB 271 106.51 -65.43 -0.20
N GLY EB 272 107.74 -65.92 -0.07
CA GLY EB 272 108.87 -65.06 0.21
C GLY EB 272 109.14 -64.87 1.69
N ALA EB 273 108.24 -64.15 2.36
CA ALA EB 273 108.38 -63.87 3.79
C ALA EB 273 107.06 -64.16 4.50
N ASN EB 274 107.16 -64.51 5.77
CA ASN EB 274 105.98 -64.76 6.58
C ASN EB 274 105.16 -63.48 6.71
N ASN EB 275 103.85 -63.59 6.50
CA ASN EB 275 102.96 -62.44 6.57
C ASN EB 275 101.63 -62.87 7.16
N ILE EB 276 101.18 -62.15 8.17
CA ILE EB 276 99.86 -62.37 8.76
C ILE EB 276 98.86 -61.54 7.96
N VAL EB 277 97.86 -62.22 7.39
CA VAL EB 277 96.87 -61.54 6.56
C VAL EB 277 95.55 -61.29 7.29
N ALA EB 278 95.33 -61.92 8.44
CA ALA EB 278 94.08 -61.73 9.16
C ALA EB 278 94.31 -62.02 10.64
N THR EB 279 93.57 -61.30 11.48
CA THR EB 279 93.59 -61.51 12.92
C THR EB 279 92.29 -60.97 13.49
N ASN EB 280 91.55 -61.83 14.19
CA ASN EB 280 90.23 -61.47 14.70
C ASN EB 280 90.05 -62.03 16.10
N GLN EB 281 89.19 -61.39 16.87
CA GLN EB 281 88.86 -61.82 18.22
C GLN EB 281 87.47 -61.30 18.57
N ASN EB 282 86.89 -61.90 19.60
CA ASN EB 282 85.53 -61.58 20.02
C ASN EB 282 85.49 -61.09 21.47
N GLY EB 283 86.40 -60.18 21.82
CA GLY EB 283 86.39 -59.58 23.13
C GLY EB 283 86.49 -58.07 23.04
N TYR EB 284 85.76 -57.40 23.93
CA TYR EB 284 85.74 -55.94 23.94
C TYR EB 284 85.70 -55.43 25.37
N LYS EB 285 86.44 -54.35 25.61
CA LYS EB 285 86.44 -53.68 26.91
C LYS EB 285 85.16 -52.88 27.08
N PRO EB 286 84.79 -52.56 28.32
CA PRO EB 286 83.56 -51.76 28.54
C PRO EB 286 83.64 -50.41 27.85
N GLY EB 287 82.50 -49.98 27.30
CA GLY EB 287 82.43 -48.75 26.55
C GLY EB 287 81.38 -47.80 27.13
N ASP EB 288 81.30 -46.63 26.52
CA ASP EB 288 80.39 -45.58 26.94
C ASP EB 288 79.61 -45.06 25.74
N LEU EB 289 78.37 -44.62 26.01
CA LEU EB 289 77.51 -44.11 24.95
C LEU EB 289 78.11 -42.83 24.37
N VAL EB 290 78.19 -42.77 23.05
CA VAL EB 290 78.79 -41.63 22.37
C VAL EB 290 77.80 -41.02 21.38
N SER EB 291 77.39 -41.79 20.38
CA SER EB 291 76.49 -41.29 19.36
C SER EB 291 75.62 -42.43 18.85
N TYR EB 292 74.46 -42.06 18.31
CA TYR EB 292 73.51 -43.01 17.77
C TYR EB 292 73.16 -42.62 16.35
N GLN EB 293 73.01 -43.62 15.49
CA GLN EB 293 72.76 -43.40 14.07
C GLN EB 293 71.66 -44.34 13.60
N ILE EB 294 70.86 -43.87 12.65
CA ILE EB 294 69.78 -44.65 12.07
C ILE EB 294 70.16 -44.99 10.63
N ASN EB 295 70.20 -46.28 10.32
CA ASN EB 295 70.56 -46.72 8.99
C ASN EB 295 69.31 -46.80 8.11
N ASN EB 296 69.51 -47.22 6.86
CA ASN EB 296 68.40 -47.33 5.91
C ASN EB 296 67.52 -48.55 6.18
N ASP EB 297 67.92 -49.43 7.10
CA ASP EB 297 67.11 -50.58 7.48
C ASP EB 297 66.23 -50.32 8.69
N GLY EB 298 66.33 -49.12 9.28
CA GLY EB 298 65.58 -48.79 10.47
C GLY EB 298 66.24 -49.16 11.78
N THR EB 299 67.37 -49.85 11.74
CA THR EB 299 68.06 -50.22 12.97
C THR EB 299 68.74 -49.00 13.60
N VAL EB 300 68.71 -48.96 14.92
CA VAL EB 300 69.38 -47.91 15.69
C VAL EB 300 70.67 -48.49 16.26
N VAL EB 301 71.80 -47.93 15.86
CA VAL EB 301 73.12 -48.43 16.23
C VAL EB 301 73.83 -47.35 17.01
N GLY EB 302 74.29 -47.68 18.22
CA GLY EB 302 75.02 -46.76 19.05
C GLY EB 302 76.51 -47.10 19.06
N ASN EB 303 77.33 -46.09 18.81
CA ASN EB 303 78.78 -46.25 18.78
C ASN EB 303 79.35 -46.05 20.17
N TYR EB 304 80.41 -46.81 20.49
CA TYR EB 304 81.04 -46.72 21.80
C TYR EB 304 82.53 -46.47 21.65
N SER EB 305 83.26 -46.51 22.77
CA SER EB 305 84.70 -46.26 22.74
C SER EB 305 85.45 -47.31 21.93
N ASN EB 306 85.10 -48.59 22.10
CA ASN EB 306 85.81 -49.69 21.48
C ASN EB 306 85.28 -50.02 20.09
N GLU EB 307 84.55 -49.10 19.47
CA GLU EB 307 83.99 -49.28 18.13
C GLU EB 307 83.13 -50.55 18.06
N GLN EB 308 82.27 -50.71 19.06
CA GLN EB 308 81.34 -51.84 19.14
C GLN EB 308 79.95 -51.37 18.77
N GLU EB 309 79.33 -52.06 17.81
CA GLU EB 309 77.99 -51.72 17.37
C GLU EB 309 76.97 -52.48 18.20
N GLN EB 310 76.01 -51.75 18.77
CA GLN EB 310 74.96 -52.33 19.60
C GLN EB 310 73.62 -51.99 18.97
N VAL EB 311 72.90 -53.01 18.50
CA VAL EB 311 71.60 -52.82 17.86
C VAL EB 311 70.54 -52.72 18.95
N LEU EB 312 69.82 -51.61 18.97
CA LEU EB 312 68.78 -51.36 19.96
C LEU EB 312 67.38 -51.53 19.40
N GLY EB 313 67.25 -52.16 18.24
CA GLY EB 313 65.96 -52.37 17.61
C GLY EB 313 65.90 -51.76 16.22
N GLN EB 314 64.82 -52.09 15.52
CA GLN EB 314 64.57 -51.53 14.21
C GLN EB 314 63.13 -51.07 14.12
N ILE EB 315 62.88 -50.12 13.23
CA ILE EB 315 61.57 -49.48 13.11
C ILE EB 315 60.65 -50.40 12.31
N VAL EB 316 59.48 -50.68 12.85
CA VAL EB 316 58.48 -51.48 12.17
C VAL EB 316 57.63 -50.57 11.30
N LEU EB 317 57.22 -51.08 10.14
CA LEU EB 317 56.34 -50.36 9.23
C LEU EB 317 55.06 -51.16 9.05
N ALA EB 318 53.92 -50.50 9.22
CA ALA EB 318 52.62 -51.13 9.10
C ALA EB 318 51.96 -50.63 7.83
N ASN EB 319 51.56 -51.56 6.98
CA ASN EB 319 50.87 -51.25 5.73
C ASN EB 319 49.46 -51.81 5.79
N PHE EB 320 48.48 -50.95 5.53
CA PHE EB 320 47.08 -51.34 5.59
C PHE EB 320 46.62 -51.92 4.25
N ALA EB 321 45.70 -52.88 4.33
CA ALA EB 321 45.16 -53.48 3.12
C ALA EB 321 44.34 -52.48 2.30
N ASN EB 322 43.92 -51.38 2.92
CA ASN EB 322 43.19 -50.34 2.21
C ASN EB 322 43.40 -49.02 2.91
N ASN EB 323 43.84 -48.01 2.17
CA ASN EB 323 44.02 -46.67 2.71
C ASN EB 323 42.67 -45.97 2.74
N GLU EB 324 42.68 -44.66 2.99
CA GLU EB 324 41.49 -43.80 3.05
C GLU EB 324 40.37 -44.41 3.90
N GLY EB 325 40.74 -45.26 4.86
CA GLY EB 325 39.79 -45.81 5.79
C GLY EB 325 40.21 -45.48 7.21
N LEU EB 326 41.34 -44.79 7.34
CA LEU EB 326 41.86 -44.41 8.65
C LEU EB 326 41.18 -43.14 9.12
N ALA EB 327 40.85 -43.08 10.41
CA ALA EB 327 40.23 -41.90 11.00
C ALA EB 327 41.30 -41.07 11.69
N SER EB 328 41.42 -39.81 11.29
CA SER EB 328 42.41 -38.92 11.89
C SER EB 328 42.06 -38.64 13.34
N GLN EB 329 43.09 -38.57 14.18
CA GLN EB 329 42.92 -38.34 15.62
C GLN EB 329 43.82 -37.19 16.04
N GLY EB 330 43.24 -35.99 16.12
CA GLY EB 330 43.99 -34.83 16.58
C GLY EB 330 45.15 -34.47 15.67
N ASP EB 331 46.37 -34.71 16.14
CA ASP EB 331 47.55 -34.39 15.35
C ASP EB 331 47.65 -35.36 14.17
N ASN EB 332 48.72 -35.23 13.40
CA ASN EB 332 48.86 -36.03 12.19
C ASN EB 332 49.19 -37.48 12.52
N VAL EB 333 48.22 -38.17 13.14
CA VAL EB 333 48.30 -39.60 13.37
C VAL EB 333 46.94 -40.19 12.99
N TRP EB 334 46.93 -41.49 12.76
CA TRP EB 334 45.71 -42.20 12.38
C TRP EB 334 45.54 -43.44 13.24
N ALA EB 335 44.27 -43.82 13.44
CA ALA EB 335 43.91 -44.96 14.26
C ALA EB 335 43.23 -46.00 13.38
N ALA EB 336 43.67 -47.25 13.51
CA ALA EB 336 43.08 -48.33 12.73
C ALA EB 336 41.64 -48.57 13.16
N THR EB 337 40.80 -48.91 12.20
CA THR EB 337 39.38 -49.15 12.43
C THR EB 337 38.84 -50.02 11.31
N GLN EB 338 37.52 -50.09 11.19
CA GLN EB 338 36.92 -50.79 10.07
C GLN EB 338 37.31 -50.12 8.76
N ALA EB 339 37.11 -50.86 7.66
CA ALA EB 339 37.51 -50.43 6.32
C ALA EB 339 39.00 -50.16 6.23
N SER EB 340 39.79 -50.75 7.11
CA SER EB 340 41.24 -50.61 7.08
C SER EB 340 41.99 -51.92 7.23
N GLY EB 341 41.37 -52.97 7.75
CA GLY EB 341 42.04 -54.25 7.87
C GLY EB 341 42.98 -54.30 9.05
N VAL EB 342 43.70 -55.42 9.14
CA VAL EB 342 44.65 -55.65 10.22
C VAL EB 342 45.86 -54.76 10.02
N ALA EB 343 46.71 -54.67 11.04
CA ALA EB 343 47.90 -53.82 10.93
C ALA EB 343 48.81 -54.29 9.81
N LEU EB 344 49.04 -55.60 9.71
CA LEU EB 344 49.89 -56.18 8.67
C LEU EB 344 51.31 -55.59 8.74
N LEU EB 345 51.97 -55.86 9.85
CA LEU EB 345 53.29 -55.31 10.13
C LEU EB 345 54.35 -56.01 9.27
N GLY EB 346 55.51 -55.39 9.20
CA GLY EB 346 56.63 -55.96 8.47
C GLY EB 346 57.84 -55.07 8.58
N THR EB 347 58.96 -55.57 8.08
CA THR EB 347 60.20 -54.82 8.10
C THR EB 347 60.23 -53.80 6.96
N ALA EB 348 61.17 -52.87 7.05
CA ALA EB 348 61.31 -51.83 6.03
C ALA EB 348 62.01 -52.30 4.78
N GLY EB 349 62.65 -53.47 4.82
CA GLY EB 349 63.40 -53.94 3.67
C GLY EB 349 62.53 -54.44 2.53
N SER EB 350 61.79 -55.52 2.77
CA SER EB 350 60.98 -56.14 1.73
C SER EB 350 59.52 -56.24 2.16
N GLY EB 351 58.72 -56.96 1.37
CA GLY EB 351 57.31 -57.07 1.67
C GLY EB 351 56.50 -55.89 1.18
N ASN EB 352 56.95 -55.21 0.13
CA ASN EB 352 56.34 -54.04 -0.49
C ASN EB 352 56.35 -52.81 0.39
N PHE EB 353 56.87 -52.91 1.62
CA PHE EB 353 56.95 -51.74 2.49
C PHE EB 353 57.95 -50.73 1.94
N GLY EB 354 57.84 -49.50 2.43
CA GLY EB 354 58.66 -48.43 1.90
C GLY EB 354 60.12 -48.55 2.30
N LYS EB 355 60.96 -47.84 1.56
CA LYS EB 355 62.40 -47.79 1.79
C LYS EB 355 62.71 -46.53 2.59
N LEU EB 356 63.25 -46.69 3.79
CA LEU EB 356 63.54 -45.54 4.64
C LEU EB 356 64.67 -44.70 4.05
N THR EB 357 64.53 -43.39 4.21
CA THR EB 357 65.55 -42.42 3.78
C THR EB 357 65.89 -41.55 4.99
N ASN EB 358 67.06 -41.78 5.57
CA ASN EB 358 67.48 -41.04 6.76
C ASN EB 358 67.82 -39.60 6.41
N GLY EB 359 67.63 -38.72 7.39
CA GLY EB 359 67.95 -37.31 7.22
C GLY EB 359 67.10 -36.59 6.21
N ALA EB 360 65.79 -36.82 6.22
CA ALA EB 360 64.91 -36.17 5.27
C ALA EB 360 63.49 -36.12 5.84
N LEU EB 361 62.67 -35.26 5.23
CA LEU EB 361 61.27 -35.10 5.63
C LEU EB 361 60.41 -35.01 4.38
N GLU EB 362 59.13 -35.34 4.54
CA GLU EB 362 58.18 -35.31 3.46
C GLU EB 362 57.34 -34.04 3.51
N ALA EB 363 57.02 -33.50 2.33
CA ALA EB 363 56.24 -32.27 2.24
C ALA EB 363 54.76 -32.59 2.44
N SER EB 364 53.90 -31.62 2.14
CA SER EB 364 52.47 -31.74 2.39
C SER EB 364 51.69 -32.25 1.17
N ASN EB 365 52.36 -32.45 0.04
CA ASN EB 365 51.74 -32.86 -1.23
C ASN EB 365 50.46 -32.08 -1.50
N VAL EB 366 50.51 -30.77 -1.22
CA VAL EB 366 49.40 -29.87 -1.49
C VAL EB 366 49.86 -28.89 -2.57
N ASP EB 367 49.11 -28.82 -3.65
CA ASP EB 367 49.45 -27.96 -4.78
C ASP EB 367 48.65 -26.67 -4.63
N LEU EB 368 49.36 -25.56 -4.38
CA LEU EB 368 48.68 -24.29 -4.17
C LEU EB 368 47.93 -23.83 -5.41
N SER EB 369 48.47 -24.12 -6.59
CA SER EB 369 47.78 -23.73 -7.82
C SER EB 369 46.45 -24.47 -7.97
N LYS EB 370 46.38 -25.71 -7.47
CA LYS EB 370 45.16 -26.49 -7.62
C LYS EB 370 44.08 -26.02 -6.66
N GLU EB 371 44.46 -25.53 -5.48
CA GLU EB 371 43.46 -25.10 -4.51
C GLU EB 371 42.83 -23.77 -4.89
N LEU EB 372 43.65 -22.83 -5.37
CA LEU EB 372 43.12 -21.50 -5.69
C LEU EB 372 42.10 -21.57 -6.81
N VAL EB 373 42.36 -22.37 -7.84
CA VAL EB 373 41.42 -22.47 -8.95
C VAL EB 373 40.13 -23.13 -8.48
N ASN EB 374 40.21 -24.09 -7.56
CA ASN EB 374 38.99 -24.70 -7.04
C ASN EB 374 38.22 -23.75 -6.13
N MET EB 375 38.94 -22.87 -5.42
CA MET EB 375 38.26 -21.92 -4.54
C MET EB 375 37.38 -20.97 -5.33
N ILE EB 376 37.85 -20.50 -6.48
CA ILE EB 376 37.03 -19.63 -7.31
C ILE EB 376 35.79 -20.35 -7.80
N VAL EB 377 35.95 -21.60 -8.23
CA VAL EB 377 34.79 -22.38 -8.69
C VAL EB 377 33.83 -22.64 -7.54
N ALA EB 378 34.35 -22.95 -6.36
CA ALA EB 378 33.48 -23.24 -5.22
C ALA EB 378 32.65 -22.02 -4.84
N GLN EB 379 33.25 -20.83 -4.88
CA GLN EB 379 32.50 -19.63 -4.52
C GLN EB 379 31.35 -19.37 -5.48
N ARG EB 380 31.59 -19.52 -6.79
CA ARG EB 380 30.52 -19.29 -7.75
C ARG EB 380 29.40 -20.30 -7.59
N ASN EB 381 29.75 -21.57 -7.35
CA ASN EB 381 28.72 -22.58 -7.18
C ASN EB 381 27.94 -22.36 -5.89
N TYR EB 382 28.55 -21.69 -4.91
CA TYR EB 382 27.81 -21.34 -3.70
C TYR EB 382 26.83 -20.20 -3.96
N GLN EB 383 27.27 -19.19 -4.72
CA GLN EB 383 26.38 -18.06 -5.00
C GLN EB 383 25.22 -18.48 -5.87
N SER EB 384 25.44 -19.41 -6.80
CA SER EB 384 24.34 -19.90 -7.62
C SER EB 384 23.25 -20.54 -6.77
N ASN EB 385 23.64 -21.38 -5.81
CA ASN EB 385 22.66 -21.96 -4.91
C ASN EB 385 21.99 -20.89 -4.06
N ALA EB 386 22.77 -19.92 -3.58
CA ALA EB 386 22.18 -18.84 -2.79
C ALA EB 386 21.19 -18.03 -3.61
N GLN EB 387 21.39 -17.95 -4.92
CA GLN EB 387 20.45 -17.23 -5.76
C GLN EB 387 19.11 -17.93 -5.81
N THR EB 388 19.11 -19.27 -5.79
CA THR EB 388 17.85 -20.01 -5.84
C THR EB 388 16.99 -19.71 -4.62
N ILE EB 389 17.59 -19.67 -3.43
CA ILE EB 389 16.82 -19.37 -2.23
C ILE EB 389 16.22 -17.98 -2.32
N LYS EB 390 16.99 -17.01 -2.80
CA LYS EB 390 16.47 -15.66 -2.94
C LYS EB 390 15.30 -15.61 -3.91
N THR EB 391 15.43 -16.29 -5.06
CA THR EB 391 14.33 -16.31 -6.01
C THR EB 391 13.14 -17.09 -5.48
N GLN EB 392 13.39 -18.24 -4.85
CA GLN EB 392 12.29 -19.05 -4.34
C GLN EB 392 11.52 -18.30 -3.26
N ASP EB 393 12.23 -17.61 -2.37
CA ASP EB 393 11.55 -16.82 -1.35
C ASP EB 393 10.80 -15.65 -1.97
N GLN EB 394 11.39 -15.02 -2.99
CA GLN EB 394 10.79 -13.81 -3.56
C GLN EB 394 9.46 -14.10 -4.21
N ILE EB 395 9.34 -15.21 -4.94
CA ILE EB 395 8.06 -15.54 -5.56
C ILE EB 395 7.02 -15.85 -4.51
N LEU EB 396 7.45 -16.35 -3.34
CA LEU EB 396 6.51 -16.58 -2.25
C LEU EB 396 5.98 -15.27 -1.69
N ASN EB 397 6.80 -14.22 -1.70
CA ASN EB 397 6.36 -12.93 -1.20
C ASN EB 397 5.19 -12.38 -2.01
N THR EB 398 5.27 -12.48 -3.33
CA THR EB 398 4.17 -12.00 -4.17
C THR EB 398 2.91 -12.81 -3.93
N LEU EB 399 3.04 -14.13 -3.82
CA LEU EB 399 1.88 -14.99 -3.65
C LEU EB 399 1.18 -14.74 -2.31
N VAL EB 400 1.94 -14.37 -1.28
CA VAL EB 400 1.32 -14.12 0.03
C VAL EB 400 0.39 -12.92 -0.06
N ASN EB 401 0.88 -11.80 -0.60
CA ASN EB 401 0.05 -10.59 -0.70
C ASN EB 401 -1.15 -10.84 -1.62
N LEU EB 402 -0.89 -11.08 -2.90
CA LEU EB 402 -1.90 -11.44 -3.88
C LEU EB 402 -3.08 -10.47 -3.89
N SER FB 2 10.92 -11.97 -26.06
CA SER FB 2 12.22 -11.42 -26.42
C SER FB 2 13.35 -12.22 -25.79
N PHE FB 3 13.00 -13.10 -24.86
CA PHE FB 3 14.01 -13.93 -24.23
C PHE FB 3 14.66 -14.88 -25.23
N SER FB 4 13.88 -15.38 -26.18
CA SER FB 4 14.42 -16.34 -27.14
C SER FB 4 15.52 -15.72 -27.99
N GLN FB 5 15.35 -14.46 -28.41
CA GLN FB 5 16.41 -13.80 -29.16
C GLN FB 5 17.66 -13.60 -28.30
N ALA FB 6 17.48 -13.17 -27.05
CA ALA FB 6 18.63 -12.91 -26.19
C ALA FB 6 19.30 -14.20 -25.75
N VAL FB 7 18.53 -15.20 -25.33
CA VAL FB 7 19.12 -16.44 -24.85
C VAL FB 7 19.89 -17.14 -25.96
N SER FB 8 19.32 -17.18 -27.17
CA SER FB 8 20.04 -17.76 -28.29
C SER FB 8 21.30 -16.98 -28.59
N GLY FB 9 21.22 -15.66 -28.57
CA GLY FB 9 22.42 -14.85 -28.75
C GLY FB 9 23.41 -15.02 -27.63
N LEU FB 10 22.93 -15.25 -26.41
CA LEU FB 10 23.82 -15.46 -25.29
C LEU FB 10 24.63 -16.74 -25.47
N ASN FB 11 24.01 -17.79 -26.01
CA ASN FB 11 24.73 -19.04 -26.24
C ASN FB 11 25.84 -18.88 -27.26
N ALA FB 12 25.59 -18.09 -28.32
CA ALA FB 12 26.60 -17.93 -29.36
C ALA FB 12 27.88 -17.31 -28.79
N ALA FB 13 27.73 -16.28 -27.95
CA ALA FB 13 28.91 -15.71 -27.31
C ALA FB 13 29.58 -16.72 -26.40
N ALA FB 14 28.78 -17.51 -25.67
CA ALA FB 14 29.34 -18.54 -24.81
C ALA FB 14 30.09 -19.59 -25.61
N THR FB 15 29.51 -20.05 -26.72
CA THR FB 15 30.19 -21.02 -27.57
C THR FB 15 31.43 -20.39 -28.21
N ASN FB 16 31.35 -19.12 -28.58
CA ASN FB 16 32.52 -18.44 -29.13
C ASN FB 16 33.66 -18.42 -28.12
N LEU FB 17 33.34 -18.17 -26.85
CA LEU FB 17 34.38 -18.16 -25.83
C LEU FB 17 34.97 -19.55 -25.63
N ASP FB 18 34.13 -20.59 -25.68
CA ASP FB 18 34.65 -21.94 -25.49
C ASP FB 18 35.66 -22.30 -26.57
N VAL FB 19 35.37 -21.96 -27.82
CA VAL FB 19 36.32 -22.21 -28.90
C VAL FB 19 37.59 -21.41 -28.68
N ILE FB 20 37.45 -20.12 -28.35
CA ILE FB 20 38.62 -19.30 -28.07
C ILE FB 20 39.36 -19.82 -26.85
N GLY FB 21 38.62 -20.18 -25.81
CA GLY FB 21 39.26 -20.76 -24.64
C GLY FB 21 39.97 -22.07 -24.96
N ASN FB 22 39.40 -22.85 -25.88
CA ASN FB 22 40.06 -24.08 -26.29
C ASN FB 22 41.37 -23.80 -27.02
N ASN FB 23 41.36 -22.84 -27.95
CA ASN FB 23 42.55 -22.57 -28.74
C ASN FB 23 43.71 -22.11 -27.85
N ILE FB 24 43.45 -21.19 -26.93
CA ILE FB 24 44.51 -20.67 -26.08
C ILE FB 24 44.99 -21.75 -25.12
N ALA FB 25 44.08 -22.60 -24.63
CA ALA FB 25 44.47 -23.65 -23.71
C ALA FB 25 45.16 -24.81 -24.42
N ASN FB 26 45.02 -24.92 -25.74
CA ASN FB 26 45.55 -26.04 -26.50
C ASN FB 26 46.93 -25.74 -27.07
N SER FB 27 47.51 -24.60 -26.73
CA SER FB 27 48.82 -24.25 -27.25
C SER FB 27 49.86 -25.26 -26.78
N ALA FB 28 51.01 -25.25 -27.45
CA ALA FB 28 52.13 -26.16 -27.23
C ALA FB 28 51.82 -27.60 -27.63
N THR FB 29 50.59 -27.89 -28.06
CA THR FB 29 50.27 -29.21 -28.59
C THR FB 29 50.80 -29.29 -30.02
N TYR FB 30 51.51 -30.37 -30.32
CA TYR FB 30 52.23 -30.44 -31.59
C TYR FB 30 51.27 -30.63 -32.77
N GLY FB 31 50.46 -31.67 -32.73
CA GLY FB 31 49.54 -31.91 -33.83
C GLY FB 31 48.17 -31.30 -33.62
N PHE FB 32 48.10 -29.97 -33.54
CA PHE FB 32 46.85 -29.29 -33.25
C PHE FB 32 46.62 -28.15 -34.24
N LYS FB 33 45.35 -27.89 -34.54
CA LYS FB 33 44.95 -26.81 -35.43
C LYS FB 33 43.94 -25.93 -34.70
N SER FB 34 44.09 -24.62 -34.82
CA SER FB 34 43.19 -23.69 -34.16
C SER FB 34 41.78 -23.81 -34.73
N GLY FB 35 40.80 -23.59 -33.87
CA GLY FB 35 39.39 -23.67 -34.25
C GLY FB 35 38.75 -22.30 -34.27
N THR FB 36 37.85 -22.09 -35.23
CA THR FB 36 37.08 -20.86 -35.33
C THR FB 36 35.61 -21.21 -35.52
N ALA FB 37 34.75 -20.40 -34.95
CA ALA FB 37 33.31 -20.64 -35.01
C ALA FB 37 32.68 -19.86 -36.15
N SER FB 38 31.51 -20.31 -36.56
CA SER FB 38 30.74 -19.68 -37.63
C SER FB 38 29.30 -19.50 -37.19
N PHE FB 39 28.74 -18.33 -37.49
CA PHE FB 39 27.40 -17.98 -37.07
C PHE FB 39 26.52 -17.69 -38.28
N ALA FB 40 25.23 -17.94 -38.12
CA ALA FB 40 24.27 -17.74 -39.20
C ALA FB 40 22.91 -17.41 -38.60
N ASP FB 41 22.38 -16.24 -38.94
CA ASP FB 41 21.07 -15.85 -38.46
C ASP FB 41 19.99 -16.70 -39.11
N MET FB 42 18.80 -16.69 -38.49
CA MET FB 42 17.67 -17.43 -39.01
C MET FB 42 16.40 -16.62 -38.83
N PHE FB 43 15.54 -16.68 -39.84
CA PHE FB 43 14.24 -16.00 -39.81
C PHE FB 43 13.16 -17.02 -40.16
N ALA FB 44 11.99 -16.85 -39.54
CA ALA FB 44 10.88 -17.73 -39.87
C ALA FB 44 10.26 -17.35 -41.21
N GLY FB 45 9.72 -16.14 -41.29
CA GLY FB 45 9.30 -15.57 -42.55
C GLY FB 45 10.12 -14.33 -42.82
N SER FB 46 9.50 -13.17 -42.68
CA SER FB 46 10.20 -11.91 -42.66
C SER FB 46 9.69 -11.09 -41.49
N LYS FB 47 10.47 -10.07 -41.10
CA LYS FB 47 10.15 -9.16 -40.01
C LYS FB 47 10.13 -9.84 -38.65
N VAL FB 48 10.46 -11.13 -38.58
CA VAL FB 48 10.48 -11.87 -37.32
C VAL FB 48 11.86 -12.49 -37.16
N GLY FB 49 12.57 -12.08 -36.10
CA GLY FB 49 13.91 -12.56 -35.83
C GLY FB 49 13.89 -13.69 -34.83
N LEU FB 50 14.60 -14.77 -35.16
CA LEU FB 50 14.66 -15.96 -34.32
C LEU FB 50 16.00 -16.13 -33.63
N GLY FB 51 16.89 -15.14 -33.74
CA GLY FB 51 18.17 -15.22 -33.04
C GLY FB 51 19.32 -15.66 -33.90
N VAL FB 52 20.15 -16.56 -33.39
CA VAL FB 52 21.34 -17.03 -34.08
C VAL FB 52 21.35 -18.55 -34.07
N LYS FB 53 22.17 -19.12 -34.95
CA LYS FB 53 22.37 -20.55 -35.02
C LYS FB 53 23.83 -20.83 -35.31
N VAL FB 54 24.42 -21.77 -34.58
CA VAL FB 54 25.82 -22.10 -34.78
C VAL FB 54 25.97 -22.85 -36.10
N ALA FB 55 26.74 -22.29 -37.02
CA ALA FB 55 26.90 -22.86 -38.35
C ALA FB 55 28.03 -23.87 -38.42
N GLY FB 56 28.40 -24.48 -37.31
CA GLY FB 56 29.46 -25.47 -37.31
C GLY FB 56 30.84 -24.87 -37.09
N ILE FB 57 31.63 -25.51 -36.23
CA ILE FB 57 32.96 -25.04 -35.92
C ILE FB 57 33.94 -25.64 -36.91
N THR FB 58 34.75 -24.80 -37.55
CA THR FB 58 35.71 -25.21 -38.55
C THR FB 58 37.12 -25.02 -38.02
N GLN FB 59 38.05 -25.81 -38.56
CA GLN FB 59 39.45 -25.79 -38.15
C GLN FB 59 40.31 -25.29 -39.31
N ASP FB 60 41.26 -24.41 -39.00
CA ASP FB 60 42.22 -23.94 -39.99
C ASP FB 60 43.34 -24.96 -40.12
N PHE FB 61 43.57 -25.43 -41.35
CA PHE FB 61 44.58 -26.46 -41.62
C PHE FB 61 45.88 -25.87 -42.15
N THR FB 62 46.23 -24.66 -41.74
CA THR FB 62 47.53 -24.10 -42.09
C THR FB 62 48.62 -24.84 -41.33
N ASP FB 63 49.68 -25.23 -42.05
CA ASP FB 63 50.77 -25.96 -41.42
C ASP FB 63 51.52 -25.07 -40.44
N GLY FB 64 51.82 -25.61 -39.27
CA GLY FB 64 52.56 -24.88 -38.27
C GLY FB 64 54.05 -24.90 -38.51
N THR FB 65 54.76 -24.09 -37.73
CA THR FB 65 56.20 -24.02 -37.86
C THR FB 65 56.83 -25.31 -37.37
N THR FB 66 58.02 -25.62 -37.91
CA THR FB 66 58.71 -26.87 -37.66
C THR FB 66 59.84 -26.65 -36.66
N THR FB 67 59.91 -27.50 -35.64
CA THR FB 67 60.91 -27.40 -34.60
C THR FB 67 61.85 -28.60 -34.64
N ASN FB 68 63.12 -28.35 -34.29
CA ASN FB 68 64.15 -29.39 -34.31
C ASN FB 68 64.12 -30.16 -33.00
N THR FB 69 63.21 -31.13 -32.94
CA THR FB 69 63.06 -31.93 -31.72
C THR FB 69 64.24 -32.88 -31.54
N GLY FB 70 64.74 -33.45 -32.62
CA GLY FB 70 65.78 -34.45 -32.51
C GLY FB 70 65.20 -35.86 -32.59
N ARG FB 71 65.82 -36.80 -31.88
CA ARG FB 71 65.35 -38.19 -31.83
C ARG FB 71 65.33 -38.81 -33.22
N GLY FB 72 64.75 -40.00 -33.34
CA GLY FB 72 64.67 -40.66 -34.63
C GLY FB 72 63.27 -41.04 -35.04
N LEU FB 73 62.39 -41.24 -34.07
CA LEU FB 73 61.02 -41.65 -34.34
C LEU FB 73 60.07 -40.46 -34.34
N ASP FB 74 60.35 -39.47 -35.19
CA ASP FB 74 59.49 -38.30 -35.30
C ASP FB 74 59.63 -37.73 -36.70
N VAL FB 75 58.49 -37.42 -37.32
CA VAL FB 75 58.46 -36.87 -38.68
C VAL FB 75 57.41 -35.78 -38.74
N ALA FB 76 57.59 -34.88 -39.71
CA ALA FB 76 56.65 -33.79 -39.93
C ALA FB 76 56.34 -33.70 -41.41
N ILE FB 77 55.13 -33.24 -41.72
CA ILE FB 77 54.65 -33.18 -43.10
C ILE FB 77 54.64 -31.71 -43.52
N SER FB 78 55.31 -31.42 -44.63
CA SER FB 78 55.44 -30.04 -45.09
C SER FB 78 54.17 -29.49 -45.70
N GLN FB 79 53.29 -30.36 -46.21
CA GLN FB 79 52.09 -29.92 -46.94
C GLN FB 79 50.94 -30.83 -46.52
N ASN FB 80 49.87 -30.79 -47.31
CA ASN FB 80 48.69 -31.59 -47.01
C ASN FB 80 49.05 -33.08 -46.96
N GLY FB 81 48.44 -33.79 -46.01
CA GLY FB 81 48.70 -35.21 -45.84
C GLY FB 81 48.62 -35.63 -44.39
N PHE FB 82 47.89 -36.71 -44.11
CA PHE FB 82 47.70 -37.20 -42.76
C PHE FB 82 48.19 -38.63 -42.67
N PHE FB 83 48.85 -38.96 -41.56
CA PHE FB 83 49.24 -40.34 -41.30
C PHE FB 83 48.01 -41.19 -41.07
N ARG FB 84 48.01 -42.39 -41.63
CA ARG FB 84 46.88 -43.32 -41.50
C ARG FB 84 47.10 -44.20 -40.29
N LEU FB 85 46.14 -44.21 -39.36
CA LEU FB 85 46.27 -44.93 -38.10
C LEU FB 85 45.11 -45.89 -37.94
N VAL FB 86 45.37 -47.01 -37.27
CA VAL FB 86 44.36 -47.99 -36.93
C VAL FB 86 44.48 -48.36 -35.47
N ASP FB 87 43.35 -48.72 -34.87
CA ASP FB 87 43.28 -49.15 -33.48
C ASP FB 87 43.29 -50.68 -33.42
N SER FB 88 43.02 -51.22 -32.23
CA SER FB 88 42.93 -52.66 -32.08
C SER FB 88 41.69 -53.23 -32.76
N ASN FB 89 40.65 -52.43 -32.91
CA ASN FB 89 39.39 -52.90 -33.46
C ASN FB 89 39.23 -52.64 -34.95
N GLY FB 90 40.28 -52.14 -35.61
CA GLY FB 90 40.25 -51.95 -37.04
C GLY FB 90 39.75 -50.60 -37.52
N SER FB 91 39.33 -49.72 -36.62
CA SER FB 91 38.91 -48.40 -37.03
C SER FB 91 40.07 -47.62 -37.62
N VAL FB 92 39.77 -46.78 -38.60
CA VAL FB 92 40.79 -46.04 -39.35
C VAL FB 92 40.75 -44.58 -38.89
N PHE FB 93 41.89 -44.10 -38.38
CA PHE FB 93 42.02 -42.73 -37.93
C PHE FB 93 43.17 -42.06 -38.68
N TYR FB 94 43.13 -40.73 -38.70
CA TYR FB 94 44.17 -39.94 -39.36
C TYR FB 94 44.60 -38.81 -38.43
N SER FB 95 45.90 -38.52 -38.43
CA SER FB 95 46.45 -37.51 -37.54
C SER FB 95 47.67 -36.88 -38.19
N ARG FB 96 48.24 -35.88 -37.52
CA ARG FB 96 49.45 -35.22 -37.99
C ARG FB 96 50.60 -35.27 -36.99
N ASN FB 97 50.38 -35.78 -35.78
CA ASN FB 97 51.44 -35.84 -34.80
C ASN FB 97 52.51 -36.85 -35.21
N GLY FB 98 53.74 -36.57 -34.81
CA GLY FB 98 54.85 -37.41 -35.23
C GLY FB 98 55.52 -38.21 -34.14
N GLN FB 99 55.04 -38.07 -32.90
CA GLN FB 99 55.64 -38.77 -31.76
C GLN FB 99 55.37 -40.25 -31.89
N PHE FB 100 56.41 -41.03 -32.16
CA PHE FB 100 56.30 -42.46 -32.40
C PHE FB 100 57.14 -43.23 -31.40
N LYS FB 101 56.59 -44.34 -30.91
CA LYS FB 101 57.29 -45.24 -30.02
C LYS FB 101 57.04 -46.68 -30.45
N LEU FB 102 57.89 -47.58 -29.96
CA LEU FB 102 57.69 -49.00 -30.16
C LEU FB 102 56.84 -49.57 -29.03
N ASP FB 103 56.01 -50.54 -29.37
CA ASP FB 103 55.23 -51.26 -28.38
C ASP FB 103 56.03 -52.49 -27.93
N GLU FB 104 55.37 -53.41 -27.21
CA GLU FB 104 56.06 -54.59 -26.72
C GLU FB 104 56.57 -55.46 -27.87
N ASN FB 105 55.79 -55.56 -28.95
CA ASN FB 105 56.12 -56.43 -30.08
C ASN FB 105 56.66 -55.65 -31.27
N ARG FB 106 57.35 -54.53 -31.02
CA ARG FB 106 58.12 -53.81 -32.03
C ARG FB 106 57.25 -53.36 -33.19
N ASN FB 107 56.29 -52.50 -32.86
CA ASN FB 107 55.43 -51.86 -33.86
C ASN FB 107 55.44 -50.36 -33.64
N LEU FB 108 55.38 -49.62 -34.74
CA LEU FB 108 55.36 -48.16 -34.67
C LEU FB 108 54.03 -47.70 -34.08
N VAL FB 109 54.10 -47.10 -32.88
CA VAL FB 109 52.92 -46.69 -32.15
C VAL FB 109 53.10 -45.26 -31.70
N ASN FB 110 52.03 -44.46 -31.79
CA ASN FB 110 52.05 -43.09 -31.31
C ASN FB 110 51.88 -43.10 -29.79
N MET FB 111 51.73 -41.91 -29.19
CA MET FB 111 51.66 -41.81 -27.74
C MET FB 111 50.36 -42.33 -27.16
N GLN FB 112 49.29 -42.42 -27.94
CA GLN FB 112 47.99 -42.82 -27.44
C GLN FB 112 47.72 -44.31 -27.56
N GLY FB 113 48.66 -45.08 -28.10
CA GLY FB 113 48.46 -46.51 -28.23
C GLY FB 113 47.75 -46.92 -29.50
N MET FB 114 48.16 -46.35 -30.63
CA MET FB 114 47.59 -46.68 -31.93
C MET FB 114 48.70 -47.02 -32.89
N GLN FB 115 48.46 -48.02 -33.74
CA GLN FB 115 49.47 -48.54 -34.65
C GLN FB 115 49.42 -47.78 -35.98
N LEU FB 116 50.58 -47.28 -36.41
CA LEU FB 116 50.68 -46.62 -37.71
C LEU FB 116 50.69 -47.66 -38.82
N THR FB 117 49.94 -47.38 -39.88
CA THR FB 117 49.85 -48.28 -41.02
C THR FB 117 50.75 -47.83 -42.16
N GLY FB 118 50.96 -48.73 -43.11
CA GLY FB 118 51.79 -48.42 -44.26
C GLY FB 118 51.83 -49.60 -45.21
N TYR FB 119 52.57 -49.42 -46.30
CA TYR FB 119 52.67 -50.46 -47.32
C TYR FB 119 53.55 -51.60 -46.82
N PRO FB 120 53.04 -52.82 -46.77
CA PRO FB 120 53.86 -53.95 -46.29
C PRO FB 120 54.96 -54.30 -47.29
N ALA FB 121 55.97 -55.00 -46.77
CA ALA FB 121 57.13 -55.41 -47.56
C ALA FB 121 57.16 -56.93 -47.64
N THR FB 122 57.24 -57.45 -48.87
CA THR FB 122 57.27 -58.88 -49.11
C THR FB 122 58.45 -59.23 -50.01
N GLY FB 123 58.87 -60.48 -49.93
CA GLY FB 123 59.90 -61.01 -50.81
C GLY FB 123 61.23 -61.21 -50.09
N THR FB 124 62.12 -61.91 -50.78
CA THR FB 124 63.48 -62.16 -50.31
C THR FB 124 64.43 -61.92 -51.46
N PRO FB 125 65.07 -60.75 -51.54
CA PRO FB 125 65.00 -59.63 -50.59
C PRO FB 125 63.65 -58.90 -50.62
N PRO FB 126 63.24 -58.35 -49.47
CA PRO FB 126 61.94 -57.66 -49.42
C PRO FB 126 61.91 -56.46 -50.36
N THR FB 127 60.74 -56.25 -50.96
CA THR FB 127 60.49 -55.07 -51.78
C THR FB 127 59.23 -54.38 -51.27
N ILE FB 128 58.77 -53.35 -51.99
CA ILE FB 128 57.59 -52.60 -51.57
C ILE FB 128 56.44 -52.93 -52.50
N GLN FB 129 55.23 -52.93 -51.95
CA GLN FB 129 54.01 -53.17 -52.70
C GLN FB 129 53.11 -51.95 -52.54
N GLN FB 130 53.09 -51.09 -53.55
CA GLN FB 130 52.28 -49.88 -53.48
C GLN FB 130 50.80 -50.12 -53.65
N GLY FB 131 50.40 -51.30 -54.11
CA GLY FB 131 48.99 -51.58 -54.34
C GLY FB 131 48.40 -52.54 -53.33
N ALA FB 132 49.25 -53.07 -52.45
CA ALA FB 132 48.78 -54.02 -51.45
C ALA FB 132 47.98 -53.29 -50.37
N ASN FB 133 47.24 -54.06 -49.59
CA ASN FB 133 46.47 -53.50 -48.50
C ASN FB 133 47.41 -52.96 -47.44
N PRO FB 134 47.25 -51.71 -47.00
CA PRO FB 134 48.14 -51.16 -45.97
C PRO FB 134 48.06 -51.96 -44.68
N ALA FB 135 49.21 -52.11 -44.03
CA ALA FB 135 49.34 -52.90 -42.82
C ALA FB 135 50.22 -52.15 -41.84
N PRO FB 136 50.08 -52.41 -40.55
CA PRO FB 136 50.95 -51.75 -39.56
C PRO FB 136 52.41 -52.08 -39.81
N ILE FB 137 53.26 -51.07 -39.63
CA ILE FB 137 54.71 -51.26 -39.82
C ILE FB 137 55.25 -52.02 -38.62
N THR FB 138 55.98 -53.10 -38.89
CA THR FB 138 56.63 -53.90 -37.87
C THR FB 138 58.13 -53.93 -38.14
N ILE FB 139 58.93 -53.75 -37.10
CA ILE FB 139 60.38 -53.84 -37.24
C ILE FB 139 60.85 -54.98 -36.33
N PRO FB 140 60.90 -56.20 -36.86
CA PRO FB 140 61.22 -57.36 -36.01
C PRO FB 140 62.69 -57.39 -35.62
N ASN FB 141 62.96 -58.15 -34.56
CA ASN FB 141 64.31 -58.35 -34.06
C ASN FB 141 64.94 -59.62 -34.60
N THR FB 142 64.27 -60.32 -35.51
CA THR FB 142 64.76 -61.59 -36.02
C THR FB 142 66.05 -61.40 -36.83
N LEU FB 143 66.78 -62.50 -36.99
CA LEU FB 143 68.04 -62.49 -37.71
C LEU FB 143 67.80 -62.74 -39.20
N MET FB 144 68.44 -61.93 -40.03
CA MET FB 144 68.32 -62.12 -41.47
C MET FB 144 69.04 -63.39 -41.91
N ALA FB 145 68.39 -64.14 -42.80
CA ALA FB 145 68.95 -65.38 -43.33
C ALA FB 145 69.99 -65.07 -44.40
N ALA FB 146 71.03 -65.89 -44.44
CA ALA FB 146 72.09 -65.71 -45.43
C ALA FB 146 71.56 -65.98 -46.84
N LYS FB 147 72.16 -65.31 -47.81
CA LYS FB 147 71.79 -65.44 -49.22
C LYS FB 147 72.97 -66.02 -49.99
N SER FB 148 72.69 -67.01 -50.83
CA SER FB 148 73.74 -67.63 -51.63
C SER FB 148 74.26 -66.65 -52.68
N THR FB 149 75.58 -66.64 -52.86
CA THR FB 149 76.20 -65.79 -53.88
C THR FB 149 75.86 -66.34 -55.26
N THR FB 150 74.95 -65.67 -55.97
CA THR FB 150 74.48 -66.14 -57.26
C THR FB 150 74.92 -65.30 -58.45
N THR FB 151 75.53 -64.13 -58.21
CA THR FB 151 75.95 -63.28 -59.31
C THR FB 151 77.19 -62.49 -58.89
N ALA FB 152 78.17 -62.44 -59.78
CA ALA FB 152 79.38 -61.67 -59.54
C ALA FB 152 79.76 -60.92 -60.81
N SER FB 153 80.37 -59.75 -60.63
CA SER FB 153 80.80 -58.92 -61.75
C SER FB 153 82.06 -58.17 -61.35
N MET FB 154 83.13 -58.37 -62.12
CA MET FB 154 84.40 -57.73 -61.86
C MET FB 154 84.86 -56.99 -63.10
N GLN FB 155 85.35 -55.77 -62.92
CA GLN FB 155 85.83 -54.94 -64.00
C GLN FB 155 87.35 -54.76 -63.89
N ILE FB 156 88.05 -55.02 -64.98
CA ILE FB 156 89.51 -55.07 -64.98
C ILE FB 156 90.03 -54.30 -66.19
N ASN FB 157 91.11 -53.56 -65.96
CA ASN FB 157 91.82 -52.85 -67.03
C ASN FB 157 92.98 -53.70 -67.50
N LEU FB 158 93.15 -53.79 -68.82
CA LEU FB 158 94.22 -54.58 -69.42
C LEU FB 158 95.07 -53.68 -70.31
N ASN FB 159 96.39 -53.75 -70.14
CA ASN FB 159 97.30 -52.93 -70.90
C ASN FB 159 97.58 -53.58 -72.26
N SER FB 160 97.45 -52.78 -73.32
CA SER FB 160 97.66 -53.30 -74.67
C SER FB 160 99.11 -53.73 -74.89
N THR FB 161 100.06 -52.95 -74.38
CA THR FB 161 101.48 -53.22 -74.57
C THR FB 161 102.06 -54.15 -73.50
N ASP FB 162 101.23 -54.98 -72.90
CA ASP FB 162 101.70 -55.88 -71.85
C ASP FB 162 102.59 -56.96 -72.46
N PRO FB 163 103.80 -57.17 -71.92
CA PRO FB 163 104.65 -58.26 -72.42
C PRO FB 163 104.07 -59.62 -72.06
N VAL FB 164 104.36 -60.60 -72.91
CA VAL FB 164 103.93 -61.97 -72.64
C VAL FB 164 104.76 -62.55 -71.50
N PRO FB 165 104.16 -63.25 -70.54
CA PRO FB 165 104.96 -63.93 -69.51
C PRO FB 165 105.92 -64.93 -70.14
N SER FB 166 107.13 -65.00 -69.58
CA SER FB 166 108.17 -65.84 -70.17
C SER FB 166 107.83 -67.32 -70.05
N LYS FB 167 107.41 -67.77 -68.87
CA LYS FB 167 107.12 -69.18 -68.64
C LYS FB 167 105.75 -69.50 -69.21
N THR FB 168 105.75 -70.22 -70.34
CA THR FB 168 104.49 -70.59 -70.98
C THR FB 168 103.60 -71.50 -70.12
N PRO FB 169 104.10 -72.57 -69.48
CA PRO FB 169 103.18 -73.42 -68.69
C PRO FB 169 102.54 -72.64 -67.55
N PHE FB 170 101.28 -72.94 -67.28
CA PHE FB 170 100.54 -72.25 -66.24
C PHE FB 170 100.89 -72.80 -64.87
N SER FB 171 100.75 -71.95 -63.85
CA SER FB 171 101.01 -72.34 -62.48
C SER FB 171 100.14 -71.49 -61.56
N VAL FB 172 99.98 -71.98 -60.32
CA VAL FB 172 99.14 -71.29 -59.35
C VAL FB 172 99.95 -70.40 -58.41
N SER FB 173 101.24 -70.67 -58.22
CA SER FB 173 102.06 -69.90 -57.30
C SER FB 173 103.38 -69.51 -57.94
N ASP FB 174 103.32 -69.04 -59.19
CA ASP FB 174 104.50 -68.65 -59.94
C ASP FB 174 104.49 -67.15 -60.18
N ALA FB 175 105.68 -66.53 -60.08
CA ALA FB 175 105.77 -65.08 -60.22
C ALA FB 175 105.38 -64.62 -61.60
N ASP FB 176 105.83 -65.32 -62.64
CA ASP FB 176 105.58 -64.92 -64.02
C ASP FB 176 104.72 -65.93 -64.78
N SER FB 177 103.72 -66.49 -64.11
CA SER FB 177 102.78 -67.39 -64.78
C SER FB 177 101.54 -66.66 -65.30
N TYR FB 178 101.49 -65.34 -65.16
CA TYR FB 178 100.32 -64.57 -65.56
C TYR FB 178 100.72 -63.12 -65.74
N ASN FB 179 99.72 -62.28 -66.00
CA ASN FB 179 99.91 -60.84 -66.10
C ASN FB 179 99.28 -60.08 -64.93
N LYS FB 180 98.10 -60.49 -64.49
CA LYS FB 180 97.42 -59.86 -63.37
C LYS FB 180 96.67 -60.91 -62.56
N LYS FB 181 96.76 -60.81 -61.24
CA LYS FB 181 96.05 -61.67 -60.32
C LYS FB 181 94.98 -60.86 -59.60
N GLY FB 182 93.74 -61.35 -59.63
CA GLY FB 182 92.65 -60.64 -58.99
C GLY FB 182 91.92 -61.49 -57.97
N THR FB 183 91.79 -60.96 -56.76
CA THR FB 183 91.11 -61.65 -55.68
C THR FB 183 89.72 -61.04 -55.45
N VAL FB 184 88.71 -61.90 -55.35
CA VAL FB 184 87.34 -61.47 -55.14
C VAL FB 184 86.78 -62.22 -53.94
N THR FB 185 85.84 -61.59 -53.25
CA THR FB 185 85.23 -62.15 -52.05
C THR FB 185 83.79 -62.53 -52.34
N VAL FB 186 83.47 -63.81 -52.12
CA VAL FB 186 82.12 -64.33 -52.29
C VAL FB 186 81.77 -65.17 -51.07
N TYR FB 187 80.56 -65.73 -51.07
CA TYR FB 187 80.06 -66.51 -49.94
C TYR FB 187 79.35 -67.74 -50.46
N ASP FB 188 79.23 -68.73 -49.57
CA ASP FB 188 78.55 -69.98 -49.89
C ASP FB 188 77.06 -69.84 -49.59
N SER FB 189 76.34 -70.96 -49.60
CA SER FB 189 74.92 -70.97 -49.30
C SER FB 189 74.62 -70.95 -47.81
N GLN FB 190 75.63 -71.02 -46.96
CA GLN FB 190 75.44 -70.99 -45.52
C GLN FB 190 76.01 -69.75 -44.86
N GLY FB 191 77.13 -69.23 -45.34
CA GLY FB 191 77.72 -68.04 -44.75
C GLY FB 191 79.23 -68.09 -44.70
N ASN FB 192 79.79 -69.25 -45.02
CA ASN FB 192 81.24 -69.42 -45.01
C ASN FB 192 81.89 -68.57 -46.08
N ALA FB 193 83.08 -68.06 -45.79
CA ALA FB 193 83.79 -67.18 -46.69
C ALA FB 193 84.53 -67.98 -47.75
N HIS FB 194 84.39 -67.57 -49.01
CA HIS FB 194 85.10 -68.17 -50.12
C HIS FB 194 85.73 -67.08 -50.97
N ASP FB 195 86.97 -67.30 -51.38
CA ASP FB 195 87.71 -66.35 -52.20
C ASP FB 195 88.07 -67.00 -53.52
N MET FB 196 87.77 -66.30 -54.62
CA MET FB 196 88.09 -66.77 -55.97
C MET FB 196 89.17 -65.87 -56.54
N ASN FB 197 90.28 -66.49 -56.95
CA ASN FB 197 91.40 -65.77 -57.55
C ASN FB 197 91.36 -65.96 -59.05
N VAL FB 198 91.30 -64.86 -59.79
CA VAL FB 198 91.22 -64.88 -61.25
C VAL FB 198 92.54 -64.39 -61.80
N TYR FB 199 93.14 -65.17 -62.69
CA TYR FB 199 94.44 -64.87 -63.27
C TYR FB 199 94.29 -64.62 -64.76
N PHE FB 200 94.92 -63.56 -65.24
CA PHE FB 200 94.94 -63.24 -66.66
C PHE FB 200 96.37 -63.33 -67.17
N VAL FB 201 96.60 -64.15 -68.19
CA VAL FB 201 97.91 -64.38 -68.76
C VAL FB 201 97.82 -64.21 -70.27
N LYS FB 202 98.77 -63.48 -70.84
CA LYS FB 202 98.80 -63.22 -72.28
C LYS FB 202 99.38 -64.42 -73.01
N THR FB 203 98.66 -64.88 -74.03
CA THR FB 203 99.16 -65.88 -74.97
C THR FB 203 99.33 -65.33 -76.37
N LYS FB 204 98.36 -64.54 -76.85
CA LYS FB 204 98.47 -63.85 -78.13
C LYS FB 204 97.62 -62.60 -78.07
N ASP FB 205 97.88 -61.68 -78.99
CA ASP FB 205 97.25 -60.37 -78.94
C ASP FB 205 95.76 -60.46 -79.25
N ASN FB 206 95.04 -59.41 -78.83
CA ASN FB 206 93.58 -59.30 -78.98
C ASN FB 206 92.82 -60.37 -78.22
N GLU FB 207 93.46 -60.99 -77.22
CA GLU FB 207 92.78 -61.96 -76.37
C GLU FB 207 93.57 -62.14 -75.09
N TRP FB 208 92.89 -62.67 -74.07
CA TRP FB 208 93.51 -62.97 -72.79
C TRP FB 208 92.92 -64.25 -72.23
N ALA FB 209 93.66 -64.89 -71.33
CA ALA FB 209 93.28 -66.16 -70.76
C ALA FB 209 92.73 -65.97 -69.36
N VAL FB 210 91.58 -66.57 -69.08
CA VAL FB 210 90.89 -66.45 -67.80
C VAL FB 210 91.09 -67.75 -67.03
N TYR FB 211 91.40 -67.64 -65.74
CA TYR FB 211 91.61 -68.80 -64.88
C TYR FB 211 90.85 -68.61 -63.58
N THR FB 212 90.49 -69.72 -62.95
CA THR FB 212 89.75 -69.72 -61.69
C THR FB 212 90.53 -70.52 -60.65
N HIS FB 213 90.40 -70.09 -59.39
CA HIS FB 213 91.08 -70.74 -58.28
C HIS FB 213 90.39 -70.37 -56.99
N ASP FB 214 90.38 -71.30 -56.04
CA ASP FB 214 89.77 -71.12 -54.73
C ASP FB 214 90.87 -71.08 -53.68
N SER FB 215 90.80 -70.09 -52.78
CA SER FB 215 91.81 -69.92 -51.74
C SER FB 215 91.32 -70.31 -50.35
N SER FB 216 90.01 -70.39 -50.14
CA SER FB 216 89.47 -70.72 -48.83
C SER FB 216 89.35 -72.23 -48.59
N ASP FB 217 89.58 -73.05 -49.62
CA ASP FB 217 89.46 -74.49 -49.48
C ASP FB 217 90.83 -75.14 -49.51
N PRO FB 218 91.31 -75.73 -48.41
CA PRO FB 218 92.61 -76.42 -48.45
C PRO FB 218 92.62 -77.66 -49.31
N ALA FB 219 91.46 -78.22 -49.63
CA ALA FB 219 91.36 -79.41 -50.46
C ALA FB 219 91.21 -79.10 -51.94
N ALA FB 220 91.25 -77.82 -52.32
CA ALA FB 220 91.08 -77.44 -53.72
C ALA FB 220 92.27 -77.87 -54.55
N THR FB 221 92.03 -78.06 -55.85
CA THR FB 221 93.07 -78.49 -56.79
C THR FB 221 93.65 -77.28 -57.49
N ALA FB 222 94.97 -77.22 -57.59
CA ALA FB 222 95.64 -76.11 -58.24
C ALA FB 222 95.24 -76.06 -59.71
N PRO FB 223 94.80 -74.91 -60.23
CA PRO FB 223 94.32 -74.84 -61.62
C PRO FB 223 95.48 -74.89 -62.61
N THR FB 224 95.30 -75.66 -63.67
CA THR FB 224 96.23 -75.70 -64.80
C THR FB 224 95.55 -75.43 -66.13
N THR FB 225 94.34 -75.92 -66.33
CA THR FB 225 93.61 -75.68 -67.56
C THR FB 225 92.97 -74.30 -67.55
N ALA FB 226 92.89 -73.69 -68.73
CA ALA FB 226 92.28 -72.38 -68.87
C ALA FB 226 90.78 -72.46 -68.69
N SER FB 227 90.22 -71.51 -67.94
CA SER FB 227 88.77 -71.45 -67.77
C SER FB 227 88.10 -70.93 -69.04
N THR FB 228 88.42 -69.71 -69.44
CA THR FB 228 87.86 -69.12 -70.66
C THR FB 228 88.90 -68.18 -71.26
N THR FB 229 88.58 -67.69 -72.46
CA THR FB 229 89.41 -66.73 -73.15
C THR FB 229 88.64 -65.43 -73.33
N LEU FB 230 89.37 -64.31 -73.27
CA LEU FB 230 88.77 -62.98 -73.32
C LEU FB 230 89.28 -62.28 -74.58
N LYS FB 231 88.62 -62.51 -75.71
CA LYS FB 231 88.97 -61.88 -76.97
C LYS FB 231 88.36 -60.49 -77.03
N PHE FB 232 89.18 -59.49 -77.32
CA PHE FB 232 88.72 -58.11 -77.43
C PHE FB 232 88.54 -57.72 -78.88
N ASN FB 233 87.81 -56.62 -79.09
CA ASN FB 233 87.58 -56.10 -80.42
C ASN FB 233 88.86 -55.51 -80.99
N GLU FB 234 88.76 -55.02 -82.23
CA GLU FB 234 89.90 -54.43 -82.91
C GLU FB 234 90.41 -53.19 -82.19
N ASN FB 235 89.54 -52.45 -81.50
CA ASN FB 235 89.91 -51.24 -80.80
C ASN FB 235 90.00 -51.43 -79.30
N GLY FB 236 90.20 -52.65 -78.82
CA GLY FB 236 90.30 -52.92 -77.41
C GLY FB 236 88.99 -53.05 -76.68
N ILE FB 237 87.88 -53.15 -77.40
CA ILE FB 237 86.55 -53.28 -76.78
C ILE FB 237 86.26 -54.76 -76.61
N LEU FB 238 85.36 -55.08 -75.68
CA LEU FB 238 84.95 -56.47 -75.46
C LEU FB 238 83.67 -56.77 -76.21
N GLU FB 239 83.62 -57.93 -76.86
CA GLU FB 239 82.47 -58.30 -77.67
C GLU FB 239 81.97 -59.71 -77.36
N SER FB 240 82.84 -60.58 -76.87
CA SER FB 240 82.47 -61.98 -76.66
C SER FB 240 83.27 -62.55 -75.51
N GLY FB 241 82.76 -63.66 -74.96
CA GLY FB 241 83.41 -64.36 -73.87
C GLY FB 241 83.28 -63.72 -72.51
N GLY FB 242 82.32 -62.81 -72.34
CA GLY FB 242 82.20 -62.09 -71.09
C GLY FB 242 81.48 -62.82 -69.97
N THR FB 243 80.59 -63.76 -70.32
CA THR FB 243 79.78 -64.46 -69.34
C THR FB 243 80.32 -65.87 -69.15
N VAL FB 244 80.73 -66.17 -67.91
CA VAL FB 244 81.24 -67.49 -67.55
C VAL FB 244 80.53 -67.94 -66.28
N ASN FB 245 80.44 -69.27 -66.11
CA ASN FB 245 79.88 -69.86 -64.92
C ASN FB 245 81.02 -70.36 -64.04
N ILE FB 246 81.04 -69.90 -62.79
CA ILE FB 246 82.10 -70.23 -61.85
C ILE FB 246 81.49 -70.93 -60.64
N THR FB 247 82.03 -72.09 -60.28
CA THR FB 247 81.57 -72.87 -59.14
C THR FB 247 82.72 -73.03 -58.16
N THR FB 248 82.43 -72.84 -56.87
CA THR FB 248 83.43 -72.96 -55.83
C THR FB 248 83.51 -74.40 -55.34
N GLY FB 249 84.23 -74.62 -54.25
CA GLY FB 249 84.31 -75.93 -53.62
C GLY FB 249 83.41 -76.00 -52.40
N THR FB 250 83.22 -77.23 -51.91
CA THR FB 250 82.38 -77.49 -50.76
C THR FB 250 83.23 -77.72 -49.52
N ILE FB 251 82.87 -77.05 -48.42
CA ILE FB 251 83.57 -77.19 -47.16
C ILE FB 251 82.56 -77.27 -46.02
N ASN FB 252 82.89 -78.09 -45.03
CA ASN FB 252 82.08 -78.24 -43.82
C ASN FB 252 80.64 -78.64 -44.11
N GLY FB 253 80.45 -79.50 -45.11
CA GLY FB 253 79.13 -79.97 -45.45
C GLY FB 253 78.22 -78.95 -46.10
N ALA FB 254 78.78 -77.83 -46.56
CA ALA FB 254 77.99 -76.77 -47.16
C ALA FB 254 78.10 -76.84 -48.68
N THR FB 255 76.98 -76.60 -49.34
CA THR FB 255 76.96 -76.60 -50.80
C THR FB 255 77.82 -75.46 -51.34
N ALA FB 256 78.54 -75.74 -52.42
CA ALA FB 256 79.41 -74.75 -53.02
C ALA FB 256 78.58 -73.65 -53.70
N ALA FB 257 79.23 -72.52 -53.93
CA ALA FB 257 78.58 -71.36 -54.55
C ALA FB 257 78.66 -71.50 -56.07
N THR FB 258 77.53 -71.82 -56.69
CA THR FB 258 77.43 -71.94 -58.14
C THR FB 258 76.79 -70.65 -58.66
N PHE FB 259 77.58 -69.83 -59.33
CA PHE FB 259 77.16 -68.51 -59.78
C PHE FB 259 77.73 -68.22 -61.16
N SER FB 260 77.11 -67.26 -61.83
CA SER FB 260 77.55 -66.80 -63.15
C SER FB 260 78.28 -65.48 -62.97
N LEU FB 261 79.51 -65.42 -63.48
CA LEU FB 261 80.35 -64.22 -63.37
C LEU FB 261 80.50 -63.60 -64.75
N SER FB 262 80.43 -62.27 -64.80
CA SER FB 262 80.48 -61.54 -66.05
C SER FB 262 81.69 -60.62 -66.05
N PHE FB 263 82.27 -60.44 -67.24
CA PHE FB 263 83.44 -59.58 -67.44
C PHE FB 263 83.17 -58.47 -68.45
N LEU FB 264 81.91 -58.22 -68.77
CA LEU FB 264 81.58 -57.26 -69.82
C LEU FB 264 81.98 -55.85 -69.39
N ASN FB 265 82.08 -54.96 -70.39
CA ASN FB 265 82.47 -53.56 -70.20
C ASN FB 265 83.90 -53.45 -69.66
N SER FB 266 84.81 -54.25 -70.21
CA SER FB 266 86.22 -54.16 -69.89
C SER FB 266 86.97 -53.61 -71.11
N MET FB 267 88.14 -53.01 -70.83
CA MET FB 267 88.88 -52.29 -71.85
C MET FB 267 90.28 -52.86 -71.98
N GLN FB 268 90.73 -53.02 -73.23
CA GLN FB 268 92.07 -53.52 -73.54
C GLN FB 268 92.97 -52.45 -74.15
N GLN FB 269 92.57 -51.19 -74.09
CA GLN FB 269 93.34 -50.11 -74.70
C GLN FB 269 94.64 -49.89 -73.92
N ASN FB 270 95.40 -48.89 -74.36
CA ASN FB 270 96.70 -48.60 -73.77
C ASN FB 270 96.49 -47.98 -72.40
N THR FB 271 96.30 -48.82 -71.39
CA THR FB 271 96.05 -48.38 -70.02
C THR FB 271 97.30 -48.30 -69.18
N GLY FB 272 98.46 -48.65 -69.74
CA GLY FB 272 99.71 -48.59 -69.01
C GLY FB 272 99.88 -49.73 -68.02
N ALA FB 273 98.96 -49.86 -67.08
CA ALA FB 273 99.02 -50.89 -66.06
C ALA FB 273 97.66 -51.54 -65.91
N ASN FB 274 97.64 -52.70 -65.26
CA ASN FB 274 96.42 -53.46 -65.06
C ASN FB 274 95.99 -53.38 -63.59
N ASN FB 275 94.72 -53.06 -63.37
CA ASN FB 275 94.17 -52.97 -62.02
C ASN FB 275 92.67 -53.15 -62.09
N ILE FB 276 92.10 -53.52 -60.95
CA ILE FB 276 90.65 -53.73 -60.85
C ILE FB 276 89.97 -52.40 -60.54
N VAL FB 277 88.92 -52.09 -61.28
CA VAL FB 277 88.17 -50.85 -61.07
C VAL FB 277 86.79 -51.08 -60.46
N ALA FB 278 86.24 -52.29 -60.54
CA ALA FB 278 84.94 -52.55 -59.97
C ALA FB 278 84.79 -54.04 -59.66
N THR FB 279 84.08 -54.34 -58.59
CA THR FB 279 83.80 -55.71 -58.17
C THR FB 279 82.68 -55.70 -57.16
N ASN FB 280 81.81 -56.70 -57.23
CA ASN FB 280 80.66 -56.81 -56.33
C ASN FB 280 80.06 -58.20 -56.46
N GLN FB 281 79.14 -58.50 -55.55
CA GLN FB 281 78.39 -59.76 -55.54
C GLN FB 281 77.21 -59.58 -54.61
N ASN FB 282 76.31 -60.56 -54.62
CA ASN FB 282 75.04 -60.47 -53.89
C ASN FB 282 74.84 -61.68 -52.98
N GLY FB 283 75.85 -62.03 -52.21
CA GLY FB 283 75.72 -63.04 -51.17
C GLY FB 283 76.31 -62.53 -49.87
N TYR FB 284 75.67 -62.88 -48.76
CA TYR FB 284 76.08 -62.37 -47.45
C TYR FB 284 75.85 -63.42 -46.38
N LYS FB 285 76.58 -63.26 -45.29
CA LYS FB 285 76.44 -64.06 -44.10
C LYS FB 285 75.27 -63.57 -43.25
N PRO FB 286 74.72 -64.41 -42.37
CA PRO FB 286 73.64 -63.96 -41.50
C PRO FB 286 74.11 -62.84 -40.58
N GLY FB 287 73.17 -61.95 -40.23
CA GLY FB 287 73.47 -60.80 -39.41
C GLY FB 287 72.36 -60.49 -38.43
N ASP FB 288 72.54 -59.40 -37.70
CA ASP FB 288 71.61 -58.97 -36.66
C ASP FB 288 71.46 -57.45 -36.72
N LEU FB 289 70.34 -56.97 -36.20
CA LEU FB 289 70.05 -55.54 -36.22
C LEU FB 289 71.06 -54.77 -35.39
N VAL FB 290 71.51 -53.64 -35.92
CA VAL FB 290 72.45 -52.78 -35.20
C VAL FB 290 71.84 -51.40 -35.00
N SER FB 291 70.98 -50.99 -35.93
CA SER FB 291 70.35 -49.68 -35.89
C SER FB 291 69.31 -49.60 -37.00
N TYR FB 292 68.54 -48.52 -36.99
CA TYR FB 292 67.54 -48.27 -38.02
C TYR FB 292 67.20 -46.79 -38.00
N GLN FB 293 66.58 -46.33 -39.09
CA GLN FB 293 66.21 -44.92 -39.23
C GLN FB 293 65.11 -44.82 -40.28
N ILE FB 294 64.60 -43.61 -40.45
CA ILE FB 294 63.55 -43.32 -41.42
C ILE FB 294 64.05 -42.21 -42.33
N ASN FB 295 63.94 -42.42 -43.64
CA ASN FB 295 64.42 -41.45 -44.62
C ASN FB 295 63.26 -40.60 -45.14
N ASN FB 296 63.61 -39.55 -45.89
CA ASN FB 296 62.64 -38.61 -46.41
C ASN FB 296 61.69 -39.24 -47.42
N ASP FB 297 62.03 -40.41 -47.96
CA ASP FB 297 61.13 -41.10 -48.87
C ASP FB 297 59.93 -41.71 -48.17
N GLY FB 298 59.94 -41.78 -46.83
CA GLY FB 298 58.89 -42.41 -46.09
C GLY FB 298 59.10 -43.88 -45.79
N THR FB 299 60.17 -44.48 -46.31
CA THR FB 299 60.44 -45.88 -46.07
C THR FB 299 61.21 -46.06 -44.76
N VAL FB 300 61.00 -47.22 -44.13
CA VAL FB 300 61.71 -47.60 -42.92
C VAL FB 300 62.77 -48.62 -43.32
N VAL FB 301 64.03 -48.33 -42.97
CA VAL FB 301 65.17 -49.16 -43.35
C VAL FB 301 65.87 -49.61 -42.08
N GLY FB 302 66.12 -50.91 -41.97
CA GLY FB 302 66.82 -51.45 -40.83
C GLY FB 302 68.19 -52.00 -41.17
N ASN FB 303 69.23 -51.37 -40.67
CA ASN FB 303 70.60 -51.79 -40.93
C ASN FB 303 70.94 -53.02 -40.09
N TYR FB 304 71.86 -53.84 -40.60
CA TYR FB 304 72.31 -55.05 -39.93
C TYR FB 304 73.83 -55.03 -39.80
N SER FB 305 74.37 -56.07 -39.15
CA SER FB 305 75.80 -56.14 -38.92
C SER FB 305 76.58 -56.33 -40.21
N ASN FB 306 76.02 -57.07 -41.16
CA ASN FB 306 76.73 -57.43 -42.38
C ASN FB 306 76.56 -56.40 -43.49
N GLU FB 307 76.28 -55.14 -43.14
CA GLU FB 307 76.14 -54.04 -44.10
C GLU FB 307 75.10 -54.37 -45.17
N GLN FB 308 74.00 -54.99 -44.76
CA GLN FB 308 72.91 -55.34 -45.65
C GLN FB 308 71.68 -54.52 -45.29
N GLU FB 309 71.19 -53.73 -46.25
CA GLU FB 309 70.00 -52.93 -46.06
C GLU FB 309 68.76 -53.79 -46.22
N GLN FB 310 67.73 -53.51 -45.43
CA GLN FB 310 66.45 -54.20 -45.55
C GLN FB 310 65.34 -53.18 -45.38
N VAL FB 311 64.39 -53.17 -46.31
CA VAL FB 311 63.24 -52.27 -46.26
C VAL FB 311 62.07 -53.02 -45.68
N LEU FB 312 61.48 -52.47 -44.62
CA LEU FB 312 60.37 -53.11 -43.91
C LEU FB 312 59.02 -52.49 -44.25
N GLY FB 313 58.98 -51.61 -45.25
CA GLY FB 313 57.76 -50.96 -45.66
C GLY FB 313 57.96 -49.46 -45.73
N GLN FB 314 56.86 -48.74 -45.90
CA GLN FB 314 56.91 -47.28 -45.92
C GLN FB 314 55.60 -46.73 -45.39
N ILE FB 315 55.66 -45.48 -44.94
CA ILE FB 315 54.51 -44.82 -44.34
C ILE FB 315 53.68 -44.18 -45.43
N VAL FB 316 52.39 -44.52 -45.47
CA VAL FB 316 51.49 -43.95 -46.46
C VAL FB 316 50.87 -42.69 -45.90
N LEU FB 317 50.34 -41.85 -46.80
CA LEU FB 317 49.67 -40.62 -46.42
C LEU FB 317 48.26 -40.64 -47.00
N ALA FB 318 47.42 -39.72 -46.50
CA ALA FB 318 46.06 -39.57 -46.98
C ALA FB 318 45.80 -38.10 -47.28
N ASN FB 319 45.16 -37.83 -48.41
CA ASN FB 319 44.81 -36.47 -48.82
C ASN FB 319 43.32 -36.46 -49.15
N PHE FB 320 42.51 -36.01 -48.19
CA PHE FB 320 41.07 -35.99 -48.38
C PHE FB 320 40.69 -34.97 -49.46
N ALA FB 321 39.59 -35.24 -50.14
CA ALA FB 321 39.09 -34.32 -51.16
C ALA FB 321 38.71 -32.98 -50.54
N ASN FB 322 38.06 -33.01 -49.39
CA ASN FB 322 37.68 -31.79 -48.67
C ASN FB 322 38.07 -31.93 -47.21
N ASN FB 323 38.77 -30.94 -46.68
CA ASN FB 323 39.13 -30.90 -45.28
C ASN FB 323 37.97 -30.26 -44.50
N GLU FB 324 38.19 -29.99 -43.22
CA GLU FB 324 37.20 -29.37 -42.35
C GLU FB 324 35.95 -30.22 -42.21
N GLY FB 325 35.94 -31.39 -42.84
CA GLY FB 325 34.84 -32.31 -42.69
C GLY FB 325 35.23 -33.48 -41.81
N LEU FB 326 36.49 -33.49 -41.38
CA LEU FB 326 37.01 -34.54 -40.53
C LEU FB 326 36.55 -34.28 -39.09
N ALA FB 327 35.71 -35.16 -38.57
CA ALA FB 327 35.24 -35.01 -37.20
C ALA FB 327 36.34 -35.37 -36.22
N SER FB 328 36.59 -34.47 -35.27
CA SER FB 328 37.60 -34.73 -34.25
C SER FB 328 37.16 -35.87 -33.34
N GLN FB 329 38.12 -36.67 -32.90
CA GLN FB 329 37.86 -37.83 -32.06
C GLN FB 329 38.83 -37.82 -30.88
N GLY FB 330 38.38 -37.26 -29.76
CA GLY FB 330 39.16 -37.29 -28.55
C GLY FB 330 40.52 -36.65 -28.69
N ASP FB 331 41.57 -37.45 -28.67
CA ASP FB 331 42.92 -36.93 -28.77
C ASP FB 331 43.18 -36.50 -30.21
N ASN FB 332 44.45 -36.19 -30.52
CA ASN FB 332 44.77 -35.57 -31.80
C ASN FB 332 44.70 -36.58 -32.94
N VAL FB 333 43.48 -37.03 -33.27
CA VAL FB 333 43.23 -37.84 -34.46
C VAL FB 333 41.97 -37.31 -35.13
N TRP FB 334 41.71 -37.80 -36.34
CA TRP FB 334 40.52 -37.44 -37.09
C TRP FB 334 39.90 -38.70 -37.68
N ALA FB 335 38.60 -38.65 -37.90
CA ALA FB 335 37.85 -39.78 -38.42
C ALA FB 335 37.27 -39.42 -39.78
N ALA FB 336 37.48 -40.29 -40.76
CA ALA FB 336 36.92 -40.09 -42.09
C ALA FB 336 35.41 -40.32 -42.06
N THR FB 337 34.66 -39.42 -42.68
CA THR FB 337 33.20 -39.50 -42.71
C THR FB 337 32.70 -38.73 -43.91
N GLN FB 338 31.40 -38.45 -43.94
CA GLN FB 338 30.82 -37.67 -45.01
C GLN FB 338 31.46 -36.29 -45.09
N ALA FB 339 31.31 -35.65 -46.25
CA ALA FB 339 31.91 -34.36 -46.54
C ALA FB 339 33.42 -34.39 -46.46
N SER FB 340 34.01 -35.58 -46.53
CA SER FB 340 35.47 -35.72 -46.53
C SER FB 340 35.98 -36.68 -47.60
N GLY FB 341 35.15 -37.58 -48.11
CA GLY FB 341 35.57 -38.48 -49.16
C GLY FB 341 36.41 -39.63 -48.64
N VAL FB 342 36.97 -40.37 -49.60
CA VAL FB 342 37.84 -41.50 -49.28
C VAL FB 342 39.23 -41.00 -48.95
N ALA FB 343 40.08 -41.88 -48.41
CA ALA FB 343 41.40 -41.46 -47.99
C ALA FB 343 42.25 -40.99 -49.16
N LEU FB 344 42.17 -41.69 -50.29
CA LEU FB 344 42.98 -41.38 -51.48
C LEU FB 344 44.47 -41.40 -51.15
N LEU FB 345 44.95 -42.59 -50.83
CA LEU FB 345 46.32 -42.77 -50.36
C LEU FB 345 47.32 -42.43 -51.45
N GLY FB 346 48.56 -42.16 -51.02
CA GLY FB 346 49.64 -41.86 -51.93
C GLY FB 346 50.96 -41.91 -51.19
N THR FB 347 52.04 -41.83 -51.96
CA THR FB 347 53.38 -41.86 -51.38
C THR FB 347 53.75 -40.49 -50.83
N ALA FB 348 54.89 -40.45 -50.13
CA ALA FB 348 55.32 -39.22 -49.48
C ALA FB 348 55.88 -38.20 -50.45
N GLY FB 349 56.43 -38.61 -51.58
CA GLY FB 349 57.10 -37.68 -52.47
C GLY FB 349 56.30 -37.28 -53.69
N SER FB 350 55.64 -38.24 -54.33
CA SER FB 350 54.93 -38.00 -55.56
C SER FB 350 53.48 -37.61 -55.26
N GLY FB 351 52.67 -37.55 -56.31
CA GLY FB 351 51.29 -37.13 -56.13
C GLY FB 351 51.21 -35.67 -55.73
N ASN FB 352 50.40 -35.38 -54.72
CA ASN FB 352 50.25 -34.04 -54.17
C ASN FB 352 50.48 -34.06 -52.67
N PHE FB 353 51.56 -34.73 -52.26
CA PHE FB 353 51.88 -34.91 -50.85
C PHE FB 353 53.24 -34.28 -50.57
N GLY FB 354 53.31 -33.52 -49.49
CA GLY FB 354 54.57 -32.89 -49.12
C GLY FB 354 55.60 -33.91 -48.66
N LYS FB 355 56.86 -33.57 -48.84
CA LYS FB 355 57.94 -34.43 -48.41
C LYS FB 355 58.07 -34.41 -46.89
N LEU FB 356 58.38 -35.57 -46.32
CA LEU FB 356 58.56 -35.68 -44.88
C LEU FB 356 59.90 -35.09 -44.46
N THR FB 357 59.94 -34.60 -43.22
CA THR FB 357 61.17 -34.10 -42.62
C THR FB 357 61.51 -35.00 -41.44
N ASN FB 358 62.75 -35.48 -41.41
CA ASN FB 358 63.17 -36.44 -40.39
C ASN FB 358 63.66 -35.70 -39.16
N GLY FB 359 63.26 -36.20 -37.98
CA GLY FB 359 63.69 -35.62 -36.72
C GLY FB 359 63.19 -34.22 -36.47
N ALA FB 360 61.90 -33.99 -36.69
CA ALA FB 360 61.31 -32.68 -36.45
C ALA FB 360 59.82 -32.84 -36.21
N LEU FB 361 59.22 -31.81 -35.63
CA LEU FB 361 57.81 -31.83 -35.27
C LEU FB 361 57.15 -30.50 -35.66
N GLU FB 362 55.85 -30.56 -35.86
CA GLU FB 362 55.06 -29.38 -36.21
C GLU FB 362 54.45 -28.76 -34.96
N ALA FB 363 54.38 -27.42 -34.96
CA ALA FB 363 53.86 -26.70 -33.82
C ALA FB 363 52.34 -26.58 -33.92
N SER FB 364 51.74 -25.76 -33.07
CA SER FB 364 50.30 -25.68 -32.92
C SER FB 364 49.65 -24.59 -33.78
N ASN FB 365 50.44 -23.79 -34.49
CA ASN FB 365 49.97 -22.69 -35.33
C ASN FB 365 48.88 -21.87 -34.65
N VAL FB 366 49.01 -21.67 -33.34
CA VAL FB 366 48.07 -20.84 -32.57
C VAL FB 366 48.85 -19.65 -32.04
N ASP FB 367 48.41 -18.45 -32.40
CA ASP FB 367 49.07 -17.22 -31.98
C ASP FB 367 48.28 -16.60 -30.84
N LEU FB 368 48.95 -16.39 -29.70
CA LEU FB 368 48.28 -15.80 -28.55
C LEU FB 368 47.87 -14.36 -28.80
N SER FB 369 48.52 -13.68 -29.74
CA SER FB 369 48.12 -12.30 -30.04
C SER FB 369 46.72 -12.24 -30.62
N LYS FB 370 46.38 -13.19 -31.50
CA LYS FB 370 45.04 -13.21 -32.07
C LYS FB 370 44.00 -13.62 -31.05
N GLU FB 371 44.34 -14.54 -30.16
CA GLU FB 371 43.35 -15.06 -29.22
C GLU FB 371 43.02 -14.04 -28.14
N LEU FB 372 44.03 -13.38 -27.58
CA LEU FB 372 43.79 -12.47 -26.47
C LEU FB 372 42.90 -11.30 -26.87
N VAL FB 373 43.14 -10.72 -28.05
CA VAL FB 373 42.32 -9.61 -28.49
C VAL FB 373 40.90 -10.07 -28.80
N ASN FB 374 40.74 -11.27 -29.37
CA ASN FB 374 39.41 -11.79 -29.64
C ASN FB 374 38.70 -12.22 -28.36
N MET FB 375 39.44 -12.52 -27.30
CA MET FB 375 38.79 -12.87 -26.03
C MET FB 375 38.17 -11.64 -25.39
N ILE FB 376 38.83 -10.49 -25.51
CA ILE FB 376 38.28 -9.25 -24.97
C ILE FB 376 37.03 -8.85 -25.74
N VAL FB 377 37.08 -8.91 -27.07
CA VAL FB 377 35.92 -8.51 -27.88
C VAL FB 377 34.74 -9.45 -27.62
N ALA FB 378 35.01 -10.75 -27.54
CA ALA FB 378 33.92 -11.70 -27.35
C ALA FB 378 33.24 -11.51 -26.00
N GLN FB 379 34.00 -11.11 -24.99
CA GLN FB 379 33.40 -10.87 -23.68
C GLN FB 379 32.42 -9.71 -23.71
N ARG FB 380 32.78 -8.62 -24.39
CA ARG FB 380 31.89 -7.46 -24.43
C ARG FB 380 30.60 -7.76 -25.18
N ASN FB 381 30.66 -8.62 -26.19
CA ASN FB 381 29.44 -9.04 -26.86
C ASN FB 381 28.54 -9.81 -25.91
N TYR FB 382 29.13 -10.64 -25.04
CA TYR FB 382 28.34 -11.41 -24.09
C TYR FB 382 27.65 -10.50 -23.07
N GLN FB 383 28.37 -9.49 -22.57
CA GLN FB 383 27.76 -8.59 -21.60
C GLN FB 383 26.64 -7.77 -22.23
N SER FB 384 26.84 -7.32 -23.46
CA SER FB 384 25.79 -6.58 -24.15
C SER FB 384 24.55 -7.44 -24.37
N ASN FB 385 24.75 -8.69 -24.78
CA ASN FB 385 23.62 -9.60 -24.94
C ASN FB 385 22.94 -9.87 -23.60
N ALA FB 386 23.73 -10.04 -22.54
CA ALA FB 386 23.16 -10.23 -21.21
C ALA FB 386 22.42 -8.99 -20.75
N GLN FB 387 22.80 -7.81 -21.26
CA GLN FB 387 22.10 -6.59 -20.88
C GLN FB 387 20.67 -6.58 -21.39
N THR FB 388 20.42 -7.22 -22.53
CA THR FB 388 19.05 -7.30 -23.04
C THR FB 388 18.15 -8.09 -22.11
N ILE FB 389 18.68 -9.17 -21.53
CA ILE FB 389 17.87 -9.99 -20.62
C ILE FB 389 17.45 -9.18 -19.41
N LYS FB 390 18.37 -8.39 -18.85
CA LYS FB 390 18.03 -7.56 -17.69
C LYS FB 390 16.99 -6.51 -18.07
N THR FB 391 17.17 -5.87 -19.23
CA THR FB 391 16.21 -4.85 -19.64
C THR FB 391 14.84 -5.43 -19.90
N GLN FB 392 14.77 -6.59 -20.55
CA GLN FB 392 13.48 -7.23 -20.79
C GLN FB 392 12.84 -7.66 -19.48
N ASP FB 393 13.63 -7.91 -18.45
CA ASP FB 393 13.07 -8.25 -17.15
C ASP FB 393 12.38 -7.05 -16.52
N GLN FB 394 13.06 -5.90 -16.49
CA GLN FB 394 12.47 -4.70 -15.90
C GLN FB 394 11.28 -4.22 -16.72
N ILE FB 395 11.36 -4.31 -18.04
CA ILE FB 395 10.26 -3.86 -18.89
C ILE FB 395 9.03 -4.71 -18.65
N LEU FB 396 9.20 -5.93 -18.13
CA LEU FB 396 8.08 -6.80 -17.81
C LEU FB 396 7.73 -6.78 -16.34
N ASN FB 397 8.71 -6.54 -15.46
CA ASN FB 397 8.45 -6.43 -14.04
C ASN FB 397 7.54 -5.26 -13.74
N THR FB 398 7.79 -4.11 -14.36
CA THR FB 398 6.94 -2.95 -14.13
C THR FB 398 5.54 -3.18 -14.68
N LEU FB 399 5.44 -3.86 -15.84
CA LEU FB 399 4.14 -4.03 -16.47
C LEU FB 399 3.18 -4.83 -15.59
N VAL FB 400 3.65 -5.92 -15.00
CA VAL FB 400 2.75 -6.75 -14.20
C VAL FB 400 2.37 -6.05 -12.90
N ASN FB 401 3.35 -5.44 -12.23
CA ASN FB 401 3.05 -4.71 -11.00
C ASN FB 401 2.11 -3.53 -11.29
N LEU FB 402 2.48 -2.70 -12.25
CA LEU FB 402 1.64 -1.61 -12.74
C LEU FB 402 1.13 -0.70 -11.62
N SER GB 2 15.90 14.86 -23.43
CA SER GB 2 17.24 15.41 -23.60
C SER GB 2 18.20 14.41 -24.21
N PHE GB 3 17.66 13.28 -24.67
CA PHE GB 3 18.49 12.30 -25.33
C PHE GB 3 19.00 12.80 -26.68
N SER GB 4 18.19 13.61 -27.37
CA SER GB 4 18.55 14.02 -28.72
C SER GB 4 19.86 14.82 -28.73
N GLN GB 5 20.01 15.76 -27.79
CA GLN GB 5 21.26 16.50 -27.72
C GLN GB 5 22.43 15.60 -27.31
N ALA GB 6 22.19 14.71 -26.34
CA ALA GB 6 23.28 13.89 -25.82
C ALA GB 6 23.71 12.81 -26.81
N VAL GB 7 22.74 12.18 -27.48
CA VAL GB 7 23.06 11.11 -28.42
C VAL GB 7 23.91 11.64 -29.57
N SER GB 8 23.54 12.81 -30.11
CA SER GB 8 24.33 13.40 -31.17
C SER GB 8 25.74 13.70 -30.71
N GLY GB 9 25.88 14.24 -29.50
CA GLY GB 9 27.22 14.47 -28.96
C GLY GB 9 27.97 13.18 -28.72
N LEU GB 10 27.25 12.12 -28.32
CA LEU GB 10 27.89 10.83 -28.12
C LEU GB 10 28.46 10.30 -29.43
N ASN GB 11 27.70 10.41 -30.52
CA ASN GB 11 28.19 9.97 -31.82
C ASN GB 11 29.39 10.79 -32.27
N ALA GB 12 29.35 12.10 -32.03
CA ALA GB 12 30.46 12.95 -32.45
C ALA GB 12 31.76 12.57 -31.74
N ALA GB 13 31.68 12.25 -30.45
CA ALA GB 13 32.87 11.82 -29.73
C ALA GB 13 33.39 10.50 -30.27
N ALA GB 14 32.48 9.58 -30.61
CA ALA GB 14 32.90 8.30 -31.18
C ALA GB 14 33.61 8.50 -32.51
N THR GB 15 33.09 9.37 -33.36
CA THR GB 15 33.73 9.62 -34.66
C THR GB 15 35.12 10.22 -34.47
N ASN GB 16 35.25 11.18 -33.55
CA ASN GB 16 36.55 11.76 -33.28
C ASN GB 16 37.52 10.70 -32.76
N LEU GB 17 37.07 9.82 -31.88
CA LEU GB 17 37.91 8.74 -31.39
C LEU GB 17 38.23 7.75 -32.50
N ASP GB 18 37.27 7.48 -33.39
CA ASP GB 18 37.51 6.53 -34.47
C ASP GB 18 38.60 7.03 -35.42
N VAL GB 19 38.56 8.32 -35.75
CA VAL GB 19 39.57 8.86 -36.66
C VAL GB 19 40.96 8.80 -36.03
N ILE GB 20 41.04 9.05 -34.73
CA ILE GB 20 42.33 8.96 -34.03
C ILE GB 20 42.88 7.54 -34.13
N GLY GB 21 42.02 6.55 -33.92
CA GLY GB 21 42.46 5.17 -34.09
C GLY GB 21 42.95 4.88 -35.50
N ASN GB 22 42.27 5.46 -36.49
CA ASN GB 22 42.70 5.27 -37.87
C ASN GB 22 44.06 5.91 -38.11
N ASN GB 23 44.28 7.13 -37.58
CA ASN GB 23 45.56 7.79 -37.77
C ASN GB 23 46.68 7.08 -37.01
N ILE GB 24 46.34 6.35 -35.95
CA ILE GB 24 47.34 5.66 -35.15
C ILE GB 24 47.61 4.25 -35.65
N ALA GB 25 46.71 3.68 -36.45
CA ALA GB 25 46.91 2.35 -37.02
C ALA GB 25 47.62 2.40 -38.36
N ASN GB 26 47.38 3.44 -39.16
CA ASN GB 26 48.03 3.58 -40.45
C ASN GB 26 49.46 4.08 -40.34
N SER GB 27 50.04 4.08 -39.15
CA SER GB 27 51.43 4.50 -39.01
C SER GB 27 52.34 3.54 -39.77
N ALA GB 28 53.48 4.06 -40.21
CA ALA GB 28 54.48 3.38 -41.03
C ALA GB 28 54.00 3.12 -42.46
N THR GB 29 52.75 3.46 -42.79
CA THR GB 29 52.33 3.45 -44.18
C THR GB 29 53.07 4.53 -44.95
N TYR GB 30 53.35 4.28 -46.22
CA TYR GB 30 54.23 5.16 -46.97
C TYR GB 30 53.48 6.34 -47.58
N GLY GB 31 52.50 6.06 -48.43
CA GLY GB 31 51.77 7.13 -49.08
C GLY GB 31 50.53 7.54 -48.31
N PHE GB 32 50.69 7.94 -47.05
CA PHE GB 32 49.58 8.22 -46.17
C PHE GB 32 49.67 9.63 -45.62
N LYS GB 33 48.53 10.29 -45.53
CA LYS GB 33 48.42 11.61 -44.92
C LYS GB 33 47.42 11.55 -43.78
N SER GB 34 47.82 12.01 -42.59
CA SER GB 34 46.96 11.93 -41.43
C SER GB 34 45.73 12.80 -41.61
N GLY GB 35 44.60 12.33 -41.09
CA GLY GB 35 43.33 13.03 -41.23
C GLY GB 35 42.74 13.35 -39.86
N THR GB 36 42.02 14.47 -39.81
CA THR GB 36 41.33 14.90 -38.60
C THR GB 36 39.90 15.31 -38.95
N ALA GB 37 39.01 15.17 -37.98
CA ALA GB 37 37.61 15.51 -38.16
C ALA GB 37 37.30 16.85 -37.52
N SER GB 38 36.31 17.55 -38.09
CA SER GB 38 35.86 18.82 -37.55
C SER GB 38 34.35 18.83 -37.43
N PHE GB 39 33.86 19.52 -36.41
CA PHE GB 39 32.44 19.53 -36.09
C PHE GB 39 31.89 20.93 -36.28
N ALA GB 40 30.56 21.04 -36.15
CA ALA GB 40 29.88 22.32 -36.26
C ALA GB 40 28.51 22.20 -35.62
N ASP GB 41 28.15 23.16 -34.78
CA ASP GB 41 26.88 23.12 -34.08
C ASP GB 41 25.73 23.39 -35.05
N MET GB 42 24.51 23.15 -34.58
CA MET GB 42 23.33 23.40 -35.40
C MET GB 42 22.17 23.81 -34.51
N PHE GB 43 21.60 24.98 -34.79
CA PHE GB 43 20.45 25.49 -34.07
C PHE GB 43 19.29 25.64 -35.05
N ALA GB 44 18.13 25.13 -34.66
CA ALA GB 44 16.95 25.26 -35.52
C ALA GB 44 16.60 26.74 -35.72
N GLY GB 45 16.21 27.40 -34.65
CA GLY GB 45 16.00 28.84 -34.68
C GLY GB 45 16.95 29.54 -33.74
N SER GB 46 16.41 30.03 -32.64
CA SER GB 46 17.21 30.60 -31.56
C SER GB 46 16.72 29.99 -30.24
N LYS GB 47 17.62 29.96 -29.25
CA LYS GB 47 17.39 29.42 -27.93
C LYS GB 47 17.13 27.92 -27.94
N VAL GB 48 17.21 27.26 -29.08
CA VAL GB 48 16.97 25.82 -29.20
C VAL GB 48 18.19 25.17 -29.82
N GLY GB 49 18.70 24.13 -29.18
CA GLY GB 49 19.88 23.42 -29.66
C GLY GB 49 19.50 22.05 -30.19
N LEU GB 50 20.11 21.67 -31.31
CA LEU GB 50 19.88 20.38 -31.93
C LEU GB 50 21.10 19.48 -31.85
N GLY GB 51 22.05 19.79 -30.98
CA GLY GB 51 23.22 18.95 -30.81
C GLY GB 51 24.41 19.38 -31.62
N VAL GB 52 25.05 18.43 -32.29
CA VAL GB 52 26.22 18.71 -33.11
C VAL GB 52 26.29 17.66 -34.21
N LYS GB 53 26.87 18.04 -35.35
CA LYS GB 53 27.04 17.13 -36.47
C LYS GB 53 28.47 17.22 -36.96
N VAL GB 54 28.93 16.14 -37.59
CA VAL GB 54 30.28 16.13 -38.15
C VAL GB 54 30.30 16.99 -39.41
N ALA GB 55 31.24 17.94 -39.46
CA ALA GB 55 31.34 18.87 -40.58
C ALA GB 55 32.41 18.47 -41.57
N GLY GB 56 32.60 17.18 -41.80
CA GLY GB 56 33.59 16.73 -42.76
C GLY GB 56 34.91 16.38 -42.09
N ILE GB 57 35.68 15.53 -42.76
CA ILE GB 57 36.99 15.10 -42.28
C ILE GB 57 38.04 15.64 -43.23
N THR GB 58 38.98 16.40 -42.70
CA THR GB 58 40.05 17.00 -43.51
C THR GB 58 41.35 16.27 -43.28
N GLN GB 59 42.19 16.26 -44.31
CA GLN GB 59 43.47 15.57 -44.28
C GLN GB 59 44.60 16.57 -44.40
N ASP GB 60 45.59 16.47 -43.52
CA ASP GB 60 46.74 17.35 -43.54
C ASP GB 60 47.77 16.78 -44.52
N PHE GB 61 48.01 17.50 -45.61
CA PHE GB 61 48.87 17.02 -46.68
C PHE GB 61 50.32 17.48 -46.53
N THR GB 62 50.78 17.69 -45.31
CA THR GB 62 52.20 17.95 -45.11
C THR GB 62 53.02 16.73 -45.51
N ASP GB 63 54.03 16.96 -46.33
CA ASP GB 63 54.86 15.87 -46.82
C ASP GB 63 55.66 15.25 -45.68
N GLY GB 64 55.81 13.92 -45.74
CA GLY GB 64 56.57 13.20 -44.75
C GLY GB 64 58.06 13.21 -45.06
N THR GB 65 58.83 12.59 -44.16
CA THR GB 65 60.27 12.53 -44.32
C THR GB 65 60.65 11.38 -45.24
N THR GB 66 61.46 11.67 -46.24
CA THR GB 66 61.90 10.66 -47.18
C THR GB 66 62.87 9.68 -46.50
N THR GB 67 62.82 8.43 -46.95
CA THR GB 67 63.67 7.38 -46.43
C THR GB 67 64.48 6.76 -47.56
N ASN GB 68 65.76 6.49 -47.28
CA ASN GB 68 66.64 5.83 -48.24
C ASN GB 68 66.48 4.31 -48.11
N THR GB 69 65.36 3.82 -48.66
CA THR GB 69 65.06 2.40 -48.63
C THR GB 69 65.84 1.61 -49.68
N GLY GB 70 66.85 2.22 -50.32
CA GLY GB 70 67.55 1.51 -51.37
C GLY GB 70 66.64 1.30 -52.57
N ARG GB 71 66.86 0.17 -53.25
CA ARG GB 71 66.06 -0.25 -54.39
C ARG GB 71 66.21 0.73 -55.54
N GLY GB 72 65.65 0.40 -56.71
CA GLY GB 72 65.74 1.27 -57.85
C GLY GB 72 64.38 1.70 -58.37
N LEU GB 73 63.37 0.88 -58.13
CA LEU GB 73 62.02 1.14 -58.64
C LEU GB 73 61.15 1.78 -57.56
N ASP GB 74 61.55 2.98 -57.16
CA ASP GB 74 60.76 3.77 -56.21
C ASP GB 74 61.13 5.24 -56.39
N VAL GB 75 60.22 6.10 -55.95
CA VAL GB 75 60.41 7.54 -56.10
C VAL GB 75 59.48 8.26 -55.13
N ALA GB 76 59.98 9.33 -54.52
CA ALA GB 76 59.20 10.15 -53.61
C ALA GB 76 59.20 11.59 -54.09
N ILE GB 77 58.03 12.22 -54.05
CA ILE GB 77 57.86 13.59 -54.55
C ILE GB 77 58.21 14.56 -53.43
N SER GB 78 59.16 15.46 -53.71
CA SER GB 78 59.63 16.39 -52.68
C SER GB 78 58.53 17.35 -52.25
N GLN GB 79 57.74 17.85 -53.20
CA GLN GB 79 56.76 18.88 -52.90
C GLN GB 79 55.37 18.45 -53.36
N ASN GB 80 54.43 19.39 -53.37
CA ASN GB 80 53.05 19.08 -53.76
C ASN GB 80 53.01 18.45 -55.15
N GLY GB 81 52.20 17.41 -55.27
CA GLY GB 81 52.08 16.66 -56.50
C GLY GB 81 51.54 15.27 -56.21
N PHE GB 82 51.20 14.57 -57.30
CA PHE GB 82 50.65 13.23 -57.19
C PHE GB 82 51.04 12.42 -58.41
N PHE GB 83 50.92 11.10 -58.28
CA PHE GB 83 51.05 10.19 -59.41
C PHE GB 83 49.68 9.87 -59.95
N ARG GB 84 49.58 9.74 -61.26
CA ARG GB 84 48.31 9.44 -61.92
C ARG GB 84 48.28 7.95 -62.28
N LEU GB 85 47.29 7.24 -61.76
CA LEU GB 85 47.14 5.81 -61.97
C LEU GB 85 45.81 5.52 -62.64
N VAL GB 86 45.80 4.49 -63.49
CA VAL GB 86 44.62 4.08 -64.23
C VAL GB 86 44.33 2.63 -63.93
N ASP GB 87 43.04 2.30 -63.83
CA ASP GB 87 42.59 0.93 -63.67
C ASP GB 87 42.20 0.34 -65.01
N SER GB 88 42.08 -0.99 -65.05
CA SER GB 88 41.72 -1.66 -66.29
C SER GB 88 40.34 -1.24 -66.79
N ASN GB 89 39.47 -0.79 -65.89
CA ASN GB 89 38.13 -0.34 -66.27
C ASN GB 89 38.12 1.06 -66.86
N GLY GB 90 39.23 1.79 -66.80
CA GLY GB 90 39.30 3.13 -67.33
C GLY GB 90 39.20 4.24 -66.30
N SER GB 91 39.05 3.90 -65.02
CA SER GB 91 39.00 4.91 -63.98
C SER GB 91 40.38 5.52 -63.76
N VAL GB 92 40.40 6.69 -63.14
CA VAL GB 92 41.62 7.43 -62.85
C VAL GB 92 41.77 7.57 -61.35
N PHE GB 93 42.90 7.12 -60.82
CA PHE GB 93 43.19 7.18 -59.40
C PHE GB 93 44.52 7.90 -59.19
N TYR GB 94 44.57 8.75 -58.17
CA TYR GB 94 45.75 9.52 -57.85
C TYR GB 94 46.32 9.03 -56.52
N SER GB 95 47.63 8.78 -56.50
CA SER GB 95 48.27 8.19 -55.34
C SER GB 95 49.56 8.93 -55.02
N ARG GB 96 49.97 8.81 -53.75
CA ARG GB 96 51.22 9.38 -53.29
C ARG GB 96 52.28 8.33 -52.99
N ASN GB 97 51.88 7.06 -52.87
CA ASN GB 97 52.82 6.00 -52.57
C ASN GB 97 53.77 5.75 -53.74
N GLY GB 98 54.95 5.22 -53.43
CA GLY GB 98 55.96 5.03 -54.45
C GLY GB 98 56.52 3.63 -54.57
N GLN GB 99 55.70 2.63 -54.26
CA GLN GB 99 56.10 1.24 -54.41
C GLN GB 99 55.73 0.78 -55.81
N PHE GB 100 56.73 0.49 -56.63
CA PHE GB 100 56.52 0.10 -58.02
C PHE GB 100 57.13 -1.27 -58.27
N LYS GB 101 56.40 -2.10 -59.02
CA LYS GB 101 56.88 -3.41 -59.42
C LYS GB 101 56.46 -3.67 -60.86
N LEU GB 102 57.11 -4.65 -61.48
CA LEU GB 102 56.88 -4.98 -62.87
C LEU GB 102 56.02 -6.23 -62.95
N ASP GB 103 54.91 -6.16 -63.69
CA ASP GB 103 53.99 -7.27 -63.80
C ASP GB 103 54.44 -8.20 -64.91
N GLU GB 104 53.60 -9.19 -65.26
CA GLU GB 104 53.99 -10.20 -66.24
C GLU GB 104 54.24 -9.59 -67.61
N ASN GB 105 53.41 -8.64 -68.03
CA ASN GB 105 53.53 -8.03 -69.35
C ASN GB 105 54.37 -6.75 -69.33
N ARG GB 106 55.27 -6.63 -68.35
CA ARG GB 106 56.27 -5.57 -68.28
C ARG GB 106 55.61 -4.19 -68.27
N ASN GB 107 54.84 -3.93 -67.21
CA ASN GB 107 54.22 -2.63 -66.99
C ASN GB 107 54.52 -2.16 -65.57
N LEU GB 108 54.81 -0.87 -65.44
CA LEU GB 108 55.06 -0.28 -64.13
C LEU GB 108 53.77 -0.26 -63.34
N VAL GB 109 53.66 -1.12 -62.34
CA VAL GB 109 52.43 -1.32 -61.57
C VAL GB 109 52.74 -1.22 -60.09
N ASN GB 110 51.84 -0.61 -59.33
CA ASN GB 110 51.95 -0.55 -57.90
C ASN GB 110 51.67 -1.92 -57.29
N MET GB 111 51.69 -1.99 -55.96
CA MET GB 111 51.54 -3.25 -55.25
C MET GB 111 50.11 -3.79 -55.29
N GLN GB 112 49.13 -3.00 -55.71
CA GLN GB 112 47.74 -3.43 -55.70
C GLN GB 112 47.21 -3.81 -57.07
N GLY GB 113 47.92 -3.50 -58.15
CA GLY GB 113 47.47 -3.89 -59.47
C GLY GB 113 46.85 -2.76 -60.27
N MET GB 114 47.47 -1.58 -60.22
CA MET GB 114 47.03 -0.43 -61.00
C MET GB 114 48.15 0.03 -61.91
N GLN GB 115 47.85 0.25 -63.17
CA GLN GB 115 48.85 0.62 -64.16
C GLN GB 115 49.20 2.10 -64.04
N LEU GB 116 50.49 2.40 -63.90
CA LEU GB 116 50.93 3.78 -63.85
C LEU GB 116 50.80 4.42 -65.22
N THR GB 117 50.50 5.72 -65.24
CA THR GB 117 50.24 6.46 -66.46
C THR GB 117 51.40 7.39 -66.77
N GLY GB 118 51.73 7.52 -68.05
CA GLY GB 118 52.82 8.37 -68.47
C GLY GB 118 52.66 8.79 -69.92
N TYR GB 119 53.53 9.68 -70.34
CA TYR GB 119 53.49 10.17 -71.71
C TYR GB 119 54.03 9.12 -72.67
N PRO GB 120 53.37 8.91 -73.81
CA PRO GB 120 53.89 7.94 -74.78
C PRO GB 120 55.18 8.42 -75.42
N ALA GB 121 55.97 7.47 -75.89
CA ALA GB 121 57.23 7.74 -76.56
C ALA GB 121 57.08 7.41 -78.05
N THR GB 122 57.33 8.40 -78.90
CA THR GB 122 57.19 8.24 -80.34
C THR GB 122 58.41 8.80 -81.06
N GLY GB 123 58.68 8.26 -82.23
CA GLY GB 123 59.78 8.71 -83.06
C GLY GB 123 60.83 7.63 -83.24
N THR GB 124 61.80 7.96 -84.10
CA THR GB 124 62.94 7.09 -84.36
C THR GB 124 64.17 7.97 -84.54
N PRO GB 125 64.95 8.20 -83.47
CA PRO GB 125 64.74 7.62 -82.13
C PRO GB 125 63.56 8.22 -81.39
N PRO GB 126 62.91 7.42 -80.53
CA PRO GB 126 61.74 7.92 -79.81
C PRO GB 126 62.10 9.06 -78.87
N THR GB 127 61.14 9.96 -78.68
CA THR GB 127 61.34 11.11 -77.81
C THR GB 127 60.13 11.27 -76.89
N ILE GB 128 60.06 12.41 -76.20
CA ILE GB 128 59.01 12.67 -75.23
C ILE GB 128 58.17 13.83 -75.73
N GLN GB 129 56.87 13.59 -75.88
CA GLN GB 129 55.92 14.63 -76.27
C GLN GB 129 54.91 14.82 -75.14
N GLN GB 130 54.70 16.07 -74.75
CA GLN GB 130 53.80 16.40 -73.65
C GLN GB 130 52.42 16.85 -74.12
N GLY GB 131 52.15 16.75 -75.42
CA GLY GB 131 50.89 17.19 -75.96
C GLY GB 131 49.91 16.05 -76.20
N ALA GB 132 50.39 14.82 -76.07
CA ALA GB 132 49.55 13.65 -76.29
C ALA GB 132 48.86 13.23 -75.00
N ASN GB 133 47.80 12.45 -75.15
CA ASN GB 133 47.08 11.92 -73.99
C ASN GB 133 47.93 10.90 -73.28
N PRO GB 134 48.02 10.94 -71.94
CA PRO GB 134 48.83 9.96 -71.22
C PRO GB 134 48.31 8.54 -71.42
N ALA GB 135 49.24 7.59 -71.43
CA ALA GB 135 48.94 6.19 -71.64
C ALA GB 135 49.74 5.36 -70.64
N PRO GB 136 49.30 4.14 -70.36
CA PRO GB 136 50.07 3.27 -69.46
C PRO GB 136 51.47 3.04 -69.98
N ILE GB 137 52.43 3.01 -69.06
CA ILE GB 137 53.84 2.85 -69.42
C ILE GB 137 54.14 1.37 -69.58
N THR GB 138 54.69 1.00 -70.74
CA THR GB 138 55.18 -0.34 -70.98
C THR GB 138 56.69 -0.29 -71.16
N ILE GB 139 57.39 -1.30 -70.65
CA ILE GB 139 58.84 -1.35 -70.77
C ILE GB 139 59.22 -2.71 -71.32
N PRO GB 140 59.08 -2.92 -72.63
CA PRO GB 140 59.41 -4.22 -73.22
C PRO GB 140 60.92 -4.45 -73.24
N ASN GB 141 61.29 -5.72 -73.28
CA ASN GB 141 62.69 -6.13 -73.39
C ASN GB 141 63.13 -6.37 -74.83
N THR GB 142 62.24 -6.14 -75.80
CA THR GB 142 62.57 -6.41 -77.19
C THR GB 142 63.69 -5.50 -77.67
N LEU GB 143 64.58 -6.06 -78.48
CA LEU GB 143 65.74 -5.32 -78.96
C LEU GB 143 65.32 -4.27 -79.99
N MET GB 144 66.03 -3.15 -79.99
CA MET GB 144 65.76 -2.11 -80.97
C MET GB 144 66.23 -2.55 -82.36
N ALA GB 145 65.64 -1.93 -83.37
CA ALA GB 145 66.03 -2.21 -84.75
C ALA GB 145 67.44 -1.71 -85.02
N ALA GB 146 68.12 -2.40 -85.94
CA ALA GB 146 69.49 -2.03 -86.30
C ALA GB 146 69.50 -0.77 -87.14
N LYS GB 147 69.58 0.40 -86.50
CA LYS GB 147 69.53 1.66 -87.22
C LYS GB 147 70.85 1.87 -87.96
N SER GB 148 70.75 2.23 -89.25
CA SER GB 148 71.91 2.39 -90.11
C SER GB 148 72.55 3.77 -89.90
N THR GB 149 73.70 3.96 -90.53
CA THR GB 149 74.39 5.24 -90.48
C THR GB 149 73.78 6.18 -91.51
N THR GB 150 73.39 7.37 -91.08
CA THR GB 150 72.82 8.37 -91.96
C THR GB 150 73.73 9.58 -92.14
N THR GB 151 74.16 10.20 -91.06
CA THR GB 151 75.06 11.35 -91.12
C THR GB 151 76.13 11.20 -90.05
N ALA GB 152 77.28 11.83 -90.29
CA ALA GB 152 78.40 11.76 -89.37
C ALA GB 152 79.22 13.04 -89.49
N SER GB 153 79.96 13.34 -88.44
CA SER GB 153 80.84 14.50 -88.41
C SER GB 153 82.12 14.15 -87.69
N MET GB 154 83.18 14.91 -87.98
CA MET GB 154 84.46 14.69 -87.34
C MET GB 154 85.28 15.98 -87.41
N GLN GB 155 86.23 16.11 -86.49
CA GLN GB 155 87.13 17.25 -86.43
C GLN GB 155 88.56 16.76 -86.61
N ILE GB 156 89.28 17.37 -87.55
CA ILE GB 156 90.63 16.95 -87.90
C ILE GB 156 91.56 18.15 -87.86
N ASN GB 157 92.69 18.01 -87.17
CA ASN GB 157 93.74 19.02 -87.14
C ASN GB 157 94.99 18.44 -87.80
N LEU GB 158 95.58 19.20 -88.71
CA LEU GB 158 96.69 18.72 -89.51
C LEU GB 158 97.89 19.65 -89.42
N ASN GB 159 99.05 19.11 -89.74
CA ASN GB 159 100.29 19.85 -89.77
C ASN GB 159 100.45 20.57 -91.11
N SER GB 160 101.11 21.72 -91.08
CA SER GB 160 101.33 22.52 -92.27
C SER GB 160 102.74 22.36 -92.85
N THR GB 161 103.73 22.03 -92.04
CA THR GB 161 105.11 21.95 -92.50
C THR GB 161 105.48 20.56 -93.03
N ASP GB 162 104.53 19.64 -93.08
CA ASP GB 162 104.82 18.32 -93.63
C ASP GB 162 104.97 18.41 -95.15
N PRO GB 163 106.07 17.94 -95.71
CA PRO GB 163 106.24 17.96 -97.17
C PRO GB 163 105.35 16.93 -97.85
N VAL GB 164 105.25 17.05 -99.16
CA VAL GB 164 104.47 16.11 -99.97
C VAL GB 164 105.10 14.73 -99.89
N PRO GB 165 104.33 13.66 -99.74
CA PRO GB 165 104.92 12.31 -99.70
C PRO GB 165 105.68 12.01 -100.98
N SER GB 166 106.78 11.24 -100.82
CA SER GB 166 107.60 10.87 -101.95
C SER GB 166 106.82 10.02 -102.94
N LYS GB 167 106.04 9.06 -102.46
CA LYS GB 167 105.20 8.22 -103.31
C LYS GB 167 103.95 9.01 -103.66
N THR GB 168 103.96 9.64 -104.84
CA THR GB 168 102.82 10.48 -105.23
C THR GB 168 101.50 9.73 -105.33
N PRO GB 169 101.39 8.58 -106.02
CA PRO GB 169 100.09 7.90 -106.07
C PRO GB 169 99.68 7.35 -104.72
N PHE GB 170 98.37 7.31 -104.48
CA PHE GB 170 97.86 6.75 -103.25
C PHE GB 170 98.09 5.24 -103.19
N SER GB 171 98.47 4.75 -102.03
CA SER GB 171 98.61 3.32 -101.79
C SER GB 171 98.00 2.97 -100.44
N VAL GB 172 97.29 1.84 -100.39
CA VAL GB 172 96.68 1.41 -99.15
C VAL GB 172 97.68 0.66 -98.28
N SER GB 173 98.61 -0.07 -98.89
CA SER GB 173 99.61 -0.83 -98.17
C SER GB 173 100.86 -0.02 -97.85
N ASP GB 174 100.97 1.20 -98.37
CA ASP GB 174 102.14 2.05 -98.12
C ASP GB 174 101.72 3.18 -97.21
N ALA GB 175 102.25 3.19 -95.98
CA ALA GB 175 101.96 4.27 -95.05
C ALA GB 175 102.54 5.59 -95.53
N ASP GB 176 103.74 5.57 -96.10
CA ASP GB 176 104.38 6.79 -96.57
C ASP GB 176 103.65 7.40 -97.76
N SER GB 177 102.83 6.62 -98.46
CA SER GB 177 102.07 7.17 -99.59
C SER GB 177 101.04 8.20 -99.15
N TYR GB 178 100.58 8.11 -97.90
CA TYR GB 178 99.63 9.08 -97.34
C TYR GB 178 100.22 9.69 -96.08
N ASN GB 179 99.46 10.59 -95.47
CA ASN GB 179 99.89 11.28 -94.27
C ASN GB 179 99.14 10.81 -93.02
N LYS GB 180 97.82 10.77 -93.07
CA LYS GB 180 96.99 10.43 -91.93
C LYS GB 180 96.09 9.24 -92.28
N LYS GB 181 96.03 8.27 -91.37
CA LYS GB 181 95.08 7.16 -91.46
C LYS GB 181 93.99 7.38 -90.43
N GLY GB 182 92.74 7.34 -90.89
CA GLY GB 182 91.59 7.60 -90.03
C GLY GB 182 90.72 6.37 -89.90
N THR GB 183 90.25 6.12 -88.67
CA THR GB 183 89.37 4.99 -88.38
C THR GB 183 88.03 5.53 -87.91
N VAL GB 184 87.00 5.36 -88.74
CA VAL GB 184 85.64 5.79 -88.44
C VAL GB 184 84.73 4.59 -88.57
N THR GB 185 83.92 4.33 -87.54
CA THR GB 185 83.04 3.18 -87.52
C THR GB 185 81.63 3.62 -87.91
N VAL GB 186 81.11 3.03 -88.99
CA VAL GB 186 79.74 3.25 -89.43
C VAL GB 186 79.09 1.89 -89.65
N TYR GB 187 77.76 1.88 -89.64
CA TYR GB 187 77.00 0.65 -89.70
C TYR GB 187 75.94 0.74 -90.79
N ASP GB 188 75.59 -0.41 -91.35
CA ASP GB 188 74.64 -0.49 -92.44
C ASP GB 188 73.24 -0.73 -91.88
N SER GB 189 72.27 -0.97 -92.77
CA SER GB 189 70.91 -1.28 -92.37
C SER GB 189 70.76 -2.69 -91.82
N GLN GB 190 71.78 -3.54 -91.96
CA GLN GB 190 71.73 -4.91 -91.48
C GLN GB 190 72.27 -5.04 -90.06
N GLY GB 191 73.40 -4.40 -89.75
CA GLY GB 191 73.92 -4.44 -88.40
C GLY GB 191 75.42 -4.59 -88.31
N ASN GB 192 76.03 -5.23 -89.31
CA ASN GB 192 77.47 -5.43 -89.30
C ASN GB 192 78.20 -4.11 -89.57
N ALA GB 193 79.30 -3.91 -88.88
CA ALA GB 193 80.02 -2.64 -88.95
C ALA GB 193 80.71 -2.48 -90.30
N HIS GB 194 80.87 -1.23 -90.70
CA HIS GB 194 81.64 -0.86 -91.89
C HIS GB 194 82.81 -0.01 -91.46
N ASP GB 195 84.01 -0.57 -91.53
CA ASP GB 195 85.23 0.11 -91.09
C ASP GB 195 85.76 0.94 -92.26
N MET GB 196 85.52 2.25 -92.20
CA MET GB 196 85.96 3.16 -93.25
C MET GB 196 87.35 3.69 -92.89
N ASN GB 197 88.36 3.20 -93.60
CA ASN GB 197 89.74 3.66 -93.41
C ASN GB 197 89.98 4.82 -94.36
N VAL GB 198 89.97 6.05 -93.84
CA VAL GB 198 90.15 7.26 -94.64
C VAL GB 198 91.61 7.68 -94.56
N TYR GB 199 92.20 7.93 -95.73
CA TYR GB 199 93.61 8.32 -95.83
C TYR GB 199 93.69 9.75 -96.34
N PHE GB 200 94.47 10.58 -95.65
CA PHE GB 200 94.65 11.98 -96.00
C PHE GB 200 96.04 12.17 -96.59
N VAL GB 201 96.11 12.76 -97.78
CA VAL GB 201 97.37 13.04 -98.44
C VAL GB 201 97.46 14.54 -98.71
N LYS GB 202 98.68 15.05 -98.74
CA LYS GB 202 98.95 16.45 -99.05
C LYS GB 202 99.61 16.49 -100.43
N THR GB 203 98.78 16.53 -101.47
CA THR GB 203 99.31 16.59 -102.83
C THR GB 203 100.05 17.89 -103.06
N LYS GB 204 99.50 19.01 -102.60
CA LYS GB 204 100.14 20.31 -102.73
C LYS GB 204 99.80 21.13 -101.49
N ASP GB 205 100.20 22.41 -101.52
CA ASP GB 205 100.03 23.26 -100.37
C ASP GB 205 98.56 23.63 -100.17
N ASN GB 206 98.10 23.57 -98.93
CA ASN GB 206 96.73 23.90 -98.52
C ASN GB 206 95.68 23.01 -99.18
N GLU GB 207 96.09 21.91 -99.81
CA GLU GB 207 95.16 20.99 -100.45
C GLU GB 207 95.36 19.60 -99.86
N TRP GB 208 94.26 18.95 -99.52
CA TRP GB 208 94.29 17.61 -98.95
C TRP GB 208 93.28 16.72 -99.65
N ALA GB 209 93.72 15.54 -100.06
CA ALA GB 209 92.87 14.57 -100.73
C ALA GB 209 92.58 13.42 -99.76
N VAL GB 210 91.31 13.03 -99.70
CA VAL GB 210 90.85 11.97 -98.80
C VAL GB 210 90.51 10.75 -99.62
N TYR GB 211 91.10 9.61 -99.26
CA TYR GB 211 90.82 8.34 -99.91
C TYR GB 211 90.07 7.44 -98.95
N THR GB 212 88.90 6.98 -99.37
CA THR GB 212 88.08 6.10 -98.54
C THR GB 212 88.22 4.66 -99.00
N HIS GB 213 88.47 3.76 -98.04
CA HIS GB 213 88.61 2.35 -98.34
C HIS GB 213 87.70 1.55 -97.41
N ASP GB 214 86.89 0.67 -98.00
CA ASP GB 214 85.98 -0.19 -97.26
C ASP GB 214 86.67 -1.53 -97.03
N SER GB 215 87.12 -1.76 -95.80
CA SER GB 215 87.77 -3.02 -95.43
C SER GB 215 86.75 -4.09 -95.07
N SER GB 216 85.46 -3.75 -94.99
CA SER GB 216 84.42 -4.72 -94.69
C SER GB 216 84.16 -5.66 -95.86
N ASP GB 217 84.13 -5.14 -97.07
CA ASP GB 217 83.94 -5.98 -98.25
C ASP GB 217 85.28 -6.54 -98.70
N PRO GB 218 85.48 -7.86 -98.67
CA PRO GB 218 86.73 -8.41 -99.24
C PRO GB 218 86.86 -8.14 -100.73
N ALA GB 219 85.75 -8.02 -101.45
CA ALA GB 219 85.76 -7.79 -102.89
C ALA GB 219 85.69 -6.31 -103.24
N ALA GB 220 85.74 -5.43 -102.24
CA ALA GB 220 85.69 -3.99 -102.52
C ALA GB 220 86.93 -3.55 -103.29
N THR GB 221 86.72 -2.70 -104.28
CA THR GB 221 87.82 -2.18 -105.06
C THR GB 221 88.66 -1.22 -104.22
N ALA GB 222 89.98 -1.33 -104.35
CA ALA GB 222 90.87 -0.42 -103.66
C ALA GB 222 90.72 0.98 -104.24
N PRO GB 223 90.59 2.00 -103.38
CA PRO GB 223 90.44 3.37 -103.88
C PRO GB 223 91.65 3.80 -104.69
N THR GB 224 91.40 4.52 -105.79
CA THR GB 224 92.45 5.05 -106.65
C THR GB 224 92.45 6.57 -106.70
N THR GB 225 91.30 7.18 -106.99
CA THR GB 225 91.19 8.62 -107.01
C THR GB 225 90.75 9.14 -105.65
N ALA GB 226 90.88 10.44 -105.46
CA ALA GB 226 90.50 11.07 -104.20
C ALA GB 226 88.99 11.10 -104.06
N SER GB 227 88.49 10.66 -102.91
CA SER GB 227 87.06 10.72 -102.64
C SER GB 227 86.58 12.17 -102.56
N THR GB 228 87.37 13.04 -101.94
CA THR GB 228 87.03 14.44 -101.82
C THR GB 228 88.31 15.23 -101.63
N THR GB 229 88.21 16.54 -101.84
CA THR GB 229 89.33 17.45 -101.67
C THR GB 229 89.07 18.38 -100.50
N LEU GB 230 90.10 18.61 -99.69
CA LEU GB 230 90.01 19.46 -98.51
C LEU GB 230 90.86 20.70 -98.74
N LYS GB 231 90.23 21.78 -99.18
CA LYS GB 231 90.91 23.05 -99.40
C LYS GB 231 90.80 23.90 -98.14
N PHE GB 232 91.95 24.35 -97.64
CA PHE GB 232 92.01 25.12 -96.41
C PHE GB 232 92.41 26.56 -96.73
N ASN GB 233 91.81 27.50 -96.00
CA ASN GB 233 92.16 28.90 -96.16
C ASN GB 233 93.56 29.16 -95.61
N GLU GB 234 94.11 30.33 -95.95
CA GLU GB 234 95.45 30.68 -95.48
C GLU GB 234 95.50 30.87 -93.97
N ASN GB 235 94.35 30.98 -93.32
CA ASN GB 235 94.28 30.97 -91.86
C ASN GB 235 94.08 29.57 -91.29
N GLY GB 236 94.06 28.55 -92.14
CA GLY GB 236 93.80 27.20 -91.67
C GLY GB 236 92.34 26.86 -91.52
N ILE GB 237 91.46 27.60 -92.19
CA ILE GB 237 90.01 27.40 -92.09
C ILE GB 237 89.53 26.70 -93.35
N LEU GB 238 88.69 25.68 -93.18
CA LEU GB 238 88.15 24.95 -94.31
C LEU GB 238 87.03 25.73 -94.99
N GLU GB 239 86.97 25.61 -96.32
CA GLU GB 239 85.89 26.22 -97.08
C GLU GB 239 85.31 25.22 -98.07
N SER GB 240 86.10 24.23 -98.46
CA SER GB 240 85.69 23.23 -99.43
C SER GB 240 85.77 21.84 -98.81
N GLY GB 241 84.76 21.03 -99.07
CA GLY GB 241 84.73 19.66 -98.59
C GLY GB 241 84.00 19.48 -97.28
N GLY GB 242 82.79 20.02 -97.18
CA GLY GB 242 82.02 19.92 -95.96
C GLY GB 242 81.50 18.53 -95.66
N THR GB 243 80.56 18.04 -96.47
CA THR GB 243 79.97 16.72 -96.28
C THR GB 243 80.11 15.93 -97.57
N VAL GB 244 80.59 14.69 -97.44
CA VAL GB 244 80.84 13.82 -98.58
C VAL GB 244 80.05 12.53 -98.39
N ASN GB 245 79.31 12.14 -99.43
CA ASN GB 245 78.51 10.93 -99.38
C ASN GB 245 79.34 9.76 -99.90
N ILE GB 246 79.51 8.74 -99.07
CA ILE GB 246 80.26 7.54 -99.43
C ILE GB 246 79.34 6.35 -99.28
N THR GB 247 79.24 5.55 -100.34
CA THR GB 247 78.41 4.35 -100.36
C THR GB 247 79.29 3.12 -100.38
N THR GB 248 79.09 2.22 -99.41
CA THR GB 248 79.87 1.01 -99.32
C THR GB 248 79.29 -0.07 -100.23
N GLY GB 249 79.80 -1.28 -100.08
CA GLY GB 249 79.40 -2.41 -100.88
C GLY GB 249 78.35 -3.27 -100.21
N THR GB 250 78.45 -4.58 -100.43
CA THR GB 250 77.46 -5.54 -99.96
C THR GB 250 78.16 -6.74 -99.35
N ILE GB 251 77.66 -7.20 -98.21
CA ILE GB 251 78.15 -8.41 -97.55
C ILE GB 251 76.99 -9.38 -97.41
N ASN GB 252 77.21 -10.62 -97.84
CA ASN GB 252 76.23 -11.70 -97.73
C ASN GB 252 74.90 -11.33 -98.39
N GLY GB 253 74.96 -10.55 -99.46
CA GLY GB 253 73.73 -10.14 -100.14
C GLY GB 253 72.86 -9.20 -99.32
N ALA GB 254 73.46 -8.33 -98.52
CA ALA GB 254 72.70 -7.35 -97.75
C ALA GB 254 72.43 -6.13 -98.63
N THR GB 255 71.95 -5.06 -98.01
CA THR GB 255 71.64 -3.81 -98.70
C THR GB 255 72.81 -2.85 -98.57
N ALA GB 256 73.13 -2.16 -99.66
CA ALA GB 256 74.22 -1.19 -99.65
C ALA GB 256 73.89 -0.04 -98.69
N ALA GB 257 74.92 0.43 -98.00
CA ALA GB 257 74.77 1.50 -97.02
C ALA GB 257 75.41 2.78 -97.54
N THR GB 258 74.71 3.89 -97.40
CA THR GB 258 75.21 5.21 -97.78
C THR GB 258 75.08 6.16 -96.60
N PHE GB 259 76.07 7.03 -96.44
CA PHE GB 259 76.10 7.97 -95.32
C PHE GB 259 76.86 9.21 -95.76
N SER GB 260 77.01 10.15 -94.83
CA SER GB 260 77.72 11.39 -95.07
C SER GB 260 78.71 11.63 -93.94
N LEU GB 261 79.91 12.08 -94.31
CA LEU GB 261 80.96 12.41 -93.35
C LEU GB 261 81.27 13.89 -93.45
N SER GB 262 81.29 14.56 -92.31
CA SER GB 262 81.46 16.01 -92.24
C SER GB 262 82.81 16.36 -91.64
N PHE GB 263 83.53 17.28 -92.29
CA PHE GB 263 84.79 17.80 -91.80
C PHE GB 263 84.65 19.14 -91.10
N LEU GB 264 83.43 19.54 -90.78
CA LEU GB 264 83.18 20.87 -90.23
C LEU GB 264 83.91 21.04 -88.89
N ASN GB 265 84.32 22.28 -88.62
CA ASN GB 265 85.10 22.63 -87.43
C ASN GB 265 86.41 21.85 -87.38
N SER GB 266 87.21 22.03 -88.41
CA SER GB 266 88.52 21.40 -88.51
C SER GB 266 89.53 22.45 -88.98
N MET GB 267 90.52 22.73 -88.14
CA MET GB 267 91.52 23.75 -88.42
C MET GB 267 92.89 23.09 -88.55
N GLN GB 268 93.54 23.32 -89.69
CA GLN GB 268 94.90 22.87 -89.94
C GLN GB 268 95.82 24.06 -89.69
N GLN GB 269 96.47 24.08 -88.53
CA GLN GB 269 97.35 25.18 -88.16
C GLN GB 269 98.62 24.64 -87.50
N ASN GB 270 99.16 23.54 -88.05
CA ASN GB 270 100.43 22.98 -87.61
C ASN GB 270 100.43 22.67 -86.12
N THR GB 271 99.36 22.01 -85.66
CA THR GB 271 99.25 21.59 -84.27
C THR GB 271 99.98 20.26 -84.09
N GLY GB 272 101.30 20.31 -84.24
CA GLY GB 272 102.11 19.12 -84.15
C GLY GB 272 102.01 18.28 -85.41
N ALA GB 273 101.26 17.19 -85.33
CA ALA GB 273 101.04 16.31 -86.47
C ALA GB 273 99.54 16.15 -86.70
N ASN GB 274 99.17 15.19 -87.55
CA ASN GB 274 97.75 14.93 -87.81
C ASN GB 274 97.05 14.60 -86.50
N ASN GB 275 95.91 15.27 -86.27
CA ASN GB 275 95.22 15.18 -84.99
C ASN GB 275 93.73 15.10 -85.22
N ILE GB 276 93.06 14.28 -84.40
CA ILE GB 276 91.61 14.14 -84.40
C ILE GB 276 91.11 14.46 -83.00
N VAL GB 277 90.10 15.33 -82.92
CA VAL GB 277 89.58 15.76 -81.62
C VAL GB 277 88.27 15.04 -81.32
N ALA GB 278 87.27 15.21 -82.20
CA ALA GB 278 85.96 14.63 -81.98
C ALA GB 278 85.47 13.97 -83.26
N THR GB 279 84.82 12.82 -83.12
CA THR GB 279 84.28 12.08 -84.24
C THR GB 279 83.12 11.23 -83.74
N ASN GB 280 82.02 11.24 -84.48
CA ASN GB 280 80.83 10.47 -84.11
C ASN GB 280 79.99 10.22 -85.35
N GLN GB 281 79.05 9.29 -85.19
CA GLN GB 281 78.09 8.97 -86.25
C GLN GB 281 76.73 8.73 -85.59
N ASN GB 282 75.74 8.43 -86.42
CA ASN GB 282 74.38 8.16 -85.97
C ASN GB 282 73.90 6.81 -86.48
N GLY GB 283 74.79 5.82 -86.50
CA GLY GB 283 74.46 4.50 -87.00
C GLY GB 283 74.63 3.40 -85.97
N TYR GB 284 74.16 3.63 -84.75
CA TYR GB 284 74.40 2.71 -83.64
C TYR GB 284 73.94 1.29 -83.98
N LYS GB 285 74.78 0.32 -83.61
CA LYS GB 285 74.48 -1.08 -83.86
C LYS GB 285 73.34 -1.54 -82.94
N PRO GB 286 72.67 -2.64 -83.30
CA PRO GB 286 71.65 -3.19 -82.41
C PRO GB 286 72.25 -3.73 -81.13
N GLY GB 287 71.44 -3.73 -80.07
CA GLY GB 287 71.88 -4.19 -78.78
C GLY GB 287 70.74 -4.89 -78.03
N ASP GB 288 71.05 -5.32 -76.81
CA ASP GB 288 70.09 -6.00 -75.96
C ASP GB 288 69.93 -5.23 -74.66
N LEU GB 289 68.69 -5.20 -74.16
CA LEU GB 289 68.34 -4.41 -72.98
C LEU GB 289 69.09 -4.94 -71.76
N VAL GB 290 70.02 -4.15 -71.25
CA VAL GB 290 70.80 -4.56 -70.08
C VAL GB 290 69.99 -4.36 -68.80
N SER GB 291 69.61 -3.12 -68.53
CA SER GB 291 68.83 -2.78 -67.34
C SER GB 291 68.12 -1.46 -67.59
N TYR GB 292 67.30 -1.06 -66.62
CA TYR GB 292 66.53 0.16 -66.71
C TYR GB 292 66.63 0.92 -65.40
N GLN GB 293 66.45 2.24 -65.49
CA GLN GB 293 66.58 3.11 -64.33
C GLN GB 293 65.67 4.31 -64.51
N ILE GB 294 65.39 4.97 -63.39
CA ILE GB 294 64.56 6.17 -63.36
C ILE GB 294 65.44 7.35 -63.03
N ASN GB 295 65.46 8.34 -63.90
CA ASN GB 295 66.24 9.55 -63.68
C ASN GB 295 65.44 10.57 -62.87
N ASN GB 296 66.11 11.65 -62.49
CA ASN GB 296 65.45 12.67 -61.67
C ASN GB 296 64.38 13.44 -62.42
N ASP GB 297 64.40 13.42 -63.75
CA ASP GB 297 63.43 14.17 -64.54
C ASP GB 297 62.18 13.36 -64.86
N GLY GB 298 62.07 12.13 -64.36
CA GLY GB 298 60.85 11.36 -64.50
C GLY GB 298 60.74 10.49 -65.73
N THR GB 299 61.73 10.53 -66.63
CA THR GB 299 61.67 9.71 -67.82
C THR GB 299 62.16 8.30 -67.52
N VAL GB 300 61.60 7.33 -68.25
CA VAL GB 300 62.03 5.94 -68.17
C VAL GB 300 63.01 5.69 -69.31
N VAL GB 301 64.22 5.25 -68.96
CA VAL GB 301 65.29 5.08 -69.93
C VAL GB 301 65.76 3.64 -69.88
N GLY GB 302 65.87 3.01 -71.05
CA GLY GB 302 66.37 1.65 -71.16
C GLY GB 302 67.81 1.65 -71.65
N ASN GB 303 68.63 0.81 -71.03
CA ASN GB 303 70.05 0.70 -71.37
C ASN GB 303 70.29 -0.57 -72.15
N TYR GB 304 71.01 -0.46 -73.26
CA TYR GB 304 71.31 -1.59 -74.12
C TYR GB 304 72.82 -1.83 -74.14
N SER GB 305 73.20 -2.97 -74.72
CA SER GB 305 74.61 -3.35 -74.78
C SER GB 305 75.38 -2.62 -75.85
N ASN GB 306 74.71 -1.94 -76.79
CA ASN GB 306 75.37 -1.19 -77.83
C ASN GB 306 75.73 0.22 -77.40
N GLU GB 307 75.84 0.46 -76.09
CA GLU GB 307 76.18 1.77 -75.54
C GLU GB 307 75.20 2.84 -76.02
N GLN GB 308 73.91 2.53 -75.93
CA GLN GB 308 72.85 3.43 -76.37
C GLN GB 308 71.77 3.51 -75.31
N GLU GB 309 71.05 4.63 -75.31
CA GLU GB 309 69.95 4.88 -74.38
C GLU GB 309 68.64 4.96 -75.15
N GLN GB 310 67.62 4.30 -74.63
CA GLN GB 310 66.29 4.30 -75.23
C GLN GB 310 65.28 4.77 -74.18
N VAL GB 311 64.43 5.71 -74.55
CA VAL GB 311 63.44 6.29 -73.65
C VAL GB 311 62.06 5.75 -74.01
N LEU GB 312 61.29 5.39 -73.00
CA LEU GB 312 59.98 4.77 -73.21
C LEU GB 312 58.83 5.63 -72.68
N GLY GB 313 59.11 6.85 -72.24
CA GLY GB 313 58.09 7.75 -71.74
C GLY GB 313 58.58 8.47 -70.51
N GLN GB 314 57.67 9.21 -69.87
CA GLN GB 314 57.99 9.88 -68.62
C GLN GB 314 56.75 9.92 -67.74
N ILE GB 315 56.98 10.02 -66.44
CA ILE GB 315 55.90 9.99 -65.46
C ILE GB 315 55.22 11.35 -65.42
N VAL GB 316 53.90 11.36 -65.54
CA VAL GB 316 53.09 12.57 -65.53
C VAL GB 316 52.52 12.79 -64.14
N LEU GB 317 52.72 13.97 -63.59
CA LEU GB 317 52.20 14.34 -62.29
C LEU GB 317 50.90 15.12 -62.46
N ALA GB 318 50.33 15.55 -61.34
CA ALA GB 318 49.09 16.32 -61.36
C ALA GB 318 49.01 17.17 -60.10
N ASN GB 319 48.54 18.41 -60.28
CA ASN GB 319 48.29 19.33 -59.16
C ASN GB 319 46.84 19.79 -59.24
N PHE GB 320 46.03 19.35 -58.29
CA PHE GB 320 44.63 19.72 -58.29
C PHE GB 320 44.45 21.19 -57.94
N ALA GB 321 43.27 21.72 -58.25
CA ALA GB 321 42.96 23.09 -57.88
C ALA GB 321 43.01 23.27 -56.36
N ASN GB 322 42.47 22.31 -55.62
CA ASN GB 322 42.50 22.34 -54.17
C ASN GB 322 42.46 20.93 -53.63
N ASN GB 323 43.30 20.66 -52.63
CA ASN GB 323 43.29 19.37 -51.95
C ASN GB 323 42.16 19.37 -50.93
N GLU GB 324 42.16 18.39 -50.02
CA GLU GB 324 41.12 18.20 -49.03
C GLU GB 324 39.75 17.96 -49.66
N GLY GB 325 39.70 17.75 -50.97
CA GLY GB 325 38.47 17.45 -51.65
C GLY GB 325 38.52 16.09 -52.31
N LEU GB 326 39.73 15.52 -52.39
CA LEU GB 326 39.90 14.20 -52.98
C LEU GB 326 39.23 13.15 -52.12
N ALA GB 327 38.69 12.12 -52.77
CA ALA GB 327 37.97 11.06 -52.07
C ALA GB 327 38.84 9.81 -52.02
N SER GB 328 38.98 9.26 -50.82
CA SER GB 328 39.74 8.02 -50.65
C SER GB 328 39.01 6.85 -51.28
N GLN GB 329 39.77 5.93 -51.86
CA GLN GB 329 39.22 4.75 -52.54
C GLN GB 329 40.00 3.52 -52.10
N GLY GB 330 39.53 2.87 -51.03
CA GLY GB 330 40.14 1.65 -50.57
C GLY GB 330 41.60 1.81 -50.21
N ASP GB 331 42.48 1.24 -51.03
CA ASP GB 331 43.92 1.36 -50.81
C ASP GB 331 44.35 2.81 -50.96
N ASN GB 332 45.64 3.05 -50.78
CA ASN GB 332 46.14 4.42 -50.70
C ASN GB 332 46.13 5.09 -52.07
N VAL GB 333 44.92 5.32 -52.60
CA VAL GB 333 44.72 6.06 -53.83
C VAL GB 333 43.58 7.05 -53.60
N TRP GB 334 43.56 8.09 -54.42
CA TRP GB 334 42.53 9.12 -54.34
C TRP GB 334 41.85 9.27 -55.69
N ALA GB 335 40.58 9.68 -55.65
CA ALA GB 335 39.77 9.82 -56.86
C ALA GB 335 39.33 11.26 -56.99
N ALA GB 336 39.49 11.81 -58.20
CA ALA GB 336 39.05 13.18 -58.47
C ALA GB 336 37.53 13.28 -58.39
N THR GB 337 37.05 14.39 -57.84
CA THR GB 337 35.63 14.63 -57.69
C THR GB 337 35.40 16.13 -57.56
N GLN GB 338 34.20 16.51 -57.12
CA GLN GB 338 33.89 17.91 -56.90
C GLN GB 338 34.76 18.47 -55.77
N ALA GB 339 34.82 19.80 -55.71
CA ALA GB 339 35.65 20.53 -54.75
C ALA GB 339 37.13 20.21 -54.91
N SER GB 340 37.51 19.63 -56.05
CA SER GB 340 38.91 19.33 -56.35
C SER GB 340 39.35 19.80 -57.73
N GLY GB 341 38.43 20.01 -58.66
CA GLY GB 341 38.79 20.50 -59.97
C GLY GB 341 39.34 19.41 -60.87
N VAL GB 342 39.78 19.84 -62.05
CA VAL GB 342 40.36 18.91 -63.01
C VAL GB 342 41.76 18.51 -62.56
N ALA GB 343 42.30 17.48 -63.22
CA ALA GB 343 43.60 16.94 -62.83
C ALA GB 343 44.71 17.98 -62.99
N LEU GB 344 44.68 18.74 -64.08
CA LEU GB 344 45.70 19.74 -64.39
C LEU GB 344 47.09 19.07 -64.46
N LEU GB 345 47.20 18.18 -65.44
CA LEU GB 345 48.43 17.41 -65.62
C LEU GB 345 49.58 18.31 -66.04
N GLY GB 346 50.79 17.88 -65.70
CA GLY GB 346 51.98 18.64 -66.05
C GLY GB 346 53.22 17.78 -65.96
N THR GB 347 54.35 18.40 -66.28
CA THR GB 347 55.64 17.71 -66.25
C THR GB 347 56.15 17.61 -64.81
N ALA GB 348 57.09 16.69 -64.60
CA ALA GB 348 57.65 16.48 -63.27
C ALA GB 348 58.78 17.45 -62.95
N GLY GB 349 59.24 18.23 -63.91
CA GLY GB 349 60.36 19.11 -63.67
C GLY GB 349 60.00 20.50 -63.19
N SER GB 350 59.16 21.20 -63.93
CA SER GB 350 58.90 22.61 -63.70
C SER GB 350 57.42 22.85 -63.38
N GLY GB 351 57.12 24.11 -63.05
CA GLY GB 351 55.78 24.49 -62.67
C GLY GB 351 55.60 24.55 -61.16
N ASN GB 352 54.45 24.08 -60.69
CA ASN GB 352 54.20 23.93 -59.25
C ASN GB 352 54.47 22.50 -58.78
N PHE GB 353 54.98 21.66 -59.67
CA PHE GB 353 55.22 20.25 -59.37
C PHE GB 353 56.59 20.11 -58.72
N GLY GB 354 56.67 19.25 -57.71
CA GLY GB 354 57.91 19.06 -56.99
C GLY GB 354 58.91 18.24 -57.78
N LYS GB 355 60.12 18.16 -57.23
CA LYS GB 355 61.21 17.42 -57.87
C LYS GB 355 61.21 15.98 -57.36
N LEU GB 356 61.27 15.03 -58.29
CA LEU GB 356 61.31 13.63 -57.91
C LEU GB 356 62.68 13.25 -57.35
N THR GB 357 62.72 12.11 -56.66
CA THR GB 357 63.95 11.60 -56.08
C THR GB 357 63.97 10.09 -56.23
N ASN GB 358 64.98 9.57 -56.91
CA ASN GB 358 65.08 8.14 -57.13
C ASN GB 358 65.47 7.41 -55.84
N GLY GB 359 64.93 6.21 -55.66
CA GLY GB 359 65.29 5.37 -54.54
C GLY GB 359 64.90 5.94 -53.19
N ALA GB 360 63.67 6.43 -53.06
CA ALA GB 360 63.20 7.00 -51.81
C ALA GB 360 61.70 6.76 -51.65
N LEU GB 361 61.25 6.81 -50.40
CA LEU GB 361 59.84 6.65 -50.07
C LEU GB 361 59.48 7.60 -48.94
N GLU GB 362 58.20 7.92 -48.83
CA GLU GB 362 57.72 8.88 -47.85
C GLU GB 362 57.30 8.18 -46.57
N ALA GB 363 57.36 8.92 -45.46
CA ALA GB 363 56.90 8.42 -44.17
C ALA GB 363 55.38 8.60 -44.09
N SER GB 364 54.82 8.39 -42.91
CA SER GB 364 53.37 8.49 -42.71
C SER GB 364 52.92 9.85 -42.20
N ASN GB 365 53.85 10.77 -41.93
CA ASN GB 365 53.57 12.09 -41.36
C ASN GB 365 52.54 12.01 -40.23
N VAL GB 366 52.68 11.00 -39.38
CA VAL GB 366 51.85 10.81 -38.20
C VAL GB 366 52.76 10.87 -36.97
N ASP GB 367 52.39 11.73 -36.01
CA ASP GB 367 53.16 11.91 -34.79
C ASP GB 367 52.44 11.19 -33.66
N LEU GB 368 53.07 10.14 -33.13
CA LEU GB 368 52.43 9.36 -32.06
C LEU GB 368 52.21 10.20 -30.81
N SER GB 369 53.10 11.15 -30.52
CA SER GB 369 52.91 12.01 -29.37
C SER GB 369 51.65 12.85 -29.51
N LYS GB 370 51.40 13.38 -30.71
CA LYS GB 370 50.16 14.13 -30.93
C LYS GB 370 48.93 13.25 -30.81
N GLU GB 371 48.99 12.03 -31.37
CA GLU GB 371 47.80 11.21 -31.41
C GLU GB 371 47.44 10.63 -30.05
N LEU GB 372 48.45 10.23 -29.28
CA LEU GB 372 48.17 9.59 -27.99
C LEU GB 372 47.48 10.54 -27.02
N VAL GB 373 47.94 11.78 -26.95
CA VAL GB 373 47.34 12.74 -26.03
C VAL GB 373 45.92 13.08 -26.46
N ASN GB 374 45.68 13.15 -27.77
CA ASN GB 374 44.33 13.43 -28.25
C ASN GB 374 43.37 12.30 -27.91
N MET GB 375 43.89 11.08 -27.76
CA MET GB 375 43.02 9.97 -27.37
C MET GB 375 42.58 10.11 -25.92
N ILE GB 376 43.45 10.68 -25.06
CA ILE GB 376 43.07 10.93 -23.68
C ILE GB 376 41.95 11.96 -23.61
N VAL GB 377 42.07 13.05 -24.38
CA VAL GB 377 41.06 14.09 -24.38
C VAL GB 377 39.74 13.56 -24.92
N ALA GB 378 39.80 12.78 -26.01
CA ALA GB 378 38.57 12.28 -26.62
C ALA GB 378 37.81 11.37 -25.68
N GLN GB 379 38.52 10.53 -24.93
CA GLN GB 379 37.84 9.58 -24.05
C GLN GB 379 37.06 10.31 -22.96
N ARG GB 380 37.64 11.36 -22.38
CA ARG GB 380 36.95 12.09 -21.33
C ARG GB 380 35.71 12.79 -21.88
N ASN GB 381 35.79 13.31 -23.10
CA ASN GB 381 34.63 13.97 -23.70
C ASN GB 381 33.48 12.97 -23.88
N TYR GB 382 33.80 11.74 -24.28
CA TYR GB 382 32.76 10.73 -24.42
C TYR GB 382 32.11 10.41 -23.08
N GLN GB 383 32.93 10.25 -22.03
CA GLN GB 383 32.36 9.92 -20.73
C GLN GB 383 31.52 11.06 -20.19
N SER GB 384 31.97 12.30 -20.36
CA SER GB 384 31.19 13.44 -19.90
C SER GB 384 29.86 13.52 -20.62
N ASN GB 385 29.85 13.28 -21.93
CA ASN GB 385 28.58 13.21 -22.65
C ASN GB 385 27.74 12.05 -22.17
N ALA GB 386 28.35 10.88 -21.98
CA ALA GB 386 27.62 9.72 -21.52
C ALA GB 386 27.06 9.93 -20.11
N GLN GB 387 27.69 10.82 -19.34
CA GLN GB 387 27.16 11.15 -18.02
C GLN GB 387 25.80 11.82 -18.13
N THR GB 388 25.61 12.64 -19.17
CA THR GB 388 24.34 13.34 -19.35
C THR GB 388 23.20 12.36 -19.61
N ILE GB 389 23.45 11.32 -20.40
CA ILE GB 389 22.41 10.34 -20.68
C ILE GB 389 21.97 9.64 -19.39
N LYS GB 390 22.93 9.27 -18.55
CA LYS GB 390 22.60 8.63 -17.28
C LYS GB 390 21.82 9.57 -16.38
N THR GB 391 22.20 10.85 -16.33
CA THR GB 391 21.49 11.82 -15.51
C THR GB 391 20.07 12.01 -16.02
N GLN GB 392 19.90 12.14 -17.33
CA GLN GB 392 18.57 12.33 -17.88
C GLN GB 392 17.67 11.12 -17.64
N ASP GB 393 18.24 9.91 -17.68
CA ASP GB 393 17.45 8.72 -17.42
C ASP GB 393 16.89 8.72 -16.01
N GLN GB 394 17.71 9.10 -15.02
CA GLN GB 394 17.25 9.12 -13.64
C GLN GB 394 16.24 10.24 -13.40
N ILE GB 395 16.37 11.36 -14.12
CA ILE GB 395 15.37 12.43 -14.02
C ILE GB 395 14.01 11.90 -14.43
N LEU GB 396 13.95 11.18 -15.54
CA LEU GB 396 12.70 10.56 -15.97
C LEU GB 396 12.30 9.42 -15.05
N ASN GB 397 13.28 8.69 -14.53
CA ASN GB 397 12.98 7.57 -13.64
C ASN GB 397 12.30 8.05 -12.37
N THR GB 398 12.77 9.15 -11.79
CA THR GB 398 12.14 9.69 -10.60
C THR GB 398 10.71 10.10 -10.87
N LEU GB 399 10.47 10.73 -12.03
CA LEU GB 399 9.14 11.22 -12.36
C LEU GB 399 8.14 10.08 -12.53
N VAL GB 400 8.55 8.99 -13.16
CA VAL GB 400 7.63 7.89 -13.41
C VAL GB 400 7.18 7.25 -12.11
N ASN GB 401 8.13 6.98 -11.21
CA ASN GB 401 7.79 6.31 -9.95
C ASN GB 401 6.86 7.18 -9.10
N LEU GB 402 7.10 8.48 -9.07
CA LEU GB 402 6.28 9.43 -8.32
C LEU GB 402 6.21 9.08 -6.84
N SER HB 2 24.52 24.91 -0.08
CA SER HB 2 25.88 24.74 0.41
C SER HB 2 26.84 24.48 -0.74
N PHE HB 3 26.29 24.29 -1.94
CA PHE HB 3 27.14 24.09 -3.10
C PHE HB 3 27.95 25.32 -3.46
N SER HB 4 27.51 26.51 -3.03
CA SER HB 4 28.23 27.72 -3.37
C SER HB 4 29.64 27.73 -2.81
N GLN HB 5 29.79 27.34 -1.54
CA GLN HB 5 31.12 27.30 -0.94
C GLN HB 5 31.98 26.25 -1.62
N ALA HB 6 31.42 25.07 -1.89
CA ALA HB 6 32.20 24.02 -2.52
C ALA HB 6 32.62 24.40 -3.93
N VAL HB 7 31.70 24.99 -4.70
CA VAL HB 7 32.03 25.38 -6.07
C VAL HB 7 33.10 26.46 -6.06
N SER HB 8 32.98 27.45 -5.17
CA SER HB 8 33.98 28.51 -5.10
C SER HB 8 35.34 27.95 -4.72
N GLY HB 9 35.38 27.03 -3.75
CA GLY HB 9 36.64 26.38 -3.43
C GLY HB 9 37.15 25.51 -4.55
N LEU HB 10 36.24 24.84 -5.26
CA LEU HB 10 36.65 24.00 -6.38
C LEU HB 10 37.26 24.82 -7.49
N ASN HB 11 36.66 25.97 -7.80
CA ASN HB 11 37.19 26.83 -8.86
C ASN HB 11 38.55 27.39 -8.47
N ALA HB 12 38.74 27.76 -7.20
CA ALA HB 12 40.01 28.29 -6.77
C ALA HB 12 41.13 27.25 -6.92
N ALA HB 13 40.84 26.00 -6.57
CA ALA HB 13 41.86 24.95 -6.70
C ALA HB 13 42.24 24.74 -8.16
N ALA HB 14 41.26 24.80 -9.06
CA ALA HB 14 41.57 24.68 -10.49
C ALA HB 14 42.45 25.83 -10.95
N THR HB 15 42.15 27.05 -10.48
CA THR HB 15 42.99 28.19 -10.82
C THR HB 15 44.40 28.01 -10.29
N ASN HB 16 44.54 27.47 -9.09
CA ASN HB 16 45.86 27.19 -8.55
C ASN HB 16 46.62 26.20 -9.43
N LEU HB 17 45.93 25.15 -9.89
CA LEU HB 17 46.56 24.23 -10.84
C LEU HB 17 46.69 24.87 -12.22
N ASP HB 18 45.84 25.84 -12.55
CA ASP HB 18 45.95 26.53 -13.82
C ASP HB 18 47.25 27.31 -13.91
N VAL HB 19 47.59 28.04 -12.84
CA VAL HB 19 48.83 28.81 -12.83
C VAL HB 19 50.04 27.89 -12.78
N ILE HB 20 49.98 26.86 -11.94
CA ILE HB 20 51.09 25.92 -11.81
C ILE HB 20 51.36 25.23 -13.14
N GLY HB 21 50.29 24.80 -13.81
CA GLY HB 21 50.46 24.13 -15.09
C GLY HB 21 51.05 25.04 -16.16
N ASN HB 22 50.82 26.35 -16.05
CA ASN HB 22 51.38 27.27 -17.02
C ASN HB 22 52.87 27.48 -16.79
N ASN HB 23 53.29 27.63 -15.53
CA ASN HB 23 54.70 27.87 -15.24
C ASN HB 23 55.57 26.69 -15.67
N ILE HB 24 55.12 25.46 -15.38
CA ILE HB 24 55.92 24.31 -15.75
C ILE HB 24 56.00 24.16 -17.26
N ALA HB 25 54.93 24.51 -17.98
CA ALA HB 25 54.97 24.44 -19.43
C ALA HB 25 55.79 25.57 -20.03
N ASN HB 26 55.82 26.73 -19.38
CA ASN HB 26 56.55 27.88 -19.88
C ASN HB 26 58.01 27.87 -19.54
N SER HB 27 58.57 26.72 -19.16
CA SER HB 27 60.01 26.63 -18.96
C SER HB 27 60.73 26.79 -20.28
N ALA HB 28 62.01 27.16 -20.20
CA ALA HB 28 62.90 27.43 -21.33
C ALA HB 28 62.50 28.68 -22.10
N THR HB 29 61.45 29.38 -21.69
CA THR HB 29 61.11 30.67 -22.29
C THR HB 29 61.98 31.75 -21.66
N TYR HB 30 62.84 32.37 -22.46
CA TYR HB 30 63.90 33.21 -21.91
C TYR HB 30 63.34 34.44 -21.21
N GLY HB 31 62.41 35.14 -21.85
CA GLY HB 31 61.85 36.32 -21.23
C GLY HB 31 60.58 36.05 -20.46
N PHE HB 32 60.67 35.27 -19.39
CA PHE HB 32 59.49 34.84 -18.63
C PHE HB 32 59.74 35.01 -17.15
N LYS HB 33 58.68 35.37 -16.43
CA LYS HB 33 58.70 35.51 -14.98
C LYS HB 33 57.55 34.68 -14.41
N SER HB 34 57.87 33.76 -13.52
CA SER HB 34 56.86 32.86 -12.98
C SER HB 34 55.83 33.61 -12.17
N GLY HB 35 54.58 33.15 -12.23
CA GLY HB 35 53.48 33.74 -11.51
C GLY HB 35 53.03 32.87 -10.35
N THR HB 36 52.18 33.47 -9.51
CA THR HB 36 51.64 32.77 -8.35
C THR HB 36 50.30 33.38 -8.00
N ALA HB 37 49.40 32.54 -7.49
CA ALA HB 37 48.05 32.97 -7.16
C ALA HB 37 47.95 33.37 -5.69
N SER HB 38 47.08 34.33 -5.42
CA SER HB 38 46.83 34.82 -4.06
C SER HB 38 45.33 34.81 -3.81
N PHE HB 39 44.92 34.24 -2.68
CA PHE HB 39 43.52 34.04 -2.37
C PHE HB 39 43.08 34.94 -1.22
N ALA HB 40 41.77 34.99 -1.01
CA ALA HB 40 41.18 35.82 0.05
C ALA HB 40 39.76 35.33 0.32
N ASP HB 41 39.46 35.09 1.59
CA ASP HB 41 38.14 34.65 1.98
C ASP HB 41 37.13 35.78 1.88
N MET HB 42 35.85 35.41 1.87
CA MET HB 42 34.77 36.38 1.79
C MET HB 42 33.74 36.09 2.87
N PHE HB 43 33.31 37.13 3.58
CA PHE HB 43 32.25 37.02 4.57
C PHE HB 43 31.28 38.17 4.35
N ALA HB 44 29.98 37.86 4.32
CA ALA HB 44 28.98 38.91 4.20
C ALA HB 44 28.87 39.70 5.49
N GLY HB 45 28.45 39.04 6.57
CA GLY HB 45 28.43 39.65 7.88
C GLY HB 45 29.36 38.92 8.82
N SER HB 46 28.78 38.17 9.76
CA SER HB 46 29.51 37.29 10.63
C SER HB 46 28.91 35.89 10.54
N LYS HB 47 29.73 34.89 10.87
CA LYS HB 47 29.37 33.47 10.87
C LYS HB 47 28.56 33.07 9.64
N VAL HB 48 28.84 33.69 8.51
CA VAL HB 48 28.20 33.35 7.23
C VAL HB 48 29.32 33.21 6.21
N GLY HB 49 29.69 31.97 5.90
CA GLY HB 49 30.74 31.75 4.92
C GLY HB 49 30.27 32.06 3.51
N LEU HB 50 31.22 32.45 2.66
CA LEU HB 50 30.91 32.73 1.26
C LEU HB 50 31.99 32.19 0.33
N GLY HB 51 32.78 31.22 0.77
CA GLY HB 51 33.81 30.67 -0.08
C GLY HB 51 35.02 31.57 -0.16
N VAL HB 52 35.85 31.30 -1.16
CA VAL HB 52 37.09 32.03 -1.37
C VAL HB 52 37.14 32.52 -2.82
N LYS HB 53 37.51 33.78 -3.00
CA LYS HB 53 37.70 34.35 -4.32
C LYS HB 53 39.19 34.47 -4.62
N VAL HB 54 39.50 34.69 -5.88
CA VAL HB 54 40.88 34.90 -6.31
C VAL HB 54 41.22 36.37 -6.16
N ALA HB 55 42.25 36.66 -5.37
CA ALA HB 55 42.61 38.03 -5.06
C ALA HB 55 43.55 38.65 -6.08
N GLY HB 56 43.93 37.92 -7.11
CA GLY HB 56 44.83 38.45 -8.11
C GLY HB 56 46.12 37.67 -8.21
N ILE HB 57 46.61 37.50 -9.43
CA ILE HB 57 47.83 36.72 -9.67
C ILE HB 57 49.03 37.66 -9.68
N THR HB 58 50.02 37.34 -8.88
CA THR HB 58 51.25 38.13 -8.81
C THR HB 58 52.38 37.40 -9.52
N GLN HB 59 53.40 38.17 -9.92
CA GLN HB 59 54.54 37.64 -10.65
C GLN HB 59 55.82 38.01 -9.91
N ASP HB 60 56.69 37.03 -9.70
CA ASP HB 60 57.98 37.27 -9.07
C ASP HB 60 58.97 37.75 -10.11
N PHE HB 61 59.60 38.90 -9.85
CA PHE HB 61 60.49 39.54 -10.82
C PHE HB 61 61.95 39.33 -10.48
N THR HB 62 62.32 38.16 -9.98
CA THR HB 62 63.71 37.81 -9.81
C THR HB 62 64.39 37.67 -11.17
N ASP HB 63 65.59 38.21 -11.29
CA ASP HB 63 66.35 38.09 -12.53
C ASP HB 63 66.70 36.63 -12.80
N GLY HB 64 66.58 36.22 -14.06
CA GLY HB 64 66.86 34.85 -14.42
C GLY HB 64 68.35 34.56 -14.52
N THR HB 65 68.66 33.29 -14.74
CA THR HB 65 70.04 32.87 -14.91
C THR HB 65 70.55 33.30 -16.28
N THR HB 66 71.72 33.94 -16.29
CA THR HB 66 72.29 34.42 -17.54
C THR HB 66 72.82 33.25 -18.36
N THR HB 67 72.70 33.37 -19.69
CA THR HB 67 73.17 32.35 -20.61
C THR HB 67 74.04 33.01 -21.68
N ASN HB 68 75.09 32.30 -22.10
CA ASN HB 68 76.01 32.80 -23.12
C ASN HB 68 75.60 32.23 -24.47
N THR HB 69 74.58 32.84 -25.05
CA THR HB 69 74.04 32.35 -26.33
C THR HB 69 74.96 32.62 -27.50
N GLY HB 70 76.02 33.39 -27.32
CA GLY HB 70 76.85 33.78 -28.43
C GLY HB 70 76.23 34.94 -29.19
N ARG HB 71 76.72 35.14 -30.41
CA ARG HB 71 76.28 36.22 -31.29
C ARG HB 71 76.52 37.59 -30.65
N GLY HB 72 76.03 38.63 -31.30
CA GLY HB 72 76.15 39.98 -30.77
C GLY HB 72 74.85 40.74 -30.86
N LEU HB 73 73.89 40.19 -31.58
CA LEU HB 73 72.60 40.84 -31.78
C LEU HB 73 71.59 40.41 -30.72
N ASP HB 74 71.98 40.54 -29.45
CA ASP HB 74 71.13 40.21 -28.32
C ASP HB 74 71.79 40.74 -27.06
N VAL HB 75 70.98 41.28 -26.15
CA VAL HB 75 71.46 41.84 -24.90
C VAL HB 75 70.60 41.33 -23.76
N ALA HB 76 71.20 41.31 -22.57
CA ALA HB 76 70.51 40.85 -21.37
C ALA HB 76 70.60 41.92 -20.30
N ILE HB 77 69.49 42.15 -19.59
CA ILE HB 77 69.42 43.14 -18.54
C ILE HB 77 69.68 42.43 -17.21
N SER HB 78 70.69 42.89 -16.49
CA SER HB 78 71.13 42.22 -15.27
C SER HB 78 70.39 42.69 -14.02
N GLN HB 79 69.62 43.77 -14.10
CA GLN HB 79 68.92 44.31 -12.95
C GLN HB 79 67.54 44.78 -13.41
N ASN HB 80 66.88 45.57 -12.56
CA ASN HB 80 65.55 46.07 -12.88
C ASN HB 80 65.61 46.97 -14.11
N GLY HB 81 64.65 46.77 -15.00
CA GLY HB 81 64.55 47.54 -16.23
C GLY HB 81 64.00 46.68 -17.35
N PHE HB 82 63.28 47.33 -18.26
CA PHE HB 82 62.69 46.66 -19.41
C PHE HB 82 62.99 47.46 -20.67
N PHE HB 83 63.05 46.76 -21.79
CA PHE HB 83 63.16 47.43 -23.09
C PHE HB 83 61.83 48.07 -23.45
N ARG HB 84 61.90 49.06 -24.34
CA ARG HB 84 60.70 49.75 -24.82
C ARG HB 84 60.43 49.31 -26.25
N LEU HB 85 59.24 48.74 -26.47
CA LEU HB 85 58.87 48.19 -27.77
C LEU HB 85 57.56 48.80 -28.24
N VAL HB 86 57.43 48.92 -29.56
CA VAL HB 86 56.25 49.51 -30.17
C VAL HB 86 55.86 48.67 -31.38
N ASP HB 87 54.55 48.51 -31.59
CA ASP HB 87 54.04 47.74 -32.72
C ASP HB 87 53.79 48.67 -33.90
N SER HB 88 53.07 48.15 -34.91
CA SER HB 88 52.85 48.93 -36.13
C SER HB 88 51.95 50.14 -35.89
N ASN HB 89 50.92 49.98 -35.05
CA ASN HB 89 49.93 51.02 -34.87
C ASN HB 89 50.29 52.03 -33.78
N GLY HB 90 51.48 51.90 -33.18
CA GLY HB 90 51.98 52.90 -32.26
C GLY HB 90 51.84 52.55 -30.79
N SER HB 91 51.19 51.44 -30.45
CA SER HB 91 51.06 51.06 -29.05
C SER HB 91 52.42 50.74 -28.45
N VAL HB 92 52.65 51.24 -27.24
CA VAL HB 92 53.93 51.12 -26.55
C VAL HB 92 53.88 49.93 -25.61
N PHE HB 93 54.81 49.00 -25.79
CA PHE HB 93 54.88 47.79 -24.98
C PHE HB 93 56.27 47.66 -24.37
N TYR HB 94 56.34 46.91 -23.28
CA TYR HB 94 57.58 46.69 -22.55
C TYR HB 94 57.85 45.21 -22.43
N SER HB 95 59.11 44.81 -22.61
CA SER HB 95 59.51 43.42 -22.59
C SER HB 95 60.89 43.29 -21.98
N ARG HB 96 61.33 42.04 -21.82
CA ARG HB 96 62.66 41.75 -21.26
C ARG HB 96 63.49 40.80 -22.11
N ASN HB 97 62.87 40.00 -22.99
CA ASN HB 97 63.64 39.08 -23.81
C ASN HB 97 64.61 39.82 -24.72
N GLY HB 98 65.85 39.37 -24.76
CA GLY HB 98 66.88 40.03 -25.52
C GLY HB 98 67.06 39.56 -26.95
N GLN HB 99 66.22 38.66 -27.42
CA GLN HB 99 66.35 38.15 -28.78
C GLN HB 99 65.94 39.24 -29.77
N PHE HB 100 66.88 39.65 -30.61
CA PHE HB 100 66.65 40.76 -31.54
C PHE HB 100 67.18 40.41 -32.91
N LYS HB 101 66.59 41.05 -33.92
CA LYS HB 101 67.00 40.86 -35.30
C LYS HB 101 66.67 42.11 -36.08
N LEU HB 102 67.25 42.20 -37.27
CA LEU HB 102 66.93 43.28 -38.20
C LEU HB 102 65.77 42.84 -39.08
N ASP HB 103 64.90 43.77 -39.42
CA ASP HB 103 63.77 43.48 -40.29
C ASP HB 103 64.16 43.73 -41.74
N GLU HB 104 63.17 43.76 -42.63
CA GLU HB 104 63.43 43.93 -44.05
C GLU HB 104 64.04 45.28 -44.37
N ASN HB 105 63.81 46.30 -43.54
CA ASN HB 105 64.33 47.64 -43.79
C ASN HB 105 65.20 48.12 -42.64
N ARG HB 106 66.01 47.22 -42.07
CA ARG HB 106 67.07 47.57 -41.14
C ARG HB 106 66.53 48.25 -39.88
N ASN HB 107 65.66 47.55 -39.17
CA ASN HB 107 65.13 48.00 -37.88
C ASN HB 107 65.35 46.93 -36.84
N LEU HB 108 65.73 47.35 -35.63
CA LEU HB 108 65.89 46.42 -34.52
C LEU HB 108 64.52 45.88 -34.14
N VAL HB 109 64.29 44.59 -34.42
CA VAL HB 109 63.01 43.95 -34.20
C VAL HB 109 63.23 42.63 -33.47
N ASN HB 110 62.35 42.32 -32.53
CA ASN HB 110 62.38 41.03 -31.86
C ASN HB 110 61.73 39.97 -32.75
N MET HB 111 61.72 38.73 -32.26
CA MET HB 111 61.18 37.63 -33.06
C MET HB 111 59.69 37.74 -33.31
N GLN HB 112 58.97 38.56 -32.55
CA GLN HB 112 57.52 38.65 -32.65
C GLN HB 112 57.06 39.84 -33.47
N GLY HB 113 57.97 40.53 -34.15
CA GLY HB 113 57.59 41.62 -35.03
C GLY HB 113 57.24 42.91 -34.33
N MET HB 114 58.11 43.38 -33.44
CA MET HB 114 57.93 44.64 -32.75
C MET HB 114 59.20 45.47 -32.88
N GLN HB 115 59.05 46.73 -33.29
CA GLN HB 115 60.20 47.61 -33.46
C GLN HB 115 60.73 48.05 -32.10
N LEU HB 116 62.06 48.00 -31.95
CA LEU HB 116 62.70 48.49 -30.74
C LEU HB 116 62.96 49.99 -30.85
N THR HB 117 62.66 50.72 -29.78
CA THR HB 117 62.84 52.16 -29.76
C THR HB 117 64.09 52.54 -28.99
N GLY HB 118 64.34 53.84 -28.92
CA GLY HB 118 65.51 54.34 -28.21
C GLY HB 118 65.70 55.82 -28.49
N TYR HB 119 66.82 56.34 -28.00
CA TYR HB 119 67.15 57.74 -28.20
C TYR HB 119 67.76 57.94 -29.59
N PRO HB 120 67.20 58.82 -30.42
CA PRO HB 120 67.79 59.05 -31.73
C PRO HB 120 69.11 59.81 -31.64
N ALA HB 121 69.92 59.67 -32.68
CA ALA HB 121 71.20 60.34 -32.80
C ALA HB 121 71.16 61.34 -33.94
N THR HB 122 71.62 62.56 -33.68
CA THR HB 122 71.66 63.60 -34.69
C THR HB 122 72.93 64.42 -34.52
N GLY HB 123 73.33 65.07 -35.60
CA GLY HB 123 74.55 65.85 -35.66
C GLY HB 123 75.53 65.29 -36.68
N THR HB 124 76.64 66.00 -36.83
CA THR HB 124 77.72 65.62 -37.75
C THR HB 124 79.04 65.76 -37.03
N PRO HB 125 79.56 64.68 -36.44
CA PRO HB 125 78.96 63.34 -36.37
C PRO HB 125 77.77 63.29 -35.41
N PRO HB 126 76.85 62.35 -35.64
CA PRO HB 126 75.69 62.24 -34.75
C PRO HB 126 76.09 61.92 -33.32
N THR HB 127 75.33 62.47 -32.38
CA THR HB 127 75.53 62.22 -30.96
C THR HB 127 74.19 61.91 -30.31
N ILE HB 128 74.26 61.30 -29.13
CA ILE HB 128 73.07 60.83 -28.43
C ILE HB 128 72.56 61.94 -27.52
N GLN HB 129 71.28 62.24 -27.62
CA GLN HB 129 70.63 63.27 -26.81
C GLN HB 129 69.71 62.59 -25.82
N GLN HB 130 69.92 62.86 -24.53
CA GLN HB 130 69.13 62.21 -23.49
C GLN HB 130 67.73 62.76 -23.37
N GLY HB 131 67.51 64.03 -23.72
CA GLY HB 131 66.21 64.65 -23.61
C GLY HB 131 65.31 64.52 -24.81
N ALA HB 132 65.81 63.97 -25.91
CA ALA HB 132 65.00 63.85 -27.11
C ALA HB 132 63.89 62.82 -26.91
N ASN HB 133 62.80 63.02 -27.65
CA ASN HB 133 61.69 62.08 -27.58
C ASN HB 133 62.15 60.74 -28.16
N PRO HB 134 61.96 59.63 -27.44
CA PRO HB 134 62.41 58.33 -27.96
C PRO HB 134 61.74 57.99 -29.27
N ALA HB 135 62.51 57.36 -30.15
CA ALA HB 135 62.06 57.01 -31.49
C ALA HB 135 62.54 55.60 -31.82
N PRO HB 136 61.88 54.92 -32.75
CA PRO HB 136 62.34 53.60 -33.16
C PRO HB 136 63.78 53.63 -33.67
N ILE HB 137 64.54 52.61 -33.32
CA ILE HB 137 65.95 52.55 -33.70
C ILE HB 137 66.04 51.99 -35.12
N THR HB 138 66.73 52.71 -35.99
CA THR HB 138 66.96 52.31 -37.36
C THR HB 138 68.46 52.25 -37.61
N ILE HB 139 68.90 51.26 -38.40
CA ILE HB 139 70.31 51.09 -38.68
C ILE HB 139 70.51 51.07 -40.19
N PRO HB 140 70.45 52.23 -40.86
CA PRO HB 140 70.62 52.25 -42.31
C PRO HB 140 72.02 51.84 -42.74
N ASN HB 141 72.09 51.26 -43.93
CA ASN HB 141 73.35 50.81 -44.52
C ASN HB 141 73.90 51.80 -45.54
N THR HB 142 73.27 52.97 -45.68
CA THR HB 142 73.72 53.94 -46.68
C THR HB 142 75.14 54.41 -46.36
N LEU HB 143 75.96 54.45 -47.41
CA LEU HB 143 77.37 54.82 -47.24
C LEU HB 143 77.49 56.30 -46.86
N MET HB 144 78.34 56.58 -45.88
CA MET HB 144 78.53 57.95 -45.43
C MET HB 144 79.38 58.74 -46.43
N ALA HB 145 79.19 60.05 -46.43
CA ALA HB 145 79.93 60.93 -47.33
C ALA HB 145 81.23 61.40 -46.69
N ALA HB 146 82.07 62.02 -47.50
CA ALA HB 146 83.39 62.44 -47.06
C ALA HB 146 83.31 63.70 -46.20
N LYS HB 147 84.35 63.91 -45.40
CA LYS HB 147 84.51 65.13 -44.63
C LYS HB 147 85.27 66.21 -45.39
N SER HB 148 85.88 65.87 -46.52
CA SER HB 148 86.64 66.81 -47.36
C SER HB 148 87.79 67.46 -46.60
N THR HB 149 88.32 66.76 -45.59
CA THR HB 149 89.44 67.23 -44.77
C THR HB 149 89.16 68.61 -44.19
N THR HB 150 88.15 68.65 -43.33
CA THR HB 150 87.70 69.92 -42.75
C THR HB 150 88.76 70.54 -41.85
N THR HB 151 89.20 69.80 -40.84
CA THR HB 151 90.15 70.31 -39.86
C THR HB 151 91.25 69.29 -39.61
N ALA HB 152 92.35 69.76 -39.04
CA ALA HB 152 93.49 68.89 -38.75
C ALA HB 152 94.31 69.50 -37.61
N SER HB 153 95.13 68.65 -37.00
CA SER HB 153 96.02 69.06 -35.92
C SER HB 153 97.18 68.08 -35.84
N MET HB 154 98.40 68.60 -35.77
CA MET HB 154 99.59 67.76 -35.74
C MET HB 154 100.57 68.30 -34.69
N GLN HB 155 101.32 67.39 -34.07
CA GLN HB 155 102.39 67.73 -33.15
C GLN HB 155 103.65 67.01 -33.60
N ILE HB 156 104.69 67.78 -33.90
CA ILE HB 156 105.95 67.25 -34.41
C ILE HB 156 107.10 67.80 -33.59
N ASN HB 157 108.03 66.91 -33.21
CA ASN HB 157 109.22 67.28 -32.46
C ASN HB 157 110.41 67.30 -33.41
N LEU HB 158 111.22 68.37 -33.30
CA LEU HB 158 112.36 68.56 -34.18
C LEU HB 158 113.61 68.79 -33.33
N ASN HB 159 114.76 68.50 -33.93
CA ASN HB 159 116.05 68.74 -33.28
C ASN HB 159 116.45 70.20 -33.50
N SER HB 160 116.60 70.93 -32.40
CA SER HB 160 116.90 72.36 -32.48
C SER HB 160 118.31 72.65 -32.98
N THR HB 161 119.17 71.65 -33.07
CA THR HB 161 120.53 71.82 -33.55
C THR HB 161 120.70 71.36 -35.00
N ASP HB 162 119.61 71.23 -35.74
CA ASP HB 162 119.70 70.81 -37.14
C ASP HB 162 120.43 71.88 -37.94
N PRO HB 163 121.50 71.52 -38.66
CA PRO HB 163 122.27 72.53 -39.39
C PRO HB 163 121.45 73.17 -40.50
N VAL HB 164 121.75 74.44 -40.76
CA VAL HB 164 121.09 75.15 -41.86
C VAL HB 164 121.48 74.50 -43.18
N PRO HB 165 120.57 74.32 -44.12
CA PRO HB 165 120.95 73.74 -45.42
C PRO HB 165 122.04 74.54 -46.10
N SER HB 166 122.98 73.83 -46.71
CA SER HB 166 124.14 74.47 -47.33
C SER HB 166 123.79 75.33 -48.53
N LYS HB 167 122.63 75.12 -49.14
CA LYS HB 167 122.21 75.86 -50.31
C LYS HB 167 121.09 76.83 -49.93
N THR HB 168 121.25 78.10 -50.32
CA THR HB 168 120.25 79.10 -49.98
C THR HB 168 118.86 78.81 -50.55
N PRO HB 169 118.68 78.44 -51.83
CA PRO HB 169 117.33 78.19 -52.31
C PRO HB 169 116.72 76.94 -51.71
N PHE HB 170 115.40 76.88 -51.70
CA PHE HB 170 114.65 75.73 -51.21
C PHE HB 170 114.27 74.82 -52.37
N SER HB 171 114.58 73.54 -52.23
CA SER HB 171 114.19 72.54 -53.21
C SER HB 171 113.64 71.31 -52.50
N VAL HB 172 112.68 70.64 -53.15
CA VAL HB 172 112.04 69.48 -52.55
C VAL HB 172 112.70 68.17 -52.94
N SER HB 173 113.70 68.19 -53.82
CA SER HB 173 114.35 66.98 -54.30
C SER HB 173 115.56 66.60 -53.46
N ASP HB 174 116.56 67.49 -53.40
CA ASP HB 174 117.76 67.21 -52.62
C ASP HB 174 117.45 67.32 -51.13
N ALA HB 175 117.89 66.33 -50.37
CA ALA HB 175 117.67 66.33 -48.93
C ALA HB 175 118.53 67.34 -48.20
N ASP HB 176 119.53 67.93 -48.87
CA ASP HB 176 120.42 68.91 -48.27
C ASP HB 176 119.92 70.34 -48.43
N SER HB 177 118.82 70.55 -49.15
CA SER HB 177 118.22 71.87 -49.28
C SER HB 177 117.19 72.17 -48.20
N TYR HB 178 116.83 71.18 -47.40
CA TYR HB 178 115.90 71.36 -46.29
C TYR HB 178 116.39 70.49 -45.14
N ASN HB 179 115.55 70.32 -44.12
CA ASN HB 179 115.93 69.56 -42.93
C ASN HB 179 115.11 68.29 -42.76
N LYS HB 180 113.78 68.38 -42.80
CA LYS HB 180 112.92 67.25 -42.51
C LYS HB 180 111.97 66.99 -43.67
N LYS HB 181 111.75 65.71 -43.96
CA LYS HB 181 110.83 65.26 -44.99
C LYS HB 181 109.73 64.43 -44.37
N GLY HB 182 108.48 64.75 -44.70
CA GLY HB 182 107.33 64.00 -44.22
C GLY HB 182 106.19 64.08 -45.21
N THR HB 183 105.16 63.30 -44.93
CA THR HB 183 103.96 63.26 -45.78
C THR HB 183 102.71 63.34 -44.91
N VAL HB 184 101.70 64.02 -45.44
CA VAL HB 184 100.40 64.15 -44.79
C VAL HB 184 99.32 63.84 -45.81
N THR HB 185 98.36 63.02 -45.42
CA THR HB 185 97.28 62.61 -46.30
C THR HB 185 96.01 63.41 -46.03
N VAL HB 186 95.42 63.94 -47.09
CA VAL HB 186 94.15 64.65 -47.03
C VAL HB 186 93.23 64.10 -48.11
N TYR HB 187 91.93 64.28 -47.89
CA TYR HB 187 90.92 63.71 -48.79
C TYR HB 187 90.00 64.83 -49.27
N ASP HB 188 89.76 64.85 -50.58
CA ASP HB 188 88.90 65.86 -51.18
C ASP HB 188 87.43 65.45 -51.04
N SER HB 189 86.54 66.16 -51.74
CA SER HB 189 85.12 65.82 -51.69
C SER HB 189 84.87 64.43 -52.26
N GLN HB 190 85.53 64.10 -53.36
CA GLN HB 190 85.36 62.79 -53.96
C GLN HB 190 86.17 61.74 -53.19
N GLY HB 191 86.14 60.51 -53.68
CA GLY HB 191 86.87 59.42 -53.05
C GLY HB 191 88.31 59.33 -53.49
N ASN HB 192 89.02 60.46 -53.43
CA ASN HB 192 90.42 60.53 -53.83
C ASN HB 192 91.26 61.05 -52.68
N ALA HB 193 92.43 60.43 -52.48
CA ALA HB 193 93.35 60.80 -51.42
C ALA HB 193 94.44 61.70 -51.97
N HIS HB 194 94.72 62.79 -51.28
CA HIS HB 194 95.75 63.74 -51.68
C HIS HB 194 96.82 63.77 -50.59
N ASP HB 195 98.07 63.59 -51.01
CA ASP HB 195 99.21 63.56 -50.10
C ASP HB 195 99.89 64.93 -50.08
N MET HB 196 100.18 65.42 -48.89
CA MET HB 196 100.91 66.67 -48.71
C MET HB 196 102.31 66.34 -48.19
N ASN HB 197 103.32 66.65 -48.98
CA ASN HB 197 104.71 66.47 -48.57
C ASN HB 197 105.13 67.71 -47.78
N VAL HB 198 105.38 67.53 -46.49
CA VAL HB 198 105.70 68.62 -45.58
C VAL HB 198 107.21 68.72 -45.46
N TYR HB 199 107.76 69.88 -45.78
CA TYR HB 199 109.19 70.11 -45.78
C TYR HB 199 109.53 71.15 -44.72
N PHE HB 200 110.64 70.91 -44.01
CA PHE HB 200 111.12 71.80 -42.98
C PHE HB 200 112.55 72.23 -43.31
N VAL HB 201 112.80 73.54 -43.24
CA VAL HB 201 114.13 74.10 -43.44
C VAL HB 201 114.37 75.15 -42.37
N LYS HB 202 115.50 75.04 -41.68
CA LYS HB 202 115.89 76.01 -40.66
C LYS HB 202 116.84 77.01 -41.30
N THR HB 203 116.35 78.22 -41.55
CA THR HB 203 117.18 79.26 -42.15
C THR HB 203 117.97 80.05 -41.13
N LYS HB 204 117.46 80.19 -39.91
CA LYS HB 204 118.14 80.93 -38.86
C LYS HB 204 117.79 80.28 -37.52
N ASP HB 205 118.40 80.81 -36.46
CA ASP HB 205 118.21 80.27 -35.11
C ASP HB 205 116.80 80.61 -34.62
N ASN HB 206 116.12 79.60 -34.07
CA ASN HB 206 114.80 79.74 -33.44
C ASN HB 206 113.71 80.14 -34.42
N GLU HB 207 113.96 80.03 -35.72
CA GLU HB 207 112.94 80.28 -36.74
C GLU HB 207 113.01 79.20 -37.81
N TRP HB 208 111.84 78.79 -38.30
CA TRP HB 208 111.72 77.74 -39.29
C TRP HB 208 110.85 78.20 -40.45
N ALA HB 209 111.07 77.58 -41.61
CA ALA HB 209 110.22 77.77 -42.78
C ALA HB 209 109.63 76.41 -43.14
N VAL HB 210 108.34 76.24 -42.87
CA VAL HB 210 107.66 74.98 -43.11
C VAL HB 210 107.02 75.05 -44.49
N TYR HB 211 107.39 74.13 -45.37
CA TYR HB 211 106.90 74.10 -46.73
C TYR HB 211 105.90 72.96 -46.91
N THR HB 212 104.77 73.28 -47.52
CA THR HB 212 103.70 72.33 -47.77
C THR HB 212 103.53 72.18 -49.27
N HIS HB 213 103.51 70.94 -49.75
CA HIS HB 213 103.44 70.66 -51.19
C HIS HB 213 102.36 69.60 -51.44
N ASP HB 214 101.32 69.99 -52.17
CA ASP HB 214 100.27 69.07 -52.60
C ASP HB 214 100.77 68.36 -53.86
N SER HB 215 101.63 67.37 -53.64
CA SER HB 215 102.28 66.67 -54.74
C SER HB 215 101.33 65.83 -55.58
N SER HB 216 100.11 65.60 -55.11
CA SER HB 216 99.14 64.81 -55.87
C SER HB 216 98.69 65.52 -57.15
N ASP HB 217 98.93 66.82 -57.27
CA ASP HB 217 98.48 67.57 -58.43
C ASP HB 217 99.61 67.65 -59.46
N PRO HB 218 99.42 67.11 -60.66
CA PRO HB 218 100.48 67.22 -61.70
C PRO HB 218 100.76 68.66 -62.12
N ALA HB 219 99.82 69.58 -61.89
CA ALA HB 219 100.00 70.98 -62.22
C ALA HB 219 100.28 71.83 -60.99
N ALA HB 220 100.80 71.22 -59.93
CA ALA HB 220 101.13 71.90 -58.69
C ALA HB 220 102.56 72.40 -58.77
N THR HB 221 102.73 73.73 -58.78
CA THR HB 221 104.05 74.33 -58.79
C THR HB 221 104.60 74.41 -57.37
N ALA HB 222 105.87 74.07 -57.22
CA ALA HB 222 106.49 74.04 -55.91
C ALA HB 222 106.70 75.46 -55.40
N PRO HB 223 106.11 75.85 -54.28
CA PRO HB 223 106.33 77.19 -53.75
C PRO HB 223 107.77 77.37 -53.28
N THR HB 224 108.26 78.60 -53.40
CA THR HB 224 109.59 78.95 -52.95
C THR HB 224 109.60 79.81 -51.69
N THR HB 225 108.67 80.75 -51.58
CA THR HB 225 108.54 81.56 -50.37
C THR HB 225 108.06 80.69 -49.21
N ALA HB 226 108.45 81.07 -48.00
CA ALA HB 226 108.10 80.30 -46.81
C ALA HB 226 106.61 80.42 -46.57
N SER HB 227 105.86 79.39 -47.00
CA SER HB 227 104.41 79.40 -46.81
C SER HB 227 104.04 79.34 -45.34
N THR HB 228 104.75 78.53 -44.56
CA THR HB 228 104.48 78.38 -43.14
C THR HB 228 105.77 78.60 -42.36
N THR HB 229 105.70 79.42 -41.32
CA THR HB 229 106.85 79.70 -40.47
C THR HB 229 106.45 79.54 -39.01
N LEU HB 230 107.44 79.20 -38.18
CA LEU HB 230 107.22 78.94 -36.76
C LEU HB 230 108.21 79.76 -35.94
N LYS HB 231 107.75 80.26 -34.79
CA LYS HB 231 108.58 80.98 -33.85
C LYS HB 231 108.50 80.30 -32.49
N PHE HB 232 109.65 79.92 -31.95
CA PHE HB 232 109.73 79.15 -30.71
C PHE HB 232 110.20 80.03 -29.56
N ASN HB 233 109.76 79.68 -28.36
CA ASN HB 233 110.13 80.39 -27.15
C ASN HB 233 111.36 79.72 -26.53
N GLU HB 234 111.68 80.08 -25.28
CA GLU HB 234 112.84 79.52 -24.61
C GLU HB 234 112.70 78.02 -24.39
N ASN HB 235 111.50 77.56 -24.00
CA ASN HB 235 111.24 76.15 -23.76
C ASN HB 235 110.77 75.41 -25.01
N GLY HB 236 110.71 76.10 -26.14
CA GLY HB 236 110.22 75.50 -27.36
C GLY HB 236 108.71 75.56 -27.55
N ILE HB 237 108.00 76.28 -26.71
CA ILE HB 237 106.55 76.39 -26.82
C ILE HB 237 106.22 77.32 -27.98
N LEU HB 238 105.37 76.84 -28.89
CA LEU HB 238 104.96 77.65 -30.03
C LEU HB 238 104.02 78.77 -29.58
N GLU HB 239 104.24 79.96 -30.13
CA GLU HB 239 103.46 81.15 -29.78
C GLU HB 239 102.47 81.55 -30.85
N SER HB 240 102.94 81.74 -32.09
CA SER HB 240 102.09 82.20 -33.18
C SER HB 240 102.41 81.40 -34.43
N GLY HB 241 101.68 81.70 -35.51
CA GLY HB 241 101.86 81.00 -36.77
C GLY HB 241 101.43 79.55 -36.74
N GLY HB 242 100.32 79.24 -36.08
CA GLY HB 242 99.81 77.89 -35.97
C GLY HB 242 98.73 77.50 -36.94
N THR HB 243 98.48 78.29 -37.97
CA THR HB 243 97.46 78.00 -38.96
C THR HB 243 98.00 78.18 -40.37
N VAL HB 244 97.47 77.40 -41.31
CA VAL HB 244 97.87 77.47 -42.71
C VAL HB 244 96.71 76.99 -43.57
N ASN HB 245 96.50 77.66 -44.70
CA ASN HB 245 95.44 77.32 -45.65
C ASN HB 245 96.08 76.91 -46.97
N ILE HB 246 95.94 75.64 -47.32
CA ILE HB 246 96.42 75.10 -48.59
C ILE HB 246 95.25 74.43 -49.29
N THR HB 247 95.03 74.78 -50.55
CA THR HB 247 93.90 74.28 -51.31
C THR HB 247 94.24 72.95 -51.98
N THR HB 248 93.30 72.01 -51.93
CA THR HB 248 93.48 70.74 -52.61
C THR HB 248 93.39 70.93 -54.12
N GLY HB 249 94.36 70.39 -54.84
CA GLY HB 249 94.32 70.46 -56.29
C GLY HB 249 93.21 69.60 -56.86
N THR HB 250 92.68 70.03 -58.00
CA THR HB 250 91.57 69.34 -58.65
C THR HB 250 92.11 68.19 -59.50
N ILE HB 251 91.66 66.98 -59.20
CA ILE HB 251 92.07 65.78 -59.91
C ILE HB 251 90.84 65.17 -60.56
N ASN HB 252 90.93 64.94 -61.88
CA ASN HB 252 89.81 64.41 -62.67
C ASN HB 252 88.56 65.27 -62.50
N GLY HB 253 88.74 66.59 -62.54
CA GLY HB 253 87.63 67.49 -62.36
C GLY HB 253 87.10 67.60 -60.95
N ALA HB 254 87.96 67.38 -59.96
CA ALA HB 254 87.52 67.45 -58.57
C ALA HB 254 87.08 68.87 -58.21
N THR HB 255 86.07 68.95 -57.37
CA THR HB 255 85.59 70.25 -56.90
C THR HB 255 86.66 70.94 -56.07
N ALA HB 256 86.88 72.22 -56.33
CA ALA HB 256 87.88 72.99 -55.59
C ALA HB 256 87.50 73.06 -54.12
N ALA HB 257 88.48 72.78 -53.26
CA ALA HB 257 88.28 72.81 -51.82
C ALA HB 257 89.62 73.10 -51.14
N THR HB 258 89.54 73.55 -49.90
CA THR HB 258 90.72 73.88 -49.11
C THR HB 258 90.64 73.17 -47.76
N PHE HB 259 91.80 72.97 -47.15
CA PHE HB 259 91.89 72.31 -45.85
C PHE HB 259 92.88 73.05 -44.97
N SER HB 260 92.71 72.88 -43.67
CA SER HB 260 93.52 73.57 -42.66
C SER HB 260 94.44 72.58 -41.96
N LEU HB 261 95.62 73.07 -41.59
CA LEU HB 261 96.59 72.30 -40.82
C LEU HB 261 97.12 73.15 -39.67
N SER HB 262 97.37 72.53 -38.54
CA SER HB 262 97.85 73.22 -37.34
C SER HB 262 99.12 72.55 -36.84
N PHE HB 263 100.06 73.36 -36.35
CA PHE HB 263 101.29 72.89 -35.76
C PHE HB 263 101.34 73.17 -34.25
N LEU HB 264 100.19 73.08 -33.59
CA LEU HB 264 100.11 73.44 -32.18
C LEU HB 264 100.90 72.44 -31.32
N ASN HB 265 101.30 72.92 -30.14
CA ASN HB 265 102.06 72.12 -29.17
C ASN HB 265 103.38 71.63 -29.77
N SER HB 266 103.95 72.41 -30.69
CA SER HB 266 105.26 72.07 -31.23
C SER HB 266 106.34 72.26 -30.17
N MET HB 267 107.33 71.37 -30.19
CA MET HB 267 108.38 71.39 -29.20
C MET HB 267 109.69 70.94 -29.83
N GLN HB 268 110.79 71.55 -29.39
CA GLN HB 268 112.13 71.18 -29.84
C GLN HB 268 113.08 71.34 -28.66
N GLN HB 269 113.37 70.23 -27.97
CA GLN HB 269 114.27 70.23 -26.82
C GLN HB 269 115.42 69.25 -27.01
N ASN HB 270 115.89 69.08 -28.25
CA ASN HB 270 117.05 68.26 -28.57
C ASN HB 270 116.88 66.83 -28.02
N THR HB 271 115.74 66.23 -28.35
CA THR HB 271 115.44 64.86 -27.92
C THR HB 271 115.91 63.83 -28.96
N GLY HB 272 117.18 63.93 -29.34
CA GLY HB 272 117.75 63.01 -30.31
C GLY HB 272 117.59 63.48 -31.75
N ALA HB 273 116.58 62.96 -32.44
CA ALA HB 273 116.36 63.29 -33.84
C ALA HB 273 114.93 63.76 -34.08
N ASN HB 274 114.53 63.90 -35.34
CA ASN HB 274 113.19 64.32 -35.71
C ASN HB 274 112.33 63.10 -35.99
N ASN HB 275 111.14 63.06 -35.39
CA ASN HB 275 110.26 61.91 -35.52
C ASN HB 275 108.81 62.36 -35.45
N ILE HB 276 107.93 61.51 -35.94
CA ILE HB 276 106.48 61.76 -35.95
C ILE HB 276 105.84 60.82 -34.94
N VAL HB 277 105.12 61.39 -33.97
CA VAL HB 277 104.50 60.60 -32.91
C VAL HB 277 103.00 60.87 -32.85
N ALA HB 278 102.58 62.04 -33.33
CA ALA HB 278 101.19 62.43 -33.28
C ALA HB 278 100.74 62.96 -34.63
N THR HB 279 99.70 62.37 -35.19
CA THR HB 279 99.14 62.79 -36.47
C THR HB 279 97.73 62.23 -36.60
N ASN HB 280 96.76 63.13 -36.77
CA ASN HB 280 95.37 62.70 -36.92
C ASN HB 280 94.58 63.81 -37.62
N GLN HB 281 93.46 63.40 -38.21
CA GLN HB 281 92.56 64.34 -38.87
C GLN HB 281 91.17 63.72 -38.92
N ASN HB 282 90.15 64.59 -38.97
CA ASN HB 282 88.77 64.15 -39.05
C ASN HB 282 88.26 64.06 -40.49
N GLY HB 283 89.11 64.35 -41.47
CA GLY HB 283 88.70 64.28 -42.86
C GLY HB 283 88.86 62.91 -43.45
N TYR HB 284 88.29 61.90 -42.79
CA TYR HB 284 88.39 60.54 -43.28
C TYR HB 284 87.62 60.35 -44.58
N LYS HB 285 88.11 59.45 -45.43
CA LYS HB 285 87.47 59.15 -46.69
C LYS HB 285 86.16 58.41 -46.46
N PRO HB 286 85.24 58.46 -47.42
CA PRO HB 286 84.01 57.67 -47.29
C PRO HB 286 84.32 56.18 -47.28
N GLY HB 287 83.53 55.43 -46.50
CA GLY HB 287 83.74 54.01 -46.35
C GLY HB 287 82.44 53.23 -46.44
N ASP HB 288 82.56 51.92 -46.33
CA ASP HB 288 81.43 51.01 -46.40
C ASP HB 288 81.18 50.38 -45.04
N LEU HB 289 79.91 50.30 -44.65
CA LEU HB 289 79.54 49.75 -43.35
C LEU HB 289 79.93 48.28 -43.26
N VAL HB 290 80.96 47.97 -42.46
CA VAL HB 290 81.47 46.62 -42.37
C VAL HB 290 80.63 45.78 -41.42
N SER HB 291 80.59 46.19 -40.15
CA SER HB 291 79.87 45.42 -39.14
C SER HB 291 79.34 46.38 -38.08
N TYR HB 292 78.31 45.90 -37.36
CA TYR HB 292 77.69 46.64 -36.28
C TYR HB 292 77.62 45.77 -35.05
N GLN HB 293 77.61 46.40 -33.88
CA GLN HB 293 77.58 45.68 -32.62
C GLN HB 293 76.88 46.52 -31.56
N ILE HB 294 76.83 45.97 -30.36
CA ILE HB 294 76.28 46.64 -29.18
C ILE HB 294 77.35 46.67 -28.11
N ASN HB 295 77.32 47.69 -27.27
CA ASN HB 295 78.21 47.78 -26.12
C ASN HB 295 77.40 47.81 -24.84
N ASN HB 296 78.09 47.68 -23.70
CA ASN HB 296 77.40 47.57 -22.43
C ASN HB 296 76.64 48.82 -22.05
N ASP HB 297 76.93 49.95 -22.68
CA ASP HB 297 76.23 51.20 -22.39
C ASP HB 297 74.91 51.33 -23.12
N GLY HB 298 74.59 50.40 -24.03
CA GLY HB 298 73.33 50.41 -24.73
C GLY HB 298 73.31 51.18 -26.02
N THR HB 299 74.47 51.49 -26.60
CA THR HB 299 74.53 52.22 -27.86
C THR HB 299 74.72 51.26 -29.02
N VAL HB 300 74.59 51.81 -30.23
CA VAL HB 300 74.81 51.07 -31.47
C VAL HB 300 75.94 51.73 -32.23
N VAL HB 301 76.94 50.93 -32.62
CA VAL HB 301 78.13 51.43 -33.31
C VAL HB 301 78.27 50.67 -34.62
N GLY HB 302 78.40 51.40 -35.71
CA GLY HB 302 78.62 50.79 -37.01
C GLY HB 302 79.98 51.12 -37.60
N ASN HB 303 80.86 50.13 -37.66
CA ASN HB 303 82.21 50.33 -38.17
C ASN HB 303 82.18 50.38 -39.70
N TYR HB 304 82.98 51.28 -40.26
CA TYR HB 304 83.08 51.44 -41.70
C TYR HB 304 84.47 51.03 -42.17
N SER HB 305 84.67 51.15 -43.49
CA SER HB 305 85.91 50.68 -44.12
C SER HB 305 87.11 51.55 -43.81
N ASN HB 306 86.91 52.73 -43.22
CA ASN HB 306 87.99 53.68 -43.00
C ASN HB 306 88.21 53.92 -41.51
N GLU HB 307 87.98 52.89 -40.69
CA GLU HB 307 88.22 52.96 -39.25
C GLU HB 307 87.47 54.12 -38.61
N GLN HB 308 86.22 54.30 -39.00
CA GLN HB 308 85.38 55.38 -38.51
C GLN HB 308 84.24 54.80 -37.67
N GLU HB 309 83.95 55.44 -36.55
CA GLU HB 309 82.91 55.00 -35.63
C GLU HB 309 81.69 55.88 -35.79
N GLN HB 310 80.54 55.25 -36.02
CA GLN HB 310 79.27 55.96 -36.20
C GLN HB 310 78.25 55.39 -35.22
N VAL HB 311 77.57 56.28 -34.50
CA VAL HB 311 76.54 55.89 -33.55
C VAL HB 311 75.18 56.27 -34.11
N LEU HB 312 74.24 55.31 -34.08
CA LEU HB 312 72.93 55.50 -34.67
C LEU HB 312 71.82 55.62 -33.64
N GLY HB 313 72.14 55.59 -32.36
CA GLY HB 313 71.15 55.68 -31.32
C GLY HB 313 71.62 54.98 -30.06
N GLN HB 314 70.75 54.97 -29.05
CA GLN HB 314 71.04 54.30 -27.80
C GLN HB 314 69.76 53.66 -27.27
N ILE HB 315 69.89 52.45 -26.75
CA ILE HB 315 68.74 51.71 -26.23
C ILE HB 315 68.34 52.30 -24.88
N VAL HB 316 67.05 52.56 -24.71
CA VAL HB 316 66.52 53.12 -23.48
C VAL HB 316 65.94 51.99 -22.64
N LEU HB 317 66.13 52.07 -21.33
CA LEU HB 317 65.55 51.12 -20.40
C LEU HB 317 64.53 51.82 -19.52
N ALA HB 318 63.38 51.17 -19.34
CA ALA HB 318 62.28 51.74 -18.57
C ALA HB 318 62.08 50.90 -17.32
N ASN HB 319 62.12 51.55 -16.17
CA ASN HB 319 61.83 50.92 -14.88
C ASN HB 319 60.61 51.59 -14.28
N PHE HB 320 59.63 50.80 -13.89
CA PHE HB 320 58.37 51.33 -13.38
C PHE HB 320 58.41 51.46 -11.86
N ALA HB 321 57.54 52.33 -11.35
CA ALA HB 321 57.45 52.52 -9.91
C ALA HB 321 56.98 51.26 -9.22
N ASN HB 322 55.97 50.60 -9.77
CA ASN HB 322 55.42 49.38 -9.20
C ASN HB 322 55.42 48.27 -10.22
N ASN HB 323 56.05 47.16 -9.89
CA ASN HB 323 56.04 45.98 -10.74
C ASN HB 323 54.80 45.15 -10.41
N GLU HB 324 54.74 43.93 -10.95
CA GLU HB 324 53.64 42.97 -10.75
C GLU HB 324 52.27 43.63 -10.90
N GLY HB 325 52.19 44.70 -11.68
CA GLY HB 325 50.92 45.31 -12.03
C GLY HB 325 50.81 45.42 -13.53
N LEU HB 326 51.89 45.04 -14.21
CA LEU HB 326 51.93 45.09 -15.67
C LEU HB 326 51.15 43.91 -16.24
N ALA HB 327 50.10 44.20 -16.99
CA ALA HB 327 49.31 43.15 -17.62
C ALA HB 327 50.12 42.45 -18.70
N SER HB 328 49.78 41.18 -18.95
CA SER HB 328 50.44 40.39 -19.98
C SER HB 328 49.62 40.47 -21.26
N GLN HB 329 50.30 40.75 -22.37
CA GLN HB 329 49.64 40.88 -23.68
C GLN HB 329 50.30 39.93 -24.66
N GLY HB 330 49.67 38.79 -24.89
CA GLY HB 330 50.12 37.85 -25.89
C GLY HB 330 51.53 37.35 -25.65
N ASP HB 331 52.46 37.78 -26.49
CA ASP HB 331 53.85 37.36 -26.39
C ASP HB 331 54.47 37.89 -25.09
N ASN HB 332 55.74 37.56 -24.89
CA ASN HB 332 56.39 37.91 -23.64
C ASN HB 332 56.68 39.40 -23.58
N VAL HB 333 55.61 40.21 -23.52
CA VAL HB 333 55.71 41.65 -23.37
C VAL HB 333 54.69 42.07 -22.33
N TRP HB 334 54.94 43.22 -21.72
CA TRP HB 334 54.05 43.77 -20.71
C TRP HB 334 53.64 45.18 -21.10
N ALA HB 335 52.35 45.48 -20.91
CA ALA HB 335 51.78 46.77 -21.27
C ALA HB 335 51.51 47.58 -20.01
N ALA HB 336 51.96 48.82 -19.99
CA ALA HB 336 51.73 49.69 -18.86
C ALA HB 336 50.24 49.97 -18.69
N THR HB 337 49.82 50.12 -17.45
CA THR HB 337 48.41 50.34 -17.12
C THR HB 337 48.34 51.02 -15.76
N GLN HB 338 47.14 51.06 -15.19
CA GLN HB 338 46.97 51.59 -13.85
C GLN HB 338 47.70 50.71 -12.84
N ALA HB 339 47.91 51.29 -11.65
CA ALA HB 339 48.64 50.63 -10.56
C ALA HB 339 50.06 50.24 -10.97
N SER HB 340 50.63 50.93 -11.97
CA SER HB 340 51.99 50.69 -12.39
C SER HB 340 52.82 51.95 -12.55
N GLY HB 341 52.19 53.12 -12.66
CA GLY HB 341 52.92 54.36 -12.78
C GLY HB 341 53.31 54.68 -14.21
N VAL HB 342 53.97 55.84 -14.35
CA VAL HB 342 54.42 56.32 -15.63
C VAL HB 342 55.58 55.46 -16.13
N ALA HB 343 55.95 55.63 -17.40
CA ALA HB 343 57.03 54.81 -17.96
C ALA HB 343 58.34 55.04 -17.24
N LEU HB 344 58.69 56.30 -16.97
CA LEU HB 344 59.91 56.67 -16.25
C LEU HB 344 61.15 56.14 -16.96
N LEU HB 345 61.36 56.67 -18.16
CA LEU HB 345 62.50 56.27 -18.97
C LEU HB 345 63.81 56.68 -18.31
N GLY HB 346 64.90 56.07 -18.79
CA GLY HB 346 66.22 56.41 -18.30
C GLY HB 346 67.28 55.66 -19.09
N THR HB 347 68.51 56.11 -18.92
CA THR HB 347 69.64 55.49 -19.62
C THR HB 347 69.96 54.13 -19.00
N ALA HB 348 70.67 53.31 -19.77
CA ALA HB 348 71.09 52.00 -19.30
C ALA HB 348 72.37 52.04 -18.49
N GLY HB 349 73.11 53.14 -18.53
CA GLY HB 349 74.37 53.22 -17.82
C GLY HB 349 74.25 53.48 -16.34
N SER HB 350 73.70 54.64 -15.98
CA SER HB 350 73.65 55.09 -14.60
C SER HB 350 72.20 55.14 -14.12
N GLY HB 351 72.05 55.36 -12.82
CA GLY HB 351 70.73 55.45 -12.21
C GLY HB 351 70.28 54.15 -11.58
N ASN HB 352 68.97 53.90 -11.59
CA ASN HB 352 68.39 52.67 -11.07
C ASN HB 352 68.19 51.62 -12.15
N PHE HB 353 69.05 51.63 -13.18
CA PHE HB 353 68.91 50.74 -14.32
C PHE HB 353 70.16 49.88 -14.43
N GLY HB 354 69.97 48.60 -14.69
CA GLY HB 354 71.07 47.66 -14.73
C GLY HB 354 71.90 47.77 -15.98
N LYS HB 355 73.03 47.07 -15.96
CA LYS HB 355 73.94 47.06 -17.10
C LYS HB 355 73.47 46.03 -18.13
N LEU HB 356 73.88 46.25 -19.38
CA LEU HB 356 73.55 45.37 -20.49
C LEU HB 356 74.74 44.50 -20.82
N THR HB 357 74.50 43.20 -20.97
CA THR HB 357 75.52 42.24 -21.35
C THR HB 357 75.30 41.83 -22.80
N ASN HB 358 76.35 41.91 -23.60
CA ASN HB 358 76.23 41.60 -25.03
C ASN HB 358 76.18 40.11 -25.26
N GLY HB 359 75.31 39.69 -26.18
CA GLY HB 359 75.21 38.28 -26.54
C GLY HB 359 74.82 37.38 -25.40
N ALA HB 360 73.84 37.79 -24.60
CA ALA HB 360 73.42 37.01 -23.44
C ALA HB 360 71.91 37.02 -23.32
N LEU HB 361 71.37 35.96 -22.73
CA LEU HB 361 69.95 35.83 -22.46
C LEU HB 361 69.76 35.30 -21.05
N GLU HB 362 68.61 35.61 -20.48
CA GLU HB 362 68.28 35.20 -19.12
C GLU HB 362 67.35 34.00 -19.13
N ALA HB 363 67.41 33.22 -18.06
CA ALA HB 363 66.59 32.00 -17.95
C ALA HB 363 65.18 32.38 -17.54
N SER HB 364 64.36 31.39 -17.22
CA SER HB 364 62.96 31.61 -16.87
C SER HB 364 62.72 31.62 -15.36
N ASN HB 365 63.77 31.53 -14.55
CA ASN HB 365 63.71 31.52 -13.09
C ASN HB 365 62.59 30.65 -12.55
N VAL HB 366 62.33 29.51 -13.19
CA VAL HB 366 61.33 28.56 -12.75
C VAL HB 366 62.04 27.29 -12.31
N ASP HB 367 61.86 26.91 -11.05
CA ASP HB 367 62.44 25.69 -10.51
C ASP HB 367 61.40 24.59 -10.59
N LEU HB 368 61.68 23.56 -11.40
CA LEU HB 368 60.73 22.47 -11.56
C LEU HB 368 60.49 21.73 -10.25
N SER HB 369 61.47 21.74 -9.35
CA SER HB 369 61.29 21.09 -8.06
C SER HB 369 60.18 21.75 -7.26
N LYS HB 370 60.12 23.10 -7.29
CA LYS HB 370 59.07 23.80 -6.58
C LYS HB 370 57.71 23.61 -7.25
N GLU HB 371 57.69 23.54 -8.58
CA GLU HB 371 56.42 23.41 -9.28
C GLU HB 371 55.85 22.00 -9.14
N LEU HB 372 56.71 20.98 -9.18
CA LEU HB 372 56.23 19.61 -9.09
C LEU HB 372 55.54 19.35 -7.76
N VAL HB 373 56.15 19.81 -6.66
CA VAL HB 373 55.55 19.57 -5.35
C VAL HB 373 54.28 20.39 -5.17
N ASN HB 374 54.27 21.61 -5.70
CA ASN HB 374 53.07 22.44 -5.59
C ASN HB 374 51.90 21.82 -6.32
N MET HB 375 52.16 21.19 -7.47
CA MET HB 375 51.09 20.53 -8.20
C MET HB 375 50.52 19.36 -7.41
N ILE HB 376 51.37 18.59 -6.74
CA ILE HB 376 50.88 17.49 -5.93
C ILE HB 376 50.04 17.99 -4.78
N VAL HB 377 50.50 19.04 -4.08
CA VAL HB 377 49.75 19.58 -2.96
C VAL HB 377 48.42 20.17 -3.45
N ALA HB 378 48.46 20.92 -4.56
CA ALA HB 378 47.24 21.55 -5.05
C ALA HB 378 46.23 20.52 -5.53
N GLN HB 379 46.71 19.39 -6.05
CA GLN HB 379 45.80 18.35 -6.50
C GLN HB 379 44.97 17.79 -5.35
N ARG HB 380 45.60 17.59 -4.19
CA ARG HB 380 44.88 17.03 -3.05
C ARG HB 380 43.82 17.98 -2.54
N ASN HB 381 44.09 19.29 -2.60
CA ASN HB 381 43.08 20.26 -2.17
C ASN HB 381 41.83 20.18 -3.03
N TYR HB 382 42.00 19.92 -4.34
CA TYR HB 382 40.85 19.74 -5.20
C TYR HB 382 40.05 18.50 -4.81
N GLN HB 383 40.74 17.42 -4.45
CA GLN HB 383 40.03 16.21 -4.06
C GLN HB 383 39.16 16.43 -2.84
N SER HB 384 39.70 17.12 -1.83
CA SER HB 384 38.93 17.35 -0.61
C SER HB 384 37.72 18.23 -0.87
N ASN HB 385 37.89 19.29 -1.67
CA ASN HB 385 36.75 20.14 -2.01
C ASN HB 385 35.73 19.37 -2.83
N ALA HB 386 36.20 18.51 -3.73
CA ALA HB 386 35.27 17.66 -4.47
C ALA HB 386 34.55 16.68 -3.55
N GLN HB 387 35.19 16.32 -2.43
CA GLN HB 387 34.55 15.40 -1.49
C GLN HB 387 33.33 16.04 -0.83
N THR HB 388 33.35 17.36 -0.63
CA THR HB 388 32.20 18.04 -0.04
C THR HB 388 30.97 17.91 -0.93
N ILE HB 389 31.15 18.07 -2.25
CA ILE HB 389 30.01 18.00 -3.17
C ILE HB 389 29.36 16.63 -3.10
N LYS HB 390 30.16 15.56 -3.06
CA LYS HB 390 29.61 14.23 -2.92
C LYS HB 390 28.85 14.09 -1.60
N THR HB 391 29.44 14.57 -0.51
CA THR HB 391 28.77 14.50 0.77
C THR HB 391 27.50 15.35 0.79
N GLN HB 392 27.57 16.55 0.22
CA GLN HB 392 26.38 17.39 0.15
C GLN HB 392 25.28 16.76 -0.70
N ASP HB 393 25.66 15.97 -1.71
CA ASP HB 393 24.67 15.29 -2.53
C ASP HB 393 24.00 14.16 -1.75
N GLN HB 394 24.80 13.32 -1.08
CA GLN HB 394 24.25 12.21 -0.33
C GLN HB 394 23.38 12.69 0.82
N ILE HB 395 23.84 13.74 1.53
CA ILE HB 395 23.07 14.26 2.65
C ILE HB 395 21.73 14.81 2.18
N LEU HB 396 21.64 15.18 0.91
CA LEU HB 396 20.37 15.64 0.33
C LEU HB 396 19.58 14.51 -0.32
N ASN HB 397 20.27 13.51 -0.87
CA ASN HB 397 19.58 12.41 -1.52
C ASN HB 397 18.74 11.61 -0.53
N THR HB 398 19.27 11.37 0.67
CA THR HB 398 18.50 10.63 1.67
C THR HB 398 17.32 11.44 2.18
N LEU HB 399 17.38 12.77 2.10
CA LEU HB 399 16.30 13.59 2.65
C LEU HB 399 15.06 13.53 1.77
N VAL HB 400 15.23 13.61 0.45
CA VAL HB 400 14.08 13.56 -0.45
C VAL HB 400 13.46 12.17 -0.44
N ASN HB 401 14.28 11.12 -0.52
CA ASN HB 401 13.75 9.76 -0.43
C ASN HB 401 13.09 9.51 0.92
N LEU HB 402 13.74 9.97 1.99
CA LEU HB 402 13.20 9.89 3.35
C LEU HB 402 12.85 8.45 3.75
N SER IB 2 32.17 4.52 17.91
CA SER IB 2 33.55 4.21 18.25
C SER IB 2 34.50 5.25 17.69
N PHE IB 3 33.94 6.35 17.18
CA PHE IB 3 34.77 7.41 16.64
C PHE IB 3 35.66 8.06 17.68
N SER IB 4 35.25 8.04 18.95
CA SER IB 4 36.04 8.68 19.99
C SER IB 4 37.41 8.04 20.11
N GLN IB 5 37.47 6.71 20.10
CA GLN IB 5 38.77 6.03 20.17
C GLN IB 5 39.53 6.16 18.87
N ALA IB 6 38.85 5.99 17.73
CA ALA IB 6 39.54 5.95 16.46
C ALA IB 6 40.13 7.32 16.09
N VAL IB 7 39.35 8.38 16.25
CA VAL IB 7 39.83 9.71 15.89
C VAL IB 7 41.04 10.09 16.74
N SER IB 8 40.98 9.82 18.04
CA SER IB 8 42.13 10.09 18.90
C SER IB 8 43.33 9.28 18.48
N GLY IB 9 43.12 8.01 18.13
CA GLY IB 9 44.21 7.21 17.59
C GLY IB 9 44.72 7.72 16.26
N LEU IB 10 43.82 8.24 15.43
CA LEU IB 10 44.24 8.79 14.14
C LEU IB 10 45.17 9.97 14.32
N ASN IB 11 44.85 10.86 15.27
CA ASN IB 11 45.70 12.02 15.51
C ASN IB 11 47.04 11.62 16.12
N ALA IB 12 47.07 10.53 16.89
CA ALA IB 12 48.33 10.09 17.48
C ALA IB 12 49.33 9.68 16.40
N ALA IB 13 48.86 8.96 15.38
CA ALA IB 13 49.76 8.53 14.32
C ALA IB 13 50.26 9.71 13.51
N ALA IB 14 49.39 10.69 13.24
CA ALA IB 14 49.82 11.87 12.49
C ALA IB 14 50.88 12.65 13.23
N THR IB 15 50.71 12.81 14.55
CA THR IB 15 51.72 13.50 15.35
C THR IB 15 53.04 12.72 15.32
N ASN IB 16 52.97 11.40 15.45
CA ASN IB 16 54.19 10.59 15.39
C ASN IB 16 54.87 10.74 14.03
N LEU IB 17 54.08 10.68 12.96
CA LEU IB 17 54.66 10.80 11.62
C LEU IB 17 55.18 12.21 11.36
N ASP IB 18 54.52 13.23 11.91
CA ASP IB 18 54.98 14.59 11.70
C ASP IB 18 56.34 14.81 12.34
N VAL IB 19 56.55 14.29 13.55
CA VAL IB 19 57.86 14.42 14.19
C VAL IB 19 58.92 13.66 13.40
N ILE IB 20 58.55 12.49 12.87
CA ILE IB 20 59.49 11.74 12.03
C ILE IB 20 59.87 12.56 10.81
N GLY IB 21 58.89 13.22 10.19
CA GLY IB 21 59.20 14.10 9.07
C GLY IB 21 60.07 15.27 9.46
N ASN IB 22 59.94 15.75 10.70
CA ASN IB 22 60.77 16.87 11.13
C ASN IB 22 62.22 16.44 11.34
N ASN IB 23 62.44 15.25 11.92
CA ASN IB 23 63.80 14.81 12.17
C ASN IB 23 64.57 14.61 10.88
N ILE IB 24 63.93 13.99 9.88
CA ILE IB 24 64.63 13.73 8.61
C ILE IB 24 64.89 15.03 7.86
N ALA IB 25 63.96 15.98 7.93
CA ALA IB 25 64.16 17.25 7.23
C ALA IB 25 65.29 18.06 7.87
N ASN IB 26 65.43 17.99 9.18
CA ASN IB 26 66.42 18.78 9.90
C ASN IB 26 67.79 18.12 9.93
N SER IB 27 68.05 17.12 9.10
CA SER IB 27 69.40 16.59 9.00
C SER IB 27 70.33 17.65 8.42
N ALA IB 28 71.63 17.50 8.70
CA ALA IB 28 72.71 18.40 8.32
C ALA IB 28 72.64 19.74 9.05
N THR IB 29 71.62 19.98 9.87
CA THR IB 29 71.62 21.14 10.73
C THR IB 29 72.60 20.93 11.87
N TYR IB 30 73.37 21.97 12.20
CA TYR IB 30 74.52 21.78 13.08
C TYR IB 30 74.09 21.64 14.54
N GLY IB 31 73.48 22.67 15.09
CA GLY IB 31 73.08 22.62 16.49
C GLY IB 31 71.67 22.10 16.68
N PHE IB 32 71.42 20.86 16.29
CA PHE IB 32 70.09 20.29 16.31
C PHE IB 32 70.10 18.95 17.02
N LYS IB 33 69.07 18.70 17.84
CA LYS IB 33 68.88 17.43 18.52
C LYS IB 33 67.51 16.89 18.13
N SER IB 34 67.49 15.62 17.70
CA SER IB 34 66.24 15.03 17.25
C SER IB 34 65.26 14.87 18.39
N GLY IB 35 63.97 14.90 18.05
CA GLY IB 35 62.91 14.72 19.02
C GLY IB 35 62.13 13.45 18.74
N THR IB 36 61.57 12.86 19.78
CA THR IB 36 60.80 11.63 19.68
C THR IB 36 59.49 11.78 20.43
N ALA IB 37 58.46 11.10 19.94
CA ALA IB 37 57.15 11.16 20.56
C ALA IB 37 57.05 10.18 21.74
N SER IB 38 56.05 10.39 22.57
CA SER IB 38 55.81 9.52 23.73
C SER IB 38 54.34 9.61 24.08
N PHE IB 39 53.58 8.56 23.77
CA PHE IB 39 52.15 8.54 23.98
C PHE IB 39 51.80 7.84 25.28
N ALA IB 40 50.52 7.94 25.65
CA ALA IB 40 50.01 7.30 26.85
C ALA IB 40 48.52 7.07 26.69
N ASP IB 41 48.04 5.96 27.21
CA ASP IB 41 46.61 5.63 27.12
C ASP IB 41 45.84 6.40 28.18
N MET IB 42 44.52 6.26 28.15
CA MET IB 42 43.66 6.89 29.15
C MET IB 42 42.36 6.12 29.24
N PHE IB 43 41.87 5.97 30.47
CA PHE IB 43 40.61 5.30 30.74
C PHE IB 43 39.74 6.21 31.62
N ALA IB 44 38.45 6.27 31.31
CA ALA IB 44 37.54 7.10 32.08
C ALA IB 44 37.49 6.62 33.52
N GLY IB 45 36.96 5.41 33.73
CA GLY IB 45 36.99 4.78 35.02
C GLY IB 45 37.77 3.48 34.98
N SER IB 46 37.06 2.37 35.04
CA SER IB 46 37.64 1.05 34.86
C SER IB 46 36.85 0.30 33.80
N LYS IB 47 37.55 -0.54 33.03
CA LYS IB 47 36.94 -1.39 32.01
C LYS IB 47 36.25 -0.56 30.92
N VAL IB 48 36.60 0.71 30.80
CA VAL IB 48 36.00 1.61 29.83
C VAL IB 48 37.13 2.39 29.16
N GLY IB 49 37.41 2.07 27.89
CA GLY IB 49 38.49 2.72 27.18
C GLY IB 49 38.10 4.10 26.67
N LEU IB 50 39.13 4.92 26.43
CA LEU IB 50 38.92 6.25 25.90
C LEU IB 50 39.94 6.65 24.85
N GLY IB 51 40.79 5.74 24.40
CA GLY IB 51 41.75 6.05 23.36
C GLY IB 51 43.14 6.35 23.89
N VAL IB 52 43.89 7.17 23.18
CA VAL IB 52 45.26 7.50 23.53
C VAL IB 52 45.46 9.01 23.45
N LYS IB 53 46.12 9.57 24.45
CA LYS IB 53 46.48 10.98 24.48
C LYS IB 53 47.99 11.10 24.37
N VAL IB 54 48.45 12.29 23.97
CA VAL IB 54 49.87 12.55 23.78
C VAL IB 54 50.40 13.30 24.99
N ALA IB 55 51.50 12.80 25.54
CA ALA IB 55 52.10 13.37 26.74
C ALA IB 55 53.24 14.34 26.44
N GLY IB 56 53.42 14.70 25.18
CA GLY IB 56 54.51 15.59 24.81
C GLY IB 56 55.70 14.84 24.26
N ILE IB 57 56.49 15.52 23.45
CA ILE IB 57 57.64 14.91 22.81
C ILE IB 57 58.87 15.12 23.68
N THR IB 58 59.84 14.21 23.53
CA THR IB 58 61.09 14.26 24.27
C THR IB 58 62.25 14.33 23.29
N GLN IB 59 63.33 14.96 23.74
CA GLN IB 59 64.52 15.13 22.91
C GLN IB 59 65.73 14.53 23.60
N ASP IB 60 66.54 13.79 22.83
CA ASP IB 60 67.79 13.27 23.32
C ASP IB 60 68.85 14.37 23.29
N PHE IB 61 69.96 14.13 23.99
CA PHE IB 61 71.07 15.07 23.99
C PHE IB 61 72.41 14.36 23.86
N THR IB 62 72.43 13.25 23.14
CA THR IB 62 73.70 12.59 22.83
C THR IB 62 74.51 13.45 21.88
N ASP IB 63 75.81 13.52 22.11
CA ASP IB 63 76.68 14.35 21.28
C ASP IB 63 76.68 13.85 19.84
N GLY IB 64 76.60 14.79 18.90
CA GLY IB 64 76.66 14.47 17.49
C GLY IB 64 78.08 14.35 16.99
N THR IB 65 78.20 13.94 15.74
CA THR IB 65 79.51 13.80 15.12
C THR IB 65 80.18 15.16 14.97
N THR IB 66 81.42 15.27 15.45
CA THR IB 66 82.16 16.52 15.42
C THR IB 66 83.08 16.54 14.20
N THR IB 67 82.95 17.58 13.38
CA THR IB 67 83.72 17.71 12.16
C THR IB 67 84.43 19.06 12.13
N ASN IB 68 85.67 19.05 11.67
CA ASN IB 68 86.48 20.26 11.56
C ASN IB 68 86.05 21.02 10.30
N THR IB 69 85.47 22.20 10.48
CA THR IB 69 85.06 23.05 9.38
C THR IB 69 86.04 24.18 9.11
N GLY IB 70 87.23 24.11 9.69
CA GLY IB 70 88.19 25.19 9.50
C GLY IB 70 87.81 26.43 10.30
N ARG IB 71 88.37 27.56 9.88
CA ARG IB 71 88.12 28.85 10.49
C ARG IB 71 88.56 28.88 11.96
N GLY IB 72 88.36 30.02 12.62
CA GLY IB 72 88.72 30.16 14.01
C GLY IB 72 87.57 30.68 14.85
N LEU IB 73 86.59 31.29 14.19
CA LEU IB 73 85.40 31.82 14.87
C LEU IB 73 84.29 30.77 14.93
N ASP IB 74 84.65 29.59 15.44
CA ASP IB 74 83.70 28.48 15.53
C ASP IB 74 84.19 27.54 16.60
N VAL IB 75 83.28 27.09 17.47
CA VAL IB 75 83.63 26.25 18.61
C VAL IB 75 82.58 25.15 18.73
N ALA IB 76 83.04 23.96 19.13
CA ALA IB 76 82.19 22.82 19.33
C ALA IB 76 82.28 22.35 20.78
N ILE IB 77 81.22 21.73 21.26
CA ILE IB 77 81.14 21.23 22.63
C ILE IB 77 81.06 19.71 22.57
N SER IB 78 81.94 19.04 23.31
CA SER IB 78 82.01 17.59 23.29
C SER IB 78 81.15 16.91 24.34
N GLN IB 79 80.68 17.65 25.35
CA GLN IB 79 79.87 17.07 26.42
C GLN IB 79 78.76 18.05 26.74
N ASN IB 80 78.09 17.85 27.88
CA ASN IB 80 76.99 18.72 28.25
C ASN IB 80 77.46 20.15 28.47
N GLY IB 81 76.61 21.10 28.13
CA GLY IB 81 76.92 22.51 28.24
C GLY IB 81 76.30 23.33 27.13
N PHE IB 82 75.63 24.42 27.50
CA PHE IB 82 74.93 25.27 26.55
C PHE IB 82 75.49 26.68 26.61
N PHE IB 83 75.72 27.27 25.44
CA PHE IB 83 76.10 28.67 25.39
C PHE IB 83 74.96 29.54 25.90
N ARG IB 84 75.31 30.65 26.53
CA ARG IB 84 74.31 31.60 27.02
C ARG IB 84 74.19 32.74 26.03
N LEU IB 85 72.96 33.00 25.58
CA LEU IB 85 72.72 34.00 24.57
C LEU IB 85 71.69 35.01 25.06
N VAL IB 86 71.78 36.23 24.53
CA VAL IB 86 70.86 37.30 24.85
C VAL IB 86 70.39 37.92 23.53
N ASP IB 87 69.20 38.51 23.56
CA ASP IB 87 68.63 39.16 22.39
C ASP IB 87 68.64 40.68 22.58
N SER IB 88 68.03 41.38 21.62
CA SER IB 88 67.91 42.83 21.73
C SER IB 88 67.07 43.22 22.94
N ASN IB 89 65.98 42.49 23.18
CA ASN IB 89 65.10 42.80 24.31
C ASN IB 89 65.66 42.35 25.65
N GLY IB 90 66.70 41.52 25.66
CA GLY IB 90 67.36 41.11 26.88
C GLY IB 90 67.00 39.72 27.37
N SER IB 91 66.14 39.00 26.67
CA SER IB 91 65.79 37.65 27.08
C SER IB 91 67.00 36.72 26.92
N VAL IB 92 67.04 35.67 27.74
CA VAL IB 92 68.18 34.76 27.81
C VAL IB 92 67.83 33.48 27.06
N PHE IB 93 68.68 33.11 26.11
CA PHE IB 93 68.50 31.90 25.31
C PHE IB 93 69.74 31.04 25.41
N TYR IB 94 69.55 29.74 25.20
CA TYR IB 94 70.63 28.77 25.28
C TYR IB 94 70.62 27.90 24.04
N SER IB 95 71.79 27.65 23.47
CA SER IB 95 71.89 26.88 22.23
C SER IB 95 73.24 26.17 22.17
N ARG IB 96 73.29 25.13 21.34
CA ARG IB 96 74.50 24.38 21.10
C ARG IB 96 75.21 24.78 19.83
N ASN IB 97 74.71 25.78 19.11
CA ASN IB 97 75.27 26.14 17.82
C ASN IB 97 76.69 26.67 17.98
N GLY IB 98 77.52 26.39 16.97
CA GLY IB 98 78.91 26.80 17.01
C GLY IB 98 79.30 27.77 15.92
N GLN IB 99 78.34 28.15 15.08
CA GLN IB 99 78.61 29.10 14.00
C GLN IB 99 78.45 30.52 14.51
N PHE IB 100 79.53 31.29 14.48
CA PHE IB 100 79.53 32.65 15.00
C PHE IB 100 80.19 33.60 14.02
N LYS IB 101 79.79 34.87 14.10
CA LYS IB 101 80.33 35.90 13.23
C LYS IB 101 80.25 37.24 13.95
N LEU IB 102 81.02 38.20 13.46
CA LEU IB 102 80.99 39.55 13.99
C LEU IB 102 79.80 40.32 13.41
N ASP IB 103 79.52 41.47 14.02
CA ASP IB 103 78.48 42.37 13.56
C ASP IB 103 79.09 43.73 13.24
N GLU IB 104 78.23 44.71 12.98
CA GLU IB 104 78.70 46.04 12.58
C GLU IB 104 79.50 46.70 13.71
N ASN IB 105 79.02 46.56 14.96
CA ASN IB 105 79.66 47.21 16.10
C ASN IB 105 80.58 46.28 16.87
N ARG IB 106 81.19 45.31 16.18
CA ARG IB 106 82.26 44.48 16.73
C ARG IB 106 81.79 43.67 17.94
N ASN IB 107 80.72 42.91 17.74
CA ASN IB 107 80.21 41.99 18.76
C ASN IB 107 80.00 40.62 18.13
N LEU IB 108 80.35 39.57 18.87
CA LEU IB 108 80.13 38.22 18.37
C LEU IB 108 78.65 37.91 18.35
N VAL IB 109 78.18 37.36 17.23
CA VAL IB 109 76.77 37.07 17.03
C VAL IB 109 76.64 35.78 16.25
N ASN IB 110 75.48 35.14 16.36
CA ASN IB 110 75.19 33.96 15.56
C ASN IB 110 74.59 34.41 14.23
N MET IB 111 74.07 33.46 13.46
CA MET IB 111 73.54 33.78 12.13
C MET IB 111 72.21 34.51 12.19
N GLN IB 112 71.52 34.47 13.33
CA GLN IB 112 70.17 35.02 13.42
C GLN IB 112 70.09 36.34 14.16
N GLY IB 113 71.12 36.71 14.92
CA GLY IB 113 71.10 37.99 15.60
C GLY IB 113 71.04 37.89 17.12
N MET IB 114 71.60 36.82 17.68
CA MET IB 114 71.68 36.64 19.12
C MET IB 114 73.09 36.98 19.58
N GLN IB 115 73.20 37.91 20.52
CA GLN IB 115 74.51 38.33 21.00
C GLN IB 115 75.09 37.27 21.92
N LEU IB 116 76.32 36.85 21.65
CA LEU IB 116 77.01 35.90 22.49
C LEU IB 116 77.41 36.56 23.80
N THR IB 117 76.95 36.02 24.92
CA THR IB 117 77.25 36.59 26.21
C THR IB 117 78.56 36.03 26.75
N GLY IB 118 78.93 36.44 27.95
CA GLY IB 118 80.14 35.96 28.57
C GLY IB 118 80.56 36.85 29.70
N TYR IB 119 81.68 36.48 30.31
CA TYR IB 119 82.25 37.25 31.40
C TYR IB 119 83.10 38.39 30.84
N PRO IB 120 82.76 39.65 31.13
CA PRO IB 120 83.58 40.75 30.64
C PRO IB 120 84.96 40.75 31.29
N ALA IB 121 85.93 41.31 30.58
CA ALA IB 121 87.30 41.43 31.06
C ALA IB 121 87.61 42.90 31.31
N THR IB 122 88.01 43.22 32.54
CA THR IB 122 88.30 44.59 32.93
C THR IB 122 89.56 44.61 33.79
N GLY IB 123 90.21 45.76 33.82
CA GLY IB 123 91.40 45.97 34.61
C GLY IB 123 92.62 46.26 33.76
N THR IB 124 93.74 46.51 34.44
CA THR IB 124 95.02 46.76 33.80
C THR IB 124 96.09 45.97 34.54
N PRO IB 125 96.50 44.80 34.03
CA PRO IB 125 95.98 44.18 32.81
C PRO IB 125 94.60 43.57 33.02
N PRO IB 126 93.79 43.52 31.97
CA PRO IB 126 92.44 42.96 32.10
C PRO IB 126 92.49 41.51 32.56
N THR IB 127 91.53 41.14 33.40
CA THR IB 127 91.47 39.78 33.94
C THR IB 127 90.07 39.20 33.75
N ILE IB 128 89.83 38.03 34.33
CA ILE IB 128 88.56 37.34 34.24
C ILE IB 128 87.85 37.48 35.58
N GLN IB 129 86.62 37.98 35.55
CA GLN IB 129 85.82 38.19 36.76
C GLN IB 129 84.77 37.08 36.83
N GLN IB 130 84.94 36.16 37.78
CA GLN IB 130 84.01 35.06 37.94
C GLN IB 130 82.69 35.48 38.56
N GLY IB 131 82.67 36.59 39.30
CA GLY IB 131 81.45 37.05 39.93
C GLY IB 131 80.68 38.04 39.08
N ALA IB 132 81.28 38.45 37.96
CA ALA IB 132 80.63 39.39 37.06
C ALA IB 132 79.45 38.72 36.37
N ASN IB 133 78.35 39.46 36.26
CA ASN IB 133 77.19 38.96 35.53
C ASN IB 133 77.53 38.81 34.05
N PRO IB 134 76.91 37.84 33.37
CA PRO IB 134 77.16 37.68 31.93
C PRO IB 134 76.80 38.95 31.17
N ALA IB 135 77.65 39.31 30.22
CA ALA IB 135 77.48 40.50 29.41
C ALA IB 135 77.85 40.18 27.98
N PRO IB 136 77.31 40.90 27.01
CA PRO IB 136 77.71 40.69 25.62
C PRO IB 136 79.21 40.90 25.44
N ILE IB 137 79.83 39.99 24.70
CA ILE IB 137 81.27 40.06 24.46
C ILE IB 137 81.53 41.06 23.33
N THR IB 138 82.62 41.80 23.44
CA THR IB 138 82.97 42.82 22.46
C THR IB 138 84.41 42.65 22.02
N ILE IB 139 84.67 43.00 20.77
CA ILE IB 139 86.02 42.95 20.22
C ILE IB 139 86.34 44.33 19.63
N PRO IB 140 86.64 45.33 20.46
CA PRO IB 140 86.97 46.65 19.92
C PRO IB 140 88.27 46.63 19.13
N ASN IB 141 88.34 47.50 18.13
CA ASN IB 141 89.52 47.63 17.28
C ASN IB 141 90.49 48.69 17.78
N THR IB 142 90.15 49.39 18.85
CA THR IB 142 91.03 50.43 19.38
C THR IB 142 92.35 49.82 19.86
N LEU IB 143 93.46 50.45 19.48
CA LEU IB 143 94.77 49.92 19.81
C LEU IB 143 95.06 50.10 21.30
N MET IB 144 95.92 49.23 21.83
CA MET IB 144 96.29 49.32 23.23
C MET IB 144 97.17 50.54 23.47
N ALA IB 145 96.97 51.18 24.63
CA ALA IB 145 97.76 52.34 24.98
C ALA IB 145 99.16 51.94 25.40
N ALA IB 146 100.11 52.86 25.21
CA ALA IB 146 101.48 52.61 25.59
C ALA IB 146 101.62 52.55 27.11
N LYS IB 147 102.62 51.82 27.57
CA LYS IB 147 102.93 51.72 29.00
C LYS IB 147 104.43 51.77 29.19
N SER IB 148 104.88 52.65 30.07
CA SER IB 148 106.31 52.81 30.33
C SER IB 148 106.84 51.63 31.14
N THR IB 149 108.17 51.45 31.08
CA THR IB 149 108.81 50.38 31.82
C THR IB 149 108.70 50.65 33.32
N THR IB 150 108.04 49.75 34.03
CA THR IB 150 107.80 49.91 35.46
C THR IB 150 108.44 48.84 36.31
N THR IB 151 108.64 47.63 35.77
CA THR IB 151 109.27 46.54 36.49
C THR IB 151 109.99 45.63 35.52
N ALA IB 152 111.30 45.51 35.70
CA ALA IB 152 112.13 44.68 34.83
C ALA IB 152 113.06 43.82 35.68
N SER IB 153 113.46 42.68 35.12
CA SER IB 153 114.32 41.73 35.81
C SER IB 153 115.47 41.32 34.91
N MET IB 154 116.63 41.05 35.52
CA MET IB 154 117.81 40.62 34.81
C MET IB 154 118.56 39.60 35.65
N GLN IB 155 119.05 38.55 35.00
CA GLN IB 155 119.80 37.50 35.69
C GLN IB 155 121.00 37.11 34.83
N ILE IB 156 122.19 37.21 35.40
CA ILE IB 156 123.42 36.82 34.72
C ILE IB 156 124.31 36.09 35.72
N ASN IB 157 124.88 34.97 35.29
CA ASN IB 157 125.75 34.15 36.13
C ASN IB 157 127.20 34.44 35.75
N LEU IB 158 127.96 34.95 36.72
CA LEU IB 158 129.32 35.43 36.48
C LEU IB 158 130.34 34.39 36.91
N ASN IB 159 131.61 34.71 36.71
CA ASN IB 159 132.73 33.88 37.12
C ASN IB 159 133.38 34.46 38.37
N SER IB 160 133.88 33.57 39.22
CA SER IB 160 134.54 34.00 40.45
C SER IB 160 136.05 33.91 40.40
N THR IB 161 136.61 33.04 39.57
CA THR IB 161 138.06 32.87 39.47
C THR IB 161 138.68 33.77 38.39
N ASP IB 162 137.88 34.57 37.70
CA ASP IB 162 138.42 35.47 36.70
C ASP IB 162 139.26 36.56 37.35
N PRO IB 163 140.40 36.92 36.76
CA PRO IB 163 141.23 37.98 37.33
C PRO IB 163 140.53 39.33 37.33
N VAL IB 164 140.85 40.14 38.33
CA VAL IB 164 140.30 41.48 38.47
C VAL IB 164 140.86 42.37 37.36
N PRO IB 165 140.16 43.43 36.98
CA PRO IB 165 140.70 44.33 35.96
C PRO IB 165 142.02 44.95 36.41
N SER IB 166 142.95 45.10 35.46
CA SER IB 166 144.24 45.70 35.77
C SER IB 166 144.14 47.22 35.89
N LYS IB 167 143.33 47.85 35.06
CA LYS IB 167 143.18 49.29 35.07
C LYS IB 167 142.30 49.71 36.23
N THR IB 168 142.85 50.49 37.15
CA THR IB 168 142.07 50.91 38.33
C THR IB 168 140.82 51.70 37.98
N PRO IB 169 140.88 52.75 37.15
CA PRO IB 169 139.65 53.46 36.79
C PRO IB 169 138.76 52.60 35.92
N PHE IB 170 137.45 52.82 36.04
CA PHE IB 170 136.46 52.10 35.24
C PHE IB 170 136.26 52.81 33.93
N SER IB 171 136.54 52.13 32.82
CA SER IB 171 136.43 52.69 31.49
C SER IB 171 135.20 52.12 30.78
N VAL IB 172 134.64 52.92 29.88
CA VAL IB 172 133.48 52.53 29.09
C VAL IB 172 133.82 52.34 27.62
N SER IB 173 135.09 52.53 27.23
CA SER IB 173 135.52 52.34 25.86
C SER IB 173 136.30 51.04 25.67
N ASP IB 174 137.34 50.83 26.46
CA ASP IB 174 138.15 49.63 26.35
C ASP IB 174 137.54 48.50 27.18
N ALA IB 175 137.62 47.29 26.66
CA ALA IB 175 137.03 46.12 27.31
C ALA IB 175 137.92 45.53 28.39
N ASP IB 176 139.13 46.07 28.59
CA ASP IB 176 140.04 45.56 29.60
C ASP IB 176 139.83 46.21 30.97
N SER IB 177 138.87 47.12 31.09
CA SER IB 177 138.59 47.77 32.37
C SER IB 177 137.35 47.22 33.06
N TYR IB 178 136.49 46.51 32.35
CA TYR IB 178 135.32 45.89 32.95
C TYR IB 178 135.24 44.42 32.51
N ASN IB 179 134.85 43.57 33.45
CA ASN IB 179 134.77 42.13 33.19
C ASN IB 179 133.68 41.79 32.19
N LYS IB 180 132.53 42.46 32.29
CA LYS IB 180 131.40 42.12 31.44
C LYS IB 180 130.61 43.37 31.09
N LYS IB 181 129.96 43.34 29.94
CA LYS IB 181 129.09 44.42 29.48
C LYS IB 181 127.72 43.84 29.16
N GLY IB 182 126.68 44.45 29.70
CA GLY IB 182 125.32 44.00 29.45
C GLY IB 182 124.38 45.12 29.10
N THR IB 183 123.70 45.00 27.97
CA THR IB 183 122.79 46.04 27.48
C THR IB 183 121.35 45.51 27.50
N VAL IB 184 120.44 46.31 28.07
CA VAL IB 184 119.04 45.94 28.16
C VAL IB 184 118.20 47.05 27.53
N THR IB 185 116.97 46.70 27.18
CA THR IB 185 116.05 47.62 26.51
C THR IB 185 114.86 47.90 27.39
N VAL IB 186 114.49 49.18 27.51
CA VAL IB 186 113.31 49.60 28.22
C VAL IB 186 112.54 50.58 27.35
N TYR IB 187 111.25 50.74 27.65
CA TYR IB 187 110.37 51.57 26.87
C TYR IB 187 109.59 52.50 27.80
N ASP IB 188 109.22 53.67 27.27
CA ASP IB 188 108.48 54.67 28.01
C ASP IB 188 107.04 54.74 27.52
N SER IB 189 106.25 55.58 28.17
CA SER IB 189 104.86 55.78 27.80
C SER IB 189 104.70 56.52 26.47
N GLN IB 190 105.79 57.09 25.94
CA GLN IB 190 105.75 57.78 24.66
C GLN IB 190 106.23 56.91 23.51
N GLY IB 191 106.36 55.61 23.72
CA GLY IB 191 106.75 54.71 22.65
C GLY IB 191 108.17 54.87 22.17
N ASN IB 192 109.12 55.08 23.09
CA ASN IB 192 110.53 55.20 22.73
C ASN IB 192 111.33 54.16 23.49
N ALA IB 193 112.32 53.59 22.81
CA ALA IB 193 113.15 52.51 23.37
C ALA IB 193 114.47 53.08 23.87
N HIS IB 194 114.84 52.73 25.09
CA HIS IB 194 116.08 53.17 25.71
C HIS IB 194 116.98 51.96 25.93
N ASP IB 195 118.20 52.02 25.41
CA ASP IB 195 119.17 50.96 25.62
C ASP IB 195 120.00 51.28 26.86
N MET IB 196 119.85 50.46 27.89
CA MET IB 196 120.58 50.63 29.14
C MET IB 196 121.70 49.60 29.22
N ASN IB 197 122.92 50.07 29.42
CA ASN IB 197 124.09 49.21 29.49
C ASN IB 197 124.52 49.06 30.94
N VAL IB 198 124.73 47.83 31.37
CA VAL IB 198 125.14 47.52 32.74
C VAL IB 198 126.54 46.91 32.68
N TYR IB 199 127.48 47.54 33.37
CA TYR IB 199 128.87 47.09 33.39
C TYR IB 199 129.21 46.55 34.77
N PHE IB 200 129.77 45.35 34.80
CA PHE IB 200 130.12 44.68 36.05
C PHE IB 200 131.59 44.88 36.35
N VAL IB 201 131.89 45.32 37.57
CA VAL IB 201 133.27 45.50 38.02
C VAL IB 201 133.44 44.79 39.35
N LYS IB 202 134.60 44.17 39.53
CA LYS IB 202 134.94 43.42 40.74
C LYS IB 202 135.76 44.32 41.65
N THR IB 203 135.23 44.58 42.85
CA THR IB 203 135.91 45.46 43.80
C THR IB 203 136.83 44.67 44.73
N LYS IB 204 136.28 43.69 45.44
CA LYS IB 204 137.06 42.88 46.36
C LYS IB 204 136.57 41.43 46.26
N ASP IB 205 137.01 40.60 47.20
CA ASP IB 205 136.63 39.19 47.19
C ASP IB 205 135.14 39.05 47.47
N ASN IB 206 134.45 38.29 46.61
CA ASN IB 206 133.01 38.04 46.74
C ASN IB 206 132.22 39.35 46.82
N GLU IB 207 132.59 40.31 45.97
CA GLU IB 207 131.89 41.59 45.92
C GLU IB 207 132.00 42.17 44.52
N TRP IB 208 130.87 42.60 43.97
CA TRP IB 208 130.81 43.16 42.62
C TRP IB 208 130.00 44.45 42.65
N ALA IB 209 130.29 45.32 41.69
CA ALA IB 209 129.58 46.58 41.53
C ALA IB 209 129.10 46.70 40.10
N VAL IB 210 127.90 47.23 39.92
CA VAL IB 210 127.30 47.42 38.61
C VAL IB 210 127.13 48.91 38.34
N TYR IB 211 127.48 49.33 37.14
CA TYR IB 211 127.38 50.73 36.73
C TYR IB 211 126.41 50.83 35.56
N THR IB 212 125.38 51.66 35.72
CA THR IB 212 124.44 51.89 34.64
C THR IB 212 125.10 52.71 33.53
N HIS IB 213 124.62 52.51 32.31
CA HIS IB 213 125.17 53.22 31.16
C HIS IB 213 124.11 53.26 30.07
N ASP IB 214 124.16 54.31 29.25
CA ASP IB 214 123.22 54.52 28.18
C ASP IB 214 123.97 54.68 26.88
N SER IB 215 123.57 53.91 25.85
CA SER IB 215 124.20 53.96 24.55
C SER IB 215 123.32 54.57 23.46
N SER IB 216 122.04 54.82 23.75
CA SER IB 216 121.14 55.44 22.81
C SER IB 216 120.81 56.88 23.16
N ASP IB 217 121.16 57.35 24.35
CA ASP IB 217 120.87 58.72 24.76
C ASP IB 217 122.17 59.52 24.84
N PRO IB 218 122.43 60.42 23.90
CA PRO IB 218 123.61 61.29 24.03
C PRO IB 218 123.54 62.22 25.24
N ALA IB 219 122.33 62.52 25.74
CA ALA IB 219 122.19 63.38 26.91
C ALA IB 219 122.64 62.70 28.19
N ALA IB 220 122.86 61.39 28.18
CA ALA IB 220 123.36 60.67 29.33
C ALA IB 220 124.87 60.61 29.31
N THR IB 221 125.46 60.23 30.45
CA THR IB 221 126.89 60.16 30.61
C THR IB 221 127.29 58.76 31.06
N ALA IB 222 128.59 58.58 31.31
CA ALA IB 222 129.14 57.31 31.78
C ALA IB 222 129.79 57.53 33.14
N PRO IB 223 129.05 57.40 34.23
CA PRO IB 223 129.62 57.71 35.55
C PRO IB 223 130.48 56.58 36.10
N THR IB 224 131.73 56.90 36.45
CA THR IB 224 132.59 55.94 37.13
C THR IB 224 132.14 55.72 38.57
N THR IB 225 131.31 56.61 39.10
CA THR IB 225 130.85 56.48 40.47
C THR IB 225 129.98 55.24 40.65
N ALA IB 226 129.99 54.71 41.87
CA ALA IB 226 129.27 53.46 42.15
C ALA IB 226 127.77 53.67 42.06
N SER IB 227 127.07 52.64 41.58
CA SER IB 227 125.63 52.62 41.51
C SER IB 227 125.01 51.59 42.43
N THR IB 228 125.45 50.33 42.35
CA THR IB 228 124.91 49.27 43.20
C THR IB 228 125.98 48.20 43.40
N THR IB 229 126.09 47.70 44.62
CA THR IB 229 127.04 46.67 44.98
C THR IB 229 126.31 45.40 45.42
N LEU IB 230 126.89 44.25 45.12
CA LEU IB 230 126.27 42.95 45.38
C LEU IB 230 127.12 42.17 46.37
N LYS IB 231 126.46 41.60 47.39
CA LYS IB 231 127.11 40.74 48.36
C LYS IB 231 126.63 39.30 48.17
N PHE IB 232 127.58 38.37 48.10
CA PHE IB 232 127.29 36.97 47.82
C PHE IB 232 127.56 36.11 49.05
N ASN IB 233 126.89 34.96 49.10
CA ASN IB 233 127.03 34.04 50.23
C ASN IB 233 128.25 33.13 49.99
N GLU IB 234 128.35 32.06 50.78
CA GLU IB 234 129.49 31.16 50.65
C GLU IB 234 129.52 30.49 49.29
N ASN IB 235 128.37 30.02 48.80
CA ASN IB 235 128.31 29.32 47.53
C ASN IB 235 128.04 30.23 46.34
N GLY IB 236 127.48 31.42 46.58
CA GLY IB 236 127.17 32.32 45.48
C GLY IB 236 125.75 32.85 45.53
N ILE IB 237 125.07 32.64 46.64
CA ILE IB 237 123.69 33.09 46.80
C ILE IB 237 123.70 34.58 47.10
N LEU IB 238 122.96 35.34 46.30
CA LEU IB 238 122.83 36.78 46.54
C LEU IB 238 121.99 37.04 47.79
N GLU IB 239 122.47 37.94 48.65
CA GLU IB 239 121.81 38.22 49.91
C GLU IB 239 121.00 39.51 49.87
N SER IB 240 121.61 40.61 49.43
CA SER IB 240 120.91 41.89 49.41
C SER IB 240 121.55 42.78 48.35
N GLY IB 241 120.83 43.84 47.99
CA GLY IB 241 121.33 44.79 47.01
C GLY IB 241 120.97 44.49 45.58
N GLY IB 242 119.86 43.78 45.33
CA GLY IB 242 119.48 43.43 43.98
C GLY IB 242 118.45 44.35 43.37
N THR IB 243 117.97 45.33 44.14
CA THR IB 243 116.94 46.25 43.69
C THR IB 243 117.48 47.68 43.67
N VAL IB 244 117.26 48.38 42.56
CA VAL IB 244 117.72 49.76 42.41
C VAL IB 244 116.88 50.43 41.33
N ASN IB 245 116.69 51.74 41.48
CA ASN IB 245 115.94 52.54 40.51
C ASN IB 245 116.91 53.28 39.62
N ILE IB 246 116.78 53.10 38.30
CA ILE IB 246 117.65 53.74 37.32
C ILE IB 246 116.79 54.66 36.46
N THR IB 247 117.20 55.92 36.35
CA THR IB 247 116.54 56.89 35.49
C THR IB 247 117.46 57.23 34.33
N THR IB 248 116.95 57.11 33.11
CA THR IB 248 117.72 57.36 31.91
C THR IB 248 117.32 58.70 31.29
N GLY IB 249 118.09 59.11 30.30
CA GLY IB 249 117.82 60.35 29.61
C GLY IB 249 116.59 60.27 28.73
N THR IB 250 116.15 61.43 28.28
CA THR IB 250 114.99 61.53 27.40
C THR IB 250 115.41 61.55 25.93
N ILE IB 251 114.50 61.12 25.08
CA ILE IB 251 114.70 61.11 23.64
C ILE IB 251 113.61 61.98 23.01
N ASN IB 252 114.02 62.97 22.22
CA ASN IB 252 113.09 63.88 21.55
C ASN IB 252 112.19 64.60 22.55
N GLY IB 253 112.74 64.93 23.70
CA GLY IB 253 111.99 65.68 24.70
C GLY IB 253 110.87 64.93 25.35
N ALA IB 254 110.90 63.60 25.32
CA ALA IB 254 109.86 62.81 25.95
C ALA IB 254 110.00 62.87 27.48
N THR IB 255 108.96 62.38 28.15
CA THR IB 255 108.97 62.37 29.61
C THR IB 255 110.03 61.40 30.13
N ALA IB 256 110.53 61.70 31.33
CA ALA IB 256 111.57 60.87 31.93
C ALA IB 256 111.05 59.48 32.24
N ALA IB 257 111.90 58.48 32.05
CA ALA IB 257 111.57 57.08 32.25
C ALA IB 257 112.36 56.54 33.43
N THR IB 258 111.67 55.93 34.39
CA THR IB 258 112.30 55.30 35.54
C THR IB 258 111.79 53.88 35.69
N PHE IB 259 112.67 53.00 36.15
CA PHE IB 259 112.33 51.58 36.26
C PHE IB 259 113.22 50.95 37.33
N SER IB 260 112.65 49.99 38.05
CA SER IB 260 113.34 49.31 39.15
C SER IB 260 113.76 47.93 38.67
N LEU IB 261 115.07 47.69 38.63
CA LEU IB 261 115.60 46.39 38.23
C LEU IB 261 115.74 45.47 39.44
N SER IB 262 115.37 44.21 39.25
CA SER IB 262 115.47 43.20 40.30
C SER IB 262 116.52 42.17 39.89
N PHE IB 263 117.51 41.96 40.76
CA PHE IB 263 118.58 41.01 40.51
C PHE IB 263 118.51 39.81 41.44
N LEU IB 264 117.35 39.55 42.04
CA LEU IB 264 117.21 38.44 42.96
C LEU IB 264 117.32 37.11 42.22
N ASN IB 265 117.53 36.04 43.00
CA ASN IB 265 117.68 34.69 42.48
C ASN IB 265 118.81 34.60 41.45
N SER IB 266 119.93 35.26 41.76
CA SER IB 266 121.12 35.21 40.94
C SER IB 266 122.22 34.49 41.72
N MET IB 267 122.82 33.48 41.09
CA MET IB 267 123.84 32.66 41.74
C MET IB 267 125.18 32.86 41.04
N GLN IB 268 126.25 32.75 41.83
CA GLN IB 268 127.63 32.85 41.34
C GLN IB 268 128.35 31.58 41.78
N GLN IB 269 128.26 30.54 40.94
CA GLN IB 269 128.84 29.24 41.24
C GLN IB 269 130.05 28.93 40.35
N ASN IB 270 130.59 29.94 39.67
CA ASN IB 270 131.72 29.79 38.77
C ASN IB 270 131.43 28.75 37.68
N THR IB 271 130.42 29.07 36.86
CA THR IB 271 130.05 28.22 35.72
C THR IB 271 130.76 28.65 34.45
N GLY IB 272 132.08 28.76 34.52
CA GLY IB 272 132.87 29.12 33.35
C GLY IB 272 132.86 30.60 33.04
N ALA IB 273 132.18 30.96 31.95
CA ALA IB 273 132.15 32.33 31.47
C ALA IB 273 130.90 33.06 31.97
N ASN IB 274 130.76 34.31 31.56
CA ASN IB 274 129.65 35.16 31.97
C ASN IB 274 128.65 35.28 30.82
N ASN IB 275 127.37 35.05 31.11
CA ASN IB 275 126.32 35.16 30.12
C ASN IB 275 125.00 35.43 30.81
N ILE IB 276 124.16 36.25 30.18
CA ILE IB 276 122.85 36.58 30.72
C ILE IB 276 121.88 35.44 30.38
N VAL IB 277 121.18 34.94 31.39
CA VAL IB 277 120.26 33.82 31.21
C VAL IB 277 118.80 34.23 31.29
N ALA IB 278 118.50 35.47 31.66
CA ALA IB 278 117.11 35.91 31.78
C ALA IB 278 117.04 37.42 31.58
N THR IB 279 116.06 37.86 30.79
CA THR IB 279 115.82 39.28 30.57
C THR IB 279 114.35 39.48 30.27
N ASN IB 280 113.77 40.53 30.85
CA ASN IB 280 112.35 40.79 30.73
C ASN IB 280 112.05 42.21 31.18
N GLN IB 281 111.07 42.83 30.53
CA GLN IB 281 110.53 44.12 30.94
C GLN IB 281 109.02 44.10 30.75
N ASN IB 282 108.33 44.90 31.56
CA ASN IB 282 106.88 44.99 31.48
C ASN IB 282 106.41 46.23 30.73
N GLY IB 283 107.33 47.09 30.31
CA GLY IB 283 106.98 48.30 29.60
C GLY IB 283 106.76 48.10 28.11
N TYR IB 284 105.62 47.53 27.75
CA TYR IB 284 105.34 47.23 26.35
C TYR IB 284 105.14 48.51 25.56
N LYS IB 285 105.68 48.53 24.34
CA LYS IB 285 105.42 49.62 23.41
C LYS IB 285 103.99 49.53 22.90
N PRO IB 286 103.41 50.65 22.44
CA PRO IB 286 102.06 50.59 21.89
C PRO IB 286 101.99 49.68 20.68
N GLY IB 287 100.89 48.94 20.58
CA GLY IB 287 100.72 47.96 19.54
C GLY IB 287 99.39 48.11 18.82
N ASP IB 288 99.29 47.46 17.67
CA ASP IB 288 98.10 47.49 16.84
C ASP IB 288 97.43 46.13 16.85
N LEU IB 289 96.10 46.14 16.76
CA LEU IB 289 95.31 44.92 16.84
C LEU IB 289 95.58 44.06 15.60
N VAL IB 290 96.36 43.00 15.78
CA VAL IB 290 96.70 42.12 14.66
C VAL IB 290 95.53 41.18 14.35
N SER IB 291 95.17 40.34 15.32
CA SER IB 291 94.10 39.37 15.16
C SER IB 291 93.72 38.86 16.54
N TYR IB 292 92.75 37.94 16.57
CA TYR IB 292 92.29 37.33 17.80
C TYR IB 292 92.11 35.83 17.59
N GLN IB 293 92.17 35.08 18.68
CA GLN IB 293 92.03 33.63 18.63
C GLN IB 293 91.20 33.18 19.82
N ILE IB 294 90.66 31.98 19.71
CA ILE IB 294 89.85 31.35 20.76
C ILE IB 294 90.50 30.04 21.13
N ASN IB 295 90.85 29.89 22.40
CA ASN IB 295 91.44 28.66 22.92
C ASN IB 295 90.39 27.82 23.64
N ASN IB 296 90.77 26.58 23.94
CA ASN IB 296 89.82 25.63 24.51
C ASN IB 296 89.31 26.05 25.88
N ASP IB 297 90.03 26.90 26.60
CA ASP IB 297 89.61 27.30 27.94
C ASP IB 297 88.34 28.14 27.92
N GLY IB 298 87.95 28.69 26.76
CA GLY IB 298 86.77 29.53 26.66
C GLY IB 298 87.06 31.01 26.63
N THR IB 299 88.30 31.42 26.81
CA THR IB 299 88.67 32.82 26.80
C THR IB 299 88.94 33.30 25.37
N VAL IB 300 88.96 34.61 25.20
CA VAL IB 300 89.27 35.25 23.93
C VAL IB 300 90.41 36.24 24.15
N VAL IB 301 91.42 36.18 23.30
CA VAL IB 301 92.63 36.99 23.44
C VAL IB 301 92.88 37.70 22.13
N GLY IB 302 93.13 39.02 22.20
CA GLY IB 302 93.50 39.80 21.05
C GLY IB 302 94.99 40.04 21.01
N ASN IB 303 95.62 39.56 19.94
CA ASN IB 303 97.07 39.63 19.80
C ASN IB 303 97.48 40.93 19.13
N TYR IB 304 98.55 41.54 19.63
CA TYR IB 304 99.07 42.79 19.13
C TYR IB 304 100.53 42.63 18.74
N SER IB 305 101.02 43.53 17.90
CA SER IB 305 102.37 43.41 17.35
C SER IB 305 103.45 43.55 18.42
N ASN IB 306 103.11 44.12 19.58
CA ASN IB 306 104.10 44.34 20.62
C ASN IB 306 104.31 43.12 21.50
N GLU IB 307 103.98 41.93 21.00
CA GLU IB 307 104.14 40.67 21.74
C GLU IB 307 103.38 40.72 23.07
N GLN IB 308 102.17 41.29 23.03
CA GLN IB 308 101.32 41.39 24.19
C GLN IB 308 99.96 40.78 23.88
N GLU IB 309 99.37 40.15 24.89
CA GLU IB 309 98.08 39.51 24.77
C GLU IB 309 97.05 40.25 25.62
N GLN IB 310 95.94 40.64 24.99
CA GLN IB 310 94.85 41.33 25.66
C GLN IB 310 93.65 40.42 25.71
N VAL IB 311 93.16 40.14 26.91
CA VAL IB 311 92.01 39.25 27.10
C VAL IB 311 90.74 40.09 27.09
N LEU IB 312 89.81 39.73 26.21
CA LEU IB 312 88.56 40.45 26.06
C LEU IB 312 87.39 39.79 26.78
N GLY IB 313 87.63 38.69 27.48
CA GLY IB 313 86.61 37.99 28.22
C GLY IB 313 86.65 36.51 27.94
N GLN IB 314 85.58 35.82 28.35
CA GLN IB 314 85.47 34.39 28.11
C GLN IB 314 84.00 34.02 27.95
N ILE IB 315 83.77 32.89 27.29
CA ILE IB 315 82.43 32.38 27.09
C ILE IB 315 82.03 31.53 28.29
N VAL IB 316 80.78 31.65 28.70
CA VAL IB 316 80.25 30.89 29.83
C VAL IB 316 79.35 29.78 29.31
N LEU IB 317 79.58 28.56 29.81
CA LEU IB 317 78.73 27.44 29.50
C LEU IB 317 77.75 27.20 30.64
N ALA IB 318 76.55 26.75 30.29
CA ALA IB 318 75.51 26.50 31.27
C ALA IB 318 75.04 25.06 31.16
N ASN IB 319 74.87 24.41 32.32
CA ASN IB 319 74.34 23.06 32.41
C ASN IB 319 73.11 23.08 33.30
N PHE IB 320 71.98 22.67 32.74
CA PHE IB 320 70.74 22.64 33.50
C PHE IB 320 70.64 21.37 34.34
N ALA IB 321 69.81 21.44 35.38
CA ALA IB 321 69.52 20.24 36.16
C ALA IB 321 68.79 19.21 35.32
N ASN IB 322 67.89 19.66 34.44
CA ASN IB 322 67.12 18.79 33.57
C ASN IB 322 67.24 19.32 32.14
N ASN IB 323 67.90 18.55 31.28
CA ASN IB 323 68.05 18.98 29.89
C ASN IB 323 66.71 19.04 29.18
N GLU IB 324 65.82 18.10 29.49
CA GLU IB 324 64.49 18.11 28.89
C GLU IB 324 63.67 19.27 29.46
N GLY IB 325 62.58 19.58 28.76
CA GLY IB 325 61.75 20.69 29.15
C GLY IB 325 62.17 22.03 28.61
N LEU IB 326 63.27 22.09 27.86
CA LEU IB 326 63.71 23.34 27.22
C LEU IB 326 62.88 23.53 25.95
N ALA IB 327 61.86 24.39 26.04
CA ALA IB 327 60.99 24.62 24.90
C ALA IB 327 61.77 25.30 23.78
N SER IB 328 61.65 24.77 22.57
CA SER IB 328 62.32 25.37 21.43
C SER IB 328 61.68 26.72 21.09
N GLN IB 329 62.51 27.66 20.63
CA GLN IB 329 62.06 29.00 20.29
C GLN IB 329 62.61 29.37 18.93
N GLY IB 330 61.79 29.25 17.89
CA GLY IB 330 62.19 29.65 16.56
C GLY IB 330 63.42 28.92 16.06
N ASP IB 331 64.55 29.64 15.98
CA ASP IB 331 65.78 29.05 15.48
C ASP IB 331 66.33 28.05 16.50
N ASN IB 332 67.51 27.51 16.20
CA ASN IB 332 68.07 26.45 17.03
C ASN IB 332 68.57 27.00 18.35
N VAL IB 333 67.64 27.47 19.19
CA VAL IB 333 67.93 27.92 20.54
C VAL IB 333 66.87 27.37 21.48
N TRP IB 334 67.18 27.35 22.77
CA TRP IB 334 66.25 26.88 23.78
C TRP IB 334 66.12 27.93 24.87
N ALA IB 335 64.92 28.03 25.44
CA ALA IB 335 64.60 28.99 26.47
C ALA IB 335 64.34 28.26 27.79
N ALA IB 336 64.96 28.74 28.86
CA ALA IB 336 64.75 28.13 30.17
C ALA IB 336 63.33 28.41 30.66
N THR IB 337 62.78 27.45 31.40
CA THR IB 337 61.41 27.53 31.89
C THR IB 337 61.27 26.63 33.10
N GLN IB 338 60.03 26.35 33.49
CA GLN IB 338 59.77 25.45 34.59
C GLN IB 338 60.24 24.04 34.25
N ALA IB 339 60.58 23.27 35.28
CA ALA IB 339 61.07 21.90 35.15
C ALA IB 339 62.33 21.82 34.31
N SER IB 340 63.10 22.92 34.25
CA SER IB 340 64.35 22.95 33.51
C SER IB 340 65.55 23.34 34.37
N GLY IB 341 65.32 23.79 35.61
CA GLY IB 341 66.41 24.16 36.47
C GLY IB 341 66.98 25.53 36.14
N VAL IB 342 67.84 26.01 37.04
CA VAL IB 342 68.49 27.30 36.87
C VAL IB 342 69.59 27.16 35.83
N ALA IB 343 70.13 28.29 35.38
CA ALA IB 343 71.17 28.26 34.36
C ALA IB 343 72.42 27.54 34.87
N LEU IB 344 72.81 27.79 36.12
CA LEU IB 344 73.99 27.20 36.73
C LEU IB 344 75.25 27.53 35.91
N LEU IB 345 75.54 28.83 35.88
CA LEU IB 345 76.63 29.34 35.07
C LEU IB 345 77.96 28.74 35.53
N GLY IB 346 78.85 28.51 34.56
CA GLY IB 346 80.16 27.96 34.85
C GLY IB 346 81.07 28.15 33.66
N THR IB 347 82.35 27.83 33.88
CA THR IB 347 83.35 27.95 32.84
C THR IB 347 83.55 26.61 32.13
N ALA IB 348 84.12 26.68 30.93
CA ALA IB 348 84.32 25.51 30.10
C ALA IB 348 85.58 24.73 30.44
N GLY IB 349 86.38 25.21 31.40
CA GLY IB 349 87.62 24.57 31.73
C GLY IB 349 87.45 23.21 32.37
N SER IB 350 86.79 23.15 33.52
CA SER IB 350 86.66 21.92 34.28
C SER IB 350 85.29 21.89 34.94
N GLY IB 351 85.10 20.93 35.83
CA GLY IB 351 83.83 20.75 36.51
C GLY IB 351 82.93 19.76 35.78
N ASN IB 352 81.63 19.95 35.88
CA ASN IB 352 80.66 19.11 35.18
C ASN IB 352 80.60 19.41 33.69
N PHE IB 353 81.09 20.56 33.26
CA PHE IB 353 81.03 20.97 31.87
C PHE IB 353 82.13 20.29 31.08
N GLY IB 354 81.84 19.98 29.82
CA GLY IB 354 82.81 19.34 28.96
C GLY IB 354 83.78 20.31 28.33
N LYS IB 355 84.82 19.74 27.71
CA LYS IB 355 85.82 20.54 27.03
C LYS IB 355 85.29 21.08 25.71
N LEU IB 356 85.83 22.21 25.28
CA LEU IB 356 85.48 22.79 24.00
C LEU IB 356 86.45 22.30 22.93
N THR IB 357 86.25 22.80 21.71
CA THR IB 357 87.15 22.52 20.60
C THR IB 357 87.12 23.69 19.64
N ASN IB 358 88.28 24.19 19.26
CA ASN IB 358 88.38 25.32 18.35
C ASN IB 358 88.46 24.81 16.92
N GLY IB 359 87.66 25.39 16.04
CA GLY IB 359 87.65 25.02 14.65
C GLY IB 359 86.97 23.69 14.39
N ALA IB 360 85.71 23.55 14.83
CA ALA IB 360 84.96 22.33 14.60
C ALA IB 360 83.48 22.63 14.80
N LEU IB 361 82.65 21.73 14.26
CA LEU IB 361 81.21 21.80 14.40
C LEU IB 361 80.64 20.40 14.57
N GLU IB 362 79.45 20.33 15.15
CA GLU IB 362 78.80 19.07 15.44
C GLU IB 362 77.60 18.86 14.52
N ALA IB 363 77.37 17.59 14.17
CA ALA IB 363 76.31 17.24 13.24
C ALA IB 363 74.96 17.26 13.96
N SER IB 364 73.94 16.72 13.31
CA SER IB 364 72.58 16.74 13.83
C SER IB 364 72.22 15.50 14.65
N ASN IB 365 73.16 14.56 14.79
CA ASN IB 365 72.95 13.29 15.47
C ASN IB 365 71.62 12.64 15.09
N VAL IB 366 71.22 12.79 13.83
CA VAL IB 366 70.01 12.18 13.29
C VAL IB 366 70.43 11.13 12.28
N ASP IB 367 70.02 9.89 12.50
CA ASP IB 367 70.36 8.79 11.61
C ASP IB 367 69.21 8.58 10.62
N LEU IB 368 69.52 8.67 9.33
CA LEU IB 368 68.49 8.50 8.31
C LEU IB 368 67.92 7.10 8.33
N SER IB 369 68.77 6.09 8.50
CA SER IB 369 68.29 4.72 8.48
C SER IB 369 67.31 4.45 9.61
N LYS IB 370 67.59 4.98 10.80
CA LYS IB 370 66.67 4.80 11.92
C LYS IB 370 65.34 5.50 11.64
N GLU IB 371 65.38 6.69 11.04
CA GLU IB 371 64.15 7.44 10.84
C GLU IB 371 63.32 6.88 9.70
N LEU IB 372 63.97 6.43 8.61
CA LEU IB 372 63.22 5.97 7.45
C LEU IB 372 62.40 4.72 7.77
N VAL IB 373 62.99 3.77 8.51
CA VAL IB 373 62.24 2.57 8.86
C VAL IB 373 61.11 2.90 9.81
N ASN IB 374 61.32 3.86 10.71
CA ASN IB 374 60.25 4.26 11.61
C ASN IB 374 59.08 4.89 10.88
N MET IB 375 59.34 5.48 9.71
CA MET IB 375 58.25 6.05 8.92
C MET IB 375 57.39 4.95 8.32
N ILE IB 376 58.00 3.83 7.92
CA ILE IB 376 57.25 2.74 7.31
C ILE IB 376 56.26 2.16 8.30
N VAL IB 377 56.70 1.88 9.53
CA VAL IB 377 55.79 1.33 10.52
C VAL IB 377 54.76 2.36 10.95
N ALA IB 378 55.13 3.65 10.97
CA ALA IB 378 54.17 4.67 11.33
C ALA IB 378 53.05 4.77 10.31
N GLN IB 379 53.38 4.66 9.02
CA GLN IB 379 52.35 4.75 7.99
C GLN IB 379 51.35 3.60 8.10
N ARG IB 380 51.84 2.39 8.37
CA ARG IB 380 50.94 1.25 8.49
C ARG IB 380 50.05 1.39 9.72
N ASN IB 381 50.56 2.00 10.79
CA ASN IB 381 49.74 2.23 11.97
C ASN IB 381 48.58 3.17 11.64
N TYR IB 382 48.84 4.22 10.87
CA TYR IB 382 47.79 5.15 10.51
C TYR IB 382 46.72 4.46 9.67
N GLN IB 383 47.14 3.65 8.69
CA GLN IB 383 46.17 2.98 7.83
C GLN IB 383 45.31 2.01 8.62
N SER IB 384 45.90 1.33 9.62
CA SER IB 384 45.11 0.44 10.45
C SER IB 384 44.05 1.21 11.23
N ASN IB 385 44.39 2.39 11.73
CA ASN IB 385 43.40 3.21 12.43
C ASN IB 385 42.29 3.64 11.50
N ALA IB 386 42.62 3.98 10.25
CA ALA IB 386 41.59 4.39 9.31
C ALA IB 386 40.60 3.26 9.04
N GLN IB 387 41.04 2.01 9.14
CA GLN IB 387 40.14 0.89 8.93
C GLN IB 387 39.03 0.86 9.96
N THR IB 388 39.35 1.18 11.22
CA THR IB 388 38.32 1.19 12.25
C THR IB 388 37.24 2.22 11.93
N ILE IB 389 37.63 3.41 11.47
CA ILE IB 389 36.65 4.40 11.05
C ILE IB 389 35.83 3.88 9.87
N LYS IB 390 36.51 3.25 8.91
CA LYS IB 390 35.79 2.66 7.79
C LYS IB 390 34.84 1.57 8.24
N THR IB 391 35.30 0.72 9.16
CA THR IB 391 34.41 -0.30 9.71
C THR IB 391 33.28 0.33 10.52
N GLN IB 392 33.60 1.36 11.32
CA GLN IB 392 32.56 2.01 12.12
C GLN IB 392 31.52 2.70 11.24
N ASP IB 393 31.94 3.18 10.07
CA ASP IB 393 30.97 3.80 9.15
C ASP IB 393 30.03 2.77 8.56
N GLN IB 394 30.57 1.65 8.06
CA GLN IB 394 29.72 0.65 7.43
C GLN IB 394 28.80 -0.03 8.44
N ILE IB 395 29.30 -0.28 9.65
CA ILE IB 395 28.46 -0.90 10.66
C ILE IB 395 27.31 0.03 11.04
N LEU IB 396 27.55 1.34 11.05
CA LEU IB 396 26.49 2.30 11.31
C LEU IB 396 25.60 2.51 10.09
N ASN IB 397 26.17 2.45 8.89
CA ASN IB 397 25.38 2.60 7.67
C ASN IB 397 24.38 1.45 7.53
N THR IB 398 24.80 0.23 7.86
CA THR IB 398 23.90 -0.90 7.77
C THR IB 398 22.73 -0.75 8.73
N LEU IB 399 22.99 -0.26 9.94
CA LEU IB 399 21.94 -0.14 10.93
C LEU IB 399 20.90 0.90 10.54
N VAL IB 400 21.32 2.06 10.04
CA VAL IB 400 20.38 3.12 9.71
C VAL IB 400 19.54 2.74 8.50
N ASN IB 401 20.14 2.04 7.53
CA ASN IB 401 19.40 1.67 6.33
C ASN IB 401 18.23 0.75 6.65
N LEU IB 402 18.37 -0.09 7.68
CA LEU IB 402 17.34 -1.02 8.12
C LEU IB 402 16.94 -1.98 7.01
N SER JB 2 32.99 -19.63 9.02
CA SER JB 2 34.07 -20.60 8.75
C SER JB 2 35.42 -19.91 8.74
N PHE JB 3 35.59 -18.91 9.59
CA PHE JB 3 36.86 -18.21 9.69
C PHE JB 3 37.86 -18.95 10.57
N SER JB 4 37.44 -19.99 11.29
CA SER JB 4 38.32 -20.64 12.25
C SER JB 4 39.55 -21.23 11.56
N GLN JB 5 39.35 -21.86 10.40
CA GLN JB 5 40.47 -22.46 9.69
C GLN JB 5 41.36 -21.40 9.05
N ALA JB 6 40.77 -20.38 8.44
CA ALA JB 6 41.57 -19.33 7.83
C ALA JB 6 42.36 -18.55 8.88
N VAL JB 7 41.75 -18.26 10.03
CA VAL JB 7 42.44 -17.53 11.07
C VAL JB 7 43.64 -18.32 11.58
N SER JB 8 43.45 -19.62 11.82
CA SER JB 8 44.55 -20.45 12.31
C SER JB 8 45.67 -20.54 11.28
N GLY JB 9 45.34 -20.43 9.99
CA GLY JB 9 46.38 -20.46 8.98
C GLY JB 9 47.30 -19.25 9.06
N LEU JB 10 46.74 -18.08 9.34
CA LEU JB 10 47.56 -16.87 9.42
C LEU JB 10 48.55 -16.95 10.57
N ASN JB 11 48.12 -17.48 11.71
CA ASN JB 11 49.01 -17.55 12.88
C ASN JB 11 50.22 -18.43 12.58
N ALA JB 12 50.01 -19.55 11.88
CA ALA JB 12 51.13 -20.41 11.52
C ALA JB 12 52.10 -19.68 10.60
N ALA JB 13 51.59 -19.06 9.55
CA ALA JB 13 52.46 -18.35 8.61
C ALA JB 13 53.14 -17.17 9.27
N ALA JB 14 52.41 -16.44 10.12
CA ALA JB 14 53.03 -15.34 10.85
C ALA JB 14 54.13 -15.84 11.77
N THR JB 15 53.88 -16.96 12.46
CA THR JB 15 54.92 -17.55 13.30
C THR JB 15 56.10 -18.02 12.45
N ASN JB 16 55.81 -18.62 11.30
CA ASN JB 16 56.88 -19.10 10.43
C ASN JB 16 57.74 -17.95 9.93
N LEU JB 17 57.12 -16.82 9.57
CA LEU JB 17 57.90 -15.68 9.12
C LEU JB 17 58.66 -15.02 10.26
N ASP JB 18 58.12 -15.06 11.49
CA ASP JB 18 58.82 -14.48 12.62
C ASP JB 18 60.10 -15.23 12.93
N VAL JB 19 60.05 -16.57 12.87
CA VAL JB 19 61.25 -17.37 13.12
C VAL JB 19 62.29 -17.11 12.04
N ILE JB 20 61.86 -17.05 10.78
CA ILE JB 20 62.80 -16.80 9.69
C ILE JB 20 63.43 -15.43 9.85
N GLY JB 21 62.63 -14.43 10.19
CA GLY JB 21 63.18 -13.10 10.43
C GLY JB 21 64.17 -13.09 11.58
N ASN JB 22 63.91 -13.90 12.60
CA ASN JB 22 64.85 -13.99 13.71
C ASN JB 22 66.18 -14.59 13.27
N ASN JB 23 66.14 -15.65 12.46
CA ASN JB 23 67.37 -16.31 12.06
C ASN JB 23 68.25 -15.41 11.22
N ILE JB 24 67.67 -14.69 10.27
CA ILE JB 24 68.47 -13.84 9.40
C ILE JB 24 69.05 -12.67 10.18
N ALA JB 25 68.27 -12.11 11.12
CA ALA JB 25 68.78 -11.01 11.93
C ALA JB 25 69.86 -11.48 12.88
N ASN JB 26 69.70 -12.66 13.46
CA ASN JB 26 70.67 -13.19 14.42
C ASN JB 26 71.95 -13.67 13.79
N SER JB 27 72.21 -13.42 12.52
CA SER JB 27 73.46 -13.87 11.92
C SER JB 27 74.65 -13.17 12.58
N ALA JB 28 75.82 -13.80 12.47
CA ALA JB 28 77.09 -13.37 13.03
C ALA JB 28 77.13 -13.46 14.55
N THR JB 29 76.04 -13.85 15.21
CA THR JB 29 76.06 -14.09 16.65
C THR JB 29 76.75 -15.42 16.90
N TYR JB 30 77.91 -15.38 17.55
CA TYR JB 30 78.77 -16.56 17.61
C TYR JB 30 78.11 -17.71 18.35
N GLY JB 31 77.49 -17.44 19.49
CA GLY JB 31 76.83 -18.49 20.23
C GLY JB 31 75.36 -18.62 19.91
N PHE JB 32 75.04 -18.89 18.65
CA PHE JB 32 73.65 -18.93 18.20
C PHE JB 32 73.39 -20.21 17.42
N LYS JB 33 72.19 -20.75 17.59
CA LYS JB 33 71.74 -21.93 16.87
C LYS JB 33 70.46 -21.60 16.12
N SER JB 34 70.41 -21.98 14.84
CA SER JB 34 69.25 -21.64 14.01
C SER JB 34 68.01 -22.40 14.45
N GLY JB 35 66.88 -21.71 14.45
CA GLY JB 35 65.61 -22.31 14.81
C GLY JB 35 64.76 -22.63 13.59
N THR JB 36 63.72 -23.42 13.82
CA THR JB 36 62.79 -23.80 12.76
C THR JB 36 61.47 -24.21 13.40
N ALA JB 37 60.37 -23.74 12.83
CA ALA JB 37 59.05 -24.07 13.35
C ALA JB 37 58.56 -25.40 12.81
N SER JB 38 57.55 -25.95 13.48
CA SER JB 38 56.92 -27.20 13.04
C SER JB 38 55.44 -27.13 13.36
N PHE JB 39 54.60 -27.52 12.40
CA PHE JB 39 53.16 -27.45 12.54
C PHE JB 39 52.59 -28.85 12.68
N ALA JB 40 51.29 -28.90 13.00
CA ALA JB 40 50.58 -30.16 13.13
C ALA JB 40 49.09 -29.89 12.98
N ASP JB 41 48.46 -30.59 12.03
CA ASP JB 41 47.04 -30.39 11.79
C ASP JB 41 46.21 -30.90 12.97
N MET JB 42 44.99 -30.38 13.08
CA MET JB 42 44.08 -30.76 14.15
C MET JB 42 42.77 -31.28 13.54
N PHE JB 43 42.19 -32.27 14.21
CA PHE JB 43 40.91 -32.86 13.80
C PHE JB 43 40.08 -33.10 15.04
N ALA JB 44 39.03 -32.30 15.23
CA ALA JB 44 38.17 -32.47 16.40
C ALA JB 44 37.27 -33.68 16.24
N GLY JB 45 36.42 -33.67 15.22
CA GLY JB 45 35.54 -34.79 14.97
C GLY JB 45 36.05 -35.65 13.83
N SER JB 46 35.42 -35.54 12.66
CA SER JB 46 35.86 -36.27 11.49
C SER JB 46 35.31 -35.59 10.26
N LYS JB 47 35.88 -35.94 9.10
CA LYS JB 47 35.47 -35.51 7.77
C LYS JB 47 35.72 -34.03 7.50
N VAL JB 48 36.18 -33.26 8.50
CA VAL JB 48 36.43 -31.84 8.32
C VAL JB 48 37.65 -31.45 9.14
N GLY JB 49 38.42 -30.50 8.63
CA GLY JB 49 39.58 -30.00 9.34
C GLY JB 49 39.25 -28.76 10.16
N LEU JB 50 40.12 -28.47 11.14
CA LEU JB 50 39.92 -27.33 12.01
C LEU JB 50 41.15 -26.44 12.09
N GLY JB 51 42.04 -26.50 11.11
CA GLY JB 51 43.18 -25.62 11.09
C GLY JB 51 44.49 -26.30 11.43
N VAL JB 52 45.44 -25.54 11.99
CA VAL JB 52 46.77 -26.04 12.28
C VAL JB 52 47.11 -25.75 13.74
N LYS JB 53 48.09 -26.48 14.24
CA LYS JB 53 48.65 -26.26 15.57
C LYS JB 53 50.13 -25.96 15.44
N VAL JB 54 50.62 -25.03 16.25
CA VAL JB 54 52.04 -24.72 16.30
C VAL JB 54 52.67 -25.66 17.31
N ALA JB 55 53.41 -26.66 16.81
CA ALA JB 55 54.03 -27.65 17.68
C ALA JB 55 55.22 -27.11 18.44
N GLY JB 56 55.50 -25.82 18.33
CA GLY JB 56 56.66 -25.23 19.00
C GLY JB 56 57.90 -25.31 18.15
N ILE JB 57 58.72 -24.26 18.25
CA ILE JB 57 59.94 -24.22 17.46
C ILE JB 57 60.95 -25.21 18.02
N THR JB 58 61.93 -25.57 17.18
CA THR JB 58 62.99 -26.47 17.57
C THR JB 58 64.33 -25.87 17.20
N GLN JB 59 65.37 -26.25 17.94
CA GLN JB 59 66.71 -25.70 17.77
C GLN JB 59 67.58 -26.71 17.02
N ASP JB 60 68.31 -26.23 16.04
CA ASP JB 60 69.29 -27.05 15.31
C ASP JB 60 70.65 -26.80 15.94
N PHE JB 61 71.18 -27.81 16.65
CA PHE JB 61 72.43 -27.68 17.38
C PHE JB 61 73.65 -28.06 16.57
N THR JB 62 73.59 -27.94 15.24
CA THR JB 62 74.74 -28.21 14.41
C THR JB 62 75.86 -27.22 14.73
N ASP JB 63 77.07 -27.73 14.93
CA ASP JB 63 78.20 -26.88 15.24
C ASP JB 63 78.55 -25.99 14.05
N GLY JB 64 78.85 -24.72 14.33
CA GLY JB 64 79.17 -23.77 13.30
C GLY JB 64 80.64 -23.81 12.90
N THR JB 65 80.97 -23.03 11.88
CA THR JB 65 82.34 -22.98 11.38
C THR JB 65 83.26 -22.33 12.41
N THR JB 66 84.41 -22.96 12.64
CA THR JB 66 85.39 -22.41 13.56
C THR JB 66 86.06 -21.18 12.96
N THR JB 67 86.30 -20.18 13.80
CA THR JB 67 86.94 -18.93 13.38
C THR JB 67 88.12 -18.63 14.29
N ASN JB 68 89.29 -18.46 13.71
CA ASN JB 68 90.50 -18.12 14.46
C ASN JB 68 90.56 -16.60 14.68
N THR JB 69 89.65 -16.13 15.53
CA THR JB 69 89.52 -14.69 15.76
C THR JB 69 90.79 -14.12 16.39
N GLY JB 70 91.37 -14.81 17.36
CA GLY JB 70 92.53 -14.34 18.08
C GLY JB 70 92.32 -14.40 19.58
N ARG JB 71 92.96 -13.46 20.29
CA ARG JB 71 92.88 -13.37 21.74
C ARG JB 71 93.32 -14.66 22.42
N GLY JB 72 93.13 -14.74 23.72
CA GLY JB 72 93.45 -15.96 24.45
C GLY JB 72 92.29 -16.47 25.29
N LEU JB 73 91.35 -15.58 25.59
CA LEU JB 73 90.20 -15.93 26.42
C LEU JB 73 88.98 -16.25 25.55
N ASP JB 74 89.15 -17.24 24.68
CA ASP JB 74 88.04 -17.67 23.83
C ASP JB 74 88.27 -19.12 23.42
N VAL JB 75 87.35 -20.00 23.79
CA VAL JB 75 87.42 -21.41 23.47
C VAL JB 75 86.10 -21.84 22.84
N ALA JB 76 86.19 -22.63 21.77
CA ALA JB 76 85.03 -23.10 21.04
C ALA JB 76 84.98 -24.62 21.09
N ILE JB 77 83.80 -25.16 21.36
CA ILE JB 77 83.61 -26.60 21.44
C ILE JB 77 83.44 -27.16 20.03
N SER JB 78 84.27 -28.13 19.67
CA SER JB 78 84.25 -28.68 18.33
C SER JB 78 83.25 -29.81 18.15
N GLN JB 79 82.63 -30.29 19.23
CA GLN JB 79 81.66 -31.37 19.15
C GLN JB 79 80.55 -31.07 20.15
N ASN JB 80 79.74 -32.07 20.47
CA ASN JB 80 78.66 -31.89 21.43
C ASN JB 80 79.22 -31.49 22.79
N GLY JB 81 78.62 -30.48 23.39
CA GLY JB 81 79.04 -29.99 24.69
C GLY JB 81 78.71 -28.51 24.86
N PHE JB 82 78.39 -28.15 26.11
CA PHE JB 82 78.07 -26.77 26.46
C PHE JB 82 78.81 -26.39 27.72
N PHE JB 83 79.08 -25.09 27.86
CA PHE JB 83 79.64 -24.58 29.10
C PHE JB 83 78.54 -24.46 30.16
N ARG JB 84 78.96 -24.37 31.41
CA ARG JB 84 78.05 -24.20 32.53
C ARG JB 84 78.26 -22.83 33.16
N LEU JB 85 77.16 -22.18 33.54
CA LEU JB 85 77.20 -20.82 34.04
C LEU JB 85 76.45 -20.74 35.36
N VAL JB 86 76.77 -19.72 36.14
CA VAL JB 86 76.11 -19.45 37.43
C VAL JB 86 75.79 -17.97 37.49
N ASP JB 87 74.64 -17.65 38.07
CA ASP JB 87 74.21 -16.27 38.26
C ASP JB 87 74.54 -15.79 39.66
N SER JB 88 74.40 -14.48 39.86
CA SER JB 88 74.64 -13.90 41.18
C SER JB 88 73.65 -14.44 42.21
N ASN JB 89 72.40 -14.62 41.80
CA ASN JB 89 71.38 -15.15 42.70
C ASN JB 89 71.43 -16.67 42.84
N GLY JB 90 72.34 -17.33 42.13
CA GLY JB 90 72.46 -18.77 42.19
C GLY JB 90 71.85 -19.51 41.02
N SER JB 91 71.24 -18.82 40.08
CA SER JB 91 70.71 -19.46 38.89
C SER JB 91 71.84 -20.01 38.03
N VAL JB 92 71.59 -21.16 37.41
CA VAL JB 92 72.59 -21.85 36.60
C VAL JB 92 72.04 -21.98 35.18
N PHE JB 93 72.78 -21.44 34.22
CA PHE JB 93 72.45 -21.51 32.81
C PHE JB 93 73.57 -22.19 32.05
N TYR JB 94 73.33 -22.47 30.77
CA TYR JB 94 74.30 -23.12 29.91
C TYR JB 94 74.43 -22.32 28.63
N SER JB 95 75.67 -22.07 28.20
CA SER JB 95 75.95 -21.28 27.01
C SER JB 95 76.70 -22.12 25.99
N ARG JB 96 77.04 -21.50 24.87
CA ARG JB 96 77.75 -22.18 23.80
C ARG JB 96 78.92 -21.33 23.31
N ASN JB 97 78.83 -20.02 23.46
CA ASN JB 97 79.85 -19.12 22.94
C ASN JB 97 81.08 -19.13 23.85
N GLY JB 98 82.15 -18.53 23.35
CA GLY JB 98 83.41 -18.49 24.09
C GLY JB 98 83.88 -17.09 24.40
N GLN JB 99 82.99 -16.11 24.36
CA GLN JB 99 83.36 -14.74 24.69
C GLN JB 99 83.60 -14.62 26.19
N PHE JB 100 84.84 -14.75 26.61
CA PHE JB 100 85.21 -14.75 28.02
C PHE JB 100 86.03 -13.52 28.36
N LYS JB 101 85.81 -12.99 29.56
CA LYS JB 101 86.54 -11.83 30.03
C LYS JB 101 86.68 -11.92 31.54
N LEU JB 102 87.60 -11.12 32.06
CA LEU JB 102 87.78 -11.00 33.50
C LEU JB 102 86.84 -9.94 34.06
N ASP JB 103 86.45 -10.13 35.31
CA ASP JB 103 85.59 -9.19 36.00
C ASP JB 103 86.45 -8.20 36.77
N GLU JB 104 85.80 -7.33 37.56
CA GLU JB 104 86.56 -6.37 38.37
C GLU JB 104 87.39 -7.09 39.42
N ASN JB 105 86.87 -8.17 39.99
CA ASN JB 105 87.54 -8.92 41.05
C ASN JB 105 88.20 -10.19 40.53
N ARG JB 106 88.69 -10.17 39.29
CA ARG JB 106 89.45 -11.28 38.71
C ARG JB 106 88.62 -12.56 38.65
N ASN JB 107 87.45 -12.47 38.02
CA ASN JB 107 86.57 -13.61 37.85
C ASN JB 107 86.25 -13.79 36.37
N LEU JB 108 86.35 -15.02 35.88
CA LEU JB 108 86.00 -15.31 34.50
C LEU JB 108 84.50 -15.17 34.31
N VAL JB 109 84.10 -14.44 33.27
CA VAL JB 109 82.71 -14.09 33.06
C VAL JB 109 82.52 -13.77 31.59
N ASN JB 110 81.32 -14.05 31.08
CA ASN JB 110 80.99 -13.75 29.70
C ASN JB 110 80.64 -12.27 29.56
N MET JB 111 80.15 -11.88 28.38
CA MET JB 111 79.87 -10.47 28.13
C MET JB 111 78.62 -9.97 28.85
N GLN JB 112 77.75 -10.88 29.31
CA GLN JB 112 76.49 -10.49 29.91
C GLN JB 112 76.53 -10.46 31.44
N GLY JB 113 77.70 -10.61 32.04
CA GLY JB 113 77.81 -10.63 33.48
C GLY JB 113 77.47 -11.94 34.15
N MET JB 114 77.36 -13.03 33.39
CA MET JB 114 77.05 -14.34 33.93
C MET JB 114 78.34 -15.04 34.33
N GLN JB 115 78.49 -15.34 35.61
CA GLN JB 115 79.73 -15.87 36.14
C GLN JB 115 79.99 -17.28 35.62
N LEU JB 116 81.21 -17.53 35.18
CA LEU JB 116 81.59 -18.84 34.68
C LEU JB 116 81.77 -19.82 35.84
N THR JB 117 81.64 -21.10 35.52
CA THR JB 117 81.84 -22.17 36.50
C THR JB 117 82.99 -23.06 36.05
N GLY JB 118 83.47 -23.88 36.98
CA GLY JB 118 84.56 -24.78 36.66
C GLY JB 118 84.92 -25.64 37.86
N TYR JB 119 85.94 -26.46 37.66
CA TYR JB 119 86.42 -27.34 38.72
C TYR JB 119 87.18 -26.54 39.77
N PRO JB 120 86.80 -26.62 41.04
CA PRO JB 120 87.60 -25.96 42.09
C PRO JB 120 88.98 -26.60 42.19
N ALA JB 121 89.97 -25.76 42.48
CA ALA JB 121 91.36 -26.20 42.57
C ALA JB 121 91.80 -26.15 44.01
N THR JB 122 92.27 -27.29 44.54
CA THR JB 122 92.75 -27.38 45.91
C THR JB 122 93.97 -28.29 45.94
N GLY JB 123 94.81 -28.07 46.94
CA GLY JB 123 96.00 -28.87 47.15
C GLY JB 123 97.26 -28.04 47.18
N THR JB 124 98.35 -28.70 47.55
CA THR JB 124 99.69 -28.10 47.59
C THR JB 124 100.66 -29.04 46.90
N PRO JB 125 100.89 -28.88 45.59
CA PRO JB 125 100.30 -27.88 44.70
C PRO JB 125 98.84 -28.17 44.37
N PRO JB 126 98.06 -27.13 44.07
CA PRO JB 126 96.64 -27.34 43.78
C PRO JB 126 96.45 -28.23 42.56
N THR JB 127 95.42 -29.06 42.62
CA THR JB 127 95.07 -29.95 41.53
C THR JB 127 93.60 -29.79 41.18
N ILE JB 128 93.08 -30.67 40.33
CA ILE JB 128 91.68 -30.63 39.90
C ILE JB 128 90.97 -31.86 40.46
N GLN JB 129 89.86 -31.62 41.15
CA GLN JB 129 89.06 -32.69 41.73
C GLN JB 129 87.88 -32.98 40.80
N GLN JB 130 87.82 -34.21 40.30
CA GLN JB 130 86.77 -34.59 39.35
C GLN JB 130 85.41 -34.74 40.02
N GLY JB 131 85.37 -34.98 41.33
CA GLY JB 131 84.11 -35.20 42.01
C GLY JB 131 83.67 -34.05 42.88
N ALA JB 132 84.50 -33.01 42.97
CA ALA JB 132 84.16 -31.87 43.80
C ALA JB 132 83.02 -31.06 43.19
N ASN JB 133 82.31 -30.34 44.05
CA ASN JB 133 81.22 -29.51 43.59
C ASN JB 133 81.76 -28.38 42.72
N PRO JB 134 81.22 -28.18 41.51
CA PRO JB 134 81.71 -27.08 40.67
C PRO JB 134 81.52 -25.73 41.35
N ALA JB 135 82.51 -24.86 41.15
CA ALA JB 135 82.53 -23.54 41.76
C ALA JB 135 83.05 -22.54 40.74
N PRO JB 136 82.73 -21.26 40.92
CA PRO JB 136 83.26 -20.24 40.00
C PRO JB 136 84.79 -20.24 39.99
N ILE JB 137 85.35 -20.04 38.80
CA ILE JB 137 86.79 -20.02 38.61
C ILE JB 137 87.28 -18.58 38.70
N THR JB 138 88.33 -18.36 39.50
CA THR JB 138 88.89 -17.03 39.70
C THR JB 138 90.38 -17.06 39.40
N ILE JB 139 90.94 -15.89 39.10
CA ILE JB 139 92.36 -15.75 38.84
C ILE JB 139 92.93 -14.67 39.76
N PRO JB 140 93.09 -14.94 41.05
CA PRO JB 140 93.68 -13.93 41.94
C PRO JB 140 95.14 -13.68 41.60
N ASN JB 141 95.59 -12.46 41.91
CA ASN JB 141 96.94 -12.02 41.63
C ASN JB 141 97.87 -12.17 42.83
N THR JB 142 97.41 -12.82 43.90
CA THR JB 142 98.23 -12.97 45.09
C THR JB 142 99.48 -13.80 44.78
N LEU JB 143 100.60 -13.40 45.38
CA LEU JB 143 101.88 -14.04 45.13
C LEU JB 143 102.02 -15.27 45.99
N MET JB 144 102.61 -16.32 45.43
CA MET JB 144 102.90 -17.53 46.18
C MET JB 144 104.17 -17.35 47.01
N ALA JB 145 104.17 -17.90 48.22
CA ALA JB 145 105.29 -17.75 49.12
C ALA JB 145 106.40 -18.74 48.78
N ALA JB 146 107.44 -18.75 49.59
CA ALA JB 146 108.57 -19.65 49.37
C ALA JB 146 108.15 -21.09 49.60
N LYS JB 147 108.73 -21.99 48.81
CA LYS JB 147 108.45 -23.42 48.90
C LYS JB 147 109.72 -24.13 49.35
N SER JB 148 109.64 -24.85 50.46
CA SER JB 148 110.83 -25.49 51.03
C SER JB 148 111.27 -26.66 50.17
N THR JB 149 112.59 -26.86 50.08
CA THR JB 149 113.13 -27.97 49.32
C THR JB 149 113.03 -29.25 50.15
N THR JB 150 112.41 -30.27 49.58
CA THR JB 150 112.24 -31.54 50.27
C THR JB 150 112.76 -32.73 49.48
N THR JB 151 112.62 -32.72 48.16
CA THR JB 151 113.00 -33.86 47.32
C THR JB 151 113.89 -33.36 46.20
N ALA JB 152 115.05 -34.01 46.03
CA ALA JB 152 116.00 -33.66 44.99
C ALA JB 152 116.51 -34.93 44.32
N SER JB 153 116.92 -34.79 43.07
CA SER JB 153 117.45 -35.90 42.29
C SER JB 153 118.61 -35.42 41.44
N MET JB 154 119.55 -36.34 41.18
CA MET JB 154 120.72 -36.03 40.37
C MET JB 154 121.36 -37.33 39.92
N GLN JB 155 121.64 -37.44 38.63
CA GLN JB 155 122.32 -38.59 38.06
C GLN JB 155 123.64 -38.14 37.45
N ILE JB 156 124.72 -38.85 37.77
CA ILE JB 156 126.06 -38.49 37.32
C ILE JB 156 126.67 -39.70 36.64
N ASN JB 157 127.25 -39.48 35.45
CA ASN JB 157 127.94 -40.53 34.72
C ASN JB 157 129.39 -40.61 35.19
N LEU JB 158 129.88 -41.83 35.38
CA LEU JB 158 131.21 -42.07 35.91
C LEU JB 158 132.11 -42.72 34.88
N ASN JB 159 133.41 -42.61 35.10
CA ASN JB 159 134.43 -43.12 34.19
C ASN JB 159 135.21 -44.24 34.88
N SER JB 160 135.52 -45.29 34.13
CA SER JB 160 136.19 -46.47 34.66
C SER JB 160 137.71 -46.44 34.51
N THR JB 161 138.26 -45.43 33.82
CA THR JB 161 139.69 -45.31 33.64
C THR JB 161 140.26 -44.04 34.27
N ASP JB 162 139.60 -43.55 35.31
CA ASP JB 162 140.07 -42.36 36.02
C ASP JB 162 141.03 -42.76 37.14
N PRO JB 163 142.27 -42.30 37.13
CA PRO JB 163 143.22 -42.70 38.17
C PRO JB 163 142.84 -42.14 39.54
N VAL JB 164 143.30 -42.84 40.56
CA VAL JB 164 143.08 -42.41 41.96
C VAL JB 164 143.83 -41.10 42.19
N PRO JB 165 143.25 -40.14 42.90
CA PRO JB 165 143.98 -38.89 43.17
C PRO JB 165 145.28 -39.12 43.90
N SER JB 166 146.31 -38.38 43.49
CA SER JB 166 147.62 -38.54 44.11
C SER JB 166 147.66 -37.90 45.50
N LYS JB 167 147.03 -36.74 45.66
CA LYS JB 167 146.97 -36.06 46.96
C LYS JB 167 145.79 -36.64 47.73
N THR JB 168 146.08 -37.65 48.55
CA THR JB 168 145.02 -38.39 49.24
C THR JB 168 144.18 -37.54 50.18
N PRO JB 169 144.73 -36.68 51.04
CA PRO JB 169 143.86 -35.92 51.96
C PRO JB 169 142.87 -35.06 51.20
N PHE JB 170 141.64 -34.99 51.73
CA PHE JB 170 140.58 -34.27 51.05
C PHE JB 170 140.72 -32.77 51.27
N SER JB 171 140.66 -32.01 50.18
CA SER JB 171 140.78 -30.57 50.23
C SER JB 171 139.66 -29.94 49.42
N VAL JB 172 139.22 -28.77 49.87
CA VAL JB 172 138.13 -28.07 49.20
C VAL JB 172 138.64 -27.10 48.13
N SER JB 173 139.82 -26.50 48.34
CA SER JB 173 140.38 -25.55 47.40
C SER JB 173 141.38 -26.19 46.44
N ASP JB 174 141.54 -27.50 46.50
CA ASP JB 174 142.49 -28.21 45.65
C ASP JB 174 141.73 -28.94 44.54
N ALA JB 175 142.16 -28.73 43.30
CA ALA JB 175 141.43 -29.29 42.16
C ALA JB 175 141.50 -30.82 42.15
N ASP JB 176 142.70 -31.37 42.28
CA ASP JB 176 142.89 -32.81 42.19
C ASP JB 176 142.64 -33.54 43.50
N SER JB 177 142.34 -32.82 44.58
CA SER JB 177 141.93 -33.48 45.82
C SER JB 177 140.63 -34.24 45.67
N TYR JB 178 139.77 -33.82 44.75
CA TYR JB 178 138.54 -34.53 44.42
C TYR JB 178 138.47 -34.66 42.90
N ASN JB 179 137.40 -35.29 42.42
CA ASN JB 179 137.21 -35.51 40.99
C ASN JB 179 136.19 -34.56 40.38
N LYS JB 180 134.99 -34.47 40.96
CA LYS JB 180 133.90 -33.70 40.39
C LYS JB 180 133.35 -32.72 41.41
N LYS JB 181 133.09 -31.49 40.96
CA LYS JB 181 132.46 -30.45 41.77
C LYS JB 181 131.29 -29.88 41.00
N GLY JB 182 130.17 -29.67 41.70
CA GLY JB 182 129.00 -29.10 41.08
C GLY JB 182 128.29 -28.14 42.02
N THR JB 183 127.41 -27.34 41.43
CA THR JB 183 126.61 -26.37 42.16
C THR JB 183 125.16 -26.85 42.20
N VAL JB 184 124.68 -27.18 43.40
CA VAL JB 184 123.33 -27.69 43.60
C VAL JB 184 122.48 -26.56 44.15
N THR JB 185 121.54 -26.09 43.35
CA THR JB 185 120.68 -24.97 43.74
C THR JB 185 119.49 -25.48 44.53
N VAL JB 186 119.43 -25.13 45.81
CA VAL JB 186 118.32 -25.49 46.67
C VAL JB 186 117.83 -24.23 47.38
N TYR JB 187 116.58 -24.30 47.84
CA TYR JB 187 115.93 -23.17 48.48
C TYR JB 187 115.39 -23.56 49.83
N ASP JB 188 115.43 -22.63 50.77
CA ASP JB 188 114.96 -22.84 52.13
C ASP JB 188 113.50 -22.43 52.22
N SER JB 189 112.99 -22.34 53.45
CA SER JB 189 111.62 -21.90 53.69
C SER JB 189 111.43 -20.41 53.47
N GLN JB 190 112.51 -19.66 53.27
CA GLN JB 190 112.41 -18.22 53.02
C GLN JB 190 112.78 -17.84 51.60
N GLY JB 191 113.08 -18.81 50.74
CA GLY JB 191 113.36 -18.56 49.35
C GLY JB 191 114.81 -18.23 49.03
N ASN JB 192 115.66 -18.15 50.04
CA ASN JB 192 117.07 -17.83 49.80
C ASN JB 192 117.75 -18.93 49.00
N ALA JB 193 118.68 -18.52 48.15
CA ALA JB 193 119.37 -19.43 47.23
C ALA JB 193 120.58 -20.03 47.92
N HIS JB 194 120.55 -21.35 48.14
CA HIS JB 194 121.65 -22.09 48.71
C HIS JB 194 122.25 -22.98 47.62
N ASP JB 195 123.50 -22.73 47.27
CA ASP JB 195 124.21 -23.53 46.28
C ASP JB 195 125.15 -24.49 47.00
N MET JB 196 124.93 -25.79 46.79
CA MET JB 196 125.69 -26.83 47.48
C MET JB 196 126.83 -27.31 46.57
N ASN JB 197 128.03 -27.39 47.14
CA ASN JB 197 129.18 -27.93 46.42
C ASN JB 197 129.35 -29.40 46.82
N VAL JB 198 129.05 -30.30 45.88
CA VAL JB 198 129.17 -31.73 46.10
C VAL JB 198 130.46 -32.20 45.43
N TYR JB 199 131.30 -32.90 46.20
CA TYR JB 199 132.62 -33.31 45.74
C TYR JB 199 132.68 -34.82 45.62
N PHE JB 200 133.25 -35.30 44.51
CA PHE JB 200 133.45 -36.72 44.27
C PHE JB 200 134.93 -37.03 44.35
N VAL JB 201 135.29 -38.07 45.10
CA VAL JB 201 136.67 -38.49 45.25
C VAL JB 201 136.72 -40.01 45.22
N LYS JB 202 137.76 -40.57 44.60
CA LYS JB 202 137.91 -42.01 44.45
C LYS JB 202 138.98 -42.52 45.39
N THR JB 203 138.64 -43.55 46.17
CA THR JB 203 139.55 -44.15 47.14
C THR JB 203 140.07 -45.51 46.71
N LYS JB 204 139.22 -46.34 46.12
CA LYS JB 204 139.62 -47.64 45.60
C LYS JB 204 138.86 -47.89 44.30
N ASP JB 205 138.97 -49.10 43.78
CA ASP JB 205 138.32 -49.43 42.51
C ASP JB 205 136.80 -49.45 42.69
N ASN JB 206 136.10 -48.75 41.80
CA ASN JB 206 134.64 -48.75 41.71
C ASN JB 206 133.97 -48.25 42.98
N GLU JB 207 134.65 -47.45 43.79
CA GLU JB 207 134.07 -46.88 45.00
C GLU JB 207 134.35 -45.39 45.06
N TRP JB 208 133.32 -44.63 45.43
CA TRP JB 208 133.40 -43.17 45.47
C TRP JB 208 132.90 -42.65 46.81
N ALA JB 209 133.51 -41.55 47.26
CA ALA JB 209 133.11 -40.87 48.48
C ALA JB 209 132.58 -39.49 48.13
N VAL JB 210 131.41 -39.15 48.65
CA VAL JB 210 130.72 -37.92 48.31
C VAL JB 210 130.75 -36.98 49.52
N TYR JB 211 130.95 -35.70 49.24
CA TYR JB 211 131.00 -34.66 50.26
C TYR JB 211 129.97 -33.59 49.96
N THR JB 212 129.51 -32.91 51.00
CA THR JB 212 128.56 -31.82 50.87
C THR JB 212 129.14 -30.55 51.47
N HIS JB 213 129.01 -29.45 50.74
CA HIS JB 213 129.51 -28.15 51.19
C HIS JB 213 128.48 -27.08 50.90
N ASP JB 214 128.39 -26.11 51.79
CA ASP JB 214 127.47 -24.98 51.65
C ASP JB 214 128.26 -23.77 51.17
N SER JB 215 127.96 -23.28 49.97
CA SER JB 215 128.69 -22.16 49.39
C SER JB 215 128.03 -20.82 49.70
N SER JB 216 126.69 -20.77 49.70
CA SER JB 216 126.01 -19.51 50.03
C SER JB 216 126.24 -19.10 51.47
N ASP JB 217 126.66 -20.02 52.34
CA ASP JB 217 126.92 -19.72 53.74
C ASP JB 217 128.38 -19.99 54.05
N PRO JB 218 129.24 -18.97 53.99
CA PRO JB 218 130.67 -19.17 54.34
C PRO JB 218 130.88 -19.58 55.79
N ALA JB 219 129.90 -19.31 56.67
CA ALA JB 219 130.04 -19.69 58.07
C ALA JB 219 130.09 -21.19 58.27
N ALA JB 220 129.61 -21.97 57.30
CA ALA JB 220 129.65 -23.42 57.40
C ALA JB 220 131.08 -23.92 57.28
N THR JB 221 131.33 -25.08 57.90
CA THR JB 221 132.66 -25.67 57.89
C THR JB 221 132.88 -26.46 56.61
N ALA JB 222 134.07 -26.31 56.03
CA ALA JB 222 134.40 -27.03 54.82
C ALA JB 222 134.43 -28.54 55.10
N PRO JB 223 133.92 -29.37 54.20
CA PRO JB 223 133.89 -30.82 54.47
C PRO JB 223 135.28 -31.42 54.42
N THR JB 224 135.56 -32.30 55.36
CA THR JB 224 136.80 -33.06 55.40
C THR JB 224 136.56 -34.55 55.51
N THR JB 225 135.56 -34.98 56.27
CA THR JB 225 135.21 -36.38 56.37
C THR JB 225 134.11 -36.73 55.39
N ALA JB 226 134.18 -37.96 54.87
CA ALA JB 226 133.22 -38.39 53.86
C ALA JB 226 131.82 -38.48 54.46
N SER JB 227 130.83 -37.94 53.72
CA SER JB 227 129.46 -37.97 54.21
C SER JB 227 128.87 -39.37 54.12
N THR JB 228 128.78 -39.90 52.90
CA THR JB 228 128.26 -41.25 52.68
C THR JB 228 129.10 -41.93 51.61
N THR JB 229 128.95 -43.25 51.52
CA THR JB 229 129.69 -44.06 50.56
C THR JB 229 128.74 -44.71 49.57
N LEU JB 230 129.15 -44.76 48.31
CA LEU JB 230 128.40 -45.44 47.26
C LEU JB 230 129.28 -46.56 46.69
N LYS JB 231 128.74 -47.77 46.68
CA LYS JB 231 129.46 -48.95 46.18
C LYS JB 231 128.72 -49.48 44.96
N PHE JB 232 129.36 -49.39 43.80
CA PHE JB 232 128.79 -49.93 42.57
C PHE JB 232 129.18 -51.37 42.39
N ASN JB 233 128.28 -52.15 41.79
CA ASN JB 233 128.47 -53.58 41.61
C ASN JB 233 129.47 -53.82 40.48
N GLU JB 234 129.65 -55.09 40.11
CA GLU JB 234 130.58 -55.43 39.04
C GLU JB 234 130.16 -54.85 37.70
N ASN JB 235 128.86 -54.87 37.40
CA ASN JB 235 128.34 -54.35 36.14
C ASN JB 235 128.14 -52.84 36.16
N GLY JB 236 128.40 -52.17 37.29
CA GLY JB 236 128.25 -50.74 37.37
C GLY JB 236 126.86 -50.25 37.69
N ILE JB 237 125.94 -51.14 38.06
CA ILE JB 237 124.57 -50.78 38.40
C ILE JB 237 124.48 -50.69 39.92
N LEU JB 238 124.09 -49.53 40.43
CA LEU JB 238 123.97 -49.34 41.87
C LEU JB 238 122.76 -50.09 42.41
N GLU JB 239 122.87 -50.59 43.64
CA GLU JB 239 121.80 -51.35 44.26
C GLU JB 239 121.15 -50.67 45.45
N SER JB 240 121.91 -49.97 46.28
CA SER JB 240 121.35 -49.34 47.48
C SER JB 240 122.26 -48.23 47.95
N GLY JB 241 121.74 -47.42 48.87
CA GLY JB 241 122.49 -46.33 49.46
C GLY JB 241 122.37 -44.99 48.78
N GLY JB 242 121.38 -44.82 47.90
CA GLY JB 242 121.24 -43.58 47.15
C GLY JB 242 120.55 -42.44 47.84
N THR JB 243 119.88 -42.69 48.97
CA THR JB 243 119.13 -41.65 49.68
C THR JB 243 119.98 -41.12 50.82
N VAL JB 244 120.36 -39.85 50.73
CA VAL JB 244 121.19 -39.19 51.74
C VAL JB 244 120.51 -37.88 52.13
N ASN JB 245 120.47 -37.61 53.43
CA ASN JB 245 119.87 -36.39 53.96
C ASN JB 245 120.94 -35.31 54.09
N ILE JB 246 120.70 -34.16 53.47
CA ILE JB 246 121.63 -33.05 53.49
C ILE JB 246 120.91 -31.82 54.01
N THR JB 247 121.56 -31.09 54.93
CA THR JB 247 120.96 -29.94 55.58
C THR JB 247 121.68 -28.66 55.16
N THR JB 248 120.92 -27.58 55.04
CA THR JB 248 121.47 -26.28 54.67
C THR JB 248 122.02 -25.57 55.90
N GLY JB 249 122.50 -24.34 55.70
CA GLY JB 249 123.00 -23.50 56.77
C GLY JB 249 122.03 -22.37 57.04
N THR JB 250 122.02 -21.89 58.29
CA THR JB 250 121.11 -20.84 58.71
C THR JB 250 121.80 -19.49 58.61
N ILE JB 251 121.17 -18.56 57.89
CA ILE JB 251 121.70 -17.22 57.72
C ILE JB 251 120.55 -16.23 57.81
N ASN JB 252 120.82 -15.08 58.43
CA ASN JB 252 119.88 -13.97 58.49
C ASN JB 252 118.55 -14.38 59.14
N GLY JB 253 118.63 -15.24 60.15
CA GLY JB 253 117.43 -15.68 60.83
C GLY JB 253 116.52 -16.60 60.04
N ALA JB 254 117.06 -17.32 59.08
CA ALA JB 254 116.29 -18.25 58.26
C ALA JB 254 116.54 -19.68 58.73
N THR JB 255 115.46 -20.44 58.90
CA THR JB 255 115.57 -21.81 59.35
C THR JB 255 116.27 -22.67 58.30
N ALA JB 256 117.09 -23.61 58.77
CA ALA JB 256 117.81 -24.50 57.86
C ALA JB 256 116.84 -25.42 57.14
N ALA JB 257 117.19 -25.76 55.90
CA ALA JB 257 116.36 -26.60 55.05
C ALA JB 257 116.94 -28.00 54.99
N THR JB 258 116.09 -29.00 55.17
CA THR JB 258 116.48 -30.40 55.12
C THR JB 258 115.83 -31.07 53.92
N PHE JB 259 116.64 -31.69 53.07
CA PHE JB 259 116.15 -32.39 51.89
C PHE JB 259 116.89 -33.70 51.73
N SER JB 260 116.23 -34.66 51.09
CA SER JB 260 116.78 -35.98 50.84
C SER JB 260 117.26 -36.06 49.40
N LEU JB 261 118.56 -36.34 49.22
CA LEU JB 261 119.17 -36.38 47.91
C LEU JB 261 119.22 -37.83 47.43
N SER JB 262 118.83 -38.05 46.18
CA SER JB 262 118.74 -39.38 45.60
C SER JB 262 119.77 -39.53 44.48
N PHE JB 263 120.61 -40.55 44.59
CA PHE JB 263 121.58 -40.90 43.54
C PHE JB 263 121.09 -42.09 42.70
N LEU JB 264 119.78 -42.24 42.57
CA LEU JB 264 119.22 -43.37 41.86
C LEU JB 264 119.53 -43.29 40.37
N ASN JB 265 119.54 -44.46 39.72
CA ASN JB 265 119.77 -44.58 38.28
C ASN JB 265 121.16 -44.04 37.90
N SER JB 266 122.18 -44.69 38.44
CA SER JB 266 123.57 -44.33 38.18
C SER JB 266 124.27 -45.45 37.43
N MET JB 267 125.19 -45.08 36.55
CA MET JB 267 125.94 -46.03 35.73
C MET JB 267 127.43 -45.78 35.89
N GLN JB 268 128.23 -46.80 35.57
CA GLN JB 268 129.67 -46.73 35.76
C GLN JB 268 130.47 -47.03 34.50
N GLN JB 269 129.83 -47.36 33.39
CA GLN JB 269 130.57 -47.71 32.17
C GLN JB 269 131.39 -46.53 31.68
N ASN JB 270 132.47 -46.82 30.97
CA ASN JB 270 133.41 -45.79 30.53
C ASN JB 270 132.75 -44.83 29.54
N THR JB 271 132.47 -43.62 30.00
CA THR JB 271 131.88 -42.58 29.17
C THR JB 271 132.88 -41.50 28.78
N GLY JB 272 134.16 -41.72 29.06
CA GLY JB 272 135.20 -40.77 28.70
C GLY JB 272 135.48 -39.72 29.76
N ALA JB 273 134.56 -38.77 29.92
CA ALA JB 273 134.74 -37.68 30.87
C ALA JB 273 133.45 -37.45 31.63
N ASN JB 274 133.59 -36.90 32.84
CA ASN JB 274 132.44 -36.62 33.69
C ASN JB 274 131.64 -35.45 33.13
N ASN JB 275 130.32 -35.62 33.10
CA ASN JB 275 129.43 -34.59 32.59
C ASN JB 275 128.12 -34.63 33.37
N ILE JB 276 127.42 -33.50 33.40
CA ILE JB 276 126.16 -33.37 34.11
C ILE JB 276 125.03 -33.29 33.08
N VAL JB 277 124.03 -34.15 33.24
CA VAL JB 277 122.91 -34.19 32.31
C VAL JB 277 121.56 -34.03 33.00
N ALA JB 278 121.44 -34.36 34.29
CA ALA JB 278 120.15 -34.31 34.97
C ALA JB 278 120.33 -33.67 36.34
N THR JB 279 119.66 -32.54 36.56
CA THR JB 279 119.66 -31.86 37.84
C THR JB 279 118.32 -31.14 38.01
N ASN JB 280 117.73 -31.29 39.20
CA ASN JB 280 116.42 -30.69 39.45
C ASN JB 280 116.21 -30.55 40.94
N GLN JB 281 115.31 -29.66 41.31
CA GLN JB 281 114.90 -29.47 42.70
C GLN JB 281 113.40 -29.22 42.76
N ASN JB 282 112.78 -29.62 43.86
CA ASN JB 282 111.35 -29.46 44.05
C ASN JB 282 110.98 -28.17 44.77
N GLY JB 283 111.97 -27.39 45.20
CA GLY JB 283 111.73 -26.13 45.89
C GLY JB 283 112.07 -24.95 45.00
N TYR JB 284 111.21 -23.95 45.00
CA TYR JB 284 111.38 -22.77 44.18
C TYR JB 284 111.14 -21.51 45.00
N LYS JB 285 111.79 -20.43 44.58
CA LYS JB 285 111.65 -19.15 45.25
C LYS JB 285 110.24 -18.59 45.03
N PRO JB 286 109.78 -17.73 45.94
CA PRO JB 286 108.45 -17.11 45.74
C PRO JB 286 108.42 -16.29 44.46
N GLY JB 287 107.27 -16.32 43.79
CA GLY JB 287 107.11 -15.64 42.51
C GLY JB 287 105.76 -14.95 42.43
N ASP JB 288 105.58 -14.21 41.34
CA ASP JB 288 104.37 -13.44 41.10
C ASP JB 288 103.75 -13.84 39.78
N LEU JB 289 102.42 -13.70 39.70
CA LEU JB 289 101.69 -14.03 38.49
C LEU JB 289 102.09 -13.12 37.34
N VAL JB 290 102.31 -13.71 36.17
CA VAL JB 290 102.71 -12.98 34.97
C VAL JB 290 101.61 -13.03 33.92
N SER JB 291 101.26 -14.23 33.46
CA SER JB 291 100.24 -14.40 32.44
C SER JB 291 99.55 -15.74 32.65
N TYR JB 292 98.36 -15.87 32.09
CA TYR JB 292 97.55 -17.08 32.22
C TYR JB 292 97.00 -17.47 30.86
N GLN JB 293 96.71 -18.76 30.71
CA GLN JB 293 96.18 -19.30 29.47
C GLN JB 293 95.41 -20.58 29.77
N ILE JB 294 94.60 -21.00 28.81
CA ILE JB 294 93.78 -22.20 28.92
C ILE JB 294 94.30 -23.22 27.92
N ASN JB 295 94.46 -24.46 28.36
CA ASN JB 295 94.92 -25.53 27.49
C ASN JB 295 93.73 -26.19 26.79
N ASN JB 296 94.04 -26.98 25.77
CA ASN JB 296 93.01 -27.68 25.01
C ASN JB 296 92.27 -28.70 25.86
N ASP JB 297 92.87 -29.17 26.96
CA ASP JB 297 92.18 -30.09 27.85
C ASP JB 297 91.14 -29.40 28.72
N GLY JB 298 91.14 -28.07 28.77
CA GLY JB 298 90.16 -27.33 29.53
C GLY JB 298 90.66 -26.76 30.84
N THR JB 299 91.82 -27.17 31.32
CA THR JB 299 92.34 -26.61 32.55
C THR JB 299 92.92 -25.22 32.29
N VAL JB 300 93.08 -24.45 33.36
CA VAL JB 300 93.67 -23.11 33.29
C VAL JB 300 95.05 -23.17 33.94
N VAL JB 301 96.07 -22.79 33.19
CA VAL JB 301 97.46 -22.81 33.64
C VAL JB 301 98.01 -21.39 33.56
N GLY JB 302 98.55 -20.91 34.68
CA GLY JB 302 99.09 -19.56 34.76
C GLY JB 302 100.60 -19.60 34.91
N ASN JB 303 101.28 -18.72 34.17
CA ASN JB 303 102.73 -18.61 34.25
C ASN JB 303 103.13 -17.79 35.48
N TYR JB 304 104.39 -17.92 35.86
CA TYR JB 304 104.95 -17.16 36.98
C TYR JB 304 106.36 -16.73 36.66
N SER JB 305 106.85 -15.76 37.43
CA SER JB 305 108.15 -15.17 37.18
C SER JB 305 109.31 -16.11 37.43
N ASN JB 306 109.08 -17.25 38.08
CA ASN JB 306 110.14 -18.15 38.50
C ASN JB 306 109.99 -19.53 37.89
N GLU JB 307 109.57 -19.59 36.62
CA GLU JB 307 109.45 -20.85 35.89
C GLU JB 307 108.56 -21.85 36.62
N GLN JB 308 107.40 -21.38 37.08
CA GLN JB 308 106.45 -22.22 37.79
C GLN JB 308 105.08 -22.16 37.11
N GLU JB 309 104.43 -23.31 37.02
CA GLU JB 309 103.11 -23.44 36.42
C GLU JB 309 102.12 -23.89 37.48
N GLN JB 310 101.00 -23.19 37.57
CA GLN JB 310 99.93 -23.52 38.51
C GLN JB 310 98.62 -23.69 37.77
N VAL JB 311 97.77 -24.57 38.28
CA VAL JB 311 96.46 -24.84 37.70
C VAL JB 311 95.40 -24.31 38.65
N LEU JB 312 94.48 -23.50 38.13
CA LEU JB 312 93.41 -22.90 38.91
C LEU JB 312 92.07 -23.59 38.68
N GLY JB 313 92.06 -24.76 38.05
CA GLY JB 313 90.85 -25.51 37.81
C GLY JB 313 90.71 -25.91 36.36
N GLN JB 314 89.63 -26.62 36.07
CA GLN JB 314 89.32 -27.04 34.71
C GLN JB 314 87.88 -26.67 34.39
N ILE JB 315 87.66 -26.26 33.14
CA ILE JB 315 86.31 -25.86 32.72
C ILE JB 315 85.44 -27.09 32.58
N VAL JB 316 84.23 -27.02 33.09
CA VAL JB 316 83.28 -28.12 33.02
C VAL JB 316 82.48 -27.99 31.72
N LEU JB 317 82.05 -29.13 31.20
CA LEU JB 317 81.18 -29.18 30.04
C LEU JB 317 79.87 -29.84 30.41
N ALA JB 318 78.80 -29.45 29.72
CA ALA JB 318 77.46 -29.94 30.01
C ALA JB 318 76.90 -30.66 28.80
N ASN JB 319 76.47 -31.90 29.02
CA ASN JB 319 75.76 -32.67 28.00
C ASN JB 319 74.40 -33.09 28.55
N PHE JB 320 73.37 -32.94 27.73
CA PHE JB 320 72.02 -33.31 28.12
C PHE JB 320 71.64 -34.63 27.45
N ALA JB 321 70.87 -35.43 28.17
CA ALA JB 321 70.35 -36.68 27.61
C ALA JB 321 69.40 -36.41 26.45
N ASN JB 322 68.79 -35.24 26.40
CA ASN JB 322 67.86 -34.89 25.33
C ASN JB 322 67.95 -33.41 25.06
N ASN JB 323 68.32 -33.05 23.82
CA ASN JB 323 68.38 -31.65 23.42
C ASN JB 323 66.97 -31.17 23.08
N GLU JB 324 66.87 -29.99 22.47
CA GLU JB 324 65.61 -29.36 22.08
C GLU JB 324 64.68 -29.12 23.26
N GLY JB 325 65.17 -29.24 24.48
CA GLY JB 325 64.37 -28.95 25.65
C GLY JB 325 64.91 -27.78 26.42
N LEU JB 326 66.07 -27.27 25.99
CA LEU JB 326 66.72 -26.14 26.65
C LEU JB 326 65.97 -24.87 26.29
N ALA JB 327 65.15 -24.38 27.22
CA ALA JB 327 64.37 -23.18 26.95
C ALA JB 327 65.29 -21.98 26.80
N SER JB 328 65.07 -21.19 25.74
CA SER JB 328 65.86 -20.00 25.52
C SER JB 328 65.57 -18.98 26.62
N GLN JB 329 66.63 -18.34 27.11
CA GLN JB 329 66.53 -17.38 28.20
C GLN JB 329 67.27 -16.10 27.79
N GLY JB 330 66.54 -15.21 27.12
CA GLY JB 330 67.10 -13.91 26.78
C GLY JB 330 68.36 -13.99 25.97
N ASP JB 331 69.49 -13.67 26.60
CA ASP JB 331 70.79 -13.72 25.94
C ASP JB 331 71.16 -15.15 25.57
N ASN JB 332 72.32 -15.35 24.97
CA ASN JB 332 72.69 -16.65 24.43
C ASN JB 332 73.02 -17.63 25.55
N VAL JB 333 72.02 -17.99 26.35
CA VAL JB 333 72.14 -18.99 27.39
C VAL JB 333 70.91 -19.89 27.35
N TRP JB 334 71.02 -21.06 27.98
CA TRP JB 334 69.92 -21.99 28.06
C TRP JB 334 69.76 -22.48 29.49
N ALA JB 335 68.51 -22.76 29.87
CA ALA JB 335 68.17 -23.20 31.21
C ALA JB 335 67.58 -24.61 31.14
N ALA JB 336 68.14 -25.52 31.92
CA ALA JB 336 67.64 -26.89 31.94
C ALA JB 336 66.26 -26.93 32.58
N THR JB 337 65.44 -27.87 32.11
CA THR JB 337 64.08 -28.04 32.61
C THR JB 337 63.63 -29.46 32.31
N GLN JB 338 62.33 -29.70 32.42
CA GLN JB 338 61.77 -31.00 32.09
C GLN JB 338 61.95 -31.30 30.60
N ALA JB 339 61.93 -32.59 30.28
CA ALA JB 339 62.12 -33.08 28.92
C ALA JB 339 63.47 -32.70 28.34
N SER JB 340 64.44 -32.40 29.22
CA SER JB 340 65.79 -32.05 28.78
C SER JB 340 66.89 -32.81 29.51
N GLY JB 341 66.57 -33.53 30.59
CA GLY JB 341 67.55 -34.29 31.32
C GLY JB 341 68.29 -33.46 32.35
N VAL JB 342 69.09 -34.15 33.16
CA VAL JB 342 69.89 -33.52 34.20
C VAL JB 342 71.08 -32.82 33.54
N ALA JB 343 71.80 -32.00 34.32
CA ALA JB 343 72.95 -31.28 33.78
C ALA JB 343 74.00 -32.25 33.26
N LEU JB 344 74.30 -33.29 34.04
CA LEU JB 344 75.26 -34.33 33.66
C LEU JB 344 76.62 -33.72 33.30
N LEU JB 345 77.23 -33.11 34.32
CA LEU JB 345 78.53 -32.49 34.15
C LEU JB 345 79.56 -33.54 33.74
N GLY JB 346 80.64 -33.06 33.13
CA GLY JB 346 81.69 -33.96 32.66
C GLY JB 346 82.99 -33.22 32.46
N THR JB 347 83.84 -33.83 31.65
CA THR JB 347 85.16 -33.28 31.32
C THR JB 347 85.39 -33.39 29.82
N ALA JB 348 86.13 -32.41 29.29
CA ALA JB 348 86.41 -32.36 27.85
C ALA JB 348 87.42 -33.41 27.41
N GLY JB 349 88.02 -34.15 28.35
CA GLY JB 349 89.05 -35.11 28.02
C GLY JB 349 88.65 -36.15 26.98
N SER JB 350 87.71 -37.02 27.33
CA SER JB 350 87.27 -38.06 26.42
C SER JB 350 85.84 -38.46 26.77
N GLY JB 351 85.20 -39.15 25.84
CA GLY JB 351 83.85 -39.63 26.05
C GLY JB 351 82.80 -38.94 25.20
N ASN JB 352 81.77 -38.42 25.84
CA ASN JB 352 80.66 -37.75 25.17
C ASN JB 352 80.95 -36.28 24.88
N PHE JB 353 82.10 -35.77 25.33
CA PHE JB 353 82.43 -34.35 25.20
C PHE JB 353 83.59 -34.19 24.24
N GLY JB 354 83.47 -33.22 23.34
CA GLY JB 354 84.49 -32.98 22.34
C GLY JB 354 85.67 -32.18 22.87
N LYS JB 355 86.58 -31.86 21.96
CA LYS JB 355 87.75 -31.08 22.29
C LYS JB 355 87.53 -29.61 21.96
N LEU JB 356 88.17 -28.75 22.75
CA LEU JB 356 88.07 -27.31 22.58
C LEU JB 356 89.19 -26.82 21.67
N THR JB 357 89.29 -25.50 21.54
CA THR JB 357 90.35 -24.89 20.73
C THR JB 357 90.64 -23.50 21.28
N ASN JB 358 91.89 -23.27 21.69
CA ASN JB 358 92.26 -21.98 22.25
C ASN JB 358 92.26 -20.91 21.17
N GLY JB 359 91.76 -19.73 21.53
CA GLY JB 359 91.76 -18.60 20.60
C GLY JB 359 90.93 -18.82 19.35
N ALA JB 360 89.74 -19.38 19.51
CA ALA JB 360 88.87 -19.64 18.36
C ALA JB 360 87.41 -19.56 18.80
N LEU JB 361 86.55 -19.32 17.82
CA LEU JB 361 85.12 -19.22 18.05
C LEU JB 361 84.37 -19.87 16.89
N GLU JB 362 83.13 -20.24 17.15
CA GLU JB 362 82.27 -20.86 16.15
C GLU JB 362 81.32 -19.84 15.56
N ALA JB 363 80.88 -20.11 14.33
CA ALA JB 363 79.99 -19.19 13.63
C ALA JB 363 78.57 -19.35 14.14
N SER JB 364 77.61 -18.77 13.43
CA SER JB 364 76.22 -18.78 13.84
C SER JB 364 75.41 -19.91 13.21
N ASN JB 365 76.05 -20.75 12.39
CA ASN JB 365 75.40 -21.86 11.68
C ASN JB 365 74.14 -21.43 10.95
N VAL JB 366 74.07 -20.15 10.58
CA VAL JB 366 72.93 -19.59 9.85
C VAL JB 366 73.45 -19.12 8.50
N ASP JB 367 72.83 -19.62 7.42
CA ASP JB 367 73.19 -19.25 6.07
C ASP JB 367 72.07 -18.43 5.46
N LEU JB 368 72.41 -17.22 4.99
CA LEU JB 368 71.40 -16.34 4.43
C LEU JB 368 70.78 -16.89 3.16
N SER JB 369 71.48 -17.75 2.43
CA SER JB 369 70.93 -18.31 1.21
C SER JB 369 69.71 -19.18 1.49
N LYS JB 370 69.78 -20.00 2.55
CA LYS JB 370 68.66 -20.88 2.86
C LYS JB 370 67.53 -20.15 3.57
N GLU JB 371 67.79 -18.96 4.11
CA GLU JB 371 66.74 -18.24 4.82
C GLU JB 371 65.94 -17.35 3.87
N LEU JB 372 66.61 -16.73 2.91
CA LEU JB 372 65.89 -15.84 1.99
C LEU JB 372 64.89 -16.60 1.13
N VAL JB 373 65.26 -17.79 0.66
CA VAL JB 373 64.36 -18.55 -0.21
C VAL JB 373 63.13 -19.01 0.59
N ASN JB 374 63.32 -19.39 1.85
CA ASN JB 374 62.18 -19.77 2.67
C ASN JB 374 61.27 -18.58 2.95
N MET JB 375 61.83 -17.37 2.94
CA MET JB 375 61.00 -16.19 3.13
C MET JB 375 60.01 -16.00 1.99
N ILE JB 376 60.44 -16.27 0.75
CA ILE JB 376 59.54 -16.16 -0.39
C ILE JB 376 58.42 -17.19 -0.28
N VAL JB 377 58.77 -18.42 0.09
CA VAL JB 377 57.75 -19.46 0.24
C VAL JB 377 56.79 -19.10 1.36
N ALA JB 378 57.31 -18.63 2.49
CA ALA JB 378 56.46 -18.31 3.63
C ALA JB 378 55.51 -17.17 3.30
N GLN JB 379 56.00 -16.18 2.55
CA GLN JB 379 55.15 -15.04 2.19
C GLN JB 379 53.96 -15.48 1.33
N ARG JB 380 54.21 -16.37 0.35
CA ARG JB 380 53.13 -16.79 -0.53
C ARG JB 380 52.06 -17.56 0.22
N ASN JB 381 52.45 -18.40 1.18
CA ASN JB 381 51.46 -19.14 1.95
C ASN JB 381 50.59 -18.20 2.78
N TYR JB 382 51.15 -17.10 3.25
CA TYR JB 382 50.35 -16.12 3.99
C TYR JB 382 49.33 -15.45 3.09
N GLN JB 383 49.75 -15.04 1.89
CA GLN JB 383 48.82 -14.40 0.97
C GLN JB 383 47.73 -15.38 0.52
N SER JB 384 48.09 -16.65 0.34
CA SER JB 384 47.10 -17.65 -0.02
C SER JB 384 46.05 -17.80 1.07
N ASN JB 385 46.49 -17.82 2.34
CA ASN JB 385 45.52 -17.87 3.44
C ASN JB 385 44.67 -16.62 3.48
N ALA JB 386 45.26 -15.46 3.18
CA ALA JB 386 44.49 -14.23 3.15
C ALA JB 386 43.44 -14.23 2.06
N GLN JB 387 43.58 -15.10 1.05
CA GLN JB 387 42.53 -15.24 0.06
C GLN JB 387 41.37 -16.06 0.60
N THR JB 388 41.64 -17.07 1.43
CA THR JB 388 40.57 -17.88 1.98
C THR JB 388 39.68 -17.07 2.90
N ILE JB 389 40.27 -16.21 3.75
CA ILE JB 389 39.45 -15.39 4.62
C ILE JB 389 38.68 -14.35 3.80
N LYS JB 390 39.28 -13.81 2.75
CA LYS JB 390 38.58 -12.82 1.94
C LYS JB 390 37.39 -13.43 1.21
N THR JB 391 37.57 -14.61 0.61
CA THR JB 391 36.44 -15.26 -0.02
C THR JB 391 35.42 -15.76 0.99
N GLN JB 392 35.83 -15.95 2.25
CA GLN JB 392 34.86 -16.32 3.27
C GLN JB 392 34.01 -15.14 3.68
N ASP JB 393 34.53 -13.91 3.55
CA ASP JB 393 33.71 -12.75 3.84
C ASP JB 393 32.72 -12.48 2.72
N GLN JB 394 33.16 -12.57 1.47
CA GLN JB 394 32.26 -12.32 0.35
C GLN JB 394 31.14 -13.34 0.30
N ILE JB 395 31.46 -14.62 0.53
CA ILE JB 395 30.45 -15.65 0.49
C ILE JB 395 29.40 -15.43 1.57
N LEU JB 396 29.83 -14.93 2.73
CA LEU JB 396 28.89 -14.60 3.79
C LEU JB 396 28.15 -13.30 3.49
N ASN JB 397 28.83 -12.34 2.87
CA ASN JB 397 28.20 -11.06 2.55
C ASN JB 397 27.04 -11.24 1.58
N THR JB 398 27.21 -12.10 0.58
CA THR JB 398 26.12 -12.38 -0.35
C THR JB 398 24.92 -12.96 0.38
N LEU JB 399 25.16 -13.84 1.34
CA LEU JB 399 24.07 -14.47 2.07
C LEU JB 399 23.34 -13.48 2.96
N VAL JB 400 23.99 -12.39 3.36
CA VAL JB 400 23.35 -11.42 4.25
C VAL JB 400 22.28 -10.64 3.51
N ASN JB 401 22.68 -9.90 2.48
CA ASN JB 401 21.72 -9.07 1.75
C ASN JB 401 20.68 -9.95 1.05
N LEU JB 402 21.15 -10.92 0.27
CA LEU JB 402 20.30 -11.90 -0.41
C LEU JB 402 19.13 -11.26 -1.16
N SER KB 2 32.17 -22.12 -18.83
CA SER KB 2 32.59 -23.32 -18.14
C SER KB 2 34.09 -23.30 -17.84
N PHE KB 3 34.46 -23.83 -16.67
CA PHE KB 3 35.85 -23.89 -16.26
C PHE KB 3 36.52 -25.18 -16.70
N SER KB 4 35.82 -26.05 -17.42
CA SER KB 4 36.40 -27.34 -17.82
C SER KB 4 37.56 -27.16 -18.79
N GLN KB 5 37.72 -25.98 -19.37
CA GLN KB 5 38.80 -25.72 -20.32
C GLN KB 5 39.97 -24.98 -19.68
N ALA KB 6 39.71 -23.84 -19.04
CA ALA KB 6 40.80 -23.05 -18.48
C ALA KB 6 41.51 -23.81 -17.37
N VAL KB 7 40.76 -24.51 -16.52
CA VAL KB 7 41.38 -25.25 -15.42
C VAL KB 7 42.29 -26.34 -15.96
N SER KB 8 41.84 -27.07 -16.99
CA SER KB 8 42.67 -28.11 -17.59
C SER KB 8 43.91 -27.51 -18.23
N GLY KB 9 43.80 -26.32 -18.79
CA GLY KB 9 44.97 -25.65 -19.33
C GLY KB 9 45.99 -25.29 -18.27
N LEU KB 10 45.51 -24.85 -17.10
CA LEU KB 10 46.42 -24.50 -16.02
C LEU KB 10 47.19 -25.72 -15.53
N ASN KB 11 46.50 -26.86 -15.39
CA ASN KB 11 47.17 -28.07 -14.93
C ASN KB 11 48.26 -28.50 -15.90
N ALA KB 12 47.98 -28.44 -17.20
CA ALA KB 12 48.99 -28.78 -18.20
C ALA KB 12 50.17 -27.82 -18.14
N ALA KB 13 49.90 -26.53 -18.03
CA ALA KB 13 50.98 -25.54 -17.98
C ALA KB 13 51.85 -25.74 -16.74
N ALA KB 14 51.22 -25.98 -15.59
CA ALA KB 14 52.00 -26.20 -14.38
C ALA KB 14 52.84 -27.47 -14.50
N THR KB 15 52.27 -28.53 -15.06
CA THR KB 15 53.04 -29.75 -15.27
C THR KB 15 54.20 -29.51 -16.24
N ASN KB 16 53.95 -28.77 -17.31
CA ASN KB 16 55.03 -28.43 -18.23
C ASN KB 16 56.07 -27.56 -17.54
N LEU KB 17 55.64 -26.61 -16.71
CA LEU KB 17 56.58 -25.73 -16.05
C LEU KB 17 57.43 -26.48 -15.03
N ASP KB 18 56.85 -27.48 -14.36
CA ASP KB 18 57.62 -28.25 -13.39
C ASP KB 18 58.74 -29.04 -14.06
N VAL KB 19 58.45 -29.64 -15.22
CA VAL KB 19 59.46 -30.44 -15.91
C VAL KB 19 60.64 -29.56 -16.32
N ILE KB 20 60.35 -28.35 -16.82
CA ILE KB 20 61.42 -27.42 -17.17
C ILE KB 20 62.28 -27.10 -15.96
N GLY KB 21 61.64 -26.91 -14.80
CA GLY KB 21 62.41 -26.70 -13.58
C GLY KB 21 63.23 -27.93 -13.20
N ASN KB 22 62.70 -29.12 -13.48
CA ASN KB 22 63.43 -30.34 -13.15
C ASN KB 22 64.71 -30.44 -13.98
N ASN KB 23 64.65 -30.08 -15.25
CA ASN KB 23 65.82 -30.21 -16.13
C ASN KB 23 66.95 -29.30 -15.68
N ILE KB 24 66.64 -28.04 -15.37
CA ILE KB 24 67.68 -27.13 -14.94
C ILE KB 24 68.20 -27.52 -13.56
N ALA KB 25 67.32 -27.99 -12.68
CA ALA KB 25 67.75 -28.39 -11.34
C ALA KB 25 68.71 -29.56 -11.39
N ASN KB 26 68.46 -30.54 -12.26
CA ASN KB 26 69.28 -31.74 -12.35
C ASN KB 26 70.44 -31.59 -13.31
N SER KB 27 70.90 -30.37 -13.55
CA SER KB 27 72.09 -30.19 -14.38
C SER KB 27 73.31 -30.79 -13.68
N ALA KB 28 74.26 -31.23 -14.49
CA ALA KB 28 75.52 -31.84 -14.08
C ALA KB 28 75.33 -33.20 -13.40
N THR KB 29 74.11 -33.67 -13.24
CA THR KB 29 73.87 -35.02 -12.72
C THR KB 29 74.26 -36.03 -13.81
N TYR KB 30 75.29 -36.83 -13.53
CA TYR KB 30 75.92 -37.62 -14.60
C TYR KB 30 74.95 -38.61 -15.22
N GLY KB 31 74.19 -39.33 -14.40
CA GLY KB 31 73.26 -40.30 -14.94
C GLY KB 31 71.86 -39.76 -15.15
N PHE KB 32 71.75 -38.63 -15.85
CA PHE KB 32 70.48 -37.96 -16.02
C PHE KB 32 70.21 -37.69 -17.49
N LYS KB 33 68.96 -37.90 -17.90
CA LYS KB 33 68.50 -37.62 -19.25
C LYS KB 33 67.31 -36.67 -19.17
N SER KB 34 67.38 -35.57 -19.92
CA SER KB 34 66.35 -34.55 -19.85
C SER KB 34 65.01 -35.11 -20.34
N GLY KB 35 63.93 -34.65 -19.71
CA GLY KB 35 62.60 -35.11 -20.04
C GLY KB 35 61.74 -33.98 -20.55
N THR KB 36 60.71 -34.34 -21.32
CA THR KB 36 59.78 -33.37 -21.88
C THR KB 36 58.36 -33.90 -21.71
N ALA KB 37 57.40 -32.98 -21.76
CA ALA KB 37 55.99 -33.32 -21.63
C ALA KB 37 55.33 -33.36 -23.00
N SER KB 38 54.38 -34.30 -23.15
CA SER KB 38 53.64 -34.46 -24.39
C SER KB 38 52.16 -34.21 -24.11
N PHE KB 39 51.55 -33.35 -24.92
CA PHE KB 39 50.17 -32.93 -24.72
C PHE KB 39 49.25 -33.58 -25.74
N ALA KB 40 47.95 -33.53 -25.44
CA ALA KB 40 46.93 -34.07 -26.33
C ALA KB 40 45.58 -33.48 -25.94
N ASP KB 41 44.82 -33.03 -26.94
CA ASP KB 41 43.53 -32.40 -26.67
C ASP KB 41 42.46 -33.46 -26.39
N MET KB 42 41.28 -32.98 -26.00
CA MET KB 42 40.15 -33.85 -25.68
C MET KB 42 38.90 -33.35 -26.37
N PHE KB 43 38.03 -34.29 -26.75
CA PHE KB 43 36.77 -33.96 -27.43
C PHE KB 43 35.71 -34.94 -26.94
N ALA KB 44 34.83 -34.46 -26.07
CA ALA KB 44 33.75 -35.31 -25.57
C ALA KB 44 32.57 -35.31 -26.53
N GLY KB 45 32.06 -34.14 -26.89
CA GLY KB 45 30.93 -34.05 -27.79
C GLY KB 45 31.34 -33.89 -29.23
N SER KB 46 31.08 -32.72 -29.81
CA SER KB 46 31.47 -32.47 -31.18
C SER KB 46 31.62 -30.97 -31.40
N LYS KB 47 32.65 -30.60 -32.18
CA LYS KB 47 32.88 -29.24 -32.63
C LYS KB 47 33.17 -28.29 -31.47
N VAL KB 48 33.46 -28.81 -30.28
CA VAL KB 48 33.80 -27.98 -29.12
C VAL KB 48 34.95 -28.63 -28.37
N GLY KB 49 35.90 -27.82 -27.92
CA GLY KB 49 37.04 -28.33 -27.20
C GLY KB 49 36.76 -28.42 -25.71
N LEU KB 50 37.38 -29.41 -25.08
CA LEU KB 50 37.25 -29.63 -23.63
C LEU KB 50 38.62 -29.69 -22.99
N GLY KB 51 39.47 -28.72 -23.33
CA GLY KB 51 40.77 -28.64 -22.73
C GLY KB 51 41.75 -29.67 -23.26
N VAL KB 52 42.87 -29.78 -22.56
CA VAL KB 52 43.96 -30.66 -22.95
C VAL KB 52 44.29 -31.58 -21.78
N LYS KB 53 44.90 -32.72 -22.08
CA LYS KB 53 45.36 -33.65 -21.06
C LYS KB 53 46.80 -34.03 -21.37
N VAL KB 54 47.62 -34.15 -20.32
CA VAL KB 54 49.00 -34.54 -20.50
C VAL KB 54 49.06 -36.02 -20.83
N ALA KB 55 49.74 -36.35 -21.93
CA ALA KB 55 49.79 -37.72 -22.42
C ALA KB 55 50.87 -38.56 -21.76
N GLY KB 56 51.65 -37.99 -20.86
CA GLY KB 56 52.73 -38.72 -20.22
C GLY KB 56 54.07 -38.12 -20.59
N ILE KB 57 54.93 -37.94 -19.61
CA ILE KB 57 56.22 -37.32 -19.83
C ILE KB 57 57.16 -38.33 -20.46
N THR KB 58 57.74 -37.96 -21.60
CA THR KB 58 58.75 -38.77 -22.25
C THR KB 58 60.14 -38.25 -21.89
N GLN KB 59 61.14 -39.08 -22.14
CA GLN KB 59 62.52 -38.75 -21.83
C GLN KB 59 63.39 -38.85 -23.08
N ASP KB 60 64.27 -37.86 -23.25
CA ASP KB 60 65.21 -37.84 -24.36
C ASP KB 60 66.45 -38.63 -23.96
N PHE KB 61 66.61 -39.82 -24.54
CA PHE KB 61 67.69 -40.73 -24.17
C PHE KB 61 68.95 -40.53 -25.02
N THR KB 62 69.17 -39.32 -25.54
CA THR KB 62 70.42 -39.05 -26.24
C THR KB 62 71.58 -39.15 -25.27
N ASP KB 63 72.68 -39.75 -25.73
CA ASP KB 63 73.84 -39.93 -24.88
C ASP KB 63 74.49 -38.58 -24.58
N GLY KB 64 74.90 -38.41 -23.32
CA GLY KB 64 75.58 -37.19 -22.92
C GLY KB 64 77.01 -37.15 -23.37
N THR KB 65 77.60 -35.96 -23.29
CA THR KB 65 78.99 -35.76 -23.70
C THR KB 65 79.94 -36.35 -22.67
N THR KB 66 80.88 -37.16 -23.14
CA THR KB 66 81.87 -37.77 -22.26
C THR KB 66 82.81 -36.71 -21.69
N THR KB 67 83.36 -36.99 -20.52
CA THR KB 67 84.30 -36.09 -19.87
C THR KB 67 85.34 -36.92 -19.11
N ASN KB 68 86.62 -36.64 -19.35
CA ASN KB 68 87.71 -37.36 -18.69
C ASN KB 68 87.84 -36.83 -17.27
N THR KB 69 86.98 -37.35 -16.39
CA THR KB 69 87.03 -36.97 -14.98
C THR KB 69 88.32 -37.44 -14.34
N GLY KB 70 88.77 -38.64 -14.66
CA GLY KB 70 89.94 -39.22 -14.03
C GLY KB 70 89.59 -40.47 -13.26
N ARG KB 71 90.36 -40.75 -12.19
CA ARG KB 71 90.15 -41.91 -11.33
C ARG KB 71 90.26 -43.21 -12.14
N GLY KB 72 89.95 -44.34 -11.52
CA GLY KB 72 90.03 -45.60 -12.21
C GLY KB 72 88.74 -46.39 -12.22
N LEU KB 73 87.89 -46.18 -11.22
CA LEU KB 73 86.65 -46.93 -11.09
C LEU KB 73 85.47 -46.10 -11.61
N ASP KB 74 85.49 -45.85 -12.91
CA ASP KB 74 84.42 -45.12 -13.57
C ASP KB 74 84.34 -45.56 -15.02
N VAL KB 75 83.13 -45.83 -15.50
CA VAL KB 75 82.91 -46.33 -16.84
C VAL KB 75 81.84 -45.48 -17.53
N ALA KB 76 81.92 -45.42 -18.85
CA ALA KB 76 80.97 -44.66 -19.65
C ALA KB 76 80.51 -45.49 -20.83
N ILE KB 77 79.25 -45.34 -21.19
CA ILE KB 77 78.64 -46.06 -22.31
C ILE KB 77 78.50 -45.07 -23.46
N SER KB 78 79.08 -45.41 -24.60
CA SER KB 78 79.07 -44.52 -25.76
C SER KB 78 77.85 -44.68 -26.65
N GLN KB 79 77.08 -45.75 -26.48
CA GLN KB 79 75.94 -46.03 -27.35
C GLN KB 79 74.82 -46.59 -26.48
N ASN KB 80 73.82 -47.20 -27.12
CA ASN KB 80 72.71 -47.79 -26.39
C ASN KB 80 73.20 -48.92 -25.49
N GLY KB 81 72.66 -48.96 -24.27
CA GLY KB 81 73.04 -49.98 -23.31
C GLY KB 81 72.96 -49.52 -21.87
N PHE KB 82 72.47 -50.39 -21.00
CA PHE KB 82 72.30 -50.08 -19.58
C PHE KB 82 73.12 -51.02 -18.72
N PHE KB 83 73.37 -50.59 -17.49
CA PHE KB 83 74.02 -51.42 -16.49
C PHE KB 83 72.95 -52.13 -15.67
N ARG KB 84 73.13 -53.44 -15.46
CA ARG KB 84 72.19 -54.21 -14.68
C ARG KB 84 72.54 -54.10 -13.20
N LEU KB 85 71.56 -53.69 -12.39
CA LEU KB 85 71.76 -53.50 -10.97
C LEU KB 85 70.69 -54.26 -10.19
N VAL KB 86 71.05 -54.66 -8.97
CA VAL KB 86 70.12 -55.29 -8.05
C VAL KB 86 70.23 -54.60 -6.69
N ASP KB 87 69.15 -54.68 -5.93
CA ASP KB 87 69.08 -54.11 -4.61
C ASP KB 87 69.31 -55.19 -3.56
N SER KB 88 69.12 -54.84 -2.29
CA SER KB 88 69.28 -55.82 -1.21
C SER KB 88 68.21 -56.89 -1.27
N ASN KB 89 66.98 -56.51 -1.65
CA ASN KB 89 65.85 -57.43 -1.60
C ASN KB 89 65.75 -58.31 -2.84
N GLY KB 90 66.60 -58.10 -3.85
CA GLY KB 90 66.63 -58.96 -5.00
C GLY KB 90 65.95 -58.43 -6.24
N SER KB 91 65.40 -57.22 -6.20
CA SER KB 91 64.81 -56.63 -7.40
C SER KB 91 65.90 -56.22 -8.38
N VAL KB 92 65.47 -55.91 -9.60
CA VAL KB 92 66.39 -55.60 -10.70
C VAL KB 92 66.22 -54.13 -11.08
N PHE KB 93 67.33 -53.41 -11.15
CA PHE KB 93 67.35 -52.01 -11.54
C PHE KB 93 68.38 -51.79 -12.63
N TYR KB 94 68.20 -50.71 -13.39
CA TYR KB 94 69.08 -50.38 -14.49
C TYR KB 94 69.47 -48.90 -14.40
N SER KB 95 70.71 -48.59 -14.76
CA SER KB 95 71.20 -47.23 -14.65
C SER KB 95 72.35 -47.02 -15.62
N ARG KB 96 72.69 -45.75 -15.85
CA ARG KB 96 73.77 -45.37 -16.74
C ARG KB 96 74.91 -44.65 -16.05
N ASN KB 97 74.81 -44.38 -14.75
CA ASN KB 97 75.88 -43.70 -14.03
C ASN KB 97 77.09 -44.61 -13.90
N GLY KB 98 78.28 -44.02 -13.97
CA GLY KB 98 79.50 -44.79 -13.90
C GLY KB 98 80.23 -44.68 -12.58
N GLN KB 99 79.61 -44.04 -11.60
CA GLN KB 99 80.22 -43.83 -10.30
C GLN KB 99 80.07 -45.11 -9.47
N PHE KB 100 81.18 -45.83 -9.29
CA PHE KB 100 81.19 -47.08 -8.55
C PHE KB 100 82.27 -47.03 -7.48
N LYS KB 101 82.06 -47.79 -6.41
CA LYS KB 101 82.99 -47.84 -5.31
C LYS KB 101 82.95 -49.23 -4.68
N LEU KB 102 84.04 -49.56 -3.96
CA LEU KB 102 84.13 -50.83 -3.28
C LEU KB 102 83.31 -50.81 -1.99
N ASP KB 103 83.22 -51.98 -1.37
CA ASP KB 103 82.47 -52.14 -0.12
C ASP KB 103 83.37 -52.76 0.93
N GLU KB 104 82.81 -53.17 2.08
CA GLU KB 104 83.62 -53.84 3.09
C GLU KB 104 84.13 -55.19 2.58
N ASN KB 105 83.33 -55.87 1.77
CA ASN KB 105 83.73 -57.14 1.16
C ASN KB 105 84.28 -56.95 -0.25
N ARG KB 106 84.53 -55.70 -0.65
CA ARG KB 106 85.04 -55.37 -1.99
C ARG KB 106 84.05 -55.79 -3.08
N ASN KB 107 82.81 -55.31 -2.97
CA ASN KB 107 81.82 -55.49 -4.01
C ASN KB 107 81.67 -54.19 -4.79
N LEU KB 108 81.41 -54.33 -6.10
CA LEU KB 108 81.22 -53.17 -6.96
C LEU KB 108 79.82 -52.62 -6.74
N VAL KB 109 79.71 -51.53 -5.98
CA VAL KB 109 78.43 -50.93 -5.62
C VAL KB 109 78.50 -49.44 -5.87
N ASN KB 110 77.42 -48.87 -6.38
CA ASN KB 110 77.33 -47.44 -6.62
C ASN KB 110 77.19 -46.70 -5.30
N MET KB 111 77.01 -45.37 -5.38
CA MET KB 111 76.90 -44.57 -4.17
C MET KB 111 75.68 -44.93 -3.33
N GLN KB 112 74.54 -45.15 -3.97
CA GLN KB 112 73.29 -45.36 -3.26
C GLN KB 112 73.17 -46.73 -2.60
N GLY KB 113 73.85 -47.74 -3.14
CA GLY KB 113 73.78 -49.06 -2.54
C GLY KB 113 73.20 -50.12 -3.43
N MET KB 114 73.38 -49.97 -4.75
CA MET KB 114 72.91 -50.95 -5.72
C MET KB 114 74.06 -51.90 -6.06
N GLN KB 115 73.78 -53.19 -5.98
CA GLN KB 115 74.79 -54.20 -6.27
C GLN KB 115 74.87 -54.44 -7.77
N LEU KB 116 76.09 -54.39 -8.31
CA LEU KB 116 76.29 -54.58 -9.74
C LEU KB 116 76.42 -56.06 -10.05
N THR KB 117 75.61 -56.54 -11.00
CA THR KB 117 75.66 -57.92 -11.42
C THR KB 117 76.54 -58.09 -12.66
N GLY KB 118 76.77 -59.33 -13.03
CA GLY KB 118 77.58 -59.62 -14.20
C GLY KB 118 77.74 -61.12 -14.38
N TYR KB 119 78.50 -61.47 -15.41
CA TYR KB 119 78.78 -62.87 -15.67
C TYR KB 119 79.81 -63.39 -14.67
N PRO KB 120 79.51 -64.44 -13.92
CA PRO KB 120 80.50 -65.00 -13.00
C PRO KB 120 81.67 -65.63 -13.76
N ALA KB 121 82.83 -65.60 -13.12
CA ALA KB 121 84.04 -66.17 -13.68
C ALA KB 121 84.39 -67.42 -12.89
N THR KB 122 84.39 -68.58 -13.58
CA THR KB 122 84.71 -69.86 -12.97
C THR KB 122 85.68 -70.61 -13.86
N GLY KB 123 86.27 -71.66 -13.32
CA GLY KB 123 87.19 -72.51 -14.05
C GLY KB 123 88.52 -72.63 -13.34
N THR KB 124 89.33 -73.57 -13.85
CA THR KB 124 90.67 -73.84 -13.33
C THR KB 124 91.63 -73.93 -14.52
N PRO KB 125 92.23 -72.80 -14.93
CA PRO KB 125 92.10 -71.45 -14.38
C PRO KB 125 90.76 -70.81 -14.73
N PRO KB 126 90.32 -69.86 -13.92
CA PRO KB 126 89.01 -69.24 -14.15
C PRO KB 126 88.91 -68.59 -15.53
N THR KB 127 87.75 -68.73 -16.16
CA THR KB 127 87.50 -68.15 -17.47
C THR KB 127 86.16 -67.43 -17.47
N ILE KB 128 85.72 -66.98 -18.64
CA ILE KB 128 84.49 -66.22 -18.79
C ILE KB 128 83.40 -67.14 -19.34
N GLN KB 129 82.23 -67.09 -18.72
CA GLN KB 129 81.08 -67.89 -19.15
C GLN KB 129 80.10 -66.98 -19.89
N GLN KB 130 79.78 -67.35 -21.12
CA GLN KB 130 78.90 -66.55 -21.97
C GLN KB 130 77.46 -67.03 -21.94
N GLY KB 131 77.15 -68.04 -21.14
CA GLY KB 131 75.78 -68.54 -21.07
C GLY KB 131 75.28 -68.68 -19.64
N ALA KB 132 76.10 -68.26 -18.68
CA ALA KB 132 75.73 -68.39 -17.28
C ALA KB 132 74.74 -67.31 -16.87
N ASN KB 133 74.05 -67.56 -15.76
CA ASN KB 133 73.13 -66.57 -15.22
C ASN KB 133 73.92 -65.43 -14.58
N PRO KB 134 73.45 -64.19 -14.71
CA PRO KB 134 74.17 -63.06 -14.12
C PRO KB 134 74.29 -63.19 -12.60
N ALA KB 135 75.42 -62.74 -12.08
CA ALA KB 135 75.73 -62.81 -10.66
C ALA KB 135 76.41 -61.53 -10.22
N PRO KB 136 76.28 -61.16 -8.94
CA PRO KB 136 76.98 -59.97 -8.45
C PRO KB 136 78.50 -60.12 -8.58
N ILE KB 137 79.17 -58.99 -8.79
CA ILE KB 137 80.61 -58.96 -8.97
C ILE KB 137 81.24 -58.63 -7.62
N THR KB 138 82.18 -59.49 -7.19
CA THR KB 138 82.93 -59.27 -5.96
C THR KB 138 84.41 -59.41 -6.27
N ILE KB 139 85.24 -58.81 -5.41
CA ILE KB 139 86.69 -58.88 -5.58
C ILE KB 139 87.31 -59.39 -4.29
N PRO KB 140 87.30 -60.70 -4.06
CA PRO KB 140 87.97 -61.23 -2.87
C PRO KB 140 89.47 -61.01 -2.93
N ASN KB 141 90.07 -60.86 -1.75
CA ASN KB 141 91.50 -60.61 -1.62
C ASN KB 141 92.29 -61.88 -1.30
N THR KB 142 91.65 -63.05 -1.36
CA THR KB 142 92.34 -64.29 -1.02
C THR KB 142 93.51 -64.53 -1.96
N LEU KB 143 94.65 -64.91 -1.39
CA LEU KB 143 95.84 -65.17 -2.19
C LEU KB 143 95.64 -66.42 -3.04
N MET KB 144 96.16 -66.37 -4.27
CA MET KB 144 96.05 -67.50 -5.17
C MET KB 144 96.88 -68.67 -4.65
N ALA KB 145 96.35 -69.88 -4.83
CA ALA KB 145 97.07 -71.09 -4.49
C ALA KB 145 97.96 -71.52 -5.65
N ALA KB 146 99.17 -71.97 -5.31
CA ALA KB 146 100.12 -72.37 -6.33
C ALA KB 146 99.63 -73.58 -7.10
N LYS KB 147 99.99 -73.64 -8.38
CA LYS KB 147 99.58 -74.71 -9.27
C LYS KB 147 100.80 -75.41 -9.84
N SER KB 148 100.74 -76.74 -9.87
CA SER KB 148 101.87 -77.54 -10.33
C SER KB 148 102.11 -77.32 -11.82
N THR KB 149 103.39 -77.15 -12.19
CA THR KB 149 103.73 -76.97 -13.60
C THR KB 149 103.33 -78.21 -14.39
N THR KB 150 102.67 -78.00 -15.52
CA THR KB 150 102.14 -79.09 -16.33
C THR KB 150 102.80 -79.21 -17.69
N THR KB 151 102.85 -78.12 -18.46
CA THR KB 151 103.40 -78.14 -19.81
C THR KB 151 104.44 -77.05 -19.95
N ALA KB 152 105.56 -77.38 -20.60
CA ALA KB 152 106.63 -76.44 -20.86
C ALA KB 152 107.06 -76.53 -22.31
N SER KB 153 107.44 -75.38 -22.87
CA SER KB 153 107.87 -75.31 -24.26
C SER KB 153 109.03 -74.32 -24.38
N MET KB 154 109.93 -74.59 -25.33
CA MET KB 154 111.05 -73.71 -25.58
C MET KB 154 111.54 -73.94 -27.00
N GLN KB 155 112.18 -72.91 -27.56
CA GLN KB 155 112.72 -72.97 -28.91
C GLN KB 155 114.21 -72.62 -28.87
N ILE KB 156 114.99 -73.38 -29.65
CA ILE KB 156 116.44 -73.22 -29.66
C ILE KB 156 116.95 -73.43 -31.08
N ASN KB 157 117.98 -72.69 -31.45
CA ASN KB 157 118.64 -72.81 -32.74
C ASN KB 157 119.94 -73.59 -32.56
N LEU KB 158 120.18 -74.55 -33.46
CA LEU KB 158 121.35 -75.40 -33.40
C LEU KB 158 122.31 -75.07 -34.54
N ASN KB 159 123.60 -75.07 -34.24
CA ASN KB 159 124.62 -74.78 -35.23
C ASN KB 159 124.85 -76.02 -36.10
N SER KB 160 124.55 -75.91 -37.40
CA SER KB 160 124.68 -77.04 -38.29
C SER KB 160 126.13 -77.43 -38.55
N THR KB 161 127.07 -76.51 -38.36
CA THR KB 161 128.49 -76.76 -38.60
C THR KB 161 129.27 -76.99 -37.32
N ASP KB 162 128.59 -77.10 -36.18
CA ASP KB 162 129.28 -77.27 -34.91
C ASP KB 162 129.81 -78.70 -34.79
N PRO KB 163 131.11 -78.88 -34.56
CA PRO KB 163 131.65 -80.24 -34.43
C PRO KB 163 131.27 -80.88 -33.10
N VAL KB 164 131.42 -82.20 -33.07
CA VAL KB 164 131.16 -82.96 -31.84
C VAL KB 164 132.16 -82.55 -30.77
N PRO KB 165 131.77 -82.43 -29.51
CA PRO KB 165 132.72 -82.08 -28.47
C PRO KB 165 133.87 -83.08 -28.38
N SER KB 166 135.06 -82.57 -28.06
CA SER KB 166 136.25 -83.41 -28.04
C SER KB 166 136.13 -84.52 -27.01
N LYS KB 167 135.63 -84.21 -25.82
CA LYS KB 167 135.46 -85.19 -24.76
C LYS KB 167 134.11 -85.89 -24.95
N THR KB 168 134.15 -87.11 -25.48
CA THR KB 168 132.92 -87.87 -25.70
C THR KB 168 132.13 -88.14 -24.43
N PRO KB 169 132.72 -88.60 -23.33
CA PRO KB 169 131.93 -88.81 -22.10
C PRO KB 169 131.32 -87.52 -21.60
N PHE KB 170 130.08 -87.63 -21.11
CA PHE KB 170 129.34 -86.47 -20.64
C PHE KB 170 129.75 -86.10 -19.22
N SER KB 171 129.84 -84.81 -18.96
CA SER KB 171 130.18 -84.29 -17.64
C SER KB 171 129.17 -83.22 -17.24
N VAL KB 172 129.29 -82.76 -16.00
CA VAL KB 172 128.34 -81.81 -15.44
C VAL KB 172 128.93 -80.40 -15.36
N SER KB 173 130.24 -80.26 -15.16
CA SER KB 173 130.84 -78.94 -14.98
C SER KB 173 132.06 -78.76 -15.89
N ASP KB 174 132.03 -79.35 -17.08
CA ASP KB 174 133.11 -79.22 -18.05
C ASP KB 174 132.63 -78.43 -19.25
N ALA KB 175 133.41 -77.44 -19.66
CA ALA KB 175 133.02 -76.59 -20.78
C ALA KB 175 132.93 -77.37 -22.08
N ASP KB 176 133.86 -78.30 -22.31
CA ASP KB 176 133.93 -79.05 -23.55
C ASP KB 176 133.17 -80.37 -23.50
N SER KB 177 132.46 -80.65 -22.40
CA SER KB 177 131.73 -81.90 -22.28
C SER KB 177 130.50 -81.97 -23.16
N TYR KB 178 129.95 -80.82 -23.55
CA TYR KB 178 128.75 -80.78 -24.37
C TYR KB 178 128.73 -79.48 -25.14
N ASN KB 179 127.81 -79.39 -26.10
CA ASN KB 179 127.76 -78.25 -27.01
C ASN KB 179 127.13 -77.03 -26.35
N LYS KB 180 125.86 -77.14 -25.95
CA LYS KB 180 125.10 -76.02 -25.43
C LYS KB 180 124.45 -76.39 -24.11
N LYS KB 181 124.27 -75.39 -23.25
CA LYS KB 181 123.66 -75.55 -21.94
C LYS KB 181 122.37 -74.73 -21.89
N GLY KB 182 121.31 -75.33 -21.38
CA GLY KB 182 120.04 -74.64 -21.23
C GLY KB 182 119.47 -74.86 -19.85
N THR KB 183 118.70 -73.86 -19.39
CA THR KB 183 118.09 -73.89 -18.07
C THR KB 183 116.61 -73.56 -18.15
N VAL KB 184 115.81 -74.33 -17.42
CA VAL KB 184 114.37 -74.12 -17.34
C VAL KB 184 113.96 -74.19 -15.88
N THR KB 185 113.13 -73.24 -15.44
CA THR KB 185 112.65 -73.18 -14.07
C THR KB 185 111.15 -73.44 -14.05
N VAL KB 186 110.72 -74.36 -13.19
CA VAL KB 186 109.31 -74.70 -13.02
C VAL KB 186 108.98 -74.63 -11.53
N TYR KB 187 107.70 -74.71 -11.23
CA TYR KB 187 107.21 -74.64 -9.86
C TYR KB 187 106.44 -75.90 -9.52
N ASP KB 188 106.72 -76.44 -8.34
CA ASP KB 188 106.07 -77.66 -7.87
C ASP KB 188 104.69 -77.33 -7.31
N SER KB 189 104.07 -78.30 -6.63
CA SER KB 189 102.77 -78.05 -6.03
C SER KB 189 102.86 -77.02 -4.90
N GLN KB 190 103.97 -77.00 -4.17
CA GLN KB 190 104.16 -76.05 -3.08
C GLN KB 190 104.65 -74.69 -3.57
N GLY KB 191 104.93 -74.55 -4.86
CA GLY KB 191 105.38 -73.29 -5.42
C GLY KB 191 106.89 -73.09 -5.42
N ASN KB 192 107.66 -74.03 -4.88
CA ASN KB 192 109.11 -73.89 -4.88
C ASN KB 192 109.65 -73.96 -6.30
N ALA KB 193 110.67 -73.15 -6.55
CA ALA KB 193 111.30 -73.10 -7.86
C ALA KB 193 112.29 -74.26 -8.02
N HIS KB 194 112.14 -75.01 -9.10
CA HIS KB 194 113.01 -76.14 -9.41
C HIS KB 194 113.79 -75.82 -10.68
N ASP KB 195 115.11 -75.82 -10.58
CA ASP KB 195 115.99 -75.52 -11.71
C ASP KB 195 116.37 -76.82 -12.41
N MET KB 196 115.97 -76.94 -13.67
CA MET KB 196 116.26 -78.12 -14.48
C MET KB 196 117.20 -77.72 -15.61
N ASN KB 197 118.44 -78.21 -15.57
CA ASN KB 197 119.41 -77.90 -16.60
C ASN KB 197 119.18 -78.78 -17.82
N VAL KB 198 119.22 -78.16 -19.00
CA VAL KB 198 119.10 -78.88 -20.26
C VAL KB 198 120.46 -78.83 -20.95
N TYR KB 199 121.07 -79.99 -21.15
CA TYR KB 199 122.38 -80.09 -21.75
C TYR KB 199 122.26 -80.54 -23.20
N PHE KB 200 122.96 -79.86 -24.10
CA PHE KB 200 122.92 -80.15 -25.52
C PHE KB 200 124.24 -80.77 -25.93
N VAL KB 201 124.19 -82.03 -26.39
CA VAL KB 201 125.37 -82.74 -26.87
C VAL KB 201 125.05 -83.32 -28.24
N LYS KB 202 126.10 -83.56 -29.02
CA LYS KB 202 125.97 -84.08 -30.37
C LYS KB 202 126.50 -85.50 -30.43
N THR KB 203 125.74 -86.40 -31.04
CA THR KB 203 126.14 -87.79 -31.21
C THR KB 203 126.75 -88.05 -32.58
N LYS KB 204 126.10 -87.61 -33.65
CA LYS KB 204 126.61 -87.78 -35.01
C LYS KB 204 126.04 -86.66 -35.88
N ASP KB 205 126.37 -86.70 -37.16
CA ASP KB 205 125.92 -85.66 -38.07
C ASP KB 205 124.40 -85.68 -38.22
N ASN KB 206 123.80 -84.49 -38.21
CA ASN KB 206 122.36 -84.31 -38.33
C ASN KB 206 121.60 -85.07 -37.24
N GLU KB 207 122.19 -85.16 -36.06
CA GLU KB 207 121.57 -85.84 -34.93
C GLU KB 207 122.02 -85.17 -33.65
N TRP KB 208 121.17 -85.25 -32.61
CA TRP KB 208 121.44 -84.58 -31.35
C TRP KB 208 120.96 -85.44 -30.20
N ALA KB 209 121.53 -85.19 -29.03
CA ALA KB 209 121.12 -85.85 -27.79
C ALA KB 209 120.97 -84.81 -26.69
N VAL KB 210 119.96 -84.97 -25.85
CA VAL KB 210 119.59 -83.99 -24.85
C VAL KB 210 119.72 -84.63 -23.48
N TYR KB 211 120.29 -83.88 -22.53
CA TYR KB 211 120.45 -84.33 -21.15
C TYR KB 211 119.63 -83.44 -20.22
N THR KB 212 119.16 -84.04 -19.13
CA THR KB 212 118.39 -83.33 -18.11
C THR KB 212 119.07 -83.50 -16.75
N HIS KB 213 119.07 -82.44 -15.96
CA HIS KB 213 119.64 -82.49 -14.62
C HIS KB 213 119.10 -81.34 -13.80
N ASP KB 214 118.83 -81.59 -12.52
CA ASP KB 214 118.30 -80.57 -11.63
C ASP KB 214 119.43 -79.79 -10.99
N SER KB 215 119.37 -78.47 -11.08
CA SER KB 215 120.40 -77.61 -10.51
C SER KB 215 120.07 -77.17 -9.09
N SER KB 216 118.84 -76.68 -8.87
CA SER KB 216 118.45 -76.21 -7.55
C SER KB 216 118.35 -77.33 -6.52
N ASP KB 217 118.15 -78.57 -6.97
CA ASP KB 217 118.00 -79.68 -6.05
C ASP KB 217 119.28 -80.51 -6.03
N PRO KB 218 120.03 -80.51 -4.93
CA PRO KB 218 121.24 -81.34 -4.85
C PRO KB 218 120.96 -82.83 -4.75
N ALA KB 219 119.70 -83.23 -4.48
CA ALA KB 219 119.39 -84.64 -4.32
C ALA KB 219 119.57 -85.43 -5.61
N ALA KB 220 119.61 -84.76 -6.75
CA ALA KB 220 119.76 -85.43 -8.04
C ALA KB 220 121.22 -85.38 -8.48
N THR KB 221 121.73 -86.53 -8.92
CA THR KB 221 123.07 -86.64 -9.45
C THR KB 221 123.04 -86.51 -10.97
N ALA KB 222 124.09 -85.91 -11.52
CA ALA KB 222 124.15 -85.62 -12.95
C ALA KB 222 124.17 -86.92 -13.76
N PRO KB 223 123.22 -87.12 -14.67
CA PRO KB 223 123.24 -88.33 -15.50
C PRO KB 223 124.36 -88.28 -16.54
N THR KB 224 124.69 -89.45 -17.05
CA THR KB 224 125.67 -89.59 -18.13
C THR KB 224 125.07 -90.15 -19.41
N THR KB 225 123.94 -90.83 -19.34
CA THR KB 225 123.26 -91.32 -20.53
C THR KB 225 122.37 -90.23 -21.12
N ALA KB 226 122.25 -90.24 -22.44
CA ALA KB 226 121.43 -89.25 -23.14
C ALA KB 226 119.96 -89.43 -22.76
N SER KB 227 119.38 -88.40 -22.14
CA SER KB 227 117.98 -88.48 -21.75
C SER KB 227 117.06 -88.59 -22.97
N THR KB 228 117.35 -87.83 -24.02
CA THR KB 228 116.57 -87.89 -25.24
C THR KB 228 117.46 -87.53 -26.42
N THR KB 229 117.37 -88.33 -27.48
CA THR KB 229 118.11 -88.11 -28.71
C THR KB 229 117.22 -87.45 -29.75
N LEU KB 230 117.80 -86.51 -30.50
CA LEU KB 230 117.07 -85.74 -31.49
C LEU KB 230 117.66 -85.98 -32.87
N LYS KB 231 116.80 -86.29 -33.83
CA LYS KB 231 117.18 -86.43 -35.24
C LYS KB 231 116.37 -85.44 -36.05
N PHE KB 232 117.05 -84.63 -36.85
CA PHE KB 232 116.41 -83.58 -37.63
C PHE KB 232 116.61 -83.81 -39.11
N ASN KB 233 115.75 -83.18 -39.91
CA ASN KB 233 115.85 -83.23 -41.36
C ASN KB 233 117.00 -82.35 -41.84
N GLU KB 234 117.41 -82.57 -43.09
CA GLU KB 234 118.49 -81.77 -43.66
C GLU KB 234 118.08 -80.31 -43.82
N ASN KB 235 116.79 -80.04 -43.99
CA ASN KB 235 116.30 -78.68 -44.11
C ASN KB 235 116.12 -77.99 -42.76
N GLY KB 236 116.20 -78.73 -41.65
CA GLY KB 236 116.02 -78.17 -40.33
C GLY KB 236 114.64 -78.31 -39.73
N ILE KB 237 113.77 -79.11 -40.34
CA ILE KB 237 112.40 -79.31 -39.87
C ILE KB 237 112.36 -80.55 -38.99
N LEU KB 238 111.77 -80.41 -37.80
CA LEU KB 238 111.65 -81.52 -36.87
C LEU KB 238 110.58 -82.51 -37.33
N GLU KB 239 110.82 -83.80 -37.06
CA GLU KB 239 109.87 -84.86 -37.37
C GLU KB 239 109.30 -85.53 -36.14
N SER KB 240 110.16 -85.98 -35.22
CA SER KB 240 109.70 -86.67 -34.02
C SER KB 240 110.78 -86.56 -32.95
N GLY KB 241 110.44 -87.05 -31.76
CA GLY KB 241 111.34 -86.95 -30.63
C GLY KB 241 111.27 -85.64 -29.87
N GLY KB 242 110.37 -84.74 -30.24
CA GLY KB 242 110.22 -83.47 -29.59
C GLY KB 242 109.34 -83.45 -28.36
N THR KB 243 108.77 -84.59 -27.97
CA THR KB 243 107.93 -84.70 -26.78
C THR KB 243 108.68 -85.50 -25.73
N VAL KB 244 109.03 -84.85 -24.62
CA VAL KB 244 109.86 -85.46 -23.58
C VAL KB 244 109.19 -85.22 -22.23
N ASN KB 245 109.18 -86.26 -21.39
CA ASN KB 245 108.72 -86.15 -20.01
C ASN KB 245 109.94 -86.08 -19.09
N ILE KB 246 110.06 -84.99 -18.34
CA ILE KB 246 111.17 -84.76 -17.44
C ILE KB 246 110.62 -84.61 -16.03
N THR KB 247 111.21 -85.34 -15.08
CA THR KB 247 110.83 -85.26 -13.68
C THR KB 247 111.91 -84.50 -12.93
N THR KB 248 111.50 -83.50 -12.15
CA THR KB 248 112.41 -82.70 -11.36
C THR KB 248 112.76 -83.43 -10.07
N GLY KB 249 113.40 -82.74 -9.13
CA GLY KB 249 113.72 -83.29 -7.84
C GLY KB 249 112.72 -82.87 -6.78
N THR KB 250 112.76 -83.56 -5.64
CA THR KB 250 111.88 -83.29 -4.52
C THR KB 250 112.67 -82.63 -3.39
N ILE KB 251 112.13 -81.52 -2.88
CA ILE KB 251 112.76 -80.79 -1.79
C ILE KB 251 111.69 -80.33 -0.81
N ASN KB 252 112.04 -80.32 0.47
CA ASN KB 252 111.15 -79.86 1.54
C ASN KB 252 109.84 -80.62 1.56
N GLY KB 253 109.91 -81.94 1.36
CA GLY KB 253 108.74 -82.78 1.45
C GLY KB 253 107.69 -82.54 0.39
N ALA KB 254 108.08 -81.95 -0.74
CA ALA KB 254 107.16 -81.65 -1.83
C ALA KB 254 107.45 -82.56 -3.01
N THR KB 255 106.40 -83.10 -3.62
CA THR KB 255 106.56 -83.96 -4.78
C THR KB 255 107.12 -83.17 -5.94
N ALA KB 256 108.02 -83.81 -6.70
CA ALA KB 256 108.71 -83.13 -7.79
C ALA KB 256 107.74 -82.72 -8.89
N ALA KB 257 108.08 -81.65 -9.59
CA ALA KB 257 107.27 -81.16 -10.70
C ALA KB 257 107.46 -82.09 -11.89
N THR KB 258 106.42 -82.83 -12.24
CA THR KB 258 106.46 -83.78 -13.35
C THR KB 258 105.72 -83.16 -14.53
N PHE KB 259 106.45 -82.41 -15.35
CA PHE KB 259 105.92 -81.73 -16.51
C PHE KB 259 106.46 -82.37 -17.79
N SER KB 260 106.06 -81.82 -18.93
CA SER KB 260 106.52 -82.27 -20.22
C SER KB 260 107.17 -81.11 -20.95
N LEU KB 261 108.37 -81.35 -21.50
CA LEU KB 261 109.11 -80.34 -22.24
C LEU KB 261 109.01 -80.63 -23.73
N SER KB 262 108.63 -79.62 -24.51
CA SER KB 262 108.37 -79.77 -25.93
C SER KB 262 109.36 -78.95 -26.73
N PHE KB 263 109.88 -79.52 -27.81
CA PHE KB 263 110.80 -78.85 -28.72
C PHE KB 263 110.18 -78.61 -30.08
N LEU KB 264 108.85 -78.45 -30.13
CA LEU KB 264 108.16 -78.25 -31.38
C LEU KB 264 108.55 -76.92 -32.03
N ASN KB 265 108.53 -76.91 -33.36
CA ASN KB 265 108.85 -75.73 -34.16
C ASN KB 265 110.28 -75.25 -33.86
N SER KB 266 111.25 -76.11 -34.19
CA SER KB 266 112.65 -75.83 -33.95
C SER KB 266 113.37 -75.57 -35.27
N MET KB 267 114.32 -74.65 -35.23
CA MET KB 267 115.10 -74.25 -36.40
C MET KB 267 116.52 -74.76 -36.25
N GLN KB 268 117.03 -75.42 -37.29
CA GLN KB 268 118.36 -76.01 -37.27
C GLN KB 268 119.33 -75.36 -38.23
N GLN KB 269 118.89 -74.35 -38.99
CA GLN KB 269 119.78 -73.68 -39.92
C GLN KB 269 120.84 -72.90 -39.18
N ASN KB 270 121.99 -72.71 -39.83
CA ASN KB 270 123.11 -72.02 -39.23
C ASN KB 270 122.78 -70.55 -39.02
N THR KB 271 122.84 -70.11 -37.76
CA THR KB 271 122.59 -68.71 -37.41
C THR KB 271 123.82 -68.06 -36.79
N GLY KB 272 125.00 -68.64 -37.00
CA GLY KB 272 126.22 -68.11 -36.41
C GLY KB 272 126.53 -68.74 -35.06
N ALA KB 273 125.71 -68.43 -34.07
CA ALA KB 273 125.88 -68.97 -32.73
C ALA KB 273 124.52 -69.32 -32.15
N ASN KB 274 124.51 -70.27 -31.22
CA ASN KB 274 123.28 -70.68 -30.56
C ASN KB 274 122.87 -69.65 -29.52
N ASN KB 275 121.58 -69.30 -29.50
CA ASN KB 275 121.07 -68.32 -28.55
C ASN KB 275 119.63 -68.66 -28.21
N ILE KB 276 119.17 -68.14 -27.07
CA ILE KB 276 117.84 -68.42 -26.56
C ILE KB 276 116.87 -67.36 -27.07
N VAL KB 277 115.80 -67.80 -27.73
CA VAL KB 277 114.81 -66.89 -28.28
C VAL KB 277 113.40 -67.17 -27.78
N ALA KB 278 113.19 -68.23 -26.99
CA ALA KB 278 111.84 -68.55 -26.51
C ALA KB 278 111.96 -69.44 -25.28
N THR KB 279 111.30 -69.03 -24.19
CA THR KB 279 111.23 -69.84 -22.98
C THR KB 279 109.99 -69.42 -22.20
N ASN KB 280 109.29 -70.42 -21.65
CA ASN KB 280 108.04 -70.16 -20.94
C ASN KB 280 107.72 -71.34 -20.04
N GLN KB 281 106.76 -71.13 -19.14
CA GLN KB 281 106.27 -72.19 -18.27
C GLN KB 281 104.82 -71.91 -17.92
N ASN KB 282 104.10 -72.97 -17.56
CA ASN KB 282 102.71 -72.87 -17.15
C ASN KB 282 102.54 -72.96 -15.63
N GLY KB 283 103.64 -72.99 -14.88
CA GLY KB 283 103.60 -72.99 -13.43
C GLY KB 283 103.82 -71.60 -12.89
N TYR KB 284 102.94 -71.18 -11.99
CA TYR KB 284 103.01 -69.84 -11.41
C TYR KB 284 103.10 -69.95 -9.90
N LYS KB 285 104.01 -69.17 -9.32
CA LYS KB 285 104.11 -69.03 -7.89
C LYS KB 285 102.99 -68.13 -7.36
N PRO KB 286 102.59 -68.30 -6.11
CA PRO KB 286 101.55 -67.42 -5.55
C PRO KB 286 102.03 -65.98 -5.47
N GLY KB 287 101.26 -65.09 -6.10
CA GLY KB 287 101.61 -63.68 -6.13
C GLY KB 287 100.51 -62.85 -5.52
N ASP KB 288 100.91 -61.81 -4.81
CA ASP KB 288 99.98 -60.98 -4.06
C ASP KB 288 99.19 -60.07 -5.00
N LEU KB 289 98.05 -59.60 -4.51
CA LEU KB 289 97.13 -58.77 -5.29
C LEU KB 289 97.69 -57.37 -5.40
N VAL KB 290 98.31 -57.07 -6.55
CA VAL KB 290 98.89 -55.74 -6.77
C VAL KB 290 97.79 -54.69 -6.85
N SER KB 291 96.79 -54.93 -7.68
CA SER KB 291 95.69 -53.99 -7.91
C SER KB 291 94.62 -54.68 -8.74
N TYR KB 292 93.60 -53.94 -9.11
CA TYR KB 292 92.54 -54.41 -9.99
C TYR KB 292 92.25 -53.33 -11.03
N GLN KB 293 91.77 -53.76 -12.19
CA GLN KB 293 91.52 -52.83 -13.28
C GLN KB 293 90.42 -53.36 -14.18
N ILE KB 294 89.83 -52.44 -14.95
CA ILE KB 294 88.76 -52.76 -15.90
C ILE KB 294 89.19 -52.28 -17.28
N ASN KB 295 89.11 -53.17 -18.26
CA ASN KB 295 89.45 -52.86 -19.64
C ASN KB 295 88.19 -52.61 -20.45
N ASN KB 296 88.38 -52.26 -21.72
CA ASN KB 296 87.29 -51.81 -22.57
C ASN KB 296 86.32 -52.92 -22.94
N ASP KB 297 86.65 -54.19 -22.67
CA ASP KB 297 85.78 -55.29 -23.04
C ASP KB 297 84.67 -55.53 -22.02
N GLY KB 298 84.64 -54.78 -20.93
CA GLY KB 298 83.64 -54.98 -19.89
C GLY KB 298 84.01 -55.97 -18.82
N THR KB 299 85.18 -56.60 -18.92
CA THR KB 299 85.60 -57.57 -17.92
C THR KB 299 86.34 -56.89 -16.77
N VAL KB 300 86.24 -57.49 -15.59
CA VAL KB 300 87.00 -57.08 -14.42
C VAL KB 300 88.16 -58.04 -14.28
N VAL KB 301 89.38 -57.53 -14.44
CA VAL KB 301 90.59 -58.34 -14.51
C VAL KB 301 91.52 -57.91 -13.39
N GLY KB 302 92.15 -58.88 -12.73
CA GLY KB 302 93.09 -58.61 -11.66
C GLY KB 302 94.49 -59.03 -12.05
N ASN KB 303 95.47 -58.20 -11.67
CA ASN KB 303 96.88 -58.48 -11.90
C ASN KB 303 97.57 -58.70 -10.56
N TYR KB 304 98.50 -59.65 -10.54
CA TYR KB 304 99.18 -60.04 -9.31
C TYR KB 304 100.69 -59.85 -9.45
N SER KB 305 101.37 -59.99 -8.32
CA SER KB 305 102.82 -59.80 -8.28
C SER KB 305 103.56 -60.84 -9.11
N ASN KB 306 103.00 -62.02 -9.30
CA ASN KB 306 103.63 -63.09 -10.06
C ASN KB 306 103.41 -62.95 -11.56
N GLU KB 307 103.07 -61.75 -12.03
CA GLU KB 307 102.84 -61.49 -13.45
C GLU KB 307 101.76 -62.41 -14.02
N GLN KB 308 100.72 -62.64 -13.22
CA GLN KB 308 99.58 -63.46 -13.64
C GLN KB 308 98.31 -62.62 -13.62
N GLU KB 309 97.42 -62.93 -14.56
CA GLU KB 309 96.16 -62.22 -14.72
C GLU KB 309 95.00 -63.10 -14.31
N GLN KB 310 94.08 -62.53 -13.55
CA GLN KB 310 92.89 -63.24 -13.08
C GLN KB 310 91.64 -62.54 -13.59
N VAL KB 311 90.71 -63.32 -14.11
CA VAL KB 311 89.44 -62.81 -14.62
C VAL KB 311 88.39 -62.98 -13.54
N LEU KB 312 87.73 -61.88 -13.19
CA LEU KB 312 86.69 -61.89 -12.16
C LEU KB 312 85.28 -61.74 -12.75
N GLY KB 313 85.14 -61.81 -14.06
CA GLY KB 313 83.87 -61.70 -14.73
C GLY KB 313 83.80 -60.48 -15.63
N GLN KB 314 82.61 -60.28 -16.20
CA GLN KB 314 82.36 -59.12 -17.04
C GLN KB 314 80.99 -58.56 -16.71
N ILE KB 315 80.81 -57.29 -17.03
CA ILE KB 315 79.57 -56.58 -16.72
C ILE KB 315 78.62 -56.70 -17.91
N VAL KB 316 77.40 -57.11 -17.65
CA VAL KB 316 76.40 -57.27 -18.70
C VAL KB 316 75.81 -55.92 -19.07
N LEU KB 317 75.35 -55.79 -20.31
CA LEU KB 317 74.63 -54.62 -20.76
C LEU KB 317 73.24 -55.04 -21.21
N ALA KB 318 72.22 -54.35 -20.72
CA ALA KB 318 70.83 -54.68 -21.02
C ALA KB 318 70.27 -53.65 -21.99
N ASN KB 319 69.70 -54.13 -23.09
CA ASN KB 319 69.06 -53.28 -24.09
C ASN KB 319 67.59 -53.63 -24.14
N PHE KB 320 66.73 -52.62 -23.93
CA PHE KB 320 65.30 -52.83 -23.94
C PHE KB 320 64.74 -52.71 -25.35
N ALA KB 321 63.71 -53.50 -25.63
CA ALA KB 321 63.03 -53.41 -26.90
C ALA KB 321 62.28 -52.10 -27.07
N ASN KB 322 62.04 -51.37 -25.98
CA ASN KB 322 61.29 -50.12 -26.04
C ASN KB 322 61.75 -49.21 -24.92
N ASN KB 323 62.27 -48.03 -25.27
CA ASN KB 323 62.59 -47.02 -24.29
C ASN KB 323 61.32 -46.22 -23.98
N GLU KB 324 61.45 -45.15 -23.18
CA GLU KB 324 60.34 -44.29 -22.81
C GLU KB 324 59.24 -45.07 -22.07
N GLY KB 325 59.52 -46.33 -21.73
CA GLY KB 325 58.64 -47.10 -20.89
C GLY KB 325 59.35 -47.47 -19.61
N LEU KB 326 60.59 -46.99 -19.49
CA LEU KB 326 61.42 -47.27 -18.32
C LEU KB 326 60.99 -46.34 -17.19
N ALA KB 327 60.30 -46.89 -16.19
CA ALA KB 327 59.89 -46.10 -15.04
C ALA KB 327 61.12 -45.68 -14.24
N SER KB 328 61.12 -44.43 -13.78
CA SER KB 328 62.21 -43.91 -12.96
C SER KB 328 61.84 -44.04 -11.49
N GLN KB 329 62.75 -44.58 -10.70
CA GLN KB 329 62.52 -44.82 -9.28
C GLN KB 329 63.63 -44.16 -8.48
N GLY KB 330 63.26 -43.28 -7.55
CA GLY KB 330 64.19 -42.70 -6.62
C GLY KB 330 65.37 -42.01 -7.27
N ASP KB 331 66.55 -42.61 -7.12
CA ASP KB 331 67.77 -42.06 -7.69
C ASP KB 331 67.83 -42.39 -9.18
N ASN KB 332 68.99 -42.18 -9.80
CA ASN KB 332 69.14 -42.40 -11.22
C ASN KB 332 69.17 -43.88 -11.56
N VAL KB 333 68.06 -44.58 -11.34
CA VAL KB 333 67.90 -45.96 -11.76
C VAL KB 333 66.55 -46.10 -12.46
N TRP KB 334 66.45 -47.12 -13.30
CA TRP KB 334 65.22 -47.41 -14.01
C TRP KB 334 64.86 -48.88 -13.80
N ALA KB 335 63.56 -49.13 -13.64
CA ALA KB 335 63.04 -50.47 -13.40
C ALA KB 335 62.19 -50.88 -14.59
N ALA KB 336 62.40 -52.10 -15.07
CA ALA KB 336 61.61 -52.62 -16.17
C ALA KB 336 60.17 -52.86 -15.72
N THR KB 337 59.25 -52.79 -16.67
CA THR KB 337 57.83 -53.01 -16.41
C THR KB 337 57.17 -53.48 -17.69
N GLN KB 338 55.85 -53.60 -17.67
CA GLN KB 338 55.12 -53.93 -18.88
C GLN KB 338 55.22 -52.79 -19.87
N ALA KB 339 55.09 -53.14 -21.16
CA ALA KB 339 55.26 -52.19 -22.26
C ALA KB 339 56.66 -51.58 -22.28
N SER KB 340 57.64 -52.34 -21.79
CA SER KB 340 59.04 -51.93 -21.86
C SER KB 340 59.97 -53.04 -22.29
N GLY KB 341 59.51 -54.29 -22.33
CA GLY KB 341 60.31 -55.39 -22.81
C GLY KB 341 61.22 -55.99 -21.76
N VAL KB 342 61.88 -57.07 -22.15
CA VAL KB 342 62.83 -57.75 -21.28
C VAL KB 342 64.19 -57.07 -21.42
N ALA KB 343 65.07 -57.32 -20.44
CA ALA KB 343 66.36 -56.65 -20.42
C ALA KB 343 67.22 -57.03 -21.62
N LEU KB 344 67.08 -58.25 -22.12
CA LEU KB 344 67.87 -58.75 -23.25
C LEU KB 344 69.36 -58.62 -22.96
N LEU KB 345 69.79 -59.36 -21.93
CA LEU KB 345 71.17 -59.28 -21.46
C LEU KB 345 72.13 -59.71 -22.56
N GLY KB 346 73.26 -59.02 -22.62
CA GLY KB 346 74.28 -59.31 -23.62
C GLY KB 346 75.64 -58.89 -23.13
N THR KB 347 76.62 -59.01 -24.02
CA THR KB 347 77.99 -58.64 -23.72
C THR KB 347 78.37 -57.35 -24.44
N ALA KB 348 79.32 -56.64 -23.85
CA ALA KB 348 79.74 -55.34 -24.38
C ALA KB 348 80.71 -55.47 -25.55
N GLY KB 349 81.16 -56.68 -25.89
CA GLY KB 349 82.14 -56.82 -26.95
C GLY KB 349 81.62 -56.37 -28.30
N SER KB 350 80.42 -56.81 -28.65
CA SER KB 350 79.82 -56.48 -29.94
C SER KB 350 78.33 -56.79 -29.87
N GLY KB 351 77.62 -56.48 -30.96
CA GLY KB 351 76.21 -56.74 -31.03
C GLY KB 351 75.37 -55.48 -30.99
N ASN KB 352 74.26 -55.52 -30.26
CA ASN KB 352 73.36 -54.38 -30.11
C ASN KB 352 73.72 -53.52 -28.91
N PHE KB 353 75.00 -53.53 -28.51
CA PHE KB 353 75.44 -52.78 -27.36
C PHE KB 353 76.71 -52.02 -27.71
N GLY KB 354 76.90 -50.86 -27.07
CA GLY KB 354 78.02 -50.01 -27.37
C GLY KB 354 79.28 -50.39 -26.62
N LYS KB 355 80.35 -49.66 -26.92
CA LYS KB 355 81.63 -49.86 -26.25
C LYS KB 355 81.63 -49.18 -24.89
N LEU KB 356 82.57 -49.60 -24.04
CA LEU KB 356 82.76 -49.01 -22.72
C LEU KB 356 84.12 -48.36 -22.65
N THR KB 357 84.14 -47.11 -22.18
CA THR KB 357 85.37 -46.34 -22.05
C THR KB 357 85.67 -46.12 -20.58
N ASN KB 358 86.88 -46.47 -20.16
CA ASN KB 358 87.27 -46.42 -18.76
C ASN KB 358 87.97 -45.09 -18.47
N GLY KB 359 87.71 -44.55 -17.28
CA GLY KB 359 88.31 -43.29 -16.89
C GLY KB 359 87.55 -42.05 -17.30
N ALA KB 360 86.27 -42.18 -17.60
CA ALA KB 360 85.47 -41.04 -18.02
C ALA KB 360 84.03 -41.24 -17.56
N LEU KB 361 83.27 -40.15 -17.55
CA LEU KB 361 81.89 -40.17 -17.11
C LEU KB 361 81.03 -39.42 -18.12
N GLU KB 362 79.73 -39.72 -18.11
CA GLU KB 362 78.78 -39.16 -19.05
C GLU KB 362 78.05 -37.98 -18.41
N ALA KB 363 77.93 -36.89 -19.16
CA ALA KB 363 77.35 -35.66 -18.64
C ALA KB 363 75.83 -35.77 -18.58
N SER KB 364 75.16 -34.67 -18.28
CA SER KB 364 73.72 -34.64 -18.07
C SER KB 364 72.93 -34.25 -19.32
N ASN KB 365 73.62 -33.89 -20.41
CA ASN KB 365 73.00 -33.55 -21.69
C ASN KB 365 71.81 -32.61 -21.52
N VAL KB 366 72.01 -31.57 -20.72
CA VAL KB 366 71.02 -30.51 -20.53
C VAL KB 366 71.66 -29.18 -20.88
N ASP KB 367 70.97 -28.39 -21.69
CA ASP KB 367 71.45 -27.07 -22.10
C ASP KB 367 70.65 -26.00 -21.38
N LEU KB 368 71.35 -25.15 -20.63
CA LEU KB 368 70.69 -24.04 -19.96
C LEU KB 368 70.06 -23.08 -20.96
N SER KB 369 70.77 -22.81 -22.07
CA SER KB 369 70.24 -21.90 -23.08
C SER KB 369 68.95 -22.44 -23.67
N LYS KB 370 68.89 -23.74 -23.94
CA LYS KB 370 67.67 -24.31 -24.51
C LYS KB 370 66.53 -24.31 -23.49
N GLU KB 371 66.83 -24.55 -22.22
CA GLU KB 371 65.77 -24.63 -21.22
C GLU KB 371 65.25 -23.26 -20.83
N LEU KB 372 66.14 -22.26 -20.73
CA LEU KB 372 65.71 -20.95 -20.26
C LEU KB 372 64.71 -20.32 -21.22
N VAL KB 373 64.96 -20.41 -22.52
CA VAL KB 373 64.00 -19.86 -23.48
C VAL KB 373 62.69 -20.65 -23.45
N ASN KB 374 62.75 -21.93 -23.08
CA ASN KB 374 61.51 -22.69 -22.92
C ASN KB 374 60.79 -22.33 -21.63
N MET KB 375 61.53 -21.87 -20.61
CA MET KB 375 60.89 -21.48 -19.37
C MET KB 375 60.12 -20.18 -19.51
N ILE KB 376 60.64 -19.25 -20.32
CA ILE KB 376 59.98 -17.96 -20.47
C ILE KB 376 58.64 -18.11 -21.16
N VAL KB 377 58.60 -18.85 -22.27
CA VAL KB 377 57.34 -19.04 -22.99
C VAL KB 377 56.36 -19.85 -22.17
N ALA KB 378 56.85 -20.81 -21.38
CA ALA KB 378 55.95 -21.61 -20.55
C ALA KB 378 55.24 -20.74 -19.53
N GLN KB 379 55.92 -19.72 -19.00
CA GLN KB 379 55.26 -18.79 -18.09
C GLN KB 379 54.14 -18.03 -18.79
N ARG KB 380 54.38 -17.59 -20.03
CA ARG KB 380 53.37 -16.83 -20.74
C ARG KB 380 52.13 -17.66 -21.02
N ASN KB 381 52.32 -18.95 -21.35
CA ASN KB 381 51.16 -19.82 -21.54
C ASN KB 381 50.37 -19.97 -20.25
N TYR KB 382 51.07 -20.08 -19.12
CA TYR KB 382 50.38 -20.19 -17.84
C TYR KB 382 49.64 -18.91 -17.49
N GLN KB 383 50.26 -17.75 -17.76
CA GLN KB 383 49.59 -16.49 -17.46
C GLN KB 383 48.42 -16.25 -18.41
N SER KB 384 48.60 -16.56 -19.69
CA SER KB 384 47.51 -16.38 -20.65
C SER KB 384 46.35 -17.32 -20.34
N ASN KB 385 46.65 -18.56 -19.94
CA ASN KB 385 45.58 -19.48 -19.55
C ASN KB 385 44.83 -18.95 -18.34
N ALA KB 386 45.55 -18.40 -17.37
CA ALA KB 386 44.89 -17.80 -16.21
C ALA KB 386 44.03 -16.61 -16.59
N GLN KB 387 44.32 -15.98 -17.73
CA GLN KB 387 43.48 -14.87 -18.18
C GLN KB 387 42.11 -15.37 -18.62
N THR KB 388 42.05 -16.57 -19.22
CA THR KB 388 40.77 -17.13 -19.62
C THR KB 388 39.87 -17.38 -18.42
N ILE KB 389 40.45 -17.92 -17.34
CA ILE KB 389 39.63 -18.18 -16.16
C ILE KB 389 39.24 -16.88 -15.48
N LYS KB 390 39.97 -15.79 -15.75
CA LYS KB 390 39.59 -14.50 -15.18
C LYS KB 390 38.34 -13.96 -15.86
N THR KB 391 38.29 -14.00 -17.18
CA THR KB 391 37.11 -13.50 -17.88
C THR KB 391 35.94 -14.46 -17.79
N GLN KB 392 36.21 -15.77 -17.70
CA GLN KB 392 35.14 -16.73 -17.53
C GLN KB 392 34.44 -16.51 -16.20
N ASP KB 393 35.19 -16.26 -15.13
CA ASP KB 393 34.59 -15.95 -13.85
C ASP KB 393 33.87 -14.61 -13.89
N GLN KB 394 34.48 -13.61 -14.52
CA GLN KB 394 33.91 -12.27 -14.51
C GLN KB 394 32.61 -12.21 -15.30
N ILE KB 395 32.45 -13.09 -16.29
CA ILE KB 395 31.18 -13.14 -17.01
C ILE KB 395 30.08 -13.71 -16.12
N LEU KB 396 30.40 -14.69 -15.27
CA LEU KB 396 29.38 -15.24 -14.38
C LEU KB 396 28.99 -14.25 -13.31
N ASN KB 397 29.90 -13.36 -12.92
CA ASN KB 397 29.60 -12.39 -11.86
C ASN KB 397 28.48 -11.45 -12.28
N THR KB 398 28.51 -10.95 -13.52
CA THR KB 398 27.45 -10.05 -13.96
C THR KB 398 26.15 -10.78 -14.19
N LEU KB 399 26.20 -12.11 -14.31
CA LEU KB 399 24.98 -12.87 -14.56
C LEU KB 399 24.25 -13.20 -13.26
N VAL KB 400 24.99 -13.57 -12.21
CA VAL KB 400 24.34 -13.91 -10.95
C VAL KB 400 23.75 -12.67 -10.30
N ASN KB 401 24.52 -11.57 -10.24
CA ASN KB 401 24.00 -10.34 -9.67
C ASN KB 401 22.90 -9.75 -10.55
N LEU KB 402 23.14 -9.71 -11.86
CA LEU KB 402 22.18 -9.18 -12.83
C LEU KB 402 21.74 -7.77 -12.48
N SER LB 2 33.82 -0.56 -31.84
CA SER LB 2 34.63 -0.14 -32.98
C SER LB 2 36.06 -0.62 -32.82
N PHE LB 3 36.24 -1.93 -32.63
CA PHE LB 3 37.56 -2.50 -32.49
C PHE LB 3 38.24 -2.78 -33.82
N SER LB 4 37.55 -2.53 -34.95
CA SER LB 4 38.11 -2.85 -36.25
C SER LB 4 39.39 -2.08 -36.53
N GLN LB 5 39.52 -0.87 -35.97
CA GLN LB 5 40.73 -0.10 -36.19
C GLN LB 5 41.93 -0.72 -35.48
N ALA LB 6 41.77 -1.09 -34.21
CA ALA LB 6 42.90 -1.58 -33.44
C ALA LB 6 43.29 -3.00 -33.85
N VAL LB 7 42.30 -3.88 -34.03
CA VAL LB 7 42.63 -5.27 -34.33
C VAL LB 7 43.33 -5.37 -35.68
N SER LB 8 42.96 -4.52 -36.63
CA SER LB 8 43.68 -4.48 -37.90
C SER LB 8 45.09 -3.95 -37.72
N GLY LB 9 45.24 -2.92 -36.87
CA GLY LB 9 46.57 -2.38 -36.62
C GLY LB 9 47.47 -3.36 -35.89
N LEU LB 10 46.93 -4.06 -34.89
CA LEU LB 10 47.74 -5.01 -34.13
C LEU LB 10 48.26 -6.13 -35.02
N ASN LB 11 47.41 -6.66 -35.89
CA ASN LB 11 47.86 -7.72 -36.79
C ASN LB 11 48.95 -7.22 -37.72
N ALA LB 12 48.81 -6.00 -38.23
CA ALA LB 12 49.85 -5.43 -39.07
C ALA LB 12 51.15 -5.21 -38.29
N ALA LB 13 51.04 -4.69 -37.07
CA ALA LB 13 52.23 -4.42 -36.27
C ALA LB 13 52.94 -5.72 -35.88
N ALA LB 14 52.18 -6.73 -35.45
CA ALA LB 14 52.79 -8.00 -35.09
C ALA LB 14 53.43 -8.68 -36.30
N THR LB 15 52.79 -8.57 -37.46
CA THR LB 15 53.37 -9.14 -38.67
C THR LB 15 54.71 -8.50 -39.00
N ASN LB 16 54.82 -7.18 -38.77
CA ASN LB 16 56.09 -6.51 -38.98
C ASN LB 16 57.17 -7.07 -38.05
N LEU LB 17 56.81 -7.37 -36.81
CA LEU LB 17 57.77 -7.98 -35.90
C LEU LB 17 58.22 -9.34 -36.41
N ASP LB 18 57.29 -10.11 -36.98
CA ASP LB 18 57.65 -11.40 -37.55
C ASP LB 18 58.65 -11.26 -38.69
N VAL LB 19 58.41 -10.29 -39.58
CA VAL LB 19 59.32 -10.08 -40.70
C VAL LB 19 60.69 -9.64 -40.20
N ILE LB 20 60.71 -8.68 -39.27
CA ILE LB 20 61.98 -8.23 -38.72
C ILE LB 20 62.67 -9.35 -37.97
N GLY LB 21 61.92 -10.12 -37.19
CA GLY LB 21 62.50 -11.25 -36.48
C GLY LB 21 63.07 -12.29 -37.41
N ASN LB 22 62.37 -12.58 -38.51
CA ASN LB 22 62.88 -13.55 -39.47
C ASN LB 22 64.18 -13.06 -40.11
N ASN LB 23 64.24 -11.78 -40.47
CA ASN LB 23 65.44 -11.24 -41.11
C ASN LB 23 66.65 -11.32 -40.18
N ILE LB 24 66.49 -10.92 -38.92
CA ILE LB 24 67.62 -10.97 -38.01
C ILE LB 24 67.98 -12.42 -37.67
N ALA LB 25 66.98 -13.30 -37.54
CA ALA LB 25 67.28 -14.69 -37.21
C ALA LB 25 68.04 -15.37 -38.32
N ASN LB 26 67.65 -15.14 -39.58
CA ASN LB 26 68.27 -15.79 -40.72
C ASN LB 26 69.53 -15.10 -41.21
N SER LB 27 70.17 -14.30 -40.37
CA SER LB 27 71.44 -13.71 -40.76
C SER LB 27 72.50 -14.80 -40.91
N ALA LB 28 73.59 -14.44 -41.59
CA ALA LB 28 74.69 -15.34 -41.89
C ALA LB 28 74.28 -16.53 -42.74
N THR LB 29 73.14 -16.43 -43.44
CA THR LB 29 72.72 -17.46 -44.38
C THR LB 29 73.11 -17.02 -45.79
N TYR LB 30 73.88 -17.84 -46.48
CA TYR LB 30 74.51 -17.41 -47.72
C TYR LB 30 73.47 -17.10 -48.80
N GLY LB 31 72.55 -18.03 -49.04
CA GLY LB 31 71.55 -17.81 -50.05
C GLY LB 31 70.28 -17.19 -49.49
N PHE LB 32 70.40 -16.08 -48.78
CA PHE LB 32 69.28 -15.45 -48.11
C PHE LB 32 69.11 -14.03 -48.63
N LYS LB 33 67.87 -13.66 -48.95
CA LYS LB 33 67.52 -12.31 -49.40
C LYS LB 33 66.53 -11.71 -48.44
N SER LB 34 66.82 -10.49 -47.99
CA SER LB 34 66.02 -9.86 -46.95
C SER LB 34 64.61 -9.55 -47.45
N GLY LB 35 63.66 -9.60 -46.53
CA GLY LB 35 62.28 -9.29 -46.84
C GLY LB 35 61.77 -8.07 -46.10
N THR LB 36 60.67 -7.49 -46.56
CA THR LB 36 60.11 -6.31 -45.93
C THR LB 36 58.63 -6.22 -46.26
N ALA LB 37 57.82 -5.87 -45.26
CA ALA LB 37 56.38 -5.78 -45.44
C ALA LB 37 55.99 -4.46 -46.11
N SER LB 38 54.76 -4.42 -46.60
CA SER LB 38 54.21 -3.21 -47.22
C SER LB 38 52.76 -3.06 -46.78
N PHE LB 39 52.40 -1.85 -46.36
CA PHE LB 39 51.08 -1.58 -45.81
C PHE LB 39 50.27 -0.72 -46.79
N ALA LB 40 48.97 -0.63 -46.51
CA ALA LB 40 48.07 0.21 -47.31
C ALA LB 40 46.78 0.37 -46.53
N ASP LB 41 46.35 1.63 -46.34
CA ASP LB 41 45.13 1.89 -45.60
C ASP LB 41 43.92 1.45 -46.41
N MET LB 42 42.77 1.42 -45.75
CA MET LB 42 41.53 0.99 -46.37
C MET LB 42 40.41 1.96 -46.03
N PHE LB 43 39.46 2.09 -46.96
CA PHE LB 43 38.29 2.92 -46.79
C PHE LB 43 37.10 2.22 -47.43
N ALA LB 44 36.12 1.84 -46.61
CA ALA LB 44 34.94 1.15 -47.13
C ALA LB 44 33.80 2.13 -47.43
N GLY LB 45 33.34 2.84 -46.40
CA GLY LB 45 32.20 3.73 -46.55
C GLY LB 45 32.56 5.19 -46.40
N SER LB 46 32.29 5.75 -45.22
CA SER LB 46 32.54 7.16 -44.96
C SER LB 46 34.04 7.45 -44.96
N LYS LB 47 34.37 8.74 -44.80
CA LYS LB 47 35.75 9.18 -44.86
C LYS LB 47 36.58 8.66 -43.69
N VAL LB 48 35.96 8.14 -42.63
CA VAL LB 48 36.70 7.59 -41.51
C VAL LB 48 37.32 6.26 -41.92
N GLY LB 49 38.61 6.10 -41.63
CA GLY LB 49 39.32 4.90 -42.04
C GLY LB 49 38.88 3.67 -41.28
N LEU LB 50 39.24 2.51 -41.85
CA LEU LB 50 38.88 1.22 -41.27
C LEU LB 50 40.11 0.39 -40.90
N GLY LB 51 41.27 1.02 -40.78
CA GLY LB 51 42.48 0.33 -40.42
C GLY LB 51 43.43 0.15 -41.58
N VAL LB 52 44.40 -0.74 -41.39
CA VAL LB 52 45.47 -0.96 -42.35
C VAL LB 52 45.56 -2.44 -42.67
N LYS LB 53 45.64 -2.75 -43.97
CA LYS LB 53 45.87 -4.10 -44.44
C LYS LB 53 47.32 -4.24 -44.90
N VAL LB 54 47.85 -5.44 -44.78
CA VAL LB 54 49.21 -5.72 -45.20
C VAL LB 54 49.19 -6.22 -46.63
N ALA LB 55 50.01 -5.61 -47.49
CA ALA LB 55 50.04 -5.93 -48.90
C ALA LB 55 51.11 -6.97 -49.25
N GLY LB 56 51.39 -7.88 -48.33
CA GLY LB 56 52.36 -8.93 -48.62
C GLY LB 56 53.79 -8.45 -48.48
N ILE LB 57 54.68 -9.39 -48.15
CA ILE LB 57 56.08 -9.07 -47.97
C ILE LB 57 56.74 -8.88 -49.33
N THR LB 58 57.74 -8.00 -49.36
CA THR LB 58 58.50 -7.72 -50.58
C THR LB 58 59.97 -8.07 -50.34
N GLN LB 59 60.55 -8.79 -51.30
CA GLN LB 59 61.91 -9.30 -51.18
C GLN LB 59 62.90 -8.28 -51.73
N ASP LB 60 64.11 -8.30 -51.17
CA ASP LB 60 65.22 -7.47 -51.62
C ASP LB 60 66.27 -8.39 -52.24
N PHE LB 61 66.57 -8.18 -53.52
CA PHE LB 61 67.51 -9.02 -54.24
C PHE LB 61 68.86 -8.33 -54.47
N THR LB 62 69.31 -7.53 -53.52
CA THR LB 62 70.63 -6.92 -53.62
C THR LB 62 71.72 -7.99 -53.52
N ASP LB 63 72.80 -7.76 -54.25
CA ASP LB 63 73.92 -8.69 -54.21
C ASP LB 63 74.57 -8.73 -52.82
N GLY LB 64 75.02 -9.91 -52.44
CA GLY LB 64 75.68 -10.08 -51.16
C GLY LB 64 77.16 -9.74 -51.21
N THR LB 65 77.98 -10.54 -50.53
CA THR LB 65 79.43 -10.35 -50.53
C THR LB 65 80.09 -11.70 -50.72
N THR LB 66 80.86 -11.85 -51.79
CA THR LB 66 81.44 -13.14 -52.18
C THR LB 66 82.66 -13.41 -51.31
N THR LB 67 82.43 -13.99 -50.14
CA THR LB 67 83.54 -14.37 -49.27
C THR LB 67 84.26 -15.59 -49.83
N ASN LB 68 85.58 -15.56 -49.77
CA ASN LB 68 86.41 -16.64 -50.30
C ASN LB 68 86.59 -17.71 -49.23
N THR LB 69 85.74 -18.73 -49.28
CA THR LB 69 85.79 -19.82 -48.31
C THR LB 69 86.62 -21.01 -48.78
N GLY LB 70 87.24 -20.92 -49.95
CA GLY LB 70 88.03 -22.02 -50.46
C GLY LB 70 87.22 -23.01 -51.26
N ARG LB 71 87.72 -24.24 -51.30
CA ARG LB 71 87.13 -25.39 -51.99
C ARG LB 71 86.83 -25.09 -53.46
N GLY LB 72 86.11 -25.98 -54.12
CA GLY LB 72 85.85 -25.83 -55.54
C GLY LB 72 84.39 -25.89 -55.93
N LEU LB 73 83.55 -26.45 -55.07
CA LEU LB 73 82.13 -26.59 -55.35
C LEU LB 73 81.33 -25.46 -54.67
N ASP LB 74 81.59 -24.25 -55.13
CA ASP LB 74 80.89 -23.07 -54.63
C ASP LB 74 81.04 -21.94 -55.62
N VAL LB 75 79.92 -21.41 -56.10
CA VAL LB 75 79.91 -20.40 -57.15
C VAL LB 75 79.00 -19.25 -56.74
N ALA LB 76 79.41 -18.03 -57.07
CA ALA LB 76 78.67 -16.83 -56.73
C ALA LB 76 78.43 -16.00 -57.98
N ILE LB 77 77.34 -15.22 -57.95
CA ILE LB 77 76.93 -14.40 -59.09
C ILE LB 77 77.02 -12.94 -58.68
N SER LB 78 77.66 -12.12 -59.52
CA SER LB 78 77.82 -10.71 -59.25
C SER LB 78 76.76 -9.85 -59.92
N GLN LB 79 75.75 -10.47 -60.53
CA GLN LB 79 74.71 -9.74 -61.24
C GLN LB 79 73.40 -10.53 -61.08
N ASN LB 80 72.42 -10.19 -61.90
CA ASN LB 80 71.14 -10.89 -61.86
C ASN LB 80 71.29 -12.31 -62.40
N GLY LB 81 70.54 -13.23 -61.82
CA GLY LB 81 70.58 -14.62 -62.27
C GLY LB 81 70.30 -15.62 -61.18
N PHE LB 82 69.48 -16.62 -61.48
CA PHE LB 82 69.09 -17.66 -60.53
C PHE LB 82 69.50 -19.02 -61.08
N PHE LB 83 70.12 -19.84 -60.23
CA PHE LB 83 70.39 -21.22 -60.59
C PHE LB 83 69.09 -21.98 -60.77
N ARG LB 84 69.06 -22.89 -61.75
CA ARG LB 84 67.89 -23.71 -62.01
C ARG LB 84 68.08 -25.06 -61.34
N LEU LB 85 67.09 -25.46 -60.53
CA LEU LB 85 67.16 -26.71 -59.79
C LEU LB 85 65.91 -27.52 -60.04
N VAL LB 86 66.05 -28.84 -59.96
CA VAL LB 86 64.94 -29.78 -60.08
C VAL LB 86 65.01 -30.74 -58.90
N ASP LB 87 63.85 -31.28 -58.52
CA ASP LB 87 63.76 -32.19 -57.40
C ASP LB 87 63.56 -33.61 -57.91
N SER LB 88 63.39 -34.54 -56.96
CA SER LB 88 63.13 -35.93 -57.33
C SER LB 88 61.78 -36.09 -58.02
N ASN LB 89 60.77 -35.36 -57.55
CA ASN LB 89 59.43 -35.46 -58.14
C ASN LB 89 59.35 -34.82 -59.51
N GLY LB 90 60.35 -34.06 -59.93
CA GLY LB 90 60.38 -33.44 -61.24
C GLY LB 90 60.05 -31.97 -61.26
N SER LB 91 59.55 -31.41 -60.15
CA SER LB 91 59.26 -29.99 -60.10
C SER LB 91 60.53 -29.17 -60.16
N VAL LB 92 60.42 -27.94 -60.66
CA VAL LB 92 61.56 -27.07 -60.91
C VAL LB 92 61.58 -25.97 -59.86
N PHE LB 93 62.73 -25.79 -59.22
CA PHE LB 93 62.94 -24.75 -58.23
C PHE LB 93 64.11 -23.87 -58.64
N TYR LB 94 64.10 -22.64 -58.14
CA TYR LB 94 65.12 -21.65 -58.46
C TYR LB 94 65.70 -21.12 -57.17
N SER LB 95 67.03 -20.95 -57.13
CA SER LB 95 67.71 -20.55 -55.91
C SER LB 95 69.03 -19.87 -56.25
N ARG LB 96 69.71 -19.40 -55.21
CA ARG LB 96 71.03 -18.81 -55.36
C ARG LB 96 72.07 -19.47 -54.45
N ASN LB 97 71.74 -20.57 -53.79
CA ASN LB 97 72.66 -21.21 -52.87
C ASN LB 97 73.88 -21.74 -53.62
N GLY LB 98 75.06 -21.43 -53.09
CA GLY LB 98 76.31 -21.88 -53.68
C GLY LB 98 76.87 -23.17 -53.15
N GLN LB 99 76.23 -23.78 -52.16
CA GLN LB 99 76.72 -25.02 -51.57
C GLN LB 99 76.37 -26.18 -52.50
N PHE LB 100 77.39 -26.81 -53.06
CA PHE LB 100 77.20 -27.93 -53.96
C PHE LB 100 78.12 -29.08 -53.56
N LYS LB 101 77.67 -30.30 -53.83
CA LYS LB 101 78.43 -31.50 -53.48
C LYS LB 101 78.04 -32.63 -54.42
N LEU LB 102 79.03 -33.43 -54.79
CA LEU LB 102 78.79 -34.59 -55.65
C LEU LB 102 78.04 -35.64 -54.85
N ASP LB 103 76.85 -36.00 -55.34
CA ASP LB 103 76.00 -36.95 -54.62
C ASP LB 103 76.50 -38.37 -54.85
N GLU LB 104 75.72 -39.35 -54.37
CA GLU LB 104 76.11 -40.75 -54.48
C GLU LB 104 76.21 -41.19 -55.93
N ASN LB 105 75.27 -40.75 -56.77
CA ASN LB 105 75.26 -41.10 -58.18
C ASN LB 105 76.13 -40.17 -59.03
N ARG LB 106 77.09 -39.48 -58.41
CA ARG LB 106 78.07 -38.65 -59.09
C ARG LB 106 77.47 -37.44 -59.79
N ASN LB 107 76.31 -36.97 -59.33
CA ASN LB 107 75.71 -35.74 -59.85
C ASN LB 107 75.87 -34.61 -58.85
N LEU LB 108 75.72 -33.38 -59.35
CA LEU LB 108 75.85 -32.19 -58.52
C LEU LB 108 74.54 -31.93 -57.78
N VAL LB 109 74.61 -31.90 -56.45
CA VAL LB 109 73.46 -31.71 -55.60
C VAL LB 109 73.83 -30.73 -54.49
N ASN LB 110 72.88 -29.88 -54.11
CA ASN LB 110 73.08 -28.91 -53.05
C ASN LB 110 72.99 -29.62 -51.70
N MET LB 111 73.00 -28.86 -50.62
CA MET LB 111 73.03 -29.41 -49.27
C MET LB 111 71.71 -30.01 -48.83
N GLN LB 112 70.64 -29.85 -49.60
CA GLN LB 112 69.34 -30.37 -49.22
C GLN LB 112 68.90 -31.58 -50.02
N GLY LB 113 69.27 -31.69 -51.29
CA GLY LB 113 68.85 -32.81 -52.09
C GLY LB 113 68.21 -32.42 -53.41
N MET LB 114 68.47 -31.18 -53.85
CA MET LB 114 67.98 -30.72 -55.14
C MET LB 114 69.01 -30.99 -56.22
N GLN LB 115 68.52 -31.41 -57.38
CA GLN LB 115 69.39 -31.80 -58.49
C GLN LB 115 69.68 -30.57 -59.35
N LEU LB 116 70.95 -30.18 -59.41
CA LEU LB 116 71.35 -29.05 -60.24
C LEU LB 116 71.20 -29.38 -61.71
N THR LB 117 70.72 -28.42 -62.49
CA THR LB 117 70.49 -28.60 -63.91
C THR LB 117 71.38 -27.64 -64.70
N GLY LB 118 71.74 -28.07 -65.91
CA GLY LB 118 72.56 -27.26 -66.79
C GLY LB 118 72.54 -27.84 -68.19
N TYR LB 119 73.22 -27.15 -69.09
CA TYR LB 119 73.27 -27.60 -70.48
C TYR LB 119 74.01 -28.93 -70.56
N PRO LB 120 73.38 -29.98 -71.10
CA PRO LB 120 74.07 -31.26 -71.26
C PRO LB 120 75.19 -31.15 -72.28
N ALA LB 121 76.24 -31.93 -72.05
CA ALA LB 121 77.39 -31.97 -72.94
C ALA LB 121 77.33 -33.22 -73.81
N THR LB 122 77.22 -33.02 -75.11
CA THR LB 122 77.12 -34.10 -76.07
C THR LB 122 78.22 -33.96 -77.12
N GLY LB 123 78.28 -34.91 -78.04
CA GLY LB 123 79.27 -34.91 -79.09
C GLY LB 123 80.43 -35.85 -78.80
N THR LB 124 81.23 -36.09 -79.85
CA THR LB 124 82.40 -36.96 -79.78
C THR LB 124 83.58 -36.26 -80.44
N PRO LB 125 84.46 -35.62 -79.65
CA PRO LB 125 84.46 -35.50 -78.20
C PRO LB 125 83.34 -34.60 -77.68
N PRO LB 126 82.97 -34.73 -76.41
CA PRO LB 126 81.86 -33.94 -75.88
C PRO LB 126 82.11 -32.45 -76.02
N THR LB 127 81.05 -31.71 -76.35
CA THR LB 127 81.12 -30.26 -76.46
C THR LB 127 79.91 -29.63 -75.77
N ILE LB 128 79.71 -28.33 -75.98
CA ILE LB 128 78.66 -27.58 -75.31
C ILE LB 128 77.60 -27.19 -76.33
N GLN LB 129 76.34 -27.44 -75.99
CA GLN LB 129 75.19 -27.06 -76.79
C GLN LB 129 74.43 -25.97 -76.05
N GLN LB 130 74.19 -24.84 -76.72
CA GLN LB 130 73.46 -23.73 -76.14
C GLN LB 130 71.98 -23.74 -76.48
N GLY LB 131 71.51 -24.77 -77.19
CA GLY LB 131 70.10 -24.87 -77.52
C GLY LB 131 69.46 -26.11 -76.94
N ALA LB 132 70.28 -27.01 -76.39
CA ALA LB 132 69.77 -28.23 -75.78
C ALA LB 132 69.03 -27.93 -74.49
N ASN LB 133 67.98 -28.70 -74.23
CA ASN LB 133 67.23 -28.54 -72.99
C ASN LB 133 68.12 -28.91 -71.81
N PRO LB 134 68.09 -28.16 -70.72
CA PRO LB 134 68.95 -28.46 -69.58
C PRO LB 134 68.63 -29.81 -68.97
N ALA LB 135 69.68 -30.48 -68.51
CA ALA LB 135 69.61 -31.81 -67.92
C ALA LB 135 70.50 -31.85 -66.69
N PRO LB 136 70.26 -32.79 -65.77
CA PRO LB 136 71.11 -32.89 -64.58
C PRO LB 136 72.56 -33.12 -64.95
N ILE LB 137 73.46 -32.50 -64.20
CA ILE LB 137 74.89 -32.57 -64.44
C ILE LB 137 75.48 -33.67 -63.56
N THR LB 138 76.22 -34.58 -64.18
CA THR LB 138 76.88 -35.68 -63.48
C THR LB 138 78.37 -35.67 -63.80
N ILE LB 139 79.14 -36.29 -62.90
CA ILE LB 139 80.58 -36.43 -63.11
C ILE LB 139 80.95 -37.90 -62.95
N PRO LB 140 80.70 -38.75 -63.95
CA PRO LB 140 81.08 -40.16 -63.83
C PRO LB 140 82.59 -40.34 -63.78
N ASN LB 141 83.01 -41.42 -63.13
CA ASN LB 141 84.42 -41.75 -62.97
C ASN LB 141 84.91 -42.77 -63.98
N THR LB 142 84.08 -43.13 -64.96
CA THR LB 142 84.43 -44.17 -65.91
C THR LB 142 85.59 -43.73 -66.81
N LEU LB 143 86.36 -44.72 -67.25
CA LEU LB 143 87.51 -44.47 -68.10
C LEU LB 143 87.07 -44.21 -69.54
N MET LB 144 87.49 -43.08 -70.11
CA MET LB 144 87.17 -42.76 -71.49
C MET LB 144 88.10 -43.49 -72.44
N ALA LB 145 87.56 -43.92 -73.57
CA ALA LB 145 88.32 -44.66 -74.56
C ALA LB 145 89.29 -43.74 -75.30
N ALA LB 146 90.36 -44.34 -75.80
CA ALA LB 146 91.33 -43.60 -76.60
C ALA LB 146 90.74 -43.28 -77.97
N LYS LB 147 91.29 -42.24 -78.60
CA LYS LB 147 90.85 -41.78 -79.90
C LYS LB 147 91.91 -42.10 -80.94
N SER LB 148 91.49 -42.74 -82.03
CA SER LB 148 92.41 -43.01 -83.14
C SER LB 148 92.91 -41.70 -83.73
N THR LB 149 94.21 -41.62 -83.96
CA THR LB 149 94.80 -40.41 -84.51
C THR LB 149 94.28 -40.16 -85.92
N THR LB 150 93.84 -38.93 -86.19
CA THR LB 150 93.28 -38.57 -87.49
C THR LB 150 94.09 -37.51 -88.21
N THR LB 151 94.38 -36.39 -87.56
CA THR LB 151 95.06 -35.27 -88.20
C THR LB 151 96.29 -34.88 -87.39
N ALA LB 152 97.40 -34.66 -88.09
CA ALA LB 152 98.64 -34.20 -87.47
C ALA LB 152 99.26 -33.12 -88.35
N SER LB 153 100.03 -32.24 -87.72
CA SER LB 153 100.68 -31.16 -88.43
C SER LB 153 102.00 -30.82 -87.76
N MET LB 154 103.04 -30.64 -88.56
CA MET LB 154 104.36 -30.27 -88.08
C MET LB 154 104.91 -29.13 -88.91
N GLN LB 155 105.53 -28.17 -88.23
CA GLN LB 155 106.16 -27.02 -88.89
C GLN LB 155 107.60 -26.91 -88.42
N ILE LB 156 108.53 -26.91 -89.36
CA ILE LB 156 109.96 -26.88 -89.06
C ILE LB 156 110.61 -25.82 -89.95
N ASN LB 157 111.43 -24.95 -89.35
CA ASN LB 157 112.19 -23.97 -90.12
C ASN LB 157 113.42 -24.61 -90.73
N LEU LB 158 113.71 -24.26 -91.97
CA LEU LB 158 114.82 -24.83 -92.72
C LEU LB 158 115.78 -23.74 -93.17
N ASN LB 159 117.04 -24.12 -93.34
CA ASN LB 159 118.10 -23.18 -93.74
C ASN LB 159 118.20 -23.15 -95.25
N SER LB 160 118.23 -21.93 -95.82
CA SER LB 160 118.28 -21.79 -97.26
C SER LB 160 119.64 -22.16 -97.84
N THR LB 161 120.73 -21.82 -97.14
CA THR LB 161 122.08 -22.03 -97.63
C THR LB 161 122.67 -23.34 -97.14
N ASP LB 162 121.83 -24.35 -96.93
CA ASP LB 162 122.30 -25.64 -96.43
C ASP LB 162 122.95 -26.42 -97.56
N PRO LB 163 124.20 -26.88 -97.39
CA PRO LB 163 124.85 -27.65 -98.45
C PRO LB 163 124.18 -28.99 -98.69
N VAL LB 164 124.30 -29.46 -99.94
CA VAL LB 164 123.74 -30.77 -100.31
C VAL LB 164 124.47 -31.86 -99.55
N PRO LB 165 123.77 -32.85 -98.99
CA PRO LB 165 124.45 -33.93 -98.27
C PRO LB 165 125.43 -34.68 -99.15
N SER LB 166 126.55 -35.10 -98.56
CA SER LB 166 127.56 -35.82 -99.31
C SER LB 166 127.04 -37.15 -99.83
N LYS LB 167 126.30 -37.89 -98.99
CA LYS LB 167 125.74 -39.17 -99.39
C LYS LB 167 124.44 -38.93 -100.15
N THR LB 168 124.53 -38.98 -101.48
CA THR LB 168 123.33 -38.81 -102.30
C THR LB 168 122.24 -39.85 -102.05
N PRO LB 169 122.53 -41.15 -101.97
CA PRO LB 169 121.44 -42.11 -101.69
C PRO LB 169 120.90 -41.92 -100.29
N PHE LB 170 119.60 -42.18 -100.14
CA PHE LB 170 118.96 -42.07 -98.84
C PHE LB 170 119.35 -43.24 -97.95
N SER LB 171 119.56 -42.95 -96.66
CA SER LB 171 119.93 -43.96 -95.69
C SER LB 171 119.13 -43.74 -94.41
N VAL LB 172 118.97 -44.82 -93.65
CA VAL LB 172 118.25 -44.76 -92.38
C VAL LB 172 119.19 -44.74 -91.18
N SER LB 173 120.51 -44.91 -91.39
CA SER LB 173 121.47 -44.95 -90.30
C SER LB 173 122.68 -44.08 -90.55
N ASP LB 174 122.58 -43.10 -91.45
CA ASP LB 174 123.67 -42.19 -91.76
C ASP LB 174 123.26 -40.76 -91.43
N ALA LB 175 124.11 -40.07 -90.66
CA ALA LB 175 123.81 -38.69 -90.29
C ALA LB 175 124.02 -37.74 -91.46
N ASP LB 176 124.92 -38.09 -92.38
CA ASP LB 176 125.19 -37.26 -93.54
C ASP LB 176 124.35 -37.63 -94.75
N SER LB 177 123.48 -38.64 -94.62
CA SER LB 177 122.56 -38.97 -95.72
C SER LB 177 121.41 -37.97 -95.81
N TYR LB 178 120.97 -37.43 -94.69
CA TYR LB 178 119.91 -36.44 -94.65
C TYR LB 178 120.28 -35.36 -93.65
N ASN LB 179 119.70 -34.17 -93.83
CA ASN LB 179 120.02 -33.03 -92.99
C ASN LB 179 119.06 -32.89 -91.82
N LYS LB 180 117.80 -33.24 -92.00
CA LYS LB 180 116.80 -33.09 -90.95
C LYS LB 180 116.09 -34.42 -90.70
N LYS LB 181 115.88 -34.75 -89.43
CA LYS LB 181 115.15 -35.94 -89.03
C LYS LB 181 114.18 -35.58 -87.93
N GLY LB 182 112.94 -36.05 -88.04
CA GLY LB 182 111.93 -35.81 -87.04
C GLY LB 182 111.11 -37.06 -86.78
N THR LB 183 110.42 -37.04 -85.64
CA THR LB 183 109.57 -38.15 -85.23
C THR LB 183 108.16 -37.64 -84.97
N VAL LB 184 107.19 -38.53 -85.16
CA VAL LB 184 105.77 -38.21 -85.04
C VAL LB 184 105.18 -39.00 -83.88
N THR LB 185 104.50 -38.30 -82.98
CA THR LB 185 103.78 -38.94 -81.88
C THR LB 185 102.36 -39.25 -82.35
N VAL LB 186 102.16 -40.48 -82.79
CA VAL LB 186 100.88 -40.92 -83.35
C VAL LB 186 100.44 -42.20 -82.65
N TYR LB 187 99.16 -42.28 -82.36
CA TYR LB 187 98.58 -43.44 -81.67
C TYR LB 187 97.58 -44.14 -82.58
N ASP LB 188 97.49 -45.45 -82.44
CA ASP LB 188 96.60 -46.27 -83.25
C ASP LB 188 95.22 -46.32 -82.61
N SER LB 189 94.36 -47.22 -83.11
CA SER LB 189 93.02 -47.38 -82.57
C SER LB 189 93.01 -48.03 -81.19
N GLN LB 190 94.13 -48.58 -80.74
CA GLN LB 190 94.23 -49.17 -79.42
C GLN LB 190 95.10 -48.37 -78.46
N GLY LB 191 95.81 -47.35 -78.95
CA GLY LB 191 96.64 -46.51 -78.12
C GLY LB 191 98.12 -46.83 -78.14
N ASN LB 192 98.55 -47.78 -78.96
CA ASN LB 192 99.96 -48.14 -79.01
C ASN LB 192 100.80 -46.99 -79.54
N ALA LB 193 102.01 -46.86 -79.02
CA ALA LB 193 102.90 -45.77 -79.38
C ALA LB 193 103.61 -46.10 -80.70
N HIS LB 194 103.37 -45.27 -81.71
CA HIS LB 194 103.98 -45.42 -83.02
C HIS LB 194 104.86 -44.21 -83.31
N ASP LB 195 106.09 -44.47 -83.76
CA ASP LB 195 107.04 -43.41 -84.11
C ASP LB 195 107.25 -43.43 -85.63
N MET LB 196 106.75 -42.40 -86.31
CA MET LB 196 106.94 -42.23 -87.74
C MET LB 196 108.10 -41.27 -87.96
N ASN LB 197 109.26 -41.82 -88.33
CA ASN LB 197 110.42 -40.98 -88.58
C ASN LB 197 110.31 -40.32 -89.94
N VAL LB 198 110.47 -39.00 -89.97
CA VAL LB 198 110.41 -38.22 -91.19
C VAL LB 198 111.81 -37.68 -91.49
N TYR LB 199 112.27 -37.91 -92.72
CA TYR LB 199 113.62 -37.53 -93.13
C TYR LB 199 113.54 -36.50 -94.24
N PHE LB 200 114.32 -35.44 -94.11
CA PHE LB 200 114.42 -34.39 -95.14
C PHE LB 200 115.84 -34.37 -95.67
N VAL LB 201 115.99 -34.55 -96.97
CA VAL LB 201 117.29 -34.48 -97.65
C VAL LB 201 117.12 -33.61 -98.89
N LYS LB 202 118.06 -32.68 -99.08
CA LYS LB 202 118.02 -31.76 -100.21
C LYS LB 202 118.89 -32.29 -101.34
N THR LB 203 118.33 -32.30 -102.55
CA THR LB 203 119.05 -32.74 -103.74
C THR LB 203 119.39 -31.60 -104.68
N LYS LB 204 118.40 -30.76 -105.01
CA LYS LB 204 118.63 -29.61 -105.88
C LYS LB 204 118.02 -28.38 -105.21
N ASP LB 205 118.08 -27.24 -105.91
CA ASP LB 205 117.57 -26.00 -105.36
C ASP LB 205 116.07 -26.10 -105.10
N ASN LB 206 115.66 -25.64 -103.91
CA ASN LB 206 114.26 -25.63 -103.51
C ASN LB 206 113.62 -27.02 -103.62
N GLU LB 207 114.39 -28.05 -103.23
CA GLU LB 207 113.92 -29.43 -103.30
C GLU LB 207 114.26 -30.14 -102.01
N TRP LB 208 113.26 -30.81 -101.43
CA TRP LB 208 113.44 -31.63 -100.23
C TRP LB 208 112.68 -32.92 -100.41
N ALA LB 209 113.30 -34.03 -100.00
CA ALA LB 209 112.70 -35.35 -100.12
C ALA LB 209 112.27 -35.83 -98.74
N VAL LB 210 111.03 -36.31 -98.64
CA VAL LB 210 110.43 -36.73 -97.39
C VAL LB 210 110.38 -38.24 -97.36
N TYR LB 211 110.86 -38.83 -96.27
CA TYR LB 211 110.85 -40.28 -96.07
C TYR LB 211 110.15 -40.59 -94.75
N THR LB 212 109.20 -41.51 -94.78
CA THR LB 212 108.47 -41.92 -93.58
C THR LB 212 108.88 -43.33 -93.19
N HIS LB 213 109.26 -43.50 -91.93
CA HIS LB 213 109.74 -44.78 -91.43
C HIS LB 213 109.23 -45.01 -90.02
N ASP LB 214 108.96 -46.27 -89.70
CA ASP LB 214 108.51 -46.68 -88.37
C ASP LB 214 109.73 -47.16 -87.58
N SER LB 215 110.14 -46.37 -86.59
CA SER LB 215 111.22 -46.80 -85.70
C SER LB 215 110.71 -47.55 -84.48
N SER LB 216 109.48 -47.26 -84.04
CA SER LB 216 108.90 -47.98 -82.91
C SER LB 216 108.73 -49.45 -83.23
N ASP LB 217 108.29 -49.76 -84.45
CA ASP LB 217 108.12 -51.14 -84.87
C ASP LB 217 109.29 -51.53 -85.77
N PRO LB 218 110.22 -52.37 -85.30
CA PRO LB 218 111.34 -52.78 -86.16
C PRO LB 218 110.98 -53.85 -87.18
N ALA LB 219 109.77 -54.42 -87.11
CA ALA LB 219 109.36 -55.45 -88.06
C ALA LB 219 108.90 -54.87 -89.39
N ALA LB 220 108.71 -53.56 -89.49
CA ALA LB 220 108.30 -52.96 -90.75
C ALA LB 220 109.47 -52.91 -91.73
N THR LB 221 109.13 -52.89 -93.02
CA THR LB 221 110.14 -52.80 -94.05
C THR LB 221 110.79 -51.42 -94.05
N ALA LB 222 112.12 -51.39 -94.19
CA ALA LB 222 112.84 -50.13 -94.22
C ALA LB 222 112.56 -49.41 -95.53
N PRO LB 223 112.00 -48.21 -95.50
CA PRO LB 223 111.68 -47.52 -96.76
C PRO LB 223 112.89 -46.83 -97.35
N THR LB 224 113.01 -46.94 -98.68
CA THR LB 224 114.08 -46.28 -99.42
C THR LB 224 113.57 -45.26 -100.42
N THR LB 225 112.40 -45.51 -101.03
CA THR LB 225 111.82 -44.54 -101.94
C THR LB 225 111.30 -43.33 -101.17
N ALA LB 226 111.37 -42.17 -101.83
CA ALA LB 226 110.90 -40.94 -101.21
C ALA LB 226 109.38 -40.97 -101.09
N SER LB 227 108.88 -40.63 -99.89
CA SER LB 227 107.44 -40.59 -99.69
C SER LB 227 106.82 -39.38 -100.38
N THR LB 228 107.44 -38.21 -100.26
CA THR LB 228 106.92 -37.00 -100.86
C THR LB 228 108.08 -36.05 -101.14
N THR LB 229 107.83 -35.12 -102.05
CA THR LB 229 108.78 -34.05 -102.37
C THR LB 229 108.14 -32.70 -102.04
N LEU LB 230 108.99 -31.72 -101.71
CA LEU LB 230 108.54 -30.39 -101.33
C LEU LB 230 109.21 -29.36 -102.23
N LYS LB 231 108.39 -28.46 -102.79
CA LYS LB 231 108.88 -27.40 -103.67
C LYS LB 231 108.41 -26.05 -103.15
N PHE LB 232 109.34 -25.13 -102.98
CA PHE LB 232 109.06 -23.79 -102.51
C PHE LB 232 109.32 -22.77 -103.60
N ASN LB 233 109.00 -21.51 -103.30
CA ASN LB 233 109.20 -20.42 -104.23
C ASN LB 233 110.54 -19.72 -103.93
N GLU LB 234 110.85 -18.68 -104.71
CA GLU LB 234 112.10 -17.96 -104.52
C GLU LB 234 112.14 -17.26 -103.17
N ASN LB 235 111.01 -16.71 -102.73
CA ASN LB 235 110.92 -16.04 -101.43
C ASN LB 235 110.64 -17.00 -100.29
N GLY LB 236 110.49 -18.29 -100.58
CA GLY LB 236 110.24 -19.28 -99.56
C GLY LB 236 108.79 -19.54 -99.23
N ILE LB 237 107.87 -19.13 -100.10
CA ILE LB 237 106.44 -19.34 -99.88
C ILE LB 237 106.05 -20.68 -100.47
N LEU LB 238 105.56 -21.58 -99.63
CA LEU LB 238 105.11 -22.88 -100.09
C LEU LB 238 103.85 -22.75 -100.92
N GLU LB 239 103.74 -23.57 -101.97
CA GLU LB 239 102.61 -23.52 -102.89
C GLU LB 239 101.71 -24.75 -102.76
N SER LB 240 102.27 -25.95 -102.90
CA SER LB 240 101.47 -27.17 -102.83
C SER LB 240 102.39 -28.33 -102.50
N GLY LB 241 101.78 -29.46 -102.17
CA GLY LB 241 102.50 -30.66 -101.82
C GLY LB 241 102.66 -30.95 -100.35
N GLY LB 242 101.98 -30.18 -99.49
CA GLY LB 242 102.09 -30.40 -98.06
C GLY LB 242 101.21 -31.48 -97.48
N THR LB 243 100.25 -31.98 -98.25
CA THR LB 243 99.31 -32.99 -97.76
C THR LB 243 99.77 -34.37 -98.21
N VAL LB 244 100.05 -35.24 -97.25
CA VAL LB 244 100.54 -36.59 -97.49
C VAL LB 244 99.72 -37.57 -96.68
N ASN LB 245 99.38 -38.71 -97.29
CA ASN LB 245 98.66 -39.78 -96.62
C ASN LB 245 99.60 -40.97 -96.47
N ILE LB 246 99.86 -41.36 -95.22
CA ILE LB 246 100.75 -42.47 -94.90
C ILE LB 246 100.13 -43.30 -93.80
N THR LB 247 100.25 -44.63 -93.92
CA THR LB 247 99.77 -45.56 -92.91
C THR LB 247 100.94 -46.12 -92.13
N THR LB 248 100.74 -46.30 -90.82
CA THR LB 248 101.79 -46.73 -89.93
C THR LB 248 101.91 -48.25 -89.95
N GLY LB 249 102.67 -48.80 -89.00
CA GLY LB 249 102.74 -50.22 -88.80
C GLY LB 249 101.80 -50.67 -87.68
N THR LB 250 101.37 -51.93 -87.76
CA THR LB 250 100.40 -52.48 -86.84
C THR LB 250 101.07 -53.44 -85.87
N ILE LB 251 100.80 -53.27 -84.58
CA ILE LB 251 101.30 -54.17 -83.55
C ILE LB 251 100.15 -54.50 -82.60
N ASN LB 252 100.32 -55.60 -81.87
CA ASN LB 252 99.35 -56.05 -80.87
C ASN LB 252 97.97 -56.32 -81.48
N GLY LB 253 97.94 -56.66 -82.77
CA GLY LB 253 96.67 -56.95 -83.42
C GLY LB 253 95.73 -55.78 -83.54
N ALA LB 254 96.27 -54.56 -83.62
CA ALA LB 254 95.47 -53.35 -83.75
C ALA LB 254 95.65 -52.75 -85.14
N THR LB 255 94.71 -51.85 -85.49
CA THR LB 255 94.78 -51.18 -86.78
C THR LB 255 95.93 -50.19 -86.81
N ALA LB 256 96.74 -50.25 -87.87
CA ALA LB 256 97.80 -49.28 -88.05
C ALA LB 256 97.22 -47.89 -88.24
N ALA LB 257 97.84 -46.91 -87.60
CA ALA LB 257 97.30 -45.55 -87.60
C ALA LB 257 97.35 -44.95 -89.00
N THR LB 258 96.22 -44.42 -89.45
CA THR LB 258 96.13 -43.71 -90.73
C THR LB 258 95.83 -42.24 -90.43
N PHE LB 259 96.66 -41.35 -90.98
CA PHE LB 259 96.52 -39.92 -90.76
C PHE LB 259 97.10 -39.17 -91.95
N SER LB 260 96.70 -37.91 -92.07
CA SER LB 260 97.19 -37.02 -93.12
C SER LB 260 98.11 -35.98 -92.50
N LEU LB 261 99.38 -36.02 -92.87
CA LEU LB 261 100.38 -35.12 -92.34
C LEU LB 261 100.45 -33.87 -93.22
N SER LB 262 100.31 -32.70 -92.60
CA SER LB 262 100.24 -31.43 -93.31
C SER LB 262 101.45 -30.59 -92.98
N PHE LB 263 102.03 -29.97 -94.01
CA PHE LB 263 103.16 -29.05 -93.87
C PHE LB 263 102.75 -27.62 -94.15
N LEU LB 264 101.54 -27.26 -93.71
CA LEU LB 264 101.03 -25.91 -93.93
C LEU LB 264 101.88 -24.88 -93.20
N ASN LB 265 102.00 -23.70 -93.80
CA ASN LB 265 102.82 -22.61 -93.26
C ASN LB 265 104.27 -23.06 -93.11
N SER LB 266 104.90 -23.38 -94.24
CA SER LB 266 106.27 -23.84 -94.28
C SER LB 266 107.16 -22.74 -94.85
N MET LB 267 108.38 -22.65 -94.33
CA MET LB 267 109.32 -21.61 -94.74
C MET LB 267 110.72 -22.22 -94.85
N GLN LB 268 111.58 -21.54 -95.61
CA GLN LB 268 112.95 -21.98 -95.81
C GLN LB 268 113.96 -20.87 -95.58
N GLN LB 269 113.54 -19.73 -95.04
CA GLN LB 269 114.44 -18.61 -94.84
C GLN LB 269 115.50 -18.95 -93.81
N ASN LB 270 116.74 -18.53 -94.10
CA ASN LB 270 117.93 -18.81 -93.26
C ASN LB 270 117.70 -18.34 -91.82
N THR LB 271 117.31 -19.27 -90.93
CA THR LB 271 117.11 -18.95 -89.49
C THR LB 271 118.39 -19.28 -88.71
N GLY LB 272 119.41 -19.79 -89.41
CA GLY LB 272 120.69 -20.17 -88.77
C GLY LB 272 120.79 -21.67 -88.59
N ALA LB 273 119.99 -22.23 -87.68
CA ALA LB 273 119.95 -23.65 -87.41
C ALA LB 273 118.53 -24.16 -87.63
N ASN LB 274 118.42 -25.47 -87.82
CA ASN LB 274 117.13 -26.13 -87.99
C ASN LB 274 116.48 -26.35 -86.64
N ASN LB 275 115.20 -26.00 -86.53
CA ASN LB 275 114.47 -26.12 -85.28
C ASN LB 275 113.01 -26.40 -85.55
N ILE LB 276 112.34 -26.98 -84.58
CA ILE LB 276 110.92 -27.31 -84.68
C ILE LB 276 110.12 -26.26 -83.92
N VAL LB 277 109.12 -25.68 -84.59
CA VAL LB 277 108.34 -24.59 -84.00
C VAL LB 277 106.92 -24.99 -83.65
N ALA LB 278 106.35 -26.01 -84.30
CA ALA LB 278 104.98 -26.40 -84.06
C ALA LB 278 104.80 -27.89 -84.31
N THR LB 279 104.06 -28.54 -83.42
CA THR LB 279 103.72 -29.96 -83.56
C THR LB 279 102.50 -30.26 -82.71
N ASN LB 280 101.57 -31.02 -83.27
CA ASN LB 280 100.34 -31.38 -82.56
C ASN LB 280 99.71 -32.59 -83.22
N GLN LB 281 98.79 -33.21 -82.48
CA GLN LB 281 98.05 -34.37 -82.98
C GLN LB 281 96.82 -34.56 -82.11
N ASN LB 282 95.92 -35.43 -82.57
CA ASN LB 282 94.71 -35.76 -81.83
C ASN LB 282 94.75 -37.19 -81.29
N GLY LB 283 95.96 -37.75 -81.15
CA GLY LB 283 96.13 -39.08 -80.60
C GLY LB 283 96.56 -39.02 -79.15
N TYR LB 284 95.80 -39.70 -78.30
CA TYR LB 284 96.06 -39.72 -76.86
C TYR LB 284 95.65 -41.05 -76.29
N LYS LB 285 96.47 -41.58 -75.39
CA LYS LB 285 96.15 -42.83 -74.71
C LYS LB 285 95.00 -42.62 -73.73
N PRO LB 286 94.28 -43.68 -73.37
CA PRO LB 286 93.19 -43.53 -72.40
C PRO LB 286 93.72 -43.11 -71.03
N GLY LB 287 92.92 -42.30 -70.34
CA GLY LB 287 93.29 -41.82 -69.02
C GLY LB 287 92.09 -41.75 -68.13
N ASP LB 288 92.29 -42.15 -66.87
CA ASP LB 288 91.22 -42.14 -65.90
C ASP LB 288 90.92 -40.71 -65.44
N LEU LB 289 89.75 -40.53 -64.84
CA LEU LB 289 89.37 -39.24 -64.30
C LEU LB 289 90.25 -38.91 -63.10
N VAL LB 290 90.80 -37.70 -63.10
CA VAL LB 290 91.69 -37.25 -62.03
C VAL LB 290 91.00 -36.25 -61.12
N SER LB 291 90.46 -35.18 -61.69
CA SER LB 291 89.79 -34.15 -60.90
C SER LB 291 88.80 -33.41 -61.79
N TYR LB 292 87.93 -32.65 -61.15
CA TYR LB 292 86.93 -31.83 -61.82
C TYR LB 292 86.98 -30.42 -61.25
N GLN LB 293 86.64 -29.44 -62.09
CA GLN LB 293 86.71 -28.05 -61.66
C GLN LB 293 85.77 -27.22 -62.53
N ILE LB 294 85.12 -26.24 -61.90
CA ILE LB 294 84.22 -25.31 -62.57
C ILE LB 294 84.99 -24.02 -62.83
N ASN LB 295 85.13 -23.66 -64.10
CA ASN LB 295 85.92 -22.50 -64.47
C ASN LB 295 85.01 -21.26 -64.51
N ASN LB 296 85.56 -20.16 -65.04
CA ASN LB 296 84.91 -18.87 -64.92
C ASN LB 296 83.56 -18.81 -65.64
N ASP LB 297 83.49 -19.37 -66.85
CA ASP LB 297 82.29 -19.19 -67.66
C ASP LB 297 81.15 -20.13 -67.29
N GLY LB 298 81.32 -20.97 -66.29
CA GLY LB 298 80.27 -21.84 -65.81
C GLY LB 298 80.40 -23.30 -66.24
N THR LB 299 81.25 -23.59 -67.22
CA THR LB 299 81.47 -24.98 -67.61
C THR LB 299 82.25 -25.71 -66.53
N VAL LB 300 82.01 -27.02 -66.44
CA VAL LB 300 82.73 -27.89 -65.53
C VAL LB 300 83.61 -28.81 -66.38
N VAL LB 301 84.91 -28.82 -66.09
CA VAL LB 301 85.90 -29.54 -66.87
C VAL LB 301 86.44 -30.68 -66.03
N GLY LB 302 86.44 -31.88 -66.61
CA GLY LB 302 86.96 -33.06 -65.94
C GLY LB 302 88.37 -33.36 -66.41
N ASN LB 303 89.29 -33.43 -65.46
CA ASN LB 303 90.70 -33.68 -65.73
C ASN LB 303 90.97 -35.17 -65.83
N TYR LB 304 91.72 -35.57 -66.85
CA TYR LB 304 92.07 -36.96 -67.09
C TYR LB 304 93.59 -37.11 -67.13
N SER LB 305 94.03 -38.35 -67.31
CA SER LB 305 95.44 -38.69 -67.24
C SER LB 305 96.14 -38.70 -68.60
N ASN LB 306 95.62 -37.95 -69.58
CA ASN LB 306 96.24 -37.94 -70.89
C ASN LB 306 96.26 -36.54 -71.49
N GLU LB 307 96.29 -35.51 -70.65
CA GLU LB 307 96.38 -34.11 -71.10
C GLU LB 307 95.28 -33.78 -72.11
N GLN LB 308 94.07 -34.23 -71.81
CA GLN LB 308 92.91 -33.98 -72.67
C GLN LB 308 91.83 -33.29 -71.86
N GLU LB 309 91.10 -32.40 -72.54
CA GLU LB 309 90.08 -31.56 -71.92
C GLU LB 309 88.71 -32.07 -72.32
N GLN LB 310 87.83 -32.24 -71.33
CA GLN LB 310 86.46 -32.63 -71.55
C GLN LB 310 85.54 -31.71 -70.78
N VAL LB 311 84.39 -31.39 -71.38
CA VAL LB 311 83.36 -30.57 -70.74
C VAL LB 311 82.19 -31.48 -70.40
N LEU LB 312 81.73 -31.38 -69.16
CA LEU LB 312 80.57 -32.14 -68.70
C LEU LB 312 79.30 -31.29 -68.70
N GLY LB 313 79.35 -30.09 -69.26
CA GLY LB 313 78.25 -29.18 -69.29
C GLY LB 313 78.56 -27.87 -68.57
N GLN LB 314 77.60 -26.96 -68.62
CA GLN LB 314 77.71 -25.69 -67.93
C GLN LB 314 76.41 -25.41 -67.19
N ILE LB 315 76.53 -24.76 -66.04
CA ILE LB 315 75.36 -24.46 -65.22
C ILE LB 315 74.60 -23.31 -65.84
N VAL LB 316 73.31 -23.50 -66.04
CA VAL LB 316 72.46 -22.51 -66.67
C VAL LB 316 71.95 -21.53 -65.63
N LEU LB 317 71.62 -20.33 -66.07
CA LEU LB 317 71.03 -19.31 -65.22
C LEU LB 317 69.61 -19.01 -65.70
N ALA LB 318 68.67 -19.01 -64.77
CA ALA LB 318 67.27 -18.72 -65.06
C ALA LB 318 66.95 -17.36 -64.46
N ASN LB 319 67.00 -16.32 -65.30
CA ASN LB 319 66.74 -14.96 -64.85
C ASN LB 319 65.31 -14.58 -65.16
N PHE LB 320 64.48 -14.47 -64.12
CA PHE LB 320 63.09 -14.13 -64.31
C PHE LB 320 62.94 -12.69 -64.80
N ALA LB 321 61.92 -12.48 -65.63
CA ALA LB 321 61.63 -11.13 -66.10
C ALA LB 321 61.13 -10.22 -64.99
N ASN LB 322 60.37 -10.78 -64.04
CA ASN LB 322 59.76 -9.98 -62.98
C ASN LB 322 60.09 -10.65 -61.64
N ASN LB 323 61.02 -10.07 -60.90
CA ASN LB 323 61.35 -10.58 -59.59
C ASN LB 323 60.28 -10.11 -58.59
N GLU LB 324 60.50 -10.44 -57.32
CA GLU LB 324 59.62 -10.09 -56.21
C GLU LB 324 58.22 -10.68 -56.34
N GLY LB 325 58.01 -11.56 -57.33
CA GLY LB 325 56.75 -12.26 -57.46
C GLY LB 325 56.91 -13.73 -57.21
N LEU LB 326 58.10 -14.13 -56.77
CA LEU LB 326 58.42 -15.52 -56.51
C LEU LB 326 57.97 -15.91 -55.11
N ALA LB 327 57.18 -16.98 -55.02
CA ALA LB 327 56.74 -17.47 -53.73
C ALA LB 327 57.82 -18.34 -53.11
N SER LB 328 58.21 -18.02 -51.88
CA SER LB 328 59.25 -18.77 -51.21
C SER LB 328 58.79 -20.19 -50.90
N GLN LB 329 59.68 -21.15 -51.14
CA GLN LB 329 59.38 -22.55 -50.90
C GLN LB 329 60.61 -23.22 -50.30
N GLY LB 330 60.35 -24.28 -49.53
CA GLY LB 330 61.44 -25.12 -49.03
C GLY LB 330 62.47 -24.31 -48.27
N ASP LB 331 63.74 -24.56 -48.58
CA ASP LB 331 64.86 -23.83 -47.98
C ASP LB 331 65.54 -23.03 -49.08
N ASN LB 332 65.49 -21.71 -48.95
CA ASN LB 332 66.15 -20.76 -49.85
C ASN LB 332 66.02 -21.13 -51.32
N VAL LB 333 64.84 -21.60 -51.75
CA VAL LB 333 64.53 -21.77 -53.15
C VAL LB 333 63.20 -21.10 -53.43
N TRP LB 334 63.00 -20.72 -54.68
CA TRP LB 334 61.77 -20.05 -55.10
C TRP LB 334 61.12 -20.83 -56.23
N ALA LB 335 59.79 -20.84 -56.24
CA ALA LB 335 59.01 -21.58 -57.22
C ALA LB 335 58.31 -20.60 -58.14
N ALA LB 336 58.48 -20.80 -59.45
CA ALA LB 336 57.83 -19.95 -60.43
C ALA LB 336 56.32 -20.19 -60.43
N THR LB 337 55.57 -19.14 -60.73
CA THR LB 337 54.11 -19.19 -60.79
C THR LB 337 53.62 -18.05 -61.66
N GLN LB 338 52.31 -17.80 -61.60
CA GLN LB 338 51.75 -16.66 -62.30
C GLN LB 338 52.30 -15.36 -61.72
N ALA LB 339 52.35 -14.32 -62.56
CA ALA LB 339 52.91 -13.03 -62.21
C ALA LB 339 54.37 -13.12 -61.80
N SER LB 340 55.11 -14.07 -62.39
CA SER LB 340 56.54 -14.20 -62.15
C SER LB 340 57.36 -14.35 -63.42
N GLY LB 341 56.74 -14.70 -64.55
CA GLY LB 341 57.44 -14.82 -65.81
C GLY LB 341 58.10 -16.19 -66.00
N VAL LB 342 58.58 -16.41 -67.22
CA VAL LB 342 59.26 -17.65 -67.56
C VAL LB 342 60.71 -17.56 -67.12
N ALA LB 343 61.41 -18.69 -67.13
CA ALA LB 343 62.79 -18.72 -66.65
C ALA LB 343 63.70 -17.84 -67.50
N LEU LB 344 63.53 -17.88 -68.82
CA LEU LB 344 64.40 -17.17 -69.75
C LEU LB 344 65.86 -17.58 -69.53
N LEU LB 345 66.11 -18.87 -69.80
CA LEU LB 345 67.40 -19.47 -69.55
C LEU LB 345 68.48 -18.87 -70.46
N GLY LB 346 69.73 -19.01 -70.05
CA GLY LB 346 70.84 -18.52 -70.83
C GLY LB 346 72.15 -18.82 -70.14
N THR LB 347 73.24 -18.45 -70.82
CA THR LB 347 74.57 -18.64 -70.28
C THR LB 347 74.91 -17.51 -69.32
N ALA LB 348 76.12 -17.56 -68.77
CA ALA LB 348 76.59 -16.57 -67.81
C ALA LB 348 77.54 -15.55 -68.43
N GLY LB 349 77.58 -15.47 -69.76
CA GLY LB 349 78.49 -14.55 -70.42
C GLY LB 349 78.12 -13.09 -70.26
N SER LB 350 77.02 -12.67 -70.87
CA SER LB 350 76.59 -11.28 -70.83
C SER LB 350 75.11 -11.22 -71.19
N GLY LB 351 74.56 -10.00 -71.15
CA GLY LB 351 73.15 -9.80 -71.44
C GLY LB 351 72.33 -9.72 -70.18
N ASN LB 352 71.28 -10.53 -70.09
CA ASN LB 352 70.43 -10.60 -68.90
C ASN LB 352 71.03 -11.48 -67.81
N PHE LB 353 72.33 -11.75 -67.87
CA PHE LB 353 73.00 -12.57 -66.89
C PHE LB 353 74.38 -12.00 -66.60
N GLY LB 354 74.95 -12.41 -65.46
CA GLY LB 354 76.24 -11.94 -65.05
C GLY LB 354 77.26 -13.07 -64.97
N LYS LB 355 78.49 -12.69 -64.64
CA LYS LB 355 79.57 -13.64 -64.53
C LYS LB 355 79.44 -14.45 -63.23
N LEU LB 356 80.16 -15.56 -63.18
CA LEU LB 356 80.22 -16.41 -62.00
C LEU LB 356 81.58 -16.29 -61.34
N THR LB 357 81.66 -16.72 -60.10
CA THR LB 357 82.89 -16.65 -59.32
C THR LB 357 83.05 -17.95 -58.54
N ASN LB 358 83.98 -18.78 -58.97
CA ASN LB 358 84.22 -20.05 -58.31
C ASN LB 358 84.94 -19.84 -56.97
N GLY LB 359 84.69 -20.75 -56.04
CA GLY LB 359 85.33 -20.70 -54.74
C GLY LB 359 84.93 -19.52 -53.88
N ALA LB 360 83.63 -19.19 -53.86
CA ALA LB 360 83.17 -18.09 -53.03
C ALA LB 360 81.68 -18.26 -52.77
N LEU LB 361 81.22 -17.65 -51.68
CA LEU LB 361 79.82 -17.64 -51.30
C LEU LB 361 79.38 -16.21 -51.02
N GLU LB 362 78.19 -15.87 -51.49
CA GLU LB 362 77.63 -14.54 -51.22
C GLU LB 362 77.09 -14.48 -49.80
N ALA LB 363 77.10 -13.27 -49.24
CA ALA LB 363 76.68 -13.07 -47.86
C ALA LB 363 75.15 -13.05 -47.76
N SER LB 364 74.63 -12.65 -46.61
CA SER LB 364 73.20 -12.66 -46.36
C SER LB 364 72.54 -11.32 -46.63
N ASN LB 365 73.31 -10.31 -47.05
CA ASN LB 365 72.83 -8.96 -47.34
C ASN LB 365 71.92 -8.40 -46.24
N VAL LB 366 72.11 -8.84 -45.00
CA VAL LB 366 71.35 -8.35 -43.86
C VAL LB 366 72.32 -7.69 -42.89
N ASP LB 367 72.05 -6.43 -42.57
CA ASP LB 367 72.88 -5.66 -41.65
C ASP LB 367 72.17 -5.52 -40.32
N LEU LB 368 72.86 -5.86 -39.23
CA LEU LB 368 72.25 -5.77 -37.91
C LEU LB 368 72.06 -4.33 -37.45
N SER LB 369 72.77 -3.37 -38.07
CA SER LB 369 72.62 -1.98 -37.65
C SER LB 369 71.21 -1.46 -37.93
N LYS LB 370 70.64 -1.83 -39.08
CA LYS LB 370 69.32 -1.33 -39.44
C LYS LB 370 68.19 -2.18 -38.88
N GLU LB 371 68.44 -3.48 -38.67
CA GLU LB 371 67.37 -4.36 -38.21
C GLU LB 371 67.09 -4.15 -36.73
N LEU LB 372 68.11 -3.86 -35.93
CA LEU LB 372 67.90 -3.62 -34.51
C LEU LB 372 67.07 -2.35 -34.29
N VAL LB 373 67.40 -1.27 -35.00
CA VAL LB 373 66.66 -0.03 -34.81
C VAL LB 373 65.25 -0.13 -35.35
N ASN LB 374 65.04 -0.91 -36.42
CA ASN LB 374 63.69 -1.13 -36.90
C ASN LB 374 62.87 -1.95 -35.92
N MET LB 375 63.52 -2.78 -35.11
CA MET LB 375 62.80 -3.52 -34.08
C MET LB 375 62.32 -2.61 -32.96
N ILE LB 376 63.09 -1.56 -32.65
CA ILE LB 376 62.70 -0.65 -31.58
C ILE LB 376 61.44 0.11 -31.97
N VAL LB 377 61.42 0.69 -33.18
CA VAL LB 377 60.25 1.44 -33.59
C VAL LB 377 59.04 0.53 -33.79
N ALA LB 378 59.26 -0.70 -34.24
CA ALA LB 378 58.15 -1.62 -34.41
C ALA LB 378 57.53 -2.00 -33.09
N GLN LB 379 58.35 -2.13 -32.05
CA GLN LB 379 57.82 -2.49 -30.73
C GLN LB 379 56.87 -1.43 -30.20
N ARG LB 380 57.23 -0.15 -30.36
CA ARG LB 380 56.39 0.92 -29.84
C ARG LB 380 55.06 0.98 -30.57
N ASN LB 381 55.06 0.72 -31.88
CA ASN LB 381 53.81 0.72 -32.63
C ASN LB 381 52.85 -0.34 -32.11
N TYR LB 382 53.36 -1.54 -31.84
CA TYR LB 382 52.52 -2.55 -31.21
C TYR LB 382 52.11 -2.12 -29.82
N GLN LB 383 53.03 -1.47 -29.09
CA GLN LB 383 52.68 -0.90 -27.80
C GLN LB 383 51.61 0.17 -27.94
N SER LB 384 51.72 1.00 -28.98
CA SER LB 384 50.80 2.11 -29.15
C SER LB 384 49.39 1.63 -29.49
N ASN LB 385 49.27 0.64 -30.37
CA ASN LB 385 47.96 0.13 -30.72
C ASN LB 385 47.29 -0.56 -29.54
N ALA LB 386 48.07 -1.07 -28.60
CA ALA LB 386 47.49 -1.65 -27.40
C ALA LB 386 46.76 -0.60 -26.58
N GLN LB 387 47.27 0.63 -26.57
CA GLN LB 387 46.58 1.70 -25.86
C GLN LB 387 45.21 2.00 -26.48
N THR LB 388 45.14 1.98 -27.80
CA THR LB 388 43.87 2.25 -28.47
C THR LB 388 42.82 1.22 -28.10
N ILE LB 389 43.16 -0.06 -28.20
CA ILE LB 389 42.20 -1.10 -27.86
C ILE LB 389 41.90 -1.10 -26.37
N LYS LB 390 42.91 -0.79 -25.53
CA LYS LB 390 42.65 -0.67 -24.10
C LYS LB 390 41.67 0.46 -23.83
N THR LB 391 41.87 1.61 -24.47
CA THR LB 391 40.92 2.71 -24.33
C THR LB 391 39.58 2.34 -24.96
N GLN LB 392 39.60 1.74 -26.15
CA GLN LB 392 38.36 1.42 -26.84
C GLN LB 392 37.51 0.43 -26.06
N ASP LB 393 38.13 -0.38 -25.21
CA ASP LB 393 37.35 -1.25 -24.32
C ASP LB 393 36.89 -0.49 -23.09
N GLN LB 394 37.75 0.36 -22.54
CA GLN LB 394 37.40 1.09 -21.33
C GLN LB 394 36.24 2.04 -21.58
N ILE LB 395 36.21 2.69 -22.74
CA ILE LB 395 35.11 3.59 -23.07
C ILE LB 395 33.80 2.81 -23.17
N LEU LB 396 33.86 1.57 -23.67
CA LEU LB 396 32.67 0.75 -23.77
C LEU LB 396 32.21 0.25 -22.41
N ASN LB 397 33.10 0.18 -21.43
CA ASN LB 397 32.74 -0.34 -20.12
C ASN LB 397 31.72 0.55 -19.43
N THR LB 398 31.87 1.88 -19.54
CA THR LB 398 30.95 2.77 -18.86
C THR LB 398 29.59 2.81 -19.55
N LEU LB 399 29.55 2.46 -20.84
CA LEU LB 399 28.28 2.50 -21.57
C LEU LB 399 27.36 1.36 -21.14
N VAL LB 400 27.90 0.15 -21.02
CA VAL LB 400 27.09 -0.99 -20.60
C VAL LB 400 26.70 -0.86 -19.13
N ASN LB 401 27.64 -0.45 -18.28
CA ASN LB 401 27.33 -0.29 -16.86
C ASN LB 401 26.27 0.77 -16.64
N LEU LB 402 26.36 1.89 -17.36
CA LEU LB 402 25.42 2.99 -17.25
C LEU LB 402 25.39 3.55 -15.82
N SER MB 2 40.75 21.56 -18.92
CA SER MB 2 41.82 22.51 -19.18
C SER MB 2 43.07 21.78 -19.67
N PHE MB 3 42.91 21.01 -20.74
CA PHE MB 3 44.05 20.30 -21.32
C PHE MB 3 44.83 21.15 -22.30
N SER MB 4 44.39 22.39 -22.56
CA SER MB 4 45.06 23.21 -23.57
C SER MB 4 46.50 23.50 -23.18
N GLN MB 5 46.75 23.81 -21.92
CA GLN MB 5 48.10 24.15 -21.49
C GLN MB 5 49.03 22.95 -21.52
N ALA MB 6 48.55 21.80 -21.04
CA ALA MB 6 49.38 20.59 -21.08
C ALA MB 6 49.66 20.17 -22.51
N VAL MB 7 48.64 20.22 -23.38
CA VAL MB 7 48.84 19.85 -24.78
C VAL MB 7 49.82 20.79 -25.44
N SER MB 8 49.67 22.09 -25.21
CA SER MB 8 50.61 23.06 -25.78
C SER MB 8 52.01 22.85 -25.24
N GLY MB 9 52.13 22.57 -23.94
CA GLY MB 9 53.43 22.32 -23.37
C GLY MB 9 54.12 21.10 -23.96
N LEU MB 10 53.36 20.02 -24.17
CA LEU MB 10 53.94 18.82 -24.76
C LEU MB 10 54.41 19.08 -26.18
N ASN MB 11 53.60 19.79 -26.98
CA ASN MB 11 53.99 20.10 -28.35
C ASN MB 11 55.23 20.98 -28.38
N ALA MB 12 55.28 21.99 -27.51
CA ALA MB 12 56.47 22.85 -27.45
C ALA MB 12 57.69 22.05 -27.01
N ALA MB 13 57.52 21.17 -26.01
CA ALA MB 13 58.65 20.35 -25.58
C ALA MB 13 59.09 19.40 -26.68
N ALA MB 14 58.14 18.81 -27.41
CA ALA MB 14 58.50 17.90 -28.49
C ALA MB 14 59.24 18.62 -29.60
N THR MB 15 58.82 19.83 -29.95
CA THR MB 15 59.47 20.56 -31.02
C THR MB 15 60.92 20.87 -30.66
N ASN MB 16 61.17 21.24 -29.40
CA ASN MB 16 62.55 21.48 -28.97
C ASN MB 16 63.40 20.23 -29.12
N LEU MB 17 62.86 19.08 -28.75
CA LEU MB 17 63.62 17.83 -28.85
C LEU MB 17 63.92 17.48 -30.30
N ASP MB 18 62.94 17.66 -31.20
CA ASP MB 18 63.17 17.32 -32.59
C ASP MB 18 64.23 18.21 -33.23
N VAL MB 19 64.19 19.51 -32.93
CA VAL MB 19 65.19 20.42 -33.48
C VAL MB 19 66.57 20.06 -32.97
N ILE MB 20 66.68 19.73 -31.68
CA ILE MB 20 67.96 19.30 -31.13
C ILE MB 20 68.41 18.02 -31.81
N GLY MB 21 67.48 17.10 -32.08
CA GLY MB 21 67.84 15.89 -32.79
C GLY MB 21 68.33 16.16 -34.19
N ASN MB 22 67.72 17.15 -34.84
CA ASN MB 22 68.10 17.53 -36.23
C ASN MB 22 69.52 18.09 -36.24
N ASN MB 23 69.89 18.88 -35.23
CA ASN MB 23 71.22 19.49 -35.18
C ASN MB 23 72.30 18.45 -34.95
N ILE MB 24 72.06 17.47 -34.10
CA ILE MB 24 73.08 16.46 -33.84
C ILE MB 24 73.14 15.45 -34.99
N ALA MB 25 72.00 15.17 -35.64
CA ALA MB 25 72.00 14.24 -36.76
C ALA MB 25 72.74 14.81 -37.97
N ASN MB 26 72.64 16.11 -38.19
CA ASN MB 26 73.32 16.76 -39.31
C ASN MB 26 74.79 17.03 -39.03
N SER MB 27 75.37 16.38 -38.03
CA SER MB 27 76.79 16.56 -37.76
C SER MB 27 77.62 15.99 -38.92
N ALA MB 28 78.87 16.45 -39.00
CA ALA MB 28 79.81 16.03 -40.04
C ALA MB 28 79.30 16.42 -41.43
N THR MB 29 78.36 17.36 -41.49
CA THR MB 29 77.92 17.91 -42.76
C THR MB 29 78.59 19.25 -43.01
N TYR MB 30 79.08 19.45 -44.23
CA TYR MB 30 79.92 20.61 -44.51
C TYR MB 30 79.11 21.90 -44.48
N GLY MB 31 78.14 22.03 -45.37
CA GLY MB 31 77.36 23.25 -45.45
C GLY MB 31 76.12 23.25 -44.58
N PHE MB 32 76.30 23.33 -43.27
CA PHE MB 32 75.17 23.31 -42.35
C PHE MB 32 75.36 24.32 -41.24
N LYS MB 33 74.27 24.99 -40.88
CA LYS MB 33 74.23 25.95 -39.77
C LYS MB 33 73.31 25.42 -38.70
N SER MB 34 73.78 25.40 -37.46
CA SER MB 34 73.01 24.84 -36.36
C SER MB 34 71.72 25.61 -36.14
N GLY MB 35 70.65 24.88 -35.83
CA GLY MB 35 69.35 25.46 -35.58
C GLY MB 35 69.00 25.48 -34.10
N THR MB 36 68.02 26.33 -33.77
CA THR MB 36 67.56 26.47 -32.39
C THR MB 36 66.17 27.07 -32.41
N ALA MB 37 65.28 26.53 -31.59
CA ALA MB 37 63.91 27.01 -31.50
C ALA MB 37 63.75 27.96 -30.32
N SER MB 38 62.92 28.98 -30.50
CA SER MB 38 62.64 29.96 -29.47
C SER MB 38 61.14 30.00 -29.22
N PHE MB 39 60.75 30.07 -27.95
CA PHE MB 39 59.36 29.98 -27.55
C PHE MB 39 58.84 31.36 -27.15
N ALA MB 40 57.53 31.42 -26.91
CA ALA MB 40 56.87 32.65 -26.47
C ALA MB 40 55.53 32.28 -25.85
N ASP MB 41 55.26 32.83 -24.67
CA ASP MB 41 54.03 32.52 -23.96
C ASP MB 41 52.84 33.20 -24.62
N MET MB 42 51.63 32.77 -24.24
CA MET MB 42 50.40 33.29 -24.80
C MET MB 42 49.48 33.75 -23.67
N PHE MB 43 48.77 34.85 -23.91
CA PHE MB 43 47.79 35.37 -22.97
C PHE MB 43 46.63 35.96 -23.75
N ALA MB 44 45.45 35.39 -23.56
CA ALA MB 44 44.23 35.92 -24.16
C ALA MB 44 43.08 36.05 -23.18
N GLY MB 45 43.14 35.41 -22.02
CA GLY MB 45 42.06 35.46 -21.05
C GLY MB 45 42.26 36.52 -19.98
N SER MB 46 42.49 36.09 -18.76
CA SER MB 46 42.57 37.02 -17.62
C SER MB 46 43.62 36.51 -16.64
N LYS MB 47 44.84 37.05 -16.74
CA LYS MB 47 45.92 36.84 -15.78
C LYS MB 47 46.30 35.38 -15.60
N VAL MB 48 45.89 34.49 -16.49
CA VAL MB 48 46.25 33.08 -16.42
C VAL MB 48 46.89 32.68 -17.74
N GLY MB 49 48.07 32.07 -17.66
CA GLY MB 49 48.75 31.63 -18.86
C GLY MB 49 47.95 30.55 -19.58
N LEU MB 50 47.80 30.74 -20.90
CA LEU MB 50 47.10 29.79 -21.73
C LEU MB 50 48.04 28.80 -22.42
N GLY MB 51 49.33 28.89 -22.18
CA GLY MB 51 50.28 27.95 -22.72
C GLY MB 51 51.43 28.66 -23.40
N VAL MB 52 52.21 27.90 -24.15
CA VAL MB 52 53.39 28.40 -24.84
C VAL MB 52 53.27 28.04 -26.32
N LYS MB 53 53.58 29.00 -27.19
CA LYS MB 53 53.55 28.79 -28.62
C LYS MB 53 54.96 28.93 -29.18
N VAL MB 54 55.29 28.06 -30.14
CA VAL MB 54 56.60 28.10 -30.76
C VAL MB 54 56.65 29.27 -31.74
N ALA MB 55 57.67 30.11 -31.62
CA ALA MB 55 57.81 31.29 -32.45
C ALA MB 55 58.62 31.03 -33.72
N GLY MB 56 58.99 29.79 -33.97
CA GLY MB 56 59.74 29.46 -35.16
C GLY MB 56 61.20 29.17 -34.86
N ILE MB 57 61.79 28.34 -35.70
CA ILE MB 57 63.19 27.95 -35.53
C ILE MB 57 64.10 29.06 -36.03
N THR MB 58 65.10 29.39 -35.23
CA THR MB 58 66.12 30.39 -35.59
C THR MB 58 67.45 29.69 -35.79
N GLN MB 59 68.19 30.12 -36.81
CA GLN MB 59 69.45 29.47 -37.17
C GLN MB 59 70.61 30.42 -36.90
N ASP MB 60 71.65 29.92 -36.25
CA ASP MB 60 72.85 30.69 -36.01
C ASP MB 60 73.77 30.62 -37.22
N PHE MB 61 74.20 31.77 -37.72
CA PHE MB 61 75.03 31.85 -38.91
C PHE MB 61 76.51 32.00 -38.59
N THR MB 62 76.96 31.45 -37.47
CA THR MB 62 78.38 31.50 -37.14
C THR MB 62 79.16 30.59 -38.07
N ASP MB 63 80.28 31.09 -38.59
CA ASP MB 63 81.09 30.32 -39.50
C ASP MB 63 81.72 29.12 -38.79
N GLY MB 64 81.74 27.98 -39.48
CA GLY MB 64 82.32 26.78 -38.95
C GLY MB 64 83.83 26.73 -39.14
N THR MB 65 84.41 25.61 -38.71
CA THR MB 65 85.85 25.42 -38.86
C THR MB 65 86.19 25.18 -40.32
N THR MB 66 87.23 25.86 -40.79
CA THR MB 66 87.72 25.68 -42.14
C THR MB 66 88.76 24.57 -42.15
N THR MB 67 88.46 23.48 -42.86
CA THR MB 67 89.33 22.30 -42.91
C THR MB 67 89.72 22.04 -44.36
N ASN MB 68 91.03 21.90 -44.59
CA ASN MB 68 91.54 21.58 -45.91
C ASN MB 68 91.58 20.06 -46.07
N THR MB 69 90.80 19.55 -47.03
CA THR MB 69 90.66 18.12 -47.25
C THR MB 69 91.15 17.72 -48.65
N GLY MB 70 92.26 18.30 -49.09
CA GLY MB 70 92.80 17.97 -50.38
C GLY MB 70 92.00 18.58 -51.52
N ARG MB 71 92.34 18.14 -52.74
CA ARG MB 71 91.72 18.57 -53.99
C ARG MB 71 91.85 20.08 -54.20
N GLY MB 72 91.39 20.57 -55.35
CA GLY MB 72 91.44 21.98 -55.64
C GLY MB 72 90.07 22.57 -55.95
N LEU MB 73 89.15 21.71 -56.38
CA LEU MB 73 87.82 22.16 -56.80
C LEU MB 73 86.88 22.23 -55.59
N ASP MB 74 87.20 23.16 -54.70
CA ASP MB 74 86.41 23.39 -53.49
C ASP MB 74 86.76 24.74 -52.88
N VAL MB 75 85.76 25.47 -52.41
CA VAL MB 75 85.96 26.81 -51.86
C VAL MB 75 85.32 26.90 -50.48
N ALA MB 76 85.84 27.83 -49.68
CA ALA MB 76 85.34 28.06 -48.33
C ALA MB 76 85.15 29.56 -48.13
N ILE MB 77 84.19 29.91 -47.28
CA ILE MB 77 83.86 31.29 -46.97
C ILE MB 77 84.19 31.53 -45.51
N SER MB 78 85.03 32.54 -45.25
CA SER MB 78 85.47 32.85 -43.89
C SER MB 78 84.63 33.94 -43.22
N GLN MB 79 83.68 34.53 -43.94
CA GLN MB 79 82.85 35.60 -43.39
C GLN MB 79 81.47 35.49 -44.03
N ASN MB 80 80.69 36.57 -43.92
CA ASN MB 80 79.36 36.59 -44.53
C ASN MB 80 79.47 36.44 -46.04
N GLY MB 81 78.54 35.70 -46.62
CA GLY MB 81 78.52 35.46 -48.05
C GLY MB 81 77.90 34.14 -48.44
N PHE MB 82 77.03 34.16 -49.44
CA PHE MB 82 76.32 32.98 -49.89
C PHE MB 82 76.50 32.83 -51.40
N PHE MB 83 76.91 31.64 -51.83
CA PHE MB 83 76.96 31.34 -53.26
C PHE MB 83 75.56 31.33 -53.84
N ARG MB 84 75.42 31.87 -55.04
CA ARG MB 84 74.14 31.90 -55.74
C ARG MB 84 74.08 30.69 -56.66
N LEU MB 85 73.00 29.92 -56.55
CA LEU MB 85 72.81 28.74 -57.37
C LEU MB 85 71.46 28.82 -58.08
N VAL MB 86 71.41 28.26 -59.29
CA VAL MB 86 70.20 28.23 -60.09
C VAL MB 86 69.99 26.81 -60.59
N ASP MB 87 68.75 26.33 -60.51
CA ASP MB 87 68.40 25.00 -60.97
C ASP MB 87 67.97 25.05 -62.43
N SER MB 88 67.53 23.91 -62.96
CA SER MB 88 67.07 23.86 -64.35
C SER MB 88 65.82 24.70 -64.53
N ASN MB 89 64.92 24.71 -63.53
CA ASN MB 89 63.70 25.49 -63.62
C ASN MB 89 63.95 26.99 -63.58
N GLY MB 90 65.16 27.43 -63.26
CA GLY MB 90 65.50 28.82 -63.23
C GLY MB 90 65.41 29.48 -61.87
N SER MB 91 64.88 28.79 -60.86
CA SER MB 91 64.80 29.36 -59.53
C SER MB 91 66.20 29.57 -58.96
N VAL MB 92 66.30 30.54 -58.05
CA VAL MB 92 67.58 30.93 -57.46
C VAL MB 92 67.65 30.41 -56.04
N PHE MB 93 68.73 29.69 -55.73
CA PHE MB 93 68.96 29.13 -54.41
C PHE MB 93 70.32 29.59 -53.90
N TYR MB 94 70.40 29.83 -52.59
CA TYR MB 94 71.61 30.30 -51.95
C TYR MB 94 72.11 29.25 -50.97
N SER MB 95 73.40 28.95 -51.01
CA SER MB 95 73.98 27.92 -50.17
C SER MB 95 75.38 28.33 -49.75
N ARG MB 96 75.89 27.65 -48.71
CA ARG MB 96 77.24 27.89 -48.22
C ARG MB 96 78.17 26.70 -48.40
N ASN MB 97 77.69 25.58 -48.94
CA ASN MB 97 78.56 24.44 -49.18
C ASN MB 97 79.56 24.75 -50.28
N GLY MB 98 80.77 24.21 -50.12
CA GLY MB 98 81.85 24.51 -51.05
C GLY MB 98 82.25 23.36 -51.94
N GLN MB 99 81.41 22.33 -52.02
CA GLN MB 99 81.72 21.15 -52.82
C GLN MB 99 81.21 21.36 -54.24
N PHE MB 100 82.11 21.25 -55.21
CA PHE MB 100 81.78 21.44 -56.62
C PHE MB 100 82.42 20.35 -57.47
N LYS MB 101 81.81 20.08 -58.61
CA LYS MB 101 82.34 19.10 -59.55
C LYS MB 101 81.87 19.45 -60.95
N LEU MB 102 82.53 18.85 -61.94
CA LEU MB 102 82.23 19.09 -63.35
C LEU MB 102 81.32 17.98 -63.87
N ASP MB 103 80.24 18.38 -64.54
CA ASP MB 103 79.29 17.43 -65.11
C ASP MB 103 79.68 17.15 -66.56
N GLU MB 104 78.81 16.45 -67.29
CA GLU MB 104 79.07 16.17 -68.70
C GLU MB 104 78.83 17.38 -69.59
N ASN MB 105 78.14 18.39 -69.09
CA ASN MB 105 77.88 19.62 -69.85
C ASN MB 105 78.90 20.71 -69.51
N ARG MB 106 79.93 20.38 -68.72
CA ARG MB 106 81.01 21.30 -68.38
C ARG MB 106 80.49 22.53 -67.62
N ASN MB 107 79.77 22.27 -66.53
CA ASN MB 107 79.27 23.32 -65.66
C ASN MB 107 79.73 23.06 -64.24
N LEU MB 108 80.12 24.12 -63.53
CA LEU MB 108 80.50 24.01 -62.13
C LEU MB 108 79.23 23.76 -61.32
N VAL MB 109 79.06 22.52 -60.89
CA VAL MB 109 77.82 22.08 -60.25
C VAL MB 109 78.18 21.31 -58.98
N ASN MB 110 77.35 21.46 -57.96
CA ASN MB 110 77.52 20.72 -56.71
C ASN MB 110 77.00 19.29 -56.90
N MET MB 111 76.87 18.55 -55.81
CA MET MB 111 76.42 17.16 -55.86
C MET MB 111 74.91 17.03 -56.04
N GLN MB 112 74.20 18.12 -56.38
CA GLN MB 112 72.75 18.09 -56.45
C GLN MB 112 72.19 18.47 -57.81
N GLY MB 113 73.03 18.86 -58.77
CA GLY MB 113 72.56 19.13 -60.11
C GLY MB 113 72.20 20.56 -60.42
N MET MB 114 72.47 21.50 -59.50
CA MET MB 114 72.19 22.91 -59.73
C MET MB 114 73.49 23.63 -60.06
N GLN MB 115 73.49 24.41 -61.13
CA GLN MB 115 74.69 25.03 -61.65
C GLN MB 115 75.01 26.33 -60.91
N LEU MB 116 76.29 26.53 -60.64
CA LEU MB 116 76.76 27.74 -59.96
C LEU MB 116 76.64 28.94 -60.88
N THR MB 117 76.31 30.10 -60.31
CA THR MB 117 76.18 31.35 -61.05
C THR MB 117 77.30 32.30 -60.63
N GLY MB 118 77.97 32.89 -61.61
CA GLY MB 118 79.06 33.81 -61.37
C GLY MB 118 79.13 34.86 -62.44
N TYR MB 119 80.14 35.72 -62.34
CA TYR MB 119 80.30 36.79 -63.31
C TYR MB 119 80.78 36.24 -64.64
N PRO MB 120 80.10 36.55 -65.74
CA PRO MB 120 80.52 36.03 -67.05
C PRO MB 120 81.81 36.66 -67.52
N ALA MB 121 82.48 35.97 -68.44
CA ALA MB 121 83.71 36.44 -69.05
C ALA MB 121 83.49 36.62 -70.55
N THR MB 122 83.77 37.82 -71.05
CA THR MB 122 83.62 38.13 -72.46
C THR MB 122 84.79 39.00 -72.90
N GLY MB 123 85.05 38.98 -74.21
CA GLY MB 123 86.07 39.81 -74.81
C GLY MB 123 87.16 38.98 -75.48
N THR MB 124 88.09 39.69 -76.10
CA THR MB 124 89.23 39.08 -76.77
C THR MB 124 90.48 39.86 -76.40
N PRO MB 125 91.23 39.42 -75.37
CA PRO MB 125 90.94 38.25 -74.53
C PRO MB 125 89.76 38.49 -73.59
N PRO MB 126 89.09 37.42 -73.18
CA PRO MB 126 87.96 37.58 -72.26
C PRO MB 126 88.37 38.30 -70.98
N THR MB 127 87.52 39.22 -70.55
CA THR MB 127 87.78 40.03 -69.37
C THR MB 127 86.65 39.82 -68.35
N ILE MB 128 86.73 40.56 -67.25
CA ILE MB 128 85.76 40.44 -66.16
C ILE MB 128 84.87 41.66 -66.17
N GLN MB 129 83.56 41.45 -66.11
CA GLN MB 129 82.57 42.52 -66.07
C GLN MB 129 82.01 42.61 -64.66
N GLN MB 130 82.16 43.76 -64.03
CA GLN MB 130 81.67 43.97 -62.67
C GLN MB 130 80.29 44.60 -62.63
N GLY MB 131 79.64 44.78 -63.78
CA GLY MB 131 78.30 45.35 -63.81
C GLY MB 131 77.33 44.53 -64.62
N ALA MB 132 77.83 43.51 -65.32
CA ALA MB 132 76.98 42.67 -66.14
C ALA MB 132 76.23 41.67 -65.28
N ASN MB 133 75.13 41.14 -65.82
CA ASN MB 133 74.34 40.17 -65.12
C ASN MB 133 75.11 38.85 -64.99
N PRO MB 134 75.11 38.24 -63.80
CA PRO MB 134 75.84 36.97 -63.63
C PRO MB 134 75.23 35.85 -64.45
N ALA MB 135 76.08 34.91 -64.84
CA ALA MB 135 75.70 33.81 -65.71
C ALA MB 135 76.37 32.53 -65.22
N PRO MB 136 75.81 31.37 -65.57
CA PRO MB 136 76.46 30.11 -65.19
C PRO MB 136 77.87 30.02 -65.74
N ILE MB 137 78.76 29.43 -64.94
CA ILE MB 137 80.17 29.33 -65.29
C ILE MB 137 80.40 28.04 -66.07
N THR MB 138 81.11 28.15 -67.19
CA THR MB 138 81.42 27.02 -68.06
C THR MB 138 82.92 26.99 -68.30
N ILE MB 139 83.50 25.79 -68.26
CA ILE MB 139 84.92 25.62 -68.55
C ILE MB 139 85.07 24.79 -69.82
N PRO MB 140 85.02 25.39 -71.00
CA PRO MB 140 85.19 24.63 -72.24
C PRO MB 140 86.60 24.08 -72.38
N ASN MB 141 86.71 22.94 -73.06
CA ASN MB 141 87.98 22.31 -73.35
C ASN MB 141 88.46 22.57 -74.76
N THR MB 142 87.76 23.41 -75.52
CA THR MB 142 88.17 23.72 -76.88
C THR MB 142 89.50 24.45 -76.88
N LEU MB 143 90.36 24.08 -77.83
CA LEU MB 143 91.67 24.71 -77.93
C LEU MB 143 91.52 26.16 -78.40
N MET MB 144 92.39 27.02 -77.89
CA MET MB 144 92.32 28.44 -78.21
C MET MB 144 92.67 28.67 -79.67
N ALA MB 145 91.93 29.57 -80.31
CA ALA MB 145 92.20 29.92 -81.69
C ALA MB 145 93.47 30.76 -81.79
N ALA MB 146 94.32 30.41 -82.75
CA ALA MB 146 95.59 31.11 -82.91
C ALA MB 146 95.36 32.54 -83.38
N LYS MB 147 96.19 33.45 -82.89
CA LYS MB 147 96.16 34.85 -83.29
C LYS MB 147 97.48 35.20 -83.97
N SER MB 148 97.39 35.84 -85.14
CA SER MB 148 98.59 36.25 -85.86
C SER MB 148 99.33 37.32 -85.07
N THR MB 149 100.66 37.30 -85.18
CA THR MB 149 101.50 38.25 -84.46
C THR MB 149 101.15 39.67 -84.87
N THR MB 150 100.65 40.46 -83.91
CA THR MB 150 100.20 41.82 -84.17
C THR MB 150 101.09 42.88 -83.52
N THR MB 151 101.30 42.79 -82.21
CA THR MB 151 102.13 43.74 -81.48
C THR MB 151 103.28 43.00 -80.81
N ALA MB 152 104.50 43.46 -81.07
CA ALA MB 152 105.69 42.87 -80.48
C ALA MB 152 106.67 43.98 -80.13
N SER MB 153 107.47 43.73 -79.08
CA SER MB 153 108.46 44.69 -78.61
C SER MB 153 109.76 43.97 -78.33
N MET MB 154 110.88 44.66 -78.54
CA MET MB 154 112.20 44.11 -78.27
C MET MB 154 113.10 45.22 -77.75
N GLN MB 155 113.93 44.88 -76.77
CA GLN MB 155 114.88 45.82 -76.20
C GLN MB 155 116.25 45.16 -76.14
N ILE MB 156 117.30 45.97 -76.28
CA ILE MB 156 118.66 45.45 -76.32
C ILE MB 156 119.61 46.53 -75.78
N ASN MB 157 120.59 46.11 -75.00
CA ASN MB 157 121.62 47.00 -74.50
C ASN MB 157 122.78 47.04 -75.47
N LEU MB 158 123.25 48.24 -75.79
CA LEU MB 158 124.30 48.43 -76.78
C LEU MB 158 125.44 49.25 -76.18
N ASN MB 159 126.59 49.19 -76.84
CA ASN MB 159 127.78 49.93 -76.43
C ASN MB 159 127.84 51.27 -77.16
N SER MB 160 128.00 52.35 -76.39
CA SER MB 160 128.03 53.68 -76.99
C SER MB 160 129.25 53.86 -77.89
N THR MB 161 130.40 53.35 -77.48
CA THR MB 161 131.64 53.48 -78.24
C THR MB 161 132.02 52.20 -78.99
N ASP MB 162 131.03 51.42 -79.40
CA ASP MB 162 131.30 50.20 -80.15
C ASP MB 162 131.86 50.56 -81.52
N PRO MB 163 133.04 50.06 -81.89
CA PRO MB 163 133.62 50.43 -83.18
C PRO MB 163 132.74 50.02 -84.35
N VAL MB 164 132.66 50.90 -85.35
CA VAL MB 164 131.91 50.63 -86.58
C VAL MB 164 132.72 49.67 -87.44
N PRO MB 165 132.11 48.63 -87.99
CA PRO MB 165 132.84 47.72 -88.88
C PRO MB 165 133.40 48.45 -90.09
N SER MB 166 134.60 48.06 -90.50
CA SER MB 166 135.26 48.71 -91.64
C SER MB 166 134.66 48.29 -92.97
N LYS MB 167 133.97 47.15 -93.01
CA LYS MB 167 133.37 46.66 -94.25
C LYS MB 167 132.14 47.48 -94.57
N THR MB 168 132.28 48.44 -95.49
CA THR MB 168 131.15 49.28 -95.86
C THR MB 168 129.98 48.51 -96.47
N PRO MB 169 130.16 47.59 -97.43
CA PRO MB 169 129.01 46.84 -97.93
C PRO MB 169 128.43 45.94 -96.85
N PHE MB 170 127.10 45.90 -96.78
CA PHE MB 170 126.40 45.12 -95.77
C PHE MB 170 125.83 43.86 -96.41
N SER MB 171 126.22 42.71 -95.87
CA SER MB 171 125.75 41.42 -96.37
C SER MB 171 125.46 40.50 -95.20
N VAL MB 172 124.45 39.64 -95.36
CA VAL MB 172 124.08 38.70 -94.31
C VAL MB 172 125.14 37.62 -94.15
N SER MB 173 125.71 37.15 -95.26
CA SER MB 173 126.64 36.03 -95.21
C SER MB 173 127.96 36.38 -94.51
N ASP MB 174 128.33 37.65 -94.46
CA ASP MB 174 129.57 38.04 -93.83
C ASP MB 174 129.43 37.97 -92.31
N ALA MB 175 130.56 37.80 -91.63
CA ALA MB 175 130.59 37.64 -90.19
C ALA MB 175 130.80 38.95 -89.46
N ASP MB 176 131.78 39.76 -89.89
CA ASP MB 176 132.10 41.02 -89.25
C ASP MB 176 131.49 42.21 -89.99
N SER MB 177 130.38 42.01 -90.69
CA SER MB 177 129.67 43.07 -91.36
C SER MB 177 128.60 43.71 -90.47
N TYR MB 178 128.47 43.26 -89.23
CA TYR MB 178 127.47 43.79 -88.31
C TYR MB 178 128.09 43.88 -86.91
N ASN MB 179 127.41 44.60 -86.03
CA ASN MB 179 127.85 44.72 -84.65
C ASN MB 179 127.17 43.71 -83.73
N LYS MB 180 125.89 43.42 -83.98
CA LYS MB 180 125.13 42.51 -83.13
C LYS MB 180 124.14 41.73 -83.99
N LYS MB 181 123.95 40.46 -83.65
CA LYS MB 181 122.98 39.60 -84.33
C LYS MB 181 121.85 39.26 -83.37
N GLY MB 182 120.61 39.44 -83.85
CA GLY MB 182 119.45 39.16 -83.04
C GLY MB 182 118.43 38.33 -83.80
N THR MB 183 117.31 38.06 -83.15
CA THR MB 183 116.24 37.28 -83.74
C THR MB 183 114.89 37.81 -83.29
N VAL MB 184 113.86 37.51 -84.09
CA VAL MB 184 112.48 37.85 -83.77
C VAL MB 184 111.63 36.60 -83.96
N THR MB 185 110.85 36.28 -82.93
CA THR MB 185 109.97 35.12 -82.96
C THR MB 185 108.54 35.55 -83.22
N VAL MB 186 107.94 35.03 -84.30
CA VAL MB 186 106.56 35.31 -84.65
C VAL MB 186 105.90 34.02 -85.10
N TYR MB 187 104.57 33.97 -84.96
CA TYR MB 187 103.78 32.85 -85.43
C TYR MB 187 102.68 33.38 -86.35
N ASP MB 188 102.46 32.67 -87.45
CA ASP MB 188 101.47 33.08 -88.43
C ASP MB 188 100.09 32.54 -88.06
N SER MB 189 99.11 32.79 -88.92
CA SER MB 189 97.75 32.34 -88.67
C SER MB 189 97.63 30.82 -88.75
N GLN MB 190 98.61 30.14 -89.31
CA GLN MB 190 98.57 28.68 -89.45
C GLN MB 190 99.58 27.98 -88.54
N GLY MB 191 99.98 28.61 -87.45
CA GLY MB 191 100.77 27.95 -86.43
C GLY MB 191 102.24 27.75 -86.77
N ASN MB 192 102.70 28.24 -87.91
CA ASN MB 192 104.11 28.13 -88.28
C ASN MB 192 104.88 29.33 -87.73
N ALA MB 193 106.12 29.08 -87.32
CA ALA MB 193 106.96 30.09 -86.70
C ALA MB 193 108.01 30.56 -87.69
N HIS MB 194 108.15 31.88 -87.82
CA HIS MB 194 109.16 32.50 -88.65
C HIS MB 194 110.17 33.22 -87.77
N ASP MB 195 111.45 32.94 -88.00
CA ASP MB 195 112.54 33.49 -87.19
C ASP MB 195 113.14 34.69 -87.91
N MET MB 196 112.53 35.86 -87.73
CA MET MB 196 113.07 37.08 -88.30
C MET MB 196 114.37 37.46 -87.59
N ASN MB 197 115.36 37.87 -88.36
CA ASN MB 197 116.68 38.20 -87.84
C ASN MB 197 116.90 39.70 -87.87
N VAL MB 198 117.47 40.25 -86.80
CA VAL MB 198 117.73 41.68 -86.68
C VAL MB 198 119.24 41.89 -86.52
N TYR MB 199 119.80 42.78 -87.33
CA TYR MB 199 121.22 43.10 -87.31
C TYR MB 199 121.39 44.58 -87.04
N PHE MB 200 122.34 44.92 -86.18
CA PHE MB 200 122.58 46.30 -85.76
C PHE MB 200 123.92 46.78 -86.28
N VAL MB 201 123.91 47.95 -86.94
CA VAL MB 201 125.11 48.61 -87.43
C VAL MB 201 125.04 50.09 -87.08
N LYS MB 202 126.19 50.75 -87.19
CA LYS MB 202 126.33 52.16 -86.84
C LYS MB 202 126.64 52.97 -88.09
N THR MB 203 125.91 54.07 -88.28
CA THR MB 203 126.14 54.97 -89.41
C THR MB 203 127.06 56.12 -89.03
N LYS MB 204 126.71 56.85 -87.98
CA LYS MB 204 127.52 57.96 -87.49
C LYS MB 204 127.35 58.03 -85.97
N ASP MB 205 127.80 59.14 -85.39
CA ASP MB 205 127.68 59.33 -83.95
C ASP MB 205 126.21 59.48 -83.57
N ASN MB 206 125.79 58.74 -82.54
CA ASN MB 206 124.42 58.76 -82.01
C ASN MB 206 123.37 58.32 -83.02
N GLU MB 207 123.78 57.57 -84.05
CA GLU MB 207 122.85 57.02 -85.02
C GLU MB 207 123.19 55.56 -85.29
N TRP MB 208 122.16 54.71 -85.31
CA TRP MB 208 122.33 53.30 -85.58
C TRP MB 208 121.22 52.82 -86.52
N ALA MB 209 121.52 51.76 -87.28
CA ALA MB 209 120.61 51.21 -88.26
C ALA MB 209 120.30 49.76 -87.95
N VAL MB 210 119.12 49.31 -88.38
CA VAL MB 210 118.65 47.96 -88.14
C VAL MB 210 118.21 47.33 -89.45
N TYR MB 211 118.43 46.03 -89.58
CA TYR MB 211 118.03 45.27 -90.76
C TYR MB 211 117.21 44.06 -90.33
N THR MB 212 116.30 43.63 -91.20
CA THR MB 212 115.45 42.48 -90.94
C THR MB 212 115.58 41.48 -92.08
N HIS MB 213 115.82 40.22 -91.73
CA HIS MB 213 115.91 39.14 -92.70
C HIS MB 213 115.34 37.87 -92.07
N ASP MB 214 114.68 37.07 -92.90
CA ASP MB 214 114.07 35.82 -92.45
C ASP MB 214 114.98 34.66 -92.84
N SER MB 215 115.51 33.95 -91.85
CA SER MB 215 116.32 32.77 -92.11
C SER MB 215 115.47 31.57 -92.50
N SER MB 216 114.15 31.65 -92.36
CA SER MB 216 113.23 30.62 -92.80
C SER MB 216 112.70 30.86 -94.21
N ASP MB 217 113.18 31.91 -94.88
CA ASP MB 217 112.76 32.22 -96.25
C ASP MB 217 113.96 32.08 -97.17
N PRO MB 218 114.13 30.93 -97.82
CA PRO MB 218 115.29 30.76 -98.72
C PRO MB 218 115.27 31.70 -99.92
N ALA MB 219 114.09 32.09 -100.40
CA ALA MB 219 113.96 32.93 -101.58
C ALA MB 219 113.96 34.41 -101.24
N ALA MB 220 114.21 34.77 -99.98
CA ALA MB 220 114.21 36.18 -99.60
C ALA MB 220 115.34 36.93 -100.32
N THR MB 221 115.03 38.16 -100.73
CA THR MB 221 116.00 38.98 -101.44
C THR MB 221 117.11 39.45 -100.49
N ALA MB 222 118.32 39.55 -101.04
CA ALA MB 222 119.47 40.00 -100.25
C ALA MB 222 119.26 41.44 -99.80
N PRO MB 223 119.59 41.78 -98.56
CA PRO MB 223 119.36 43.16 -98.08
C PRO MB 223 120.36 44.13 -98.70
N THR MB 224 119.83 45.23 -99.25
CA THR MB 224 120.65 46.29 -99.82
C THR MB 224 120.47 47.63 -99.13
N THR MB 225 119.23 48.03 -98.83
CA THR MB 225 118.96 49.27 -98.13
C THR MB 225 118.33 48.97 -96.78
N ALA MB 226 118.61 49.83 -95.81
CA ALA MB 226 118.06 49.65 -94.46
C ALA MB 226 116.56 49.89 -94.46
N SER MB 227 115.83 49.01 -93.77
CA SER MB 227 114.39 49.17 -93.66
C SER MB 227 114.03 50.44 -92.89
N THR MB 228 114.74 50.70 -91.79
CA THR MB 228 114.52 51.88 -90.98
C THR MB 228 115.78 52.13 -90.14
N THR MB 229 115.76 53.22 -89.40
CA THR MB 229 116.89 53.60 -88.56
C THR MB 229 116.39 54.02 -87.18
N LEU MB 230 117.24 53.81 -86.17
CA LEU MB 230 116.95 54.18 -84.79
C LEU MB 230 117.98 55.20 -84.32
N LYS MB 231 117.52 56.33 -83.83
CA LYS MB 231 118.38 57.42 -83.38
C LYS MB 231 118.28 57.56 -81.87
N PHE MB 232 119.43 57.50 -81.20
CA PHE MB 232 119.50 57.59 -79.75
C PHE MB 232 119.94 58.98 -79.32
N ASN MB 233 119.28 59.51 -78.29
CA ASN MB 233 119.59 60.84 -77.79
C ASN MB 233 120.90 60.82 -77.00
N GLU MB 234 121.43 62.02 -76.74
CA GLU MB 234 122.68 62.13 -76.00
C GLU MB 234 122.54 61.59 -74.58
N ASN MB 235 121.34 61.67 -74.00
CA ASN MB 235 121.14 61.17 -72.65
C ASN MB 235 121.10 59.64 -72.62
N GLY MB 236 120.66 59.01 -73.71
CA GLY MB 236 120.61 57.56 -73.78
C GLY MB 236 119.22 57.01 -74.03
N ILE MB 237 118.35 57.81 -74.65
CA ILE MB 237 116.98 57.42 -74.93
C ILE MB 237 116.72 57.50 -76.43
N LEU MB 238 115.71 56.78 -76.88
CA LEU MB 238 115.32 56.81 -78.28
C LEU MB 238 114.66 58.15 -78.61
N GLU MB 239 115.07 58.74 -79.73
CA GLU MB 239 114.56 60.06 -80.12
C GLU MB 239 113.21 59.95 -80.82
N SER MB 240 113.18 59.29 -81.97
CA SER MB 240 111.96 59.17 -82.75
C SER MB 240 112.10 58.02 -83.73
N GLY MB 241 110.97 57.59 -84.29
CA GLY MB 241 110.96 56.55 -85.30
C GLY MB 241 111.28 55.17 -84.77
N GLY MB 242 110.53 54.72 -83.76
CA GLY MB 242 110.75 53.42 -83.16
C GLY MB 242 109.78 52.34 -83.55
N THR MB 243 108.92 52.56 -84.54
CA THR MB 243 107.94 51.57 -84.98
C THR MB 243 108.23 51.17 -86.42
N VAL MB 244 108.35 49.88 -86.66
CA VAL MB 244 108.60 49.34 -88.00
C VAL MB 244 107.69 48.15 -88.24
N ASN MB 245 107.06 48.12 -89.40
CA ASN MB 245 106.20 47.02 -89.81
C ASN MB 245 107.05 46.06 -90.65
N ILE MB 246 107.21 44.84 -90.15
CA ILE MB 246 108.05 43.83 -90.81
C ILE MB 246 107.16 42.65 -91.20
N THR MB 247 107.20 42.31 -92.48
CA THR MB 247 106.45 41.17 -93.01
C THR MB 247 107.42 40.22 -93.69
N THR MB 248 107.33 38.94 -93.36
CA THR MB 248 108.18 37.92 -93.96
C THR MB 248 107.45 37.26 -95.12
N GLY MB 249 108.02 36.17 -95.63
CA GLY MB 249 107.41 35.43 -96.72
C GLY MB 249 106.34 34.47 -96.24
N THR MB 250 105.67 33.84 -97.21
CA THR MB 250 104.62 32.88 -96.95
C THR MB 250 105.11 31.47 -97.25
N ILE MB 251 104.87 30.56 -96.32
CA ILE MB 251 105.29 29.18 -96.46
C ILE MB 251 104.22 28.28 -95.84
N ASN MB 252 104.11 27.07 -96.36
CA ASN MB 252 103.11 26.09 -95.91
C ASN MB 252 101.69 26.62 -96.09
N GLY MB 253 101.50 27.52 -97.06
CA GLY MB 253 100.21 28.11 -97.31
C GLY MB 253 99.68 28.92 -96.14
N ALA MB 254 100.57 29.67 -95.50
CA ALA MB 254 100.23 30.46 -94.33
C ALA MB 254 100.40 31.94 -94.63
N THR MB 255 99.59 32.76 -93.96
CA THR MB 255 99.67 34.20 -94.13
C THR MB 255 101.03 34.71 -93.68
N ALA MB 256 101.53 35.71 -94.40
CA ALA MB 256 102.80 36.33 -94.02
C ALA MB 256 102.68 36.97 -92.65
N ALA MB 257 103.76 36.89 -91.87
CA ALA MB 257 103.75 37.46 -90.53
C ALA MB 257 103.73 38.97 -90.60
N THR MB 258 102.53 39.55 -90.56
CA THR MB 258 102.35 40.99 -90.62
C THR MB 258 102.26 41.51 -89.19
N PHE MB 259 103.38 42.02 -88.69
CA PHE MB 259 103.47 42.47 -87.30
C PHE MB 259 104.20 43.80 -87.23
N SER MB 260 103.98 44.50 -86.13
CA SER MB 260 104.66 45.75 -85.83
C SER MB 260 105.61 45.53 -84.66
N LEU MB 261 106.86 45.95 -84.82
CA LEU MB 261 107.90 45.76 -83.82
C LEU MB 261 108.33 47.10 -83.26
N SER MB 262 108.43 47.19 -81.94
CA SER MB 262 108.79 48.42 -81.25
C SER MB 262 110.13 48.24 -80.53
N PHE MB 263 110.92 49.31 -80.49
CA PHE MB 263 112.23 49.31 -79.85
C PHE MB 263 112.30 50.36 -78.73
N LEU MB 264 111.16 50.65 -78.11
CA LEU MB 264 111.10 51.65 -77.06
C LEU MB 264 111.86 51.17 -75.82
N ASN MB 265 112.24 52.13 -74.97
CA ASN MB 265 112.98 51.86 -73.74
C ASN MB 265 114.35 51.25 -74.05
N SER MB 266 115.11 51.94 -74.89
CA SER MB 266 116.46 51.52 -75.24
C SER MB 266 117.49 52.32 -74.45
N MET MB 267 118.45 51.61 -73.89
CA MET MB 267 119.51 52.24 -73.09
C MET MB 267 120.87 51.84 -73.66
N GLN MB 268 121.73 52.83 -73.87
CA GLN MB 268 123.08 52.62 -74.41
C GLN MB 268 124.02 53.44 -73.53
N GLN MB 269 124.31 52.80 -72.40
CA GLN MB 269 125.35 53.17 -71.41
C GLN MB 269 126.49 52.14 -71.62
N ASN MB 270 127.66 52.38 -71.05
CA ASN MB 270 128.73 51.40 -71.35
C ASN MB 270 128.33 50.11 -70.63
N THR MB 271 127.25 49.39 -71.02
CA THR MB 271 127.00 48.30 -70.09
C THR MB 271 127.66 47.00 -70.55
N GLY MB 272 128.95 47.07 -70.85
CA GLY MB 272 129.70 45.90 -71.29
C GLY MB 272 129.63 45.72 -72.80
N ALA MB 273 128.85 44.73 -73.24
CA ALA MB 273 128.74 44.41 -74.67
C ALA MB 273 127.28 44.44 -75.12
N ASN MB 274 127.03 43.97 -76.33
CA ASN MB 274 125.67 43.93 -76.88
C ASN MB 274 124.94 42.68 -76.39
N ASN MB 275 123.78 42.87 -75.80
CA ASN MB 275 122.97 41.75 -75.31
C ASN MB 275 121.51 42.17 -75.27
N ILE MB 276 120.63 41.23 -75.65
CA ILE MB 276 119.20 41.46 -75.69
C ILE MB 276 118.61 41.20 -74.32
N VAL MB 277 117.73 42.10 -73.87
CA VAL MB 277 117.17 42.02 -72.53
C VAL MB 277 115.68 41.64 -72.54
N ALA MB 278 114.95 41.91 -73.62
CA ALA MB 278 113.53 41.62 -73.67
C ALA MB 278 113.12 41.24 -75.08
N THR MB 279 112.25 40.23 -75.19
CA THR MB 279 111.76 39.77 -76.47
C THR MB 279 110.42 39.06 -76.26
N ASN MB 280 109.38 39.52 -76.94
CA ASN MB 280 108.06 38.91 -76.82
C ASN MB 280 107.24 39.23 -78.07
N GLN MB 281 106.15 38.48 -78.23
CA GLN MB 281 105.21 38.74 -79.31
C GLN MB 281 103.85 38.21 -78.89
N ASN MB 282 102.80 38.73 -79.53
CA ASN MB 282 101.44 38.28 -79.28
C ASN MB 282 101.02 37.15 -80.21
N GLY MB 283 101.93 36.69 -81.08
CA GLY MB 283 101.61 35.60 -81.99
C GLY MB 283 101.58 34.26 -81.27
N TYR MB 284 100.56 34.07 -80.43
CA TYR MB 284 100.47 32.87 -79.63
C TYR MB 284 100.05 31.70 -80.51
N LYS MB 285 100.87 30.65 -80.54
CA LYS MB 285 100.50 29.45 -81.25
C LYS MB 285 99.30 28.79 -80.58
N PRO MB 286 98.47 28.06 -81.33
CA PRO MB 286 97.30 27.42 -80.72
C PRO MB 286 97.70 26.43 -79.64
N GLY MB 287 96.92 26.41 -78.57
CA GLY MB 287 97.19 25.54 -77.44
C GLY MB 287 95.92 24.95 -76.89
N ASP MB 288 96.08 23.91 -76.09
CA ASP MB 288 94.96 23.17 -75.53
C ASP MB 288 94.93 23.32 -74.01
N LEU MB 289 93.72 23.24 -73.45
CA LEU MB 289 93.54 23.35 -72.01
C LEU MB 289 94.28 22.24 -71.29
N VAL MB 290 95.02 22.61 -70.24
CA VAL MB 290 95.78 21.67 -69.43
C VAL MB 290 95.10 21.41 -68.10
N SER MB 291 94.77 22.47 -67.37
CA SER MB 291 94.09 22.35 -66.09
C SER MB 291 93.40 23.68 -65.79
N TYR MB 292 92.43 23.62 -64.88
CA TYR MB 292 91.71 24.81 -64.44
C TYR MB 292 92.02 25.07 -62.98
N GLN MB 293 92.18 26.35 -62.64
CA GLN MB 293 92.57 26.76 -61.30
C GLN MB 293 91.67 27.89 -60.83
N ILE MB 294 91.39 27.93 -59.53
CA ILE MB 294 90.61 28.97 -58.90
C ILE MB 294 91.48 29.68 -57.87
N ASN MB 295 91.52 31.01 -57.95
CA ASN MB 295 92.33 31.80 -57.05
C ASN MB 295 91.59 32.06 -55.74
N ASN MB 296 92.33 32.60 -54.76
CA ASN MB 296 91.72 33.02 -53.52
C ASN MB 296 90.87 34.28 -53.68
N ASP MB 297 90.96 34.95 -54.82
CA ASP MB 297 90.15 36.14 -55.08
C ASP MB 297 88.85 35.81 -55.81
N GLY MB 298 88.57 34.53 -56.06
CA GLY MB 298 87.31 34.12 -56.62
C GLY MB 298 87.26 34.04 -58.13
N THR MB 299 88.30 34.46 -58.83
CA THR MB 299 88.31 34.42 -60.28
C THR MB 299 88.89 33.10 -60.77
N VAL MB 300 88.08 32.30 -61.45
CA VAL MB 300 88.50 31.01 -61.97
C VAL MB 300 89.31 31.24 -63.23
N VAL MB 301 90.50 30.65 -63.28
CA VAL MB 301 91.45 30.86 -64.37
C VAL MB 301 91.77 29.52 -65.01
N GLY MB 302 91.65 29.46 -66.33
CA GLY MB 302 92.02 28.28 -67.09
C GLY MB 302 93.43 28.38 -67.62
N ASN MB 303 94.08 27.23 -67.79
CA ASN MB 303 95.47 27.17 -68.23
C ASN MB 303 95.58 26.37 -69.51
N TYR MB 304 96.19 26.96 -70.53
CA TYR MB 304 96.43 26.31 -71.80
C TYR MB 304 97.88 25.83 -71.88
N SER MB 305 98.24 25.28 -73.03
CA SER MB 305 99.58 24.74 -73.25
C SER MB 305 100.57 25.79 -73.74
N ASN MB 306 100.12 27.00 -74.05
CA ASN MB 306 100.99 28.04 -74.58
C ASN MB 306 101.24 29.15 -73.55
N GLU MB 307 101.33 28.78 -72.28
CA GLU MB 307 101.64 29.73 -71.19
C GLU MB 307 100.66 30.90 -71.19
N GLN MB 308 99.38 30.61 -71.42
CA GLN MB 308 98.34 31.63 -71.44
C GLN MB 308 97.29 31.30 -70.40
N GLU MB 309 97.00 32.25 -69.53
CA GLU MB 309 95.97 32.11 -68.51
C GLU MB 309 94.67 32.74 -69.01
N GLN MB 310 93.62 31.95 -69.06
CA GLN MB 310 92.31 32.40 -69.54
C GLN MB 310 91.38 32.54 -68.34
N VAL MB 311 90.86 33.74 -68.13
CA VAL MB 311 89.94 34.00 -67.04
C VAL MB 311 88.52 33.73 -67.51
N LEU MB 312 87.86 32.78 -66.88
CA LEU MB 312 86.51 32.37 -67.26
C LEU MB 312 85.43 33.04 -66.41
N GLY MB 313 85.82 33.96 -65.53
CA GLY MB 313 84.89 34.70 -64.71
C GLY MB 313 85.25 34.57 -63.24
N GLN MB 314 84.36 35.09 -62.40
CA GLN MB 314 84.52 35.00 -60.96
C GLN MB 314 83.18 34.70 -60.32
N ILE MB 315 83.22 34.00 -59.19
CA ILE MB 315 82.01 33.60 -58.48
C ILE MB 315 81.52 34.77 -57.64
N VAL MB 316 80.27 35.12 -57.80
CA VAL MB 316 79.68 36.22 -57.03
C VAL MB 316 79.21 35.70 -55.68
N LEU MB 317 79.01 36.61 -54.75
CA LEU MB 317 78.54 36.28 -53.41
C LEU MB 317 77.28 37.09 -53.11
N ALA MB 318 76.39 36.49 -52.33
CA ALA MB 318 75.12 37.11 -51.95
C ALA MB 318 75.15 37.44 -50.46
N ASN MB 319 74.77 38.67 -50.13
CA ASN MB 319 74.63 39.10 -48.74
C ASN MB 319 73.26 39.74 -48.58
N PHE MB 320 72.34 39.01 -47.97
CA PHE MB 320 71.00 39.54 -47.76
C PHE MB 320 71.01 40.67 -46.75
N ALA MB 321 70.04 41.58 -46.88
CA ALA MB 321 69.89 42.64 -45.90
C ALA MB 321 69.57 42.09 -44.52
N ASN MB 322 68.93 40.93 -44.45
CA ASN MB 322 68.58 40.33 -43.17
C ASN MB 322 68.72 38.81 -43.27
N ASN MB 323 69.37 38.22 -42.28
CA ASN MB 323 69.46 36.76 -42.20
C ASN MB 323 68.25 36.24 -41.44
N GLU MB 324 68.28 34.95 -41.08
CA GLU MB 324 67.24 34.31 -40.28
C GLU MB 324 65.87 34.32 -40.94
N GLY MB 325 65.79 34.75 -42.20
CA GLY MB 325 64.55 34.68 -42.94
C GLY MB 325 64.68 33.75 -44.12
N LEU MB 326 65.87 33.19 -44.30
CA LEU MB 326 66.17 32.27 -45.40
C LEU MB 326 65.55 30.92 -45.06
N ALA MB 327 64.43 30.61 -45.70
CA ALA MB 327 63.78 29.32 -45.47
C ALA MB 327 64.59 28.21 -46.11
N SER MB 328 64.84 27.15 -45.36
CA SER MB 328 65.56 26.00 -45.90
C SER MB 328 64.66 25.26 -46.88
N GLN MB 329 65.25 24.82 -47.99
CA GLN MB 329 64.53 24.15 -49.07
C GLN MB 329 65.21 22.80 -49.33
N GLY MB 330 64.70 21.75 -48.68
CA GLY MB 330 65.24 20.42 -48.89
C GLY MB 330 66.70 20.32 -48.53
N ASP MB 331 67.56 20.23 -49.54
CA ASP MB 331 69.00 20.16 -49.31
C ASP MB 331 69.50 21.50 -48.78
N ASN MB 332 70.81 21.59 -48.55
CA ASN MB 332 71.38 22.75 -47.87
C ASN MB 332 71.38 23.97 -48.77
N VAL MB 333 70.20 24.45 -49.14
CA VAL MB 333 70.04 25.67 -49.92
C VAL MB 333 68.98 26.54 -49.26
N TRP MB 334 69.07 27.84 -49.49
CA TRP MB 334 68.15 28.80 -48.90
C TRP MB 334 67.47 29.60 -50.01
N ALA MB 335 66.16 29.78 -49.87
CA ALA MB 335 65.35 30.54 -50.83
C ALA MB 335 65.04 31.90 -50.23
N ALA MB 336 65.36 32.96 -50.98
CA ALA MB 336 65.11 34.31 -50.50
C ALA MB 336 63.62 34.64 -50.55
N THR MB 337 63.19 35.47 -49.60
CA THR MB 337 61.81 35.92 -49.53
C THR MB 337 61.79 37.22 -48.73
N GLN MB 338 60.61 37.63 -48.29
CA GLN MB 338 60.51 38.81 -47.43
C GLN MB 338 61.22 38.56 -46.11
N ALA MB 339 61.50 39.67 -45.41
CA ALA MB 339 62.30 39.67 -44.19
C ALA MB 339 63.72 39.17 -44.42
N SER MB 340 64.14 39.11 -45.68
CA SER MB 340 65.52 38.76 -46.02
C SER MB 340 66.10 39.80 -46.98
N GLY MB 341 65.24 40.39 -47.80
CA GLY MB 341 65.67 41.44 -48.71
C GLY MB 341 66.33 40.89 -49.96
N VAL MB 342 66.89 41.84 -50.73
CA VAL MB 342 67.57 41.46 -51.97
C VAL MB 342 68.85 40.70 -51.65
N ALA MB 343 69.33 39.94 -52.63
CA ALA MB 343 70.56 39.18 -52.45
C ALA MB 343 71.78 40.08 -52.32
N LEU MB 344 71.78 41.22 -53.02
CA LEU MB 344 72.90 42.17 -53.01
C LEU MB 344 74.19 41.47 -53.46
N LEU MB 345 74.16 41.03 -54.71
CA LEU MB 345 75.31 40.34 -55.27
C LEU MB 345 76.52 41.27 -55.38
N GLY MB 346 77.70 40.68 -55.25
CA GLY MB 346 78.92 41.45 -55.32
C GLY MB 346 80.13 40.54 -55.44
N THR MB 347 81.29 41.17 -55.40
CA THR MB 347 82.55 40.44 -55.50
C THR MB 347 83.03 40.01 -54.12
N ALA MB 348 84.04 39.13 -54.13
CA ALA MB 348 84.62 38.61 -52.89
C ALA MB 348 85.82 39.42 -52.42
N GLY MB 349 86.13 40.53 -53.08
CA GLY MB 349 87.32 41.29 -52.75
C GLY MB 349 87.24 41.99 -51.40
N SER MB 350 86.38 43.01 -51.31
CA SER MB 350 86.27 43.82 -50.11
C SER MB 350 84.85 44.36 -50.01
N GLY MB 351 84.65 45.29 -49.09
CA GLY MB 351 83.33 45.89 -48.88
C GLY MB 351 82.55 45.18 -47.78
N ASN MB 352 81.51 44.45 -48.16
CA ASN MB 352 80.67 43.72 -47.22
C ASN MB 352 80.74 42.22 -47.47
N PHE MB 353 81.91 41.73 -47.88
CA PHE MB 353 82.08 40.33 -48.21
C PHE MB 353 83.39 39.82 -47.61
N GLY MB 354 83.47 38.51 -47.42
CA GLY MB 354 84.63 37.89 -46.84
C GLY MB 354 85.61 37.37 -47.87
N LYS MB 355 86.61 36.64 -47.39
CA LYS MB 355 87.67 36.08 -48.23
C LYS MB 355 87.43 34.59 -48.45
N LEU MB 356 87.72 34.14 -49.66
CA LEU MB 356 87.56 32.74 -50.02
C LEU MB 356 88.85 31.98 -49.75
N THR MB 357 88.79 30.66 -49.90
CA THR MB 357 89.94 29.80 -49.69
C THR MB 357 89.84 28.60 -50.62
N ASN MB 358 90.96 28.26 -51.25
CA ASN MB 358 91.02 27.15 -52.18
C ASN MB 358 91.51 25.88 -51.48
N GLY MB 359 90.87 24.76 -51.77
CA GLY MB 359 91.28 23.49 -51.19
C GLY MB 359 90.83 23.27 -49.76
N ALA MB 360 89.69 23.84 -49.36
CA ALA MB 360 89.19 23.67 -48.01
C ALA MB 360 87.67 23.78 -48.03
N LEU MB 361 87.06 23.26 -46.96
CA LEU MB 361 85.62 23.30 -46.78
C LEU MB 361 85.28 23.91 -45.43
N GLU MB 362 83.98 24.01 -45.17
CA GLU MB 362 83.47 24.59 -43.93
C GLU MB 362 82.83 23.51 -43.08
N ALA MB 363 83.01 23.59 -41.76
CA ALA MB 363 82.47 22.60 -40.85
C ALA MB 363 81.00 22.88 -40.58
N SER MB 364 80.40 22.08 -39.70
CA SER MB 364 78.98 22.16 -39.41
C SER MB 364 78.66 23.06 -38.22
N ASN MB 365 79.67 23.59 -37.55
CA ASN MB 365 79.53 24.46 -36.38
C ASN MB 365 78.48 23.92 -35.40
N VAL MB 366 78.61 22.64 -35.07
CA VAL MB 366 77.78 21.99 -34.07
C VAL MB 366 78.68 21.35 -33.04
N ASP MB 367 78.34 21.52 -31.77
CA ASP MB 367 79.12 20.97 -30.66
C ASP MB 367 78.36 19.80 -30.07
N LEU MB 368 78.99 18.63 -30.07
CA LEU MB 368 78.36 17.45 -29.48
C LEU MB 368 78.13 17.64 -27.99
N SER MB 369 79.11 18.22 -27.29
CA SER MB 369 78.97 18.45 -25.85
C SER MB 369 77.81 19.40 -25.57
N LYS MB 370 77.66 20.45 -26.38
CA LYS MB 370 76.55 21.38 -26.20
C LYS MB 370 75.21 20.70 -26.46
N GLU MB 371 75.15 19.86 -27.49
CA GLU MB 371 73.87 19.27 -27.87
C GLU MB 371 73.45 18.17 -26.92
N LEU MB 372 74.41 17.37 -26.43
CA LEU MB 372 74.05 16.24 -25.57
C LEU MB 372 73.40 16.71 -24.28
N VAL MB 373 73.95 17.75 -23.65
CA VAL MB 373 73.36 18.24 -22.41
C VAL MB 373 72.00 18.88 -22.67
N ASN MB 374 71.82 19.51 -23.84
CA ASN MB 374 70.52 20.10 -24.16
C ASN MB 374 69.45 19.03 -24.31
N MET MB 375 69.82 17.85 -24.83
CA MET MB 375 68.86 16.77 -24.96
C MET MB 375 68.38 16.30 -23.59
N ILE MB 376 69.30 16.19 -22.62
CA ILE MB 376 68.91 15.73 -21.28
C ILE MB 376 67.94 16.71 -20.64
N VAL MB 377 68.23 18.01 -20.76
CA VAL MB 377 67.37 19.01 -20.14
C VAL MB 377 65.97 18.96 -20.76
N ALA MB 378 65.90 18.87 -22.09
CA ALA MB 378 64.61 18.85 -22.76
C ALA MB 378 63.83 17.59 -22.42
N GLN MB 379 64.54 16.47 -22.25
CA GLN MB 379 63.85 15.21 -21.93
C GLN MB 379 63.13 15.30 -20.59
N ARG MB 380 63.78 15.88 -19.59
CA ARG MB 380 63.11 16.03 -18.29
C ARG MB 380 61.98 17.03 -18.39
N ASN MB 381 62.11 18.05 -19.24
CA ASN MB 381 61.03 18.99 -19.44
C ASN MB 381 59.81 18.30 -20.02
N TYR MB 382 60.01 17.38 -20.96
CA TYR MB 382 58.89 16.66 -21.55
C TYR MB 382 58.19 15.79 -20.50
N GLN MB 383 58.97 15.09 -19.68
CA GLN MB 383 58.37 14.22 -18.68
C GLN MB 383 57.66 15.02 -17.59
N SER MB 384 58.17 16.20 -17.25
CA SER MB 384 57.48 17.05 -16.28
C SER MB 384 56.12 17.48 -16.78
N ASN MB 385 56.02 17.85 -18.06
CA ASN MB 385 54.72 18.19 -18.62
C ASN MB 385 53.81 16.98 -18.71
N ALA MB 386 54.39 15.78 -18.79
CA ALA MB 386 53.58 14.57 -18.80
C ALA MB 386 52.86 14.37 -17.47
N GLN MB 387 53.35 15.03 -16.41
CA GLN MB 387 52.64 14.96 -15.14
C GLN MB 387 51.42 15.87 -15.14
N THR MB 388 51.53 17.04 -15.76
CA THR MB 388 50.40 17.96 -15.80
C THR MB 388 49.22 17.36 -16.55
N ILE MB 389 49.48 16.72 -17.69
CA ILE MB 389 48.41 16.01 -18.37
C ILE MB 389 47.94 14.83 -17.53
N LYS MB 390 48.85 14.18 -16.81
CA LYS MB 390 48.46 13.06 -15.96
C LYS MB 390 47.57 13.52 -14.81
N THR MB 391 47.96 14.59 -14.12
CA THR MB 391 47.15 15.04 -13.00
C THR MB 391 45.84 15.66 -13.46
N GLN MB 392 45.82 16.22 -14.67
CA GLN MB 392 44.57 16.76 -15.19
C GLN MB 392 43.57 15.67 -15.53
N ASP MB 393 44.03 14.42 -15.65
CA ASP MB 393 43.10 13.32 -15.92
C ASP MB 393 42.48 12.81 -14.63
N GLN MB 394 43.29 12.59 -13.60
CA GLN MB 394 42.74 12.12 -12.33
C GLN MB 394 41.81 13.15 -11.71
N ILE MB 395 42.17 14.43 -11.79
CA ILE MB 395 41.33 15.47 -11.23
C ILE MB 395 39.97 15.51 -11.90
N LEU MB 396 39.89 15.04 -13.16
CA LEU MB 396 38.63 14.98 -13.87
C LEU MB 396 37.95 13.62 -13.72
N ASN MB 397 38.74 12.56 -13.52
CA ASN MB 397 38.15 11.23 -13.32
C ASN MB 397 37.33 11.19 -12.04
N THR MB 398 37.82 11.80 -10.96
CA THR MB 398 37.08 11.82 -9.71
C THR MB 398 35.78 12.61 -9.80
N LEU MB 399 35.64 13.45 -10.84
CA LEU MB 399 34.45 14.28 -10.95
C LEU MB 399 33.37 13.59 -11.79
N VAL MB 400 33.75 12.93 -12.88
CA VAL MB 400 32.78 12.21 -13.69
C VAL MB 400 32.23 11.01 -12.93
N ASN MB 401 33.11 10.24 -12.28
CA ASN MB 401 32.64 9.11 -11.47
C ASN MB 401 31.85 9.60 -10.27
N LEU MB 402 32.49 10.38 -9.41
CA LEU MB 402 31.86 10.94 -8.21
C LEU MB 402 31.22 9.86 -7.34
N SER NB 2 49.65 18.36 6.07
CA SER NB 2 50.83 18.85 6.78
C SER NB 2 52.09 18.57 5.97
N PHE NB 3 52.16 19.14 4.77
CA PHE NB 3 53.32 18.99 3.91
C PHE NB 3 54.41 20.00 4.22
N SER NB 4 54.20 20.89 5.19
CA SER NB 4 55.13 21.98 5.43
C SER NB 4 56.51 21.46 5.79
N GLN NB 5 56.58 20.42 6.64
CA GLN NB 5 57.87 19.83 6.98
C GLN NB 5 58.56 19.26 5.76
N ALA NB 6 57.80 18.59 4.89
CA ALA NB 6 58.40 17.93 3.74
C ALA NB 6 58.86 18.93 2.69
N VAL NB 7 58.02 19.93 2.37
CA VAL NB 7 58.37 20.86 1.30
C VAL NB 7 59.53 21.75 1.73
N SER NB 8 59.51 22.24 2.96
CA SER NB 8 60.59 23.09 3.43
C SER NB 8 61.91 22.33 3.49
N GLY NB 9 61.88 21.09 3.97
CA GLY NB 9 63.10 20.30 3.99
C GLY NB 9 63.60 19.95 2.61
N LEU NB 10 62.71 19.95 1.61
CA LEU NB 10 63.13 19.68 0.25
C LEU NB 10 63.86 20.87 -0.35
N ASN NB 11 63.41 22.08 -0.04
CA ASN NB 11 64.06 23.28 -0.58
C ASN NB 11 65.49 23.41 -0.08
N ALA NB 12 65.74 23.06 1.18
CA ALA NB 12 67.10 23.15 1.71
C ALA NB 12 68.04 22.22 0.95
N ALA NB 13 67.60 20.99 0.66
CA ALA NB 13 68.43 20.07 -0.11
C ALA NB 13 68.69 20.62 -1.51
N ALA NB 14 67.66 21.18 -2.16
CA ALA NB 14 67.86 21.80 -3.46
C ALA NB 14 68.81 22.99 -3.37
N THR NB 15 68.67 23.81 -2.33
CA THR NB 15 69.59 24.91 -2.12
C THR NB 15 71.01 24.42 -1.90
N ASN NB 16 71.15 23.35 -1.11
CA ASN NB 16 72.49 22.82 -0.82
C ASN NB 16 73.15 22.30 -2.09
N LEU NB 17 72.39 21.61 -2.95
CA LEU NB 17 72.97 21.07 -4.17
C LEU NB 17 73.47 22.17 -5.10
N ASP NB 18 72.71 23.27 -5.19
CA ASP NB 18 73.15 24.38 -6.04
C ASP NB 18 74.45 24.99 -5.52
N VAL NB 19 74.57 25.15 -4.21
CA VAL NB 19 75.80 25.68 -3.63
C VAL NB 19 76.96 24.73 -3.89
N ILE NB 20 76.72 23.42 -3.72
CA ILE NB 20 77.77 22.45 -4.01
C ILE NB 20 78.13 22.47 -5.49
N GLY NB 21 77.12 22.54 -6.35
CA GLY NB 21 77.39 22.65 -7.77
C GLY NB 21 78.14 23.92 -8.14
N ASN NB 22 77.81 25.02 -7.47
CA ASN NB 22 78.49 26.28 -7.75
C ASN NB 22 79.98 26.18 -7.42
N ASN NB 23 80.31 25.57 -6.29
CA ASN NB 23 81.71 25.49 -5.88
C ASN NB 23 82.52 24.63 -6.84
N ILE NB 24 81.99 23.47 -7.23
CA ILE NB 24 82.74 22.59 -8.10
C ILE NB 24 82.84 23.16 -9.51
N ALA NB 25 81.84 23.92 -9.93
CA ALA NB 25 81.88 24.51 -11.27
C ALA NB 25 82.91 25.62 -11.38
N ASN NB 26 83.12 26.40 -10.32
CA ASN NB 26 84.06 27.50 -10.33
C ASN NB 26 85.45 27.10 -9.88
N SER NB 27 85.83 25.84 -10.05
CA SER NB 27 87.19 25.42 -9.77
C SER NB 27 88.16 26.10 -10.72
N ALA NB 28 89.38 26.30 -10.25
CA ALA NB 28 90.50 26.92 -10.96
C ALA NB 28 90.29 28.41 -11.22
N THR NB 29 89.16 28.99 -10.82
CA THR NB 29 88.98 30.43 -10.89
C THR NB 29 89.74 31.07 -9.74
N TYR NB 30 90.65 31.98 -10.07
CA TYR NB 30 91.63 32.43 -9.09
C TYR NB 30 90.99 33.23 -7.96
N GLY NB 31 90.08 34.13 -8.28
CA GLY NB 31 89.45 34.94 -7.26
C GLY NB 31 88.18 34.32 -6.71
N PHE NB 32 88.23 33.05 -6.33
CA PHE NB 32 87.07 32.31 -5.89
C PHE NB 32 87.23 31.86 -4.45
N LYS NB 33 86.18 32.02 -3.66
CA LYS NB 33 86.14 31.59 -2.26
C LYS NB 33 84.91 30.72 -2.07
N SER NB 34 85.14 29.43 -1.83
CA SER NB 34 84.03 28.48 -1.73
C SER NB 34 83.15 28.79 -0.53
N GLY NB 35 81.86 28.50 -0.68
CA GLY NB 35 80.89 28.71 0.37
C GLY NB 35 80.18 27.44 0.77
N THR NB 36 79.32 27.57 1.79
CA THR NB 36 78.55 26.44 2.29
C THR NB 36 77.33 26.99 3.03
N ALA NB 37 76.17 26.37 2.79
CA ALA NB 37 74.95 26.83 3.43
C ALA NB 37 74.94 26.47 4.91
N SER NB 38 74.06 27.14 5.64
CA SER NB 38 73.85 26.89 7.06
C SER NB 38 72.36 26.74 7.32
N PHE NB 39 71.98 25.68 8.03
CA PHE NB 39 70.59 25.35 8.26
C PHE NB 39 70.21 25.61 9.71
N ALA NB 40 68.91 25.75 9.95
CA ALA NB 40 68.40 25.97 11.29
C ALA NB 40 66.94 25.59 11.32
N ASP NB 41 66.53 24.87 12.38
CA ASP NB 41 65.15 24.42 12.51
C ASP NB 41 64.24 25.58 12.89
N MET NB 42 62.94 25.33 12.81
CA MET NB 42 61.93 26.32 13.15
C MET NB 42 60.91 25.71 14.09
N PHE NB 43 60.39 26.53 15.00
CA PHE NB 43 59.38 26.12 15.96
C PHE NB 43 58.49 27.31 16.24
N ALA NB 44 57.23 27.25 15.82
CA ALA NB 44 56.28 28.32 16.05
C ALA NB 44 55.15 27.92 16.99
N GLY NB 45 54.73 26.66 16.95
CA GLY NB 45 53.60 26.22 17.75
C GLY NB 45 54.00 25.73 19.12
N SER NB 46 53.74 24.46 19.41
CA SER NB 46 54.03 23.87 20.72
C SER NB 46 54.62 22.47 20.52
N LYS NB 47 55.94 22.37 20.65
CA LYS NB 47 56.64 21.09 20.67
C LYS NB 47 56.35 20.27 19.42
N VAL NB 48 56.33 20.92 18.26
CA VAL NB 48 56.13 20.24 16.99
C VAL NB 48 57.06 20.86 15.96
N GLY NB 49 57.76 20.01 15.22
CA GLY NB 49 58.64 20.51 14.18
C GLY NB 49 57.87 21.14 13.03
N LEU NB 50 58.49 22.15 12.41
CA LEU NB 50 57.87 22.86 11.30
C LEU NB 50 58.83 23.04 10.14
N GLY NB 51 59.76 22.12 9.94
CA GLY NB 51 60.67 22.19 8.83
C GLY NB 51 61.95 22.94 9.16
N VAL NB 52 62.77 23.11 8.13
CA VAL NB 52 64.07 23.76 8.26
C VAL NB 52 64.02 25.08 7.51
N LYS NB 53 65.10 25.85 7.64
CA LYS NB 53 65.25 27.09 6.90
C LYS NB 53 66.74 27.35 6.72
N VAL NB 54 67.10 27.94 5.59
CA VAL NB 54 68.48 28.34 5.35
C VAL NB 54 68.73 29.68 6.01
N ALA NB 55 69.75 29.74 6.85
CA ALA NB 55 70.08 30.95 7.59
C ALA NB 55 71.02 31.86 6.82
N GLY NB 56 71.34 31.52 5.58
CA GLY NB 56 72.29 32.30 4.80
C GLY NB 56 73.44 31.43 4.32
N ILE NB 57 74.35 32.02 3.54
CA ILE NB 57 75.49 31.32 3.01
C ILE NB 57 76.76 31.97 3.55
N THR NB 58 77.61 31.16 4.19
CA THR NB 58 78.89 31.62 4.69
C THR NB 58 80.01 31.12 3.79
N GLN NB 59 81.06 31.92 3.67
CA GLN NB 59 82.16 31.65 2.77
C GLN NB 59 83.46 31.55 3.55
N ASP NB 60 84.31 30.61 3.16
CA ASP NB 60 85.60 30.39 3.83
C ASP NB 60 86.65 31.25 3.16
N PHE NB 61 87.05 32.33 3.82
CA PHE NB 61 88.04 33.25 3.28
C PHE NB 61 89.46 32.72 3.36
N THR NB 62 89.64 31.46 3.72
CA THR NB 62 90.98 30.90 3.83
C THR NB 62 91.68 30.92 2.46
N ASP NB 63 92.96 31.24 2.48
CA ASP NB 63 93.72 31.36 1.24
C ASP NB 63 94.09 29.99 0.70
N GLY NB 64 94.03 29.86 -0.62
CA GLY NB 64 94.44 28.66 -1.30
C GLY NB 64 95.93 28.67 -1.60
N THR NB 65 96.35 27.67 -2.39
CA THR NB 65 97.74 27.60 -2.79
C THR NB 65 98.07 28.72 -3.78
N THR NB 66 99.36 29.03 -3.88
CA THR NB 66 99.86 30.03 -4.79
C THR NB 66 100.64 29.37 -5.93
N THR NB 67 100.38 29.82 -7.15
CA THR NB 67 101.02 29.26 -8.33
C THR NB 67 101.83 30.34 -9.04
N ASN NB 68 102.95 29.92 -9.63
CA ASN NB 68 103.83 30.82 -10.36
C ASN NB 68 103.18 31.15 -11.70
N THR NB 69 102.29 32.14 -11.68
CA THR NB 69 101.58 32.53 -12.89
C THR NB 69 102.52 33.14 -13.91
N GLY NB 70 103.61 33.76 -13.46
CA GLY NB 70 104.52 34.42 -14.38
C GLY NB 70 104.13 35.86 -14.61
N ARG NB 71 104.76 36.46 -15.63
CA ARG NB 71 104.51 37.85 -16.00
C ARG NB 71 104.81 38.80 -14.84
N GLY NB 72 104.35 40.04 -14.95
CA GLY NB 72 104.52 41.00 -13.89
C GLY NB 72 103.23 41.72 -13.55
N LEU NB 73 102.22 41.56 -14.38
CA LEU NB 73 100.92 42.20 -14.18
C LEU NB 73 99.96 41.29 -13.42
N ASP NB 74 100.42 40.79 -12.26
CA ASP NB 74 99.62 39.89 -11.45
C ASP NB 74 100.26 39.79 -10.07
N VAL NB 75 99.44 39.92 -9.03
CA VAL NB 75 99.91 39.87 -7.65
C VAL NB 75 99.04 38.90 -6.86
N ALA NB 76 99.63 38.37 -5.79
CA ALA NB 76 98.96 37.41 -4.92
C ALA NB 76 99.10 37.86 -3.47
N ILE NB 77 98.01 37.75 -2.72
CA ILE NB 77 97.99 38.14 -1.31
C ILE NB 77 98.13 36.88 -0.47
N SER NB 78 99.07 36.90 0.48
CA SER NB 78 99.34 35.75 1.32
C SER NB 78 98.62 35.82 2.67
N GLN NB 79 97.83 36.85 2.92
CA GLN NB 79 97.16 37.01 4.20
C GLN NB 79 95.96 37.92 4.01
N ASN NB 80 95.42 38.43 5.12
CA ASN NB 80 94.23 39.27 5.07
C ASN NB 80 94.52 40.55 4.28
N GLY NB 81 93.51 41.00 3.54
CA GLY NB 81 93.65 42.19 2.70
C GLY NB 81 92.89 42.07 1.41
N PHE NB 82 92.12 43.10 1.07
CA PHE NB 82 91.31 43.13 -0.14
C PHE NB 82 91.72 44.32 -1.00
N PHE NB 83 91.71 44.09 -2.31
CA PHE NB 83 91.95 45.17 -3.26
C PHE NB 83 90.72 46.05 -3.35
N ARG NB 84 90.93 47.35 -3.45
CA ARG NB 84 89.85 48.32 -3.60
C ARG NB 84 89.76 48.70 -5.07
N LEU NB 85 88.58 48.51 -5.65
CA LEU NB 85 88.35 48.79 -7.06
C LEU NB 85 87.17 49.75 -7.21
N VAL NB 86 87.22 50.57 -8.25
CA VAL NB 86 86.15 51.50 -8.57
C VAL NB 86 85.78 51.31 -10.04
N ASP NB 87 84.54 51.66 -10.37
CA ASP NB 87 84.04 51.56 -11.73
C ASP NB 87 83.84 52.96 -12.30
N SER NB 88 83.48 53.00 -13.60
CA SER NB 88 83.19 54.28 -14.24
C SER NB 88 81.92 54.92 -13.69
N ASN NB 89 81.09 54.16 -12.99
CA ASN NB 89 79.84 54.68 -12.45
C ASN NB 89 80.00 55.24 -11.04
N GLY NB 90 81.19 55.17 -10.46
CA GLY NB 90 81.46 55.71 -9.15
C GLY NB 90 81.40 54.71 -8.02
N SER NB 91 80.84 53.53 -8.24
CA SER NB 91 80.76 52.52 -7.19
C SER NB 91 82.14 51.97 -6.87
N VAL NB 92 82.39 51.73 -5.59
CA VAL NB 92 83.65 51.16 -5.12
C VAL NB 92 83.39 49.74 -4.65
N PHE NB 93 84.12 48.80 -5.22
CA PHE NB 93 83.95 47.38 -4.94
C PHE NB 93 85.28 46.78 -4.52
N TYR NB 94 85.21 45.74 -3.70
CA TYR NB 94 86.38 45.07 -3.17
C TYR NB 94 86.42 43.64 -3.71
N SER NB 95 87.61 43.20 -4.14
CA SER NB 95 87.79 41.86 -4.68
C SER NB 95 89.11 41.30 -4.20
N ARG NB 96 89.44 40.11 -4.69
CA ARG NB 96 90.66 39.42 -4.33
C ARG NB 96 91.52 39.01 -5.52
N ASN NB 97 90.93 38.84 -6.70
CA ASN NB 97 91.69 38.40 -7.87
C ASN NB 97 92.75 39.43 -8.24
N GLY NB 98 93.95 38.95 -8.53
CA GLY NB 98 95.08 39.80 -8.83
C GLY NB 98 95.41 39.93 -10.31
N GLN NB 99 94.53 39.52 -11.21
CA GLN NB 99 94.77 39.63 -12.63
C GLN NB 99 94.47 41.05 -13.09
N PHE NB 100 95.46 41.72 -13.68
CA PHE NB 100 95.33 43.10 -14.11
C PHE NB 100 95.62 43.21 -15.60
N LYS NB 101 95.15 44.32 -16.19
CA LYS NB 101 95.32 44.56 -17.60
C LYS NB 101 95.24 46.06 -17.87
N LEU NB 102 96.11 46.55 -18.75
CA LEU NB 102 96.15 47.97 -19.09
C LEU NB 102 95.32 48.23 -20.34
N ASP NB 103 94.44 49.23 -20.27
CA ASP NB 103 93.57 49.58 -21.37
C ASP NB 103 94.23 50.64 -22.24
N GLU NB 104 93.45 51.27 -23.13
CA GLU NB 104 94.00 52.22 -24.08
C GLU NB 104 94.62 53.43 -23.39
N ASN NB 105 94.05 53.85 -22.26
CA ASN NB 105 94.59 54.96 -21.49
C ASN NB 105 95.59 54.50 -20.43
N ARG NB 106 95.94 53.21 -20.42
CA ARG NB 106 96.97 52.66 -19.54
C ARG NB 106 96.60 52.87 -18.07
N ASN NB 107 95.48 52.26 -17.68
CA ASN NB 107 95.03 52.25 -16.29
C ASN NB 107 95.06 50.82 -15.76
N LEU NB 108 95.53 50.66 -14.53
CA LEU NB 108 95.54 49.35 -13.89
C LEU NB 108 94.10 48.88 -13.69
N VAL NB 109 93.69 47.89 -14.48
CA VAL NB 109 92.31 47.44 -14.51
C VAL NB 109 92.31 45.91 -14.60
N ASN NB 110 91.37 45.28 -13.90
CA ASN NB 110 91.22 43.84 -13.95
C ASN NB 110 90.58 43.42 -15.28
N MET NB 111 90.25 42.14 -15.42
CA MET NB 111 89.74 41.64 -16.69
C MET NB 111 88.32 42.12 -16.98
N GLN NB 112 87.52 42.39 -15.95
CA GLN NB 112 86.11 42.74 -16.14
C GLN NB 112 85.89 44.23 -16.35
N GLY NB 113 86.94 45.04 -16.30
CA GLY NB 113 86.79 46.46 -16.56
C GLY NB 113 86.46 47.29 -15.34
N MET NB 114 87.24 47.12 -14.27
CA MET NB 114 87.08 47.90 -13.05
C MET NB 114 88.37 48.64 -12.76
N GLN NB 115 88.27 49.93 -12.48
CA GLN NB 115 89.45 50.77 -12.28
C GLN NB 115 90.02 50.53 -10.87
N LEU NB 116 91.24 50.03 -10.82
CA LEU NB 116 91.92 49.85 -9.54
C LEU NB 116 92.23 51.20 -8.91
N THR NB 117 92.27 51.22 -7.59
CA THR NB 117 92.56 52.42 -6.83
C THR NB 117 93.82 52.25 -5.99
N GLY NB 118 94.46 53.37 -5.68
CA GLY NB 118 95.67 53.35 -4.88
C GLY NB 118 96.01 54.74 -4.41
N TYR NB 119 97.04 54.82 -3.58
CA TYR NB 119 97.47 56.10 -3.05
C TYR NB 119 98.04 56.97 -4.16
N PRO NB 120 97.57 58.20 -4.32
CA PRO NB 120 98.11 59.07 -5.36
C PRO NB 120 99.53 59.49 -5.05
N ALA NB 121 100.27 59.80 -6.11
CA ALA NB 121 101.64 60.28 -6.01
C ALA NB 121 101.72 61.69 -6.59
N THR NB 122 102.29 62.62 -5.82
CA THR NB 122 102.40 63.99 -6.25
C THR NB 122 103.64 64.62 -5.62
N GLY NB 123 104.08 65.72 -6.22
CA GLY NB 123 105.26 66.43 -5.77
C GLY NB 123 106.36 66.44 -6.82
N THR NB 124 107.39 67.22 -6.53
CA THR NB 124 108.56 67.36 -7.39
C THR NB 124 109.82 67.19 -6.54
N PRO NB 125 110.35 65.96 -6.46
CA PRO NB 125 109.85 64.73 -7.07
C PRO NB 125 108.63 64.16 -6.35
N PRO NB 126 107.83 63.35 -7.04
CA PRO NB 126 106.65 62.77 -6.41
C PRO NB 126 107.04 61.80 -5.30
N THR NB 127 106.15 61.69 -4.32
CA THR NB 127 106.32 60.75 -3.21
C THR NB 127 104.96 60.10 -2.95
N ILE NB 128 104.88 59.36 -1.85
CA ILE NB 128 103.66 58.65 -1.47
C ILE NB 128 102.94 59.45 -0.40
N GLN NB 129 101.64 59.66 -0.60
CA GLN NB 129 100.81 60.40 0.33
C GLN NB 129 99.91 59.42 1.09
N GLN NB 130 100.04 59.41 2.41
CA GLN NB 130 99.29 58.50 3.26
C GLN NB 130 98.08 59.18 3.90
N GLY NB 131 97.75 60.40 3.47
CA GLY NB 131 96.60 61.09 4.01
C GLY NB 131 95.65 61.57 2.92
N ALA NB 132 95.95 61.23 1.67
CA ALA NB 132 95.14 61.64 0.54
C ALA NB 132 94.16 60.54 0.15
N ASN NB 133 93.07 60.95 -0.49
CA ASN NB 133 92.07 60.00 -0.94
C ASN NB 133 92.67 59.09 -2.03
N PRO NB 134 92.37 57.79 -2.00
CA PRO NB 134 92.92 56.89 -3.01
C PRO NB 134 92.47 57.27 -4.41
N ALA NB 135 93.36 57.07 -5.37
CA ALA NB 135 93.13 57.47 -6.75
C ALA NB 135 93.47 56.33 -7.70
N PRO NB 136 92.89 56.30 -8.89
CA PRO NB 136 93.24 55.27 -9.86
C PRO NB 136 94.72 55.32 -10.21
N ILE NB 137 95.31 54.15 -10.41
CA ILE NB 137 96.71 54.03 -10.76
C ILE NB 137 96.83 53.98 -12.28
N THR NB 138 97.55 54.95 -12.85
CA THR NB 138 97.75 55.04 -14.28
C THR NB 138 99.25 55.14 -14.56
N ILE NB 139 99.63 54.81 -15.79
CA ILE NB 139 101.02 54.86 -16.19
C ILE NB 139 101.14 55.74 -17.44
N PRO NB 140 101.14 57.06 -17.30
CA PRO NB 140 101.34 57.92 -18.47
C PRO NB 140 102.73 57.75 -19.05
N ASN NB 141 102.82 57.94 -20.37
CA ASN NB 141 104.08 57.80 -21.09
C ASN NB 141 104.81 59.13 -21.26
N THR NB 142 104.38 60.16 -20.53
CA THR NB 142 105.03 61.47 -20.64
C THR NB 142 106.48 61.39 -20.24
N LEU NB 143 107.35 61.98 -21.05
CA LEU NB 143 108.79 61.92 -20.82
C LEU NB 143 109.16 62.71 -19.56
N MET NB 144 110.26 62.29 -18.94
CA MET NB 144 110.75 62.97 -17.75
C MET NB 144 111.20 64.38 -18.10
N ALA NB 145 110.82 65.34 -17.26
CA ALA NB 145 111.26 66.72 -17.44
C ALA NB 145 112.66 66.88 -16.83
N ALA NB 146 113.58 67.44 -17.61
CA ALA NB 146 114.94 67.61 -17.14
C ALA NB 146 114.98 68.59 -15.98
N LYS NB 147 115.71 68.23 -14.92
CA LYS NB 147 115.78 69.06 -13.72
C LYS NB 147 116.82 70.17 -13.83
N SER NB 148 117.66 70.15 -14.86
CA SER NB 148 118.72 71.15 -15.08
C SER NB 148 119.71 71.22 -13.92
N THR NB 149 119.71 70.20 -13.06
CA THR NB 149 120.60 70.11 -11.90
C THR NB 149 120.49 71.38 -11.04
N THR NB 150 119.30 71.57 -10.48
CA THR NB 150 119.06 72.71 -9.61
C THR NB 150 119.91 72.64 -8.34
N THR NB 151 120.25 71.43 -7.90
CA THR NB 151 121.13 71.24 -6.76
C THR NB 151 122.20 70.21 -7.11
N ALA NB 152 123.39 70.41 -6.56
CA ALA NB 152 124.52 69.53 -6.82
C ALA NB 152 125.21 69.19 -5.52
N SER NB 153 125.52 67.90 -5.32
CA SER NB 153 126.21 67.44 -4.13
C SER NB 153 127.17 66.33 -4.49
N MET NB 154 128.40 66.42 -4.00
CA MET NB 154 129.42 65.41 -4.26
C MET NB 154 130.25 65.20 -3.01
N GLN NB 155 130.78 63.98 -2.87
CA GLN NB 155 131.68 63.63 -1.79
C GLN NB 155 133.01 63.20 -2.37
N ILE NB 156 134.09 63.80 -1.87
CA ILE NB 156 135.44 63.55 -2.38
C ILE NB 156 136.41 63.57 -1.22
N ASN NB 157 137.37 62.64 -1.24
CA ASN NB 157 138.39 62.54 -0.20
C ASN NB 157 139.70 63.11 -0.73
N LEU NB 158 140.32 63.98 0.05
CA LEU NB 158 141.60 64.59 -0.30
C LEU NB 158 142.65 64.16 0.71
N ASN NB 159 143.78 63.66 0.21
CA ASN NB 159 144.85 63.22 1.09
C ASN NB 159 145.50 64.41 1.79
N SER NB 160 145.92 64.20 3.03
CA SER NB 160 146.57 65.24 3.82
C SER NB 160 148.09 65.23 3.67
N THR NB 161 148.63 64.38 2.80
CA THR NB 161 150.06 64.27 2.58
C THR NB 161 150.43 64.74 1.17
N ASP NB 162 149.79 65.84 0.73
CA ASP NB 162 150.05 66.39 -0.59
C ASP NB 162 150.91 67.63 -0.46
N PRO NB 163 152.16 67.62 -0.91
CA PRO NB 163 153.00 68.83 -0.81
C PRO NB 163 152.47 69.96 -1.68
N VAL NB 164 152.76 71.18 -1.25
CA VAL NB 164 152.34 72.37 -2.00
C VAL NB 164 153.20 72.49 -3.26
N PRO NB 165 152.59 72.60 -4.45
CA PRO NB 165 153.39 72.73 -5.67
C PRO NB 165 154.24 73.99 -5.64
N SER NB 166 155.45 73.88 -6.22
CA SER NB 166 156.36 75.02 -6.29
C SER NB 166 155.93 76.03 -7.34
N LYS NB 167 155.15 75.61 -8.34
CA LYS NB 167 154.68 76.50 -9.39
C LYS NB 167 153.58 77.39 -8.80
N THR NB 168 153.95 78.62 -8.47
CA THR NB 168 153.00 79.53 -7.81
C THR NB 168 151.79 79.87 -8.67
N PRO NB 169 151.93 80.31 -9.92
CA PRO NB 169 150.73 80.69 -10.69
C PRO NB 169 149.91 79.47 -11.06
N PHE NB 170 148.61 79.53 -10.79
CA PHE NB 170 147.71 78.43 -11.12
C PHE NB 170 147.47 78.38 -12.63
N SER NB 171 147.41 77.17 -13.16
CA SER NB 171 147.24 76.97 -14.59
C SER NB 171 146.60 75.62 -14.84
N VAL NB 172 146.10 75.43 -16.06
CA VAL NB 172 145.51 74.17 -16.48
C VAL NB 172 146.34 73.46 -17.54
N SER NB 173 147.41 74.08 -18.04
CA SER NB 173 148.22 73.52 -19.12
C SER NB 173 149.41 72.72 -18.62
N ASP NB 174 149.57 72.56 -17.32
CA ASP NB 174 150.68 71.82 -16.74
C ASP NB 174 150.16 70.61 -15.98
N ALA NB 175 150.87 69.49 -16.09
CA ALA NB 175 150.43 68.24 -15.47
C ALA NB 175 150.48 68.28 -13.94
N ASP NB 176 151.38 69.08 -13.37
CA ASP NB 176 151.53 69.16 -11.92
C ASP NB 176 151.09 70.51 -11.37
N SER NB 177 150.23 71.21 -12.11
CA SER NB 177 149.69 72.47 -11.64
C SER NB 177 148.57 72.28 -10.63
N TYR NB 178 148.09 71.06 -10.44
CA TYR NB 178 147.04 70.77 -9.48
C TYR NB 178 147.24 69.36 -8.94
N ASN NB 179 146.67 69.11 -7.76
CA ASN NB 179 146.83 67.83 -7.08
C ASN NB 179 145.66 66.88 -7.27
N LYS NB 180 144.45 67.40 -7.47
CA LYS NB 180 143.26 66.58 -7.65
C LYS NB 180 142.55 66.98 -8.93
N LYS NB 181 142.10 65.98 -9.69
CA LYS NB 181 141.36 66.20 -10.93
C LYS NB 181 140.05 65.46 -10.86
N GLY NB 182 138.94 66.16 -11.09
CA GLY NB 182 137.62 65.56 -11.02
C GLY NB 182 136.64 66.17 -12.00
N THR NB 183 135.76 65.35 -12.56
CA THR NB 183 134.77 65.79 -13.53
C THR NB 183 133.39 65.29 -13.11
N VAL NB 184 132.41 66.20 -13.09
CA VAL NB 184 131.03 65.87 -12.75
C VAL NB 184 130.17 66.24 -13.95
N THR NB 185 129.41 65.27 -14.46
CA THR NB 185 128.58 65.48 -15.64
C THR NB 185 127.17 65.85 -15.22
N VAL NB 186 126.75 67.06 -15.57
CA VAL NB 186 125.39 67.53 -15.27
C VAL NB 186 124.69 67.89 -16.56
N TYR NB 187 123.42 68.31 -16.47
CA TYR NB 187 122.62 68.65 -17.63
C TYR NB 187 121.89 69.96 -17.38
N ASP NB 188 121.57 70.66 -18.47
CA ASP NB 188 120.86 71.92 -18.41
C ASP NB 188 119.35 71.67 -18.52
N SER NB 189 118.58 72.74 -18.75
CA SER NB 189 117.16 72.58 -18.97
C SER NB 189 116.88 71.77 -20.23
N GLN NB 190 117.65 72.01 -21.29
CA GLN NB 190 117.53 71.21 -22.50
C GLN NB 190 118.10 69.81 -22.35
N GLY NB 191 118.93 69.58 -21.33
CA GLY NB 191 119.49 68.26 -21.12
C GLY NB 191 120.65 67.92 -22.03
N ASN NB 192 121.74 68.67 -21.91
CA ASN NB 192 122.98 68.38 -22.62
C ASN NB 192 124.14 68.27 -21.64
N ALA NB 193 125.12 67.45 -21.98
CA ALA NB 193 126.20 67.13 -21.07
C ALA NB 193 127.22 68.27 -21.03
N HIS NB 194 127.35 68.91 -19.88
CA HIS NB 194 128.38 69.90 -19.63
C HIS NB 194 129.28 69.38 -18.51
N ASP NB 195 130.56 69.24 -18.81
CA ASP NB 195 131.52 68.65 -17.87
C ASP NB 195 132.25 69.76 -17.13
N MET NB 196 132.18 69.73 -15.80
CA MET NB 196 132.88 70.68 -14.96
C MET NB 196 134.12 70.03 -14.36
N ASN NB 197 135.21 70.79 -14.31
CA ASN NB 197 136.48 70.30 -13.77
C ASN NB 197 136.79 71.04 -12.47
N VAL NB 198 137.07 70.28 -11.43
CA VAL NB 198 137.42 70.82 -10.12
C VAL NB 198 138.86 70.44 -9.81
N TYR NB 199 139.70 71.44 -9.57
CA TYR NB 199 141.12 71.23 -9.27
C TYR NB 199 141.39 71.71 -7.86
N PHE NB 200 141.97 70.84 -7.04
CA PHE NB 200 142.20 71.10 -5.62
C PHE NB 200 143.69 71.29 -5.38
N VAL NB 201 144.05 72.37 -4.68
CA VAL NB 201 145.44 72.66 -4.31
C VAL NB 201 145.47 72.96 -2.83
N LYS NB 202 146.66 72.82 -2.24
CA LYS NB 202 146.86 72.99 -0.81
C LYS NB 202 147.69 74.24 -0.54
N THR NB 203 147.19 75.09 0.35
CA THR NB 203 147.92 76.27 0.82
C THR NB 203 148.52 76.07 2.19
N LYS NB 204 147.82 75.39 3.09
CA LYS NB 204 148.29 75.11 4.43
C LYS NB 204 147.54 73.89 4.96
N ASP NB 205 147.88 73.48 6.18
CA ASP NB 205 147.23 72.33 6.79
C ASP NB 205 145.77 72.63 7.09
N ASN NB 206 144.89 71.67 6.81
CA ASN NB 206 143.46 71.73 7.06
C ASN NB 206 142.73 72.76 6.21
N GLU NB 207 143.41 73.41 5.27
CA GLU NB 207 142.78 74.34 4.34
C GLU NB 207 143.14 73.97 2.92
N TRP NB 208 142.13 73.93 2.05
CA TRP NB 208 142.32 73.57 0.65
C TRP NB 208 141.53 74.52 -0.23
N ALA NB 209 142.01 74.71 -1.46
CA ALA NB 209 141.38 75.58 -2.44
C ALA NB 209 140.92 74.76 -3.64
N VAL NB 210 139.72 75.05 -4.12
CA VAL NB 210 139.12 74.35 -5.26
C VAL NB 210 138.83 75.36 -6.35
N TYR NB 211 139.26 75.04 -7.57
CA TYR NB 211 139.01 75.87 -8.74
C TYR NB 211 137.99 75.17 -9.63
N THR NB 212 137.05 75.95 -10.16
CA THR NB 212 135.97 75.44 -11.00
C THR NB 212 136.20 75.84 -12.45
N HIS NB 213 136.11 74.87 -13.35
CA HIS NB 213 136.27 75.11 -14.78
C HIS NB 213 135.17 74.40 -15.55
N ASP NB 214 134.90 74.90 -16.75
CA ASP NB 214 133.95 74.29 -17.67
C ASP NB 214 134.72 73.77 -18.88
N SER NB 215 134.78 72.45 -19.01
CA SER NB 215 135.49 71.81 -20.11
C SER NB 215 134.59 71.50 -21.30
N SER NB 216 133.31 71.86 -21.23
CA SER NB 216 132.38 71.57 -22.31
C SER NB 216 132.32 72.67 -23.38
N ASP NB 217 133.01 73.78 -23.17
CA ASP NB 217 133.01 74.87 -24.14
C ASP NB 217 134.42 75.40 -24.35
N PRO NB 218 134.74 75.81 -25.57
CA PRO NB 218 136.05 76.42 -25.83
C PRO NB 218 136.14 77.89 -25.45
N ALA NB 219 135.03 78.50 -25.05
CA ALA NB 219 135.00 79.91 -24.65
C ALA NB 219 134.85 80.08 -23.14
N ALA NB 220 135.25 79.08 -22.37
CA ALA NB 220 135.16 79.18 -20.91
C ALA NB 220 136.10 80.26 -20.39
N THR NB 221 135.62 81.00 -19.39
CA THR NB 221 136.41 82.08 -18.82
C THR NB 221 137.68 81.53 -18.18
N ALA NB 222 138.81 82.18 -18.45
CA ALA NB 222 140.08 81.77 -17.87
C ALA NB 222 140.03 81.97 -16.35
N PRO NB 223 140.45 80.98 -15.56
CA PRO NB 223 140.41 81.12 -14.10
C PRO NB 223 141.29 82.27 -13.63
N THR NB 224 140.79 83.01 -12.63
CA THR NB 224 141.54 84.11 -12.04
C THR NB 224 141.55 84.10 -10.52
N THR NB 225 140.54 83.54 -9.86
CA THR NB 225 140.45 83.50 -8.41
C THR NB 225 139.88 82.16 -7.98
N ALA NB 226 140.26 81.72 -6.78
CA ALA NB 226 139.75 80.47 -6.25
C ALA NB 226 138.23 80.52 -6.12
N SER NB 227 137.57 79.45 -6.59
CA SER NB 227 136.11 79.42 -6.54
C SER NB 227 135.61 79.33 -5.10
N THR NB 228 136.20 78.43 -4.31
CA THR NB 228 135.81 78.26 -2.92
C THR NB 228 137.03 77.78 -2.15
N THR NB 229 137.01 78.02 -0.84
CA THR NB 229 138.05 77.55 0.06
C THR NB 229 137.45 76.55 1.04
N LEU NB 230 138.05 75.37 1.12
CA LEU NB 230 137.59 74.32 2.02
C LEU NB 230 138.44 74.30 3.28
N LYS NB 231 137.79 74.40 4.42
CA LYS NB 231 138.45 74.38 5.72
C LYS NB 231 137.97 73.16 6.50
N PHE NB 232 138.92 72.44 7.11
CA PHE NB 232 138.63 71.26 7.88
C PHE NB 232 138.98 71.46 9.35
N ASN NB 233 138.21 70.84 10.22
CA ASN NB 233 138.45 70.92 11.65
C ASN NB 233 139.72 70.16 12.01
N GLU NB 234 140.21 70.39 13.24
CA GLU NB 234 141.39 69.69 13.71
C GLU NB 234 141.19 68.18 13.75
N ASN NB 235 139.96 67.72 13.83
CA ASN NB 235 139.65 66.30 13.86
C ASN NB 235 139.53 65.70 12.46
N GLY NB 236 139.70 66.50 11.42
CA GLY NB 236 139.61 66.00 10.06
C GLY NB 236 138.23 66.02 9.45
N ILE NB 237 137.31 66.82 10.00
CA ILE NB 237 135.94 66.90 9.52
C ILE NB 237 135.68 68.31 9.01
N LEU NB 238 134.89 68.41 7.95
CA LEU NB 238 134.54 69.72 7.39
C LEU NB 238 133.80 70.56 8.43
N GLU NB 239 134.09 71.87 8.41
CA GLU NB 239 133.48 72.80 9.35
C GLU NB 239 132.49 73.74 8.67
N SER NB 240 132.93 74.46 7.63
CA SER NB 240 132.09 75.47 7.00
C SER NB 240 132.58 75.69 5.57
N GLY NB 241 131.77 76.41 4.80
CA GLY NB 241 132.09 76.71 3.42
C GLY NB 241 131.92 75.53 2.50
N GLY NB 242 130.68 75.05 2.36
CA GLY NB 242 130.43 73.85 1.58
C GLY NB 242 129.55 74.05 0.37
N THR NB 243 128.76 75.12 0.36
CA THR NB 243 127.83 75.40 -0.72
C THR NB 243 128.27 76.66 -1.46
N VAL NB 244 128.42 76.55 -2.78
CA VAL NB 244 128.82 77.65 -3.63
C VAL NB 244 128.01 77.59 -4.92
N ASN NB 245 127.65 78.77 -5.43
CA ASN NB 245 126.84 78.89 -6.64
C ASN NB 245 127.74 79.14 -7.84
N ILE NB 246 127.67 78.25 -8.82
CA ILE NB 246 128.50 78.32 -10.02
C ILE NB 246 127.59 78.31 -11.24
N THR NB 247 128.01 78.99 -12.31
CA THR NB 247 127.28 79.00 -13.57
C THR NB 247 128.23 78.64 -14.71
N THR NB 248 127.73 77.81 -15.63
CA THR NB 248 128.51 77.41 -16.79
C THR NB 248 128.22 78.36 -17.96
N GLY NB 249 128.68 77.99 -19.15
CA GLY NB 249 128.52 78.82 -20.33
C GLY NB 249 127.15 78.64 -20.98
N THR NB 250 127.04 79.21 -22.18
CA THR NB 250 125.83 79.14 -22.97
C THR NB 250 126.16 78.60 -24.36
N ILE NB 251 125.23 77.83 -24.92
CA ILE NB 251 125.45 77.20 -26.22
C ILE NB 251 124.10 76.85 -26.82
N ASN NB 252 123.97 77.08 -28.13
CA ASN NB 252 122.80 76.71 -28.92
C ASN NB 252 121.52 77.35 -28.39
N GLY NB 253 121.63 78.57 -27.86
CA GLY NB 253 120.48 79.31 -27.38
C GLY NB 253 119.69 78.57 -26.32
N ALA NB 254 120.28 78.39 -25.14
CA ALA NB 254 119.64 77.66 -24.06
C ALA NB 254 120.00 78.31 -22.72
N THR NB 255 119.19 78.03 -21.71
CA THR NB 255 119.46 78.54 -20.38
C THR NB 255 120.67 77.84 -19.79
N ALA NB 256 121.57 78.62 -19.21
CA ALA NB 256 122.78 78.07 -18.62
C ALA NB 256 122.44 77.22 -17.40
N ALA NB 257 123.28 76.21 -17.16
CA ALA NB 257 123.07 75.29 -16.04
C ALA NB 257 123.53 75.98 -14.75
N THR NB 258 122.57 76.42 -13.94
CA THR NB 258 122.84 77.06 -12.66
C THR NB 258 122.64 76.03 -11.56
N PHE NB 259 123.70 75.73 -10.83
CA PHE NB 259 123.67 74.72 -9.79
C PHE NB 259 124.40 75.22 -8.55
N SER NB 260 123.97 74.71 -7.39
CA SER NB 260 124.62 74.99 -6.12
C SER NB 260 125.38 73.74 -5.68
N LEU NB 261 126.68 73.73 -5.93
CA LEU NB 261 127.52 72.58 -5.60
C LEU NB 261 127.74 72.52 -4.10
N SER NB 262 127.60 71.33 -3.52
CA SER NB 262 127.71 71.13 -2.08
C SER NB 262 128.90 70.23 -1.77
N PHE NB 263 129.59 70.55 -0.68
CA PHE NB 263 130.69 69.75 -0.16
C PHE NB 263 130.28 68.95 1.07
N LEU NB 264 129.04 68.45 1.09
CA LEU NB 264 128.52 67.78 2.28
C LEU NB 264 129.29 66.50 2.57
N ASN NB 265 129.61 66.32 3.86
CA ASN NB 265 130.31 65.12 4.35
C ASN NB 265 131.64 64.92 3.63
N SER NB 266 132.54 65.87 3.83
CA SER NB 266 133.89 65.79 3.29
C SER NB 266 134.82 65.10 4.29
N MET NB 267 135.67 64.22 3.78
CA MET NB 267 136.54 63.39 4.61
C MET NB 267 138.00 63.63 4.24
N GLN NB 268 138.84 63.81 5.27
CA GLN NB 268 140.28 63.98 5.07
C GLN NB 268 140.99 63.45 6.31
N GLN NB 269 141.46 62.21 6.24
CA GLN NB 269 142.20 61.60 7.34
C GLN NB 269 143.36 60.76 6.80
N ASN NB 270 143.89 61.14 5.64
CA ASN NB 270 145.02 60.45 5.01
C ASN NB 270 144.68 58.97 4.77
N THR NB 271 143.67 58.75 3.93
CA THR NB 271 143.24 57.39 3.59
C THR NB 271 143.64 57.11 2.15
N GLY NB 272 144.85 56.56 1.99
CA GLY NB 272 145.36 56.18 0.69
C GLY NB 272 145.58 57.34 -0.25
N ALA NB 273 144.98 57.27 -1.44
CA ALA NB 273 145.13 58.27 -2.48
C ALA NB 273 143.85 59.10 -2.59
N ASN NB 274 143.82 60.00 -3.57
CA ASN NB 274 142.67 60.87 -3.80
C ASN NB 274 141.68 60.17 -4.73
N ASN NB 275 140.46 59.99 -4.27
CA ASN NB 275 139.42 59.36 -5.06
C ASN NB 275 138.09 60.07 -4.82
N ILE NB 276 137.19 59.95 -5.78
CA ILE NB 276 135.85 60.55 -5.68
C ILE NB 276 134.90 59.48 -5.16
N VAL NB 277 134.25 59.76 -4.04
CA VAL NB 277 133.43 58.77 -3.37
C VAL NB 277 132.17 58.48 -4.18
N ALA NB 278 131.33 59.49 -4.35
CA ALA NB 278 130.07 59.31 -5.07
C ALA NB 278 129.54 60.67 -5.50
N THR NB 279 129.21 60.79 -6.79
CA THR NB 279 128.63 62.01 -7.33
C THR NB 279 127.13 61.79 -7.53
N ASN NB 280 126.32 62.55 -6.81
CA ASN NB 280 124.87 62.42 -6.84
C ASN NB 280 124.26 63.66 -7.46
N GLN NB 281 123.44 63.47 -8.49
CA GLN NB 281 122.74 64.56 -9.14
C GLN NB 281 121.41 64.06 -9.67
N ASN NB 282 120.37 64.87 -9.48
CA ASN NB 282 119.03 64.54 -9.95
C ASN NB 282 118.71 65.14 -11.31
N GLY NB 283 119.64 65.87 -11.92
CA GLY NB 283 119.41 66.49 -13.21
C GLY NB 283 119.83 65.62 -14.37
N TYR NB 284 119.35 64.38 -14.41
CA TYR NB 284 119.70 63.47 -15.49
C TYR NB 284 119.02 63.89 -16.79
N LYS NB 285 119.57 63.39 -17.89
CA LYS NB 285 119.01 63.68 -19.20
C LYS NB 285 117.63 63.07 -19.35
N PRO NB 286 116.76 63.67 -20.15
CA PRO NB 286 115.42 63.10 -20.35
C PRO NB 286 115.47 61.73 -20.99
N GLY NB 287 114.52 60.87 -20.61
CA GLY NB 287 114.46 59.51 -21.10
C GLY NB 287 113.04 59.10 -21.41
N ASP NB 288 112.92 57.90 -21.97
CA ASP NB 288 111.62 57.33 -22.34
C ASP NB 288 111.33 56.10 -21.51
N LEU NB 289 110.08 55.65 -21.57
CA LEU NB 289 109.65 54.48 -20.81
C LEU NB 289 110.30 53.22 -21.38
N VAL NB 290 110.86 52.42 -20.49
CA VAL NB 290 111.49 51.14 -20.86
C VAL NB 290 110.70 49.97 -20.31
N SER NB 291 110.47 49.94 -19.01
CA SER NB 291 109.71 48.86 -18.38
C SER NB 291 109.21 49.33 -17.02
N TYR NB 292 108.25 48.57 -16.48
CA TYR NB 292 107.72 48.84 -15.15
C TYR NB 292 107.32 47.53 -14.51
N GLN NB 293 107.36 47.51 -13.17
CA GLN NB 293 107.07 46.31 -12.41
C GLN NB 293 106.59 46.71 -11.02
N ILE NB 294 106.03 45.72 -10.31
CA ILE NB 294 105.50 45.93 -8.97
C ILE NB 294 106.34 45.10 -8.00
N ASN NB 295 106.90 45.76 -7.00
CA ASN NB 295 107.70 45.11 -5.98
C ASN NB 295 106.80 44.52 -4.90
N ASN NB 296 107.43 43.90 -3.90
CA ASN NB 296 106.69 43.17 -2.88
C ASN NB 296 105.99 44.08 -1.88
N ASP NB 297 106.24 45.39 -1.92
CA ASP NB 297 105.56 46.30 -1.01
C ASP NB 297 104.29 46.90 -1.59
N GLY NB 298 103.92 46.51 -2.80
CA GLY NB 298 102.69 46.99 -3.42
C GLY NB 298 102.82 48.26 -4.21
N THR NB 299 103.99 48.90 -4.20
CA THR NB 299 104.19 50.13 -4.95
C THR NB 299 104.37 49.83 -6.43
N VAL NB 300 104.26 50.88 -7.25
CA VAL NB 300 104.42 50.79 -8.69
C VAL NB 300 105.59 51.67 -9.09
N VAL NB 301 106.60 51.08 -9.74
CA VAL NB 301 107.83 51.77 -10.12
C VAL NB 301 108.11 51.46 -11.58
N GLY NB 302 108.45 52.50 -12.35
CA GLY NB 302 108.82 52.33 -13.75
C GLY NB 302 110.31 52.51 -13.99
N ASN NB 303 110.80 51.98 -15.09
CA ASN NB 303 112.22 52.06 -15.45
C ASN NB 303 112.39 52.89 -16.72
N TYR NB 304 113.42 53.73 -16.73
CA TYR NB 304 113.73 54.60 -17.86
C TYR NB 304 115.14 54.31 -18.36
N SER NB 305 115.58 55.13 -19.32
CA SER NB 305 116.91 54.99 -19.91
C SER NB 305 117.96 55.87 -19.23
N ASN NB 306 117.60 56.58 -18.18
CA ASN NB 306 118.50 57.51 -17.51
C ASN NB 306 118.62 57.21 -16.01
N GLU NB 307 118.36 55.96 -15.62
CA GLU NB 307 118.44 55.53 -14.22
C GLU NB 307 117.55 56.40 -13.32
N GLN NB 308 116.36 56.73 -13.81
CA GLN NB 308 115.38 57.49 -13.06
C GLN NB 308 114.28 56.55 -12.59
N GLU NB 309 114.04 56.54 -11.28
CA GLU NB 309 113.02 55.69 -10.68
C GLU NB 309 111.94 56.57 -10.06
N GLN NB 310 110.68 56.31 -10.44
CA GLN NB 310 109.55 57.06 -9.92
C GLN NB 310 108.53 56.11 -9.32
N VAL NB 311 107.80 56.61 -8.32
CA VAL NB 311 106.73 55.87 -7.66
C VAL NB 311 105.41 56.51 -8.06
N LEU NB 312 104.52 55.71 -8.65
CA LEU NB 312 103.21 56.17 -9.08
C LEU NB 312 102.13 55.84 -8.06
N GLY NB 313 102.51 55.37 -6.87
CA GLY NB 313 101.57 55.04 -5.83
C GLY NB 313 101.82 53.63 -5.34
N GLN NB 314 100.79 53.06 -4.72
CA GLN NB 314 100.87 51.70 -4.21
C GLN NB 314 99.47 51.12 -4.13
N ILE NB 315 99.40 49.80 -4.04
CA ILE NB 315 98.11 49.12 -3.96
C ILE NB 315 97.55 49.28 -2.55
N VAL NB 316 96.34 49.81 -2.45
CA VAL NB 316 95.69 49.99 -1.15
C VAL NB 316 95.03 48.67 -0.75
N LEU NB 317 95.23 48.28 0.50
CA LEU NB 317 94.62 47.08 1.05
C LEU NB 317 93.60 47.47 2.11
N ALA NB 318 92.41 46.90 2.01
CA ALA NB 318 91.32 47.18 2.94
C ALA NB 318 90.86 45.88 3.58
N ASN NB 319 90.84 45.86 4.91
CA ASN NB 319 90.39 44.71 5.68
C ASN NB 319 89.15 45.08 6.47
N PHE NB 320 88.11 44.27 6.32
CA PHE NB 320 86.87 44.50 7.05
C PHE NB 320 86.95 43.91 8.45
N ALA NB 321 86.47 44.67 9.43
CA ALA NB 321 86.37 44.17 10.79
C ALA NB 321 85.23 43.18 10.98
N ASN NB 322 84.36 43.04 9.97
CA ASN NB 322 83.23 42.12 10.06
C ASN NB 322 83.11 41.41 8.70
N ASN NB 323 83.74 40.25 8.58
CA ASN NB 323 83.72 39.49 7.34
C ASN NB 323 82.36 38.81 7.18
N GLU NB 324 82.25 37.96 6.16
CA GLU NB 324 81.07 37.16 5.86
C GLU NB 324 79.84 38.00 5.53
N GLY NB 325 79.97 39.32 5.50
CA GLY NB 325 78.85 40.17 5.16
C GLY NB 325 79.01 40.82 3.80
N LEU NB 326 80.11 40.51 3.12
CA LEU NB 326 80.41 41.07 1.81
C LEU NB 326 79.59 40.34 0.76
N ALA NB 327 78.59 41.00 0.21
CA ALA NB 327 77.72 40.39 -0.78
C ALA NB 327 78.40 40.41 -2.14
N SER NB 328 78.57 39.23 -2.74
CA SER NB 328 79.14 39.15 -4.07
C SER NB 328 78.15 39.69 -5.10
N GLN NB 329 78.66 40.50 -6.03
CA GLN NB 329 77.83 41.08 -7.12
C GLN NB 329 78.25 40.44 -8.44
N GLY NB 330 77.89 41.04 -9.59
CA GLY NB 330 78.34 40.44 -10.85
C GLY NB 330 79.86 40.45 -10.89
N ASP NB 331 80.46 39.28 -11.15
CA ASP NB 331 81.92 38.99 -11.21
C ASP NB 331 82.54 38.81 -9.81
N ASN NB 332 83.62 38.03 -9.73
CA ASN NB 332 84.32 37.79 -8.47
C ASN NB 332 84.69 39.13 -7.84
N VAL NB 333 83.71 39.73 -7.16
CA VAL NB 333 83.92 41.00 -6.49
C VAL NB 333 82.88 41.13 -5.39
N TRP NB 334 83.22 41.83 -4.32
CA TRP NB 334 82.36 42.01 -3.17
C TRP NB 334 82.08 43.48 -2.93
N ALA NB 335 80.86 43.78 -2.51
CA ALA NB 335 80.41 45.13 -2.26
C ALA NB 335 80.03 45.27 -0.79
N ALA NB 336 80.53 46.31 -0.15
CA ALA NB 336 80.20 46.57 1.24
C ALA NB 336 78.72 46.92 1.39
N THR NB 337 78.17 46.63 2.56
CA THR NB 337 76.75 46.84 2.82
C THR NB 337 76.54 46.87 4.33
N GLN NB 338 75.27 46.82 4.74
CA GLN NB 338 74.95 46.76 6.16
C GLN NB 338 75.51 45.49 6.77
N ALA NB 339 75.95 45.61 8.03
CA ALA NB 339 76.54 44.51 8.79
C ALA NB 339 77.83 43.99 8.14
N SER NB 340 78.53 44.84 7.40
CA SER NB 340 79.82 44.49 6.81
C SER NB 340 80.96 45.28 7.43
N GLY NB 341 80.77 46.58 7.64
CA GLY NB 341 81.78 47.43 8.24
C GLY NB 341 82.41 48.37 7.23
N VAL NB 342 83.42 49.08 7.69
CA VAL NB 342 84.16 50.02 6.86
C VAL NB 342 85.36 49.30 6.27
N ALA NB 343 85.87 49.81 5.15
CA ALA NB 343 86.96 49.15 4.44
C ALA NB 343 88.24 49.12 5.27
N LEU NB 344 88.50 50.17 6.06
CA LEU NB 344 89.72 50.28 6.86
C LEU NB 344 90.96 50.22 5.96
N LEU NB 345 91.07 51.26 5.12
CA LEU NB 345 92.17 51.34 4.18
C LEU NB 345 93.51 51.40 4.91
N GLY NB 346 94.53 50.78 4.32
CA GLY NB 346 95.84 50.73 4.93
C GLY NB 346 96.89 50.42 3.89
N THR NB 347 98.12 50.25 4.38
CA THR NB 347 99.27 49.99 3.55
C THR NB 347 99.62 48.50 3.58
N ALA NB 348 100.03 47.98 2.42
CA ALA NB 348 100.37 46.57 2.30
C ALA NB 348 101.63 46.18 3.04
N GLY NB 349 102.40 47.15 3.52
CA GLY NB 349 103.64 46.85 4.21
C GLY NB 349 103.48 45.97 5.43
N SER NB 350 102.66 46.42 6.39
CA SER NB 350 102.45 45.61 7.60
C SER NB 350 101.22 46.13 8.33
N GLY NB 351 101.16 45.90 9.64
CA GLY NB 351 100.02 46.36 10.41
C GLY NB 351 98.91 45.33 10.47
N ASN NB 352 97.83 45.58 9.72
CA ASN NB 352 96.69 44.67 9.68
C ASN NB 352 96.58 43.95 8.34
N PHE NB 353 97.66 43.95 7.56
CA PHE NB 353 97.65 43.34 6.23
C PHE NB 353 98.93 42.56 6.03
N GLY NB 354 98.85 41.50 5.22
CA GLY NB 354 99.99 40.65 4.96
C GLY NB 354 100.81 41.14 3.77
N LYS NB 355 101.82 40.34 3.43
CA LYS NB 355 102.71 40.66 2.34
C LYS NB 355 102.10 40.22 1.01
N LEU NB 356 102.68 40.72 -0.08
CA LEU NB 356 102.27 40.38 -1.44
C LEU NB 356 103.39 39.61 -2.12
N THR NB 357 103.14 39.20 -3.36
CA THR NB 357 104.14 38.47 -4.15
C THR NB 357 103.82 38.66 -5.62
N ASN NB 358 104.75 39.28 -6.35
CA ASN NB 358 104.54 39.51 -7.77
C ASN NB 358 104.69 38.21 -8.55
N GLY NB 359 104.09 38.17 -9.73
CA GLY NB 359 104.17 37.01 -10.60
C GLY NB 359 103.53 35.77 -10.02
N ALA NB 360 102.47 35.92 -9.23
CA ALA NB 360 101.78 34.79 -8.63
C ALA NB 360 100.32 35.15 -8.42
N LEU NB 361 99.49 34.12 -8.28
CA LEU NB 361 98.06 34.32 -8.10
C LEU NB 361 97.53 33.32 -7.08
N GLU NB 362 96.40 33.68 -6.47
CA GLU NB 362 95.75 32.86 -5.46
C GLU NB 362 94.78 31.89 -6.12
N ALA NB 363 94.78 30.65 -5.66
CA ALA NB 363 93.99 29.60 -6.28
C ALA NB 363 92.53 29.70 -5.83
N SER NB 364 91.74 28.67 -6.15
CA SER NB 364 90.32 28.64 -5.87
C SER NB 364 89.97 27.95 -4.55
N ASN NB 365 90.96 27.37 -3.87
CA ASN NB 365 90.78 26.74 -2.56
C ASN NB 365 89.56 25.83 -2.50
N VAL NB 366 89.42 24.99 -3.53
CA VAL NB 366 88.36 23.98 -3.58
C VAL NB 366 89.01 22.62 -3.80
N ASP NB 367 88.58 21.63 -3.02
CA ASP NB 367 89.07 20.27 -3.14
C ASP NB 367 87.94 19.38 -3.63
N LEU NB 368 88.17 18.71 -4.77
CA LEU NB 368 87.16 17.80 -5.29
C LEU NB 368 86.96 16.60 -4.37
N SER NB 369 87.95 16.27 -3.55
CA SER NB 369 87.82 15.17 -2.61
C SER NB 369 86.72 15.46 -1.60
N LYS NB 370 86.66 16.69 -1.08
CA LYS NB 370 85.66 17.02 -0.09
C LYS NB 370 84.28 17.26 -0.72
N GLU NB 371 84.23 17.76 -1.94
CA GLU NB 371 82.94 18.07 -2.55
C GLU NB 371 82.22 16.82 -3.01
N LEU NB 372 82.96 15.85 -3.59
CA LEU NB 372 82.31 14.67 -4.12
C LEU NB 372 81.63 13.87 -3.02
N VAL NB 373 82.29 13.72 -1.87
CA VAL NB 373 81.66 13.00 -0.76
C VAL NB 373 80.49 13.79 -0.21
N ASN NB 374 80.59 15.12 -0.19
CA ASN NB 374 79.46 15.93 0.25
C ASN NB 374 78.31 15.89 -0.74
N MET NB 375 78.61 15.78 -2.03
CA MET NB 375 77.55 15.69 -3.03
C MET NB 375 76.75 14.41 -2.86
N ILE NB 376 77.42 13.30 -2.55
CA ILE NB 376 76.73 12.02 -2.35
C ILE NB 376 75.79 12.11 -1.15
N VAL NB 377 76.27 12.70 -0.05
CA VAL NB 377 75.44 12.82 1.14
C VAL NB 377 74.24 13.70 0.87
N ALA NB 378 74.45 14.82 0.17
CA ALA NB 378 73.35 15.73 -0.11
C ALA NB 378 72.29 15.07 -0.98
N GLN NB 379 72.71 14.27 -1.96
CA GLN NB 379 71.76 13.64 -2.85
C GLN NB 379 70.82 12.69 -2.09
N ARG NB 380 71.38 11.89 -1.18
CA ARG NB 380 70.55 10.96 -0.41
C ARG NB 380 69.57 11.72 0.48
N ASN NB 381 70.10 12.77 1.08
CA ASN NB 381 69.22 13.59 1.94
C ASN NB 381 68.12 14.08 1.02
N TYR NB 382 68.49 14.52 -0.18
CA TYR NB 382 67.40 14.97 -1.07
C TYR NB 382 66.50 13.80 -1.42
N GLN NB 383 67.07 12.62 -1.68
CA GLN NB 383 66.22 11.47 -2.03
C GLN NB 383 65.29 11.19 -0.85
N SER NB 384 65.85 11.16 0.35
CA SER NB 384 65.07 10.79 1.54
C SER NB 384 63.81 11.63 1.70
N ASN NB 385 63.93 12.95 1.72
CA ASN NB 385 62.76 13.80 1.94
C ASN NB 385 61.68 13.52 0.91
N ALA NB 386 62.05 13.04 -0.27
CA ALA NB 386 61.05 12.70 -1.27
C ALA NB 386 60.12 11.60 -0.77
N GLN NB 387 60.63 10.71 0.08
CA GLN NB 387 59.77 9.67 0.66
C GLN NB 387 58.67 10.28 1.51
N THR NB 388 59.00 11.32 2.29
CA THR NB 388 58.01 11.92 3.16
C THR NB 388 56.84 12.51 2.37
N ILE NB 389 57.14 13.15 1.24
CA ILE NB 389 56.06 13.67 0.40
C ILE NB 389 55.21 12.52 -0.12
N LYS NB 390 55.85 11.44 -0.58
CA LYS NB 390 55.09 10.28 -1.03
C LYS NB 390 54.31 9.65 0.11
N THR NB 391 54.92 9.54 1.28
CA THR NB 391 54.21 9.01 2.44
C THR NB 391 53.04 9.90 2.82
N GLN NB 392 53.24 11.22 2.83
CA GLN NB 392 52.16 12.13 3.16
C GLN NB 392 51.09 12.13 2.08
N ASP NB 393 51.49 11.87 0.83
CA ASP NB 393 50.52 11.82 -0.27
C ASP NB 393 49.59 10.62 -0.12
N GLN NB 394 50.16 9.44 0.10
CA GLN NB 394 49.33 8.24 0.24
C GLN NB 394 48.50 8.29 1.50
N ILE NB 395 49.06 8.82 2.60
CA ILE NB 395 48.32 8.86 3.86
C ILE NB 395 47.10 9.77 3.74
N LEU NB 396 47.13 10.70 2.79
CA LEU NB 396 45.97 11.56 2.55
C LEU NB 396 45.05 10.97 1.49
N ASN NB 397 45.61 10.21 0.54
CA ASN NB 397 44.80 9.61 -0.51
C ASN NB 397 43.79 8.63 0.07
N THR NB 398 44.19 7.85 1.06
CA THR NB 398 43.27 6.91 1.69
C THR NB 398 42.11 7.64 2.35
N LEU NB 399 42.41 8.74 3.03
CA LEU NB 399 41.38 9.44 3.79
C LEU NB 399 40.32 10.05 2.88
N VAL NB 400 40.74 10.69 1.79
CA VAL NB 400 39.77 11.32 0.88
C VAL NB 400 38.95 10.25 0.17
N ASN NB 401 39.58 9.13 -0.21
CA ASN NB 401 38.85 8.05 -0.86
C ASN NB 401 37.96 7.29 0.11
N LEU NB 402 38.09 7.54 1.41
CA LEU NB 402 37.31 6.89 2.45
C LEU NB 402 37.52 5.38 2.45
N SER OB 2 54.99 -5.79 14.02
CA SER OB 2 55.76 -7.03 14.00
C SER OB 2 57.14 -6.81 13.42
N PHE OB 3 57.53 -5.54 13.32
CA PHE OB 3 58.81 -5.16 12.75
C PHE OB 3 59.93 -5.14 13.78
N SER OB 4 59.63 -5.41 15.05
CA SER OB 4 60.61 -5.18 16.11
C SER OB 4 61.86 -6.01 15.91
N GLN OB 5 61.70 -7.29 15.57
CA GLN OB 5 62.87 -8.13 15.32
C GLN OB 5 63.58 -7.71 14.04
N ALA OB 6 62.82 -7.29 13.03
CA ALA OB 6 63.42 -6.93 11.75
C ALA OB 6 64.22 -5.63 11.88
N VAL OB 7 63.64 -4.60 12.49
CA VAL OB 7 64.34 -3.32 12.58
C VAL OB 7 65.56 -3.43 13.48
N SER OB 8 65.54 -4.33 14.47
CA SER OB 8 66.67 -4.49 15.35
C SER OB 8 67.90 -4.96 14.58
N GLY OB 9 67.70 -5.76 13.54
CA GLY OB 9 68.82 -6.19 12.71
C GLY OB 9 69.48 -5.04 11.98
N LEU OB 10 68.67 -4.08 11.51
CA LEU OB 10 69.24 -2.93 10.81
C LEU OB 10 70.15 -2.12 11.73
N ASN OB 11 69.72 -1.90 12.97
CA ASN OB 11 70.55 -1.15 13.91
C ASN OB 11 71.86 -1.87 14.19
N ALA OB 12 71.80 -3.19 14.39
CA ALA OB 12 73.02 -3.96 14.58
C ALA OB 12 73.88 -3.95 13.31
N ALA OB 13 73.24 -4.12 12.16
CA ALA OB 13 74.00 -4.09 10.91
C ALA OB 13 74.65 -2.73 10.69
N ALA OB 14 73.92 -1.65 10.97
CA ALA OB 14 74.51 -0.31 10.87
C ALA OB 14 75.62 -0.14 11.89
N THR OB 15 75.41 -0.58 13.12
CA THR OB 15 76.44 -0.47 14.15
C THR OB 15 77.67 -1.28 13.77
N ASN OB 16 77.46 -2.50 13.27
CA ASN OB 16 78.60 -3.30 12.81
C ASN OB 16 79.32 -2.60 11.67
N LEU OB 17 78.56 -2.02 10.73
CA LEU OB 17 79.18 -1.30 9.63
C LEU OB 17 79.89 -0.04 10.13
N ASP OB 18 79.34 0.59 11.18
CA ASP OB 18 79.96 1.78 11.74
C ASP OB 18 81.33 1.47 12.31
N VAL OB 19 81.44 0.37 13.06
CA VAL OB 19 82.72 0.01 13.67
C VAL OB 19 83.74 -0.33 12.59
N ILE OB 20 83.32 -1.05 11.55
CA ILE OB 20 84.24 -1.36 10.45
C ILE OB 20 84.72 -0.08 9.79
N GLY OB 21 83.83 0.88 9.58
CA GLY OB 21 84.24 2.15 9.03
C GLY OB 21 85.20 2.90 9.95
N ASN OB 22 84.95 2.83 11.25
CA ASN OB 22 85.83 3.51 12.21
C ASN OB 22 87.24 2.94 12.16
N ASN OB 23 87.35 1.62 12.08
CA ASN OB 23 88.67 0.99 12.07
C ASN OB 23 89.49 1.40 10.84
N ILE OB 24 88.85 1.43 9.68
CA ILE OB 24 89.59 1.80 8.47
C ILE OB 24 89.80 3.30 8.41
N ALA OB 25 88.92 4.09 9.03
CA ALA OB 25 89.10 5.54 9.02
C ALA OB 25 90.31 5.98 9.83
N ASN OB 26 90.61 5.27 10.92
CA ASN OB 26 91.73 5.62 11.79
C ASN OB 26 92.99 4.83 11.46
N SER OB 27 93.19 4.48 10.20
CA SER OB 27 94.41 3.78 9.81
C SER OB 27 95.62 4.68 9.99
N ALA OB 28 96.78 4.05 10.20
CA ALA OB 28 98.09 4.68 10.37
C ALA OB 28 98.18 5.51 11.64
N THR OB 29 97.16 5.53 12.49
CA THR OB 29 97.25 6.23 13.76
C THR OB 29 98.05 5.38 14.75
N TYR OB 30 99.12 5.96 15.31
CA TYR OB 30 100.05 5.19 16.11
C TYR OB 30 99.41 4.68 17.41
N GLY OB 31 98.65 5.53 18.08
CA GLY OB 31 98.01 5.14 19.31
C GLY OB 31 96.61 4.61 19.13
N PHE OB 32 96.38 3.89 18.03
CA PHE OB 32 95.06 3.40 17.69
C PHE OB 32 94.93 1.93 18.03
N LYS OB 33 93.73 1.51 18.43
CA LYS OB 33 93.45 0.14 18.85
C LYS OB 33 92.08 -0.24 18.30
N SER OB 34 92.08 -1.03 17.23
CA SER OB 34 90.84 -1.35 16.52
C SER OB 34 89.89 -2.15 17.40
N GLY OB 35 88.60 -1.84 17.31
CA GLY OB 35 87.58 -2.53 18.05
C GLY OB 35 86.94 -3.65 17.25
N THR OB 36 85.94 -4.28 17.86
CA THR OB 36 85.23 -5.40 17.25
C THR OB 36 83.81 -5.44 17.80
N ALA OB 37 82.85 -5.77 16.95
CA ALA OB 37 81.47 -5.85 17.36
C ALA OB 37 81.22 -7.10 18.18
N SER OB 38 80.20 -7.03 19.04
CA SER OB 38 79.79 -8.16 19.87
C SER OB 38 78.28 -8.12 20.02
N PHE OB 39 77.60 -9.13 19.47
CA PHE OB 39 76.16 -9.16 19.42
C PHE OB 39 75.61 -10.14 20.44
N ALA OB 40 74.28 -10.11 20.59
CA ALA OB 40 73.60 -11.02 21.52
C ALA OB 40 72.13 -11.07 21.16
N ASP OB 41 71.59 -12.28 21.03
CA ASP OB 41 70.17 -12.45 20.74
C ASP OB 41 69.34 -12.17 21.98
N MET OB 42 68.03 -12.03 21.77
CA MET OB 42 67.09 -11.77 22.85
C MET OB 42 65.93 -12.73 22.78
N PHE OB 43 65.42 -13.12 23.94
CA PHE OB 43 64.27 -14.03 24.05
C PHE OB 43 63.49 -13.63 25.30
N ALA OB 44 62.47 -12.81 25.12
CA ALA OB 44 61.60 -12.41 26.21
C ALA OB 44 60.21 -13.04 26.15
N GLY OB 45 59.80 -13.52 25.00
CA GLY OB 45 58.49 -14.14 24.86
C GLY OB 45 58.52 -15.64 25.11
N SER OB 46 58.17 -16.42 24.09
CA SER OB 46 58.15 -17.87 24.22
C SER OB 46 58.53 -18.47 22.87
N LYS OB 47 59.79 -18.87 22.75
CA LYS OB 47 60.29 -19.57 21.56
C LYS OB 47 60.10 -18.76 20.29
N VAL OB 48 60.32 -17.45 20.37
CA VAL OB 48 60.26 -16.57 19.20
C VAL OB 48 61.33 -15.50 19.38
N GLY OB 49 62.34 -15.52 18.51
CA GLY OB 49 63.39 -14.53 18.59
C GLY OB 49 62.83 -13.14 18.37
N LEU OB 50 63.13 -12.24 19.31
CA LEU OB 50 62.64 -10.86 19.23
C LEU OB 50 63.65 -9.91 18.61
N GLY OB 51 64.80 -10.41 18.16
CA GLY OB 51 65.76 -9.54 17.51
C GLY OB 51 67.18 -9.76 17.97
N VAL OB 52 67.97 -8.68 17.99
CA VAL OB 52 69.38 -8.74 18.37
C VAL OB 52 69.69 -7.61 19.34
N LYS OB 53 70.83 -7.74 20.01
CA LYS OB 53 71.33 -6.73 20.92
C LYS OB 53 72.80 -6.46 20.59
N VAL OB 54 73.31 -5.36 21.13
CA VAL OB 54 74.73 -5.04 21.03
C VAL OB 54 75.32 -5.08 22.43
N ALA OB 55 76.36 -5.88 22.61
CA ALA OB 55 76.99 -6.07 23.91
C ALA OB 55 78.18 -5.16 24.13
N GLY OB 56 78.46 -4.25 23.21
CA GLY OB 56 79.59 -3.37 23.36
C GLY OB 56 80.73 -3.75 22.44
N ILE OB 57 81.57 -2.78 22.14
CA ILE OB 57 82.70 -2.99 21.23
C ILE OB 57 83.94 -3.29 22.04
N THR OB 58 84.67 -4.34 21.65
CA THR OB 58 85.88 -4.76 22.33
C THR OB 58 87.08 -4.43 21.45
N GLN OB 59 88.04 -3.69 21.99
CA GLN OB 59 89.24 -3.34 21.24
C GLN OB 59 90.20 -4.52 21.23
N ASP OB 60 91.14 -4.48 20.28
CA ASP OB 60 92.17 -5.50 20.14
C ASP OB 60 93.46 -4.97 20.76
N PHE OB 61 93.70 -5.32 22.03
CA PHE OB 61 94.82 -4.78 22.77
C PHE OB 61 96.17 -5.30 22.30
N THR OB 62 96.19 -6.30 21.41
CA THR OB 62 97.46 -6.85 20.93
C THR OB 62 98.29 -5.76 20.26
N ASP OB 63 99.58 -5.77 20.55
CA ASP OB 63 100.48 -4.72 20.06
C ASP OB 63 100.68 -4.83 18.56
N GLY OB 64 101.01 -3.69 17.95
CA GLY OB 64 101.26 -3.61 16.53
C GLY OB 64 102.73 -3.74 16.19
N THR OB 65 103.11 -3.12 15.07
CA THR OB 65 104.49 -3.18 14.59
C THR OB 65 105.23 -1.89 14.94
N THR OB 66 106.41 -2.05 15.51
CA THR OB 66 107.25 -0.92 15.89
C THR OB 66 107.88 -0.29 14.65
N THR OB 67 107.97 1.05 14.67
CA THR OB 67 108.55 1.81 13.58
C THR OB 67 109.62 2.75 14.13
N ASN OB 68 110.70 2.92 13.37
CA ASN OB 68 111.84 3.72 13.80
C ASN OB 68 111.71 5.11 13.19
N THR OB 69 111.15 6.03 13.96
CA THR OB 69 110.98 7.41 13.51
C THR OB 69 112.08 8.35 14.00
N GLY OB 70 113.00 7.87 14.84
CA GLY OB 70 114.05 8.71 15.36
C GLY OB 70 113.61 9.55 16.54
N ARG OB 71 114.12 10.78 16.61
CA ARG OB 71 113.79 11.73 17.68
C ARG OB 71 114.17 11.21 19.06
N GLY OB 72 113.83 11.96 20.09
CA GLY OB 72 114.05 11.52 21.45
C GLY OB 72 112.80 11.60 22.30
N LEU OB 73 111.81 12.36 21.84
CA LEU OB 73 110.54 12.52 22.55
C LEU OB 73 109.50 11.53 22.03
N ASP OB 74 109.86 10.25 22.00
CA ASP OB 74 108.94 9.22 21.53
C ASP OB 74 109.45 7.85 21.98
N VAL OB 75 108.58 7.09 22.65
CA VAL OB 75 108.89 5.76 23.13
C VAL OB 75 107.76 4.82 22.75
N ALA OB 76 108.07 3.53 22.73
CA ALA OB 76 107.12 2.51 22.33
C ALA OB 76 107.01 1.45 23.42
N ILE OB 77 105.89 0.74 23.42
CA ILE OB 77 105.63 -0.35 24.36
C ILE OB 77 105.40 -1.62 23.56
N SER OB 78 106.08 -2.70 23.96
CA SER OB 78 106.02 -3.95 23.21
C SER OB 78 105.13 -5.00 23.85
N GLN OB 79 104.72 -4.81 25.10
CA GLN OB 79 103.82 -5.76 25.76
C GLN OB 79 102.96 -4.98 26.76
N ASN OB 80 102.38 -5.70 27.72
CA ASN OB 80 101.45 -5.09 28.66
C ASN OB 80 102.07 -3.90 29.38
N GLY OB 81 101.29 -2.83 29.47
CA GLY OB 81 101.75 -1.60 30.10
C GLY OB 81 101.37 -0.36 29.32
N PHE OB 82 100.74 0.60 29.98
CA PHE OB 82 100.26 1.82 29.35
C PHE OB 82 100.98 3.02 29.97
N PHE OB 83 100.62 4.21 29.50
CA PHE OB 83 101.11 5.46 30.05
C PHE OB 83 100.01 6.13 30.86
N ARG OB 84 100.43 6.94 31.83
CA ARG OB 84 99.50 7.69 32.68
C ARG OB 84 99.68 9.18 32.39
N LEU OB 85 98.56 9.85 32.10
CA LEU OB 85 98.59 11.26 31.73
C LEU OB 85 97.58 12.02 32.58
N VAL OB 86 97.86 13.32 32.75
CA VAL OB 86 97.02 14.19 33.55
C VAL OB 86 96.69 15.43 32.74
N ASP OB 87 95.54 16.04 33.07
CA ASP OB 87 95.05 17.23 32.39
C ASP OB 87 95.11 18.42 33.34
N SER OB 88 94.56 19.55 32.89
CA SER OB 88 94.59 20.77 33.69
C SER OB 88 93.80 20.59 34.99
N ASN OB 89 92.62 19.98 34.91
CA ASN OB 89 91.82 19.79 36.12
C ASN OB 89 92.49 18.82 37.08
N GLY OB 90 93.08 17.74 36.57
CA GLY OB 90 93.77 16.79 37.41
C GLY OB 90 93.32 15.36 37.21
N SER OB 91 92.45 15.12 36.23
CA SER OB 91 91.99 13.77 35.95
C SER OB 91 93.13 12.95 35.36
N VAL OB 92 92.99 11.63 35.49
CA VAL OB 92 94.01 10.68 35.06
C VAL OB 92 93.55 10.02 33.76
N PHE OB 93 94.36 10.15 32.72
CA PHE OB 93 94.08 9.56 31.43
C PHE OB 93 95.17 8.57 31.06
N TYR OB 94 94.82 7.57 30.28
CA TYR OB 94 95.74 6.51 29.86
C TYR OB 94 95.76 6.43 28.35
N SER OB 95 96.95 6.30 27.78
CA SER OB 95 97.10 6.19 26.34
C SER OB 95 98.42 5.51 26.03
N ARG OB 96 98.56 5.06 24.78
CA ARG OB 96 99.79 4.44 24.30
C ARG OB 96 100.48 5.29 23.25
N ASN OB 97 100.08 6.54 23.09
CA ASN OB 97 100.74 7.43 22.15
C ASN OB 97 102.13 7.81 22.66
N GLY OB 98 103.11 7.74 21.77
CA GLY OB 98 104.47 8.08 22.16
C GLY OB 98 104.85 9.49 21.75
N GLN OB 99 103.98 10.16 20.99
CA GLN OB 99 104.28 11.49 20.47
C GLN OB 99 104.35 12.49 21.62
N PHE OB 100 105.50 13.14 21.77
CA PHE OB 100 105.73 14.07 22.86
C PHE OB 100 106.40 15.33 22.33
N LYS OB 101 106.22 16.43 23.07
CA LYS OB 101 106.84 17.69 22.72
C LYS OB 101 107.02 18.52 23.98
N LEU OB 102 107.90 19.52 23.90
CA LEU OB 102 108.13 20.45 24.98
C LEU OB 102 107.55 21.80 24.58
N ASP OB 103 106.68 22.34 25.44
CA ASP OB 103 106.00 23.60 25.17
C ASP OB 103 106.82 24.75 25.74
N GLU OB 104 106.25 25.96 25.75
CA GLU OB 104 107.06 27.05 26.32
C GLU OB 104 107.22 26.83 27.85
N ASN OB 105 106.27 26.15 28.51
CA ASN OB 105 106.43 25.87 29.93
C ASN OB 105 107.45 24.76 30.18
N ARG OB 106 108.01 24.16 29.13
CA ARG OB 106 109.02 23.11 29.24
C ARG OB 106 108.49 21.90 30.01
N ASN OB 107 107.43 21.31 29.46
CA ASN OB 107 106.81 20.12 30.03
C ASN OB 107 106.70 19.04 28.96
N LEU OB 108 106.76 17.79 29.40
CA LEU OB 108 106.58 16.65 28.49
C LEU OB 108 105.10 16.51 28.18
N VAL OB 109 104.70 17.02 27.01
CA VAL OB 109 103.31 17.10 26.62
C VAL OB 109 103.15 16.45 25.25
N ASN OB 110 102.04 15.74 25.06
CA ASN OB 110 101.69 15.18 23.76
C ASN OB 110 101.12 16.28 22.87
N MET OB 111 100.59 15.89 21.71
CA MET OB 111 100.07 16.87 20.76
C MET OB 111 98.73 17.46 21.18
N GLN OB 112 98.08 16.91 22.20
CA GLN OB 112 96.76 17.37 22.61
C GLN OB 112 96.77 18.28 23.82
N GLY OB 113 97.74 18.13 24.72
CA GLY OB 113 97.79 18.96 25.91
C GLY OB 113 97.78 18.19 27.20
N MET OB 114 98.20 16.92 27.13
CA MET OB 114 98.25 16.06 28.31
C MET OB 114 99.66 16.08 28.90
N GLN OB 115 99.74 16.17 30.22
CA GLN OB 115 101.01 16.26 30.92
C GLN OB 115 101.45 14.86 31.35
N LEU OB 116 102.60 14.43 30.83
CA LEU OB 116 103.16 13.14 31.21
C LEU OB 116 103.55 13.15 32.69
N THR OB 117 103.23 12.06 33.39
CA THR OB 117 103.48 11.96 34.82
C THR OB 117 104.49 10.85 35.10
N GLY OB 118 105.23 11.02 36.20
CA GLY OB 118 106.22 10.05 36.60
C GLY OB 118 106.67 10.31 38.02
N TYR OB 119 107.57 9.46 38.50
CA TYR OB 119 108.10 9.61 39.84
C TYR OB 119 109.09 10.77 39.88
N PRO OB 120 108.88 11.77 40.72
CA PRO OB 120 109.84 12.88 40.80
C PRO OB 120 111.19 12.42 41.35
N ALA OB 121 112.25 13.07 40.89
CA ALA OB 121 113.61 12.77 41.33
C ALA OB 121 113.99 13.76 42.43
N THR OB 122 114.15 13.26 43.65
CA THR OB 122 114.43 14.10 44.81
C THR OB 122 115.67 13.58 45.53
N GLY OB 123 116.29 14.48 46.28
CA GLY OB 123 117.45 14.16 47.09
C GLY OB 123 118.73 14.69 46.49
N THR OB 124 119.78 14.69 47.31
CA THR OB 124 121.11 15.13 46.90
C THR OB 124 122.11 14.02 47.19
N PRO OB 125 122.68 13.37 46.17
CA PRO OB 125 122.47 13.60 44.74
C PRO OB 125 121.07 13.18 44.28
N PRO OB 126 120.60 13.76 43.17
CA PRO OB 126 119.25 13.43 42.70
C PRO OB 126 119.10 11.94 42.41
N THR OB 127 117.95 11.40 42.80
CA THR OB 127 117.64 9.99 42.58
C THR OB 127 116.13 9.83 42.49
N ILE OB 128 115.71 8.74 41.88
CA ILE OB 128 114.30 8.47 41.64
C ILE OB 128 113.81 7.49 42.69
N GLN OB 129 112.87 7.93 43.52
CA GLN OB 129 112.25 7.07 44.51
C GLN OB 129 110.96 6.49 43.97
N GLN OB 130 110.76 5.20 44.17
CA GLN OB 130 109.61 4.49 43.62
C GLN OB 130 108.42 4.51 44.57
N GLY OB 131 108.56 5.10 45.75
CA GLY OB 131 107.47 5.20 46.70
C GLY OB 131 106.78 6.55 46.76
N ALA OB 132 107.04 7.44 45.80
CA ALA OB 132 106.47 8.78 45.81
C ALA OB 132 105.28 8.87 44.86
N ASN OB 133 104.43 9.85 45.11
CA ASN OB 133 103.29 10.10 44.24
C ASN OB 133 103.77 10.59 42.88
N PRO OB 134 103.15 10.14 41.78
CA PRO OB 134 103.57 10.59 40.46
C PRO OB 134 103.44 12.10 40.30
N ALA OB 135 104.41 12.69 39.59
CA ALA OB 135 104.44 14.12 39.35
C ALA OB 135 104.78 14.36 37.88
N PRO OB 136 104.35 15.49 37.32
CA PRO OB 136 104.73 15.80 35.93
C PRO OB 136 106.23 15.89 35.78
N ILE OB 137 106.73 15.40 34.65
CA ILE OB 137 108.16 15.39 34.36
C ILE OB 137 108.49 16.62 33.53
N THR OB 138 109.33 17.49 34.09
CA THR OB 138 109.73 18.73 33.43
C THR OB 138 111.26 18.78 33.36
N ILE OB 139 111.76 19.54 32.38
CA ILE OB 139 113.19 19.69 32.19
C ILE OB 139 113.56 21.16 32.42
N PRO OB 140 113.99 21.54 33.62
CA PRO OB 140 114.31 22.94 33.88
C PRO OB 140 115.56 23.39 33.14
N ASN OB 141 115.59 24.69 32.86
CA ASN OB 141 116.77 25.32 32.25
C ASN OB 141 117.83 25.69 33.27
N THR OB 142 117.50 25.69 34.56
CA THR OB 142 118.44 26.09 35.58
C THR OB 142 119.59 25.09 35.69
N LEU OB 143 120.76 25.60 36.08
CA LEU OB 143 121.95 24.78 36.25
C LEU OB 143 122.05 24.29 37.69
N MET OB 144 122.64 23.12 37.86
CA MET OB 144 122.80 22.54 39.19
C MET OB 144 123.89 23.27 39.97
N ALA OB 145 123.71 23.33 41.29
CA ALA OB 145 124.65 24.03 42.15
C ALA OB 145 125.95 23.22 42.28
N ALA OB 146 127.02 23.94 42.61
CA ALA OB 146 128.32 23.29 42.81
C ALA OB 146 128.27 22.35 44.01
N LYS OB 147 129.04 21.26 43.92
CA LYS OB 147 129.03 20.21 44.92
C LYS OB 147 130.31 20.26 45.74
N SER OB 148 130.16 20.18 47.06
CA SER OB 148 131.30 20.12 47.96
C SER OB 148 131.81 18.69 48.05
N THR OB 149 133.09 18.49 47.75
CA THR OB 149 133.66 17.15 47.78
C THR OB 149 133.66 16.61 49.20
N THR OB 150 133.18 15.38 49.36
CA THR OB 150 133.15 14.71 50.66
C THR OB 150 133.79 13.33 50.62
N THR OB 151 133.63 12.60 49.52
CA THR OB 151 134.15 11.25 49.39
C THR OB 151 134.99 11.15 48.13
N ALA OB 152 136.19 10.56 48.27
CA ALA OB 152 137.09 10.32 47.16
C ALA OB 152 137.64 8.91 47.24
N SER OB 153 137.70 8.24 46.08
CA SER OB 153 138.22 6.88 45.99
C SER OB 153 139.38 6.87 45.00
N MET OB 154 140.50 6.30 45.42
CA MET OB 154 141.71 6.24 44.61
C MET OB 154 142.34 4.86 44.76
N GLN OB 155 142.67 4.24 43.63
CA GLN OB 155 143.31 2.93 43.61
C GLN OB 155 144.75 3.10 43.13
N ILE OB 156 145.70 2.77 43.99
CA ILE OB 156 147.11 2.94 43.70
C ILE OB 156 147.85 1.66 44.06
N ASN OB 157 148.78 1.25 43.19
CA ASN OB 157 149.63 0.09 43.42
C ASN OB 157 151.06 0.55 43.59
N LEU OB 158 151.72 0.04 44.63
CA LEU OB 158 153.07 0.46 45.00
C LEU OB 158 154.06 -0.67 44.71
N ASN OB 159 155.23 -0.29 44.23
CA ASN OB 159 156.25 -1.27 43.88
C ASN OB 159 156.78 -1.96 45.14
N SER OB 160 156.82 -3.30 45.10
CA SER OB 160 157.27 -4.06 46.27
C SER OB 160 158.79 -3.98 46.44
N THR OB 161 159.54 -4.08 45.35
CA THR OB 161 160.99 -4.09 45.40
C THR OB 161 161.60 -2.73 45.09
N ASP OB 162 160.96 -1.65 45.51
CA ASP OB 162 161.48 -0.32 45.30
C ASP OB 162 162.41 0.06 46.45
N PRO OB 163 163.69 0.32 46.20
CA PRO OB 163 164.59 0.70 47.30
C PRO OB 163 164.17 2.02 47.93
N VAL OB 164 164.45 2.14 49.21
CA VAL OB 164 164.11 3.36 49.96
C VAL OB 164 164.92 4.52 49.42
N PRO OB 165 164.31 5.68 49.14
CA PRO OB 165 165.09 6.82 48.64
C PRO OB 165 166.14 7.26 49.65
N SER OB 166 167.31 7.66 49.13
CA SER OB 166 168.39 8.11 49.98
C SER OB 166 168.18 9.52 50.51
N LYS OB 167 167.49 10.37 49.75
CA LYS OB 167 167.30 11.77 50.12
C LYS OB 167 166.35 11.85 51.31
N THR OB 168 166.90 12.10 52.49
CA THR OB 168 166.09 12.20 53.70
C THR OB 168 165.08 13.35 53.67
N PRO OB 169 165.45 14.59 53.33
CA PRO OB 169 164.46 15.67 53.37
C PRO OB 169 163.39 15.51 52.30
N PHE OB 170 162.21 16.02 52.61
CA PHE OB 170 161.07 16.01 51.70
C PHE OB 170 160.80 17.45 51.26
N SER OB 171 161.03 17.74 49.98
CA SER OB 171 160.87 19.08 49.44
C SER OB 171 160.13 19.01 48.11
N VAL OB 172 159.48 20.11 47.75
CA VAL OB 172 158.69 20.19 46.52
C VAL OB 172 159.46 20.86 45.40
N SER OB 173 160.79 20.97 45.52
CA SER OB 173 161.59 21.58 44.48
C SER OB 173 161.94 20.57 43.38
N ASP OB 174 162.45 19.42 43.76
CA ASP OB 174 162.81 18.36 42.84
C ASP OB 174 161.82 17.21 42.93
N ALA OB 175 161.67 16.48 41.83
CA ALA OB 175 160.70 15.39 41.74
C ALA OB 175 161.26 14.06 42.22
N ASP OB 176 162.53 14.00 42.61
CA ASP OB 176 163.15 12.77 43.08
C ASP OB 176 163.10 12.63 44.60
N SER OB 177 162.23 13.38 45.27
CA SER OB 177 162.07 13.28 46.72
C SER OB 177 160.94 12.34 47.13
N TYR OB 178 160.28 11.69 46.17
CA TYR OB 178 159.19 10.77 46.46
C TYR OB 178 159.21 9.64 45.43
N ASN OB 179 158.69 8.48 45.84
CA ASN OB 179 158.67 7.33 44.95
C ASN OB 179 157.54 7.41 43.95
N LYS OB 180 156.32 7.68 44.42
CA LYS OB 180 155.14 7.77 43.56
C LYS OB 180 154.44 9.10 43.80
N LYS OB 181 154.12 9.79 42.72
CA LYS OB 181 153.39 11.05 42.76
C LYS OB 181 152.01 10.85 42.14
N GLY OB 182 150.97 11.11 42.92
CA GLY OB 182 149.60 10.96 42.45
C GLY OB 182 148.91 12.31 42.39
N THR OB 183 148.05 12.46 41.39
CA THR OB 183 147.35 13.72 41.14
C THR OB 183 145.85 13.47 41.23
N VAL OB 184 145.18 14.19 42.13
CA VAL OB 184 143.73 14.12 42.29
C VAL OB 184 143.22 15.53 42.54
N THR OB 185 142.02 15.81 42.05
CA THR OB 185 141.43 17.13 42.16
C THR OB 185 140.10 17.06 42.90
N VAL OB 186 139.88 18.02 43.81
CA VAL OB 186 138.65 18.10 44.59
C VAL OB 186 138.13 19.53 44.52
N TYR OB 187 136.86 19.69 44.89
CA TYR OB 187 136.19 20.98 44.81
C TYR OB 187 135.55 21.31 46.16
N ASP OB 188 135.47 22.61 46.45
CA ASP OB 188 134.88 23.10 47.69
C ASP OB 188 133.38 23.26 47.52
N SER OB 189 132.73 23.91 48.48
CA SER OB 189 131.30 24.14 48.40
C SER OB 189 130.93 25.17 47.34
N GLN OB 190 131.85 26.06 46.99
CA GLN OB 190 131.61 27.06 45.95
C GLN OB 190 131.98 26.56 44.56
N GLY OB 191 132.64 25.41 44.45
CA GLY OB 191 133.04 24.88 43.16
C GLY OB 191 134.44 25.25 42.72
N ASN OB 192 135.29 25.73 43.62
CA ASN OB 192 136.67 26.05 43.28
C ASN OB 192 137.54 24.81 43.44
N ALA OB 193 138.41 24.56 42.47
CA ALA OB 193 139.21 23.35 42.44
C ALA OB 193 140.41 23.46 43.37
N HIS OB 194 140.70 22.37 44.08
CA HIS OB 194 141.89 22.25 44.90
C HIS OB 194 142.82 21.22 44.27
N ASP OB 195 144.07 21.61 44.02
CA ASP OB 195 145.04 20.73 43.39
C ASP OB 195 145.72 19.89 44.47
N MET OB 196 145.33 18.62 44.55
CA MET OB 196 145.85 17.71 45.56
C MET OB 196 146.87 16.78 44.92
N ASN OB 197 148.09 16.79 45.45
CA ASN OB 197 149.15 15.88 45.01
C ASN OB 197 149.49 14.95 46.16
N VAL OB 198 149.43 13.65 45.91
CA VAL OB 198 149.66 12.62 46.92
C VAL OB 198 151.00 11.95 46.63
N TYR OB 199 151.85 11.87 47.66
CA TYR OB 199 153.19 11.31 47.52
C TYR OB 199 153.33 10.12 48.45
N PHE OB 200 153.97 9.06 47.96
CA PHE OB 200 154.23 7.85 48.73
C PHE OB 200 155.73 7.59 48.79
N VAL OB 201 156.22 7.27 49.97
CA VAL OB 201 157.61 6.88 50.17
C VAL OB 201 157.65 5.70 51.15
N LYS OB 202 158.53 4.74 50.87
CA LYS OB 202 158.62 3.52 51.66
C LYS OB 202 159.71 3.66 52.71
N THR OB 203 159.36 3.34 53.97
CA THR OB 203 160.30 3.43 55.07
C THR OB 203 160.94 2.07 55.38
N LYS OB 204 160.12 1.07 55.66
CA LYS OB 204 160.60 -0.28 55.95
C LYS OB 204 159.73 -1.26 55.17
N ASP OB 205 159.86 -2.55 55.48
CA ASP OB 205 159.13 -3.57 54.75
C ASP OB 205 157.63 -3.42 54.98
N ASN OB 206 156.90 -3.30 53.86
CA ASN OB 206 155.43 -3.18 53.88
C ASN OB 206 154.96 -1.99 54.70
N GLU OB 207 155.71 -0.89 54.66
CA GLU OB 207 155.34 0.34 55.36
C GLU OB 207 155.60 1.53 54.45
N TRP OB 208 154.61 2.39 54.27
CA TRP OB 208 154.71 3.54 53.40
C TRP OB 208 154.17 4.78 54.11
N ALA OB 209 154.69 5.93 53.71
CA ALA OB 209 154.26 7.22 54.24
C ALA OB 209 153.53 8.00 53.15
N VAL OB 210 152.48 8.71 53.56
CA VAL OB 210 151.60 9.41 52.63
C VAL OB 210 151.66 10.91 52.92
N TYR OB 211 151.78 11.71 51.87
CA TYR OB 211 151.81 13.16 51.98
C TYR OB 211 150.76 13.77 51.06
N THR OB 212 150.28 14.95 51.42
CA THR OB 212 149.31 15.69 50.64
C THR OB 212 149.83 17.09 50.35
N HIS OB 213 149.46 17.63 49.19
CA HIS OB 213 149.92 18.93 48.76
C HIS OB 213 148.75 19.75 48.23
N ASP OB 214 148.83 21.07 48.42
CA ASP OB 214 147.81 22.01 47.96
C ASP OB 214 148.51 23.07 47.11
N SER OB 215 148.66 22.80 45.82
CA SER OB 215 149.34 23.70 44.90
C SER OB 215 148.41 24.71 44.23
N SER OB 216 147.09 24.57 44.42
CA SER OB 216 146.15 25.51 43.82
C SER OB 216 146.15 26.86 44.52
N ASP OB 217 146.52 26.91 45.80
CA ASP OB 217 146.54 28.15 46.56
C ASP OB 217 147.98 28.59 46.75
N PRO OB 218 148.38 29.76 46.24
CA PRO OB 218 149.78 30.19 46.36
C PRO OB 218 150.22 30.40 47.80
N ALA OB 219 149.29 30.68 48.72
CA ALA OB 219 149.62 30.94 50.11
C ALA OB 219 149.42 29.71 51.00
N ALA OB 220 149.64 28.52 50.45
CA ALA OB 220 149.51 27.30 51.23
C ALA OB 220 150.76 27.08 52.08
N THR OB 221 150.63 26.20 53.07
CA THR OB 221 151.72 25.87 53.96
C THR OB 221 152.49 24.64 53.45
N ALA OB 222 153.68 24.45 54.00
CA ALA OB 222 154.50 23.30 53.65
C ALA OB 222 154.26 22.17 54.65
N PRO OB 223 153.81 20.99 54.21
CA PRO OB 223 153.60 19.90 55.15
C PRO OB 223 154.89 19.44 55.79
N THR OB 224 154.78 19.00 57.04
CA THR OB 224 155.95 18.56 57.81
C THR OB 224 155.73 17.19 58.47
N THR OB 225 154.60 16.54 58.21
CA THR OB 225 154.31 15.25 58.81
C THR OB 225 153.51 14.41 57.82
N ALA OB 226 153.75 13.09 57.84
CA ALA OB 226 153.01 12.20 56.97
C ALA OB 226 151.53 12.19 57.34
N SER OB 227 150.68 12.16 56.31
CA SER OB 227 149.24 12.21 56.54
C SER OB 227 148.73 10.93 57.21
N THR OB 228 149.20 9.78 56.77
CA THR OB 228 148.74 8.51 57.33
C THR OB 228 149.79 7.44 57.08
N THR OB 229 149.63 6.32 57.78
CA THR OB 229 150.54 5.18 57.67
C THR OB 229 149.77 4.00 57.10
N LEU OB 230 150.32 3.38 56.05
CA LEU OB 230 149.74 2.22 55.41
C LEU OB 230 150.63 1.01 55.64
N LYS OB 231 150.05 -0.06 56.19
CA LYS OB 231 150.76 -1.28 56.49
C LYS OB 231 150.10 -2.46 55.78
N PHE OB 232 150.91 -3.30 55.15
CA PHE OB 232 150.43 -4.48 54.46
C PHE OB 232 151.02 -5.73 55.11
N ASN OB 233 150.29 -6.84 55.00
CA ASN OB 233 150.76 -8.11 55.52
C ASN OB 233 151.78 -8.70 54.53
N GLU OB 234 152.19 -9.94 54.76
CA GLU OB 234 153.13 -10.59 53.86
C GLU OB 234 152.51 -10.82 52.48
N ASN OB 235 151.18 -10.97 52.42
CA ASN OB 235 150.48 -11.18 51.17
C ASN OB 235 150.07 -9.88 50.49
N GLY OB 236 150.35 -8.73 51.09
CA GLY OB 236 150.03 -7.45 50.51
C GLY OB 236 148.60 -6.99 50.72
N ILE OB 237 147.81 -7.71 51.50
CA ILE OB 237 146.43 -7.30 51.75
C ILE OB 237 146.40 -6.10 52.68
N LEU OB 238 145.59 -5.11 52.34
CA LEU OB 238 145.46 -3.93 53.19
C LEU OB 238 144.88 -4.31 54.54
N GLU OB 239 145.49 -3.80 55.61
CA GLU OB 239 145.10 -4.15 56.98
C GLU OB 239 144.28 -3.05 57.64
N SER OB 240 144.82 -1.84 57.72
CA SER OB 240 144.18 -0.76 58.45
C SER OB 240 144.46 0.56 57.76
N GLY OB 241 143.75 1.60 58.19
CA GLY OB 241 143.89 2.92 57.62
C GLY OB 241 143.46 2.99 56.17
N GLY OB 242 142.32 2.38 55.86
CA GLY OB 242 141.80 2.38 54.50
C GLY OB 242 141.15 3.67 54.05
N THR OB 243 140.86 4.57 54.98
CA THR OB 243 140.30 5.87 54.66
C THR OB 243 141.04 6.94 55.46
N VAL OB 244 141.29 8.08 54.83
CA VAL OB 244 142.05 9.17 55.42
C VAL OB 244 141.24 10.45 55.30
N ASN OB 245 141.26 11.27 56.35
CA ASN OB 245 140.57 12.55 56.36
C ASN OB 245 141.58 13.67 56.16
N ILE OB 246 141.46 14.38 55.04
CA ILE OB 246 142.35 15.48 54.69
C ILE OB 246 141.50 16.71 54.40
N THR OB 247 141.83 17.82 55.04
CA THR OB 247 141.12 19.08 54.84
C THR OB 247 142.04 20.06 54.13
N THR OB 248 141.53 20.68 53.08
CA THR OB 248 142.31 21.65 52.31
C THR OB 248 142.15 23.05 52.90
N GLY OB 249 142.72 24.03 52.21
CA GLY OB 249 142.66 25.42 52.65
C GLY OB 249 141.49 26.17 52.08
N THR OB 250 141.57 27.49 52.18
CA THR OB 250 140.53 28.39 51.68
C THR OB 250 140.97 29.03 50.37
N ILE OB 251 140.04 29.16 49.44
CA ILE OB 251 140.30 29.76 48.14
C ILE OB 251 139.21 30.78 47.84
N ASN OB 252 139.61 32.01 47.50
CA ASN OB 252 138.70 33.05 47.02
C ASN OB 252 137.58 33.33 48.02
N GLY OB 253 137.90 33.24 49.30
CA GLY OB 253 136.91 33.52 50.33
C GLY OB 253 135.80 32.50 50.45
N ALA OB 254 136.03 31.27 50.01
CA ALA OB 254 135.04 30.21 50.08
C ALA OB 254 135.36 29.25 51.21
N THR OB 255 134.34 28.50 51.63
CA THR OB 255 134.51 27.53 52.70
C THR OB 255 135.41 26.39 52.23
N ALA OB 256 136.28 25.94 53.12
CA ALA OB 256 137.18 24.84 52.82
C ALA OB 256 136.40 23.54 52.64
N ALA OB 257 136.94 22.64 51.83
CA ALA OB 257 136.29 21.37 51.53
C ALA OB 257 136.71 20.34 52.56
N THR OB 258 135.72 19.77 53.26
CA THR OB 258 135.95 18.73 54.26
C THR OB 258 135.63 17.39 53.60
N PHE OB 259 136.66 16.76 53.05
CA PHE OB 259 136.52 15.51 52.32
C PHE OB 259 137.44 14.45 52.92
N SER OB 260 137.11 13.20 52.64
CA SER OB 260 137.86 12.05 53.12
C SER OB 260 138.41 11.28 51.92
N LEU OB 261 139.71 10.96 51.98
CA LEU OB 261 140.38 10.23 50.92
C LEU OB 261 140.61 8.79 51.36
N SER OB 262 140.13 7.84 50.56
CA SER OB 262 140.25 6.42 50.86
C SER OB 262 141.01 5.73 49.73
N PHE OB 263 142.07 5.01 50.08
CA PHE OB 263 142.86 4.26 49.10
C PHE OB 263 142.40 2.81 49.04
N LEU OB 264 141.11 2.65 48.71
CA LEU OB 264 140.51 1.33 48.65
C LEU OB 264 141.12 0.50 47.52
N ASN OB 265 141.18 -0.81 47.73
CA ASN OB 265 141.69 -1.75 46.73
C ASN OB 265 143.13 -1.46 46.34
N SER OB 266 143.99 -1.30 47.34
CA SER OB 266 145.41 -1.09 47.12
C SER OB 266 146.18 -2.39 47.33
N MET OB 267 147.00 -2.75 46.35
CA MET OB 267 147.76 -3.99 46.37
C MET OB 267 149.22 -3.69 46.07
N GLN OB 268 150.11 -4.37 46.77
CA GLN OB 268 151.56 -4.23 46.57
C GLN OB 268 152.11 -5.59 46.15
N GLN OB 269 152.29 -5.78 44.84
CA GLN OB 269 152.85 -7.01 44.31
C GLN OB 269 153.88 -6.73 43.21
N ASN OB 270 154.55 -5.58 43.29
CA ASN OB 270 155.56 -5.18 42.31
C ASN OB 270 154.97 -5.14 40.90
N THR OB 271 153.98 -4.25 40.73
CA THR OB 271 153.26 -4.12 39.46
C THR OB 271 153.98 -3.13 38.58
N GLY OB 272 154.97 -3.63 37.82
CA GLY OB 272 155.74 -2.79 36.92
C GLY OB 272 156.44 -1.64 37.62
N ALA OB 273 155.94 -0.42 37.39
CA ALA OB 273 156.43 0.77 38.06
C ALA OB 273 155.27 1.42 38.79
N ASN OB 274 155.59 2.44 39.59
CA ASN OB 274 154.55 3.14 40.35
C ASN OB 274 153.65 3.93 39.40
N ASN OB 275 152.35 3.73 39.53
CA ASN OB 275 151.38 4.41 38.67
C ASN OB 275 150.00 4.30 39.32
N ILE OB 276 149.06 5.05 38.76
CA ILE OB 276 147.68 5.03 39.23
C ILE OB 276 146.80 4.42 38.15
N VAL OB 277 145.69 3.81 38.57
CA VAL OB 277 144.76 3.20 37.62
C VAL OB 277 143.33 3.69 37.81
N ALA OB 278 142.94 4.20 38.97
CA ALA OB 278 141.57 4.64 39.19
C ALA OB 278 141.57 5.94 39.99
N THR OB 279 140.56 6.76 39.77
CA THR OB 279 140.38 8.00 40.52
C THR OB 279 138.89 8.34 40.52
N ASN OB 280 138.30 8.40 41.72
CA ASN OB 280 136.87 8.68 41.85
C ASN OB 280 136.68 9.88 42.78
N GLN OB 281 135.84 10.81 42.33
CA GLN OB 281 135.54 12.01 43.10
C GLN OB 281 134.16 12.52 42.71
N ASN OB 282 133.57 13.30 43.59
CA ASN OB 282 132.25 13.90 43.36
C ASN OB 282 132.36 15.42 43.30
N GLY OB 283 133.40 15.92 42.64
CA GLY OB 283 133.57 17.34 42.47
C GLY OB 283 133.52 17.75 41.01
N TYR OB 284 132.67 18.73 40.68
CA TYR OB 284 132.50 19.16 39.30
C TYR OB 284 131.96 20.58 39.28
N LYS OB 285 132.47 21.39 38.34
CA LYS OB 285 131.93 22.72 38.15
C LYS OB 285 130.58 22.64 37.43
N PRO OB 286 129.66 23.57 37.73
CA PRO OB 286 128.36 23.54 37.06
C PRO OB 286 128.49 23.86 35.58
N GLY OB 287 127.56 23.31 34.80
CA GLY OB 287 127.55 23.49 33.37
C GLY OB 287 126.17 23.90 32.86
N ASP OB 288 126.10 24.10 31.55
CA ASP OB 288 124.87 24.50 30.88
C ASP OB 288 124.21 23.30 30.20
N LEU OB 289 122.92 23.43 29.96
CA LEU OB 289 122.15 22.36 29.33
C LEU OB 289 122.61 22.14 27.90
N VAL OB 290 122.79 20.86 27.53
CA VAL OB 290 123.29 20.49 26.21
C VAL OB 290 122.26 19.65 25.45
N SER OB 291 121.80 18.56 26.05
CA SER OB 291 120.85 17.68 25.39
C SER OB 291 120.07 16.89 26.44
N TYR OB 292 118.94 16.34 26.01
CA TYR OB 292 118.09 15.53 26.86
C TYR OB 292 117.70 14.25 26.13
N GLN OB 293 117.56 13.17 26.88
CA GLN OB 293 117.22 11.87 26.30
C GLN OB 293 116.56 11.01 27.37
N ILE OB 294 115.94 9.92 26.93
CA ILE OB 294 115.27 8.97 27.80
C ILE OB 294 115.83 7.58 27.50
N ASN OB 295 116.22 6.86 28.54
CA ASN OB 295 116.71 5.51 28.36
C ASN OB 295 115.54 4.52 28.25
N ASN OB 296 115.87 3.28 27.90
CA ASN OB 296 114.85 2.25 27.76
C ASN OB 296 114.21 1.88 29.08
N ASP OB 297 114.81 2.25 30.21
CA ASP OB 297 114.23 1.97 31.52
C ASP OB 297 113.15 2.97 31.91
N GLY OB 298 112.95 4.02 31.11
CA GLY OB 298 111.95 5.04 31.40
C GLY OB 298 112.47 6.22 32.19
N THR OB 299 113.67 6.13 32.77
CA THR OB 299 114.21 7.24 33.53
C THR OB 299 114.73 8.31 32.58
N VAL OB 300 114.33 9.56 32.82
CA VAL OB 300 114.77 10.68 31.99
C VAL OB 300 116.12 11.17 32.51
N VAL OB 301 117.10 11.27 31.60
CA VAL OB 301 118.46 11.63 31.95
C VAL OB 301 118.91 12.75 31.03
N GLY OB 302 119.46 13.82 31.61
CA GLY OB 302 120.01 14.94 30.85
C GLY OB 302 121.53 14.92 30.89
N ASN OB 303 122.14 15.50 29.86
CA ASN OB 303 123.59 15.55 29.74
C ASN OB 303 124.06 16.99 29.75
N TYR OB 304 125.06 17.27 30.58
CA TYR OB 304 125.65 18.61 30.70
C TYR OB 304 127.09 18.57 30.18
N SER OB 305 127.77 19.70 30.30
CA SER OB 305 129.16 19.84 29.87
C SER OB 305 130.16 19.46 30.94
N ASN OB 306 129.70 19.08 32.12
CA ASN OB 306 130.58 18.72 33.24
C ASN OB 306 130.80 17.21 33.35
N GLU OB 307 130.41 16.44 32.33
CA GLU OB 307 130.55 15.00 32.32
C GLU OB 307 129.85 14.36 33.53
N GLN OB 308 128.64 14.85 33.82
CA GLN OB 308 127.85 14.37 34.94
C GLN OB 308 126.48 13.92 34.46
N GLU OB 309 126.00 12.81 35.01
CA GLU OB 309 124.71 12.25 34.66
C GLU OB 309 123.73 12.48 35.80
N GLN OB 310 122.52 12.95 35.45
CA GLN OB 310 121.49 13.24 36.43
C GLN OB 310 120.15 12.74 35.92
N VAL OB 311 119.25 12.44 36.86
CA VAL OB 311 117.94 11.91 36.56
C VAL OB 311 116.88 12.89 37.05
N LEU OB 312 115.83 13.06 36.25
CA LEU OB 312 114.73 13.95 36.57
C LEU OB 312 113.43 13.20 36.86
N GLY OB 313 113.41 11.89 36.71
CA GLY OB 313 112.21 11.11 36.92
C GLY OB 313 112.25 9.87 36.05
N GLN OB 314 111.20 9.05 36.21
CA GLN OB 314 111.06 7.83 35.43
C GLN OB 314 109.62 7.69 34.97
N ILE OB 315 109.44 6.97 33.87
CA ILE OB 315 108.12 6.77 33.28
C ILE OB 315 107.37 5.72 34.09
N VAL OB 316 106.19 6.08 34.57
CA VAL OB 316 105.35 5.16 35.33
C VAL OB 316 104.39 4.46 34.39
N LEU OB 317 104.19 3.17 34.62
CA LEU OB 317 103.28 2.37 33.81
C LEU OB 317 102.18 1.81 34.69
N ALA OB 318 100.98 1.73 34.11
CA ALA OB 318 99.79 1.28 34.83
C ALA OB 318 99.10 0.20 34.02
N ASN OB 319 99.12 -1.03 34.51
CA ASN OB 319 98.45 -2.16 33.89
C ASN OB 319 97.24 -2.52 34.75
N PHE OB 320 96.07 -2.59 34.14
CA PHE OB 320 94.84 -2.85 34.87
C PHE OB 320 94.59 -4.34 35.01
N ALA OB 321 93.87 -4.69 36.09
CA ALA OB 321 93.49 -6.07 36.32
C ALA OB 321 92.51 -6.58 35.28
N ASN OB 322 91.84 -5.69 34.56
CA ASN OB 322 90.88 -6.08 33.54
C ASN OB 322 90.94 -5.09 32.38
N ASN OB 323 91.25 -5.61 31.19
CA ASN OB 323 91.21 -4.79 29.99
C ASN OB 323 89.76 -4.70 29.50
N GLU OB 324 89.56 -4.12 28.32
CA GLU OB 324 88.25 -3.98 27.69
C GLU OB 324 87.32 -3.10 28.52
N GLY OB 325 87.82 -2.55 29.62
CA GLY OB 325 87.08 -1.63 30.45
C GLY OB 325 87.52 -0.19 30.33
N LEU OB 326 88.35 0.15 29.35
CA LEU OB 326 88.85 1.50 29.16
C LEU OB 326 88.02 2.17 28.07
N ALA OB 327 87.18 3.12 28.46
CA ALA OB 327 86.32 3.84 27.54
C ALA OB 327 87.12 4.98 26.90
N SER OB 328 87.32 4.89 25.60
CA SER OB 328 88.05 5.96 24.89
C SER OB 328 87.27 7.26 24.96
N GLN OB 329 87.97 8.35 25.30
CA GLN OB 329 87.35 9.66 25.45
C GLN OB 329 88.11 10.66 24.61
N GLY OB 330 87.39 11.44 23.81
CA GLY OB 330 88.00 12.49 23.01
C GLY OB 330 89.06 11.97 22.06
N ASP OB 331 90.31 12.28 22.35
CA ASP OB 331 91.43 11.86 21.51
C ASP OB 331 91.77 10.41 21.82
N ASN OB 332 92.91 9.94 21.31
CA ASN OB 332 93.32 8.56 21.51
C ASN OB 332 93.83 8.35 22.94
N VAL OB 333 92.95 8.49 23.92
CA VAL OB 333 93.26 8.24 25.32
C VAL OB 333 92.14 7.41 25.92
N TRP OB 334 92.44 6.79 27.05
CA TRP OB 334 91.48 5.94 27.74
C TRP OB 334 91.35 6.39 29.19
N ALA OB 335 90.13 6.30 29.71
CA ALA OB 335 89.80 6.71 31.06
C ALA OB 335 89.36 5.51 31.88
N ALA OB 336 89.90 5.39 33.08
CA ALA OB 336 89.56 4.28 33.96
C ALA OB 336 88.17 4.47 34.56
N THR OB 337 87.58 3.36 34.98
CA THR OB 337 86.27 3.36 35.64
C THR OB 337 86.12 2.05 36.38
N GLN OB 338 84.90 1.78 36.86
CA GLN OB 338 84.62 0.49 37.47
C GLN OB 338 84.68 -0.60 36.39
N ALA OB 339 84.70 -1.85 36.86
CA ALA OB 339 84.88 -3.02 36.01
C ALA OB 339 86.21 -2.99 35.25
N SER OB 340 87.17 -2.22 35.75
CA SER OB 340 88.51 -2.15 35.18
C SER OB 340 89.62 -2.30 36.21
N GLY OB 341 89.34 -2.08 37.48
CA GLY OB 341 90.36 -2.21 38.51
C GLY OB 341 91.06 -0.90 38.81
N VAL OB 342 92.03 -0.99 39.72
CA VAL OB 342 92.84 0.16 40.11
C VAL OB 342 93.89 0.39 39.03
N ALA OB 343 94.52 1.56 39.06
CA ALA OB 343 95.53 1.87 38.05
C ALA OB 343 96.73 0.92 38.16
N LEU OB 344 97.15 0.61 39.38
CA LEU OB 344 98.26 -0.31 39.64
C LEU OB 344 99.55 0.19 38.97
N LEU OB 345 100.02 1.34 39.46
CA LEU OB 345 101.21 1.96 38.93
C LEU OB 345 102.43 1.06 39.11
N GLY OB 346 103.50 1.40 38.39
CA GLY OB 346 104.73 0.64 38.47
C GLY OB 346 105.77 1.23 37.54
N THR OB 347 106.91 0.54 37.47
CA THR OB 347 108.01 0.94 36.61
C THR OB 347 108.10 0.03 35.40
N ALA OB 348 108.79 0.51 34.38
CA ALA OB 348 108.91 -0.21 33.10
C ALA OB 348 109.92 -1.35 33.15
N GLY OB 349 110.71 -1.45 34.21
CA GLY OB 349 111.72 -2.49 34.29
C GLY OB 349 111.21 -3.83 34.75
N SER OB 350 110.64 -3.88 35.95
CA SER OB 350 110.20 -5.12 36.58
C SER OB 350 108.68 -5.17 36.62
N GLY OB 351 108.16 -6.21 37.27
CA GLY OB 351 106.73 -6.43 37.34
C GLY OB 351 106.17 -7.00 36.05
N ASN OB 352 104.91 -6.70 35.76
CA ASN OB 352 104.26 -7.15 34.53
C ASN OB 352 104.32 -6.08 33.46
N PHE OB 353 105.06 -5.00 33.69
CA PHE OB 353 105.19 -3.90 32.75
C PHE OB 353 106.40 -4.15 31.86
N GLY OB 354 106.19 -4.06 30.55
CA GLY OB 354 107.23 -4.41 29.61
C GLY OB 354 108.25 -3.31 29.40
N LYS OB 355 109.31 -3.67 28.68
CA LYS OB 355 110.38 -2.73 28.37
C LYS OB 355 109.95 -1.77 27.27
N LEU OB 356 110.50 -0.56 27.33
CA LEU OB 356 110.22 0.48 26.34
C LEU OB 356 111.33 0.51 25.30
N THR OB 357 111.20 1.43 24.35
CA THR OB 357 112.21 1.59 23.31
C THR OB 357 112.13 3.03 22.81
N ASN OB 358 113.15 3.82 23.13
CA ASN OB 358 113.19 5.21 22.65
C ASN OB 358 113.41 5.25 21.15
N GLY OB 359 112.81 6.23 20.49
CA GLY OB 359 112.91 6.34 19.06
C GLY OB 359 112.07 5.36 18.28
N ALA OB 360 111.07 4.75 18.92
CA ALA OB 360 110.20 3.80 18.26
C ALA OB 360 108.75 4.13 18.61
N LEU OB 361 107.84 3.79 17.69
CA LEU OB 361 106.43 4.04 17.88
C LEU OB 361 105.63 2.83 17.38
N GLU OB 362 104.49 2.59 18.02
CA GLU OB 362 103.63 1.47 17.67
C GLU OB 362 102.77 1.81 16.47
N ALA OB 363 102.48 0.80 15.66
CA ALA OB 363 101.61 0.97 14.50
C ALA OB 363 100.15 0.99 14.96
N SER OB 364 99.22 0.96 14.01
CA SER OB 364 97.80 1.00 14.30
C SER OB 364 97.20 -0.38 14.53
N ASN OB 365 97.98 -1.44 14.38
CA ASN OB 365 97.56 -2.83 14.58
C ASN OB 365 96.22 -3.14 13.91
N VAL OB 366 96.14 -2.78 12.63
CA VAL OB 366 94.96 -3.07 11.82
C VAL OB 366 95.41 -3.78 10.55
N ASP OB 367 94.50 -4.54 9.96
CA ASP OB 367 94.74 -5.26 8.72
C ASP OB 367 93.76 -4.76 7.67
N LEU OB 368 94.30 -4.18 6.59
CA LEU OB 368 93.44 -3.67 5.53
C LEU OB 368 92.71 -4.80 4.82
N SER OB 369 93.38 -5.95 4.63
CA SER OB 369 92.76 -7.05 3.92
C SER OB 369 91.55 -7.60 4.68
N LYS OB 370 91.70 -7.73 6.00
CA LYS OB 370 90.62 -8.26 6.88
C LYS OB 370 89.42 -7.31 6.87
N GLU OB 371 89.65 -6.00 6.85
CA GLU OB 371 88.57 -5.02 6.90
C GLU OB 371 87.85 -4.92 5.56
N LEU OB 372 88.59 -5.02 4.46
CA LEU OB 372 87.96 -4.93 3.14
C LEU OB 372 86.99 -6.08 2.91
N VAL OB 373 87.40 -7.31 3.24
CA VAL OB 373 86.53 -8.45 3.02
C VAL OB 373 85.36 -8.41 3.99
N ASN OB 374 85.58 -7.98 5.23
CA ASN OB 374 84.47 -7.83 6.16
C ASN OB 374 83.51 -6.73 5.72
N MET OB 375 84.01 -5.75 4.98
CA MET OB 375 83.13 -4.70 4.45
C MET OB 375 82.09 -5.29 3.50
N ILE OB 376 82.52 -6.19 2.62
CA ILE OB 376 81.58 -6.80 1.67
C ILE OB 376 80.55 -7.64 2.39
N VAL OB 377 80.99 -8.42 3.39
CA VAL OB 377 80.05 -9.25 4.14
C VAL OB 377 79.07 -8.39 4.91
N ALA OB 378 79.55 -7.29 5.50
CA ALA OB 378 78.65 -6.42 6.26
C ALA OB 378 77.58 -5.80 5.39
N GLN OB 379 77.94 -5.38 4.18
CA GLN OB 379 76.95 -4.75 3.30
C GLN OB 379 75.85 -5.73 2.92
N ARG OB 380 76.21 -6.97 2.57
CA ARG OB 380 75.20 -7.95 2.17
C ARG OB 380 74.25 -8.25 3.31
N ASN OB 381 74.77 -8.36 4.54
CA ASN OB 381 73.90 -8.56 5.69
C ASN OB 381 72.96 -7.38 5.88
N TYR OB 382 73.45 -6.20 5.54
CA TYR OB 382 72.63 -5.01 5.76
C TYR OB 382 71.56 -4.92 4.70
N GLN OB 383 71.86 -5.38 3.51
CA GLN OB 383 70.84 -5.47 2.46
C GLN OB 383 69.90 -6.64 2.71
N SER OB 384 70.42 -7.72 3.29
CA SER OB 384 69.59 -8.90 3.53
C SER OB 384 68.45 -8.58 4.49
N ASN OB 385 68.74 -7.86 5.57
CA ASN OB 385 67.68 -7.48 6.50
C ASN OB 385 66.66 -6.57 5.83
N ALA OB 386 67.09 -5.76 4.87
CA ALA OB 386 66.16 -4.88 4.17
C ALA OB 386 65.09 -5.67 3.43
N GLN OB 387 65.43 -6.88 2.98
CA GLN OB 387 64.42 -7.73 2.35
C GLN OB 387 63.32 -8.10 3.32
N THR OB 388 63.67 -8.33 4.59
CA THR OB 388 62.64 -8.65 5.59
C THR OB 388 61.67 -7.48 5.77
N ILE OB 389 62.20 -6.26 5.81
CA ILE OB 389 61.33 -5.10 5.92
C ILE OB 389 60.41 -4.99 4.71
N LYS OB 390 60.96 -5.19 3.51
CA LYS OB 390 60.15 -5.12 2.31
C LYS OB 390 59.08 -6.21 2.31
N THR OB 391 59.45 -7.42 2.73
CA THR OB 391 58.46 -8.49 2.83
C THR OB 391 57.39 -8.16 3.87
N GLN OB 392 57.80 -7.62 5.01
CA GLN OB 392 56.82 -7.25 6.04
C GLN OB 392 55.92 -6.11 5.56
N ASP OB 393 56.44 -5.25 4.68
CA ASP OB 393 55.62 -4.17 4.15
C ASP OB 393 54.53 -4.72 3.24
N GLN OB 394 54.89 -5.60 2.31
CA GLN OB 394 53.91 -6.14 1.38
C GLN OB 394 52.92 -7.06 2.11
N ILE OB 395 53.40 -7.85 3.06
CA ILE OB 395 52.52 -8.79 3.74
C ILE OB 395 51.49 -8.05 4.58
N LEU OB 396 51.82 -6.85 5.05
CA LEU OB 396 50.85 -6.07 5.80
C LEU OB 396 49.96 -5.24 4.89
N ASN OB 397 50.46 -4.88 3.70
CA ASN OB 397 49.67 -4.08 2.77
C ASN OB 397 48.48 -4.87 2.24
N THR OB 398 48.67 -6.16 1.97
CA THR OB 398 47.56 -6.97 1.48
C THR OB 398 46.47 -7.16 2.53
N LEU OB 399 46.85 -7.20 3.80
CA LEU OB 399 45.87 -7.44 4.84
C LEU OB 399 45.02 -6.19 5.11
N VAL OB 400 45.65 -5.01 5.13
CA VAL OB 400 44.91 -3.78 5.42
C VAL OB 400 43.94 -3.47 4.29
N ASN OB 401 44.35 -3.70 3.05
CA ASN OB 401 43.48 -3.45 1.91
C ASN OB 401 42.53 -4.61 1.63
N LEU OB 402 42.63 -5.69 2.39
CA LEU OB 402 41.75 -6.85 2.26
C LEU OB 402 41.86 -7.49 0.87
#